data_6U2L
#
_entry.id   6U2L
#
_cell.length_a   1.00
_cell.length_b   1.00
_cell.length_c   1.00
_cell.angle_alpha   90.00
_cell.angle_beta   90.00
_cell.angle_gamma   90.00
#
_symmetry.space_group_name_H-M   'P 1'
#
loop_
_entity.id
_entity.type
_entity.pdbx_description
1 polymer 'Macrophage-expressed gene 1 protein'
2 branched 2-acetamido-2-deoxy-beta-D-glucopyranose-(1-4)-2-acetamido-2-deoxy-beta-D-glucopyranose
3 non-polymer 2-acetamido-2-deoxy-beta-D-glucopyranose
#
_entity_poly.entity_id   1
_entity_poly.type   'polypeptide(L)'
_entity_poly.pdbx_seq_one_letter_code
;KSGKPSGEMDEVGVQKCKNALKLPVLEVLPGGGWDNLRNVDMGRVMELTYSNCRTTEDGQYIIPDEIFTIPQKQSNLEMN
SEILESWANYQSSTSYSINTELSLFSKVNGKFSTEFQRMKTLQVKDQAITTRVQVRNLVYTVKINPTLELSSGFRKELLD
ISDRLENNQTRMATYLAELLVLNYGTHVTTSVDAGAALIQEDHLRASFLQDSQSSRSAVTASAGLAFQNTVNFKFEENYT
SQNVLTKSYLSNRTNSRVQSIGGVPFYPGITLQAWQQGITNHLVAIDRSGLPLHFFINPNMLPDLPGPLVKKVSKTVETA
VKRYYTFNTYPGCTDLNSPNFNFQANTDDGSCEGKMTNFSFGGVYQECTQLSGNRDVLLCQKLEQKNPLTGDFSCPSGYS
PVHLLSQIHEEGYNHLECHRKCTLKVFCKTVCEDVFQVAKAEFRAFWCVASSQVPENSGLLFGGLFSSKSINPMTNAQSC
PAGYFPLRLFENLKVCVSQDYELGSRFAVPFGGFFSCTVGNPLVDPAISRDLGAPSLKKCPGGFSQHPALISDGCQVSYC
VKSGLFTGGSLPPARLPPFTRPPLMSQAATNTVIVTNSENARSWIKDSQTHQWRLGEPIELRRAMNVIHGDGGGLSHHHH
HH
;
_entity_poly.pdbx_strand_id   A,B,C,D,E,F,G,H,I,J,K,L,M,N,O,P,AA,BB,CC,DD,EE,FF,GG,HH,II,JJ,KK,LL,MM,NN,OO,PP
#
# COMPACT_ATOMS: atom_id res chain seq x y z
N ASP A 10 40.42 -0.86 -12.10
CA ASP A 10 41.55 -1.75 -11.82
C ASP A 10 42.66 -1.01 -11.08
N GLU A 11 43.66 -1.77 -10.64
CA GLU A 11 44.77 -1.25 -9.86
C GLU A 11 45.93 -2.22 -10.01
N VAL A 12 47.14 -1.69 -10.21
CA VAL A 12 48.30 -2.51 -10.52
C VAL A 12 49.45 -2.17 -9.60
N GLY A 13 50.50 -2.99 -9.68
CA GLY A 13 51.77 -2.65 -9.06
C GLY A 13 51.80 -2.96 -7.57
N VAL A 14 52.57 -2.15 -6.85
CA VAL A 14 52.78 -2.36 -5.42
C VAL A 14 51.53 -2.00 -4.65
N GLN A 15 50.78 -1.01 -5.13
CA GLN A 15 49.67 -0.47 -4.36
C GLN A 15 48.47 -1.39 -4.34
N LYS A 16 48.35 -2.27 -5.33
CA LYS A 16 47.37 -3.35 -5.25
C LYS A 16 47.70 -4.30 -4.10
N CYS A 17 48.99 -4.58 -3.90
CA CYS A 17 49.42 -5.44 -2.81
C CYS A 17 49.21 -4.77 -1.46
N LYS A 18 49.44 -3.45 -1.39
CA LYS A 18 49.36 -2.75 -0.13
C LYS A 18 47.91 -2.58 0.33
N ASN A 19 46.96 -2.50 -0.59
CA ASN A 19 45.58 -2.32 -0.19
C ASN A 19 44.95 -3.63 0.28
N ALA A 20 45.37 -4.75 -0.30
CA ALA A 20 44.80 -6.03 0.07
C ALA A 20 45.42 -6.58 1.35
N LEU A 21 46.65 -6.19 1.67
CA LEU A 21 47.38 -6.80 2.78
C LEU A 21 47.64 -5.85 3.94
N LYS A 22 47.79 -4.55 3.65
CA LYS A 22 47.99 -3.48 4.65
C LYS A 22 49.22 -3.71 5.50
N LEU A 23 50.36 -3.89 4.84
CA LEU A 23 51.62 -4.10 5.51
C LEU A 23 52.73 -3.60 4.60
N PRO A 24 53.87 -3.13 5.15
CA PRO A 24 54.84 -2.43 4.31
C PRO A 24 55.64 -3.33 3.37
N VAL A 25 56.48 -2.71 2.57
CA VAL A 25 57.31 -3.41 1.58
C VAL A 25 58.73 -3.46 2.13
N LEU A 26 59.42 -4.56 1.87
CA LEU A 26 60.79 -4.71 2.37
C LEU A 26 61.70 -3.78 1.58
N GLU A 27 62.28 -2.80 2.28
CA GLU A 27 63.00 -1.72 1.61
C GLU A 27 64.43 -2.06 1.25
N VAL A 28 64.89 -3.27 1.51
CA VAL A 28 66.27 -3.65 1.30
C VAL A 28 66.27 -4.72 0.21
N LEU A 29 66.51 -4.32 -1.03
CA LEU A 29 66.32 -5.27 -2.12
C LEU A 29 67.58 -5.43 -2.95
N PRO A 30 67.85 -6.63 -3.44
CA PRO A 30 69.01 -6.83 -4.30
C PRO A 30 68.67 -6.60 -5.76
N GLY A 31 69.64 -6.77 -6.65
CA GLY A 31 69.44 -6.54 -8.05
C GLY A 31 69.77 -5.15 -8.55
N GLY A 32 70.31 -4.29 -7.69
CA GLY A 32 70.72 -2.98 -8.13
C GLY A 32 72.19 -2.95 -8.47
N GLY A 33 72.59 -1.87 -9.12
CA GLY A 33 73.99 -1.69 -9.45
C GLY A 33 74.79 -1.25 -8.25
N TRP A 34 76.09 -1.47 -8.33
CA TRP A 34 76.96 -1.20 -7.18
C TRP A 34 78.32 -0.75 -7.67
N ASP A 35 78.68 0.48 -7.35
CA ASP A 35 80.04 0.96 -7.55
C ASP A 35 80.91 0.41 -6.44
N ASN A 36 81.87 -0.42 -6.78
CA ASN A 36 82.67 -1.10 -5.78
C ASN A 36 83.92 -0.33 -5.40
N LEU A 37 84.19 0.81 -6.03
CA LEU A 37 85.24 1.69 -5.55
C LEU A 37 84.73 2.68 -4.52
N ARG A 38 83.53 3.21 -4.71
CA ARG A 38 82.99 4.22 -3.83
C ARG A 38 82.04 3.67 -2.79
N ASN A 39 81.67 2.40 -2.90
CA ASN A 39 80.63 1.74 -2.09
C ASN A 39 79.31 2.51 -2.08
N VAL A 40 78.88 2.92 -3.27
CA VAL A 40 77.56 3.51 -3.44
C VAL A 40 76.78 2.59 -4.36
N ASP A 41 75.47 2.68 -4.29
CA ASP A 41 74.63 1.85 -5.14
C ASP A 41 73.98 2.67 -6.25
N MET A 42 73.85 2.03 -7.39
CA MET A 42 73.55 2.61 -8.68
C MET A 42 72.12 2.33 -9.10
N GLY A 43 71.85 2.57 -10.37
CA GLY A 43 70.55 2.24 -10.92
C GLY A 43 70.26 0.75 -10.94
N ARG A 44 68.98 0.44 -11.09
CA ARG A 44 68.45 -0.90 -10.92
C ARG A 44 68.68 -1.73 -12.18
N VAL A 45 69.33 -2.88 -12.03
CA VAL A 45 69.70 -3.73 -13.16
C VAL A 45 68.67 -4.82 -13.41
N MET A 46 68.10 -5.41 -12.36
CA MET A 46 67.10 -6.44 -12.49
C MET A 46 65.70 -5.84 -12.49
N GLU A 47 64.71 -6.67 -12.79
CA GLU A 47 63.34 -6.21 -12.88
C GLU A 47 62.59 -6.60 -11.62
N LEU A 48 61.91 -5.62 -11.02
CA LEU A 48 61.13 -5.84 -9.80
C LEU A 48 59.65 -5.78 -10.14
N THR A 49 58.97 -6.92 -10.00
CA THR A 49 57.54 -7.01 -10.27
C THR A 49 56.80 -7.42 -9.01
N TYR A 50 55.57 -6.97 -8.88
CA TYR A 50 54.73 -7.21 -7.71
C TYR A 50 53.41 -7.82 -8.14
N SER A 51 53.46 -8.82 -9.01
CA SER A 51 52.24 -9.37 -9.58
C SER A 51 51.56 -10.37 -8.66
N ASN A 52 52.33 -11.12 -7.88
CA ASN A 52 51.81 -12.28 -7.17
C ASN A 52 51.51 -12.01 -5.70
N CYS A 53 51.73 -10.77 -5.23
CA CYS A 53 51.42 -10.34 -3.86
C CYS A 53 52.15 -11.19 -2.81
N ARG A 54 53.41 -11.53 -3.08
CA ARG A 54 54.16 -12.37 -2.16
C ARG A 54 54.54 -11.60 -0.91
N THR A 55 54.54 -12.29 0.22
CA THR A 55 55.03 -11.75 1.46
C THR A 55 56.16 -12.61 1.97
N THR A 56 56.83 -12.14 3.02
CA THR A 56 57.76 -13.01 3.71
C THR A 56 56.96 -14.05 4.48
N GLU A 57 57.67 -15.12 4.87
CA GLU A 57 57.02 -16.27 5.47
C GLU A 57 56.42 -15.95 6.84
N ASP A 58 56.99 -14.99 7.56
CA ASP A 58 56.37 -14.51 8.78
C ASP A 58 55.27 -13.49 8.53
N GLY A 59 55.10 -13.05 7.29
CA GLY A 59 53.95 -12.23 6.93
C GLY A 59 54.02 -10.79 7.39
N GLN A 60 55.17 -10.13 7.21
CA GLN A 60 55.31 -8.76 7.65
C GLN A 60 55.88 -7.82 6.61
N TYR A 61 56.30 -8.31 5.45
CA TYR A 61 56.78 -7.44 4.39
C TYR A 61 56.33 -7.99 3.06
N ILE A 62 55.88 -7.10 2.18
CA ILE A 62 55.65 -7.42 0.78
C ILE A 62 56.99 -7.48 0.06
N ILE A 63 57.24 -8.55 -0.67
CA ILE A 63 58.48 -8.72 -1.41
C ILE A 63 58.12 -8.93 -2.88
N PRO A 64 59.04 -8.63 -3.79
CA PRO A 64 58.82 -8.95 -5.21
C PRO A 64 58.78 -10.45 -5.47
N ASP A 65 58.41 -10.78 -6.70
CA ASP A 65 58.09 -12.17 -7.06
C ASP A 65 59.34 -13.02 -7.25
N GLU A 66 60.41 -12.42 -7.74
CA GLU A 66 61.66 -13.07 -8.09
C GLU A 66 62.65 -13.11 -6.94
N ILE A 67 62.22 -12.75 -5.75
CA ILE A 67 63.12 -12.59 -4.62
C ILE A 67 62.63 -13.49 -3.50
N PHE A 68 63.53 -14.32 -2.97
CA PHE A 68 63.23 -15.11 -1.80
C PHE A 68 64.05 -14.60 -0.61
N THR A 69 63.47 -14.72 0.56
CA THR A 69 64.10 -14.25 1.78
C THR A 69 64.44 -15.44 2.66
N ILE A 70 65.45 -15.27 3.51
CA ILE A 70 65.86 -16.27 4.47
C ILE A 70 65.70 -15.66 5.86
N PRO A 71 64.84 -16.19 6.70
CA PRO A 71 64.73 -15.67 8.07
C PRO A 71 65.90 -16.16 8.92
N GLN A 72 66.79 -15.25 9.26
CA GLN A 72 67.84 -15.57 10.23
C GLN A 72 67.93 -14.40 11.20
N LYS A 73 67.11 -14.48 12.24
CA LYS A 73 66.88 -13.38 13.15
C LYS A 73 67.97 -13.42 14.20
N GLN A 74 69.11 -12.86 13.83
CA GLN A 74 70.37 -13.08 14.50
C GLN A 74 70.88 -11.77 15.09
N SER A 75 71.19 -11.79 16.37
CA SER A 75 71.69 -10.62 17.07
C SER A 75 73.09 -10.94 17.61
N ASN A 76 74.01 -10.01 17.44
CA ASN A 76 75.38 -10.16 17.92
C ASN A 76 75.72 -9.01 18.84
N LEU A 77 76.43 -9.31 19.92
CA LEU A 77 76.79 -8.29 20.89
C LEU A 77 78.21 -8.55 21.32
N GLU A 78 79.08 -7.58 21.15
CA GLU A 78 80.48 -7.70 21.53
C GLU A 78 80.71 -7.02 22.87
N MET A 79 81.37 -7.71 23.79
CA MET A 79 81.87 -7.10 25.00
C MET A 79 83.30 -6.60 24.85
N ASN A 80 83.81 -6.60 23.63
CA ASN A 80 85.19 -6.31 23.35
C ASN A 80 85.23 -5.27 22.24
N SER A 81 86.42 -5.05 21.70
CA SER A 81 86.62 -4.18 20.56
C SER A 81 87.42 -4.95 19.52
N GLU A 82 87.82 -4.27 18.47
CA GLU A 82 88.76 -4.86 17.53
C GLU A 82 89.69 -3.76 17.03
N ILE A 83 90.96 -4.07 16.89
CA ILE A 83 92.01 -3.08 16.68
C ILE A 83 92.44 -3.15 15.23
N LEU A 84 92.51 -1.99 14.57
CA LEU A 84 92.86 -1.89 13.16
C LEU A 84 93.99 -0.86 13.07
N GLU A 85 95.23 -1.30 13.26
CA GLU A 85 96.36 -0.38 13.36
C GLU A 85 96.98 -0.04 12.00
N SER A 86 96.29 -0.33 10.91
CA SER A 86 96.76 0.02 9.57
C SER A 86 95.56 0.11 8.65
N TRP A 87 95.58 1.09 7.75
CA TRP A 87 94.47 1.26 6.82
C TRP A 87 94.55 0.34 5.61
N ALA A 88 95.60 -0.47 5.48
CA ALA A 88 95.68 -1.36 4.33
C ALA A 88 94.69 -2.50 4.45
N ASN A 89 94.66 -3.16 5.60
CA ASN A 89 93.69 -4.24 5.85
C ASN A 89 92.41 -3.66 6.45
N TYR A 90 91.65 -2.98 5.59
CA TYR A 90 90.47 -2.25 5.99
C TYR A 90 89.22 -3.11 5.90
N GLN A 91 88.37 -3.00 6.92
CA GLN A 91 87.10 -3.69 7.02
C GLN A 91 86.00 -2.68 6.80
N SER A 92 85.10 -2.95 5.85
CA SER A 92 84.17 -1.90 5.46
C SER A 92 83.03 -1.70 6.45
N SER A 93 82.61 -2.75 7.16
CA SER A 93 81.54 -2.84 8.16
C SER A 93 80.13 -2.68 7.61
N THR A 94 79.96 -2.38 6.34
CA THR A 94 78.63 -2.39 5.74
C THR A 94 78.59 -3.01 4.36
N SER A 95 79.73 -3.20 3.70
CA SER A 95 79.80 -3.81 2.39
C SER A 95 81.01 -4.71 2.31
N TYR A 96 81.20 -5.51 3.36
CA TYR A 96 82.44 -6.24 3.52
C TYR A 96 82.57 -7.42 2.56
N SER A 97 81.46 -8.10 2.28
CA SER A 97 81.54 -9.33 1.49
C SER A 97 81.70 -9.04 0.01
N ILE A 98 81.25 -7.89 -0.47
CA ILE A 98 81.39 -7.57 -1.87
C ILE A 98 82.73 -6.92 -2.17
N ASN A 99 83.43 -6.41 -1.16
CA ASN A 99 84.75 -5.86 -1.41
C ASN A 99 85.85 -6.91 -1.35
N THR A 100 85.64 -8.02 -0.64
CA THR A 100 86.69 -8.99 -0.37
C THR A 100 86.78 -10.09 -1.43
N GLU A 101 86.20 -9.85 -2.61
CA GLU A 101 86.21 -10.83 -3.68
C GLU A 101 87.62 -11.06 -4.22
N LEU A 102 87.81 -12.23 -4.86
CA LEU A 102 89.10 -12.60 -5.42
C LEU A 102 89.20 -12.05 -6.83
N SER A 103 90.04 -11.04 -7.03
CA SER A 103 90.20 -10.42 -8.32
C SER A 103 91.56 -9.75 -8.38
N LEU A 104 91.82 -9.09 -9.51
CA LEU A 104 93.06 -8.33 -9.67
C LEU A 104 93.04 -7.09 -8.80
N PHE A 105 91.91 -6.42 -8.74
CA PHE A 105 91.77 -5.12 -8.09
C PHE A 105 91.07 -5.25 -6.75
N SER A 106 91.36 -6.33 -6.03
CA SER A 106 90.79 -6.51 -4.70
C SER A 106 91.38 -5.56 -3.68
N LYS A 107 92.57 -5.00 -3.95
CA LYS A 107 93.18 -4.05 -3.05
C LYS A 107 92.69 -2.62 -3.27
N VAL A 108 91.87 -2.39 -4.30
CA VAL A 108 91.39 -1.05 -4.61
C VAL A 108 89.91 -0.91 -4.31
N ASN A 109 89.20 -2.00 -4.01
CA ASN A 109 87.78 -1.94 -3.72
C ASN A 109 87.52 -1.21 -2.41
N GLY A 110 86.64 -0.21 -2.48
CA GLY A 110 86.25 0.55 -1.33
C GLY A 110 87.17 1.69 -0.97
N LYS A 111 88.24 1.92 -1.74
CA LYS A 111 89.25 2.90 -1.37
C LYS A 111 88.89 4.32 -1.74
N PHE A 112 87.68 4.56 -2.24
CA PHE A 112 87.19 5.91 -2.48
C PHE A 112 85.89 6.14 -1.75
N SER A 113 85.56 5.25 -0.81
CA SER A 113 84.38 5.41 0.01
C SER A 113 84.60 6.51 1.02
N THR A 114 83.52 7.13 1.46
CA THR A 114 83.64 8.18 2.47
C THR A 114 84.03 7.60 3.82
N GLU A 115 83.68 6.35 4.07
CA GLU A 115 84.01 5.71 5.32
C GLU A 115 85.48 5.30 5.38
N PHE A 116 86.09 5.01 4.24
CA PHE A 116 87.52 4.75 4.20
C PHE A 116 88.33 6.03 4.26
N GLN A 117 87.97 7.00 3.43
CA GLN A 117 88.74 8.23 3.34
C GLN A 117 88.64 9.08 4.58
N ARG A 118 87.59 8.89 5.37
CA ARG A 118 87.58 9.50 6.68
C ARG A 118 88.46 8.76 7.66
N MET A 119 88.62 7.45 7.49
CA MET A 119 89.44 6.69 8.44
C MET A 119 90.92 6.88 8.15
N LYS A 120 91.29 6.96 6.88
CA LYS A 120 92.70 7.11 6.50
C LYS A 120 93.25 8.46 6.92
N THR A 121 92.45 9.50 6.82
CA THR A 121 92.91 10.83 7.18
C THR A 121 92.94 11.07 8.68
N LEU A 122 92.54 10.09 9.49
CA LEU A 122 92.67 10.17 10.94
C LEU A 122 93.82 9.34 11.47
N GLN A 123 94.29 8.35 10.72
CA GLN A 123 95.45 7.59 11.12
C GLN A 123 96.76 8.21 10.64
N VAL A 124 96.70 9.12 9.69
CA VAL A 124 97.89 9.76 9.16
C VAL A 124 98.10 11.14 9.77
N LYS A 125 97.01 11.90 9.89
CA LYS A 125 97.07 13.23 10.50
C LYS A 125 97.40 13.16 11.98
N ASP A 126 96.91 12.13 12.66
CA ASP A 126 97.02 12.04 14.10
C ASP A 126 97.92 10.91 14.57
N GLN A 127 98.51 10.16 13.64
CA GLN A 127 99.39 9.00 13.90
C GLN A 127 98.69 7.98 14.79
N ALA A 128 97.50 7.58 14.38
CA ALA A 128 96.57 6.91 15.27
C ALA A 128 96.31 5.48 14.84
N ILE A 129 95.69 4.72 15.73
CA ILE A 129 95.15 3.40 15.46
C ILE A 129 93.64 3.49 15.68
N THR A 130 92.92 2.55 15.09
CA THR A 130 91.46 2.60 15.06
C THR A 130 90.90 1.39 15.77
N THR A 131 89.92 1.61 16.65
CA THR A 131 89.17 0.53 17.28
C THR A 131 87.71 0.62 16.83
N ARG A 132 87.02 -0.52 16.84
CA ARG A 132 85.62 -0.57 16.44
C ARG A 132 84.84 -1.54 17.30
N VAL A 133 83.76 -1.08 17.92
CA VAL A 133 82.82 -1.92 18.66
C VAL A 133 81.47 -1.79 17.97
N GLN A 134 80.75 -2.91 17.83
CA GLN A 134 79.46 -2.83 17.18
C GLN A 134 78.47 -3.84 17.71
N VAL A 135 77.20 -3.46 17.68
CA VAL A 135 76.06 -4.33 17.97
C VAL A 135 75.30 -4.52 16.67
N ARG A 136 75.39 -5.70 16.08
CA ARG A 136 74.79 -5.96 14.78
C ARG A 136 73.56 -6.83 14.95
N ASN A 137 72.53 -6.55 14.16
CA ASN A 137 71.24 -7.18 14.30
C ASN A 137 70.76 -7.56 12.90
N LEU A 138 71.15 -8.74 12.46
CA LEU A 138 70.77 -9.27 11.16
C LEU A 138 69.40 -9.94 11.22
N VAL A 139 68.48 -9.52 10.38
CA VAL A 139 67.11 -10.00 10.41
C VAL A 139 66.80 -10.91 9.22
N TYR A 140 67.08 -10.45 8.00
CA TYR A 140 66.83 -11.24 6.81
C TYR A 140 68.06 -11.33 5.92
N THR A 141 68.14 -12.39 5.15
CA THR A 141 68.97 -12.48 3.97
C THR A 141 68.05 -12.50 2.77
N VAL A 142 68.24 -11.57 1.84
CA VAL A 142 67.33 -11.33 0.76
C VAL A 142 68.10 -11.59 -0.54
N LYS A 143 67.69 -12.59 -1.30
CA LYS A 143 68.42 -13.02 -2.49
C LYS A 143 67.55 -12.95 -3.73
N ILE A 144 68.18 -13.16 -4.88
CA ILE A 144 67.51 -13.19 -6.19
C ILE A 144 67.41 -14.62 -6.68
N ASN A 145 66.25 -14.96 -7.22
CA ASN A 145 66.05 -16.22 -7.92
C ASN A 145 66.90 -16.19 -9.18
N PRO A 146 67.64 -17.27 -9.49
CA PRO A 146 68.50 -17.26 -10.69
C PRO A 146 67.79 -17.18 -12.04
N THR A 147 66.46 -17.22 -12.09
CA THR A 147 65.72 -17.14 -13.34
C THR A 147 65.07 -15.78 -13.53
N LEU A 148 65.77 -14.73 -13.14
CA LEU A 148 65.29 -13.36 -13.23
C LEU A 148 65.76 -12.71 -14.51
N GLU A 149 65.00 -11.72 -14.98
CA GLU A 149 65.30 -10.99 -16.21
C GLU A 149 65.71 -9.55 -15.88
N LEU A 150 66.28 -8.90 -16.89
CA LEU A 150 66.85 -7.57 -16.75
C LEU A 150 65.78 -6.50 -16.70
N SER A 151 66.19 -5.32 -16.26
CA SER A 151 65.29 -4.19 -16.15
C SER A 151 65.00 -3.62 -17.52
N SER A 152 63.99 -2.74 -17.58
CA SER A 152 63.59 -2.15 -18.84
C SER A 152 64.58 -1.09 -19.30
N GLY A 153 65.15 -0.34 -18.37
CA GLY A 153 66.11 0.69 -18.71
C GLY A 153 67.49 0.14 -19.01
N PHE A 154 67.89 -0.90 -18.30
CA PHE A 154 69.22 -1.46 -18.49
C PHE A 154 69.30 -2.25 -19.79
N ARG A 155 68.20 -2.90 -20.19
CA ARG A 155 68.18 -3.61 -21.47
C ARG A 155 68.26 -2.66 -22.64
N LYS A 156 67.63 -1.48 -22.52
CA LYS A 156 67.65 -0.49 -23.59
C LYS A 156 69.05 0.04 -23.84
N GLU A 157 69.84 0.21 -22.79
CA GLU A 157 71.17 0.76 -22.98
C GLU A 157 72.18 -0.30 -23.38
N LEU A 158 71.87 -1.57 -23.19
CA LEU A 158 72.68 -2.63 -23.78
C LEU A 158 72.36 -2.82 -25.26
N LEU A 159 71.12 -2.56 -25.65
CA LEU A 159 70.74 -2.65 -27.05
C LEU A 159 71.29 -1.48 -27.86
N ASP A 160 71.55 -0.35 -27.21
CA ASP A 160 72.19 0.76 -27.90
C ASP A 160 73.67 0.54 -28.12
N ILE A 161 74.34 -0.14 -27.18
CA ILE A 161 75.69 -0.61 -27.42
C ILE A 161 75.68 -1.67 -28.50
N SER A 162 74.64 -2.51 -28.50
CA SER A 162 74.52 -3.60 -29.45
C SER A 162 74.39 -3.09 -30.89
N ASP A 163 73.72 -1.95 -31.08
CA ASP A 163 73.56 -1.40 -32.42
C ASP A 163 74.87 -0.89 -32.97
N ARG A 164 75.72 -0.32 -32.12
CA ARG A 164 76.99 0.22 -32.56
C ARG A 164 77.99 -0.87 -32.91
N LEU A 165 77.90 -2.03 -32.27
CA LEU A 165 78.78 -3.14 -32.65
C LEU A 165 78.38 -3.76 -33.97
N GLU A 166 77.11 -3.64 -34.37
CA GLU A 166 76.67 -4.13 -35.66
C GLU A 166 77.25 -3.30 -36.79
N ASN A 167 77.20 -1.99 -36.64
CA ASN A 167 77.58 -1.04 -37.67
C ASN A 167 79.08 -0.80 -37.76
N ASN A 168 79.89 -1.60 -37.05
CA ASN A 168 81.34 -1.43 -36.94
C ASN A 168 81.68 -0.01 -36.47
N GLN A 169 81.11 0.38 -35.35
CA GLN A 169 81.36 1.69 -34.77
C GLN A 169 81.92 1.44 -33.39
N THR A 170 83.24 1.23 -33.33
CA THR A 170 83.87 0.74 -32.12
C THR A 170 84.13 1.87 -31.13
N ARG A 171 84.50 3.04 -31.61
CA ARG A 171 84.77 4.17 -30.73
C ARG A 171 83.50 4.70 -30.10
N MET A 172 82.37 4.58 -30.79
CA MET A 172 81.12 5.07 -30.23
C MET A 172 80.49 4.04 -29.32
N ALA A 173 80.80 2.76 -29.50
CA ALA A 173 80.35 1.73 -28.58
C ALA A 173 81.16 1.73 -27.29
N THR A 174 82.46 2.04 -27.40
CA THR A 174 83.32 2.16 -26.22
C THR A 174 82.89 3.33 -25.37
N TYR A 175 82.43 4.41 -25.99
CA TYR A 175 81.91 5.56 -25.26
C TYR A 175 80.63 5.20 -24.51
N LEU A 176 79.71 4.51 -25.15
CA LEU A 176 78.47 4.14 -24.50
C LEU A 176 78.63 3.05 -23.46
N ALA A 177 79.66 2.22 -23.59
CA ALA A 177 79.92 1.21 -22.57
C ALA A 177 80.41 1.84 -21.28
N GLU A 178 81.12 2.96 -21.37
CA GLU A 178 81.59 3.67 -20.18
C GLU A 178 80.50 4.50 -19.53
N LEU A 179 79.48 4.92 -20.27
CA LEU A 179 78.33 5.54 -19.63
C LEU A 179 77.43 4.53 -18.96
N LEU A 180 77.55 3.25 -19.31
CA LEU A 180 76.84 2.21 -18.59
C LEU A 180 77.43 2.02 -17.20
N VAL A 181 78.73 2.24 -17.06
CA VAL A 181 79.41 2.09 -15.78
C VAL A 181 79.20 3.32 -14.90
N LEU A 182 79.04 4.50 -15.50
CA LEU A 182 78.65 5.68 -14.75
C LEU A 182 77.27 5.50 -14.13
N ASN A 183 76.34 4.88 -14.86
CA ASN A 183 74.97 4.83 -14.42
C ASN A 183 74.63 3.57 -13.64
N TYR A 184 75.38 2.48 -13.83
CA TYR A 184 75.03 1.21 -13.23
C TYR A 184 76.15 0.57 -12.44
N GLY A 185 77.31 1.20 -12.33
CA GLY A 185 78.36 0.68 -11.49
C GLY A 185 79.16 -0.43 -12.12
N THR A 186 79.88 -1.15 -11.27
CA THR A 186 80.75 -2.23 -11.70
C THR A 186 80.25 -3.60 -11.28
N HIS A 187 79.23 -3.67 -10.43
CA HIS A 187 78.76 -4.91 -9.85
C HIS A 187 77.25 -4.86 -9.75
N VAL A 188 76.65 -6.03 -9.56
CA VAL A 188 75.23 -6.18 -9.30
C VAL A 188 75.08 -6.90 -7.97
N THR A 189 74.32 -6.33 -7.05
CA THR A 189 74.13 -6.98 -5.76
C THR A 189 73.19 -8.16 -5.94
N THR A 190 73.65 -9.35 -5.54
CA THR A 190 72.83 -10.53 -5.64
C THR A 190 72.24 -10.96 -4.30
N SER A 191 72.83 -10.54 -3.19
CA SER A 191 72.19 -10.75 -1.90
C SER A 191 72.52 -9.60 -0.99
N VAL A 192 71.54 -9.19 -0.20
CA VAL A 192 71.71 -8.17 0.83
C VAL A 192 71.30 -8.77 2.16
N ASP A 193 71.86 -8.22 3.23
CA ASP A 193 71.53 -8.58 4.59
C ASP A 193 70.77 -7.41 5.20
N ALA A 194 69.50 -7.61 5.50
CA ALA A 194 68.66 -6.56 6.04
C ALA A 194 68.75 -6.55 7.56
N GLY A 195 69.10 -5.41 8.13
CA GLY A 195 69.16 -5.29 9.57
C GLY A 195 69.63 -3.94 10.00
N ALA A 196 70.11 -3.86 11.24
CA ALA A 196 70.58 -2.61 11.82
C ALA A 196 71.91 -2.86 12.52
N ALA A 197 72.64 -1.78 12.76
CA ALA A 197 73.91 -1.87 13.47
C ALA A 197 74.16 -0.57 14.22
N LEU A 198 74.82 -0.68 15.36
CA LEU A 198 75.22 0.48 16.14
C LEU A 198 76.71 0.38 16.35
N ILE A 199 77.47 1.33 15.83
CA ILE A 199 78.92 1.21 15.73
C ILE A 199 79.60 2.33 16.51
N GLN A 200 80.62 1.97 17.29
CA GLN A 200 81.57 2.87 17.93
C GLN A 200 82.87 2.86 17.15
N GLU A 201 83.49 4.01 16.96
CA GLU A 201 84.77 4.05 16.27
C GLU A 201 85.66 5.08 16.95
N ASP A 202 86.57 4.61 17.80
CA ASP A 202 87.53 5.46 18.46
C ASP A 202 88.86 5.44 17.72
N HIS A 203 89.60 6.52 17.84
CA HIS A 203 90.97 6.59 17.36
C HIS A 203 91.88 6.87 18.55
N LEU A 204 92.90 6.03 18.71
CA LEU A 204 93.83 6.12 19.82
C LEU A 204 95.21 6.37 19.27
N ARG A 205 96.06 7.03 20.04
CA ARG A 205 97.44 7.22 19.62
C ARG A 205 98.16 5.89 19.54
N ALA A 206 99.03 5.75 18.54
CA ALA A 206 99.69 4.47 18.30
C ALA A 206 100.72 4.14 19.37
N SER A 207 101.15 5.13 20.15
CA SER A 207 102.02 4.88 21.28
C SER A 207 101.30 4.17 22.42
N PHE A 208 99.98 4.29 22.49
CA PHE A 208 99.22 3.71 23.59
C PHE A 208 99.10 2.19 23.47
N LEU A 209 99.23 1.64 22.27
CA LEU A 209 99.10 0.21 22.07
C LEU A 209 100.43 -0.53 22.21
N GLN A 210 101.54 0.16 22.10
CA GLN A 210 102.87 -0.45 22.03
C GLN A 210 103.36 -1.03 23.38
N ASP A 211 102.55 -1.21 24.41
CA ASP A 211 103.08 -1.67 25.70
C ASP A 211 103.43 -3.16 25.67
N SER A 212 102.43 -4.01 25.47
CA SER A 212 102.64 -5.46 25.42
C SER A 212 101.44 -6.11 24.74
N GLN A 213 101.44 -7.44 24.71
CA GLN A 213 100.31 -8.22 24.24
C GLN A 213 99.30 -8.51 25.34
N SER A 214 99.62 -8.15 26.58
CA SER A 214 98.67 -8.19 27.67
C SER A 214 98.00 -6.84 27.90
N SER A 215 98.63 -5.76 27.48
CA SER A 215 97.96 -4.47 27.48
C SER A 215 96.89 -4.42 26.39
N ARG A 216 97.07 -5.19 25.32
CA ARG A 216 96.15 -5.18 24.19
C ARG A 216 94.77 -5.70 24.60
N SER A 217 94.73 -6.72 25.44
CA SER A 217 93.46 -7.25 25.90
C SER A 217 92.82 -6.42 26.99
N ALA A 218 93.45 -5.33 27.42
CA ALA A 218 92.83 -4.38 28.33
C ALA A 218 92.47 -3.07 27.65
N VAL A 219 93.21 -2.67 26.61
CA VAL A 219 92.76 -1.62 25.72
C VAL A 219 91.46 -2.01 25.05
N THR A 220 91.36 -3.27 24.63
CA THR A 220 90.26 -3.76 23.83
C THR A 220 88.98 -3.90 24.65
N ALA A 221 89.09 -4.34 25.91
CA ALA A 221 87.92 -4.47 26.74
C ALA A 221 87.55 -3.16 27.42
N SER A 222 88.38 -2.13 27.29
CA SER A 222 88.01 -0.82 27.78
C SER A 222 87.10 -0.10 26.80
N ALA A 223 87.38 -0.27 25.51
CA ALA A 223 86.57 0.33 24.46
C ALA A 223 85.17 -0.26 24.42
N GLY A 224 85.04 -1.54 24.74
CA GLY A 224 83.73 -2.13 24.82
C GLY A 224 82.97 -1.74 26.06
N LEU A 225 83.68 -1.31 27.09
CA LEU A 225 83.04 -0.83 28.31
C LEU A 225 82.56 0.59 28.15
N ALA A 226 83.35 1.42 27.47
CA ALA A 226 82.95 2.79 27.17
C ALA A 226 81.74 2.84 26.25
N PHE A 227 81.63 1.86 25.35
CA PHE A 227 80.51 1.82 24.42
C PHE A 227 79.21 1.47 25.12
N GLN A 228 79.27 0.61 26.11
CA GLN A 228 78.07 0.27 26.85
C GLN A 228 77.69 1.37 27.83
N ASN A 229 78.65 2.16 28.30
CA ASN A 229 78.31 3.32 29.11
C ASN A 229 77.63 4.39 28.27
N THR A 230 78.11 4.60 27.05
CA THR A 230 77.59 5.64 26.18
C THR A 230 76.15 5.36 25.77
N VAL A 231 75.80 4.09 25.55
CA VAL A 231 74.41 3.81 25.24
C VAL A 231 73.53 3.93 26.48
N ASN A 232 74.01 3.53 27.65
CA ASN A 232 73.12 3.49 28.80
C ASN A 232 73.01 4.80 29.57
N PHE A 233 74.06 5.61 29.66
CA PHE A 233 74.15 6.61 30.73
C PHE A 233 74.13 8.06 30.26
N LYS A 234 73.23 8.42 29.35
CA LYS A 234 72.56 9.73 29.31
C LYS A 234 73.48 10.94 29.17
N PHE A 235 74.73 10.73 28.71
CA PHE A 235 75.84 11.68 28.58
C PHE A 235 76.42 12.08 29.95
N GLU A 236 75.76 11.69 31.04
CA GLU A 236 76.20 12.09 32.36
C GLU A 236 77.40 11.26 32.77
N GLU A 237 78.05 11.68 33.86
CA GLU A 237 79.13 10.90 34.43
C GLU A 237 78.61 9.97 35.53
N ASN A 238 77.58 9.22 35.17
CA ASN A 238 77.11 8.07 35.93
C ASN A 238 77.77 6.80 35.44
N TYR A 239 78.95 6.91 34.83
CA TYR A 239 79.61 5.77 34.21
C TYR A 239 80.17 4.84 35.28
N THR A 240 80.21 3.55 34.94
CA THR A 240 80.85 2.55 35.78
C THR A 240 82.31 2.35 35.35
N SER A 241 83.08 3.44 35.48
CA SER A 241 84.49 3.44 35.12
C SER A 241 85.27 2.56 36.08
N GLN A 242 85.73 1.41 35.58
CA GLN A 242 86.20 0.33 36.44
C GLN A 242 87.64 0.51 36.91
N ASN A 243 88.46 1.26 36.19
CA ASN A 243 89.88 1.29 36.46
C ASN A 243 90.41 2.70 36.29
N VAL A 244 91.73 2.83 36.45
CA VAL A 244 92.46 3.98 35.95
C VAL A 244 92.76 3.79 34.47
N LEU A 245 92.74 2.55 33.99
CA LEU A 245 92.94 2.26 32.58
C LEU A 245 91.81 2.79 31.72
N THR A 246 90.61 2.92 32.29
CA THR A 246 89.54 3.65 31.61
C THR A 246 89.88 5.13 31.52
N LYS A 247 90.45 5.70 32.58
CA LYS A 247 90.80 7.11 32.57
C LYS A 247 92.01 7.35 31.66
N SER A 248 92.96 6.43 31.64
CA SER A 248 94.08 6.58 30.72
C SER A 248 93.67 6.33 29.28
N TYR A 249 92.59 5.58 29.05
CA TYR A 249 92.07 5.37 27.70
C TYR A 249 91.56 6.67 27.11
N LEU A 250 90.93 7.51 27.93
CA LEU A 250 90.31 8.73 27.43
C LEU A 250 91.34 9.76 27.02
N SER A 251 92.51 9.76 27.67
CA SER A 251 93.47 10.80 27.40
C SER A 251 94.31 10.53 26.16
N ASN A 252 94.38 9.27 25.72
CA ASN A 252 95.03 8.94 24.46
C ASN A 252 94.05 8.89 23.31
N ARG A 253 92.75 8.97 23.60
CA ARG A 253 91.73 8.93 22.56
C ARG A 253 91.79 10.17 21.69
N THR A 254 91.78 9.96 20.37
CA THR A 254 91.84 11.09 19.46
C THR A 254 90.48 11.52 18.93
N ASN A 255 89.62 10.63 18.42
CA ASN A 255 88.42 11.14 17.74
C ASN A 255 87.08 10.71 18.32
N SER A 256 86.77 9.41 18.44
CA SER A 256 85.50 8.89 18.98
C SER A 256 84.19 9.27 18.28
N ARG A 257 83.90 8.71 17.13
CA ARG A 257 82.57 8.82 16.52
C ARG A 257 81.65 7.68 16.96
N VAL A 258 80.36 7.96 17.07
CA VAL A 258 79.34 6.94 17.28
C VAL A 258 78.38 6.98 16.11
N GLN A 259 78.17 5.83 15.46
CA GLN A 259 77.39 5.76 14.24
C GLN A 259 76.27 4.74 14.36
N SER A 260 75.06 5.14 14.00
CA SER A 260 73.92 4.25 13.93
C SER A 260 73.58 4.03 12.46
N ILE A 261 73.40 2.78 12.07
CA ILE A 261 73.05 2.42 10.70
C ILE A 261 71.76 1.62 10.77
N GLY A 262 70.66 2.23 10.39
CA GLY A 262 69.37 1.60 10.50
C GLY A 262 68.78 1.77 11.89
N GLY A 263 67.52 1.42 12.01
CA GLY A 263 66.85 1.59 13.27
C GLY A 263 66.47 3.04 13.52
N VAL A 264 66.26 3.35 14.80
CA VAL A 264 65.96 4.71 15.24
C VAL A 264 67.26 5.47 15.40
N PRO A 265 67.27 6.80 15.33
CA PRO A 265 68.52 7.54 15.49
C PRO A 265 69.08 7.43 16.90
N PHE A 266 70.39 7.31 16.98
CA PHE A 266 71.06 7.17 18.26
C PHE A 266 71.17 8.52 18.96
N TYR A 267 71.00 8.50 20.28
CA TYR A 267 71.36 9.58 21.17
C TYR A 267 71.93 8.95 22.42
N PRO A 268 72.90 9.60 23.07
CA PRO A 268 73.52 8.98 24.25
C PRO A 268 72.56 8.90 25.40
N GLY A 269 72.11 7.69 25.73
CA GLY A 269 71.09 7.54 26.73
C GLY A 269 69.98 6.61 26.32
N ILE A 270 69.84 6.33 25.02
CA ILE A 270 68.88 5.32 24.59
C ILE A 270 69.41 3.95 24.99
N THR A 271 68.63 3.21 25.76
CA THR A 271 69.13 1.95 26.25
C THR A 271 69.21 0.94 25.10
N LEU A 272 69.97 -0.13 25.34
CA LEU A 272 70.13 -1.13 24.29
C LEU A 272 68.84 -1.89 24.03
N GLN A 273 68.01 -1.99 25.06
CA GLN A 273 66.64 -2.48 24.88
C GLN A 273 65.84 -1.59 23.96
N ALA A 274 65.92 -0.27 24.15
CA ALA A 274 65.05 0.63 23.41
C ALA A 274 65.53 0.86 21.99
N TRP A 275 66.83 0.73 21.73
CA TRP A 275 67.33 0.81 20.37
C TRP A 275 66.86 -0.39 19.56
N GLN A 276 66.76 -1.54 20.19
CA GLN A 276 66.35 -2.77 19.52
C GLN A 276 64.84 -2.87 19.30
N GLN A 277 64.06 -1.97 19.88
CA GLN A 277 62.65 -1.94 19.57
C GLN A 277 62.34 -1.13 18.34
N GLY A 278 63.24 -0.25 17.94
CA GLY A 278 63.05 0.57 16.76
C GLY A 278 63.64 0.00 15.50
N ILE A 279 64.18 -1.22 15.55
CA ILE A 279 64.73 -1.86 14.37
C ILE A 279 63.62 -2.28 13.42
N THR A 280 62.45 -2.61 13.96
CA THR A 280 61.30 -2.99 13.16
C THR A 280 60.84 -1.83 12.28
N ASN A 281 60.74 -2.11 10.98
CA ASN A 281 60.38 -1.23 9.87
C ASN A 281 61.44 -0.19 9.54
N HIS A 282 62.61 -0.25 10.16
CA HIS A 282 63.75 0.59 9.77
C HIS A 282 64.91 -0.36 9.55
N LEU A 283 64.96 -0.98 8.38
CA LEU A 283 66.00 -1.95 8.06
C LEU A 283 66.80 -1.43 6.89
N VAL A 284 68.10 -1.61 6.94
CA VAL A 284 69.00 -1.19 5.87
C VAL A 284 69.88 -2.37 5.52
N ALA A 285 70.66 -2.21 4.45
CA ALA A 285 71.62 -3.23 4.07
C ALA A 285 72.87 -3.07 4.92
N ILE A 286 73.12 -4.03 5.81
CA ILE A 286 74.34 -4.04 6.58
C ILE A 286 75.40 -4.93 5.99
N ASP A 287 75.08 -5.69 4.94
CA ASP A 287 76.07 -6.45 4.20
C ASP A 287 75.50 -6.72 2.81
N ARG A 288 76.40 -6.95 1.85
CA ARG A 288 76.05 -7.19 0.46
C ARG A 288 76.99 -8.21 -0.14
N SER A 289 76.47 -8.98 -1.08
CA SER A 289 77.27 -9.82 -1.95
C SER A 289 76.92 -9.52 -3.39
N GLY A 290 77.81 -9.86 -4.31
CA GLY A 290 77.51 -9.54 -5.68
C GLY A 290 78.36 -10.29 -6.69
N LEU A 291 78.17 -9.91 -7.94
CA LEU A 291 78.88 -10.43 -9.10
C LEU A 291 79.17 -9.25 -10.01
N PRO A 292 80.20 -9.34 -10.85
CA PRO A 292 80.49 -8.25 -11.78
C PRO A 292 79.40 -8.05 -12.81
N LEU A 293 79.43 -6.87 -13.44
CA LEU A 293 78.32 -6.42 -14.26
C LEU A 293 78.23 -7.18 -15.58
N HIS A 294 79.36 -7.66 -16.09
CA HIS A 294 79.38 -8.40 -17.33
C HIS A 294 79.03 -9.86 -17.16
N PHE A 295 78.85 -10.33 -15.92
CA PHE A 295 78.35 -11.68 -15.70
C PHE A 295 76.93 -11.83 -16.20
N PHE A 296 76.14 -10.77 -16.11
CA PHE A 296 74.74 -10.81 -16.47
C PHE A 296 74.50 -10.38 -17.90
N ILE A 297 75.55 -10.28 -18.71
CA ILE A 297 75.41 -10.07 -20.14
C ILE A 297 75.79 -11.37 -20.82
N ASN A 298 74.79 -12.21 -21.04
CA ASN A 298 74.99 -13.56 -21.56
C ASN A 298 73.80 -13.87 -22.44
N PRO A 299 73.87 -14.92 -23.28
CA PRO A 299 72.73 -15.21 -24.17
C PRO A 299 71.44 -15.59 -23.46
N ASN A 300 71.47 -15.91 -22.17
CA ASN A 300 70.25 -16.22 -21.45
C ASN A 300 69.46 -14.97 -21.10
N MET A 301 70.17 -13.92 -20.64
CA MET A 301 69.48 -12.68 -20.27
C MET A 301 68.98 -11.91 -21.48
N LEU A 302 69.64 -12.08 -22.63
CA LEU A 302 69.31 -11.37 -23.86
C LEU A 302 68.92 -12.41 -24.90
N PRO A 303 67.67 -12.86 -24.90
CA PRO A 303 67.27 -13.94 -25.83
C PRO A 303 66.88 -13.44 -27.20
N ASP A 304 66.71 -12.13 -27.37
CA ASP A 304 66.32 -11.55 -28.65
C ASP A 304 67.49 -10.99 -29.43
N LEU A 305 68.70 -11.44 -29.14
CA LEU A 305 69.90 -11.05 -29.85
C LEU A 305 70.71 -12.30 -30.16
N PRO A 306 71.53 -12.28 -31.21
CA PRO A 306 72.33 -13.47 -31.53
C PRO A 306 73.42 -13.73 -30.51
N GLY A 307 73.92 -14.95 -30.54
CA GLY A 307 74.92 -15.45 -29.62
C GLY A 307 76.24 -14.72 -29.57
N PRO A 308 76.95 -14.62 -30.70
CA PRO A 308 78.24 -13.90 -30.67
C PRO A 308 78.12 -12.41 -30.54
N LEU A 309 76.94 -11.85 -30.67
CA LEU A 309 76.78 -10.41 -30.57
C LEU A 309 76.54 -9.95 -29.13
N VAL A 310 76.02 -10.82 -28.26
CA VAL A 310 75.96 -10.47 -26.84
C VAL A 310 77.27 -10.76 -26.14
N LYS A 311 78.21 -11.43 -26.81
CA LYS A 311 79.57 -11.57 -26.31
C LYS A 311 80.46 -10.41 -26.71
N LYS A 312 80.05 -9.62 -27.70
CA LYS A 312 80.75 -8.38 -27.98
C LYS A 312 80.34 -7.30 -27.00
N VAL A 313 79.07 -7.30 -26.61
CA VAL A 313 78.58 -6.35 -25.61
C VAL A 313 79.18 -6.68 -24.25
N SER A 314 79.29 -7.96 -23.93
CA SER A 314 79.86 -8.37 -22.65
C SER A 314 81.34 -8.09 -22.56
N LYS A 315 82.04 -8.11 -23.68
CA LYS A 315 83.47 -7.85 -23.67
C LYS A 315 83.75 -6.35 -23.68
N THR A 316 82.91 -5.55 -24.31
CA THR A 316 83.15 -4.11 -24.31
C THR A 316 82.73 -3.44 -23.00
N VAL A 317 81.97 -4.13 -22.15
CA VAL A 317 81.66 -3.62 -20.82
C VAL A 317 82.67 -4.12 -19.80
N GLU A 318 83.18 -5.34 -19.98
CA GLU A 318 84.27 -5.84 -19.14
C GLU A 318 85.53 -5.00 -19.29
N THR A 319 85.76 -4.46 -20.49
CA THR A 319 86.92 -3.60 -20.71
C THR A 319 86.70 -2.23 -20.08
N ALA A 320 85.46 -1.74 -20.08
CA ALA A 320 85.16 -0.43 -19.52
C ALA A 320 85.23 -0.44 -18.00
N VAL A 321 84.84 -1.54 -17.37
CA VAL A 321 84.95 -1.67 -15.92
C VAL A 321 86.41 -1.79 -15.51
N LYS A 322 87.19 -2.55 -16.27
CA LYS A 322 88.60 -2.73 -15.96
C LYS A 322 89.39 -1.45 -16.18
N ARG A 323 88.97 -0.61 -17.12
CA ARG A 323 89.61 0.67 -17.34
C ARG A 323 89.30 1.64 -16.20
N TYR A 324 88.17 1.45 -15.53
CA TYR A 324 87.79 2.33 -14.43
C TYR A 324 88.60 2.05 -13.18
N TYR A 325 88.99 0.79 -12.95
CA TYR A 325 89.85 0.47 -11.82
C TYR A 325 91.29 0.91 -12.06
N THR A 326 91.73 0.91 -13.31
CA THR A 326 93.12 1.23 -13.61
C THR A 326 93.38 2.72 -13.45
N PHE A 327 92.42 3.56 -13.82
CA PHE A 327 92.61 4.99 -13.74
C PHE A 327 92.46 5.52 -12.32
N ASN A 328 92.04 4.69 -11.38
CA ASN A 328 91.89 5.07 -9.98
C ASN A 328 92.83 4.27 -9.09
N THR A 329 93.94 3.83 -9.65
CA THR A 329 94.97 3.12 -8.91
C THR A 329 96.19 4.00 -8.79
N TYR A 330 96.64 4.22 -7.55
CA TYR A 330 97.78 5.09 -7.24
C TYR A 330 98.81 4.27 -6.48
N PRO A 331 99.79 3.68 -7.16
CA PRO A 331 100.87 3.03 -6.43
C PRO A 331 101.81 4.05 -5.81
N GLY A 332 102.36 3.68 -4.66
CA GLY A 332 103.26 4.58 -3.97
C GLY A 332 103.66 4.00 -2.63
N CYS A 333 104.46 4.76 -1.90
CA CYS A 333 104.88 4.37 -0.57
C CYS A 333 103.74 4.61 0.41
N THR A 334 103.32 3.56 1.10
CA THR A 334 102.18 3.63 1.98
C THR A 334 102.56 3.61 3.46
N ASP A 335 103.84 3.43 3.79
CA ASP A 335 104.27 3.41 5.17
C ASP A 335 104.44 4.85 5.66
N LEU A 336 103.68 5.22 6.70
CA LEU A 336 103.66 6.62 7.15
C LEU A 336 104.93 7.01 7.88
N ASN A 337 105.73 6.05 8.33
CA ASN A 337 106.97 6.35 9.02
C ASN A 337 108.15 6.53 8.07
N SER A 338 108.02 6.11 6.82
CA SER A 338 109.09 6.31 5.85
C SER A 338 109.17 7.78 5.47
N PRO A 339 110.37 8.29 5.16
CA PRO A 339 110.49 9.71 4.82
C PRO A 339 109.86 10.07 3.49
N ASN A 340 109.86 9.15 2.53
CA ASN A 340 109.20 9.37 1.25
C ASN A 340 107.78 8.81 1.22
N PHE A 341 106.97 9.17 2.22
CA PHE A 341 105.60 8.69 2.32
C PHE A 341 104.71 9.35 1.27
N ASN A 342 104.03 8.51 0.50
CA ASN A 342 103.09 9.00 -0.51
C ASN A 342 101.70 8.96 0.11
N PHE A 343 101.28 10.09 0.65
CA PHE A 343 99.87 10.35 0.83
C PHE A 343 99.25 10.47 -0.56
N GLN A 344 97.95 10.20 -0.65
CA GLN A 344 97.24 9.98 -1.92
C GLN A 344 97.82 8.81 -2.69
N ALA A 345 97.90 7.65 -2.05
CA ALA A 345 98.33 6.41 -2.69
C ALA A 345 97.50 5.26 -2.15
N ASN A 346 97.05 4.40 -3.05
CA ASN A 346 96.17 3.27 -2.71
C ASN A 346 96.94 1.98 -2.52
N THR A 347 97.83 1.66 -3.43
CA THR A 347 98.47 0.35 -3.50
C THR A 347 99.90 0.47 -3.01
N ASP A 348 100.32 -0.51 -2.21
CA ASP A 348 101.68 -0.56 -1.71
C ASP A 348 102.65 -0.84 -2.85
N ASP A 349 103.55 0.10 -3.10
CA ASP A 349 104.46 -0.01 -4.23
C ASP A 349 105.60 -0.98 -3.97
N GLY A 350 105.90 -1.26 -2.71
CA GLY A 350 107.03 -2.10 -2.38
C GLY A 350 108.36 -1.41 -2.48
N SER A 351 108.39 -0.10 -2.65
CA SER A 351 109.61 0.70 -2.72
C SER A 351 109.46 1.80 -1.69
N CYS A 352 109.81 1.48 -0.45
CA CYS A 352 109.69 2.42 0.66
C CYS A 352 111.02 3.02 1.07
N GLU A 353 112.13 2.51 0.53
CA GLU A 353 113.45 3.05 0.80
C GLU A 353 114.15 3.32 -0.52
N GLY A 354 114.30 4.60 -0.86
CA GLY A 354 114.96 5.01 -2.07
C GLY A 354 116.42 5.35 -1.84
N LYS A 355 117.09 5.74 -2.93
CA LYS A 355 118.51 6.05 -2.88
C LYS A 355 118.82 7.52 -3.13
N MET A 356 117.83 8.31 -3.55
CA MET A 356 117.97 9.74 -3.87
C MET A 356 119.04 9.97 -4.95
N THR A 357 118.70 9.50 -6.14
CA THR A 357 119.55 9.68 -7.31
C THR A 357 119.00 10.82 -8.14
N ASN A 358 119.79 11.88 -8.30
CA ASN A 358 119.41 12.98 -9.17
C ASN A 358 119.69 12.62 -10.61
N PHE A 359 118.74 12.92 -11.49
CA PHE A 359 118.82 12.53 -12.89
C PHE A 359 118.87 13.75 -13.79
N SER A 360 119.10 13.50 -15.07
CA SER A 360 119.28 14.54 -16.07
C SER A 360 118.08 14.53 -17.02
N PHE A 361 117.42 15.67 -17.14
CA PHE A 361 116.26 15.82 -18.01
C PHE A 361 116.75 16.29 -19.39
N GLY A 362 116.77 15.38 -20.35
CA GLY A 362 117.30 15.67 -21.66
C GLY A 362 116.35 16.29 -22.64
N GLY A 363 115.15 16.66 -22.22
CA GLY A 363 114.22 17.36 -23.08
C GLY A 363 113.30 16.43 -23.85
N VAL A 364 112.29 17.05 -24.46
CA VAL A 364 111.26 16.33 -25.21
C VAL A 364 111.19 16.89 -26.62
N TYR A 365 110.77 16.05 -27.55
CA TYR A 365 110.50 16.50 -28.91
C TYR A 365 109.42 15.61 -29.50
N GLN A 366 108.66 16.17 -30.44
CA GLN A 366 107.49 15.50 -30.99
C GLN A 366 107.50 15.67 -32.51
N GLU A 367 107.37 14.55 -33.22
CA GLU A 367 107.25 14.58 -34.66
C GLU A 367 105.78 14.68 -35.06
N CYS A 368 105.56 15.05 -36.31
CA CYS A 368 104.21 15.03 -36.88
C CYS A 368 104.28 14.54 -38.32
N THR A 369 103.18 13.92 -38.77
CA THR A 369 103.09 13.38 -40.11
C THR A 369 101.66 13.53 -40.59
N GLN A 370 101.45 14.45 -41.53
CA GLN A 370 100.12 14.70 -42.07
C GLN A 370 99.65 13.51 -42.88
N LEU A 371 98.43 13.05 -42.62
CA LEU A 371 97.86 11.92 -43.33
C LEU A 371 96.80 12.31 -44.36
N SER A 372 95.97 13.31 -44.04
CA SER A 372 94.93 13.76 -44.95
C SER A 372 94.58 15.20 -44.59
N GLY A 373 94.06 15.92 -45.57
CA GLY A 373 93.65 17.30 -45.35
C GLY A 373 94.75 18.30 -45.62
N ASN A 374 95.46 18.11 -46.73
CA ASN A 374 96.59 18.98 -47.05
C ASN A 374 96.09 20.33 -47.54
N ARG A 375 96.93 21.36 -47.30
CA ARG A 375 96.75 22.75 -47.73
C ARG A 375 95.49 23.39 -47.16
N ASP A 376 94.93 22.85 -46.08
CA ASP A 376 93.72 23.38 -45.47
C ASP A 376 93.92 23.75 -44.01
N VAL A 377 94.53 22.88 -43.22
CA VAL A 377 94.68 23.09 -41.79
C VAL A 377 96.13 23.34 -41.40
N LEU A 378 97.06 22.62 -42.03
CA LEU A 378 98.47 22.52 -41.62
C LEU A 378 98.58 22.06 -40.17
N LEU A 379 98.13 20.82 -39.96
CA LEU A 379 98.18 20.19 -38.65
C LEU A 379 99.61 20.00 -38.16
N CYS A 380 100.55 19.80 -39.06
CA CYS A 380 101.93 19.49 -38.71
C CYS A 380 102.76 20.75 -38.46
N GLN A 381 102.10 21.84 -38.04
CA GLN A 381 102.78 23.08 -37.69
C GLN A 381 102.53 23.49 -36.24
N LYS A 382 101.30 23.42 -35.78
CA LYS A 382 100.97 23.67 -34.39
C LYS A 382 100.97 22.39 -33.55
N LEU A 383 101.54 21.32 -34.06
CA LEU A 383 101.61 20.04 -33.35
C LEU A 383 103.03 19.50 -33.38
N GLU A 384 104.01 20.35 -33.65
CA GLU A 384 105.39 19.96 -33.83
C GLU A 384 106.25 20.68 -32.81
N GLN A 385 107.15 19.94 -32.15
CA GLN A 385 108.02 20.52 -31.15
C GLN A 385 109.42 19.95 -31.30
N LYS A 386 110.43 20.83 -31.26
CA LYS A 386 111.82 20.43 -31.35
C LYS A 386 112.49 20.55 -29.98
N ASN A 387 113.56 19.79 -29.82
CA ASN A 387 114.32 19.77 -28.57
C ASN A 387 115.10 21.07 -28.44
N PRO A 388 114.97 21.82 -27.34
CA PRO A 388 115.75 23.05 -27.19
C PRO A 388 117.24 22.82 -27.01
N LEU A 389 117.66 21.61 -26.62
CA LEU A 389 119.08 21.35 -26.41
C LEU A 389 119.81 21.11 -27.72
N THR A 390 119.11 20.66 -28.77
CA THR A 390 119.74 20.45 -30.07
C THR A 390 119.15 21.28 -31.19
N GLY A 391 117.94 21.82 -31.02
CA GLY A 391 117.26 22.46 -32.13
C GLY A 391 116.86 21.50 -33.22
N ASP A 392 116.63 20.24 -32.87
CA ASP A 392 116.47 19.19 -33.86
C ASP A 392 115.61 18.09 -33.24
N PHE A 393 115.21 17.14 -34.06
CA PHE A 393 114.45 15.98 -33.60
C PHE A 393 115.39 14.86 -33.18
N SER A 394 116.24 15.18 -32.20
CA SER A 394 117.23 14.24 -31.69
C SER A 394 117.62 14.67 -30.29
N CYS A 395 118.14 13.70 -29.55
CA CYS A 395 118.70 13.97 -28.23
C CYS A 395 120.14 14.45 -28.37
N PRO A 396 120.69 15.09 -27.33
CA PRO A 396 122.11 15.47 -27.38
C PRO A 396 123.08 14.29 -27.33
N SER A 397 124.37 14.60 -27.28
CA SER A 397 125.41 13.58 -27.41
C SER A 397 125.41 12.62 -26.21
N GLY A 398 125.12 13.13 -25.03
CA GLY A 398 125.07 12.28 -23.86
C GLY A 398 123.73 11.63 -23.59
N TYR A 399 122.80 11.68 -24.53
CA TYR A 399 121.44 11.22 -24.29
C TYR A 399 121.00 10.23 -25.38
N SER A 400 119.78 9.72 -25.23
CA SER A 400 119.21 8.72 -26.12
C SER A 400 117.69 8.86 -26.13
N PRO A 401 117.03 8.67 -27.26
CA PRO A 401 115.58 8.87 -27.30
C PRO A 401 114.79 7.67 -26.81
N VAL A 402 113.68 7.96 -26.13
CA VAL A 402 112.72 6.96 -25.68
C VAL A 402 111.35 7.35 -26.20
N HIS A 403 110.71 6.42 -26.91
CA HIS A 403 109.42 6.66 -27.53
C HIS A 403 108.30 6.53 -26.52
N LEU A 404 107.56 7.62 -26.28
CA LEU A 404 106.45 7.57 -25.33
C LEU A 404 105.20 6.96 -25.95
N LEU A 405 104.64 7.63 -26.95
CA LEU A 405 103.31 7.29 -27.42
C LEU A 405 103.11 7.85 -28.81
N SER A 406 102.36 7.11 -29.63
CA SER A 406 102.12 7.46 -31.03
C SER A 406 100.63 7.26 -31.31
N GLN A 407 99.91 8.34 -31.58
CA GLN A 407 98.49 8.28 -31.85
C GLN A 407 98.14 9.22 -33.00
N ILE A 408 96.85 9.25 -33.35
CA ILE A 408 96.34 10.03 -34.47
C ILE A 408 95.53 11.20 -33.91
N HIS A 409 95.84 12.39 -34.37
CA HIS A 409 95.08 13.58 -34.01
C HIS A 409 94.13 13.94 -35.14
N GLU A 410 92.98 14.48 -34.79
CA GLU A 410 91.96 14.86 -35.77
C GLU A 410 91.49 16.29 -35.50
N GLU A 411 91.41 17.09 -36.55
CA GLU A 411 90.74 18.37 -36.50
C GLU A 411 89.82 18.52 -37.70
N GLY A 412 88.94 19.51 -37.62
CA GLY A 412 87.95 19.74 -38.66
C GLY A 412 88.17 21.07 -39.36
N TYR A 413 87.93 21.08 -40.67
CA TYR A 413 87.98 22.28 -41.47
C TYR A 413 86.70 22.40 -42.27
N ASN A 414 86.53 23.55 -42.92
CA ASN A 414 85.21 23.99 -43.34
C ASN A 414 85.29 24.69 -44.68
N HIS A 415 84.47 24.23 -45.64
CA HIS A 415 84.26 24.95 -46.89
C HIS A 415 82.87 25.57 -46.88
N LEU A 416 82.71 26.63 -47.67
CA LEU A 416 81.42 27.30 -47.80
C LEU A 416 81.28 27.79 -49.23
N GLU A 417 80.33 27.21 -49.97
CA GLU A 417 80.13 27.53 -51.36
C GLU A 417 78.70 28.02 -51.57
N CYS A 418 78.55 29.06 -52.36
CA CYS A 418 77.25 29.67 -52.62
C CYS A 418 77.16 30.05 -54.09
N HIS A 419 76.03 29.75 -54.72
CA HIS A 419 75.74 30.30 -56.03
C HIS A 419 74.26 30.60 -56.13
N ARG A 420 73.94 31.59 -56.96
CA ARG A 420 72.60 32.14 -57.08
C ARG A 420 72.15 32.04 -58.53
N LYS A 421 70.88 31.71 -58.73
CA LYS A 421 70.32 31.50 -60.06
C LYS A 421 68.91 32.05 -60.11
N CYS A 422 68.60 32.78 -61.18
CA CYS A 422 67.28 33.39 -61.36
C CYS A 422 66.64 32.82 -62.62
N THR A 423 65.32 32.61 -62.57
CA THR A 423 64.59 31.96 -63.64
C THR A 423 63.35 32.78 -63.99
N LEU A 424 63.30 33.27 -65.24
CA LEU A 424 62.21 34.09 -65.78
C LEU A 424 62.05 35.40 -65.02
N LYS A 425 63.15 35.92 -64.48
CA LYS A 425 63.30 37.20 -63.77
C LYS A 425 62.55 37.27 -62.46
N VAL A 426 61.82 36.23 -62.07
CA VAL A 426 61.19 36.09 -60.76
C VAL A 426 61.94 34.87 -60.22
N PHE A 427 61.59 34.39 -59.03
CA PHE A 427 61.96 33.06 -58.53
C PHE A 427 63.47 32.88 -58.40
N CYS A 428 64.07 33.72 -57.56
CA CYS A 428 65.51 33.67 -57.37
C CYS A 428 65.86 32.52 -56.42
N LYS A 429 66.78 31.67 -56.85
CA LYS A 429 67.21 30.51 -56.08
C LYS A 429 68.64 30.72 -55.60
N THR A 430 68.87 30.50 -54.31
CA THR A 430 70.19 30.62 -53.71
C THR A 430 70.42 29.40 -52.85
N VAL A 431 71.47 28.64 -53.14
CA VAL A 431 71.84 27.49 -52.33
C VAL A 431 73.20 27.76 -51.69
N CYS A 432 73.32 27.43 -50.40
CA CYS A 432 74.50 27.73 -49.61
C CYS A 432 74.95 26.43 -48.95
N GLU A 433 75.99 25.81 -49.49
CA GLU A 433 76.47 24.52 -49.03
C GLU A 433 77.70 24.71 -48.15
N ASP A 434 77.75 23.98 -47.04
CA ASP A 434 78.80 24.11 -46.04
C ASP A 434 79.29 22.72 -45.63
N VAL A 435 80.45 22.31 -46.13
CA VAL A 435 80.98 20.98 -45.95
C VAL A 435 82.00 21.00 -44.82
N PHE A 436 81.86 20.07 -43.88
CA PHE A 436 82.78 19.91 -42.76
C PHE A 436 83.53 18.60 -42.94
N GLN A 437 84.85 18.68 -43.10
CA GLN A 437 85.68 17.49 -43.27
C GLN A 437 86.65 17.36 -42.11
N VAL A 438 87.24 16.18 -41.99
CA VAL A 438 88.13 15.84 -40.87
C VAL A 438 89.53 15.65 -41.42
N ALA A 439 90.49 16.41 -40.87
CA ALA A 439 91.90 16.30 -41.23
C ALA A 439 92.64 15.53 -40.14
N LYS A 440 93.43 14.54 -40.54
CA LYS A 440 94.12 13.66 -39.61
C LYS A 440 95.62 13.89 -39.66
N ALA A 441 96.29 13.50 -38.57
CA ALA A 441 97.74 13.62 -38.47
C ALA A 441 98.25 12.64 -37.44
N GLU A 442 99.36 11.99 -37.77
CA GLU A 442 100.07 11.11 -36.85
C GLU A 442 101.12 11.91 -36.10
N PHE A 443 101.21 11.71 -34.79
CA PHE A 443 102.30 12.28 -34.01
C PHE A 443 103.03 11.20 -33.25
N ARG A 444 104.32 11.42 -33.04
CA ARG A 444 105.18 10.51 -32.28
C ARG A 444 105.98 11.35 -31.30
N ALA A 445 105.72 11.18 -30.02
CA ALA A 445 106.39 11.94 -28.98
C ALA A 445 107.53 11.12 -28.41
N PHE A 446 108.72 11.71 -28.37
CA PHE A 446 109.91 11.06 -27.85
C PHE A 446 110.39 11.79 -26.61
N TRP A 447 111.41 11.21 -25.99
CA TRP A 447 111.89 11.70 -24.70
C TRP A 447 113.32 11.23 -24.50
N CYS A 448 114.16 12.11 -23.97
CA CYS A 448 115.59 11.85 -23.87
C CYS A 448 115.96 11.35 -22.47
N VAL A 449 116.95 10.45 -22.41
CA VAL A 449 117.38 9.81 -21.18
C VAL A 449 118.91 9.85 -21.13
N ALA A 450 119.47 10.13 -19.95
CA ALA A 450 120.91 10.10 -19.77
C ALA A 450 121.41 8.66 -19.84
N SER A 451 122.02 8.31 -20.97
CA SER A 451 122.52 6.96 -21.19
C SER A 451 124.03 6.88 -21.36
N SER A 452 124.72 8.02 -21.28
CA SER A 452 126.18 8.05 -21.41
C SER A 452 126.89 8.22 -20.09
N GLN A 453 126.16 8.56 -19.02
CA GLN A 453 126.54 8.57 -17.61
C GLN A 453 127.51 9.71 -17.27
N VAL A 454 128.02 10.42 -18.27
CA VAL A 454 128.89 11.57 -18.02
C VAL A 454 128.30 12.80 -18.70
N PRO A 455 127.41 13.55 -18.04
CA PRO A 455 127.10 14.89 -18.54
C PRO A 455 127.94 15.95 -17.83
N GLU A 456 128.11 17.09 -18.47
CA GLU A 456 128.67 18.25 -17.77
C GLU A 456 127.61 18.92 -16.91
N ASN A 457 126.55 19.42 -17.55
CA ASN A 457 125.36 19.90 -16.88
C ASN A 457 124.16 19.17 -17.46
N SER A 458 123.14 18.98 -16.63
CA SER A 458 122.01 18.15 -17.01
C SER A 458 121.16 18.81 -18.08
N GLY A 459 120.67 20.02 -17.80
CA GLY A 459 119.86 20.72 -18.75
C GLY A 459 118.39 20.72 -18.39
N LEU A 460 117.76 21.88 -18.57
CA LEU A 460 116.30 22.06 -18.56
C LEU A 460 115.71 21.67 -17.20
N LEU A 461 116.09 22.45 -16.17
CA LEU A 461 115.79 22.06 -14.80
C LEU A 461 114.37 22.46 -14.42
N PHE A 462 113.41 21.63 -14.86
CA PHE A 462 112.04 21.56 -14.34
C PHE A 462 111.39 20.32 -14.95
N GLY A 463 110.38 19.81 -14.26
CA GLY A 463 109.70 18.63 -14.74
C GLY A 463 108.20 18.63 -14.50
N GLY A 464 107.61 19.80 -14.31
CA GLY A 464 106.19 19.91 -14.02
C GLY A 464 105.38 20.26 -15.25
N LEU A 465 104.13 19.80 -15.26
CA LEU A 465 103.32 19.77 -16.46
C LEU A 465 101.99 20.47 -16.17
N PHE A 466 101.31 20.88 -17.25
CA PHE A 466 99.91 21.27 -17.16
C PHE A 466 99.27 21.02 -18.51
N SER A 467 98.01 20.62 -18.48
CA SER A 467 97.26 20.28 -19.68
C SER A 467 96.30 21.41 -20.02
N SER A 468 95.43 21.15 -21.00
CA SER A 468 94.29 22.02 -21.24
C SER A 468 93.18 21.80 -20.23
N LYS A 469 93.27 20.77 -19.40
CA LYS A 469 92.31 20.52 -18.34
C LYS A 469 92.97 20.30 -16.99
N SER A 470 94.28 20.49 -16.90
CA SER A 470 95.03 20.31 -15.66
C SER A 470 95.66 21.63 -15.25
N ILE A 471 96.38 21.60 -14.14
CA ILE A 471 96.96 22.78 -13.52
C ILE A 471 98.37 22.45 -13.07
N ASN A 472 99.32 23.31 -13.40
CA ASN A 472 100.68 23.20 -12.87
C ASN A 472 100.65 23.52 -11.38
N PRO A 473 101.04 22.59 -10.51
CA PRO A 473 100.97 22.88 -9.07
C PRO A 473 102.03 23.84 -8.60
N MET A 474 103.09 24.08 -9.38
CA MET A 474 104.09 25.06 -9.00
C MET A 474 103.67 26.49 -9.34
N THR A 475 102.55 26.67 -10.05
CA THR A 475 101.96 27.98 -10.24
C THR A 475 100.51 28.07 -9.78
N ASN A 476 99.87 26.94 -9.51
CA ASN A 476 98.42 26.82 -9.25
C ASN A 476 97.59 27.47 -10.36
N ALA A 477 98.08 27.33 -11.59
CA ALA A 477 97.42 27.90 -12.76
C ALA A 477 97.95 27.17 -13.99
N GLN A 478 97.43 27.56 -15.15
CA GLN A 478 97.88 27.05 -16.44
C GLN A 478 98.96 27.96 -17.03
N SER A 479 100.03 28.13 -16.27
CA SER A 479 101.09 29.04 -16.67
C SER A 479 102.43 28.48 -16.21
N CYS A 480 103.49 29.07 -16.73
CA CYS A 480 104.85 28.72 -16.39
C CYS A 480 105.30 29.50 -15.17
N PRO A 481 106.29 29.02 -14.43
CA PRO A 481 106.86 29.85 -13.36
C PRO A 481 107.76 30.96 -13.90
N ALA A 482 108.42 31.68 -13.01
CA ALA A 482 109.20 32.87 -13.38
C ALA A 482 110.43 32.47 -14.19
N GLY A 483 110.38 32.75 -15.49
CA GLY A 483 111.52 32.50 -16.36
C GLY A 483 111.53 31.11 -16.97
N TYR A 484 110.37 30.64 -17.41
CA TYR A 484 110.20 29.28 -17.92
C TYR A 484 109.42 29.32 -19.23
N PHE A 485 109.84 28.52 -20.19
CA PHE A 485 109.13 28.46 -21.45
C PHE A 485 108.57 27.06 -21.69
N PRO A 486 107.35 26.94 -22.19
CA PRO A 486 106.72 25.62 -22.29
C PRO A 486 107.11 24.90 -23.56
N LEU A 487 107.08 23.58 -23.49
CA LEU A 487 107.34 22.72 -24.65
C LEU A 487 106.08 21.93 -24.93
N ARG A 488 105.55 22.04 -26.14
CA ARG A 488 104.31 21.38 -26.47
C ARG A 488 104.51 19.88 -26.66
N LEU A 489 103.51 19.12 -26.23
CA LEU A 489 103.54 17.67 -26.27
C LEU A 489 102.14 17.25 -26.70
N PHE A 490 101.78 15.98 -26.44
CA PHE A 490 100.94 15.11 -27.28
C PHE A 490 99.80 15.81 -28.02
N GLU A 491 98.89 16.38 -27.30
CA GLU A 491 97.91 17.30 -27.86
C GLU A 491 97.79 18.58 -27.06
N ASN A 492 97.92 18.50 -25.74
CA ASN A 492 97.70 19.66 -24.89
C ASN A 492 98.74 19.83 -23.80
N LEU A 493 99.68 18.91 -23.64
CA LEU A 493 100.68 19.07 -22.60
C LEU A 493 101.66 20.18 -22.94
N LYS A 494 101.97 20.98 -21.94
CA LYS A 494 102.99 22.02 -22.05
C LYS A 494 103.93 21.85 -20.87
N VAL A 495 105.13 21.36 -21.15
CA VAL A 495 106.12 21.06 -20.12
C VAL A 495 106.98 22.29 -19.90
N CYS A 496 106.97 22.82 -18.68
CA CYS A 496 107.70 24.05 -18.40
C CYS A 496 109.18 23.73 -18.20
N VAL A 497 110.04 24.58 -18.78
CA VAL A 497 111.45 24.26 -19.00
C VAL A 497 112.28 25.53 -18.90
N SER A 498 113.34 25.50 -18.11
CA SER A 498 114.34 26.56 -18.07
C SER A 498 115.71 25.96 -17.87
N GLN A 499 116.71 26.52 -18.54
CA GLN A 499 118.10 26.08 -18.42
C GLN A 499 119.00 27.22 -17.95
N ASP A 500 118.49 28.03 -17.02
CA ASP A 500 119.20 29.22 -16.57
C ASP A 500 120.14 28.97 -15.40
N TYR A 501 119.83 27.97 -14.55
CA TYR A 501 120.62 27.47 -13.42
C TYR A 501 120.76 28.45 -12.26
N GLU A 502 120.25 29.68 -12.41
CA GLU A 502 120.25 30.66 -11.33
C GLU A 502 118.85 31.13 -10.98
N LEU A 503 118.08 31.59 -11.96
CA LEU A 503 116.69 31.94 -11.72
C LEU A 503 115.76 30.76 -11.87
N GLY A 504 116.28 29.62 -12.34
CA GLY A 504 115.46 28.43 -12.50
C GLY A 504 115.56 27.49 -11.32
N SER A 505 116.60 27.65 -10.51
CA SER A 505 116.82 26.75 -9.38
C SER A 505 115.91 27.03 -8.20
N ARG A 506 115.14 28.13 -8.22
CA ARG A 506 114.15 28.35 -7.18
C ARG A 506 112.98 27.38 -7.34
N PHE A 507 112.60 27.11 -8.59
CA PHE A 507 111.43 26.29 -8.88
C PHE A 507 111.76 24.92 -9.43
N ALA A 508 113.04 24.59 -9.59
CA ALA A 508 113.43 23.32 -10.17
C ALA A 508 113.12 22.17 -9.23
N VAL A 509 112.39 21.18 -9.73
CA VAL A 509 112.01 20.01 -8.94
C VAL A 509 112.87 18.83 -9.39
N PRO A 510 113.12 17.85 -8.52
CA PRO A 510 113.80 16.63 -8.96
C PRO A 510 112.89 15.83 -9.88
N PHE A 511 113.36 15.58 -11.09
CA PHE A 511 112.56 14.90 -12.10
C PHE A 511 112.91 13.42 -12.15
N GLY A 512 111.91 12.58 -12.41
CA GLY A 512 112.11 11.15 -12.35
C GLY A 512 111.94 10.41 -13.66
N GLY A 513 111.07 10.88 -14.53
CA GLY A 513 110.88 10.23 -15.82
C GLY A 513 109.41 10.10 -16.20
N PHE A 514 109.17 9.87 -17.48
CA PHE A 514 107.85 9.62 -18.02
C PHE A 514 107.67 8.13 -18.27
N PHE A 515 106.42 7.66 -18.16
CA PHE A 515 106.05 6.35 -18.65
C PHE A 515 104.57 6.36 -18.97
N SER A 516 104.15 5.40 -19.80
CA SER A 516 102.79 5.33 -20.26
C SER A 516 102.32 3.88 -20.16
N CYS A 517 101.16 3.60 -20.75
CA CYS A 517 100.60 2.25 -20.68
C CYS A 517 101.33 1.27 -21.59
N THR A 518 102.19 1.75 -22.48
CA THR A 518 102.90 0.89 -23.42
C THR A 518 104.40 0.85 -23.21
N VAL A 519 104.99 1.91 -22.65
CA VAL A 519 106.43 2.00 -22.51
C VAL A 519 106.75 2.26 -21.04
N GLY A 520 107.95 1.85 -20.63
CA GLY A 520 108.43 2.13 -19.29
C GLY A 520 109.62 3.06 -19.28
N ASN A 521 109.87 3.71 -18.16
CA ASN A 521 111.07 4.53 -18.15
C ASN A 521 112.31 3.67 -17.88
N PRO A 522 113.43 3.98 -18.51
CA PRO A 522 114.63 3.18 -18.30
C PRO A 522 115.47 3.65 -17.12
N LEU A 523 114.89 4.44 -16.22
CA LEU A 523 115.62 5.00 -15.09
C LEU A 523 115.45 4.16 -13.83
N VAL A 524 115.07 2.89 -13.98
CA VAL A 524 114.88 2.00 -12.85
C VAL A 524 115.83 0.80 -12.89
N ASP A 525 116.12 0.27 -14.08
CA ASP A 525 116.91 -0.95 -14.17
C ASP A 525 118.41 -0.73 -14.00
N PRO A 526 119.04 0.30 -14.62
CA PRO A 526 120.43 0.47 -14.17
C PRO A 526 120.53 1.29 -12.88
N PRO A 535 111.89 -5.41 -21.65
CA PRO A 535 112.19 -3.97 -21.65
C PRO A 535 112.19 -3.38 -20.25
N SER A 536 111.63 -2.18 -20.10
CA SER A 536 111.66 -1.46 -18.83
C SER A 536 110.55 -1.96 -17.92
N LEU A 537 110.32 -1.23 -16.82
CA LEU A 537 109.44 -1.70 -15.76
C LEU A 537 108.19 -0.86 -15.57
N LYS A 538 108.16 0.37 -16.09
CA LYS A 538 107.11 1.41 -15.90
C LYS A 538 106.66 1.56 -14.45
N LYS A 539 107.57 1.36 -13.51
CA LYS A 539 107.21 1.54 -12.11
C LYS A 539 107.43 2.97 -11.65
N CYS A 540 108.70 3.34 -11.43
CA CYS A 540 109.15 4.58 -10.79
C CYS A 540 110.67 4.47 -10.77
N PRO A 541 111.42 5.54 -10.51
CA PRO A 541 112.85 5.32 -10.20
C PRO A 541 113.08 4.74 -8.82
N GLY A 542 112.30 5.17 -7.83
CA GLY A 542 112.54 4.75 -6.46
C GLY A 542 112.84 5.93 -5.57
N GLY A 543 111.93 6.20 -4.64
CA GLY A 543 111.96 7.43 -3.87
C GLY A 543 111.08 8.51 -4.45
N PHE A 544 110.86 8.49 -5.77
CA PHE A 544 109.98 9.43 -6.43
C PHE A 544 108.53 8.98 -6.26
N SER A 545 107.60 9.78 -6.80
CA SER A 545 106.18 9.49 -6.69
C SER A 545 105.53 9.64 -8.05
N GLN A 546 104.73 8.66 -8.45
CA GLN A 546 104.00 8.74 -9.70
C GLN A 546 102.93 9.81 -9.62
N HIS A 547 102.78 10.57 -10.69
CA HIS A 547 101.69 11.50 -10.80
C HIS A 547 101.22 11.46 -12.24
N PRO A 548 99.91 11.48 -12.45
CA PRO A 548 99.40 11.34 -13.82
C PRO A 548 99.40 12.65 -14.58
N ALA A 549 99.83 12.57 -15.84
CA ALA A 549 99.58 13.60 -16.83
C ALA A 549 98.22 13.30 -17.48
N LEU A 550 97.93 13.89 -18.63
CA LEU A 550 96.64 13.68 -19.26
C LEU A 550 96.49 12.25 -19.79
N ILE A 551 95.28 11.97 -20.28
CA ILE A 551 94.95 10.67 -20.89
C ILE A 551 94.82 10.88 -22.39
N SER A 552 95.63 10.14 -23.15
CA SER A 552 95.62 10.24 -24.61
C SER A 552 94.81 9.07 -25.16
N ASP A 553 93.48 9.24 -25.14
CA ASP A 553 92.51 8.34 -25.76
C ASP A 553 92.59 6.93 -25.18
N GLY A 554 92.45 6.83 -23.86
CA GLY A 554 92.44 5.55 -23.19
C GLY A 554 93.74 5.14 -22.56
N CYS A 555 94.86 5.77 -22.93
CA CYS A 555 96.16 5.47 -22.35
C CYS A 555 96.57 6.60 -21.42
N GLN A 556 97.19 6.24 -20.31
CA GLN A 556 97.53 7.19 -19.26
C GLN A 556 99.03 7.42 -19.25
N VAL A 557 99.44 8.69 -19.29
CA VAL A 557 100.85 9.07 -19.24
C VAL A 557 101.12 9.58 -17.83
N SER A 558 102.19 9.07 -17.22
CA SER A 558 102.51 9.43 -15.85
C SER A 558 103.96 9.90 -15.75
N TYR A 559 104.22 10.74 -14.74
CA TYR A 559 105.55 11.29 -14.55
C TYR A 559 105.91 11.27 -13.07
N CYS A 560 107.21 11.16 -12.80
CA CYS A 560 107.72 10.95 -11.44
C CYS A 560 108.42 12.21 -10.95
N VAL A 561 108.30 12.47 -9.65
CA VAL A 561 108.81 13.71 -9.04
C VAL A 561 108.93 13.44 -7.55
N LYS A 562 109.79 14.22 -6.87
CA LYS A 562 110.06 14.05 -5.45
C LYS A 562 110.02 15.40 -4.74
N SER A 563 108.94 16.15 -4.90
CA SER A 563 108.85 17.41 -4.18
C SER A 563 108.38 17.19 -2.75
N GLY A 564 107.19 16.60 -2.59
CA GLY A 564 106.41 16.69 -1.39
C GLY A 564 105.27 17.68 -1.51
N LEU A 565 105.39 18.65 -2.42
CA LEU A 565 104.28 19.53 -2.74
C LEU A 565 103.26 18.81 -3.60
N PHE A 566 103.71 17.94 -4.49
CA PHE A 566 102.80 17.16 -5.33
C PHE A 566 102.04 16.12 -4.53
N THR A 567 102.63 15.65 -3.44
CA THR A 567 102.08 14.50 -2.71
C THR A 567 100.89 14.89 -1.83
N GLY A 568 101.10 15.80 -0.89
CA GLY A 568 100.11 16.08 0.14
C GLY A 568 98.92 16.87 -0.37
N GLY A 569 98.04 17.20 0.56
CA GLY A 569 96.80 17.88 0.26
C GLY A 569 95.62 17.20 0.90
N SER A 570 94.57 16.95 0.12
CA SER A 570 93.48 16.10 0.54
C SER A 570 93.41 14.89 -0.38
N LEU A 571 92.63 13.91 0.02
CA LEU A 571 92.43 12.73 -0.81
C LEU A 571 91.55 13.08 -1.99
N PRO A 572 91.95 12.77 -3.22
CA PRO A 572 91.15 13.13 -4.38
C PRO A 572 89.94 12.25 -4.50
N PRO A 573 88.89 12.70 -5.20
CA PRO A 573 87.78 11.81 -5.51
C PRO A 573 88.15 10.88 -6.66
N ALA A 574 87.24 9.96 -6.94
CA ALA A 574 87.46 9.03 -8.04
C ALA A 574 87.29 9.73 -9.38
N ARG A 575 88.10 9.33 -10.35
CA ARG A 575 87.86 9.71 -11.72
C ARG A 575 86.72 8.90 -12.29
N LEU A 576 85.63 9.57 -12.63
CA LEU A 576 84.49 8.86 -13.11
C LEU A 576 84.54 8.76 -14.63
N PRO A 577 83.91 7.74 -15.22
CA PRO A 577 83.83 7.65 -16.68
C PRO A 577 82.94 8.74 -17.24
N PRO A 578 82.93 8.99 -18.56
CA PRO A 578 83.71 8.46 -19.69
C PRO A 578 85.08 9.07 -19.74
N PHE A 579 86.05 8.29 -20.19
CA PHE A 579 87.43 8.75 -20.30
C PHE A 579 87.81 9.09 -21.72
N THR A 580 86.96 8.77 -22.69
CA THR A 580 87.14 9.17 -24.07
C THR A 580 86.00 10.10 -24.46
N ARG A 581 86.09 10.64 -25.65
CA ARG A 581 85.07 11.49 -26.23
C ARG A 581 84.59 10.85 -27.53
N PRO A 582 83.36 11.12 -27.95
CA PRO A 582 82.91 10.59 -29.23
C PRO A 582 83.64 11.27 -30.38
N PRO A 583 83.97 10.54 -31.44
CA PRO A 583 84.87 11.07 -32.46
C PRO A 583 84.17 12.05 -33.38
N LEU A 584 84.98 12.71 -34.21
CA LEU A 584 84.49 13.67 -35.17
C LEU A 584 84.00 12.96 -36.43
N MET A 585 82.98 13.53 -37.04
CA MET A 585 82.36 12.99 -38.23
C MET A 585 82.31 14.05 -39.31
N SER A 586 82.43 13.63 -40.55
CA SER A 586 82.34 14.56 -41.66
C SER A 586 80.89 14.85 -42.02
N GLN A 587 80.57 16.11 -42.23
CA GLN A 587 79.22 16.63 -42.25
C GLN A 587 78.99 17.44 -43.53
N ALA A 588 77.75 17.87 -43.72
CA ALA A 588 77.37 18.73 -44.83
C ALA A 588 76.05 19.41 -44.48
N ALA A 589 75.93 20.68 -44.82
CA ALA A 589 74.73 21.44 -44.50
C ALA A 589 74.41 22.39 -45.64
N THR A 590 73.19 22.30 -46.15
CA THR A 590 72.75 23.12 -47.28
C THR A 590 71.57 24.00 -46.85
N ASN A 591 71.39 25.09 -47.60
CA ASN A 591 70.33 26.07 -47.35
C ASN A 591 69.87 26.59 -48.70
N THR A 592 68.74 26.09 -49.21
CA THR A 592 68.16 26.59 -50.45
C THR A 592 67.06 27.57 -50.12
N VAL A 593 67.12 28.76 -50.72
CA VAL A 593 66.14 29.81 -50.53
C VAL A 593 65.53 30.16 -51.88
N ILE A 594 64.20 30.16 -51.95
CA ILE A 594 63.47 30.60 -53.14
C ILE A 594 62.79 31.91 -52.81
N VAL A 595 63.02 32.93 -53.63
CA VAL A 595 62.47 34.26 -53.42
C VAL A 595 61.65 34.62 -54.64
N THR A 596 60.34 34.79 -54.48
CA THR A 596 59.51 35.29 -55.57
C THR A 596 59.55 36.80 -55.51
N ASN A 597 60.01 37.42 -56.60
CA ASN A 597 60.17 38.86 -56.67
C ASN A 597 58.92 39.57 -57.15
N SER A 598 57.78 38.89 -57.13
CA SER A 598 56.58 39.46 -57.75
C SER A 598 55.33 38.83 -57.18
N GLU A 599 54.26 39.61 -57.18
CA GLU A 599 52.91 39.07 -57.10
C GLU A 599 52.50 38.61 -58.50
N ASN A 600 51.28 38.09 -58.61
CA ASN A 600 50.76 37.44 -59.83
C ASN A 600 51.69 36.31 -60.26
N ALA A 601 52.13 35.52 -59.27
CA ALA A 601 53.06 34.42 -59.53
C ALA A 601 52.79 33.37 -58.47
N ARG A 602 52.08 32.32 -58.85
CA ARG A 602 51.76 31.25 -57.92
C ARG A 602 52.80 30.15 -58.00
N SER A 603 52.80 29.28 -56.99
CA SER A 603 53.79 28.23 -56.91
C SER A 603 53.21 27.07 -56.12
N TRP A 604 53.43 25.85 -56.60
CA TRP A 604 53.01 24.63 -55.93
C TRP A 604 54.24 23.80 -55.64
N ILE A 605 54.33 23.24 -54.45
CA ILE A 605 55.50 22.50 -54.00
C ILE A 605 55.05 21.17 -53.44
N LYS A 606 55.68 20.09 -53.87
CA LYS A 606 55.49 18.76 -53.30
C LYS A 606 56.82 18.37 -52.65
N ASP A 607 56.82 18.32 -51.31
CA ASP A 607 58.09 18.28 -50.57
C ASP A 607 58.77 16.92 -50.67
N SER A 608 58.00 15.84 -50.73
CA SER A 608 58.56 14.50 -50.86
C SER A 608 57.50 13.61 -51.49
N GLN A 609 57.81 12.32 -51.61
CA GLN A 609 56.88 11.39 -52.23
C GLN A 609 55.69 11.08 -51.34
N THR A 610 55.81 11.29 -50.03
CA THR A 610 54.70 11.07 -49.12
C THR A 610 53.86 12.32 -48.89
N HIS A 611 54.40 13.50 -49.16
CA HIS A 611 53.64 14.72 -49.02
C HIS A 611 52.62 14.85 -50.15
N GLN A 612 51.67 15.76 -49.96
CA GLN A 612 50.77 16.17 -51.01
C GLN A 612 51.23 17.50 -51.57
N TRP A 613 50.65 17.88 -52.72
CA TRP A 613 50.97 19.16 -53.32
C TRP A 613 50.48 20.29 -52.41
N ARG A 614 51.32 21.29 -52.28
CA ARG A 614 51.15 22.35 -51.29
C ARG A 614 51.32 23.68 -51.99
N LEU A 615 50.49 24.64 -51.64
CA LEU A 615 50.61 25.97 -52.22
C LEU A 615 51.83 26.66 -51.65
N GLY A 616 52.67 27.20 -52.53
CA GLY A 616 53.94 27.74 -52.10
C GLY A 616 53.83 29.14 -51.55
N GLU A 617 54.88 29.54 -50.84
CA GLU A 617 55.06 30.81 -50.17
C GLU A 617 56.16 31.61 -50.86
N PRO A 618 56.21 32.94 -50.66
CA PRO A 618 57.26 33.72 -51.33
C PRO A 618 58.68 33.44 -50.87
N ILE A 619 58.90 33.07 -49.61
CA ILE A 619 60.21 32.66 -49.11
C ILE A 619 60.08 31.25 -48.55
N GLU A 620 60.92 30.33 -49.00
CA GLU A 620 60.78 28.93 -48.65
C GLU A 620 61.74 28.43 -47.57
N LEU A 621 63.05 28.50 -47.84
CA LEU A 621 64.11 28.13 -46.89
C LEU A 621 64.01 26.66 -46.45
N ARG A 622 64.35 25.78 -47.40
CA ARG A 622 64.60 24.38 -47.08
C ARG A 622 65.96 24.25 -46.41
N ARG A 623 66.10 23.25 -45.52
CA ARG A 623 67.36 22.96 -44.84
C ARG A 623 67.63 21.47 -44.83
N ALA A 624 68.91 21.11 -44.82
CA ALA A 624 69.30 19.70 -44.76
C ALA A 624 70.65 19.58 -44.07
N MET A 625 70.81 18.55 -43.26
CA MET A 625 72.07 18.23 -42.60
C MET A 625 72.41 16.77 -42.86
N ASN A 626 73.56 16.53 -43.48
CA ASN A 626 73.96 15.20 -43.90
C ASN A 626 75.22 14.80 -43.13
N VAL A 627 75.16 13.67 -42.43
CA VAL A 627 76.26 13.17 -41.63
C VAL A 627 76.62 11.80 -42.14
N ILE A 628 77.92 11.50 -42.23
CA ILE A 628 78.40 10.16 -42.53
C ILE A 628 79.36 9.71 -41.43
N HIS A 629 79.12 8.52 -40.90
CA HIS A 629 79.95 7.94 -39.83
C HIS A 629 81.20 7.32 -40.46
N GLY A 630 82.35 7.96 -40.26
CA GLY A 630 83.60 7.44 -40.76
C GLY A 630 83.77 7.58 -42.26
N ASP B 10 37.50 14.38 -13.07
CA ASP B 10 38.85 13.86 -13.04
C ASP B 10 39.77 14.73 -12.17
N GLU B 11 40.99 14.25 -11.96
CA GLU B 11 41.96 14.92 -11.10
C GLU B 11 43.33 14.40 -11.50
N VAL B 12 44.30 15.31 -11.59
CA VAL B 12 45.62 14.98 -12.13
C VAL B 12 46.71 15.46 -11.18
N GLY B 13 47.93 15.05 -11.48
CA GLY B 13 49.09 15.62 -10.82
C GLY B 13 49.36 15.02 -9.46
N VAL B 14 49.93 15.85 -8.58
CA VAL B 14 50.33 15.42 -7.25
C VAL B 14 49.11 15.19 -6.39
N GLN B 15 48.05 15.98 -6.60
CA GLN B 15 46.91 15.98 -5.69
C GLN B 15 46.05 14.73 -5.86
N LYS B 16 46.09 14.09 -7.03
CA LYS B 16 45.49 12.78 -7.18
C LYS B 16 46.21 11.75 -6.29
N CYS B 17 47.54 11.86 -6.20
CA CYS B 17 48.30 10.96 -5.35
C CYS B 17 48.04 11.23 -3.88
N LYS B 18 47.86 12.50 -3.51
CA LYS B 18 47.69 12.86 -2.11
C LYS B 18 46.33 12.46 -1.59
N ASN B 19 45.31 12.43 -2.44
CA ASN B 19 43.98 12.08 -1.97
C ASN B 19 43.82 10.58 -1.81
N ALA B 20 44.49 9.79 -2.65
CA ALA B 20 44.37 8.36 -2.57
C ALA B 20 45.24 7.76 -1.47
N LEU B 21 46.33 8.43 -1.10
CA LEU B 21 47.30 7.87 -0.19
C LEU B 21 47.38 8.57 1.15
N LYS B 22 47.11 9.89 1.18
CA LYS B 22 47.07 10.72 2.40
C LYS B 22 48.40 10.70 3.14
N LEU B 23 49.47 11.04 2.43
CA LEU B 23 50.81 11.09 3.00
C LEU B 23 51.61 12.09 2.19
N PRO B 24 52.60 12.77 2.81
CA PRO B 24 53.24 13.90 2.13
C PRO B 24 54.17 13.52 1.00
N VAL B 25 54.72 14.53 0.34
CA VAL B 25 55.61 14.35 -0.80
C VAL B 25 57.02 14.62 -0.32
N LEU B 26 58.00 13.88 -0.84
CA LEU B 26 59.38 14.07 -0.43
C LEU B 26 59.89 15.38 -0.99
N GLU B 27 60.23 16.32 -0.11
CA GLU B 27 60.52 17.67 -0.51
C GLU B 27 61.94 17.89 -0.99
N VAL B 28 62.76 16.86 -1.03
CA VAL B 28 64.18 16.97 -1.37
C VAL B 28 64.38 16.23 -2.68
N LEU B 29 64.37 16.94 -3.79
CA LEU B 29 64.36 16.24 -5.06
C LEU B 29 65.53 16.66 -5.95
N PRO B 30 66.10 15.73 -6.71
CA PRO B 30 67.18 16.10 -7.63
C PRO B 30 66.65 16.52 -8.97
N GLY B 31 67.54 16.86 -9.90
CA GLY B 31 67.14 17.31 -11.21
C GLY B 31 66.99 18.80 -11.36
N GLY B 32 67.33 19.59 -10.35
CA GLY B 32 67.30 21.02 -10.47
C GLY B 32 68.64 21.59 -10.84
N GLY B 33 68.64 22.84 -11.23
CA GLY B 33 69.88 23.52 -11.54
C GLY B 33 70.63 23.91 -10.29
N TRP B 34 71.92 24.13 -10.44
CA TRP B 34 72.78 24.41 -9.29
C TRP B 34 73.88 25.35 -9.69
N ASP B 35 73.89 26.54 -9.10
CA ASP B 35 75.03 27.45 -9.23
C ASP B 35 76.12 26.97 -8.29
N ASN B 36 77.25 26.57 -8.85
CA ASN B 36 78.31 25.97 -8.06
C ASN B 36 79.30 27.00 -7.53
N LEU B 37 79.15 28.27 -7.89
CA LEU B 37 79.94 29.31 -7.24
C LEU B 37 79.26 29.84 -5.99
N ARG B 38 77.95 30.00 -6.02
CA ARG B 38 77.22 30.59 -4.91
C ARG B 38 76.57 29.56 -4.01
N ASN B 39 76.59 28.29 -4.40
CA ASN B 39 75.88 27.18 -3.76
C ASN B 39 74.41 27.48 -3.53
N VAL B 40 73.75 27.98 -4.57
CA VAL B 40 72.31 28.15 -4.56
C VAL B 40 71.76 27.25 -5.66
N ASP B 41 70.48 26.92 -5.54
CA ASP B 41 69.86 26.07 -6.53
C ASP B 41 68.89 26.86 -7.40
N MET B 42 68.83 26.47 -8.66
CA MET B 42 68.27 27.19 -9.77
C MET B 42 66.94 26.57 -10.20
N GLY B 43 66.48 26.99 -11.38
CA GLY B 43 65.30 26.40 -11.96
C GLY B 43 65.48 24.94 -12.31
N ARG B 44 64.33 24.29 -12.51
CA ARG B 44 64.25 22.84 -12.64
C ARG B 44 64.59 22.41 -14.07
N VAL B 45 65.57 21.52 -14.20
CA VAL B 45 66.06 21.09 -15.51
C VAL B 45 65.38 19.81 -15.98
N MET B 46 65.11 18.88 -15.08
CA MET B 46 64.45 17.63 -15.44
C MET B 46 62.95 17.75 -15.26
N GLU B 47 62.23 16.75 -15.72
CA GLU B 47 60.78 16.75 -15.67
C GLU B 47 60.31 15.89 -14.51
N LEU B 48 59.43 16.45 -13.67
CA LEU B 48 58.86 15.75 -12.53
C LEU B 48 57.41 15.41 -12.82
N THR B 49 57.12 14.12 -12.93
CA THR B 49 55.77 13.65 -13.17
C THR B 49 55.31 12.76 -12.02
N TYR B 50 54.01 12.78 -11.76
CA TYR B 50 53.40 12.03 -10.66
C TYR B 50 52.28 11.15 -11.19
N SER B 51 52.55 10.43 -12.27
CA SER B 51 51.49 9.67 -12.93
C SER B 51 51.24 8.33 -12.25
N ASN B 52 52.27 7.70 -11.69
CA ASN B 52 52.19 6.32 -11.24
C ASN B 52 51.97 6.16 -9.75
N CYS B 53 51.85 7.26 -9.01
CA CYS B 53 51.56 7.27 -7.57
C CYS B 53 52.61 6.49 -6.77
N ARG B 54 53.87 6.62 -7.15
CA ARG B 54 54.93 5.88 -6.47
C ARG B 54 55.18 6.44 -5.08
N THR B 55 55.50 5.56 -4.15
CA THR B 55 55.92 5.95 -2.82
C THR B 55 57.30 5.39 -2.55
N THR B 56 57.89 5.81 -1.45
CA THR B 56 59.09 5.15 -1.00
C THR B 56 58.74 3.76 -0.47
N GLU B 57 59.75 2.92 -0.37
CA GLU B 57 59.54 1.52 -0.04
C GLU B 57 59.01 1.33 1.38
N ASP B 58 59.33 2.26 2.29
CA ASP B 58 58.73 2.23 3.61
C ASP B 58 57.35 2.88 3.64
N GLY B 59 56.93 3.51 2.54
CA GLY B 59 55.57 3.98 2.41
C GLY B 59 55.25 5.25 3.18
N GLN B 60 56.12 6.25 3.14
CA GLN B 60 55.88 7.47 3.88
C GLN B 60 56.06 8.75 3.08
N TYR B 61 56.49 8.67 1.83
CA TYR B 61 56.58 9.85 1.00
C TYR B 61 56.19 9.49 -0.42
N ILE B 62 55.42 10.37 -1.06
CA ILE B 62 55.15 10.29 -2.48
C ILE B 62 56.38 10.82 -3.23
N ILE B 63 56.86 10.06 -4.19
CA ILE B 63 58.02 10.45 -4.99
C ILE B 63 57.60 10.46 -6.45
N PRO B 64 58.30 11.22 -7.30
CA PRO B 64 58.03 11.16 -8.74
C PRO B 64 58.42 9.81 -9.35
N ASP B 65 58.05 9.65 -10.62
CA ASP B 65 58.13 8.36 -11.27
C ASP B 65 59.55 7.99 -11.69
N GLU B 66 60.34 8.98 -12.06
CA GLU B 66 61.69 8.85 -12.59
C GLU B 66 62.75 8.87 -11.50
N ILE B 67 62.36 8.81 -10.24
CA ILE B 67 63.26 9.00 -9.13
C ILE B 67 63.18 7.77 -8.24
N PHE B 68 64.33 7.18 -7.94
CA PHE B 68 64.39 6.10 -6.98
C PHE B 68 65.13 6.56 -5.74
N THR B 69 64.72 6.02 -4.60
CA THR B 69 65.30 6.39 -3.33
C THR B 69 66.07 5.21 -2.75
N ILE B 70 67.07 5.50 -1.93
CA ILE B 70 67.84 4.48 -1.24
C ILE B 70 67.64 4.70 0.27
N PRO B 71 67.06 3.76 0.98
CA PRO B 71 66.94 3.92 2.43
C PRO B 71 68.27 3.65 3.12
N GLN B 72 68.88 4.70 3.64
CA GLN B 72 70.07 4.52 4.48
C GLN B 72 69.90 5.41 5.70
N LYS B 73 69.24 4.86 6.70
CA LYS B 73 68.78 5.61 7.86
C LYS B 73 69.94 5.69 8.84
N GLN B 74 70.81 6.64 8.59
CA GLN B 74 72.15 6.70 9.15
C GLN B 74 72.29 7.93 10.02
N SER B 75 72.71 7.74 11.25
CA SER B 75 72.92 8.82 12.20
C SER B 75 74.38 8.84 12.61
N ASN B 76 74.98 10.03 12.64
CA ASN B 76 76.36 10.21 13.03
C ASN B 76 76.44 11.18 14.19
N LEU B 77 77.29 10.90 15.15
CA LEU B 77 77.43 11.75 16.33
C LEU B 77 78.90 11.84 16.65
N GLU B 78 79.43 13.06 16.69
CA GLU B 78 80.83 13.30 16.99
C GLU B 78 80.97 13.72 18.44
N MET B 79 81.88 13.09 19.16
CA MET B 79 82.31 13.55 20.47
C MET B 79 83.48 14.49 20.41
N ASN B 80 83.86 14.90 19.21
CA ASN B 80 85.06 15.67 18.97
C ASN B 80 84.68 16.88 18.13
N SER B 81 85.69 17.56 17.63
CA SER B 81 85.51 18.68 16.72
C SER B 81 86.40 18.44 15.51
N GLU B 82 86.49 19.43 14.63
CA GLU B 82 87.46 19.38 13.56
C GLU B 82 87.96 20.79 13.31
N ILE B 83 89.26 20.92 13.08
CA ILE B 83 89.92 22.21 13.07
C ILE B 83 90.22 22.59 11.63
N LEU B 84 89.89 23.84 11.27
CA LEU B 84 90.05 24.35 9.91
C LEU B 84 90.81 25.66 10.04
N GLU B 85 92.14 25.60 10.09
CA GLU B 85 92.93 26.78 10.37
C GLU B 85 93.30 27.58 9.13
N SER B 86 92.62 27.34 8.00
CA SER B 86 92.84 28.09 6.78
C SER B 86 91.57 28.01 5.93
N TRP B 87 91.22 29.11 5.29
CA TRP B 87 90.02 29.12 4.45
C TRP B 87 90.26 28.57 3.06
N ALA B 88 91.48 28.17 2.72
CA ALA B 88 91.72 27.62 1.38
C ALA B 88 91.13 26.22 1.26
N ASN B 89 91.40 25.36 2.23
CA ASN B 89 90.83 24.01 2.24
C ASN B 89 89.49 24.02 2.99
N TYR B 90 88.50 24.59 2.32
CA TYR B 90 87.19 24.81 2.92
C TYR B 90 86.25 23.64 2.66
N GLN B 91 85.51 23.27 3.70
CA GLN B 91 84.52 22.19 3.66
C GLN B 91 83.15 22.84 3.71
N SER B 92 82.29 22.52 2.76
CA SER B 92 81.05 23.28 2.64
C SER B 92 80.00 22.90 3.68
N SER B 93 79.99 21.64 4.13
CA SER B 93 79.10 21.02 5.12
C SER B 93 77.65 20.84 4.66
N THR B 94 77.28 21.34 3.49
CA THR B 94 75.97 21.04 2.94
C THR B 94 75.98 20.76 1.45
N SER B 95 77.05 21.07 0.75
CA SER B 95 77.17 20.82 -0.68
C SER B 95 78.59 20.38 -0.99
N TYR B 96 79.10 19.47 -0.17
CA TYR B 96 80.52 19.14 -0.21
C TYR B 96 80.89 18.30 -1.41
N SER B 97 80.01 17.37 -1.83
CA SER B 97 80.39 16.45 -2.89
C SER B 97 80.31 17.08 -4.26
N ILE B 98 79.48 18.11 -4.45
CA ILE B 98 79.39 18.75 -5.74
C ILE B 98 80.45 19.84 -5.91
N ASN B 99 81.06 20.31 -4.83
CA ASN B 99 82.12 21.28 -4.97
C ASN B 99 83.48 20.64 -5.18
N THR B 100 83.68 19.40 -4.75
CA THR B 100 84.99 18.77 -4.75
C THR B 100 85.30 18.01 -6.03
N GLU B 101 84.57 18.29 -7.11
CA GLU B 101 84.76 17.63 -8.39
C GLU B 101 86.13 17.97 -9.00
N LEU B 102 86.59 17.10 -9.89
CA LEU B 102 87.87 17.26 -10.57
C LEU B 102 87.66 18.12 -11.81
N SER B 103 88.15 19.34 -11.78
CA SER B 103 87.99 20.26 -12.90
C SER B 103 89.08 21.31 -12.84
N LEU B 104 89.01 22.25 -13.79
CA LEU B 104 89.94 23.36 -13.79
C LEU B 104 89.65 24.33 -12.65
N PHE B 105 88.37 24.58 -12.41
CA PHE B 105 87.92 25.59 -11.46
C PHE B 105 87.43 24.96 -10.17
N SER B 106 88.09 23.90 -9.74
CA SER B 106 87.73 23.27 -8.48
C SER B 106 88.11 24.12 -7.28
N LYS B 107 89.04 25.06 -7.44
CA LYS B 107 89.43 25.94 -6.35
C LYS B 107 88.51 27.15 -6.22
N VAL B 108 87.58 27.33 -7.14
CA VAL B 108 86.69 28.49 -7.12
C VAL B 108 85.26 28.10 -6.76
N ASN B 109 84.95 26.81 -6.71
CA ASN B 109 83.60 26.35 -6.38
C ASN B 109 83.26 26.67 -4.93
N GLY B 110 82.13 27.32 -4.74
CA GLY B 110 81.65 27.67 -3.43
C GLY B 110 82.22 28.93 -2.83
N LYS B 111 83.08 29.65 -3.55
CA LYS B 111 83.80 30.79 -2.99
C LYS B 111 82.99 32.06 -3.01
N PHE B 112 81.73 32.02 -3.41
CA PHE B 112 80.83 33.15 -3.31
C PHE B 112 79.60 32.81 -2.51
N SER B 113 79.64 31.69 -1.81
CA SER B 113 78.56 31.28 -0.93
C SER B 113 78.54 32.16 0.29
N THR B 114 77.36 32.30 0.90
CA THR B 114 77.27 33.10 2.12
C THR B 114 77.94 32.39 3.28
N GLU B 115 78.00 31.07 3.24
CA GLU B 115 78.63 30.30 4.31
C GLU B 115 80.14 30.38 4.23
N PHE B 116 80.70 30.54 3.03
CA PHE B 116 82.13 30.74 2.89
C PHE B 116 82.53 32.17 3.23
N GLN B 117 81.82 33.15 2.67
CA GLN B 117 82.18 34.54 2.85
C GLN B 117 81.95 35.03 4.26
N ARG B 118 81.09 34.35 5.02
CA ARG B 118 81.01 34.63 6.43
C ARG B 118 82.17 34.00 7.17
N MET B 119 82.70 32.89 6.70
CA MET B 119 83.78 32.24 7.43
C MET B 119 85.11 32.93 7.16
N LYS B 120 85.33 33.40 5.93
CA LYS B 120 86.58 34.05 5.56
C LYS B 120 86.74 35.39 6.27
N THR B 121 85.65 36.12 6.44
CA THR B 121 85.73 37.41 7.09
C THR B 121 85.84 37.31 8.60
N LEU B 122 85.83 36.11 9.17
CA LEU B 122 86.07 35.92 10.59
C LEU B 122 87.46 35.39 10.88
N GLN B 123 88.12 34.79 9.91
CA GLN B 123 89.50 34.36 10.09
C GLN B 123 90.50 35.45 9.74
N VAL B 124 90.09 36.48 9.03
CA VAL B 124 90.98 37.56 8.65
C VAL B 124 90.82 38.76 9.55
N LYS B 125 89.57 39.11 9.87
CA LYS B 125 89.28 40.22 10.78
C LYS B 125 89.77 39.94 12.18
N ASP B 126 89.68 38.69 12.62
CA ASP B 126 89.94 38.33 14.00
C ASP B 126 91.18 37.46 14.16
N GLN B 127 91.88 37.15 13.06
CA GLN B 127 93.08 36.30 13.03
C GLN B 127 92.81 34.94 13.67
N ALA B 128 91.75 34.29 13.21
CA ALA B 128 91.15 33.19 13.94
C ALA B 128 91.30 31.87 13.18
N ILE B 129 91.01 30.79 13.90
CA ILE B 129 90.87 29.45 13.35
C ILE B 129 89.43 29.02 13.60
N THR B 130 88.96 28.05 12.83
CA THR B 130 87.56 27.65 12.85
C THR B 130 87.45 26.19 13.26
N THR B 131 86.55 25.91 14.20
CA THR B 131 86.21 24.55 14.58
C THR B 131 84.77 24.26 14.20
N ARG B 132 84.45 22.99 13.95
CA ARG B 132 83.09 22.60 13.60
C ARG B 132 82.72 21.26 14.22
N VAL B 133 81.61 21.23 14.95
CA VAL B 133 81.04 20.00 15.50
C VAL B 133 79.67 19.83 14.90
N GLN B 134 79.29 18.62 14.53
CA GLN B 134 77.98 18.44 13.93
C GLN B 134 77.40 17.06 14.24
N VAL B 135 76.07 17.03 14.33
CA VAL B 135 75.29 15.82 14.44
C VAL B 135 74.49 15.69 13.15
N ARG B 136 74.86 14.74 12.30
CA ARG B 136 74.25 14.59 10.99
C ARG B 136 73.36 13.37 10.98
N ASN B 137 72.22 13.49 10.31
CA ASN B 137 71.18 12.46 10.33
C ASN B 137 70.72 12.26 8.88
N LEU B 138 71.40 11.38 8.17
CA LEU B 138 71.06 11.05 6.79
C LEU B 138 69.98 10.00 6.73
N VAL B 139 68.89 10.29 6.02
CA VAL B 139 67.73 9.41 5.97
C VAL B 139 67.60 8.73 4.61
N TYR B 140 67.62 9.50 3.53
CA TYR B 140 67.49 8.94 2.20
C TYR B 140 68.60 9.44 1.29
N THR B 141 68.92 8.64 0.29
CA THR B 141 69.62 9.09 -0.91
C THR B 141 68.64 9.02 -2.06
N VAL B 142 68.46 10.15 -2.74
CA VAL B 142 67.40 10.32 -3.71
C VAL B 142 68.09 10.61 -5.04
N LYS B 143 67.92 9.71 -6.02
CA LYS B 143 68.63 9.80 -7.29
C LYS B 143 67.66 9.85 -8.47
N ILE B 144 68.21 10.11 -9.65
CA ILE B 144 67.46 10.16 -10.90
C ILE B 144 67.75 8.91 -11.72
N ASN B 145 66.70 8.35 -12.29
CA ASN B 145 66.80 7.27 -13.26
C ASN B 145 67.49 7.82 -14.51
N PRO B 146 68.48 7.13 -15.09
CA PRO B 146 69.18 7.68 -16.25
C PRO B 146 68.35 7.81 -17.53
N THR B 147 67.10 7.37 -17.56
CA THR B 147 66.25 7.49 -18.74
C THR B 147 65.21 8.59 -18.59
N LEU B 148 65.60 9.68 -17.98
CA LEU B 148 64.72 10.82 -17.73
C LEU B 148 64.85 11.85 -18.84
N GLU B 149 63.80 12.63 -19.05
CA GLU B 149 63.74 13.66 -20.06
C GLU B 149 63.74 15.05 -19.43
N LEU B 150 63.99 16.05 -20.26
CA LEU B 150 64.14 17.43 -19.84
C LEU B 150 62.81 18.07 -19.50
N SER B 151 62.91 19.20 -18.81
CA SER B 151 61.72 19.94 -18.41
C SER B 151 61.14 20.68 -19.62
N SER B 152 59.92 21.17 -19.44
CA SER B 152 59.24 21.88 -20.51
C SER B 152 59.82 23.27 -20.73
N GLY B 153 60.23 23.93 -19.66
CA GLY B 153 60.80 25.26 -19.78
C GLY B 153 62.23 25.25 -20.23
N PHE B 154 63.00 24.25 -19.79
CA PHE B 154 64.42 24.19 -20.15
C PHE B 154 64.60 23.76 -21.60
N ARG B 155 63.71 22.92 -22.12
CA ARG B 155 63.78 22.52 -23.51
C ARG B 155 63.46 23.68 -24.44
N LYS B 156 62.52 24.55 -24.02
CA LYS B 156 62.14 25.70 -24.84
C LYS B 156 63.29 26.69 -24.99
N GLU B 157 64.09 26.87 -23.94
CA GLU B 157 65.17 27.83 -24.03
C GLU B 157 66.40 27.26 -24.71
N LEU B 158 66.51 25.93 -24.81
CA LEU B 158 67.55 25.34 -25.65
C LEU B 158 67.15 25.38 -27.12
N LEU B 159 65.86 25.30 -27.41
CA LEU B 159 65.38 25.43 -28.78
C LEU B 159 65.47 26.84 -29.30
N ASP B 160 65.46 27.84 -28.42
CA ASP B 160 65.66 29.21 -28.85
C ASP B 160 67.12 29.51 -29.14
N ILE B 161 68.04 28.89 -28.41
CA ILE B 161 69.45 28.93 -28.79
C ILE B 161 69.65 28.16 -30.08
N SER B 162 68.91 27.07 -30.25
CA SER B 162 69.02 26.23 -31.44
C SER B 162 68.61 26.97 -32.70
N ASP B 163 67.61 27.86 -32.61
CA ASP B 163 67.18 28.61 -33.79
C ASP B 163 68.22 29.61 -34.23
N ARG B 164 68.93 30.21 -33.28
CA ARG B 164 69.94 31.21 -33.62
C ARG B 164 71.18 30.59 -34.23
N LEU B 165 71.50 29.34 -33.89
CA LEU B 165 72.63 28.67 -34.54
C LEU B 165 72.31 28.26 -35.96
N GLU B 166 71.03 28.06 -36.28
CA GLU B 166 70.63 27.75 -37.64
C GLU B 166 70.82 28.94 -38.57
N ASN B 167 70.40 30.11 -38.12
CA ASN B 167 70.38 31.33 -38.90
C ASN B 167 71.73 32.04 -38.96
N ASN B 168 72.80 31.40 -38.48
CA ASN B 168 74.13 31.98 -38.38
C ASN B 168 74.09 33.29 -37.60
N GLN B 169 73.54 33.24 -36.40
CA GLN B 169 73.44 34.40 -35.53
C GLN B 169 74.18 34.06 -34.26
N THR B 170 75.50 34.26 -34.29
CA THR B 170 76.36 33.74 -33.24
C THR B 170 76.36 34.64 -32.02
N ARG B 171 76.33 35.95 -32.22
CA ARG B 171 76.33 36.89 -31.11
C ARG B 171 75.03 36.86 -30.34
N MET B 172 73.92 36.53 -31.00
CA MET B 172 72.65 36.48 -30.33
C MET B 172 72.44 35.13 -29.66
N ALA B 173 73.10 34.09 -30.15
CA ALA B 173 73.06 32.79 -29.48
C ALA B 173 73.96 32.78 -28.25
N THR B 174 75.09 33.48 -28.31
CA THR B 174 75.98 33.62 -27.17
C THR B 174 75.31 34.37 -26.04
N TYR B 175 74.49 35.37 -26.39
CA TYR B 175 73.73 36.11 -25.39
C TYR B 175 72.69 35.21 -24.72
N LEU B 176 71.95 34.42 -25.49
CA LEU B 176 70.94 33.56 -24.90
C LEU B 176 71.53 32.37 -24.15
N ALA B 177 72.75 31.95 -24.50
CA ALA B 177 73.39 30.89 -23.75
C ALA B 177 73.79 31.34 -22.36
N GLU B 178 74.12 32.61 -22.20
CA GLU B 178 74.46 33.16 -20.90
C GLU B 178 73.25 33.45 -20.04
N LEU B 179 72.09 33.68 -20.63
CA LEU B 179 70.88 33.76 -19.85
C LEU B 179 70.38 32.39 -19.41
N LEU B 180 70.85 31.33 -20.04
CA LEU B 180 70.55 29.99 -19.58
C LEU B 180 71.30 29.70 -18.28
N VAL B 181 72.48 30.27 -18.12
CA VAL B 181 73.30 30.06 -16.93
C VAL B 181 72.82 30.96 -15.79
N LEU B 182 72.26 32.13 -16.09
CA LEU B 182 71.60 32.93 -15.07
C LEU B 182 70.40 32.20 -14.48
N ASN B 183 69.64 31.50 -15.31
CA ASN B 183 68.39 30.94 -14.85
C ASN B 183 68.52 29.49 -14.39
N TYR B 184 69.53 28.76 -14.85
CA TYR B 184 69.65 27.35 -14.54
C TYR B 184 70.98 26.93 -13.97
N GLY B 185 71.90 27.85 -13.75
CA GLY B 185 73.13 27.51 -13.06
C GLY B 185 74.16 26.87 -13.96
N THR B 186 75.15 26.25 -13.33
CA THR B 186 76.25 25.61 -14.02
C THR B 186 76.22 24.10 -13.92
N HIS B 187 75.35 23.54 -13.09
CA HIS B 187 75.33 22.12 -12.80
C HIS B 187 73.89 21.67 -12.65
N VAL B 188 73.69 20.35 -12.73
CA VAL B 188 72.41 19.72 -12.47
C VAL B 188 72.62 18.71 -11.35
N THR B 189 71.81 18.81 -10.30
CA THR B 189 71.95 17.87 -9.20
C THR B 189 71.40 16.52 -9.62
N THR B 190 72.22 15.48 -9.54
CA THR B 190 71.77 14.15 -9.88
C THR B 190 71.47 13.28 -8.67
N SER B 191 72.01 13.61 -7.50
CA SER B 191 71.60 12.95 -6.28
C SER B 191 71.65 13.93 -5.13
N VAL B 192 70.68 13.82 -4.25
CA VAL B 192 70.63 14.59 -3.02
C VAL B 192 70.56 13.63 -1.85
N ASP B 193 71.03 14.08 -0.71
CA ASP B 193 70.95 13.35 0.55
C ASP B 193 69.94 14.06 1.44
N ALA B 194 68.82 13.42 1.71
CA ALA B 194 67.77 14.01 2.51
C ALA B 194 68.00 13.72 3.98
N GLY B 195 68.04 14.77 4.80
CA GLY B 195 68.21 14.58 6.21
C GLY B 195 68.29 15.90 6.94
N ALA B 196 68.83 15.85 8.15
CA ALA B 196 68.97 17.02 8.99
C ALA B 196 70.37 17.05 9.59
N ALA B 197 70.77 18.22 10.06
CA ALA B 197 72.07 18.38 10.69
C ALA B 197 72.00 19.50 11.72
N LEU B 198 72.76 19.37 12.78
CA LEU B 198 72.87 20.39 13.81
C LEU B 198 74.34 20.71 13.95
N ILE B 199 74.73 21.95 13.66
CA ILE B 199 76.13 22.30 13.49
C ILE B 199 76.52 23.38 14.49
N GLN B 200 77.67 23.21 15.13
CA GLN B 200 78.36 24.20 15.94
C GLN B 200 79.53 24.76 15.17
N GLU B 201 79.75 26.06 15.23
CA GLU B 201 80.89 26.64 14.54
C GLU B 201 81.50 27.73 15.41
N ASP B 202 82.58 27.39 16.11
CA ASP B 202 83.31 28.34 16.91
C ASP B 202 84.51 28.89 16.16
N HIS B 203 84.90 30.10 16.52
CA HIS B 203 86.14 30.69 16.04
C HIS B 203 87.03 30.98 17.23
N LEU B 204 88.27 30.49 17.17
CA LEU B 204 89.23 30.61 18.24
C LEU B 204 90.41 31.40 17.73
N ARG B 205 91.09 32.11 18.62
CA ARG B 205 92.31 32.81 18.22
C ARG B 205 93.38 31.82 17.81
N ALA B 206 94.15 32.17 16.78
CA ALA B 206 95.13 31.25 16.23
C ALA B 206 96.32 31.03 17.16
N SER B 207 96.50 31.91 18.14
CA SER B 207 97.52 31.71 19.17
C SER B 207 97.16 30.59 20.13
N PHE B 208 95.88 30.27 20.25
CA PHE B 208 95.43 29.26 21.20
C PHE B 208 95.75 27.85 20.74
N LEU B 209 95.93 27.63 19.44
CA LEU B 209 96.21 26.31 18.91
C LEU B 209 97.70 26.01 18.84
N GLN B 210 98.54 27.02 18.87
CA GLN B 210 99.98 26.88 18.63
C GLN B 210 100.75 26.21 19.77
N ASP B 211 100.14 25.56 20.76
CA ASP B 211 100.89 25.03 21.89
C ASP B 211 101.67 23.76 21.50
N SER B 212 100.96 22.70 21.14
CA SER B 212 101.57 21.44 20.74
C SER B 212 100.56 20.62 19.95
N GLN B 213 100.97 19.39 19.61
CA GLN B 213 100.07 18.42 19.00
C GLN B 213 99.31 17.60 20.03
N SER B 214 99.62 17.77 21.32
CA SER B 214 98.83 17.19 22.39
C SER B 214 97.83 18.17 22.95
N SER B 215 98.06 19.48 22.77
CA SER B 215 97.04 20.45 23.09
C SER B 215 95.90 20.40 22.07
N ARG B 216 96.21 19.98 20.85
CA ARG B 216 95.22 19.94 19.77
C ARG B 216 94.10 18.96 20.08
N SER B 217 94.44 17.81 20.67
CA SER B 217 93.44 16.82 21.02
C SER B 217 92.69 17.15 22.30
N ALA B 218 93.00 18.27 22.95
CA ALA B 218 92.22 18.76 24.07
C ALA B 218 91.41 20.00 23.73
N VAL B 219 91.90 20.83 22.79
CA VAL B 219 91.08 21.86 22.18
C VAL B 219 89.90 21.23 21.47
N THR B 220 90.14 20.12 20.77
CA THR B 220 89.15 19.50 19.90
C THR B 220 88.07 18.80 20.71
N ALA B 221 88.43 18.15 21.81
CA ALA B 221 87.43 17.49 22.63
C ALA B 221 86.75 18.43 23.61
N SER B 222 87.22 19.67 23.70
CA SER B 222 86.53 20.68 24.49
C SER B 222 85.36 21.26 23.73
N ALA B 223 85.55 21.48 22.42
CA ALA B 223 84.50 22.00 21.58
C ALA B 223 83.34 21.03 21.42
N GLY B 224 83.63 19.73 21.44
CA GLY B 224 82.56 18.75 21.42
C GLY B 224 81.84 18.62 22.73
N LEU B 225 82.50 19.01 23.82
CA LEU B 225 81.87 18.99 25.13
C LEU B 225 80.96 20.19 25.31
N ALA B 226 81.41 21.36 24.83
CA ALA B 226 80.59 22.56 24.88
C ALA B 226 79.35 22.43 24.02
N PHE B 227 79.44 21.69 22.92
CA PHE B 227 78.30 21.50 22.04
C PHE B 227 77.24 20.63 22.67
N GLN B 228 77.64 19.62 23.42
CA GLN B 228 76.67 18.78 24.10
C GLN B 228 76.07 19.46 25.31
N ASN B 229 76.81 20.39 25.93
CA ASN B 229 76.22 21.18 27.00
C ASN B 229 75.17 22.14 26.45
N THR B 230 75.45 22.75 25.31
CA THR B 230 74.56 23.74 24.72
C THR B 230 73.24 23.12 24.28
N VAL B 231 73.26 21.89 23.79
CA VAL B 231 71.98 21.26 23.45
C VAL B 231 71.23 20.84 24.71
N ASN B 232 71.92 20.36 25.74
CA ASN B 232 71.20 19.80 26.86
C ASN B 232 70.78 20.80 27.93
N PHE B 233 71.56 21.87 28.18
CA PHE B 233 71.45 22.59 29.45
C PHE B 233 70.95 24.03 29.33
N LYS B 234 69.89 24.27 28.56
CA LYS B 234 68.87 25.28 28.84
C LYS B 234 69.37 26.72 28.97
N PHE B 235 70.57 27.01 28.44
CA PHE B 235 71.33 28.26 28.51
C PHE B 235 71.88 28.52 29.92
N GLU B 236 71.49 27.72 30.90
CA GLU B 236 71.91 27.95 32.26
C GLU B 236 73.35 27.46 32.44
N GLU B 237 73.93 27.83 33.59
CA GLU B 237 75.25 27.30 33.93
C GLU B 237 75.14 26.06 34.79
N ASN B 238 74.35 25.11 34.30
CA ASN B 238 74.32 23.74 34.77
C ASN B 238 75.27 22.87 33.98
N TYR B 239 76.29 23.47 33.39
CA TYR B 239 77.21 22.76 32.51
C TYR B 239 78.12 21.84 33.30
N THR B 240 78.52 20.74 32.67
CA THR B 240 79.50 19.83 33.23
C THR B 240 80.90 20.20 32.73
N SER B 241 81.32 21.40 33.10
CA SER B 241 82.63 21.93 32.71
C SER B 241 83.72 21.14 33.42
N GLN B 242 84.45 20.34 32.66
CA GLN B 242 85.30 19.31 33.22
C GLN B 242 86.66 19.82 33.69
N ASN B 243 87.15 20.92 33.14
CA ASN B 243 88.52 21.32 33.38
C ASN B 243 88.59 22.84 33.53
N VAL B 244 89.82 23.33 33.68
CA VAL B 244 90.12 24.73 33.45
C VAL B 244 90.32 24.98 31.96
N LEU B 245 90.62 23.92 31.20
CA LEU B 245 90.77 24.02 29.75
C LEU B 245 89.44 24.34 29.08
N THR B 246 88.31 23.97 29.69
CA THR B 246 87.02 24.45 29.23
C THR B 246 86.90 25.95 29.47
N LYS B 247 87.37 26.42 30.63
CA LYS B 247 87.29 27.84 30.94
C LYS B 247 88.27 28.64 30.09
N SER B 248 89.45 28.08 29.81
CA SER B 248 90.37 28.77 28.93
C SER B 248 89.92 28.72 27.48
N TYR B 249 89.10 27.74 27.12
CA TYR B 249 88.54 27.68 25.77
C TYR B 249 87.60 28.84 25.51
N LEU B 250 86.84 29.25 26.52
CA LEU B 250 85.84 30.30 26.33
C LEU B 250 86.48 31.67 26.15
N SER B 251 87.64 31.88 26.76
CA SER B 251 88.23 33.21 26.71
C SER B 251 88.98 33.48 25.43
N ASN B 252 89.38 32.44 24.71
CA ASN B 252 89.97 32.60 23.39
C ASN B 252 88.94 32.50 22.28
N ARG B 253 87.73 32.10 22.60
CA ARG B 253 86.66 31.97 21.61
C ARG B 253 86.26 33.33 21.06
N THR B 254 86.19 33.42 19.74
CA THR B 254 85.83 34.67 19.10
C THR B 254 84.35 34.76 18.73
N ASN B 255 83.75 33.78 18.04
CA ASN B 255 82.40 34.03 17.54
C ASN B 255 81.30 33.09 18.03
N SER B 256 81.41 31.76 17.85
CA SER B 256 80.42 30.76 18.28
C SER B 256 78.98 30.86 17.73
N ARG B 257 78.75 30.50 16.47
CA ARG B 257 77.41 30.32 15.95
C ARG B 257 76.92 28.88 16.14
N VAL B 258 75.62 28.72 16.34
CA VAL B 258 74.97 27.41 16.33
C VAL B 258 73.94 27.39 15.22
N GLN B 259 74.01 26.41 14.33
CA GLN B 259 73.18 26.37 13.14
C GLN B 259 72.43 25.05 13.06
N SER B 260 71.14 25.12 12.83
CA SER B 260 70.31 23.95 12.58
C SER B 260 69.90 23.95 11.11
N ILE B 261 70.07 22.82 10.43
CA ILE B 261 69.71 22.69 9.03
C ILE B 261 68.73 21.53 8.94
N GLY B 262 67.46 21.84 8.74
CA GLY B 262 66.43 20.82 8.74
C GLY B 262 65.96 20.50 10.13
N GLY B 263 64.88 19.75 10.20
CA GLY B 263 64.31 19.43 11.49
C GLY B 263 63.55 20.60 12.08
N VAL B 264 63.38 20.55 13.40
CA VAL B 264 62.73 21.61 14.16
C VAL B 264 63.76 22.69 14.46
N PRO B 265 63.36 23.94 14.71
CA PRO B 265 64.35 24.98 15.01
C PRO B 265 65.05 24.74 16.33
N PHE B 266 66.34 25.03 16.35
CA PHE B 266 67.14 24.83 17.54
C PHE B 266 66.91 25.96 18.54
N TYR B 267 66.88 25.60 19.82
CA TYR B 267 66.98 26.52 20.93
C TYR B 267 67.84 25.85 21.99
N PRO B 268 68.63 26.61 22.74
CA PRO B 268 69.52 25.98 23.72
C PRO B 268 68.73 25.36 24.86
N GLY B 269 68.70 24.04 24.90
CA GLY B 269 67.87 23.35 25.86
C GLY B 269 67.05 22.24 25.26
N ILE B 270 66.88 22.21 23.94
CA ILE B 270 66.22 21.07 23.32
C ILE B 270 67.18 19.88 23.37
N THR B 271 66.73 18.79 23.96
CA THR B 271 67.63 17.67 24.13
C THR B 271 67.90 17.01 22.77
N LEU B 272 68.95 16.21 22.73
CA LEU B 272 69.31 15.56 21.48
C LEU B 272 68.28 14.52 21.08
N GLN B 273 67.61 13.94 22.07
CA GLN B 273 66.45 13.09 21.82
C GLN B 273 65.33 13.87 21.15
N ALA B 274 65.04 15.07 21.64
CA ALA B 274 63.87 15.79 21.16
C ALA B 274 64.12 16.46 19.82
N TRP B 275 65.37 16.81 19.52
CA TRP B 275 65.69 17.33 18.19
C TRP B 275 65.52 16.25 17.13
N GLN B 276 65.83 15.00 17.48
CA GLN B 276 65.73 13.89 16.55
C GLN B 276 64.32 13.38 16.36
N GLN B 277 63.36 13.84 17.14
CA GLN B 277 61.98 13.50 16.89
C GLN B 277 61.33 14.42 15.88
N GLY B 278 61.88 15.59 15.68
CA GLY B 278 61.35 16.54 14.73
C GLY B 278 61.95 16.47 13.36
N ILE B 279 62.83 15.50 13.12
CA ILE B 279 63.43 15.34 11.80
C ILE B 279 62.41 14.81 10.81
N THR B 280 61.46 14.03 11.29
CA THR B 280 60.39 13.49 10.46
C THR B 280 59.53 14.60 9.88
N ASN B 281 59.40 14.59 8.55
CA ASN B 281 58.68 15.54 7.68
C ASN B 281 59.35 16.90 7.58
N HIS B 282 60.54 17.07 8.14
CA HIS B 282 61.32 18.29 7.94
C HIS B 282 62.70 17.83 7.46
N LEU B 283 62.82 17.51 6.18
CA LEU B 283 64.06 17.02 5.62
C LEU B 283 64.55 17.99 4.58
N VAL B 284 65.86 18.23 4.56
CA VAL B 284 66.47 19.12 3.60
C VAL B 284 67.63 18.38 2.95
N ALA B 285 68.21 19.00 1.94
CA ALA B 285 69.39 18.43 1.29
C ALA B 285 70.62 18.80 2.12
N ILE B 286 71.21 17.79 2.76
CA ILE B 286 72.45 18.01 3.49
C ILE B 286 73.67 17.62 2.67
N ASP B 287 73.49 17.05 1.48
CA ASP B 287 74.58 16.82 0.55
C ASP B 287 74.00 16.69 -0.84
N ARG B 288 74.83 16.96 -1.85
CA ARG B 288 74.43 16.93 -3.25
C ARG B 288 75.57 16.41 -4.10
N SER B 289 75.22 15.73 -5.18
CA SER B 289 76.15 15.41 -6.24
C SER B 289 75.58 15.89 -7.56
N GLY B 290 76.43 16.03 -8.56
CA GLY B 290 75.93 16.55 -9.81
C GLY B 290 76.86 16.34 -10.99
N LEU B 291 76.45 16.88 -12.12
CA LEU B 291 77.17 16.88 -13.38
C LEU B 291 77.00 18.26 -13.99
N PRO B 292 77.93 18.67 -14.86
CA PRO B 292 77.78 19.98 -15.51
C PRO B 292 76.58 20.05 -16.44
N LEU B 293 76.21 21.28 -16.76
CA LEU B 293 74.93 21.53 -17.43
C LEU B 293 74.96 21.08 -18.88
N HIS B 294 76.13 21.11 -19.52
CA HIS B 294 76.24 20.69 -20.91
C HIS B 294 76.35 19.19 -21.07
N PHE B 295 76.44 18.44 -19.98
CA PHE B 295 76.39 16.99 -20.07
C PHE B 295 75.04 16.51 -20.56
N PHE B 296 73.98 17.23 -20.20
CA PHE B 296 72.63 16.83 -20.52
C PHE B 296 72.14 17.47 -21.81
N ILE B 297 73.03 18.05 -22.59
CA ILE B 297 72.69 18.52 -23.93
C ILE B 297 73.38 17.57 -24.90
N ASN B 298 72.66 16.54 -25.29
CA ASN B 298 73.20 15.46 -26.11
C ASN B 298 72.06 14.99 -27.02
N PRO B 299 72.37 14.23 -28.08
CA PRO B 299 71.29 13.78 -28.98
C PRO B 299 70.25 12.87 -28.36
N ASN B 300 70.49 12.31 -27.18
CA ASN B 300 69.50 11.48 -26.52
C ASN B 300 68.42 12.33 -25.87
N MET B 301 68.81 13.42 -25.18
CA MET B 301 67.83 14.28 -24.52
C MET B 301 67.01 15.10 -25.51
N LEU B 302 67.57 15.39 -26.67
CA LEU B 302 66.93 16.21 -27.70
C LEU B 302 66.77 15.35 -28.95
N PRO B 303 65.72 14.54 -29.02
CA PRO B 303 65.56 13.63 -30.15
C PRO B 303 64.91 14.26 -31.36
N ASP B 304 64.35 15.46 -31.23
CA ASP B 304 63.67 16.14 -32.32
C ASP B 304 64.55 17.19 -32.98
N LEU B 305 65.86 17.09 -32.82
CA LEU B 305 66.82 17.98 -33.45
C LEU B 305 67.93 17.15 -34.07
N PRO B 306 68.59 17.64 -35.11
CA PRO B 306 69.68 16.87 -35.71
C PRO B 306 70.90 16.75 -34.81
N GLY B 307 71.73 15.77 -35.14
CA GLY B 307 72.91 15.42 -34.39
C GLY B 307 73.95 16.50 -34.21
N PRO B 308 74.50 17.06 -35.29
CA PRO B 308 75.51 18.12 -35.14
C PRO B 308 74.97 19.43 -34.64
N LEU B 309 73.65 19.61 -34.62
CA LEU B 309 73.09 20.87 -34.17
C LEU B 309 72.86 20.91 -32.66
N VAL B 310 72.71 19.76 -32.00
CA VAL B 310 72.70 19.76 -30.55
C VAL B 310 74.09 19.75 -29.96
N LYS B 311 75.12 19.57 -30.79
CA LYS B 311 76.49 19.75 -30.38
C LYS B 311 76.95 21.18 -30.52
N LYS B 312 76.24 22.01 -31.28
CA LYS B 312 76.51 23.43 -31.28
C LYS B 312 75.89 24.10 -30.08
N VAL B 313 74.72 23.61 -29.65
CA VAL B 313 74.07 24.11 -28.45
C VAL B 313 74.87 23.71 -27.22
N SER B 314 75.40 22.49 -27.21
CA SER B 314 76.16 22.01 -26.08
C SER B 314 77.51 22.71 -25.97
N LYS B 315 78.06 23.16 -27.08
CA LYS B 315 79.35 23.85 -27.04
C LYS B 315 79.18 25.32 -26.71
N THR B 316 78.06 25.93 -27.11
CA THR B 316 77.87 27.33 -26.77
C THR B 316 77.39 27.54 -25.34
N VAL B 317 76.97 26.49 -24.65
CA VAL B 317 76.65 26.57 -23.24
C VAL B 317 77.86 26.21 -22.38
N GLU B 318 78.69 25.28 -22.86
CA GLU B 318 79.95 24.97 -22.19
C GLU B 318 80.87 26.18 -22.17
N THR B 319 80.83 27.00 -23.21
CA THR B 319 81.64 28.22 -23.25
C THR B 319 81.08 29.27 -22.31
N ALA B 320 79.77 29.34 -22.17
CA ALA B 320 79.16 30.34 -21.31
C ALA B 320 79.36 30.02 -19.83
N VAL B 321 79.38 28.74 -19.47
CA VAL B 321 79.66 28.35 -18.10
C VAL B 321 81.13 28.60 -17.76
N LYS B 322 82.02 28.31 -18.70
CA LYS B 322 83.44 28.51 -18.48
C LYS B 322 83.78 30.00 -18.40
N ARG B 323 83.04 30.84 -19.11
CA ARG B 323 83.25 32.27 -19.04
C ARG B 323 82.79 32.82 -17.70
N TYR B 324 81.84 32.16 -17.07
CA TYR B 324 81.31 32.61 -15.78
C TYR B 324 82.28 32.34 -14.65
N TYR B 325 83.06 31.25 -14.74
CA TYR B 325 84.08 30.98 -13.74
C TYR B 325 85.28 31.88 -13.89
N THR B 326 85.58 32.29 -15.12
CA THR B 326 86.78 33.09 -15.37
C THR B 326 86.60 34.51 -14.88
N PHE B 327 85.41 35.05 -15.01
CA PHE B 327 85.17 36.43 -14.60
C PHE B 327 85.00 36.57 -13.10
N ASN B 328 84.94 35.47 -12.36
CA ASN B 328 84.82 35.47 -10.91
C ASN B 328 86.04 34.84 -10.26
N THR B 329 87.17 34.90 -10.93
CA THR B 329 88.43 34.39 -10.41
C THR B 329 89.34 35.57 -10.11
N TYR B 330 89.82 35.64 -8.87
CA TYR B 330 90.67 36.73 -8.40
C TYR B 330 91.97 36.14 -7.88
N PRO B 331 93.01 36.04 -8.70
CA PRO B 331 94.31 35.61 -8.17
C PRO B 331 94.95 36.71 -7.35
N GLY B 332 95.69 36.31 -6.33
CA GLY B 332 96.35 37.26 -5.47
C GLY B 332 97.02 36.56 -4.32
N CYS B 333 97.63 37.37 -3.46
CA CYS B 333 98.28 36.84 -2.27
C CYS B 333 97.22 36.50 -1.23
N THR B 334 97.20 35.25 -0.80
CA THR B 334 96.18 34.75 0.12
C THR B 334 96.68 34.54 1.53
N ASP B 335 97.98 34.71 1.78
CA ASP B 335 98.53 34.53 3.11
C ASP B 335 98.32 35.81 3.92
N LEU B 336 97.58 35.69 5.04
CA LEU B 336 97.19 36.87 5.80
C LEU B 336 98.35 37.48 6.57
N ASN B 337 99.44 36.74 6.76
CA ASN B 337 100.59 37.26 7.47
C ASN B 337 101.58 37.99 6.57
N SER B 338 101.46 37.83 5.25
CA SER B 338 102.31 38.56 4.33
C SER B 338 101.92 40.04 4.29
N PRO B 339 102.88 40.94 4.09
CA PRO B 339 102.54 42.37 4.09
C PRO B 339 101.70 42.79 2.90
N ASN B 340 101.88 42.15 1.75
CA ASN B 340 101.07 42.43 0.57
C ASN B 340 99.88 41.47 0.45
N PHE B 341 99.11 41.34 1.53
CA PHE B 341 97.96 40.44 1.54
C PHE B 341 96.82 40.99 0.70
N ASN B 342 96.34 40.18 -0.23
CA ASN B 342 95.20 40.55 -1.07
C ASN B 342 93.96 39.95 -0.43
N PHE B 343 93.27 40.76 0.36
CA PHE B 343 91.87 40.51 0.63
C PHE B 343 91.12 40.73 -0.68
N GLN B 344 89.95 40.09 -0.79
CA GLN B 344 89.21 39.93 -2.07
C GLN B 344 90.05 39.21 -3.10
N ALA B 345 90.53 38.03 -2.75
CA ALA B 345 91.24 37.15 -3.68
C ALA B 345 90.85 35.71 -3.40
N ASN B 346 90.60 34.95 -4.47
CA ASN B 346 90.13 33.58 -4.37
C ASN B 346 91.26 32.57 -4.51
N THR B 347 92.11 32.76 -5.49
CA THR B 347 93.09 31.76 -5.89
C THR B 347 94.48 32.20 -5.42
N ASP B 348 95.25 31.26 -4.89
CA ASP B 348 96.60 31.53 -4.43
C ASP B 348 97.49 31.82 -5.64
N ASP B 349 98.04 33.02 -5.69
CA ASP B 349 98.83 33.45 -6.83
C ASP B 349 100.23 32.85 -6.83
N GLY B 350 100.71 32.41 -5.68
CA GLY B 350 102.07 31.91 -5.60
C GLY B 350 103.13 32.99 -5.56
N SER B 351 102.73 34.25 -5.42
CA SER B 351 103.66 35.38 -5.33
C SER B 351 103.28 36.13 -4.07
N CYS B 352 103.83 35.67 -2.94
CA CYS B 352 103.55 36.27 -1.64
C CYS B 352 104.67 37.15 -1.14
N GLU B 353 105.82 37.15 -1.81
CA GLU B 353 106.95 38.00 -1.45
C GLU B 353 107.39 38.75 -2.69
N GLY B 354 107.13 40.05 -2.72
CA GLY B 354 107.52 40.89 -3.82
C GLY B 354 108.82 41.63 -3.55
N LYS B 355 109.24 42.42 -4.53
CA LYS B 355 110.50 43.14 -4.45
C LYS B 355 110.34 44.65 -4.36
N MET B 356 109.11 45.17 -4.56
CA MET B 356 108.78 46.60 -4.53
C MET B 356 109.63 47.38 -5.56
N THR B 357 109.34 47.10 -6.82
CA THR B 357 109.99 47.78 -7.93
C THR B 357 109.04 48.85 -8.45
N ASN B 358 109.46 50.10 -8.37
CA ASN B 358 108.68 51.20 -8.96
C ASN B 358 108.92 51.26 -10.45
N PHE B 359 107.84 51.43 -11.21
CA PHE B 359 107.90 51.40 -12.66
C PHE B 359 107.49 52.73 -13.25
N SER B 360 107.67 52.85 -14.56
CA SER B 360 107.43 54.08 -15.30
C SER B 360 106.21 53.90 -16.19
N PHE B 361 105.23 54.78 -16.02
CA PHE B 361 104.00 54.75 -16.81
C PHE B 361 104.19 55.63 -18.04
N GLY B 362 104.39 55.01 -19.19
CA GLY B 362 104.69 55.71 -20.41
C GLY B 362 103.50 56.21 -21.20
N GLY B 363 102.29 56.08 -20.67
CA GLY B 363 101.12 56.63 -21.31
C GLY B 363 100.44 55.65 -22.25
N VAL B 364 99.24 56.02 -22.68
CA VAL B 364 98.41 55.21 -23.55
C VAL B 364 98.04 56.02 -24.79
N TYR B 365 97.80 55.31 -25.89
CA TYR B 365 97.27 55.93 -27.10
C TYR B 365 96.46 54.89 -27.86
N GLN B 366 95.47 55.38 -28.61
CA GLN B 366 94.51 54.52 -29.27
C GLN B 366 94.32 55.00 -30.71
N GLU B 367 94.47 54.09 -31.66
CA GLU B 367 94.21 54.37 -33.06
C GLU B 367 92.74 54.10 -33.37
N CYS B 368 92.29 54.64 -34.51
CA CYS B 368 90.98 54.33 -35.02
C CYS B 368 91.04 54.20 -36.54
N THR B 369 90.14 53.38 -37.09
CA THR B 369 90.09 53.14 -38.52
C THR B 369 88.64 52.95 -38.91
N GLN B 370 88.07 53.93 -39.61
CA GLN B 370 86.68 53.86 -40.04
C GLN B 370 86.51 52.79 -41.10
N LEU B 371 85.51 51.93 -40.93
CA LEU B 371 85.24 50.85 -41.87
C LEU B 371 84.02 51.11 -42.74
N SER B 372 82.96 51.71 -42.18
CA SER B 372 81.76 52.01 -42.93
C SER B 372 81.02 53.13 -42.23
N GLY B 373 80.22 53.86 -43.00
CA GLY B 373 79.44 54.96 -42.46
C GLY B 373 80.17 56.28 -42.51
N ASN B 374 80.79 56.57 -43.65
CA ASN B 374 81.56 57.80 -43.79
C ASN B 374 80.65 59.00 -43.93
N ARG B 375 81.17 60.15 -43.48
CA ARG B 375 80.54 61.48 -43.56
C ARG B 375 79.20 61.56 -42.83
N ASP B 376 78.95 60.65 -41.89
CA ASP B 376 77.70 60.64 -41.15
C ASP B 376 77.91 60.72 -39.64
N VAL B 377 78.83 59.94 -39.09
CA VAL B 377 79.05 59.87 -37.66
C VAL B 377 80.39 60.47 -37.26
N LEU B 378 81.42 60.23 -38.06
CA LEU B 378 82.83 60.48 -37.74
C LEU B 378 83.22 59.79 -36.43
N LEU B 379 83.18 58.45 -36.51
CA LEU B 379 83.54 57.60 -35.38
C LEU B 379 84.99 57.77 -34.98
N CYS B 380 85.87 58.07 -35.93
CA CYS B 380 87.30 58.14 -35.70
C CYS B 380 87.73 59.51 -35.17
N GLN B 381 86.83 60.24 -34.50
CA GLN B 381 87.14 61.51 -33.88
C GLN B 381 86.93 61.49 -32.37
N LYS B 382 85.81 60.95 -31.91
CA LYS B 382 85.56 60.78 -30.49
C LYS B 382 86.02 59.42 -29.97
N LEU B 383 86.84 58.70 -30.74
CA LEU B 383 87.35 57.40 -30.36
C LEU B 383 88.86 57.33 -30.55
N GLU B 384 89.51 58.50 -30.62
CA GLU B 384 90.92 58.59 -30.94
C GLU B 384 91.62 59.32 -29.79
N GLN B 385 92.75 58.77 -29.35
CA GLN B 385 93.51 59.36 -28.26
C GLN B 385 94.99 59.30 -28.57
N LYS B 386 95.69 60.41 -28.35
CA LYS B 386 97.12 60.50 -28.56
C LYS B 386 97.86 60.53 -27.23
N ASN B 387 99.12 60.13 -27.27
CA ASN B 387 99.96 60.07 -26.08
C ASN B 387 100.33 61.49 -25.67
N PRO B 388 100.09 61.91 -24.42
CA PRO B 388 100.48 63.27 -24.01
C PRO B 388 101.99 63.46 -23.92
N LEU B 389 102.78 62.40 -23.84
CA LEU B 389 104.22 62.56 -23.74
C LEU B 389 104.86 62.84 -25.09
N THR B 390 104.24 62.44 -26.19
CA THR B 390 104.76 62.71 -27.52
C THR B 390 103.85 63.54 -28.39
N GLY B 391 102.56 63.63 -28.08
CA GLY B 391 101.61 64.25 -28.98
C GLY B 391 101.41 63.47 -30.26
N ASP B 392 101.61 62.16 -30.21
CA ASP B 392 101.67 61.35 -31.41
C ASP B 392 101.24 59.94 -31.05
N PHE B 393 101.06 59.10 -32.07
CA PHE B 393 100.73 57.69 -31.87
C PHE B 393 102.00 56.85 -31.74
N SER B 394 102.80 57.21 -30.74
CA SER B 394 104.07 56.55 -30.50
C SER B 394 104.45 56.75 -29.04
N CYS B 395 105.30 55.86 -28.55
CA CYS B 395 105.88 55.99 -27.24
C CYS B 395 107.09 56.93 -27.29
N PRO B 396 107.53 57.46 -26.13
CA PRO B 396 108.76 58.27 -26.14
C PRO B 396 110.03 57.47 -26.39
N SER B 397 111.17 58.14 -26.30
CA SER B 397 112.45 57.55 -26.68
C SER B 397 112.85 56.42 -25.75
N GLY B 398 112.53 56.54 -24.47
CA GLY B 398 112.85 55.47 -23.55
C GLY B 398 111.80 54.40 -23.40
N TYR B 399 110.81 54.36 -24.27
CA TYR B 399 109.68 53.46 -24.12
C TYR B 399 109.46 52.64 -25.40
N SER B 400 108.47 51.75 -25.34
CA SER B 400 108.13 50.85 -26.43
C SER B 400 106.65 50.51 -26.36
N PRO B 401 105.97 50.36 -27.49
CA PRO B 401 104.52 50.10 -27.46
C PRO B 401 104.17 48.64 -27.24
N VAL B 402 103.11 48.42 -26.47
CA VAL B 402 102.53 47.10 -26.25
C VAL B 402 101.07 47.14 -26.64
N HIS B 403 100.66 46.23 -27.51
CA HIS B 403 99.30 46.20 -28.04
C HIS B 403 98.37 45.50 -27.05
N LEU B 404 97.38 46.23 -26.55
CA LEU B 404 96.43 45.63 -25.61
C LEU B 404 95.36 44.81 -26.32
N LEU B 405 94.53 45.47 -27.12
CA LEU B 405 93.33 44.84 -27.63
C LEU B 405 92.82 45.60 -28.84
N SER B 406 92.27 44.86 -29.79
CA SER B 406 91.79 45.41 -31.06
C SER B 406 90.42 44.82 -31.34
N GLN B 407 89.39 45.66 -31.33
CA GLN B 407 88.02 45.22 -31.59
C GLN B 407 87.31 46.22 -32.47
N ILE B 408 86.04 45.93 -32.76
CA ILE B 408 85.22 46.73 -33.65
C ILE B 408 84.16 47.44 -32.81
N HIS B 409 84.05 48.74 -32.98
CA HIS B 409 83.01 49.52 -32.34
C HIS B 409 81.89 49.81 -33.34
N GLU B 410 80.66 49.87 -32.84
CA GLU B 410 79.49 50.12 -33.67
C GLU B 410 78.65 51.23 -33.07
N GLU B 411 78.24 52.17 -33.90
CA GLU B 411 77.21 53.14 -33.53
C GLU B 411 76.18 53.25 -34.64
N GLY B 412 75.07 53.87 -34.32
CA GLY B 412 73.95 54.00 -35.24
C GLY B 412 73.70 55.44 -35.61
N TYR B 413 73.34 55.66 -36.87
CA TYR B 413 72.95 56.98 -37.37
C TYR B 413 71.62 56.86 -38.10
N ASN B 414 71.06 58.00 -38.45
CA ASN B 414 69.64 58.08 -38.72
C ASN B 414 69.37 59.05 -39.86
N HIS B 415 68.64 58.58 -40.88
CA HIS B 415 68.11 59.44 -41.91
C HIS B 415 66.60 59.59 -41.73
N LEU B 416 66.05 60.69 -42.24
CA LEU B 416 64.62 60.93 -42.18
C LEU B 416 64.20 61.65 -43.45
N GLU B 417 63.41 60.97 -44.27
CA GLU B 417 62.98 61.51 -45.55
C GLU B 417 61.46 61.56 -45.60
N CYS B 418 60.92 62.66 -46.13
CA CYS B 418 59.48 62.86 -46.21
C CYS B 418 59.15 63.51 -47.54
N HIS B 419 58.11 63.01 -48.19
CA HIS B 419 57.53 63.72 -49.32
C HIS B 419 56.02 63.55 -49.32
N ARG B 420 55.35 64.54 -49.88
CA ARG B 420 53.90 64.67 -49.84
C ARG B 420 53.37 64.74 -51.26
N LYS B 421 52.24 64.08 -51.50
CA LYS B 421 51.65 64.00 -52.83
C LYS B 421 50.14 64.09 -52.71
N CYS B 422 49.53 64.90 -53.57
CA CYS B 422 48.08 65.08 -53.58
C CYS B 422 47.52 64.63 -54.92
N THR B 423 46.33 64.01 -54.88
CA THR B 423 45.71 63.41 -56.06
C THR B 423 44.27 63.85 -56.17
N LEU B 424 43.96 64.56 -57.26
CA LEU B 424 42.62 65.10 -57.57
C LEU B 424 42.15 66.10 -56.52
N LYS B 425 43.09 66.81 -55.90
CA LYS B 425 42.92 67.89 -54.92
C LYS B 425 42.31 67.44 -53.60
N VAL B 426 41.97 66.17 -53.46
CA VAL B 426 41.54 65.55 -52.21
C VAL B 426 42.67 64.54 -51.98
N PHE B 427 42.58 63.73 -50.92
CA PHE B 427 43.38 62.50 -50.77
C PHE B 427 44.89 62.78 -50.72
N CYS B 428 45.29 63.57 -49.73
CA CYS B 428 46.69 63.92 -49.58
C CYS B 428 47.46 62.77 -48.94
N LYS B 429 48.54 62.36 -49.58
CA LYS B 429 49.37 61.26 -49.11
C LYS B 429 50.72 61.79 -48.64
N THR B 430 51.11 61.39 -47.44
CA THR B 430 52.39 61.78 -46.87
C THR B 430 53.06 60.54 -46.31
N VAL B 431 54.25 60.23 -46.80
CA VAL B 431 55.03 59.10 -46.30
C VAL B 431 56.30 59.63 -45.65
N CYS B 432 56.63 59.09 -44.47
CA CYS B 432 57.74 59.56 -43.66
C CYS B 432 58.62 58.35 -43.34
N GLU B 433 59.74 58.23 -44.03
CA GLU B 433 60.63 57.08 -43.90
C GLU B 433 61.83 57.46 -43.04
N ASP B 434 62.19 56.54 -42.13
CA ASP B 434 63.26 56.79 -41.15
C ASP B 434 64.17 55.56 -41.09
N VAL B 435 65.34 55.67 -41.71
CA VAL B 435 66.26 54.54 -41.85
C VAL B 435 67.33 54.64 -40.78
N PHE B 436 67.56 53.54 -40.07
CA PHE B 436 68.59 53.43 -39.05
C PHE B 436 69.68 52.49 -39.55
N GLN B 437 70.90 53.01 -39.71
CA GLN B 437 72.02 52.21 -40.19
C GLN B 437 73.09 52.13 -39.11
N VAL B 438 74.02 51.20 -39.28
CA VAL B 438 75.07 50.92 -38.32
C VAL B 438 76.41 51.31 -38.92
N ALA B 439 77.14 52.18 -38.24
CA ALA B 439 78.48 52.59 -38.64
C ALA B 439 79.51 51.88 -37.78
N LYS B 440 80.53 51.31 -38.43
CA LYS B 440 81.53 50.51 -37.74
C LYS B 440 82.88 51.19 -37.77
N ALA B 441 83.74 50.80 -36.83
CA ALA B 441 85.09 51.35 -36.74
C ALA B 441 85.97 50.38 -35.97
N GLU B 442 87.18 50.19 -36.47
CA GLU B 442 88.20 49.40 -35.80
C GLU B 442 89.04 50.31 -34.92
N PHE B 443 89.31 49.87 -33.69
CA PHE B 443 90.24 50.57 -32.83
C PHE B 443 91.34 49.63 -32.36
N ARG B 444 92.52 50.19 -32.14
CA ARG B 444 93.67 49.45 -31.64
C ARG B 444 94.28 50.27 -30.52
N ALA B 445 94.20 49.75 -29.30
CA ALA B 445 94.72 50.44 -28.13
C ALA B 445 96.10 49.91 -27.80
N PHE B 446 97.06 50.83 -27.65
CA PHE B 446 98.43 50.49 -27.33
C PHE B 446 98.79 51.04 -25.95
N TRP B 447 100.00 50.69 -25.51
CA TRP B 447 100.43 51.01 -24.17
C TRP B 447 101.95 50.98 -24.11
N CYS B 448 102.53 51.94 -23.41
CA CYS B 448 103.98 52.13 -23.40
C CYS B 448 104.61 51.48 -22.18
N VAL B 449 105.82 50.94 -22.36
CA VAL B 449 106.55 50.22 -21.32
C VAL B 449 107.99 50.72 -21.30
N ALA B 450 108.55 50.89 -20.10
CA ALA B 450 109.95 51.29 -19.97
C ALA B 450 110.84 50.13 -20.39
N SER B 451 111.42 50.22 -21.59
CA SER B 451 112.27 49.18 -22.13
C SER B 451 113.71 49.62 -22.35
N SER B 452 114.04 50.87 -22.03
CA SER B 452 115.41 51.37 -22.19
C SER B 452 116.16 51.47 -20.87
N GLN B 453 115.45 51.34 -19.74
CA GLN B 453 115.97 51.15 -18.37
C GLN B 453 116.57 52.44 -17.80
N VAL B 454 116.74 53.47 -18.62
CA VAL B 454 117.26 54.75 -18.13
C VAL B 454 116.27 55.85 -18.49
N PRO B 455 115.27 56.13 -17.65
CA PRO B 455 114.52 57.37 -17.80
C PRO B 455 115.07 58.47 -16.89
N GLU B 456 114.83 59.72 -17.25
CA GLU B 456 115.09 60.81 -16.31
C GLU B 456 113.96 60.92 -15.30
N ASN B 457 112.75 61.18 -15.77
CA ASN B 457 111.54 61.11 -14.97
C ASN B 457 110.56 60.20 -15.68
N SER B 458 109.72 59.51 -14.89
CA SER B 458 108.86 58.47 -15.42
C SER B 458 107.75 59.06 -16.29
N GLY B 459 106.96 59.96 -15.72
CA GLY B 459 105.88 60.56 -16.46
C GLY B 459 104.53 60.02 -16.07
N LEU B 460 103.56 60.93 -15.96
CA LEU B 460 102.13 60.65 -15.87
C LEU B 460 101.81 59.82 -14.62
N LEU B 461 102.04 60.42 -13.46
CA LEU B 461 102.01 59.68 -12.20
C LEU B 461 100.58 59.52 -11.70
N PHE B 462 99.86 58.56 -12.30
CA PHE B 462 98.64 57.95 -11.79
C PHE B 462 98.33 56.74 -12.64
N GLY B 463 97.59 55.80 -12.07
CA GLY B 463 97.24 54.59 -12.81
C GLY B 463 95.85 54.07 -12.53
N GLY B 464 94.96 54.93 -12.05
CA GLY B 464 93.61 54.54 -11.71
C GLY B 464 92.61 54.87 -12.81
N LEU B 465 91.57 54.06 -12.89
CA LEU B 465 90.67 54.04 -14.04
C LEU B 465 89.24 54.21 -13.57
N PHE B 466 88.37 54.60 -14.50
CA PHE B 466 86.93 54.51 -14.29
C PHE B 466 86.26 54.37 -15.64
N SER B 467 85.19 53.60 -15.68
CA SER B 467 84.47 53.31 -16.90
C SER B 467 83.18 54.13 -16.95
N SER B 468 82.34 53.84 -17.93
CA SER B 468 80.98 54.34 -17.94
C SER B 468 80.08 53.58 -16.98
N LYS B 469 80.56 52.46 -16.42
CA LYS B 469 79.82 51.70 -15.43
C LYS B 469 80.65 51.41 -14.18
N SER B 470 81.83 51.98 -14.07
CA SER B 470 82.72 51.78 -12.93
C SER B 470 82.97 53.11 -12.25
N ILE B 471 83.77 53.06 -11.19
CA ILE B 471 84.03 54.20 -10.31
C ILE B 471 85.51 54.24 -10.00
N ASN B 472 86.12 55.41 -10.13
CA ASN B 472 87.49 55.61 -9.69
C ASN B 472 87.51 55.57 -8.16
N PRO B 473 88.25 54.64 -7.54
CA PRO B 473 88.24 54.58 -6.08
C PRO B 473 89.00 55.71 -5.41
N MET B 474 89.86 56.41 -6.15
CA MET B 474 90.55 57.56 -5.57
C MET B 474 89.70 58.82 -5.56
N THR B 475 88.52 58.79 -6.17
CA THR B 475 87.55 59.87 -6.04
C THR B 475 86.20 59.40 -5.53
N ASN B 476 85.94 58.08 -5.52
CA ASN B 476 84.63 57.47 -5.26
C ASN B 476 83.54 58.05 -6.16
N ALA B 477 83.91 58.35 -7.41
CA ALA B 477 83.02 58.92 -8.40
C ALA B 477 83.62 58.67 -9.77
N GLN B 478 82.89 59.12 -10.80
CA GLN B 478 83.36 59.07 -12.18
C GLN B 478 84.05 60.37 -12.56
N SER B 479 85.09 60.70 -11.81
CA SER B 479 85.80 61.96 -12.01
C SER B 479 87.27 61.76 -11.73
N CYS B 480 88.05 62.74 -12.13
CA CYS B 480 89.48 62.77 -11.91
C CYS B 480 89.78 63.38 -10.55
N PRO B 481 90.95 63.09 -9.97
CA PRO B 481 91.35 63.80 -8.75
C PRO B 481 91.81 65.22 -9.05
N ALA B 482 92.32 65.90 -8.01
CA ALA B 482 92.67 67.32 -8.12
C ALA B 482 93.87 67.51 -9.03
N GLY B 483 93.63 68.03 -10.23
CA GLY B 483 94.69 68.35 -11.17
C GLY B 483 95.06 67.20 -12.07
N TYR B 484 94.05 66.50 -12.59
CA TYR B 484 94.24 65.30 -13.40
C TYR B 484 93.37 65.37 -14.64
N PHE B 485 93.92 64.96 -15.78
CA PHE B 485 93.13 64.96 -17.01
C PHE B 485 93.00 63.54 -17.55
N PRO B 486 91.82 63.16 -18.03
CA PRO B 486 91.61 61.76 -18.42
C PRO B 486 92.07 61.50 -19.84
N LEU B 487 92.44 60.24 -20.08
CA LEU B 487 92.83 59.78 -21.41
C LEU B 487 91.84 58.71 -21.84
N ARG B 488 91.19 58.92 -22.97
CA ARG B 488 90.17 57.98 -23.42
C ARG B 488 90.80 56.70 -23.96
N LEU B 489 90.11 55.60 -23.69
CA LEU B 489 90.57 54.27 -24.08
C LEU B 489 89.32 53.54 -24.55
N PHE B 490 89.38 52.20 -24.59
CA PHE B 490 88.76 51.31 -25.59
C PHE B 490 87.41 51.77 -26.12
N GLU B 491 86.44 51.86 -25.26
CA GLU B 491 85.18 52.53 -25.57
C GLU B 491 84.77 53.50 -24.49
N ASN B 492 85.03 53.18 -23.23
CA ASN B 492 84.57 54.00 -22.12
C ASN B 492 85.60 54.25 -21.05
N LEU B 493 86.78 53.65 -21.12
CA LEU B 493 87.80 53.88 -20.10
C LEU B 493 88.35 55.29 -20.21
N LYS B 494 88.51 55.93 -19.05
CA LYS B 494 89.16 57.22 -18.94
C LYS B 494 90.22 57.10 -17.85
N VAL B 495 91.48 57.08 -18.27
CA VAL B 495 92.60 56.89 -17.37
C VAL B 495 93.08 58.25 -16.89
N CYS B 496 93.03 58.48 -15.57
CA CYS B 496 93.38 59.77 -15.03
C CYS B 496 94.90 59.90 -14.96
N VAL B 497 95.41 61.07 -15.34
CA VAL B 497 96.82 61.26 -15.66
C VAL B 497 97.24 62.68 -15.29
N SER B 498 98.34 62.81 -14.54
CA SER B 498 98.97 64.11 -14.30
C SER B 498 100.48 63.92 -14.27
N GLN B 499 101.19 64.90 -14.82
CA GLN B 499 102.65 64.90 -14.84
C GLN B 499 103.21 66.13 -14.14
N ASP B 500 102.59 66.53 -13.03
CA ASP B 500 102.94 67.75 -12.33
C ASP B 500 104.02 67.56 -11.28
N TYR B 501 104.10 66.35 -10.67
CA TYR B 501 105.12 65.90 -9.72
C TYR B 501 105.07 66.60 -8.37
N GLU B 502 104.21 67.60 -8.21
CA GLU B 502 104.03 68.28 -6.93
C GLU B 502 102.59 68.19 -6.44
N LEU B 503 101.63 68.60 -7.27
CA LEU B 503 100.22 68.45 -6.92
C LEU B 503 99.68 67.09 -7.32
N GLY B 504 100.45 66.30 -8.06
CA GLY B 504 100.01 64.98 -8.46
C GLY B 504 100.51 63.88 -7.54
N SER B 505 101.52 64.18 -6.74
CA SER B 505 102.11 63.18 -5.87
C SER B 505 101.27 62.89 -4.63
N ARG B 506 100.22 63.68 -4.38
CA ARG B 506 99.32 63.34 -3.28
C ARG B 506 98.47 62.12 -3.65
N PHE B 507 98.07 62.02 -4.91
CA PHE B 507 97.17 60.96 -5.35
C PHE B 507 97.85 59.92 -6.21
N ALA B 508 99.14 60.05 -6.48
CA ALA B 508 99.83 59.11 -7.36
C ALA B 508 99.98 57.75 -6.70
N VAL B 509 99.52 56.71 -7.40
CA VAL B 509 99.59 55.34 -6.91
C VAL B 509 100.71 54.61 -7.64
N PRO B 510 101.33 53.60 -7.03
CA PRO B 510 102.29 52.77 -7.76
C PRO B 510 101.58 51.95 -8.82
N PHE B 511 101.98 52.12 -10.07
CA PHE B 511 101.33 51.47 -11.19
C PHE B 511 102.10 50.22 -11.58
N GLY B 512 101.37 49.19 -12.02
CA GLY B 512 101.99 47.91 -12.29
C GLY B 512 101.92 47.45 -13.73
N GLY B 513 100.87 47.80 -14.45
CA GLY B 513 100.75 47.42 -15.85
C GLY B 513 99.38 46.93 -16.21
N PHE B 514 99.09 46.92 -17.51
CA PHE B 514 97.85 46.39 -18.06
C PHE B 514 98.10 45.01 -18.64
N PHE B 515 97.06 44.17 -18.63
CA PHE B 515 97.06 42.94 -19.39
C PHE B 515 95.62 42.55 -19.67
N SER B 516 95.43 41.71 -20.69
CA SER B 516 94.11 41.32 -21.11
C SER B 516 94.10 39.82 -21.34
N CYS B 517 93.03 39.32 -21.95
CA CYS B 517 92.91 37.89 -22.19
C CYS B 517 93.80 37.40 -23.32
N THR B 518 94.38 38.30 -24.10
CA THR B 518 95.23 37.93 -25.23
C THR B 518 96.69 38.32 -25.07
N VAL B 519 96.98 39.35 -24.30
CA VAL B 519 98.35 39.86 -24.17
C VAL B 519 98.71 39.90 -22.70
N GLY B 520 100.01 39.80 -22.42
CA GLY B 520 100.51 39.92 -21.07
C GLY B 520 101.37 41.14 -20.87
N ASN B 521 101.52 41.59 -19.62
CA ASN B 521 102.42 42.72 -19.46
C ASN B 521 103.87 42.25 -19.43
N PRO B 522 104.78 43.01 -20.00
CA PRO B 522 106.19 42.61 -20.01
C PRO B 522 106.96 43.05 -18.78
N LEU B 523 106.25 43.41 -17.70
CA LEU B 523 106.89 43.90 -16.49
C LEU B 523 107.10 42.80 -15.46
N VAL B 524 107.10 41.55 -15.89
CA VAL B 524 107.30 40.42 -15.00
C VAL B 524 108.56 39.62 -15.35
N ASP B 525 108.87 39.48 -16.63
CA ASP B 525 109.97 38.60 -17.04
C ASP B 525 111.35 39.24 -16.85
N PRO B 526 111.58 40.53 -17.22
CA PRO B 526 112.90 41.00 -16.77
C PRO B 526 112.87 41.52 -15.34
N PRO B 535 105.81 34.52 -25.23
CA PRO B 535 105.67 35.95 -24.89
C PRO B 535 105.63 36.19 -23.38
N SER B 536 104.75 37.09 -22.94
CA SER B 536 104.69 37.49 -21.55
C SER B 536 103.87 36.49 -20.74
N LEU B 537 103.54 36.85 -19.51
CA LEU B 537 102.96 35.92 -18.56
C LEU B 537 101.54 36.26 -18.15
N LYS B 538 101.09 37.51 -18.36
CA LYS B 538 99.80 38.10 -17.91
C LYS B 538 99.46 37.78 -16.46
N LYS B 539 100.48 37.69 -15.61
CA LYS B 539 100.22 37.44 -14.20
C LYS B 539 100.05 38.73 -13.42
N CYS B 540 101.15 39.43 -13.16
CA CYS B 540 101.28 40.56 -12.25
C CYS B 540 102.77 40.94 -12.29
N PRO B 541 103.19 42.11 -11.81
CA PRO B 541 104.63 42.28 -11.60
C PRO B 541 105.15 41.53 -10.39
N GLY B 542 104.39 41.45 -9.31
CA GLY B 542 104.88 40.85 -8.09
C GLY B 542 104.89 41.84 -6.96
N GLY B 543 104.04 41.61 -5.95
CA GLY B 543 103.77 42.59 -4.93
C GLY B 543 102.56 43.45 -5.22
N PHE B 544 102.24 43.64 -6.49
CA PHE B 544 101.05 44.37 -6.89
C PHE B 544 99.82 43.47 -6.81
N SER B 545 98.66 44.03 -7.11
CA SER B 545 97.40 43.30 -7.04
C SER B 545 96.61 43.54 -8.30
N GLN B 546 96.11 42.46 -8.90
CA GLN B 546 95.27 42.59 -10.08
C GLN B 546 93.93 43.22 -9.73
N HIS B 547 93.46 44.10 -10.59
CA HIS B 547 92.15 44.65 -10.44
C HIS B 547 91.56 44.79 -11.84
N PRO B 548 90.30 44.43 -12.02
CA PRO B 548 89.72 44.44 -13.36
C PRO B 548 89.25 45.82 -13.79
N ALA B 549 89.56 46.14 -15.04
CA ALA B 549 88.92 47.24 -15.76
C ALA B 549 87.66 46.68 -16.42
N LEU B 550 87.10 47.38 -17.40
CA LEU B 550 85.87 46.92 -18.03
C LEU B 550 86.11 45.66 -18.87
N ILE B 551 85.01 45.13 -19.40
CA ILE B 551 85.02 43.96 -20.26
C ILE B 551 84.68 44.43 -21.67
N SER B 552 85.59 44.17 -22.61
CA SER B 552 85.42 44.57 -24.01
C SER B 552 84.95 43.36 -24.80
N ASP B 553 83.63 43.10 -24.71
CA ASP B 553 82.91 42.09 -25.49
C ASP B 553 83.47 40.67 -25.26
N GLY B 554 83.50 40.26 -24.00
CA GLY B 554 83.92 38.93 -23.64
C GLY B 554 85.36 38.82 -23.17
N CYS B 555 86.18 39.83 -23.41
CA CYS B 555 87.57 39.84 -22.96
C CYS B 555 87.71 40.81 -21.79
N GLN B 556 88.51 40.43 -20.81
CA GLN B 556 88.65 41.19 -19.57
C GLN B 556 90.02 41.88 -19.55
N VAL B 557 90.02 43.18 -19.31
CA VAL B 557 91.24 43.96 -19.19
C VAL B 557 91.50 44.22 -17.72
N SER B 558 92.71 43.94 -17.26
CA SER B 558 93.06 44.08 -15.85
C SER B 558 94.29 44.94 -15.68
N TYR B 559 94.39 45.58 -14.53
CA TYR B 559 95.51 46.47 -14.23
C TYR B 559 96.00 46.24 -12.81
N CYS B 560 97.29 46.48 -12.60
CA CYS B 560 97.97 46.17 -11.36
C CYS B 560 98.31 47.44 -10.59
N VAL B 561 98.23 47.37 -9.26
CA VAL B 561 98.41 48.53 -8.39
C VAL B 561 98.76 48.01 -7.01
N LYS B 562 99.40 48.85 -6.19
CA LYS B 562 99.84 48.47 -4.85
C LYS B 562 99.48 49.54 -3.85
N SER B 563 98.21 49.93 -3.81
CA SER B 563 97.82 50.92 -2.80
C SER B 563 97.58 50.26 -1.45
N GLY B 564 96.64 49.32 -1.41
CA GLY B 564 95.99 48.90 -0.20
C GLY B 564 94.60 49.48 -0.06
N LEU B 565 94.34 50.61 -0.72
CA LEU B 565 92.99 51.15 -0.79
C LEU B 565 92.14 50.35 -1.76
N PHE B 566 92.75 49.88 -2.86
CA PHE B 566 92.04 49.06 -3.83
C PHE B 566 91.71 47.69 -3.28
N THR B 567 92.51 47.19 -2.33
CA THR B 567 92.40 45.81 -1.88
C THR B 567 91.24 45.61 -0.91
N GLY B 568 91.26 46.30 0.21
CA GLY B 568 90.34 46.03 1.29
C GLY B 568 88.92 46.51 1.02
N GLY B 569 88.07 46.33 2.03
CA GLY B 569 86.66 46.65 1.92
C GLY B 569 85.81 45.51 2.42
N SER B 570 84.81 45.12 1.63
CA SER B 570 84.07 43.90 1.86
C SER B 570 84.27 42.97 0.68
N LEU B 571 83.86 41.72 0.86
CA LEU B 571 83.95 40.75 -0.22
C LEU B 571 82.88 41.05 -1.26
N PRO B 572 83.24 41.16 -2.54
CA PRO B 572 82.27 41.50 -3.56
C PRO B 572 81.36 40.32 -3.86
N PRO B 573 80.17 40.56 -4.39
CA PRO B 573 79.35 39.46 -4.88
C PRO B 573 79.87 38.96 -6.22
N ALA B 574 79.24 37.89 -6.70
CA ALA B 574 79.63 37.33 -7.99
C ALA B 574 79.13 38.23 -9.12
N ARG B 575 79.93 38.32 -10.18
CA ARG B 575 79.44 38.89 -11.42
C ARG B 575 78.55 37.90 -12.14
N LEU B 576 77.29 38.25 -12.27
CA LEU B 576 76.36 37.34 -12.88
C LEU B 576 76.30 37.58 -14.38
N PRO B 577 75.95 36.58 -15.18
CA PRO B 577 75.76 36.79 -16.62
C PRO B 577 74.52 37.64 -16.88
N PRO B 578 74.32 38.15 -18.11
CA PRO B 578 75.11 38.14 -19.34
C PRO B 578 76.23 39.16 -19.28
N PHE B 579 77.33 38.84 -19.94
CA PHE B 579 78.49 39.71 -19.96
C PHE B 579 78.62 40.44 -21.28
N THR B 580 77.80 40.10 -22.27
CA THR B 580 77.73 40.82 -23.52
C THR B 580 76.33 41.42 -23.64
N ARG B 581 76.15 42.20 -24.69
CA ARG B 581 74.87 42.79 -25.03
C ARG B 581 74.48 42.32 -26.43
N PRO B 582 73.18 42.29 -26.75
CA PRO B 582 72.79 41.94 -28.10
C PRO B 582 73.17 43.04 -29.06
N PRO B 583 73.60 42.69 -30.28
CA PRO B 583 74.20 43.68 -31.18
C PRO B 583 73.16 44.57 -31.83
N LEU B 584 73.66 45.61 -32.48
CA LEU B 584 72.81 46.55 -33.19
C LEU B 584 72.43 46.01 -34.55
N MET B 585 71.23 46.36 -35.00
CA MET B 585 70.68 45.92 -36.27
C MET B 585 70.23 47.12 -37.06
N SER B 586 70.34 47.04 -38.37
CA SER B 586 69.87 48.12 -39.23
C SER B 586 68.37 47.99 -39.48
N GLN B 587 67.68 49.12 -39.38
CA GLN B 587 66.23 49.17 -39.25
C GLN B 587 65.66 50.13 -40.28
N ALA B 588 64.33 50.19 -40.33
CA ALA B 588 63.60 51.09 -41.21
C ALA B 588 62.18 51.23 -40.67
N ALA B 589 61.66 52.46 -40.70
CA ALA B 589 60.33 52.71 -40.17
C ALA B 589 59.63 53.74 -41.06
N THR B 590 58.43 53.39 -41.55
CA THR B 590 57.67 54.24 -42.43
C THR B 590 56.34 54.60 -41.79
N ASN B 591 55.76 55.72 -42.25
CA ASN B 591 54.50 56.24 -41.75
C ASN B 591 53.76 56.87 -42.94
N THR B 592 52.80 56.16 -43.50
CA THR B 592 51.98 56.71 -44.58
C THR B 592 50.66 57.21 -44.01
N VAL B 593 50.33 58.46 -44.32
CA VAL B 593 49.09 59.08 -43.85
C VAL B 593 48.28 59.50 -45.07
N ILE B 594 47.01 59.11 -45.11
CA ILE B 594 46.07 59.55 -46.15
C ILE B 594 45.06 60.48 -45.49
N VAL B 595 44.90 61.66 -46.07
CA VAL B 595 44.01 62.68 -45.53
C VAL B 595 43.00 63.02 -46.62
N THR B 596 41.73 62.72 -46.38
CA THR B 596 40.68 63.16 -47.30
C THR B 596 40.27 64.57 -46.89
N ASN B 597 40.42 65.52 -47.81
CA ASN B 597 40.15 66.92 -47.55
C ASN B 597 38.69 67.29 -47.82
N SER B 598 37.81 66.30 -47.93
CA SER B 598 36.45 66.59 -48.37
C SER B 598 35.50 65.48 -47.93
N GLU B 599 34.25 65.88 -47.72
CA GLU B 599 33.14 64.94 -47.74
C GLU B 599 32.75 64.70 -49.20
N ASN B 600 31.73 63.85 -49.39
CA ASN B 600 31.33 63.35 -50.72
C ASN B 600 32.50 62.69 -51.42
N ALA B 601 33.25 61.88 -50.67
CA ALA B 601 34.43 61.22 -51.18
C ALA B 601 34.59 59.92 -50.40
N ARG B 602 34.19 58.82 -51.00
CA ARG B 602 34.29 57.52 -50.34
C ARG B 602 35.60 56.84 -50.71
N SER B 603 35.95 55.83 -49.93
CA SER B 603 37.22 55.13 -50.11
C SER B 603 37.08 53.71 -49.61
N TRP B 604 37.61 52.76 -50.38
CA TRP B 604 37.65 51.37 -49.98
C TRP B 604 39.09 50.92 -49.95
N ILE B 605 39.46 50.16 -48.92
CA ILE B 605 40.83 49.74 -48.69
C ILE B 605 40.86 48.25 -48.43
N LYS B 606 41.73 47.54 -49.13
CA LYS B 606 42.00 46.14 -48.88
C LYS B 606 43.43 46.04 -48.37
N ASP B 607 43.59 45.71 -47.08
CA ASP B 607 44.87 45.90 -46.40
C ASP B 607 45.92 44.88 -46.84
N SER B 608 45.50 43.65 -47.13
CA SER B 608 46.42 42.62 -47.58
C SER B 608 45.61 41.60 -48.38
N GLN B 609 46.28 40.53 -48.81
CA GLN B 609 45.61 39.52 -49.60
C GLN B 609 44.66 38.66 -48.78
N THR B 610 44.84 38.61 -47.46
CA THR B 610 43.93 37.87 -46.61
C THR B 610 42.79 38.71 -46.08
N HIS B 611 42.94 40.03 -46.06
CA HIS B 611 41.85 40.90 -45.63
C HIS B 611 40.74 40.93 -46.67
N GLN B 612 39.59 41.45 -46.24
CA GLN B 612 38.50 41.76 -47.15
C GLN B 612 38.50 43.27 -47.40
N TRP B 613 37.73 43.68 -48.40
CA TRP B 613 37.57 45.10 -48.69
C TRP B 613 36.88 45.79 -47.54
N ARG B 614 37.39 46.95 -47.18
CA ARG B 614 37.01 47.67 -45.98
C ARG B 614 36.70 49.10 -46.35
N LEU B 615 35.66 49.66 -45.75
CA LEU B 615 35.32 51.04 -46.01
C LEU B 615 36.33 51.95 -45.33
N GLY B 616 36.89 52.90 -46.08
CA GLY B 616 37.97 53.70 -45.57
C GLY B 616 37.50 54.85 -44.70
N GLU B 617 38.45 55.38 -43.94
CA GLU B 617 38.31 56.47 -43.00
C GLU B 617 39.04 57.71 -43.51
N PRO B 618 38.73 58.91 -43.00
CA PRO B 618 39.43 60.11 -43.50
C PRO B 618 40.90 60.18 -43.15
N ILE B 619 41.34 59.64 -42.01
CA ILE B 619 42.75 59.56 -41.66
C ILE B 619 43.09 58.10 -41.44
N GLU B 620 44.14 57.61 -42.12
CA GLU B 620 44.44 56.18 -42.11
C GLU B 620 45.61 55.80 -41.20
N LEU B 621 46.81 56.33 -41.47
CA LEU B 621 48.02 56.11 -40.67
C LEU B 621 48.40 54.63 -40.58
N ARG B 622 48.89 54.12 -41.72
CA ARG B 622 49.58 52.84 -41.74
C ARG B 622 50.98 52.99 -41.16
N ARG B 623 51.49 51.92 -40.53
CA ARG B 623 52.84 51.89 -39.97
C ARG B 623 53.54 50.59 -40.32
N ALA B 624 54.86 50.65 -40.42
CA ALA B 624 55.66 49.47 -40.71
C ALA B 624 57.04 49.63 -40.09
N MET B 625 57.58 48.54 -39.55
CA MET B 625 58.94 48.52 -39.02
C MET B 625 59.67 47.32 -39.61
N ASN B 626 60.77 47.58 -40.31
CA ASN B 626 61.52 46.57 -41.05
C ASN B 626 62.89 46.43 -40.42
N VAL B 627 63.24 45.21 -40.00
CA VAL B 627 64.52 44.92 -39.36
C VAL B 627 65.22 43.87 -40.21
N ILE B 628 66.53 44.02 -40.40
CA ILE B 628 67.35 42.99 -41.01
C ILE B 628 68.50 42.64 -40.07
N HIS B 629 68.69 41.35 -39.82
CA HIS B 629 69.75 40.84 -38.95
C HIS B 629 71.05 40.79 -39.74
N GLY B 630 71.97 41.69 -39.42
CA GLY B 630 73.28 41.72 -40.06
C GLY B 630 73.25 42.22 -41.49
N ASP C 10 30.07 27.79 -10.34
CA ASP C 10 31.52 27.72 -10.46
C ASP C 10 32.21 28.62 -9.44
N GLU C 11 33.54 28.51 -9.38
CA GLU C 11 34.34 29.24 -8.41
C GLU C 11 35.76 29.29 -8.96
N VAL C 12 36.41 30.45 -8.86
CA VAL C 12 37.70 30.67 -9.50
C VAL C 12 38.69 31.25 -8.48
N GLY C 13 39.94 31.31 -8.90
CA GLY C 13 40.94 32.06 -8.16
C GLY C 13 41.51 31.29 -6.98
N VAL C 14 41.89 32.05 -5.95
CA VAL C 14 42.52 31.49 -4.78
C VAL C 14 41.51 30.72 -3.95
N GLN C 15 40.26 31.16 -3.94
CA GLN C 15 39.26 30.61 -3.04
C GLN C 15 38.79 29.23 -3.47
N LYS C 16 38.91 28.90 -4.75
CA LYS C 16 38.72 27.52 -5.19
C LYS C 16 39.79 26.61 -4.59
N CYS C 17 41.02 27.10 -4.50
CA CYS C 17 42.10 26.32 -3.91
C CYS C 17 41.92 26.18 -2.41
N LYS C 18 41.41 27.22 -1.75
CA LYS C 18 41.28 27.19 -0.29
C LYS C 18 40.15 26.29 0.16
N ASN C 19 39.11 26.14 -0.66
CA ASN C 19 37.98 25.29 -0.25
C ASN C 19 38.30 23.82 -0.44
N ALA C 20 39.09 23.49 -1.45
CA ALA C 20 39.41 22.09 -1.72
C ALA C 20 40.52 21.58 -0.81
N LEU C 21 41.39 22.46 -0.32
CA LEU C 21 42.58 22.05 0.41
C LEU C 21 42.56 22.44 1.88
N LYS C 22 41.93 23.56 2.22
CA LYS C 22 41.76 24.05 3.59
C LYS C 22 43.10 24.30 4.28
N LEU C 23 43.95 25.09 3.64
CA LEU C 23 45.25 25.42 4.17
C LEU C 23 45.65 26.78 3.60
N PRO C 24 46.45 27.59 4.34
CA PRO C 24 46.66 28.98 3.92
C PRO C 24 47.54 29.16 2.70
N VAL C 25 47.69 30.40 2.28
CA VAL C 25 48.48 30.76 1.12
C VAL C 25 49.79 31.35 1.61
N LEU C 26 50.88 31.08 0.90
CA LEU C 26 52.18 31.59 1.31
C LEU C 26 52.23 33.08 1.06
N GLU C 27 52.34 33.87 2.13
CA GLU C 27 52.18 35.31 2.05
C GLU C 27 53.43 36.05 1.59
N VAL C 28 54.52 35.36 1.29
CA VAL C 28 55.79 35.98 0.96
C VAL C 28 56.07 35.63 -0.49
N LEU C 29 55.75 36.53 -1.42
CA LEU C 29 55.82 36.15 -2.81
C LEU C 29 56.72 37.08 -3.61
N PRO C 30 57.46 36.57 -4.58
CA PRO C 30 58.29 37.44 -5.42
C PRO C 30 57.53 37.96 -6.61
N GLY C 31 58.19 38.74 -7.46
CA GLY C 31 57.54 39.32 -8.61
C GLY C 31 56.95 40.70 -8.41
N GLY C 32 57.13 41.30 -7.25
CA GLY C 32 56.67 42.65 -7.03
C GLY C 32 57.74 43.67 -7.30
N GLY C 33 57.33 44.91 -7.37
CA GLY C 33 58.28 45.99 -7.55
C GLY C 33 58.99 46.32 -6.27
N TRP C 34 60.15 46.96 -6.40
CA TRP C 34 60.98 47.23 -5.24
C TRP C 34 61.71 48.54 -5.43
N ASP C 35 61.43 49.52 -4.58
CA ASP C 35 62.22 50.74 -4.52
C ASP C 35 63.50 50.43 -3.75
N ASN C 36 64.63 50.53 -4.42
CA ASN C 36 65.89 50.14 -3.81
C ASN C 36 66.58 51.28 -3.09
N LEU C 37 66.03 52.50 -3.14
CA LEU C 37 66.53 53.56 -2.28
C LEU C 37 65.85 53.57 -0.92
N ARG C 38 64.55 53.32 -0.88
CA ARG C 38 63.80 53.40 0.35
C ARG C 38 63.57 52.04 1.00
N ASN C 39 63.94 50.96 0.33
CA ASN C 39 63.65 49.58 0.72
C ASN C 39 62.17 49.35 1.05
N VAL C 40 61.30 49.83 0.17
CA VAL C 40 59.89 49.53 0.25
C VAL C 40 59.52 48.77 -1.01
N ASP C 41 58.42 48.04 -0.94
CA ASP C 41 57.98 47.27 -2.09
C ASP C 41 56.74 47.88 -2.72
N MET C 42 56.69 47.78 -4.03
CA MET C 42 55.82 48.50 -4.93
C MET C 42 54.71 47.62 -5.46
N GLY C 43 54.03 48.11 -6.50
CA GLY C 43 53.03 47.33 -7.17
C GLY C 43 53.60 46.11 -7.86
N ARG C 44 52.68 45.19 -8.17
CA ARG C 44 53.02 43.85 -8.64
C ARG C 44 53.34 43.86 -10.12
N VAL C 45 54.52 43.37 -10.50
CA VAL C 45 54.98 43.41 -11.88
C VAL C 45 54.66 42.11 -12.62
N MET C 46 54.78 40.97 -11.96
CA MET C 46 54.49 39.69 -12.58
C MET C 46 53.05 39.29 -12.34
N GLU C 47 52.61 38.23 -13.00
CA GLU C 47 51.23 37.78 -12.91
C GLU C 47 51.16 36.59 -11.97
N LEU C 48 50.24 36.66 -11.00
CA LEU C 48 50.02 35.59 -10.05
C LEU C 48 48.72 34.88 -10.36
N THR C 49 48.81 33.61 -10.76
CA THR C 49 47.64 32.81 -11.07
C THR C 49 47.58 31.60 -10.15
N TYR C 50 46.36 31.15 -9.87
CA TYR C 50 46.11 30.04 -8.96
C TYR C 50 45.26 28.99 -9.64
N SER C 51 45.62 28.64 -10.87
CA SER C 51 44.79 27.75 -11.66
C SER C 51 45.01 26.28 -11.31
N ASN C 52 46.22 25.90 -10.93
CA ASN C 52 46.60 24.50 -10.84
C ASN C 52 46.58 23.95 -9.41
N CYS C 53 46.21 24.79 -8.43
CA CYS C 53 46.07 24.40 -7.01
C CYS C 53 47.38 23.83 -6.45
N ARG C 54 48.50 24.43 -6.81
CA ARG C 54 49.79 23.92 -6.36
C ARG C 54 50.01 24.23 -4.88
N THR C 55 50.66 23.30 -4.19
CA THR C 55 51.07 23.51 -2.83
C THR C 55 52.58 23.36 -2.74
N THR C 56 53.12 23.70 -1.57
CA THR C 56 54.50 23.37 -1.32
C THR C 56 54.62 21.86 -1.13
N GLU C 57 55.85 21.37 -1.24
CA GLU C 57 56.08 19.93 -1.25
C GLU C 57 55.79 19.30 0.10
N ASP C 58 55.91 20.06 1.20
CA ASP C 58 55.46 19.56 2.48
C ASP C 58 53.96 19.73 2.70
N GLY C 59 53.28 20.41 1.79
CA GLY C 59 51.83 20.47 1.80
C GLY C 59 51.22 21.36 2.86
N GLN C 60 51.76 22.57 3.04
CA GLN C 60 51.24 23.47 4.05
C GLN C 60 50.94 24.88 3.56
N TYR C 61 51.25 25.21 2.32
CA TYR C 61 50.91 26.51 1.78
C TYR C 61 50.50 26.36 0.34
N ILE C 62 49.46 27.07 -0.05
CA ILE C 62 49.10 27.22 -1.46
C ILE C 62 50.03 28.25 -2.09
N ILE C 63 50.62 27.90 -3.22
CA ILE C 63 51.52 28.80 -3.93
C ILE C 63 50.98 28.99 -5.34
N PRO C 64 51.33 30.09 -6.01
CA PRO C 64 50.96 30.26 -7.41
C PRO C 64 51.67 29.27 -8.33
N ASP C 65 51.24 29.27 -9.59
CA ASP C 65 51.64 28.24 -10.53
C ASP C 65 53.06 28.43 -11.06
N GLU C 66 53.47 29.68 -11.21
CA GLU C 66 54.74 30.08 -11.78
C GLU C 66 55.85 30.21 -10.75
N ILE C 67 55.62 29.76 -9.54
CA ILE C 67 56.53 29.97 -8.43
C ILE C 67 56.90 28.62 -7.85
N PHE C 68 58.20 28.37 -7.74
CA PHE C 68 58.68 27.17 -7.05
C PHE C 68 59.35 27.57 -5.75
N THR C 69 59.25 26.70 -4.77
CA THR C 69 59.81 26.95 -3.46
C THR C 69 60.94 25.97 -3.20
N ILE C 70 61.87 26.37 -2.35
CA ILE C 70 62.98 25.52 -1.93
C ILE C 70 62.88 25.34 -0.42
N PRO C 71 62.67 24.15 0.07
CA PRO C 71 62.65 23.94 1.53
C PRO C 71 64.06 23.94 2.09
N GLN C 72 64.39 24.99 2.83
CA GLN C 72 65.63 25.03 3.56
C GLN C 72 65.34 25.54 4.96
N LYS C 73 64.97 24.60 5.83
CA LYS C 73 64.43 24.91 7.13
C LYS C 73 65.60 25.13 8.09
N GLN C 74 66.12 26.35 8.04
CA GLN C 74 67.43 26.69 8.56
C GLN C 74 67.29 27.68 9.69
N SER C 75 67.87 27.38 10.83
CA SER C 75 67.82 28.24 12.00
C SER C 75 69.25 28.63 12.37
N ASN C 76 69.46 29.90 12.66
CA ASN C 76 70.77 30.42 13.05
C ASN C 76 70.66 31.09 14.40
N LEU C 77 71.65 30.89 15.25
CA LEU C 77 71.64 31.46 16.58
C LEU C 77 73.04 31.94 16.88
N GLU C 78 73.18 33.22 17.19
CA GLU C 78 74.47 33.81 17.51
C GLU C 78 74.62 33.94 19.01
N MET C 79 75.75 33.48 19.53
CA MET C 79 76.14 33.76 20.91
C MET C 79 76.98 35.01 21.03
N ASN C 80 77.10 35.77 19.96
CA ASN C 80 77.98 36.90 19.87
C ASN C 80 77.19 38.08 19.35
N SER C 81 77.89 39.14 18.99
CA SER C 81 77.31 40.31 18.38
C SER C 81 78.11 40.63 17.12
N GLU C 82 77.81 41.75 16.50
CA GLU C 82 78.64 42.25 15.42
C GLU C 82 78.67 43.76 15.49
N ILE C 83 79.84 44.33 15.26
CA ILE C 83 80.09 45.74 15.54
C ILE C 83 80.12 46.50 14.22
N LEU C 84 79.40 47.61 14.17
CA LEU C 84 79.27 48.43 12.96
C LEU C 84 79.61 49.85 13.38
N GLU C 85 80.90 50.21 13.38
CA GLU C 85 81.33 51.49 13.91
C GLU C 85 81.32 52.61 12.87
N SER C 86 80.64 52.42 11.74
CA SER C 86 80.50 53.44 10.72
C SER C 86 79.25 53.15 9.92
N TRP C 87 78.51 54.20 9.55
CA TRP C 87 77.30 54.01 8.78
C TRP C 87 77.55 53.87 7.29
N ALA C 88 78.80 53.96 6.83
CA ALA C 88 79.06 53.81 5.40
C ALA C 88 78.90 52.36 4.96
N ASN C 89 79.51 51.44 5.69
CA ASN C 89 79.37 50.00 5.41
C ASN C 89 78.18 49.44 6.17
N TYR C 90 76.99 49.81 5.69
CA TYR C 90 75.74 49.47 6.34
C TYR C 90 75.17 48.15 5.85
N GLN C 91 74.68 47.35 6.79
CA GLN C 91 74.05 46.05 6.54
C GLN C 91 72.56 46.23 6.77
N SER C 92 71.75 45.86 5.79
CA SER C 92 70.34 46.21 5.89
C SER C 92 69.55 45.31 6.83
N SER C 93 69.96 44.04 6.97
CA SER C 93 69.39 42.97 7.82
C SER C 93 68.02 42.46 7.36
N THR C 94 67.41 43.06 6.35
CA THR C 94 66.20 42.48 5.78
C THR C 94 66.16 42.54 4.27
N SER C 95 67.01 43.33 3.63
CA SER C 95 67.05 43.43 2.18
C SER C 95 68.51 43.52 1.74
N TYR C 96 69.34 42.67 2.31
CA TYR C 96 70.79 42.81 2.16
C TYR C 96 71.27 42.42 0.78
N SER C 97 70.68 41.38 0.19
CA SER C 97 71.19 40.86 -1.07
C SER C 97 70.80 41.71 -2.26
N ILE C 98 69.69 42.44 -2.17
CA ILE C 98 69.29 43.29 -3.29
C ILE C 98 69.95 44.66 -3.22
N ASN C 99 70.49 45.05 -2.07
CA ASN C 99 71.21 46.31 -2.01
C ASN C 99 72.67 46.19 -2.41
N THR C 100 73.27 45.00 -2.28
CA THR C 100 74.70 44.84 -2.46
C THR C 100 75.09 44.51 -3.89
N GLU C 101 74.22 44.77 -4.85
CA GLU C 101 74.47 44.49 -6.25
C GLU C 101 75.60 45.37 -6.81
N LEU C 102 76.22 44.88 -7.89
CA LEU C 102 77.32 45.59 -8.54
C LEU C 102 76.75 46.58 -9.55
N SER C 103 76.85 47.86 -9.24
CA SER C 103 76.31 48.90 -10.12
C SER C 103 77.04 50.20 -9.83
N LEU C 104 76.62 51.25 -10.53
CA LEU C 104 77.17 52.57 -10.30
C LEU C 104 76.71 53.12 -8.97
N PHE C 105 75.44 52.92 -8.63
CA PHE C 105 74.81 53.51 -7.47
C PHE C 105 74.65 52.50 -6.35
N SER C 106 75.63 51.62 -6.18
CA SER C 106 75.60 50.66 -5.10
C SER C 106 75.83 51.31 -3.74
N LYS C 107 76.42 52.49 -3.71
CA LYS C 107 76.64 53.20 -2.46
C LYS C 107 75.42 54.00 -2.02
N VAL C 108 74.38 54.09 -2.85
CA VAL C 108 73.20 54.88 -2.54
C VAL C 108 71.99 53.99 -2.24
N ASN C 109 72.08 52.69 -2.48
CA ASN C 109 70.98 51.77 -2.22
C ASN C 109 70.69 51.65 -0.74
N GLY C 110 69.45 51.86 -0.37
CA GLY C 110 69.01 51.75 0.99
C GLY C 110 69.23 52.97 1.85
N LYS C 111 69.78 54.06 1.29
CA LYS C 111 70.16 55.22 2.10
C LYS C 111 69.02 56.15 2.39
N PHE C 112 67.80 55.80 2.03
CA PHE C 112 66.62 56.56 2.41
C PHE C 112 65.63 55.68 3.14
N SER C 113 66.07 54.50 3.57
CA SER C 113 65.24 53.61 4.35
C SER C 113 65.09 54.15 5.75
N THR C 114 63.98 53.78 6.39
CA THR C 114 63.78 54.22 7.77
C THR C 114 64.73 53.53 8.72
N GLU C 115 65.19 52.33 8.37
CA GLU C 115 66.11 51.59 9.21
C GLU C 115 67.52 52.15 9.11
N PHE C 116 67.88 52.74 7.97
CA PHE C 116 69.17 53.39 7.85
C PHE C 116 69.15 54.77 8.50
N GLN C 117 68.14 55.57 8.20
CA GLN C 117 68.08 56.94 8.68
C GLN C 117 67.86 57.01 10.18
N ARG C 118 67.32 55.96 10.78
CA ARG C 118 67.30 55.89 12.22
C ARG C 118 68.65 55.51 12.77
N MET C 119 69.44 54.74 12.03
CA MET C 119 70.74 54.32 12.56
C MET C 119 71.78 55.43 12.42
N LYS C 120 71.71 56.21 11.33
CA LYS C 120 72.67 57.27 11.10
C LYS C 120 72.50 58.40 12.09
N THR C 121 71.26 58.71 12.46
CA THR C 121 71.02 59.79 13.39
C THR C 121 71.29 59.41 14.84
N LEU C 122 71.70 58.18 15.10
CA LEU C 122 72.12 57.76 16.44
C LEU C 122 73.63 57.64 16.56
N GLN C 123 74.34 57.51 15.45
CA GLN C 123 75.79 57.49 15.49
C GLN C 123 76.39 58.88 15.38
N VAL C 124 75.62 59.87 14.94
CA VAL C 124 76.11 61.23 14.80
C VAL C 124 75.68 62.10 15.96
N LYS C 125 74.43 61.95 16.39
CA LYS C 125 73.92 62.70 17.53
C LYS C 125 74.60 62.30 18.82
N ASP C 126 74.93 61.02 18.96
CA ASP C 126 75.42 60.46 20.20
C ASP C 126 76.87 60.01 20.13
N GLN C 127 77.51 60.18 18.97
CA GLN C 127 78.91 59.77 18.71
C GLN C 127 79.11 58.30 19.02
N ALA C 128 78.26 57.46 18.44
CA ALA C 128 78.10 56.10 18.92
C ALA C 128 78.55 55.08 17.86
N ILE C 129 78.67 53.84 18.32
CA ILE C 129 78.87 52.68 17.47
C ILE C 129 77.66 51.77 17.66
N THR C 130 77.43 50.90 16.69
CA THR C 130 76.21 50.09 16.66
C THR C 130 76.58 48.62 16.72
N THR C 131 75.91 47.87 17.58
CA THR C 131 76.01 46.43 17.65
C THR C 131 74.69 45.79 17.25
N ARG C 132 74.75 44.57 16.72
CA ARG C 132 73.53 43.86 16.32
C ARG C 132 73.64 42.38 16.62
N VAL C 133 72.67 41.84 17.36
CA VAL C 133 72.55 40.41 17.61
C VAL C 133 71.22 39.96 17.02
N GLN C 134 71.20 38.79 16.38
CA GLN C 134 69.95 38.34 15.80
C GLN C 134 69.83 36.83 15.79
N VAL C 135 68.59 36.37 15.90
CA VAL C 135 68.22 34.97 15.75
C VAL C 135 67.37 34.88 14.49
N ARG C 136 67.93 34.31 13.43
CA ARG C 136 67.26 34.25 12.15
C ARG C 136 66.77 32.85 11.87
N ASN C 137 65.59 32.74 11.28
CA ASN C 137 64.92 31.46 11.08
C ASN C 137 64.39 31.45 9.64
N LEU C 138 65.23 31.01 8.71
CA LEU C 138 64.88 30.89 7.31
C LEU C 138 64.15 29.58 7.03
N VAL C 139 62.97 29.67 6.45
CA VAL C 139 62.13 28.50 6.22
C VAL C 139 62.07 28.12 4.75
N TYR C 140 61.75 29.08 3.88
CA TYR C 140 61.67 28.81 2.45
C TYR C 140 62.47 29.80 1.65
N THR C 141 62.92 29.38 0.48
CA THR C 141 63.35 30.27 -0.59
C THR C 141 62.32 30.15 -1.69
N VAL C 142 61.74 31.28 -2.09
CA VAL C 142 60.60 31.33 -2.97
C VAL C 142 61.03 32.09 -4.22
N LYS C 143 61.05 31.41 -5.37
CA LYS C 143 61.57 31.99 -6.60
C LYS C 143 60.52 31.99 -7.70
N ILE C 144 60.85 32.66 -8.81
CA ILE C 144 60.00 32.73 -9.99
C ILE C 144 60.57 31.84 -11.09
N ASN C 145 59.67 31.12 -11.75
CA ASN C 145 60.01 30.36 -12.95
C ASN C 145 60.37 31.36 -14.05
N PRO C 146 61.46 31.14 -14.80
CA PRO C 146 61.86 32.11 -15.83
C PRO C 146 60.90 32.26 -17.01
N THR C 147 59.84 31.47 -17.11
CA THR C 147 58.90 31.56 -18.21
C THR C 147 57.59 32.22 -17.78
N LEU C 148 57.69 33.24 -16.94
CA LEU C 148 56.55 33.95 -16.40
C LEU C 148 56.26 35.20 -17.25
N GLU C 149 55.00 35.62 -17.24
CA GLU C 149 54.54 36.79 -17.98
C GLU C 149 54.19 37.93 -17.04
N LEU C 150 54.06 39.12 -17.63
CA LEU C 150 53.83 40.35 -16.90
C LEU C 150 52.41 40.46 -16.38
N SER C 151 52.23 41.38 -15.44
CA SER C 151 50.92 41.61 -14.85
C SER C 151 50.03 42.37 -15.84
N SER C 152 48.74 42.41 -15.51
CA SER C 152 47.78 43.08 -16.38
C SER C 152 47.90 44.60 -16.28
N GLY C 153 48.20 45.11 -15.10
CA GLY C 153 48.33 46.55 -14.92
C GLY C 153 49.66 47.08 -15.40
N PHE C 154 50.72 46.30 -15.22
CA PHE C 154 52.05 46.76 -15.62
C PHE C 154 52.21 46.73 -17.14
N ARG C 155 51.56 45.78 -17.81
CA ARG C 155 51.61 45.74 -19.26
C ARG C 155 50.87 46.91 -19.89
N LYS C 156 49.77 47.34 -19.25
CA LYS C 156 48.99 48.45 -19.77
C LYS C 156 49.76 49.76 -19.71
N GLU C 157 50.58 49.95 -18.68
CA GLU C 157 51.31 51.19 -18.57
C GLU C 157 52.59 51.20 -19.39
N LEU C 158 53.08 50.02 -19.81
CA LEU C 158 54.15 49.97 -20.79
C LEU C 158 53.62 50.20 -22.19
N LEU C 159 52.38 49.80 -22.45
CA LEU C 159 51.77 50.05 -23.75
C LEU C 159 51.39 51.51 -23.92
N ASP C 160 51.17 52.23 -22.83
CA ASP C 160 50.89 53.66 -22.94
C ASP C 160 52.16 54.45 -23.19
N ILE C 161 53.30 54.00 -22.65
CA ILE C 161 54.59 54.57 -23.04
C ILE C 161 54.88 54.20 -24.49
N SER C 162 54.49 52.99 -24.88
CA SER C 162 54.73 52.50 -26.23
C SER C 162 53.99 53.33 -27.28
N ASP C 163 52.81 53.82 -26.96
CA ASP C 163 52.05 54.62 -27.91
C ASP C 163 52.70 55.97 -28.14
N ARG C 164 53.28 56.56 -27.10
CA ARG C 164 53.90 57.87 -27.22
C ARG C 164 55.21 57.80 -27.99
N LEU C 165 55.93 56.68 -27.95
CA LEU C 165 57.12 56.55 -28.77
C LEU C 165 56.80 56.37 -30.25
N GLU C 166 55.61 55.86 -30.56
CA GLU C 166 55.20 55.73 -31.96
C GLU C 166 54.94 57.10 -32.58
N ASN C 167 54.24 57.95 -31.85
CA ASN C 167 53.78 59.25 -32.33
C ASN C 167 54.84 60.33 -32.26
N ASN C 168 56.10 59.97 -31.97
CA ASN C 168 57.21 60.91 -31.77
C ASN C 168 56.85 61.95 -30.71
N GLN C 169 56.45 61.46 -29.54
CA GLN C 169 56.10 62.32 -28.42
C GLN C 169 57.03 61.96 -27.27
N THR C 170 58.23 62.55 -27.30
CA THR C 170 59.30 62.12 -26.43
C THR C 170 59.15 62.70 -25.02
N ARG C 171 58.70 63.95 -24.92
CA ARG C 171 58.54 64.57 -23.62
C ARG C 171 57.38 63.97 -22.84
N MET C 172 56.37 63.47 -23.54
CA MET C 172 55.23 62.88 -22.85
C MET C 172 55.50 61.43 -22.51
N ALA C 173 56.40 60.77 -23.25
CA ALA C 173 56.81 59.42 -22.90
C ALA C 173 57.79 59.42 -21.74
N THR C 174 58.64 60.44 -21.67
CA THR C 174 59.56 60.59 -20.54
C THR C 174 58.80 60.84 -19.25
N TYR C 175 57.70 61.58 -19.33
CA TYR C 175 56.85 61.81 -18.17
C TYR C 175 56.20 60.52 -17.70
N LEU C 176 55.66 59.73 -18.61
CA LEU C 176 55.01 58.49 -18.22
C LEU C 176 56.00 57.41 -17.78
N ALA C 177 57.24 57.47 -18.25
CA ALA C 177 58.24 56.52 -17.79
C ALA C 177 58.61 56.76 -16.34
N GLU C 178 58.57 58.02 -15.90
CA GLU C 178 58.87 58.35 -14.51
C GLU C 178 57.71 58.06 -13.57
N LEU C 179 56.48 58.04 -14.07
CA LEU C 179 55.38 57.56 -13.25
C LEU C 179 55.36 56.05 -13.13
N LEU C 180 56.06 55.35 -14.02
CA LEU C 180 56.22 53.92 -13.87
C LEU C 180 57.14 53.60 -12.70
N VAL C 181 58.11 54.46 -12.44
CA VAL C 181 59.06 54.27 -11.35
C VAL C 181 58.45 54.70 -10.02
N LEU C 182 57.54 55.69 -10.03
CA LEU C 182 56.78 55.99 -8.83
C LEU C 182 55.91 54.82 -8.39
N ASN C 183 55.32 54.12 -9.35
CA ASN C 183 54.34 53.10 -9.00
C ASN C 183 54.93 51.71 -8.89
N TYR C 184 56.07 51.44 -9.53
CA TYR C 184 56.62 50.11 -9.57
C TYR C 184 58.08 50.02 -9.14
N GLY C 185 58.70 51.10 -8.73
CA GLY C 185 60.03 51.03 -8.19
C GLY C 185 61.12 50.95 -9.24
N THR C 186 62.29 50.54 -8.79
CA THR C 186 63.46 50.45 -9.64
C THR C 186 63.90 49.01 -9.90
N HIS C 187 63.33 48.05 -9.20
CA HIS C 187 63.74 46.66 -9.24
C HIS C 187 62.52 45.76 -9.17
N VAL C 188 62.72 44.50 -9.55
CA VAL C 188 61.72 43.46 -9.42
C VAL C 188 62.32 42.35 -8.57
N THR C 189 61.64 41.97 -7.51
CA THR C 189 62.14 40.91 -6.66
C THR C 189 61.98 39.58 -7.36
N THR C 190 63.08 38.85 -7.54
CA THR C 190 63.02 37.55 -8.18
C THR C 190 63.10 36.40 -7.19
N SER C 191 63.64 36.62 -6.01
CA SER C 191 63.56 35.61 -4.96
C SER C 191 63.43 36.28 -3.62
N VAL C 192 62.63 35.69 -2.76
CA VAL C 192 62.47 36.14 -1.38
C VAL C 192 62.79 34.97 -0.47
N ASP C 193 63.22 35.29 0.74
CA ASP C 193 63.48 34.31 1.79
C ASP C 193 62.40 34.47 2.85
N ALA C 194 61.54 33.47 2.99
CA ALA C 194 60.45 33.52 3.93
C ALA C 194 60.90 33.00 5.29
N GLY C 195 60.71 33.81 6.32
CA GLY C 195 61.06 33.39 7.65
C GLY C 195 60.82 34.47 8.67
N ALA C 196 61.47 34.33 9.82
CA ALA C 196 61.34 35.29 10.91
C ALA C 196 62.70 35.63 11.46
N ALA C 197 62.79 36.74 12.18
CA ALA C 197 64.03 37.15 12.79
C ALA C 197 63.73 37.95 14.05
N LEU C 198 64.60 37.83 15.04
CA LEU C 198 64.50 38.59 16.28
C LEU C 198 65.82 39.31 16.45
N ILE C 199 65.79 40.64 16.44
CA ILE C 199 67.00 41.44 16.33
C ILE C 199 67.14 42.35 17.55
N GLN C 200 68.36 42.40 18.09
CA GLN C 200 68.79 43.37 19.10
C GLN C 200 69.67 44.42 18.43
N GLU C 201 69.49 45.68 18.80
CA GLU C 201 70.34 46.72 18.23
C GLU C 201 70.68 47.71 19.33
N ASP C 202 71.87 47.60 19.89
CA ASP C 202 72.36 48.54 20.88
C ASP C 202 73.26 49.57 20.24
N HIS C 203 73.31 50.74 20.87
CA HIS C 203 74.26 51.78 20.51
C HIS C 203 75.14 52.06 21.70
N LEU C 204 76.46 52.01 21.50
CA LEU C 204 77.44 52.19 22.55
C LEU C 204 78.28 53.40 22.20
N ARG C 205 78.81 54.08 23.21
CA ARG C 205 79.71 55.19 22.96
C ARG C 205 80.98 54.68 22.30
N ALA C 206 81.52 55.48 21.37
CA ALA C 206 82.67 55.05 20.59
C ALA C 206 83.95 55.01 21.41
N SER C 207 83.96 55.67 22.56
CA SER C 207 85.08 55.59 23.49
C SER C 207 85.17 54.23 24.17
N PHE C 208 84.05 53.51 24.25
CA PHE C 208 84.02 52.23 24.94
C PHE C 208 84.69 51.11 24.15
N LEU C 209 84.81 51.26 22.83
CA LEU C 209 85.41 50.24 22.00
C LEU C 209 86.92 50.44 21.82
N GLN C 210 87.42 51.62 22.07
CA GLN C 210 88.80 52.00 21.77
C GLN C 210 89.84 51.37 22.70
N ASP C 211 89.54 50.36 23.53
CA ASP C 211 90.54 49.87 24.48
C ASP C 211 91.60 49.02 23.79
N SER C 212 91.21 47.89 23.20
CA SER C 212 92.14 47.00 22.51
C SER C 212 91.35 46.10 21.58
N GLN C 213 92.06 45.16 20.95
CA GLN C 213 91.43 44.11 20.15
C GLN C 213 91.06 42.89 20.98
N SER C 214 91.43 42.87 22.26
CA SER C 214 90.95 41.86 23.19
C SER C 214 89.75 42.33 23.99
N SER C 215 89.58 43.65 24.11
CA SER C 215 88.34 44.18 24.68
C SER C 215 87.18 43.99 23.71
N ARG C 216 87.48 43.96 22.41
CA ARG C 216 86.44 43.84 21.39
C ARG C 216 85.70 42.52 21.48
N SER C 217 86.43 41.44 21.77
CA SER C 217 85.80 40.13 21.91
C SER C 217 85.11 39.94 23.25
N ALA C 218 85.15 40.93 24.13
CA ALA C 218 84.36 40.89 25.36
C ALA C 218 83.20 41.88 25.34
N VAL C 219 83.33 42.98 24.61
CA VAL C 219 82.18 43.82 24.28
C VAL C 219 81.17 43.02 23.48
N THR C 220 81.66 42.22 22.53
CA THR C 220 80.83 41.53 21.57
C THR C 220 80.08 40.37 22.21
N ALA C 221 80.72 39.63 23.12
CA ALA C 221 80.05 38.54 23.79
C ALA C 221 79.23 38.99 24.97
N SER C 222 79.31 40.27 25.34
CA SER C 222 78.43 40.81 26.37
C SER C 222 77.07 41.17 25.79
N ALA C 223 77.07 41.69 24.57
CA ALA C 223 75.82 42.03 23.89
C ALA C 223 75.00 40.80 23.55
N GLY C 224 75.66 39.69 23.25
CA GLY C 224 74.93 38.45 23.03
C GLY C 224 74.42 37.83 24.30
N LEU C 225 75.03 38.16 25.43
CA LEU C 225 74.56 37.66 26.71
C LEU C 225 73.36 38.46 27.20
N ALA C 226 73.40 39.77 27.00
CA ALA C 226 72.27 40.63 27.34
C ALA C 226 71.03 40.31 26.50
N PHE C 227 71.24 39.88 25.26
CA PHE C 227 70.13 39.54 24.38
C PHE C 227 69.43 38.27 24.82
N GLN C 228 70.19 37.30 25.32
CA GLN C 228 69.58 36.08 25.80
C GLN C 228 68.94 36.26 27.16
N ASN C 229 69.42 37.21 27.95
CA ASN C 229 68.72 37.54 29.20
C ASN C 229 67.39 38.21 28.91
N THR C 230 67.36 39.11 27.93
CA THR C 230 66.18 39.88 27.61
C THR C 230 65.06 38.98 27.09
N VAL C 231 65.39 37.96 26.32
CA VAL C 231 64.33 37.05 25.87
C VAL C 231 63.88 36.16 27.01
N ASN C 232 64.77 35.71 27.89
CA ASN C 232 64.36 34.72 28.87
C ASN C 232 63.77 35.29 30.15
N PHE C 233 64.22 36.46 30.62
CA PHE C 233 64.01 36.83 32.02
C PHE C 233 63.11 38.03 32.27
N LYS C 234 61.95 38.10 31.59
CA LYS C 234 60.70 38.64 32.13
C LYS C 234 60.77 40.10 32.58
N PHE C 235 61.78 40.86 32.11
CA PHE C 235 62.13 42.25 32.45
C PHE C 235 62.71 42.36 33.86
N GLU C 236 62.67 41.29 34.64
CA GLU C 236 63.14 41.33 36.01
C GLU C 236 64.67 41.29 36.03
N GLU C 237 65.22 41.56 37.21
CA GLU C 237 66.65 41.42 37.39
C GLU C 237 67.01 40.04 37.93
N ASN C 238 66.49 39.02 37.25
CA ASN C 238 66.92 37.66 37.39
C ASN C 238 68.01 37.31 36.40
N TYR C 239 68.75 38.31 35.93
CA TYR C 239 69.74 38.12 34.89
C TYR C 239 70.95 37.39 35.42
N THR C 240 71.59 36.63 34.53
CA THR C 240 72.85 35.97 34.85
C THR C 240 74.02 36.85 34.42
N SER C 241 74.10 38.02 35.04
CA SER C 241 75.15 39.00 34.75
C SER C 241 76.49 38.46 35.23
N GLN C 242 77.34 38.10 34.27
CA GLN C 242 78.52 37.29 34.56
C GLN C 242 79.70 38.08 35.09
N ASN C 243 79.78 39.38 34.81
CA ASN C 243 80.99 40.12 35.11
C ASN C 243 80.62 41.52 35.60
N VAL C 244 81.66 42.32 35.82
CA VAL C 244 81.51 43.76 35.93
C VAL C 244 81.48 44.37 34.53
N LEU C 245 82.00 43.65 33.54
CA LEU C 245 81.97 44.10 32.15
C LEU C 245 80.55 44.13 31.60
N THR C 246 79.66 43.30 32.14
CA THR C 246 78.24 43.45 31.83
C THR C 246 77.70 44.74 32.43
N LYS C 247 78.12 45.07 33.65
CA LYS C 247 77.65 46.30 34.28
C LYS C 247 78.26 47.52 33.63
N SER C 248 79.52 47.43 33.20
CA SER C 248 80.11 48.56 32.47
C SER C 248 79.56 48.68 31.06
N TYR C 249 79.02 47.59 30.51
CA TYR C 249 78.38 47.64 29.20
C TYR C 249 77.12 48.49 29.24
N LEU C 250 76.38 48.42 30.34
CA LEU C 250 75.10 49.11 30.43
C LEU C 250 75.28 50.61 30.55
N SER C 251 76.37 51.04 31.16
CA SER C 251 76.54 52.47 31.42
C SER C 251 77.05 53.23 30.21
N ASN C 252 77.67 52.55 29.26
CA ASN C 252 78.06 53.17 27.99
C ASN C 252 77.00 52.99 26.91
N ARG C 253 75.99 52.17 27.17
CA ARG C 253 74.92 51.93 26.21
C ARG C 253 74.09 53.18 26.00
N THR C 254 73.87 53.52 24.73
CA THR C 254 73.09 54.71 24.41
C THR C 254 71.62 54.41 24.12
N ASN C 255 71.27 53.46 23.24
CA ASN C 255 69.87 53.38 22.84
C ASN C 255 69.15 52.06 23.13
N SER C 256 69.63 50.91 22.64
CA SER C 256 69.02 49.58 22.84
C SER C 256 67.58 49.34 22.38
N ARG C 257 67.36 49.22 21.07
CA ARG C 257 66.07 48.73 20.56
C ARG C 257 66.06 47.22 20.42
N VAL C 258 64.89 46.61 20.60
CA VAL C 258 64.66 45.20 20.31
C VAL C 258 63.57 45.10 19.26
N GLN C 259 63.86 44.41 18.16
CA GLN C 259 62.96 44.36 17.02
C GLN C 259 62.63 42.93 16.64
N SER C 260 61.35 42.64 16.47
CA SER C 260 60.90 41.36 15.97
C SER C 260 60.36 41.54 14.57
N ILE C 261 60.80 40.70 13.64
CA ILE C 261 60.36 40.75 12.25
C ILE C 261 59.76 39.41 11.92
N GLY C 262 58.45 39.33 11.83
CA GLY C 262 57.77 38.08 11.62
C GLY C 262 57.55 37.33 12.91
N GLY C 263 56.75 36.29 12.83
CA GLY C 263 56.44 35.54 14.02
C GLY C 263 55.42 36.25 14.89
N VAL C 264 55.40 35.87 16.17
CA VAL C 264 54.54 36.49 17.16
C VAL C 264 55.23 37.75 17.68
N PRO C 265 54.50 38.72 18.23
CA PRO C 265 55.16 39.94 18.73
C PRO C 265 56.02 39.65 19.95
N PHE C 266 57.17 40.31 20.00
CA PHE C 266 58.10 40.11 21.10
C PHE C 266 57.64 40.87 22.33
N TYR C 267 57.86 40.26 23.49
CA TYR C 267 57.78 40.91 24.78
C TYR C 267 58.89 40.33 25.63
N PRO C 268 59.49 41.12 26.51
CA PRO C 268 60.61 40.60 27.30
C PRO C 268 60.17 39.53 28.29
N GLY C 269 60.54 38.29 28.02
CA GLY C 269 60.04 37.19 28.81
C GLY C 269 59.53 36.04 28.00
N ILE C 270 59.26 36.24 26.70
CA ILE C 270 58.91 35.11 25.85
C ILE C 270 60.17 34.31 25.60
N THR C 271 60.13 33.03 25.93
CA THR C 271 61.33 32.22 25.80
C THR C 271 61.65 31.98 24.33
N LEU C 272 62.88 31.59 24.06
CA LEU C 272 63.30 31.36 22.68
C LEU C 272 62.59 30.16 22.09
N GLN C 273 62.23 29.20 22.93
CA GLN C 273 61.35 28.11 22.52
C GLN C 273 59.99 28.63 22.08
N ALA C 274 59.40 29.55 22.85
CA ALA C 274 58.03 29.96 22.58
C ALA C 274 57.93 30.94 21.42
N TRP C 275 58.99 31.72 21.18
CA TRP C 275 59.01 32.58 20.00
C TRP C 275 59.07 31.76 18.73
N GLN C 276 59.77 30.63 18.76
CA GLN C 276 59.92 29.76 17.61
C GLN C 276 58.70 28.89 17.33
N GLN C 277 57.74 28.85 18.23
CA GLN C 277 56.50 28.16 17.94
C GLN C 277 55.51 29.03 17.19
N GLY C 278 55.67 30.33 17.26
CA GLY C 278 54.79 31.25 16.58
C GLY C 278 55.25 31.66 15.21
N ILE C 279 56.34 31.09 14.72
CA ILE C 279 56.83 31.41 13.39
C ILE C 279 55.94 30.81 12.32
N THR C 280 55.30 29.68 12.63
CA THR C 280 54.37 29.03 11.73
C THR C 280 53.16 29.92 11.45
N ASN C 281 52.91 30.15 10.15
CA ASN C 281 51.87 31.00 9.55
C ASN C 281 52.08 32.49 9.76
N HIS C 282 53.23 32.90 10.32
CA HIS C 282 53.59 34.32 10.38
C HIS C 282 54.98 34.41 9.77
N LEU C 283 55.06 34.43 8.45
CA LEU C 283 56.34 34.47 7.76
C LEU C 283 56.42 35.76 6.96
N VAL C 284 57.59 36.39 6.96
CA VAL C 284 57.81 37.61 6.22
C VAL C 284 59.07 37.42 5.38
N ALA C 285 59.34 38.40 4.53
CA ALA C 285 60.56 38.38 3.75
C ALA C 285 61.70 38.92 4.60
N ILE C 286 62.62 38.04 4.98
CA ILE C 286 63.82 38.47 5.70
C ILE C 286 65.01 38.67 4.78
N ASP C 287 64.89 38.33 3.50
CA ASP C 287 65.91 38.65 2.51
C ASP C 287 65.25 38.65 1.14
N ARG C 288 65.86 39.38 0.20
CA ARG C 288 65.35 39.53 -1.15
C ARG C 288 66.51 39.59 -2.13
N SER C 289 66.27 39.08 -3.34
CA SER C 289 67.16 39.29 -4.46
C SER C 289 66.33 39.85 -5.62
N GLY C 290 67.02 40.46 -6.57
CA GLY C 290 66.26 41.04 -7.67
C GLY C 290 67.10 41.39 -8.87
N LEU C 291 66.43 42.02 -9.83
CA LEU C 291 66.99 42.50 -11.07
C LEU C 291 66.37 43.86 -11.34
N PRO C 292 67.04 44.72 -12.11
CA PRO C 292 66.46 46.02 -12.44
C PRO C 292 65.20 45.91 -13.29
N LEU C 293 64.44 47.00 -13.32
CA LEU C 293 63.09 46.98 -13.88
C LEU C 293 63.11 46.88 -15.40
N HIS C 294 64.16 47.42 -16.04
CA HIS C 294 64.25 47.36 -17.49
C HIS C 294 64.79 46.04 -18.00
N PHE C 295 65.21 45.14 -17.12
CA PHE C 295 65.58 43.80 -17.53
C PHE C 295 64.38 43.03 -18.08
N PHE C 296 63.20 43.30 -17.55
CA PHE C 296 62.00 42.58 -17.92
C PHE C 296 61.22 43.29 -19.01
N ILE C 297 61.82 44.28 -19.66
CA ILE C 297 61.23 44.89 -20.83
C ILE C 297 62.06 44.44 -22.02
N ASN C 298 61.65 43.34 -22.63
CA ASN C 298 62.40 42.69 -23.69
C ASN C 298 61.38 42.09 -24.64
N PRO C 299 61.80 41.71 -25.86
CA PRO C 299 60.81 41.15 -26.81
C PRO C 299 60.15 39.86 -26.40
N ASN C 300 60.67 39.16 -25.39
CA ASN C 300 60.03 37.95 -24.92
C ASN C 300 58.82 38.25 -24.05
N MET C 301 58.93 39.24 -23.15
CA MET C 301 57.81 39.58 -22.28
C MET C 301 56.69 40.30 -23.02
N LEU C 302 57.03 41.00 -24.10
CA LEU C 302 56.08 41.77 -24.89
C LEU C 302 56.06 41.19 -26.30
N PRO C 303 55.29 40.12 -26.53
CA PRO C 303 55.31 39.48 -27.84
C PRO C 303 54.38 40.12 -28.86
N ASP C 304 53.50 41.02 -28.43
CA ASP C 304 52.55 41.69 -29.31
C ASP C 304 53.01 43.07 -29.73
N LEU C 305 54.30 43.36 -29.64
CA LEU C 305 54.89 44.61 -30.07
C LEU C 305 56.13 44.31 -30.89
N PRO C 306 56.51 45.20 -31.80
CA PRO C 306 57.72 44.95 -32.61
C PRO C 306 59.00 45.04 -31.78
N GLY C 307 60.05 44.46 -32.36
CA GLY C 307 61.34 44.34 -31.74
C GLY C 307 62.03 45.63 -31.33
N PRO C 308 62.28 46.54 -32.27
CA PRO C 308 62.94 47.80 -31.90
C PRO C 308 62.08 48.75 -31.10
N LEU C 309 60.79 48.50 -30.99
CA LEU C 309 59.91 49.39 -30.25
C LEU C 309 59.84 49.04 -28.77
N VAL C 310 60.10 47.78 -28.40
CA VAL C 310 60.22 47.46 -26.98
C VAL C 310 61.61 47.76 -26.45
N LYS C 311 62.56 48.09 -27.33
CA LYS C 311 63.85 48.60 -26.91
C LYS C 311 63.85 50.10 -26.73
N LYS C 312 62.85 50.80 -27.27
CA LYS C 312 62.68 52.21 -26.94
C LYS C 312 62.02 52.37 -25.59
N VAL C 313 61.09 51.47 -25.26
CA VAL C 313 60.44 51.48 -23.96
C VAL C 313 61.44 51.08 -22.87
N SER C 314 62.30 50.12 -23.18
CA SER C 314 63.29 49.67 -22.20
C SER C 314 64.36 50.71 -21.96
N LYS C 315 64.66 51.54 -22.96
CA LYS C 315 65.67 52.56 -22.79
C LYS C 315 65.10 53.80 -22.11
N THR C 316 63.83 54.10 -22.33
CA THR C 316 63.27 55.28 -21.67
C THR C 316 62.89 55.01 -20.22
N VAL C 317 62.86 53.76 -19.78
CA VAL C 317 62.67 53.44 -18.38
C VAL C 317 64.01 53.28 -17.67
N GLU C 318 65.02 52.78 -18.37
CA GLU C 318 66.38 52.76 -17.83
C GLU C 318 66.91 54.16 -17.55
N THR C 319 66.52 55.13 -18.37
CA THR C 319 66.92 56.50 -18.14
C THR C 319 66.16 57.11 -16.97
N ALA C 320 64.91 56.73 -16.78
CA ALA C 320 64.12 57.29 -15.69
C ALA C 320 64.55 56.75 -14.34
N VAL C 321 64.99 55.49 -14.29
CA VAL C 321 65.50 54.91 -13.05
C VAL C 321 66.84 55.53 -12.70
N LYS C 322 67.69 55.73 -13.71
CA LYS C 322 69.01 56.32 -13.48
C LYS C 322 68.91 57.78 -13.07
N ARG C 323 67.87 58.49 -13.55
CA ARG C 323 67.65 59.87 -13.15
C ARG C 323 67.18 59.95 -11.70
N TYR C 324 66.54 58.90 -11.21
CA TYR C 324 66.03 58.88 -9.85
C TYR C 324 67.14 58.68 -8.83
N TYR C 325 68.18 57.93 -9.20
CA TYR C 325 69.33 57.78 -8.31
C TYR C 325 70.20 59.03 -8.29
N THR C 326 70.25 59.77 -9.39
CA THR C 326 71.13 60.93 -9.48
C THR C 326 70.59 62.09 -8.66
N PHE C 327 69.27 62.25 -8.63
CA PHE C 327 68.67 63.36 -7.90
C PHE C 327 68.62 63.12 -6.40
N ASN C 328 68.97 61.92 -5.95
CA ASN C 328 68.98 61.56 -4.54
C ASN C 328 70.39 61.22 -4.09
N THR C 329 71.40 61.78 -4.75
CA THR C 329 72.79 61.59 -4.40
C THR C 329 73.33 62.89 -3.85
N TYR C 330 73.89 62.85 -2.65
CA TYR C 330 74.41 64.02 -1.95
C TYR C 330 75.88 63.77 -1.61
N PRO C 331 76.81 64.17 -2.46
CA PRO C 331 78.22 64.07 -2.09
C PRO C 331 78.59 65.12 -1.05
N GLY C 332 79.51 64.75 -0.17
CA GLY C 332 79.94 65.65 0.86
C GLY C 332 80.90 64.96 1.81
N CYS C 333 81.32 65.71 2.82
CA CYS C 333 82.20 65.17 3.84
C CYS C 333 81.40 64.30 4.80
N THR C 334 81.79 63.03 4.91
CA THR C 334 81.06 62.08 5.71
C THR C 334 81.74 61.74 7.03
N ASP C 335 82.94 62.23 7.27
CA ASP C 335 83.65 61.97 8.52
C ASP C 335 83.13 62.90 9.60
N LEU C 336 82.59 62.32 10.67
CA LEU C 336 81.94 63.13 11.70
C LEU C 336 82.95 63.89 12.57
N ASN C 337 84.21 63.51 12.55
CA ASN C 337 85.22 64.20 13.34
C ASN C 337 85.85 65.37 12.60
N SER C 338 85.65 65.47 11.29
CA SER C 338 86.16 66.60 10.54
C SER C 338 85.35 67.85 10.87
N PRO C 339 85.97 69.04 10.85
CA PRO C 339 85.21 70.25 11.20
C PRO C 339 84.19 70.63 10.16
N ASN C 340 84.44 70.34 8.89
CA ASN C 340 83.47 70.60 7.82
C ASN C 340 82.62 69.37 7.51
N PHE C 341 82.02 68.78 8.55
CA PHE C 341 81.20 67.59 8.39
C PHE C 341 79.87 67.92 7.73
N ASN C 342 79.56 67.22 6.65
CA ASN C 342 78.30 67.40 5.94
C ASN C 342 77.35 66.32 6.45
N PHE C 343 76.54 66.67 7.43
CA PHE C 343 75.31 65.96 7.66
C PHE C 343 74.40 66.21 6.48
N GLN C 344 73.46 65.28 6.24
CA GLN C 344 72.69 65.18 4.99
C GLN C 344 73.61 64.99 3.79
N ALA C 345 74.44 63.96 3.84
CA ALA C 345 75.29 63.57 2.72
C ALA C 345 75.38 62.05 2.65
N ASN C 346 75.25 61.51 1.45
CA ASN C 346 75.22 60.06 1.24
C ASN C 346 76.57 59.51 0.84
N THR C 347 77.25 60.16 -0.09
CA THR C 347 78.43 59.64 -0.73
C THR C 347 79.66 60.36 -0.22
N ASP C 348 80.72 59.61 0.06
CA ASP C 348 81.97 60.20 0.52
C ASP C 348 82.61 60.99 -0.60
N ASP C 349 82.78 62.29 -0.38
CA ASP C 349 83.28 63.18 -1.42
C ASP C 349 84.80 63.06 -1.59
N GLY C 350 85.50 62.56 -0.58
CA GLY C 350 86.94 62.50 -0.65
C GLY C 350 87.63 63.83 -0.40
N SER C 351 86.89 64.83 0.04
CA SER C 351 87.45 66.15 0.37
C SER C 351 87.00 66.45 1.79
N CYS C 352 87.76 65.96 2.76
CA CYS C 352 87.44 66.14 4.17
C CYS C 352 88.29 67.20 4.84
N GLU C 353 89.32 67.70 4.15
CA GLU C 353 90.17 68.76 4.67
C GLU C 353 90.26 69.86 3.63
N GLY C 354 89.61 70.99 3.91
CA GLY C 354 89.63 72.14 3.03
C GLY C 354 90.68 73.16 3.43
N LYS C 355 90.74 74.23 2.65
CA LYS C 355 91.73 75.28 2.86
C LYS C 355 91.13 76.60 3.31
N MET C 356 89.80 76.75 3.27
CA MET C 356 89.07 77.96 3.64
C MET C 356 89.55 79.16 2.80
N THR C 357 89.23 79.08 1.52
CA THR C 357 89.53 80.16 0.59
C THR C 357 88.26 80.97 0.35
N ASN C 358 88.29 82.25 0.71
CA ASN C 358 87.17 83.14 0.42
C ASN C 358 87.24 83.58 -1.03
N PHE C 359 86.09 83.57 -1.70
CA PHE C 359 86.03 83.87 -3.11
C PHE C 359 85.17 85.11 -3.36
N SER C 360 85.18 85.55 -4.62
CA SER C 360 84.53 86.77 -5.04
C SER C 360 83.32 86.42 -5.91
N PHE C 361 82.14 86.89 -5.52
CA PHE C 361 80.92 86.64 -6.27
C PHE C 361 80.72 87.79 -7.26
N GLY C 362 80.98 87.51 -8.53
CA GLY C 362 80.93 88.53 -9.55
C GLY C 362 79.58 88.79 -10.17
N GLY C 363 78.52 88.18 -9.66
CA GLY C 363 77.18 88.46 -10.12
C GLY C 363 76.74 87.53 -11.25
N VAL C 364 75.44 87.61 -11.54
CA VAL C 364 74.81 86.78 -12.56
C VAL C 364 74.11 87.67 -13.56
N TYR C 365 73.98 87.18 -14.80
CA TYR C 365 73.17 87.84 -15.81
C TYR C 365 72.63 86.81 -16.76
N GLN C 366 71.48 87.11 -17.36
CA GLN C 366 70.76 86.16 -18.18
C GLN C 366 70.30 86.85 -19.46
N GLU C 367 70.62 86.25 -20.60
CA GLU C 367 70.15 86.74 -21.88
C GLU C 367 68.81 86.10 -22.22
N CYS C 368 68.11 86.70 -23.18
CA CYS C 368 66.90 86.12 -23.72
C CYS C 368 66.85 86.34 -25.22
N THR C 369 66.18 85.42 -25.92
CA THR C 369 66.07 85.49 -27.38
C THR C 369 64.72 84.94 -27.76
N GLN C 370 63.82 85.83 -28.20
CA GLN C 370 62.47 85.43 -28.59
C GLN C 370 62.53 84.60 -29.87
N LEU C 371 61.84 83.46 -29.88
CA LEU C 371 61.82 82.58 -31.04
C LEU C 371 60.50 82.62 -31.79
N SER C 372 59.38 82.72 -31.08
CA SER C 372 58.07 82.79 -31.71
C SER C 372 57.10 83.46 -30.75
N GLY C 373 56.05 84.04 -31.31
CA GLY C 373 55.04 84.70 -30.50
C GLY C 373 55.33 86.17 -30.26
N ASN C 374 55.72 86.88 -31.31
CA ASN C 374 56.08 88.28 -31.19
C ASN C 374 54.84 89.15 -31.02
N ARG C 375 55.03 90.28 -30.32
CA ARG C 375 54.03 91.32 -30.07
C ARG C 375 52.81 90.82 -29.31
N ASP C 376 52.93 89.70 -28.61
CA ASP C 376 51.82 89.14 -27.85
C ASP C 376 52.14 88.97 -26.38
N VAL C 377 53.30 88.41 -26.05
CA VAL C 377 53.67 88.10 -24.67
C VAL C 377 54.80 88.99 -24.19
N LEU C 378 55.78 89.26 -25.04
CA LEU C 378 57.08 89.87 -24.71
C LEU C 378 57.78 89.06 -23.61
N LEU C 379 58.13 87.82 -24.00
CA LEU C 379 58.83 86.91 -23.11
C LEU C 379 60.20 87.43 -22.72
N CYS C 380 60.85 88.18 -23.59
CA CYS C 380 62.21 88.64 -23.40
C CYS C 380 62.27 89.93 -22.57
N GLN C 381 61.26 90.18 -21.73
CA GLN C 381 61.23 91.32 -20.83
C GLN C 381 61.18 90.92 -19.37
N LYS C 382 60.33 89.96 -19.02
CA LYS C 382 60.29 89.43 -17.67
C LYS C 382 61.17 88.20 -17.49
N LEU C 383 62.08 87.96 -18.43
CA LEU C 383 63.00 86.83 -18.37
C LEU C 383 64.43 87.28 -18.62
N GLU C 384 64.70 88.58 -18.43
CA GLU C 384 65.98 89.17 -18.75
C GLU C 384 66.55 89.81 -17.49
N GLN C 385 67.82 89.56 -17.22
CA GLN C 385 68.47 90.11 -16.04
C GLN C 385 69.87 90.58 -16.40
N LYS C 386 70.22 91.78 -15.94
CA LYS C 386 71.54 92.36 -16.16
C LYS C 386 72.35 92.32 -14.88
N ASN C 387 73.67 92.35 -15.05
CA ASN C 387 74.59 92.31 -13.92
C ASN C 387 74.58 93.65 -13.20
N PRO C 388 74.34 93.70 -11.89
CA PRO C 388 74.35 94.98 -11.17
C PRO C 388 75.72 95.62 -11.08
N LEU C 389 76.80 94.86 -11.27
CA LEU C 389 78.14 95.43 -11.18
C LEU C 389 78.54 96.19 -12.43
N THR C 390 77.95 95.86 -13.58
CA THR C 390 78.25 96.55 -14.82
C THR C 390 77.04 97.23 -15.47
N GLY C 391 75.81 96.84 -15.10
CA GLY C 391 74.64 97.32 -15.81
C GLY C 391 74.56 96.81 -17.23
N ASP C 392 75.14 95.64 -17.50
CA ASP C 392 75.33 95.16 -18.86
C ASP C 392 75.37 93.64 -18.82
N PHE C 393 75.35 93.03 -19.99
CA PHE C 393 75.47 91.58 -20.12
C PHE C 393 76.95 91.18 -20.24
N SER C 394 77.69 91.54 -19.20
CA SER C 394 79.12 91.27 -19.15
C SER C 394 79.57 91.26 -17.69
N CYS C 395 80.68 90.60 -17.45
CA CYS C 395 81.32 90.62 -16.15
C CYS C 395 82.18 91.87 -16.02
N PRO C 396 82.55 92.26 -14.78
CA PRO C 396 83.49 93.39 -14.63
C PRO C 396 84.91 93.09 -15.10
N SER C 397 85.80 94.06 -14.88
CA SER C 397 87.15 93.98 -15.43
C SER C 397 87.96 92.87 -14.80
N GLY C 398 87.75 92.60 -13.51
CA GLY C 398 88.45 91.52 -12.86
C GLY C 398 87.79 90.17 -12.94
N TYR C 399 86.78 90.01 -13.79
CA TYR C 399 85.99 88.79 -13.82
C TYR C 399 85.89 88.24 -15.24
N SER C 400 85.22 87.09 -15.37
CA SER C 400 85.07 86.39 -16.64
C SER C 400 83.77 85.59 -16.60
N PRO C 401 83.05 85.49 -17.73
CA PRO C 401 81.75 84.80 -17.70
C PRO C 401 81.88 83.29 -17.83
N VAL C 402 81.01 82.59 -17.11
CA VAL C 402 80.88 81.13 -17.18
C VAL C 402 79.43 80.80 -17.51
N HIS C 403 79.23 80.03 -18.57
CA HIS C 403 77.90 79.67 -19.05
C HIS C 403 77.32 78.53 -18.23
N LEU C 404 76.20 78.78 -17.55
CA LEU C 404 75.57 77.73 -16.76
C LEU C 404 74.74 76.80 -17.61
N LEU C 405 73.68 77.33 -18.21
CA LEU C 405 72.67 76.47 -18.81
C LEU C 405 71.85 77.29 -19.81
N SER C 406 71.44 76.63 -20.88
CA SER C 406 70.71 77.26 -21.97
C SER C 406 69.56 76.35 -22.36
N GLN C 407 68.32 76.80 -22.12
CA GLN C 407 67.13 76.02 -22.43
C GLN C 407 66.07 76.92 -23.04
N ILE C 408 64.93 76.32 -23.36
CA ILE C 408 63.82 76.99 -24.01
C ILE C 408 62.69 77.14 -23.01
N HIS C 409 62.18 78.35 -22.87
CA HIS C 409 61.02 78.61 -22.03
C HIS C 409 59.78 78.74 -22.91
N GLU C 410 58.63 78.31 -22.38
CA GLU C 410 57.37 78.36 -23.10
C GLU C 410 56.30 78.98 -22.23
N GLU C 411 55.54 79.91 -22.80
CA GLU C 411 54.32 80.41 -22.19
C GLU C 411 53.20 80.43 -23.22
N GLY C 412 51.99 80.59 -22.72
CA GLY C 412 50.80 80.56 -23.57
C GLY C 412 50.09 81.90 -23.58
N TYR C 413 49.57 82.26 -24.74
CA TYR C 413 48.77 83.46 -24.91
C TYR C 413 47.47 83.10 -25.62
N ASN C 414 46.56 84.06 -25.68
CA ASN C 414 45.15 83.74 -25.88
C ASN C 414 44.50 84.80 -26.76
N HIS C 415 43.86 84.36 -27.83
CA HIS C 415 42.99 85.22 -28.62
C HIS C 415 41.54 84.85 -28.37
N LEU C 416 40.64 85.79 -28.60
CA LEU C 416 39.21 85.57 -28.44
C LEU C 416 38.47 86.37 -29.50
N GLU C 417 37.84 85.68 -30.44
CA GLU C 417 37.15 86.31 -31.55
C GLU C 417 35.69 85.90 -31.54
N CYS C 418 34.80 86.86 -31.78
CA CYS C 418 33.37 86.62 -31.78
C CYS C 418 32.73 87.39 -32.91
N HIS C 419 31.82 86.75 -33.63
CA HIS C 419 30.96 87.47 -34.55
C HIS C 419 29.58 86.85 -34.55
N ARG C 420 28.58 87.68 -34.84
CA ARG C 420 27.18 87.33 -34.73
C ARG C 420 26.50 87.54 -36.09
N LYS C 421 25.61 86.63 -36.44
CA LYS C 421 24.94 86.65 -37.74
C LYS C 421 23.49 86.25 -37.57
N CYS C 422 22.58 86.98 -38.20
CA CYS C 422 21.15 86.70 -38.12
C CYS C 422 20.62 86.39 -39.52
N THR C 423 19.69 85.45 -39.59
CA THR C 423 19.17 84.96 -40.86
C THR C 423 17.65 84.94 -40.83
N LEU C 424 17.04 85.73 -41.72
CA LEU C 424 15.58 85.88 -41.86
C LEU C 424 14.94 86.44 -40.59
N LYS C 425 15.68 87.26 -39.85
CA LYS C 425 15.30 87.99 -38.63
C LYS C 425 14.98 87.10 -37.44
N VAL C 426 15.04 85.78 -37.58
CA VAL C 426 14.94 84.81 -36.50
C VAL C 426 16.33 84.17 -36.55
N PHE C 427 16.60 83.17 -35.72
CA PHE C 427 17.74 82.26 -35.87
C PHE C 427 19.08 82.98 -35.80
N CYS C 428 19.33 83.62 -34.66
CA CYS C 428 20.57 84.35 -34.47
C CYS C 428 21.70 83.38 -34.15
N LYS C 429 22.79 83.48 -34.90
CA LYS C 429 23.95 82.62 -34.72
C LYS C 429 25.11 83.42 -34.16
N THR C 430 25.73 82.91 -33.10
CA THR C 430 26.89 83.56 -32.48
C THR C 430 27.94 82.48 -32.26
N VAL C 431 29.12 82.68 -32.83
CA VAL C 431 30.24 81.77 -32.64
C VAL C 431 31.35 82.51 -31.90
N CYS C 432 31.94 81.86 -30.90
CA CYS C 432 32.94 82.48 -30.02
C CYS C 432 34.16 81.56 -30.02
N GLU C 433 35.20 81.94 -30.76
CA GLU C 433 36.39 81.12 -30.92
C GLU C 433 37.50 81.65 -30.02
N ASP C 434 38.21 80.74 -29.36
CA ASP C 434 39.24 81.08 -28.38
C ASP C 434 40.47 80.22 -28.64
N VAL C 435 41.49 80.81 -29.24
CA VAL C 435 42.69 80.08 -29.66
C VAL C 435 43.79 80.29 -28.62
N PHE C 436 44.41 79.19 -28.20
CA PHE C 436 45.52 79.19 -27.26
C PHE C 436 46.78 78.76 -28.00
N GLN C 437 47.76 79.65 -28.08
CA GLN C 437 49.02 79.37 -28.74
C GLN C 437 50.16 79.40 -27.74
N VAL C 438 51.31 78.86 -28.15
CA VAL C 438 52.48 78.72 -27.30
C VAL C 438 53.59 79.63 -27.83
N ALA C 439 54.08 80.51 -26.98
CA ALA C 439 55.19 81.40 -27.31
C ALA C 439 56.46 80.89 -26.67
N LYS C 440 57.54 80.80 -27.46
CA LYS C 440 58.79 80.22 -27.01
C LYS C 440 59.88 81.28 -26.92
N ALA C 441 60.90 80.99 -26.11
CA ALA C 441 62.02 81.89 -25.93
C ALA C 441 63.23 81.10 -25.44
N GLU C 442 64.39 81.41 -26.00
CA GLU C 442 65.66 80.86 -25.56
C GLU C 442 66.26 81.76 -24.51
N PHE C 443 66.77 81.18 -23.43
CA PHE C 443 67.53 81.95 -22.45
C PHE C 443 68.90 81.30 -22.24
N ARG C 444 69.87 82.15 -21.92
CA ARG C 444 71.24 81.72 -21.64
C ARG C 444 71.68 82.42 -20.38
N ALA C 445 71.89 81.65 -19.32
CA ALA C 445 72.27 82.20 -18.03
C ALA C 445 73.78 82.08 -17.87
N PHE C 446 74.43 83.18 -17.53
CA PHE C 446 75.87 83.24 -17.34
C PHE C 446 76.18 83.55 -15.88
N TRP C 447 77.46 83.51 -15.56
CA TRP C 447 77.91 83.65 -14.20
C TRP C 447 79.38 84.08 -14.19
N CYS C 448 79.72 85.01 -13.30
CA CYS C 448 81.03 85.63 -13.28
C CYS C 448 81.95 84.96 -12.26
N VAL C 449 83.24 84.89 -12.59
CA VAL C 449 84.24 84.21 -11.77
C VAL C 449 85.47 85.12 -11.68
N ALA C 450 86.06 85.20 -10.48
CA ALA C 450 87.29 85.97 -10.30
C ALA C 450 88.44 85.27 -11.00
N SER C 451 88.84 85.79 -12.16
CA SER C 451 89.91 85.20 -12.95
C SER C 451 91.12 86.11 -13.10
N SER C 452 91.10 87.31 -12.50
CA SER C 452 92.23 88.23 -12.58
C SER C 452 93.04 88.27 -11.30
N GLN C 453 92.53 87.69 -10.20
CA GLN C 453 93.19 87.38 -8.93
C GLN C 453 93.44 88.63 -8.09
N VAL C 454 93.23 89.82 -8.65
CA VAL C 454 93.39 91.06 -7.89
C VAL C 454 92.09 91.85 -7.96
N PRO C 455 91.13 91.61 -7.05
CA PRO C 455 90.03 92.57 -6.89
C PRO C 455 90.32 93.55 -5.77
N GLU C 456 89.68 94.71 -5.81
CA GLU C 456 89.69 95.60 -4.65
C GLU C 456 88.69 95.14 -3.60
N ASN C 457 87.42 95.11 -3.98
CA ASN C 457 86.37 94.50 -3.18
C ASN C 457 85.63 93.49 -4.06
N SER C 458 85.13 92.43 -3.44
CA SER C 458 84.56 91.31 -4.17
C SER C 458 83.25 91.69 -4.84
N GLY C 459 82.29 92.16 -4.06
CA GLY C 459 81.01 92.54 -4.62
C GLY C 459 79.92 91.54 -4.32
N LEU C 460 78.74 92.06 -3.98
CA LEU C 460 77.48 91.34 -3.92
C LEU C 460 77.54 90.19 -2.89
N LEU C 461 77.69 90.57 -1.63
CA LEU C 461 78.00 89.60 -0.58
C LEU C 461 76.73 88.91 -0.09
N PHE C 462 76.30 87.92 -0.88
CA PHE C 462 75.35 86.87 -0.49
C PHE C 462 75.34 85.84 -1.60
N GLY C 463 74.98 84.61 -1.25
CA GLY C 463 74.93 83.55 -2.23
C GLY C 463 73.79 82.57 -2.05
N GLY C 464 72.73 82.99 -1.35
CA GLY C 464 71.60 82.12 -1.08
C GLY C 464 70.45 82.36 -2.05
N LEU C 465 69.69 81.31 -2.29
CA LEU C 465 68.73 81.25 -3.39
C LEU C 465 67.37 80.86 -2.86
N PHE C 466 66.33 81.16 -3.64
CA PHE C 466 65.02 80.58 -3.42
C PHE C 466 64.29 80.53 -4.75
N SER C 467 63.50 79.49 -4.94
CA SER C 467 62.78 79.26 -6.17
C SER C 467 61.31 79.64 -6.00
N SER C 468 60.50 79.30 -7.00
CA SER C 468 59.06 79.35 -6.85
C SER C 468 58.52 78.16 -6.07
N LYS C 469 59.36 77.16 -5.80
CA LYS C 469 58.99 76.00 -4.99
C LYS C 469 59.97 75.73 -3.87
N SER C 470 60.94 76.61 -3.66
CA SER C 470 61.95 76.45 -2.64
C SER C 470 61.87 77.61 -1.66
N ILE C 471 62.75 77.59 -0.66
CA ILE C 471 62.73 78.54 0.44
C ILE C 471 64.16 78.97 0.72
N ASN C 472 64.38 80.26 0.84
CA ASN C 472 65.67 80.78 1.29
C ASN C 472 65.85 80.43 2.77
N PRO C 473 66.88 79.67 3.13
CA PRO C 473 67.03 79.29 4.55
C PRO C 473 67.48 80.43 5.43
N MET C 474 68.02 81.51 4.86
CA MET C 474 68.40 82.66 5.66
C MET C 474 67.21 83.56 6.00
N THR C 475 66.04 83.30 5.42
CA THR C 475 64.81 83.97 5.83
C THR C 475 63.71 82.99 6.25
N ASN C 476 63.87 81.70 5.96
CA ASN C 476 62.82 80.66 6.10
C ASN C 476 61.53 81.06 5.39
N ALA C 477 61.68 81.72 4.25
CA ALA C 477 60.56 82.18 3.44
C ALA C 477 61.06 82.43 2.03
N GLN C 478 60.15 82.85 1.16
CA GLN C 478 60.47 83.23 -0.21
C GLN C 478 60.70 84.75 -0.31
N SER C 479 61.67 85.21 0.47
CA SER C 479 61.94 86.63 0.57
C SER C 479 63.43 86.85 0.76
N CYS C 480 63.84 88.09 0.58
CA CYS C 480 65.21 88.51 0.76
C CYS C 480 65.46 88.87 2.21
N PRO C 481 66.71 88.84 2.67
CA PRO C 481 66.99 89.36 4.01
C PRO C 481 66.98 90.88 4.05
N ALA C 482 67.36 91.46 5.19
CA ALA C 482 67.26 92.90 5.42
C ALA C 482 68.26 93.65 4.55
N GLY C 483 67.76 94.31 3.51
CA GLY C 483 68.58 95.14 2.65
C GLY C 483 69.19 94.38 1.49
N TYR C 484 68.40 93.53 0.85
CA TYR C 484 68.85 92.65 -0.23
C TYR C 484 67.87 92.72 -1.39
N PHE C 485 68.40 92.75 -2.61
CA PHE C 485 67.54 92.76 -3.78
C PHE C 485 67.78 91.53 -4.64
N PRO C 486 66.73 90.90 -5.16
CA PRO C 486 66.90 89.64 -5.86
C PRO C 486 67.28 89.83 -7.31
N LEU C 487 67.98 88.84 -7.85
CA LEU C 487 68.36 88.82 -9.26
C LEU C 487 67.70 87.62 -9.90
N ARG C 488 66.91 87.86 -10.94
CA ARG C 488 66.17 86.77 -11.56
C ARG C 488 67.10 85.88 -12.40
N LEU C 489 66.80 84.59 -12.39
CA LEU C 489 67.60 83.59 -13.09
C LEU C 489 66.58 82.62 -13.69
N PHE C 490 67.02 81.41 -14.05
CA PHE C 490 66.61 80.61 -15.20
C PHE C 490 65.14 80.73 -15.57
N GLU C 491 64.27 80.31 -14.70
CA GLU C 491 62.85 80.61 -14.81
C GLU C 491 62.27 81.15 -13.52
N ASN C 492 62.74 80.67 -12.37
CA ASN C 492 62.16 81.04 -11.09
C ASN C 492 63.17 81.37 -10.02
N LEU C 493 64.47 81.21 -10.27
CA LEU C 493 65.45 81.52 -9.24
C LEU C 493 65.56 83.01 -9.02
N LYS C 494 65.63 83.40 -7.76
CA LYS C 494 65.87 84.78 -7.36
C LYS C 494 67.02 84.76 -6.36
N VAL C 495 68.18 85.22 -6.81
CA VAL C 495 69.40 85.21 -6.00
C VAL C 495 69.50 86.51 -5.24
N CYS C 496 69.51 86.43 -3.90
CA CYS C 496 69.51 87.62 -3.08
C CYS C 496 70.93 88.19 -3.02
N VAL C 497 71.02 89.52 -3.13
CA VAL C 497 72.27 90.21 -3.43
C VAL C 497 72.28 91.57 -2.75
N SER C 498 73.36 91.87 -2.02
CA SER C 498 73.61 93.21 -1.51
C SER C 498 75.09 93.51 -1.55
N GLN C 499 75.43 94.74 -1.88
CA GLN C 499 76.82 95.21 -1.94
C GLN C 499 77.04 96.37 -0.98
N ASP C 500 76.44 96.30 0.21
CA ASP C 500 76.48 97.40 1.16
C ASP C 500 77.67 97.33 2.11
N TYR C 501 78.16 96.11 2.41
CA TYR C 501 79.36 95.80 3.21
C TYR C 501 79.23 96.14 4.69
N GLU C 502 78.13 96.77 5.10
CA GLU C 502 77.88 97.07 6.51
C GLU C 502 76.58 96.44 7.00
N LEU C 503 75.47 96.69 6.32
CA LEU C 503 74.22 96.04 6.66
C LEU C 503 74.06 94.70 5.96
N GLY C 504 74.96 94.36 5.04
CA GLY C 504 74.90 93.09 4.35
C GLY C 504 75.78 92.03 4.97
N SER C 505 76.74 92.45 5.79
CA SER C 505 77.68 91.52 6.40
C SER C 505 77.08 90.73 7.55
N ARG C 506 75.88 91.07 8.01
CA ARG C 506 75.22 90.24 9.01
C ARG C 506 74.75 88.93 8.40
N PHE C 507 74.29 88.98 7.16
CA PHE C 507 73.69 87.82 6.51
C PHE C 507 74.56 87.25 5.40
N ALA C 508 75.74 87.82 5.14
CA ALA C 508 76.58 87.36 4.05
C ALA C 508 77.19 86.00 4.37
N VAL C 509 76.99 85.05 3.46
CA VAL C 509 77.51 83.70 3.62
C VAL C 509 78.72 83.54 2.71
N PRO C 510 79.66 82.65 3.05
CA PRO C 510 80.76 82.35 2.11
C PRO C 510 80.22 81.59 0.91
N PHE C 511 80.43 82.14 -0.27
CA PHE C 511 79.89 81.57 -1.50
C PHE C 511 80.96 80.74 -2.19
N GLY C 512 80.53 79.65 -2.84
CA GLY C 512 81.47 78.72 -3.41
C GLY C 512 81.41 78.59 -4.93
N GLY C 513 80.24 78.74 -5.52
CA GLY C 513 80.11 78.64 -6.96
C GLY C 513 78.90 77.84 -7.38
N PHE C 514 78.50 78.02 -8.64
CA PHE C 514 77.43 77.26 -9.27
C PHE C 514 78.03 76.18 -10.17
N PHE C 515 77.29 75.09 -10.32
CA PHE C 515 77.58 74.11 -11.35
C PHE C 515 76.29 73.36 -11.68
N SER C 516 76.26 72.75 -12.85
CA SER C 516 75.08 72.06 -13.33
C SER C 516 75.50 70.72 -13.90
N CYS C 517 74.57 70.06 -14.58
CA CYS C 517 74.85 68.74 -15.15
C CYS C 517 75.73 68.80 -16.39
N THR C 518 75.95 70.00 -16.95
CA THR C 518 76.76 70.15 -18.15
C THR C 518 78.03 70.94 -17.94
N VAL C 519 78.09 71.82 -16.96
CA VAL C 519 79.25 72.69 -16.75
C VAL C 519 79.73 72.51 -15.32
N GLY C 520 81.02 72.77 -15.10
CA GLY C 520 81.58 72.74 -13.78
C GLY C 520 82.06 74.10 -13.32
N ASN C 521 82.19 74.30 -12.01
CA ASN C 521 82.73 75.58 -11.61
C ASN C 521 84.25 75.59 -11.73
N PRO C 522 84.83 76.71 -12.13
CA PRO C 522 86.29 76.77 -12.27
C PRO C 522 87.00 77.16 -10.99
N LEU C 523 86.33 77.04 -9.84
CA LEU C 523 86.91 77.43 -8.56
C LEU C 523 87.54 76.27 -7.83
N VAL C 524 87.87 75.20 -8.54
CA VAL C 524 88.48 74.01 -7.94
C VAL C 524 89.87 73.74 -8.49
N ASP C 525 90.09 73.98 -9.79
CA ASP C 525 91.35 73.60 -10.42
C ASP C 525 92.50 74.58 -10.12
N PRO C 526 92.30 75.93 -10.19
CA PRO C 526 93.45 76.68 -9.68
C PRO C 526 93.41 76.85 -8.16
N PRO C 535 87.82 70.29 -19.22
CA PRO C 535 87.30 71.49 -18.55
C PRO C 535 87.33 71.38 -17.03
N SER C 536 86.28 71.85 -16.38
CA SER C 536 86.23 71.91 -14.92
C SER C 536 85.82 70.54 -14.35
N LEU C 537 85.52 70.52 -13.06
CA LEU C 537 85.34 69.26 -12.34
C LEU C 537 83.93 69.05 -11.82
N LYS C 538 83.11 70.12 -11.73
CA LYS C 538 81.76 70.17 -11.12
C LYS C 538 81.67 69.45 -9.77
N LYS C 539 82.75 69.49 -8.99
CA LYS C 539 82.72 68.88 -7.68
C LYS C 539 82.24 69.86 -6.61
N CYS C 540 83.11 70.79 -6.22
CA CYS C 540 82.99 71.70 -5.08
C CYS C 540 84.27 72.51 -5.06
N PRO C 541 84.38 73.62 -4.33
CA PRO C 541 85.72 74.19 -4.13
C PRO C 541 86.56 73.39 -3.15
N GLY C 542 85.96 72.86 -2.10
CA GLY C 542 86.72 72.18 -1.06
C GLY C 542 86.54 72.87 0.27
N GLY C 543 85.90 72.18 1.22
CA GLY C 543 85.45 72.77 2.45
C GLY C 543 84.02 73.25 2.40
N PHE C 544 83.53 73.60 1.22
CA PHE C 544 82.15 74.01 1.03
C PHE C 544 81.26 72.77 0.94
N SER C 545 79.95 72.99 0.80
CA SER C 545 78.99 71.90 0.73
C SER C 545 78.04 72.15 -0.43
N GLN C 546 77.83 71.12 -1.25
CA GLN C 546 76.88 71.23 -2.35
C GLN C 546 75.46 71.33 -1.81
N HIS C 547 74.66 72.18 -2.43
CA HIS C 547 73.26 72.25 -2.13
C HIS C 547 72.54 72.49 -3.44
N PRO C 548 71.43 71.81 -3.66
CA PRO C 548 70.74 71.92 -4.95
C PRO C 548 69.85 73.15 -5.03
N ALA C 549 69.92 73.81 -6.17
CA ALA C 549 68.92 74.78 -6.60
C ALA C 549 67.83 74.01 -7.34
N LEU C 550 66.99 74.70 -8.12
CA LEU C 550 65.90 74.03 -8.81
C LEU C 550 66.41 73.11 -9.93
N ILE C 551 65.47 72.39 -10.53
CA ILE C 551 65.74 71.50 -11.65
C ILE C 551 65.14 72.13 -12.90
N SER C 552 66.00 72.37 -13.90
CA SER C 552 65.58 72.99 -15.15
C SER C 552 65.41 71.88 -16.19
N ASP C 553 64.26 71.22 -16.13
CA ASP C 553 63.80 70.23 -17.11
C ASP C 553 64.76 69.05 -17.23
N GLY C 554 65.04 68.41 -16.11
CA GLY C 554 65.87 67.23 -16.08
C GLY C 554 67.31 67.47 -15.68
N CYS C 555 67.78 68.72 -15.69
CA CYS C 555 69.13 69.05 -15.29
C CYS C 555 69.09 69.75 -13.94
N GLN C 556 70.06 69.44 -13.09
CA GLN C 556 70.09 69.92 -11.72
C GLN C 556 71.18 70.96 -11.57
N VAL C 557 70.83 72.12 -11.03
CA VAL C 557 71.77 73.21 -10.76
C VAL C 557 72.08 73.20 -9.28
N SER C 558 73.35 73.23 -8.93
CA SER C 558 73.78 73.15 -7.54
C SER C 558 74.71 74.30 -7.20
N TYR C 559 74.73 74.68 -5.94
CA TYR C 559 75.55 75.79 -5.47
C TYR C 559 76.23 75.43 -4.16
N CYS C 560 77.40 76.01 -3.93
CA CYS C 560 78.26 75.66 -2.81
C CYS C 560 78.28 76.78 -1.78
N VAL C 561 78.36 76.40 -0.50
CA VAL C 561 78.27 77.35 0.61
C VAL C 561 78.89 76.67 1.83
N LYS C 562 79.33 77.48 2.80
CA LYS C 562 79.99 76.98 4.00
C LYS C 562 79.42 77.65 5.24
N SER C 563 78.10 77.60 5.40
CA SER C 563 77.54 78.17 6.62
C SER C 563 77.62 77.21 7.79
N GLY C 564 77.03 76.03 7.63
CA GLY C 564 76.64 75.17 8.72
C GLY C 564 75.17 75.25 9.02
N LEU C 565 74.52 76.36 8.67
CA LEU C 565 73.08 76.46 8.75
C LEU C 565 72.41 75.67 7.64
N PHE C 566 73.03 75.65 6.46
CA PHE C 566 72.49 74.88 5.34
C PHE C 566 72.65 73.38 5.56
N THR C 567 73.64 72.98 6.34
CA THR C 567 73.99 71.56 6.45
C THR C 567 73.04 70.80 7.38
N GLY C 568 72.96 71.22 8.64
CA GLY C 568 72.27 70.45 9.65
C GLY C 568 70.76 70.51 9.52
N GLY C 569 70.11 69.87 10.49
CA GLY C 569 68.66 69.74 10.51
C GLY C 569 68.23 68.31 10.74
N SER C 570 67.33 67.81 9.91
CA SER C 570 67.00 66.40 9.87
C SER C 570 67.36 65.85 8.49
N LEU C 571 67.36 64.54 8.39
CA LEU C 571 67.63 63.90 7.11
C LEU C 571 66.42 64.06 6.19
N PRO C 572 66.61 64.55 4.97
CA PRO C 572 65.48 64.78 4.08
C PRO C 572 64.94 63.47 3.54
N PRO C 573 63.69 63.44 3.11
CA PRO C 573 63.18 62.27 2.40
C PRO C 573 63.69 62.25 0.96
N ALA C 574 63.37 61.17 0.26
CA ALA C 574 63.78 61.05 -1.12
C ALA C 574 62.94 61.96 -2.00
N ARG C 575 63.56 62.52 -3.03
CA ARG C 575 62.81 63.17 -4.09
C ARG C 575 62.19 62.13 -4.99
N LEU C 576 60.86 62.10 -5.01
CA LEU C 576 60.21 61.09 -5.79
C LEU C 576 59.92 61.62 -7.19
N PRO C 577 59.81 60.75 -8.19
CA PRO C 577 59.43 61.19 -9.53
C PRO C 577 57.98 61.66 -9.56
N PRO C 578 57.52 62.33 -10.64
CA PRO C 578 58.14 62.84 -11.86
C PRO C 578 58.92 64.10 -11.59
N PHE C 579 60.00 64.29 -12.32
CA PHE C 579 60.84 65.46 -12.18
C PHE C 579 60.62 66.47 -13.29
N THR C 580 59.85 66.11 -14.31
CA THR C 580 59.44 67.02 -15.35
C THR C 580 57.93 67.16 -15.29
N ARG C 581 57.42 68.06 -16.12
CA ARG C 581 55.99 68.28 -16.29
C ARG C 581 55.62 68.03 -17.73
N PRO C 582 54.37 67.65 -18.02
CA PRO C 582 53.97 67.50 -19.42
C PRO C 582 53.91 68.85 -20.10
N PRO C 583 54.31 68.91 -21.38
CA PRO C 583 54.49 70.20 -22.03
C PRO C 583 53.18 70.86 -22.43
N LEU C 584 53.27 72.11 -22.84
CA LEU C 584 52.12 72.87 -23.28
C LEU C 584 51.79 72.55 -24.73
N MET C 585 50.51 72.59 -25.04
CA MET C 585 50.00 72.28 -26.36
C MET C 585 49.13 73.43 -26.84
N SER C 586 49.13 73.66 -28.15
CA SER C 586 48.29 74.70 -28.72
C SER C 586 46.88 74.17 -28.94
N GLN C 587 45.89 74.97 -28.57
CA GLN C 587 44.52 74.55 -28.39
C GLN C 587 43.58 75.48 -29.16
N ALA C 588 42.30 75.13 -29.16
CA ALA C 588 41.25 75.93 -29.77
C ALA C 588 39.92 75.51 -29.18
N ALA C 589 39.05 76.48 -28.92
CA ALA C 589 37.76 76.20 -28.31
C ALA C 589 36.71 77.11 -28.91
N THR C 590 35.64 76.53 -29.43
CA THR C 590 34.56 77.27 -30.07
C THR C 590 33.26 77.04 -29.33
N ASN C 591 32.34 78.00 -29.50
CA ASN C 591 31.02 77.98 -28.86
C ASN C 591 30.03 78.59 -29.85
N THR C 592 29.26 77.76 -30.55
CA THR C 592 28.22 78.24 -31.44
C THR C 592 26.89 78.18 -30.73
N VAL C 593 26.15 79.29 -30.73
CA VAL C 593 24.83 79.38 -30.10
C VAL C 593 23.83 79.78 -31.17
N ILE C 594 22.73 79.03 -31.26
CA ILE C 594 21.62 79.36 -32.13
C ILE C 594 20.45 79.77 -31.27
N VAL C 595 19.88 80.94 -31.54
CA VAL C 595 18.78 81.49 -30.75
C VAL C 595 17.62 81.73 -31.71
N THR C 596 16.52 81.00 -31.52
CA THR C 596 15.31 81.29 -32.27
C THR C 596 14.54 82.37 -31.55
N ASN C 597 14.31 83.49 -32.22
CA ASN C 597 13.66 84.65 -31.62
C ASN C 597 12.15 84.59 -31.75
N SER C 598 11.58 83.43 -32.09
CA SER C 598 10.18 83.36 -32.41
C SER C 598 9.63 81.96 -32.21
N GLU C 599 8.35 81.89 -31.88
CA GLU C 599 7.57 80.68 -32.08
C GLU C 599 7.13 80.65 -33.55
N ASN C 600 6.40 79.58 -33.91
CA ASN C 600 6.03 79.27 -35.31
C ASN C 600 7.28 79.18 -36.18
N ALA C 601 8.30 78.51 -35.65
CA ALA C 601 9.57 78.37 -36.35
C ALA C 601 10.18 77.05 -35.88
N ARG C 602 10.08 76.03 -36.72
CA ARG C 602 10.62 74.72 -36.38
C ARG C 602 12.03 74.58 -36.92
N SER C 603 12.73 73.59 -36.42
CA SER C 603 14.12 73.38 -36.80
C SER C 603 14.48 71.91 -36.63
N TRP C 604 15.18 71.36 -37.62
CA TRP C 604 15.67 69.99 -37.56
C TRP C 604 17.17 70.01 -37.67
N ILE C 605 17.84 69.20 -36.85
CA ILE C 605 19.29 69.20 -36.77
C ILE C 605 19.79 67.77 -36.87
N LYS C 606 20.76 67.53 -37.73
CA LYS C 606 21.46 66.26 -37.83
C LYS C 606 22.91 66.52 -37.39
N ASP C 607 23.27 65.98 -36.22
CA ASP C 607 24.50 66.41 -35.55
C ASP C 607 25.75 65.89 -36.23
N SER C 608 25.70 64.69 -36.79
CA SER C 608 26.83 64.10 -37.51
C SER C 608 26.28 63.08 -38.49
N GLN C 609 27.20 62.39 -39.17
CA GLN C 609 26.79 61.42 -40.18
C GLN C 609 26.21 60.15 -39.55
N THR C 610 26.52 59.89 -38.29
CA THR C 610 25.97 58.73 -37.61
C THR C 610 24.68 59.04 -36.86
N HIS C 611 24.43 60.31 -36.54
CA HIS C 611 23.19 60.67 -35.89
C HIS C 611 22.02 60.59 -36.86
N GLN C 612 20.82 60.61 -36.29
CA GLN C 612 19.60 60.77 -37.08
C GLN C 612 19.12 62.20 -36.96
N TRP C 613 18.17 62.56 -37.82
CA TRP C 613 17.58 63.89 -37.77
C TRP C 613 16.82 64.07 -36.47
N ARG C 614 17.00 65.23 -35.87
CA ARG C 614 16.54 65.50 -34.52
C ARG C 614 15.79 66.83 -34.53
N LEU C 615 14.69 66.88 -33.80
CA LEU C 615 13.94 68.12 -33.72
C LEU C 615 14.69 69.12 -32.87
N GLY C 616 14.87 70.33 -33.39
CA GLY C 616 15.70 71.30 -32.73
C GLY C 616 15.01 72.04 -31.60
N GLU C 617 15.82 72.66 -30.77
CA GLU C 617 15.45 73.43 -29.59
C GLU C 617 15.73 74.91 -29.82
N PRO C 618 15.13 75.81 -29.04
CA PRO C 618 15.38 77.25 -29.26
C PRO C 618 16.80 77.71 -28.94
N ILE C 619 17.49 77.09 -27.98
CA ILE C 619 18.89 77.39 -27.70
C ILE C 619 19.67 76.09 -27.83
N GLU C 620 20.74 76.11 -28.63
CA GLU C 620 21.45 74.88 -28.96
C GLU C 620 22.76 74.69 -28.20
N LEU C 621 23.72 75.61 -28.37
CA LEU C 621 25.02 75.61 -27.67
C LEU C 621 25.83 74.34 -27.95
N ARG C 622 26.32 74.27 -29.18
CA ARG C 622 27.36 73.29 -29.52
C ARG C 622 28.71 73.74 -28.96
N ARG C 623 29.57 72.78 -28.61
CA ARG C 623 30.90 73.06 -28.11
C ARG C 623 31.93 72.14 -28.76
N ALA C 624 33.16 72.63 -28.89
CA ALA C 624 34.24 71.85 -29.46
C ALA C 624 35.56 72.31 -28.87
N MET C 625 36.45 71.34 -28.61
CA MET C 625 37.80 71.63 -28.14
C MET C 625 38.79 70.87 -29.01
N ASN C 626 39.70 71.60 -29.65
CA ASN C 626 40.63 71.06 -30.62
C ASN C 626 42.04 71.22 -30.09
N VAL C 627 42.77 70.11 -29.98
CA VAL C 627 44.13 70.10 -29.45
C VAL C 627 45.03 69.53 -30.53
N ILE C 628 46.22 70.13 -30.72
CA ILE C 628 47.25 69.55 -31.57
C ILE C 628 48.54 69.39 -30.78
N HIS C 629 49.12 68.19 -30.84
CA HIS C 629 50.35 67.87 -30.15
C HIS C 629 51.54 68.40 -30.95
N GLY C 630 52.17 69.45 -30.45
CA GLY C 630 53.34 70.01 -31.11
C GLY C 630 53.03 70.78 -32.38
N ASP D 10 19.32 37.30 -4.34
CA ASP D 10 20.70 37.71 -4.51
C ASP D 10 21.20 38.55 -3.32
N GLU D 11 22.49 38.84 -3.33
CA GLU D 11 23.13 39.56 -2.25
C GLU D 11 24.41 40.16 -2.80
N VAL D 12 24.69 41.42 -2.46
CA VAL D 12 25.80 42.16 -3.04
C VAL D 12 26.66 42.78 -1.95
N GLY D 13 27.79 43.32 -2.38
CA GLY D 13 28.59 44.16 -1.52
C GLY D 13 29.47 43.38 -0.56
N VAL D 14 29.70 43.98 0.61
CA VAL D 14 30.59 43.41 1.61
C VAL D 14 29.93 42.20 2.25
N GLN D 15 28.62 42.23 2.39
CA GLN D 15 27.91 41.21 3.17
C GLN D 15 27.84 39.88 2.44
N LYS D 16 27.93 39.89 1.11
CA LYS D 16 28.11 38.64 0.37
C LYS D 16 29.46 38.00 0.71
N CYS D 17 30.49 38.82 0.88
CA CYS D 17 31.81 38.31 1.24
C CYS D 17 31.81 37.80 2.67
N LYS D 18 31.09 38.46 3.58
CA LYS D 18 31.12 38.09 4.98
C LYS D 18 30.35 36.80 5.24
N ASN D 19 29.33 36.51 4.44
CA ASN D 19 28.56 35.29 4.67
C ASN D 19 29.28 34.07 4.13
N ALA D 20 30.02 34.22 3.05
CA ALA D 20 30.72 33.08 2.46
C ALA D 20 32.01 32.76 3.19
N LEU D 21 32.62 33.74 3.85
CA LEU D 21 33.94 33.58 4.43
C LEU D 21 33.96 33.61 5.95
N LYS D 22 33.05 34.38 6.56
CA LYS D 22 32.88 34.50 8.02
C LYS D 22 34.16 34.99 8.71
N LEU D 23 34.65 36.13 8.25
CA LEU D 23 35.85 36.73 8.81
C LEU D 23 35.76 38.23 8.56
N PRO D 24 36.35 39.06 9.45
CA PRO D 24 36.10 40.51 9.36
C PRO D 24 36.77 41.21 8.20
N VAL D 25 36.52 42.50 8.07
CA VAL D 25 37.04 43.34 7.00
C VAL D 25 38.15 44.18 7.58
N LEU D 26 39.20 44.42 6.80
CA LEU D 26 40.33 45.20 7.29
C LEU D 26 39.90 46.66 7.39
N GLU D 27 39.88 47.19 8.60
CA GLU D 27 39.29 48.49 8.87
C GLU D 27 40.21 49.67 8.57
N VAL D 28 41.42 49.42 8.08
CA VAL D 28 42.41 50.46 7.87
C VAL D 28 42.65 50.55 6.37
N LEU D 29 41.98 51.47 5.69
CA LEU D 29 42.03 51.45 4.24
C LEU D 29 42.53 52.75 3.67
N PRO D 30 43.29 52.72 2.59
CA PRO D 30 43.74 53.96 1.95
C PRO D 30 42.75 54.46 0.93
N GLY D 31 43.05 55.58 0.28
CA GLY D 31 42.16 56.16 -0.69
C GLY D 31 41.21 57.19 -0.16
N GLY D 32 41.32 57.57 1.10
CA GLY D 32 40.49 58.62 1.63
C GLY D 32 41.19 59.97 1.59
N GLY D 33 40.42 61.00 1.82
CA GLY D 33 40.99 62.34 1.87
C GLY D 33 41.68 62.59 3.19
N TRP D 34 42.58 63.57 3.17
CA TRP D 34 43.40 63.83 4.34
C TRP D 34 43.70 65.31 4.44
N ASP D 35 43.22 65.94 5.50
CA ASP D 35 43.62 67.31 5.82
C ASP D 35 44.98 67.26 6.46
N ASN D 36 45.98 67.85 5.81
CA ASN D 36 47.34 67.74 6.28
C ASN D 36 47.73 68.86 7.24
N LEU D 37 46.84 69.83 7.48
CA LEU D 37 47.09 70.78 8.55
C LEU D 37 46.57 70.29 9.89
N ARG D 38 45.42 69.65 9.90
CA ARG D 38 44.79 69.23 11.14
C ARG D 38 45.05 67.77 11.46
N ASN D 39 45.63 67.01 10.54
CA ASN D 39 45.82 65.56 10.60
C ASN D 39 44.53 64.82 10.91
N VAL D 40 43.47 65.18 10.19
CA VAL D 40 42.21 64.45 10.24
C VAL D 40 41.98 63.90 8.85
N ASP D 41 41.16 62.86 8.77
CA ASP D 41 40.84 62.26 7.49
C ASP D 41 39.42 62.57 7.05
N MET D 42 39.29 62.75 5.75
CA MET D 42 38.16 63.34 5.08
C MET D 42 37.31 62.29 4.38
N GLY D 43 36.43 62.76 3.50
CA GLY D 43 35.64 61.86 2.70
C GLY D 43 36.47 61.05 1.73
N ARG D 44 35.85 59.98 1.23
CA ARG D 44 36.52 58.95 0.46
C ARG D 44 36.66 59.39 -1.00
N VAL D 45 37.90 59.37 -1.50
CA VAL D 45 38.20 59.85 -2.85
C VAL D 45 38.21 58.71 -3.86
N MET D 46 38.73 57.54 -3.49
CA MET D 46 38.77 56.40 -4.39
C MET D 46 37.54 55.52 -4.20
N GLU D 47 37.38 54.56 -5.09
CA GLU D 47 36.21 53.69 -5.07
C GLU D 47 36.58 52.36 -4.43
N LEU D 48 35.78 51.93 -3.45
CA LEU D 48 35.99 50.67 -2.77
C LEU D 48 34.92 49.67 -3.20
N THR D 49 35.34 48.61 -3.89
CA THR D 49 34.45 47.58 -4.35
C THR D 49 34.83 46.24 -3.73
N TYR D 50 33.84 45.38 -3.53
CA TYR D 50 34.02 44.08 -2.90
C TYR D 50 33.46 42.99 -3.79
N SER D 51 33.79 43.03 -5.07
CA SER D 51 33.19 42.12 -6.03
C SER D 51 33.86 40.75 -6.03
N ASN D 52 35.17 40.71 -5.79
CA ASN D 52 35.95 39.50 -6.02
C ASN D 52 36.23 38.69 -4.77
N CYS D 53 35.74 39.13 -3.61
CA CYS D 53 35.86 38.43 -2.32
C CYS D 53 37.31 38.19 -1.94
N ARG D 54 38.17 39.16 -2.19
CA ARG D 54 39.59 39.01 -1.89
C ARG D 54 39.84 39.04 -0.40
N THR D 55 40.80 38.24 0.04
CA THR D 55 41.27 38.27 1.41
C THR D 55 42.75 38.58 1.43
N THR D 56 43.28 38.82 2.62
CA THR D 56 44.72 38.88 2.75
C THR D 56 45.30 37.48 2.58
N GLU D 57 46.59 37.43 2.31
CA GLU D 57 47.25 36.18 1.97
C GLU D 57 47.29 35.21 3.15
N ASP D 58 47.27 35.71 4.38
CA ASP D 58 47.13 34.83 5.53
C ASP D 58 45.67 34.49 5.82
N GLY D 59 44.73 35.10 5.11
CA GLY D 59 43.34 34.69 5.19
C GLY D 59 42.60 35.11 6.44
N GLN D 60 42.76 36.35 6.87
CA GLN D 60 42.11 36.81 8.08
C GLN D 60 41.36 38.12 7.94
N TYR D 61 41.43 38.79 6.80
CA TYR D 61 40.68 40.01 6.59
C TYR D 61 40.19 40.05 5.16
N ILE D 62 38.94 40.46 4.97
CA ILE D 62 38.42 40.80 3.65
C ILE D 62 38.94 42.17 3.26
N ILE D 63 39.49 42.27 2.06
CA ILE D 63 40.02 43.53 1.56
C ILE D 63 39.31 43.86 0.25
N PRO D 64 39.25 45.12 -0.15
CA PRO D 64 38.71 45.46 -1.47
C PRO D 64 39.60 44.97 -2.61
N ASP D 65 39.07 45.10 -3.83
CA ASP D 65 39.66 44.47 -4.99
C ASP D 65 40.89 45.20 -5.50
N GLU D 66 40.91 46.52 -5.36
CA GLU D 66 41.93 47.41 -5.86
C GLU D 66 43.06 47.65 -4.86
N ILE D 67 43.08 46.90 -3.77
CA ILE D 67 43.99 47.15 -2.68
C ILE D 67 44.80 45.89 -2.44
N PHE D 68 46.12 46.03 -2.42
CA PHE D 68 46.99 44.93 -2.04
C PHE D 68 47.65 45.24 -0.70
N THR D 69 47.90 44.18 0.06
CA THR D 69 48.49 44.30 1.37
C THR D 69 49.88 43.70 1.36
N ILE D 70 50.73 44.18 2.25
CA ILE D 70 52.07 43.65 2.44
C ILE D 70 52.17 43.12 3.86
N PRO D 71 52.38 41.84 4.08
CA PRO D 71 52.57 41.34 5.43
C PRO D 71 53.96 41.66 5.95
N GLN D 72 54.02 42.58 6.90
CA GLN D 72 55.28 42.84 7.59
C GLN D 72 54.98 42.91 9.08
N LYS D 73 54.99 41.75 9.71
CA LYS D 73 54.51 41.59 11.07
C LYS D 73 55.64 41.96 12.01
N GLN D 74 55.78 43.25 12.23
CA GLN D 74 56.97 43.85 12.79
C GLN D 74 56.64 44.50 14.12
N SER D 75 57.40 44.15 15.15
CA SER D 75 57.22 44.68 16.49
C SER D 75 58.49 45.41 16.89
N ASN D 76 58.34 46.59 17.47
CA ASN D 76 59.47 47.39 17.93
C ASN D 76 59.29 47.70 19.41
N LEU D 77 60.38 47.63 20.15
CA LEU D 77 60.33 47.88 21.59
C LEU D 77 61.55 48.70 21.95
N GLU D 78 61.33 49.86 22.55
CA GLU D 78 62.41 50.74 22.96
C GLU D 78 62.66 50.57 24.45
N MET D 79 63.93 50.40 24.82
CA MET D 79 64.35 50.47 26.21
C MET D 79 64.78 51.87 26.60
N ASN D 80 64.56 52.84 25.73
CA ASN D 80 65.06 54.18 25.88
C ASN D 80 63.90 55.14 25.67
N SER D 81 64.22 56.41 25.56
CA SER D 81 63.26 57.45 25.25
C SER D 81 63.80 58.26 24.08
N GLU D 82 63.12 59.34 23.75
CA GLU D 82 63.66 60.29 22.79
C GLU D 82 63.25 61.69 23.21
N ILE D 83 64.17 62.62 23.10
CA ILE D 83 64.02 63.95 23.68
C ILE D 83 63.69 64.94 22.58
N LEU D 84 62.67 65.76 22.81
CA LEU D 84 62.19 66.74 21.83
C LEU D 84 62.13 68.08 22.56
N GLU D 85 63.25 68.80 22.61
CA GLU D 85 63.34 70.01 23.41
C GLU D 85 62.89 71.26 22.67
N SER D 86 62.19 71.11 21.53
CA SER D 86 61.66 72.24 20.79
C SER D 86 60.48 71.76 19.97
N TRP D 87 59.43 72.57 19.89
CA TRP D 87 58.26 72.19 19.12
C TRP D 87 58.39 72.46 17.63
N ALA D 88 59.51 73.02 17.17
CA ALA D 88 59.66 73.28 15.74
C ALA D 88 59.90 71.97 14.98
N ASN D 89 60.83 71.15 15.46
CA ASN D 89 61.09 69.84 14.85
C ASN D 89 60.19 68.78 15.50
N TYR D 90 58.91 68.85 15.15
CA TYR D 90 57.89 68.02 15.73
C TYR D 90 57.68 66.72 14.96
N GLN D 91 57.55 65.62 15.70
CA GLN D 91 57.31 64.29 15.17
C GLN D 91 55.87 63.93 15.47
N SER D 92 55.12 63.55 14.45
CA SER D 92 53.67 63.41 14.66
C SER D 92 53.30 62.13 15.39
N SER D 93 54.07 61.05 15.23
CA SER D 93 53.92 59.71 15.81
C SER D 93 52.74 58.90 15.29
N THR D 94 51.88 59.48 14.47
CA THR D 94 50.84 58.70 13.81
C THR D 94 50.63 59.07 12.35
N SER D 95 51.15 60.20 11.89
CA SER D 95 51.02 60.61 10.50
C SER D 95 52.33 61.25 10.06
N TYR D 96 53.43 60.59 10.39
CA TYR D 96 54.75 61.21 10.24
C TYR D 96 55.19 61.28 8.79
N SER D 97 54.88 60.27 7.99
CA SER D 97 55.41 60.21 6.63
C SER D 97 54.66 61.13 5.69
N ILE D 98 53.40 61.45 5.97
CA ILE D 98 52.65 62.35 5.11
C ILE D 98 52.88 63.81 5.47
N ASN D 99 53.40 64.09 6.66
CA ASN D 99 53.70 65.47 7.00
C ASN D 99 55.09 65.90 6.54
N THR D 100 56.02 64.96 6.37
CA THR D 100 57.42 65.29 6.12
C THR D 100 57.75 65.41 4.64
N GLU D 101 56.75 65.59 3.80
CA GLU D 101 56.93 65.71 2.36
C GLU D 101 57.70 66.98 1.99
N LEU D 102 58.31 66.97 0.81
CA LEU D 102 59.10 68.10 0.32
C LEU D 102 58.16 69.05 -0.42
N SER D 103 57.90 70.20 0.18
CA SER D 103 57.00 71.18 -0.41
C SER D 103 57.34 72.55 0.15
N LEU D 104 56.55 73.54 -0.27
CA LEU D 104 56.70 74.90 0.24
C LEU D 104 56.24 74.98 1.68
N PHE D 105 55.13 74.31 1.98
CA PHE D 105 54.47 74.42 3.28
C PHE D 105 54.72 73.20 4.13
N SER D 106 55.93 72.66 4.07
CA SER D 106 56.29 71.52 4.89
C SER D 106 56.45 71.91 6.36
N LYS D 107 56.66 73.18 6.65
CA LYS D 107 56.78 73.63 8.03
C LYS D 107 55.42 73.91 8.67
N VAL D 108 54.34 73.83 7.91
CA VAL D 108 53.00 74.14 8.43
C VAL D 108 52.15 72.87 8.55
N ASN D 109 52.61 71.75 8.00
CA ASN D 109 51.85 70.51 8.07
C ASN D 109 51.76 69.98 9.49
N GLY D 110 50.55 69.71 9.92
CA GLY D 110 50.30 69.18 11.25
C GLY D 110 50.23 70.20 12.36
N LYS D 111 50.37 71.49 12.06
CA LYS D 111 50.47 72.51 13.09
C LYS D 111 49.14 72.96 13.64
N PHE D 112 48.04 72.32 13.23
CA PHE D 112 46.73 72.58 13.80
C PHE D 112 46.13 71.30 14.34
N SER D 113 46.94 70.26 14.46
CA SER D 113 46.50 69.00 15.03
C SER D 113 46.32 69.16 16.53
N THR D 114 45.44 68.34 17.10
CA THR D 114 45.25 68.39 18.54
C THR D 114 46.46 67.85 19.28
N GLU D 115 47.21 66.95 18.65
CA GLU D 115 48.38 66.38 19.26
C GLU D 115 49.55 67.35 19.27
N PHE D 116 49.61 68.25 18.29
CA PHE D 116 50.62 69.29 18.29
C PHE D 116 50.26 70.41 19.24
N GLN D 117 49.03 70.90 19.16
CA GLN D 117 48.63 72.05 19.95
C GLN D 117 48.52 71.72 21.43
N ARG D 118 48.38 70.46 21.78
CA ARG D 118 48.53 70.08 23.17
C ARG D 118 49.98 70.02 23.58
N MET D 119 50.89 69.72 22.66
CA MET D 119 52.29 69.63 23.04
C MET D 119 52.94 71.00 23.13
N LYS D 120 52.54 71.93 22.27
CA LYS D 120 53.12 73.26 22.25
C LYS D 120 52.71 74.05 23.49
N THR D 121 51.48 73.87 23.94
CA THR D 121 51.02 74.59 25.12
C THR D 121 51.54 74.02 26.43
N LEU D 122 52.31 72.94 26.39
CA LEU D 122 52.96 72.42 27.57
C LEU D 122 54.44 72.75 27.63
N GLN D 123 55.05 73.07 26.50
CA GLN D 123 56.44 73.50 26.50
C GLN D 123 56.58 74.99 26.69
N VAL D 124 55.52 75.77 26.53
CA VAL D 124 55.57 77.21 26.68
C VAL D 124 55.02 77.63 28.04
N LYS D 125 53.92 77.02 28.45
CA LYS D 125 53.31 77.31 29.74
C LYS D 125 54.21 76.86 30.89
N ASP D 126 54.91 75.75 30.71
CA ASP D 126 55.66 75.14 31.79
C ASP D 126 57.16 75.18 31.56
N GLN D 127 57.62 75.79 30.46
CA GLN D 127 59.03 75.90 30.08
C GLN D 127 59.70 74.52 30.03
N ALA D 128 59.08 73.61 29.30
CA ALA D 128 59.37 72.20 29.44
C ALA D 128 60.00 71.62 28.17
N ILE D 129 60.53 70.42 28.32
CA ILE D 129 60.99 69.58 27.22
C ILE D 129 60.12 68.33 27.22
N THR D 130 60.06 67.65 26.07
CA THR D 130 59.15 66.53 25.89
C THR D 130 59.94 65.27 25.60
N THR D 131 59.61 64.18 26.28
CA THR D 131 60.15 62.87 26.00
C THR D 131 59.04 61.95 25.50
N ARG D 132 59.41 60.94 24.70
CA ARG D 132 58.43 60.00 24.18
C ARG D 132 58.99 58.59 24.12
N VAL D 133 58.30 57.64 24.73
CA VAL D 133 58.64 56.22 24.65
C VAL D 133 57.46 55.52 24.02
N GLN D 134 57.72 54.57 23.12
CA GLN D 134 56.61 53.89 22.48
C GLN D 134 56.95 52.44 22.12
N VAL D 135 55.90 51.61 22.15
CA VAL D 135 55.95 50.23 21.69
C VAL D 135 55.06 50.15 20.47
N ARG D 136 55.65 50.03 19.28
CA ARG D 136 54.92 50.05 18.04
C ARG D 136 54.84 48.65 17.46
N ASN D 137 53.69 48.32 16.89
CA ASN D 137 53.41 46.97 16.41
C ASN D 137 52.78 47.09 15.03
N LEU D 138 53.62 47.14 14.01
CA LEU D 138 53.17 47.22 12.62
C LEU D 138 52.85 45.85 12.07
N VAL D 139 51.64 45.68 11.55
CA VAL D 139 51.16 44.39 11.08
C VAL D 139 51.07 44.33 9.56
N TYR D 140 50.41 45.31 8.94
CA TYR D 140 50.27 45.34 7.49
C TYR D 140 50.67 46.69 6.93
N THR D 141 51.11 46.67 5.68
CA THR D 141 51.14 47.86 4.84
C THR D 141 50.09 47.67 3.76
N VAL D 142 49.18 48.62 3.66
CA VAL D 142 47.99 48.50 2.84
C VAL D 142 48.06 49.60 1.80
N LYS D 143 48.15 49.23 0.52
CA LYS D 143 48.35 50.19 -0.56
C LYS D 143 47.26 50.10 -1.61
N ILE D 144 47.27 51.06 -2.53
CA ILE D 144 46.32 51.12 -3.64
C ILE D 144 47.01 50.70 -4.94
N ASN D 145 46.32 49.90 -5.72
CA ASN D 145 46.75 49.56 -7.06
C ASN D 145 46.69 50.83 -7.91
N PRO D 146 47.71 51.13 -8.71
CA PRO D 146 47.70 52.37 -9.51
C PRO D 146 46.63 52.46 -10.59
N THR D 147 45.85 51.42 -10.85
CA THR D 147 44.81 51.45 -11.87
C THR D 147 43.43 51.56 -11.26
N LEU D 148 43.30 52.35 -10.21
CA LEU D 148 42.06 52.54 -9.50
C LEU D 148 41.33 53.78 -10.02
N GLU D 149 40.00 53.79 -9.87
CA GLU D 149 39.16 54.89 -10.32
C GLU D 149 38.56 55.63 -9.12
N LEU D 150 38.03 56.81 -9.41
CA LEU D 150 37.53 57.73 -8.41
C LEU D 150 36.19 57.28 -7.85
N SER D 151 35.84 57.87 -6.71
CA SER D 151 34.59 57.55 -6.05
C SER D 151 33.42 58.19 -6.81
N SER D 152 32.21 57.76 -6.45
CA SER D 152 31.02 58.27 -7.11
C SER D 152 30.69 59.68 -6.66
N GLY D 153 30.93 60.00 -5.40
CA GLY D 153 30.65 61.33 -4.90
C GLY D 153 31.71 62.34 -5.27
N PHE D 154 32.97 61.92 -5.31
CA PHE D 154 34.06 62.83 -5.63
C PHE D 154 34.08 63.18 -7.11
N ARG D 155 33.67 62.25 -7.97
CA ARG D 155 33.59 62.53 -9.40
C ARG D 155 32.47 63.52 -9.70
N LYS D 156 31.36 63.44 -8.96
CA LYS D 156 30.24 64.34 -9.18
C LYS D 156 30.60 65.78 -8.84
N GLU D 157 31.41 65.98 -7.82
CA GLU D 157 31.75 67.34 -7.43
C GLU D 157 32.89 67.91 -8.26
N LEU D 158 33.66 67.07 -8.95
CA LEU D 158 34.59 67.57 -9.95
C LEU D 158 33.89 67.92 -11.25
N LEU D 159 32.81 67.21 -11.57
CA LEU D 159 32.02 67.54 -12.75
C LEU D 159 31.21 68.80 -12.58
N ASP D 160 30.89 69.17 -11.34
CA ASP D 160 30.20 70.43 -11.09
C ASP D 160 31.15 71.61 -11.20
N ILE D 161 32.41 71.44 -10.80
CA ILE D 161 33.43 72.44 -11.08
C ILE D 161 33.68 72.50 -12.58
N SER D 162 33.62 71.35 -13.23
CA SER D 162 33.86 71.25 -14.67
C SER D 162 32.82 72.02 -15.47
N ASP D 163 31.57 72.03 -15.02
CA ASP D 163 30.52 72.75 -15.74
C ASP D 163 30.72 74.25 -15.66
N ARG D 164 31.20 74.75 -14.52
CA ARG D 164 31.40 76.18 -14.35
C ARG D 164 32.59 76.69 -15.15
N LEU D 165 33.59 75.86 -15.40
CA LEU D 165 34.70 76.29 -16.25
C LEU D 165 34.30 76.34 -17.72
N GLU D 166 33.30 75.57 -18.12
CA GLU D 166 32.81 75.62 -19.49
C GLU D 166 32.09 76.93 -19.76
N ASN D 167 31.24 77.36 -18.85
CA ASN D 167 30.37 78.52 -19.00
C ASN D 167 31.07 79.83 -18.71
N ASN D 168 32.39 79.83 -18.54
CA ASN D 168 33.19 80.99 -18.16
C ASN D 168 32.64 81.62 -16.87
N GLN D 169 32.52 80.80 -15.83
CA GLN D 169 32.04 81.24 -14.54
C GLN D 169 33.14 80.96 -13.54
N THR D 170 34.10 81.88 -13.45
CA THR D 170 35.34 81.63 -12.74
C THR D 170 35.16 81.82 -11.23
N ARG D 171 34.38 82.82 -10.82
CA ARG D 171 34.16 83.06 -9.40
C ARG D 171 33.31 81.97 -8.77
N MET D 172 32.42 81.35 -9.53
CA MET D 172 31.59 80.30 -8.97
C MET D 172 32.32 78.96 -9.00
N ALA D 173 33.28 78.79 -9.89
CA ALA D 173 34.11 77.59 -9.88
C ALA D 173 35.15 77.64 -8.77
N THR D 174 35.67 78.84 -8.48
CA THR D 174 36.61 79.03 -7.38
C THR D 174 35.93 78.75 -6.04
N TYR D 175 34.66 79.11 -5.92
CA TYR D 175 33.90 78.81 -4.72
C TYR D 175 33.71 77.31 -4.54
N LEU D 176 33.35 76.60 -5.60
CA LEU D 176 33.13 75.17 -5.49
C LEU D 176 34.43 74.39 -5.35
N ALA D 177 35.55 74.93 -5.82
CA ALA D 177 36.83 74.27 -5.62
C ALA D 177 37.26 74.30 -4.16
N GLU D 178 36.87 75.35 -3.44
CA GLU D 178 37.19 75.46 -2.02
C GLU D 178 36.28 74.62 -1.15
N LEU D 179 35.07 74.33 -1.60
CA LEU D 179 34.24 73.36 -0.89
C LEU D 179 34.68 71.94 -1.13
N LEU D 180 35.46 71.70 -2.17
CA LEU D 180 36.06 70.39 -2.36
C LEU D 180 37.14 70.12 -1.32
N VAL D 181 37.83 71.18 -0.89
CA VAL D 181 38.89 71.06 0.10
C VAL D 181 38.32 70.98 1.51
N LEU D 182 37.17 71.61 1.75
CA LEU D 182 36.45 71.41 3.01
C LEU D 182 36.04 69.96 3.17
N ASN D 183 35.58 69.32 2.11
CA ASN D 183 34.99 68.00 2.23
C ASN D 183 35.99 66.88 2.00
N TYR D 184 37.07 67.12 1.28
CA TYR D 184 38.00 66.07 0.92
C TYR D 184 39.44 66.33 1.27
N GLY D 185 39.75 67.45 1.90
CA GLY D 185 41.09 67.68 2.39
C GLY D 185 42.04 68.18 1.32
N THR D 186 43.33 68.06 1.63
CA THR D 186 44.38 68.52 0.75
C THR D 186 45.20 67.39 0.15
N HIS D 187 45.00 66.16 0.62
CA HIS D 187 45.81 65.02 0.24
C HIS D 187 44.93 63.79 0.14
N VAL D 188 45.45 62.77 -0.53
CA VAL D 188 44.82 61.45 -0.62
C VAL D 188 45.80 60.44 -0.07
N THR D 189 45.37 59.64 0.89
CA THR D 189 46.25 58.64 1.45
C THR D 189 46.42 57.51 0.46
N THR D 190 47.66 57.21 0.09
CA THR D 190 47.92 56.12 -0.83
C THR D 190 48.45 54.88 -0.15
N SER D 191 49.01 54.99 1.05
CA SER D 191 49.33 53.81 1.83
C SER D 191 49.14 54.11 3.29
N VAL D 192 48.63 53.13 4.02
CA VAL D 192 48.48 53.19 5.46
C VAL D 192 49.23 52.02 6.07
N ASP D 193 49.66 52.19 7.30
CA ASP D 193 50.30 51.15 8.09
C ASP D 193 49.32 50.73 9.18
N ALA D 194 48.83 49.50 9.11
CA ALA D 194 47.86 49.01 10.07
C ALA D 194 48.57 48.38 11.26
N GLY D 195 48.25 48.84 12.46
CA GLY D 195 48.84 48.27 13.64
C GLY D 195 48.39 48.99 14.88
N ALA D 196 49.16 48.82 15.95
CA ALA D 196 48.85 49.42 17.24
C ALA D 196 50.10 50.05 17.82
N ALA D 197 49.93 50.94 18.78
CA ALA D 197 51.05 51.58 19.44
C ALA D 197 50.65 51.96 20.85
N LEU D 198 51.61 51.90 21.76
CA LEU D 198 51.40 52.32 23.14
C LEU D 198 52.45 53.37 23.45
N ILE D 199 52.03 54.59 23.75
CA ILE D 199 52.93 55.74 23.79
C ILE D 199 52.93 56.35 25.18
N GLN D 200 54.11 56.66 25.70
CA GLN D 200 54.34 57.47 26.89
C GLN D 200 54.78 58.86 26.47
N GLU D 201 54.29 59.89 27.11
CA GLU D 201 54.73 61.25 26.79
C GLU D 201 54.86 62.05 28.08
N ASP D 202 56.09 62.19 28.57
CA ASP D 202 56.36 62.99 29.74
C ASP D 202 56.85 64.37 29.33
N HIS D 203 56.62 65.33 30.21
CA HIS D 203 57.17 66.66 30.08
C HIS D 203 58.04 66.95 31.28
N LEU D 204 59.28 67.34 31.03
CA LEU D 204 60.27 67.60 32.07
C LEU D 204 60.68 69.05 32.00
N ARG D 205 61.07 69.63 33.12
CA ARG D 205 61.58 70.99 33.12
C ARG D 205 62.87 71.06 32.32
N ALA D 206 63.04 72.16 31.58
CA ALA D 206 64.20 72.29 30.69
C ALA D 206 65.50 72.48 31.46
N SER D 207 65.42 72.85 32.73
CA SER D 207 66.61 72.92 33.58
C SER D 207 67.16 71.55 33.92
N PHE D 208 66.32 70.51 33.86
CA PHE D 208 66.74 69.17 34.24
C PHE D 208 67.63 68.52 33.20
N LEU D 209 67.57 68.96 31.94
CA LEU D 209 68.37 68.39 30.88
C LEU D 209 69.72 69.07 30.71
N GLN D 210 69.87 70.28 31.21
CA GLN D 210 71.04 71.12 30.97
C GLN D 210 72.30 70.66 31.71
N ASP D 211 72.40 69.47 32.28
CA ASP D 211 73.59 69.11 33.07
C ASP D 211 74.78 68.80 32.17
N SER D 212 74.69 67.76 31.34
CA SER D 212 75.76 67.38 30.44
C SER D 212 75.19 66.49 29.35
N GLN D 213 76.08 65.98 28.49
CA GLN D 213 75.73 64.99 27.49
C GLN D 213 75.81 63.56 28.02
N SER D 214 76.30 63.39 29.25
CA SER D 214 76.23 62.11 29.93
C SER D 214 75.03 61.99 30.85
N SER D 215 74.48 63.13 31.28
CA SER D 215 73.20 63.12 31.99
C SER D 215 72.07 62.79 31.04
N ARG D 216 72.23 63.13 29.76
CA ARG D 216 71.18 62.92 28.76
C ARG D 216 70.89 61.44 28.57
N SER D 217 71.92 60.60 28.57
CA SER D 217 71.72 59.17 28.42
C SER D 217 71.26 58.49 29.69
N ALA D 218 71.08 59.23 30.78
CA ALA D 218 70.46 58.70 31.99
C ALA D 218 69.07 59.23 32.23
N VAL D 219 68.79 60.46 31.78
CA VAL D 219 67.42 60.95 31.68
C VAL D 219 66.63 60.07 30.73
N THR D 220 67.24 59.68 29.62
CA THR D 220 66.55 58.99 28.54
C THR D 220 66.26 57.54 28.91
N ALA D 221 67.17 56.88 29.61
CA ALA D 221 66.92 55.50 30.03
C ALA D 221 66.11 55.42 31.30
N SER D 222 65.85 56.54 31.96
CA SER D 222 64.96 56.55 33.11
C SER D 222 63.51 56.57 32.66
N ALA D 223 63.22 57.32 31.60
CA ALA D 223 61.88 57.40 31.05
C ALA D 223 61.42 56.08 30.46
N GLY D 224 62.35 55.32 29.89
CA GLY D 224 62.01 54.00 29.41
C GLY D 224 61.83 52.99 30.50
N LEU D 225 62.42 53.24 31.66
CA LEU D 225 62.25 52.36 32.81
C LEU D 225 60.92 52.62 33.49
N ALA D 226 60.54 53.89 33.61
CA ALA D 226 59.25 54.26 34.17
C ALA D 226 58.10 53.76 33.32
N PHE D 227 58.30 53.68 32.00
CA PHE D 227 57.26 53.21 31.10
C PHE D 227 57.02 51.72 31.25
N GLN D 228 58.07 50.96 31.48
CA GLN D 228 57.92 49.53 31.68
C GLN D 228 57.36 49.22 33.06
N ASN D 229 57.61 50.07 34.05
CA ASN D 229 56.98 49.89 35.34
C ASN D 229 55.49 50.17 35.27
N THR D 230 55.10 51.20 34.51
CA THR D 230 53.71 51.61 34.42
C THR D 230 52.86 50.55 33.73
N VAL D 231 53.41 49.86 32.73
CA VAL D 231 52.63 48.79 32.11
C VAL D 231 52.56 47.57 33.03
N ASN D 232 53.64 47.26 33.75
CA ASN D 232 53.64 46.00 34.48
C ASN D 232 53.03 46.07 35.88
N PHE D 233 53.15 47.19 36.60
CA PHE D 233 52.98 47.16 38.05
C PHE D 233 51.80 47.94 38.59
N LYS D 234 50.62 47.79 37.98
CA LYS D 234 49.31 47.80 38.66
C LYS D 234 48.98 49.08 39.44
N PHE D 235 49.67 50.19 39.14
CA PHE D 235 49.64 51.51 39.77
C PHE D 235 50.29 51.49 41.16
N GLU D 236 50.65 50.32 41.66
CA GLU D 236 51.21 50.21 42.99
C GLU D 236 52.67 50.64 42.98
N GLU D 237 53.23 50.82 44.16
CA GLU D 237 54.67 51.10 44.27
C GLU D 237 55.45 49.81 44.47
N ASN D 238 55.19 48.85 43.58
CA ASN D 238 56.02 47.68 43.38
C ASN D 238 57.07 47.92 42.31
N TYR D 239 57.42 49.18 42.07
CA TYR D 239 58.32 49.53 40.99
C TYR D 239 59.75 49.12 41.30
N THR D 240 60.48 48.80 40.24
CA THR D 240 61.91 48.51 40.36
C THR D 240 62.73 49.79 40.11
N SER D 241 62.51 50.76 41.00
CA SER D 241 63.18 52.06 40.92
C SER D 241 64.67 51.87 41.22
N GLN D 242 65.49 52.01 40.18
CA GLN D 242 66.88 51.56 40.24
C GLN D 242 67.82 52.56 40.92
N ASN D 243 67.49 53.84 40.94
CA ASN D 243 68.44 54.84 41.37
C ASN D 243 67.72 55.91 42.19
N VAL D 244 68.49 56.93 42.57
CA VAL D 244 67.92 58.20 43.01
C VAL D 244 67.58 59.05 41.79
N LEU D 245 68.20 58.75 40.64
CA LEU D 245 67.90 59.46 39.40
C LEU D 245 66.49 59.17 38.91
N THR D 246 65.94 58.00 39.26
CA THR D 246 64.51 57.76 39.04
C THR D 246 63.68 58.66 39.94
N LYS D 247 64.10 58.84 41.19
CA LYS D 247 63.35 59.69 42.10
C LYS D 247 63.51 61.16 41.73
N SER D 248 64.68 61.57 41.27
CA SER D 248 64.84 62.94 40.80
C SER D 248 64.15 63.18 39.48
N TYR D 249 63.92 62.12 38.69
CA TYR D 249 63.15 62.26 37.45
C TYR D 249 61.71 62.64 37.73
N LEU D 250 61.13 62.10 38.80
CA LEU D 250 59.72 62.33 39.08
C LEU D 250 59.46 63.75 39.55
N SER D 251 60.42 64.37 40.21
CA SER D 251 60.19 65.68 40.78
C SER D 251 60.32 66.80 39.78
N ASN D 252 61.03 66.56 38.66
CA ASN D 252 61.09 67.52 37.58
C ASN D 252 60.04 67.27 36.51
N ARG D 253 59.34 66.14 36.61
CA ARG D 253 58.30 65.79 35.64
C ARG D 253 57.13 66.74 35.74
N THR D 254 56.68 67.25 34.60
CA THR D 254 55.56 68.18 34.60
C THR D 254 54.23 67.50 34.28
N ASN D 255 54.10 66.71 33.20
CA ASN D 255 52.75 66.28 32.83
C ASN D 255 52.50 64.77 32.83
N SER D 256 53.23 63.96 32.06
CA SER D 256 53.07 62.50 31.97
C SER D 256 51.73 61.93 31.51
N ARG D 257 51.42 62.01 30.22
CA ARG D 257 50.30 61.28 29.63
C ARG D 257 50.73 59.90 29.14
N VAL D 258 49.81 58.94 29.21
CA VAL D 258 49.99 57.63 28.60
C VAL D 258 48.88 57.41 27.59
N GLN D 259 49.25 57.10 26.35
CA GLN D 259 48.29 57.03 25.25
C GLN D 259 48.37 55.68 24.56
N SER D 260 47.23 55.05 24.36
CA SER D 260 47.12 53.82 23.59
C SER D 260 46.43 54.13 22.28
N ILE D 261 47.00 53.69 21.17
CA ILE D 261 46.43 53.90 19.85
C ILE D 261 46.24 52.53 19.22
N GLY D 262 45.00 52.08 19.16
CA GLY D 262 44.71 50.75 18.67
C GLY D 262 44.85 49.71 19.76
N GLY D 263 44.39 48.51 19.46
CA GLY D 263 44.43 47.47 20.45
C GLY D 263 43.33 47.63 21.49
N VAL D 264 43.56 46.99 22.64
CA VAL D 264 42.64 47.09 23.77
C VAL D 264 42.98 48.35 24.55
N PRO D 265 42.05 48.91 25.34
CA PRO D 265 42.37 50.13 26.09
C PRO D 265 43.39 49.88 27.19
N PHE D 266 44.29 50.83 27.36
CA PHE D 266 45.33 50.71 28.36
C PHE D 266 44.80 51.01 29.74
N TYR D 267 45.29 50.25 30.72
CA TYR D 267 45.15 50.56 32.13
C TYR D 267 46.47 50.18 32.79
N PRO D 268 46.89 50.91 33.81
CA PRO D 268 48.18 50.60 34.43
C PRO D 268 48.17 49.28 35.15
N GLY D 269 48.86 48.30 34.59
CA GLY D 269 48.79 46.96 35.11
C GLY D 269 48.57 45.90 34.07
N ILE D 270 48.13 46.28 32.87
CA ILE D 270 48.06 45.31 31.79
C ILE D 270 49.46 45.01 31.31
N THR D 271 49.84 43.74 31.34
CA THR D 271 51.20 43.41 31.00
C THR D 271 51.44 43.59 29.51
N LEU D 272 52.70 43.66 29.12
CA LEU D 272 53.03 43.88 27.72
C LEU D 272 52.65 42.68 26.88
N GLN D 273 52.67 41.50 27.48
CA GLN D 273 52.12 40.30 26.85
C GLN D 273 50.63 40.45 26.58
N ALA D 274 49.88 40.95 27.55
CA ALA D 274 48.43 40.96 27.43
C ALA D 274 47.94 42.09 26.54
N TRP D 275 48.68 43.19 26.45
CA TRP D 275 48.33 44.25 25.50
C TRP D 275 48.51 43.78 24.07
N GLN D 276 49.51 42.95 23.82
CA GLN D 276 49.79 42.44 22.49
C GLN D 276 48.88 41.32 22.06
N GLN D 277 48.06 40.78 22.95
CA GLN D 277 47.06 39.82 22.53
C GLN D 277 45.80 40.46 22.04
N GLY D 278 45.55 41.72 22.40
CA GLY D 278 44.38 42.44 21.97
C GLY D 278 44.56 43.26 20.73
N ILE D 279 45.73 43.17 20.09
CA ILE D 279 45.97 43.90 18.87
C ILE D 279 45.19 43.29 17.72
N THR D 280 44.96 41.99 17.77
CA THR D 280 44.17 41.29 16.75
C THR D 280 42.73 41.80 16.72
N ASN D 281 42.31 42.21 15.53
CA ASN D 281 41.00 42.80 15.17
C ASN D 281 40.79 44.20 15.70
N HIS D 282 41.80 44.82 16.32
CA HIS D 282 41.74 46.23 16.70
C HIS D 282 42.96 46.88 16.10
N LEU D 283 42.91 47.20 14.81
CA LEU D 283 44.05 47.80 14.12
C LEU D 283 43.66 49.18 13.64
N VAL D 284 44.58 50.12 13.76
CA VAL D 284 44.36 51.49 13.31
C VAL D 284 45.53 51.88 12.42
N ALA D 285 45.41 53.05 11.82
CA ALA D 285 46.51 53.58 11.02
C ALA D 285 47.51 54.25 11.94
N ILE D 286 48.69 53.64 12.08
CA ILE D 286 49.76 54.25 12.85
C ILE D 286 50.74 55.01 11.97
N ASP D 287 50.61 54.94 10.65
CA ASP D 287 51.38 55.77 9.74
C ASP D 287 50.63 55.85 8.43
N ARG D 288 50.89 56.92 7.67
CA ARG D 288 50.24 57.19 6.40
C ARG D 288 51.23 57.80 5.43
N SER D 289 51.03 57.52 4.15
CA SER D 289 51.71 58.23 3.08
C SER D 289 50.64 58.74 2.11
N GLY D 290 51.02 59.72 1.30
CA GLY D 290 50.02 60.26 0.40
C GLY D 290 50.59 61.10 -0.71
N LEU D 291 49.68 61.67 -1.48
CA LEU D 291 49.95 62.57 -2.59
C LEU D 291 48.94 63.69 -2.52
N PRO D 292 49.24 64.86 -3.08
CA PRO D 292 48.27 65.95 -3.08
C PRO D 292 47.02 65.64 -3.91
N LEU D 293 45.98 66.42 -3.65
CA LEU D 293 44.65 66.10 -4.17
C LEU D 293 44.55 66.35 -5.67
N HIS D 294 45.32 67.30 -6.20
CA HIS D 294 45.28 67.59 -7.62
C HIS D 294 46.13 66.64 -8.44
N PHE D 295 46.89 65.75 -7.80
CA PHE D 295 47.60 64.71 -8.53
C PHE D 295 46.64 63.76 -9.21
N PHE D 296 45.49 63.51 -8.60
CA PHE D 296 44.52 62.56 -9.10
C PHE D 296 43.47 63.20 -9.97
N ILE D 297 43.68 64.44 -10.38
CA ILE D 297 42.82 65.07 -11.36
C ILE D 297 43.64 65.17 -12.65
N ASN D 298 43.52 64.16 -13.49
CA ASN D 298 44.31 64.01 -14.69
C ASN D 298 43.43 63.35 -15.73
N PRO D 299 43.82 63.39 -17.02
CA PRO D 299 42.96 62.77 -18.05
C PRO D 299 42.75 61.27 -17.93
N ASN D 300 43.55 60.58 -17.12
CA ASN D 300 43.35 59.14 -16.93
C ASN D 300 42.19 58.86 -15.98
N MET D 301 42.09 59.62 -14.88
CA MET D 301 41.01 59.40 -13.92
C MET D 301 39.67 59.88 -14.45
N LEU D 302 39.67 60.86 -15.35
CA LEU D 302 38.46 61.45 -15.91
C LEU D 302 38.48 61.22 -17.41
N PRO D 303 38.04 60.03 -17.87
CA PRO D 303 38.13 59.72 -19.29
C PRO D 303 36.95 60.24 -20.10
N ASP D 304 35.89 60.72 -19.46
CA ASP D 304 34.71 61.22 -20.13
C ASP D 304 34.69 62.74 -20.23
N LEU D 305 35.84 63.39 -20.10
CA LEU D 305 35.99 64.83 -20.25
C LEU D 305 37.18 65.11 -21.14
N PRO D 306 37.19 66.25 -21.84
CA PRO D 306 38.33 66.56 -22.70
C PRO D 306 39.59 66.85 -21.92
N GLY D 307 40.71 66.78 -22.64
CA GLY D 307 42.04 66.93 -22.10
C GLY D 307 42.35 68.25 -21.42
N PRO D 308 42.22 69.38 -22.13
CA PRO D 308 42.51 70.67 -21.49
C PRO D 308 41.49 71.11 -20.47
N LEU D 309 40.35 70.45 -20.39
CA LEU D 309 39.33 70.84 -19.44
C LEU D 309 39.50 70.18 -18.09
N VAL D 310 40.16 69.02 -18.02
CA VAL D 310 40.51 68.47 -16.72
C VAL D 310 41.79 69.05 -16.17
N LYS D 311 42.50 69.84 -16.97
CA LYS D 311 43.62 70.63 -16.48
C LYS D 311 43.20 71.98 -15.95
N LYS D 312 41.99 72.43 -16.28
CA LYS D 312 41.45 73.61 -15.63
C LYS D 312 40.89 73.26 -14.26
N VAL D 313 40.32 72.07 -14.14
CA VAL D 313 39.82 71.60 -12.85
C VAL D 313 40.98 71.32 -11.92
N SER D 314 42.07 70.75 -12.45
CA SER D 314 43.22 70.43 -11.64
C SER D 314 43.96 71.68 -11.19
N LYS D 315 43.90 72.75 -11.98
CA LYS D 315 44.58 73.98 -11.60
C LYS D 315 43.74 74.81 -10.64
N THR D 316 42.42 74.74 -10.74
CA THR D 316 41.59 75.50 -9.82
C THR D 316 41.45 74.83 -8.45
N VAL D 317 41.84 73.57 -8.33
CA VAL D 317 41.89 72.91 -7.03
C VAL D 317 43.27 73.04 -6.40
N GLU D 318 44.33 73.05 -7.23
CA GLU D 318 45.67 73.32 -6.75
C GLU D 318 45.79 74.72 -6.17
N THR D 319 45.05 75.67 -6.73
CA THR D 319 45.04 77.02 -6.19
C THR D 319 44.27 77.11 -4.89
N ALA D 320 43.20 76.32 -4.76
CA ALA D 320 42.38 76.35 -3.55
C ALA D 320 43.09 75.69 -2.38
N VAL D 321 43.88 74.66 -2.64
CA VAL D 321 44.65 74.03 -1.58
C VAL D 321 45.79 74.94 -1.13
N LYS D 322 46.43 75.60 -2.08
CA LYS D 322 47.53 76.51 -1.76
C LYS D 322 47.03 77.75 -1.02
N ARG D 323 45.81 78.18 -1.29
CA ARG D 323 45.23 79.30 -0.57
C ARG D 323 44.90 78.92 0.86
N TYR D 324 44.64 77.64 1.11
CA TYR D 324 44.30 77.17 2.45
C TYR D 324 45.51 77.12 3.35
N TYR D 325 46.69 76.83 2.81
CA TYR D 325 47.92 76.86 3.60
C TYR D 325 48.37 78.27 3.89
N THR D 326 48.08 79.21 2.99
CA THR D 326 48.56 80.57 3.15
C THR D 326 47.78 81.31 4.23
N PHE D 327 46.49 81.04 4.33
CA PHE D 327 45.67 81.72 5.31
C PHE D 327 45.83 81.17 6.71
N ASN D 328 46.56 80.06 6.87
CA ASN D 328 46.82 79.44 8.16
C ASN D 328 48.31 79.46 8.48
N THR D 329 49.02 80.43 7.93
CA THR D 329 50.44 80.62 8.20
C THR D 329 50.62 81.88 9.01
N TYR D 330 51.28 81.75 10.17
CA TYR D 330 51.51 82.85 11.10
C TYR D 330 53.00 82.99 11.33
N PRO D 331 53.68 83.84 10.58
CA PRO D 331 55.10 84.11 10.88
C PRO D 331 55.23 84.97 12.13
N GLY D 332 56.30 84.73 12.86
CA GLY D 332 56.54 85.47 14.08
C GLY D 332 57.74 84.93 14.81
N CYS D 333 58.02 85.54 15.95
CA CYS D 333 59.12 85.10 16.80
C CYS D 333 58.70 83.84 17.54
N THR D 334 59.47 82.77 17.36
CA THR D 334 59.14 81.48 17.93
C THR D 334 60.01 81.09 19.10
N ASP D 335 61.03 81.88 19.43
CA ASP D 335 61.90 81.58 20.55
C ASP D 335 61.24 82.06 21.85
N LEU D 336 61.00 81.12 22.77
CA LEU D 336 60.25 81.45 23.98
C LEU D 336 61.05 82.28 24.97
N ASN D 337 62.37 82.32 24.83
CA ASN D 337 63.20 83.10 25.72
C ASN D 337 63.37 84.54 25.26
N SER D 338 63.04 84.86 24.02
CA SER D 338 63.11 86.22 23.54
C SER D 338 61.99 87.06 24.17
N PRO D 339 62.24 88.36 24.42
CA PRO D 339 61.19 89.17 25.06
C PRO D 339 60.00 89.43 24.16
N ASN D 340 60.20 89.50 22.85
CA ASN D 340 59.10 89.67 21.91
C ASN D 340 58.63 88.33 21.33
N PHE D 341 58.34 87.38 22.23
CA PHE D 341 57.89 86.05 21.81
C PHE D 341 56.47 86.10 21.29
N ASN D 342 56.27 85.58 20.07
CA ASN D 342 54.95 85.50 19.47
C ASN D 342 54.43 84.09 19.73
N PHE D 343 53.65 83.96 20.79
CA PHE D 343 52.71 82.86 20.88
C PHE D 343 51.66 83.07 19.80
N GLN D 344 51.03 81.97 19.39
CA GLN D 344 50.19 81.90 18.17
C GLN D 344 51.00 82.26 16.93
N ALA D 345 52.12 81.56 16.72
CA ALA D 345 52.92 81.71 15.52
C ALA D 345 53.45 80.35 15.10
N ASN D 346 53.37 80.06 13.80
CA ASN D 346 53.76 78.76 13.26
C ASN D 346 55.17 78.76 12.71
N THR D 347 55.52 79.77 11.93
CA THR D 347 56.74 79.78 11.15
C THR D 347 57.74 80.74 11.80
N ASP D 348 59.00 80.30 11.86
CA ASP D 348 60.06 81.13 12.42
C ASP D 348 60.32 82.31 11.50
N ASP D 349 60.11 83.52 12.01
CA ASP D 349 60.24 84.72 11.20
C ASP D 349 61.68 85.11 10.95
N GLY D 350 62.60 84.65 11.79
CA GLY D 350 63.99 85.07 11.68
C GLY D 350 64.27 86.44 12.22
N SER D 351 63.31 87.07 12.91
CA SER D 351 63.47 88.38 13.52
C SER D 351 63.10 88.22 14.97
N CYS D 352 64.06 87.80 15.78
CA CYS D 352 63.84 87.56 17.20
C CYS D 352 64.40 88.67 18.08
N GLU D 353 65.16 89.60 17.50
CA GLU D 353 65.71 90.73 18.24
C GLU D 353 65.36 92.00 17.48
N GLY D 354 64.43 92.78 18.03
CA GLY D 354 64.03 94.03 17.43
C GLY D 354 64.76 95.22 18.04
N LYS D 355 64.43 96.40 17.53
CA LYS D 355 65.08 97.63 17.96
C LYS D 355 64.17 98.58 18.71
N MET D 356 62.84 98.30 18.75
CA MET D 356 61.82 99.13 19.41
C MET D 356 61.85 100.57 18.86
N THR D 357 61.44 100.67 17.60
CA THR D 357 61.32 101.96 16.94
C THR D 357 59.86 102.36 16.93
N ASN D 358 59.53 103.47 17.57
CA ASN D 358 58.19 104.01 17.53
C ASN D 358 57.97 104.76 16.23
N PHE D 359 56.82 104.53 15.60
CA PHE D 359 56.52 105.09 14.30
C PHE D 359 55.33 106.03 14.37
N SER D 360 55.09 106.72 13.25
CA SER D 360 54.04 107.73 13.15
C SER D 360 52.93 107.21 12.25
N PHE D 361 51.71 107.19 12.77
CA PHE D 361 50.55 106.75 12.02
C PHE D 361 49.92 107.96 11.33
N GLY D 362 50.13 108.06 10.02
CA GLY D 362 49.68 109.20 9.27
C GLY D 362 48.26 109.15 8.76
N GLY D 363 47.48 108.15 9.14
CA GLY D 363 46.08 108.09 8.79
C GLY D 363 45.83 107.34 7.50
N VAL D 364 44.55 107.07 7.26
CA VAL D 364 44.10 106.32 6.10
C VAL D 364 43.06 107.15 5.35
N TYR D 365 42.97 106.91 4.04
CA TYR D 365 41.91 107.50 3.23
C TYR D 365 41.61 106.57 2.07
N GLN D 366 40.37 106.62 1.60
CA GLN D 366 39.88 105.69 0.59
C GLN D 366 39.12 106.46 -0.48
N GLU D 367 39.49 106.24 -1.73
CA GLU D 367 38.77 106.82 -2.85
C GLU D 367 37.65 105.89 -3.30
N CYS D 368 36.72 106.44 -4.07
CA CYS D 368 35.69 105.63 -4.70
C CYS D 368 35.43 106.15 -6.11
N THR D 369 35.01 105.24 -6.98
CA THR D 369 34.74 105.58 -8.38
C THR D 369 33.57 104.72 -8.85
N GLN D 370 32.42 105.36 -9.04
CA GLN D 370 31.22 104.66 -9.49
C GLN D 370 31.39 104.19 -10.92
N LEU D 371 31.08 102.92 -11.17
CA LEU D 371 31.21 102.34 -12.50
C LEU D 371 29.87 102.14 -13.19
N SER D 372 28.84 101.72 -12.44
CA SER D 372 27.52 101.52 -13.02
C SER D 372 26.49 101.62 -11.89
N GLY D 373 25.27 101.96 -12.28
CA GLY D 373 24.19 102.09 -11.31
C GLY D 373 24.05 103.48 -10.74
N ASN D 374 24.12 104.49 -11.60
CA ASN D 374 24.05 105.87 -11.16
C ASN D 374 22.63 106.25 -10.76
N ARG D 375 22.55 107.20 -9.84
CA ARG D 375 21.31 107.81 -9.32
C ARG D 375 20.37 106.80 -8.67
N ASP D 376 20.89 105.65 -8.25
CA ASP D 376 20.06 104.62 -7.61
C ASP D 376 20.57 104.24 -6.22
N VAL D 377 21.87 104.02 -6.07
CA VAL D 377 22.44 103.56 -4.82
C VAL D 377 23.30 104.63 -4.16
N LEU D 378 24.07 105.37 -4.96
CA LEU D 378 25.15 106.26 -4.52
C LEU D 378 26.16 105.49 -3.67
N LEU D 379 26.82 104.54 -4.34
CA LEU D 379 27.85 103.73 -3.70
C LEU D 379 29.04 104.55 -3.25
N CYS D 380 29.34 105.64 -3.93
CA CYS D 380 30.52 106.45 -3.67
C CYS D 380 30.27 107.48 -2.56
N GLN D 381 29.33 107.22 -1.66
CA GLN D 381 29.05 108.08 -0.52
C GLN D 381 29.26 107.37 0.80
N LYS D 382 28.77 106.15 0.95
CA LYS D 382 29.02 105.35 2.13
C LYS D 382 30.23 104.45 1.99
N LEU D 383 31.09 104.72 1.00
CA LEU D 383 32.29 103.93 0.76
C LEU D 383 33.50 104.86 0.60
N GLU D 384 33.38 106.08 1.07
CA GLU D 384 34.39 107.11 0.87
C GLU D 384 34.86 107.61 2.23
N GLN D 385 36.18 107.72 2.40
CA GLN D 385 36.75 108.18 3.67
C GLN D 385 37.90 109.13 3.39
N LYS D 386 37.92 110.25 4.10
CA LYS D 386 38.98 111.24 3.98
C LYS D 386 39.89 111.19 5.19
N ASN D 387 41.11 111.65 5.00
CA ASN D 387 42.11 111.67 6.06
C ASN D 387 41.77 112.75 7.08
N PRO D 388 41.65 112.43 8.37
CA PRO D 388 41.36 113.47 9.36
C PRO D 388 42.47 114.48 9.57
N LEU D 389 43.71 114.15 9.18
CA LEU D 389 44.82 115.07 9.37
C LEU D 389 44.85 116.17 8.32
N THR D 390 44.28 115.92 7.14
CA THR D 390 44.24 116.92 6.08
C THR D 390 42.83 117.31 5.66
N GLY D 391 41.82 116.49 5.95
CA GLY D 391 40.49 116.72 5.40
C GLY D 391 40.43 116.52 3.90
N ASP D 392 41.30 115.68 3.35
CA ASP D 392 41.49 115.59 1.92
C ASP D 392 41.97 114.18 1.60
N PHE D 393 42.03 113.87 0.31
CA PHE D 393 42.57 112.59 -0.15
C PHE D 393 44.07 112.70 -0.39
N SER D 394 44.78 113.05 0.68
CA SER D 394 46.22 113.23 0.63
C SER D 394 46.78 113.05 2.03
N CYS D 395 48.06 112.74 2.09
CA CYS D 395 48.79 112.67 3.33
C CYS D 395 49.25 114.07 3.73
N PRO D 396 49.61 114.28 5.01
CA PRO D 396 50.18 115.58 5.40
C PRO D 396 51.57 115.86 4.84
N SER D 397 52.15 116.98 5.25
CA SER D 397 53.41 117.45 4.67
C SER D 397 54.57 116.52 5.00
N GLY D 398 54.56 115.94 6.19
CA GLY D 398 55.62 115.02 6.55
C GLY D 398 55.38 113.57 6.16
N TYR D 399 54.39 113.29 5.34
CA TYR D 399 53.99 111.93 5.05
C TYR D 399 53.93 111.70 3.54
N SER D 400 53.62 110.46 3.17
CA SER D 400 53.56 110.01 1.77
C SER D 400 52.56 108.87 1.65
N PRO D 401 51.80 108.79 0.56
CA PRO D 401 50.78 107.75 0.45
C PRO D 401 51.33 106.41 -0.03
N VAL D 402 50.78 105.33 0.53
CA VAL D 402 51.08 103.97 0.12
C VAL D 402 49.78 103.28 -0.24
N HIS D 403 49.72 102.72 -1.44
CA HIS D 403 48.51 102.10 -1.96
C HIS D 403 48.38 100.68 -1.41
N LEU D 404 47.31 100.41 -0.66
CA LEU D 404 47.10 99.08 -0.12
C LEU D 404 46.49 98.14 -1.14
N LEU D 405 45.27 98.43 -1.57
CA LEU D 405 44.51 97.45 -2.33
C LEU D 405 43.39 98.16 -3.09
N SER D 406 43.10 97.65 -4.28
CA SER D 406 42.11 98.24 -5.17
C SER D 406 41.24 97.12 -5.72
N GLN D 407 39.96 97.11 -5.36
CA GLN D 407 39.04 96.08 -5.81
C GLN D 407 37.70 96.72 -6.16
N ILE D 408 36.77 95.87 -6.59
CA ILE D 408 35.44 96.28 -7.04
C ILE D 408 34.42 95.86 -6.00
N HIS D 409 33.59 96.79 -5.57
CA HIS D 409 32.50 96.49 -4.66
C HIS D 409 31.19 96.41 -5.45
N GLU D 410 30.29 95.54 -4.99
CA GLU D 410 29.00 95.35 -5.66
C GLU D 410 27.89 95.41 -4.63
N GLU D 411 26.84 96.16 -4.95
CA GLU D 411 25.59 96.11 -4.21
C GLU D 411 24.43 95.99 -5.18
N GLY D 412 23.27 95.66 -4.63
CA GLY D 412 22.07 95.45 -5.42
C GLY D 412 20.99 96.47 -5.10
N TYR D 413 20.28 96.89 -6.15
CA TYR D 413 19.13 97.78 -6.00
C TYR D 413 17.95 97.19 -6.74
N ASN D 414 16.79 97.81 -6.54
CA ASN D 414 15.53 97.13 -6.78
C ASN D 414 14.51 98.10 -7.37
N HIS D 415 13.92 97.72 -8.50
CA HIS D 415 12.77 98.41 -9.05
C HIS D 415 11.52 97.56 -8.86
N LEU D 416 10.37 98.21 -8.83
CA LEU D 416 9.10 97.51 -8.69
C LEU D 416 8.05 98.26 -9.51
N GLU D 417 7.56 97.62 -10.57
CA GLU D 417 6.62 98.23 -11.48
C GLU D 417 5.35 97.39 -11.53
N CYS D 418 4.20 98.05 -11.53
CA CYS D 418 2.91 97.38 -11.53
C CYS D 418 1.96 98.15 -12.44
N HIS D 419 1.22 97.42 -13.27
CA HIS D 419 0.10 98.02 -13.97
C HIS D 419 -1.03 97.02 -14.08
N ARG D 420 -2.25 97.54 -14.14
CA ARG D 420 -3.47 96.76 -14.08
C ARG D 420 -4.30 97.03 -15.32
N LYS D 421 -4.92 95.98 -15.86
CA LYS D 421 -5.69 96.07 -17.10
C LYS D 421 -6.93 95.20 -16.99
N CYS D 422 -8.07 95.74 -17.40
CA CYS D 422 -9.33 95.03 -17.36
C CYS D 422 -9.89 94.87 -18.77
N THR D 423 -10.50 93.72 -19.04
CA THR D 423 -10.97 93.37 -20.38
C THR D 423 -12.41 92.88 -20.31
N LEU D 424 -13.31 93.61 -20.98
CA LEU D 424 -14.75 93.33 -21.04
C LEU D 424 -15.41 93.37 -19.66
N LYS D 425 -14.87 94.20 -18.77
CA LYS D 425 -15.33 94.51 -17.40
C LYS D 425 -15.25 93.32 -16.44
N VAL D 426 -14.82 92.15 -16.89
CA VAL D 426 -14.53 90.99 -16.06
C VAL D 426 -13.02 90.85 -16.30
N PHE D 427 -12.38 89.83 -15.72
CA PHE D 427 -11.04 89.35 -16.12
C PHE D 427 -9.98 90.43 -15.91
N CYS D 428 -9.82 90.85 -14.67
CA CYS D 428 -8.83 91.88 -14.35
C CYS D 428 -7.45 91.26 -14.28
N LYS D 429 -6.51 91.86 -15.02
CA LYS D 429 -5.14 91.38 -15.07
C LYS D 429 -4.22 92.37 -14.38
N THR D 430 -3.37 91.87 -13.49
CA THR D 430 -2.41 92.68 -12.76
C THR D 430 -1.07 91.97 -12.81
N VAL D 431 -0.06 92.64 -13.36
CA VAL D 431 1.29 92.11 -13.41
C VAL D 431 2.19 92.99 -12.55
N CYS D 432 3.05 92.36 -11.75
CA CYS D 432 3.90 93.04 -10.79
C CYS D 432 5.33 92.57 -11.03
N GLU D 433 6.13 93.41 -11.68
CA GLU D 433 7.49 93.06 -12.05
C GLU D 433 8.48 93.70 -11.09
N ASP D 434 9.49 92.93 -10.68
CA ASP D 434 10.47 93.36 -9.68
C ASP D 434 11.87 93.00 -10.16
N VAL D 435 12.60 94.00 -10.64
CA VAL D 435 13.91 93.79 -11.25
C VAL D 435 14.99 94.08 -10.23
N PHE D 436 15.95 93.17 -10.09
CA PHE D 436 17.10 93.32 -9.19
C PHE D 436 18.35 93.48 -10.05
N GLN D 437 19.01 94.62 -9.94
CA GLN D 437 20.23 94.89 -10.69
C GLN D 437 21.40 95.07 -9.74
N VAL D 438 22.60 95.01 -10.30
CA VAL D 438 23.85 95.07 -9.53
C VAL D 438 24.57 96.36 -9.87
N ALA D 439 24.87 97.15 -8.84
CA ALA D 439 25.62 98.39 -8.99
C ALA D 439 27.05 98.17 -8.52
N LYS D 440 28.01 98.59 -9.34
CA LYS D 440 29.42 98.36 -9.07
C LYS D 440 30.15 99.66 -8.75
N ALA D 441 31.28 99.53 -8.06
CA ALA D 441 32.10 100.67 -7.70
C ALA D 441 33.52 100.21 -7.45
N GLU D 442 34.48 100.98 -7.94
CA GLU D 442 35.89 100.77 -7.68
C GLU D 442 36.30 101.57 -6.46
N PHE D 443 37.07 100.96 -5.57
CA PHE D 443 37.66 101.69 -4.46
C PHE D 443 39.16 101.48 -4.44
N ARG D 444 39.87 102.50 -3.97
CA ARG D 444 41.32 102.46 -3.82
C ARG D 444 41.66 102.98 -2.44
N ALA D 445 42.18 102.11 -1.59
CA ALA D 445 42.52 102.46 -0.22
C ALA D 445 44.00 102.79 -0.13
N PHE D 446 44.32 103.93 0.43
CA PHE D 446 45.69 104.38 0.60
C PHE D 446 46.04 104.47 2.08
N TRP D 447 47.30 104.76 2.34
CA TRP D 447 47.81 104.74 3.70
C TRP D 447 49.08 105.59 3.76
N CYS D 448 49.21 106.36 4.84
CA CYS D 448 50.28 107.34 4.96
C CYS D 448 51.45 106.80 5.77
N VAL D 449 52.66 107.19 5.39
CA VAL D 449 53.89 106.72 6.01
C VAL D 449 54.80 107.91 6.29
N ALA D 450 55.45 107.91 7.45
CA ALA D 450 56.41 108.96 7.78
C ALA D 450 57.65 108.83 6.90
N SER D 451 57.75 109.68 5.89
CA SER D 451 58.86 109.64 4.95
C SER D 451 59.73 110.89 4.99
N SER D 452 59.42 111.86 5.85
CA SER D 452 60.21 113.08 5.96
C SER D 452 61.09 113.11 7.20
N GLN D 453 60.88 112.17 8.13
CA GLN D 453 61.73 111.82 9.28
C GLN D 453 61.67 112.88 10.38
N VAL D 454 61.06 114.03 10.11
CA VAL D 454 60.92 115.06 11.14
C VAL D 454 59.44 115.41 11.30
N PRO D 455 58.70 114.69 12.15
CA PRO D 455 57.39 115.20 12.56
C PRO D 455 57.48 115.96 13.87
N GLU D 456 56.52 116.86 14.12
CA GLU D 456 56.39 117.43 15.45
C GLU D 456 55.67 116.46 16.38
N ASN D 457 54.44 116.12 16.05
CA ASN D 457 53.69 115.05 16.71
C ASN D 457 53.21 114.09 15.64
N SER D 458 53.10 112.81 16.02
CA SER D 458 52.82 111.76 15.04
C SER D 458 51.40 111.85 14.52
N GLY D 459 50.42 111.82 15.41
CA GLY D 459 49.05 111.88 15.01
C GLY D 459 48.33 110.56 15.07
N LEU D 460 47.10 110.60 15.57
CA LEU D 460 46.12 109.52 15.49
C LEU D 460 46.62 108.26 16.21
N LEU D 461 46.77 108.39 17.53
CA LEU D 461 47.46 107.37 18.32
C LEU D 461 46.50 106.22 18.66
N PHE D 462 46.30 105.34 17.68
CA PHE D 462 45.76 103.99 17.84
C PHE D 462 45.94 103.27 16.52
N GLY D 463 45.99 101.94 16.59
CA GLY D 463 46.17 101.15 15.38
C GLY D 463 45.39 99.86 15.36
N GLY D 464 44.33 99.76 16.15
CA GLY D 464 43.54 98.55 16.25
C GLY D 464 42.28 98.62 15.40
N LEU D 465 41.84 97.45 14.93
CA LEU D 465 40.85 97.35 13.88
C LEU D 465 39.72 96.44 14.35
N PHE D 466 38.58 96.57 13.68
CA PHE D 466 37.52 95.58 13.79
C PHE D 466 36.71 95.59 12.50
N SER D 467 36.25 94.42 12.09
CA SER D 467 35.52 94.25 10.87
C SER D 467 34.03 94.10 11.16
N SER D 468 33.25 93.75 10.13
CA SER D 468 31.88 93.31 10.32
C SER D 468 31.81 91.88 10.82
N LYS D 469 32.93 91.16 10.83
CA LYS D 469 32.99 89.80 11.34
C LYS D 469 34.12 89.61 12.35
N SER D 470 34.81 90.68 12.73
CA SER D 470 35.91 90.63 13.67
C SER D 470 35.57 91.47 14.89
N ILE D 471 36.51 91.51 15.82
CA ILE D 471 36.33 92.15 17.13
C ILE D 471 37.59 92.93 17.46
N ASN D 472 37.42 94.17 17.87
CA ASN D 472 38.53 94.96 18.41
C ASN D 472 38.95 94.37 19.74
N PRO D 473 40.19 93.91 19.90
CA PRO D 473 40.59 93.30 21.18
C PRO D 473 40.76 94.31 22.29
N MET D 474 40.90 95.59 21.98
CA MET D 474 40.99 96.61 23.02
C MET D 474 39.63 97.01 23.59
N THR D 475 38.54 96.51 22.99
CA THR D 475 37.21 96.67 23.57
C THR D 475 36.50 95.33 23.79
N ASN D 476 37.00 94.24 23.19
CA ASN D 476 36.33 92.93 23.12
C ASN D 476 34.91 93.05 22.56
N ALA D 477 34.75 93.96 21.60
CA ALA D 477 33.48 94.21 20.95
C ALA D 477 33.74 94.90 19.62
N GLN D 478 32.66 95.18 18.90
CA GLN D 478 32.72 95.93 17.65
C GLN D 478 32.49 97.42 17.91
N SER D 479 33.34 97.99 18.75
CA SER D 479 33.19 99.37 19.16
C SER D 479 34.55 99.99 19.35
N CYS D 480 34.56 101.31 19.45
CA CYS D 480 35.76 102.09 19.69
C CYS D 480 36.01 102.19 21.18
N PRO D 481 37.26 102.45 21.60
CA PRO D 481 37.51 102.73 23.02
C PRO D 481 37.06 104.14 23.41
N ALA D 482 37.35 104.53 24.64
CA ALA D 482 36.84 105.79 25.20
C ALA D 482 37.50 106.98 24.51
N GLY D 483 36.72 107.66 23.66
CA GLY D 483 37.18 108.86 22.99
C GLY D 483 37.85 108.61 21.67
N TYR D 484 37.29 107.70 20.87
CA TYR D 484 37.88 107.26 19.61
C TYR D 484 36.83 107.27 18.52
N PHE D 485 37.21 107.72 17.33
CA PHE D 485 36.27 107.72 16.22
C PHE D 485 36.78 106.83 15.09
N PRO D 486 35.90 106.04 14.46
CA PRO D 486 36.38 105.06 13.48
C PRO D 486 36.55 105.68 12.10
N LEU D 487 37.46 105.10 11.33
CA LEU D 487 37.68 105.50 9.95
C LEU D 487 37.35 104.32 9.06
N ARG D 488 36.44 104.51 8.13
CA ARG D 488 35.99 103.40 7.28
C ARG D 488 37.05 103.05 6.25
N LEU D 489 37.15 101.76 5.96
CA LEU D 489 38.13 101.24 5.03
C LEU D 489 37.39 100.15 4.24
N PHE D 490 38.15 99.24 3.60
CA PHE D 490 37.88 98.62 2.31
C PHE D 490 36.40 98.35 2.00
N GLU D 491 35.78 97.51 2.79
CA GLU D 491 34.35 97.36 2.79
C GLU D 491 33.76 97.41 4.18
N ASN D 492 34.46 96.86 5.17
CA ASN D 492 33.92 96.76 6.51
C ASN D 492 34.89 97.15 7.61
N LEU D 493 36.15 97.45 7.30
CA LEU D 493 37.09 97.82 8.34
C LEU D 493 36.77 99.20 8.90
N LYS D 494 36.85 99.31 10.21
CA LYS D 494 36.70 100.57 10.91
C LYS D 494 37.89 100.70 11.84
N VAL D 495 38.82 101.58 11.50
CA VAL D 495 40.06 101.77 12.24
C VAL D 495 39.84 102.86 13.30
N CYS D 496 39.99 102.49 14.56
CA CYS D 496 39.74 103.42 15.65
C CYS D 496 40.90 104.38 15.80
N VAL D 497 40.59 105.66 16.00
CA VAL D 497 41.56 106.75 15.83
C VAL D 497 41.23 107.87 16.81
N SER D 498 42.23 108.32 17.56
CA SER D 498 42.12 109.53 18.38
C SER D 498 43.43 110.28 18.36
N GLN D 499 43.35 111.61 18.33
CA GLN D 499 44.52 112.48 18.33
C GLN D 499 44.49 113.43 19.53
N ASP D 500 44.05 112.91 20.68
CA ASP D 500 43.87 113.74 21.87
C ASP D 500 45.11 113.84 22.75
N TYR D 501 45.96 112.80 22.74
CA TYR D 501 47.26 112.71 23.41
C TYR D 501 47.18 112.67 24.93
N GLU D 502 46.00 112.83 25.51
CA GLU D 502 45.80 112.72 26.95
C GLU D 502 44.81 111.63 27.32
N LEU D 503 43.61 111.67 26.73
CA LEU D 503 42.65 110.59 26.95
C LEU D 503 42.83 109.45 25.96
N GLY D 504 43.69 109.62 24.97
CA GLY D 504 43.95 108.58 23.99
C GLY D 504 45.16 107.73 24.33
N SER D 505 46.03 108.25 25.21
CA SER D 505 47.26 107.55 25.55
C SER D 505 47.03 106.38 26.51
N ARG D 506 45.84 106.23 27.07
CA ARG D 506 45.55 105.04 27.86
C ARG D 506 45.43 103.81 26.98
N PHE D 507 44.85 103.96 25.79
CA PHE D 507 44.58 102.86 24.91
C PHE D 507 45.46 102.83 23.67
N ALA D 508 46.37 103.78 23.52
CA ALA D 508 47.21 103.85 22.34
C ALA D 508 48.21 102.72 22.31
N VAL D 509 48.23 101.98 21.21
CA VAL D 509 49.14 100.85 21.03
C VAL D 509 50.26 101.26 20.08
N PRO D 510 51.45 100.67 20.17
CA PRO D 510 52.48 100.93 19.17
C PRO D 510 52.08 100.31 17.84
N PHE D 511 52.00 101.15 16.81
CA PHE D 511 51.54 100.71 15.50
C PHE D 511 52.73 100.42 14.60
N GLY D 512 52.59 99.42 13.73
CA GLY D 512 53.70 98.98 12.93
C GLY D 512 53.53 99.15 11.43
N GLY D 513 52.32 99.05 10.92
CA GLY D 513 52.07 99.24 9.50
C GLY D 513 51.13 98.21 8.93
N PHE D 514 50.58 98.52 7.76
CA PHE D 514 49.73 97.62 7.00
C PHE D 514 50.52 96.99 5.87
N PHE D 515 50.13 95.78 5.48
CA PHE D 515 50.60 95.19 4.24
C PHE D 515 49.57 94.17 3.78
N SER D 516 49.61 93.84 2.49
CA SER D 516 48.64 92.94 1.91
C SER D 516 49.39 91.95 1.02
N CYS D 517 48.64 91.20 0.23
CA CYS D 517 49.24 90.18 -0.63
C CYS D 517 49.94 90.79 -1.84
N THR D 518 49.74 92.07 -2.11
CA THR D 518 50.33 92.73 -3.27
C THR D 518 51.34 93.80 -2.93
N VAL D 519 51.22 94.43 -1.76
CA VAL D 519 52.08 95.55 -1.39
C VAL D 519 52.73 95.23 -0.05
N GLY D 520 53.90 95.83 0.19
CA GLY D 520 54.58 95.69 1.46
C GLY D 520 54.67 97.00 2.20
N ASN D 521 54.86 96.94 3.52
CA ASN D 521 55.03 98.22 4.19
C ASN D 521 56.46 98.72 4.04
N PRO D 522 56.64 100.02 3.90
CA PRO D 522 58.00 100.56 3.73
C PRO D 522 58.69 100.87 5.05
N LEU D 523 58.20 100.30 6.16
CA LEU D 523 58.76 100.58 7.48
C LEU D 523 59.76 99.53 7.91
N VAL D 524 60.33 98.79 6.96
CA VAL D 524 61.31 97.77 7.25
C VAL D 524 62.66 98.06 6.61
N ASP D 525 62.68 98.63 5.40
CA ASP D 525 63.93 98.81 4.67
C ASP D 525 64.75 100.01 5.15
N PRO D 526 64.15 101.20 5.41
CA PRO D 526 65.07 102.15 6.05
C PRO D 526 65.14 101.96 7.56
N PRO D 535 60.71 96.53 -4.57
CA PRO D 535 59.91 97.33 -3.63
C PRO D 535 60.12 96.92 -2.18
N SER D 536 59.05 96.88 -1.40
CA SER D 536 59.13 96.61 0.03
C SER D 536 59.20 95.10 0.27
N LEU D 537 59.05 94.70 1.53
CA LEU D 537 59.32 93.33 1.94
C LEU D 537 58.09 92.59 2.44
N LYS D 538 57.00 93.30 2.80
CA LYS D 538 55.77 92.79 3.44
C LYS D 538 56.03 91.82 4.59
N LYS D 539 57.11 92.02 5.32
CA LYS D 539 57.40 91.17 6.45
C LYS D 539 56.75 91.69 7.73
N CYS D 540 57.34 92.75 8.31
CA CYS D 540 57.07 93.29 9.63
C CYS D 540 58.05 94.45 9.80
N PRO D 541 57.89 95.35 10.76
CA PRO D 541 59.01 96.25 11.06
C PRO D 541 60.14 95.56 11.81
N GLY D 542 59.83 94.65 12.72
CA GLY D 542 60.85 94.04 13.55
C GLY D 542 60.61 94.34 15.01
N GLY D 543 60.31 93.30 15.78
CA GLY D 543 59.82 93.45 17.13
C GLY D 543 58.31 93.46 17.23
N PHE D 544 57.63 93.88 16.18
CA PHE D 544 56.18 93.86 16.13
C PHE D 544 55.68 92.46 15.77
N SER D 545 54.37 92.29 15.72
CA SER D 545 53.76 91.00 15.43
C SER D 545 52.68 91.19 14.39
N GLN D 546 52.70 90.34 13.37
CA GLN D 546 51.66 90.38 12.34
C GLN D 546 50.34 89.91 12.92
N HIS D 547 49.27 90.59 12.54
CA HIS D 547 47.95 90.15 12.88
C HIS D 547 47.06 90.42 11.69
N PRO D 548 46.18 89.50 11.34
CA PRO D 548 45.37 89.67 10.13
C PRO D 548 44.16 90.54 10.36
N ALA D 549 43.92 91.42 9.40
CA ALA D 549 42.64 92.10 9.24
C ALA D 549 41.76 91.21 8.37
N LEU D 550 40.68 91.75 7.80
CA LEU D 550 39.78 90.94 7.00
C LEU D 550 40.42 90.49 5.68
N ILE D 551 39.69 89.66 4.96
CA ILE D 551 40.10 89.15 3.65
C ILE D 551 39.23 89.82 2.60
N SER D 552 39.87 90.52 1.67
CA SER D 552 39.17 91.23 0.60
C SER D 552 39.24 90.38 -0.67
N ASP D 553 38.34 89.39 -0.73
CA ASP D 553 38.10 88.55 -1.90
C ASP D 553 39.36 87.78 -2.32
N GLY D 554 39.92 87.03 -1.39
CA GLY D 554 41.06 86.18 -1.66
C GLY D 554 42.41 86.77 -1.25
N CYS D 555 42.47 88.07 -0.99
CA CYS D 555 43.70 88.72 -0.55
C CYS D 555 43.58 89.07 0.93
N GLN D 556 44.67 88.90 1.65
CA GLN D 556 44.70 89.06 3.10
C GLN D 556 45.44 90.34 3.45
N VAL D 557 44.81 91.18 4.26
CA VAL D 557 45.41 92.41 4.75
C VAL D 557 45.85 92.20 6.18
N SER D 558 47.08 92.54 6.50
CA SER D 558 47.64 92.31 7.82
C SER D 558 48.22 93.59 8.39
N TYR D 559 48.25 93.67 9.72
CA TYR D 559 48.75 94.86 10.40
C TYR D 559 49.63 94.45 11.57
N CYS D 560 50.60 95.30 11.90
CA CYS D 560 51.62 95.01 12.89
C CYS D 560 51.41 95.84 14.15
N VAL D 561 51.72 95.23 15.30
CA VAL D 561 51.45 95.85 16.60
C VAL D 561 52.36 95.15 17.61
N LYS D 562 52.64 95.83 18.73
CA LYS D 562 53.53 95.31 19.76
C LYS D 562 52.91 95.49 21.14
N SER D 563 51.68 95.00 21.33
CA SER D 563 51.10 95.10 22.66
C SER D 563 51.59 93.97 23.56
N GLY D 564 51.35 92.74 23.14
CA GLY D 564 51.35 91.59 24.02
C GLY D 564 49.95 91.14 24.37
N LEU D 565 48.98 92.04 24.30
CA LEU D 565 47.58 91.66 24.44
C LEU D 565 47.07 90.96 23.19
N PHE D 566 47.55 91.39 22.03
CA PHE D 566 47.16 90.76 20.78
C PHE D 566 47.77 89.37 20.63
N THR D 567 48.92 89.13 21.27
CA THR D 567 49.68 87.91 21.05
C THR D 567 49.09 86.71 21.79
N GLY D 568 49.01 86.80 23.11
CA GLY D 568 48.69 85.66 23.94
C GLY D 568 47.22 85.27 23.87
N GLY D 569 46.88 84.25 24.67
CA GLY D 569 45.55 83.70 24.70
C GLY D 569 45.59 82.19 24.60
N SER D 570 44.80 81.62 23.70
CA SER D 570 44.90 80.22 23.34
C SER D 570 45.28 80.11 21.87
N LEU D 571 45.65 78.92 21.46
CA LEU D 571 45.97 78.68 20.07
C LEU D 571 44.69 78.66 19.25
N PRO D 572 44.61 79.43 18.16
CA PRO D 572 43.38 79.49 17.37
C PRO D 572 43.20 78.23 16.57
N PRO D 573 41.97 77.90 16.16
CA PRO D 573 41.78 76.81 15.22
C PRO D 573 42.13 77.25 13.80
N ALA D 574 42.08 76.30 12.88
CA ALA D 574 42.36 76.62 11.49
C ALA D 574 41.21 77.38 10.87
N ARG D 575 41.53 78.31 10.00
CA ARG D 575 40.53 78.92 9.13
C ARG D 575 40.16 77.95 8.03
N LEU D 576 38.91 77.51 8.04
CA LEU D 576 38.50 76.54 7.06
C LEU D 576 37.94 77.24 5.83
N PRO D 577 38.00 76.62 4.65
CA PRO D 577 37.37 77.20 3.46
C PRO D 577 35.85 77.18 3.59
N PRO D 578 35.11 77.88 2.71
CA PRO D 578 35.44 78.81 1.63
C PRO D 578 35.81 80.18 2.16
N PHE D 579 36.72 80.84 1.46
CA PHE D 579 37.18 82.15 1.86
C PHE D 579 36.57 83.26 1.02
N THR D 580 35.85 82.89 -0.04
CA THR D 580 35.09 83.84 -0.82
C THR D 580 33.61 83.49 -0.70
N ARG D 581 32.78 84.34 -1.28
CA ARG D 581 31.35 84.13 -1.35
C ARG D 581 30.93 84.10 -2.81
N PRO D 582 29.83 83.42 -3.15
CA PRO D 582 29.35 83.45 -4.53
C PRO D 582 28.83 84.83 -4.88
N PRO D 583 29.06 85.28 -6.11
CA PRO D 583 28.79 86.68 -6.45
C PRO D 583 27.31 86.95 -6.65
N LEU D 584 27.00 88.23 -6.76
CA LEU D 584 25.63 88.68 -6.98
C LEU D 584 25.27 88.59 -8.46
N MET D 585 24.01 88.29 -8.71
CA MET D 585 23.49 88.12 -10.06
C MET D 585 22.28 89.02 -10.23
N SER D 586 22.09 89.53 -11.45
CA SER D 586 20.92 90.33 -11.73
C SER D 586 19.71 89.46 -12.04
N GLN D 587 18.57 89.82 -11.46
CA GLN D 587 17.41 88.95 -11.34
C GLN D 587 16.17 89.69 -11.85
N ALA D 588 15.06 88.97 -11.91
CA ALA D 588 13.77 89.52 -12.29
C ALA D 588 12.69 88.58 -11.78
N ALA D 589 11.60 89.16 -11.27
CA ALA D 589 10.51 88.36 -10.71
C ALA D 589 9.18 89.01 -11.06
N THR D 590 8.29 88.24 -11.67
CA THR D 590 6.99 88.74 -12.09
C THR D 590 5.88 87.96 -11.38
N ASN D 591 4.71 88.60 -11.31
CA ASN D 591 3.52 88.03 -10.65
C ASN D 591 2.30 88.50 -11.45
N THR D 592 1.76 87.64 -12.29
CA THR D 592 0.54 87.95 -13.02
C THR D 592 -0.65 87.32 -12.31
N VAL D 593 -1.67 88.12 -12.04
CA VAL D 593 -2.88 87.67 -11.37
C VAL D 593 -4.06 87.95 -12.29
N ILE D 594 -4.89 86.94 -12.52
CA ILE D 594 -6.14 87.08 -13.27
C ILE D 594 -7.29 86.92 -12.30
N VAL D 595 -8.20 87.89 -12.27
CA VAL D 595 -9.33 87.88 -11.36
C VAL D 595 -10.59 87.94 -12.19
N THR D 596 -11.41 86.90 -12.14
CA THR D 596 -12.71 86.94 -12.79
C THR D 596 -13.69 87.55 -11.80
N ASN D 597 -14.31 88.66 -12.19
CA ASN D 597 -15.21 89.40 -11.33
C ASN D 597 -16.65 88.90 -11.43
N SER D 598 -16.86 87.72 -12.00
CA SER D 598 -18.23 87.29 -12.29
C SER D 598 -18.30 85.78 -12.41
N GLU D 599 -19.47 85.24 -12.08
CA GLU D 599 -19.86 83.93 -12.54
C GLU D 599 -20.40 84.07 -13.96
N ASN D 600 -20.84 82.94 -14.54
CA ASN D 600 -21.22 82.83 -15.95
C ASN D 600 -20.10 83.33 -16.86
N ALA D 601 -18.88 82.91 -16.54
CA ALA D 601 -17.70 83.32 -17.28
C ALA D 601 -16.68 82.19 -17.14
N ARG D 602 -16.56 81.39 -18.19
CA ARG D 602 -15.62 80.28 -18.19
C ARG D 602 -14.29 80.70 -18.79
N SER D 603 -13.27 79.90 -18.55
CA SER D 603 -11.93 80.22 -19.01
C SER D 603 -11.15 78.93 -19.20
N TRP D 604 -10.40 78.85 -20.30
CA TRP D 604 -9.53 77.72 -20.57
C TRP D 604 -8.11 78.23 -20.71
N ILE D 605 -7.17 77.52 -20.12
CA ILE D 605 -5.78 77.95 -20.08
C ILE D 605 -4.89 76.80 -20.52
N LYS D 606 -3.98 77.07 -21.45
CA LYS D 606 -2.95 76.13 -21.85
C LYS D 606 -1.61 76.72 -21.41
N ASP D 607 -0.99 76.09 -20.40
CA ASP D 607 0.11 76.72 -19.68
C ASP D 607 1.39 76.78 -20.50
N SER D 608 1.64 75.76 -21.33
CA SER D 608 2.82 75.73 -22.18
C SER D 608 2.51 74.83 -23.37
N GLN D 609 3.52 74.63 -24.21
CA GLN D 609 3.33 73.80 -25.40
C GLN D 609 3.22 72.32 -25.08
N THR D 610 3.71 71.89 -23.92
CA THR D 610 3.59 70.51 -23.52
C THR D 610 2.36 70.23 -22.69
N HIS D 611 1.77 71.26 -22.07
CA HIS D 611 0.55 71.08 -21.31
C HIS D 611 -0.64 70.84 -22.25
N GLN D 612 -1.73 70.37 -21.67
CA GLN D 612 -3.00 70.30 -22.35
C GLN D 612 -3.88 71.45 -21.90
N TRP D 613 -4.98 71.68 -22.63
CA TRP D 613 -5.93 72.71 -22.25
C TRP D 613 -6.57 72.36 -20.92
N ARG D 614 -6.69 73.36 -20.07
CA ARG D 614 -7.07 73.19 -18.68
C ARG D 614 -8.19 74.18 -18.37
N LEU D 615 -9.17 73.74 -17.61
CA LEU D 615 -10.25 74.63 -17.23
C LEU D 615 -9.75 75.61 -16.18
N GLY D 616 -9.99 76.89 -16.42
CA GLY D 616 -9.42 77.92 -15.57
C GLY D 616 -10.19 78.13 -14.29
N GLU D 617 -9.52 78.80 -13.35
CA GLU D 617 -9.99 79.14 -12.02
C GLU D 617 -10.18 80.63 -11.91
N PRO D 618 -10.95 81.12 -10.91
CA PRO D 618 -11.14 82.57 -10.80
C PRO D 618 -9.91 83.37 -10.43
N ILE D 619 -8.98 82.82 -9.65
CA ILE D 619 -7.71 83.46 -9.33
C ILE D 619 -6.59 82.53 -9.79
N GLU D 620 -5.66 83.05 -10.59
CA GLU D 620 -4.66 82.21 -11.22
C GLU D 620 -3.28 82.28 -10.56
N LEU D 621 -2.65 83.46 -10.53
CA LEU D 621 -1.36 83.73 -9.89
C LEU D 621 -0.24 82.85 -10.49
N ARG D 622 0.14 83.20 -11.71
CA ARG D 622 1.38 82.70 -12.29
C ARG D 622 2.58 83.41 -11.67
N ARG D 623 3.71 82.72 -11.58
CA ARG D 623 4.96 83.28 -11.07
C ARG D 623 6.13 82.89 -11.94
N ALA D 624 7.14 83.75 -11.98
CA ALA D 624 8.34 83.49 -12.75
C ALA D 624 9.53 84.19 -12.10
N MET D 625 10.68 83.52 -12.10
CA MET D 625 11.92 84.10 -11.61
C MET D 625 13.00 83.90 -12.66
N ASN D 626 13.58 84.99 -13.14
CA ASN D 626 14.54 84.99 -14.23
C ASN D 626 15.88 85.46 -13.71
N VAL D 627 16.91 84.64 -13.88
CA VAL D 627 18.26 84.94 -13.41
C VAL D 627 19.19 84.93 -14.62
N ILE D 628 20.11 85.88 -14.69
CA ILE D 628 21.18 85.86 -15.69
C ILE D 628 22.52 85.94 -14.98
N HIS D 629 23.43 85.02 -15.33
CA HIS D 629 24.77 84.96 -14.76
C HIS D 629 25.65 85.98 -15.46
N GLY D 630 26.00 87.06 -14.75
CA GLY D 630 26.87 88.08 -15.28
C GLY D 630 26.22 88.96 -16.33
N ASP E 10 6.81 41.48 3.98
CA ASP E 10 7.99 42.33 3.87
C ASP E 10 8.33 42.99 5.21
N GLU E 11 9.47 43.67 5.24
CA GLU E 11 9.97 44.32 6.45
C GLU E 11 10.96 45.38 6.02
N VAL E 12 10.88 46.56 6.63
CA VAL E 12 11.65 47.71 6.20
C VAL E 12 12.39 48.33 7.39
N GLY E 13 13.27 49.27 7.06
CA GLY E 13 13.87 50.12 8.08
C GLY E 13 15.03 49.46 8.80
N VAL E 14 15.18 49.84 10.07
CA VAL E 14 16.29 49.37 10.87
C VAL E 14 16.09 47.90 11.24
N GLN E 15 14.85 47.48 11.43
CA GLN E 15 14.56 46.16 11.96
C GLN E 15 14.81 45.06 10.94
N LYS E 16 14.77 45.38 9.65
CA LYS E 16 15.23 44.45 8.64
C LYS E 16 16.73 44.19 8.78
N CYS E 17 17.49 45.24 9.10
CA CYS E 17 18.93 45.10 9.30
C CYS E 17 19.23 44.31 10.58
N LYS E 18 18.43 44.52 11.62
CA LYS E 18 18.71 43.87 12.90
C LYS E 18 18.39 42.39 12.87
N ASN E 19 17.42 41.97 12.06
CA ASN E 19 17.07 40.56 12.01
C ASN E 19 18.06 39.76 11.20
N ALA E 20 18.62 40.36 10.15
CA ALA E 20 19.56 39.66 9.29
C ALA E 20 20.96 39.60 9.90
N LEU E 21 21.31 40.56 10.74
CA LEU E 21 22.67 40.69 11.23
C LEU E 21 22.83 40.41 12.72
N LYS E 22 21.80 40.70 13.51
CA LYS E 22 21.74 40.44 14.96
C LYS E 22 22.87 41.15 15.71
N LEU E 23 22.96 42.46 15.52
CA LEU E 23 23.98 43.27 16.18
C LEU E 23 23.43 44.68 16.29
N PRO E 24 23.83 45.45 17.33
CA PRO E 24 23.16 46.73 17.59
C PRO E 24 23.47 47.84 16.59
N VAL E 25 22.83 48.97 16.79
CA VAL E 25 22.98 50.14 15.92
C VAL E 25 23.85 51.15 16.66
N LEU E 26 24.70 51.86 15.93
CA LEU E 26 25.58 52.84 16.55
C LEU E 26 24.75 54.02 17.00
N GLU E 27 24.70 54.26 18.31
CA GLU E 27 23.77 55.22 18.88
C GLU E 27 24.28 56.65 18.85
N VAL E 28 25.44 56.91 18.28
CA VAL E 28 26.06 58.23 18.30
C VAL E 28 26.12 58.69 16.85
N LEU E 29 25.14 59.49 16.43
CA LEU E 29 25.06 59.79 15.00
C LEU E 29 25.09 61.29 14.74
N PRO E 30 25.71 61.72 13.66
CA PRO E 30 25.71 63.14 13.33
C PRO E 30 24.51 63.52 12.47
N GLY E 31 24.41 64.78 12.09
CA GLY E 31 23.30 65.26 11.30
C GLY E 31 22.14 65.81 12.09
N GLY E 32 22.25 65.91 13.40
CA GLY E 32 21.21 66.52 14.20
C GLY E 32 21.48 67.99 14.44
N GLY E 33 20.46 68.67 14.93
CA GLY E 33 20.61 70.06 15.28
C GLY E 33 21.32 70.24 16.59
N TRP E 34 21.88 71.42 16.78
CA TRP E 34 22.70 71.67 17.96
C TRP E 34 22.55 73.11 18.39
N ASP E 35 22.02 73.32 19.58
CA ASP E 35 22.03 74.64 20.20
C ASP E 35 23.41 74.87 20.78
N ASN E 36 24.11 75.87 20.25
CA ASN E 36 25.48 76.10 20.64
C ASN E 36 25.61 77.06 21.83
N LEU E 37 24.51 77.62 22.31
CA LEU E 37 24.56 78.35 23.57
C LEU E 37 24.35 77.45 24.77
N ARG E 38 23.44 76.49 24.66
CA ARG E 38 23.10 75.64 25.78
C ARG E 38 23.80 74.29 25.76
N ASN E 39 24.49 73.98 24.67
CA ASN E 39 25.11 72.68 24.39
C ASN E 39 24.12 71.52 24.54
N VAL E 40 22.94 71.69 23.96
CA VAL E 40 21.97 70.61 23.87
C VAL E 40 21.76 70.32 22.39
N ASP E 41 21.28 69.13 22.10
CA ASP E 41 21.05 68.75 20.72
C ASP E 41 19.56 68.69 20.41
N MET E 42 19.24 69.08 19.19
CA MET E 42 17.93 69.43 18.70
C MET E 42 17.37 68.35 17.80
N GLY E 43 16.31 68.69 17.09
CA GLY E 43 15.74 67.78 16.11
C GLY E 43 16.68 67.50 14.95
N ARG E 44 16.36 66.42 14.25
CA ARG E 44 17.22 65.84 13.23
C ARG E 44 17.10 66.60 11.91
N VAL E 45 18.22 67.07 11.38
CA VAL E 45 18.22 67.90 10.18
C VAL E 45 18.47 67.06 8.93
N MET E 46 19.35 66.06 9.00
CA MET E 46 19.64 65.21 7.87
C MET E 46 18.75 63.99 7.88
N GLU E 47 18.79 63.23 6.79
CA GLU E 47 17.94 62.05 6.65
C GLU E 47 18.74 60.80 6.94
N LEU E 48 18.22 59.95 7.82
CA LEU E 48 18.85 58.69 8.18
C LEU E 48 18.10 57.54 7.55
N THR E 49 18.74 56.84 6.63
CA THR E 49 18.15 55.69 5.95
C THR E 49 18.97 54.45 6.23
N TYR E 50 18.30 53.30 6.26
CA TYR E 50 18.92 52.01 6.56
C TYR E 50 18.62 51.01 5.46
N SER E 51 18.79 51.44 4.21
CA SER E 51 18.39 50.61 3.09
C SER E 51 19.44 49.56 2.75
N ASN E 52 20.73 49.86 2.93
CA ASN E 52 21.79 49.04 2.40
C ASN E 52 22.43 48.11 3.42
N CYS E 53 21.93 48.12 4.66
CA CYS E 53 22.39 47.23 5.76
C CYS E 53 23.88 47.37 6.02
N ARG E 54 24.38 48.59 5.99
CA ARG E 54 25.81 48.82 6.20
C ARG E 54 26.19 48.61 7.66
N THR E 55 27.38 48.08 7.87
CA THR E 55 27.94 47.95 9.19
C THR E 55 29.26 48.70 9.24
N THR E 56 29.81 48.84 10.44
CA THR E 56 31.18 49.31 10.54
C THR E 56 32.12 48.23 10.03
N GLU E 57 33.35 48.65 9.73
CA GLU E 57 34.31 47.76 9.08
C GLU E 57 34.73 46.62 10.00
N ASP E 58 34.70 46.82 11.31
CA ASP E 58 34.93 45.71 12.24
C ASP E 58 33.68 44.88 12.47
N GLY E 59 32.54 45.29 11.96
CA GLY E 59 31.34 44.48 11.96
C GLY E 59 30.64 44.37 13.29
N GLN E 60 30.47 45.48 14.01
CA GLN E 60 29.83 45.44 15.31
C GLN E 60 28.72 46.45 15.50
N TYR E 61 28.48 47.34 14.55
CA TYR E 61 27.38 48.27 14.65
C TYR E 61 26.76 48.47 13.28
N ILE E 62 25.44 48.50 13.23
CA ILE E 62 24.71 48.93 12.04
C ILE E 62 24.75 50.45 11.97
N ILE E 63 25.14 50.97 10.81
CA ILE E 63 25.21 52.42 10.60
C ILE E 63 24.32 52.76 9.43
N PRO E 64 23.85 54.01 9.33
CA PRO E 64 23.11 54.45 8.14
C PRO E 64 23.98 54.49 6.90
N ASP E 65 23.32 54.72 5.76
CA ASP E 65 23.96 54.57 4.46
C ASP E 65 24.86 55.75 4.11
N GLU E 66 24.50 56.94 4.54
CA GLU E 66 25.17 58.19 4.25
C GLU E 66 26.25 58.54 5.25
N ILE E 67 26.60 57.63 6.12
CA ILE E 67 27.51 57.90 7.22
C ILE E 67 28.67 56.93 7.13
N PHE E 68 29.88 57.47 7.15
CA PHE E 68 31.08 56.64 7.23
C PHE E 68 31.74 56.84 8.59
N THR E 69 32.36 55.78 9.07
CA THR E 69 33.02 55.80 10.36
C THR E 69 34.52 55.67 10.18
N ILE E 70 35.27 56.18 11.13
CA ILE E 70 36.72 56.07 11.14
C ILE E 70 37.11 55.31 12.41
N PRO E 71 37.71 54.14 12.30
CA PRO E 71 38.17 53.44 13.50
C PRO E 71 39.45 54.07 14.05
N GLN E 72 39.33 54.73 15.18
CA GLN E 72 40.52 55.21 15.88
C GLN E 72 40.36 54.88 17.35
N LYS E 73 40.77 53.67 17.70
CA LYS E 73 40.49 53.07 18.99
C LYS E 73 41.56 53.56 19.96
N GLN E 74 41.32 54.76 20.47
CA GLN E 74 42.33 55.57 21.12
C GLN E 74 41.96 55.78 22.59
N SER E 75 42.88 55.47 23.48
CA SER E 75 42.68 55.63 24.90
C SER E 75 43.71 56.60 25.43
N ASN E 76 43.28 57.53 26.28
CA ASN E 76 44.16 58.52 26.88
C ASN E 76 44.05 58.43 28.38
N LEU E 77 45.19 58.55 29.07
CA LEU E 77 45.20 58.46 30.52
C LEU E 77 46.15 59.51 31.04
N GLU E 78 45.65 60.39 31.89
CA GLU E 78 46.47 61.45 32.47
C GLU E 78 46.90 61.07 33.87
N MET E 79 48.18 61.21 34.15
CA MET E 79 48.69 61.12 35.51
C MET E 79 48.74 62.46 36.20
N ASN E 80 48.16 63.48 35.58
CA ASN E 80 48.25 64.85 36.05
C ASN E 80 46.84 65.42 36.10
N SER E 81 46.76 66.72 36.27
CA SER E 81 45.51 67.44 36.24
C SER E 81 45.67 68.61 35.28
N GLU E 82 44.67 69.48 35.22
CA GLU E 82 44.81 70.72 34.50
C GLU E 82 44.05 71.81 35.24
N ILE E 83 44.64 72.98 35.33
CA ILE E 83 44.16 74.04 36.21
C ILE E 83 43.45 75.09 35.38
N LEU E 84 42.26 75.49 35.83
CA LEU E 84 41.42 76.45 35.12
C LEU E 84 41.04 77.52 36.14
N GLU E 85 41.89 78.52 36.32
CA GLU E 85 41.69 79.50 37.39
C GLU E 85 40.82 80.68 36.96
N SER E 86 40.09 80.57 35.86
CA SER E 86 39.17 81.61 35.40
C SER E 86 38.11 80.96 34.53
N TRP E 87 36.88 81.41 34.67
CA TRP E 87 35.80 80.86 33.86
C TRP E 87 35.70 81.47 32.47
N ALA E 88 36.55 82.43 32.12
CA ALA E 88 36.48 83.02 30.79
C ALA E 88 37.01 82.05 29.74
N ASN E 89 38.18 81.47 29.99
CA ASN E 89 38.76 80.47 29.09
C ASN E 89 38.29 79.08 29.49
N TYR E 90 37.01 78.82 29.20
CA TYR E 90 36.34 77.60 29.60
C TYR E 90 36.46 76.50 28.56
N GLN E 91 36.73 75.30 29.03
CA GLN E 91 36.84 74.10 28.21
C GLN E 91 35.62 73.25 28.46
N SER E 92 34.90 72.88 27.39
CA SER E 92 33.61 72.26 27.61
C SER E 92 33.69 70.80 28.03
N SER E 93 34.73 70.08 27.60
CA SER E 93 35.05 68.66 27.84
C SER E 93 34.11 67.67 27.19
N THR E 94 33.04 68.11 26.54
CA THR E 94 32.22 67.20 25.75
C THR E 94 31.78 67.78 24.43
N SER E 95 31.88 69.09 24.23
CA SER E 95 31.50 69.74 22.98
C SER E 95 32.52 70.82 22.66
N TYR E 96 33.79 70.48 22.80
CA TYR E 96 34.83 71.50 22.77
C TYR E 96 35.09 72.02 21.36
N SER E 97 35.02 71.15 20.35
CA SER E 97 35.40 71.55 19.02
C SER E 97 34.33 72.37 18.32
N ILE E 98 33.07 72.22 18.71
CA ILE E 98 32.01 73.00 18.10
C ILE E 98 31.83 74.35 18.79
N ASN E 99 32.34 74.52 20.00
CA ASN E 99 32.27 75.82 20.63
C ASN E 99 33.41 76.74 20.25
N THR E 100 34.56 76.20 19.85
CA THR E 100 35.76 76.99 19.64
C THR E 100 35.90 77.52 18.22
N GLU E 101 34.81 77.55 17.46
CA GLU E 101 34.81 78.03 16.09
C GLU E 101 35.12 79.53 16.02
N LEU E 102 35.60 79.95 14.85
CA LEU E 102 35.96 81.35 14.61
C LEU E 102 34.72 82.10 14.15
N SER E 103 34.19 82.96 15.00
CA SER E 103 32.99 83.71 14.68
C SER E 103 32.95 84.97 15.54
N LEU E 104 31.87 85.73 15.38
CA LEU E 104 31.67 86.92 16.19
C LEU E 104 31.35 86.54 17.62
N PHE E 105 30.51 85.53 17.80
CA PHE E 105 29.98 85.13 19.09
C PHE E 105 30.67 83.90 19.63
N SER E 106 31.97 83.80 19.40
CA SER E 106 32.73 82.68 19.93
C SER E 106 32.91 82.76 21.44
N LYS E 107 32.76 83.96 22.02
CA LYS E 107 32.87 84.10 23.46
C LYS E 107 31.57 83.80 24.19
N VAL E 108 30.48 83.56 23.46
CA VAL E 108 29.18 83.32 24.08
C VAL E 108 28.75 81.86 23.92
N ASN E 109 29.47 81.08 23.11
CA ASN E 109 29.12 79.67 22.90
C ASN E 109 29.33 78.86 24.17
N GLY E 110 28.30 78.14 24.56
CA GLY E 110 28.35 77.29 25.73
C GLY E 110 28.09 77.97 27.05
N LYS E 111 27.81 79.27 27.05
CA LYS E 111 27.71 80.03 28.29
C LYS E 111 26.36 79.91 28.96
N PHE E 112 25.48 79.08 28.45
CA PHE E 112 24.21 78.79 29.11
C PHE E 112 24.07 77.30 29.35
N SER E 113 25.16 76.56 29.20
CA SER E 113 25.16 75.13 29.47
C SER E 113 25.09 74.90 30.97
N THR E 114 24.57 73.74 31.35
CA THR E 114 24.50 73.43 32.77
C THR E 114 25.89 73.14 33.33
N GLU E 115 26.79 72.68 32.48
CA GLU E 115 28.15 72.38 32.92
C GLU E 115 28.97 73.64 33.11
N PHE E 116 28.66 74.70 32.37
CA PHE E 116 29.33 75.98 32.59
C PHE E 116 28.74 76.71 33.79
N GLN E 117 27.42 76.80 33.85
CA GLN E 117 26.77 77.56 34.91
C GLN E 117 26.91 76.92 36.27
N ARG E 118 27.19 75.63 36.31
CA ARG E 118 27.57 75.02 37.57
C ARG E 118 29.01 75.33 37.92
N MET E 119 29.88 75.53 36.93
CA MET E 119 31.27 75.80 37.23
C MET E 119 31.48 77.25 37.64
N LYS E 120 30.75 78.17 37.01
CA LYS E 120 30.90 79.59 37.30
C LYS E 120 30.40 79.93 38.70
N THR E 121 29.34 79.28 39.13
CA THR E 121 28.79 79.56 40.46
C THR E 121 29.59 78.91 41.58
N LEU E 122 30.64 78.16 41.27
CA LEU E 122 31.53 77.61 42.28
C LEU E 122 32.84 78.37 42.36
N GLN E 123 33.21 79.10 41.33
CA GLN E 123 34.40 79.93 41.40
C GLN E 123 34.12 81.33 41.93
N VAL E 124 32.87 81.74 41.98
CA VAL E 124 32.49 83.05 42.46
C VAL E 124 31.99 82.99 43.89
N LYS E 125 31.15 81.99 44.18
CA LYS E 125 30.63 81.79 45.53
C LYS E 125 31.72 81.42 46.51
N ASP E 126 32.70 80.64 46.06
CA ASP E 126 33.71 80.07 46.93
C ASP E 126 35.10 80.63 46.69
N GLN E 127 35.24 81.56 45.75
CA GLN E 127 36.51 82.18 45.36
C GLN E 127 37.54 81.13 44.97
N ALA E 128 37.15 80.25 44.06
CA ALA E 128 37.87 79.01 43.86
C ALA E 128 38.50 78.94 42.48
N ILE E 129 39.38 77.95 42.32
CA ILE E 129 39.95 77.55 41.04
C ILE E 129 39.50 76.13 40.78
N THR E 130 39.53 75.72 39.52
CA THR E 130 38.99 74.45 39.09
C THR E 130 40.09 73.58 38.49
N THR E 131 40.15 72.33 38.92
CA THR E 131 41.02 71.34 38.31
C THR E 131 40.19 70.26 37.65
N ARG E 132 40.76 69.61 36.63
CA ARG E 132 40.06 68.54 35.93
C ARG E 132 41.01 67.43 35.53
N VAL E 133 40.69 66.19 35.91
CA VAL E 133 41.42 65.01 35.49
C VAL E 133 40.44 64.12 34.75
N GLN E 134 40.89 63.51 33.65
CA GLN E 134 39.97 62.67 32.89
C GLN E 134 40.68 61.52 32.21
N VAL E 135 39.96 60.42 32.07
CA VAL E 135 40.36 59.25 31.29
C VAL E 135 39.41 59.18 30.11
N ARG E 136 39.89 59.48 28.92
CA ARG E 136 39.06 59.55 27.73
C ARG E 136 39.34 58.36 26.84
N ASN E 137 38.30 57.81 26.24
CA ASN E 137 38.39 56.57 25.47
C ASN E 137 37.61 56.78 24.18
N LEU E 138 38.29 57.31 23.16
CA LEU E 138 37.72 57.56 21.85
C LEU E 138 37.75 56.29 21.01
N VAL E 139 36.60 55.87 20.49
CA VAL E 139 36.49 54.63 19.75
C VAL E 139 36.27 54.88 18.26
N TYR E 140 35.29 55.71 17.90
CA TYR E 140 35.00 55.99 16.50
C TYR E 140 34.93 57.49 16.27
N THR E 141 35.23 57.88 15.03
CA THR E 141 34.82 59.17 14.49
C THR E 141 33.77 58.90 13.43
N VAL E 142 32.61 59.52 13.58
CA VAL E 142 31.44 59.21 12.78
C VAL E 142 31.08 60.48 12.02
N LYS E 143 31.16 60.44 10.70
CA LYS E 143 30.96 61.62 9.86
C LYS E 143 29.84 61.42 8.86
N ILE E 144 29.48 62.50 8.19
CA ILE E 144 28.45 62.50 7.15
C ILE E 144 29.11 62.62 5.78
N ASN E 145 28.61 61.82 4.85
CA ASN E 145 28.98 61.93 3.45
C ASN E 145 28.47 63.27 2.92
N PRO E 146 29.28 64.04 2.18
CA PRO E 146 28.81 65.35 1.71
C PRO E 146 27.68 65.33 0.69
N THR E 147 27.21 64.19 0.23
CA THR E 147 26.11 64.10 -0.73
C THR E 147 24.82 63.65 -0.08
N LEU E 148 24.57 64.12 1.13
CA LEU E 148 23.40 63.76 1.91
C LEU E 148 22.29 64.79 1.71
N GLU E 149 21.05 64.35 1.89
CA GLU E 149 19.87 65.20 1.74
C GLU E 149 19.21 65.45 3.09
N LEU E 150 18.33 66.45 3.09
CA LEU E 150 17.67 66.92 4.30
C LEU E 150 16.59 65.97 4.78
N SER E 151 16.18 66.16 6.03
CA SER E 151 15.16 65.33 6.63
C SER E 151 13.79 65.73 6.08
N SER E 152 12.81 64.88 6.36
CA SER E 152 11.45 65.12 5.87
C SER E 152 10.77 66.24 6.64
N GLY E 153 11.03 66.34 7.94
CA GLY E 153 10.42 67.37 8.75
C GLY E 153 11.09 68.71 8.59
N PHE E 154 12.41 68.71 8.42
CA PHE E 154 13.13 69.97 8.29
C PHE E 154 12.90 70.63 6.93
N ARG E 155 12.72 69.81 5.89
CA ARG E 155 12.41 70.36 4.57
C ARG E 155 11.03 70.99 4.54
N LYS E 156 10.08 70.42 5.27
CA LYS E 156 8.72 70.94 5.30
C LYS E 156 8.67 72.32 5.96
N GLU E 157 9.48 72.55 6.98
CA GLU E 157 9.43 73.82 7.66
C GLU E 157 10.27 74.88 6.95
N LEU E 158 11.18 74.49 6.06
CA LEU E 158 11.82 75.46 5.19
C LEU E 158 10.92 75.83 4.02
N LEU E 159 10.07 74.92 3.58
CA LEU E 159 9.12 75.23 2.53
C LEU E 159 7.99 76.11 3.02
N ASP E 160 7.69 76.08 4.32
CA ASP E 160 6.70 76.99 4.87
C ASP E 160 7.23 78.40 5.02
N ILE E 161 8.52 78.54 5.33
CA ILE E 161 9.17 79.85 5.26
C ILE E 161 9.23 80.31 3.81
N SER E 162 9.46 79.36 2.90
CA SER E 162 9.57 79.65 1.47
C SER E 162 8.28 80.21 0.90
N ASP E 163 7.14 79.74 1.39
CA ASP E 163 5.85 80.22 0.89
C ASP E 163 5.60 81.66 1.31
N ARG E 164 6.03 82.03 2.52
CA ARG E 164 5.81 83.38 3.01
C ARG E 164 6.70 84.40 2.31
N LEU E 165 7.89 83.99 1.86
CA LEU E 165 8.72 84.92 1.10
C LEU E 165 8.19 85.15 -0.31
N GLU E 166 7.42 84.21 -0.85
CA GLU E 166 6.80 84.40 -2.16
C GLU E 166 5.71 85.46 -2.10
N ASN E 167 4.87 85.38 -1.08
CA ASN E 167 3.69 86.22 -0.93
C ASN E 167 3.98 87.59 -0.36
N ASN E 168 5.27 87.96 -0.24
CA ASN E 168 5.71 89.20 0.39
C ASN E 168 5.13 89.33 1.80
N GLN E 169 5.37 88.32 2.61
CA GLN E 169 4.90 88.31 3.99
C GLN E 169 6.14 88.17 4.87
N THR E 170 6.77 89.30 5.14
CA THR E 170 8.10 89.29 5.75
C THR E 170 8.02 89.10 7.26
N ARG E 171 7.02 89.69 7.91
CA ARG E 171 6.89 89.55 9.35
C ARG E 171 6.46 88.15 9.74
N MET E 172 5.73 87.46 8.87
CA MET E 172 5.30 86.11 9.19
C MET E 172 6.38 85.10 8.84
N ALA E 173 7.27 85.43 7.90
CA ALA E 173 8.41 84.57 7.61
C ALA E 173 9.49 84.71 8.68
N THR E 174 9.66 85.91 9.23
CA THR E 174 10.60 86.14 10.31
C THR E 174 10.17 85.39 11.56
N TYR E 175 8.87 85.31 11.79
CA TYR E 175 8.36 84.54 12.92
C TYR E 175 8.64 83.05 12.74
N LEU E 176 8.39 82.51 11.56
CA LEU E 176 8.63 81.08 11.33
C LEU E 176 10.11 80.73 11.26
N ALA E 177 10.97 81.69 10.90
CA ALA E 177 12.40 81.43 10.90
C ALA E 177 12.92 81.27 12.31
N GLU E 178 12.33 81.97 13.27
CA GLU E 178 12.74 81.87 14.66
C GLU E 178 12.20 80.63 15.34
N LEU E 179 11.10 80.08 14.87
CA LEU E 179 10.66 78.78 15.35
C LEU E 179 11.48 77.64 14.78
N LEU E 180 12.20 77.88 13.68
CA LEU E 180 13.14 76.89 13.18
C LEU E 180 14.34 76.76 14.10
N VAL E 181 14.72 77.87 14.74
CA VAL E 181 15.86 77.88 15.64
C VAL E 181 15.48 77.32 17.01
N LEU E 182 14.22 77.49 17.43
CA LEU E 182 13.74 76.81 18.63
C LEU E 182 13.77 75.31 18.46
N ASN E 183 13.43 74.80 17.29
CA ASN E 183 13.27 73.37 17.11
C ASN E 183 14.52 72.69 16.60
N TYR E 184 15.42 73.41 15.93
CA TYR E 184 16.56 72.79 15.30
C TYR E 184 17.90 73.41 15.68
N GLY E 185 17.92 74.41 16.54
CA GLY E 185 19.17 74.93 17.02
C GLY E 185 19.83 75.92 16.07
N THR E 186 21.11 76.15 16.32
CA THR E 186 21.89 77.08 15.53
C THR E 186 22.95 76.41 14.67
N HIS E 187 23.17 75.12 14.84
CA HIS E 187 24.24 74.39 14.18
C HIS E 187 23.75 73.00 13.81
N VAL E 188 24.48 72.36 12.91
CA VAL E 188 24.26 70.97 12.54
C VAL E 188 25.55 70.22 12.81
N THR E 189 25.47 69.13 13.57
CA THR E 189 26.67 68.36 13.87
C THR E 189 27.06 67.57 12.63
N THR E 190 28.29 67.77 12.16
CA THR E 190 28.78 67.04 11.00
C THR E 190 29.70 65.90 11.36
N SER E 191 30.32 65.92 12.54
CA SER E 191 31.04 64.77 13.00
C SER E 191 30.93 64.67 14.51
N VAL E 192 30.80 63.45 15.00
CA VAL E 192 30.79 63.15 16.42
C VAL E 192 31.91 62.16 16.71
N ASP E 193 32.38 62.20 17.94
CA ASP E 193 33.38 61.26 18.45
C ASP E 193 32.68 60.33 19.44
N ALA E 194 32.57 59.06 19.09
CA ALA E 194 31.88 58.10 19.94
C ALA E 194 32.86 57.48 20.93
N GLY E 195 32.54 57.55 22.21
CA GLY E 195 33.38 56.96 23.20
C GLY E 195 32.86 57.21 24.60
N ALA E 196 33.75 57.07 25.58
CA ALA E 196 33.41 57.26 26.98
C ALA E 196 34.47 58.09 27.65
N ALA E 197 34.14 58.67 28.80
CA ALA E 197 35.08 59.47 29.55
C ALA E 197 34.72 59.39 31.03
N LEU E 198 35.74 59.45 31.88
CA LEU E 198 35.55 59.46 33.32
C LEU E 198 36.27 60.70 33.83
N ILE E 199 35.54 61.63 34.42
CA ILE E 199 36.07 62.96 34.71
C ILE E 199 36.01 63.25 36.20
N GLN E 200 37.09 63.78 36.75
CA GLN E 200 37.19 64.35 38.08
C GLN E 200 37.16 65.86 37.98
N GLU E 201 36.45 66.53 38.88
CA GLU E 201 36.43 67.99 38.86
C GLU E 201 36.44 68.49 40.29
N ASP E 202 37.62 68.90 40.76
CA ASP E 202 37.76 69.47 42.09
C ASP E 202 37.77 70.99 42.00
N HIS E 203 37.35 71.63 43.08
CA HIS E 203 37.48 73.06 43.25
C HIS E 203 38.34 73.33 44.47
N LEU E 204 39.37 74.14 44.29
CA LEU E 204 40.34 74.45 45.32
C LEU E 204 40.28 75.95 45.58
N ARG E 205 40.60 76.36 46.80
CA ARG E 205 40.68 77.79 47.09
C ARG E 205 41.81 78.43 46.30
N ALA E 206 41.58 79.65 45.84
CA ALA E 206 42.55 80.32 44.97
C ALA E 206 43.80 80.73 45.72
N SER E 207 43.75 80.78 47.05
CA SER E 207 44.94 81.03 47.86
C SER E 207 45.89 79.86 47.85
N PHE E 208 45.40 78.66 47.57
CA PHE E 208 46.23 77.46 47.62
C PHE E 208 47.16 77.36 46.42
N LEU E 209 46.85 78.02 45.31
CA LEU E 209 47.68 77.95 44.12
C LEU E 209 48.75 79.05 44.08
N GLN E 210 48.58 80.10 44.85
CA GLN E 210 49.42 81.30 44.78
C GLN E 210 50.83 81.11 45.35
N ASP E 211 51.34 79.91 45.64
CA ASP E 211 52.64 79.77 46.28
C ASP E 211 53.78 80.06 45.30
N SER E 212 53.92 79.24 44.26
CA SER E 212 54.97 79.42 43.25
C SER E 212 54.57 78.65 42.00
N GLN E 213 55.49 78.63 41.03
CA GLN E 213 55.35 77.81 39.83
C GLN E 213 55.90 76.41 40.01
N SER E 214 56.53 76.13 41.15
CA SER E 214 56.92 74.78 41.52
C SER E 214 55.89 74.11 42.42
N SER E 215 55.09 74.91 43.12
CA SER E 215 53.95 74.34 43.84
C SER E 215 52.87 73.89 42.86
N ARG E 216 52.80 74.53 41.69
CA ARG E 216 51.76 74.22 40.71
C ARG E 216 51.90 72.81 40.18
N SER E 217 53.13 72.34 39.96
CA SER E 217 53.36 70.99 39.48
C SER E 217 53.24 69.94 40.57
N ALA E 218 52.96 70.34 41.81
CA ALA E 218 52.65 69.39 42.88
C ALA E 218 51.19 69.42 43.27
N VAL E 219 50.51 70.56 43.13
CA VAL E 219 49.06 70.60 43.19
C VAL E 219 48.47 69.74 42.09
N THR E 220 49.06 69.82 40.89
CA THR E 220 48.51 69.19 39.70
C THR E 220 48.69 67.68 39.74
N ALA E 221 49.82 67.19 40.24
CA ALA E 221 50.03 65.75 40.32
C ALA E 221 49.42 65.16 41.57
N SER E 222 48.90 65.97 42.48
CA SER E 222 48.17 65.46 43.61
C SER E 222 46.73 65.13 43.24
N ALA E 223 46.13 65.96 42.38
CA ALA E 223 44.78 65.74 41.91
C ALA E 223 44.69 64.50 41.03
N GLY E 224 45.73 64.20 40.27
CA GLY E 224 45.74 62.97 39.51
C GLY E 224 45.98 61.75 40.34
N LEU E 225 46.59 61.92 41.50
CA LEU E 225 46.80 60.80 42.42
C LEU E 225 45.53 60.48 43.19
N ALA E 226 44.80 61.52 43.60
CA ALA E 226 43.52 61.33 44.27
C ALA E 226 42.48 60.70 43.36
N PHE E 227 42.57 60.97 42.06
CA PHE E 227 41.62 60.41 41.10
C PHE E 227 41.86 58.92 40.90
N GLN E 228 43.11 58.50 40.92
CA GLN E 228 43.40 57.08 40.78
C GLN E 228 43.11 56.32 42.07
N ASN E 229 43.19 56.99 43.21
CA ASN E 229 42.77 56.34 44.46
C ASN E 229 41.27 56.15 44.48
N THR E 230 40.51 57.15 44.01
CA THR E 230 39.06 57.11 44.05
C THR E 230 38.50 56.01 43.15
N VAL E 231 39.13 55.76 42.01
CA VAL E 231 38.64 54.66 41.18
C VAL E 231 39.04 53.32 41.78
N ASN E 232 40.22 53.20 42.38
CA ASN E 232 40.66 51.88 42.81
C ASN E 232 40.20 51.46 44.19
N PHE E 233 40.06 52.38 45.15
CA PHE E 233 40.05 52.00 46.56
C PHE E 233 38.73 52.23 47.30
N LYS E 234 37.60 51.85 46.70
CA LYS E 234 36.43 51.30 47.41
C LYS E 234 35.81 52.22 48.47
N PHE E 235 36.11 53.53 48.40
CA PHE E 235 35.75 54.61 49.35
C PHE E 235 36.51 54.50 50.67
N GLU E 236 37.25 53.41 50.87
CA GLU E 236 37.94 53.21 52.13
C GLU E 236 39.20 54.07 52.17
N GLU E 237 39.80 54.14 53.35
CA GLU E 237 41.09 54.82 53.47
C GLU E 237 42.25 53.84 53.34
N ASN E 238 42.18 53.06 52.27
CA ASN E 238 43.31 52.27 51.78
C ASN E 238 44.12 53.05 50.76
N TYR E 239 44.06 54.38 50.82
CA TYR E 239 44.70 55.22 49.82
C TYR E 239 46.21 55.20 49.99
N THR E 240 46.91 55.37 48.87
CA THR E 240 48.36 55.52 48.88
C THR E 240 48.72 57.00 48.91
N SER E 241 48.32 57.65 50.00
CA SER E 241 48.58 59.08 50.21
C SER E 241 50.06 59.30 50.41
N GLN E 242 50.71 59.91 49.42
CA GLN E 242 52.16 59.91 49.33
C GLN E 242 52.83 60.97 50.20
N ASN E 243 52.13 62.06 50.53
CA ASN E 243 52.78 63.20 51.15
C ASN E 243 51.87 63.78 52.21
N VAL E 244 52.33 64.88 52.81
CA VAL E 244 51.47 65.79 53.55
C VAL E 244 50.77 66.73 52.57
N LEU E 245 51.34 66.89 51.37
CA LEU E 245 50.72 67.72 50.33
C LEU E 245 49.41 67.11 49.83
N THR E 246 49.27 65.80 49.91
CA THR E 246 47.97 65.18 49.68
C THR E 246 46.99 65.56 50.79
N LYS E 247 47.45 65.59 52.03
CA LYS E 247 46.59 65.95 53.15
C LYS E 247 46.27 67.44 53.12
N SER E 248 47.22 68.28 52.73
CA SER E 248 46.92 69.70 52.59
C SER E 248 46.06 69.98 51.38
N TYR E 249 46.07 69.10 50.37
CA TYR E 249 45.19 69.26 49.22
C TYR E 249 43.73 69.11 49.61
N LEU E 250 43.44 68.20 50.55
CA LEU E 250 42.06 67.91 50.91
C LEU E 250 41.44 69.05 51.70
N SER E 251 42.25 69.77 52.47
CA SER E 251 41.69 70.79 53.35
C SER E 251 41.38 72.08 52.62
N ASN E 252 42.01 72.33 51.47
CA ASN E 252 41.68 73.46 50.63
C ASN E 252 40.66 73.13 49.56
N ARG E 253 40.33 71.84 49.41
CA ARG E 253 39.36 71.41 48.42
C ARG E 253 37.96 71.90 48.78
N THR E 254 37.28 72.49 47.80
CA THR E 254 35.94 72.99 48.04
C THR E 254 34.84 72.03 47.62
N ASN E 255 34.85 71.48 46.39
CA ASN E 255 33.66 70.75 45.96
C ASN E 255 33.86 69.27 45.62
N SER E 256 34.72 68.91 44.66
CA SER E 256 35.00 67.53 44.24
C SER E 256 33.84 66.68 43.69
N ARG E 257 33.40 66.95 42.46
CA ARG E 257 32.49 66.04 41.76
C ARG E 257 33.26 65.00 40.93
N VAL E 258 32.68 63.81 40.81
CA VAL E 258 33.17 62.78 39.90
C VAL E 258 32.08 62.46 38.90
N GLN E 259 32.41 62.54 37.61
CA GLN E 259 31.42 62.41 36.56
C GLN E 259 31.82 61.33 35.58
N SER E 260 30.90 60.43 35.26
CA SER E 260 31.09 59.43 34.22
C SER E 260 30.20 59.79 33.04
N ILE E 261 30.77 59.78 31.84
CA ILE E 261 30.04 60.09 30.62
C ILE E 261 30.20 58.90 29.70
N GLY E 262 29.15 58.11 29.57
CA GLY E 262 29.22 56.89 28.79
C GLY E 262 29.76 55.73 29.61
N GLY E 263 29.66 54.55 29.05
CA GLY E 263 30.10 53.38 29.76
C GLY E 263 29.12 52.97 30.84
N VAL E 264 29.62 52.21 31.80
CA VAL E 264 28.83 51.77 32.95
C VAL E 264 28.86 52.88 34.00
N PRO E 265 27.89 52.95 34.91
CA PRO E 265 27.91 54.00 35.92
C PRO E 265 29.06 53.85 36.89
N PHE E 266 29.64 54.98 37.27
CA PHE E 266 30.78 54.98 38.17
C PHE E 266 30.31 54.79 39.61
N TYR E 267 31.09 54.03 40.37
CA TYR E 267 31.02 53.97 41.81
C TYR E 267 32.44 53.89 42.33
N PRO E 268 32.73 54.48 43.49
CA PRO E 268 34.11 54.47 43.98
C PRO E 268 34.56 53.08 44.36
N GLY E 269 35.45 52.51 43.57
CA GLY E 269 35.84 51.13 43.78
C GLY E 269 35.84 50.30 42.51
N ILE E 270 35.18 50.78 41.45
CA ILE E 270 35.29 50.09 40.18
C ILE E 270 36.68 50.35 39.60
N THR E 271 37.41 49.28 39.32
CA THR E 271 38.77 49.46 38.87
C THR E 271 38.78 50.03 37.46
N LEU E 272 39.93 50.57 37.07
CA LEU E 272 40.05 51.18 35.74
C LEU E 272 39.96 50.13 34.66
N GLN E 273 40.39 48.91 34.97
CA GLN E 273 40.15 47.77 34.09
C GLN E 273 38.67 47.51 33.90
N ALA E 274 37.90 47.51 34.99
CA ALA E 274 36.50 47.11 34.90
C ALA E 274 35.61 48.19 34.32
N TRP E 275 36.00 49.46 34.47
CA TRP E 275 35.26 50.54 33.81
C TRP E 275 35.42 50.45 32.30
N GLN E 276 36.60 50.05 31.85
CA GLN E 276 36.88 49.96 30.42
C GLN E 276 36.31 48.72 29.76
N GLN E 277 35.77 47.78 30.52
CA GLN E 277 35.07 46.66 29.92
C GLN E 277 33.61 46.98 29.63
N GLY E 278 33.06 47.99 30.29
CA GLY E 278 31.69 48.38 30.07
C GLY E 278 31.49 49.46 29.05
N ILE E 279 32.56 49.89 28.38
CA ILE E 279 32.46 50.90 27.34
C ILE E 279 31.79 50.34 26.10
N THR E 280 31.95 49.05 25.85
CA THR E 280 31.32 48.37 24.73
C THR E 280 29.80 48.41 24.87
N ASN E 281 29.15 48.91 23.81
CA ASN E 281 27.71 49.12 23.63
C ASN E 281 27.14 50.24 24.49
N HIS E 282 27.97 51.00 25.19
CA HIS E 282 27.54 52.21 25.90
C HIS E 282 28.45 53.32 25.44
N LEU E 283 28.18 53.87 24.27
CA LEU E 283 29.01 54.93 23.69
C LEU E 283 28.19 56.19 23.56
N VAL E 284 28.80 57.33 23.87
CA VAL E 284 28.14 58.61 23.76
C VAL E 284 29.05 59.53 22.96
N ALA E 285 28.54 60.71 22.65
CA ALA E 285 29.34 61.71 21.96
C ALA E 285 30.19 62.44 22.98
N ILE E 286 31.49 62.23 22.95
CA ILE E 286 32.41 62.96 23.81
C ILE E 286 33.03 64.14 23.11
N ASP E 287 32.80 64.32 21.81
CA ASP E 287 33.20 65.52 21.09
C ASP E 287 32.33 65.65 19.86
N ARG E 288 32.19 66.88 19.37
CA ARG E 288 31.37 67.20 18.21
C ARG E 288 32.03 68.28 17.39
N SER E 289 31.81 68.23 16.08
CA SER E 289 32.13 69.33 15.19
C SER E 289 30.88 69.68 14.39
N GLY E 290 30.85 70.87 13.83
CA GLY E 290 29.66 71.27 13.11
C GLY E 290 29.85 72.45 12.20
N LEU E 291 28.73 72.86 11.62
CA LEU E 291 28.62 74.02 10.75
C LEU E 291 27.32 74.73 11.10
N PRO E 292 27.21 76.02 10.82
CA PRO E 292 25.96 76.74 11.11
C PRO E 292 24.80 76.24 10.27
N LEU E 293 23.60 76.58 10.72
CA LEU E 293 22.38 75.99 10.18
C LEU E 293 22.07 76.50 8.79
N HIS E 294 22.46 77.73 8.47
CA HIS E 294 22.20 78.29 7.16
C HIS E 294 23.22 77.86 6.12
N PHE E 295 24.26 77.12 6.51
CA PHE E 295 25.17 76.54 5.54
C PHE E 295 24.47 75.51 4.68
N PHE E 296 23.51 74.79 5.24
CA PHE E 296 22.83 73.71 4.57
C PHE E 296 21.54 74.17 3.90
N ILE E 297 21.33 75.47 3.79
CA ILE E 297 20.24 76.01 3.00
C ILE E 297 20.86 76.61 1.75
N ASN E 298 20.97 75.82 0.70
CA ASN E 298 21.65 76.19 -0.52
C ASN E 298 20.90 75.53 -1.67
N PRO E 299 21.13 75.96 -2.92
CA PRO E 299 20.39 75.33 -4.04
C PRO E 299 20.66 73.85 -4.26
N ASN E 300 21.70 73.29 -3.67
CA ASN E 300 21.96 71.87 -3.81
C ASN E 300 21.02 71.04 -2.92
N MET E 301 20.82 71.48 -1.67
CA MET E 301 19.95 70.73 -0.76
C MET E 301 18.47 70.87 -1.12
N LEU E 302 18.10 71.97 -1.77
CA LEU E 302 16.73 72.27 -2.14
C LEU E 302 16.66 72.37 -3.66
N PRO E 303 16.55 71.24 -4.36
CA PRO E 303 16.58 71.29 -5.83
C PRO E 303 15.24 71.57 -6.46
N ASP E 304 14.15 71.54 -5.69
CA ASP E 304 12.81 71.79 -6.19
C ASP E 304 12.34 73.21 -5.93
N LEU E 305 13.25 74.14 -5.69
CA LEU E 305 12.95 75.54 -5.51
C LEU E 305 13.91 76.38 -6.34
N PRO E 306 13.51 77.58 -6.75
CA PRO E 306 14.41 78.41 -7.54
C PRO E 306 15.61 78.91 -6.76
N GLY E 307 16.62 79.34 -7.50
CA GLY E 307 17.89 79.78 -6.98
C GLY E 307 17.86 80.95 -6.02
N PRO E 308 17.34 82.11 -6.44
CA PRO E 308 17.29 83.26 -5.52
C PRO E 308 16.30 83.13 -4.40
N LEU E 309 15.41 82.15 -4.45
CA LEU E 309 14.41 81.99 -3.40
C LEU E 309 14.92 81.14 -2.24
N VAL E 310 15.89 80.25 -2.47
CA VAL E 310 16.51 79.56 -1.35
C VAL E 310 17.61 80.40 -0.71
N LYS E 311 17.98 81.51 -1.32
CA LYS E 311 18.86 82.49 -0.70
C LYS E 311 18.10 83.50 0.15
N LYS E 312 16.80 83.61 -0.04
CA LYS E 312 15.98 84.40 0.88
C LYS E 312 15.70 83.60 2.15
N VAL E 313 15.51 82.29 2.01
CA VAL E 313 15.31 81.43 3.16
C VAL E 313 16.60 81.33 3.97
N SER E 314 17.73 81.26 3.29
CA SER E 314 19.02 81.15 3.98
C SER E 314 19.39 82.44 4.69
N LYS E 315 18.94 83.58 4.17
CA LYS E 315 19.25 84.84 4.81
C LYS E 315 18.30 85.14 5.96
N THR E 316 17.06 84.70 5.88
CA THR E 316 16.14 84.95 6.97
C THR E 316 16.34 83.99 8.14
N VAL E 317 17.10 82.92 7.97
CA VAL E 317 17.46 82.04 9.07
C VAL E 317 18.81 82.45 9.67
N GLU E 318 19.72 82.97 8.84
CA GLU E 318 20.97 83.54 9.34
C GLU E 318 20.72 84.74 10.23
N THR E 319 19.68 85.51 9.93
CA THR E 319 19.32 86.65 10.76
C THR E 319 18.69 86.21 12.06
N ALA E 320 17.92 85.12 12.04
CA ALA E 320 17.26 84.65 13.25
C ALA E 320 18.24 84.00 14.21
N VAL E 321 19.27 83.34 13.69
CA VAL E 321 20.30 82.76 14.55
C VAL E 321 21.15 83.87 15.17
N LYS E 322 21.47 84.89 14.38
CA LYS E 322 22.27 86.00 14.88
C LYS E 322 21.51 86.83 15.90
N ARG E 323 20.20 86.91 15.77
CA ARG E 323 19.38 87.61 16.75
C ARG E 323 19.32 86.85 18.06
N TYR E 324 19.48 85.53 18.02
CA TYR E 324 19.42 84.71 19.21
C TYR E 324 20.68 84.84 20.05
N TYR E 325 21.83 85.06 19.41
CA TYR E 325 23.07 85.29 20.15
C TYR E 325 23.10 86.69 20.76
N THR E 326 22.47 87.66 20.11
CA THR E 326 22.54 89.04 20.57
C THR E 326 21.69 89.24 21.81
N PHE E 327 20.55 88.57 21.88
CA PHE E 327 19.66 88.75 23.02
C PHE E 327 20.12 87.97 24.25
N ASN E 328 21.15 87.15 24.12
CA ASN E 328 21.71 86.37 25.22
C ASN E 328 23.14 86.79 25.50
N THR E 329 23.49 88.02 25.18
CA THR E 329 24.80 88.58 25.43
C THR E 329 24.69 89.63 26.52
N TYR E 330 25.47 89.47 27.59
CA TYR E 330 25.44 90.35 28.75
C TYR E 330 26.84 90.91 28.97
N PRO E 331 27.17 92.06 28.41
CA PRO E 331 28.45 92.68 28.73
C PRO E 331 28.45 93.25 30.13
N GLY E 332 29.62 93.21 30.77
CA GLY E 332 29.74 93.70 32.12
C GLY E 332 31.12 93.43 32.67
N CYS E 333 31.31 93.83 33.91
CA CYS E 333 32.57 93.59 34.60
C CYS E 333 32.62 92.13 35.04
N THR E 334 33.64 91.41 34.59
CA THR E 334 33.77 89.99 34.85
C THR E 334 34.83 89.65 35.88
N ASP E 335 35.59 90.63 36.36
CA ASP E 335 36.62 90.38 37.35
C ASP E 335 35.99 90.34 38.73
N LEU E 336 36.11 89.21 39.42
CA LEU E 336 35.43 89.02 40.70
C LEU E 336 36.04 89.82 41.83
N ASN E 337 37.27 90.30 41.66
CA ASN E 337 37.91 91.09 42.70
C ASN E 337 37.61 92.58 42.58
N SER E 338 37.07 93.03 41.45
CA SER E 338 36.70 94.42 41.31
C SER E 338 35.45 94.71 42.14
N PRO E 339 35.32 95.93 42.68
CA PRO E 339 34.14 96.23 43.53
C PRO E 339 32.85 96.29 42.75
N ASN E 340 32.89 96.70 41.49
CA ASN E 340 31.70 96.72 40.63
C ASN E 340 31.59 95.45 39.79
N PHE E 341 31.69 94.28 40.43
CA PHE E 341 31.62 93.01 39.72
C PHE E 341 30.20 92.72 39.27
N ASN E 342 30.05 92.45 37.97
CA ASN E 342 28.75 92.08 37.40
C ASN E 342 28.70 90.57 37.35
N PHE E 343 28.09 89.98 38.37
CA PHE E 343 27.54 88.65 38.23
C PHE E 343 26.37 88.74 37.26
N GLN E 344 26.06 87.61 36.61
CA GLN E 344 25.17 87.55 35.44
C GLN E 344 25.71 88.41 34.29
N ALA E 345 26.94 88.15 33.89
CA ALA E 345 27.56 88.80 32.73
C ALA E 345 28.41 87.78 31.99
N ASN E 346 28.30 87.76 30.67
CA ASN E 346 28.99 86.80 29.83
C ASN E 346 30.29 87.35 29.25
N THR E 347 30.25 88.56 28.72
CA THR E 347 31.33 89.13 27.93
C THR E 347 32.05 90.18 28.76
N ASP E 348 33.38 90.16 28.69
CA ASP E 348 34.21 91.13 29.40
C ASP E 348 34.02 92.51 28.76
N ASP E 349 33.51 93.45 29.55
CA ASP E 349 33.20 94.77 29.04
C ASP E 349 34.43 95.64 28.86
N GLY E 350 35.52 95.32 29.54
CA GLY E 350 36.69 96.16 29.49
C GLY E 350 36.61 97.40 30.33
N SER E 351 35.59 97.54 31.16
CA SER E 351 35.42 98.68 32.05
C SER E 351 35.25 98.10 33.44
N CYS E 352 36.36 97.83 34.11
CA CYS E 352 36.36 97.23 35.44
C CYS E 352 36.66 98.25 36.53
N GLU E 353 37.05 99.47 36.17
CA GLU E 353 37.31 100.54 37.13
C GLU E 353 36.52 101.76 36.71
N GLY E 354 35.47 102.08 37.45
CA GLY E 354 34.66 103.24 37.18
C GLY E 354 35.06 104.43 38.02
N LYS E 355 34.35 105.55 37.81
CA LYS E 355 34.63 106.79 38.49
C LYS E 355 33.56 107.22 39.48
N MET E 356 32.40 106.56 39.48
CA MET E 356 31.26 106.86 40.35
C MET E 356 30.79 108.31 40.14
N THR E 357 30.25 108.55 38.95
CA THR E 357 29.69 109.84 38.62
C THR E 357 28.17 109.76 38.74
N ASN E 358 27.61 110.56 39.64
CA ASN E 358 26.16 110.65 39.77
C ASN E 358 25.60 111.55 38.68
N PHE E 359 24.52 111.12 38.05
CA PHE E 359 23.95 111.83 36.92
C PHE E 359 22.54 112.31 37.24
N SER E 360 21.99 113.10 36.33
CA SER E 360 20.70 113.74 36.48
C SER E 360 19.70 113.12 35.52
N PHE E 361 18.60 112.61 36.06
CA PHE E 361 17.55 111.99 35.26
C PHE E 361 16.53 113.07 34.88
N GLY E 362 16.57 113.51 33.63
CA GLY E 362 15.73 114.58 33.18
C GLY E 362 14.35 114.20 32.71
N GLY E 363 13.94 112.96 32.87
CA GLY E 363 12.59 112.53 32.56
C GLY E 363 12.45 112.05 31.12
N VAL E 364 11.29 111.45 30.87
CA VAL E 364 10.96 110.87 29.58
C VAL E 364 9.66 111.47 29.07
N TYR E 365 9.52 111.50 27.74
CA TYR E 365 8.26 111.89 27.13
C TYR E 365 8.14 111.19 25.79
N GLN E 366 6.90 110.94 25.38
CA GLN E 366 6.61 110.15 24.19
C GLN E 366 5.56 110.85 23.36
N GLU E 367 5.85 111.04 22.09
CA GLU E 367 4.88 111.60 21.15
C GLU E 367 4.05 110.48 20.53
N CYS E 368 2.93 110.85 19.93
CA CYS E 368 2.12 109.93 19.15
C CYS E 368 1.59 110.63 17.92
N THR E 369 1.37 109.84 16.87
CA THR E 369 0.87 110.37 15.59
C THR E 369 -0.03 109.32 14.97
N GLN E 370 -1.33 109.59 14.97
CA GLN E 370 -2.30 108.66 14.40
C GLN E 370 -2.14 108.59 12.89
N LEU E 371 -2.08 107.37 12.36
CA LEU E 371 -1.93 107.16 10.92
C LEU E 371 -3.21 106.70 10.24
N SER E 372 -3.99 105.84 10.90
CA SER E 372 -5.25 105.36 10.35
C SER E 372 -6.14 104.90 11.49
N GLY E 373 -7.45 104.92 11.23
CA GLY E 373 -8.41 104.48 12.22
C GLY E 373 -8.89 105.61 13.10
N ASN E 374 -9.21 106.75 12.49
CA ASN E 374 -9.64 107.91 13.24
C ASN E 374 -11.07 107.74 13.76
N ARG E 375 -11.33 108.40 14.89
CA ARG E 375 -12.64 108.47 15.58
C ARG E 375 -13.16 107.10 16.00
N ASP E 376 -12.29 106.10 16.12
CA ASP E 376 -12.71 104.76 16.52
C ASP E 376 -11.98 104.28 17.77
N VAL E 377 -10.67 104.44 17.83
CA VAL E 377 -9.86 103.91 18.92
C VAL E 377 -9.30 105.03 19.79
N LEU E 378 -8.87 106.13 19.17
CA LEU E 378 -8.06 107.20 19.76
C LEU E 378 -6.78 106.62 20.39
N LEU E 379 -5.94 106.09 19.50
CA LEU E 379 -4.66 105.51 19.89
C LEU E 379 -3.73 106.55 20.51
N CYS E 380 -3.83 107.80 20.07
CA CYS E 380 -2.93 108.86 20.49
C CYS E 380 -3.37 109.50 21.82
N GLN E 381 -4.09 108.77 22.65
CA GLN E 381 -4.50 109.23 23.97
C GLN E 381 -3.96 108.36 25.09
N LYS E 382 -4.05 107.04 24.95
CA LYS E 382 -3.47 106.13 25.91
C LYS E 382 -2.05 105.71 25.53
N LEU E 383 -1.42 106.43 24.61
CA LEU E 383 -0.06 106.13 24.17
C LEU E 383 0.79 107.38 24.19
N GLU E 384 0.37 108.40 24.94
CA GLU E 384 0.99 109.71 24.95
C GLU E 384 1.43 110.02 26.38
N GLN E 385 2.67 110.49 26.53
CA GLN E 385 3.19 110.82 27.85
C GLN E 385 3.98 112.11 27.78
N LYS E 386 3.74 113.02 28.72
CA LYS E 386 4.44 114.28 28.81
C LYS E 386 5.45 114.26 29.96
N ASN E 387 6.44 115.11 29.85
CA ASN E 387 7.50 115.21 30.85
C ASN E 387 6.95 115.88 32.10
N PRO E 388 7.07 115.28 33.29
CA PRO E 388 6.57 115.94 34.50
C PRO E 388 7.36 117.17 34.91
N LEU E 389 8.60 117.33 34.42
CA LEU E 389 9.38 118.49 34.78
C LEU E 389 8.98 119.74 34.02
N THR E 390 8.41 119.59 32.82
CA THR E 390 7.96 120.73 32.04
C THR E 390 6.47 120.74 31.75
N GLY E 391 5.79 119.60 31.87
CA GLY E 391 4.40 119.53 31.44
C GLY E 391 4.25 119.64 29.94
N ASP E 392 5.28 119.26 29.18
CA ASP E 392 5.33 119.54 27.76
C ASP E 392 6.19 118.45 27.10
N PHE E 393 6.21 118.45 25.78
CA PHE E 393 7.05 117.54 25.00
C PHE E 393 8.42 118.15 24.76
N SER E 394 9.09 118.47 25.86
CA SER E 394 10.40 119.09 25.81
C SER E 394 11.13 118.81 27.12
N CYS E 395 12.44 118.90 27.07
CA CYS E 395 13.28 118.80 28.25
C CYS E 395 13.34 120.15 28.95
N PRO E 396 13.74 120.17 30.23
CA PRO E 396 13.93 121.48 30.90
C PRO E 396 15.12 122.28 30.38
N SER E 397 15.39 123.42 31.03
CA SER E 397 16.38 124.37 30.53
C SER E 397 17.79 123.81 30.60
N GLY E 398 18.08 123.01 31.62
CA GLY E 398 19.39 122.40 31.74
C GLY E 398 19.56 121.07 31.03
N TYR E 399 18.61 120.68 30.18
CA TYR E 399 18.60 119.35 29.60
C TYR E 399 18.47 119.44 28.08
N SER E 400 18.51 118.27 27.42
CA SER E 400 18.45 118.15 25.98
C SER E 400 17.83 116.80 25.62
N PRO E 401 17.01 116.73 24.56
CA PRO E 401 16.35 115.46 24.23
C PRO E 401 17.22 114.51 23.44
N VAL E 402 17.06 113.22 23.75
CA VAL E 402 17.72 112.13 23.03
C VAL E 402 16.64 111.17 22.55
N HIS E 403 16.63 110.90 21.25
CA HIS E 403 15.61 110.04 20.64
C HIS E 403 15.97 108.57 20.84
N LEU E 404 15.10 107.84 21.54
CA LEU E 404 15.36 106.42 21.77
C LEU E 404 14.96 105.58 20.57
N LEU E 405 13.67 105.55 20.24
CA LEU E 405 13.16 104.58 19.29
C LEU E 405 11.82 105.05 18.76
N SER E 406 11.57 104.75 17.50
CA SER E 406 10.36 105.17 16.79
C SER E 406 9.81 103.99 16.01
N GLN E 407 8.64 103.50 16.41
CA GLN E 407 8.02 102.35 15.76
C GLN E 407 6.53 102.60 15.59
N ILE E 408 5.84 101.62 15.01
CA ILE E 408 4.42 101.69 14.70
C ILE E 408 3.68 100.75 15.64
N HIS E 409 2.66 101.27 16.31
CA HIS E 409 1.80 100.46 17.15
C HIS E 409 0.51 100.15 16.40
N GLU E 410 -0.05 98.97 16.67
CA GLU E 410 -1.28 98.53 16.01
C GLU E 410 -2.26 98.02 17.05
N GLU E 411 -3.51 98.46 16.94
CA GLU E 411 -4.61 97.86 17.68
C GLU E 411 -5.78 97.61 16.75
N GLY E 412 -6.72 96.82 17.23
CA GLY E 412 -7.88 96.42 16.46
C GLY E 412 -9.17 96.97 17.02
N TYR E 413 -10.08 97.36 16.14
CA TYR E 413 -11.41 97.80 16.51
C TYR E 413 -12.44 97.04 15.69
N ASN E 414 -13.71 97.21 16.06
CA ASN E 414 -14.72 96.25 15.71
C ASN E 414 -16.03 96.95 15.39
N HIS E 415 -16.59 96.66 14.22
CA HIS E 415 -17.95 97.05 13.87
C HIS E 415 -18.86 95.83 13.90
N LEU E 416 -20.15 96.08 14.11
CA LEU E 416 -21.14 95.01 14.12
C LEU E 416 -22.43 95.55 13.53
N GLU E 417 -22.81 95.03 12.36
CA GLU E 417 -23.98 95.50 11.63
C GLU E 417 -24.94 94.34 11.43
N CYS E 418 -26.23 94.60 11.63
CA CYS E 418 -27.26 93.58 11.49
C CYS E 418 -28.47 94.18 10.82
N HIS E 419 -29.04 93.46 9.86
CA HIS E 419 -30.36 93.81 9.35
C HIS E 419 -31.15 92.55 9.04
N ARG E 420 -32.46 92.67 9.14
CA ARG E 420 -33.38 91.56 9.04
C ARG E 420 -34.38 91.82 7.92
N LYS E 421 -34.70 90.76 7.17
CA LYS E 421 -35.58 90.88 6.02
C LYS E 421 -36.50 89.67 5.96
N CYS E 422 -37.78 89.90 5.71
CA CYS E 422 -38.77 88.84 5.62
C CYS E 422 -39.38 88.83 4.23
N THR E 423 -39.65 87.62 3.71
CA THR E 423 -40.12 87.44 2.35
C THR E 423 -41.34 86.53 2.33
N LEU E 424 -42.48 87.06 1.88
CA LEU E 424 -43.77 86.37 1.80
C LEU E 424 -44.27 85.91 3.16
N LYS E 425 -43.92 86.65 4.21
CA LYS E 425 -44.32 86.50 5.62
C LYS E 425 -43.80 85.23 6.28
N VAL E 426 -43.07 84.38 5.55
CA VAL E 426 -42.38 83.21 6.08
C VAL E 426 -40.93 83.60 5.78
N PHE E 427 -39.96 82.73 6.08
CA PHE E 427 -38.59 82.79 5.55
C PHE E 427 -37.87 84.07 5.97
N CYS E 428 -37.73 84.25 7.27
CA CYS E 428 -37.06 85.43 7.80
C CYS E 428 -35.56 85.28 7.68
N LYS E 429 -34.91 86.27 7.08
CA LYS E 429 -33.47 86.27 6.87
C LYS E 429 -32.83 87.33 7.75
N THR E 430 -31.79 86.94 8.48
CA THR E 430 -31.04 87.83 9.34
C THR E 430 -29.56 87.61 9.09
N VAL E 431 -28.86 88.66 8.69
CA VAL E 431 -27.41 88.59 8.48
C VAL E 431 -26.73 89.51 9.49
N CYS E 432 -25.66 89.00 10.10
CA CYS E 432 -24.95 89.70 11.18
C CYS E 432 -23.48 89.77 10.79
N GLU E 433 -23.03 90.92 10.33
CA GLU E 433 -21.67 91.11 9.84
C GLU E 433 -20.83 91.79 10.90
N ASP E 434 -19.60 91.31 11.10
CA ASP E 434 -18.71 91.80 12.15
C ASP E 434 -17.31 92.00 11.56
N VAL E 435 -16.95 93.25 11.30
CA VAL E 435 -15.72 93.60 10.62
C VAL E 435 -14.67 93.99 11.66
N PHE E 436 -13.48 93.41 11.56
CA PHE E 436 -12.35 93.71 12.42
C PHE E 436 -11.29 94.42 11.60
N GLN E 437 -10.99 95.67 11.95
CA GLN E 437 -9.98 96.46 11.25
C GLN E 437 -8.82 96.78 12.18
N VAL E 438 -7.72 97.22 11.59
CA VAL E 438 -6.48 97.50 12.32
C VAL E 438 -6.21 98.99 12.27
N ALA E 439 -6.06 99.60 13.45
CA ALA E 439 -5.73 101.01 13.57
C ALA E 439 -4.25 101.15 13.94
N LYS E 440 -3.55 102.01 13.22
CA LYS E 440 -2.11 102.18 13.39
C LYS E 440 -1.77 103.54 13.98
N ALA E 441 -0.59 103.63 14.58
CA ALA E 441 -0.11 104.86 15.18
C ALA E 441 1.40 104.83 15.28
N GLU E 442 2.03 105.94 14.94
CA GLU E 442 3.47 106.12 15.11
C GLU E 442 3.73 106.73 16.47
N PHE E 443 4.73 106.21 17.18
CA PHE E 443 5.19 106.84 18.42
C PHE E 443 6.67 107.11 18.35
N ARG E 444 7.09 108.16 19.02
CA ARG E 444 8.50 108.55 19.11
C ARG E 444 8.80 108.84 20.57
N ALA E 445 9.64 108.02 21.18
CA ALA E 445 9.99 108.15 22.58
C ALA E 445 11.31 108.88 22.70
N PHE E 446 11.33 109.93 23.50
CA PHE E 446 12.52 110.74 23.74
C PHE E 446 12.96 110.61 25.19
N TRP E 447 14.10 111.22 25.48
CA TRP E 447 14.73 111.06 26.77
C TRP E 447 15.69 112.23 27.00
N CYS E 448 15.69 112.76 28.22
CA CYS E 448 16.43 113.97 28.54
C CYS E 448 17.78 113.66 29.17
N VAL E 449 18.78 114.48 28.86
CA VAL E 449 20.15 114.28 29.31
C VAL E 449 20.68 115.62 29.84
N ALA E 450 21.42 115.57 30.95
CA ALA E 450 22.05 116.77 31.49
C ALA E 450 23.17 117.22 30.57
N SER E 451 22.93 118.26 29.78
CA SER E 451 23.91 118.77 28.83
C SER E 451 24.37 120.19 29.13
N SER E 452 23.87 120.81 30.21
CA SER E 452 24.27 122.15 30.58
C SER E 452 25.22 122.19 31.76
N GLN E 453 25.39 121.05 32.45
CA GLN E 453 26.41 120.75 33.47
C GLN E 453 26.15 121.48 34.79
N VAL E 454 25.20 122.42 34.82
CA VAL E 454 24.87 123.11 36.06
C VAL E 454 23.37 122.92 36.33
N PRO E 455 22.97 121.86 37.01
CA PRO E 455 21.61 121.84 37.57
C PRO E 455 21.59 122.28 39.02
N GLU E 456 20.45 122.76 39.49
CA GLU E 456 20.28 122.97 40.92
C GLU E 456 19.98 121.65 41.62
N ASN E 457 18.87 121.02 41.25
CA ASN E 457 18.55 119.66 41.66
C ASN E 457 18.28 118.84 40.42
N SER E 458 18.59 117.55 40.49
CA SER E 458 18.53 116.69 39.31
C SER E 458 17.10 116.44 38.85
N GLY E 459 16.27 115.92 39.74
CA GLY E 459 14.90 115.65 39.39
C GLY E 459 14.63 114.18 39.17
N LEU E 460 13.49 113.73 39.70
CA LEU E 460 12.87 112.45 39.40
C LEU E 460 13.78 111.28 39.79
N LEU E 461 14.01 111.16 41.10
CA LEU E 461 15.05 110.26 41.61
C LEU E 461 14.51 108.83 41.70
N PHE E 462 14.49 108.16 40.54
CA PHE E 462 14.39 106.71 40.40
C PHE E 462 14.65 106.38 38.94
N GLY E 463 15.09 105.15 38.69
CA GLY E 463 15.38 104.74 37.34
C GLY E 463 15.02 103.30 37.03
N GLY E 464 14.11 102.71 37.81
CA GLY E 464 13.72 101.32 37.64
C GLY E 464 12.44 101.18 36.87
N LEU E 465 12.32 100.06 36.15
CA LEU E 465 11.30 99.88 35.14
C LEU E 465 10.54 98.59 35.41
N PHE E 466 9.35 98.50 34.82
CA PHE E 466 8.65 97.23 34.72
C PHE E 466 7.75 97.27 33.49
N SER E 467 7.62 96.12 32.84
CA SER E 467 6.85 95.99 31.62
C SER E 467 5.52 95.33 31.92
N SER E 468 4.78 95.00 30.86
CA SER E 468 3.63 94.12 30.99
C SER E 468 4.03 92.66 31.13
N LYS E 469 5.31 92.34 30.94
CA LYS E 469 5.82 90.99 31.12
C LYS E 469 7.05 90.95 32.02
N SER E 470 7.42 92.08 32.63
CA SER E 470 8.57 92.17 33.49
C SER E 470 8.13 92.58 34.88
N ILE E 471 9.10 92.70 35.79
CA ILE E 471 8.86 92.97 37.20
C ILE E 471 9.86 94.00 37.67
N ASN E 472 9.36 95.02 38.37
CA ASN E 472 10.24 95.98 39.04
C ASN E 472 10.96 95.28 40.19
N PRO E 473 12.29 95.20 40.20
CA PRO E 473 12.96 94.49 41.29
C PRO E 473 12.94 95.24 42.60
N MET E 474 12.66 96.54 42.59
CA MET E 474 12.55 97.28 43.84
C MET E 474 11.20 97.10 44.52
N THR E 475 10.25 96.44 43.87
CA THR E 475 9.00 96.04 44.50
C THR E 475 8.73 94.55 44.42
N ASN E 476 9.47 93.81 43.57
CA ASN E 476 9.22 92.41 43.22
C ASN E 476 7.79 92.20 42.73
N ALA E 477 7.26 93.19 42.01
CA ALA E 477 5.92 93.17 41.47
C ALA E 477 5.82 94.17 40.34
N GLN E 478 4.65 94.25 39.73
CA GLN E 478 4.37 95.24 38.69
C GLN E 478 3.72 96.49 39.30
N SER E 479 4.46 97.10 40.22
CA SER E 479 3.94 98.25 40.95
C SER E 479 5.08 99.20 41.24
N CYS E 480 4.70 100.40 41.65
CA CYS E 480 5.63 101.44 42.04
C CYS E 480 6.00 101.30 43.50
N PRO E 481 7.14 101.84 43.93
CA PRO E 481 7.43 101.88 45.37
C PRO E 481 6.62 102.95 46.08
N ALA E 482 6.91 103.14 47.37
CA ALA E 482 6.11 104.03 48.23
C ALA E 482 6.30 105.49 47.80
N GLY E 483 5.28 106.06 47.16
CA GLY E 483 5.30 107.46 46.79
C GLY E 483 5.89 107.71 45.41
N TYR E 484 5.54 106.87 44.44
CA TYR E 484 6.11 106.91 43.10
C TYR E 484 4.99 106.83 42.08
N PHE E 485 5.11 107.62 41.01
CA PHE E 485 4.11 107.57 39.96
C PHE E 485 4.75 107.14 38.64
N PRO E 486 4.09 106.28 37.87
CA PRO E 486 4.73 105.73 36.68
C PRO E 486 4.57 106.64 35.48
N LEU E 487 5.53 106.56 34.56
CA LEU E 487 5.50 107.28 33.31
C LEU E 487 5.44 106.28 32.17
N ARG E 488 4.42 106.37 31.33
CA ARG E 488 4.25 105.39 30.28
C ARG E 488 5.25 105.62 29.15
N LEU E 489 5.70 104.52 28.57
CA LEU E 489 6.70 104.53 27.51
C LEU E 489 6.25 103.46 26.52
N PHE E 490 7.17 103.00 25.67
CA PHE E 490 6.96 102.61 24.26
C PHE E 490 5.62 101.96 23.95
N GLU E 491 5.36 100.83 24.53
CA GLU E 491 4.02 100.24 24.53
C GLU E 491 3.59 99.81 25.92
N ASN E 492 4.52 99.31 26.73
CA ASN E 492 4.16 98.76 28.02
C ASN E 492 5.09 99.18 29.16
N LEU E 493 6.16 99.92 28.89
CA LEU E 493 7.04 100.35 29.96
C LEU E 493 6.39 101.39 30.84
N LYS E 494 6.56 101.23 32.14
CA LYS E 494 6.12 102.21 33.12
C LYS E 494 7.30 102.50 34.02
N VAL E 495 7.88 103.68 33.87
CA VAL E 495 9.08 104.09 34.60
C VAL E 495 8.65 104.79 35.88
N CYS E 496 9.03 104.23 37.02
CA CYS E 496 8.61 104.78 38.30
C CYS E 496 9.46 105.99 38.64
N VAL E 497 8.81 107.04 39.14
CA VAL E 497 9.38 108.39 39.21
C VAL E 497 8.83 109.11 40.43
N SER E 498 9.73 109.69 41.24
CA SER E 498 9.34 110.59 42.31
C SER E 498 10.37 111.70 42.44
N GLN E 499 9.90 112.91 42.71
CA GLN E 499 10.76 114.08 42.90
C GLN E 499 10.56 114.69 44.28
N ASP E 500 10.42 113.84 45.29
CA ASP E 500 10.10 114.29 46.65
C ASP E 500 11.33 114.58 47.49
N TYR E 501 12.46 113.88 47.21
CA TYR E 501 13.79 114.06 47.81
C TYR E 501 13.87 113.67 49.28
N GLU E 502 12.75 113.32 49.90
CA GLU E 502 12.75 112.86 51.29
C GLU E 502 12.16 111.47 51.42
N LEU E 503 10.95 111.25 50.90
CA LEU E 503 10.37 109.92 50.88
C LEU E 503 10.79 109.12 49.66
N GLY E 504 11.46 109.76 48.70
CA GLY E 504 11.92 109.08 47.51
C GLY E 504 13.35 108.60 47.61
N SER E 505 14.11 109.15 48.55
CA SER E 505 15.52 108.81 48.69
C SER E 505 15.75 107.47 49.35
N ARG E 506 14.70 106.83 49.89
CA ARG E 506 14.87 105.48 50.39
C ARG E 506 15.03 104.48 49.24
N PHE E 507 14.32 104.71 48.15
CA PHE E 507 14.30 103.77 47.03
C PHE E 507 15.02 104.29 45.80
N ALA E 508 15.60 105.50 45.86
CA ALA E 508 16.25 106.07 44.70
C ALA E 508 17.54 105.34 44.37
N VAL E 509 17.66 104.88 43.13
CA VAL E 509 18.85 104.17 42.68
C VAL E 509 19.69 105.10 41.81
N PRO E 510 21.00 104.90 41.73
CA PRO E 510 21.81 105.68 40.79
C PRO E 510 21.48 105.27 39.37
N PHE E 511 21.06 106.23 38.56
CA PHE E 511 20.62 105.96 37.20
C PHE E 511 21.75 106.26 36.22
N GLY E 512 21.83 105.48 35.15
CA GLY E 512 22.93 105.57 34.23
C GLY E 512 22.58 106.01 32.83
N GLY E 513 21.40 105.65 32.34
CA GLY E 513 20.98 106.05 31.01
C GLY E 513 20.33 104.92 30.24
N PHE E 514 19.59 105.30 29.20
CA PHE E 514 18.99 104.36 28.27
C PHE E 514 19.81 104.28 26.99
N PHE E 515 19.76 103.11 26.35
CA PHE E 515 20.26 102.97 24.99
C PHE E 515 19.53 101.80 24.33
N SER E 516 19.55 101.79 23.00
CA SER E 516 18.83 100.78 22.25
C SER E 516 19.74 100.28 21.14
N CYS E 517 19.18 99.52 20.22
CA CYS E 517 19.96 98.96 19.12
C CYS E 517 20.33 99.99 18.06
N THR E 518 19.74 101.18 18.10
CA THR E 518 20.00 102.20 17.11
C THR E 518 20.67 103.45 17.69
N VAL E 519 20.49 103.75 18.97
CA VAL E 519 21.00 104.97 19.57
C VAL E 519 21.85 104.58 20.78
N GLY E 520 22.81 105.44 21.11
CA GLY E 520 23.61 105.27 22.30
C GLY E 520 23.39 106.34 23.32
N ASN E 521 23.72 106.07 24.58
CA ASN E 521 23.57 107.16 25.53
C ASN E 521 24.77 108.10 25.47
N PRO E 522 24.54 109.40 25.62
CA PRO E 522 25.65 110.35 25.56
C PRO E 522 26.34 110.56 26.89
N LEU E 523 26.15 109.65 27.84
CA LEU E 523 26.72 109.80 29.17
C LEU E 523 28.04 109.05 29.32
N VAL E 524 28.71 108.75 28.21
CA VAL E 524 29.97 108.03 28.22
C VAL E 524 31.11 108.86 27.64
N ASP E 525 30.83 109.65 26.59
CA ASP E 525 31.90 110.36 25.89
C ASP E 525 32.37 111.63 26.61
N PRO E 526 31.49 112.50 27.16
CA PRO E 526 32.13 113.53 27.98
C PRO E 526 32.39 113.05 29.40
N PRO E 535 28.59 109.23 16.46
CA PRO E 535 27.70 109.52 17.59
C PRO E 535 28.17 108.90 18.90
N SER E 536 27.23 108.36 19.67
CA SER E 536 27.53 107.83 20.99
C SER E 536 28.07 106.41 20.87
N LEU E 537 28.16 105.72 22.01
CA LEU E 537 28.86 104.45 22.08
C LEU E 537 27.97 103.26 22.42
N LYS E 538 26.76 103.51 22.97
CA LYS E 538 25.80 102.52 23.50
C LYS E 538 26.44 101.46 24.38
N LYS E 539 27.49 101.82 25.11
CA LYS E 539 28.12 100.88 26.01
C LYS E 539 27.48 100.89 27.40
N CYS E 540 27.79 101.93 28.18
CA CYS E 540 27.49 102.07 29.61
C CYS E 540 28.11 103.40 30.01
N PRO E 541 27.77 103.99 31.17
CA PRO E 541 28.61 105.10 31.64
C PRO E 541 29.96 104.66 32.17
N GLY E 542 30.02 103.53 32.86
CA GLY E 542 31.25 103.10 33.49
C GLY E 542 31.07 102.99 34.99
N GLY E 543 31.17 101.77 35.50
CA GLY E 543 30.80 101.47 36.86
C GLY E 543 29.37 100.98 37.00
N PHE E 544 28.50 101.39 36.09
CA PHE E 544 27.12 100.92 36.08
C PHE E 544 27.03 99.55 35.42
N SER E 545 25.83 99.00 35.37
CA SER E 545 25.60 97.67 34.80
C SER E 545 24.42 97.74 33.86
N GLN E 546 24.59 97.18 32.66
CA GLN E 546 23.49 97.11 31.71
C GLN E 546 22.42 96.14 32.19
N HIS E 547 21.17 96.52 32.01
CA HIS E 547 20.08 95.63 32.29
C HIS E 547 19.03 95.86 31.21
N PRO E 548 18.44 94.81 30.68
CA PRO E 548 17.50 94.97 29.57
C PRO E 548 16.12 95.35 30.03
N ALA E 549 15.53 96.30 29.31
CA ALA E 549 14.09 96.57 29.35
C ALA E 549 13.44 95.65 28.32
N LEU E 550 12.20 95.94 27.92
CA LEU E 550 11.51 95.08 26.98
C LEU E 550 12.12 95.15 25.57
N ILE E 551 11.60 94.31 24.69
CA ILE E 551 12.01 94.24 23.29
C ILE E 551 10.89 94.81 22.45
N SER E 552 11.19 95.87 21.69
CA SER E 552 10.21 96.53 20.84
C SER E 552 10.40 96.04 19.41
N ASP E 553 9.83 94.86 19.14
CA ASP E 553 9.75 94.24 17.82
C ASP E 553 11.12 94.02 17.19
N GLY E 554 11.97 93.30 17.92
CA GLY E 554 13.29 92.93 17.42
C GLY E 554 14.42 93.79 17.91
N CYS E 555 14.12 94.97 18.47
CA CYS E 555 15.14 95.85 19.02
C CYS E 555 15.07 95.83 20.53
N GLN E 556 16.24 95.85 21.17
CA GLN E 556 16.35 95.71 22.61
C GLN E 556 16.71 97.04 23.24
N VAL E 557 15.94 97.45 24.23
CA VAL E 557 16.19 98.68 24.98
C VAL E 557 16.82 98.31 26.31
N SER E 558 17.92 98.95 26.66
CA SER E 558 18.65 98.62 27.88
C SER E 558 18.87 99.87 28.71
N TYR E 559 19.01 99.67 30.03
CA TYR E 559 19.20 100.77 30.96
C TYR E 559 20.27 100.41 31.97
N CYS E 560 20.97 101.44 32.47
CA CYS E 560 22.13 101.27 33.32
C CYS E 560 21.81 101.69 34.75
N VAL E 561 22.40 100.99 35.72
CA VAL E 561 22.08 101.19 37.13
C VAL E 561 23.26 100.62 37.93
N LYS E 562 23.42 101.09 39.16
CA LYS E 562 24.53 100.67 40.03
C LYS E 562 24.02 100.35 41.43
N SER E 563 23.02 99.47 41.52
CA SER E 563 22.58 99.11 42.86
C SER E 563 23.46 98.03 43.46
N GLY E 564 23.55 96.88 42.78
CA GLY E 564 23.97 95.64 43.35
C GLY E 564 22.81 94.70 43.63
N LEU E 565 21.61 95.27 43.80
CA LEU E 565 20.41 94.44 43.89
C LEU E 565 20.02 93.91 42.52
N PHE E 566 20.22 94.70 41.47
CA PHE E 566 19.93 94.26 40.12
C PHE E 566 20.90 93.18 39.64
N THR E 567 22.12 93.19 40.18
CA THR E 567 23.18 92.34 39.64
C THR E 567 23.05 90.89 40.11
N GLY E 568 23.08 90.67 41.42
CA GLY E 568 23.19 89.33 41.96
C GLY E 568 21.90 88.52 41.84
N GLY E 569 21.97 87.32 42.40
CA GLY E 569 20.86 86.39 42.33
C GLY E 569 21.34 85.02 41.88
N SER E 570 20.67 84.43 40.89
CA SER E 570 21.15 83.25 40.21
C SER E 570 21.39 83.58 38.75
N LEU E 571 22.06 82.67 38.06
CA LEU E 571 22.29 82.86 36.64
C LEU E 571 21.00 82.62 35.87
N PRO E 572 20.59 83.53 35.00
CA PRO E 572 19.33 83.37 34.29
C PRO E 572 19.45 82.32 33.20
N PRO E 573 18.35 81.72 32.78
CA PRO E 573 18.39 80.85 31.60
C PRO E 573 18.45 81.68 30.33
N ALA E 574 18.59 80.99 29.21
CA ALA E 574 18.63 81.65 27.92
C ALA E 574 17.25 82.14 27.54
N ARG E 575 17.20 83.30 26.89
CA ARG E 575 15.98 83.73 26.22
C ARG E 575 15.80 82.95 24.93
N LEU E 576 14.75 82.15 24.87
CA LEU E 576 14.56 81.33 23.71
C LEU E 576 13.69 82.08 22.70
N PRO E 577 13.82 81.77 21.41
CA PRO E 577 12.93 82.36 20.39
C PRO E 577 11.51 81.86 20.56
N PRO E 578 10.51 82.46 19.89
CA PRO E 578 10.44 83.66 19.04
C PRO E 578 10.45 84.91 19.88
N PHE E 579 11.05 85.96 19.32
CA PHE E 579 11.14 87.24 20.00
C PHE E 579 10.14 88.24 19.46
N THR E 580 9.46 87.92 18.37
CA THR E 580 8.37 88.72 17.84
C THR E 580 7.09 87.92 17.93
N ARG E 581 6.00 88.57 17.58
CA ARG E 581 4.68 87.94 17.50
C ARG E 581 4.16 88.09 16.09
N PRO E 582 3.27 87.20 15.64
CA PRO E 582 2.68 87.38 14.31
C PRO E 582 1.74 88.56 14.31
N PRO E 583 1.71 89.32 13.21
CA PRO E 583 1.00 90.60 13.22
C PRO E 583 -0.50 90.44 13.13
N LEU E 584 -1.19 91.55 13.33
CA LEU E 584 -2.64 91.58 13.25
C LEU E 584 -3.10 91.71 11.81
N MET E 585 -4.24 91.10 11.52
CA MET E 585 -4.82 91.08 10.20
C MET E 585 -6.25 91.56 10.27
N SER E 586 -6.69 92.22 9.21
CA SER E 586 -8.07 92.68 9.15
C SER E 586 -8.99 91.56 8.68
N GLN E 587 -10.13 91.41 9.36
CA GLN E 587 -10.97 90.23 9.30
C GLN E 587 -12.41 90.63 9.02
N ALA E 588 -13.26 89.63 8.82
CA ALA E 588 -14.69 89.82 8.62
C ALA E 588 -15.39 88.51 8.93
N ALA E 589 -16.54 88.59 9.59
CA ALA E 589 -17.28 87.40 9.97
C ALA E 589 -18.77 87.66 9.83
N THR E 590 -19.46 86.80 9.07
CA THR E 590 -20.88 86.95 8.82
C THR E 590 -21.63 85.74 9.35
N ASN E 591 -22.92 85.95 9.61
CA ASN E 591 -23.82 84.92 10.14
C ASN E 591 -25.19 85.14 9.52
N THR E 592 -25.54 84.35 8.50
CA THR E 592 -26.86 84.42 7.90
C THR E 592 -27.74 83.32 8.48
N VAL E 593 -28.92 83.69 8.97
CA VAL E 593 -29.87 82.75 9.54
C VAL E 593 -31.17 82.84 8.75
N ILE E 594 -31.68 81.69 8.31
CA ILE E 594 -32.97 81.60 7.64
C ILE E 594 -33.92 80.88 8.59
N VAL E 595 -35.07 81.49 8.86
CA VAL E 595 -36.05 80.93 9.78
C VAL E 595 -37.36 80.78 9.01
N THR E 596 -37.82 79.54 8.84
CA THR E 596 -39.14 79.31 8.27
C THR E 596 -40.15 79.37 9.40
N ASN E 597 -41.10 80.29 9.29
CA ASN E 597 -42.09 80.52 10.33
C ASN E 597 -43.32 79.62 10.15
N SER E 598 -43.23 78.58 9.32
CA SER E 598 -44.42 77.82 8.98
C SER E 598 -44.06 76.43 8.51
N GLU E 599 -44.98 75.50 8.74
CA GLU E 599 -45.02 74.26 7.99
C GLU E 599 -45.72 74.52 6.67
N ASN E 600 -45.84 73.47 5.85
CA ASN E 600 -46.32 73.56 4.46
C ASN E 600 -45.48 74.55 3.67
N ALA E 601 -44.17 74.47 3.85
CA ALA E 601 -43.24 75.38 3.20
C ALA E 601 -41.93 74.63 3.02
N ARG E 602 -41.68 74.15 1.82
CA ARG E 602 -40.46 73.41 1.54
C ARG E 602 -39.37 74.34 1.02
N SER E 603 -38.15 73.86 1.03
CA SER E 603 -37.01 74.66 0.63
C SER E 603 -35.91 73.76 0.12
N TRP E 604 -35.29 74.15 -0.98
CA TRP E 604 -34.15 73.44 -1.55
C TRP E 604 -32.97 74.38 -1.60
N ILE E 605 -31.80 73.89 -1.22
CA ILE E 605 -30.60 74.71 -1.11
C ILE E 605 -29.46 74.01 -1.84
N LYS E 606 -28.77 74.74 -2.70
CA LYS E 606 -27.55 74.28 -3.34
C LYS E 606 -26.41 75.15 -2.80
N ASP E 607 -25.53 74.54 -2.00
CA ASP E 607 -24.60 75.32 -1.18
C ASP E 607 -23.48 75.94 -2.01
N SER E 608 -23.02 75.25 -3.05
CA SER E 608 -21.98 75.77 -3.92
C SER E 608 -22.13 75.09 -5.28
N GLN E 609 -21.19 75.40 -6.17
CA GLN E 609 -21.25 74.83 -7.51
C GLN E 609 -20.88 73.36 -7.54
N THR E 610 -20.17 72.87 -6.53
CA THR E 610 -19.83 71.46 -6.45
C THR E 610 -20.85 70.64 -5.68
N HIS E 611 -21.65 71.28 -4.83
CA HIS E 611 -22.68 70.57 -4.10
C HIS E 611 -23.83 70.18 -5.03
N GLN E 612 -24.67 69.28 -4.55
CA GLN E 612 -25.93 68.96 -5.19
C GLN E 612 -27.06 69.67 -4.45
N TRP E 613 -28.23 69.69 -5.08
CA TRP E 613 -29.41 70.27 -4.44
C TRP E 613 -29.79 69.46 -3.22
N ARG E 614 -30.11 70.17 -2.15
CA ARG E 614 -30.29 69.60 -0.84
C ARG E 614 -31.60 70.10 -0.27
N LEU E 615 -32.34 69.22 0.39
CA LEU E 615 -33.59 69.63 1.00
C LEU E 615 -33.31 70.48 2.23
N GLY E 616 -33.94 71.64 2.31
CA GLY E 616 -33.61 72.59 3.36
C GLY E 616 -34.29 72.27 4.68
N GLU E 617 -33.74 72.89 5.73
CA GLU E 617 -34.16 72.77 7.11
C GLU E 617 -34.78 74.08 7.58
N PRO E 618 -35.55 74.08 8.68
CA PRO E 618 -36.16 75.33 9.13
C PRO E 618 -35.18 76.38 9.65
N ILE E 619 -34.06 75.98 10.25
CA ILE E 619 -33.02 76.91 10.67
C ILE E 619 -31.73 76.50 9.98
N GLU E 620 -31.08 77.44 9.29
CA GLU E 620 -29.92 77.10 8.46
C GLU E 620 -28.57 77.45 9.08
N LEU E 621 -28.33 78.74 9.37
CA LEU E 621 -27.11 79.24 10.02
C LEU E 621 -25.85 78.91 9.21
N ARG E 622 -25.71 79.61 8.08
CA ARG E 622 -24.45 79.66 7.36
C ARG E 622 -23.46 80.57 8.10
N ARG E 623 -22.16 80.24 7.99
CA ARG E 623 -21.09 81.05 8.59
C ARG E 623 -19.95 81.24 7.61
N ALA E 624 -19.25 82.36 7.75
CA ALA E 624 -18.11 82.65 6.91
C ALA E 624 -17.12 83.53 7.68
N MET E 625 -15.83 83.26 7.48
CA MET E 625 -14.77 84.09 8.07
C MET E 625 -13.79 84.46 6.97
N ASN E 626 -13.61 85.75 6.75
CA ASN E 626 -12.80 86.28 5.65
C ASN E 626 -11.61 87.03 6.23
N VAL E 627 -10.41 86.62 5.85
CA VAL E 627 -9.17 87.23 6.34
C VAL E 627 -8.41 87.75 5.13
N ILE E 628 -7.82 88.94 5.25
CA ILE E 628 -6.90 89.46 4.26
C ILE E 628 -5.57 89.80 4.92
N HIS E 629 -4.47 89.31 4.34
CA HIS E 629 -3.13 89.55 4.84
C HIS E 629 -2.65 90.92 4.38
N GLY E 630 -2.58 91.87 5.32
CA GLY E 630 -2.10 93.20 5.01
C GLY E 630 -3.08 94.04 4.21
N ASP F 10 -5.40 39.68 13.39
CA ASP F 10 -4.55 40.85 13.45
C ASP F 10 -4.29 41.29 14.90
N GLU F 11 -3.41 42.26 15.06
CA GLU F 11 -3.00 42.75 16.37
C GLU F 11 -2.43 44.15 16.18
N VAL F 12 -2.79 45.08 17.05
CA VAL F 12 -2.44 46.49 16.88
C VAL F 12 -1.80 47.02 18.15
N GLY F 13 -1.29 48.24 18.05
CA GLY F 13 -0.87 48.99 19.21
C GLY F 13 0.50 48.58 19.73
N VAL F 14 0.65 48.71 21.05
CA VAL F 14 1.93 48.45 21.70
C VAL F 14 2.21 46.95 21.72
N GLN F 15 1.16 46.14 21.83
CA GLN F 15 1.34 44.72 22.05
C GLN F 15 1.80 43.98 20.79
N LYS F 16 1.54 44.55 19.61
CA LYS F 16 2.17 44.04 18.39
C LYS F 16 3.67 44.25 18.43
N CYS F 17 4.12 45.39 18.98
CA CYS F 17 5.54 45.66 19.10
C CYS F 17 6.18 44.75 20.14
N LYS F 18 5.47 44.47 21.23
CA LYS F 18 6.04 43.68 22.31
C LYS F 18 6.17 42.22 21.95
N ASN F 19 5.31 41.70 21.08
CA ASN F 19 5.39 40.30 20.73
C ASN F 19 6.49 40.04 19.71
N ALA F 20 6.74 41.01 18.82
CA ALA F 20 7.76 40.82 17.80
C ALA F 20 9.17 41.08 18.34
N LEU F 21 9.29 41.90 19.37
CA LEU F 21 10.60 42.33 19.85
C LEU F 21 10.97 41.81 21.23
N LYS F 22 9.97 41.58 22.10
CA LYS F 22 10.15 41.02 23.44
C LYS F 22 11.08 41.86 24.31
N LEU F 23 10.76 43.14 24.42
CA LEU F 23 11.55 44.06 25.22
C LEU F 23 10.62 45.18 25.68
N PRO F 24 10.86 45.80 26.85
CA PRO F 24 9.86 46.71 27.43
C PRO F 24 9.74 48.04 26.72
N VAL F 25 8.82 48.86 27.19
CA VAL F 25 8.53 50.16 26.62
C VAL F 25 9.12 51.22 27.54
N LEU F 26 9.66 52.29 26.98
CA LEU F 26 10.26 53.34 27.79
C LEU F 26 9.15 54.08 28.53
N GLU F 27 9.17 54.00 29.86
CA GLU F 27 8.06 54.48 30.67
C GLU F 27 8.10 55.96 30.95
N VAL F 28 9.08 56.69 30.43
CA VAL F 28 9.27 58.10 30.74
C VAL F 28 9.05 58.86 29.44
N LEU F 29 7.85 59.39 29.24
CA LEU F 29 7.54 59.94 27.93
C LEU F 29 7.09 61.39 28.02
N PRO F 30 7.45 62.22 27.06
CA PRO F 30 7.01 63.61 27.07
C PRO F 30 5.67 63.76 26.36
N GLY F 31 5.17 64.99 26.28
CA GLY F 31 3.89 65.25 25.66
C GLY F 31 2.71 65.23 26.59
N GLY F 32 2.90 65.08 27.88
CA GLY F 32 1.81 65.15 28.82
C GLY F 32 1.64 66.53 29.40
N GLY F 33 0.52 66.74 30.06
CA GLY F 33 0.29 68.00 30.72
C GLY F 33 1.04 68.11 32.01
N TRP F 34 1.23 69.33 32.47
CA TRP F 34 2.06 69.56 33.64
C TRP F 34 1.52 70.76 34.41
N ASP F 35 1.07 70.53 35.63
CA ASP F 35 0.75 71.61 36.54
C ASP F 35 2.04 72.15 37.13
N ASN F 36 2.36 73.40 36.83
CA ASN F 36 3.63 73.96 37.24
C ASN F 36 3.58 74.62 38.60
N LEU F 37 2.41 74.70 39.23
CA LEU F 37 2.37 75.12 40.62
C LEU F 37 2.55 73.96 41.58
N ARG F 38 1.96 72.82 41.28
CA ARG F 38 2.00 71.68 42.17
C ARG F 38 3.07 70.66 41.81
N ASN F 39 3.72 70.82 40.66
CA ASN F 39 4.66 69.87 40.07
C ASN F 39 4.08 68.46 39.98
N VAL F 40 2.86 68.36 39.48
CA VAL F 40 2.24 67.09 39.15
C VAL F 40 1.99 67.07 37.67
N ASP F 41 1.86 65.87 37.11
CA ASP F 41 1.61 65.75 35.69
C ASP F 41 0.19 65.30 35.41
N MET F 42 -0.34 65.83 34.33
CA MET F 42 -1.74 65.84 33.97
C MET F 42 -2.04 64.86 32.85
N GLY F 43 -3.22 65.00 32.26
CA GLY F 43 -3.58 64.20 31.12
C GLY F 43 -2.72 64.48 29.90
N ARG F 44 -2.77 63.53 28.97
CA ARG F 44 -1.87 63.48 27.82
C ARG F 44 -2.35 64.43 26.73
N VAL F 45 -1.47 65.33 26.30
CA VAL F 45 -1.83 66.36 25.32
C VAL F 45 -1.46 65.93 23.90
N MET F 46 -0.33 65.26 23.72
CA MET F 46 0.09 64.81 22.41
C MET F 46 -0.39 63.39 22.14
N GLU F 47 -0.22 62.93 20.92
CA GLU F 47 -0.69 61.62 20.51
C GLU F 47 0.47 60.64 20.50
N LEU F 48 0.30 59.50 21.15
CA LEU F 48 1.32 58.46 21.21
C LEU F 48 0.87 57.29 20.34
N THR F 49 1.61 57.04 19.26
CA THR F 49 1.33 55.94 18.35
C THR F 49 2.51 54.99 18.31
N TYR F 50 2.22 53.71 18.09
CA TYR F 50 3.21 52.65 18.06
C TYR F 50 3.12 51.87 16.76
N SER F 51 3.04 52.58 15.65
CA SER F 51 2.80 51.92 14.37
C SER F 51 4.07 51.36 13.76
N ASN F 52 5.22 52.00 13.98
CA ASN F 52 6.43 51.69 13.25
C ASN F 52 7.41 50.80 14.01
N CYS F 53 7.06 50.39 15.23
CA CYS F 53 7.86 49.47 16.06
C CYS F 53 9.26 50.01 16.33
N ARG F 54 9.37 51.31 16.58
CA ARG F 54 10.67 51.92 16.79
C ARG F 54 11.23 51.53 18.14
N THR F 55 12.54 51.37 18.19
CA THR F 55 13.25 51.14 19.44
C THR F 55 14.28 52.24 19.63
N THR F 56 14.88 52.26 20.81
CA THR F 56 16.04 53.11 20.98
C THR F 56 17.21 52.52 20.22
N GLU F 57 18.22 53.35 19.99
CA GLU F 57 19.33 52.96 19.13
C GLU F 57 20.17 51.85 19.74
N ASP F 58 20.21 51.74 21.06
CA ASP F 58 20.84 50.59 21.69
C ASP F 58 19.92 49.38 21.76
N GLY F 59 18.67 49.52 21.38
CA GLY F 59 17.77 48.39 21.23
C GLY F 59 17.27 47.78 22.52
N GLN F 60 16.84 48.60 23.48
CA GLN F 60 16.37 48.08 24.74
C GLN F 60 15.04 48.63 25.20
N TYR F 61 14.45 49.58 24.48
CA TYR F 61 13.14 50.09 24.83
C TYR F 61 12.36 50.37 23.56
N ILE F 62 11.09 50.00 23.55
CA ILE F 62 10.16 50.43 22.52
C ILE F 62 9.74 51.86 22.80
N ILE F 63 9.84 52.71 21.79
CA ILE F 63 9.46 54.11 21.92
C ILE F 63 8.39 54.42 20.88
N PRO F 64 7.57 55.44 21.10
CA PRO F 64 6.62 55.87 20.06
C PRO F 64 7.32 56.46 18.84
N ASP F 65 6.51 56.70 17.81
CA ASP F 65 7.03 57.03 16.49
C ASP F 65 7.51 58.48 16.40
N GLU F 66 6.85 59.38 17.12
CA GLU F 66 7.08 60.81 17.10
C GLU F 66 8.10 61.26 18.13
N ILE F 67 8.81 60.33 18.76
CA ILE F 67 9.68 60.63 19.86
C ILE F 67 11.06 60.12 19.53
N PHE F 68 12.06 60.99 19.64
CA PHE F 68 13.44 60.58 19.49
C PHE F 68 14.14 60.67 20.83
N THR F 69 15.10 59.79 21.05
CA THR F 69 15.84 59.73 22.29
C THR F 69 17.29 60.12 22.04
N ILE F 70 17.94 60.62 23.06
CA ILE F 70 19.36 60.97 23.02
C ILE F 70 20.07 60.12 24.05
N PRO F 71 20.98 59.25 23.67
CA PRO F 71 21.74 58.48 24.66
C PRO F 71 22.82 59.34 25.30
N GLN F 72 22.63 59.67 26.55
CA GLN F 72 23.67 60.34 27.32
C GLN F 72 23.76 59.66 28.68
N LYS F 73 24.55 58.60 28.72
CA LYS F 73 24.59 57.68 29.85
C LYS F 73 25.55 58.26 30.87
N GLN F 74 25.01 59.18 31.66
CA GLN F 74 25.79 60.10 32.46
C GLN F 74 25.51 59.87 33.93
N SER F 75 26.57 59.68 34.71
CA SER F 75 26.48 59.46 36.13
C SER F 75 27.22 60.57 36.85
N ASN F 76 26.61 61.11 37.90
CA ASN F 76 27.20 62.17 38.70
C ASN F 76 27.28 61.73 40.14
N LEU F 77 28.37 62.04 40.81
CA LEU F 77 28.56 61.65 42.19
C LEU F 77 29.20 62.82 42.92
N GLU F 78 28.56 63.29 43.97
CA GLU F 78 29.06 64.41 44.75
C GLU F 78 29.72 63.87 46.02
N MET F 79 30.93 64.35 46.29
CA MET F 79 31.58 64.14 47.57
C MET F 79 31.27 65.25 48.57
N ASN F 80 30.37 66.14 48.22
CA ASN F 80 30.10 67.33 48.98
C ASN F 80 28.59 67.41 49.20
N SER F 81 28.14 68.54 49.68
CA SER F 81 26.74 68.84 49.85
C SER F 81 26.44 70.18 49.19
N GLU F 82 25.23 70.68 49.36
CA GLU F 82 24.93 72.03 48.95
C GLU F 82 23.95 72.63 49.95
N ILE F 83 24.17 73.89 50.29
CA ILE F 83 23.48 74.52 51.40
C ILE F 83 22.42 75.46 50.86
N LEU F 84 21.21 75.35 51.42
CA LEU F 84 20.05 76.13 50.98
C LEU F 84 19.48 76.78 52.22
N GLU F 85 20.01 77.94 52.62
CA GLU F 85 19.62 78.56 53.88
C GLU F 85 18.41 79.47 53.77
N SER F 86 17.64 79.37 52.68
CA SER F 86 16.42 80.15 52.52
C SER F 86 15.53 79.40 51.55
N TRP F 87 14.22 79.41 51.81
CA TRP F 87 13.29 78.73 50.93
C TRP F 87 12.88 79.57 49.73
N ALA F 88 13.36 80.80 49.60
CA ALA F 88 13.00 81.61 48.43
C ALA F 88 13.69 81.10 47.18
N ASN F 89 15.00 80.88 47.26
CA ASN F 89 15.76 80.33 46.13
C ASN F 89 15.77 78.80 46.20
N TYR F 90 14.60 78.23 45.89
CA TYR F 90 14.36 76.81 46.02
C TYR F 90 14.70 76.05 44.74
N GLN F 91 15.37 74.91 44.90
CA GLN F 91 15.75 74.02 43.81
C GLN F 91 14.86 72.80 43.90
N SER F 92 14.19 72.46 42.80
CA SER F 92 13.17 71.43 42.89
C SER F 92 13.73 70.02 42.96
N SER F 93 14.88 69.76 42.34
CA SER F 93 15.62 68.50 42.24
C SER F 93 14.96 67.43 41.39
N THR F 94 13.76 67.64 40.90
CA THR F 94 13.18 66.72 39.93
C THR F 94 12.45 67.41 38.79
N SER F 95 12.14 68.70 38.91
CA SER F 95 11.46 69.44 37.86
C SER F 95 12.07 70.83 37.78
N TYR F 96 13.40 70.89 37.80
CA TYR F 96 14.09 72.15 37.98
C TYR F 96 14.05 73.02 36.72
N SER F 97 14.14 72.41 35.55
CA SER F 97 14.25 73.19 34.33
C SER F 97 12.92 73.77 33.88
N ILE F 98 11.80 73.14 34.25
CA ILE F 98 10.51 73.67 33.86
C ILE F 98 10.01 74.72 34.85
N ASN F 99 10.56 74.77 36.06
CA ASN F 99 10.16 75.81 36.98
C ASN F 99 10.94 77.11 36.80
N THR F 100 12.15 77.05 36.24
CA THR F 100 13.03 78.20 36.20
C THR F 100 12.87 79.04 34.94
N GLU F 101 11.75 78.89 34.24
CA GLU F 101 11.49 79.63 33.03
C GLU F 101 11.32 81.13 33.29
N LEU F 102 11.54 81.93 32.24
CA LEU F 102 11.44 83.38 32.33
C LEU F 102 9.99 83.79 32.09
N SER F 103 9.31 84.23 33.14
CA SER F 103 7.92 84.63 33.03
C SER F 103 7.59 85.59 34.16
N LEU F 104 6.33 86.00 34.21
CA LEU F 104 5.85 86.86 35.28
C LEU F 104 5.79 86.11 36.60
N PHE F 105 5.33 84.86 36.54
CA PHE F 105 5.07 84.05 37.73
C PHE F 105 6.13 83.01 37.94
N SER F 106 7.39 83.36 37.67
CA SER F 106 8.50 82.45 37.89
C SER F 106 8.79 82.27 39.38
N LYS F 107 8.34 83.20 40.22
CA LYS F 107 8.54 83.06 41.65
C LYS F 107 7.47 82.22 42.32
N VAL F 108 6.43 81.82 41.59
CA VAL F 108 5.32 81.05 42.16
C VAL F 108 5.34 79.60 41.68
N ASN F 109 6.17 79.28 40.69
CA ASN F 109 6.25 77.91 40.17
C ASN F 109 6.81 76.95 41.20
N GLY F 110 6.08 75.87 41.44
CA GLY F 110 6.49 74.85 42.38
C GLY F 110 6.17 75.12 43.81
N LYS F 111 5.52 76.25 44.14
CA LYS F 111 5.32 76.64 45.52
C LYS F 111 4.14 75.97 46.19
N PHE F 112 3.49 75.03 45.51
CA PHE F 112 2.44 74.22 46.11
C PHE F 112 2.77 72.75 46.00
N SER F 113 4.00 72.43 45.66
CA SER F 113 4.47 71.06 45.58
C SER F 113 4.61 70.50 46.98
N THR F 114 4.49 69.18 47.11
CA THR F 114 4.66 68.56 48.41
C THR F 114 6.12 68.61 48.85
N GLU F 115 7.04 68.65 47.90
CA GLU F 115 8.46 68.70 48.22
C GLU F 115 8.88 70.08 48.69
N PHE F 116 8.20 71.13 48.22
CA PHE F 116 8.46 72.48 48.71
C PHE F 116 7.81 72.71 50.06
N GLN F 117 6.54 72.36 50.17
CA GLN F 117 5.79 72.64 51.40
C GLN F 117 6.25 71.80 52.56
N ARG F 118 6.91 70.68 52.31
CA ARG F 118 7.57 69.96 53.37
C ARG F 118 8.88 70.63 53.75
N MET F 119 9.54 71.29 52.81
CA MET F 119 10.82 71.91 53.14
C MET F 119 10.63 73.24 53.86
N LYS F 120 9.60 73.99 53.49
CA LYS F 120 9.35 75.29 54.09
C LYS F 120 8.91 75.15 55.55
N THR F 121 8.13 74.13 55.84
CA THR F 121 7.66 73.93 57.21
C THR F 121 8.71 73.34 58.13
N LEU F 122 9.91 73.03 57.62
CA LEU F 122 11.01 72.59 58.45
C LEU F 122 12.05 73.68 58.69
N GLN F 123 12.08 74.70 57.84
CA GLN F 123 12.96 75.82 58.06
C GLN F 123 12.33 76.90 58.92
N VAL F 124 11.02 76.88 59.09
CA VAL F 124 10.32 77.89 59.88
C VAL F 124 10.00 77.36 61.27
N LYS F 125 9.53 76.11 61.34
CA LYS F 125 9.22 75.48 62.62
C LYS F 125 10.47 75.25 63.46
N ASP F 126 11.59 74.94 62.81
CA ASP F 126 12.80 74.53 63.50
C ASP F 126 13.92 75.54 63.36
N GLN F 127 13.70 76.66 62.65
CA GLN F 127 14.68 77.71 62.39
C GLN F 127 15.93 77.15 61.75
N ALA F 128 15.74 76.40 60.67
CA ALA F 128 16.76 75.51 60.16
C ALA F 128 17.26 75.95 58.78
N ILE F 129 18.37 75.34 58.38
CA ILE F 129 18.90 75.43 57.03
C ILE F 129 18.88 74.01 56.45
N THR F 130 18.91 73.93 55.12
CA THR F 130 18.73 72.67 54.43
C THR F 130 19.97 72.35 53.62
N THR F 131 20.45 71.11 53.73
CA THR F 131 21.52 70.59 52.90
C THR F 131 20.99 69.48 52.02
N ARG F 132 21.61 69.27 50.85
CA ARG F 132 21.20 68.21 49.94
C ARG F 132 22.39 67.58 49.26
N VAL F 133 22.50 66.25 49.37
CA VAL F 133 23.50 65.47 48.66
C VAL F 133 22.77 64.50 47.75
N GLN F 134 23.26 64.32 46.53
CA GLN F 134 22.57 63.41 45.62
C GLN F 134 23.52 62.72 44.66
N VAL F 135 23.14 61.50 44.29
CA VAL F 135 23.80 60.72 43.25
C VAL F 135 22.81 60.59 42.11
N ARG F 136 23.06 61.30 41.01
CA ARG F 136 22.14 61.34 39.89
C ARG F 136 22.68 60.52 38.74
N ASN F 137 21.79 59.82 38.06
CA ASN F 137 22.16 58.87 37.02
C ASN F 137 21.25 59.11 35.83
N LEU F 138 21.64 60.02 34.95
CA LEU F 138 20.88 60.35 33.74
C LEU F 138 21.21 59.37 32.63
N VAL F 139 20.20 58.73 32.06
CA VAL F 139 20.39 57.71 31.04
C VAL F 139 19.97 58.20 29.66
N TYR F 140 18.76 58.73 29.53
CA TYR F 140 18.26 59.21 28.26
C TYR F 140 17.72 60.62 28.38
N THR F 141 17.77 61.34 27.27
CA THR F 141 16.96 62.53 27.04
C THR F 141 15.94 62.17 25.98
N VAL F 142 14.66 62.36 26.30
CA VAL F 142 13.56 61.87 25.49
C VAL F 142 12.77 63.10 25.05
N LYS F 143 12.73 63.37 23.74
CA LYS F 143 12.11 64.58 23.22
C LYS F 143 11.01 64.26 22.23
N ILE F 144 10.27 65.30 21.84
CA ILE F 144 9.20 65.20 20.85
C ILE F 144 9.66 65.80 19.52
N ASN F 145 9.33 65.11 18.45
CA ASN F 145 9.52 65.64 17.10
C ASN F 145 8.58 66.81 16.92
N PRO F 146 9.05 67.95 16.36
CA PRO F 146 8.17 69.12 16.22
C PRO F 146 7.00 68.97 15.26
N THR F 147 6.86 67.86 14.55
CA THR F 147 5.74 67.65 13.63
C THR F 147 4.71 66.68 14.19
N LEU F 148 4.45 66.78 15.48
CA LEU F 148 3.52 65.92 16.18
C LEU F 148 2.15 66.57 16.26
N GLU F 149 1.11 65.74 16.35
CA GLU F 149 -0.27 66.18 16.44
C GLU F 149 -0.85 65.92 17.83
N LEU F 150 -1.98 66.56 18.09
CA LEU F 150 -2.63 66.54 19.39
C LEU F 150 -3.33 65.22 19.66
N SER F 151 -3.64 65.01 20.93
CA SER F 151 -4.32 63.79 21.35
C SER F 151 -5.79 63.84 20.93
N SER F 152 -6.44 62.69 21.03
CA SER F 152 -7.85 62.60 20.65
C SER F 152 -8.76 63.25 21.68
N GLY F 153 -8.41 63.15 22.96
CA GLY F 153 -9.22 63.74 24.00
C GLY F 153 -9.00 65.22 24.14
N PHE F 154 -7.77 65.68 23.94
CA PHE F 154 -7.46 67.10 24.10
C PHE F 154 -8.00 67.92 22.93
N ARG F 155 -8.04 67.33 21.74
CA ARG F 155 -8.63 68.03 20.59
C ARG F 155 -10.12 68.19 20.74
N LYS F 156 -10.79 67.20 21.35
CA LYS F 156 -12.23 67.26 21.53
C LYS F 156 -12.63 68.37 22.49
N GLU F 157 -11.82 68.62 23.52
CA GLU F 157 -12.18 69.64 24.48
C GLU F 157 -11.77 71.03 24.01
N LEU F 158 -10.88 71.14 23.04
CA LEU F 158 -10.64 72.43 22.40
C LEU F 158 -11.72 72.75 21.38
N LEU F 159 -12.29 71.73 20.75
CA LEU F 159 -13.40 71.94 19.82
C LEU F 159 -14.69 72.30 20.54
N ASP F 160 -14.83 71.90 21.80
CA ASP F 160 -15.99 72.31 22.57
C ASP F 160 -15.88 73.75 23.04
N ILE F 161 -14.68 74.22 23.34
CA ILE F 161 -14.46 75.65 23.56
C ILE F 161 -14.67 76.40 22.26
N SER F 162 -14.26 75.79 21.15
CA SER F 162 -14.38 76.40 19.83
C SER F 162 -15.83 76.65 19.44
N ASP F 163 -16.73 75.74 19.82
CA ASP F 163 -18.14 75.90 19.48
C ASP F 163 -18.77 77.06 20.24
N ARG F 164 -18.35 77.28 21.48
CA ARG F 164 -18.92 78.35 22.29
C ARG F 164 -18.44 79.72 21.82
N LEU F 165 -17.24 79.81 21.26
CA LEU F 165 -16.79 81.09 20.72
C LEU F 165 -17.51 81.44 19.42
N GLU F 166 -18.00 80.45 18.70
CA GLU F 166 -18.77 80.72 17.48
C GLU F 166 -20.13 81.34 17.81
N ASN F 167 -20.81 80.79 18.81
CA ASN F 167 -22.15 81.17 19.18
C ASN F 167 -22.22 82.40 20.05
N ASN F 168 -21.12 83.12 20.22
CA ASN F 168 -21.00 84.28 21.12
C ASN F 168 -21.45 83.92 22.52
N GLN F 169 -20.84 82.87 23.08
CA GLN F 169 -21.16 82.42 24.42
C GLN F 169 -19.86 82.48 25.21
N THR F 170 -19.55 83.68 25.73
CA THR F 170 -18.25 83.95 26.28
C THR F 170 -18.11 83.42 27.70
N ARG F 171 -19.17 83.52 28.50
CA ARG F 171 -19.12 83.03 29.87
C ARG F 171 -19.07 81.51 29.93
N MET F 172 -19.64 80.84 28.95
CA MET F 172 -19.62 79.39 28.95
C MET F 172 -18.32 78.86 28.34
N ALA F 173 -17.67 79.65 27.49
CA ALA F 173 -16.36 79.28 26.97
C ALA F 173 -15.27 79.51 28.01
N THR F 174 -15.42 80.57 28.83
CA THR F 174 -14.48 80.83 29.91
C THR F 174 -14.55 79.74 30.96
N TYR F 175 -15.74 79.20 31.20
CA TYR F 175 -15.88 78.08 32.12
C TYR F 175 -15.20 76.83 31.60
N LEU F 176 -15.38 76.51 30.33
CA LEU F 176 -14.76 75.32 29.77
C LEU F 176 -13.26 75.47 29.58
N ALA F 177 -12.76 76.70 29.43
CA ALA F 177 -11.33 76.91 29.34
C ALA F 177 -10.63 76.62 30.66
N GLU F 178 -11.31 76.88 31.77
CA GLU F 178 -10.77 76.61 33.09
C GLU F 178 -10.84 75.14 33.47
N LEU F 179 -11.77 74.39 32.91
CA LEU F 179 -11.75 72.95 33.08
C LEU F 179 -10.69 72.28 32.24
N LEU F 180 -10.19 72.96 31.22
CA LEU F 180 -9.05 72.44 30.47
C LEU F 180 -7.78 72.50 31.31
N VAL F 181 -7.68 73.51 32.17
CA VAL F 181 -6.51 73.68 33.03
C VAL F 181 -6.59 72.75 34.24
N LEU F 182 -7.79 72.42 34.71
CA LEU F 182 -7.93 71.39 35.73
C LEU F 182 -7.46 70.04 35.21
N ASN F 183 -7.75 69.72 33.96
CA ASN F 183 -7.50 68.38 33.46
C ASN F 183 -6.15 68.25 32.77
N TYR F 184 -5.58 69.34 32.26
CA TYR F 184 -4.37 69.26 31.47
C TYR F 184 -3.25 70.17 31.95
N GLY F 185 -3.45 70.92 33.03
CA GLY F 185 -2.36 71.68 33.59
C GLY F 185 -2.12 73.01 32.88
N THR F 186 -0.95 73.57 33.14
CA THR F 186 -0.56 74.84 32.58
C THR F 186 0.55 74.73 31.56
N HIS F 187 1.17 73.57 31.42
CA HIS F 187 2.34 73.38 30.58
C HIS F 187 2.26 72.02 29.91
N VAL F 188 3.06 71.85 28.86
CA VAL F 188 3.22 70.57 28.18
C VAL F 188 4.70 70.22 28.24
N THR F 189 5.01 69.03 28.72
CA THR F 189 6.41 68.62 28.79
C THR F 189 6.90 68.28 27.40
N THR F 190 7.96 68.95 26.96
CA THR F 190 8.53 68.67 25.65
C THR F 190 9.79 67.83 25.71
N SER F 191 10.47 67.79 26.84
CA SER F 191 11.56 66.84 27.01
C SER F 191 11.61 66.39 28.45
N VAL F 192 11.91 65.12 28.64
CA VAL F 192 12.12 64.53 29.95
C VAL F 192 13.50 63.91 29.98
N ASP F 193 14.06 63.82 31.17
CA ASP F 193 15.33 63.15 31.41
C ASP F 193 15.05 61.88 32.18
N ALA F 194 15.29 60.73 31.55
CA ALA F 194 15.01 59.44 32.16
C ALA F 194 16.21 58.97 32.95
N GLY F 195 16.00 58.66 34.22
CA GLY F 195 17.08 58.16 35.03
C GLY F 195 16.65 57.93 36.45
N ALA F 196 17.62 57.86 37.36
CA ALA F 196 17.38 57.63 38.77
C ALA F 196 18.21 58.60 39.59
N ALA F 197 17.82 58.77 40.84
CA ALA F 197 18.55 59.64 41.75
C ALA F 197 18.38 59.14 43.16
N LEU F 198 19.41 59.32 43.98
CA LEU F 198 19.37 58.97 45.39
C LEU F 198 19.73 60.23 46.16
N ILE F 199 18.82 60.74 46.98
CA ILE F 199 18.95 62.08 47.55
C ILE F 199 18.96 61.99 49.07
N GLN F 200 19.88 62.71 49.69
CA GLN F 200 19.92 62.98 51.13
C GLN F 200 19.44 64.39 51.38
N GLU F 201 18.65 64.60 52.42
CA GLU F 201 18.20 65.94 52.75
C GLU F 201 18.21 66.11 54.26
N ASP F 202 19.24 66.75 54.79
CA ASP F 202 19.33 67.04 56.20
C ASP F 202 18.89 68.47 56.47
N HIS F 203 18.40 68.69 57.68
CA HIS F 203 18.11 70.02 58.18
C HIS F 203 18.96 70.28 59.40
N LEU F 204 19.68 71.39 59.39
CA LEU F 204 20.60 71.75 60.45
C LEU F 204 20.14 73.07 61.05
N ARG F 205 20.43 73.29 62.33
CA ARG F 205 20.11 74.57 62.94
C ARG F 205 20.92 75.68 62.30
N ALA F 206 20.29 76.85 62.14
CA ALA F 206 20.93 77.94 61.43
C ALA F 206 22.08 78.56 62.22
N SER F 207 22.14 78.30 63.53
CA SER F 207 23.26 78.73 64.34
C SER F 207 24.52 77.95 64.04
N PHE F 208 24.38 76.73 63.50
CA PHE F 208 25.53 75.88 63.24
C PHE F 208 26.34 76.34 62.03
N LEU F 209 25.74 77.09 61.12
CA LEU F 209 26.43 77.55 59.92
C LEU F 209 27.11 78.90 60.12
N GLN F 210 26.71 79.66 61.11
CA GLN F 210 27.15 81.04 61.30
C GLN F 210 28.60 81.18 61.78
N ASP F 211 29.46 80.17 61.75
CA ASP F 211 30.80 80.31 62.32
C ASP F 211 31.70 81.14 61.41
N SER F 212 31.98 80.65 60.20
CA SER F 212 32.83 81.36 59.24
C SER F 212 32.57 80.79 57.85
N GLN F 213 33.34 81.27 56.87
CA GLN F 213 33.34 80.73 55.53
C GLN F 213 34.30 79.57 55.36
N SER F 214 35.09 79.26 56.39
CA SER F 214 35.90 78.05 56.41
C SER F 214 35.20 76.92 57.16
N SER F 215 34.27 77.25 58.04
CA SER F 215 33.42 76.22 58.64
C SER F 215 32.45 75.67 57.62
N ARG F 216 32.08 76.50 56.63
CA ARG F 216 31.09 76.10 55.62
C ARG F 216 31.59 74.94 54.77
N SER F 217 32.87 74.94 54.43
CA SER F 217 33.44 73.87 53.64
C SER F 217 33.75 72.62 54.45
N ALA F 218 33.49 72.64 55.75
CA ALA F 218 33.57 71.44 56.58
C ALA F 218 32.22 70.91 57.00
N VAL F 219 31.23 71.80 57.15
CA VAL F 219 29.84 71.38 57.25
C VAL F 219 29.42 70.63 56.00
N THR F 220 29.85 71.14 54.84
CA THR F 220 29.40 70.64 53.56
C THR F 220 30.02 69.30 53.23
N ALA F 221 31.29 69.09 53.56
CA ALA F 221 31.93 67.80 53.31
C ALA F 221 31.64 66.79 54.39
N SER F 222 30.99 67.19 55.48
CA SER F 222 30.55 66.24 56.49
C SER F 222 29.26 65.56 56.07
N ALA F 223 28.36 66.34 55.45
CA ALA F 223 27.10 65.80 54.98
C ALA F 223 27.30 64.82 53.84
N GLY F 224 28.30 65.03 53.00
CA GLY F 224 28.60 64.07 51.97
C GLY F 224 29.28 62.83 52.48
N LEU F 225 29.91 62.92 53.64
CA LEU F 225 30.53 61.76 54.27
C LEU F 225 29.49 60.90 54.97
N ALA F 226 28.53 61.55 55.63
CA ALA F 226 27.43 60.83 56.27
C ALA F 226 26.56 60.12 55.26
N PHE F 227 26.43 60.68 54.06
CA PHE F 227 25.61 60.07 53.02
C PHE F 227 26.26 58.81 52.48
N GLN F 228 27.57 58.80 52.36
CA GLN F 228 28.25 57.60 51.90
C GLN F 228 28.32 56.54 52.96
N ASN F 229 28.32 56.93 54.24
CA ASN F 229 28.22 55.94 55.30
C ASN F 229 26.86 55.28 55.32
N THR F 230 25.80 56.08 55.11
CA THR F 230 24.44 55.58 55.18
C THR F 230 24.15 54.58 54.06
N VAL F 231 24.72 54.80 52.88
CA VAL F 231 24.50 53.81 51.83
C VAL F 231 25.33 52.55 52.09
N ASN F 232 26.54 52.67 52.61
CA ASN F 232 27.39 51.50 52.70
C ASN F 232 27.21 50.68 53.97
N PHE F 233 26.89 51.27 55.11
CA PHE F 233 27.13 50.61 56.39
C PHE F 233 25.90 50.26 57.20
N LYS F 234 24.87 49.68 56.56
CA LYS F 234 23.99 48.67 57.15
C LYS F 234 23.24 49.09 58.41
N PHE F 235 23.13 50.41 58.65
CA PHE F 235 22.54 51.09 59.82
C PHE F 235 23.43 50.95 61.07
N GLU F 236 24.46 50.13 60.99
CA GLU F 236 25.31 49.88 62.14
C GLU F 236 26.26 51.06 62.35
N GLU F 237 26.92 51.07 63.50
CA GLU F 237 27.95 52.07 63.75
C GLU F 237 29.34 51.55 63.37
N ASN F 238 29.40 51.03 62.14
CA ASN F 238 30.65 50.77 61.46
C ASN F 238 31.10 51.96 60.62
N TYR F 239 30.65 53.16 60.99
CA TYR F 239 30.91 54.34 60.20
C TYR F 239 32.37 54.78 60.32
N THR F 240 32.87 55.38 59.26
CA THR F 240 34.21 55.97 59.27
C THR F 240 34.12 57.46 59.63
N SER F 241 33.64 57.69 60.86
CA SER F 241 33.48 59.04 61.38
C SER F 241 34.84 59.68 61.61
N GLN F 242 35.19 60.65 60.76
CA GLN F 242 36.56 61.12 60.64
C GLN F 242 36.96 62.13 61.72
N ASN F 243 36.00 62.85 62.31
CA ASN F 243 36.35 63.96 63.17
C ASN F 243 35.40 63.99 64.36
N VAL F 244 35.57 65.03 65.18
CA VAL F 244 34.55 65.45 66.13
C VAL F 244 33.51 66.30 65.42
N LEU F 245 33.89 66.89 64.27
CA LEU F 245 32.95 67.69 63.49
C LEU F 245 31.85 66.83 62.89
N THR F 246 32.11 65.54 62.66
CA THR F 246 31.03 64.61 62.32
C THR F 246 30.11 64.43 63.50
N LYS F 247 30.66 64.33 64.71
CA LYS F 247 29.83 64.15 65.89
C LYS F 247 29.08 65.44 66.24
N SER F 248 29.70 66.59 66.02
CA SER F 248 28.98 67.84 66.24
C SER F 248 27.95 68.10 65.15
N TYR F 249 28.13 67.50 63.97
CA TYR F 249 27.14 67.62 62.90
C TYR F 249 25.83 66.94 63.29
N LEU F 250 25.92 65.82 63.99
CA LEU F 250 24.74 65.04 64.30
C LEU F 250 23.88 65.72 65.36
N SER F 251 24.50 66.48 66.25
CA SER F 251 23.75 67.05 67.35
C SER F 251 23.02 68.32 66.96
N ASN F 252 23.43 68.99 65.89
CA ASN F 252 22.69 70.12 65.34
C ASN F 252 21.72 69.72 64.26
N ARG F 253 21.77 68.46 63.82
CA ARG F 253 20.88 67.96 62.77
C ARG F 253 19.45 67.91 63.26
N THR F 254 18.53 68.45 62.48
CA THR F 254 17.13 68.45 62.86
C THR F 254 16.34 67.30 62.24
N ASN F 255 16.39 67.07 60.92
CA ASN F 255 15.43 66.10 60.36
C ASN F 255 16.03 64.87 59.68
N SER F 256 16.87 65.02 58.65
CA SER F 256 17.50 63.91 57.90
C SER F 256 16.60 62.89 57.20
N ARG F 257 15.98 63.25 56.08
CA ARG F 257 15.32 62.28 55.21
C ARG F 257 16.28 61.73 54.15
N VAL F 258 16.07 60.49 53.76
CA VAL F 258 16.76 59.89 52.63
C VAL F 258 15.72 59.46 51.60
N GLN F 259 15.88 59.92 50.36
CA GLN F 259 14.88 59.71 49.33
C GLN F 259 15.49 59.05 48.12
N SER F 260 14.85 58.00 47.62
CA SER F 260 15.23 57.36 46.37
C SER F 260 14.17 57.67 45.33
N ILE F 261 14.60 58.10 44.15
CA ILE F 261 13.69 58.41 43.06
C ILE F 261 14.10 57.56 41.88
N GLY F 262 13.33 56.52 41.59
CA GLY F 262 13.68 55.59 40.55
C GLY F 262 14.63 54.52 41.05
N GLY F 263 14.82 53.51 40.23
CA GLY F 263 15.65 52.41 40.65
C GLY F 263 14.95 51.49 41.62
N VAL F 264 15.75 50.74 42.36
CA VAL F 264 15.25 49.84 43.40
C VAL F 264 15.04 50.65 44.67
N PRO F 265 14.18 50.21 45.60
CA PRO F 265 13.98 50.98 46.83
C PRO F 265 15.22 50.99 47.71
N PHE F 266 15.47 52.13 48.33
CA PHE F 266 16.64 52.29 49.18
C PHE F 266 16.40 51.66 50.54
N TYR F 267 17.43 51.04 51.08
CA TYR F 267 17.52 50.65 52.47
C TYR F 267 18.94 50.91 52.92
N PRO F 268 19.16 51.28 54.18
CA PRO F 268 20.52 51.61 54.61
C PRO F 268 21.39 50.37 54.66
N GLY F 269 22.34 50.29 53.72
CA GLY F 269 23.12 49.10 53.59
C GLY F 269 23.26 48.61 52.17
N ILE F 270 22.39 49.07 51.27
CA ILE F 270 22.58 48.74 49.86
C ILE F 270 23.76 49.53 49.34
N THR F 271 24.74 48.84 48.79
CA THR F 271 25.94 49.53 48.37
C THR F 271 25.65 50.37 47.13
N LEU F 272 26.55 51.31 46.84
CA LEU F 272 26.33 52.19 45.70
C LEU F 272 26.47 51.42 44.40
N GLN F 273 27.27 50.35 44.40
CA GLN F 273 27.30 49.41 43.29
C GLN F 273 25.95 48.75 43.08
N ALA F 274 25.32 48.29 44.15
CA ALA F 274 24.11 47.49 44.01
C ALA F 274 22.89 48.35 43.72
N TRP F 275 22.88 49.61 44.16
CA TRP F 275 21.79 50.51 43.79
C TRP F 275 21.83 50.81 42.30
N GLN F 276 23.02 50.90 41.73
CA GLN F 276 23.18 51.21 40.31
C GLN F 276 22.94 50.04 39.40
N GLN F 277 22.79 48.83 39.93
CA GLN F 277 22.39 47.71 39.10
C GLN F 277 20.89 47.61 38.93
N GLY F 278 20.12 48.23 39.81
CA GLY F 278 18.69 48.21 39.73
C GLY F 278 18.08 49.38 39.00
N ILE F 279 18.91 50.24 38.42
CA ILE F 279 18.41 51.37 37.65
C ILE F 279 17.81 50.92 36.34
N THR F 280 18.33 49.82 35.79
CA THR F 280 17.82 49.23 34.56
C THR F 280 16.38 48.77 34.72
N ASN F 281 15.51 49.26 33.84
CA ASN F 281 14.07 49.05 33.75
C ASN F 281 13.28 49.72 34.87
N HIS F 282 13.91 50.53 35.70
CA HIS F 282 13.20 51.35 36.68
C HIS F 282 13.70 52.77 36.47
N LEU F 283 13.16 53.46 35.46
CA LEU F 283 13.58 54.80 35.14
C LEU F 283 12.41 55.74 35.32
N VAL F 284 12.69 56.92 35.88
CA VAL F 284 11.67 57.94 36.09
C VAL F 284 12.17 59.24 35.51
N ALA F 285 11.31 60.23 35.49
CA ALA F 285 11.71 61.55 35.04
C ALA F 285 12.40 62.28 36.18
N ILE F 286 13.70 62.50 36.06
CA ILE F 286 14.44 63.28 37.05
C ILE F 286 14.60 64.71 36.63
N ASP F 287 14.20 65.08 35.42
CA ASP F 287 14.15 66.48 34.99
C ASP F 287 13.17 66.58 33.84
N ARG F 288 12.63 67.79 33.66
CA ARG F 288 11.64 68.07 32.63
C ARG F 288 11.87 69.46 32.07
N SER F 289 11.54 69.63 30.79
CA SER F 289 11.43 70.94 30.17
C SER F 289 10.06 71.04 29.51
N GLY F 290 9.64 72.27 29.25
CA GLY F 290 8.32 72.40 28.67
C GLY F 290 8.05 73.76 28.07
N LEU F 291 6.81 73.92 27.62
CA LEU F 291 6.28 75.14 27.04
C LEU F 291 4.87 75.31 27.59
N PRO F 292 4.36 76.54 27.62
CA PRO F 292 2.99 76.74 28.09
C PRO F 292 1.94 76.10 27.18
N LEU F 293 0.74 75.95 27.75
CA LEU F 293 -0.29 75.13 27.11
C LEU F 293 -0.88 75.81 25.88
N HIS F 294 -0.89 77.14 25.85
CA HIS F 294 -1.43 77.87 24.71
C HIS F 294 -0.45 78.00 23.57
N PHE F 295 0.80 77.56 23.76
CA PHE F 295 1.75 77.51 22.66
C PHE F 295 1.31 76.52 21.59
N PHE F 296 0.66 75.44 22.00
CA PHE F 296 0.27 74.37 21.11
C PHE F 296 -1.14 74.55 20.60
N ILE F 297 -1.74 75.71 20.80
CA ILE F 297 -3.02 76.03 20.18
C ILE F 297 -2.73 77.06 19.10
N ASN F 298 -2.50 76.58 17.90
CA ASN F 298 -2.07 77.40 16.77
C ASN F 298 -2.69 76.79 15.53
N PRO F 299 -2.72 77.53 14.41
CA PRO F 299 -3.35 76.97 13.18
C PRO F 299 -2.68 75.74 12.61
N ASN F 300 -1.46 75.40 13.04
CA ASN F 300 -0.82 74.20 12.56
C ASN F 300 -1.37 72.96 13.25
N MET F 301 -1.57 73.02 14.57
CA MET F 301 -2.09 71.86 15.31
C MET F 301 -3.56 71.61 15.02
N LEU F 302 -4.31 72.65 14.66
CA LEU F 302 -5.74 72.57 14.40
C LEU F 302 -5.98 72.98 12.96
N PRO F 303 -5.82 72.05 12.01
CA PRO F 303 -5.94 72.42 10.60
C PRO F 303 -7.37 72.41 10.09
N ASP F 304 -8.31 71.87 10.85
CA ASP F 304 -9.70 71.79 10.45
C ASP F 304 -10.56 72.91 11.05
N LEU F 305 -9.94 73.99 11.48
CA LEU F 305 -10.62 75.16 12.00
C LEU F 305 -10.04 76.41 11.35
N PRO F 306 -10.81 77.49 11.25
CA PRO F 306 -10.28 78.71 10.65
C PRO F 306 -9.22 79.37 11.51
N GLY F 307 -8.46 80.24 10.86
CA GLY F 307 -7.33 80.93 11.44
C GLY F 307 -7.62 81.80 12.64
N PRO F 308 -8.50 82.80 12.52
CA PRO F 308 -8.80 83.66 13.67
C PRO F 308 -9.59 82.98 14.76
N LEU F 309 -10.15 81.80 14.51
CA LEU F 309 -10.94 81.13 15.51
C LEU F 309 -10.11 80.25 16.43
N VAL F 310 -8.94 79.77 15.98
CA VAL F 310 -8.03 79.10 16.89
C VAL F 310 -7.18 80.07 17.68
N LYS F 311 -7.22 81.36 17.33
CA LYS F 311 -6.61 82.39 18.15
C LYS F 311 -7.55 82.92 19.23
N LYS F 312 -8.85 82.64 19.10
CA LYS F 312 -9.75 82.92 20.21
C LYS F 312 -9.68 81.83 21.26
N VAL F 313 -9.47 80.60 20.82
CA VAL F 313 -9.30 79.48 21.74
C VAL F 313 -7.97 79.61 22.47
N SER F 314 -6.93 80.04 21.77
CA SER F 314 -5.62 80.20 22.37
C SER F 314 -5.58 81.35 23.35
N LYS F 315 -6.40 82.37 23.14
CA LYS F 315 -6.41 83.51 24.04
C LYS F 315 -7.29 83.24 25.25
N THR F 316 -8.35 82.46 25.10
CA THR F 316 -9.19 82.17 26.25
C THR F 316 -8.61 81.10 27.16
N VAL F 317 -7.58 80.37 26.71
CA VAL F 317 -6.86 79.44 27.57
C VAL F 317 -5.66 80.11 28.22
N GLU F 318 -5.02 81.05 27.51
CA GLU F 318 -3.95 81.86 28.09
C GLU F 318 -4.48 82.71 29.25
N THR F 319 -5.72 83.17 29.17
CA THR F 319 -6.31 83.93 30.25
C THR F 319 -6.65 83.04 31.43
N ALA F 320 -7.06 81.80 31.17
CA ALA F 320 -7.43 80.89 32.24
C ALA F 320 -6.22 80.39 33.01
N VAL F 321 -5.09 80.21 32.33
CA VAL F 321 -3.86 79.82 32.99
C VAL F 321 -3.33 80.97 33.83
N LYS F 322 -3.39 82.19 33.30
CA LYS F 322 -2.92 83.35 34.02
C LYS F 322 -3.79 83.67 35.23
N ARG F 323 -5.07 83.35 35.16
CA ARG F 323 -5.96 83.54 36.29
C ARG F 323 -5.67 82.54 37.39
N TYR F 324 -5.13 81.38 37.02
CA TYR F 324 -4.83 80.35 38.01
C TYR F 324 -3.58 80.67 38.81
N TYR F 325 -2.62 81.37 38.22
CA TYR F 325 -1.45 81.82 38.97
C TYR F 325 -1.77 82.99 39.87
N THR F 326 -2.73 83.83 39.49
CA THR F 326 -3.02 85.02 40.26
C THR F 326 -3.77 84.68 41.53
N PHE F 327 -4.65 83.68 41.48
CA PHE F 327 -5.43 83.32 42.65
C PHE F 327 -4.65 82.49 43.64
N ASN F 328 -3.44 82.08 43.30
CA ASN F 328 -2.57 81.30 44.18
C ASN F 328 -1.30 82.07 44.51
N THR F 329 -1.37 83.39 44.47
CA THR F 329 -0.26 84.27 44.82
C THR F 329 -0.59 84.96 46.13
N TYR F 330 0.30 84.83 47.11
CA TYR F 330 0.13 85.38 48.45
C TYR F 330 1.32 86.28 48.75
N PRO F 331 1.23 87.58 48.48
CA PRO F 331 2.30 88.49 48.90
C PRO F 331 2.26 88.72 50.40
N GLY F 332 3.45 88.89 50.97
CA GLY F 332 3.54 89.11 52.40
C GLY F 332 4.99 89.16 52.82
N CYS F 333 5.17 89.33 54.13
CA CYS F 333 6.50 89.34 54.70
C CYS F 333 7.03 87.92 54.79
N THR F 334 8.17 87.67 54.17
CA THR F 334 8.73 86.34 54.08
C THR F 334 9.94 86.13 54.97
N ASP F 335 10.42 87.18 55.65
CA ASP F 335 11.57 87.06 56.53
C ASP F 335 11.11 86.52 57.88
N LEU F 336 11.64 85.36 58.28
CA LEU F 336 11.17 84.70 59.49
C LEU F 336 11.61 85.39 60.76
N ASN F 337 12.63 86.25 60.69
CA ASN F 337 13.10 86.97 61.85
C ASN F 337 12.35 88.27 62.10
N SER F 338 11.61 88.76 61.13
CA SER F 338 10.81 89.97 61.32
C SER F 338 9.62 89.66 62.23
N PRO F 339 9.19 90.64 63.04
CA PRO F 339 8.08 90.36 63.96
C PRO F 339 6.74 90.18 63.25
N ASN F 340 6.54 90.84 62.13
CA ASN F 340 5.33 90.67 61.33
C ASN F 340 5.52 89.65 60.20
N PHE F 341 6.02 88.46 60.56
CA PHE F 341 6.26 87.41 59.58
C PHE F 341 4.95 86.80 59.10
N ASN F 342 4.77 86.78 57.79
CA ASN F 342 3.60 86.17 57.18
C ASN F 342 3.99 84.76 56.77
N PHE F 343 3.69 83.80 57.64
CA PHE F 343 3.56 82.42 57.20
C PHE F 343 2.32 82.36 56.31
N GLN F 344 2.30 81.36 55.42
CA GLN F 344 1.35 81.28 54.29
C GLN F 344 1.50 82.49 53.36
N ALA F 345 2.72 82.71 52.89
CA ALA F 345 2.99 83.75 51.90
C ALA F 345 4.04 83.24 50.92
N ASN F 346 3.81 83.47 49.64
CA ASN F 346 4.67 82.98 48.57
C ASN F 346 5.68 84.02 48.11
N THR F 347 5.23 85.25 47.88
CA THR F 347 6.01 86.27 47.22
C THR F 347 6.47 87.29 48.25
N ASP F 348 7.73 87.71 48.14
CA ASP F 348 8.29 88.70 49.03
C ASP F 348 7.64 90.05 48.75
N ASP F 349 6.95 90.60 49.75
CA ASP F 349 6.21 91.84 49.57
C ASP F 349 7.11 93.06 49.56
N GLY F 350 8.30 92.95 50.13
CA GLY F 350 9.16 94.10 50.24
C GLY F 350 8.80 95.06 51.35
N SER F 351 7.87 94.68 52.22
CA SER F 351 7.45 95.49 53.36
C SER F 351 7.59 94.60 54.58
N CYS F 352 8.80 94.57 55.13
CA CYS F 352 9.10 93.73 56.29
C CYS F 352 9.18 94.52 57.58
N GLU F 353 9.16 95.85 57.50
CA GLU F 353 9.18 96.71 58.68
C GLU F 353 8.03 97.70 58.57
N GLY F 354 7.01 97.50 59.40
CA GLY F 354 5.86 98.37 59.42
C GLY F 354 5.97 99.44 60.51
N LYS F 355 4.94 100.27 60.58
CA LYS F 355 4.91 101.37 61.54
C LYS F 355 3.86 101.22 62.62
N MET F 356 2.95 100.24 62.50
CA MET F 356 1.85 99.98 63.44
C MET F 356 0.97 101.22 63.60
N THR F 357 0.27 101.53 62.51
CA THR F 357 -0.69 102.63 62.50
C THR F 357 -2.09 102.05 62.64
N ASN F 358 -2.78 102.43 63.71
CA ASN F 358 -4.16 102.03 63.89
C ASN F 358 -5.07 102.92 63.06
N PHE F 359 -6.03 102.32 62.37
CA PHE F 359 -6.90 103.04 61.46
C PHE F 359 -8.34 102.97 61.92
N SER F 360 -9.18 103.74 61.23
CA SER F 360 -10.59 103.90 61.56
C SER F 360 -11.44 103.21 60.50
N PHE F 361 -12.29 102.28 60.94
CA PHE F 361 -13.18 101.55 60.04
C PHE F 361 -14.50 102.31 59.96
N GLY F 362 -14.71 103.00 58.84
CA GLY F 362 -15.87 103.84 58.67
C GLY F 362 -17.13 103.15 58.16
N GLY F 363 -17.12 101.83 58.03
CA GLY F 363 -18.31 101.09 57.66
C GLY F 363 -18.43 100.90 56.17
N VAL F 364 -19.39 100.05 55.80
CA VAL F 364 -19.65 99.68 54.42
C VAL F 364 -21.11 99.94 54.11
N TYR F 365 -21.39 100.21 52.84
CA TYR F 365 -22.75 100.30 52.35
C TYR F 365 -22.79 99.91 50.89
N GLN F 366 -23.93 99.39 50.46
CA GLN F 366 -24.09 98.82 49.13
C GLN F 366 -25.38 99.32 48.51
N GLU F 367 -25.28 99.86 47.30
CA GLU F 367 -26.45 100.27 46.55
C GLU F 367 -26.96 99.11 45.71
N CYS F 368 -28.20 99.24 45.24
CA CYS F 368 -28.77 98.30 44.30
C CYS F 368 -29.60 99.04 43.27
N THR F 369 -29.68 98.47 42.07
CA THR F 369 -30.43 99.08 40.97
C THR F 369 -31.04 97.96 40.14
N GLN F 370 -32.35 97.81 40.23
CA GLN F 370 -33.05 96.77 39.49
C GLN F 370 -33.03 97.07 38.00
N LEU F 371 -32.66 96.08 37.20
CA LEU F 371 -32.59 96.23 35.75
C LEU F 371 -33.73 95.56 35.02
N SER F 372 -34.15 94.39 35.47
CA SER F 372 -35.25 93.66 34.84
C SER F 372 -35.86 92.72 35.87
N GLY F 373 -37.13 92.38 35.65
CA GLY F 373 -37.81 91.47 36.55
C GLY F 373 -38.53 92.17 37.68
N ASN F 374 -39.22 93.26 37.36
CA ASN F 374 -39.91 94.04 38.38
C ASN F 374 -41.16 93.32 38.88
N ARG F 375 -41.50 93.60 40.13
CA ARG F 375 -42.69 93.11 40.84
C ARG F 375 -42.75 91.59 40.95
N ASP F 376 -41.61 90.91 40.82
CA ASP F 376 -41.57 89.46 40.90
C ASP F 376 -40.61 88.96 41.98
N VAL F 377 -39.41 89.52 42.03
CA VAL F 377 -38.38 89.05 42.96
C VAL F 377 -38.10 90.07 44.05
N LEU F 378 -38.07 91.35 43.69
CA LEU F 378 -37.56 92.46 44.51
C LEU F 378 -36.13 92.19 44.95
N LEU F 379 -35.26 92.15 43.93
CA LEU F 379 -33.83 91.93 44.15
C LEU F 379 -33.19 93.05 44.96
N CYS F 380 -33.70 94.27 44.84
CA CYS F 380 -33.12 95.44 45.47
C CYS F 380 -33.59 95.62 46.92
N GLN F 381 -33.98 94.53 47.58
CA GLN F 381 -34.39 94.55 48.98
C GLN F 381 -33.51 93.68 49.84
N LYS F 382 -33.21 92.46 49.41
CA LYS F 382 -32.29 91.58 50.12
C LYS F 382 -30.86 91.72 49.60
N LEU F 383 -30.56 92.78 48.86
CA LEU F 383 -29.23 93.02 48.32
C LEU F 383 -28.79 94.45 48.62
N GLU F 384 -29.43 95.09 49.59
CA GLU F 384 -29.21 96.49 49.90
C GLU F 384 -28.76 96.62 51.35
N GLN F 385 -27.70 97.40 51.58
CA GLN F 385 -27.18 97.58 52.93
C GLN F 385 -26.81 99.05 53.13
N LYS F 386 -27.23 99.59 54.27
CA LYS F 386 -26.93 100.97 54.64
C LYS F 386 -25.86 101.01 55.72
N ASN F 387 -25.17 102.14 55.79
CA ASN F 387 -24.11 102.35 56.76
C ASN F 387 -24.71 102.53 58.15
N PRO F 388 -24.30 101.74 59.16
CA PRO F 388 -24.86 101.95 60.51
C PRO F 388 -24.43 103.25 61.16
N LEU F 389 -23.36 103.88 60.69
CA LEU F 389 -22.91 105.12 61.31
C LEU F 389 -23.73 106.32 60.86
N THR F 390 -24.36 106.25 59.69
CA THR F 390 -25.20 107.34 59.21
C THR F 390 -26.64 106.95 58.97
N GLY F 391 -26.95 105.66 58.84
CA GLY F 391 -28.28 105.25 58.42
C GLY F 391 -28.60 105.64 57.00
N ASP F 392 -27.58 105.76 56.14
CA ASP F 392 -27.75 106.34 54.83
C ASP F 392 -26.68 105.74 53.92
N PHE F 393 -26.79 106.04 52.62
CA PHE F 393 -25.79 105.61 51.65
C PHE F 393 -24.70 106.67 51.52
N SER F 394 -24.03 106.93 52.64
CA SER F 394 -22.99 107.93 52.72
C SER F 394 -22.09 107.61 53.89
N CYS F 395 -20.88 108.12 53.82
CA CYS F 395 -19.94 108.02 54.92
C CYS F 395 -20.21 109.15 55.93
N PRO F 396 -19.71 109.03 57.17
CA PRO F 396 -19.85 110.14 58.12
C PRO F 396 -19.02 111.36 57.77
N SER F 397 -19.04 112.36 58.66
CA SER F 397 -18.43 113.66 58.37
C SER F 397 -16.92 113.56 58.28
N GLY F 398 -16.30 112.69 59.07
CA GLY F 398 -14.87 112.52 59.00
C GLY F 398 -14.39 111.49 58.01
N TYR F 399 -15.24 111.01 57.13
CA TYR F 399 -14.91 109.91 56.24
C TYR F 399 -15.21 110.28 54.78
N SER F 400 -14.89 109.35 53.88
CA SER F 400 -15.06 109.52 52.44
C SER F 400 -15.28 108.17 51.79
N PRO F 401 -16.13 108.07 50.77
CA PRO F 401 -16.42 106.76 50.17
C PRO F 401 -15.38 106.32 49.15
N VAL F 402 -15.11 105.01 49.16
CA VAL F 402 -14.24 104.37 48.19
C VAL F 402 -15.01 103.24 47.52
N HIS F 403 -15.08 103.26 46.19
CA HIS F 403 -15.83 102.29 45.42
C HIS F 403 -15.05 101.00 45.27
N LEU F 404 -15.59 99.90 45.80
CA LEU F 404 -14.91 98.61 45.68
C LEU F 404 -15.14 97.96 44.32
N LEU F 405 -16.40 97.62 44.04
CA LEU F 405 -16.68 96.76 42.90
C LEU F 405 -18.15 96.89 42.53
N SER F 406 -18.41 96.80 41.23
CA SER F 406 -19.75 96.97 40.68
C SER F 406 -20.00 95.88 39.66
N GLN F 407 -20.93 94.97 39.96
CA GLN F 407 -21.24 93.86 39.07
C GLN F 407 -22.75 93.65 39.01
N ILE F 408 -23.15 92.67 38.22
CA ILE F 408 -24.56 92.36 37.98
C ILE F 408 -24.90 91.05 38.69
N HIS F 409 -25.96 91.06 39.49
CA HIS F 409 -26.45 89.86 40.13
C HIS F 409 -27.66 89.33 39.37
N GLU F 410 -27.81 88.02 39.35
CA GLU F 410 -28.91 87.36 38.65
C GLU F 410 -29.59 86.36 39.56
N GLU F 411 -30.92 86.40 39.60
CA GLU F 411 -31.72 85.35 40.21
C GLU F 411 -32.84 84.95 39.27
N GLY F 412 -33.45 83.83 39.58
CA GLY F 412 -34.51 83.26 38.75
C GLY F 412 -35.84 83.24 39.47
N TYR F 413 -36.91 83.51 38.72
CA TYR F 413 -38.27 83.42 39.23
C TYR F 413 -39.10 82.57 38.27
N ASN F 414 -40.31 82.26 38.70
CA ASN F 414 -41.03 81.11 38.16
C ASN F 414 -42.51 81.44 38.05
N HIS F 415 -43.07 81.24 36.86
CA HIS F 415 -44.51 81.26 36.65
C HIS F 415 -45.01 79.84 36.41
N LEU F 416 -46.28 79.62 36.71
CA LEU F 416 -46.90 78.32 36.48
C LEU F 416 -48.35 78.54 36.06
N GLU F 417 -48.66 78.20 34.82
CA GLU F 417 -49.99 78.43 34.27
C GLU F 417 -50.57 77.10 33.81
N CYS F 418 -51.86 76.89 34.10
CA CYS F 418 -52.54 75.66 33.76
C CYS F 418 -53.95 75.98 33.27
N HIS F 419 -54.36 75.34 32.19
CA HIS F 419 -55.77 75.37 31.81
C HIS F 419 -56.16 74.01 31.23
N ARG F 420 -57.44 73.70 31.38
CA ARG F 420 -57.99 72.39 31.06
C ARG F 420 -59.12 72.57 30.05
N LYS F 421 -59.19 71.66 29.08
CA LYS F 421 -60.17 71.74 28.01
C LYS F 421 -60.68 70.34 27.69
N CYS F 422 -62.00 70.22 27.54
CA CYS F 422 -62.63 68.94 27.23
C CYS F 422 -63.34 69.04 25.89
N THR F 423 -63.30 67.95 25.11
CA THR F 423 -63.82 67.93 23.74
C THR F 423 -64.70 66.71 23.56
N LEU F 424 -65.99 66.94 23.27
CA LEU F 424 -67.01 65.92 23.06
C LEU F 424 -67.22 65.05 24.29
N LYS F 425 -67.01 65.61 25.47
CA LYS F 425 -67.21 65.05 26.82
C LYS F 425 -66.27 63.89 27.14
N VAL F 426 -65.40 63.48 26.22
CA VAL F 426 -64.34 62.51 26.44
C VAL F 426 -63.11 63.38 26.20
N PHE F 427 -61.89 62.81 26.26
CA PHE F 427 -60.67 63.41 25.73
C PHE F 427 -60.32 64.74 26.43
N CYS F 428 -60.11 64.66 27.73
CA CYS F 428 -59.79 65.85 28.50
C CYS F 428 -58.32 66.21 28.31
N LYS F 429 -58.06 67.45 27.94
CA LYS F 429 -56.71 67.94 27.71
C LYS F 429 -56.33 68.94 28.79
N THR F 430 -55.16 68.73 29.38
CA THR F 430 -54.63 69.62 30.42
C THR F 430 -53.19 69.92 30.08
N VAL F 431 -52.87 71.20 29.91
CA VAL F 431 -51.50 71.64 29.66
C VAL F 431 -51.03 72.48 30.84
N CYS F 432 -49.80 72.21 31.30
CA CYS F 432 -49.23 72.85 32.49
C CYS F 432 -47.89 73.45 32.08
N GLU F 433 -47.85 74.76 31.90
CA GLU F 433 -46.66 75.46 31.43
C GLU F 433 -45.97 76.14 32.61
N ASP F 434 -44.64 76.02 32.64
CA ASP F 434 -43.83 76.53 33.76
C ASP F 434 -42.62 77.28 33.20
N VAL F 435 -42.68 78.61 33.23
CA VAL F 435 -41.66 79.46 32.63
C VAL F 435 -40.69 79.92 33.70
N PHE F 436 -39.40 79.78 33.43
CA PHE F 436 -38.33 80.23 34.31
C PHE F 436 -37.62 81.39 33.65
N GLN F 437 -37.67 82.56 34.28
CA GLN F 437 -37.01 83.75 33.76
C GLN F 437 -35.92 84.22 34.71
N VAL F 438 -35.06 85.09 34.21
CA VAL F 438 -33.90 85.57 34.96
C VAL F 438 -34.08 87.05 35.25
N ALA F 439 -34.01 87.41 36.53
CA ALA F 439 -34.11 88.80 36.98
C ALA F 439 -32.71 89.31 37.33
N LYS F 440 -32.37 90.48 36.81
CA LYS F 440 -31.04 91.04 36.98
C LYS F 440 -31.07 92.28 37.87
N ALA F 441 -29.91 92.60 38.44
CA ALA F 441 -29.77 93.76 39.30
C ALA F 441 -28.31 94.19 39.35
N GLU F 442 -28.07 95.49 39.27
CA GLU F 442 -26.75 96.07 39.44
C GLU F 442 -26.54 96.42 40.90
N PHE F 443 -25.37 96.09 41.44
CA PHE F 443 -25.01 96.55 42.77
C PHE F 443 -23.69 97.28 42.73
N ARG F 444 -23.54 98.24 43.63
CA ARG F 444 -22.30 99.02 43.77
C ARG F 444 -21.97 99.07 45.25
N ALA F 445 -20.87 98.43 45.63
CA ALA F 445 -20.44 98.37 47.01
C ALA F 445 -19.39 99.44 47.26
N PHE F 446 -19.60 100.24 48.29
CA PHE F 446 -18.70 101.31 48.68
C PHE F 446 -18.09 101.02 50.04
N TRP F 447 -17.16 101.87 50.44
CA TRP F 447 -16.40 101.64 51.65
C TRP F 447 -15.82 102.97 52.12
N CYS F 448 -15.85 103.21 53.43
CA CYS F 448 -15.48 104.49 54.01
C CYS F 448 -14.04 104.48 54.51
N VAL F 449 -13.37 105.62 54.38
CA VAL F 449 -11.96 105.76 54.74
C VAL F 449 -11.80 107.05 55.55
N ALA F 450 -10.98 107.00 56.59
CA ALA F 450 -10.69 108.19 57.39
C ALA F 450 -9.84 109.15 56.57
N SER F 451 -10.46 110.21 56.05
CA SER F 451 -9.77 111.19 55.22
C SER F 451 -9.73 112.58 55.84
N SER F 452 -10.29 112.76 57.03
CA SER F 452 -10.27 114.06 57.70
C SER F 452 -9.26 114.13 58.84
N GLN F 453 -8.70 112.98 59.24
CA GLN F 453 -7.54 112.81 60.14
C GLN F 453 -7.88 113.12 61.59
N VAL F 454 -9.05 113.68 61.86
CA VAL F 454 -9.46 113.94 63.24
C VAL F 454 -10.79 113.25 63.50
N PRO F 455 -10.80 112.00 63.93
CA PRO F 455 -12.04 111.43 64.49
C PRO F 455 -12.04 111.53 66.00
N GLU F 456 -13.22 111.51 66.61
CA GLU F 456 -13.31 111.34 68.05
C GLU F 456 -13.14 109.88 68.43
N ASN F 457 -14.03 109.03 67.95
CA ASN F 457 -13.90 107.58 68.04
C ASN F 457 -14.03 107.01 66.64
N SER F 458 -13.34 105.89 66.40
CA SER F 458 -13.25 105.34 65.05
C SER F 458 -14.58 104.76 64.60
N GLY F 459 -15.13 103.83 65.35
CA GLY F 459 -16.38 103.22 64.99
C GLY F 459 -16.23 101.83 64.43
N LEU F 460 -17.13 100.94 64.87
CA LEU F 460 -17.36 99.61 64.29
C LEU F 460 -16.11 98.74 64.38
N LEU F 461 -15.72 98.43 65.61
CA LEU F 461 -14.42 97.80 65.87
C LEU F 461 -14.50 96.30 65.64
N PHE F 462 -14.43 95.91 64.36
CA PHE F 462 -14.11 94.57 63.88
C PHE F 462 -13.91 94.66 62.37
N GLY F 463 -13.14 93.72 61.84
CA GLY F 463 -12.88 93.72 60.41
C GLY F 463 -12.82 92.34 59.79
N GLY F 464 -13.44 91.34 60.44
CA GLY F 464 -13.40 89.97 59.95
C GLY F 464 -14.66 89.60 59.20
N LEU F 465 -14.51 88.69 58.24
CA LEU F 465 -15.51 88.42 57.24
C LEU F 465 -15.83 86.93 57.22
N PHE F 466 -16.99 86.60 56.65
CA PHE F 466 -17.29 85.23 56.29
C PHE F 466 -18.27 85.25 55.12
N SER F 467 -18.11 84.28 54.23
CA SER F 467 -18.93 84.20 53.02
C SER F 467 -19.97 83.10 53.19
N SER F 468 -20.68 82.79 52.10
CA SER F 468 -21.49 81.59 52.05
C SER F 468 -20.66 80.33 51.84
N LYS F 469 -19.37 80.48 51.54
CA LYS F 469 -18.47 79.35 51.40
C LYS F 469 -17.21 79.51 52.23
N SER F 470 -17.13 80.53 53.07
CA SER F 470 -15.98 80.78 53.91
C SER F 470 -16.38 80.73 55.38
N ILE F 471 -15.41 80.96 56.25
CA ILE F 471 -15.58 80.82 57.69
C ILE F 471 -14.89 82.00 58.36
N ASN F 472 -15.59 82.63 59.29
CA ASN F 472 -14.98 83.65 60.15
C ASN F 472 -14.00 82.97 61.08
N PRO F 473 -12.71 83.31 61.04
CA PRO F 473 -11.74 82.63 61.91
C PRO F 473 -11.86 83.04 63.36
N MET F 474 -12.51 84.15 63.67
CA MET F 474 -12.72 84.54 65.06
C MET F 474 -13.89 83.80 65.71
N THR F 475 -14.66 83.03 64.94
CA THR F 475 -15.66 82.14 65.49
C THR F 475 -15.48 80.69 65.07
N ASN F 476 -14.64 80.42 64.06
CA ASN F 476 -14.50 79.13 63.39
C ASN F 476 -15.84 78.59 62.90
N ALA F 477 -16.70 79.50 62.45
CA ALA F 477 -18.02 79.17 61.96
C ALA F 477 -18.52 80.32 61.10
N GLN F 478 -19.72 80.16 60.56
CA GLN F 478 -20.39 81.21 59.78
C GLN F 478 -21.30 82.03 60.68
N SER F 479 -20.70 82.62 61.70
CA SER F 479 -21.47 83.36 62.69
C SER F 479 -20.65 84.54 63.17
N CYS F 480 -21.32 85.44 63.86
CA CYS F 480 -20.71 86.62 64.45
C CYS F 480 -20.17 86.28 65.84
N PRO F 481 -19.21 87.05 66.35
CA PRO F 481 -18.80 86.86 67.74
C PRO F 481 -19.83 87.45 68.72
N ALA F 482 -19.49 87.44 70.01
CA ALA F 482 -20.42 87.83 71.06
C ALA F 482 -20.72 89.33 71.00
N GLY F 483 -21.92 89.67 70.53
CA GLY F 483 -22.36 91.05 70.48
C GLY F 483 -22.00 91.77 69.20
N TYR F 484 -22.17 91.09 68.07
CA TYR F 484 -21.78 91.60 66.76
C TYR F 484 -22.90 91.39 65.77
N PHE F 485 -23.14 92.38 64.92
CA PHE F 485 -24.17 92.25 63.91
C PHE F 485 -23.57 92.35 62.51
N PRO F 486 -24.00 91.50 61.58
CA PRO F 486 -23.35 91.46 60.27
C PRO F 486 -23.89 92.51 59.32
N LEU F 487 -23.04 92.92 58.39
CA LEU F 487 -23.41 93.86 57.35
C LEU F 487 -23.27 93.16 56.01
N ARG F 488 -24.36 93.10 55.25
CA ARG F 488 -24.32 92.38 53.99
C ARG F 488 -23.55 93.14 52.92
N LEU F 489 -22.85 92.38 52.08
CA LEU F 489 -22.01 92.93 51.04
C LEU F 489 -22.22 92.01 49.83
N PHE F 490 -21.29 92.05 48.87
CA PHE F 490 -21.50 91.93 47.43
C PHE F 490 -22.62 90.99 47.00
N GLU F 491 -22.48 89.73 47.31
CA GLU F 491 -23.56 88.77 47.21
C GLU F 491 -23.71 87.93 48.46
N ASN F 492 -22.61 87.59 49.11
CA ASN F 492 -22.65 86.68 50.25
C ASN F 492 -21.79 87.12 51.43
N LEU F 493 -21.02 88.20 51.31
CA LEU F 493 -20.20 88.64 52.42
C LEU F 493 -21.05 89.22 53.54
N LYS F 494 -20.72 88.84 54.77
CA LYS F 494 -21.34 89.40 55.95
C LYS F 494 -20.21 89.84 56.87
N VAL F 495 -20.02 91.15 56.98
CA VAL F 495 -18.94 91.74 57.76
C VAL F 495 -19.43 91.98 59.18
N CYS F 496 -18.78 91.34 60.15
CA CYS F 496 -19.22 91.44 61.53
C CYS F 496 -18.75 92.76 62.13
N VAL F 497 -19.63 93.41 62.87
CA VAL F 497 -19.49 94.82 63.24
C VAL F 497 -20.10 95.06 64.62
N SER F 498 -19.35 95.69 65.51
CA SER F 498 -19.88 96.18 66.78
C SER F 498 -19.22 97.51 67.13
N GLN F 499 -19.99 98.42 67.70
CA GLN F 499 -19.51 99.72 68.12
C GLN F 499 -19.75 99.93 69.63
N ASP F 500 -19.54 98.87 70.40
CA ASP F 500 -19.83 98.90 71.83
C ASP F 500 -18.66 99.37 72.69
N TYR F 501 -17.43 99.15 72.23
CA TYR F 501 -16.16 99.60 72.81
C TYR F 501 -15.82 98.94 74.15
N GLU F 502 -16.72 98.14 74.72
CA GLU F 502 -16.45 97.41 75.94
C GLU F 502 -16.58 95.91 75.76
N LEU F 503 -17.71 95.44 75.23
CA LEU F 503 -17.87 94.03 74.92
C LEU F 503 -17.35 93.69 73.53
N GLY F 504 -17.00 94.70 72.73
CA GLY F 504 -16.47 94.46 71.41
C GLY F 504 -14.97 94.45 71.34
N SER F 505 -14.32 95.00 72.38
CA SER F 505 -12.87 95.09 72.40
C SER F 505 -12.19 93.77 72.72
N ARG F 506 -12.93 92.74 73.12
CA ARG F 506 -12.33 91.42 73.29
C ARG F 506 -11.99 90.81 71.94
N PHE F 507 -12.84 91.03 70.94
CA PHE F 507 -12.68 90.40 69.64
C PHE F 507 -12.27 91.38 68.55
N ALA F 508 -12.08 92.65 68.87
CA ALA F 508 -11.74 93.65 67.86
C ALA F 508 -10.33 93.43 67.34
N VAL F 509 -10.19 93.32 66.02
CA VAL F 509 -8.90 93.12 65.38
C VAL F 509 -8.46 94.43 64.74
N PRO F 510 -7.16 94.67 64.58
CA PRO F 510 -6.72 95.85 63.83
C PRO F 510 -7.04 95.67 62.36
N PHE F 511 -7.81 96.61 61.81
CA PHE F 511 -8.28 96.52 60.44
C PHE F 511 -7.39 97.35 59.53
N GLY F 512 -7.18 96.87 58.30
CA GLY F 512 -6.26 97.52 57.40
C GLY F 512 -6.86 98.11 56.15
N GLY F 513 -7.91 97.52 55.62
CA GLY F 513 -8.56 98.04 54.44
C GLY F 513 -8.92 96.96 53.43
N PHE F 514 -9.82 97.30 52.53
CA PHE F 514 -10.21 96.44 51.42
C PHE F 514 -9.53 96.89 50.14
N PHE F 515 -9.29 95.94 49.24
CA PHE F 515 -8.91 96.26 47.88
C PHE F 515 -9.31 95.10 46.99
N SER F 516 -9.42 95.37 45.69
CA SER F 516 -9.87 94.37 44.74
C SER F 516 -8.97 94.44 43.52
N CYS F 517 -9.37 93.75 42.46
CA CYS F 517 -8.56 93.71 41.24
C CYS F 517 -8.61 95.01 40.45
N THR F 518 -9.53 95.91 40.79
CA THR F 518 -9.69 97.17 40.06
C THR F 518 -9.37 98.40 40.88
N VAL F 519 -9.50 98.34 42.20
CA VAL F 519 -9.31 99.51 43.06
C VAL F 519 -8.28 99.16 44.12
N GLY F 520 -7.60 100.18 44.62
CA GLY F 520 -6.66 100.00 45.71
C GLY F 520 -7.10 100.71 46.97
N ASN F 521 -6.58 100.29 48.12
CA ASN F 521 -6.96 101.05 49.31
C ASN F 521 -6.11 102.32 49.43
N PRO F 522 -6.70 103.41 49.89
CA PRO F 522 -5.94 104.65 50.02
C PRO F 522 -5.21 104.78 51.35
N LEU F 523 -5.02 103.67 52.07
CA LEU F 523 -4.39 103.69 53.39
C LEU F 523 -2.91 103.38 53.31
N VAL F 524 -2.29 103.54 52.15
CA VAL F 524 -0.88 103.28 51.96
C VAL F 524 -0.11 104.54 51.55
N ASP F 525 -0.70 105.40 50.73
CA ASP F 525 0.03 106.54 50.19
C ASP F 525 0.17 107.70 51.18
N PRO F 526 -0.88 108.11 51.94
CA PRO F 526 -0.49 109.09 52.96
C PRO F 526 0.04 108.42 54.23
N PRO F 535 -3.68 106.48 40.85
CA PRO F 535 -4.50 106.24 42.03
C PRO F 535 -3.75 105.52 43.15
N SER F 536 -4.40 104.56 43.80
CA SER F 536 -3.83 103.88 44.95
C SER F 536 -2.91 102.76 44.49
N LEU F 537 -2.50 101.91 45.43
CA LEU F 537 -1.45 100.93 45.18
C LEU F 537 -1.92 99.49 45.26
N LYS F 538 -3.08 99.22 45.88
CA LYS F 538 -3.66 97.88 46.19
C LYS F 538 -2.64 96.92 46.78
N LYS F 539 -1.69 97.43 47.56
CA LYS F 539 -0.72 96.56 48.19
C LYS F 539 -1.20 96.07 49.55
N CYS F 540 -1.14 96.95 50.56
CA CYS F 540 -1.32 96.69 51.98
C CYS F 540 -1.10 98.03 52.67
N PRO F 541 -1.48 98.21 53.93
CA PRO F 541 -0.97 99.41 54.63
C PRO F 541 0.49 99.31 55.01
N GLY F 542 0.95 98.13 55.41
CA GLY F 542 2.32 97.98 55.89
C GLY F 542 2.33 97.50 57.33
N GLY F 543 2.82 96.29 57.54
CA GLY F 543 2.69 95.60 58.80
C GLY F 543 1.50 94.67 58.86
N PHE F 544 0.46 94.97 58.09
CA PHE F 544 -0.71 94.12 58.01
C PHE F 544 -0.46 92.96 57.05
N SER F 545 -1.44 92.08 56.89
CA SER F 545 -1.31 90.91 56.04
C SER F 545 -2.55 90.80 55.16
N GLN F 546 -2.34 90.59 53.87
CA GLN F 546 -3.45 90.39 52.96
C GLN F 546 -4.12 89.06 53.23
N HIS F 547 -5.44 89.06 53.17
CA HIS F 547 -6.20 87.84 53.26
C HIS F 547 -7.36 87.96 52.29
N PRO F 548 -7.66 86.91 51.55
CA PRO F 548 -8.70 87.02 50.52
C PRO F 548 -10.10 86.83 51.10
N ALA F 549 -11.01 87.69 50.64
CA ALA F 549 -12.44 87.48 50.77
C ALA F 549 -12.89 86.65 49.57
N LEU F 550 -14.19 86.61 49.28
CA LEU F 550 -14.68 85.79 48.18
C LEU F 550 -14.25 86.35 46.82
N ILE F 551 -14.58 85.60 45.78
CA ILE F 551 -14.31 85.98 44.39
C ILE F 551 -15.63 86.33 43.73
N SER F 552 -15.73 87.57 43.24
CA SER F 552 -16.93 88.06 42.59
C SER F 552 -16.75 87.97 41.08
N ASP F 553 -16.96 86.75 40.56
CA ASP F 553 -16.99 86.45 39.12
C ASP F 553 -15.67 86.81 38.43
N GLY F 554 -14.58 86.25 38.94
CA GLY F 554 -13.28 86.43 38.34
C GLY F 554 -12.41 87.47 39.00
N CYS F 555 -12.98 88.34 39.83
CA CYS F 555 -12.23 89.37 40.53
C CYS F 555 -12.14 88.99 42.00
N GLN F 556 -10.98 89.24 42.60
CA GLN F 556 -10.69 88.83 43.97
C GLN F 556 -10.68 90.04 44.88
N VAL F 557 -11.44 89.97 45.96
CA VAL F 557 -11.49 91.03 46.97
C VAL F 557 -10.66 90.58 48.16
N SER F 558 -9.77 91.45 48.62
CA SER F 558 -8.86 91.11 49.71
C SER F 558 -8.94 92.15 50.81
N TYR F 559 -8.63 91.73 52.03
CA TYR F 559 -8.69 92.60 53.19
C TYR F 559 -7.46 92.39 54.06
N CYS F 560 -7.06 93.45 54.76
CA CYS F 560 -5.82 93.47 55.54
C CYS F 560 -6.12 93.46 57.03
N VAL F 561 -5.26 92.78 57.79
CA VAL F 561 -5.48 92.58 59.21
C VAL F 561 -4.12 92.23 59.83
N LYS F 562 -3.97 92.46 61.14
CA LYS F 562 -2.72 92.23 61.84
C LYS F 562 -2.97 91.47 63.14
N SER F 563 -3.65 90.32 63.06
CA SER F 563 -3.84 89.56 64.28
C SER F 563 -2.62 88.69 64.58
N GLY F 564 -2.25 87.82 63.66
CA GLY F 564 -1.43 86.68 63.91
C GLY F 564 -2.22 85.39 63.99
N LEU F 565 -3.52 85.50 64.32
CA LEU F 565 -4.41 84.35 64.24
C LEU F 565 -4.74 84.02 62.79
N PHE F 566 -4.88 85.05 61.96
CA PHE F 566 -5.18 84.84 60.55
C PHE F 566 -3.97 84.25 59.81
N THR F 567 -2.76 84.52 60.30
CA THR F 567 -1.55 84.18 59.56
C THR F 567 -1.20 82.70 59.67
N GLY F 568 -0.98 82.22 60.89
CA GLY F 568 -0.43 80.90 61.10
C GLY F 568 -1.42 79.78 60.84
N GLY F 569 -0.94 78.57 61.09
CA GLY F 569 -1.73 77.37 60.83
C GLY F 569 -0.91 76.35 60.06
N SER F 570 -1.47 75.82 58.98
CA SER F 570 -0.73 75.01 58.03
C SER F 570 -0.73 75.71 56.68
N LEU F 571 0.10 75.23 55.78
CA LEU F 571 0.13 75.77 54.44
C LEU F 571 -1.10 75.31 53.67
N PRO F 572 -1.84 76.22 53.05
CA PRO F 572 -3.07 75.83 52.34
C PRO F 572 -2.74 75.13 51.05
N PRO F 573 -3.65 74.32 50.52
CA PRO F 573 -3.46 73.79 49.17
C PRO F 573 -3.77 74.84 48.13
N ALA F 574 -3.54 74.48 46.88
CA ALA F 574 -3.83 75.39 45.78
C ALA F 574 -5.33 75.49 45.54
N ARG F 575 -5.78 76.69 45.19
CA ARG F 575 -7.12 76.85 44.67
C ARG F 575 -7.19 76.35 43.24
N LEU F 576 -7.96 75.30 43.03
CA LEU F 576 -8.02 74.74 41.70
C LEU F 576 -9.15 75.37 40.91
N PRO F 577 -9.06 75.39 39.59
CA PRO F 577 -10.17 75.89 38.76
C PRO F 577 -11.36 74.94 38.84
N PRO F 578 -12.56 75.33 38.36
CA PRO F 578 -13.05 76.60 37.82
C PRO F 578 -13.35 77.59 38.92
N PHE F 579 -13.14 78.86 38.61
CA PHE F 579 -13.37 79.93 39.57
C PHE F 579 -14.67 80.67 39.31
N THR F 580 -15.32 80.39 38.18
CA THR F 580 -16.64 80.91 37.89
C THR F 580 -17.62 79.74 37.82
N ARG F 581 -18.88 80.07 37.66
CA ARG F 581 -19.95 79.11 37.47
C ARG F 581 -20.63 79.38 36.14
N PRO F 582 -21.24 78.38 35.51
CA PRO F 582 -21.99 78.65 34.29
C PRO F 582 -23.24 79.45 34.59
N PRO F 583 -23.60 80.38 33.70
CA PRO F 583 -24.65 81.34 34.02
C PRO F 583 -26.04 80.74 33.94
N LEU F 584 -27.01 81.51 34.41
CA LEU F 584 -28.39 81.10 34.38
C LEU F 584 -29.01 81.39 33.01
N MET F 585 -29.94 80.53 32.63
CA MET F 585 -30.61 80.61 31.34
C MET F 585 -32.11 80.60 31.57
N SER F 586 -32.84 81.30 30.70
CA SER F 586 -34.29 81.30 30.79
C SER F 586 -34.87 80.08 30.09
N GLN F 587 -35.84 79.45 30.75
CA GLN F 587 -36.28 78.10 30.43
C GLN F 587 -37.81 78.09 30.29
N ALA F 588 -38.33 76.94 29.89
CA ALA F 588 -39.76 76.71 29.77
C ALA F 588 -40.01 75.21 29.78
N ALA F 589 -41.06 74.79 30.46
CA ALA F 589 -41.37 73.37 30.58
C ALA F 589 -42.88 73.18 30.54
N THR F 590 -43.35 72.34 29.61
CA THR F 590 -44.77 72.08 29.44
C THR F 590 -45.07 70.61 29.70
N ASN F 591 -46.34 70.34 30.02
CA ASN F 591 -46.84 69.00 30.33
C ASN F 591 -48.26 68.91 29.81
N THR F 592 -48.45 68.29 28.64
CA THR F 592 -49.79 68.07 28.12
C THR F 592 -50.24 66.66 28.43
N VAL F 593 -51.42 66.53 29.02
CA VAL F 593 -51.99 65.23 29.38
C VAL F 593 -53.32 65.08 28.67
N ILE F 594 -53.51 63.96 27.98
CA ILE F 594 -54.78 63.61 27.35
C ILE F 594 -55.37 62.44 28.12
N VAL F 595 -56.62 62.59 28.56
CA VAL F 595 -57.29 61.57 29.35
C VAL F 595 -58.56 61.19 28.61
N THR F 596 -58.65 59.95 28.15
CA THR F 596 -59.89 59.45 27.57
C THR F 596 -60.77 58.93 28.71
N ASN F 597 -61.95 59.51 28.85
CA ASN F 597 -62.86 59.18 29.94
C ASN F 597 -63.78 58.01 29.59
N SER F 598 -63.46 57.26 28.54
CA SER F 598 -64.40 56.26 28.05
C SER F 598 -63.68 55.18 27.26
N GLU F 599 -64.26 53.99 27.29
CA GLU F 599 -64.00 52.99 26.27
C GLU F 599 -64.87 53.30 25.07
N ASN F 600 -64.76 52.46 24.02
CA ASN F 600 -65.36 52.70 22.70
C ASN F 600 -64.95 54.05 22.15
N ALA F 601 -63.65 54.34 22.27
CA ALA F 601 -63.11 55.62 21.83
C ALA F 601 -61.65 55.36 21.45
N ARG F 602 -61.39 55.25 20.16
CA ARG F 602 -60.04 55.00 19.68
C ARG F 602 -59.34 56.32 19.37
N SER F 603 -58.02 56.25 19.24
CA SER F 603 -57.22 57.45 19.01
C SER F 603 -55.95 57.06 18.28
N TRP F 604 -55.59 57.85 17.27
CA TRP F 604 -54.35 57.66 16.54
C TRP F 604 -53.51 58.93 16.67
N ILE F 605 -52.22 58.75 16.90
CA ILE F 605 -51.31 59.86 17.16
C ILE F 605 -50.10 59.72 16.27
N LYS F 606 -49.74 60.80 15.59
CA LYS F 606 -48.50 60.89 14.82
C LYS F 606 -47.63 61.93 15.52
N ASP F 607 -46.53 61.47 16.14
CA ASP F 607 -45.81 62.31 17.09
C ASP F 607 -45.01 63.41 16.41
N SER F 608 -44.47 63.14 15.22
CA SER F 608 -43.72 64.13 14.47
C SER F 608 -43.78 63.76 13.00
N GLN F 609 -43.07 64.52 12.18
CA GLN F 609 -43.08 64.26 10.74
C GLN F 609 -42.30 63.02 10.35
N THR F 610 -41.38 62.57 11.21
CA THR F 610 -40.63 61.36 10.95
C THR F 610 -41.28 60.12 11.53
N HIS F 611 -42.16 60.27 12.53
CA HIS F 611 -42.85 59.14 13.10
C HIS F 611 -43.91 58.62 12.12
N GLN F 612 -44.40 57.42 12.41
CA GLN F 612 -45.56 56.88 11.74
C GLN F 612 -46.76 57.02 12.65
N TRP F 613 -47.96 56.81 12.07
CA TRP F 613 -49.18 56.85 12.87
C TRP F 613 -49.19 55.71 13.87
N ARG F 614 -49.60 56.04 15.08
CA ARG F 614 -49.47 55.17 16.23
C ARG F 614 -50.81 55.10 16.93
N LEU F 615 -51.19 53.92 17.38
CA LEU F 615 -52.44 53.77 18.11
C LEU F 615 -52.30 54.38 19.49
N GLY F 616 -53.24 55.24 19.86
CA GLY F 616 -53.11 55.99 21.09
C GLY F 616 -53.53 55.20 22.31
N GLU F 617 -53.10 55.73 23.46
CA GLU F 617 -53.33 55.18 24.80
C GLU F 617 -54.26 56.11 25.57
N PRO F 618 -54.89 55.62 26.66
CA PRO F 618 -55.80 56.51 27.40
C PRO F 618 -55.13 57.66 28.12
N ILE F 619 -53.88 57.52 28.60
CA ILE F 619 -53.12 58.61 29.19
C ILE F 619 -51.85 58.77 28.39
N GLU F 620 -51.57 60.00 27.93
CA GLU F 620 -50.46 60.22 27.01
C GLU F 620 -49.23 60.84 27.66
N LEU F 621 -49.35 62.04 28.23
CA LEU F 621 -48.28 62.75 28.95
C LEU F 621 -47.06 63.01 28.06
N ARG F 622 -47.25 63.94 27.13
CA ARG F 622 -46.13 64.54 26.41
C ARG F 622 -45.38 65.52 27.31
N ARG F 623 -44.07 65.66 27.10
CA ARG F 623 -43.24 66.60 27.84
C ARG F 623 -42.30 67.35 26.91
N ALA F 624 -41.96 68.57 27.29
CA ALA F 624 -41.04 69.38 26.51
C ALA F 624 -40.29 70.33 27.43
N MET F 625 -39.01 70.54 27.15
CA MET F 625 -38.19 71.50 27.88
C MET F 625 -37.48 72.39 26.88
N ASN F 626 -37.71 73.69 26.96
CA ASN F 626 -37.20 74.66 26.00
C ASN F 626 -36.25 75.60 26.71
N VAL F 627 -35.01 75.69 26.21
CA VAL F 627 -33.97 76.52 26.79
C VAL F 627 -33.52 77.50 25.74
N ILE F 628 -33.30 78.76 26.12
CA ILE F 628 -32.67 79.75 25.25
C ILE F 628 -31.45 80.33 25.94
N HIS F 629 -30.33 80.35 25.22
CA HIS F 629 -29.07 80.88 25.75
C HIS F 629 -29.07 82.40 25.60
N GLY F 630 -29.19 83.09 26.73
CA GLY F 630 -29.17 84.54 26.74
C GLY F 630 -30.42 85.19 26.18
N ASP G 10 -15.61 32.18 22.45
CA ASP G 10 -15.15 33.53 22.77
C ASP G 10 -14.89 33.70 24.27
N GLU G 11 -14.32 34.84 24.63
CA GLU G 11 -13.96 35.14 25.99
C GLU G 11 -13.84 36.65 26.12
N VAL G 12 -14.37 37.21 27.20
CA VAL G 12 -14.48 38.65 27.35
C VAL G 12 -13.91 39.08 28.71
N GLY G 13 -13.79 40.40 28.87
CA GLY G 13 -13.51 40.97 30.17
C GLY G 13 -12.04 40.90 30.55
N VAL G 14 -11.80 40.78 31.85
CA VAL G 14 -10.45 40.80 32.38
C VAL G 14 -9.74 39.51 32.04
N GLN G 15 -10.47 38.40 31.99
CA GLN G 15 -9.87 37.09 31.86
C GLN G 15 -9.33 36.83 30.46
N LYS G 16 -9.86 37.52 29.45
CA LYS G 16 -9.24 37.51 28.14
C LYS G 16 -7.86 38.16 28.19
N CYS G 17 -7.72 39.23 28.97
CA CYS G 17 -6.43 39.90 29.11
C CYS G 17 -5.45 39.04 29.90
N LYS G 18 -5.95 38.32 30.91
CA LYS G 18 -5.06 37.54 31.76
C LYS G 18 -4.54 36.30 31.06
N ASN G 19 -5.30 35.75 30.12
CA ASN G 19 -4.83 34.54 29.44
C ASN G 19 -3.81 34.87 28.36
N ALA G 20 -3.94 36.03 27.72
CA ALA G 20 -3.02 36.40 26.66
C ALA G 20 -1.71 36.95 27.20
N LEU G 21 -1.73 37.53 28.40
CA LEU G 21 -0.58 38.24 28.93
C LEU G 21 0.07 37.56 30.13
N LYS G 22 -0.73 36.87 30.96
CA LYS G 22 -0.27 36.11 32.13
C LYS G 22 0.46 36.99 33.14
N LEU G 23 -0.22 38.05 33.56
CA LEU G 23 0.33 38.98 34.53
C LEU G 23 -0.84 39.62 35.26
N PRO G 24 -0.67 40.02 36.54
CA PRO G 24 -1.83 40.44 37.34
C PRO G 24 -2.41 41.77 36.97
N VAL G 25 -3.50 42.14 37.63
CA VAL G 25 -4.21 43.39 37.40
C VAL G 25 -3.87 44.34 38.52
N LEU G 26 -3.74 45.63 38.21
CA LEU G 26 -3.39 46.62 39.23
C LEU G 26 -4.59 46.80 40.15
N GLU G 27 -4.42 46.44 41.42
CA GLU G 27 -5.53 46.37 42.35
C GLU G 27 -5.91 47.70 42.97
N VAL G 28 -5.25 48.78 42.62
CA VAL G 28 -5.45 50.09 43.24
C VAL G 28 -6.02 51.00 42.16
N LEU G 29 -7.34 51.16 42.11
CA LEU G 29 -7.92 51.85 40.98
C LEU G 29 -8.77 53.04 41.43
N PRO G 30 -8.76 54.12 40.67
CA PRO G 30 -9.61 55.27 41.02
C PRO G 30 -10.98 55.15 40.40
N GLY G 31 -11.83 56.15 40.63
CA GLY G 31 -13.18 56.12 40.11
C GLY G 31 -14.22 55.53 41.04
N GLY G 32 -13.86 55.18 42.27
CA GLY G 32 -14.83 54.70 43.22
C GLY G 32 -15.33 55.81 44.11
N GLY G 33 -16.40 55.50 44.83
CA GLY G 33 -16.93 56.45 45.77
C GLY G 33 -16.12 56.51 47.04
N TRP G 34 -16.26 57.62 47.75
CA TRP G 34 -15.43 57.83 48.93
C TRP G 34 -16.22 58.61 49.97
N ASP G 35 -16.46 58.00 51.12
CA ASP G 35 -17.01 58.70 52.27
C ASP G 35 -15.88 59.47 52.92
N ASN G 36 -15.98 60.79 52.92
CA ASN G 36 -14.89 61.63 53.40
C ASN G 36 -15.00 61.93 54.89
N LEU G 37 -16.07 61.50 55.55
CA LEU G 37 -16.10 61.58 57.01
C LEU G 37 -15.49 60.35 57.67
N ARG G 38 -15.74 59.17 57.11
CA ARG G 38 -15.28 57.94 57.72
C ARG G 38 -14.00 57.41 57.10
N ASN G 39 -13.55 58.01 56.00
CA ASN G 39 -12.44 57.54 55.18
C ASN G 39 -12.57 56.07 54.78
N VAL G 40 -13.75 55.71 54.30
CA VAL G 40 -13.98 54.41 53.71
C VAL G 40 -14.36 54.64 52.26
N ASP G 41 -14.19 53.61 51.45
CA ASP G 41 -14.52 53.72 50.03
C ASP G 41 -15.77 52.92 49.70
N MET G 42 -16.53 53.48 48.78
CA MET G 42 -17.90 53.14 48.48
C MET G 42 -18.00 52.37 47.17
N GLY G 43 -19.22 52.26 46.66
CA GLY G 43 -19.44 51.65 45.37
C GLY G 43 -18.82 52.44 44.23
N ARG G 44 -18.68 51.75 43.10
CA ARG G 44 -17.92 52.23 41.96
C ARG G 44 -18.76 53.18 41.13
N VAL G 45 -18.24 54.40 40.89
CA VAL G 45 -18.97 55.44 40.19
C VAL G 45 -18.64 55.46 38.71
N MET G 46 -17.38 55.24 38.34
CA MET G 46 -16.97 55.23 36.95
C MET G 46 -17.04 53.82 36.38
N GLU G 47 -16.86 53.71 35.07
CA GLU G 47 -16.96 52.43 34.39
C GLU G 47 -15.56 51.90 34.11
N LEU G 48 -15.32 50.65 34.48
CA LEU G 48 -14.05 49.99 34.26
C LEU G 48 -14.19 48.95 33.15
N THR G 49 -13.54 49.18 32.03
CA THR G 49 -13.57 48.27 30.91
C THR G 49 -12.16 47.76 30.60
N TYR G 50 -12.09 46.54 30.09
CA TYR G 50 -10.82 45.87 29.80
C TYR G 50 -10.81 45.40 28.36
N SER G 51 -11.21 46.27 27.44
CA SER G 51 -11.36 45.87 26.05
C SER G 51 -10.04 45.87 25.29
N ASN G 52 -9.13 46.76 25.63
CA ASN G 52 -7.95 47.02 24.81
C ASN G 52 -6.69 46.34 25.32
N CYS G 53 -6.77 45.58 26.42
CA CYS G 53 -5.67 44.80 26.99
C CYS G 53 -4.46 45.68 27.34
N ARG G 54 -4.73 46.87 27.87
CA ARG G 54 -3.65 47.79 28.20
C ARG G 54 -2.87 47.32 29.40
N THR G 55 -1.57 47.56 29.38
CA THR G 55 -0.71 47.31 30.52
C THR G 55 -0.04 48.60 30.93
N THR G 56 0.64 48.56 32.07
CA THR G 56 1.51 49.66 32.41
C THR G 56 2.72 49.64 31.49
N GLU G 57 3.42 50.78 31.43
CA GLU G 57 4.51 50.95 30.48
C GLU G 57 5.69 50.05 30.80
N ASP G 58 5.88 49.68 32.05
CA ASP G 58 6.89 48.68 32.38
C ASP G 58 6.38 47.25 32.19
N GLY G 59 5.10 47.07 31.89
CA GLY G 59 4.58 45.79 31.50
C GLY G 59 4.41 44.79 32.62
N GLN G 60 3.85 45.21 33.75
CA GLN G 60 3.68 44.31 34.88
C GLN G 60 2.29 44.30 35.49
N TYR G 61 1.38 45.16 35.03
CA TYR G 61 0.02 45.13 35.53
C TYR G 61 -0.92 45.43 34.37
N ILE G 62 -2.03 44.69 34.32
CA ILE G 62 -3.13 45.02 33.43
C ILE G 62 -3.93 46.16 34.04
N ILE G 63 -4.19 47.20 33.26
CA ILE G 63 -4.95 48.34 33.73
C ILE G 63 -6.16 48.51 32.82
N PRO G 64 -7.22 49.16 33.28
CA PRO G 64 -8.35 49.48 32.40
C PRO G 64 -7.98 50.50 31.34
N ASP G 65 -8.92 50.70 30.41
CA ASP G 65 -8.65 51.46 29.20
C ASP G 65 -8.63 52.96 29.44
N GLU G 66 -9.45 53.43 30.36
CA GLU G 66 -9.66 54.84 30.67
C GLU G 66 -8.72 55.35 31.75
N ILE G 67 -7.73 54.58 32.13
CA ILE G 67 -6.87 54.89 33.25
C ILE G 67 -5.44 54.92 32.76
N PHE G 68 -4.74 56.01 33.05
CA PHE G 68 -3.32 56.09 32.78
C PHE G 68 -2.55 56.11 34.09
N THR G 69 -1.36 55.55 34.06
CA THR G 69 -0.52 55.46 35.23
C THR G 69 0.72 56.31 35.04
N ILE G 70 1.29 56.77 36.14
CA ILE G 70 2.52 57.53 36.14
C ILE G 70 3.55 56.74 36.93
N PRO G 71 4.64 56.30 36.33
CA PRO G 71 5.68 55.62 37.09
C PRO G 71 6.52 56.61 37.88
N GLN G 72 6.36 56.59 39.19
CA GLN G 72 7.23 57.37 40.06
C GLN G 72 7.64 56.48 41.22
N LYS G 73 8.71 55.73 40.99
CA LYS G 73 9.13 54.66 41.87
C LYS G 73 9.97 55.26 42.98
N GLN G 74 9.26 55.78 43.97
CA GLN G 74 9.81 56.71 44.94
C GLN G 74 9.76 56.10 46.32
N SER G 75 10.90 56.09 47.01
CA SER G 75 11.01 55.54 48.34
C SER G 75 11.46 56.64 49.28
N ASN G 76 10.82 56.74 50.44
CA ASN G 76 11.15 57.73 51.45
C ASN G 76 11.49 57.03 52.75
N LEU G 77 12.50 57.53 53.44
CA LEU G 77 12.93 56.92 54.69
C LEU G 77 13.26 58.04 55.66
N GLU G 78 12.61 58.05 56.80
CA GLU G 78 12.83 59.07 57.81
C GLU G 78 13.74 58.52 58.90
N MET G 79 14.78 59.27 59.24
CA MET G 79 15.58 59.00 60.42
C MET G 79 15.06 59.72 61.66
N ASN G 80 13.90 60.33 61.56
CA ASN G 80 13.35 61.20 62.58
C ASN G 80 11.93 60.75 62.85
N SER G 81 11.21 61.57 63.59
CA SER G 81 9.80 61.36 63.86
C SER G 81 9.07 62.65 63.54
N GLU G 82 7.79 62.70 63.86
CA GLU G 82 7.05 63.95 63.78
C GLU G 82 6.05 63.98 64.92
N ILE G 83 5.91 65.14 65.54
CA ILE G 83 5.18 65.28 66.79
C ILE G 83 3.84 65.93 66.50
N LEU G 84 2.77 65.35 67.05
CA LEU G 84 1.41 65.80 66.84
C LEU G 84 0.78 65.95 68.22
N GLU G 85 0.98 67.09 68.86
CA GLU G 85 0.56 67.28 70.24
C GLU G 85 -0.88 67.77 70.38
N SER G 86 -1.68 67.68 69.32
CA SER G 86 -3.09 68.05 69.38
C SER G 86 -3.82 67.29 68.28
N TRP G 87 -5.03 66.83 68.57
CA TRP G 87 -5.80 66.10 67.58
C TRP G 87 -6.55 67.01 66.61
N ALA G 88 -6.47 68.32 66.77
CA ALA G 88 -7.18 69.21 65.84
C ALA G 88 -6.49 69.23 64.48
N ASN G 89 -5.17 69.42 64.47
CA ASN G 89 -4.40 69.38 63.23
C ASN G 89 -3.93 67.96 62.94
N TYR G 90 -4.89 67.13 62.53
CA TYR G 90 -4.69 65.71 62.33
C TYR G 90 -4.27 65.39 60.90
N GLN G 91 -3.28 64.51 60.77
CA GLN G 91 -2.76 64.03 59.50
C GLN G 91 -3.24 62.61 59.31
N SER G 92 -3.88 62.32 58.19
CA SER G 92 -4.54 61.04 58.06
C SER G 92 -3.58 59.89 57.78
N SER G 93 -2.47 60.14 57.09
CA SER G 93 -1.39 59.23 56.68
C SER G 93 -1.78 58.21 55.62
N THR G 94 -3.04 58.13 55.23
CA THR G 94 -3.42 57.31 54.09
C THR G 94 -4.42 57.96 53.16
N SER G 95 -5.08 59.03 53.58
CA SER G 95 -6.04 59.74 52.75
C SER G 95 -5.88 61.24 52.98
N TYR G 96 -4.64 61.69 52.98
CA TYR G 96 -4.35 63.05 53.43
C TYR G 96 -4.77 64.10 52.42
N SER G 97 -4.61 63.82 51.13
CA SER G 97 -4.86 64.83 50.12
C SER G 97 -6.34 65.05 49.86
N ILE G 98 -7.17 64.05 50.10
CA ILE G 98 -8.60 64.23 49.88
C ILE G 98 -9.29 64.81 51.10
N ASN G 99 -8.66 64.78 52.27
CA ASN G 99 -9.26 65.42 53.43
C ASN G 99 -8.93 66.90 53.53
N THR G 100 -7.81 67.34 52.95
CA THR G 100 -7.31 68.70 53.15
C THR G 100 -7.84 69.69 52.13
N GLU G 101 -8.93 69.36 51.45
CA GLU G 101 -9.52 70.22 50.44
C GLU G 101 -10.10 71.50 51.05
N LEU G 102 -10.23 72.53 50.21
CA LEU G 102 -10.75 73.83 50.65
C LEU G 102 -12.27 73.80 50.54
N SER G 103 -12.94 73.78 51.68
CA SER G 103 -14.40 73.73 51.71
C SER G 103 -14.88 74.28 53.04
N LEU G 104 -16.19 74.26 53.21
CA LEU G 104 -16.80 74.67 54.47
C LEU G 104 -16.50 73.67 55.57
N PHE G 105 -16.58 72.39 55.24
CA PHE G 105 -16.48 71.31 56.22
C PHE G 105 -15.12 70.63 56.15
N SER G 106 -14.07 71.41 55.93
CA SER G 106 -12.73 70.86 55.91
C SER G 106 -12.25 70.45 57.30
N LYS G 107 -12.87 71.00 58.35
CA LYS G 107 -12.50 70.63 59.70
C LYS G 107 -13.21 69.37 60.19
N VAL G 108 -14.14 68.83 59.41
CA VAL G 108 -14.91 67.66 59.81
C VAL G 108 -14.51 66.43 59.00
N ASN G 109 -13.72 66.58 57.95
CA ASN G 109 -13.30 65.46 57.11
C ASN G 109 -12.38 64.53 57.88
N GLY G 110 -12.73 63.25 57.88
CA GLY G 110 -11.94 62.24 58.54
C GLY G 110 -12.17 62.08 60.02
N LYS G 111 -13.10 62.84 60.61
CA LYS G 111 -13.28 62.85 62.05
C LYS G 111 -14.14 61.72 62.56
N PHE G 112 -14.54 60.79 61.70
CA PHE G 112 -15.24 59.59 62.13
C PHE G 112 -14.50 58.35 61.67
N SER G 113 -13.26 58.52 61.22
CA SER G 113 -12.43 57.40 60.83
C SER G 113 -11.98 56.64 62.05
N THR G 114 -11.70 55.35 61.86
CA THR G 114 -11.22 54.55 62.98
C THR G 114 -9.81 54.95 63.39
N GLU G 115 -9.04 55.48 62.45
CA GLU G 115 -7.68 55.89 62.72
C GLU G 115 -7.65 57.20 63.49
N PHE G 116 -8.65 58.07 63.29
CA PHE G 116 -8.74 59.28 64.09
C PHE G 116 -9.30 59.01 65.47
N GLN G 117 -10.40 58.27 65.53
CA GLN G 117 -11.07 58.03 66.81
C GLN G 117 -10.26 57.15 67.73
N ARG G 118 -9.34 56.37 67.19
CA ARG G 118 -8.39 55.68 68.06
C ARG G 118 -7.31 56.63 68.54
N MET G 119 -6.97 57.65 67.77
CA MET G 119 -5.91 58.55 68.19
C MET G 119 -6.42 59.56 69.21
N LYS G 120 -7.65 60.03 69.06
CA LYS G 120 -8.22 61.02 69.96
C LYS G 120 -8.45 60.43 71.34
N THR G 121 -8.86 59.18 71.42
CA THR G 121 -9.12 58.57 72.71
C THR G 121 -7.85 58.14 73.43
N LEU G 122 -6.68 58.34 72.85
CA LEU G 122 -5.42 58.10 73.52
C LEU G 122 -4.73 59.37 73.96
N GLN G 123 -5.08 60.51 73.38
CA GLN G 123 -4.55 61.78 73.84
C GLN G 123 -5.39 62.41 74.94
N VAL G 124 -6.61 61.94 75.14
CA VAL G 124 -7.50 62.47 76.16
C VAL G 124 -7.51 61.59 77.40
N LYS G 125 -7.58 60.28 77.19
CA LYS G 125 -7.57 59.32 78.28
C LYS G 125 -6.23 59.33 79.01
N ASP G 126 -5.14 59.52 78.28
CA ASP G 126 -3.80 59.37 78.83
C ASP G 126 -3.04 60.69 78.89
N GLN G 127 -3.66 61.80 78.48
CA GLN G 127 -3.07 63.14 78.44
C GLN G 127 -1.76 63.14 77.65
N ALA G 128 -1.83 62.62 76.44
CA ALA G 128 -0.65 62.23 75.71
C ALA G 128 -0.44 63.08 74.46
N ILE G 129 0.76 62.95 73.90
CA ILE G 129 1.11 63.48 72.59
C ILE G 129 1.45 62.30 71.69
N THR G 130 1.37 62.51 70.39
CA THR G 130 1.51 61.44 69.42
C THR G 130 2.70 61.69 68.53
N THR G 131 3.53 60.68 68.34
CA THR G 131 4.62 60.72 67.37
C THR G 131 4.36 59.70 66.26
N ARG G 132 4.91 59.95 65.08
CA ARG G 132 4.73 59.05 63.96
C ARG G 132 6.00 58.96 63.11
N VAL G 133 6.50 57.75 62.90
CA VAL G 133 7.62 57.49 62.00
C VAL G 133 7.12 56.57 60.91
N GLN G 134 7.52 56.81 59.66
CA GLN G 134 7.05 55.95 58.59
C GLN G 134 8.06 55.81 57.47
N VAL G 135 8.03 54.64 56.83
CA VAL G 135 8.79 54.35 55.63
C VAL G 135 7.77 54.17 54.51
N ARG G 136 7.69 55.13 53.60
CA ARG G 136 6.70 55.13 52.55
C ARG G 136 7.34 54.79 51.23
N ASN G 137 6.64 54.00 50.42
CA ASN G 137 7.18 53.46 49.18
C ASN G 137 6.11 53.65 48.10
N LEU G 138 6.13 54.81 47.46
CA LEU G 138 5.20 55.13 46.38
C LEU G 138 5.70 54.58 45.05
N VAL G 139 4.87 53.79 44.38
CA VAL G 139 5.25 53.12 43.15
C VAL G 139 4.57 53.74 41.93
N TYR G 140 3.25 53.88 41.97
CA TYR G 140 2.52 54.45 40.84
C TYR G 140 1.60 55.56 41.30
N THR G 141 1.32 56.48 40.40
CA THR G 141 0.16 57.37 40.48
C THR G 141 -0.80 56.96 39.39
N VAL G 142 -2.02 56.66 39.77
CA VAL G 142 -3.01 56.05 38.90
C VAL G 142 -4.17 57.02 38.79
N LYS G 143 -4.42 57.54 37.58
CA LYS G 143 -5.41 58.59 37.37
C LYS G 143 -6.47 58.16 36.36
N ILE G 144 -7.50 58.97 36.24
CA ILE G 144 -8.59 58.76 35.29
C ILE G 144 -8.47 59.74 34.13
N ASN G 145 -8.68 59.23 32.93
CA ASN G 145 -8.78 60.06 31.74
C ASN G 145 -10.04 60.91 31.87
N PRO G 146 -9.99 62.22 31.58
CA PRO G 146 -11.19 63.06 31.73
C PRO G 146 -12.35 62.76 30.80
N THR G 147 -12.22 61.84 29.85
CA THR G 147 -13.31 61.50 28.93
C THR G 147 -13.94 60.17 29.28
N LEU G 148 -14.09 59.89 30.56
CA LEU G 148 -14.65 58.65 31.07
C LEU G 148 -16.15 58.82 31.33
N GLU G 149 -16.87 57.71 31.26
CA GLU G 149 -18.31 57.67 31.48
C GLU G 149 -18.64 56.94 32.78
N LEU G 150 -19.88 57.13 33.22
CA LEU G 150 -20.37 56.63 34.49
C LEU G 150 -20.61 55.14 34.46
N SER G 151 -20.73 54.57 35.66
CA SER G 151 -20.97 53.14 35.80
C SER G 151 -22.42 52.82 35.45
N SER G 152 -22.69 51.53 35.29
CA SER G 152 -24.03 51.09 34.93
C SER G 152 -24.99 51.18 36.11
N GLY G 153 -24.51 50.92 37.32
CA GLY G 153 -25.35 50.99 38.49
C GLY G 153 -25.57 52.41 38.97
N PHE G 154 -24.55 53.26 38.85
CA PHE G 154 -24.67 54.63 39.33
C PHE G 154 -25.54 55.47 38.41
N ARG G 155 -25.52 55.18 37.10
CA ARG G 155 -26.39 55.88 36.16
C ARG G 155 -27.84 55.53 36.39
N LYS G 156 -28.13 54.28 36.75
CA LYS G 156 -29.49 53.84 36.99
C LYS G 156 -30.11 54.55 38.20
N GLU G 157 -29.33 54.81 39.23
CA GLU G 157 -29.87 55.44 40.42
C GLU G 157 -29.94 56.94 40.28
N LEU G 158 -29.22 57.54 39.34
CA LEU G 158 -29.43 58.94 39.00
C LEU G 158 -30.65 59.12 38.12
N LEU G 159 -30.96 58.13 37.29
CA LEU G 159 -32.16 58.18 36.46
C LEU G 159 -33.43 57.96 37.28
N ASP G 160 -33.32 57.28 38.41
CA ASP G 160 -34.47 57.13 39.29
C ASP G 160 -34.76 58.40 40.07
N ILE G 161 -33.72 59.14 40.45
CA ILE G 161 -33.91 60.48 40.99
C ILE G 161 -34.46 61.40 39.91
N SER G 162 -34.00 61.20 38.68
CA SER G 162 -34.42 62.02 37.54
C SER G 162 -35.91 61.87 37.26
N ASP G 163 -36.45 60.67 37.44
CA ASP G 163 -37.88 60.45 37.18
C ASP G 163 -38.74 61.17 38.20
N ARG G 164 -38.29 61.23 39.46
CA ARG G 164 -39.07 61.88 40.51
C ARG G 164 -39.07 63.39 40.36
N LEU G 165 -38.01 63.97 39.80
CA LEU G 165 -38.02 65.41 39.56
C LEU G 165 -38.92 65.79 38.41
N GLU G 166 -39.17 64.87 37.48
CA GLU G 166 -40.10 65.14 36.39
C GLU G 166 -41.54 65.23 36.89
N ASN G 167 -41.92 64.29 37.74
CA ASN G 167 -43.29 64.14 38.22
C ASN G 167 -43.63 65.08 39.36
N ASN G 168 -42.76 66.05 39.66
CA ASN G 168 -42.92 66.97 40.80
C ASN G 168 -43.10 66.19 42.10
N GLN G 169 -42.16 65.30 42.38
CA GLN G 169 -42.19 64.49 43.59
C GLN G 169 -40.90 64.79 44.33
N THR G 170 -40.92 65.87 45.10
CA THR G 170 -39.70 66.42 45.68
C THR G 170 -39.28 65.66 46.93
N ARG G 171 -40.24 65.25 47.76
CA ARG G 171 -39.92 64.52 48.98
C ARG G 171 -39.41 63.12 48.68
N MET G 172 -39.84 62.52 47.58
CA MET G 172 -39.39 61.19 47.24
C MET G 172 -38.07 61.24 46.49
N ALA G 173 -37.76 62.35 45.83
CA ALA G 173 -36.46 62.52 45.21
C ALA G 173 -35.39 62.85 46.24
N THR G 174 -35.76 63.61 47.28
CA THR G 174 -34.85 63.91 48.37
C THR G 174 -34.48 62.66 49.14
N TYR G 175 -35.43 61.74 49.28
CA TYR G 175 -35.15 60.46 49.92
C TYR G 175 -34.18 59.63 49.10
N LEU G 176 -34.38 59.55 47.79
CA LEU G 176 -33.49 58.76 46.96
C LEU G 176 -32.13 59.41 46.77
N ALA G 177 -32.03 60.73 46.89
CA ALA G 177 -30.74 61.38 46.81
C ALA G 177 -29.87 61.05 48.02
N GLU G 178 -30.49 60.84 49.17
CA GLU G 178 -29.75 60.48 50.38
C GLU G 178 -29.36 59.02 50.41
N LEU G 179 -30.07 58.16 49.71
CA LEU G 179 -29.61 56.79 49.55
C LEU G 179 -28.48 56.68 48.54
N LEU G 180 -28.30 57.69 47.68
CA LEU G 180 -27.14 57.72 46.81
C LEU G 180 -25.88 57.99 47.61
N VAL G 181 -25.99 58.76 48.68
CA VAL G 181 -24.85 59.10 49.52
C VAL G 181 -24.52 57.96 50.48
N LEU G 182 -25.52 57.18 50.90
CA LEU G 182 -25.26 55.96 51.65
C LEU G 182 -24.46 54.97 50.82
N ASN G 183 -24.77 54.86 49.54
CA ASN G 183 -24.17 53.80 48.73
C ASN G 183 -22.92 54.25 47.99
N TYR G 184 -22.76 55.54 47.74
CA TYR G 184 -21.65 56.02 46.92
C TYR G 184 -20.82 57.11 47.57
N GLY G 185 -21.12 57.50 48.80
CA GLY G 185 -20.26 58.43 49.49
C GLY G 185 -20.49 59.88 49.11
N THR G 186 -19.52 60.71 49.46
CA THR G 186 -19.59 62.14 49.20
C THR G 186 -18.60 62.60 48.16
N HIS G 187 -17.68 61.75 47.73
CA HIS G 187 -16.59 62.11 46.83
C HIS G 187 -16.33 60.97 45.87
N VAL G 188 -15.62 61.28 44.80
CA VAL G 188 -15.15 60.30 43.83
C VAL G 188 -13.64 60.42 43.76
N THR G 189 -12.94 59.31 43.95
CA THR G 189 -11.49 59.36 43.88
C THR G 189 -11.06 59.50 42.43
N THR G 190 -10.29 60.53 42.14
CA THR G 190 -9.80 60.73 40.79
C THR G 190 -8.35 60.33 40.62
N SER G 191 -7.57 60.27 41.68
CA SER G 191 -6.24 59.69 41.60
C SER G 191 -5.92 58.98 42.89
N VAL G 192 -5.24 57.86 42.77
CA VAL G 192 -4.74 57.10 43.90
C VAL G 192 -3.24 56.94 43.75
N ASP G 193 -2.56 56.78 44.87
CA ASP G 193 -1.13 56.50 44.91
C ASP G 193 -0.95 55.07 45.36
N ALA G 194 -0.44 54.23 44.48
CA ALA G 194 -0.27 52.81 44.78
C ALA G 194 1.10 52.57 45.40
N GLY G 195 1.11 51.95 46.58
CA GLY G 195 2.36 51.65 47.22
C GLY G 195 2.16 51.00 48.56
N ALA G 196 3.18 51.05 49.39
CA ALA G 196 3.16 50.45 50.71
C ALA G 196 3.75 51.42 51.72
N ALA G 197 3.45 51.20 52.99
CA ALA G 197 3.97 52.04 54.06
C ALA G 197 4.09 51.22 55.32
N LEU G 198 5.10 51.53 56.12
CA LEU G 198 5.30 50.89 57.41
C LEU G 198 5.35 52.00 58.45
N ILE G 199 4.41 52.02 59.38
CA ILE G 199 4.19 53.18 60.25
C ILE G 199 4.37 52.77 61.71
N GLN G 200 5.09 53.59 62.46
CA GLN G 200 5.19 53.54 63.92
C GLN G 200 4.34 54.65 64.51
N GLU G 201 3.63 54.36 65.58
CA GLU G 201 2.85 55.40 66.23
C GLU G 201 2.93 55.24 67.73
N ASP G 202 3.79 56.03 68.36
CA ASP G 202 3.92 56.03 69.81
C ASP G 202 3.11 57.16 70.42
N HIS G 203 2.69 56.95 71.67
CA HIS G 203 2.07 57.98 72.47
C HIS G 203 2.92 58.23 73.69
N LEU G 204 3.27 59.48 73.92
CA LEU G 204 4.14 59.88 75.01
C LEU G 204 3.37 60.82 75.91
N ARG G 205 3.71 60.85 77.20
CA ARG G 205 3.08 61.80 78.11
C ARG G 205 3.46 63.22 77.72
N ALA G 206 2.50 64.14 77.85
CA ALA G 206 2.71 65.51 77.40
C ALA G 206 3.69 66.26 78.29
N SER G 207 3.95 65.76 79.49
CA SER G 207 4.98 66.33 80.36
C SER G 207 6.39 66.06 79.84
N PHE G 208 6.55 65.02 79.04
CA PHE G 208 7.87 64.64 78.55
C PHE G 208 8.39 65.58 77.47
N LEU G 209 7.51 66.28 76.77
CA LEU G 209 7.91 67.17 75.70
C LEU G 209 8.17 68.59 76.18
N GLN G 210 7.66 68.96 77.34
CA GLN G 210 7.69 70.33 77.83
C GLN G 210 9.07 70.82 78.29
N ASP G 211 10.19 70.15 78.01
CA ASP G 211 11.48 70.58 78.56
C ASP G 211 12.00 71.82 77.84
N SER G 212 12.29 71.71 76.54
CA SER G 212 12.79 72.84 75.76
C SER G 212 12.58 72.53 74.28
N GLN G 213 13.08 73.42 73.42
CA GLN G 213 13.10 73.21 71.99
C GLN G 213 14.34 72.46 71.53
N SER G 214 15.29 72.21 72.43
CA SER G 214 16.41 71.33 72.16
C SER G 214 16.16 69.92 72.63
N SER G 215 15.27 69.73 73.59
CA SER G 215 14.83 68.39 73.95
C SER G 215 13.95 67.80 72.86
N ARG G 216 13.26 68.66 72.10
CA ARG G 216 12.34 68.20 71.06
C ARG G 216 13.09 67.48 69.95
N SER G 217 14.26 67.95 69.58
CA SER G 217 15.05 67.30 68.54
C SER G 217 15.79 66.06 69.04
N ALA G 218 15.66 65.71 70.31
CA ALA G 218 16.19 64.46 70.83
C ALA G 218 15.09 63.45 71.16
N VAL G 219 13.90 63.94 71.53
CA VAL G 219 12.72 63.08 71.57
C VAL G 219 12.42 62.54 70.19
N THR G 220 12.57 63.39 69.17
CA THR G 220 12.16 63.06 67.81
C THR G 220 13.12 62.08 67.17
N ALA G 221 14.42 62.22 67.41
CA ALA G 221 15.38 61.29 66.85
C ALA G 221 15.52 60.01 67.67
N SER G 222 14.88 59.95 68.84
CA SER G 222 14.85 58.72 69.61
C SER G 222 13.78 57.79 69.07
N ALA G 223 12.64 58.35 68.68
CA ALA G 223 11.54 57.56 68.12
C ALA G 223 11.90 56.96 66.78
N GLY G 224 12.73 57.66 65.99
CA GLY G 224 13.20 57.07 64.76
C GLY G 224 14.25 56.03 64.95
N LEU G 225 14.94 56.05 66.09
CA LEU G 225 15.94 55.04 66.40
C LEU G 225 15.28 53.78 66.91
N ALA G 226 14.24 53.93 67.73
CA ALA G 226 13.47 52.79 68.21
C ALA G 226 12.76 52.07 67.09
N PHE G 227 12.34 52.81 66.05
CA PHE G 227 11.65 52.21 64.92
C PHE G 227 12.58 51.36 64.07
N GLN G 228 13.82 51.79 63.93
CA GLN G 228 14.77 51.00 63.17
C GLN G 228 15.27 49.80 63.97
N ASN G 229 15.27 49.89 65.30
CA ASN G 229 15.57 48.72 66.11
C ASN G 229 14.48 47.68 66.01
N THR G 230 13.21 48.13 66.01
CA THR G 230 12.07 47.23 66.00
C THR G 230 11.99 46.45 64.69
N VAL G 231 12.35 47.08 63.57
CA VAL G 231 12.33 46.32 62.33
C VAL G 231 13.51 45.37 62.27
N ASN G 232 14.68 45.75 62.77
CA ASN G 232 15.85 44.91 62.56
C ASN G 232 16.04 43.81 63.60
N PHE G 233 15.68 44.02 64.87
CA PHE G 233 16.23 43.21 65.95
C PHE G 233 15.23 42.33 66.69
N LYS G 234 14.37 41.61 65.95
CA LYS G 234 13.89 40.27 66.31
C LYS G 234 13.17 40.16 67.65
N PHE G 235 12.70 41.29 68.20
CA PHE G 235 12.06 41.49 69.51
C PHE G 235 13.06 41.37 70.66
N GLU G 236 14.28 40.95 70.37
CA GLU G 236 15.27 40.74 71.41
C GLU G 236 15.84 42.07 71.87
N GLU G 237 16.58 42.04 72.96
CA GLU G 237 17.28 43.24 73.41
C GLU G 237 18.71 43.26 72.88
N ASN G 238 18.82 43.08 71.57
CA ASN G 238 20.01 43.36 70.81
C ASN G 238 20.01 44.78 70.27
N TYR G 239 19.26 45.68 70.92
CA TYR G 239 19.08 47.02 70.42
C TYR G 239 20.35 47.84 70.61
N THR G 240 20.54 48.79 69.69
CA THR G 240 21.63 49.75 69.80
C THR G 240 21.15 51.02 70.52
N SER G 241 20.74 50.83 71.77
CA SER G 241 20.24 51.92 72.60
C SER G 241 21.37 52.89 72.93
N GLN G 242 21.32 54.06 72.33
CA GLN G 242 22.48 54.96 72.29
C GLN G 242 22.66 55.79 73.55
N ASN G 243 21.60 56.02 74.32
CA ASN G 243 21.67 56.98 75.42
C ASN G 243 20.89 56.46 76.60
N VAL G 244 20.82 57.30 77.64
CA VAL G 244 19.82 57.15 78.69
C VAL G 244 18.51 57.79 78.22
N LEU G 245 18.57 58.69 77.24
CA LEU G 245 17.38 59.30 76.68
C LEU G 245 16.53 58.29 75.92
N THR G 246 17.14 57.24 75.40
CA THR G 246 16.36 56.11 74.88
C THR G 246 15.64 55.40 76.02
N LYS G 247 16.31 55.22 77.15
CA LYS G 247 15.69 54.55 78.28
C LYS G 247 14.63 55.43 78.93
N SER G 248 14.86 56.74 78.98
CA SER G 248 13.83 57.62 79.50
C SER G 248 12.67 57.78 78.53
N TYR G 249 12.90 57.54 77.24
CA TYR G 249 11.82 57.57 76.25
C TYR G 249 10.82 56.45 76.50
N LEU G 250 11.31 55.28 76.92
CA LEU G 250 10.44 54.12 77.08
C LEU G 250 9.53 54.26 78.29
N SER G 251 9.97 54.96 79.31
CA SER G 251 9.20 55.03 80.54
C SER G 251 8.08 56.06 80.47
N ASN G 252 8.18 57.03 79.56
CA ASN G 252 7.09 57.97 79.33
C ASN G 252 6.18 57.52 78.21
N ARG G 253 6.56 56.47 77.48
CA ARG G 253 5.76 55.97 76.37
C ARG G 253 4.46 55.35 76.88
N THR G 254 3.35 55.74 76.26
CA THR G 254 2.06 55.23 76.67
C THR G 254 1.58 54.04 75.83
N ASN G 255 1.57 54.12 74.49
CA ASN G 255 0.90 53.06 73.74
C ASN G 255 1.77 52.25 72.77
N SER G 256 2.41 52.86 71.78
CA SER G 256 3.27 52.20 70.78
C SER G 256 2.65 51.12 69.88
N ARG G 257 1.85 51.52 68.89
CA ARG G 257 1.42 50.60 67.84
C ARG G 257 2.40 50.62 66.66
N VAL G 258 2.53 49.47 65.99
CA VAL G 258 3.26 49.37 64.73
C VAL G 258 2.30 48.87 63.66
N GLN G 259 2.19 49.62 62.56
CA GLN G 259 1.19 49.34 61.54
C GLN G 259 1.86 49.18 60.17
N SER G 260 1.52 48.11 59.47
CA SER G 260 1.94 47.90 58.10
C SER G 260 0.75 48.08 57.19
N ILE G 261 0.90 48.87 56.13
CA ILE G 261 -0.16 49.11 55.17
C ILE G 261 0.38 48.70 53.81
N GLY G 262 -0.08 47.57 53.30
CA GLY G 262 0.44 47.03 52.07
C GLY G 262 1.69 46.23 52.28
N GLY G 263 2.10 45.52 51.25
CA GLY G 263 3.26 44.68 51.37
C GLY G 263 2.96 43.40 52.12
N VAL G 264 4.02 42.79 52.64
CA VAL G 264 3.91 41.58 53.45
C VAL G 264 3.59 41.99 54.88
N PRO G 265 3.00 41.11 55.71
CA PRO G 265 2.70 41.51 57.09
C PRO G 265 3.96 41.71 57.91
N PHE G 266 3.91 42.72 58.76
CA PHE G 266 5.05 43.04 59.61
C PHE G 266 5.14 42.08 60.78
N TYR G 267 6.37 41.73 61.15
CA TYR G 267 6.71 41.09 62.40
C TYR G 267 8.02 41.68 62.86
N PRO G 268 8.23 41.83 64.16
CA PRO G 268 9.47 42.45 64.63
C PRO G 268 10.68 41.58 64.36
N GLY G 269 11.51 41.99 63.41
CA GLY G 269 12.60 41.16 62.98
C GLY G 269 12.73 41.05 61.48
N ILE G 270 11.68 41.41 60.73
CA ILE G 270 11.82 41.46 59.28
C ILE G 270 12.66 42.68 58.92
N THR G 271 13.75 42.45 58.20
CA THR G 271 14.64 43.56 57.93
C THR G 271 13.99 44.50 56.92
N LEU G 272 14.53 45.72 56.85
CA LEU G 272 13.96 46.71 55.95
C LEU G 272 14.19 46.32 54.50
N GLN G 273 15.27 45.59 54.23
CA GLN G 273 15.46 44.96 52.93
C GLN G 273 14.36 43.97 52.61
N ALA G 274 14.00 43.12 53.56
CA ALA G 274 13.08 42.04 53.27
C ALA G 274 11.64 42.50 53.21
N TRP G 275 11.29 43.58 53.93
CA TRP G 275 9.96 44.16 53.81
C TRP G 275 9.76 44.77 52.44
N GLN G 276 10.81 45.34 51.86
CA GLN G 276 10.74 45.98 50.56
C GLN G 276 10.77 45.01 49.41
N GLN G 277 11.03 43.74 49.65
CA GLN G 277 10.91 42.75 48.59
C GLN G 277 9.49 42.24 48.44
N GLY G 278 8.67 42.38 49.46
CA GLY G 278 7.30 41.93 49.41
C GLY G 278 6.31 42.98 48.99
N ILE G 279 6.77 44.16 48.61
CA ILE G 279 5.89 45.22 48.15
C ILE G 279 5.34 44.89 46.77
N THR G 280 6.10 44.16 45.97
CA THR G 280 5.67 43.72 44.64
C THR G 280 4.46 42.80 44.74
N ASN G 281 3.40 43.18 44.01
CA ASN G 281 2.07 42.55 43.91
C ASN G 281 1.24 42.68 45.17
N HIS G 282 1.69 43.46 46.17
CA HIS G 282 0.86 43.78 47.33
C HIS G 282 0.89 45.30 47.44
N LEU G 283 0.08 45.98 46.64
CA LEU G 283 0.05 47.43 46.62
C LEU G 283 -1.33 47.90 47.06
N VAL G 284 -1.37 48.95 47.87
CA VAL G 284 -2.61 49.52 48.34
C VAL G 284 -2.57 51.02 48.06
N ALA G 285 -3.69 51.68 48.30
CA ALA G 285 -3.75 53.12 48.16
C ALA G 285 -3.20 53.76 49.43
N ILE G 286 -2.04 54.38 49.32
CA ILE G 286 -1.48 55.12 50.45
C ILE G 286 -1.78 56.61 50.37
N ASP G 287 -2.39 57.08 49.28
CA ASP G 287 -2.89 58.45 49.20
C ASP G 287 -3.97 58.49 48.14
N ARG G 288 -4.86 59.47 48.25
CA ARG G 288 -5.98 59.65 47.35
C ARG G 288 -6.24 61.13 47.12
N SER G 289 -6.72 61.45 45.92
CA SER G 289 -7.27 62.76 45.64
C SER G 289 -8.66 62.57 45.05
N GLY G 290 -9.46 63.64 45.09
CA GLY G 290 -10.81 63.48 44.59
C GLY G 290 -11.52 64.78 44.33
N LEU G 291 -12.80 64.64 43.97
CA LEU G 291 -13.72 65.72 43.71
C LEU G 291 -15.05 65.33 44.31
N PRO G 292 -15.90 66.30 44.64
CA PRO G 292 -17.22 65.96 45.20
C PRO G 292 -18.11 65.23 44.19
N LEU G 293 -19.15 64.60 44.73
CA LEU G 293 -19.94 63.66 43.94
C LEU G 293 -20.82 64.36 42.93
N HIS G 294 -21.24 65.60 43.21
CA HIS G 294 -22.07 66.34 42.29
C HIS G 294 -21.29 67.02 41.18
N PHE G 295 -19.95 66.96 41.23
CA PHE G 295 -19.15 67.46 40.12
C PHE G 295 -19.38 66.62 38.87
N PHE G 296 -19.63 65.34 39.03
CA PHE G 296 -19.77 64.42 37.92
C PHE G 296 -21.22 64.24 37.50
N ILE G 297 -22.11 65.10 37.99
CA ILE G 297 -23.47 65.12 37.50
C ILE G 297 -23.62 66.40 36.68
N ASN G 298 -23.37 66.28 35.39
CA ASN G 298 -23.32 67.42 34.48
C ASN G 298 -23.85 66.94 33.14
N PRO G 299 -24.21 67.85 32.23
CA PRO G 299 -24.75 67.40 30.93
C PRO G 299 -23.81 66.58 30.06
N ASN G 300 -22.51 66.57 30.37
CA ASN G 300 -21.59 65.75 29.60
C ASN G 300 -21.67 64.28 30.00
N MET G 301 -21.76 63.99 31.30
CA MET G 301 -21.83 62.60 31.75
C MET G 301 -23.19 61.98 31.46
N LEU G 302 -24.24 62.78 31.38
CA LEU G 302 -25.60 62.32 31.14
C LEU G 302 -26.08 62.94 29.84
N PRO G 303 -25.75 62.33 28.69
CA PRO G 303 -26.11 62.93 27.41
C PRO G 303 -27.51 62.58 26.94
N ASP G 304 -28.18 61.63 27.59
CA ASP G 304 -29.52 61.21 27.22
C ASP G 304 -30.60 61.84 28.09
N LEU G 305 -30.29 62.96 28.74
CA LEU G 305 -31.24 63.70 29.54
C LEU G 305 -31.12 65.18 29.19
N PRO G 306 -32.18 65.96 29.36
CA PRO G 306 -32.10 67.39 29.05
C PRO G 306 -31.20 68.15 30.01
N GLY G 307 -30.80 69.33 29.56
CA GLY G 307 -29.88 70.20 30.25
C GLY G 307 -30.29 70.65 31.64
N PRO G 308 -31.44 71.34 31.78
CA PRO G 308 -31.86 71.78 33.11
C PRO G 308 -32.32 70.68 34.03
N LEU G 309 -32.52 69.48 33.53
CA LEU G 309 -32.98 68.38 34.36
C LEU G 309 -31.83 67.63 35.02
N VAL G 310 -30.63 67.66 34.44
CA VAL G 310 -29.47 67.11 35.15
C VAL G 310 -28.88 68.11 36.12
N LYS G 311 -29.33 69.35 36.09
CA LYS G 311 -28.98 70.33 37.10
C LYS G 311 -29.92 70.30 38.29
N LYS G 312 -31.08 69.66 38.15
CA LYS G 312 -31.92 69.40 39.31
C LYS G 312 -31.42 68.20 40.07
N VAL G 313 -30.90 67.21 39.35
CA VAL G 313 -30.32 66.03 39.98
C VAL G 313 -29.02 66.41 40.69
N SER G 314 -28.23 67.28 40.08
CA SER G 314 -26.97 67.71 40.66
C SER G 314 -27.18 68.58 41.89
N LYS G 315 -28.29 69.32 41.94
CA LYS G 315 -28.55 70.17 43.09
C LYS G 315 -29.19 69.38 44.22
N THR G 316 -29.97 68.36 43.93
CA THR G 316 -30.58 67.58 45.00
C THR G 316 -29.62 66.58 45.61
N VAL G 317 -28.47 66.33 44.98
CA VAL G 317 -27.43 65.51 45.58
C VAL G 317 -26.42 66.37 46.33
N GLU G 318 -26.16 67.58 45.84
CA GLU G 318 -25.33 68.54 46.57
C GLU G 318 -25.96 68.91 47.90
N THR G 319 -27.29 68.97 47.97
CA THR G 319 -27.97 69.25 49.22
C THR G 319 -27.92 68.06 50.16
N ALA G 320 -27.97 66.85 49.63
CA ALA G 320 -27.94 65.66 50.47
C ALA G 320 -26.57 65.42 51.06
N VAL G 321 -25.51 65.75 50.33
CA VAL G 321 -24.16 65.62 50.86
C VAL G 321 -23.91 66.67 51.93
N LYS G 322 -24.39 67.89 51.70
CA LYS G 322 -24.21 68.98 52.66
C LYS G 322 -25.01 68.74 53.93
N ARG G 323 -26.15 68.06 53.82
CA ARG G 323 -26.94 67.71 54.99
C ARG G 323 -26.26 66.63 55.81
N TYR G 324 -25.44 65.81 55.18
CA TYR G 324 -24.74 64.74 55.87
C TYR G 324 -23.59 65.25 56.70
N TYR G 325 -22.93 66.32 56.27
CA TYR G 325 -21.88 66.94 57.07
C TYR G 325 -22.44 67.73 58.23
N THR G 326 -23.64 68.30 58.08
CA THR G 326 -24.20 69.15 59.11
C THR G 326 -24.69 68.32 60.29
N PHE G 327 -25.23 67.14 60.03
CA PHE G 327 -25.76 66.31 61.10
C PHE G 327 -24.66 65.57 61.85
N ASN G 328 -23.42 65.64 61.39
CA ASN G 328 -22.29 65.00 62.03
C ASN G 328 -21.28 66.03 62.50
N THR G 329 -21.74 67.25 62.78
CA THR G 329 -20.91 68.32 63.30
C THR G 329 -21.29 68.59 64.74
N TYR G 330 -20.32 68.53 65.64
CA TYR G 330 -20.52 68.71 67.08
C TYR G 330 -19.63 69.85 67.55
N PRO G 331 -20.12 71.07 67.59
CA PRO G 331 -19.33 72.16 68.18
C PRO G 331 -19.29 72.03 69.69
N GLY G 332 -18.17 72.44 70.26
CA GLY G 332 -18.00 72.37 71.70
C GLY G 332 -16.60 72.77 72.08
N CYS G 333 -16.35 72.70 73.39
CA CYS G 333 -15.03 73.01 73.91
C CYS G 333 -14.11 71.84 73.66
N THR G 334 -13.00 72.10 72.95
CA THR G 334 -12.08 71.06 72.55
C THR G 334 -10.79 71.05 73.33
N ASP G 335 -10.57 72.02 74.22
CA ASP G 335 -9.35 72.08 75.01
C ASP G 335 -9.50 71.16 76.22
N LEU G 336 -8.62 70.16 76.32
CA LEU G 336 -8.76 69.13 77.35
C LEU G 336 -8.41 69.64 78.74
N ASN G 337 -7.71 70.77 78.84
CA ASN G 337 -7.36 71.33 80.13
C ASN G 337 -8.43 72.25 80.69
N SER G 338 -9.38 72.69 79.88
CA SER G 338 -10.48 73.51 80.37
C SER G 338 -11.43 72.67 81.22
N PRO G 339 -12.05 73.25 82.25
CA PRO G 339 -12.94 72.46 83.11
C PRO G 339 -14.22 72.03 82.41
N ASN G 340 -14.72 72.82 81.47
CA ASN G 340 -15.90 72.46 80.69
C ASN G 340 -15.52 71.81 79.35
N PHE G 341 -14.67 70.79 79.41
CA PHE G 341 -14.22 70.11 78.21
C PHE G 341 -15.32 69.23 77.63
N ASN G 342 -15.61 69.43 76.35
CA ASN G 342 -16.60 68.64 75.64
C ASN G 342 -15.85 67.54 74.91
N PHE G 343 -15.77 66.37 75.54
CA PHE G 343 -15.54 65.15 74.80
C PHE G 343 -16.77 64.90 73.95
N GLN G 344 -16.59 64.15 72.85
CA GLN G 344 -17.58 64.03 71.76
C GLN G 344 -17.88 65.39 71.14
N ALA G 345 -16.84 66.08 70.69
CA ALA G 345 -16.98 67.34 69.97
C ALA G 345 -15.93 67.40 68.88
N ASN G 346 -16.34 67.83 67.68
CA ASN G 346 -15.48 67.86 66.51
C ASN G 346 -14.87 69.24 66.28
N THR G 347 -15.69 70.28 66.35
CA THR G 347 -15.31 71.61 65.93
C THR G 347 -15.08 72.48 67.16
N ASP G 348 -14.01 73.28 67.11
CA ASP G 348 -13.70 74.19 68.21
C ASP G 348 -14.74 75.30 68.26
N ASP G 349 -15.46 75.38 69.38
CA ASP G 349 -16.55 76.33 69.51
C ASP G 349 -16.06 77.75 69.76
N GLY G 350 -14.84 77.90 70.26
CA GLY G 350 -14.35 79.21 70.62
C GLY G 350 -14.88 79.74 71.93
N SER G 351 -15.56 78.91 72.71
CA SER G 351 -16.09 79.29 74.02
C SER G 351 -15.57 78.24 74.99
N CYS G 352 -14.36 78.46 75.49
CA CYS G 352 -13.71 77.54 76.41
C CYS G 352 -13.74 78.02 77.84
N GLU G 353 -14.17 79.26 78.08
CA GLU G 353 -14.29 79.81 79.43
C GLU G 353 -15.68 80.38 79.58
N GLY G 354 -16.52 79.71 80.37
CA GLY G 354 -17.86 80.16 80.63
C GLY G 354 -17.97 80.94 81.93
N LYS G 355 -19.19 81.38 82.22
CA LYS G 355 -19.45 82.19 83.41
C LYS G 355 -20.30 81.49 84.46
N MET G 356 -20.88 80.33 84.12
CA MET G 356 -21.76 79.54 85.01
C MET G 356 -22.95 80.38 85.48
N THR G 357 -23.81 80.68 84.52
CA THR G 357 -25.04 81.40 84.78
C THR G 357 -26.20 80.41 84.82
N ASN G 358 -26.85 80.30 85.97
CA ASN G 358 -28.03 79.46 86.09
C ASN G 358 -29.24 80.20 85.52
N PHE G 359 -30.04 79.48 84.73
CA PHE G 359 -31.17 80.07 84.03
C PHE G 359 -32.47 79.46 84.50
N SER G 360 -33.57 80.06 84.03
CA SER G 360 -34.92 79.69 84.43
C SER G 360 -35.62 79.02 83.26
N PHE G 361 -36.11 77.80 83.49
CA PHE G 361 -36.83 77.05 82.48
C PHE G 361 -38.32 77.35 82.61
N GLY G 362 -38.83 78.16 81.69
CA GLY G 362 -40.21 78.61 81.74
C GLY G 362 -41.24 77.70 81.12
N GLY G 363 -40.85 76.51 80.69
CA GLY G 363 -41.80 75.54 80.19
C GLY G 363 -42.01 75.64 78.70
N VAL G 364 -42.69 74.62 78.17
CA VAL G 364 -42.96 74.50 76.74
C VAL G 364 -44.46 74.36 76.53
N TYR G 365 -44.93 74.80 75.37
CA TYR G 365 -46.30 74.56 74.96
C TYR G 365 -46.36 74.49 73.44
N GLN G 366 -47.33 73.75 72.94
CA GLN G 366 -47.44 73.46 71.51
C GLN G 366 -48.88 73.65 71.06
N GLU G 367 -49.06 74.44 70.02
CA GLU G 367 -50.38 74.62 69.41
C GLU G 367 -50.60 73.57 68.33
N CYS G 368 -51.86 73.40 67.95
CA CYS G 368 -52.21 72.55 66.82
C CYS G 368 -53.32 73.21 66.02
N THR G 369 -53.33 72.91 64.72
CA THR G 369 -54.34 73.48 63.82
C THR G 369 -54.66 72.43 62.76
N GLN G 370 -55.85 71.86 62.85
CA GLN G 370 -56.29 70.84 61.90
C GLN G 370 -56.50 71.45 60.53
N LEU G 371 -55.93 70.81 59.50
CA LEU G 371 -56.05 71.30 58.13
C LEU G 371 -57.01 70.47 57.30
N SER G 372 -57.02 69.15 57.47
CA SER G 372 -57.91 68.28 56.72
C SER G 372 -58.10 67.00 57.51
N GLY G 373 -59.23 66.33 57.26
CA GLY G 373 -59.53 65.08 57.93
C GLY G 373 -60.31 65.26 59.21
N ASN G 374 -61.32 66.12 59.17
CA ASN G 374 -62.11 66.41 60.37
C ASN G 374 -63.02 65.25 60.71
N ARG G 375 -63.32 65.13 62.01
CA ARG G 375 -64.23 64.17 62.62
C ARG G 375 -63.83 62.72 62.36
N ASP G 376 -62.56 62.47 62.05
CA ASP G 376 -62.07 61.12 61.78
C ASP G 376 -60.92 60.73 62.69
N VAL G 377 -59.92 61.59 62.85
CA VAL G 377 -58.72 61.29 63.61
C VAL G 377 -58.65 62.09 64.91
N LEU G 378 -59.05 63.36 64.85
CA LEU G 378 -58.82 64.37 65.89
C LEU G 378 -57.32 64.47 66.21
N LEU G 379 -56.58 64.93 65.19
CA LEU G 379 -55.14 65.13 65.32
C LEU G 379 -54.79 66.18 66.35
N CYS G 380 -55.64 67.17 66.54
CA CYS G 380 -55.38 68.31 67.41
C CYS G 380 -55.74 68.01 68.87
N GLN G 381 -55.72 66.74 69.27
CA GLN G 381 -55.98 66.33 70.63
C GLN G 381 -54.80 65.61 71.26
N LYS G 382 -54.20 64.67 70.54
CA LYS G 382 -53.00 64.00 70.99
C LYS G 382 -51.73 64.67 70.50
N LEU G 383 -51.83 65.91 70.02
CA LEU G 383 -50.69 66.66 69.51
C LEU G 383 -50.66 68.06 70.13
N GLU G 384 -51.36 68.24 71.23
CA GLU G 384 -51.54 69.55 71.86
C GLU G 384 -51.01 69.48 73.28
N GLN G 385 -50.23 70.49 73.67
CA GLN G 385 -49.64 70.54 75.00
C GLN G 385 -49.72 71.97 75.54
N LYS G 386 -50.16 72.10 76.78
CA LYS G 386 -50.25 73.39 77.45
C LYS G 386 -49.14 73.53 78.48
N ASN G 387 -48.82 74.77 78.80
CA ASN G 387 -47.77 75.08 79.76
C ASN G 387 -48.26 74.77 81.17
N PRO G 388 -47.55 73.95 81.95
CA PRO G 388 -48.00 73.67 83.32
C PRO G 388 -47.92 74.87 84.26
N LEU G 389 -47.13 75.89 83.92
CA LEU G 389 -47.02 77.05 84.80
C LEU G 389 -48.20 78.00 84.67
N THR G 390 -48.88 78.00 83.52
CA THR G 390 -50.05 78.84 83.33
C THR G 390 -51.33 78.08 83.05
N GLY G 391 -51.24 76.82 82.62
CA GLY G 391 -52.43 76.12 82.16
C GLY G 391 -52.99 76.68 80.87
N ASP G 392 -52.15 77.29 80.05
CA ASP G 392 -52.60 78.06 78.90
C ASP G 392 -51.50 78.04 77.85
N PHE G 393 -51.81 78.55 76.68
CA PHE G 393 -50.84 78.68 75.60
C PHE G 393 -50.12 80.03 75.69
N SER G 394 -49.46 80.22 76.83
CA SER G 394 -48.75 81.47 77.10
C SER G 394 -47.69 81.19 78.14
N CYS G 395 -46.69 82.06 78.16
CA CYS G 395 -45.67 82.03 79.19
C CYS G 395 -46.16 82.77 80.44
N PRO G 396 -45.53 82.55 81.61
CA PRO G 396 -45.91 83.33 82.79
C PRO G 396 -45.51 84.80 82.72
N SER G 397 -45.74 85.52 83.81
CA SER G 397 -45.57 86.97 83.82
C SER G 397 -44.11 87.38 83.67
N GLY G 398 -43.20 86.59 84.23
CA GLY G 398 -41.80 86.89 84.07
C GLY G 398 -41.13 86.30 82.85
N TYR G 399 -41.88 85.79 81.91
CA TYR G 399 -41.33 85.06 80.78
C TYR G 399 -41.87 85.62 79.46
N SER G 400 -41.37 85.05 78.35
CA SER G 400 -41.72 85.48 77.00
C SER G 400 -41.59 84.28 76.06
N PRO G 401 -42.47 84.16 75.06
CA PRO G 401 -42.42 82.97 74.19
C PRO G 401 -41.40 83.10 73.07
N VAL G 402 -40.75 81.98 72.76
CA VAL G 402 -39.83 81.87 71.64
C VAL G 402 -40.29 80.72 70.75
N HIS G 403 -40.49 81.01 69.47
CA HIS G 403 -40.99 80.04 68.51
C HIS G 403 -39.88 79.12 68.04
N LEU G 404 -40.01 77.82 68.31
CA LEU G 404 -39.00 76.87 67.87
C LEU G 404 -39.17 76.49 66.41
N LEU G 405 -40.27 75.83 66.08
CA LEU G 405 -40.40 75.19 64.79
C LEU G 405 -41.87 74.94 64.49
N SER G 406 -42.23 75.05 63.22
CA SER G 406 -43.61 74.91 62.76
C SER G 406 -43.60 74.04 61.52
N GLN G 407 -44.20 72.85 61.62
CA GLN G 407 -44.25 71.91 60.50
C GLN G 407 -45.62 71.26 60.44
N ILE G 408 -45.79 70.39 59.45
CA ILE G 408 -47.06 69.71 59.18
C ILE G 408 -46.92 68.25 59.58
N HIS G 409 -47.86 67.76 60.38
CA HIS G 409 -47.91 66.36 60.74
C HIS G 409 -48.97 65.66 59.90
N GLU G 410 -48.72 64.39 59.59
CA GLU G 410 -49.64 63.60 58.78
C GLU G 410 -49.90 62.27 59.45
N GLU G 411 -51.17 61.88 59.53
CA GLU G 411 -51.55 60.53 59.89
C GLU G 411 -52.60 60.01 58.92
N GLY G 412 -52.83 58.71 58.97
CA GLY G 412 -53.73 58.04 58.06
C GLY G 412 -54.93 57.45 58.79
N TYR G 413 -56.09 57.53 58.15
CA TYR G 413 -57.30 56.92 58.66
C TYR G 413 -57.94 56.08 57.56
N ASN G 414 -58.95 55.31 57.93
CA ASN G 414 -59.35 54.15 57.15
C ASN G 414 -60.86 54.01 57.16
N HIS G 415 -61.45 53.90 55.97
CA HIS G 415 -62.84 53.52 55.81
C HIS G 415 -62.91 52.11 55.26
N LEU G 416 -64.04 51.44 55.53
CA LEU G 416 -64.27 50.09 55.03
C LEU G 416 -65.74 49.94 54.71
N GLU G 417 -66.06 49.79 53.43
CA GLU G 417 -67.44 49.71 52.98
C GLU G 417 -67.64 48.38 52.24
N CYS G 418 -68.77 47.74 52.50
CA CYS G 418 -69.09 46.45 51.90
C CYS G 418 -70.57 46.42 51.55
N HIS G 419 -70.88 45.93 50.35
CA HIS G 419 -72.26 45.60 50.03
C HIS G 419 -72.29 44.35 49.16
N ARG G 420 -73.40 43.63 49.27
CA ARG G 420 -73.57 42.33 48.66
C ARG G 420 -74.79 42.34 47.75
N LYS G 421 -74.68 41.69 46.60
CA LYS G 421 -75.74 41.69 45.60
C LYS G 421 -75.84 40.31 44.97
N CYS G 422 -77.06 39.81 44.83
CA CYS G 422 -77.31 38.50 44.25
C CYS G 422 -78.16 38.66 42.99
N THR G 423 -77.86 37.83 41.98
CA THR G 423 -78.48 37.94 40.67
C THR G 423 -78.98 36.58 40.22
N LEU G 424 -80.30 36.46 40.03
CA LEU G 424 -80.99 35.23 39.60
C LEU G 424 -80.81 34.09 40.61
N LYS G 425 -80.66 34.43 41.89
CA LYS G 425 -80.55 33.56 43.06
C LYS G 425 -79.28 32.71 43.09
N VAL G 426 -78.43 32.80 42.07
CA VAL G 426 -77.11 32.19 42.03
C VAL G 426 -76.22 33.43 41.96
N PHE G 427 -74.90 33.26 41.87
CA PHE G 427 -73.96 34.31 41.46
C PHE G 427 -73.96 35.49 42.42
N CYS G 428 -73.61 35.22 43.67
CA CYS G 428 -73.58 36.25 44.69
C CYS G 428 -72.32 37.08 44.55
N LYS G 429 -72.48 38.39 44.48
CA LYS G 429 -71.36 39.31 44.33
C LYS G 429 -71.19 40.12 45.61
N THR G 430 -69.95 40.18 46.10
CA THR G 430 -69.61 40.93 47.30
C THR G 430 -68.36 41.74 47.01
N VAL G 431 -68.45 43.06 47.13
CA VAL G 431 -67.31 43.94 46.96
C VAL G 431 -66.99 44.61 48.29
N CYS G 432 -65.71 44.66 48.63
CA CYS G 432 -65.24 45.16 49.92
C CYS G 432 -64.18 46.22 49.64
N GLU G 433 -64.55 47.48 49.77
CA GLU G 433 -63.67 48.60 49.45
C GLU G 433 -63.10 49.19 50.73
N ASP G 434 -61.81 49.50 50.71
CA ASP G 434 -61.07 49.98 51.88
C ASP G 434 -60.21 51.17 51.48
N VAL G 435 -60.65 52.37 51.83
CA VAL G 435 -60.00 53.61 51.41
C VAL G 435 -59.11 54.11 52.53
N PHE G 436 -57.87 54.44 52.20
CA PHE G 436 -56.90 54.99 53.14
C PHE G 436 -56.63 56.44 52.75
N GLN G 437 -56.96 57.37 53.64
CA GLN G 437 -56.75 58.78 53.40
C GLN G 437 -55.75 59.35 54.40
N VAL G 438 -55.24 60.54 54.10
CA VAL G 438 -54.21 61.19 54.90
C VAL G 438 -54.80 62.43 55.54
N ALA G 439 -54.71 62.52 56.87
CA ALA G 439 -55.17 63.67 57.63
C ALA G 439 -53.96 64.50 58.05
N LYS G 440 -54.03 65.81 57.81
CA LYS G 440 -52.92 66.71 58.07
C LYS G 440 -53.23 67.65 59.23
N ALA G 441 -52.17 68.18 59.82
CA ALA G 441 -52.29 69.12 60.93
C ALA G 441 -51.02 69.95 61.03
N GLU G 442 -51.20 71.25 61.25
CA GLU G 442 -50.10 72.16 61.53
C GLU G 442 -49.87 72.24 63.03
N PHE G 443 -48.61 72.19 63.44
CA PHE G 443 -48.27 72.43 64.83
C PHE G 443 -47.23 73.53 64.92
N ARG G 444 -47.28 74.28 66.02
CA ARG G 444 -46.33 75.35 66.31
C ARG G 444 -45.88 75.19 67.74
N ALA G 445 -44.60 74.85 67.93
CA ALA G 445 -44.05 74.63 69.26
C ALA G 445 -43.35 75.89 69.73
N PHE G 446 -43.69 76.35 70.92
CA PHE G 446 -43.10 77.54 71.52
C PHE G 446 -42.31 77.16 72.76
N TRP G 447 -41.65 78.15 73.32
CA TRP G 447 -40.73 77.93 74.42
C TRP G 447 -40.53 79.24 75.18
N CYS G 448 -40.50 79.16 76.50
CA CYS G 448 -40.47 80.33 77.36
C CYS G 448 -39.05 80.67 77.80
N VAL G 449 -38.77 81.96 77.92
CA VAL G 449 -37.44 82.45 78.28
C VAL G 449 -37.59 83.53 79.35
N ALA G 450 -36.70 83.51 80.35
CA ALA G 450 -36.70 84.54 81.39
C ALA G 450 -36.26 85.87 80.79
N SER G 451 -37.21 86.76 80.55
CA SER G 451 -36.93 88.06 79.96
C SER G 451 -37.24 89.23 80.88
N SER G 452 -37.71 88.97 82.10
CA SER G 452 -38.01 90.03 83.05
C SER G 452 -36.96 90.17 84.15
N GLN G 453 -36.05 89.20 84.25
CA GLN G 453 -34.81 89.20 85.05
C GLN G 453 -35.08 89.07 86.55
N VAL G 454 -36.33 89.16 86.97
CA VAL G 454 -36.66 88.99 88.38
C VAL G 454 -37.71 87.88 88.51
N PRO G 455 -37.29 86.62 88.63
CA PRO G 455 -38.25 85.59 89.07
C PRO G 455 -38.13 85.36 90.57
N GLU G 456 -39.19 84.84 91.19
CA GLU G 456 -39.09 84.35 92.55
C GLU G 456 -38.44 82.97 92.57
N ASN G 457 -39.09 82.00 91.93
CA ASN G 457 -38.53 80.69 91.67
C ASN G 457 -38.62 80.42 90.18
N SER G 458 -37.66 79.65 89.67
CA SER G 458 -37.54 79.45 88.23
C SER G 458 -38.67 78.60 87.69
N GLY G 459 -38.85 77.40 88.22
CA GLY G 459 -39.89 76.53 87.75
C GLY G 459 -39.38 75.40 86.88
N LEU G 460 -39.94 74.21 87.12
CA LEU G 460 -39.82 73.05 86.26
C LEU G 460 -38.37 72.60 86.11
N LEU G 461 -37.78 72.16 87.22
CA LEU G 461 -36.34 71.94 87.29
C LEU G 461 -35.98 70.57 86.72
N PHE G 462 -35.93 70.51 85.39
CA PHE G 462 -35.27 69.47 84.59
C PHE G 462 -35.25 69.94 83.15
N GLY G 463 -34.30 69.42 82.39
CA GLY G 463 -34.19 69.80 80.99
C GLY G 463 -33.78 68.68 80.06
N GLY G 464 -34.00 67.43 80.47
CA GLY G 464 -33.61 66.28 79.69
C GLY G 464 -34.78 65.70 78.90
N LEU G 465 -34.46 65.11 77.75
CA LEU G 465 -35.42 64.76 76.74
C LEU G 465 -35.30 63.29 76.39
N PHE G 466 -36.35 62.74 75.79
CA PHE G 466 -36.26 61.46 75.10
C PHE G 466 -37.31 61.42 74.01
N SER G 467 -36.97 60.77 72.91
CA SER G 467 -37.83 60.69 71.74
C SER G 467 -38.48 59.32 71.68
N SER G 468 -39.15 59.04 70.56
CA SER G 468 -39.59 57.70 70.25
C SER G 468 -38.44 56.83 69.73
N LYS G 469 -37.29 57.43 69.45
CA LYS G 469 -36.11 56.70 69.01
C LYS G 469 -34.87 57.05 69.83
N SER G 470 -35.02 57.85 70.88
CA SER G 470 -33.92 58.27 71.72
C SER G 470 -34.15 57.77 73.14
N ILE G 471 -33.21 58.10 74.02
CA ILE G 471 -33.19 57.60 75.40
C ILE G 471 -32.82 58.76 76.31
N ASN G 472 -33.58 58.93 77.38
CA ASN G 472 -33.22 59.89 78.43
C ASN G 472 -31.99 59.36 79.15
N PRO G 473 -30.87 60.10 79.16
CA PRO G 473 -29.67 59.57 79.83
C PRO G 473 -29.75 59.60 81.33
N MET G 474 -30.69 60.36 81.90
CA MET G 474 -30.86 60.36 83.36
C MET G 474 -31.69 59.17 83.84
N THR G 475 -32.27 58.39 82.95
CA THR G 475 -32.90 57.13 83.30
C THR G 475 -32.33 55.93 82.55
N ASN G 476 -31.56 56.17 81.47
CA ASN G 476 -31.11 55.15 80.52
C ASN G 476 -32.27 54.34 79.95
N ALA G 477 -33.40 55.01 79.74
CA ALA G 477 -34.61 54.39 79.22
C ALA G 477 -35.49 55.50 78.67
N GLN G 478 -36.65 55.08 78.13
CA GLN G 478 -37.66 56.01 77.64
C GLN G 478 -38.70 56.30 78.74
N SER G 479 -38.20 56.82 79.86
CA SER G 479 -39.05 57.05 81.01
C SER G 479 -38.57 58.30 81.73
N CYS G 480 -39.41 58.78 82.63
CA CYS G 480 -39.12 59.92 83.46
C CYS G 480 -38.39 59.49 84.71
N PRO G 481 -37.65 60.39 85.37
CA PRO G 481 -37.07 60.04 86.68
C PRO G 481 -38.12 60.05 87.78
N ALA G 482 -37.66 59.88 89.02
CA ALA G 482 -38.57 59.72 90.16
C ALA G 482 -39.30 61.03 90.45
N GLY G 483 -40.59 61.08 90.12
CA GLY G 483 -41.42 62.23 90.41
C GLY G 483 -41.41 63.28 89.32
N TYR G 484 -41.49 62.85 88.07
CA TYR G 484 -41.39 63.71 86.90
C TYR G 484 -42.50 63.38 85.92
N PHE G 485 -43.11 64.41 85.33
CA PHE G 485 -44.15 64.18 84.34
C PHE G 485 -43.73 64.75 83.00
N PRO G 486 -43.98 64.05 81.90
CA PRO G 486 -43.48 64.49 80.60
C PRO G 486 -44.39 65.49 79.94
N LEU G 487 -43.80 66.34 79.11
CA LEU G 487 -44.53 67.32 78.32
C LEU G 487 -44.32 66.99 76.86
N ARG G 488 -45.41 66.78 76.12
CA ARG G 488 -45.29 66.37 74.73
C ARG G 488 -44.88 67.55 73.86
N LEU G 489 -44.08 67.25 72.85
CA LEU G 489 -43.54 68.25 71.94
C LEU G 489 -43.58 67.59 70.56
N PHE G 490 -42.80 68.12 69.61
CA PHE G 490 -43.11 68.26 68.18
C PHE G 490 -43.93 67.12 67.57
N GLU G 491 -43.39 65.94 67.58
CA GLU G 491 -44.15 64.73 67.28
C GLU G 491 -43.92 63.64 68.31
N ASN G 492 -42.70 63.53 68.83
CA ASN G 492 -42.37 62.43 69.73
C ASN G 492 -41.58 62.85 70.95
N LEU G 493 -41.16 64.12 71.06
CA LEU G 493 -40.41 64.53 72.24
C LEU G 493 -41.28 64.57 73.48
N LYS G 494 -40.73 64.06 74.57
CA LYS G 494 -41.37 64.12 75.87
C LYS G 494 -40.34 64.69 76.84
N VAL G 495 -40.54 65.94 77.25
CA VAL G 495 -39.61 66.65 78.11
C VAL G 495 -40.02 66.42 79.56
N CYS G 496 -39.11 65.82 80.33
CA CYS G 496 -39.42 65.47 81.72
C CYS G 496 -39.31 66.72 82.59
N VAL G 497 -40.27 66.89 83.49
CA VAL G 497 -40.51 68.16 84.18
C VAL G 497 -41.04 67.90 85.58
N SER G 498 -40.42 68.53 86.58
CA SER G 498 -40.95 68.54 87.94
C SER G 498 -40.68 69.89 88.57
N GLN G 499 -41.64 70.37 89.35
CA GLN G 499 -41.52 71.65 90.07
C GLN G 499 -41.66 71.44 91.57
N ASP G 500 -41.07 70.36 92.08
CA ASP G 500 -41.22 69.99 93.48
C ASP G 500 -40.18 70.61 94.40
N TYR G 501 -38.97 70.88 93.87
CA TYR G 501 -37.84 71.57 94.51
C TYR G 501 -37.20 70.79 95.65
N GLU G 502 -37.75 69.63 96.02
CA GLU G 502 -37.16 68.78 97.04
C GLU G 502 -36.86 67.39 96.52
N LEU G 503 -37.85 66.71 95.93
CA LEU G 503 -37.61 65.42 95.30
C LEU G 503 -37.16 65.58 93.85
N GLY G 504 -37.19 66.79 93.30
CA GLY G 504 -36.76 67.02 91.94
C GLY G 504 -35.33 67.48 91.85
N SER G 505 -34.77 67.97 92.96
CA SER G 505 -33.42 68.51 92.96
C SER G 505 -32.34 67.42 92.95
N ARG G 506 -32.71 66.16 93.12
CA ARG G 506 -31.73 65.09 92.95
C ARG G 506 -31.36 64.92 91.49
N PHE G 507 -32.33 65.07 90.60
CA PHE G 507 -32.12 64.82 89.18
C PHE G 507 -32.12 66.08 88.34
N ALA G 508 -32.29 67.25 88.94
CA ALA G 508 -32.36 68.49 88.18
C ALA G 508 -31.01 68.85 87.59
N VAL G 509 -30.97 69.06 86.28
CA VAL G 509 -29.74 69.42 85.57
C VAL G 509 -29.78 70.91 85.25
N PRO G 510 -28.63 71.57 85.12
CA PRO G 510 -28.63 72.96 84.65
C PRO G 510 -29.03 73.01 83.18
N PHE G 511 -30.09 73.76 82.89
CA PHE G 511 -30.64 73.82 81.55
C PHE G 511 -30.13 75.07 80.84
N GLY G 512 -29.92 74.95 79.54
CA GLY G 512 -29.32 76.03 78.78
C GLY G 512 -30.19 76.66 77.72
N GLY G 513 -31.06 75.90 77.09
CA GLY G 513 -31.95 76.43 76.08
C GLY G 513 -32.07 75.54 74.87
N PHE G 514 -33.11 75.76 74.09
CA PHE G 514 -33.34 75.08 72.82
C PHE G 514 -32.95 75.99 71.67
N PHE G 515 -32.52 75.37 70.56
CA PHE G 515 -32.39 76.08 69.30
C PHE G 515 -32.51 75.07 68.17
N SER G 516 -32.82 75.56 66.98
CA SER G 516 -33.05 74.72 65.83
C SER G 516 -32.32 75.31 64.64
N CYS G 517 -32.61 74.78 63.46
CA CYS G 517 -31.94 75.25 62.25
C CYS G 517 -32.46 76.61 61.78
N THR G 518 -33.57 77.10 62.33
CA THR G 518 -34.16 78.36 61.93
C THR G 518 -34.14 79.42 63.02
N VAL G 519 -34.12 79.04 64.29
CA VAL G 519 -34.20 80.00 65.39
C VAL G 519 -33.02 79.77 66.31
N GLY G 520 -32.62 80.82 67.02
CA GLY G 520 -31.57 80.72 68.01
C GLY G 520 -32.08 80.96 69.42
N ASN G 521 -31.35 80.49 70.42
CA ASN G 521 -31.81 80.82 71.76
C ASN G 521 -31.38 82.22 72.15
N PRO G 522 -32.21 82.95 72.87
CA PRO G 522 -31.84 84.31 73.27
C PRO G 522 -31.07 84.37 74.57
N LEU G 523 -30.49 83.25 75.00
CA LEU G 523 -29.77 83.18 76.27
C LEU G 523 -28.27 83.38 76.09
N VAL G 524 -27.85 83.97 74.98
CA VAL G 524 -26.45 84.20 74.70
C VAL G 524 -26.12 85.69 74.58
N ASP G 525 -27.03 86.49 74.00
CA ASP G 525 -26.72 87.89 73.72
C ASP G 525 -26.84 88.79 74.95
N PRO G 526 -27.88 88.68 75.80
CA PRO G 526 -27.70 89.48 77.02
C PRO G 526 -26.87 88.77 78.08
N PRO G 535 -31.13 88.69 64.73
CA PRO G 535 -31.73 87.94 65.84
C PRO G 535 -30.69 87.27 66.73
N SER G 536 -30.97 86.05 67.16
CA SER G 536 -30.11 85.34 68.11
C SER G 536 -28.94 84.69 67.37
N LEU G 537 -28.21 83.83 68.07
CA LEU G 537 -26.96 83.30 67.58
C LEU G 537 -26.96 81.81 67.33
N LYS G 538 -27.93 81.07 67.90
CA LYS G 538 -28.05 79.59 67.91
C LYS G 538 -26.73 78.87 68.23
N LYS G 539 -25.91 79.48 69.07
CA LYS G 539 -24.67 78.84 69.46
C LYS G 539 -24.84 77.95 70.67
N CYS G 540 -24.95 78.57 71.85
CA CYS G 540 -24.91 77.96 73.19
C CYS G 540 -25.03 79.12 74.16
N PRO G 541 -25.32 78.90 75.45
CA PRO G 541 -25.12 80.02 76.39
C PRO G 541 -23.67 80.29 76.70
N GLY G 542 -22.84 79.27 76.80
CA GLY G 542 -21.46 79.44 77.20
C GLY G 542 -21.16 78.70 78.47
N GLY G 543 -20.31 77.68 78.39
CA GLY G 543 -20.11 76.74 79.45
C GLY G 543 -20.96 75.49 79.33
N PHE G 544 -22.11 75.62 78.68
CA PHE G 544 -22.99 74.48 78.42
C PHE G 544 -22.48 73.70 77.21
N SER G 545 -23.18 72.61 76.89
CA SER G 545 -22.79 71.74 75.79
C SER G 545 -24.01 71.45 74.94
N GLN G 546 -23.88 71.60 73.62
CA GLN G 546 -24.97 71.26 72.72
C GLN G 546 -25.19 69.76 72.69
N HIS G 547 -26.45 69.37 72.67
CA HIS G 547 -26.79 67.98 72.48
C HIS G 547 -28.02 67.94 71.60
N PRO G 548 -28.06 67.02 70.65
CA PRO G 548 -29.19 67.02 69.70
C PRO G 548 -30.40 66.29 70.26
N ALA G 549 -31.56 66.89 70.03
CA ALA G 549 -32.85 66.23 70.15
C ALA G 549 -33.15 65.58 68.80
N LEU G 550 -34.41 65.21 68.55
CA LEU G 550 -34.74 64.53 67.30
C LEU G 550 -34.62 65.47 66.09
N ILE G 551 -34.81 64.89 64.92
CA ILE G 551 -34.80 65.62 63.65
C ILE G 551 -36.23 65.69 63.13
N SER G 552 -36.74 66.91 62.94
CA SER G 552 -38.09 67.13 62.46
C SER G 552 -38.03 67.42 60.96
N ASP G 553 -37.92 66.35 60.18
CA ASP G 553 -38.00 66.36 58.71
C ASP G 553 -36.92 67.25 58.08
N GLY G 554 -35.67 66.97 58.42
CA GLY G 554 -34.54 67.65 57.85
C GLY G 554 -33.96 68.76 58.71
N CYS G 555 -34.69 69.22 59.73
CA CYS G 555 -34.21 70.24 60.64
C CYS G 555 -33.87 69.61 61.98
N GLN G 556 -32.78 70.07 62.58
CA GLN G 556 -32.25 69.48 63.81
C GLN G 556 -32.52 70.41 64.97
N VAL G 557 -33.11 69.88 66.03
CA VAL G 557 -33.38 70.62 67.26
C VAL G 557 -32.34 70.22 68.29
N SER G 558 -31.70 71.19 68.92
CA SER G 558 -30.64 70.94 69.88
C SER G 558 -30.91 71.64 71.19
N TYR G 559 -30.37 71.09 72.27
CA TYR G 559 -30.58 71.63 73.61
C TYR G 559 -29.26 71.62 74.37
N CYS G 560 -29.13 72.58 75.29
CA CYS G 560 -27.89 72.82 76.01
C CYS G 560 -28.02 72.40 77.46
N VAL G 561 -26.92 71.88 78.02
CA VAL G 561 -26.93 71.31 79.36
C VAL G 561 -25.48 71.28 79.85
N LYS G 562 -25.29 71.25 81.16
CA LYS G 562 -23.95 71.28 81.77
C LYS G 562 -23.84 70.22 82.86
N SER G 563 -24.16 68.97 82.53
CA SER G 563 -23.99 67.93 83.54
C SER G 563 -22.54 67.45 83.60
N GLY G 564 -22.03 66.96 82.48
CA GLY G 564 -20.88 66.10 82.45
C GLY G 564 -21.25 64.65 82.25
N LEU G 565 -22.47 64.28 82.62
CA LEU G 565 -22.99 62.95 82.30
C LEU G 565 -23.35 62.85 80.83
N PHE G 566 -23.87 63.93 80.26
CA PHE G 566 -24.22 63.95 78.84
C PHE G 566 -22.98 63.94 77.96
N THR G 567 -21.86 64.46 78.46
CA THR G 567 -20.67 64.68 77.64
C THR G 567 -19.90 63.40 77.39
N GLY G 568 -19.43 62.77 78.45
CA GLY G 568 -18.49 61.66 78.34
C GLY G 568 -19.12 60.38 77.83
N GLY G 569 -18.29 59.34 77.78
CA GLY G 569 -18.69 58.05 77.27
C GLY G 569 -17.70 57.52 76.27
N SER G 570 -18.18 57.09 75.11
CA SER G 570 -17.32 56.78 73.98
C SER G 570 -17.68 57.71 72.83
N LEU G 571 -16.82 57.72 71.83
CA LEU G 571 -17.09 58.52 70.64
C LEU G 571 -18.18 57.87 69.82
N PRO G 572 -19.23 58.62 69.45
CA PRO G 572 -20.33 58.03 68.70
C PRO G 572 -19.94 57.77 67.27
N PRO G 573 -20.62 56.84 66.59
CA PRO G 573 -20.41 56.69 65.16
C PRO G 573 -21.13 57.80 64.39
N ALA G 574 -20.92 57.81 63.09
CA ALA G 574 -21.57 58.80 62.25
C ALA G 574 -23.05 58.47 62.08
N ARG G 575 -23.86 59.51 62.03
CA ARG G 575 -25.24 59.35 61.60
C ARG G 575 -25.30 59.18 60.09
N LEU G 576 -25.73 58.02 59.65
CA LEU G 576 -25.75 57.75 58.24
C LEU G 576 -27.10 58.16 57.65
N PRO G 577 -27.15 58.50 56.36
CA PRO G 577 -28.43 58.78 55.72
C PRO G 577 -29.27 57.52 55.59
N PRO G 578 -30.57 57.62 55.25
CA PRO G 578 -31.47 58.75 55.03
C PRO G 578 -31.93 59.34 56.34
N PHE G 579 -32.15 60.65 56.34
CA PHE G 579 -32.59 61.35 57.53
C PHE G 579 -34.06 61.68 57.48
N THR G 580 -34.71 61.47 56.33
CA THR G 580 -36.15 61.60 56.21
C THR G 580 -36.73 60.24 55.88
N ARG G 581 -38.06 60.18 55.84
CA ARG G 581 -38.79 58.99 55.47
C ARG G 581 -39.65 59.33 54.26
N PRO G 582 -40.00 58.34 53.43
CA PRO G 582 -40.91 58.61 52.32
C PRO G 582 -42.31 58.91 52.82
N PRO G 583 -43.01 59.85 52.19
CA PRO G 583 -44.26 60.34 52.76
C PRO G 583 -45.41 59.37 52.57
N LEU G 584 -46.51 59.68 53.24
CA LEU G 584 -47.72 58.88 53.16
C LEU G 584 -48.52 59.25 51.91
N MET G 585 -49.18 58.24 51.36
CA MET G 585 -49.97 58.38 50.14
C MET G 585 -51.37 57.86 50.39
N SER G 586 -52.34 58.47 49.74
CA SER G 586 -53.72 58.01 49.86
C SER G 586 -53.97 56.84 48.91
N GLN G 587 -54.64 55.81 49.43
CA GLN G 587 -54.70 54.49 48.81
C GLN G 587 -56.15 54.04 48.71
N ALA G 588 -56.35 52.89 48.07
CA ALA G 588 -57.66 52.27 47.93
C ALA G 588 -57.44 50.80 47.60
N ALA G 589 -58.25 49.94 48.20
CA ALA G 589 -58.12 48.50 47.98
C ALA G 589 -59.50 47.86 47.94
N THR G 590 -59.78 47.13 46.86
CA THR G 590 -61.06 46.49 46.67
C THR G 590 -60.90 44.99 46.58
N ASN G 591 -61.99 44.27 46.87
CA ASN G 591 -62.03 42.81 46.87
C ASN G 591 -63.41 42.39 46.37
N THR G 592 -63.52 42.01 45.11
CA THR G 592 -64.78 41.51 44.58
C THR G 592 -64.75 39.99 44.56
N VAL G 593 -65.78 39.37 45.14
CA VAL G 593 -65.90 37.91 45.20
C VAL G 593 -67.19 37.51 44.50
N ILE G 594 -67.10 36.57 43.58
CA ILE G 594 -68.27 35.99 42.92
C ILE G 594 -68.41 34.55 43.41
N VAL G 595 -69.59 34.20 43.90
CA VAL G 595 -69.86 32.89 44.45
C VAL G 595 -71.02 32.29 43.66
N THR G 596 -70.78 31.21 42.94
CA THR G 596 -71.86 30.49 42.30
C THR G 596 -72.44 29.49 43.30
N ASN G 597 -73.72 29.63 43.60
CA ASN G 597 -74.38 28.81 44.61
C ASN G 597 -74.93 27.52 44.02
N SER G 598 -74.52 27.14 42.81
CA SER G 598 -75.16 26.03 42.13
C SER G 598 -74.24 25.43 41.09
N GLU G 599 -74.42 24.13 40.86
CA GLU G 599 -73.97 23.51 39.63
C GLU G 599 -75.02 23.78 38.55
N ASN G 600 -74.76 23.27 37.34
CA ASN G 600 -75.53 23.58 36.12
C ASN G 600 -75.59 25.08 35.88
N ALA G 601 -74.44 25.73 36.05
CA ALA G 601 -74.34 27.17 35.90
C ALA G 601 -72.92 27.47 35.43
N ARG G 602 -72.76 27.73 34.14
CA ARG G 602 -71.46 28.02 33.60
C ARG G 602 -71.21 29.53 33.58
N SER G 603 -69.95 29.90 33.41
CA SER G 603 -69.57 31.30 33.43
C SER G 603 -68.32 31.49 32.59
N TRP G 604 -68.31 32.56 31.80
CA TRP G 604 -67.15 32.93 31.00
C TRP G 604 -66.71 34.33 31.41
N ILE G 605 -65.40 34.52 31.55
CA ILE G 605 -64.86 35.77 32.05
C ILE G 605 -63.74 36.21 31.11
N LYS G 606 -63.79 37.48 30.69
CA LYS G 606 -62.72 38.10 29.94
C LYS G 606 -62.13 39.19 30.83
N ASP G 607 -60.89 38.98 31.30
CA ASP G 607 -60.35 39.77 32.40
C ASP G 607 -59.99 41.18 31.97
N SER G 608 -59.52 41.35 30.75
CA SER G 608 -59.17 42.66 30.24
C SER G 608 -59.26 42.61 28.72
N GLN G 609 -58.90 43.72 28.07
CA GLN G 609 -58.97 43.79 26.61
C GLN G 609 -57.89 42.96 25.93
N THR G 610 -56.81 42.65 26.63
CA THR G 610 -55.76 41.82 26.07
C THR G 610 -55.95 40.34 26.37
N HIS G 611 -56.72 40.00 27.40
CA HIS G 611 -57.00 38.61 27.70
C HIS G 611 -57.94 38.01 26.67
N GLN G 612 -58.02 36.69 26.68
CA GLN G 612 -59.03 35.96 25.92
C GLN G 612 -60.13 35.52 26.87
N TRP G 613 -61.25 35.09 26.30
CA TRP G 613 -62.35 34.56 27.10
C TRP G 613 -61.92 33.30 27.83
N ARG G 614 -62.29 33.21 29.07
CA ARG G 614 -61.80 32.20 29.99
C ARG G 614 -62.99 31.57 30.69
N LEU G 615 -62.95 30.27 30.87
CA LEU G 615 -64.03 29.59 31.57
C LEU G 615 -63.93 29.90 33.06
N GLY G 616 -65.05 30.33 33.63
CA GLY G 616 -65.04 30.79 35.00
C GLY G 616 -65.07 29.67 36.02
N GLU G 617 -64.72 30.03 37.25
CA GLU G 617 -64.64 29.18 38.42
C GLU G 617 -65.73 29.58 39.42
N PRO G 618 -66.06 28.70 40.37
CA PRO G 618 -67.13 29.07 41.33
C PRO G 618 -66.76 30.20 42.29
N ILE G 619 -65.49 30.35 42.68
CA ILE G 619 -65.03 31.47 43.49
C ILE G 619 -63.95 32.20 42.72
N GLU G 620 -64.10 33.51 42.55
CA GLU G 620 -63.19 34.27 41.68
C GLU G 620 -62.14 35.08 42.43
N LEU G 621 -62.55 36.03 43.27
CA LEU G 621 -61.68 36.86 44.11
C LEU G 621 -60.69 37.68 43.26
N ARG G 622 -61.23 38.68 42.59
CA ARG G 622 -60.41 39.73 42.00
C ARG G 622 -59.91 40.69 43.08
N ARG G 623 -58.73 41.26 42.87
CA ARG G 623 -58.14 42.24 43.79
C ARG G 623 -57.57 43.42 43.03
N ALA G 624 -57.56 44.58 43.68
CA ALA G 624 -57.01 45.78 43.09
C ALA G 624 -56.49 46.70 44.19
N MET G 625 -55.36 47.34 43.94
CA MET G 625 -54.79 48.33 44.84
C MET G 625 -54.48 49.60 44.06
N ASN G 626 -55.08 50.71 44.45
CA ASN G 626 -54.98 51.97 43.73
C ASN G 626 -54.28 52.98 44.62
N VAL G 627 -53.18 53.55 44.12
CA VAL G 627 -52.38 54.53 44.85
C VAL G 627 -52.36 55.81 44.04
N ILE G 628 -52.47 56.95 44.70
CA ILE G 628 -52.26 58.25 44.07
C ILE G 628 -51.20 59.02 44.85
N HIS G 629 -50.21 59.54 44.12
CA HIS G 629 -49.13 60.32 44.72
C HIS G 629 -49.59 61.74 44.94
N GLY G 630 -49.80 62.11 46.20
CA GLY G 630 -50.21 63.47 46.54
C GLY G 630 -51.64 63.79 46.19
N ASP H 10 -22.19 20.13 29.76
CA ASP H 10 -22.11 21.44 30.37
C ASP H 10 -21.79 21.37 31.86
N GLU H 11 -21.55 22.52 32.46
CA GLU H 11 -21.16 22.62 33.86
C GLU H 11 -21.48 24.03 34.33
N VAL H 12 -22.05 24.15 35.53
CA VAL H 12 -22.56 25.42 36.01
C VAL H 12 -22.02 25.70 37.41
N GLY H 13 -22.27 26.92 37.87
CA GLY H 13 -22.04 27.26 39.26
C GLY H 13 -20.59 27.57 39.57
N VAL H 14 -20.21 27.26 40.80
CA VAL H 14 -18.88 27.58 41.29
C VAL H 14 -17.85 26.67 40.64
N GLN H 15 -18.23 25.44 40.35
CA GLN H 15 -17.27 24.43 39.91
C GLN H 15 -16.82 24.67 38.47
N LYS H 16 -17.64 25.36 37.66
CA LYS H 16 -17.16 25.82 36.36
C LYS H 16 -16.04 26.85 36.53
N CYS H 17 -16.15 27.71 37.53
CA CYS H 17 -15.11 28.70 37.80
C CYS H 17 -13.86 28.04 38.34
N LYS H 18 -14.01 26.99 39.16
CA LYS H 18 -12.86 26.37 39.78
C LYS H 18 -12.06 25.54 38.79
N ASN H 19 -12.70 24.99 37.78
CA ASN H 19 -11.97 24.17 36.82
C ASN H 19 -11.21 25.02 35.82
N ALA H 20 -11.74 26.18 35.47
CA ALA H 20 -11.07 27.04 34.50
C ALA H 20 -9.94 27.84 35.13
N LEU H 21 -10.00 28.11 36.43
CA LEU H 21 -9.07 29.02 37.08
C LEU H 21 -8.14 28.34 38.07
N LYS H 22 -8.61 27.27 38.73
CA LYS H 22 -7.84 26.46 39.68
C LYS H 22 -7.32 27.28 40.85
N LEU H 23 -8.23 27.96 41.52
CA LEU H 23 -7.89 28.79 42.67
C LEU H 23 -9.11 28.87 43.56
N PRO H 24 -8.94 29.01 44.89
CA PRO H 24 -10.10 28.86 45.79
C PRO H 24 -11.09 30.00 45.76
N VAL H 25 -12.16 29.87 46.52
CA VAL H 25 -13.24 30.85 46.60
C VAL H 25 -13.07 31.59 47.92
N LEU H 26 -13.37 32.89 47.91
CA LEU H 26 -13.24 33.69 49.12
C LEU H 26 -14.34 33.30 50.09
N GLU H 27 -13.95 32.75 51.24
CA GLU H 27 -14.90 32.13 52.15
C GLU H 27 -15.59 33.11 53.08
N VAL H 28 -15.32 34.40 52.97
CA VAL H 28 -15.83 35.41 53.88
C VAL H 28 -16.75 36.31 53.07
N LEU H 29 -18.05 36.06 53.09
CA LEU H 29 -18.92 36.76 52.17
C LEU H 29 -20.03 37.50 52.90
N PRO H 30 -20.42 38.67 52.42
CA PRO H 30 -21.53 39.39 53.04
C PRO H 30 -22.87 38.98 52.45
N GLY H 31 -23.95 39.59 52.93
CA GLY H 31 -25.27 39.26 52.47
C GLY H 31 -25.99 38.19 53.25
N GLY H 32 -25.43 37.72 54.34
CA GLY H 32 -26.11 36.77 55.19
C GLY H 32 -26.84 37.44 56.32
N GLY H 33 -27.69 36.68 56.97
CA GLY H 33 -28.39 37.20 58.13
C GLY H 33 -27.51 37.22 59.35
N TRP H 34 -27.89 38.05 60.32
CA TRP H 34 -27.06 38.25 61.49
C TRP H 34 -27.93 38.51 62.70
N ASP H 35 -27.87 37.62 63.68
CA ASP H 35 -28.49 37.86 64.97
C ASP H 35 -27.58 38.78 65.76
N ASN H 36 -28.07 39.98 66.07
CA ASN H 36 -27.23 40.98 66.71
C ASN H 36 -27.28 40.91 68.22
N LEU H 37 -28.11 40.04 68.80
CA LEU H 37 -28.02 39.79 70.23
C LEU H 37 -27.02 38.70 70.56
N ARG H 38 -26.96 37.66 69.76
CA ARG H 38 -26.10 36.52 70.05
C ARG H 38 -24.78 36.56 69.30
N ASN H 39 -24.63 37.49 68.36
CA ASN H 39 -23.51 37.58 67.41
C ASN H 39 -23.25 36.28 66.68
N VAL H 40 -24.31 35.68 66.17
CA VAL H 40 -24.21 34.52 65.30
C VAL H 40 -24.77 34.93 63.95
N ASP H 41 -24.38 34.21 62.91
CA ASP H 41 -24.86 34.50 61.58
C ASP H 41 -25.85 33.45 61.10
N MET H 42 -26.83 33.92 60.36
CA MET H 42 -28.05 33.24 60.01
C MET H 42 -28.04 32.78 58.57
N GLY H 43 -29.22 32.41 58.08
CA GLY H 43 -29.37 32.05 56.68
C GLY H 43 -29.13 33.21 55.75
N ARG H 44 -28.90 32.87 54.49
CA ARG H 44 -28.43 33.79 53.47
C ARG H 44 -29.61 34.60 52.91
N VAL H 45 -29.49 35.91 52.94
CA VAL H 45 -30.56 36.81 52.52
C VAL H 45 -30.40 37.25 51.08
N MET H 46 -29.17 37.51 50.64
CA MET H 46 -28.92 37.94 49.27
C MET H 46 -28.61 36.73 48.39
N GLU H 47 -28.55 36.97 47.09
CA GLU H 47 -28.32 35.90 46.13
C GLU H 47 -26.87 35.90 45.69
N LEU H 48 -26.23 34.74 45.76
CA LEU H 48 -24.84 34.57 45.36
C LEU H 48 -24.78 33.80 44.05
N THR H 49 -24.33 34.46 42.99
CA THR H 49 -24.21 33.84 41.68
C THR H 49 -22.75 33.87 41.24
N TYR H 50 -22.36 32.87 40.45
CA TYR H 50 -20.99 32.71 39.98
C TYR H 50 -20.98 32.59 38.46
N SER H 51 -21.70 33.47 37.79
CA SER H 51 -21.87 33.35 36.35
C SER H 51 -20.68 33.91 35.58
N ASN H 52 -20.05 34.97 36.10
CA ASN H 52 -19.08 35.74 35.32
C ASN H 52 -17.64 35.39 35.62
N CYS H 53 -17.39 34.43 36.51
CA CYS H 53 -16.05 33.93 36.86
C CYS H 53 -15.14 35.05 37.37
N ARG H 54 -15.68 35.94 38.18
CA ARG H 54 -14.91 37.07 38.68
C ARG H 54 -13.90 36.61 39.73
N THR H 55 -12.73 37.24 39.72
CA THR H 55 -11.74 37.03 40.74
C THR H 55 -11.44 38.35 41.44
N THR H 56 -10.68 38.28 42.51
CA THR H 56 -10.15 39.50 43.07
C THR H 56 -9.07 40.06 42.15
N GLU H 57 -8.76 41.33 42.34
CA GLU H 57 -7.87 42.04 41.43
C GLU H 57 -6.44 41.50 41.48
N ASP H 58 -6.03 40.95 42.62
CA ASP H 58 -4.75 40.26 42.67
C ASP H 58 -4.82 38.83 42.17
N GLY H 59 -6.01 38.32 41.87
CA GLY H 59 -6.16 37.05 41.21
C GLY H 59 -5.93 35.83 42.06
N GLN H 60 -6.46 35.81 43.28
CA GLN H 60 -6.26 34.69 44.16
C GLN H 60 -7.51 34.13 44.79
N TYR H 61 -8.67 34.73 44.57
CA TYR H 61 -9.91 34.18 45.07
C TYR H 61 -11.01 34.41 44.06
N ILE H 62 -11.84 33.39 43.85
CA ILE H 62 -13.08 33.54 43.10
C ILE H 62 -14.12 34.21 43.99
N ILE H 63 -14.74 35.26 43.47
CA ILE H 63 -15.76 35.99 44.22
C ILE H 63 -17.05 35.97 43.40
N PRO H 64 -18.20 36.13 44.04
CA PRO H 64 -19.45 36.26 43.29
C PRO H 64 -19.52 37.56 42.48
N ASP H 65 -20.56 37.65 41.65
CA ASP H 65 -20.64 38.69 40.65
C ASP H 65 -21.05 40.03 41.23
N GLU H 66 -21.88 40.02 42.25
CA GLU H 66 -22.46 41.19 42.89
C GLU H 66 -21.62 41.74 44.03
N ILE H 67 -20.41 41.24 44.19
CA ILE H 67 -19.58 41.55 45.34
C ILE H 67 -18.27 42.13 44.83
N PHE H 68 -17.91 43.30 45.34
CA PHE H 68 -16.61 43.87 45.06
C PHE H 68 -15.75 43.85 46.32
N THR H 69 -14.45 43.70 46.12
CA THR H 69 -13.51 43.63 47.22
C THR H 69 -12.62 44.85 47.20
N ILE H 70 -12.10 45.21 48.37
CA ILE H 70 -11.16 46.31 48.51
C ILE H 70 -9.86 45.73 49.07
N PRO H 71 -8.76 45.79 48.35
CA PRO H 71 -7.49 45.31 48.90
C PRO H 71 -6.91 46.32 49.89
N GLN H 72 -6.94 45.97 51.16
CA GLN H 72 -6.26 46.78 52.17
C GLN H 72 -5.48 45.83 53.06
N LYS H 73 -4.27 45.52 52.64
CA LYS H 73 -3.47 44.47 53.23
C LYS H 73 -2.75 45.06 54.43
N GLN H 74 -3.47 45.11 55.54
CA GLN H 74 -3.13 45.93 56.68
C GLN H 74 -2.86 45.05 57.88
N SER H 75 -1.72 45.24 58.51
CA SER H 75 -1.32 44.48 59.68
C SER H 75 -1.13 45.44 60.85
N ASN H 76 -1.65 45.08 62.00
CA ASN H 76 -1.53 45.89 63.21
C ASN H 76 -0.88 45.07 64.30
N LEU H 77 0.01 45.69 65.06
CA LEU H 77 0.71 45.00 66.12
C LEU H 77 0.79 45.94 67.31
N GLU H 78 0.28 45.50 68.45
CA GLU H 78 0.29 46.29 69.67
C GLU H 78 1.42 45.83 70.57
N MET H 79 2.21 46.77 71.05
CA MET H 79 3.17 46.52 72.11
C MET H 79 2.59 46.77 73.50
N ASN H 80 1.29 46.99 73.56
CA ASN H 80 0.62 47.40 74.78
C ASN H 80 -0.58 46.50 74.98
N SER H 81 -1.43 46.86 75.91
CA SER H 81 -2.68 46.18 76.16
C SER H 81 -3.79 47.21 76.17
N GLU H 82 -5.00 46.79 76.53
CA GLU H 82 -6.07 47.73 76.76
C GLU H 82 -6.92 47.21 77.90
N ILE H 83 -7.34 48.11 78.77
CA ILE H 83 -7.95 47.74 80.05
C ILE H 83 -9.44 47.98 79.95
N LEU H 84 -10.22 46.99 80.38
CA LEU H 84 -11.68 47.03 80.31
C LEU H 84 -12.19 46.68 81.71
N GLU H 85 -12.28 47.67 82.58
CA GLU H 85 -12.60 47.41 83.99
C GLU H 85 -14.10 47.39 84.27
N SER H 86 -14.94 47.29 83.25
CA SER H 86 -16.38 47.18 83.42
C SER H 86 -16.95 46.48 82.19
N TRP H 87 -17.94 45.62 82.40
CA TRP H 87 -18.56 44.92 81.29
C TRP H 87 -19.63 45.73 80.58
N ALA H 88 -19.93 46.94 81.03
CA ALA H 88 -20.95 47.74 80.36
C ALA H 88 -20.43 48.26 79.02
N ASN H 89 -19.23 48.85 79.03
CA ASN H 89 -18.62 49.32 77.78
C ASN H 89 -17.77 48.21 77.16
N TYR H 90 -18.49 47.23 76.60
CA TYR H 90 -17.88 46.03 76.06
C TYR H 90 -17.53 46.17 74.59
N GLN H 91 -16.34 45.69 74.24
CA GLN H 91 -15.83 45.68 72.88
C GLN H 91 -15.87 44.25 72.37
N SER H 92 -16.52 44.02 71.23
CA SER H 92 -16.77 42.65 70.83
C SER H 92 -15.54 41.94 70.26
N SER H 93 -14.62 42.68 69.62
CA SER H 93 -13.37 42.25 68.99
C SER H 93 -13.55 41.42 67.72
N THR H 94 -14.77 41.05 67.35
CA THR H 94 -14.99 40.40 66.06
C THR H 94 -16.23 40.90 65.35
N SER H 95 -17.13 41.59 66.01
CA SER H 95 -18.33 42.13 65.40
C SER H 95 -18.61 43.51 65.96
N TYR H 96 -17.56 44.32 66.04
CA TYR H 96 -17.63 45.57 66.79
C TYR H 96 -18.44 46.63 66.05
N SER H 97 -18.34 46.69 64.73
CA SER H 97 -18.97 47.78 63.99
C SER H 97 -20.47 47.58 63.83
N ILE H 98 -20.94 46.34 63.86
CA ILE H 98 -22.37 46.09 63.72
C ILE H 98 -23.09 46.16 65.07
N ASN H 99 -22.36 46.08 66.17
CA ASN H 99 -23.01 46.24 67.47
C ASN H 99 -23.11 47.70 67.91
N THR H 100 -22.25 48.58 67.42
CA THR H 100 -22.15 49.94 67.91
C THR H 100 -23.06 50.91 67.16
N GLU H 101 -24.06 50.41 66.45
CA GLU H 101 -24.97 51.24 65.68
C GLU H 101 -25.83 52.12 66.61
N LEU H 102 -26.35 53.21 66.04
CA LEU H 102 -27.19 54.15 66.76
C LEU H 102 -28.63 53.69 66.70
N SER H 103 -29.15 53.21 67.82
CA SER H 103 -30.52 52.71 67.88
C SER H 103 -31.01 52.79 69.31
N LEU H 104 -32.24 52.31 69.50
CA LEU H 104 -32.81 52.25 70.85
C LEU H 104 -32.12 51.17 71.67
N PHE H 105 -31.85 50.03 71.05
CA PHE H 105 -31.34 48.85 71.74
C PHE H 105 -29.87 48.65 71.48
N SER H 106 -29.11 49.74 71.42
CA SER H 106 -27.67 49.66 71.25
C SER H 106 -26.97 49.14 72.49
N LYS H 107 -27.61 49.23 73.65
CA LYS H 107 -27.02 48.71 74.88
C LYS H 107 -27.28 47.22 75.07
N VAL H 108 -28.07 46.60 74.20
CA VAL H 108 -28.42 45.19 74.34
C VAL H 108 -27.75 44.34 73.26
N ASN H 109 -27.15 44.97 72.24
CA ASN H 109 -26.50 44.24 71.17
C ASN H 109 -25.27 43.49 71.67
N GLY H 110 -25.22 42.20 71.38
CA GLY H 110 -24.11 41.37 71.76
C GLY H 110 -24.15 40.83 73.17
N LYS H 111 -25.19 41.12 73.95
CA LYS H 111 -25.22 40.77 75.35
C LYS H 111 -25.66 39.34 75.61
N PHE H 112 -25.84 38.54 74.57
CA PHE H 112 -26.11 37.12 74.72
C PHE H 112 -25.09 36.30 73.96
N SER H 113 -24.00 36.93 73.54
CA SER H 113 -22.92 36.25 72.88
C SER H 113 -22.15 35.41 73.87
N THR H 114 -21.52 34.35 73.38
CA THR H 114 -20.72 33.52 74.27
C THR H 114 -19.46 34.24 74.71
N GLU H 115 -18.98 35.17 73.90
CA GLU H 115 -17.78 35.92 74.24
C GLU H 115 -18.06 36.98 75.28
N PHE H 116 -19.28 37.51 75.32
CA PHE H 116 -19.66 38.44 76.38
C PHE H 116 -19.97 37.71 77.68
N GLN H 117 -20.79 36.67 77.60
CA GLN H 117 -21.24 35.97 78.79
C GLN H 117 -20.12 35.20 79.47
N ARG H 118 -19.06 34.88 78.74
CA ARG H 118 -17.88 34.36 79.39
C ARG H 118 -17.08 35.47 80.05
N MET H 119 -17.14 36.69 79.52
CA MET H 119 -16.35 37.76 80.13
C MET H 119 -17.03 38.32 81.37
N LYS H 120 -18.36 38.39 81.35
CA LYS H 120 -19.10 38.95 82.48
C LYS H 120 -19.02 38.04 83.69
N THR H 121 -19.02 36.73 83.49
CA THR H 121 -18.97 35.80 84.60
C THR H 121 -17.56 35.65 85.17
N LEU H 122 -16.56 36.33 84.61
CA LEU H 122 -15.23 36.36 85.19
C LEU H 122 -14.92 37.65 85.90
N GLN H 123 -15.64 38.72 85.61
CA GLN H 123 -15.47 39.96 86.33
C GLN H 123 -16.34 40.04 87.57
N VAL H 124 -17.36 39.19 87.69
CA VAL H 124 -18.25 39.19 88.83
C VAL H 124 -17.89 38.11 89.82
N LYS H 125 -17.58 36.92 89.31
CA LYS H 125 -17.18 35.80 90.16
C LYS H 125 -15.84 36.06 90.83
N ASP H 126 -14.93 36.73 90.14
CA ASP H 126 -13.56 36.90 90.59
C ASP H 126 -13.22 38.33 90.96
N GLN H 127 -14.18 39.26 90.82
CA GLN H 127 -14.02 40.69 91.09
C GLN H 127 -12.86 41.27 90.28
N ALA H 128 -12.89 41.03 88.98
CA ALA H 128 -11.71 41.19 88.15
C ALA H 128 -11.88 42.32 87.13
N ILE H 129 -10.77 42.69 86.53
CA ILE H 129 -10.72 43.57 85.37
C ILE H 129 -10.14 42.77 84.22
N THR H 130 -10.40 43.22 82.99
CA THR H 130 -10.05 42.47 81.80
C THR H 130 -9.07 43.27 80.96
N THR H 131 -8.00 42.64 80.50
CA THR H 131 -7.07 43.21 79.55
C THR H 131 -7.12 42.43 78.25
N ARG H 132 -6.79 43.09 77.14
CA ARG H 132 -6.79 42.44 75.84
C ARG H 132 -5.65 42.93 74.98
N VAL H 133 -4.84 42.02 74.47
CA VAL H 133 -3.78 42.31 73.51
C VAL H 133 -4.10 41.53 72.24
N GLN H 134 -3.90 42.15 71.07
CA GLN H 134 -4.21 41.44 69.84
C GLN H 134 -3.31 41.86 68.70
N VAL H 135 -3.05 40.90 67.81
CA VAL H 135 -2.37 41.12 66.54
C VAL H 135 -3.38 40.89 65.45
N ARG H 136 -3.83 41.95 64.79
CA ARG H 136 -4.88 41.86 63.79
C ARG H 136 -4.30 42.03 62.40
N ASN H 137 -4.81 41.25 61.45
CA ASN H 137 -4.26 41.19 60.12
C ASN H 137 -5.43 41.27 59.13
N LEU H 138 -5.82 42.48 58.77
CA LEU H 138 -6.89 42.72 57.83
C LEU H 138 -6.39 42.64 56.39
N VAL H 139 -7.02 41.80 55.58
CA VAL H 139 -6.56 41.56 54.22
C VAL H 139 -7.52 42.18 53.20
N TYR H 140 -8.81 41.90 53.29
CA TYR H 140 -9.78 42.43 52.36
C TYR H 140 -10.95 43.08 53.10
N THR H 141 -11.57 44.04 52.44
CA THR H 141 -12.91 44.49 52.76
C THR H 141 -13.82 44.04 51.63
N VAL H 142 -14.87 43.30 51.96
CA VAL H 142 -15.69 42.61 50.98
C VAL H 142 -17.10 43.18 51.14
N LYS H 143 -17.61 43.84 50.10
CA LYS H 143 -18.89 44.54 50.17
C LYS H 143 -19.85 44.04 49.11
N ILE H 144 -21.10 44.49 49.21
CA ILE H 144 -22.16 44.17 48.27
C ILE H 144 -22.44 45.37 47.37
N ASN H 145 -22.61 45.09 46.09
CA ASN H 145 -23.07 46.07 45.12
C ASN H 145 -24.51 46.44 45.47
N PRO H 146 -24.87 47.73 45.49
CA PRO H 146 -26.24 48.11 45.88
C PRO H 146 -27.35 47.66 44.93
N THR H 147 -27.05 47.06 43.79
CA THR H 147 -28.07 46.60 42.85
C THR H 147 -28.24 45.09 42.89
N LEU H 148 -28.18 44.52 44.08
CA LEU H 148 -28.29 43.09 44.30
C LEU H 148 -29.73 42.72 44.63
N GLU H 149 -30.11 41.48 44.32
CA GLU H 149 -31.44 40.95 44.56
C GLU H 149 -31.41 39.90 45.67
N LEU H 150 -32.61 39.59 46.17
CA LEU H 150 -32.80 38.70 47.30
C LEU H 150 -32.58 37.24 46.94
N SER H 151 -32.41 36.43 47.96
CA SER H 151 -32.21 35.01 47.77
C SER H 151 -33.52 34.33 47.40
N SER H 152 -33.40 33.08 46.95
CA SER H 152 -34.59 32.34 46.53
C SER H 152 -35.41 31.88 47.72
N GLY H 153 -34.76 31.52 48.82
CA GLY H 153 -35.47 31.09 50.00
C GLY H 153 -36.05 32.22 50.81
N PHE H 154 -35.35 33.34 50.86
CA PHE H 154 -35.82 34.48 51.65
C PHE H 154 -36.98 35.19 50.97
N ARG H 155 -37.01 35.20 49.63
CA ARG H 155 -38.13 35.78 48.92
C ARG H 155 -39.39 34.95 49.09
N LYS H 156 -39.25 33.63 49.16
CA LYS H 156 -40.39 32.75 49.33
C LYS H 156 -41.08 32.95 50.67
N GLU H 157 -40.29 33.21 51.72
CA GLU H 157 -40.89 33.37 53.03
C GLU H 157 -41.42 34.78 53.26
N LEU H 158 -41.00 35.76 52.46
CA LEU H 158 -41.65 37.05 52.47
C LEU H 158 -42.95 37.04 51.69
N LEU H 159 -43.03 36.21 50.65
CA LEU H 159 -44.26 36.06 49.90
C LEU H 159 -45.32 35.29 50.67
N ASP H 160 -44.91 34.44 51.61
CA ASP H 160 -45.88 33.75 52.45
C ASP H 160 -46.44 34.67 53.52
N ILE H 161 -45.64 35.61 54.03
CA ILE H 161 -46.17 36.67 54.88
C ILE H 161 -47.07 37.57 54.05
N SER H 162 -46.69 37.79 52.80
CA SER H 162 -47.44 38.67 51.90
C SER H 162 -48.84 38.14 51.62
N ASP H 163 -48.98 36.80 51.54
CA ASP H 163 -50.29 36.22 51.28
C ASP H 163 -51.23 36.40 52.46
N ARG H 164 -50.71 36.33 53.68
CA ARG H 164 -51.54 36.46 54.86
C ARG H 164 -51.99 37.89 55.08
N LEU H 165 -51.21 38.87 54.65
CA LEU H 165 -51.67 40.26 54.75
C LEU H 165 -52.76 40.58 53.73
N GLU H 166 -52.81 39.85 52.62
CA GLU H 166 -53.88 40.05 51.65
C GLU H 166 -55.22 39.58 52.20
N ASN H 167 -55.23 38.40 52.82
CA ASN H 167 -56.43 37.73 53.29
C ASN H 167 -56.93 38.25 54.62
N ASN H 168 -56.37 39.35 55.13
CA ASN H 168 -56.67 39.91 56.45
C ASN H 168 -56.49 38.85 57.54
N GLN H 169 -55.31 38.26 57.57
CA GLN H 169 -54.97 37.24 58.56
C GLN H 169 -53.76 37.77 59.32
N THR H 170 -54.03 38.60 60.32
CA THR H 170 -52.98 39.36 60.98
C THR H 170 -52.23 38.52 62.01
N ARG H 171 -52.94 37.66 62.73
CA ARG H 171 -52.30 36.83 63.74
C ARG H 171 -51.43 35.76 63.11
N MET H 172 -51.78 35.29 61.91
CA MET H 172 -50.98 34.28 61.27
C MET H 172 -49.80 34.90 60.51
N ALA H 173 -49.91 36.16 60.12
CA ALA H 173 -48.78 36.86 59.52
C ALA H 173 -47.77 37.28 60.58
N THR H 174 -48.25 37.64 61.77
CA THR H 174 -47.37 37.97 62.88
C THR H 174 -46.57 36.76 63.33
N TYR H 175 -47.18 35.58 63.26
CA TYR H 175 -46.48 34.35 63.58
C TYR H 175 -45.38 34.06 62.57
N LEU H 176 -45.67 34.20 61.29
CA LEU H 176 -44.68 33.92 60.27
C LEU H 176 -43.60 34.98 60.19
N ALA H 177 -43.88 36.22 60.63
CA ALA H 177 -42.86 37.24 60.66
C ALA H 177 -41.83 36.95 61.73
N GLU H 178 -42.23 36.32 62.83
CA GLU H 178 -41.31 35.95 63.89
C GLU H 178 -40.49 34.71 63.57
N LEU H 179 -40.99 33.84 62.70
CA LEU H 179 -40.16 32.75 62.21
C LEU H 179 -39.15 33.21 61.18
N LEU H 180 -39.37 34.39 60.59
CA LEU H 180 -38.36 34.97 59.70
C LEU H 180 -37.16 35.44 60.51
N VAL H 181 -37.39 35.88 61.75
CA VAL H 181 -36.33 36.37 62.60
C VAL H 181 -35.58 35.22 63.26
N LEU H 182 -36.27 34.10 63.51
CA LEU H 182 -35.57 32.89 63.95
C LEU H 182 -34.60 32.40 62.89
N ASN H 183 -34.98 32.46 61.62
CA ASN H 183 -34.19 31.85 60.58
C ASN H 183 -33.21 32.81 59.93
N TYR H 184 -33.45 34.12 59.99
CA TYR H 184 -32.62 35.08 59.28
C TYR H 184 -32.09 36.21 60.14
N GLY H 185 -32.37 36.22 61.43
CA GLY H 185 -31.77 37.19 62.30
C GLY H 185 -32.46 38.54 62.27
N THR H 186 -31.75 39.54 62.77
CA THR H 186 -32.26 40.89 62.87
C THR H 186 -31.56 41.86 61.94
N HIS H 187 -30.47 41.44 61.29
CA HIS H 187 -29.63 42.30 60.48
C HIS H 187 -29.14 41.53 59.27
N VAL H 188 -28.66 42.28 58.28
CA VAL H 188 -28.02 41.72 57.09
C VAL H 188 -26.63 42.32 57.01
N THR H 189 -25.62 41.47 56.92
CA THR H 189 -24.25 41.98 56.83
C THR H 189 -24.03 42.55 55.44
N THR H 190 -23.63 43.82 55.38
CA THR H 190 -23.36 44.44 54.10
C THR H 190 -21.88 44.56 53.80
N SER H 191 -21.01 44.51 54.81
CA SER H 191 -19.59 44.41 54.55
C SER H 191 -18.94 43.58 55.64
N VAL H 192 -17.98 42.77 55.24
CA VAL H 192 -17.17 41.98 56.15
C VAL H 192 -15.71 42.33 55.91
N ASP H 193 -14.91 42.16 56.94
CA ASP H 193 -13.47 42.34 56.89
C ASP H 193 -12.82 40.96 56.99
N ALA H 194 -12.18 40.53 55.92
CA ALA H 194 -11.56 39.22 55.88
C ALA H 194 -10.14 39.29 56.39
N GLY H 195 -9.83 38.46 57.38
CA GLY H 195 -8.48 38.43 57.91
C GLY H 195 -8.35 37.48 59.06
N ALA H 196 -7.31 37.67 59.85
CA ALA H 196 -7.02 36.83 61.00
C ALA H 196 -6.67 37.69 62.20
N ALA H 197 -6.75 37.12 63.39
CA ALA H 197 -6.41 37.83 64.60
C ALA H 197 -5.92 36.84 65.64
N LEU H 198 -4.99 37.27 66.47
CA LEU H 198 -4.48 36.46 67.57
C LEU H 198 -4.66 37.29 68.82
N ILE H 199 -5.46 36.81 69.76
CA ILE H 199 -5.94 37.62 70.88
C ILE H 199 -5.50 36.99 72.19
N GLN H 200 -4.98 37.81 73.10
CA GLN H 200 -4.73 37.50 74.51
C GLN H 200 -5.81 38.12 75.36
N GLU H 201 -6.29 37.41 76.36
CA GLU H 201 -7.30 37.98 77.25
C GLU H 201 -7.01 37.54 78.67
N ASP H 202 -6.38 38.41 79.45
CA ASP H 202 -6.11 38.14 80.85
C ASP H 202 -7.16 38.80 81.73
N HIS H 203 -7.37 38.21 82.90
CA HIS H 203 -8.19 38.80 83.93
C HIS H 203 -7.33 39.02 85.17
N LEU H 204 -7.34 40.26 85.67
CA LEU H 204 -6.53 40.66 86.80
C LEU H 204 -7.46 41.10 87.91
N ARG H 205 -7.02 40.95 89.16
CA ARG H 205 -7.81 41.44 90.28
C ARG H 205 -7.91 42.95 90.23
N ALA H 206 -9.08 43.47 90.59
CA ALA H 206 -9.33 44.90 90.47
C ALA H 206 -8.54 45.72 91.49
N SER H 207 -8.02 45.08 92.54
CA SER H 207 -7.14 45.74 93.48
C SER H 207 -5.78 46.04 92.88
N PHE H 208 -5.38 45.30 91.85
CA PHE H 208 -4.06 45.47 91.26
C PHE H 208 -3.95 46.72 90.40
N LEU H 209 -5.07 47.25 89.91
CA LEU H 209 -5.06 48.42 89.07
C LEU H 209 -5.18 49.72 89.86
N GLN H 210 -5.65 49.65 91.09
CA GLN H 210 -6.00 50.83 91.89
C GLN H 210 -4.78 51.61 92.42
N ASP H 211 -3.55 51.40 91.96
CA ASP H 211 -2.40 52.08 92.55
C ASP H 211 -2.33 53.55 92.14
N SER H 212 -2.15 53.81 90.84
CA SER H 212 -2.09 55.18 90.32
C SER H 212 -2.35 55.15 88.81
N GLN H 213 -2.23 56.31 88.18
CA GLN H 213 -2.28 56.43 86.74
C GLN H 213 -0.92 56.23 86.08
N SER H 214 0.14 56.08 86.87
CA SER H 214 1.45 55.68 86.37
C SER H 214 1.68 54.19 86.52
N SER H 215 0.98 53.54 87.43
CA SER H 215 0.99 52.08 87.48
C SER H 215 0.23 51.51 86.30
N ARG H 216 -0.76 52.24 85.78
CA ARG H 216 -1.59 51.76 84.69
C ARG H 216 -0.78 51.55 83.42
N SER H 217 0.16 52.43 83.14
CA SER H 217 1.00 52.29 81.96
C SER H 217 2.12 51.27 82.13
N ALA H 218 2.22 50.64 83.30
CA ALA H 218 3.14 49.53 83.49
C ALA H 218 2.43 48.19 83.61
N VAL H 219 1.20 48.19 84.11
CA VAL H 219 0.33 47.03 83.98
C VAL H 219 0.08 46.72 82.51
N THR H 220 -0.14 47.77 81.72
CA THR H 220 -0.56 47.64 80.34
C THR H 220 0.58 47.16 79.45
N ALA H 221 1.80 47.63 79.69
CA ALA H 221 2.93 47.19 78.90
C ALA H 221 3.51 45.88 79.39
N SER H 222 3.04 45.38 80.53
CA SER H 222 3.46 44.07 80.99
C SER H 222 2.67 42.98 80.29
N ALA H 223 1.38 43.24 80.07
CA ALA H 223 0.51 42.29 79.37
C ALA H 223 0.91 42.13 77.92
N GLY H 224 1.40 43.19 77.29
CA GLY H 224 1.91 43.07 75.93
C GLY H 224 3.24 42.38 75.85
N LEU H 225 4.00 42.39 76.95
CA LEU H 225 5.26 41.69 76.99
C LEU H 225 5.07 40.20 77.21
N ALA H 226 4.11 39.84 78.06
CA ALA H 226 3.77 38.45 78.29
C ALA H 226 3.19 37.80 77.04
N PHE H 227 2.48 38.58 76.22
CA PHE H 227 1.88 38.05 75.01
C PHE H 227 2.94 37.74 73.96
N GLN H 228 3.98 38.55 73.89
CA GLN H 228 5.05 38.27 72.94
C GLN H 228 5.95 37.15 73.42
N ASN H 229 6.05 36.94 74.73
CA ASN H 229 6.77 35.77 75.23
C ASN H 229 6.02 34.50 74.92
N THR H 230 4.70 34.53 75.07
CA THR H 230 3.87 33.34 74.87
C THR H 230 3.89 32.87 73.42
N VAL H 231 3.95 33.81 72.47
CA VAL H 231 4.04 33.37 71.09
C VAL H 231 5.44 32.86 70.77
N ASN H 232 6.47 33.47 71.32
CA ASN H 232 7.82 33.10 70.88
C ASN H 232 8.43 31.92 71.64
N PHE H 233 8.15 31.73 72.92
CA PHE H 233 9.02 30.92 73.78
C PHE H 233 8.40 29.63 74.30
N LYS H 234 7.72 28.85 73.46
CA LYS H 234 7.70 27.38 73.50
C LYS H 234 7.18 26.78 74.80
N PHE H 235 6.44 27.56 75.61
CA PHE H 235 5.91 27.26 76.94
C PHE H 235 7.01 27.22 78.01
N GLU H 236 8.27 27.27 77.59
CA GLU H 236 9.37 27.16 78.53
C GLU H 236 9.56 28.48 79.27
N GLU H 237 10.37 28.44 80.32
CA GLU H 237 10.74 29.67 81.01
C GLU H 237 12.04 30.25 80.46
N ASN H 238 12.06 30.40 79.14
CA ASN H 238 13.04 31.20 78.44
C ASN H 238 12.55 32.62 78.24
N TYR H 239 11.64 33.07 79.10
CA TYR H 239 11.02 34.38 78.93
C TYR H 239 12.00 35.49 79.27
N THR H 240 11.82 36.63 78.61
CA THR H 240 12.58 37.84 78.91
C THR H 240 11.81 38.71 79.90
N SER H 241 11.61 38.13 81.10
CA SER H 241 10.88 38.81 82.18
C SER H 241 11.71 39.98 82.68
N GLN H 242 11.25 41.19 82.38
CA GLN H 242 12.07 42.38 82.53
C GLN H 242 12.12 42.93 83.94
N ASN H 243 11.13 42.66 84.77
CA ASN H 243 11.02 43.33 86.05
C ASN H 243 10.54 42.35 87.10
N VAL H 244 10.33 42.89 88.30
CA VAL H 244 9.52 42.22 89.31
C VAL H 244 8.04 42.49 89.05
N LEU H 245 7.75 43.56 88.31
CA LEU H 245 6.38 43.88 87.93
C LEU H 245 5.79 42.84 86.99
N THR H 246 6.63 42.16 86.21
CA THR H 246 6.17 41.00 85.47
C THR H 246 5.82 39.87 86.42
N LYS H 247 6.62 39.67 87.47
CA LYS H 247 6.34 38.61 88.42
C LYS H 247 5.13 38.95 89.29
N SER H 248 4.96 40.22 89.64
CA SER H 248 3.77 40.61 90.38
C SER H 248 2.53 40.61 89.50
N TYR H 249 2.69 40.72 88.18
CA TYR H 249 1.56 40.63 87.26
C TYR H 249 0.97 39.23 87.27
N LEU H 250 1.82 38.21 87.38
CA LEU H 250 1.35 36.83 87.29
C LEU H 250 0.56 36.42 88.52
N SER H 251 0.88 36.99 89.68
CA SER H 251 0.24 36.56 90.91
C SER H 251 -1.13 37.17 91.10
N ASN H 252 -1.41 38.29 90.45
CA ASN H 252 -2.75 38.88 90.47
C ASN H 252 -3.59 38.42 89.29
N ARG H 253 -2.99 37.73 88.33
CA ARG H 253 -3.70 37.24 87.17
C ARG H 253 -4.70 36.16 87.55
N THR H 254 -5.93 36.31 87.07
CA THR H 254 -6.97 35.34 87.37
C THR H 254 -7.16 34.28 86.30
N ASN H 255 -7.32 34.64 85.00
CA ASN H 255 -7.71 33.59 84.06
C ASN H 255 -6.75 33.33 82.90
N SER H 256 -6.40 34.31 82.06
CA SER H 256 -5.49 34.18 80.92
C SER H 256 -5.86 33.18 79.80
N ARG H 257 -6.82 33.50 78.96
CA ARG H 257 -7.06 32.75 77.73
C ARG H 257 -6.26 33.32 76.56
N VAL H 258 -5.86 32.45 75.64
CA VAL H 258 -5.26 32.85 74.37
C VAL H 258 -6.13 32.32 73.24
N GLN H 259 -6.55 33.21 72.35
CA GLN H 259 -7.51 32.86 71.32
C GLN H 259 -6.98 33.21 69.94
N SER H 260 -7.05 32.27 69.02
CA SER H 260 -6.72 32.50 67.62
C SER H 260 -8.00 32.49 66.81
N ILE H 261 -8.18 33.49 65.97
CA ILE H 261 -9.36 33.59 65.10
C ILE H 261 -8.86 33.68 63.67
N GLY H 262 -9.00 32.59 62.93
CA GLY H 262 -8.48 32.52 61.59
C GLY H 262 -7.02 32.12 61.57
N GLY H 263 -6.53 31.82 60.39
CA GLY H 263 -5.17 31.37 60.29
C GLY H 263 -5.00 29.93 60.73
N VAL H 264 -3.76 29.58 61.06
CA VAL H 264 -3.43 28.26 61.57
C VAL H 264 -3.70 28.23 63.07
N PRO H 265 -3.93 27.06 63.67
CA PRO H 265 -4.20 27.03 65.12
C PRO H 265 -2.98 27.43 65.94
N PHE H 266 -3.23 28.17 67.00
CA PHE H 266 -2.17 28.64 67.86
C PHE H 266 -1.69 27.53 68.79
N TYR H 267 -0.38 27.51 69.01
CA TYR H 267 0.24 26.75 70.08
C TYR H 267 1.36 27.61 70.63
N PRO H 268 1.65 27.53 71.92
CA PRO H 268 2.69 28.39 72.50
C PRO H 268 4.07 28.02 71.99
N GLY H 269 4.64 28.86 71.14
CA GLY H 269 5.88 28.53 70.51
C GLY H 269 5.89 28.79 69.01
N ILE H 270 4.72 28.95 68.40
CA ILE H 270 4.69 29.35 67.00
C ILE H 270 5.10 30.82 66.92
N THR H 271 6.13 31.11 66.14
CA THR H 271 6.61 32.46 66.10
C THR H 271 5.62 33.36 65.36
N LEU H 272 5.77 34.66 65.55
CA LEU H 272 4.85 35.59 64.93
C LEU H 272 5.04 35.61 63.42
N GLN H 273 6.25 35.33 62.96
CA GLN H 273 6.50 35.10 61.55
C GLN H 273 5.71 33.90 61.03
N ALA H 274 5.71 32.80 61.77
CA ALA H 274 5.13 31.57 61.26
C ALA H 274 3.61 31.57 61.35
N TRP H 275 3.05 32.29 62.31
CA TRP H 275 1.60 32.45 62.37
C TRP H 275 1.09 33.25 61.17
N GLN H 276 1.86 34.23 60.73
CA GLN H 276 1.48 35.08 59.62
C GLN H 276 1.67 34.43 58.26
N GLN H 277 2.33 33.28 58.19
CA GLN H 277 2.41 32.56 56.94
C GLN H 277 1.19 31.67 56.71
N GLY H 278 0.48 31.33 57.76
CA GLY H 278 -0.71 30.51 57.64
C GLY H 278 -1.99 31.25 57.50
N ILE H 279 -1.93 32.57 57.39
CA ILE H 279 -3.13 33.38 57.21
C ILE H 279 -3.70 33.19 55.81
N THR H 280 -2.83 32.93 54.84
CA THR H 280 -3.24 32.67 53.47
C THR H 280 -4.11 31.42 53.38
N ASN H 281 -5.30 31.60 52.78
CA ASN H 281 -6.38 30.62 52.58
C ASN H 281 -7.09 30.22 53.86
N HIS H 282 -6.80 30.86 54.99
CA HIS H 282 -7.57 30.67 56.21
C HIS H 282 -7.99 32.04 56.68
N LEU H 283 -9.03 32.59 56.09
CA LEU H 283 -9.49 33.94 56.41
C LEU H 283 -10.89 33.85 56.98
N VAL H 284 -11.16 34.63 58.00
CA VAL H 284 -12.47 34.68 58.63
C VAL H 284 -12.90 36.14 58.71
N ALA H 285 -14.13 36.34 59.13
CA ALA H 285 -14.63 37.69 59.33
C ALA H 285 -14.18 38.18 60.69
N ILE H 286 -13.27 39.15 60.71
CA ILE H 286 -12.85 39.77 61.95
C ILE H 286 -13.59 41.06 62.25
N ASP H 287 -14.41 41.55 61.32
CA ASP H 287 -15.30 42.67 61.57
C ASP H 287 -16.44 42.60 60.56
N ARG H 288 -17.56 43.21 60.94
CA ARG H 288 -18.77 43.22 60.13
C ARG H 288 -19.47 44.56 60.25
N SER H 289 -20.14 44.96 59.19
CA SER H 289 -21.09 46.07 59.22
C SER H 289 -22.41 45.58 58.65
N GLY H 290 -23.48 46.31 58.95
CA GLY H 290 -24.76 45.85 58.47
C GLY H 290 -25.85 46.89 58.53
N LEU H 291 -27.05 46.44 58.18
CA LEU H 291 -28.28 47.22 58.20
C LEU H 291 -29.37 46.31 58.74
N PRO H 292 -30.43 46.86 59.31
CA PRO H 292 -31.53 46.03 59.80
C PRO H 292 -32.25 45.30 58.68
N LEU H 293 -33.00 44.27 59.08
CA LEU H 293 -33.55 43.32 58.12
C LEU H 293 -34.70 43.92 57.32
N HIS H 294 -35.43 44.87 57.90
CA HIS H 294 -36.54 45.49 57.19
C HIS H 294 -36.10 46.60 56.26
N PHE H 295 -34.82 46.96 56.26
CA PHE H 295 -34.31 47.90 55.27
C PHE H 295 -34.39 47.33 53.86
N PHE H 296 -34.23 46.02 53.73
CA PHE H 296 -34.20 45.36 52.45
C PHE H 296 -35.57 44.84 52.04
N ILE H 297 -36.62 45.25 52.73
CA ILE H 297 -37.98 44.96 52.29
C ILE H 297 -38.57 46.27 51.80
N ASN H 298 -38.42 46.52 50.50
CA ASN H 298 -38.79 47.78 49.89
C ASN H 298 -39.29 47.45 48.49
N PRO H 299 -39.99 48.38 47.82
CA PRO H 299 -40.50 48.07 46.47
C PRO H 299 -39.44 47.79 45.42
N ASN H 300 -38.17 48.12 45.66
CA ASN H 300 -37.12 47.82 44.71
C ASN H 300 -36.74 46.34 44.75
N MET H 301 -36.61 45.77 45.96
CA MET H 301 -36.21 44.37 46.08
C MET H 301 -37.35 43.43 45.68
N LEU H 302 -38.60 43.86 45.82
CA LEU H 302 -39.77 43.06 45.52
C LEU H 302 -40.54 43.76 44.41
N PRO H 303 -40.16 43.55 43.14
CA PRO H 303 -40.81 44.27 42.04
C PRO H 303 -42.07 43.61 41.55
N ASP H 304 -42.37 42.38 41.98
CA ASP H 304 -43.55 41.65 41.55
C ASP H 304 -44.68 41.72 42.57
N LEU H 305 -44.65 42.71 43.46
CA LEU H 305 -45.70 42.94 44.44
C LEU H 305 -46.06 44.41 44.43
N PRO H 306 -47.29 44.77 44.82
CA PRO H 306 -47.65 46.18 44.84
C PRO H 306 -46.94 46.96 45.93
N GLY H 307 -46.95 48.28 45.76
CA GLY H 307 -46.27 49.22 46.61
C GLY H 307 -46.66 49.22 48.07
N PRO H 308 -47.94 49.46 48.40
CA PRO H 308 -48.34 49.45 49.80
C PRO H 308 -48.36 48.10 50.46
N LEU H 309 -48.24 47.03 49.68
CA LEU H 309 -48.27 45.69 50.25
C LEU H 309 -46.90 45.22 50.69
N VAL H 310 -45.81 45.74 50.11
CA VAL H 310 -44.49 45.44 50.63
C VAL H 310 -44.12 46.34 51.78
N LYS H 311 -44.93 47.36 52.06
CA LYS H 311 -44.79 48.16 53.26
C LYS H 311 -45.55 47.57 54.44
N LYS H 312 -46.49 46.66 54.19
CA LYS H 312 -47.09 45.90 55.27
C LYS H 312 -46.18 44.77 55.72
N VAL H 313 -45.46 44.18 54.77
CA VAL H 313 -44.50 43.13 55.10
C VAL H 313 -43.31 43.74 55.84
N SER H 314 -42.88 44.93 55.42
CA SER H 314 -41.75 45.58 56.07
C SER H 314 -42.09 46.06 57.47
N LYS H 315 -43.35 46.39 57.71
CA LYS H 315 -43.74 46.85 59.04
C LYS H 315 -44.01 45.69 59.98
N THR H 316 -44.49 44.56 59.46
CA THR H 316 -44.72 43.42 60.34
C THR H 316 -43.45 42.66 60.68
N VAL H 317 -42.34 42.92 59.98
CA VAL H 317 -41.05 42.35 60.34
C VAL H 317 -40.28 43.29 61.24
N GLU H 318 -40.44 44.61 61.05
CA GLU H 318 -39.87 45.59 61.96
C GLU H 318 -40.44 45.47 63.36
N THR H 319 -41.71 45.09 63.47
CA THR H 319 -42.33 44.87 64.76
C THR H 319 -41.84 43.59 65.40
N ALA H 320 -41.58 42.56 64.60
CA ALA H 320 -41.12 41.29 65.15
C ALA H 320 -39.68 41.37 65.63
N VAL H 321 -38.84 42.16 64.97
CA VAL H 321 -37.46 42.35 65.41
C VAL H 321 -37.45 43.16 66.69
N LYS H 322 -38.29 44.19 66.76
CA LYS H 322 -38.34 45.04 67.95
C LYS H 322 -38.91 44.30 69.15
N ARG H 323 -39.80 43.34 68.91
CA ARG H 323 -40.33 42.52 69.98
C ARG H 323 -39.28 41.57 70.52
N TYR H 324 -38.32 41.19 69.69
CA TYR H 324 -37.27 40.27 70.09
C TYR H 324 -36.25 40.93 71.00
N TYR H 325 -35.99 42.22 70.80
CA TYR H 325 -35.09 42.95 71.70
C TYR H 325 -35.75 43.26 73.02
N THR H 326 -37.06 43.44 73.04
CA THR H 326 -37.75 43.82 74.26
C THR H 326 -37.86 42.66 75.23
N PHE H 327 -38.04 41.45 74.71
CA PHE H 327 -38.19 40.29 75.57
C PHE H 327 -36.87 39.78 76.09
N ASN H 328 -35.75 40.33 75.64
CA ASN H 328 -34.42 39.96 76.08
C ASN H 328 -33.72 41.13 76.75
N THR H 329 -34.50 42.04 77.32
CA THR H 329 -33.97 43.19 78.05
C THR H 329 -34.29 43.01 79.53
N TYR H 330 -33.24 43.06 80.36
CA TYR H 330 -33.36 42.86 81.79
C TYR H 330 -32.79 44.09 82.50
N PRO H 331 -33.63 45.06 82.84
CA PRO H 331 -33.15 46.19 83.64
C PRO H 331 -32.92 45.76 85.08
N GLY H 332 -31.92 46.37 85.71
CA GLY H 332 -31.59 46.04 87.07
C GLY H 332 -30.35 46.77 87.52
N CYS H 333 -29.96 46.51 88.76
CA CYS H 333 -28.75 47.09 89.31
C CYS H 333 -27.54 46.34 88.76
N THR H 334 -26.65 47.08 88.10
CA THR H 334 -25.50 46.49 87.44
C THR H 334 -24.19 46.72 88.17
N ASP H 335 -24.19 47.49 89.25
CA ASP H 335 -22.97 47.75 90.01
C ASP H 335 -22.73 46.58 90.96
N LEU H 336 -21.58 45.92 90.80
CA LEU H 336 -21.31 44.71 91.57
C LEU H 336 -20.99 44.99 93.04
N ASN H 337 -20.65 46.23 93.37
CA ASN H 337 -20.36 46.58 94.75
C ASN H 337 -21.59 46.98 95.55
N SER H 338 -22.71 47.26 94.88
CA SER H 338 -23.94 47.58 95.58
C SER H 338 -24.51 46.32 96.23
N PRO H 339 -25.19 46.46 97.38
CA PRO H 339 -25.71 45.25 98.05
C PRO H 339 -26.87 44.61 97.31
N ASN H 340 -27.67 45.39 96.60
CA ASN H 340 -28.75 44.85 95.78
C ASN H 340 -28.33 44.66 94.33
N PHE H 341 -27.21 43.96 94.12
CA PHE H 341 -26.69 43.72 92.78
C PHE H 341 -27.55 42.70 92.04
N ASN H 342 -28.00 43.07 90.86
CA ASN H 342 -28.78 42.17 90.01
C ASN H 342 -27.81 41.55 89.01
N PHE H 343 -27.33 40.37 89.35
CA PHE H 343 -26.82 39.46 88.34
C PHE H 343 -28.00 39.03 87.49
N GLN H 344 -27.71 38.63 86.25
CA GLN H 344 -28.71 38.44 85.18
C GLN H 344 -29.47 39.74 84.90
N ALA H 345 -28.73 40.80 84.61
CA ALA H 345 -29.30 42.07 84.20
C ALA H 345 -28.44 42.69 83.12
N ASN H 346 -29.07 43.21 82.07
CA ASN H 346 -28.37 43.77 80.92
C ASN H 346 -28.23 45.28 81.00
N THR H 347 -29.30 45.97 81.34
CA THR H 347 -29.38 47.41 81.23
C THR H 347 -29.30 48.03 82.62
N ASP H 348 -28.53 49.11 82.73
CA ASP H 348 -28.39 49.81 83.99
C ASP H 348 -29.71 50.50 84.33
N ASP H 349 -30.30 50.12 85.47
CA ASP H 349 -31.61 50.63 85.84
C ASP H 349 -31.54 52.04 86.41
N GLY H 350 -30.37 52.46 86.89
CA GLY H 350 -30.26 53.74 87.53
C GLY H 350 -30.79 53.79 88.95
N SER H 351 -31.13 52.64 89.53
CA SER H 351 -31.60 52.54 90.91
C SER H 351 -30.70 51.53 91.59
N CYS H 352 -29.57 52.01 92.10
CA CYS H 352 -28.59 51.16 92.76
C CYS H 352 -28.63 51.29 94.27
N GLU H 353 -29.38 52.25 94.80
CA GLU H 353 -29.53 52.43 96.23
C GLU H 353 -31.01 52.50 96.56
N GLY H 354 -31.52 51.45 97.19
CA GLY H 354 -32.91 51.39 97.58
C GLY H 354 -33.11 51.79 99.03
N LYS H 355 -34.37 51.77 99.45
CA LYS H 355 -34.75 52.18 100.79
C LYS H 355 -35.25 51.04 101.67
N MET H 356 -35.49 49.85 101.10
CA MET H 356 -36.00 48.66 101.79
C MET H 356 -37.34 48.97 102.48
N THR H 357 -38.34 49.19 101.64
CA THR H 357 -39.70 49.42 102.10
C THR H 357 -40.49 48.13 101.93
N ASN H 358 -40.98 47.58 103.04
CA ASN H 358 -41.84 46.41 103.00
C ASN H 358 -43.26 46.83 102.64
N PHE H 359 -43.88 46.09 101.73
CA PHE H 359 -45.19 46.44 101.22
C PHE H 359 -46.21 45.37 101.56
N SER H 360 -47.48 45.68 101.28
CA SER H 360 -48.61 44.83 101.62
C SER H 360 -49.19 44.24 100.35
N PHE H 361 -49.26 42.92 100.29
CA PHE H 361 -49.83 42.22 99.14
C PHE H 361 -51.32 42.00 99.38
N GLY H 362 -52.14 42.79 98.69
CA GLY H 362 -53.57 42.76 98.89
C GLY H 362 -54.34 41.73 98.11
N GLY H 363 -53.66 40.84 97.40
CA GLY H 363 -54.32 39.76 96.71
C GLY H 363 -54.70 40.11 95.28
N VAL H 364 -55.10 39.07 94.55
CA VAL H 364 -55.46 39.17 93.14
C VAL H 364 -56.86 38.62 92.95
N TYR H 365 -57.54 39.13 91.92
CA TYR H 365 -58.83 38.57 91.51
C TYR H 365 -59.00 38.81 90.03
N GLN H 366 -59.76 37.93 89.38
CA GLN H 366 -59.91 37.93 87.94
C GLN H 366 -61.37 37.76 87.58
N GLU H 367 -61.89 38.67 86.75
CA GLU H 367 -63.24 38.55 86.24
C GLU H 367 -63.25 37.73 84.96
N CYS H 368 -64.43 37.28 84.57
CA CYS H 368 -64.62 36.62 83.29
C CYS H 368 -65.95 37.05 82.69
N THR H 369 -66.01 37.05 81.36
CA THR H 369 -67.22 37.46 80.63
C THR H 369 -67.31 36.61 79.38
N GLN H 370 -68.27 35.69 79.35
CA GLN H 370 -68.47 34.82 78.22
C GLN H 370 -68.98 35.61 77.02
N LEU H 371 -68.36 35.42 75.87
CA LEU H 371 -68.75 36.12 74.65
C LEU H 371 -69.50 35.24 73.66
N SER H 372 -69.09 33.98 73.53
CA SER H 372 -69.76 33.05 72.63
C SER H 372 -69.48 31.64 73.09
N GLY H 373 -70.37 30.73 72.72
CA GLY H 373 -70.23 29.33 73.09
C GLY H 373 -70.89 28.98 74.40
N ASN H 374 -72.12 29.46 74.59
CA ASN H 374 -72.84 29.24 75.84
C ASN H 374 -73.33 27.81 75.93
N ARG H 375 -73.44 27.33 77.17
CA ARG H 375 -73.97 26.02 77.55
C ARG H 375 -73.18 24.85 76.97
N ASP H 376 -71.93 25.09 76.57
CA ASP H 376 -71.10 24.05 75.99
C ASP H 376 -69.79 23.85 76.74
N VAL H 377 -69.09 24.93 77.07
CA VAL H 377 -67.79 24.85 77.70
C VAL H 377 -67.83 25.34 79.15
N LEU H 378 -68.58 26.41 79.40
CA LEU H 378 -68.56 27.19 80.64
C LEU H 378 -67.14 27.68 80.94
N LEU H 379 -66.67 28.55 80.04
CA LEU H 379 -65.35 29.15 80.17
C LEU H 379 -65.23 30.02 81.41
N CYS H 380 -66.32 30.64 81.84
CA CYS H 380 -66.32 31.58 82.95
C CYS H 380 -66.43 30.88 84.30
N GLN H 381 -66.01 29.62 84.40
CA GLN H 381 -66.00 28.87 85.65
C GLN H 381 -64.60 28.44 86.05
N LYS H 382 -63.82 27.90 85.11
CA LYS H 382 -62.43 27.56 85.36
C LYS H 382 -61.47 28.68 85.01
N LEU H 383 -61.98 29.91 84.82
CA LEU H 383 -61.17 31.06 84.49
C LEU H 383 -61.51 32.23 85.41
N GLU H 384 -62.12 31.95 86.55
CA GLU H 384 -62.62 32.96 87.46
C GLU H 384 -61.95 32.77 88.82
N GLN H 385 -61.47 33.86 89.40
CA GLN H 385 -60.80 33.80 90.70
C GLN H 385 -61.24 34.98 91.55
N LYS H 386 -61.57 34.71 92.81
CA LYS H 386 -61.98 35.73 93.77
C LYS H 386 -60.87 35.98 94.77
N ASN H 387 -60.89 37.17 95.36
CA ASN H 387 -59.89 37.57 96.34
C ASN H 387 -60.13 36.82 97.65
N PRO H 388 -59.13 36.12 98.20
CA PRO H 388 -59.35 35.44 99.48
C PRO H 388 -59.54 36.36 100.67
N LEU H 389 -59.13 37.63 100.56
CA LEU H 389 -59.28 38.55 101.68
C LEU H 389 -60.70 39.09 101.80
N THR H 390 -61.46 39.12 100.71
CA THR H 390 -62.83 39.59 100.75
C THR H 390 -63.86 38.54 100.32
N GLY H 391 -63.44 37.49 99.61
CA GLY H 391 -64.40 36.57 99.03
C GLY H 391 -65.23 37.19 97.93
N ASP H 392 -64.68 38.19 97.25
CA ASP H 392 -65.46 39.01 96.33
C ASP H 392 -64.50 39.55 95.28
N PHE H 393 -65.08 40.19 94.25
CA PHE H 393 -64.29 40.84 93.21
C PHE H 393 -64.00 42.29 93.59
N SER H 394 -63.32 42.43 94.73
CA SER H 394 -62.99 43.74 95.26
C SER H 394 -61.80 43.61 96.20
N CYS H 395 -61.10 44.70 96.40
CA CYS H 395 -60.02 44.78 97.36
C CYS H 395 -60.60 45.05 98.75
N PRO H 396 -59.81 44.78 99.81
CA PRO H 396 -60.29 45.14 101.16
C PRO H 396 -60.36 46.64 101.42
N SER H 397 -60.68 47.00 102.67
CA SER H 397 -60.95 48.40 103.01
C SER H 397 -59.70 49.25 102.91
N GLY H 398 -58.54 48.70 103.25
CA GLY H 398 -57.31 49.44 103.13
C GLY H 398 -56.61 49.37 101.79
N TYR H 399 -57.28 48.85 100.77
CA TYR H 399 -56.64 48.60 99.49
C TYR H 399 -57.45 49.23 98.35
N SER H 400 -56.92 49.09 97.13
CA SER H 400 -57.51 49.67 95.92
C SER H 400 -57.12 48.80 94.73
N PRO H 401 -58.02 48.63 93.75
CA PRO H 401 -57.70 47.74 92.63
C PRO H 401 -56.88 48.41 91.54
N VAL H 402 -55.96 47.64 90.95
CA VAL H 402 -55.16 48.06 89.82
C VAL H 402 -55.34 47.04 88.70
N HIS H 403 -55.73 47.53 87.52
CA HIS H 403 -56.03 46.67 86.38
C HIS H 403 -54.74 46.27 85.68
N LEU H 404 -54.45 44.97 85.64
CA LEU H 404 -53.25 44.50 84.97
C LEU H 404 -53.44 44.40 83.47
N LEU H 405 -54.33 43.53 83.02
CA LEU H 405 -54.39 43.17 81.61
C LEU H 405 -55.74 42.54 81.31
N SER H 406 -56.23 42.82 80.11
CA SER H 406 -57.55 42.35 79.66
C SER H 406 -57.41 41.80 78.25
N GLN H 407 -57.61 40.50 78.08
CA GLN H 407 -57.49 39.86 76.79
C GLN H 407 -58.61 38.85 76.61
N ILE H 408 -58.61 38.19 75.45
CA ILE H 408 -59.63 37.23 75.06
C ILE H 408 -59.03 35.84 75.11
N HIS H 409 -59.69 34.93 75.79
CA HIS H 409 -59.29 33.53 75.82
C HIS H 409 -60.17 32.73 74.87
N GLU H 410 -59.60 31.69 74.25
CA GLU H 410 -60.31 30.85 73.31
C GLU H 410 -60.10 29.39 73.66
N GLU H 411 -61.19 28.62 73.67
CA GLU H 411 -61.12 27.17 73.72
C GLU H 411 -62.05 26.58 72.68
N GLY H 412 -61.86 25.29 72.44
CA GLY H 412 -62.63 24.58 71.42
C GLY H 412 -63.51 23.50 72.02
N TYR H 413 -64.70 23.36 71.46
CA TYR H 413 -65.62 22.30 71.84
C TYR H 413 -66.08 21.57 70.59
N ASN H 414 -66.79 20.47 70.80
CA ASN H 414 -66.89 19.43 69.78
C ASN H 414 -68.28 18.82 69.79
N HIS H 415 -68.93 18.80 68.63
CA HIS H 415 -70.15 18.05 68.43
C HIS H 415 -69.87 16.83 67.56
N LEU H 416 -70.70 15.81 67.69
CA LEU H 416 -70.57 14.60 66.89
C LEU H 416 -71.95 14.06 66.59
N GLU H 417 -72.34 14.10 65.33
CA GLU H 417 -73.66 13.69 64.89
C GLU H 417 -73.54 12.56 63.88
N CYS H 418 -74.39 11.56 64.01
CA CYS H 418 -74.37 10.40 63.14
C CYS H 418 -75.80 9.98 62.82
N HIS H 419 -76.07 9.68 61.55
CA HIS H 419 -77.31 9.03 61.19
C HIS H 419 -77.07 8.05 60.06
N ARG H 420 -77.88 7.00 60.03
CA ARG H 420 -77.72 5.87 59.14
C ARG H 420 -78.97 5.71 58.29
N LYS H 421 -78.79 5.38 57.02
CA LYS H 421 -79.89 5.27 56.07
C LYS H 421 -79.64 4.09 55.15
N CYS H 422 -80.67 3.28 54.92
CA CYS H 422 -80.57 2.12 54.05
C CYS H 422 -81.54 2.27 52.89
N THR H 423 -81.11 1.81 51.71
CA THR H 423 -81.87 2.00 50.47
C THR H 423 -81.97 0.68 49.73
N LEU H 424 -83.22 0.19 49.55
CA LEU H 424 -83.54 -1.06 48.88
C LEU H 424 -82.94 -2.27 49.57
N LYS H 425 -82.78 -2.18 50.89
CA LYS H 425 -82.30 -3.21 51.83
C LYS H 425 -80.84 -3.61 51.61
N VAL H 426 -80.16 -3.04 50.63
CA VAL H 426 -78.72 -3.19 50.41
C VAL H 426 -78.25 -1.76 50.62
N PHE H 427 -76.95 -1.47 50.45
CA PHE H 427 -76.41 -0.12 50.26
C PHE H 427 -76.67 0.77 51.50
N CYS H 428 -76.13 0.35 52.63
CA CYS H 428 -76.32 1.10 53.86
C CYS H 428 -75.37 2.30 53.88
N LYS H 429 -75.92 3.47 54.13
CA LYS H 429 -75.15 4.71 54.16
C LYS H 429 -75.09 5.23 55.59
N THR H 430 -73.89 5.56 56.05
CA THR H 430 -73.67 6.11 57.38
C THR H 430 -72.76 7.31 57.25
N VAL H 431 -73.22 8.48 57.68
CA VAL H 431 -72.42 9.69 57.69
C VAL H 431 -72.19 10.12 59.13
N CYS H 432 -70.94 10.48 59.45
CA CYS H 432 -70.53 10.83 60.81
C CYS H 432 -69.86 12.20 60.75
N GLU H 433 -70.58 13.22 61.18
CA GLU H 433 -70.11 14.60 61.10
C GLU H 433 -69.61 15.05 62.47
N ASP H 434 -68.48 15.74 62.49
CA ASP H 434 -67.80 16.16 63.72
C ASP H 434 -67.37 17.62 63.59
N VAL H 435 -68.11 18.52 64.22
CA VAL H 435 -67.90 19.95 64.08
C VAL H 435 -67.10 20.46 65.27
N PHE H 436 -66.05 21.22 65.00
CA PHE H 436 -65.20 21.83 66.01
C PHE H 436 -65.41 23.33 65.97
N GLN H 437 -65.92 23.90 67.05
CA GLN H 437 -66.16 25.34 67.14
C GLN H 437 -65.29 25.95 68.22
N VAL H 438 -65.18 27.27 68.20
CA VAL H 438 -64.32 28.03 69.10
C VAL H 438 -65.18 28.86 70.03
N ALA H 439 -65.00 28.67 71.33
CA ALA H 439 -65.70 29.45 72.36
C ALA H 439 -64.76 30.50 72.92
N LYS H 440 -65.23 31.74 73.00
CA LYS H 440 -64.42 32.86 73.44
C LYS H 440 -64.88 33.39 74.78
N ALA H 441 -63.97 34.09 75.46
CA ALA H 441 -64.26 34.68 76.76
C ALA H 441 -63.30 35.82 77.03
N GLU H 442 -63.82 36.92 77.55
CA GLU H 442 -63.02 38.04 77.99
C GLU H 442 -62.68 37.87 79.47
N PHE H 443 -61.42 38.12 79.81
CA PHE H 443 -61.04 38.17 81.22
C PHE H 443 -60.36 39.48 81.54
N ARG H 444 -60.53 39.92 82.78
CA ARG H 444 -59.92 41.15 83.28
C ARG H 444 -59.30 40.83 84.64
N ALA H 445 -57.98 40.88 84.70
CA ALA H 445 -57.25 40.56 85.93
C ALA H 445 -56.91 41.86 86.66
N PHE H 446 -57.26 41.91 87.93
CA PHE H 446 -57.00 43.06 88.77
C PHE H 446 -56.02 42.69 89.87
N TRP H 447 -55.62 43.70 90.63
CA TRP H 447 -54.58 43.54 91.63
C TRP H 447 -54.70 44.65 92.66
N CYS H 448 -54.52 44.30 93.93
CA CYS H 448 -54.76 45.22 95.04
C CYS H 448 -53.47 45.87 95.52
N VAL H 449 -53.56 47.13 95.92
CA VAL H 449 -52.43 47.93 96.34
C VAL H 449 -52.77 48.64 97.65
N ALA H 450 -51.83 48.69 98.58
CA ALA H 450 -52.03 49.43 99.83
C ALA H 450 -52.06 50.92 99.55
N SER H 451 -53.26 51.50 99.55
CA SER H 451 -53.43 52.92 99.28
C SER H 451 -53.98 53.70 100.46
N SER H 452 -54.23 53.07 101.59
CA SER H 452 -54.75 53.74 102.78
C SER H 452 -53.69 53.96 103.84
N GLN H 453 -52.51 53.32 103.70
CA GLN H 453 -51.27 53.54 104.43
C GLN H 453 -51.33 53.01 105.87
N VAL H 454 -52.51 52.63 106.34
CA VAL H 454 -52.63 52.06 107.68
C VAL H 454 -53.28 50.68 107.57
N PRO H 455 -52.51 49.61 107.37
CA PRO H 455 -53.06 48.27 107.60
C PRO H 455 -52.74 47.77 108.99
N GLU H 456 -53.54 46.83 109.50
CA GLU H 456 -53.15 46.11 110.71
C GLU H 456 -52.14 45.02 110.39
N ASN H 457 -52.53 44.07 109.56
CA ASN H 457 -51.62 43.08 108.98
C ASN H 457 -51.78 43.12 107.47
N SER H 458 -50.69 42.82 106.77
CA SER H 458 -50.66 42.99 105.32
C SER H 458 -51.54 41.96 104.62
N GLY H 459 -51.28 40.69 104.87
CA GLY H 459 -52.07 39.65 104.23
C GLY H 459 -51.33 38.95 103.11
N LEU H 460 -51.49 37.63 103.08
CA LEU H 460 -51.12 36.76 101.96
C LEU H 460 -49.61 36.84 101.68
N LEU H 461 -48.82 36.38 102.64
CA LEU H 461 -47.38 36.60 102.62
C LEU H 461 -46.68 35.57 101.74
N PHE H 462 -46.76 35.81 100.42
CA PHE H 462 -45.90 35.23 99.39
C PHE H 462 -46.16 35.97 98.10
N GLY H 463 -45.17 35.95 97.21
CA GLY H 463 -45.31 36.64 95.94
C GLY H 463 -44.68 35.92 94.76
N GLY H 464 -44.48 34.62 94.88
CA GLY H 464 -43.85 33.83 93.83
C GLY H 464 -44.86 33.11 92.96
N LEU H 465 -44.48 32.90 91.70
CA LEU H 465 -45.41 32.50 90.66
C LEU H 465 -44.88 31.25 89.97
N PHE H 466 -45.78 30.55 89.28
CA PHE H 466 -45.38 29.54 88.33
C PHE H 466 -46.46 29.40 87.28
N SER H 467 -46.06 29.15 86.05
CA SER H 467 -46.96 29.05 84.92
C SER H 467 -47.18 27.59 84.55
N SER H 468 -47.85 27.38 83.43
CA SER H 468 -47.88 26.05 82.81
C SER H 468 -46.61 25.72 82.08
N LYS H 469 -45.71 26.69 81.91
CA LYS H 469 -44.42 26.48 81.29
C LYS H 469 -43.26 27.01 82.13
N SER H 470 -43.54 27.48 83.34
CA SER H 470 -42.54 28.03 84.24
C SER H 470 -42.47 27.19 85.51
N ILE H 471 -41.59 27.60 86.41
CA ILE H 471 -41.29 26.85 87.62
C ILE H 471 -41.19 27.85 88.77
N ASN H 472 -41.86 27.54 89.88
CA ASN H 472 -41.70 28.30 91.11
C ASN H 472 -40.31 28.06 91.66
N PRO H 473 -39.46 29.07 91.80
CA PRO H 473 -38.10 28.82 92.30
C PRO H 473 -38.04 28.50 93.78
N MET H 474 -39.09 28.79 94.53
CA MET H 474 -39.12 28.43 95.94
C MET H 474 -39.51 26.97 96.17
N THR H 475 -39.91 26.25 95.12
CA THR H 475 -40.10 24.81 95.19
C THR H 475 -39.29 24.04 94.16
N ASN H 476 -38.72 24.73 93.16
CA ASN H 476 -38.08 24.14 91.97
C ASN H 476 -39.00 23.14 91.27
N ALA H 477 -40.30 23.46 91.25
CA ALA H 477 -41.31 22.63 90.64
C ALA H 477 -42.54 23.48 90.37
N GLN H 478 -43.56 22.87 89.79
CA GLN H 478 -44.85 23.51 89.55
C GLN H 478 -45.81 23.22 90.71
N SER H 479 -45.39 23.61 91.91
CA SER H 479 -46.15 23.32 93.10
C SER H 479 -46.00 24.47 94.08
N CYS H 480 -46.85 24.46 95.09
CA CYS H 480 -46.83 25.43 96.16
C CYS H 480 -45.88 24.99 97.26
N PRO H 481 -45.38 25.91 98.08
CA PRO H 481 -44.61 25.50 99.25
C PRO H 481 -45.50 24.95 100.36
N ALA H 482 -44.90 24.65 101.52
CA ALA H 482 -45.60 23.98 102.62
C ALA H 482 -46.65 24.91 103.22
N GLY H 483 -47.92 24.62 102.93
CA GLY H 483 -49.02 25.36 103.52
C GLY H 483 -49.44 26.56 102.70
N TYR H 484 -49.50 26.41 101.38
CA TYR H 484 -49.77 27.49 100.46
C TYR H 484 -50.83 27.06 99.44
N PHE H 485 -51.76 27.95 99.14
CA PHE H 485 -52.78 27.63 98.15
C PHE H 485 -52.68 28.57 96.95
N PRO H 486 -52.83 28.07 95.74
CA PRO H 486 -52.60 28.92 94.56
C PRO H 486 -53.83 29.71 94.19
N LEU H 487 -53.60 30.85 93.55
CA LEU H 487 -54.67 31.69 93.04
C LEU H 487 -54.51 31.77 91.53
N ARG H 488 -55.55 31.39 90.80
CA ARG H 488 -55.45 31.36 89.35
C ARG H 488 -55.50 32.76 88.76
N LEU H 489 -54.73 32.95 87.69
CA LEU H 489 -54.61 34.23 87.03
C LEU H 489 -54.59 33.91 85.53
N PHE H 490 -54.10 34.84 84.72
CA PHE H 490 -54.58 35.18 83.36
C PHE H 490 -55.08 34.00 82.53
N GLU H 491 -54.21 33.08 82.25
CA GLU H 491 -54.61 31.79 81.69
C GLU H 491 -53.97 30.63 82.43
N ASN H 492 -52.73 30.79 82.88
CA ASN H 492 -52.00 29.69 83.49
C ASN H 492 -51.24 30.06 84.75
N LEU H 493 -51.22 31.33 85.15
CA LEU H 493 -50.50 31.70 86.37
C LEU H 493 -51.23 31.20 87.60
N LYS H 494 -50.45 30.67 88.53
CA LYS H 494 -50.95 30.25 89.83
C LYS H 494 -50.04 30.89 90.87
N VAL H 495 -50.57 31.89 91.56
CA VAL H 495 -49.81 32.66 92.54
C VAL H 495 -49.98 32.01 93.91
N CYS H 496 -48.87 31.57 94.50
CA CYS H 496 -48.94 30.86 95.77
C CYS H 496 -49.11 31.85 96.91
N VAL H 497 -49.98 31.52 97.85
CA VAL H 497 -50.53 32.48 98.81
C VAL H 497 -50.81 31.77 100.14
N SER H 498 -50.31 32.33 101.24
CA SER H 498 -50.69 31.88 102.58
C SER H 498 -50.77 33.08 103.50
N GLN H 499 -51.75 33.07 104.41
CA GLN H 499 -51.95 34.12 105.39
C GLN H 499 -51.87 33.57 106.81
N ASP H 500 -50.94 32.64 107.04
CA ASP H 500 -50.84 31.95 108.32
C ASP H 500 -49.93 32.66 109.32
N TYR H 501 -48.92 33.39 108.84
CA TYR H 501 -47.99 34.25 109.59
C TYR H 501 -47.03 33.47 110.50
N GLU H 502 -47.19 32.16 110.61
CA GLU H 502 -46.29 31.32 111.38
C GLU H 502 -45.63 30.25 110.54
N LEU H 503 -46.42 29.45 109.84
CA LEU H 503 -45.87 28.47 108.91
C LEU H 503 -45.63 29.05 107.53
N GLY H 504 -46.08 30.27 107.29
CA GLY H 504 -45.86 30.92 106.00
C GLY H 504 -44.65 31.82 105.98
N SER H 505 -44.17 32.21 107.16
CA SER H 505 -43.04 33.12 107.25
C SER H 505 -41.70 32.45 106.95
N ARG H 506 -41.66 31.13 106.84
CA ARG H 506 -40.42 30.48 106.40
C ARG H 506 -40.16 30.75 104.93
N PHE H 507 -41.20 30.78 104.12
CA PHE H 507 -41.08 30.91 102.68
C PHE H 507 -41.54 32.26 102.15
N ALA H 508 -41.98 33.17 103.02
CA ALA H 508 -42.48 34.45 102.57
C ALA H 508 -41.36 35.34 102.05
N VAL H 509 -41.53 35.83 100.83
CA VAL H 509 -40.54 36.69 100.19
C VAL H 509 -41.04 38.13 100.21
N PRO H 510 -40.16 39.13 100.22
CA PRO H 510 -40.62 40.51 100.09
C PRO H 510 -41.16 40.75 98.68
N PHE H 511 -42.41 41.17 98.61
CA PHE H 511 -43.09 41.35 97.33
C PHE H 511 -43.04 42.81 96.92
N GLY H 512 -42.92 43.05 95.62
CA GLY H 512 -42.75 44.39 95.13
C GLY H 512 -43.86 44.94 94.26
N GLY H 513 -44.53 44.09 93.49
CA GLY H 513 -45.63 44.53 92.66
C GLY H 513 -45.59 43.92 91.28
N PHE H 514 -46.73 43.98 90.59
CA PHE H 514 -46.86 43.55 89.22
C PHE H 514 -46.88 44.76 88.29
N PHE H 515 -46.39 44.55 87.07
CA PHE H 515 -46.60 45.52 85.99
C PHE H 515 -46.53 44.79 84.66
N SER H 516 -47.08 45.41 83.64
CA SER H 516 -47.16 44.79 82.32
C SER H 516 -46.76 45.83 81.29
N CYS H 517 -47.00 45.50 80.02
CA CYS H 517 -46.62 46.41 78.94
C CYS H 517 -47.56 47.60 78.81
N THR H 518 -48.69 47.58 79.50
CA THR H 518 -49.66 48.66 79.42
C THR H 518 -49.86 49.42 80.72
N VAL H 519 -49.61 48.79 81.87
CA VAL H 519 -49.87 49.42 83.16
C VAL H 519 -48.58 49.37 83.97
N GLY H 520 -48.45 50.32 84.90
CA GLY H 520 -47.32 50.34 85.81
C GLY H 520 -47.74 50.11 87.25
N ASN H 521 -46.81 49.68 88.08
CA ASN H 521 -47.22 49.56 89.48
C ASN H 521 -47.19 50.91 90.18
N PRO H 522 -48.12 51.17 91.07
CA PRO H 522 -48.14 52.47 91.77
C PRO H 522 -47.29 52.48 93.03
N LEU H 523 -46.37 51.53 93.17
CA LEU H 523 -45.55 51.43 94.36
C LEU H 523 -44.20 52.10 94.20
N VAL H 524 -44.08 53.02 93.25
CA VAL H 524 -42.83 53.73 92.99
C VAL H 524 -42.99 55.23 93.21
N ASP H 525 -44.13 55.82 92.86
CA ASP H 525 -44.28 57.27 92.90
C ASP H 525 -44.54 57.80 94.31
N PRO H 526 -45.42 57.19 95.15
CA PRO H 526 -45.37 57.74 96.51
C PRO H 526 -44.27 57.10 97.35
N PRO H 535 -49.59 58.56 84.46
CA PRO H 535 -49.83 57.45 85.39
C PRO H 535 -48.56 56.96 86.08
N SER H 536 -48.42 55.65 86.22
CA SER H 536 -47.31 55.07 86.95
C SER H 536 -46.07 54.98 86.04
N LEU H 537 -45.05 54.26 86.51
CA LEU H 537 -43.75 54.27 85.87
C LEU H 537 -43.34 52.93 85.28
N LYS H 538 -43.98 51.82 85.69
CA LYS H 538 -43.65 50.41 85.34
C LYS H 538 -42.16 50.09 85.45
N LYS H 539 -41.48 50.73 86.39
CA LYS H 539 -40.07 50.44 86.58
C LYS H 539 -39.85 49.30 87.58
N CYS H 540 -40.03 49.58 88.87
CA CYS H 540 -39.67 48.75 90.01
C CYS H 540 -40.04 49.58 91.24
N PRO H 541 -40.12 49.02 92.45
CA PRO H 541 -40.18 49.91 93.62
C PRO H 541 -38.84 50.55 93.94
N GLY H 542 -37.74 49.84 93.78
CA GLY H 542 -36.45 50.34 94.17
C GLY H 542 -35.82 49.47 95.23
N GLY H 543 -34.71 48.81 94.88
CA GLY H 543 -34.14 47.78 95.70
C GLY H 543 -34.60 46.38 95.30
N PHE H 544 -35.79 46.27 94.73
CA PHE H 544 -36.31 45.00 94.25
C PHE H 544 -35.72 44.69 92.88
N SER H 545 -36.08 43.54 92.32
CA SER H 545 -35.57 43.10 91.04
C SER H 545 -36.72 42.63 90.17
N GLN H 546 -36.77 43.08 88.93
CA GLN H 546 -37.79 42.64 88.00
C GLN H 546 -37.56 41.18 87.62
N HIS H 547 -38.64 40.42 87.54
CA HIS H 547 -38.57 39.08 87.05
C HIS H 547 -39.81 38.85 86.22
N PRO H 548 -39.69 38.19 85.08
CA PRO H 548 -40.84 38.04 84.19
C PRO H 548 -41.72 36.87 84.59
N ALA H 549 -43.02 37.12 84.53
CA ALA H 549 -44.04 36.07 84.53
C ALA H 549 -44.26 35.67 83.07
N LEU H 550 -45.36 34.98 82.78
CA LEU H 550 -45.60 34.53 81.42
C LEU H 550 -45.89 35.69 80.47
N ILE H 551 -46.02 35.35 79.19
CA ILE H 551 -46.33 36.30 78.13
C ILE H 551 -47.76 36.03 77.67
N SER H 552 -48.62 37.03 77.79
CA SER H 552 -50.03 36.92 77.40
C SER H 552 -50.20 37.54 76.02
N ASP H 553 -49.86 36.74 75.00
CA ASP H 553 -50.08 37.05 73.58
C ASP H 553 -49.38 38.33 73.15
N GLY H 554 -48.07 38.39 73.38
CA GLY H 554 -47.26 39.50 72.96
C GLY H 554 -46.96 40.52 74.03
N CYS H 555 -47.68 40.50 75.14
CA CYS H 555 -47.43 41.41 76.26
C CYS H 555 -46.79 40.64 77.41
N GLN H 556 -45.84 41.27 78.07
CA GLN H 556 -45.05 40.63 79.11
C GLN H 556 -45.46 41.16 80.48
N VAL H 557 -45.77 40.25 81.39
CA VAL H 557 -46.12 40.59 82.76
C VAL H 557 -44.92 40.32 83.64
N SER H 558 -44.54 41.29 84.46
CA SER H 558 -43.36 41.18 85.30
C SER H 558 -43.70 41.46 86.75
N TYR H 559 -42.91 40.89 87.66
CA TYR H 559 -43.14 41.04 89.10
C TYR H 559 -41.82 41.28 89.80
N CYS H 560 -41.89 42.02 90.91
CA CYS H 560 -40.70 42.46 91.63
C CYS H 560 -40.57 41.72 92.96
N VAL H 561 -39.31 41.45 93.35
CA VAL H 561 -39.02 40.64 94.52
C VAL H 561 -37.59 40.96 94.94
N LYS H 562 -37.27 40.71 96.22
CA LYS H 562 -35.95 41.03 96.77
C LYS H 562 -35.43 39.85 97.58
N SER H 563 -35.39 38.66 96.97
CA SER H 563 -34.82 37.54 97.71
C SER H 563 -33.30 37.54 97.63
N GLY H 564 -32.78 37.47 96.41
CA GLY H 564 -31.43 37.04 96.14
C GLY H 564 -31.37 35.63 95.62
N LEU H 565 -32.38 34.82 95.92
CA LEU H 565 -32.51 33.50 95.32
C LEU H 565 -32.97 33.60 93.88
N PHE H 566 -33.84 34.57 93.58
CA PHE H 566 -34.31 34.78 92.22
C PHE H 566 -33.22 35.35 91.33
N THR H 567 -32.26 36.07 91.91
CA THR H 567 -31.29 36.83 91.13
C THR H 567 -30.18 35.93 90.57
N GLY H 568 -29.44 35.26 91.44
CA GLY H 568 -28.24 34.56 91.04
C GLY H 568 -28.51 33.28 90.27
N GLY H 569 -27.41 32.59 89.96
CA GLY H 569 -27.48 31.37 89.17
C GLY H 569 -26.46 31.41 88.05
N SER H 570 -26.90 31.11 86.83
CA SER H 570 -26.11 31.32 85.63
C SER H 570 -26.82 32.33 84.74
N LEU H 571 -26.12 32.82 83.75
CA LEU H 571 -26.72 33.73 82.79
C LEU H 571 -27.66 32.97 81.87
N PRO H 572 -28.90 33.41 81.71
CA PRO H 572 -29.86 32.68 80.89
C PRO H 572 -29.54 32.86 79.42
N PRO H 573 -29.98 31.95 78.56
CA PRO H 573 -29.88 32.18 77.12
C PRO H 573 -30.96 33.15 76.66
N ALA H 574 -30.89 33.50 75.38
CA ALA H 574 -31.88 34.39 74.82
C ALA H 574 -33.20 33.67 74.62
N ARG H 575 -34.30 34.39 74.83
CA ARG H 575 -35.60 33.91 74.41
C ARG H 575 -35.75 34.05 72.91
N LEU H 576 -35.86 32.92 72.22
CA LEU H 576 -35.93 32.99 70.79
C LEU H 576 -37.39 33.07 70.35
N PRO H 577 -37.66 33.64 69.18
CA PRO H 577 -39.03 33.65 68.65
C PRO H 577 -39.46 32.23 68.25
N PRO H 578 -40.76 32.00 67.98
CA PRO H 578 -41.97 32.81 68.06
C PRO H 578 -42.45 32.94 69.48
N PHE H 579 -43.05 34.08 69.79
CA PHE H 579 -43.57 34.34 71.12
C PHE H 579 -45.08 34.20 71.19
N THR H 580 -45.73 34.04 70.05
CA THR H 580 -47.15 33.75 69.98
C THR H 580 -47.34 32.37 69.37
N ARG H 581 -48.58 31.92 69.35
CA ARG H 581 -48.97 30.67 68.72
C ARG H 581 -50.00 30.96 67.65
N PRO H 582 -50.12 30.13 66.62
CA PRO H 582 -51.16 30.33 65.64
C PRO H 582 -52.53 30.07 66.23
N PRO H 583 -53.54 30.85 65.85
CA PRO H 583 -54.82 30.80 66.56
C PRO H 583 -55.64 29.59 66.18
N LEU H 584 -56.71 29.39 66.93
CA LEU H 584 -57.63 28.28 66.69
C LEU H 584 -58.62 28.64 65.59
N MET H 585 -59.01 27.62 64.82
CA MET H 585 -59.91 27.77 63.70
C MET H 585 -61.06 26.80 63.86
N SER H 586 -62.24 27.20 63.40
CA SER H 586 -63.39 26.31 63.45
C SER H 586 -63.38 25.36 62.25
N GLN H 587 -63.66 24.09 62.53
CA GLN H 587 -63.39 22.98 61.63
C GLN H 587 -64.64 22.13 61.46
N ALA H 588 -64.55 21.15 60.57
CA ALA H 588 -65.62 20.19 60.33
C ALA H 588 -65.02 18.97 59.66
N ALA H 589 -65.47 17.78 60.06
CA ALA H 589 -64.94 16.54 59.52
C ALA H 589 -66.06 15.54 59.36
N THR H 590 -66.22 15.01 58.15
CA THR H 590 -67.28 14.05 57.84
C THR H 590 -66.67 12.73 57.40
N ASN H 591 -67.47 11.66 57.55
CA ASN H 591 -67.07 10.30 57.19
C ASN H 591 -68.31 9.59 56.67
N THR H 592 -68.43 9.47 55.34
CA THR H 592 -69.52 8.73 54.74
C THR H 592 -69.05 7.34 54.37
N VAL H 593 -69.78 6.32 54.81
CA VAL H 593 -69.46 4.92 54.54
C VAL H 593 -70.63 4.30 53.80
N ILE H 594 -70.36 3.65 52.68
CA ILE H 594 -71.36 2.89 51.93
C ILE H 594 -71.02 1.41 52.08
N VAL H 595 -72.00 0.62 52.51
CA VAL H 595 -71.80 -0.81 52.75
C VAL H 595 -72.81 -1.55 51.87
N THR H 596 -72.32 -2.32 50.90
CA THR H 596 -73.21 -3.19 50.14
C THR H 596 -73.35 -4.50 50.90
N ASN H 597 -74.58 -4.84 51.26
CA ASN H 597 -74.87 -6.02 52.06
C ASN H 597 -75.08 -7.26 51.20
N SER H 598 -74.69 -7.21 49.93
CA SER H 598 -75.03 -8.30 49.02
C SER H 598 -74.08 -8.36 47.85
N GLU H 599 -73.89 -9.56 47.32
CA GLU H 599 -73.40 -9.74 45.97
C GLU H 599 -74.58 -9.57 45.01
N ASN H 600 -74.30 -9.71 43.71
CA ASN H 600 -75.24 -9.41 42.63
C ASN H 600 -75.77 -7.99 42.75
N ALA H 601 -74.85 -7.06 43.02
CA ALA H 601 -75.20 -5.65 43.21
C ALA H 601 -73.98 -4.84 42.79
N ARG H 602 -74.04 -4.28 41.60
CA ARG H 602 -72.93 -3.48 41.09
C ARG H 602 -73.15 -2.01 41.43
N SER H 603 -72.08 -1.23 41.30
CA SER H 603 -72.13 0.17 41.66
C SER H 603 -71.09 0.92 40.85
N TRP H 604 -71.46 2.08 40.32
CA TRP H 604 -70.55 2.96 39.61
C TRP H 604 -70.51 4.30 40.32
N ILE H 605 -69.32 4.85 40.47
CA ILE H 605 -69.11 6.07 41.23
C ILE H 605 -68.28 7.04 40.39
N LYS H 606 -68.73 8.27 40.28
CA LYS H 606 -67.97 9.36 39.67
C LYS H 606 -67.65 10.35 40.78
N ASP H 607 -66.37 10.43 41.15
CA ASP H 607 -65.98 11.11 42.39
C ASP H 607 -66.10 12.62 42.30
N SER H 608 -65.81 13.19 41.13
CA SER H 608 -65.93 14.62 40.92
C SER H 608 -66.14 14.87 39.44
N GLN H 609 -66.18 16.15 39.06
CA GLN H 609 -66.42 16.50 37.67
C GLN H 609 -65.21 16.21 36.79
N THR H 610 -64.02 16.11 37.36
CA THR H 610 -62.84 15.78 36.59
C THR H 610 -62.55 14.30 36.55
N HIS H 611 -63.08 13.52 37.48
CA HIS H 611 -62.91 12.08 37.46
C HIS H 611 -63.73 11.45 36.34
N GLN H 612 -63.41 10.20 36.03
CA GLN H 612 -64.23 9.38 35.17
C GLN H 612 -65.05 8.43 36.02
N TRP H 613 -66.04 7.80 35.38
CA TRP H 613 -66.85 6.81 36.08
C TRP H 613 -66.00 5.61 36.46
N ARG H 614 -66.21 5.14 37.68
CA ARG H 614 -65.35 4.17 38.31
C ARG H 614 -66.23 3.07 38.88
N LEU H 615 -65.78 1.82 38.74
CA LEU H 615 -66.53 0.72 39.30
C LEU H 615 -66.40 0.71 40.81
N GLY H 616 -67.52 0.64 41.50
CA GLY H 616 -67.51 0.77 42.94
C GLY H 616 -67.12 -0.49 43.67
N GLU H 617 -66.77 -0.31 44.94
CA GLU H 617 -66.33 -1.33 45.88
C GLU H 617 -67.38 -1.50 46.97
N PRO H 618 -67.36 -2.62 47.71
CA PRO H 618 -68.38 -2.81 48.75
C PRO H 618 -68.27 -1.87 49.93
N ILE H 619 -67.07 -1.41 50.31
CA ILE H 619 -66.90 -0.41 51.35
C ILE H 619 -66.15 0.76 50.74
N GLU H 620 -66.70 1.97 50.88
CA GLU H 620 -66.15 3.13 50.19
C GLU H 620 -65.32 4.06 51.08
N LEU H 621 -65.91 4.63 52.13
CA LEU H 621 -65.25 5.49 53.12
C LEU H 621 -64.63 6.74 52.47
N ARG H 622 -65.51 7.64 52.05
CA ARG H 622 -65.11 9.00 51.70
C ARG H 622 -64.80 9.80 52.98
N ARG H 623 -63.87 10.75 52.87
CA ARG H 623 -63.52 11.63 53.98
C ARG H 623 -63.39 13.07 53.50
N ALA H 624 -63.67 14.00 54.40
CA ALA H 624 -63.56 15.42 54.09
C ALA H 624 -63.23 16.19 55.36
N MET H 625 -62.37 17.21 55.23
CA MET H 625 -62.04 18.10 56.33
C MET H 625 -62.18 19.53 55.86
N ASN H 626 -63.05 20.29 56.52
CA ASN H 626 -63.40 21.64 56.11
C ASN H 626 -62.95 22.62 57.19
N VAL H 627 -62.12 23.59 56.81
CA VAL H 627 -61.58 24.59 57.73
C VAL H 627 -62.01 25.95 57.23
N ILE H 628 -62.41 26.84 58.15
CA ILE H 628 -62.65 28.23 57.83
C ILE H 628 -61.80 29.11 58.74
N HIS H 629 -61.07 30.06 58.14
CA HIS H 629 -60.21 30.99 58.86
C HIS H 629 -61.05 32.11 59.43
N GLY H 630 -61.24 32.12 60.74
CA GLY H 630 -61.99 33.17 61.40
C GLY H 630 -63.50 33.10 61.18
N ASP I 10 -24.16 5.35 34.21
CA ASP I 10 -24.43 6.47 35.11
C ASP I 10 -23.94 6.18 36.53
N GLU I 11 -24.01 7.19 37.38
CA GLU I 11 -23.52 7.10 38.76
C GLU I 11 -24.20 8.21 39.55
N VAL I 12 -24.67 7.89 40.75
CA VAL I 12 -25.48 8.81 41.54
C VAL I 12 -24.91 8.93 42.95
N GLY I 13 -25.48 9.88 43.69
CA GLY I 13 -25.23 9.96 45.11
C GLY I 13 -23.92 10.65 45.45
N VAL I 14 -23.33 10.22 46.57
CA VAL I 14 -22.11 10.82 47.08
C VAL I 14 -20.93 10.44 46.21
N GLN I 15 -20.95 9.23 45.64
CA GLN I 15 -19.79 8.70 44.95
C GLN I 15 -19.57 9.37 43.59
N LYS I 16 -20.63 9.92 43.00
CA LYS I 16 -20.44 10.78 41.83
C LYS I 16 -19.66 12.04 42.20
N CYS I 17 -19.93 12.59 43.39
CA CYS I 17 -19.21 13.77 43.84
C CYS I 17 -17.76 13.43 44.18
N LYS I 18 -17.52 12.25 44.74
CA LYS I 18 -16.18 11.89 45.17
C LYS I 18 -15.27 11.59 44.00
N ASN I 19 -15.81 11.09 42.89
CA ASN I 19 -14.98 10.76 41.75
C ASN I 19 -14.60 12.00 40.96
N ALA I 20 -15.48 12.99 40.91
CA ALA I 20 -15.19 14.20 40.14
C ALA I 20 -14.30 15.17 40.92
N LEU I 21 -14.32 15.11 42.24
CA LEU I 21 -13.64 16.11 43.06
C LEU I 21 -12.46 15.55 43.84
N LYS I 22 -12.52 14.27 44.24
CA LYS I 22 -11.45 13.56 44.96
C LYS I 22 -11.08 14.24 46.27
N LEU I 23 -12.09 14.44 47.12
CA LEU I 23 -11.90 15.05 48.41
C LEU I 23 -13.01 14.56 49.33
N PRO I 24 -12.75 14.45 50.65
CA PRO I 24 -13.71 13.77 51.52
C PRO I 24 -15.00 14.53 51.78
N VAL I 25 -15.90 13.90 52.52
CA VAL I 25 -17.20 14.46 52.85
C VAL I 25 -17.15 14.92 54.30
N LEU I 26 -17.81 16.03 54.61
CA LEU I 26 -17.80 16.55 55.97
C LEU I 26 -18.64 15.64 56.85
N GLU I 27 -18.00 15.00 57.83
CA GLU I 27 -18.63 13.94 58.60
C GLU I 27 -19.48 14.44 59.74
N VAL I 28 -19.61 15.74 59.93
CA VAL I 28 -20.32 16.32 61.06
C VAL I 28 -21.54 17.04 60.50
N LEU I 29 -22.69 16.39 60.50
CA LEU I 29 -23.82 16.97 59.80
C LEU I 29 -25.03 17.15 60.71
N PRO I 30 -25.79 18.22 60.52
CA PRO I 30 -26.99 18.40 61.34
C PRO I 30 -28.20 17.74 60.70
N GLY I 31 -29.36 17.87 61.33
CA GLY I 31 -30.57 17.25 60.83
C GLY I 31 -30.85 15.87 61.37
N GLY I 32 -30.07 15.37 62.31
CA GLY I 32 -30.35 14.10 62.93
C GLY I 32 -31.13 14.25 64.20
N GLY I 33 -31.65 13.15 64.69
CA GLY I 33 -32.36 13.15 65.94
C GLY I 33 -31.41 13.19 67.12
N TRP I 34 -31.93 13.63 68.26
CA TRP I 34 -31.08 13.83 69.42
C TRP I 34 -31.87 13.53 70.67
N ASP I 35 -31.46 12.52 71.42
CA ASP I 35 -31.99 12.27 72.75
C ASP I 35 -31.32 13.24 73.71
N ASN I 36 -32.11 14.12 74.30
CA ASN I 36 -31.56 15.18 75.13
C ASN I 36 -31.44 14.77 76.59
N LEU I 37 -31.90 13.58 76.97
CA LEU I 37 -31.61 13.07 78.30
C LEU I 37 -30.29 12.31 78.34
N ARG I 38 -30.00 11.52 77.32
CA ARG I 38 -28.83 10.68 77.31
C ARG I 38 -27.66 11.29 76.55
N ASN I 39 -27.89 12.40 75.84
CA ASN I 39 -26.95 13.04 74.92
C ASN I 39 -26.37 12.06 73.90
N VAL I 40 -27.26 11.28 73.29
CA VAL I 40 -26.90 10.44 72.17
C VAL I 40 -27.68 10.93 70.97
N ASP I 41 -27.20 10.61 69.78
CA ASP I 41 -27.88 11.02 68.57
C ASP I 41 -28.55 9.84 67.88
N MET I 42 -29.69 10.12 67.30
CA MET I 42 -30.69 9.20 66.84
C MET I 42 -30.69 9.08 65.33
N GLY I 43 -31.74 8.46 64.80
CA GLY I 43 -31.91 8.39 63.36
C GLY I 43 -32.12 9.75 62.72
N ARG I 44 -31.92 9.76 61.40
CA ARG I 44 -31.85 10.98 60.61
C ARG I 44 -33.25 11.49 60.29
N VAL I 45 -33.53 12.74 60.63
CA VAL I 45 -34.86 13.32 60.47
C VAL I 45 -34.98 14.10 59.16
N MET I 46 -33.92 14.81 58.76
CA MET I 46 -33.94 15.57 57.52
C MET I 46 -33.38 14.74 56.38
N GLU I 47 -33.52 15.26 55.17
CA GLU I 47 -33.07 14.54 53.98
C GLU I 47 -31.74 15.09 53.51
N LEU I 48 -30.79 14.19 53.30
CA LEU I 48 -29.45 14.56 52.82
C LEU I 48 -29.30 14.15 51.37
N THR I 49 -29.17 15.12 50.48
CA THR I 49 -28.99 14.88 49.06
C THR I 49 -27.66 15.45 48.59
N TYR I 50 -27.07 14.82 47.59
CA TYR I 50 -25.77 15.19 47.05
C TYR I 50 -25.86 15.41 45.55
N SER I 51 -26.89 16.14 45.13
CA SER I 51 -27.14 16.28 43.70
C SER I 51 -26.27 17.35 43.05
N ASN I 52 -25.92 18.41 43.78
CA ASN I 52 -25.31 19.58 43.19
C ASN I 52 -23.80 19.66 43.36
N CYS I 53 -23.19 18.65 44.00
CA CYS I 53 -21.74 18.52 44.18
C CYS I 53 -21.15 19.73 44.91
N ARG I 54 -21.86 20.22 45.93
CA ARG I 54 -21.40 21.39 46.65
C ARG I 54 -20.21 21.06 47.53
N THR I 55 -19.30 22.01 47.65
CA THR I 55 -18.19 21.91 48.57
C THR I 55 -18.23 23.07 49.53
N THR I 56 -17.38 23.01 50.55
CA THR I 56 -17.18 24.19 51.37
C THR I 56 -16.41 25.23 50.56
N GLU I 57 -16.47 26.48 51.05
CA GLU I 57 -15.93 27.60 50.29
C GLU I 57 -14.41 27.53 50.19
N ASP I 58 -13.74 26.91 51.15
CA ASP I 58 -12.32 26.66 51.02
C ASP I 58 -12.01 25.42 50.19
N GLY I 59 -13.02 24.65 49.82
CA GLY I 59 -12.85 23.56 48.87
C GLY I 59 -12.18 22.33 49.42
N GLN I 60 -12.57 21.88 50.60
CA GLN I 60 -11.95 20.71 51.20
C GLN I 60 -12.92 19.66 51.71
N TYR I 61 -14.22 19.91 51.66
CA TYR I 61 -15.18 18.91 52.06
C TYR I 61 -16.39 18.99 51.15
N ILE I 62 -16.90 17.84 50.74
CA ILE I 62 -18.19 17.75 50.08
C ILE I 62 -19.28 17.86 51.12
N ILE I 63 -20.25 18.74 50.89
CA ILE I 63 -21.37 18.94 51.81
C ILE I 63 -22.66 18.70 51.04
N PRO I 64 -23.74 18.36 51.74
CA PRO I 64 -25.04 18.25 51.07
C PRO I 64 -25.56 19.60 50.58
N ASP I 65 -26.65 19.53 49.83
CA ASP I 65 -27.15 20.69 49.09
C ASP I 65 -27.88 21.69 49.98
N GLU I 66 -28.57 21.19 51.00
CA GLU I 66 -29.41 21.95 51.91
C GLU I 66 -28.65 22.47 53.12
N ILE I 67 -27.33 22.36 53.13
CA ILE I 67 -26.53 22.66 54.29
C ILE I 67 -25.51 23.71 53.90
N PHE I 68 -25.46 24.80 54.66
CA PHE I 68 -24.42 25.80 54.49
C PHE I 68 -23.48 25.77 55.69
N THR I 69 -22.22 26.09 55.43
CA THR I 69 -21.20 26.07 56.45
C THR I 69 -20.71 27.49 56.69
N ILE I 70 -20.21 27.73 57.89
CA ILE I 70 -19.63 29.01 58.27
C ILE I 70 -18.18 28.76 58.64
N PRO I 71 -17.22 29.31 57.93
CA PRO I 71 -15.81 29.15 58.33
C PRO I 71 -15.48 30.05 59.49
N GLN I 72 -15.26 29.45 60.65
CA GLN I 72 -14.76 30.19 61.79
C GLN I 72 -13.66 29.36 62.44
N LYS I 73 -12.45 29.54 61.91
CA LYS I 73 -11.32 28.69 62.22
C LYS I 73 -10.70 29.21 63.51
N GLN I 74 -11.29 28.79 64.61
CA GLN I 74 -11.11 29.41 65.91
C GLN I 74 -10.46 28.41 66.87
N SER I 75 -9.37 28.81 67.50
CA SER I 75 -8.65 27.99 68.44
C SER I 75 -8.66 28.69 69.79
N ASN I 76 -8.92 27.94 70.85
CA ASN I 76 -8.93 28.46 72.20
C ASN I 76 -7.96 27.68 73.06
N LEU I 77 -7.23 28.38 73.91
CA LEU I 77 -6.25 27.72 74.77
C LEU I 77 -6.34 28.35 76.14
N GLU I 78 -6.59 27.55 77.16
CA GLU I 78 -6.70 28.03 78.52
C GLU I 78 -5.40 27.76 79.26
N MET I 79 -4.88 28.77 79.94
CA MET I 79 -3.79 28.60 80.88
C MET I 79 -4.28 28.36 82.29
N ASN I 80 -5.57 28.15 82.45
CA ASN I 80 -6.22 28.06 83.75
C ASN I 80 -7.07 26.80 83.76
N SER I 81 -7.89 26.68 84.77
CA SER I 81 -8.85 25.60 84.89
C SER I 81 -10.22 26.21 85.16
N GLU I 82 -11.20 25.37 85.44
CA GLU I 82 -12.48 25.86 85.92
C GLU I 82 -13.03 24.87 86.93
N ILE I 83 -13.60 25.38 88.00
CA ILE I 83 -13.95 24.58 89.16
C ILE I 83 -15.45 24.36 89.18
N LEU I 84 -15.85 23.10 89.38
CA LEU I 84 -17.26 22.70 89.35
C LEU I 84 -17.50 21.93 90.64
N GLU I 85 -17.80 22.63 91.74
CA GLU I 85 -17.89 21.99 93.05
C GLU I 85 -19.27 21.43 93.36
N SER I 86 -20.13 21.29 92.35
CA SER I 86 -21.45 20.71 92.54
C SER I 86 -21.92 20.16 91.21
N TRP I 87 -22.58 19.00 91.24
CA TRP I 87 -23.06 18.40 90.00
C TRP I 87 -24.39 18.97 89.53
N ALA I 88 -24.99 19.90 90.26
CA ALA I 88 -26.26 20.46 89.82
C ALA I 88 -26.06 21.40 88.63
N ASN I 89 -25.10 22.31 88.73
CA ASN I 89 -24.77 23.21 87.63
C ASN I 89 -23.69 22.57 86.74
N TYR I 90 -24.14 21.57 85.98
CA TYR I 90 -23.26 20.75 85.16
C TYR I 90 -23.11 21.31 83.76
N GLN I 91 -21.88 21.31 83.27
CA GLN I 91 -21.52 21.76 81.93
C GLN I 91 -21.18 20.52 81.11
N SER I 92 -21.83 20.37 79.96
CA SER I 92 -21.71 19.10 79.26
C SER I 92 -20.39 18.95 78.49
N SER I 93 -19.81 20.04 78.03
CA SER I 93 -18.55 20.18 77.27
C SER I 93 -18.59 19.62 75.86
N THR I 94 -19.66 18.97 75.45
CA THR I 94 -19.81 18.60 74.05
C THR I 94 -21.21 18.82 73.49
N SER I 95 -22.20 19.04 74.34
CA SER I 95 -23.57 19.29 73.89
C SER I 95 -24.18 20.36 74.78
N TYR I 96 -23.42 21.42 75.01
CA TYR I 96 -23.79 22.40 76.03
C TYR I 96 -24.94 23.29 75.59
N SER I 97 -24.99 23.66 74.32
CA SER I 97 -25.99 24.62 73.87
C SER I 97 -27.37 24.00 73.71
N ILE I 98 -27.45 22.70 73.45
CA ILE I 98 -28.74 22.06 73.30
C ILE I 98 -29.31 21.62 74.64
N ASN I 99 -28.50 21.53 75.69
CA ASN I 99 -29.04 21.20 76.99
C ASN I 99 -29.52 22.42 77.76
N THR I 100 -29.01 23.61 77.46
CA THR I 100 -29.28 24.79 78.27
C THR I 100 -30.49 25.58 77.79
N GLU I 101 -31.36 24.96 77.01
CA GLU I 101 -32.55 25.60 76.49
C GLU I 101 -33.54 25.95 77.60
N LEU I 102 -34.41 26.92 77.31
CA LEU I 102 -35.41 27.37 78.27
C LEU I 102 -36.65 26.51 78.13
N SER I 103 -36.90 25.66 79.12
CA SER I 103 -38.04 24.76 79.09
C SER I 103 -38.40 24.37 80.52
N LEU I 104 -39.40 23.51 80.64
CA LEU I 104 -39.79 22.98 81.93
C LEU I 104 -38.75 22.02 82.47
N PHE I 105 -38.20 21.18 81.59
CA PHE I 105 -37.31 20.11 81.98
C PHE I 105 -35.87 20.44 81.64
N SER I 106 -35.48 21.70 81.82
CA SER I 106 -34.11 22.10 81.58
C SER I 106 -33.16 21.58 82.65
N LYS I 107 -33.69 21.21 83.82
CA LYS I 107 -32.85 20.65 84.87
C LYS I 107 -32.63 19.15 84.72
N VAL I 108 -33.29 18.51 83.76
CA VAL I 108 -33.19 17.07 83.57
C VAL I 108 -32.41 16.72 82.30
N ASN I 109 -32.12 17.71 81.45
CA ASN I 109 -31.39 17.46 80.21
C ASN I 109 -29.96 17.05 80.49
N GLY I 110 -29.56 15.94 79.91
CA GLY I 110 -28.22 15.42 80.06
C GLY I 110 -27.95 14.61 81.30
N LYS I 111 -28.95 14.39 82.14
CA LYS I 111 -28.75 13.75 83.44
C LYS I 111 -28.70 12.24 83.37
N PHE I 112 -28.75 11.66 82.17
CA PHE I 112 -28.56 10.23 81.99
C PHE I 112 -27.43 9.95 81.04
N SER I 113 -26.62 10.97 80.74
CA SER I 113 -25.45 10.82 79.90
C SER I 113 -24.38 10.07 80.66
N THR I 114 -23.51 9.39 79.91
CA THR I 114 -22.42 8.67 80.56
C THR I 114 -21.39 9.64 81.13
N GLU I 115 -21.28 10.82 80.55
CA GLU I 115 -20.34 11.83 81.02
C GLU I 115 -20.83 12.49 82.30
N PHE I 116 -22.13 12.59 82.49
CA PHE I 116 -22.67 13.11 83.74
C PHE I 116 -22.63 12.06 84.84
N GLN I 117 -23.10 10.85 84.54
CA GLN I 117 -23.20 9.82 85.55
C GLN I 117 -21.85 9.31 85.99
N ARG I 118 -20.81 9.50 85.19
CA ARG I 118 -19.46 9.24 85.66
C ARG I 118 -18.99 10.37 86.55
N MET I 119 -19.44 11.59 86.32
CA MET I 119 -18.96 12.71 87.14
C MET I 119 -19.65 12.74 88.48
N LYS I 120 -20.93 12.41 88.53
CA LYS I 120 -21.70 12.44 89.77
C LYS I 120 -21.22 11.37 90.74
N THR I 121 -20.87 10.20 90.23
CA THR I 121 -20.42 9.13 91.10
C THR I 121 -18.99 9.29 91.58
N LEU I 122 -18.30 10.35 91.17
CA LEU I 122 -16.98 10.67 91.69
C LEU I 122 -17.00 11.81 92.69
N GLN I 123 -18.04 12.64 92.67
CA GLN I 123 -18.17 13.69 93.66
C GLN I 123 -18.91 13.22 94.90
N VAL I 124 -19.60 12.09 94.85
CA VAL I 124 -20.33 11.58 95.99
C VAL I 124 -19.57 10.47 96.68
N LYS I 125 -18.98 9.57 95.90
CA LYS I 125 -18.18 8.48 96.45
C LYS I 125 -16.92 8.99 97.13
N ASP I 126 -16.32 10.05 96.59
CA ASP I 126 -15.03 10.53 97.04
C ASP I 126 -15.10 11.88 97.71
N GLN I 127 -16.30 12.48 97.83
CA GLN I 127 -16.54 13.80 98.42
C GLN I 127 -15.69 14.87 97.74
N ALA I 128 -15.77 14.92 96.41
CA ALA I 128 -14.79 15.61 95.61
C ALA I 128 -15.39 16.81 94.89
N ILE I 129 -14.50 17.64 94.35
CA ILE I 129 -14.82 18.71 93.44
C ILE I 129 -14.14 18.41 92.12
N THR I 130 -14.64 19.00 91.05
CA THR I 130 -14.20 18.67 89.70
C THR I 130 -13.60 19.90 89.04
N THR I 131 -12.44 19.73 88.43
CA THR I 131 -11.81 20.76 87.61
C THR I 131 -11.75 20.30 86.16
N ARG I 132 -11.74 21.26 85.23
CA ARG I 132 -11.69 20.93 83.81
C ARG I 132 -10.83 21.93 83.05
N VAL I 133 -9.83 21.44 82.32
CA VAL I 133 -9.01 22.25 81.43
C VAL I 133 -9.21 21.70 80.03
N GLN I 134 -9.31 22.59 79.04
CA GLN I 134 -9.51 22.09 77.68
C GLN I 134 -8.89 23.01 76.64
N VAL I 135 -8.46 22.40 75.55
CA VAL I 135 -7.99 23.08 74.35
C VAL I 135 -9.00 22.78 73.25
N ARG I 136 -9.80 23.77 72.88
CA ARG I 136 -10.87 23.58 71.91
C ARG I 136 -10.49 24.20 70.59
N ASN I 137 -10.85 23.54 69.50
CA ASN I 137 -10.44 23.93 68.16
C ASN I 137 -11.66 23.84 67.27
N LEU I 138 -12.42 24.93 67.21
CA LEU I 138 -13.62 25.02 66.37
C LEU I 138 -13.25 25.41 64.95
N VAL I 139 -13.68 24.62 63.98
CA VAL I 139 -13.31 24.82 62.59
C VAL I 139 -14.50 25.32 61.76
N TYR I 140 -15.63 24.63 61.83
CA TYR I 140 -16.81 25.03 61.07
C TYR I 140 -18.03 25.11 61.97
N THR I 141 -18.97 25.94 61.56
CA THR I 141 -20.35 25.87 62.01
C THR I 141 -21.19 25.41 60.83
N VAL I 142 -21.93 24.33 61.02
CA VAL I 142 -22.61 23.65 59.94
C VAL I 142 -24.10 23.70 60.25
N LYS I 143 -24.88 24.38 59.41
CA LYS I 143 -26.29 24.62 59.67
C LYS I 143 -27.17 24.07 58.55
N ILE I 144 -28.47 24.09 58.79
CA ILE I 144 -29.48 23.66 57.82
C ILE I 144 -30.18 24.87 57.24
N ASN I 145 -30.39 24.83 55.92
CA ASN I 145 -31.21 25.81 55.24
C ASN I 145 -32.64 25.62 55.70
N PRO I 146 -33.38 26.71 56.04
CA PRO I 146 -34.76 26.54 56.53
C PRO I 146 -35.77 26.00 55.54
N THR I 147 -35.41 25.77 54.28
CA THR I 147 -36.34 25.23 53.28
C THR I 147 -36.05 23.77 52.97
N LEU I 148 -35.71 23.01 54.00
CA LEU I 148 -35.37 21.59 53.87
C LEU I 148 -36.59 20.74 54.14
N GLU I 149 -36.61 19.54 53.57
CA GLU I 149 -37.69 18.58 53.72
C GLU I 149 -37.25 17.38 54.54
N LEU I 150 -38.24 16.61 54.99
CA LEU I 150 -38.05 15.50 55.89
C LEU I 150 -37.46 14.29 55.18
N SER I 151 -36.95 13.36 55.99
CA SER I 151 -36.34 12.16 55.46
C SER I 151 -37.43 11.20 54.97
N SER I 152 -37.00 10.18 54.25
CA SER I 152 -37.94 9.21 53.70
C SER I 152 -38.47 8.27 54.78
N GLY I 153 -37.64 7.91 55.74
CA GLY I 153 -38.06 7.03 56.81
C GLY I 153 -38.88 7.73 57.87
N PHE I 154 -38.53 8.98 58.17
CA PHE I 154 -39.24 9.72 59.21
C PHE I 154 -40.62 10.14 58.74
N ARG I 155 -40.78 10.44 57.45
CA ARG I 155 -42.09 10.78 56.92
C ARG I 155 -43.03 9.59 56.93
N LYS I 156 -42.49 8.39 56.68
CA LYS I 156 -43.31 7.18 56.67
C LYS I 156 -43.88 6.87 58.04
N GLU I 157 -43.11 7.13 59.10
CA GLU I 157 -43.60 6.82 60.43
C GLU I 157 -44.50 7.90 60.99
N LEU I 158 -44.47 9.11 60.42
CA LEU I 158 -45.47 10.11 60.76
C LEU I 158 -46.78 9.85 60.02
N LEU I 159 -46.70 9.28 58.83
CA LEU I 159 -47.90 8.92 58.09
C LEU I 159 -48.60 7.71 58.68
N ASP I 160 -47.87 6.85 59.39
CA ASP I 160 -48.50 5.74 60.08
C ASP I 160 -49.21 6.19 61.36
N ILE I 161 -48.68 7.19 62.04
CA ILE I 161 -49.41 7.83 63.12
C ILE I 161 -50.62 8.57 62.56
N SER I 162 -50.44 9.16 61.38
CA SER I 162 -51.50 9.91 60.73
C SER I 162 -52.70 9.05 60.37
N ASP I 163 -52.46 7.79 59.99
CA ASP I 163 -53.55 6.90 59.63
C ASP I 163 -54.38 6.52 60.85
N ARG I 164 -53.74 6.36 62.00
CA ARG I 164 -54.45 5.96 63.21
C ARG I 164 -55.28 7.10 63.77
N LEU I 165 -54.89 8.35 63.55
CA LEU I 165 -55.72 9.47 63.99
C LEU I 165 -56.94 9.65 63.11
N GLU I 166 -56.89 9.18 61.86
CA GLU I 166 -58.05 9.24 60.98
C GLU I 166 -59.13 8.27 61.44
N ASN I 167 -58.73 7.05 61.77
CA ASN I 167 -59.62 5.96 62.11
C ASN I 167 -60.13 6.00 63.54
N ASN I 168 -59.87 7.09 64.27
CA ASN I 168 -60.20 7.23 65.69
C ASN I 168 -59.60 6.07 66.50
N GLN I 169 -58.30 5.88 66.36
CA GLN I 169 -57.59 4.83 67.08
C GLN I 169 -56.52 5.52 67.90
N THR I 170 -56.92 5.99 69.08
CA THR I 170 -56.08 6.89 69.86
C THR I 170 -55.02 6.12 70.64
N ARG I 171 -55.37 4.95 71.17
CA ARG I 171 -54.42 4.16 71.94
C ARG I 171 -53.34 3.58 71.05
N MET I 172 -53.65 3.31 69.79
CA MET I 172 -52.65 2.75 68.90
C MET I 172 -51.79 3.84 68.28
N ALA I 173 -52.31 5.06 68.20
CA ALA I 173 -51.51 6.20 67.76
C ALA I 173 -50.56 6.67 68.85
N THR I 174 -51.00 6.60 70.11
CA THR I 174 -50.16 6.95 71.24
C THR I 174 -49.00 5.97 71.37
N TYR I 175 -49.24 4.70 71.06
CA TYR I 175 -48.17 3.72 71.06
C TYR I 175 -47.15 4.01 69.97
N LEU I 176 -47.59 4.32 68.76
CA LEU I 176 -46.66 4.59 67.68
C LEU I 176 -45.95 5.93 67.83
N ALA I 177 -46.55 6.88 68.54
CA ALA I 177 -45.88 8.15 68.80
C ALA I 177 -44.70 7.97 69.74
N GLU I 178 -44.79 7.02 70.67
CA GLU I 178 -43.71 6.74 71.59
C GLU I 178 -42.60 5.92 70.96
N LEU I 179 -42.89 5.14 69.94
CA LEU I 179 -41.82 4.50 69.18
C LEU I 179 -41.11 5.46 68.26
N LEU I 180 -41.71 6.61 67.97
CA LEU I 180 -41.02 7.64 67.22
C LEU I 180 -39.94 8.29 68.08
N VAL I 181 -40.18 8.37 69.39
CA VAL I 181 -39.22 8.96 70.31
C VAL I 181 -38.11 7.98 70.66
N LEU I 182 -38.40 6.68 70.66
CA LEU I 182 -37.34 5.68 70.78
C LEU I 182 -36.38 5.76 69.61
N ASN I 183 -36.88 5.97 68.41
CA ASN I 183 -36.05 5.87 67.23
C ASN I 183 -35.46 7.20 66.80
N TYR I 184 -36.08 8.33 67.16
CA TYR I 184 -35.64 9.62 66.68
C TYR I 184 -35.40 10.64 67.76
N GLY I 185 -35.54 10.29 69.02
CA GLY I 185 -35.17 11.21 70.09
C GLY I 185 -36.22 12.25 70.39
N THR I 186 -35.79 13.28 71.10
CA THR I 186 -36.67 14.36 71.51
C THR I 186 -36.39 15.67 70.81
N HIS I 187 -35.29 15.76 70.07
CA HIS I 187 -34.83 16.99 69.46
C HIS I 187 -34.26 16.69 68.09
N VAL I 188 -34.12 17.74 67.28
CA VAL I 188 -33.46 17.67 65.99
C VAL I 188 -32.32 18.68 66.02
N THR I 189 -31.11 18.23 65.70
CA THR I 189 -29.98 19.14 65.69
C THR I 189 -30.07 20.04 64.47
N THR I 190 -30.07 21.34 64.69
CA THR I 190 -30.12 22.28 63.59
C THR I 190 -28.78 22.93 63.29
N SER I 191 -27.86 22.93 64.23
CA SER I 191 -26.50 23.34 63.92
C SER I 191 -25.53 22.53 64.76
N VAL I 192 -24.41 22.17 64.16
CA VAL I 192 -23.32 21.49 64.84
C VAL I 192 -22.05 22.33 64.65
N ASP I 193 -21.15 22.19 65.60
CA ASP I 193 -19.83 22.82 65.55
C ASP I 193 -18.80 21.73 65.31
N ALA I 194 -18.17 21.75 64.15
CA ALA I 194 -17.20 20.73 63.78
C ALA I 194 -15.81 21.14 64.26
N GLY I 195 -15.17 20.26 65.02
CA GLY I 195 -13.84 20.54 65.50
C GLY I 195 -13.32 19.44 66.39
N ALA I 196 -12.31 19.78 67.17
CA ALA I 196 -11.69 18.84 68.08
C ALA I 196 -11.48 19.50 69.43
N ALA I 197 -11.28 18.68 70.46
CA ALA I 197 -11.04 19.19 71.80
C ALA I 197 -10.19 18.20 72.56
N LEU I 198 -9.34 18.72 73.44
CA LEU I 198 -8.52 17.89 74.31
C LEU I 198 -8.81 18.33 75.73
N ILE I 199 -9.34 17.43 76.55
CA ILE I 199 -9.92 17.80 77.84
C ILE I 199 -9.19 17.07 78.96
N GLN I 200 -8.86 17.79 80.02
CA GLN I 200 -8.39 17.28 81.30
C GLN I 200 -9.52 17.35 82.31
N GLU I 201 -9.67 16.32 83.13
CA GLU I 201 -10.71 16.35 84.16
C GLU I 201 -10.16 15.72 85.43
N ASP I 202 -9.74 16.55 86.37
CA ASP I 202 -9.27 16.08 87.65
C ASP I 202 -10.38 16.18 88.69
N HIS I 203 -10.29 15.32 89.69
CA HIS I 203 -11.14 15.39 90.86
C HIS I 203 -10.28 15.60 92.09
N LEU I 204 -10.60 16.63 92.87
CA LEU I 204 -9.84 17.01 94.04
C LEU I 204 -10.74 16.89 95.25
N ARG I 205 -10.16 16.62 96.41
CA ARG I 205 -10.95 16.60 97.64
C ARG I 205 -11.50 17.98 97.94
N ALA I 206 -12.73 18.02 98.45
CA ALA I 206 -13.40 19.29 98.67
C ALA I 206 -12.80 20.07 99.83
N SER I 207 -12.02 19.42 100.69
CA SER I 207 -11.28 20.10 101.74
C SER I 207 -10.12 20.93 101.19
N PHE I 208 -9.63 20.59 100.00
CA PHE I 208 -8.48 21.28 99.43
C PHE I 208 -8.84 22.66 98.89
N LEU I 209 -10.10 22.89 98.57
CA LEU I 209 -10.52 24.18 98.03
C LEU I 209 -10.95 25.17 99.11
N GLN I 210 -11.26 24.69 100.29
CA GLN I 210 -11.85 25.50 101.35
C GLN I 210 -10.88 26.50 102.01
N ASP I 211 -9.69 26.79 101.49
CA ASP I 211 -8.75 27.65 102.19
C ASP I 211 -9.16 29.11 102.12
N SER I 212 -9.20 29.69 100.93
CA SER I 212 -9.59 31.08 100.74
C SER I 212 -9.97 31.30 99.28
N GLN I 213 -10.26 32.55 98.94
CA GLN I 213 -10.48 32.96 97.56
C GLN I 213 -9.19 33.33 96.84
N SER I 214 -8.07 33.36 97.55
CA SER I 214 -6.76 33.50 96.93
C SER I 214 -6.08 32.17 96.72
N SER I 215 -6.48 31.14 97.47
CA SER I 215 -6.02 29.79 97.17
C SER I 215 -6.68 29.26 95.91
N ARG I 216 -7.89 29.75 95.61
CA ARG I 216 -8.64 29.28 94.44
C ARG I 216 -7.93 29.61 93.15
N SER I 217 -7.33 30.79 93.06
CA SER I 217 -6.61 31.17 91.86
C SER I 217 -5.23 30.54 91.76
N ALA I 218 -4.82 29.74 92.73
CA ALA I 218 -3.61 28.95 92.64
C ALA I 218 -3.87 27.47 92.46
N VAL I 219 -4.99 26.96 92.98
CA VAL I 219 -5.49 25.65 92.61
C VAL I 219 -5.78 25.61 91.12
N THR I 220 -6.38 26.67 90.60
CA THR I 220 -6.87 26.73 89.24
C THR I 220 -5.73 26.82 88.23
N ALA I 221 -4.69 27.59 88.54
CA ALA I 221 -3.55 27.70 87.64
C ALA I 221 -2.57 26.58 87.79
N SER I 222 -2.75 25.71 88.80
CA SER I 222 -1.93 24.52 88.92
C SER I 222 -2.43 23.42 88.01
N ALA I 223 -3.75 23.30 87.89
CA ALA I 223 -4.35 22.31 87.02
C ALA I 223 -4.07 22.60 85.55
N GLY I 224 -3.97 23.87 85.17
CA GLY I 224 -3.59 24.21 83.82
C GLY I 224 -2.14 24.00 83.54
N LEU I 225 -1.32 24.00 84.59
CA LEU I 225 0.12 23.74 84.43
C LEU I 225 0.38 22.25 84.30
N ALA I 226 -0.33 21.45 85.08
CA ALA I 226 -0.23 20.00 84.98
C ALA I 226 -0.71 19.49 83.63
N PHE I 227 -1.69 20.16 83.04
CA PHE I 227 -2.21 19.75 81.75
C PHE I 227 -1.22 20.01 80.63
N GLN I 228 -0.49 21.10 80.72
CA GLN I 228 0.52 21.38 79.71
C GLN I 228 1.76 20.52 79.88
N ASN I 229 2.04 20.08 81.11
CA ASN I 229 3.12 19.12 81.30
C ASN I 229 2.76 17.77 80.72
N THR I 230 1.50 17.34 80.91
CA THR I 230 1.07 16.04 80.46
C THR I 230 1.07 15.92 78.94
N VAL I 231 0.75 17.00 78.23
CA VAL I 231 0.83 16.92 76.79
C VAL I 231 2.29 16.95 76.33
N ASN I 232 3.15 17.72 76.97
CA ASN I 232 4.49 17.90 76.43
C ASN I 232 5.49 16.83 76.87
N PHE I 233 5.40 16.29 78.08
CA PHE I 233 6.55 15.63 78.69
C PHE I 233 6.41 14.12 78.93
N LYS I 234 5.90 13.38 77.94
CA LYS I 234 6.33 12.00 77.64
C LYS I 234 6.14 11.00 78.77
N PHE I 235 5.29 11.32 79.75
CA PHE I 235 4.99 10.60 81.00
C PHE I 235 6.17 10.67 82.00
N GLU I 236 7.30 11.20 81.57
CA GLU I 236 8.47 11.23 82.43
C GLU I 236 8.33 12.36 83.45
N GLU I 237 9.21 12.36 84.43
CA GLU I 237 9.27 13.46 85.39
C GLU I 237 10.26 14.52 84.96
N ASN I 238 10.12 14.94 83.71
CA ASN I 238 10.75 16.14 83.18
C ASN I 238 9.85 17.34 83.34
N TYR I 239 8.93 17.30 84.30
CA TYR I 239 7.94 18.35 84.47
C TYR I 239 8.56 19.62 85.03
N THR I 240 7.99 20.75 84.66
CA THR I 240 8.38 22.04 85.20
C THR I 240 7.50 22.39 86.40
N SER I 241 7.58 21.54 87.43
CA SER I 241 6.80 21.71 88.65
C SER I 241 7.29 22.95 89.40
N GLN I 242 6.47 23.99 89.40
CA GLN I 242 6.91 25.32 89.79
C GLN I 242 6.93 25.54 91.30
N ASN I 243 6.15 24.80 92.07
CA ASN I 243 5.96 25.12 93.47
C ASN I 243 5.91 23.83 94.28
N VAL I 244 5.66 24.00 95.58
CA VAL I 244 5.19 22.92 96.43
C VAL I 244 3.68 22.77 96.27
N LEU I 245 3.01 23.82 95.80
CA LEU I 245 1.58 23.78 95.56
C LEU I 245 1.23 22.83 94.42
N THR I 246 2.16 22.63 93.47
CA THR I 246 2.00 21.56 92.49
C THR I 246 2.09 20.20 93.16
N LYS I 247 3.01 20.04 94.11
CA LYS I 247 3.15 18.77 94.80
C LYS I 247 1.99 18.53 95.75
N SER I 248 1.48 19.58 96.39
CA SER I 248 0.31 19.41 97.23
C SER I 248 -0.95 19.21 96.41
N TYR I 249 -0.96 19.66 95.15
CA TYR I 249 -2.10 19.41 94.27
C TYR I 249 -2.25 17.93 93.96
N LEU I 250 -1.13 17.22 93.82
CA LEU I 250 -1.16 15.82 93.42
C LEU I 250 -1.67 14.93 94.54
N SER I 251 -1.43 15.31 95.78
CA SER I 251 -1.79 14.45 96.89
C SER I 251 -3.25 14.54 97.27
N ASN I 252 -3.92 15.64 96.91
CA ASN I 252 -5.36 15.76 97.09
C ASN I 252 -6.14 15.32 95.87
N ARG I 253 -5.46 15.08 94.76
CA ARG I 253 -6.11 14.65 93.52
C ARG I 253 -6.70 13.26 93.67
N THR I 254 -7.96 13.12 93.26
CA THR I 254 -8.62 11.83 93.37
C THR I 254 -8.60 11.02 92.08
N ASN I 255 -8.97 11.58 90.91
CA ASN I 255 -9.14 10.70 89.75
C ASN I 255 -8.25 11.00 88.54
N SER I 256 -8.31 12.19 87.95
CA SER I 256 -7.51 12.60 86.78
C SER I 256 -7.66 11.81 85.48
N ARG I 257 -8.76 11.98 84.75
CA ARG I 257 -8.88 11.47 83.39
C ARG I 257 -8.39 12.50 82.36
N VAL I 258 -7.85 12.01 81.25
CA VAL I 258 -7.52 12.84 80.10
C VAL I 258 -8.30 12.33 78.91
N GLN I 259 -9.06 13.20 78.25
CA GLN I 259 -9.97 12.81 77.20
C GLN I 259 -9.69 13.59 75.93
N SER I 260 -9.57 12.90 74.81
CA SER I 260 -9.45 13.51 73.50
C SER I 260 -10.75 13.28 72.74
N ILE I 261 -11.30 14.33 72.15
CA ILE I 261 -12.54 14.25 71.38
C ILE I 261 -12.22 14.78 69.99
N GLY I 262 -12.11 13.89 69.02
CA GLY I 262 -11.72 14.28 67.68
C GLY I 262 -10.22 14.36 67.54
N GLY I 263 -9.78 14.48 66.31
CA GLY I 263 -8.36 14.52 66.07
C GLY I 263 -7.74 13.15 66.15
N VAL I 264 -6.42 13.14 66.36
CA VAL I 264 -5.66 11.90 66.54
C VAL I 264 -5.78 11.48 67.99
N PRO I 265 -5.58 10.19 68.32
CA PRO I 265 -5.69 9.77 69.72
C PRO I 265 -4.57 10.35 70.58
N PHE I 266 -4.93 10.72 71.80
CA PHE I 266 -3.97 11.31 72.71
C PHE I 266 -3.10 10.24 73.34
N TYR I 267 -1.83 10.56 73.52
CA TYR I 267 -0.90 9.83 74.36
C TYR I 267 -0.04 10.86 75.06
N PRO I 268 0.38 10.60 76.30
CA PRO I 268 1.17 11.59 77.02
C PRO I 268 2.54 11.78 76.41
N GLY I 269 2.75 12.93 75.78
CA GLY I 269 3.97 13.14 75.03
C GLY I 269 3.76 13.71 73.65
N ILE I 270 2.54 13.62 73.12
CA ILE I 270 2.25 14.28 71.86
C ILE I 270 2.20 15.78 72.11
N THR I 271 3.01 16.54 71.39
CA THR I 271 3.07 17.95 71.66
C THR I 271 1.79 18.64 71.18
N LEU I 272 1.56 19.84 71.67
CA LEU I 272 0.35 20.56 71.30
C LEU I 272 0.38 20.96 69.84
N GLN I 273 1.57 21.17 69.29
CA GLN I 273 1.74 21.33 67.85
C GLN I 273 1.30 20.09 67.09
N ALA I 274 1.69 18.91 67.56
CA ALA I 274 1.45 17.70 66.78
C ALA I 274 0.02 17.21 66.92
N TRP I 275 -0.64 17.50 68.03
CA TRP I 275 -2.06 17.18 68.16
C TRP I 275 -2.89 18.01 67.21
N GLN I 276 -2.49 19.26 66.98
CA GLN I 276 -3.22 20.17 66.10
C GLN I 276 -2.96 19.92 64.63
N GLN I 277 -2.01 19.07 64.28
CA GLN I 277 -1.85 18.69 62.88
C GLN I 277 -2.76 17.55 62.49
N GLY I 278 -3.24 16.78 63.45
CA GLY I 278 -4.12 15.67 63.18
C GLY I 278 -5.59 16.00 63.25
N ILE I 279 -5.92 17.26 63.45
CA ILE I 279 -7.32 17.67 63.49
C ILE I 279 -7.94 17.62 62.11
N THR I 280 -7.14 17.86 61.08
CA THR I 280 -7.59 17.79 59.70
C THR I 280 -8.05 16.38 59.33
N ASN I 281 -9.28 16.30 58.83
CA ASN I 281 -10.05 15.11 58.43
C ASN I 281 -10.48 14.24 59.60
N HIS I 282 -10.28 14.67 60.84
CA HIS I 282 -10.83 13.99 62.01
C HIS I 282 -11.59 15.04 62.79
N LEU I 283 -12.81 15.35 62.37
CA LEU I 283 -13.61 16.38 63.01
C LEU I 283 -14.86 15.75 63.57
N VAL I 284 -15.25 16.17 64.77
CA VAL I 284 -16.45 15.67 65.42
C VAL I 284 -17.28 16.86 65.85
N ALA I 285 -18.47 16.59 66.34
CA ALA I 285 -19.33 17.64 66.86
C ALA I 285 -18.91 17.93 68.29
N ILE I 286 -18.34 19.11 68.51
CA ILE I 286 -17.99 19.55 69.85
C ILE I 286 -19.05 20.46 70.45
N ASP I 287 -20.06 20.84 69.68
CA ASP I 287 -21.21 21.56 70.22
C ASP I 287 -22.38 21.35 69.26
N ARG I 288 -23.59 21.49 69.79
CA ARG I 288 -24.83 21.30 69.03
C ARG I 288 -25.87 22.29 69.49
N SER I 289 -26.74 22.68 68.57
CA SER I 289 -27.95 23.41 68.88
C SER I 289 -29.12 22.67 68.25
N GLY I 290 -30.33 22.94 68.75
CA GLY I 290 -31.45 22.22 68.21
C GLY I 290 -32.79 22.83 68.54
N LEU I 291 -33.83 22.13 68.12
CA LEU I 291 -35.22 22.45 68.36
C LEU I 291 -35.94 21.15 68.70
N PRO I 292 -37.06 21.21 69.41
CA PRO I 292 -37.80 19.99 69.71
C PRO I 292 -38.39 19.33 68.47
N LEU I 293 -38.75 18.06 68.64
CA LEU I 293 -39.09 17.21 67.50
C LEU I 293 -40.43 17.58 66.89
N HIS I 294 -41.35 18.11 67.69
CA HIS I 294 -42.66 18.49 67.19
C HIS I 294 -42.66 19.86 66.53
N PHE I 295 -41.54 20.59 66.57
CA PHE I 295 -41.44 21.83 65.83
C PHE I 295 -41.49 21.58 64.33
N PHE I 296 -40.96 20.45 63.88
CA PHE I 296 -40.86 20.12 62.48
C PHE I 296 -42.04 19.30 61.99
N ILE I 297 -43.10 19.20 62.79
CA ILE I 297 -44.34 18.61 62.34
C ILE I 297 -45.34 19.75 62.18
N ASN I 298 -45.40 20.29 60.98
CA ASN I 298 -46.19 21.48 60.68
C ASN I 298 -46.70 21.32 59.26
N PRO I 299 -47.71 22.11 58.85
CA PRO I 299 -48.23 21.95 57.48
C PRO I 299 -47.25 22.24 56.35
N ASN I 300 -46.12 22.89 56.65
CA ASN I 300 -45.12 23.15 55.61
C ASN I 300 -44.31 21.88 55.30
N MET I 301 -43.90 21.14 56.34
CA MET I 301 -43.11 19.94 56.11
C MET I 301 -43.94 18.79 55.53
N LEU I 302 -45.24 18.78 55.80
CA LEU I 302 -46.15 17.74 55.36
C LEU I 302 -47.19 18.38 54.46
N PRO I 303 -46.89 18.57 53.17
CA PRO I 303 -47.82 19.28 52.29
C PRO I 303 -48.88 18.38 51.69
N ASP I 304 -48.76 17.07 51.82
CA ASP I 304 -49.70 16.11 51.27
C ASP I 304 -50.70 15.60 52.30
N LEU I 305 -50.88 16.34 53.40
CA LEU I 305 -51.85 16.01 54.43
C LEU I 305 -52.63 17.27 54.79
N PRO I 306 -53.86 17.14 55.27
CA PRO I 306 -54.63 18.33 55.63
C PRO I 306 -54.07 19.04 56.85
N GLY I 307 -54.49 20.29 56.99
CA GLY I 307 -54.04 21.19 58.02
C GLY I 307 -54.26 20.75 59.46
N PRO I 308 -55.52 20.51 59.86
CA PRO I 308 -55.76 20.08 61.25
C PRO I 308 -55.31 18.67 61.55
N LEU I 309 -54.96 17.88 60.56
CA LEU I 309 -54.54 16.52 60.80
C LEU I 309 -53.04 16.41 61.08
N VAL I 310 -52.23 17.35 60.60
CA VAL I 310 -50.83 17.38 61.00
C VAL I 310 -50.64 18.08 62.33
N LYS I 311 -51.68 18.71 62.86
CA LYS I 311 -51.66 19.23 64.21
C LYS I 311 -52.10 18.20 65.24
N LYS I 312 -52.75 17.12 64.80
CA LYS I 312 -52.99 16.00 65.70
C LYS I 312 -51.74 15.16 65.84
N VAL I 313 -50.98 15.02 64.77
CA VAL I 313 -49.72 14.29 64.82
C VAL I 313 -48.71 15.06 65.64
N SER I 314 -48.69 16.37 65.51
CA SER I 314 -47.75 17.20 66.25
C SER I 314 -48.08 17.24 67.73
N LYS I 315 -49.35 17.10 68.09
CA LYS I 315 -49.73 17.12 69.49
C LYS I 315 -49.55 15.75 70.13
N THR I 316 -49.70 14.67 69.39
CA THR I 316 -49.52 13.36 69.98
C THR I 316 -48.04 12.98 70.10
N VAL I 317 -47.14 13.71 69.44
CA VAL I 317 -45.71 13.51 69.62
C VAL I 317 -45.17 14.43 70.71
N GLU I 318 -45.73 15.64 70.83
CA GLU I 318 -45.38 16.53 71.93
C GLU I 318 -45.76 15.94 73.28
N THR I 319 -46.85 15.17 73.32
CA THR I 319 -47.24 14.50 74.56
C THR I 319 -46.33 13.33 74.86
N ALA I 320 -45.85 12.63 73.83
CA ALA I 320 -44.99 11.47 74.05
C ALA I 320 -43.60 11.88 74.50
N VAL I 321 -43.10 13.03 74.02
CA VAL I 321 -41.81 13.54 74.46
C VAL I 321 -41.91 14.03 75.90
N LYS I 322 -43.00 14.70 76.23
CA LYS I 322 -43.18 15.22 77.59
C LYS I 322 -43.40 14.10 78.59
N ARG I 323 -43.98 12.98 78.16
CA ARG I 323 -44.14 11.83 79.03
C ARG I 323 -42.81 11.15 79.29
N TYR I 324 -41.86 11.28 78.37
CA TYR I 324 -40.56 10.66 78.52
C TYR I 324 -39.69 11.40 79.52
N TYR I 325 -39.84 12.72 79.63
CA TYR I 325 -39.13 13.49 80.65
C TYR I 325 -39.70 13.28 82.03
N THR I 326 -41.01 13.04 82.12
CA THR I 326 -41.66 12.91 83.42
C THR I 326 -41.32 11.60 84.08
N PHE I 327 -41.19 10.54 83.30
CA PHE I 327 -40.91 9.22 83.87
C PHE I 327 -39.44 9.05 84.24
N ASN I 328 -38.59 10.01 83.88
CA ASN I 328 -37.16 9.98 84.19
C ASN I 328 -36.79 11.14 85.10
N THR I 329 -37.74 11.63 85.88
CA THR I 329 -37.51 12.69 86.84
C THR I 329 -37.61 12.11 88.25
N TYR I 330 -36.56 12.31 89.04
CA TYR I 330 -36.46 11.78 90.40
C TYR I 330 -36.23 12.94 91.35
N PRO I 331 -37.27 13.51 91.93
CA PRO I 331 -37.07 14.53 92.97
C PRO I 331 -36.59 13.90 94.27
N GLY I 332 -35.76 14.63 94.98
CA GLY I 332 -35.23 14.14 96.23
C GLY I 332 -34.21 15.11 96.79
N CYS I 333 -33.65 14.72 97.92
CA CYS I 333 -32.61 15.51 98.57
C CYS I 333 -31.30 15.32 97.82
N THR I 334 -30.73 16.42 97.34
CA THR I 334 -29.53 16.37 96.53
C THR I 334 -28.28 16.83 97.26
N ASP I 335 -28.41 17.32 98.49
CA ASP I 335 -27.26 17.77 99.25
C ASP I 335 -26.58 16.57 99.90
N LEU I 336 -25.30 16.35 99.56
CA LEU I 336 -24.61 15.14 100.02
C LEU I 336 -24.26 15.19 101.50
N ASN I 337 -24.27 16.37 102.11
CA ASN I 337 -23.97 16.49 103.52
C ASN I 337 -25.18 16.30 104.42
N SER I 338 -26.38 16.36 103.87
CA SER I 338 -27.58 16.13 104.65
C SER I 338 -27.69 14.64 105.00
N PRO I 339 -28.25 14.31 106.18
CA PRO I 339 -28.33 12.89 106.56
C PRO I 339 -29.31 12.09 105.72
N ASN I 340 -30.37 12.71 105.23
CA ASN I 340 -31.31 12.05 104.34
C ASN I 340 -31.01 12.32 102.87
N PHE I 341 -29.76 12.08 102.48
CA PHE I 341 -29.33 12.29 101.10
C PHE I 341 -29.89 11.24 100.17
N ASN I 342 -30.57 11.70 99.11
CA ASN I 342 -31.11 10.80 98.10
C ASN I 342 -30.10 10.74 96.96
N PHE I 343 -29.26 9.72 97.00
CA PHE I 343 -28.61 9.26 95.80
C PHE I 343 -29.68 8.67 94.89
N GLN I 344 -29.41 8.66 93.59
CA GLN I 344 -30.41 8.41 92.53
C GLN I 344 -31.54 9.43 92.59
N ALA I 345 -31.18 10.71 92.53
CA ALA I 345 -32.15 11.79 92.44
C ALA I 345 -31.60 12.87 91.51
N ASN I 346 -32.46 13.38 90.64
CA ASN I 346 -32.08 14.36 89.63
C ASN I 346 -32.39 15.78 90.06
N THR I 347 -33.58 16.02 90.57
CA THR I 347 -34.10 17.35 90.81
C THR I 347 -34.07 17.65 92.30
N ASP I 348 -33.64 18.86 92.64
CA ASP I 348 -33.60 19.29 94.04
C ASP I 348 -35.02 19.44 94.56
N ASP I 349 -35.36 18.66 95.58
CA ASP I 349 -36.71 18.65 96.10
C ASP I 349 -37.01 19.85 96.98
N GLY I 350 -35.98 20.50 97.51
CA GLY I 350 -36.20 21.59 98.45
C GLY I 350 -36.58 21.17 99.83
N SER I 351 -36.49 19.88 100.14
CA SER I 351 -36.79 19.33 101.47
C SER I 351 -35.57 18.53 101.88
N CYS I 352 -34.59 19.22 102.45
CA CYS I 352 -33.34 18.59 102.87
C CYS I 352 -33.26 18.38 104.37
N GLU I 353 -34.21 18.93 105.13
CA GLU I 353 -34.26 18.74 106.57
C GLU I 353 -35.65 18.27 106.94
N GLY I 354 -35.78 17.00 107.32
CA GLY I 354 -37.04 16.43 107.72
C GLY I 354 -37.21 16.43 109.23
N LYS I 355 -38.36 15.92 109.67
CA LYS I 355 -38.70 15.90 111.08
C LYS I 355 -38.76 14.51 111.68
N MET I 356 -38.69 13.46 110.86
CA MET I 356 -38.75 12.04 111.27
C MET I 356 -40.05 11.76 112.04
N THR I 357 -41.14 11.83 111.29
CA THR I 357 -42.46 11.52 111.83
C THR I 357 -42.84 10.12 111.39
N ASN I 358 -43.04 9.23 112.36
CA ASN I 358 -43.52 7.88 112.05
C ASN I 358 -45.02 7.91 111.85
N PHE I 359 -45.49 7.22 110.81
CA PHE I 359 -46.89 7.25 110.43
C PHE I 359 -47.50 5.86 110.54
N SER I 360 -48.82 5.82 110.37
CA SER I 360 -49.62 4.61 110.53
C SER I 360 -50.12 4.16 109.17
N PHE I 361 -49.80 2.92 108.81
CA PHE I 361 -50.23 2.33 107.54
C PHE I 361 -51.56 1.63 107.76
N GLY I 362 -52.65 2.25 107.30
CA GLY I 362 -53.97 1.74 107.53
C GLY I 362 -54.48 0.71 106.54
N GLY I 363 -53.64 0.25 105.62
CA GLY I 363 -54.01 -0.82 104.72
C GLY I 363 -54.61 -0.31 103.42
N VAL I 364 -54.75 -1.23 102.48
CA VAL I 364 -55.26 -0.94 101.15
C VAL I 364 -56.45 -1.85 100.87
N TYR I 365 -57.35 -1.37 100.01
CA TYR I 365 -58.44 -2.20 99.51
C TYR I 365 -58.83 -1.71 98.13
N GLN I 366 -59.35 -2.62 97.32
CA GLN I 366 -59.63 -2.36 95.92
C GLN I 366 -61.00 -2.90 95.56
N GLU I 367 -61.84 -2.05 94.99
CA GLU I 367 -63.14 -2.47 94.50
C GLU I 367 -63.03 -2.95 93.07
N CYS I 368 -64.06 -3.66 92.61
CA CYS I 368 -64.17 -4.05 91.22
C CYS I 368 -65.62 -3.93 90.77
N THR I 369 -65.80 -3.67 89.48
CA THR I 369 -67.14 -3.51 88.91
C THR I 369 -67.10 -4.06 87.48
N GLN I 370 -67.74 -5.20 87.28
CA GLN I 370 -67.78 -5.83 85.96
C GLN I 370 -68.63 -5.00 85.00
N LEU I 371 -68.09 -4.73 83.82
CA LEU I 371 -68.78 -3.94 82.81
C LEU I 371 -69.32 -4.78 81.67
N SER I 372 -68.57 -5.80 81.23
CA SER I 372 -69.02 -6.67 80.15
C SER I 372 -68.29 -7.99 80.27
N GLY I 373 -68.91 -9.04 79.72
CA GLY I 373 -68.32 -10.36 79.75
C GLY I 373 -68.72 -11.17 80.96
N ASN I 374 -70.01 -11.14 81.29
CA ASN I 374 -70.50 -11.84 82.46
C ASN I 374 -70.54 -13.35 82.24
N ARG I 375 -70.38 -14.09 83.34
CA ARG I 375 -70.46 -15.56 83.41
C ARG I 375 -69.41 -16.25 82.55
N ASP I 376 -68.34 -15.56 82.18
CA ASP I 376 -67.30 -16.14 81.34
C ASP I 376 -65.92 -16.09 82.01
N VAL I 377 -65.55 -14.93 82.55
CA VAL I 377 -64.22 -14.74 83.12
C VAL I 377 -64.26 -14.61 84.64
N LEU I 378 -65.28 -13.91 85.16
CA LEU I 378 -65.37 -13.44 86.55
C LEU I 378 -64.14 -12.61 86.92
N LEU I 379 -64.04 -11.46 86.23
CA LEU I 379 -62.94 -10.52 86.46
C LEU I 379 -62.97 -9.95 87.86
N CYS I 380 -64.14 -9.81 88.46
CA CYS I 380 -64.32 -9.17 89.75
C CYS I 380 -64.09 -10.15 90.91
N GLN I 381 -63.29 -11.19 90.69
CA GLN I 381 -62.94 -12.16 91.73
C GLN I 381 -61.45 -12.21 91.98
N LYS I 382 -60.64 -12.26 90.93
CA LYS I 382 -59.20 -12.20 91.06
C LYS I 382 -58.66 -10.78 90.94
N LEU I 383 -59.52 -9.78 91.07
CA LEU I 383 -59.13 -8.38 90.99
C LEU I 383 -59.70 -7.60 92.17
N GLU I 384 -60.08 -8.30 93.22
CA GLU I 384 -60.77 -7.71 94.37
C GLU I 384 -59.95 -7.97 95.61
N GLN I 385 -59.76 -6.93 96.44
CA GLN I 385 -58.97 -7.06 97.66
C GLN I 385 -59.67 -6.28 98.78
N LYS I 386 -59.78 -6.91 99.95
CA LYS I 386 -60.37 -6.30 101.12
C LYS I 386 -59.29 -5.94 102.13
N ASN I 387 -59.61 -4.97 102.97
CA ASN I 387 -58.69 -4.49 103.99
C ASN I 387 -58.57 -5.54 105.09
N PRO I 388 -57.36 -6.00 105.44
CA PRO I 388 -57.24 -6.98 106.53
C PRO I 388 -57.57 -6.43 107.91
N LEU I 389 -57.57 -5.10 108.09
CA LEU I 389 -57.88 -4.54 109.39
C LEU I 389 -59.37 -4.51 109.68
N THR I 390 -60.21 -4.48 108.65
CA THR I 390 -61.65 -4.49 108.83
C THR I 390 -62.35 -5.68 108.20
N GLY I 391 -61.72 -6.38 107.26
CA GLY I 391 -62.42 -7.41 106.50
C GLY I 391 -63.48 -6.85 105.60
N ASP I 392 -63.34 -5.61 105.15
CA ASP I 392 -64.40 -4.89 104.48
C ASP I 392 -63.76 -3.87 103.54
N PHE I 393 -64.59 -3.23 102.72
CA PHE I 393 -64.14 -2.16 101.84
C PHE I 393 -64.25 -0.82 102.54
N SER I 394 -63.54 -0.72 103.66
CA SER I 394 -63.56 0.48 104.48
C SER I 394 -62.30 0.52 105.31
N CYS I 395 -61.94 1.72 105.75
CA CYS I 395 -60.86 1.92 106.68
C CYS I 395 -61.34 1.70 108.11
N PRO I 396 -60.41 1.46 109.06
CA PRO I 396 -60.84 1.36 110.47
C PRO I 396 -61.33 2.67 111.07
N SER I 397 -61.62 2.64 112.37
CA SER I 397 -62.25 3.77 113.04
C SER I 397 -61.33 4.98 113.11
N GLY I 398 -60.03 4.75 113.27
CA GLY I 398 -59.09 5.85 113.31
C GLY I 398 -58.55 6.27 111.97
N TYR I 399 -59.12 5.81 110.87
CA TYR I 399 -58.57 6.05 109.55
C TYR I 399 -59.63 6.62 108.61
N SER I 400 -59.21 6.93 107.39
CA SER I 400 -60.05 7.53 106.36
C SER I 400 -59.55 7.11 104.98
N PRO I 401 -60.44 6.88 104.02
CA PRO I 401 -59.97 6.40 102.71
C PRO I 401 -59.50 7.51 101.80
N VAL I 402 -58.46 7.20 101.01
CA VAL I 402 -57.94 8.09 99.98
C VAL I 402 -57.93 7.33 98.67
N HIS I 403 -58.55 7.91 97.65
CA HIS I 403 -58.69 7.27 96.35
C HIS I 403 -57.42 7.44 95.54
N LEU I 404 -56.76 6.34 95.19
CA LEU I 404 -55.54 6.43 94.39
C LEU I 404 -55.84 6.60 92.91
N LEU I 405 -56.46 5.61 92.30
CA LEU I 405 -56.55 5.56 90.85
C LEU I 405 -57.68 4.62 90.44
N SER I 406 -58.34 4.98 89.34
CA SER I 406 -59.49 4.24 88.84
C SER I 406 -59.34 4.08 87.34
N GLN I 407 -59.15 2.84 86.88
CA GLN I 407 -58.98 2.56 85.46
C GLN I 407 -59.77 1.32 85.08
N ILE I 408 -59.68 0.96 83.81
CA ILE I 408 -60.41 -0.17 83.24
C ILE I 408 -59.42 -1.29 82.92
N HIS I 409 -59.72 -2.48 83.40
CA HIS I 409 -58.92 -3.66 83.09
C HIS I 409 -59.60 -4.46 82.01
N GLU I 410 -58.81 -5.11 81.15
CA GLU I 410 -59.34 -5.91 80.05
C GLU I 410 -58.66 -7.28 80.04
N GLU I 411 -59.46 -8.33 79.91
CA GLU I 411 -58.96 -9.66 79.62
C GLU I 411 -59.77 -10.27 78.49
N GLY I 412 -59.24 -11.35 77.95
CA GLY I 412 -59.85 -12.03 76.82
C GLY I 412 -60.31 -13.42 77.18
N TYR I 413 -61.45 -13.82 76.61
CA TYR I 413 -61.98 -15.16 76.76
C TYR I 413 -62.32 -15.72 75.38
N ASN I 414 -62.64 -17.00 75.35
CA ASN I 414 -62.53 -17.77 74.13
C ASN I 414 -63.67 -18.77 74.03
N HIS I 415 -64.39 -18.75 72.92
CA HIS I 415 -65.36 -19.78 72.57
C HIS I 415 -64.80 -20.63 71.44
N LEU I 416 -65.28 -21.86 71.35
CA LEU I 416 -64.87 -22.78 70.29
C LEU I 416 -66.06 -23.64 69.91
N GLU I 417 -66.56 -23.45 68.69
CA GLU I 417 -67.74 -24.15 68.22
C GLU I 417 -67.39 -24.94 66.96
N CYS I 418 -67.89 -26.16 66.88
CA CYS I 418 -67.61 -27.05 65.76
C CYS I 418 -68.87 -27.80 65.39
N HIS I 419 -69.16 -27.90 64.09
CA HIS I 419 -70.18 -28.81 63.63
C HIS I 419 -69.76 -29.40 62.29
N ARG I 420 -70.24 -30.61 62.03
CA ARG I 420 -69.83 -31.41 60.90
C ARG I 420 -71.05 -31.78 60.07
N LYS I 421 -70.90 -31.75 58.75
CA LYS I 421 -72.01 -31.99 57.84
C LYS I 421 -71.51 -32.81 56.66
N CYS I 422 -72.27 -33.83 56.27
CA CYS I 422 -71.92 -34.69 55.15
C CYS I 422 -72.99 -34.60 54.08
N THR I 423 -72.58 -34.64 52.82
CA THR I 423 -73.46 -34.44 51.68
C THR I 423 -73.25 -35.54 50.65
N LEU I 424 -74.30 -36.33 50.40
CA LEU I 424 -74.31 -37.45 49.45
C LEU I 424 -73.30 -38.54 49.84
N LYS I 425 -73.04 -38.68 51.14
CA LYS I 425 -72.19 -39.69 51.79
C LYS I 425 -70.71 -39.56 51.46
N VAL I 426 -70.32 -38.60 50.61
CA VAL I 426 -68.94 -38.25 50.33
C VAL I 426 -68.90 -36.82 50.85
N PHE I 427 -67.77 -36.12 50.72
CA PHE I 427 -67.67 -34.66 50.84
C PHE I 427 -68.07 -34.18 52.24
N CYS I 428 -67.31 -34.64 53.24
CA CYS I 428 -67.59 -34.27 54.61
C CYS I 428 -67.05 -32.88 54.89
N LYS I 429 -67.89 -32.00 55.42
CA LYS I 429 -67.52 -30.63 55.73
C LYS I 429 -67.49 -30.44 57.23
N THR I 430 -66.40 -29.86 57.73
CA THR I 430 -66.23 -29.56 59.14
C THR I 430 -65.73 -28.14 59.27
N VAL I 431 -66.47 -27.30 59.98
CA VAL I 431 -66.06 -25.92 60.24
C VAL I 431 -65.83 -25.76 61.74
N CYS I 432 -64.73 -25.10 62.10
CA CYS I 432 -64.30 -24.95 63.49
C CYS I 432 -64.09 -23.47 63.73
N GLU I 433 -65.02 -22.83 64.41
CA GLU I 433 -64.99 -21.40 64.65
C GLU I 433 -64.53 -21.11 66.07
N ASP I 434 -63.65 -20.12 66.22
CA ASP I 434 -63.01 -19.79 67.50
C ASP I 434 -63.06 -18.28 67.70
N VAL I 435 -63.97 -17.81 68.54
CA VAL I 435 -64.21 -16.39 68.74
C VAL I 435 -63.47 -15.93 70.00
N PHE I 436 -62.73 -14.84 69.88
CA PHE I 436 -62.00 -14.22 70.98
C PHE I 436 -62.66 -12.88 71.30
N GLN I 437 -63.20 -12.75 72.50
CA GLN I 437 -63.84 -11.51 72.92
C GLN I 437 -63.09 -10.91 74.09
N VAL I 438 -63.39 -9.64 74.37
CA VAL I 438 -62.70 -8.87 75.41
C VAL I 438 -63.69 -8.56 76.53
N ALA I 439 -63.32 -8.95 77.75
CA ALA I 439 -64.12 -8.68 78.94
C ALA I 439 -63.49 -7.54 79.72
N LYS I 440 -64.30 -6.55 80.09
CA LYS I 440 -63.81 -5.35 80.75
C LYS I 440 -64.28 -5.30 82.20
N ALA I 441 -63.55 -4.51 83.00
CA ALA I 441 -63.88 -4.34 84.41
C ALA I 441 -63.28 -3.04 84.91
N GLU I 442 -64.05 -2.30 85.69
CA GLU I 442 -63.59 -1.09 86.36
C GLU I 442 -63.07 -1.47 87.74
N PHE I 443 -61.91 -0.92 88.11
CA PHE I 443 -61.43 -1.07 89.47
C PHE I 443 -61.15 0.30 90.07
N ARG I 444 -61.32 0.39 91.39
CA ARG I 444 -61.05 1.61 92.15
C ARG I 444 -60.23 1.22 93.37
N ALA I 445 -58.99 1.65 93.42
CA ALA I 445 -58.09 1.33 94.50
C ALA I 445 -58.07 2.47 95.51
N PHE I 446 -58.29 2.13 96.77
CA PHE I 446 -58.30 3.10 97.86
C PHE I 446 -57.15 2.83 98.81
N TRP I 447 -57.00 3.73 99.77
CA TRP I 447 -55.87 3.69 100.67
C TRP I 447 -56.21 4.46 101.94
N CYS I 448 -55.82 3.93 103.09
CA CYS I 448 -56.21 4.46 104.38
C CYS I 448 -55.13 5.36 104.97
N VAL I 449 -55.56 6.42 105.65
CA VAL I 449 -54.67 7.42 106.23
C VAL I 449 -55.09 7.69 107.67
N ALA I 450 -54.11 7.83 108.57
CA ALA I 450 -54.40 8.18 109.96
C ALA I 450 -54.90 9.61 110.04
N SER I 451 -56.21 9.78 110.21
CA SER I 451 -56.82 11.10 110.27
C SER I 451 -57.46 11.40 111.61
N SER I 452 -57.40 10.49 112.58
CA SER I 452 -57.97 10.70 113.90
C SER I 452 -56.92 11.00 114.96
N GLN I 453 -55.64 10.81 114.64
CA GLN I 453 -54.44 11.24 115.37
C GLN I 453 -54.21 10.43 116.65
N VAL I 454 -55.17 9.60 117.05
CA VAL I 454 -54.99 8.74 118.22
C VAL I 454 -55.21 7.29 117.80
N PRO I 455 -54.18 6.58 117.34
CA PRO I 455 -54.28 5.12 117.26
C PRO I 455 -53.69 4.46 118.50
N GLU I 456 -54.11 3.23 118.78
CA GLU I 456 -53.42 2.43 119.79
C GLU I 456 -52.17 1.81 119.19
N ASN I 457 -52.33 0.98 118.17
CA ASN I 457 -51.25 0.47 117.36
C ASN I 457 -51.55 0.79 115.90
N SER I 458 -50.49 0.99 115.12
CA SER I 458 -50.65 1.46 113.74
C SER I 458 -51.25 0.40 112.86
N GLY I 459 -50.61 -0.76 112.78
CA GLY I 459 -51.11 -1.83 111.96
C GLY I 459 -50.32 -2.00 110.68
N LEU I 460 -50.06 -3.27 110.35
CA LEU I 460 -49.56 -3.72 109.04
C LEU I 460 -48.19 -3.12 108.74
N LEU I 461 -47.20 -3.51 109.56
CA LEU I 461 -45.90 -2.85 109.55
C LEU I 461 -45.02 -3.39 108.42
N PHE I 462 -45.28 -2.91 107.20
CA PHE I 462 -44.40 -2.96 106.05
C PHE I 462 -45.00 -2.07 104.97
N GLY I 463 -44.14 -1.60 104.08
CA GLY I 463 -44.60 -0.74 103.01
C GLY I 463 -43.90 -0.94 101.68
N GLY I 464 -43.31 -2.13 101.48
CA GLY I 464 -42.58 -2.43 100.26
C GLY I 464 -43.41 -3.22 99.28
N LEU I 465 -43.12 -3.03 97.99
CA LEU I 465 -43.97 -3.47 96.91
C LEU I 465 -43.17 -4.30 95.93
N PHE I 466 -43.88 -5.09 95.13
CA PHE I 466 -43.28 -5.70 93.95
C PHE I 466 -44.39 -5.94 92.92
N SER I 467 -44.04 -5.79 91.66
CA SER I 467 -44.98 -5.91 90.57
C SER I 467 -44.79 -7.25 89.87
N SER I 468 -45.48 -7.43 88.74
CA SER I 468 -45.19 -8.52 87.84
C SER I 468 -43.93 -8.28 87.02
N LYS I 469 -43.39 -7.06 87.06
CA LYS I 469 -42.15 -6.73 86.37
C LYS I 469 -41.14 -6.05 87.28
N SER I 470 -41.42 -5.97 88.57
CA SER I 470 -40.55 -5.33 89.54
C SER I 470 -40.11 -6.35 90.58
N ILE I 471 -39.31 -5.91 91.53
CA ILE I 471 -38.68 -6.76 92.53
C ILE I 471 -38.77 -6.07 93.88
N ASN I 472 -39.21 -6.79 94.89
CA ASN I 472 -39.16 -6.29 96.26
C ASN I 472 -37.71 -6.21 96.70
N PRO I 473 -37.20 -5.03 97.07
CA PRO I 473 -35.78 -4.95 97.45
C PRO I 473 -35.49 -5.54 98.81
N MET I 474 -36.50 -5.76 99.64
CA MET I 474 -36.28 -6.41 100.93
C MET I 474 -36.19 -7.93 100.82
N THR I 475 -36.47 -8.49 99.64
CA THR I 475 -36.22 -9.90 99.37
C THR I 475 -35.31 -10.14 98.18
N ASN I 476 -35.07 -9.11 97.35
CA ASN I 476 -34.41 -9.22 96.04
C ASN I 476 -35.06 -10.27 95.14
N ALA I 477 -36.38 -10.37 95.24
CA ALA I 477 -37.15 -11.32 94.47
C ALA I 477 -38.60 -10.85 94.45
N GLN I 478 -39.44 -11.62 93.77
CA GLN I 478 -40.89 -11.38 93.73
C GLN I 478 -41.60 -12.19 94.80
N SER I 479 -41.20 -11.95 96.05
CA SER I 479 -41.72 -12.72 97.16
C SER I 479 -41.82 -11.81 98.38
N CYS I 480 -42.52 -12.31 99.38
CA CYS I 480 -42.69 -11.63 100.64
C CYS I 480 -41.54 -11.98 101.58
N PRO I 481 -41.27 -11.15 102.58
CA PRO I 481 -40.30 -11.54 103.61
C PRO I 481 -40.87 -12.57 104.57
N ALA I 482 -40.10 -12.90 105.62
CA ALA I 482 -40.47 -13.97 106.54
C ALA I 482 -41.68 -13.58 107.38
N GLY I 483 -42.83 -14.18 107.07
CA GLY I 483 -44.05 -13.95 107.83
C GLY I 483 -44.87 -12.79 107.34
N TYR I 484 -45.01 -12.67 106.01
CA TYR I 484 -45.69 -11.56 105.37
C TYR I 484 -46.65 -12.07 104.32
N PHE I 485 -47.84 -11.47 104.25
CA PHE I 485 -48.80 -11.88 103.25
C PHE I 485 -49.11 -10.72 102.31
N PRO I 486 -49.21 -10.96 101.01
CA PRO I 486 -49.36 -9.86 100.05
C PRO I 486 -50.81 -9.44 99.90
N LEU I 487 -50.98 -8.16 99.56
CA LEU I 487 -52.30 -7.60 99.28
C LEU I 487 -52.32 -7.16 97.83
N ARG I 488 -53.26 -7.68 97.06
CA ARG I 488 -53.30 -7.37 95.64
C ARG I 488 -53.81 -5.96 95.39
N LEU I 489 -53.26 -5.32 94.39
CA LEU I 489 -53.59 -3.95 94.02
C LEU I 489 -53.62 -3.92 92.50
N PHE I 490 -53.51 -2.72 91.91
CA PHE I 490 -54.18 -2.27 90.69
C PHE I 490 -54.40 -3.34 89.62
N GLU I 491 -53.33 -3.87 89.10
CA GLU I 491 -53.37 -5.06 88.27
C GLU I 491 -52.35 -6.09 88.70
N ASN I 492 -51.17 -5.66 89.14
CA ASN I 492 -50.10 -6.58 89.46
C ASN I 492 -49.36 -6.27 90.75
N LEU I 493 -49.69 -5.17 91.43
CA LEU I 493 -49.00 -4.87 92.68
C LEU I 493 -49.42 -5.83 93.79
N LYS I 494 -48.43 -6.28 94.55
CA LYS I 494 -48.65 -7.10 95.73
C LYS I 494 -47.89 -6.45 96.86
N VAL I 495 -48.61 -5.83 97.79
CA VAL I 495 -48.02 -5.09 98.90
C VAL I 495 -47.85 -6.04 100.08
N CYS I 496 -46.62 -6.23 100.52
CA CYS I 496 -46.34 -7.18 101.59
C CYS I 496 -46.69 -6.56 102.93
N VAL I 497 -47.34 -7.34 103.79
CA VAL I 497 -48.03 -6.83 104.97
C VAL I 497 -47.96 -7.86 106.09
N SER I 498 -47.56 -7.42 107.28
CA SER I 498 -47.65 -8.23 108.49
C SER I 498 -47.99 -7.34 109.67
N GLN I 499 -48.83 -7.85 110.57
CA GLN I 499 -49.24 -7.16 111.77
C GLN I 499 -48.86 -7.95 113.03
N ASP I 500 -47.69 -8.56 113.01
CA ASP I 500 -47.25 -9.44 114.09
C ASP I 500 -46.51 -8.73 115.20
N TYR I 501 -45.82 -7.62 114.87
CA TYR I 501 -45.11 -6.71 115.78
C TYR I 501 -43.89 -7.32 116.46
N GLU I 502 -43.63 -8.61 116.27
CA GLU I 502 -42.45 -9.27 116.80
C GLU I 502 -41.58 -9.88 115.71
N LEU I 503 -42.17 -10.72 114.85
CA LEU I 503 -41.45 -11.26 113.72
C LEU I 503 -41.52 -10.35 112.51
N GLY I 504 -42.33 -9.29 112.57
CA GLY I 504 -42.45 -8.36 111.47
C GLY I 504 -41.56 -7.15 111.62
N SER I 505 -41.10 -6.89 112.85
CA SER I 505 -40.29 -5.71 113.12
C SER I 505 -38.85 -5.84 112.64
N ARG I 506 -38.43 -7.04 112.22
CA ARG I 506 -37.11 -7.15 111.61
C ARG I 506 -37.08 -6.51 110.23
N PHE I 507 -38.17 -6.63 109.47
CA PHE I 507 -38.22 -6.16 108.11
C PHE I 507 -39.10 -4.94 107.92
N ALA I 508 -39.71 -4.43 108.99
CA ALA I 508 -40.63 -3.30 108.87
C ALA I 508 -39.87 -2.02 108.53
N VAL I 509 -40.29 -1.35 107.47
CA VAL I 509 -39.67 -0.12 107.03
C VAL I 509 -40.57 1.06 107.40
N PRO I 510 -40.02 2.25 107.62
CA PRO I 510 -40.88 3.42 107.82
C PRO I 510 -41.61 3.77 106.53
N PHE I 511 -42.92 3.79 106.58
CA PHE I 511 -43.74 4.02 105.40
C PHE I 511 -44.18 5.48 105.34
N GLY I 512 -44.27 6.01 104.13
CA GLY I 512 -44.54 7.42 103.97
C GLY I 512 -45.85 7.75 103.28
N GLY I 513 -46.30 6.93 102.35
CA GLY I 513 -47.56 7.18 101.67
C GLY I 513 -47.47 6.92 100.18
N PHE I 514 -48.65 6.76 99.57
CA PHE I 514 -48.78 6.62 98.13
C PHE I 514 -49.24 7.93 97.51
N PHE I 515 -48.84 8.16 96.26
CA PHE I 515 -49.43 9.22 95.46
C PHE I 515 -49.26 8.85 93.99
N SER I 516 -50.08 9.47 93.15
CA SER I 516 -50.09 9.15 91.73
C SER I 516 -50.13 10.46 90.95
N CYS I 517 -50.37 10.36 89.65
CA CYS I 517 -50.39 11.54 88.80
C CYS I 517 -51.65 12.38 88.99
N THR I 518 -52.65 11.87 89.68
CA THR I 518 -53.91 12.58 89.87
C THR I 518 -54.20 12.94 91.32
N VAL I 519 -53.66 12.20 92.28
CA VAL I 519 -53.96 12.42 93.69
C VAL I 519 -52.65 12.60 94.44
N GLY I 520 -52.71 13.33 95.55
CA GLY I 520 -51.57 13.49 96.42
C GLY I 520 -51.75 12.85 97.77
N ASN I 521 -50.66 12.56 98.46
CA ASN I 521 -50.88 12.02 99.80
C ASN I 521 -51.17 13.13 100.79
N PRO I 522 -52.06 12.89 101.75
CA PRO I 522 -52.39 13.93 102.72
C PRO I 522 -51.46 13.94 103.93
N LEU I 523 -50.29 13.31 103.82
CA LEU I 523 -49.36 13.21 104.94
C LEU I 523 -48.30 14.30 104.90
N VAL I 524 -48.56 15.39 104.18
CA VAL I 524 -47.61 16.50 104.07
C VAL I 524 -48.18 17.79 104.64
N ASP I 525 -49.48 18.04 104.46
CA ASP I 525 -50.05 19.33 104.86
C ASP I 525 -50.32 19.45 106.36
N PRO I 526 -50.88 18.43 107.05
CA PRO I 526 -50.87 18.66 108.50
C PRO I 526 -49.54 18.23 109.13
N PRO I 535 -56.28 20.69 97.09
CA PRO I 535 -56.10 19.38 97.74
C PRO I 535 -54.68 19.19 98.26
N SER I 536 -54.14 17.99 98.08
CA SER I 536 -52.84 17.63 98.63
C SER I 536 -51.73 18.12 97.69
N LEU I 537 -50.49 17.68 97.96
CA LEU I 537 -49.33 18.23 97.30
C LEU I 537 -48.59 17.25 96.40
N LYS I 538 -48.84 15.94 96.55
CA LYS I 538 -48.14 14.81 95.89
C LYS I 538 -46.62 14.95 95.88
N LYS I 539 -46.06 15.55 96.93
CA LYS I 539 -44.62 15.67 97.01
C LYS I 539 -43.98 14.48 97.69
N CYS I 540 -44.11 14.42 99.02
CA CYS I 540 -43.41 13.50 99.93
C CYS I 540 -43.89 13.90 101.33
N PRO I 541 -43.68 13.09 102.37
CA PRO I 541 -43.89 13.64 103.72
C PRO I 541 -42.78 14.59 104.14
N GLY I 542 -41.54 14.30 103.79
CA GLY I 542 -40.42 15.09 104.26
C GLY I 542 -39.45 14.25 105.07
N GLY I 543 -38.25 14.06 104.54
CA GLY I 543 -37.32 13.10 105.08
C GLY I 543 -37.38 11.75 104.39
N PHE I 544 -38.53 11.41 103.83
CA PHE I 544 -38.69 10.18 103.08
C PHE I 544 -38.17 10.37 101.65
N SER I 545 -38.23 9.31 100.87
CA SER I 545 -37.73 9.33 99.49
C SER I 545 -38.78 8.72 98.58
N GLN I 546 -39.08 9.40 97.48
CA GLN I 546 -40.00 8.87 96.50
C GLN I 546 -39.39 7.67 95.79
N HIS I 547 -40.20 6.64 95.56
CA HIS I 547 -39.78 5.52 94.76
C HIS I 547 -40.97 5.10 93.94
N PRO I 548 -40.76 4.79 92.66
CA PRO I 548 -41.90 4.47 91.79
C PRO I 548 -42.36 3.02 91.93
N ALA I 549 -43.67 2.86 91.98
CA ALA I 549 -44.33 1.58 91.75
C ALA I 549 -44.56 1.45 90.25
N LEU I 550 -45.43 0.54 89.83
CA LEU I 550 -45.66 0.33 88.40
C LEU I 550 -46.36 1.53 87.76
N ILE I 551 -46.51 1.44 86.44
CA ILE I 551 -47.21 2.44 85.64
C ILE I 551 -48.52 1.84 85.17
N SER I 552 -49.63 2.50 85.54
CA SER I 552 -50.97 2.03 85.19
C SER I 552 -51.45 2.84 83.98
N ASP I 553 -50.98 2.43 82.80
CA ASP I 553 -51.43 2.95 81.50
C ASP I 553 -51.19 4.45 81.37
N GLY I 554 -49.93 4.86 81.57
CA GLY I 554 -49.54 6.23 81.39
C GLY I 554 -49.45 7.04 82.67
N CYS I 555 -50.01 6.55 83.77
CA CYS I 555 -49.95 7.23 85.05
C CYS I 555 -49.00 6.47 85.97
N GLN I 556 -48.22 7.22 86.74
CA GLN I 556 -47.17 6.65 87.58
C GLN I 556 -47.58 6.72 89.04
N VAL I 557 -47.52 5.59 89.72
CA VAL I 557 -47.82 5.50 91.15
C VAL I 557 -46.51 5.44 91.91
N SER I 558 -46.36 6.27 92.93
CA SER I 558 -45.12 6.35 93.68
C SER I 558 -45.39 6.20 95.17
N TYR I 559 -44.39 5.72 95.89
CA TYR I 559 -44.51 5.49 97.32
C TYR I 559 -43.25 5.96 98.04
N CYS I 560 -43.43 6.38 99.29
CA CYS I 560 -42.37 7.02 100.07
C CYS I 560 -41.88 6.09 101.17
N VAL I 561 -40.58 6.14 101.46
CA VAL I 561 -39.95 5.23 102.41
C VAL I 561 -38.64 5.89 102.85
N LYS I 562 -38.14 5.49 104.02
CA LYS I 562 -36.93 6.06 104.60
C LYS I 562 -36.00 4.96 105.09
N SER I 563 -35.67 4.00 104.22
CA SER I 563 -34.73 2.99 104.66
C SER I 563 -33.30 3.47 104.54
N GLY I 564 -32.89 3.84 103.33
CA GLY I 564 -31.50 3.91 102.93
C GLY I 564 -31.08 2.74 102.08
N LEU I 565 -31.78 1.61 102.22
CA LEU I 565 -31.56 0.47 101.32
C LEU I 565 -32.17 0.74 99.96
N PHE I 566 -33.32 1.42 99.93
CA PHE I 566 -33.96 1.77 98.67
C PHE I 566 -33.18 2.83 97.91
N THR I 567 -32.42 3.66 98.61
CA THR I 567 -31.80 4.83 98.00
C THR I 567 -30.54 4.46 97.22
N GLY I 568 -29.55 3.89 97.89
CA GLY I 568 -28.24 3.70 97.31
C GLY I 568 -28.19 2.59 96.28
N GLY I 569 -26.97 2.36 95.78
CA GLY I 569 -26.75 1.39 94.73
C GLY I 569 -25.90 1.99 93.62
N SER I 570 -26.36 1.82 92.38
CA SER I 570 -25.78 2.53 91.24
C SER I 570 -26.85 3.43 90.63
N LEU I 571 -26.42 4.31 89.76
CA LEU I 571 -27.35 5.18 89.06
C LEU I 571 -28.11 4.38 88.01
N PRO I 572 -29.43 4.44 87.99
CA PRO I 572 -30.20 3.63 87.04
C PRO I 572 -30.10 4.22 85.64
N PRO I 573 -30.33 3.41 84.62
CA PRO I 573 -30.44 3.97 83.27
C PRO I 573 -31.80 4.63 83.08
N ALA I 574 -31.97 5.25 81.92
CA ALA I 574 -33.23 5.89 81.60
C ALA I 574 -34.28 4.86 81.28
N ARG I 575 -35.52 5.13 81.68
CA ARG I 575 -36.65 4.37 81.18
C ARG I 575 -36.98 4.78 79.77
N LEU I 576 -36.83 3.86 78.85
CA LEU I 576 -37.05 4.19 77.46
C LEU I 576 -38.50 3.91 77.09
N PRO I 577 -39.04 4.60 76.09
CA PRO I 577 -40.39 4.29 75.61
C PRO I 577 -40.43 2.94 74.92
N PRO I 578 -41.61 2.37 74.62
CA PRO I 578 -43.00 2.73 74.93
C PRO I 578 -43.36 2.39 76.34
N PHE I 579 -44.24 3.21 76.93
CA PHE I 579 -44.67 3.00 78.29
C PHE I 579 -46.06 2.39 78.37
N THR I 580 -46.75 2.28 77.24
CA THR I 580 -48.01 1.58 77.16
C THR I 580 -47.84 0.38 76.24
N ARG I 581 -48.89 -0.42 76.16
CA ARG I 581 -48.94 -1.56 75.26
C ARG I 581 -50.12 -1.39 74.31
N PRO I 582 -50.08 -1.98 73.12
CA PRO I 582 -51.23 -1.90 72.23
C PRO I 582 -52.39 -2.69 72.80
N PRO I 583 -53.62 -2.21 72.63
CA PRO I 583 -54.76 -2.80 73.34
C PRO I 583 -55.21 -4.11 72.71
N LEU I 584 -56.10 -4.79 73.41
CA LEU I 584 -56.67 -6.04 72.95
C LEU I 584 -57.82 -5.78 71.98
N MET I 585 -57.96 -6.67 71.03
CA MET I 585 -58.98 -6.58 69.99
C MET I 585 -59.76 -7.87 69.95
N SER I 586 -61.04 -7.77 69.62
CA SER I 586 -61.87 -8.95 69.48
C SER I 586 -61.69 -9.58 68.11
N GLN I 587 -61.55 -10.90 68.09
CA GLN I 587 -61.05 -11.66 66.95
C GLN I 587 -62.01 -12.79 66.62
N ALA I 588 -61.71 -13.49 65.52
CA ALA I 588 -62.47 -14.66 65.09
C ALA I 588 -61.60 -15.45 64.14
N ALA I 589 -61.64 -16.78 64.26
CA ALA I 589 -60.82 -17.65 63.43
C ALA I 589 -61.60 -18.89 63.06
N THR I 590 -61.71 -19.17 61.76
CA THR I 590 -62.46 -20.32 61.28
C THR I 590 -61.53 -21.26 60.52
N ASN I 591 -61.97 -22.52 60.43
CA ASN I 591 -61.21 -23.59 59.77
C ASN I 591 -62.24 -24.52 59.11
N THR I 592 -62.44 -24.38 57.81
CA THR I 592 -63.32 -25.29 57.08
C THR I 592 -62.48 -26.35 56.38
N VAL I 593 -62.84 -27.61 56.59
CA VAL I 593 -62.15 -28.75 55.99
C VAL I 593 -63.15 -29.53 55.16
N ILE I 594 -62.80 -29.81 53.91
CA ILE I 594 -63.60 -30.66 53.03
C ILE I 594 -62.84 -31.96 52.82
N VAL I 595 -63.48 -33.09 53.08
CA VAL I 595 -62.85 -34.39 52.96
C VAL I 595 -63.66 -35.21 51.97
N THR I 596 -63.07 -35.57 50.84
CA THR I 596 -63.73 -36.48 49.92
C THR I 596 -63.41 -37.90 50.35
N ASN I 597 -64.44 -38.67 50.66
CA ASN I 597 -64.29 -40.02 51.17
C ASN I 597 -64.20 -41.05 50.04
N SER I 598 -63.95 -40.62 48.81
CA SER I 598 -64.05 -41.54 47.68
C SER I 598 -63.24 -41.04 46.50
N GLU I 599 -62.77 -41.98 45.71
CA GLU I 599 -62.37 -41.70 44.34
C GLU I 599 -63.63 -41.71 43.48
N ASN I 600 -63.46 -41.47 42.17
CA ASN I 600 -64.54 -41.26 41.21
C ASN I 600 -65.45 -40.13 41.68
N ALA I 601 -64.83 -39.05 42.14
CA ALA I 601 -65.56 -37.89 42.65
C ALA I 601 -64.69 -36.68 42.42
N ARG I 602 -65.02 -35.91 41.39
CA ARG I 602 -64.26 -34.72 41.05
C ARG I 602 -64.87 -33.50 41.72
N SER I 603 -64.10 -32.42 41.76
CA SER I 603 -64.53 -31.20 42.42
C SER I 603 -63.84 -30.01 41.79
N TRP I 604 -64.59 -28.95 41.56
CA TRP I 604 -64.05 -27.70 41.05
C TRP I 604 -64.34 -26.59 42.05
N ILE I 605 -63.36 -25.74 42.30
CA ILE I 605 -63.45 -24.71 43.32
C ILE I 605 -63.02 -23.39 42.70
N LYS I 606 -63.84 -22.36 42.90
CA LYS I 606 -63.49 -20.99 42.54
C LYS I 606 -63.38 -20.21 43.83
N ASP I 607 -62.15 -19.80 44.18
CA ASP I 607 -61.86 -19.34 45.53
C ASP I 607 -62.42 -17.94 45.80
N SER I 608 -62.45 -17.08 44.79
CA SER I 608 -63.00 -15.74 44.93
C SER I 608 -63.41 -15.26 43.55
N GLN I 609 -63.87 -14.01 43.49
CA GLN I 609 -64.33 -13.46 42.22
C GLN I 609 -63.20 -13.17 41.26
N THR I 610 -61.98 -13.01 41.76
CA THR I 610 -60.82 -12.77 40.91
C THR I 610 -60.12 -14.06 40.51
N HIS I 611 -60.31 -15.14 41.25
CA HIS I 611 -59.70 -16.42 40.89
C HIS I 611 -60.41 -17.01 39.67
N GLN I 612 -59.77 -18.01 39.08
CA GLN I 612 -60.38 -18.83 38.07
C GLN I 612 -60.80 -20.16 38.69
N TRP I 613 -61.62 -20.91 37.95
CA TRP I 613 -62.02 -22.24 38.41
C TRP I 613 -60.82 -23.15 38.49
N ARG I 614 -60.76 -23.92 39.57
CA ARG I 614 -59.60 -24.69 39.94
C ARG I 614 -60.05 -26.10 40.25
N LEU I 615 -59.26 -27.08 39.81
CA LEU I 615 -59.60 -28.46 40.11
C LEU I 615 -59.32 -28.75 41.58
N GLY I 616 -60.30 -29.32 42.27
CA GLY I 616 -60.20 -29.49 43.70
C GLY I 616 -59.38 -30.69 44.10
N GLU I 617 -58.97 -30.69 45.37
CA GLU I 617 -58.16 -31.69 46.03
C GLU I 617 -59.00 -32.43 47.08
N PRO I 618 -58.58 -33.61 47.53
CA PRO I 618 -59.39 -34.33 48.53
C PRO I 618 -59.46 -33.67 49.89
N ILE I 619 -58.42 -32.96 50.33
CA ILE I 619 -58.44 -32.20 51.58
C ILE I 619 -58.14 -30.75 51.24
N GLU I 620 -59.01 -29.84 51.68
CA GLU I 620 -58.89 -28.44 51.26
C GLU I 620 -58.29 -27.51 52.31
N LEU I 621 -58.93 -27.40 53.49
CA LEU I 621 -58.45 -26.60 54.63
C LEU I 621 -58.30 -25.12 54.28
N ARG I 622 -59.45 -24.46 54.11
CA ARG I 622 -59.49 -23.00 54.07
C ARG I 622 -59.32 -22.45 55.48
N ARG I 623 -58.73 -21.24 55.58
CA ARG I 623 -58.54 -20.56 56.85
C ARG I 623 -58.90 -19.09 56.73
N ALA I 624 -59.36 -18.50 57.83
CA ALA I 624 -59.70 -17.09 57.86
C ALA I 624 -59.49 -16.54 59.25
N MET I 625 -58.99 -15.32 59.35
CA MET I 625 -58.84 -14.62 60.62
C MET I 625 -59.44 -13.24 60.50
N ASN I 626 -60.43 -12.94 61.34
CA ASN I 626 -61.21 -11.71 61.27
C ASN I 626 -60.96 -10.90 62.52
N VAL I 627 -60.50 -9.67 62.36
CA VAL I 627 -60.19 -8.78 63.48
C VAL I 627 -61.05 -7.54 63.33
N ILE I 628 -61.59 -7.03 64.43
CA ILE I 628 -62.27 -5.74 64.46
C ILE I 628 -61.64 -4.87 65.53
N HIS I 629 -61.29 -3.64 65.14
CA HIS I 629 -60.68 -2.66 66.05
C HIS I 629 -61.76 -2.00 66.87
N GLY I 630 -61.81 -2.33 68.16
CA GLY I 630 -62.78 -1.74 69.07
C GLY I 630 -64.20 -2.22 68.86
N ASP J 10 -21.26 -9.91 35.15
CA ASP J 10 -21.76 -9.15 36.29
C ASP J 10 -21.07 -9.58 37.58
N GLU J 11 -21.35 -8.83 38.65
CA GLU J 11 -20.73 -9.06 39.94
C GLU J 11 -21.62 -8.42 40.99
N VAL J 12 -21.84 -9.12 42.10
CA VAL J 12 -22.81 -8.69 43.11
C VAL J 12 -22.17 -8.70 44.49
N GLY J 13 -22.91 -8.16 45.45
CA GLY J 13 -22.56 -8.30 46.85
C GLY J 13 -21.49 -7.34 47.31
N VAL J 14 -20.70 -7.80 48.27
CA VAL J 14 -19.67 -6.97 48.88
C VAL J 14 -18.51 -6.77 47.91
N GLN J 15 -18.23 -7.77 47.07
CA GLN J 15 -17.04 -7.74 46.24
C GLN J 15 -17.17 -6.77 45.07
N LYS J 16 -18.39 -6.46 44.65
CA LYS J 16 -18.59 -5.35 43.72
C LYS J 16 -18.18 -4.02 44.35
N CYS J 17 -18.48 -3.85 45.64
CA CYS J 17 -18.11 -2.64 46.34
C CYS J 17 -16.60 -2.57 46.55
N LYS J 18 -15.96 -3.70 46.81
CA LYS J 18 -14.54 -3.71 47.11
C LYS J 18 -13.70 -3.46 45.87
N ASN J 19 -14.18 -3.85 44.70
CA ASN J 19 -13.39 -3.65 43.48
C ASN J 19 -13.48 -2.21 42.99
N ALA J 20 -14.62 -1.56 43.20
CA ALA J 20 -14.78 -0.19 42.73
C ALA J 20 -14.14 0.82 43.68
N LEU J 21 -14.02 0.47 44.97
CA LEU J 21 -13.58 1.43 45.97
C LEU J 21 -12.22 1.13 46.57
N LYS J 22 -11.86 -0.17 46.66
CA LYS J 22 -10.56 -0.65 47.15
C LYS J 22 -10.28 -0.19 48.58
N LEU J 23 -11.22 -0.49 49.47
CA LEU J 23 -11.09 -0.14 50.88
C LEU J 23 -11.90 -1.14 51.68
N PRO J 24 -11.51 -1.44 52.93
CA PRO J 24 -12.12 -2.57 53.65
C PRO J 24 -13.55 -2.32 54.12
N VAL J 25 -14.15 -3.34 54.71
CA VAL J 25 -15.51 -3.30 55.20
C VAL J 25 -15.46 -3.17 56.72
N LEU J 26 -16.39 -2.41 57.29
CA LEU J 26 -16.40 -2.23 58.73
C LEU J 26 -16.84 -3.52 59.40
N GLU J 27 -15.95 -4.12 60.18
CA GLU J 27 -16.14 -5.46 60.70
C GLU J 27 -17.00 -5.52 61.95
N VAL J 28 -17.49 -4.39 62.44
CA VAL J 28 -18.22 -4.32 63.71
C VAL J 28 -19.64 -3.91 63.36
N LEU J 29 -20.55 -4.87 63.24
CA LEU J 29 -21.86 -4.53 62.72
C LEU J 29 -22.97 -4.94 63.68
N PRO J 30 -24.03 -4.15 63.78
CA PRO J 30 -25.15 -4.52 64.64
C PRO J 30 -26.16 -5.38 63.90
N GLY J 31 -27.24 -5.76 64.57
CA GLY J 31 -28.24 -6.60 63.98
C GLY J 31 -28.06 -8.09 64.19
N GLY J 32 -27.07 -8.50 64.95
CA GLY J 32 -26.90 -9.90 65.26
C GLY J 32 -27.56 -10.28 66.57
N GLY J 33 -27.68 -11.57 66.78
CA GLY J 33 -28.23 -12.05 68.03
C GLY J 33 -27.23 -11.97 69.16
N TRP J 34 -27.73 -11.97 70.38
CA TRP J 34 -26.88 -11.78 71.53
C TRP J 34 -27.42 -12.56 72.71
N ASP J 35 -26.64 -13.54 73.18
CA ASP J 35 -26.94 -14.21 74.43
C ASP J 35 -26.50 -13.31 75.57
N ASN J 36 -27.46 -12.87 76.37
CA ASN J 36 -27.16 -11.90 77.42
C ASN J 36 -26.79 -12.55 78.73
N LEU J 37 -26.83 -13.87 78.83
CA LEU J 37 -26.28 -14.55 80.00
C LEU J 37 -24.80 -14.85 79.82
N ARG J 38 -24.39 -15.26 78.64
CA ARG J 38 -23.02 -15.67 78.40
C ARG J 38 -22.17 -14.58 77.77
N ASN J 39 -22.79 -13.48 77.36
CA ASN J 39 -22.17 -12.39 76.58
C ASN J 39 -21.43 -12.90 75.35
N VAL J 40 -22.10 -13.77 74.60
CA VAL J 40 -21.62 -14.20 73.30
C VAL J 40 -22.64 -13.73 72.26
N ASP J 41 -22.19 -13.63 71.02
CA ASP J 41 -23.08 -13.20 69.96
C ASP J 41 -23.43 -14.35 69.03
N MET J 42 -24.66 -14.31 68.57
CA MET J 42 -25.38 -15.39 67.93
C MET J 42 -25.50 -15.18 66.43
N GLY J 43 -26.37 -15.95 65.81
CA GLY J 43 -26.65 -15.77 64.39
C GLY J 43 -27.31 -14.43 64.09
N ARG J 44 -27.25 -14.08 62.82
CA ARG J 44 -27.63 -12.76 62.33
C ARG J 44 -29.14 -12.66 62.17
N VAL J 45 -29.74 -11.66 62.81
CA VAL J 45 -31.19 -11.50 62.81
C VAL J 45 -31.66 -10.53 61.73
N MET J 46 -30.92 -9.46 61.48
CA MET J 46 -31.29 -8.50 60.46
C MET J 46 -30.62 -8.84 59.14
N GLU J 47 -31.02 -8.15 58.08
CA GLU J 47 -30.51 -8.42 56.74
C GLU J 47 -29.44 -7.40 56.39
N LEU J 48 -28.29 -7.88 55.94
CA LEU J 48 -27.18 -7.03 55.53
C LEU J 48 -27.06 -7.05 54.02
N THR J 49 -27.31 -5.91 53.38
CA THR J 49 -27.21 -5.79 51.94
C THR J 49 -26.16 -4.74 51.58
N TYR J 50 -25.52 -4.92 50.45
CA TYR J 50 -24.44 -4.06 49.97
C TYR J 50 -24.75 -3.56 48.58
N SER J 51 -25.97 -3.11 48.36
CA SER J 51 -26.40 -2.75 47.01
C SER J 51 -25.94 -1.36 46.61
N ASN J 52 -25.86 -0.42 47.55
CA ASN J 52 -25.70 0.98 47.23
C ASN J 52 -24.26 1.48 47.37
N CYS J 53 -23.33 0.60 47.74
CA CYS J 53 -21.89 0.90 47.86
C CYS J 53 -21.61 2.05 48.83
N ARG J 54 -22.34 2.06 49.95
CA ARG J 54 -22.19 3.14 50.92
C ARG J 54 -20.86 3.01 51.66
N THR J 55 -20.26 4.14 51.97
CA THR J 55 -19.09 4.20 52.81
C THR J 55 -19.38 5.06 54.02
N THR J 56 -18.45 5.05 54.97
CA THR J 56 -18.54 6.02 56.04
C THR J 56 -18.20 7.41 55.48
N GLU J 57 -18.58 8.43 56.24
CA GLU J 57 -18.46 9.80 55.77
C GLU J 57 -17.02 10.24 55.61
N ASP J 58 -16.11 9.66 56.37
CA ASP J 58 -14.68 9.91 56.15
C ASP J 58 -14.10 9.03 55.04
N GLY J 59 -14.88 8.09 54.52
CA GLY J 59 -14.48 7.33 53.35
C GLY J 59 -13.42 6.29 53.57
N GLN J 60 -13.54 5.49 54.62
CA GLN J 60 -12.54 4.48 54.92
C GLN J 60 -13.10 3.10 55.19
N TYR J 61 -14.42 2.92 55.24
CA TYR J 61 -15.00 1.61 55.42
C TYR J 61 -16.26 1.51 54.60
N ILE J 62 -16.44 0.37 53.93
CA ILE J 62 -17.71 0.03 53.30
C ILE J 62 -18.68 -0.43 54.38
N ILE J 63 -19.88 0.14 54.38
CA ILE J 63 -20.91 -0.22 55.35
C ILE J 63 -22.14 -0.70 54.58
N PRO J 64 -22.99 -1.50 55.21
CA PRO J 64 -24.27 -1.86 54.57
C PRO J 64 -25.21 -0.67 54.43
N ASP J 65 -26.30 -0.91 53.72
CA ASP J 65 -27.19 0.17 53.28
C ASP J 65 -28.09 0.67 54.40
N GLU J 66 -28.49 -0.21 55.29
CA GLU J 66 -29.42 0.03 56.38
C GLU J 66 -28.75 0.49 57.66
N ILE J 67 -27.47 0.79 57.60
CA ILE J 67 -26.68 1.07 58.79
C ILE J 67 -26.05 2.44 58.63
N PHE J 68 -26.25 3.31 59.61
CA PHE J 68 -25.57 4.59 59.65
C PHE J 68 -24.56 4.60 60.78
N THR J 69 -23.49 5.33 60.57
CA THR J 69 -22.41 5.42 61.53
C THR J 69 -22.34 6.84 62.09
N ILE J 70 -21.83 6.96 63.31
CA ILE J 70 -21.61 8.25 63.94
C ILE J 70 -20.12 8.39 64.20
N PRO J 71 -19.44 9.35 63.62
CA PRO J 71 -18.03 9.55 63.92
C PRO J 71 -17.86 10.24 65.26
N GLN J 72 -17.36 9.50 66.24
CA GLN J 72 -16.99 10.10 67.51
C GLN J 72 -15.63 9.54 67.91
N LYS J 73 -14.60 10.19 67.42
CA LYS J 73 -13.23 9.69 67.48
C LYS J 73 -12.67 10.09 68.84
N GLN J 74 -13.00 9.28 69.82
CA GLN J 74 -12.88 9.63 71.22
C GLN J 74 -11.88 8.71 71.90
N SER J 75 -10.91 9.28 72.57
CA SER J 75 -9.88 8.54 73.28
C SER J 75 -9.96 8.89 74.76
N ASN J 76 -9.88 7.90 75.62
CA ASN J 76 -9.92 8.09 77.07
C ASN J 76 -8.68 7.48 77.68
N LEU J 77 -8.11 8.16 78.66
CA LEU J 77 -6.90 7.69 79.30
C LEU J 77 -7.03 7.95 80.79
N GLU J 78 -6.93 6.91 81.59
CA GLU J 78 -7.04 7.03 83.03
C GLU J 78 -5.65 7.03 83.66
N MET J 79 -5.40 7.98 84.53
CA MET J 79 -4.22 7.96 85.39
C MET J 79 -4.48 7.28 86.71
N ASN J 80 -5.62 6.64 86.86
CA ASN J 80 -6.07 6.08 88.10
C ASN J 80 -6.51 4.66 87.84
N SER J 81 -7.16 4.06 88.82
CA SER J 81 -7.74 2.74 88.71
C SER J 81 -9.19 2.82 89.16
N GLU J 82 -9.84 1.68 89.27
CA GLU J 82 -11.15 1.63 89.88
C GLU J 82 -11.28 0.33 90.64
N ILE J 83 -11.87 0.38 91.82
CA ILE J 83 -11.85 -0.72 92.77
C ILE J 83 -13.20 -1.39 92.76
N LEU J 84 -13.20 -2.72 92.68
CA LEU J 84 -14.42 -3.53 92.61
C LEU J 84 -14.28 -4.59 93.68
N GLU J 85 -14.67 -4.28 94.92
CA GLU J 85 -14.43 -5.18 96.05
C GLU J 85 -15.56 -6.19 96.25
N SER J 86 -16.44 -6.37 95.28
CA SER J 86 -17.50 -7.36 95.34
C SER J 86 -17.90 -7.73 93.93
N TRP J 87 -18.18 -9.01 93.71
CA TRP J 87 -18.59 -9.46 92.38
C TRP J 87 -20.07 -9.25 92.09
N ALA J 88 -20.85 -8.72 93.04
CA ALA J 88 -22.26 -8.50 92.77
C ALA J 88 -22.46 -7.32 91.84
N ASN J 89 -21.81 -6.20 92.13
CA ASN J 89 -21.86 -5.03 91.25
C ASN J 89 -20.75 -5.09 90.20
N TYR J 90 -20.95 -6.00 89.25
CA TYR J 90 -19.95 -6.30 88.24
C TYR J 90 -20.12 -5.44 87.00
N GLN J 91 -18.99 -4.95 86.49
CA GLN J 91 -18.91 -4.14 85.29
C GLN J 91 -18.32 -5.00 84.18
N SER J 92 -19.00 -5.10 83.06
CA SER J 92 -18.57 -6.08 82.06
C SER J 92 -17.35 -5.65 81.26
N SER J 93 -17.17 -4.34 81.05
CA SER J 93 -16.09 -3.67 80.31
C SER J 93 -16.11 -3.89 78.81
N THR J 94 -16.97 -4.73 78.28
CA THR J 94 -17.13 -4.84 76.83
C THR J 94 -18.57 -4.95 76.39
N SER J 95 -19.51 -5.23 77.28
CA SER J 95 -20.92 -5.33 76.96
C SER J 95 -21.74 -4.72 78.08
N TYR J 96 -21.30 -3.56 78.54
CA TYR J 96 -21.85 -2.99 79.77
C TYR J 96 -23.24 -2.43 79.58
N SER J 97 -23.53 -1.84 78.43
CA SER J 97 -24.81 -1.15 78.25
C SER J 97 -25.95 -2.11 77.98
N ILE J 98 -25.67 -3.29 77.44
CA ILE J 98 -26.72 -4.26 77.17
C ILE J 98 -27.00 -5.13 78.39
N ASN J 99 -26.09 -5.18 79.36
CA ASN J 99 -26.37 -5.94 80.56
C ASN J 99 -27.12 -5.13 81.61
N THR J 100 -27.02 -3.80 81.59
CA THR J 100 -27.55 -2.96 82.66
C THR J 100 -28.98 -2.51 82.41
N GLU J 101 -29.69 -3.19 81.52
CA GLU J 101 -31.08 -2.86 81.20
C GLU J 101 -32.00 -3.08 82.39
N LEU J 102 -33.15 -2.39 82.37
CA LEU J 102 -34.14 -2.48 83.43
C LEU J 102 -35.07 -3.64 83.12
N SER J 103 -34.97 -4.72 83.90
CA SER J 103 -35.79 -5.90 83.69
C SER J 103 -35.86 -6.68 84.99
N LEU J 104 -36.54 -7.82 84.94
CA LEU J 104 -36.64 -8.70 86.08
C LEU J 104 -35.30 -9.37 86.35
N PHE J 105 -34.62 -9.80 85.29
CA PHE J 105 -33.41 -10.60 85.37
C PHE J 105 -32.18 -9.77 85.09
N SER J 106 -32.17 -8.52 85.55
CA SER J 106 -31.01 -7.67 85.37
C SER J 106 -29.85 -8.09 86.27
N LYS J 107 -30.11 -8.84 87.33
CA LYS J 107 -29.05 -9.33 88.20
C LYS J 107 -28.43 -10.62 87.69
N VAL J 108 -28.95 -11.20 86.63
CA VAL J 108 -28.44 -12.46 86.10
C VAL J 108 -27.73 -12.27 84.77
N ASN J 109 -27.83 -11.08 84.16
CA ASN J 109 -27.19 -10.82 82.88
C ASN J 109 -25.67 -10.81 83.02
N GLY J 110 -25.01 -11.60 82.18
CA GLY J 110 -23.58 -11.69 82.16
C GLY J 110 -22.96 -12.62 83.17
N LYS J 111 -23.76 -13.31 83.97
CA LYS J 111 -23.25 -14.13 85.07
C LYS J 111 -22.77 -15.49 84.64
N PHE J 112 -22.76 -15.78 83.36
CA PHE J 112 -22.17 -17.01 82.83
C PHE J 112 -21.10 -16.71 81.81
N SER J 113 -20.67 -15.46 81.74
CA SER J 113 -19.61 -15.05 80.86
C SER J 113 -18.29 -15.58 81.39
N THR J 114 -17.33 -15.77 80.49
CA THR J 114 -16.01 -16.22 80.92
C THR J 114 -15.28 -15.14 81.66
N GLU J 115 -15.58 -13.89 81.37
CA GLU J 115 -14.93 -12.76 82.04
C GLU J 115 -15.47 -12.58 83.45
N PHE J 116 -16.72 -12.93 83.69
CA PHE J 116 -17.26 -12.89 85.05
C PHE J 116 -16.80 -14.07 85.87
N GLN J 117 -16.92 -15.27 85.31
CA GLN J 117 -16.60 -16.49 86.05
C GLN J 117 -15.12 -16.63 86.32
N ARG J 118 -14.28 -15.96 85.55
CA ARG J 118 -12.88 -15.88 85.92
C ARG J 118 -12.66 -14.87 87.03
N MET J 119 -13.49 -13.84 87.12
CA MET J 119 -13.28 -12.83 88.15
C MET J 119 -13.82 -13.30 89.49
N LYS J 120 -14.93 -14.03 89.49
CA LYS J 120 -15.54 -14.49 90.73
C LYS J 120 -14.68 -15.54 91.40
N THR J 121 -14.04 -16.41 90.63
CA THR J 121 -13.21 -17.46 91.20
C THR J 121 -11.85 -16.95 91.67
N LEU J 122 -11.55 -15.67 91.50
CA LEU J 122 -10.34 -15.08 92.04
C LEU J 122 -10.61 -14.24 93.28
N GLN J 123 -11.84 -13.79 93.49
CA GLN J 123 -12.18 -13.08 94.70
C GLN J 123 -12.62 -14.00 95.83
N VAL J 124 -12.95 -15.25 95.52
CA VAL J 124 -13.38 -16.20 96.52
C VAL J 124 -12.26 -17.14 96.92
N LYS J 125 -11.50 -17.61 95.93
CA LYS J 125 -10.37 -18.49 96.19
C LYS J 125 -9.25 -17.78 96.93
N ASP J 126 -9.06 -16.49 96.64
CA ASP J 126 -7.93 -15.75 97.15
C ASP J 126 -8.33 -14.65 98.12
N GLN J 127 -9.63 -14.51 98.41
CA GLN J 127 -10.19 -13.48 99.30
C GLN J 127 -9.78 -12.08 98.87
N ALA J 128 -10.00 -11.78 97.60
CA ALA J 128 -9.35 -10.66 96.95
C ALA J 128 -10.35 -9.59 96.55
N ILE J 129 -9.79 -8.42 96.20
CA ILE J 129 -10.51 -7.33 95.57
C ILE J 129 -9.91 -7.12 94.19
N THR J 130 -10.67 -6.50 93.30
CA THR J 130 -10.28 -6.37 91.91
C THR J 130 -10.14 -4.90 91.54
N THR J 131 -9.04 -4.57 90.87
CA THR J 131 -8.84 -3.25 90.30
C THR J 131 -8.79 -3.34 88.79
N ARG J 132 -9.16 -2.25 88.11
CA ARG J 132 -9.14 -2.25 86.64
C ARG J 132 -8.70 -0.88 86.12
N VAL J 133 -7.68 -0.87 85.27
CA VAL J 133 -7.23 0.33 84.57
C VAL J 133 -7.39 0.07 83.08
N GLN J 134 -7.86 1.06 82.33
CA GLN J 134 -8.03 0.83 80.90
C GLN J 134 -7.82 2.10 80.09
N VAL J 135 -7.33 1.90 78.88
CA VAL J 135 -7.21 2.94 77.86
C VAL J 135 -8.19 2.58 76.75
N ARG J 136 -9.28 3.32 76.64
CA ARG J 136 -10.33 3.02 75.68
C ARG J 136 -10.29 4.01 74.54
N ASN J 137 -10.53 3.51 73.33
CA ASN J 137 -10.40 4.29 72.11
C ASN J 137 -11.62 4.03 71.26
N LEU J 138 -12.67 4.79 71.48
CA LEU J 138 -13.92 4.69 70.73
C LEU J 138 -13.83 5.46 69.42
N VAL J 139 -14.09 4.81 68.30
CA VAL J 139 -13.94 5.42 66.98
C VAL J 139 -15.29 5.69 66.33
N TYR J 140 -16.16 4.68 66.27
CA TYR J 140 -17.48 4.83 65.65
C TYR J 140 -18.57 4.33 66.57
N THR J 141 -19.75 4.90 66.40
CA THR J 141 -20.99 4.30 66.87
C THR J 141 -21.77 3.88 65.64
N VAL J 142 -22.13 2.61 65.58
CA VAL J 142 -22.68 1.99 64.39
C VAL J 142 -24.08 1.51 64.74
N LYS J 143 -25.11 2.08 64.11
CA LYS J 143 -26.49 1.80 64.46
C LYS J 143 -27.27 1.26 63.27
N ILE J 144 -28.50 0.82 63.54
CA ILE J 144 -29.41 0.31 62.52
C ILE J 144 -30.51 1.34 62.26
N ASN J 145 -30.81 1.52 60.98
CA ASN J 145 -31.96 2.32 60.56
C ASN J 145 -33.22 1.60 61.01
N PRO J 146 -34.20 2.29 61.61
CA PRO J 146 -35.42 1.62 62.10
C PRO J 146 -36.32 1.01 61.02
N THR J 147 -36.03 1.18 59.73
CA THR J 147 -36.85 0.60 58.68
C THR J 147 -36.17 -0.59 58.02
N LEU J 148 -35.52 -1.41 58.82
CA LEU J 148 -34.79 -2.58 58.37
C LEU J 148 -35.67 -3.82 58.47
N GLU J 149 -35.39 -4.81 57.62
CA GLU J 149 -36.11 -6.07 57.57
C GLU J 149 -35.26 -7.22 58.09
N LEU J 150 -35.93 -8.33 58.36
CA LEU J 150 -35.32 -9.50 58.97
C LEU J 150 -34.46 -10.28 57.98
N SER J 151 -33.64 -11.15 58.54
CA SER J 151 -32.76 -11.96 57.72
C SER J 151 -33.55 -13.08 57.06
N SER J 152 -32.90 -13.74 56.10
CA SER J 152 -33.57 -14.81 55.36
C SER J 152 -33.68 -16.08 56.20
N GLY J 153 -32.70 -16.35 57.04
CA GLY J 153 -32.73 -17.54 57.87
C GLY J 153 -33.60 -17.37 59.09
N PHE J 154 -33.61 -16.17 59.66
CA PHE J 154 -34.41 -15.94 60.86
C PHE J 154 -35.90 -15.87 60.56
N ARG J 155 -36.26 -15.37 59.38
CA ARG J 155 -37.66 -15.34 58.97
C ARG J 155 -38.19 -16.74 58.72
N LYS J 156 -37.36 -17.63 58.19
CA LYS J 156 -37.77 -19.00 57.91
C LYS J 156 -38.08 -19.76 59.19
N GLU J 157 -37.33 -19.50 60.26
CA GLU J 157 -37.57 -20.23 61.49
C GLU J 157 -38.68 -19.63 62.32
N LEU J 158 -39.07 -18.39 62.06
CA LEU J 158 -40.29 -17.84 62.64
C LEU J 158 -41.52 -18.33 61.91
N LEU J 159 -41.40 -18.58 60.61
CA LEU J 159 -42.51 -19.13 59.84
C LEU J 159 -42.75 -20.60 60.15
N ASP J 160 -41.74 -21.31 60.62
CA ASP J 160 -41.94 -22.70 61.05
C ASP J 160 -42.62 -22.78 62.40
N ILE J 161 -42.34 -21.82 63.29
CA ILE J 161 -43.12 -21.70 64.51
C ILE J 161 -44.54 -21.27 64.17
N SER J 162 -44.66 -20.42 63.16
CA SER J 162 -45.96 -19.90 62.74
C SER J 162 -46.88 -21.00 62.22
N ASP J 163 -46.31 -22.01 61.55
CA ASP J 163 -47.12 -23.10 61.02
C ASP J 163 -47.67 -23.97 62.13
N ARG J 164 -46.91 -24.17 63.20
CA ARG J 164 -47.34 -25.01 64.30
C ARG J 164 -48.42 -24.34 65.13
N LEU J 165 -48.44 -23.01 65.21
CA LEU J 165 -49.52 -22.33 65.91
C LEU J 165 -50.81 -22.37 65.13
N GLU J 166 -50.75 -22.49 63.80
CA GLU J 166 -51.96 -22.62 63.01
C GLU J 166 -52.66 -23.95 63.25
N ASN J 167 -51.88 -25.04 63.27
CA ASN J 167 -52.37 -26.39 63.37
C ASN J 167 -52.71 -26.82 64.78
N ASN J 168 -52.72 -25.89 65.74
CA ASN J 168 -52.94 -26.17 67.17
C ASN J 168 -51.95 -27.22 67.66
N GLN J 169 -50.67 -26.96 67.44
CA GLN J 169 -49.60 -27.87 67.87
C GLN J 169 -48.71 -27.07 68.81
N THR J 170 -49.12 -27.01 70.08
CA THR J 170 -48.51 -26.09 71.03
C THR J 170 -47.21 -26.64 71.57
N ARG J 171 -47.14 -27.94 71.82
CA ARG J 171 -45.92 -28.54 72.36
C ARG J 171 -44.81 -28.56 71.33
N MET J 172 -45.15 -28.63 70.06
CA MET J 172 -44.12 -28.64 69.03
C MET J 172 -43.69 -27.23 68.66
N ALA J 173 -44.55 -26.24 68.88
CA ALA J 173 -44.16 -24.85 68.69
C ALA J 173 -43.31 -24.35 69.84
N THR J 174 -43.58 -24.83 71.05
CA THR J 174 -42.76 -24.49 72.22
C THR J 174 -41.37 -25.05 72.08
N TYR J 175 -41.24 -26.23 71.49
CA TYR J 175 -39.93 -26.82 71.22
C TYR J 175 -39.15 -26.00 70.21
N LEU J 176 -39.79 -25.58 69.12
CA LEU J 176 -39.09 -24.81 68.10
C LEU J 176 -38.81 -23.38 68.55
N ALA J 177 -39.59 -22.84 69.48
CA ALA J 177 -39.30 -21.52 70.00
C ALA J 177 -38.04 -21.51 70.85
N GLU J 178 -37.75 -22.62 71.53
CA GLU J 178 -36.55 -22.74 72.32
C GLU J 178 -35.31 -23.02 71.50
N LEU J 179 -35.45 -23.61 70.32
CA LEU J 179 -34.33 -23.71 69.41
C LEU J 179 -34.03 -22.40 68.72
N LEU J 180 -34.98 -21.46 68.72
CA LEU J 180 -34.69 -20.12 68.22
C LEU J 180 -33.78 -19.37 69.17
N VAL J 181 -33.89 -19.66 70.47
CA VAL J 181 -33.08 -19.01 71.48
C VAL J 181 -31.70 -19.64 71.56
N LEU J 182 -31.58 -20.94 71.26
CA LEU J 182 -30.27 -21.56 71.12
C LEU J 182 -29.48 -20.94 69.97
N ASN J 183 -30.15 -20.64 68.87
CA ASN J 183 -29.45 -20.22 67.68
C ASN J 183 -29.33 -18.70 67.56
N TYR J 184 -30.21 -17.95 68.19
CA TYR J 184 -30.23 -16.51 68.00
C TYR J 184 -30.19 -15.70 69.29
N GLY J 185 -30.10 -16.35 70.44
CA GLY J 185 -29.91 -15.62 71.68
C GLY J 185 -31.19 -15.05 72.24
N THR J 186 -31.02 -14.11 73.16
CA THR J 186 -32.13 -13.48 73.85
C THR J 186 -32.32 -12.02 73.46
N HIS J 187 -31.38 -11.44 72.73
CA HIS J 187 -31.38 -10.02 72.41
C HIS J 187 -30.87 -9.82 71.00
N VAL J 188 -31.13 -8.65 70.46
CA VAL J 188 -30.62 -8.22 69.17
C VAL J 188 -29.83 -6.94 69.39
N THR J 189 -28.58 -6.91 68.95
CA THR J 189 -27.77 -5.71 69.12
C THR J 189 -28.25 -4.64 68.15
N THR J 190 -28.62 -3.49 68.67
CA THR J 190 -29.06 -2.40 67.82
C THR J 190 -28.01 -1.32 67.64
N SER J 191 -27.03 -1.23 68.54
CA SER J 191 -25.88 -0.36 68.29
C SER J 191 -24.64 -0.98 68.90
N VAL J 192 -23.54 -0.84 68.19
CA VAL J 192 -22.24 -1.27 68.67
C VAL J 192 -21.30 -0.07 68.66
N ASP J 193 -20.30 -0.11 69.51
CA ASP J 193 -19.25 0.89 69.56
C ASP J 193 -17.97 0.25 69.05
N ALA J 194 -17.49 0.72 67.91
CA ALA J 194 -16.30 0.16 67.30
C ALA J 194 -15.06 0.86 67.81
N GLY J 195 -14.11 0.09 68.33
CA GLY J 195 -12.89 0.66 68.81
C GLY J 195 -11.98 -0.39 69.41
N ALA J 196 -11.04 0.07 70.23
CA ALA J 196 -10.07 -0.79 70.87
C ALA J 196 -9.94 -0.41 72.33
N ALA J 197 -9.41 -1.33 73.13
CA ALA J 197 -9.20 -1.07 74.55
C ALA J 197 -8.02 -1.88 75.03
N LEU J 198 -7.29 -1.33 75.99
CA LEU J 198 -6.17 -2.02 76.61
C LEU J 198 -6.44 -2.01 78.11
N ILE J 199 -6.60 -3.19 78.71
CA ILE J 199 -7.13 -3.30 80.06
C ILE J 199 -6.11 -3.99 80.96
N GLN J 200 -5.91 -3.44 82.16
CA GLN J 200 -5.18 -4.05 83.27
C GLN J 200 -6.17 -4.55 84.29
N GLU J 201 -5.93 -5.73 84.84
CA GLU J 201 -6.82 -6.24 85.88
C GLU J 201 -5.99 -6.93 86.94
N ASP J 202 -5.74 -6.24 88.06
CA ASP J 202 -5.03 -6.79 89.18
C ASP J 202 -6.01 -7.27 90.24
N HIS J 203 -5.57 -8.25 91.01
CA HIS J 203 -6.29 -8.71 92.19
C HIS J 203 -5.41 -8.50 93.41
N LEU J 204 -5.94 -7.82 94.41
CA LEU J 204 -5.22 -7.48 95.62
C LEU J 204 -5.92 -8.14 96.79
N ARG J 205 -5.17 -8.45 97.84
CA ARG J 205 -5.79 -8.99 99.05
C ARG J 205 -6.69 -7.95 99.68
N ALA J 206 -7.83 -8.40 100.22
CA ALA J 206 -8.81 -7.48 100.76
C ALA J 206 -8.36 -6.81 102.04
N SER J 207 -7.34 -7.36 102.70
CA SER J 207 -6.74 -6.72 103.86
C SER J 207 -5.95 -5.48 103.49
N PHE J 208 -5.50 -5.38 102.24
CA PHE J 208 -4.66 -4.27 101.82
C PHE J 208 -5.46 -2.99 101.63
N LEU J 209 -6.77 -3.08 101.41
CA LEU J 209 -7.60 -1.91 101.19
C LEU J 209 -8.19 -1.36 102.48
N GLN J 210 -8.24 -2.15 103.53
CA GLN J 210 -8.94 -1.82 104.77
C GLN J 210 -8.24 -0.74 105.61
N ASP J 211 -7.25 0.02 105.14
CA ASP J 211 -6.54 0.95 106.00
C ASP J 211 -7.38 2.19 106.29
N SER J 212 -7.70 2.98 105.26
CA SER J 212 -8.50 4.19 105.42
C SER J 212 -9.07 4.57 104.06
N GLN J 213 -9.75 5.72 104.03
CA GLN J 213 -10.22 6.32 102.79
C GLN J 213 -9.18 7.22 102.14
N SER J 214 -8.05 7.45 102.81
CA SER J 214 -6.91 8.12 102.21
C SER J 214 -5.89 7.14 101.66
N SER J 215 -5.89 5.91 102.17
CA SER J 215 -5.08 4.87 101.55
C SER J 215 -5.68 4.43 100.22
N ARG J 216 -7.00 4.58 100.08
CA ARG J 216 -7.69 4.16 98.86
C ARG J 216 -7.25 4.97 97.65
N SER J 217 -7.03 6.26 97.82
CA SER J 217 -6.58 7.10 96.72
C SER J 217 -5.09 6.97 96.45
N ALA J 218 -4.37 6.15 97.20
CA ALA J 218 -2.99 5.81 96.89
C ALA J 218 -2.81 4.40 96.38
N VAL J 219 -3.69 3.47 96.79
CA VAL J 219 -3.79 2.17 96.13
C VAL J 219 -4.21 2.37 94.68
N THR J 220 -5.15 3.29 94.44
CA THR J 220 -5.76 3.47 93.14
C THR J 220 -4.81 4.13 92.16
N ALA J 221 -4.02 5.10 92.62
CA ALA J 221 -3.06 5.75 91.73
C ALA J 221 -1.76 4.98 91.59
N SER J 222 -1.59 3.91 92.38
CA SER J 222 -0.44 3.04 92.19
C SER J 222 -0.68 2.06 91.06
N ALA J 223 -1.91 1.56 90.95
CA ALA J 223 -2.27 0.64 89.88
C ALA J 223 -2.23 1.31 88.52
N GLY J 224 -2.57 2.60 88.45
CA GLY J 224 -2.44 3.31 87.21
C GLY J 224 -1.01 3.65 86.84
N LEU J 225 -0.13 3.68 87.83
CA LEU J 225 1.28 3.92 87.59
C LEU J 225 1.97 2.65 87.10
N ALA J 226 1.60 1.51 87.69
CA ALA J 226 2.13 0.22 87.25
C ALA J 226 1.69 -0.11 85.84
N PHE J 227 0.50 0.34 85.44
CA PHE J 227 -0.01 0.07 84.10
C PHE J 227 0.75 0.86 83.05
N GLN J 228 1.14 2.08 83.37
CA GLN J 228 1.91 2.87 82.43
C GLN J 228 3.36 2.43 82.37
N ASN J 229 3.88 1.83 83.44
CA ASN J 229 5.20 1.25 83.38
C ASN J 229 5.21 0.01 82.51
N THR J 230 4.17 -0.81 82.62
CA THR J 230 4.09 -2.07 81.89
C THR J 230 3.98 -1.85 80.39
N VAL J 231 3.29 -0.80 79.97
CA VAL J 231 3.25 -0.54 78.54
C VAL J 231 4.57 0.04 78.05
N ASN J 232 5.22 0.90 78.84
CA ASN J 232 6.39 1.58 78.32
C ASN J 232 7.70 0.82 78.46
N PHE J 233 7.89 0.03 79.53
CA PHE J 233 9.25 -0.36 79.93
C PHE J 233 9.58 -1.84 79.81
N LYS J 234 9.22 -2.47 78.69
CA LYS J 234 10.00 -3.55 78.06
C LYS J 234 10.24 -4.79 78.93
N PHE J 235 9.43 -4.96 79.99
CA PHE J 235 9.49 -6.00 81.04
C PHE J 235 10.67 -5.79 81.98
N GLU J 236 11.56 -4.84 81.67
CA GLU J 236 12.74 -4.62 82.48
C GLU J 236 12.37 -3.85 83.74
N GLU J 237 13.31 -3.79 84.67
CA GLU J 237 13.13 -2.96 85.86
C GLU J 237 13.72 -1.57 85.65
N ASN J 238 13.33 -0.95 84.54
CA ASN J 238 13.52 0.46 84.29
C ASN J 238 12.32 1.27 84.75
N TYR J 239 11.56 0.73 85.71
CA TYR J 239 10.32 1.36 86.14
C TYR J 239 10.60 2.60 86.97
N THR J 240 9.68 3.55 86.88
CA THR J 240 9.73 4.76 87.71
C THR J 240 8.89 4.54 88.98
N SER J 241 9.33 3.57 89.77
CA SER J 241 8.66 3.21 91.03
C SER J 241 8.83 4.35 92.03
N GLN J 242 7.74 5.06 92.29
CA GLN J 242 7.80 6.34 92.98
C GLN J 242 7.90 6.24 94.50
N ASN J 243 7.45 5.14 95.09
CA ASN J 243 7.33 5.07 96.53
C ASN J 243 7.73 3.69 97.02
N VAL J 244 7.58 3.49 98.33
CA VAL J 244 7.54 2.17 98.90
C VAL J 244 6.14 1.59 98.76
N LEU J 245 5.13 2.46 98.58
CA LEU J 245 3.76 2.01 98.36
C LEU J 245 3.61 1.28 97.04
N THR J 246 4.45 1.58 96.05
CA THR J 246 4.52 0.76 94.85
C THR J 246 5.08 -0.61 95.18
N LYS J 247 6.10 -0.68 96.04
CA LYS J 247 6.68 -1.96 96.41
C LYS J 247 5.73 -2.76 97.31
N SER J 248 5.01 -2.07 98.20
CA SER J 248 4.02 -2.78 99.00
C SER J 248 2.80 -3.18 98.19
N TYR J 249 2.53 -2.50 97.07
CA TYR J 249 1.45 -2.90 96.19
C TYR J 249 1.72 -4.25 95.55
N LEU J 250 2.98 -4.52 95.22
CA LEU J 250 3.31 -5.74 94.50
C LEU J 250 3.21 -6.96 95.39
N SER J 251 3.45 -6.80 96.68
CA SER J 251 3.48 -7.96 97.56
C SER J 251 2.09 -8.40 97.99
N ASN J 252 1.09 -7.52 97.92
CA ASN J 252 -0.29 -7.90 98.16
C ASN J 252 -1.02 -8.28 96.89
N ARG J 253 -0.41 -8.06 95.74
CA ARG J 253 -1.02 -8.39 94.46
C ARG J 253 -1.16 -9.89 94.30
N THR J 254 -2.35 -10.34 93.90
CA THR J 254 -2.59 -11.76 93.72
C THR J 254 -2.44 -12.21 92.27
N ASN J 255 -3.09 -11.57 91.28
CA ASN J 255 -3.10 -12.19 89.95
C ASN J 255 -2.46 -11.38 88.83
N SER J 256 -2.93 -10.15 88.53
CA SER J 256 -2.41 -9.28 87.46
C SER J 256 -2.44 -9.79 86.02
N ARG J 257 -3.61 -9.80 85.39
CA ARG J 257 -3.71 -10.02 83.94
C ARG J 257 -3.66 -8.70 83.17
N VAL J 258 -3.10 -8.74 81.97
CA VAL J 258 -3.16 -7.62 81.03
C VAL J 258 -3.86 -8.08 79.77
N GLN J 259 -4.90 -7.37 79.36
CA GLN J 259 -5.75 -7.80 78.26
C GLN J 259 -5.84 -6.71 77.21
N SER J 260 -5.64 -7.08 75.96
CA SER J 260 -5.84 -6.19 74.83
C SER J 260 -7.08 -6.65 74.07
N ILE J 261 -7.97 -5.72 73.76
CA ILE J 261 -9.19 -6.02 73.02
C ILE J 261 -9.19 -5.13 71.79
N GLY J 262 -8.92 -5.71 70.64
CA GLY J 262 -8.79 -4.94 69.42
C GLY J 262 -7.40 -4.37 69.26
N GLY J 263 -7.14 -3.84 68.08
CA GLY J 263 -5.84 -3.32 67.81
C GLY J 263 -4.83 -4.42 67.55
N VAL J 264 -3.55 -4.06 67.72
CA VAL J 264 -2.45 -5.00 67.58
C VAL J 264 -2.28 -5.75 68.90
N PRO J 265 -1.69 -6.95 68.91
CA PRO J 265 -1.52 -7.67 70.17
C PRO J 265 -0.55 -6.98 71.11
N PHE J 266 -0.88 -7.00 72.39
CA PHE J 266 -0.06 -6.36 73.39
C PHE J 266 1.16 -7.21 73.73
N TYR J 267 2.28 -6.54 73.95
CA TYR J 267 3.46 -7.12 74.56
C TYR J 267 4.04 -6.04 75.47
N PRO J 268 4.65 -6.42 76.60
CA PRO J 268 5.16 -5.41 77.51
C PRO J 268 6.36 -4.67 76.92
N GLY J 269 6.15 -3.42 76.56
CA GLY J 269 7.17 -2.68 75.86
C GLY J 269 6.67 -1.93 74.66
N ILE J 270 5.48 -2.27 74.16
CA ILE J 270 4.89 -1.48 73.09
C ILE J 270 4.41 -0.16 73.69
N THR J 271 4.90 0.94 73.14
CA THR J 271 4.55 2.22 73.73
C THR J 271 3.09 2.55 73.45
N LEU J 272 2.56 3.50 74.23
CA LEU J 272 1.15 3.86 74.07
C LEU J 272 0.92 4.56 72.74
N GLN J 273 1.94 5.23 72.23
CA GLN J 273 1.91 5.75 70.87
C GLN J 273 1.78 4.62 69.85
N ALA J 274 2.56 3.56 70.00
CA ALA J 274 2.61 2.52 68.98
C ALA J 274 1.41 1.59 69.03
N TRP J 275 0.80 1.42 70.21
CA TRP J 275 -0.43 0.65 70.29
C TRP J 275 -1.57 1.37 69.59
N GLN J 276 -1.58 2.70 69.65
CA GLN J 276 -2.62 3.50 69.03
C GLN J 276 -2.46 3.66 67.54
N GLN J 277 -1.34 3.25 66.96
CA GLN J 277 -1.20 3.26 65.52
C GLN J 277 -1.77 2.00 64.88
N GLY J 278 -1.90 0.93 65.66
CA GLY J 278 -2.43 -0.31 65.15
C GLY J 278 -3.92 -0.49 65.34
N ILE J 279 -4.60 0.53 65.84
CA ILE J 279 -6.05 0.47 66.02
C ILE J 279 -6.75 0.53 64.68
N THR J 280 -6.15 1.22 63.71
CA THR J 280 -6.70 1.31 62.36
C THR J 280 -6.76 -0.06 61.70
N ASN J 281 -7.95 -0.41 61.22
CA ASN J 281 -8.36 -1.67 60.57
C ASN J 281 -8.40 -2.85 61.52
N HIS J 282 -8.22 -2.66 62.82
CA HIS J 282 -8.43 -3.71 63.80
C HIS J 282 -9.38 -3.14 64.83
N LEU J 283 -10.67 -3.15 64.54
CA LEU J 283 -11.67 -2.59 65.42
C LEU J 283 -12.62 -3.69 65.86
N VAL J 284 -13.00 -3.67 67.13
CA VAL J 284 -13.91 -4.65 67.67
C VAL J 284 -15.02 -3.89 68.40
N ALA J 285 -16.03 -4.63 68.84
CA ALA J 285 -17.10 -4.03 69.62
C ALA J 285 -16.65 -3.93 71.07
N ILE J 286 -16.42 -2.71 71.53
CA ILE J 286 -16.10 -2.48 72.94
C ILE J 286 -17.32 -2.10 73.76
N ASP J 287 -18.47 -1.90 73.13
CA ASP J 287 -19.72 -1.72 73.85
C ASP J 287 -20.87 -2.06 72.90
N ARG J 288 -22.01 -2.43 73.48
CA ARG J 288 -23.20 -2.83 72.74
C ARG J 288 -24.44 -2.34 73.44
N SER J 289 -25.46 -2.04 72.66
CA SER J 289 -26.80 -1.82 73.18
C SER J 289 -27.76 -2.73 72.42
N GLY J 290 -28.92 -2.96 72.99
CA GLY J 290 -29.84 -3.86 72.33
C GLY J 290 -31.26 -3.79 72.84
N LEU J 291 -32.08 -4.68 72.29
CA LEU J 291 -33.48 -4.86 72.64
C LEU J 291 -33.73 -6.36 72.67
N PRO J 292 -34.75 -6.80 73.41
CA PRO J 292 -35.07 -8.23 73.45
C PRO J 292 -35.54 -8.76 72.11
N LEU J 293 -35.49 -10.08 71.98
CA LEU J 293 -35.67 -10.73 70.69
C LEU J 293 -37.11 -10.67 70.22
N HIS J 294 -38.07 -10.65 71.14
CA HIS J 294 -39.48 -10.58 70.78
C HIS J 294 -39.95 -9.18 70.46
N PHE J 295 -39.10 -8.16 70.64
CA PHE J 295 -39.45 -6.82 70.21
C PHE J 295 -39.56 -6.75 68.69
N PHE J 296 -38.77 -7.54 67.98
CA PHE J 296 -38.72 -7.50 66.54
C PHE J 296 -39.64 -8.53 65.90
N ILE J 297 -40.54 -9.13 66.68
CA ILE J 297 -41.59 -9.97 66.14
C ILE J 297 -42.89 -9.20 66.28
N ASN J 298 -43.23 -8.44 65.24
CA ASN J 298 -44.36 -7.53 65.25
C ASN J 298 -44.94 -7.53 63.85
N PRO J 299 -46.16 -7.02 63.66
CA PRO J 299 -46.76 -7.04 62.30
C PRO J 299 -46.02 -6.22 61.26
N ASN J 300 -45.11 -5.34 61.66
CA ASN J 300 -44.33 -4.57 60.69
C ASN J 300 -43.22 -5.41 60.07
N MET J 301 -42.52 -6.20 60.89
CA MET J 301 -41.42 -7.01 60.36
C MET J 301 -41.92 -8.20 59.56
N LEU J 302 -43.14 -8.68 59.86
CA LEU J 302 -43.73 -9.84 59.20
C LEU J 302 -45.01 -9.37 58.51
N PRO J 303 -44.90 -8.82 57.30
CA PRO J 303 -46.09 -8.28 56.63
C PRO J 303 -46.89 -9.31 55.87
N ASP J 304 -46.36 -10.51 55.68
CA ASP J 304 -47.03 -11.57 54.95
C ASP J 304 -47.72 -12.58 55.86
N LEU J 305 -48.00 -12.18 57.10
CA LEU J 305 -48.72 -13.01 58.05
C LEU J 305 -49.80 -12.17 58.71
N PRO J 306 -50.89 -12.79 59.19
CA PRO J 306 -51.93 -12.00 59.84
C PRO J 306 -51.49 -11.42 61.18
N GLY J 307 -52.25 -10.43 61.62
CA GLY J 307 -51.98 -9.68 62.82
C GLY J 307 -51.94 -10.46 64.12
N PRO J 308 -53.01 -11.16 64.48
CA PRO J 308 -52.98 -11.94 65.74
C PRO J 308 -52.10 -13.15 65.69
N LEU J 309 -51.63 -13.57 64.53
CA LEU J 309 -50.80 -14.75 64.44
C LEU J 309 -49.32 -14.45 64.64
N VAL J 310 -48.88 -13.22 64.37
CA VAL J 310 -47.51 -12.85 64.73
C VAL J 310 -47.41 -12.42 66.18
N LYS J 311 -48.53 -12.27 66.87
CA LYS J 311 -48.55 -12.07 68.30
C LYS J 311 -48.55 -13.38 69.07
N LYS J 312 -48.88 -14.49 68.42
CA LYS J 312 -48.70 -15.79 69.03
C LYS J 312 -47.26 -16.23 68.94
N VAL J 313 -46.59 -15.88 67.83
CA VAL J 313 -45.17 -16.17 67.68
C VAL J 313 -44.35 -15.33 68.64
N SER J 314 -44.75 -14.06 68.81
CA SER J 314 -44.01 -13.17 69.70
C SER J 314 -44.19 -13.56 71.16
N LYS J 315 -45.33 -14.16 71.51
CA LYS J 315 -45.56 -14.56 72.89
C LYS J 315 -44.91 -15.90 73.19
N THR J 316 -44.82 -16.79 72.22
CA THR J 316 -44.18 -18.07 72.48
C THR J 316 -42.66 -17.99 72.46
N VAL J 317 -42.09 -16.90 71.97
CA VAL J 317 -40.65 -16.68 72.07
C VAL J 317 -40.31 -15.89 73.32
N GLU J 318 -41.19 -14.97 73.73
CA GLU J 318 -41.02 -14.27 75.00
C GLU J 318 -41.06 -15.23 76.18
N THR J 319 -41.86 -16.29 76.08
CA THR J 319 -41.91 -17.29 77.13
C THR J 319 -40.67 -18.17 77.13
N ALA J 320 -40.11 -18.43 75.94
CA ALA J 320 -38.93 -19.28 75.87
C ALA J 320 -37.68 -18.56 76.36
N VAL J 321 -37.59 -17.25 76.15
CA VAL J 321 -36.48 -16.47 76.67
C VAL J 321 -36.58 -16.36 78.18
N LYS J 322 -37.78 -16.14 78.69
CA LYS J 322 -37.98 -16.01 80.13
C LYS J 322 -37.74 -17.33 80.85
N ARG J 323 -38.02 -18.45 80.18
CA ARG J 323 -37.73 -19.76 80.76
C ARG J 323 -36.24 -20.02 80.83
N TYR J 324 -35.47 -19.41 79.93
CA TYR J 324 -34.04 -19.61 79.90
C TYR J 324 -33.33 -18.86 81.03
N TYR J 325 -33.86 -17.72 81.44
CA TYR J 325 -33.30 -17.01 82.58
C TYR J 325 -33.66 -17.68 83.90
N THR J 326 -34.81 -18.32 83.96
CA THR J 326 -35.27 -18.92 85.21
C THR J 326 -34.48 -20.17 85.54
N PHE J 327 -34.13 -20.95 84.53
CA PHE J 327 -33.41 -22.19 84.77
C PHE J 327 -31.93 -21.98 85.05
N ASN J 328 -31.44 -20.75 84.90
CA ASN J 328 -30.05 -20.40 85.15
C ASN J 328 -29.95 -19.40 86.30
N THR J 329 -30.92 -19.42 87.21
CA THR J 329 -30.92 -18.56 88.38
C THR J 329 -30.71 -19.44 89.61
N TYR J 330 -29.69 -19.09 90.40
CA TYR J 330 -29.30 -19.85 91.59
C TYR J 330 -29.34 -18.91 92.78
N PRO J 331 -30.45 -18.83 93.51
CA PRO J 331 -30.44 -18.05 94.74
C PRO J 331 -29.67 -18.76 95.84
N GLY J 332 -29.03 -17.97 96.69
CA GLY J 332 -28.25 -18.52 97.77
C GLY J 332 -27.52 -17.44 98.53
N CYS J 333 -26.77 -17.87 99.51
CA CYS J 333 -25.95 -16.95 100.30
C CYS J 333 -24.73 -16.55 99.49
N THR J 334 -24.56 -15.26 99.27
CA THR J 334 -23.48 -14.75 98.42
C THR J 334 -22.36 -14.09 99.21
N ASP J 335 -22.51 -13.94 100.52
CA ASP J 335 -21.47 -13.32 101.35
C ASP J 335 -20.41 -14.37 101.67
N LEU J 336 -19.16 -14.11 101.25
CA LEU J 336 -18.10 -15.10 101.39
C LEU J 336 -17.63 -15.26 102.84
N ASN J 337 -17.94 -14.31 103.70
CA ASN J 337 -17.54 -14.41 105.10
C ASN J 337 -18.55 -15.15 105.96
N SER J 338 -19.76 -15.35 105.47
CA SER J 338 -20.75 -16.12 106.21
C SER J 338 -20.38 -17.60 106.20
N PRO J 339 -20.70 -18.33 107.28
CA PRO J 339 -20.32 -19.75 107.33
C PRO J 339 -21.09 -20.61 106.35
N ASN J 340 -22.34 -20.27 106.05
CA ASN J 340 -23.13 -20.98 105.06
C ASN J 340 -23.05 -20.32 103.68
N PHE J 341 -21.83 -20.08 103.21
CA PHE J 341 -21.62 -19.44 101.91
C PHE J 341 -21.95 -20.40 100.77
N ASN J 342 -22.82 -19.95 99.88
CA ASN J 342 -23.18 -20.73 98.70
C ASN J 342 -22.31 -20.24 97.54
N PHE J 343 -21.21 -20.92 97.32
CA PHE J 343 -20.57 -20.89 96.02
C PHE J 343 -21.50 -21.57 95.04
N GLN J 344 -21.37 -21.21 93.76
CA GLN J 344 -22.34 -21.54 92.70
C GLN J 344 -23.72 -20.95 93.02
N ALA J 345 -23.77 -19.65 93.26
CA ALA J 345 -25.02 -18.93 93.45
C ALA J 345 -24.91 -17.56 92.80
N ASN J 346 -25.97 -17.17 92.08
CA ASN J 346 -25.99 -15.94 91.32
C ASN J 346 -26.66 -14.80 92.07
N THR J 347 -27.81 -15.06 92.67
CA THR J 347 -28.67 -14.04 93.22
C THR J 347 -28.59 -14.08 94.75
N ASP J 348 -28.51 -12.90 95.36
CA ASP J 348 -28.46 -12.79 96.81
C ASP J 348 -29.80 -13.20 97.39
N ASP J 349 -29.78 -14.24 98.21
CA ASP J 349 -31.02 -14.80 98.74
C ASP J 349 -31.57 -13.96 99.89
N GLY J 350 -30.73 -13.15 100.53
CA GLY J 350 -31.18 -12.42 101.69
C GLY J 350 -31.27 -13.22 102.96
N SER J 351 -30.78 -14.46 102.95
CA SER J 351 -30.77 -15.33 104.13
C SER J 351 -29.33 -15.78 104.31
N CYS J 352 -28.54 -14.96 104.99
CA CYS J 352 -27.13 -15.25 105.21
C CYS J 352 -26.85 -15.74 106.62
N GLU J 353 -27.83 -15.69 107.51
CA GLU J 353 -27.69 -16.19 108.88
C GLU J 353 -28.84 -17.15 109.16
N GLY J 354 -28.54 -18.44 109.23
CA GLY J 354 -29.52 -19.44 109.52
C GLY J 354 -29.54 -19.81 110.99
N LYS J 355 -30.43 -20.74 111.33
CA LYS J 355 -30.61 -21.17 112.70
C LYS J 355 -30.19 -22.61 112.97
N MET J 356 -29.89 -23.38 111.92
CA MET J 356 -29.50 -24.79 111.99
C MET J 356 -30.57 -25.63 112.71
N THR J 357 -31.70 -25.74 112.03
CA THR J 357 -32.81 -26.55 112.52
C THR J 357 -32.80 -27.89 111.77
N ASN J 358 -32.63 -28.98 112.50
CA ASN J 358 -32.71 -30.30 111.91
C ASN J 358 -34.17 -30.70 111.76
N PHE J 359 -34.50 -31.27 110.60
CA PHE J 359 -35.88 -31.59 110.27
C PHE J 359 -36.04 -33.09 110.08
N SER J 360 -37.30 -33.50 109.94
CA SER J 360 -37.67 -34.91 109.83
C SER J 360 -38.15 -35.20 108.42
N PHE J 361 -37.52 -36.17 107.76
CA PHE J 361 -37.88 -36.57 106.41
C PHE J 361 -38.92 -37.68 106.50
N GLY J 362 -40.17 -37.35 106.22
CA GLY J 362 -41.26 -38.29 106.36
C GLY J 362 -41.53 -39.18 105.18
N GLY J 363 -40.68 -39.15 104.15
CA GLY J 363 -40.81 -40.05 103.03
C GLY J 363 -41.66 -39.49 101.91
N VAL J 364 -41.61 -40.18 100.78
CA VAL J 364 -42.31 -39.80 99.57
C VAL J 364 -43.20 -40.94 99.11
N TYR J 365 -44.29 -40.60 98.42
CA TYR J 365 -45.13 -41.59 97.77
C TYR J 365 -45.77 -40.96 96.55
N GLN J 366 -46.08 -41.81 95.57
CA GLN J 366 -46.57 -41.35 94.27
C GLN J 366 -47.74 -42.20 93.85
N GLU J 367 -48.85 -41.55 93.50
CA GLU J 367 -50.00 -42.24 92.97
C GLU J 367 -49.90 -42.34 91.46
N CYS J 368 -50.71 -43.22 90.88
CA CYS J 368 -50.83 -43.31 89.43
C CYS J 368 -52.29 -43.57 89.07
N THR J 369 -52.68 -43.10 87.88
CA THR J 369 -54.04 -43.25 87.39
C THR J 369 -53.98 -43.44 85.89
N GLN J 370 -54.27 -44.66 85.43
CA GLN J 370 -54.25 -44.97 84.02
C GLN J 370 -55.40 -44.25 83.31
N LEU J 371 -55.08 -43.59 82.19
CA LEU J 371 -56.07 -42.85 81.42
C LEU J 371 -56.45 -43.55 80.13
N SER J 372 -55.49 -44.17 79.44
CA SER J 372 -55.75 -44.88 78.20
C SER J 372 -54.66 -45.90 77.99
N GLY J 373 -54.99 -46.95 77.22
CA GLY J 373 -54.03 -47.99 76.93
C GLY J 373 -54.05 -49.12 77.92
N ASN J 374 -55.25 -49.57 78.29
CA ASN J 374 -55.40 -50.63 79.28
C ASN J 374 -55.01 -51.98 78.70
N ARG J 375 -54.53 -52.85 79.60
CA ARG J 375 -54.16 -54.25 79.33
C ARG J 375 -53.05 -54.39 78.29
N ASP J 376 -52.27 -53.33 78.06
CA ASP J 376 -51.18 -53.37 77.09
C ASP J 376 -49.84 -53.02 77.71
N VAL J 377 -49.76 -51.96 78.51
CA VAL J 377 -48.51 -51.49 79.06
C VAL J 377 -48.44 -51.71 80.56
N LEU J 378 -49.56 -51.48 81.27
CA LEU J 378 -49.64 -51.38 82.73
C LEU J 378 -48.69 -50.31 83.24
N LEU J 379 -49.00 -49.07 82.84
CA LEU J 379 -48.22 -47.91 83.26
C LEU J 379 -48.28 -47.68 84.76
N CYS J 380 -49.37 -48.05 85.40
CA CYS J 380 -49.60 -47.79 86.82
C CYS J 380 -48.97 -48.88 87.71
N GLN J 381 -47.94 -49.55 87.23
CA GLN J 381 -47.21 -50.54 88.00
C GLN J 381 -45.75 -50.19 88.19
N LYS J 382 -45.08 -49.75 87.13
CA LYS J 382 -43.70 -49.28 87.22
C LYS J 382 -43.62 -47.78 87.44
N LEU J 383 -44.73 -47.13 87.82
CA LEU J 383 -44.78 -45.70 88.06
C LEU J 383 -45.44 -45.40 89.40
N GLU J 384 -45.49 -46.41 90.28
CA GLU J 384 -46.20 -46.32 91.54
C GLU J 384 -45.22 -46.57 92.68
N GLN J 385 -45.27 -45.72 93.70
CA GLN J 385 -44.38 -45.86 94.85
C GLN J 385 -45.15 -45.60 96.13
N LYS J 386 -44.95 -46.47 97.12
CA LYS J 386 -45.58 -46.33 98.42
C LYS J 386 -44.56 -45.88 99.45
N ASN J 387 -45.07 -45.28 100.52
CA ASN J 387 -44.24 -44.76 101.59
C ASN J 387 -43.70 -45.93 102.42
N PRO J 388 -42.38 -46.05 102.62
CA PRO J 388 -41.87 -47.15 103.44
C PRO J 388 -42.22 -47.04 104.91
N LEU J 389 -42.59 -45.86 105.40
CA LEU J 389 -42.92 -45.70 106.81
C LEU J 389 -44.31 -46.21 107.13
N THR J 390 -45.23 -46.22 106.16
CA THR J 390 -46.57 -46.72 106.37
C THR J 390 -46.95 -47.91 105.51
N GLY J 391 -46.23 -48.15 104.41
CA GLY J 391 -46.66 -49.15 103.46
C GLY J 391 -47.93 -48.79 102.73
N ASP J 392 -48.20 -47.49 102.59
CA ASP J 392 -49.49 -47.01 102.13
C ASP J 392 -49.29 -45.67 101.45
N PHE J 393 -50.33 -45.17 100.81
CA PHE J 393 -50.31 -43.84 100.20
C PHE J 393 -50.75 -42.78 101.20
N SER J 394 -50.01 -42.71 102.30
CA SER J 394 -50.30 -41.77 103.37
C SER J 394 -49.03 -41.52 104.16
N CYS J 395 -49.00 -40.40 104.85
CA CYS J 395 -47.94 -40.08 105.76
C CYS J 395 -48.18 -40.74 107.11
N PRO J 396 -47.14 -40.88 107.96
CA PRO J 396 -47.38 -41.40 109.31
C PRO J 396 -48.17 -40.47 110.22
N SER J 397 -48.31 -40.87 111.49
CA SER J 397 -49.19 -40.17 112.42
C SER J 397 -48.65 -38.78 112.75
N GLY J 398 -47.34 -38.62 112.82
CA GLY J 398 -46.78 -37.32 113.08
C GLY J 398 -46.51 -36.46 111.87
N TYR J 399 -47.03 -36.83 110.71
CA TYR J 399 -46.71 -36.16 109.46
C TYR J 399 -47.98 -35.75 108.71
N SER J 400 -47.78 -35.08 107.58
CA SER J 400 -48.87 -34.56 106.75
C SER J 400 -48.41 -34.50 105.30
N PRO J 401 -49.27 -34.78 104.34
CA PRO J 401 -48.83 -34.80 102.93
C PRO J 401 -48.80 -33.43 102.29
N VAL J 402 -47.80 -33.23 101.43
CA VAL J 402 -47.66 -32.02 100.63
C VAL J 402 -47.54 -32.43 99.17
N HIS J 403 -48.42 -31.88 98.33
CA HIS J 403 -48.49 -32.23 96.92
C HIS J 403 -47.41 -31.49 96.14
N LEU J 404 -46.50 -32.24 95.53
CA LEU J 404 -45.44 -31.61 94.74
C LEU J 404 -45.92 -31.22 93.35
N LEU J 405 -46.27 -32.21 92.54
CA LEU J 405 -46.50 -31.97 91.12
C LEU J 405 -47.33 -33.10 90.54
N SER J 406 -48.16 -32.75 89.57
CA SER J 406 -49.09 -33.68 88.94
C SER J 406 -49.05 -33.46 87.44
N GLN J 407 -48.55 -34.45 86.69
CA GLN J 407 -48.43 -34.35 85.25
C GLN J 407 -48.85 -35.67 84.61
N ILE J 408 -48.79 -35.69 83.28
CA ILE J 408 -49.20 -36.84 82.48
C ILE J 408 -47.96 -37.50 81.90
N HIS J 409 -47.84 -38.80 82.09
CA HIS J 409 -46.76 -39.57 81.49
C HIS J 409 -47.29 -40.30 80.26
N GLU J 410 -46.42 -40.47 79.26
CA GLU J 410 -46.79 -41.14 78.01
C GLU J 410 -45.75 -42.18 77.68
N GLU J 411 -46.21 -43.38 77.32
CA GLU J 411 -45.37 -44.39 76.71
C GLU J 411 -46.06 -44.97 75.49
N GLY J 412 -45.29 -45.70 74.69
CA GLY J 412 -45.77 -46.27 73.45
C GLY J 412 -45.77 -47.78 73.48
N TYR J 413 -46.79 -48.38 72.88
CA TYR J 413 -46.88 -49.82 72.72
C TYR J 413 -47.17 -50.15 71.26
N ASN J 414 -47.10 -51.43 70.95
CA ASN J 414 -46.89 -51.85 69.56
C ASN J 414 -47.69 -53.10 69.26
N HIS J 415 -48.48 -53.06 68.21
CA HIS J 415 -49.12 -54.25 67.66
C HIS J 415 -48.46 -54.62 66.35
N LEU J 416 -48.55 -55.89 65.99
CA LEU J 416 -48.00 -56.38 64.72
C LEU J 416 -48.91 -57.46 64.18
N GLU J 417 -49.56 -57.19 63.06
CA GLU J 417 -50.53 -58.10 62.47
C GLU J 417 -50.07 -58.45 61.06
N CYS J 418 -50.19 -59.72 60.70
CA CYS J 418 -49.78 -60.21 59.40
C CYS J 418 -50.79 -61.22 58.89
N HIS J 419 -51.16 -61.12 57.62
CA HIS J 419 -51.91 -62.19 56.98
C HIS J 419 -51.46 -62.32 55.53
N ARG J 420 -51.58 -63.54 55.02
CA ARG J 420 -51.07 -63.91 53.71
C ARG J 420 -52.21 -64.45 52.86
N LYS J 421 -52.20 -64.09 51.57
CA LYS J 421 -53.26 -64.47 50.66
C LYS J 421 -52.67 -64.81 49.30
N CYS J 422 -53.13 -65.91 48.71
CA CYS J 422 -52.65 -66.36 47.42
C CYS J 422 -53.80 -66.38 46.42
N THR J 423 -53.52 -66.01 45.18
CA THR J 423 -54.53 -65.86 44.15
C THR J 423 -54.10 -66.59 42.88
N LEU J 424 -54.89 -67.59 42.48
CA LEU J 424 -54.66 -68.44 41.30
C LEU J 424 -53.34 -69.20 41.39
N LYS J 425 -52.92 -69.54 42.61
CA LYS J 425 -51.76 -70.34 42.99
C LYS J 425 -50.42 -69.69 42.65
N VAL J 426 -50.42 -68.51 42.04
CA VAL J 426 -49.24 -67.69 41.81
C VAL J 426 -49.57 -66.46 42.65
N PHE J 427 -48.71 -65.44 42.65
CA PHE J 427 -49.05 -64.08 43.12
C PHE J 427 -49.42 -64.06 44.61
N CYS J 428 -48.48 -64.47 45.44
CA CYS J 428 -48.72 -64.51 46.87
C CYS J 428 -48.58 -63.10 47.46
N LYS J 429 -49.60 -62.68 48.20
CA LYS J 429 -49.63 -61.36 48.81
C LYS J 429 -49.50 -61.48 50.31
N THR J 430 -48.59 -60.71 50.90
CA THR J 430 -48.37 -60.70 52.34
C THR J 430 -48.30 -59.25 52.79
N VAL J 431 -49.19 -58.85 53.69
CA VAL J 431 -49.19 -57.51 54.26
C VAL J 431 -48.87 -57.61 55.74
N CYS J 432 -47.98 -56.73 56.22
CA CYS J 432 -47.49 -56.76 57.59
C CYS J 432 -47.70 -55.37 58.18
N GLU J 433 -48.72 -55.21 59.01
CA GLU J 433 -49.09 -53.93 59.57
C GLU J 433 -48.58 -53.83 61.01
N ASP J 434 -48.03 -52.66 61.36
CA ASP J 434 -47.40 -52.44 62.66
C ASP J 434 -47.87 -51.10 63.21
N VAL J 435 -48.79 -51.12 64.17
CA VAL J 435 -49.42 -49.93 64.70
C VAL J 435 -48.74 -49.55 66.01
N PHE J 436 -48.36 -48.27 66.12
CA PHE J 436 -47.75 -47.71 67.32
C PHE J 436 -48.73 -46.75 67.96
N GLN J 437 -49.18 -47.05 69.18
CA GLN J 437 -50.11 -46.19 69.90
C GLN J 437 -49.46 -45.65 71.16
N VAL J 438 -50.09 -44.63 71.73
CA VAL J 438 -49.56 -43.93 72.90
C VAL J 438 -50.48 -44.19 74.08
N ALA J 439 -49.90 -44.71 75.17
CA ALA J 439 -50.62 -44.95 76.42
C ALA J 439 -50.29 -43.87 77.42
N LYS J 440 -51.31 -43.29 78.04
CA LYS J 440 -51.14 -42.17 78.95
C LYS J 440 -51.46 -42.58 80.39
N ALA J 441 -50.92 -41.80 81.32
CA ALA J 441 -51.15 -42.04 82.75
C ALA J 441 -50.91 -40.75 83.52
N GLU J 442 -51.78 -40.47 84.47
CA GLU J 442 -51.63 -39.36 85.39
C GLU J 442 -50.90 -39.84 86.63
N PHE J 443 -49.93 -39.05 87.09
CA PHE J 443 -49.28 -39.33 88.36
C PHE J 443 -49.37 -38.11 89.26
N ARG J 444 -49.43 -38.36 90.56
CA ARG J 444 -49.46 -37.31 91.58
C ARG J 444 -48.45 -37.68 92.65
N ALA J 445 -47.38 -36.89 92.76
CA ALA J 445 -46.33 -37.14 93.72
C ALA J 445 -46.55 -36.30 94.96
N PHE J 446 -46.54 -36.95 96.12
CA PHE J 446 -46.74 -36.29 97.40
C PHE J 446 -45.47 -36.39 98.23
N TRP J 447 -45.50 -35.71 99.38
CA TRP J 447 -44.32 -35.59 100.21
C TRP J 447 -44.75 -35.26 101.63
N CYS J 448 -44.10 -35.88 102.61
CA CYS J 448 -44.51 -35.78 104.01
C CYS J 448 -43.69 -34.73 104.76
N VAL J 449 -44.34 -34.04 105.69
CA VAL J 449 -43.73 -32.96 106.45
C VAL J 449 -44.07 -33.15 107.93
N ALA J 450 -43.10 -32.91 108.80
CA ALA J 450 -43.34 -32.97 110.24
C ALA J 450 -44.23 -31.81 110.67
N SER J 451 -45.51 -32.11 110.91
CA SER J 451 -46.48 -31.10 111.29
C SER J 451 -47.04 -31.30 112.70
N SER J 452 -46.61 -32.34 113.41
CA SER J 452 -47.09 -32.60 114.76
C SER J 452 -46.09 -32.21 115.83
N GLN J 453 -44.84 -31.93 115.44
CA GLN J 453 -43.76 -31.31 116.22
C GLN J 453 -43.17 -32.27 117.27
N VAL J 454 -43.79 -33.43 117.48
CA VAL J 454 -43.26 -34.41 118.42
C VAL J 454 -43.07 -35.73 117.68
N PRO J 455 -41.93 -35.96 117.04
CA PRO J 455 -41.60 -37.34 116.62
C PRO J 455 -40.72 -38.02 117.65
N GLU J 456 -40.74 -39.35 117.66
CA GLU J 456 -39.74 -40.09 118.42
C GLU J 456 -38.42 -40.16 117.66
N ASN J 457 -38.43 -40.76 116.48
CA ASN J 457 -37.32 -40.71 115.54
C ASN J 457 -37.84 -40.20 114.21
N SER J 458 -36.98 -39.51 113.47
CA SER J 458 -37.41 -38.83 112.25
C SER J 458 -37.75 -39.81 111.14
N GLY J 459 -36.80 -40.67 110.79
CA GLY J 459 -37.04 -41.64 109.74
C GLY J 459 -36.36 -41.28 108.44
N LEU J 460 -35.78 -42.30 107.82
CA LEU J 460 -35.30 -42.28 106.43
C LEU J 460 -34.20 -41.22 106.25
N LEU J 461 -33.07 -41.46 106.91
CA LEU J 461 -32.04 -40.44 107.02
C LEU J 461 -31.15 -40.43 105.78
N PHE J 462 -31.67 -39.80 104.71
CA PHE J 462 -30.92 -39.33 103.55
C PHE J 462 -31.86 -38.46 102.73
N GLY J 463 -31.27 -37.56 101.95
CA GLY J 463 -32.07 -36.68 101.13
C GLY J 463 -31.47 -36.37 99.77
N GLY J 464 -30.59 -37.23 99.28
CA GLY J 464 -29.92 -37.02 98.00
C GLY J 464 -30.57 -37.81 96.89
N LEU J 465 -30.48 -37.25 95.68
CA LEU J 465 -31.27 -37.70 94.55
C LEU J 465 -30.35 -38.01 93.38
N PHE J 466 -30.87 -38.79 92.43
CA PHE J 466 -30.24 -38.91 91.12
C PHE J 466 -31.32 -39.26 90.11
N SER J 467 -31.16 -38.74 88.90
CA SER J 467 -32.13 -38.91 87.84
C SER J 467 -31.62 -39.95 86.84
N SER J 468 -32.32 -40.08 85.73
CA SER J 468 -31.81 -40.81 84.58
C SER J 468 -30.77 -40.02 83.81
N LYS J 469 -30.61 -38.73 84.12
CA LYS J 469 -29.61 -37.89 83.49
C LYS J 469 -28.76 -37.14 84.51
N SER J 470 -28.93 -37.43 85.78
CA SER J 470 -28.18 -36.78 86.85
C SER J 470 -27.36 -37.82 87.61
N ILE J 471 -26.64 -37.35 88.61
CA ILE J 471 -25.69 -38.15 89.38
C ILE J 471 -25.85 -37.83 90.85
N ASN J 472 -25.95 -38.86 91.68
CA ASN J 472 -25.93 -38.67 93.13
C ASN J 472 -24.53 -38.25 93.53
N PRO J 473 -24.35 -37.06 94.14
CA PRO J 473 -22.99 -36.63 94.50
C PRO J 473 -22.40 -37.38 95.67
N MET J 474 -23.21 -38.08 96.46
CA MET J 474 -22.69 -38.89 97.54
C MET J 474 -22.16 -40.24 97.08
N THR J 475 -22.37 -40.59 95.81
CA THR J 475 -21.74 -41.76 95.21
C THR J 475 -20.93 -41.44 93.97
N ASN J 476 -21.09 -40.24 93.40
CA ASN J 476 -20.56 -39.84 92.09
C ASN J 476 -20.95 -40.84 90.99
N ALA J 477 -22.17 -41.37 91.09
CA ALA J 477 -22.69 -42.33 90.14
C ALA J 477 -24.21 -42.33 90.28
N GLN J 478 -24.86 -43.16 89.45
CA GLN J 478 -26.30 -43.38 89.51
C GLN J 478 -26.62 -44.58 90.39
N SER J 479 -26.19 -44.50 91.64
CA SER J 479 -26.35 -45.62 92.56
C SER J 479 -26.60 -45.07 93.95
N CYS J 480 -27.01 -45.95 94.83
CA CYS J 480 -27.26 -45.65 96.22
C CYS J 480 -25.97 -45.82 97.02
N PRO J 481 -25.86 -45.19 98.18
CA PRO J 481 -24.71 -45.47 99.05
C PRO J 481 -24.86 -46.80 99.77
N ALA J 482 -23.93 -47.10 100.68
CA ALA J 482 -23.86 -48.40 101.35
C ALA J 482 -25.05 -48.58 102.28
N GLY J 483 -25.99 -49.43 101.87
CA GLY J 483 -27.14 -49.77 102.70
C GLY J 483 -28.32 -48.85 102.51
N TYR J 484 -28.61 -48.50 101.26
CA TYR J 484 -29.65 -47.54 100.91
C TYR J 484 -30.52 -48.09 99.80
N PHE J 485 -31.83 -47.89 99.91
CA PHE J 485 -32.72 -48.35 98.86
C PHE J 485 -33.46 -47.17 98.23
N PRO J 486 -33.60 -47.15 96.91
CA PRO J 486 -34.17 -45.98 96.25
C PRO J 486 -35.69 -45.99 96.25
N LEU J 487 -36.27 -44.80 96.21
CA LEU J 487 -37.71 -44.63 96.10
C LEU J 487 -38.01 -43.91 94.80
N ARG J 488 -38.82 -44.53 93.96
CA ARG J 488 -39.09 -43.94 92.65
C ARG J 488 -40.03 -42.75 92.76
N LEU J 489 -39.78 -41.76 91.91
CA LEU J 489 -40.53 -40.52 91.90
C LEU J 489 -40.72 -40.18 90.42
N PHE J 490 -41.04 -38.91 90.12
CA PHE J 490 -41.93 -38.44 89.06
C PHE J 490 -41.92 -39.27 87.78
N GLU J 491 -40.81 -39.31 87.12
CA GLU J 491 -40.57 -40.26 86.04
C GLU J 491 -39.25 -40.98 86.18
N ASN J 492 -38.22 -40.30 86.68
CA ASN J 492 -36.89 -40.89 86.74
C ASN J 492 -36.16 -40.66 88.05
N LEU J 493 -36.72 -39.89 88.99
CA LEU J 493 -36.04 -39.66 90.25
C LEU J 493 -36.04 -40.91 91.11
N LYS J 494 -34.89 -41.18 91.71
CA LYS J 494 -34.75 -42.26 92.67
C LYS J 494 -34.10 -41.66 93.91
N VAL J 495 -34.88 -41.52 94.97
CA VAL J 495 -34.43 -40.89 96.21
C VAL J 495 -33.87 -41.97 97.13
N CYS J 496 -32.60 -41.86 97.47
CA CYS J 496 -31.95 -42.88 98.29
C CYS J 496 -32.34 -42.70 99.75
N VAL J 497 -32.62 -43.81 100.42
CA VAL J 497 -33.33 -43.80 101.71
C VAL J 497 -32.84 -44.98 102.54
N SER J 498 -32.46 -44.70 103.79
CA SER J 498 -32.20 -45.75 104.78
C SER J 498 -32.68 -45.28 106.14
N GLN J 499 -33.22 -46.20 106.92
CA GLN J 499 -33.70 -45.95 108.27
C GLN J 499 -32.99 -46.83 109.29
N ASP J 500 -31.68 -47.03 109.09
CA ASP J 500 -30.91 -47.94 109.93
C ASP J 500 -30.30 -47.28 111.16
N TYR J 501 -30.01 -45.98 111.08
CA TYR J 501 -29.52 -45.10 112.15
C TYR J 501 -28.11 -45.43 112.64
N GLU J 502 -27.50 -46.50 112.14
CA GLU J 502 -26.12 -46.86 112.47
C GLU J 502 -25.24 -46.92 111.24
N LEU J 503 -25.63 -47.70 110.24
CA LEU J 503 -24.89 -47.73 108.99
C LEU J 503 -25.35 -46.65 108.02
N GLY J 504 -26.43 -45.94 108.35
CA GLY J 504 -26.93 -44.88 107.50
C GLY J 504 -26.43 -43.50 107.91
N SER J 505 -25.95 -43.39 109.15
CA SER J 505 -25.50 -42.11 109.67
C SER J 505 -24.14 -41.68 109.13
N ARG J 506 -23.43 -42.55 108.43
CA ARG J 506 -22.20 -42.13 107.78
C ARG J 506 -22.50 -41.22 106.59
N PHE J 507 -23.57 -41.52 105.86
CA PHE J 507 -23.90 -40.81 104.63
C PHE J 507 -25.11 -39.91 104.77
N ALA J 508 -25.74 -39.85 105.95
CA ALA J 508 -26.96 -39.06 106.12
C ALA J 508 -26.65 -37.57 106.08
N VAL J 509 -27.35 -36.86 105.21
CA VAL J 509 -27.17 -35.42 105.04
C VAL J 509 -28.34 -34.70 105.71
N PRO J 510 -28.16 -33.47 106.18
CA PRO J 510 -29.30 -32.70 106.68
C PRO J 510 -30.22 -32.32 105.53
N PHE J 511 -31.48 -32.73 105.62
CA PHE J 511 -32.43 -32.52 104.54
C PHE J 511 -33.28 -31.29 104.84
N GLY J 512 -33.65 -30.57 103.80
CA GLY J 512 -34.35 -29.31 103.96
C GLY J 512 -35.75 -29.26 103.42
N GLY J 513 -36.03 -29.97 102.33
CA GLY J 513 -37.37 -29.99 101.77
C GLY J 513 -37.35 -29.88 100.26
N PHE J 514 -38.48 -30.26 99.66
CA PHE J 514 -38.71 -30.12 98.23
C PHE J 514 -39.60 -28.92 97.95
N PHE J 515 -39.41 -28.32 96.78
CA PHE J 515 -40.36 -27.35 96.25
C PHE J 515 -40.23 -27.33 94.74
N SER J 516 -41.27 -26.82 94.09
CA SER J 516 -41.34 -26.82 92.64
C SER J 516 -41.84 -25.45 92.19
N CYS J 517 -42.17 -25.34 90.91
CA CYS J 517 -42.62 -24.07 90.37
C CYS J 517 -44.05 -23.73 90.77
N THR J 518 -44.78 -24.67 91.35
CA THR J 518 -46.16 -24.44 91.75
C THR J 518 -46.40 -24.50 93.24
N VAL J 519 -45.58 -25.23 93.99
CA VAL J 519 -45.79 -25.43 95.42
C VAL J 519 -44.52 -25.00 96.15
N GLY J 520 -44.69 -24.59 97.40
CA GLY J 520 -43.56 -24.26 98.25
C GLY J 520 -43.42 -25.21 99.42
N ASN J 521 -42.22 -25.28 100.00
CA ASN J 521 -42.14 -26.14 101.17
C ASN J 521 -42.65 -25.41 102.41
N PRO J 522 -43.32 -26.12 103.30
CA PRO J 522 -43.86 -25.46 104.50
C PRO J 522 -42.86 -25.44 105.65
N LEU J 523 -41.57 -25.62 105.37
CA LEU J 523 -40.55 -25.66 106.41
C LEU J 523 -39.87 -24.32 106.59
N VAL J 524 -40.50 -23.24 106.16
CA VAL J 524 -39.94 -21.90 106.28
C VAL J 524 -40.81 -20.99 107.16
N ASP J 525 -42.14 -21.13 107.08
CA ASP J 525 -43.03 -20.19 107.78
C ASP J 525 -43.17 -20.49 109.28
N PRO J 526 -43.34 -21.76 109.73
CA PRO J 526 -43.24 -21.86 111.19
C PRO J 526 -41.80 -21.98 111.66
N PRO J 535 -50.12 -19.21 100.73
CA PRO J 535 -49.49 -20.51 101.05
C PRO J 535 -48.03 -20.36 101.47
N SER J 536 -47.18 -21.27 100.99
CA SER J 536 -45.79 -21.31 101.41
C SER J 536 -44.97 -20.30 100.59
N LEU J 537 -43.65 -20.39 100.70
CA LEU J 537 -42.76 -19.37 100.17
C LEU J 537 -41.86 -19.85 99.04
N LYS J 538 -41.68 -21.18 98.88
CA LYS J 538 -40.76 -21.87 97.95
C LYS J 538 -39.35 -21.26 97.94
N LYS J 539 -38.90 -20.75 99.07
CA LYS J 539 -37.56 -20.20 99.15
C LYS J 539 -36.53 -21.26 99.51
N CYS J 540 -36.50 -21.65 100.80
CA CYS J 540 -35.48 -22.46 101.45
C CYS J 540 -35.91 -22.55 102.90
N PRO J 541 -35.37 -23.46 103.73
CA PRO J 541 -35.59 -23.30 105.17
C PRO J 541 -34.79 -22.17 105.78
N GLY J 542 -33.55 -21.97 105.32
CA GLY J 542 -32.68 -20.99 105.94
C GLY J 542 -31.43 -21.64 106.50
N GLY J 543 -30.29 -21.33 105.92
CA GLY J 543 -29.06 -22.04 106.19
C GLY J 543 -28.79 -23.15 105.20
N PHE J 544 -29.83 -23.72 104.61
CA PHE J 544 -29.69 -24.75 103.60
C PHE J 544 -29.40 -24.10 102.24
N SER J 545 -29.22 -24.93 101.22
CA SER J 545 -28.89 -24.46 99.89
C SER J 545 -29.79 -25.16 98.88
N GLN J 546 -30.38 -24.39 97.98
CA GLN J 546 -31.20 -24.96 96.92
C GLN J 546 -30.33 -25.72 95.93
N HIS J 547 -30.82 -26.86 95.49
CA HIS J 547 -30.17 -27.60 94.46
C HIS J 547 -31.25 -28.20 93.58
N PRO J 548 -31.09 -28.14 92.26
CA PRO J 548 -32.16 -28.61 91.38
C PRO J 548 -32.15 -30.12 91.18
N ALA J 549 -33.35 -30.69 91.23
CA ALA J 549 -33.61 -32.03 90.72
C ALA J 549 -33.94 -31.91 89.24
N LEU J 550 -34.54 -32.93 88.64
CA LEU J 550 -34.84 -32.88 87.21
C LEU J 550 -35.93 -31.86 86.89
N ILE J 551 -36.17 -31.70 85.59
CA ILE J 551 -37.20 -30.82 85.08
C ILE J 551 -38.33 -31.68 84.52
N SER J 552 -39.53 -31.50 85.06
CA SER J 552 -40.70 -32.27 84.63
C SER J 552 -41.52 -31.42 83.67
N ASP J 553 -41.07 -31.40 82.41
CA ASP J 553 -41.77 -30.77 81.28
C ASP J 553 -42.00 -29.28 81.49
N GLY J 554 -40.91 -28.56 81.75
CA GLY J 554 -40.97 -27.12 81.90
C GLY J 554 -40.99 -26.63 83.32
N CYS J 555 -41.28 -27.49 84.28
CA CYS J 555 -41.28 -27.12 85.70
C CYS J 555 -40.07 -27.71 86.38
N GLN J 556 -39.47 -26.95 87.29
CA GLN J 556 -38.23 -27.33 87.94
C GLN J 556 -38.50 -27.70 89.38
N VAL J 557 -38.03 -28.88 89.79
CA VAL J 557 -38.15 -29.36 91.16
C VAL J 557 -36.81 -29.17 91.85
N SER J 558 -36.82 -28.57 93.02
CA SER J 558 -35.60 -28.28 93.74
C SER J 558 -35.65 -28.82 95.16
N TYR J 559 -34.49 -29.11 95.72
CA TYR J 559 -34.39 -29.67 97.06
C TYR J 559 -33.27 -28.98 97.83
N CYS J 560 -33.44 -28.92 99.15
CA CYS J 560 -32.55 -28.18 100.03
C CYS J 560 -31.70 -29.12 100.87
N VAL J 561 -30.46 -28.72 101.13
CA VAL J 561 -29.49 -29.57 101.81
C VAL J 561 -28.40 -28.66 102.37
N LYS J 562 -27.69 -29.12 103.39
CA LYS J 562 -26.64 -28.33 104.05
C LYS J 562 -25.39 -29.16 104.25
N SER J 563 -24.88 -29.76 103.18
CA SER J 563 -23.64 -30.51 103.34
C SER J 563 -22.43 -29.59 103.29
N GLY J 564 -22.28 -28.86 102.19
CA GLY J 564 -21.03 -28.27 101.78
C GLY J 564 -20.36 -29.05 100.67
N LEU J 565 -20.67 -30.34 100.56
CA LEU J 565 -20.22 -31.12 99.42
C LEU J 565 -21.01 -30.77 98.17
N PHE J 566 -22.30 -30.49 98.34
CA PHE J 566 -23.15 -30.11 97.21
C PHE J 566 -22.78 -28.72 96.69
N THR J 567 -22.24 -27.86 97.56
CA THR J 567 -22.07 -26.45 97.21
C THR J 567 -20.84 -26.23 96.34
N GLY J 568 -19.66 -26.60 96.83
CA GLY J 568 -18.42 -26.24 96.18
C GLY J 568 -18.14 -27.03 94.91
N GLY J 569 -16.97 -26.76 94.34
CA GLY J 569 -16.56 -27.36 93.09
C GLY J 569 -16.05 -26.31 92.12
N SER J 570 -16.55 -26.33 90.90
CA SER J 570 -16.33 -25.25 89.95
C SER J 570 -17.67 -24.63 89.59
N LEU J 571 -17.61 -23.49 88.93
CA LEU J 571 -18.83 -22.83 88.49
C LEU J 571 -19.41 -23.58 87.29
N PRO J 572 -20.69 -23.94 87.33
CA PRO J 572 -21.27 -24.71 86.24
C PRO J 572 -21.49 -23.84 85.02
N PRO J 573 -21.57 -24.44 83.84
CA PRO J 573 -21.97 -23.67 82.66
C PRO J 573 -23.48 -23.44 82.66
N ALA J 574 -23.93 -22.68 81.68
CA ALA J 574 -25.35 -22.40 81.57
C ALA J 574 -26.08 -23.62 81.03
N ARG J 575 -27.30 -23.83 81.53
CA ARG J 575 -28.20 -24.79 80.90
C ARG J 575 -28.77 -24.21 79.63
N LEU J 576 -28.43 -24.82 78.51
CA LEU J 576 -28.88 -24.27 77.25
C LEU J 576 -30.22 -24.92 76.87
N PRO J 577 -31.04 -24.22 76.07
CA PRO J 577 -32.28 -24.83 75.57
C PRO J 577 -31.98 -25.94 74.58
N PRO J 578 -32.96 -26.78 74.19
CA PRO J 578 -34.35 -26.94 74.61
C PRO J 578 -34.46 -27.67 75.92
N PHE J 579 -35.46 -27.33 76.70
CA PHE J 579 -35.68 -27.94 78.00
C PHE J 579 -36.81 -28.95 77.97
N THR J 580 -37.55 -29.03 76.86
CA THR J 580 -38.55 -30.05 76.65
C THR J 580 -38.12 -30.91 75.46
N ARG J 581 -38.89 -31.96 75.22
CA ARG J 581 -38.68 -32.85 74.09
C ARG J 581 -39.95 -32.84 73.25
N PRO J 582 -39.85 -33.12 71.95
CA PRO J 582 -41.06 -33.22 71.13
C PRO J 582 -41.87 -34.44 71.52
N PRO J 583 -43.19 -34.33 71.51
CA PRO J 583 -44.03 -35.39 72.09
C PRO J 583 -44.13 -36.61 71.18
N LEU J 584 -44.71 -37.66 71.74
CA LEU J 584 -44.92 -38.89 71.01
C LEU J 584 -46.18 -38.81 70.17
N MET J 585 -46.15 -39.47 69.02
CA MET J 585 -47.25 -39.48 68.07
C MET J 585 -47.61 -40.92 67.75
N SER J 586 -48.88 -41.14 67.49
CA SER J 586 -49.33 -42.48 67.11
C SER J 586 -49.12 -42.71 65.61
N GLN J 587 -48.59 -43.89 65.28
CA GLN J 587 -48.00 -44.18 63.98
C GLN J 587 -48.61 -45.46 63.42
N ALA J 588 -48.24 -45.77 62.19
CA ALA J 588 -48.64 -47.00 61.51
C ALA J 588 -47.67 -47.27 60.38
N ALA J 589 -47.31 -48.52 60.18
CA ALA J 589 -46.36 -48.89 59.15
C ALA J 589 -46.76 -50.21 58.53
N THR J 590 -46.91 -50.23 57.21
CA THR J 590 -47.33 -51.42 56.48
C THR J 590 -46.25 -51.85 55.50
N ASN J 591 -46.28 -53.13 55.13
CA ASN J 591 -45.33 -53.74 54.21
C ASN J 591 -46.08 -54.77 53.39
N THR J 592 -46.44 -54.43 52.15
CA THR J 592 -47.08 -55.38 51.25
C THR J 592 -46.05 -55.95 50.30
N VAL J 593 -45.99 -57.28 50.23
CA VAL J 593 -45.05 -57.99 49.35
C VAL J 593 -45.85 -58.85 48.39
N ILE J 594 -45.57 -58.73 47.10
CA ILE J 594 -46.15 -59.58 46.07
C ILE J 594 -45.06 -60.49 45.54
N VAL J 595 -45.31 -61.80 45.55
CA VAL J 595 -44.34 -62.79 45.11
C VAL J 595 -44.98 -63.58 43.98
N THR J 596 -44.42 -63.48 42.78
CA THR J 596 -44.85 -64.33 41.69
C THR J 596 -44.08 -65.64 41.76
N ASN J 597 -44.81 -66.74 41.90
CA ASN J 597 -44.21 -68.05 42.08
C ASN J 597 -43.93 -68.75 40.74
N SER J 598 -43.95 -68.01 39.64
CA SER J 598 -43.88 -68.64 38.34
C SER J 598 -43.38 -67.67 37.29
N GLU J 599 -42.72 -68.23 36.27
CA GLU J 599 -42.56 -67.55 35.00
C GLU J 599 -43.84 -67.76 34.20
N ASN J 600 -43.88 -67.21 32.98
CA ASN J 600 -45.07 -67.15 32.13
C ASN J 600 -46.22 -66.48 32.87
N ALA J 601 -45.91 -65.39 33.55
CA ALA J 601 -46.89 -64.66 34.35
C ALA J 601 -46.45 -63.20 34.37
N ARG J 602 -47.09 -62.38 33.56
CA ARG J 602 -46.76 -60.97 33.50
C ARG J 602 -47.63 -60.17 34.44
N SER J 603 -47.22 -58.94 34.72
CA SER J 603 -47.92 -58.10 35.67
C SER J 603 -47.68 -56.64 35.31
N TRP J 604 -48.74 -55.84 35.36
CA TRP J 604 -48.65 -54.41 35.14
C TRP J 604 -49.15 -53.69 36.37
N ILE J 605 -48.44 -52.65 36.78
CA ILE J 605 -48.74 -51.93 38.03
C ILE J 605 -48.79 -50.45 37.73
N LYS J 606 -49.85 -49.79 38.17
CA LYS J 606 -49.97 -48.34 38.14
C LYS J 606 -49.96 -47.86 39.58
N ASP J 607 -48.87 -47.18 39.98
CA ASP J 607 -48.60 -46.94 41.40
C ASP J 607 -49.53 -45.90 41.99
N SER J 608 -49.90 -44.89 41.22
CA SER J 608 -50.81 -43.84 41.68
C SER J 608 -51.49 -43.24 40.47
N GLN J 609 -52.30 -42.21 40.71
CA GLN J 609 -53.03 -41.58 39.62
C GLN J 609 -52.12 -40.74 38.72
N THR J 610 -50.97 -40.32 39.22
CA THR J 610 -50.03 -39.56 38.41
C THR J 610 -49.02 -40.44 37.70
N HIS J 611 -48.80 -41.66 38.17
CA HIS J 611 -47.89 -42.57 37.51
C HIS J 611 -48.50 -43.08 36.21
N GLN J 612 -47.65 -43.68 35.38
CA GLN J 612 -48.09 -44.42 34.21
C GLN J 612 -48.04 -45.91 34.52
N TRP J 613 -48.66 -46.70 33.65
CA TRP J 613 -48.61 -48.15 33.80
C TRP J 613 -47.18 -48.65 33.63
N ARG J 614 -46.79 -49.56 34.50
CA ARG J 614 -45.42 -49.99 34.63
C ARG J 614 -45.40 -51.51 34.62
N LEU J 615 -44.40 -52.08 33.95
CA LEU J 615 -44.28 -53.52 33.92
C LEU J 615 -43.79 -54.01 35.28
N GLY J 616 -44.48 -55.00 35.84
CA GLY J 616 -44.19 -55.43 37.18
C GLY J 616 -43.02 -56.38 37.27
N GLU J 617 -42.50 -56.51 38.49
CA GLU J 617 -41.38 -57.34 38.88
C GLU J 617 -41.85 -58.50 39.74
N PRO J 618 -41.05 -59.56 39.89
CA PRO J 618 -41.50 -60.69 40.72
C PRO J 618 -41.62 -60.39 42.20
N ILE J 619 -40.81 -59.51 42.77
CA ILE J 619 -40.94 -59.08 44.15
C ILE J 619 -41.12 -57.57 44.16
N GLU J 620 -42.17 -57.09 44.82
CA GLU J 620 -42.52 -55.67 44.74
C GLU J 620 -42.12 -54.85 45.98
N LEU J 621 -42.64 -55.20 47.15
CA LEU J 621 -42.31 -54.56 48.44
C LEU J 621 -42.64 -53.05 48.43
N ARG J 622 -43.95 -52.78 48.45
CA ARG J 622 -44.42 -51.43 48.77
C ARG J 622 -44.29 -51.17 50.26
N ARG J 623 -44.07 -49.89 50.62
CA ARG J 623 -43.98 -49.47 52.02
C ARG J 623 -44.76 -48.19 52.25
N ALA J 624 -45.27 -48.03 53.47
CA ALA J 624 -46.00 -46.83 53.83
C ALA J 624 -45.84 -46.57 55.32
N MET J 625 -45.71 -45.29 55.68
CA MET J 625 -45.64 -44.87 57.08
C MET J 625 -46.65 -43.75 57.30
N ASN J 626 -47.59 -43.97 58.21
CA ASN J 626 -48.70 -43.05 58.45
C ASN J 626 -48.58 -42.50 59.86
N VAL J 627 -48.53 -41.18 59.98
CA VAL J 627 -48.39 -40.49 61.27
C VAL J 627 -49.58 -39.59 61.43
N ILE J 628 -50.15 -39.53 62.64
CA ILE J 628 -51.17 -38.55 62.98
C ILE J 628 -50.72 -37.77 64.21
N HIS J 629 -50.80 -36.44 64.12
CA HIS J 629 -50.41 -35.54 65.20
C HIS J 629 -51.56 -35.45 66.20
N GLY J 630 -51.39 -36.05 67.36
CA GLY J 630 -52.39 -35.99 68.42
C GLY J 630 -53.61 -36.84 68.15
N ASP K 10 -13.85 -23.30 32.38
CA ASP K 10 -14.43 -23.00 33.68
C ASP K 10 -13.52 -23.46 34.83
N GLU K 11 -13.91 -23.09 36.04
CA GLU K 11 -13.12 -23.39 37.24
C GLU K 11 -14.06 -23.30 38.43
N VAL K 12 -13.96 -24.26 39.35
CA VAL K 12 -14.91 -24.38 40.44
C VAL K 12 -14.16 -24.48 41.76
N GLY K 13 -14.93 -24.41 42.85
CA GLY K 13 -14.42 -24.74 44.16
C GLY K 13 -13.64 -23.61 44.80
N VAL K 14 -12.65 -24.00 45.61
CA VAL K 14 -11.87 -23.04 46.36
C VAL K 14 -10.93 -22.29 45.44
N GLN K 15 -10.45 -22.94 44.39
CA GLN K 15 -9.39 -22.37 43.56
C GLN K 15 -9.91 -21.27 42.65
N LYS K 16 -11.22 -21.27 42.35
CA LYS K 16 -11.82 -20.11 41.70
C LYS K 16 -11.77 -18.89 42.62
N CYS K 17 -11.98 -19.09 43.92
CA CYS K 17 -11.92 -18.00 44.88
C CYS K 17 -10.48 -17.51 45.06
N LYS K 18 -9.52 -18.43 45.03
CA LYS K 18 -8.13 -18.05 45.27
C LYS K 18 -7.53 -17.29 44.11
N ASN K 19 -7.98 -17.56 42.89
CA ASN K 19 -7.42 -16.86 41.74
C ASN K 19 -7.97 -15.45 41.61
N ALA K 20 -9.23 -15.24 41.99
CA ALA K 20 -9.83 -13.93 41.86
C ALA K 20 -9.44 -13.01 43.00
N LEU K 21 -9.08 -13.55 44.16
CA LEU K 21 -8.85 -12.75 45.35
C LEU K 21 -7.42 -12.75 45.82
N LYS K 22 -6.68 -13.83 45.60
CA LYS K 22 -5.26 -13.99 45.93
C LYS K 22 -4.99 -13.79 47.43
N LEU K 23 -5.70 -14.55 48.25
CA LEU K 23 -5.55 -14.49 49.69
C LEU K 23 -5.95 -15.84 50.25
N PRO K 24 -5.35 -16.26 51.39
CA PRO K 24 -5.54 -17.64 51.84
C PRO K 24 -6.92 -17.96 52.39
N VAL K 25 -7.12 -19.22 52.74
CA VAL K 25 -8.39 -19.71 53.27
C VAL K 25 -8.23 -19.90 54.76
N LEU K 26 -9.28 -19.62 55.53
CA LEU K 26 -9.21 -19.75 56.98
C LEU K 26 -9.17 -21.23 57.33
N GLU K 27 -8.07 -21.67 57.92
CA GLU K 27 -7.82 -23.09 58.12
C GLU K 27 -8.48 -23.67 59.34
N VAL K 28 -9.24 -22.89 60.09
CA VAL K 28 -9.83 -23.32 61.36
C VAL K 28 -11.34 -23.31 61.16
N LEU K 29 -11.93 -24.45 60.84
CA LEU K 29 -13.32 -24.43 60.45
C LEU K 29 -14.16 -25.36 61.33
N PRO K 30 -15.39 -24.98 61.63
CA PRO K 30 -16.26 -25.87 62.40
C PRO K 30 -17.03 -26.81 61.52
N GLY K 31 -17.89 -27.65 62.11
CA GLY K 31 -18.65 -28.61 61.36
C GLY K 31 -18.02 -29.97 61.21
N GLY K 32 -16.88 -30.21 61.84
CA GLY K 32 -16.28 -31.52 61.80
C GLY K 32 -16.66 -32.36 63.00
N GLY K 33 -16.37 -33.63 62.92
CA GLY K 33 -16.62 -34.52 64.02
C GLY K 33 -15.59 -34.38 65.11
N TRP K 34 -15.95 -34.79 66.31
CA TRP K 34 -15.08 -34.59 67.46
C TRP K 34 -15.24 -35.74 68.43
N ASP K 35 -14.19 -36.51 68.64
CA ASP K 35 -14.14 -37.50 69.70
C ASP K 35 -13.88 -36.77 71.01
N ASN K 36 -14.83 -36.83 71.92
CA ASN K 36 -14.74 -36.06 73.15
C ASN K 36 -14.06 -36.83 74.27
N LEU K 37 -13.71 -38.09 74.06
CA LEU K 37 -12.87 -38.79 75.01
C LEU K 37 -11.39 -38.57 74.74
N ARG K 38 -10.99 -38.57 73.47
CA ARG K 38 -9.60 -38.48 73.12
C ARG K 38 -9.17 -37.06 72.73
N ASN K 39 -10.12 -36.15 72.61
CA ASN K 39 -9.93 -34.79 72.10
C ASN K 39 -9.20 -34.77 70.75
N VAL K 40 -9.66 -35.61 69.84
CA VAL K 40 -9.20 -35.58 68.46
C VAL K 40 -10.40 -35.24 67.60
N ASP K 41 -10.13 -34.74 66.40
CA ASP K 41 -11.21 -34.39 65.49
C ASP K 41 -11.29 -35.37 64.33
N MET K 42 -12.51 -35.62 63.92
CA MET K 42 -12.94 -36.71 63.06
C MET K 42 -13.25 -36.21 61.67
N GLY K 43 -13.92 -37.06 60.90
CA GLY K 43 -14.37 -36.68 59.58
C GLY K 43 -15.43 -35.60 59.61
N ARG K 44 -15.60 -34.97 58.45
CA ARG K 44 -16.40 -33.76 58.30
C ARG K 44 -17.88 -34.11 58.21
N VAL K 45 -18.69 -33.51 59.07
CA VAL K 45 -20.12 -33.81 59.17
C VAL K 45 -20.95 -32.83 58.35
N MET K 46 -20.59 -31.56 58.34
CA MET K 46 -21.32 -30.55 57.58
C MET K 46 -20.71 -30.39 56.19
N GLU K 47 -21.40 -29.65 55.35
CA GLU K 47 -20.96 -29.45 53.97
C GLU K 47 -20.30 -28.09 53.83
N LEU K 48 -19.10 -28.08 53.25
CA LEU K 48 -18.34 -26.86 53.03
C LEU K 48 -18.36 -26.52 51.54
N THR K 49 -19.00 -25.40 51.20
CA THR K 49 -19.09 -24.94 49.83
C THR K 49 -18.43 -23.57 49.70
N TYR K 50 -17.88 -23.30 48.53
CA TYR K 50 -17.16 -22.07 48.25
C TYR K 50 -17.73 -21.40 47.01
N SER K 51 -19.05 -21.31 46.94
CA SER K 51 -19.69 -20.83 45.73
C SER K 51 -19.71 -19.30 45.65
N ASN K 52 -19.82 -18.62 46.78
CA ASN K 52 -20.11 -17.20 46.79
C ASN K 52 -18.89 -16.33 47.01
N CYS K 53 -17.70 -16.92 47.14
CA CYS K 53 -16.41 -16.22 47.28
C CYS K 53 -16.39 -15.29 48.49
N ARG K 54 -16.98 -15.74 49.60
CA ARG K 54 -17.05 -14.90 50.79
C ARG K 54 -15.69 -14.77 51.44
N THR K 55 -15.42 -13.60 52.00
CA THR K 55 -14.24 -13.36 52.79
C THR K 55 -14.66 -12.91 54.18
N THR K 56 -13.68 -12.83 55.08
CA THR K 56 -13.95 -12.19 56.34
C THR K 56 -14.08 -10.69 56.13
N GLU K 57 -14.67 -10.02 57.10
CA GLU K 57 -15.02 -8.62 56.96
C GLU K 57 -13.79 -7.73 56.87
N ASP K 58 -12.67 -8.14 57.46
CA ASP K 58 -11.42 -7.43 57.25
C ASP K 58 -10.72 -7.82 55.96
N GLY K 59 -11.23 -8.82 55.25
CA GLY K 59 -10.75 -9.15 53.93
C GLY K 59 -9.41 -9.84 53.86
N GLN K 60 -9.18 -10.83 54.71
CA GLN K 60 -7.90 -11.52 54.73
C GLN K 60 -8.00 -13.04 54.69
N TYR K 61 -9.19 -13.61 54.73
CA TYR K 61 -9.34 -15.06 54.62
C TYR K 61 -10.59 -15.36 53.82
N ILE K 62 -10.49 -16.33 52.92
CA ILE K 62 -11.65 -16.90 52.26
C ILE K 62 -12.33 -17.87 53.22
N ILE K 63 -13.64 -17.71 53.38
CA ILE K 63 -14.41 -18.58 54.28
C ILE K 63 -15.52 -19.22 53.45
N PRO K 64 -16.03 -20.37 53.89
CA PRO K 64 -17.20 -20.96 53.22
C PRO K 64 -18.45 -20.12 53.39
N ASP K 65 -19.49 -20.53 52.67
CA ASP K 65 -20.70 -19.71 52.52
C ASP K 65 -21.59 -19.77 53.76
N GLU K 66 -21.63 -20.91 54.42
CA GLU K 66 -22.48 -21.20 55.56
C GLU K 66 -21.84 -20.84 56.90
N ILE K 67 -20.72 -20.15 56.87
CA ILE K 67 -19.94 -19.90 58.07
C ILE K 67 -19.77 -18.39 58.22
N PHE K 68 -20.13 -17.88 59.39
CA PHE K 68 -19.85 -16.49 59.71
C PHE K 68 -18.79 -16.40 60.78
N THR K 69 -18.00 -15.34 60.72
CA THR K 69 -16.91 -15.14 61.64
C THR K 69 -17.21 -13.92 62.51
N ILE K 70 -16.64 -13.91 63.71
CA ILE K 70 -16.76 -12.80 64.63
C ILE K 70 -15.35 -12.25 64.88
N PRO K 71 -15.05 -11.03 64.51
CA PRO K 71 -13.73 -10.46 64.82
C PRO K 71 -13.65 -10.06 66.27
N GLN K 72 -12.86 -10.80 67.04
CA GLN K 72 -12.56 -10.41 68.40
C GLN K 72 -11.07 -10.59 68.62
N LYS K 73 -10.33 -9.55 68.27
CA LYS K 73 -8.88 -9.61 68.18
C LYS K 73 -8.32 -9.35 69.57
N GLN K 74 -8.30 -10.42 70.35
CA GLN K 74 -8.15 -10.35 71.80
C GLN K 74 -6.87 -11.05 72.21
N SER K 75 -6.05 -10.35 72.98
CA SER K 75 -4.79 -10.87 73.47
C SER K 75 -4.81 -10.88 74.97
N ASN K 76 -4.37 -11.98 75.58
CA ASN K 76 -4.31 -12.12 77.03
C ASN K 76 -2.89 -12.43 77.45
N LEU K 77 -2.46 -11.83 78.54
CA LEU K 77 -1.11 -12.04 79.03
C LEU K 77 -1.18 -12.15 80.55
N GLU K 78 -0.69 -13.25 81.07
CA GLU K 78 -0.68 -13.49 82.51
C GLU K 78 0.69 -13.20 83.08
N MET K 79 0.74 -12.41 84.14
CA MET K 79 1.95 -12.24 84.93
C MET K 79 2.04 -13.25 86.06
N ASN K 80 1.15 -14.22 86.09
CA ASN K 80 1.00 -15.15 87.19
C ASN K 80 0.99 -16.55 86.62
N SER K 81 0.64 -17.51 87.45
CA SER K 81 0.47 -18.89 87.04
C SER K 81 -0.88 -19.36 87.53
N GLU K 82 -1.15 -20.64 87.39
CA GLU K 82 -2.33 -21.23 88.00
C GLU K 82 -1.98 -22.64 88.43
N ILE K 83 -2.46 -23.02 89.61
CA ILE K 83 -2.01 -24.24 90.29
C ILE K 83 -3.10 -25.28 90.16
N LEU K 84 -2.71 -26.49 89.76
CA LEU K 84 -3.63 -27.60 89.54
C LEU K 84 -3.08 -28.79 90.33
N GLU K 85 -3.42 -28.87 91.62
CA GLU K 85 -2.82 -29.87 92.49
C GLU K 85 -3.57 -31.20 92.49
N SER K 86 -4.45 -31.43 91.52
CA SER K 86 -5.16 -32.70 91.38
C SER K 86 -5.56 -32.87 89.93
N TRP K 87 -5.48 -34.09 89.42
CA TRP K 87 -5.85 -34.34 88.04
C TRP K 87 -7.35 -34.55 87.85
N ALA K 88 -8.16 -34.51 88.91
CA ALA K 88 -9.59 -34.69 88.75
C ALA K 88 -10.22 -33.46 88.12
N ASN K 89 -9.90 -32.27 88.64
CA ASN K 89 -10.40 -31.02 88.06
C ASN K 89 -9.42 -30.50 87.00
N TYR K 90 -9.43 -31.20 85.87
CA TYR K 90 -8.50 -30.95 84.79
C TYR K 90 -9.02 -29.94 83.79
N GLN K 91 -8.15 -29.03 83.38
CA GLN K 91 -8.44 -27.99 82.40
C GLN K 91 -7.72 -28.37 81.11
N SER K 92 -8.45 -28.43 80.00
CA SER K 92 -7.85 -28.99 78.81
C SER K 92 -6.90 -28.05 78.10
N SER K 93 -7.13 -26.73 78.18
CA SER K 93 -6.38 -25.61 77.60
C SER K 93 -6.47 -25.50 76.08
N THR K 94 -7.09 -26.45 75.40
CA THR K 94 -7.36 -26.27 73.98
C THR K 94 -8.75 -26.73 73.55
N SER K 95 -9.46 -27.49 74.38
CA SER K 95 -10.80 -27.94 74.07
C SER K 95 -11.65 -27.87 75.33
N TYR K 96 -11.53 -26.75 76.04
CA TYR K 96 -12.10 -26.66 77.38
C TYR K 96 -13.62 -26.54 77.37
N SER K 97 -14.18 -25.83 76.39
CA SER K 97 -15.60 -25.56 76.42
C SER K 97 -16.43 -26.75 75.96
N ILE K 98 -15.86 -27.63 75.14
CA ILE K 98 -16.61 -28.80 74.70
C ILE K 98 -16.50 -29.95 75.68
N ASN K 99 -15.53 -29.92 76.58
CA ASN K 99 -15.45 -30.96 77.58
C ASN K 99 -16.30 -30.67 78.82
N THR K 100 -16.60 -29.41 79.09
CA THR K 100 -17.25 -29.03 80.35
C THR K 100 -18.76 -29.01 80.26
N GLU K 101 -19.33 -29.67 79.25
CA GLU K 101 -20.77 -29.71 79.06
C GLU K 101 -21.47 -30.47 80.18
N LEU K 102 -22.76 -30.18 80.36
CA LEU K 102 -23.58 -30.81 81.39
C LEU K 102 -24.15 -32.10 80.85
N SER K 103 -23.65 -33.23 81.34
CA SER K 103 -24.10 -34.53 80.88
C SER K 103 -23.81 -35.56 81.98
N LEU K 104 -24.14 -36.80 81.66
CA LEU K 104 -23.85 -37.90 82.58
C LEU K 104 -22.36 -38.17 82.64
N PHE K 105 -21.68 -38.12 81.49
CA PHE K 105 -20.29 -38.51 81.36
C PHE K 105 -19.39 -37.29 81.24
N SER K 106 -19.71 -36.24 81.98
CA SER K 106 -18.88 -35.05 81.98
C SER K 106 -17.56 -35.27 82.72
N LYS K 107 -17.49 -36.28 83.58
CA LYS K 107 -16.25 -36.59 84.29
C LYS K 107 -15.32 -37.46 83.48
N VAL K 108 -15.74 -37.95 82.31
CA VAL K 108 -14.94 -38.85 81.50
C VAL K 108 -14.44 -38.15 80.23
N ASN K 109 -14.96 -36.96 79.91
CA ASN K 109 -14.55 -36.23 78.72
C ASN K 109 -13.10 -35.79 78.81
N GLY K 110 -12.33 -36.14 77.79
CA GLY K 110 -10.94 -35.77 77.72
C GLY K 110 -9.98 -36.66 78.46
N LYS K 111 -10.45 -37.72 79.10
CA LYS K 111 -9.63 -38.54 79.96
C LYS K 111 -8.80 -39.57 79.21
N PHE K 112 -8.82 -39.56 77.89
CA PHE K 112 -7.96 -40.40 77.09
C PHE K 112 -7.13 -39.57 76.13
N SER K 113 -7.10 -38.27 76.35
CA SER K 113 -6.29 -37.37 75.56
C SER K 113 -4.83 -37.55 75.91
N THR K 114 -3.95 -37.25 74.96
CA THR K 114 -2.53 -37.35 75.24
C THR K 114 -2.07 -36.28 76.21
N GLU K 115 -2.76 -35.14 76.22
CA GLU K 115 -2.42 -34.05 77.11
C GLU K 115 -2.84 -34.34 78.54
N PHE K 116 -3.90 -35.11 78.74
CA PHE K 116 -4.29 -35.53 80.08
C PHE K 116 -3.43 -36.67 80.58
N GLN K 117 -3.24 -37.70 79.76
CA GLN K 117 -2.50 -38.88 80.18
C GLN K 117 -1.03 -38.61 80.37
N ARG K 118 -0.51 -37.56 79.76
CA ARG K 118 0.83 -37.13 80.10
C ARG K 118 0.85 -36.37 81.42
N MET K 119 -0.23 -35.68 81.76
CA MET K 119 -0.23 -34.91 83.00
C MET K 119 -0.46 -35.79 84.21
N LYS K 120 -1.31 -36.82 84.06
CA LYS K 120 -1.63 -37.71 85.17
C LYS K 120 -0.44 -38.56 85.56
N THR K 121 0.35 -38.99 84.58
CA THR K 121 1.50 -39.82 84.88
C THR K 121 2.69 -39.04 85.42
N LEU K 122 2.58 -37.72 85.54
CA LEU K 122 3.60 -36.92 86.18
C LEU K 122 3.23 -36.48 87.58
N GLN K 123 1.94 -36.50 87.91
CA GLN K 123 1.53 -36.20 89.28
C GLN K 123 1.49 -37.43 90.16
N VAL K 124 1.52 -38.63 89.58
CA VAL K 124 1.49 -39.86 90.34
C VAL K 124 2.87 -40.46 90.48
N LYS K 125 3.64 -40.46 89.39
CA LYS K 125 5.00 -40.97 89.40
C LYS K 125 5.91 -40.12 90.27
N ASP K 126 5.69 -38.81 90.28
CA ASP K 126 6.59 -37.88 90.92
C ASP K 126 5.98 -37.20 92.13
N GLN K 127 4.73 -37.53 92.47
CA GLN K 127 3.98 -36.95 93.59
C GLN K 127 3.92 -35.43 93.49
N ALA K 128 3.50 -34.95 92.33
CA ALA K 128 3.72 -33.56 91.95
C ALA K 128 2.42 -32.79 91.85
N ILE K 129 2.57 -31.48 91.76
CA ILE K 129 1.49 -30.55 91.42
C ILE K 129 1.87 -29.88 90.12
N THR K 130 0.88 -29.34 89.42
CA THR K 130 1.07 -28.81 88.08
C THR K 130 0.73 -27.32 88.06
N THR K 131 1.61 -26.52 87.46
CA THR K 131 1.36 -25.12 87.21
C THR K 131 1.28 -24.87 85.71
N ARG K 132 0.54 -23.83 85.31
CA ARG K 132 0.42 -23.50 83.91
C ARG K 132 0.38 -21.99 83.70
N VAL K 133 1.26 -21.48 82.86
CA VAL K 133 1.27 -20.08 82.44
C VAL K 133 1.05 -20.06 80.94
N GLN K 134 0.24 -19.11 80.45
CA GLN K 134 0.00 -19.07 79.02
C GLN K 134 -0.25 -17.66 78.51
N VAL K 135 0.15 -17.43 77.27
CA VAL K 135 -0.14 -16.21 76.52
C VAL K 135 -1.07 -16.61 75.39
N ARG K 136 -2.34 -16.24 75.48
CA ARG K 136 -3.33 -16.65 74.51
C ARG K 136 -3.71 -15.47 73.63
N ASN K 137 -3.91 -15.75 72.35
CA ASN K 137 -4.13 -14.72 71.35
C ASN K 137 -5.30 -15.17 70.48
N LEU K 138 -6.50 -14.82 70.90
CA LEU K 138 -7.73 -15.15 70.18
C LEU K 138 -8.00 -14.12 69.09
N VAL K 139 -8.16 -14.57 67.85
CA VAL K 139 -8.33 -13.68 66.72
C VAL K 139 -9.76 -13.71 66.18
N TYR K 140 -10.29 -14.90 65.91
CA TYR K 140 -11.64 -15.03 65.38
C TYR K 140 -12.44 -16.03 66.19
N THR K 141 -13.76 -15.84 66.18
CA THR K 141 -14.71 -16.87 66.53
C THR K 141 -15.45 -17.24 65.26
N VAL K 142 -15.42 -18.53 64.91
CA VAL K 142 -15.87 -19.01 63.63
C VAL K 142 -17.03 -19.97 63.89
N LYS K 143 -18.23 -19.62 63.44
CA LYS K 143 -19.43 -20.39 63.75
C LYS K 143 -20.13 -20.87 62.48
N ILE K 144 -21.13 -21.71 62.68
CA ILE K 144 -21.96 -22.25 61.60
C ILE K 144 -23.32 -21.58 61.61
N ASN K 145 -23.79 -21.23 60.43
CA ASN K 145 -25.16 -20.77 60.23
C ASN K 145 -26.11 -21.92 60.54
N PRO K 146 -27.18 -21.71 61.30
CA PRO K 146 -28.09 -22.82 61.65
C PRO K 146 -28.86 -23.44 60.49
N THR K 147 -28.76 -22.92 59.27
CA THR K 147 -29.48 -23.47 58.13
C THR K 147 -28.55 -24.22 57.20
N LEU K 148 -27.61 -24.96 57.77
CA LEU K 148 -26.60 -25.72 57.03
C LEU K 148 -27.07 -27.16 56.86
N GLU K 149 -26.59 -27.81 55.79
CA GLU K 149 -26.92 -29.18 55.47
C GLU K 149 -25.71 -30.09 55.67
N LEU K 150 -25.99 -31.39 55.70
CA LEU K 150 -25.01 -32.41 56.00
C LEU K 150 -24.06 -32.66 54.84
N SER K 151 -22.95 -33.32 55.15
CA SER K 151 -21.95 -33.64 54.15
C SER K 151 -22.44 -34.77 53.26
N SER K 152 -21.73 -34.97 52.16
CA SER K 152 -22.11 -36.01 51.21
C SER K 152 -21.77 -37.41 51.74
N GLY K 153 -20.66 -37.54 52.44
CA GLY K 153 -20.27 -38.81 52.98
C GLY K 153 -21.02 -39.20 54.23
N PHE K 154 -21.35 -38.21 55.07
CA PHE K 154 -22.04 -38.49 56.31
C PHE K 154 -23.51 -38.83 56.07
N ARG K 155 -24.12 -38.23 55.04
CA ARG K 155 -25.50 -38.55 54.70
C ARG K 155 -25.61 -39.97 54.15
N LYS K 156 -24.60 -40.40 53.40
CA LYS K 156 -24.61 -41.75 52.83
C LYS K 156 -24.57 -42.82 53.89
N GLU K 157 -23.82 -42.58 54.97
CA GLU K 157 -23.71 -43.60 56.00
C GLU K 157 -24.87 -43.56 56.98
N LEU K 158 -25.63 -42.47 57.02
CA LEU K 158 -26.89 -42.48 57.76
C LEU K 158 -28.00 -43.15 56.95
N LEU K 159 -27.93 -43.08 55.63
CA LEU K 159 -28.89 -43.76 54.78
C LEU K 159 -28.66 -45.26 54.75
N ASP K 160 -27.44 -45.71 55.01
CA ASP K 160 -27.18 -47.13 55.11
C ASP K 160 -27.67 -47.70 56.43
N ILE K 161 -27.60 -46.93 57.51
CA ILE K 161 -28.26 -47.32 58.75
C ILE K 161 -29.76 -47.29 58.56
N SER K 162 -30.24 -46.32 57.77
CA SER K 162 -31.66 -46.16 57.51
C SER K 162 -32.25 -47.36 56.77
N ASP K 163 -31.49 -47.96 55.87
CA ASP K 163 -31.98 -49.11 55.12
C ASP K 163 -32.15 -50.33 56.02
N ARG K 164 -31.25 -50.50 56.98
CA ARG K 164 -31.30 -51.65 57.87
C ARG K 164 -32.45 -51.55 58.88
N LEU K 165 -32.84 -50.34 59.26
CA LEU K 165 -34.01 -50.19 60.12
C LEU K 165 -35.32 -50.47 59.39
N GLU K 166 -35.34 -50.29 58.08
CA GLU K 166 -36.53 -50.60 57.30
C GLU K 166 -36.76 -52.11 57.25
N ASN K 167 -35.71 -52.87 56.99
CA ASN K 167 -35.77 -54.30 56.78
C ASN K 167 -35.82 -55.11 58.05
N ASN K 168 -36.01 -54.46 59.21
CA ASN K 168 -36.00 -55.08 60.53
C ASN K 168 -34.70 -55.86 60.74
N GLN K 169 -33.58 -55.17 60.56
CA GLN K 169 -32.26 -55.78 60.74
C GLN K 169 -31.56 -54.96 61.81
N THR K 170 -31.84 -55.30 63.07
CA THR K 170 -31.44 -54.46 64.19
C THR K 170 -29.99 -54.68 64.56
N ARG K 171 -29.51 -55.92 64.49
CA ARG K 171 -28.13 -56.21 64.84
C ARG K 171 -27.16 -55.66 63.80
N MET K 172 -27.59 -55.56 62.55
CA MET K 172 -26.71 -55.03 61.53
C MET K 172 -26.75 -53.51 61.49
N ALA K 173 -27.84 -52.92 61.96
CA ALA K 173 -27.90 -51.46 62.09
C ALA K 173 -27.13 -50.98 63.31
N THR K 174 -27.13 -51.77 64.39
CA THR K 174 -26.34 -51.44 65.57
C THR K 174 -24.86 -51.51 65.27
N TYR K 175 -24.45 -52.44 64.41
CA TYR K 175 -23.06 -52.51 63.98
C TYR K 175 -22.66 -51.29 63.17
N LEU K 176 -23.49 -50.88 62.23
CA LEU K 176 -23.17 -49.72 61.40
C LEU K 176 -23.27 -48.41 62.16
N ALA K 177 -24.08 -48.36 63.21
CA ALA K 177 -24.15 -47.14 64.02
C ALA K 177 -22.87 -46.93 64.80
N GLU K 178 -22.19 -48.01 65.20
CA GLU K 178 -20.94 -47.92 65.92
C GLU K 178 -19.77 -47.62 65.02
N LEU K 179 -19.84 -47.96 63.74
CA LEU K 179 -18.83 -47.51 62.80
C LEU K 179 -19.00 -46.05 62.43
N LEU K 180 -20.18 -45.47 62.67
CA LEU K 180 -20.35 -44.04 62.49
C LEU K 180 -19.61 -43.27 63.56
N VAL K 181 -19.51 -43.85 64.77
CA VAL K 181 -18.83 -43.21 65.88
C VAL K 181 -17.33 -43.39 65.77
N LEU K 182 -16.86 -44.48 65.18
CA LEU K 182 -15.44 -44.62 64.85
C LEU K 182 -14.99 -43.55 63.87
N ASN K 183 -15.82 -43.25 62.88
CA ASN K 183 -15.40 -42.38 61.80
C ASN K 183 -15.74 -40.92 62.03
N TYR K 184 -16.75 -40.63 62.85
CA TYR K 184 -17.21 -39.26 63.01
C TYR K 184 -17.28 -38.78 64.45
N GLY K 185 -16.89 -39.60 65.42
CA GLY K 185 -16.81 -39.13 66.77
C GLY K 185 -18.14 -39.12 67.50
N THR K 186 -18.16 -38.40 68.60
CA THR K 186 -19.34 -38.31 69.44
C THR K 186 -19.99 -36.93 69.41
N HIS K 187 -19.35 -35.94 68.81
CA HIS K 187 -19.79 -34.55 68.85
C HIS K 187 -19.51 -33.92 67.49
N VAL K 188 -20.16 -32.79 67.26
CA VAL K 188 -19.92 -31.95 66.10
C VAL K 188 -19.53 -30.58 66.59
N THR K 189 -18.39 -30.06 66.12
CA THR K 189 -17.97 -28.74 66.56
C THR K 189 -18.83 -27.69 65.88
N THR K 190 -19.48 -26.84 66.67
CA THR K 190 -20.30 -25.79 66.10
C THR K 190 -19.63 -24.43 66.16
N SER K 191 -18.64 -24.23 67.02
CA SER K 191 -17.84 -23.03 66.95
C SER K 191 -16.42 -23.34 67.36
N VAL K 192 -15.48 -22.72 66.68
CA VAL K 192 -14.06 -22.80 67.00
C VAL K 192 -13.54 -21.40 67.25
N ASP K 193 -12.49 -21.31 68.05
CA ASP K 193 -11.78 -20.08 68.31
C ASP K 193 -10.42 -20.16 67.62
N ALA K 194 -10.22 -19.33 66.61
CA ALA K 194 -8.99 -19.34 65.85
C ALA K 194 -7.96 -18.42 66.49
N GLY K 195 -6.78 -18.96 66.79
CA GLY K 195 -5.74 -18.15 67.35
C GLY K 195 -4.51 -18.96 67.67
N ALA K 196 -3.67 -18.42 68.54
CA ALA K 196 -2.44 -19.06 68.94
C ALA K 196 -2.28 -18.98 70.45
N ALA K 197 -1.43 -19.83 71.00
CA ALA K 197 -1.16 -19.82 72.42
C ALA K 197 0.24 -20.32 72.67
N LEU K 198 0.87 -19.79 73.71
CA LEU K 198 2.20 -20.22 74.13
C LEU K 198 2.08 -20.61 75.59
N ILE K 199 2.34 -21.88 75.90
CA ILE K 199 2.01 -22.44 77.20
C ILE K 199 3.27 -22.96 77.89
N GLN K 200 3.41 -22.63 79.17
CA GLN K 200 4.39 -23.21 80.09
C GLN K 200 3.70 -24.21 80.99
N GLU K 201 4.33 -25.34 81.25
CA GLU K 201 3.73 -26.31 82.16
C GLU K 201 4.84 -26.92 83.02
N ASP K 202 4.96 -26.43 84.25
CA ASP K 202 5.92 -26.97 85.20
C ASP K 202 5.24 -27.95 86.14
N HIS K 203 6.02 -28.89 86.65
CA HIS K 203 5.59 -29.78 87.70
C HIS K 203 6.48 -29.58 88.91
N LEU K 204 5.86 -29.34 90.05
CA LEU K 204 6.56 -29.05 91.29
C LEU K 204 6.21 -30.12 92.30
N ARG K 205 7.12 -30.41 93.22
CA ARG K 205 6.81 -31.36 94.29
C ARG K 205 5.70 -30.82 95.17
N ALA K 206 4.82 -31.70 95.62
CA ALA K 206 3.65 -31.28 96.38
C ALA K 206 4.01 -30.79 97.78
N SER K 207 5.21 -31.12 98.26
CA SER K 207 5.70 -30.59 99.52
C SER K 207 6.05 -29.11 99.43
N PHE K 208 6.34 -28.61 98.23
CA PHE K 208 6.75 -27.23 98.06
C PHE K 208 5.59 -26.25 98.19
N LEU K 209 4.36 -26.70 97.99
CA LEU K 209 3.20 -25.84 98.08
C LEU K 209 2.60 -25.78 99.48
N GLN K 210 2.90 -26.75 100.31
CA GLN K 210 2.26 -26.93 101.61
C GLN K 210 2.68 -25.90 102.67
N ASP K 211 3.35 -24.78 102.35
CA ASP K 211 3.84 -23.89 103.39
C ASP K 211 2.70 -23.06 103.99
N SER K 212 2.06 -22.21 103.18
CA SER K 212 0.95 -21.38 103.64
C SER K 212 0.17 -20.90 102.42
N GLN K 213 -0.83 -20.05 102.68
CA GLN K 213 -1.57 -19.37 101.62
C GLN K 213 -0.91 -18.07 101.18
N SER K 214 0.15 -17.65 101.86
CA SER K 214 0.98 -16.55 101.40
C SER K 214 2.19 -17.02 100.60
N SER K 215 2.61 -18.27 100.81
CA SER K 215 3.62 -18.85 99.95
C SER K 215 3.05 -19.15 98.57
N ARG K 216 1.73 -19.39 98.49
CA ARG K 216 1.09 -19.75 97.24
C ARG K 216 1.15 -18.59 96.24
N SER K 217 0.99 -17.36 96.70
CA SER K 217 1.07 -16.21 95.82
C SER K 217 2.50 -15.81 95.47
N ALA K 218 3.50 -16.52 96.00
CA ALA K 218 4.87 -16.32 95.58
C ALA K 218 5.40 -17.47 94.74
N VAL K 219 4.90 -18.69 94.96
CA VAL K 219 5.11 -19.77 94.01
C VAL K 219 4.52 -19.42 92.66
N THR K 220 3.34 -18.81 92.67
CA THR K 220 2.58 -18.55 91.46
C THR K 220 3.18 -17.43 90.64
N ALA K 221 3.69 -16.38 91.29
CA ALA K 221 4.32 -15.30 90.55
C ALA K 221 5.77 -15.59 90.21
N SER K 222 6.32 -16.68 90.70
CA SER K 222 7.66 -17.09 90.30
C SER K 222 7.62 -17.84 88.98
N ALA K 223 6.58 -18.65 88.78
CA ALA K 223 6.40 -19.39 87.54
C ALA K 223 6.11 -18.46 86.37
N GLY K 224 5.41 -17.35 86.62
CA GLY K 224 5.20 -16.39 85.57
C GLY K 224 6.42 -15.56 85.26
N LEU K 225 7.34 -15.47 86.21
CA LEU K 225 8.58 -14.76 85.98
C LEU K 225 9.56 -15.61 85.20
N ALA K 226 9.62 -16.91 85.51
CA ALA K 226 10.46 -17.84 84.77
C ALA K 226 10.00 -17.98 83.32
N PHE K 227 8.69 -17.85 83.08
CA PHE K 227 8.17 -17.97 81.72
C PHE K 227 8.55 -16.78 80.87
N GLN K 228 8.59 -15.59 81.46
CA GLN K 228 9.00 -14.42 80.71
C GLN K 228 10.49 -14.37 80.50
N ASN K 229 11.27 -14.98 81.40
CA ASN K 229 12.70 -15.10 81.16
C ASN K 229 12.98 -16.06 80.02
N THR K 230 12.24 -17.17 79.97
CA THR K 230 12.47 -18.21 78.97
C THR K 230 12.16 -17.71 77.57
N VAL K 231 11.14 -16.87 77.42
CA VAL K 231 10.89 -16.33 76.09
C VAL K 231 11.92 -15.27 75.72
N ASN K 232 12.37 -14.45 76.67
CA ASN K 232 13.22 -13.33 76.29
C ASN K 232 14.72 -13.67 76.22
N PHE K 233 15.24 -14.57 77.05
CA PHE K 233 16.67 -14.59 77.33
C PHE K 233 17.41 -15.84 76.85
N LYS K 234 17.15 -16.29 75.63
CA LYS K 234 18.16 -16.91 74.74
C LYS K 234 18.83 -18.17 75.29
N PHE K 235 18.22 -18.81 76.30
CA PHE K 235 18.69 -19.98 77.07
C PHE K 235 19.84 -19.61 78.01
N GLU K 236 20.37 -18.40 77.90
CA GLU K 236 21.51 -18.00 78.71
C GLU K 236 21.05 -17.67 80.12
N GLU K 237 22.01 -17.52 81.02
CA GLU K 237 21.71 -17.06 82.37
C GLU K 237 21.84 -15.55 82.48
N ASN K 238 21.18 -14.87 81.56
CA ASN K 238 20.92 -13.45 81.64
C ASN K 238 19.58 -13.17 82.31
N TYR K 239 19.11 -14.10 83.13
CA TYR K 239 17.79 -14.00 83.73
C TYR K 239 17.77 -12.95 84.82
N THR K 240 16.60 -12.33 84.99
CA THR K 240 16.37 -11.38 86.07
C THR K 240 15.77 -12.11 87.28
N SER K 241 16.55 -13.05 87.81
CA SER K 241 16.13 -13.85 88.96
C SER K 241 16.06 -12.97 90.20
N GLN K 242 14.84 -12.70 90.66
CA GLN K 242 14.58 -11.64 91.62
C GLN K 242 14.86 -12.03 93.06
N ASN K 243 14.82 -13.32 93.39
CA ASN K 243 14.86 -13.72 94.78
C ASN K 243 15.69 -14.98 94.92
N VAL K 244 15.73 -15.50 96.15
CA VAL K 244 16.15 -16.87 96.41
C VAL K 244 14.98 -17.80 96.17
N LEU K 245 13.74 -17.27 96.22
CA LEU K 245 12.56 -18.06 95.94
C LEU K 245 12.50 -18.51 94.49
N THR K 246 13.11 -17.74 93.58
CA THR K 246 13.31 -18.23 92.21
C THR K 246 14.28 -19.40 92.20
N LYS K 247 15.34 -19.33 92.99
CA LYS K 247 16.31 -20.42 93.04
C LYS K 247 15.74 -21.63 93.75
N SER K 248 14.93 -21.42 94.79
CA SER K 248 14.29 -22.55 95.43
C SER K 248 13.16 -23.13 94.59
N TYR K 249 12.61 -22.34 93.66
CA TYR K 249 11.60 -22.86 92.74
C TYR K 249 12.19 -23.89 91.80
N LEU K 250 13.44 -23.67 91.37
CA LEU K 250 14.05 -24.55 90.39
C LEU K 250 14.40 -25.91 90.97
N SER K 251 14.71 -25.96 92.25
CA SER K 251 15.16 -27.21 92.84
C SER K 251 14.02 -28.14 93.19
N ASN K 252 12.81 -27.63 93.35
CA ASN K 252 11.62 -28.46 93.53
C ASN K 252 10.92 -28.76 92.23
N ARG K 253 11.32 -28.12 91.15
CA ARG K 253 10.72 -28.34 89.83
C ARG K 253 11.01 -29.74 89.33
N THR K 254 9.98 -30.44 88.88
CA THR K 254 10.15 -31.78 88.37
C THR K 254 10.28 -31.86 86.86
N ASN K 255 9.38 -31.25 86.06
CA ASN K 255 9.43 -31.53 84.62
C ASN K 255 9.68 -30.34 83.70
N SER K 256 8.85 -29.29 83.71
CA SER K 256 8.98 -28.09 82.87
C SER K 256 8.96 -28.26 81.34
N ARG K 257 7.79 -28.51 80.76
CA ARG K 257 7.62 -28.43 79.31
C ARG K 257 7.20 -27.03 78.87
N VAL K 258 7.63 -26.64 77.68
CA VAL K 258 7.16 -25.41 77.02
C VAL K 258 6.50 -25.80 75.71
N GLN K 259 5.26 -25.36 75.51
CA GLN K 259 4.47 -25.79 74.37
C GLN K 259 3.96 -24.58 73.60
N SER K 260 4.14 -24.60 72.29
CA SER K 260 3.57 -23.60 71.40
C SER K 260 2.45 -24.23 70.59
N ILE K 261 1.31 -23.59 70.54
CA ILE K 261 0.16 -24.09 69.78
C ILE K 261 -0.23 -23.00 68.79
N GLY K 262 0.10 -23.20 67.53
CA GLY K 262 -0.13 -22.20 66.52
C GLY K 262 1.00 -21.20 66.46
N GLY K 263 0.98 -20.38 65.43
CA GLY K 263 2.04 -19.42 65.26
C GLY K 263 3.31 -20.07 64.72
N VAL K 264 4.42 -19.38 64.93
CA VAL K 264 5.74 -19.88 64.55
C VAL K 264 6.25 -20.80 65.65
N PRO K 265 7.16 -21.73 65.37
CA PRO K 265 7.66 -22.62 66.42
C PRO K 265 8.47 -21.87 67.46
N PHE K 266 8.29 -22.28 68.72
CA PHE K 266 8.98 -21.64 69.81
C PHE K 266 10.41 -22.12 69.91
N TYR K 267 11.31 -21.20 70.25
CA TYR K 267 12.65 -21.50 70.69
C TYR K 267 12.99 -20.52 71.79
N PRO K 268 13.77 -20.92 72.79
CA PRO K 268 14.06 -20.02 73.91
C PRO K 268 14.91 -18.84 73.47
N GLY K 269 14.31 -17.67 73.42
CA GLY K 269 14.99 -16.51 72.89
C GLY K 269 14.17 -15.72 71.91
N ILE K 270 13.10 -16.30 71.37
CA ILE K 270 12.20 -15.52 70.53
C ILE K 270 11.42 -14.57 71.44
N THR K 271 11.49 -13.29 71.15
CA THR K 271 10.84 -12.34 72.03
C THR K 271 9.33 -12.43 71.88
N LEU K 272 8.62 -11.88 72.86
CA LEU K 272 7.17 -11.94 72.84
C LEU K 272 6.61 -11.10 71.71
N GLN K 273 7.32 -10.04 71.34
CA GLN K 273 7.01 -9.28 70.15
C GLN K 273 7.11 -10.14 68.90
N ALA K 274 8.19 -10.91 68.78
CA ALA K 274 8.45 -11.64 67.54
C ALA K 274 7.59 -12.88 67.41
N TRP K 275 7.18 -13.48 68.52
CA TRP K 275 6.25 -14.60 68.46
C TRP K 275 4.88 -14.13 67.97
N GLN K 276 4.48 -12.93 68.34
CA GLN K 276 3.19 -12.37 67.95
C GLN K 276 3.15 -11.85 66.53
N GLN K 277 4.28 -11.76 65.85
CA GLN K 277 4.27 -11.40 64.45
C GLN K 277 4.05 -12.61 63.55
N GLY K 278 4.31 -13.81 64.04
CA GLY K 278 4.11 -15.01 63.29
C GLY K 278 2.79 -15.67 63.47
N ILE K 279 1.88 -15.05 64.21
CA ILE K 279 0.54 -15.59 64.41
C ILE K 279 -0.28 -15.48 63.13
N THR K 280 -0.01 -14.45 62.33
CA THR K 280 -0.68 -14.24 61.06
C THR K 280 -0.39 -15.38 60.10
N ASN K 281 -1.48 -15.98 59.59
CA ASN K 281 -1.56 -17.13 58.68
C ASN K 281 -1.14 -18.44 59.31
N HIS K 282 -0.91 -18.48 60.62
CA HIS K 282 -0.69 -19.73 61.35
C HIS K 282 -1.67 -19.73 62.51
N LEU K 283 -2.92 -20.07 62.24
CA LEU K 283 -3.96 -20.04 63.26
C LEU K 283 -4.48 -21.45 63.46
N VAL K 284 -4.72 -21.83 64.69
CA VAL K 284 -5.26 -23.14 65.03
C VAL K 284 -6.47 -22.93 65.94
N ALA K 285 -7.15 -24.03 66.21
CA ALA K 285 -8.27 -23.97 67.14
C ALA K 285 -7.74 -24.05 68.56
N ILE K 286 -7.84 -22.95 69.30
CA ILE K 286 -7.46 -22.94 70.71
C ILE K 286 -8.65 -23.15 71.63
N ASP K 287 -9.86 -23.18 71.10
CA ASP K 287 -11.05 -23.55 71.87
C ASP K 287 -12.11 -24.02 70.90
N ARG K 288 -13.03 -24.84 71.41
CA ARG K 288 -14.12 -25.42 70.63
C ARG K 288 -15.38 -25.50 71.46
N SER K 289 -16.51 -25.38 70.79
CA SER K 289 -17.79 -25.70 71.38
C SER K 289 -18.52 -26.68 70.46
N GLY K 290 -19.49 -27.38 71.00
CA GLY K 290 -20.17 -28.36 70.16
C GLY K 290 -21.49 -28.84 70.71
N LEU K 291 -22.05 -29.80 70.00
CA LEU K 291 -23.29 -30.48 70.32
C LEU K 291 -23.09 -31.96 70.02
N PRO K 292 -23.85 -32.84 70.66
CA PRO K 292 -23.73 -34.27 70.37
C PRO K 292 -24.15 -34.62 68.95
N LEU K 293 -23.73 -35.80 68.52
CA LEU K 293 -23.83 -36.17 67.12
C LEU K 293 -25.26 -36.47 66.71
N HIS K 294 -26.09 -36.94 67.64
CA HIS K 294 -27.48 -37.25 67.35
C HIS K 294 -28.38 -36.03 67.37
N PHE K 295 -27.86 -34.86 67.76
CA PHE K 295 -28.62 -33.63 67.66
C PHE K 295 -28.90 -33.28 66.20
N PHE K 296 -27.98 -33.60 65.31
CA PHE K 296 -28.09 -33.25 63.91
C PHE K 296 -28.72 -34.35 63.09
N ILE K 297 -29.32 -35.34 63.73
CA ILE K 297 -30.12 -36.33 63.03
C ILE K 297 -31.57 -36.05 63.38
N ASN K 298 -32.22 -35.24 62.56
CA ASN K 298 -33.56 -34.75 62.81
C ASN K 298 -34.25 -34.63 61.47
N PRO K 299 -35.58 -34.51 61.43
CA PRO K 299 -36.27 -34.41 60.13
C PRO K 299 -35.92 -33.20 59.28
N ASN K 300 -35.27 -32.18 59.85
CA ASN K 300 -34.86 -31.02 59.07
C ASN K 300 -33.62 -31.33 58.24
N MET K 301 -32.63 -32.01 58.83
CA MET K 301 -31.40 -32.32 58.11
C MET K 301 -31.61 -33.39 57.07
N LEU K 302 -32.59 -34.27 57.27
CA LEU K 302 -32.87 -35.39 56.38
C LEU K 302 -34.29 -35.21 55.85
N PRO K 303 -34.47 -34.41 54.79
CA PRO K 303 -35.82 -34.13 54.30
C PRO K 303 -36.35 -35.17 53.34
N ASP K 304 -35.50 -36.08 52.87
CA ASP K 304 -35.90 -37.11 51.93
C ASP K 304 -36.18 -38.45 52.60
N LEU K 305 -36.44 -38.45 53.90
CA LEU K 305 -36.78 -39.64 54.65
C LEU K 305 -38.00 -39.33 55.52
N PRO K 306 -38.80 -40.34 55.86
CA PRO K 306 -39.96 -40.08 56.71
C PRO K 306 -39.58 -39.70 58.13
N GLY K 307 -40.55 -39.11 58.82
CA GLY K 307 -40.41 -38.59 60.16
C GLY K 307 -40.00 -39.58 61.23
N PRO K 308 -40.78 -40.64 61.45
CA PRO K 308 -40.40 -41.62 62.47
C PRO K 308 -39.21 -42.46 62.13
N LEU K 309 -38.75 -42.44 60.89
CA LEU K 309 -37.62 -43.26 60.50
C LEU K 309 -36.29 -42.56 60.73
N VAL K 310 -36.26 -41.23 60.74
CA VAL K 310 -35.04 -40.54 61.15
C VAL K 310 -34.92 -40.43 62.65
N LYS K 311 -35.97 -40.78 63.39
CA LYS K 311 -35.90 -40.91 64.83
C LYS K 311 -35.44 -42.30 65.26
N LYS K 312 -35.49 -43.29 64.38
CA LYS K 312 -34.87 -44.57 64.66
C LYS K 312 -33.37 -44.49 64.44
N VAL K 313 -32.95 -43.73 63.43
CA VAL K 313 -31.53 -43.52 63.17
C VAL K 313 -30.91 -42.70 64.27
N SER K 314 -31.64 -41.68 64.75
CA SER K 314 -31.13 -40.82 65.82
C SER K 314 -31.05 -41.56 67.14
N LYS K 315 -31.90 -42.53 67.36
CA LYS K 315 -31.87 -43.27 68.62
C LYS K 315 -30.83 -44.38 68.59
N THR K 316 -30.58 -44.96 67.42
CA THR K 316 -29.56 -46.01 67.37
C THR K 316 -28.15 -45.46 67.32
N VAL K 317 -27.97 -44.16 67.09
CA VAL K 317 -26.66 -43.53 67.19
C VAL K 317 -26.45 -42.96 68.59
N GLU K 318 -27.51 -42.47 69.23
CA GLU K 318 -27.44 -42.05 70.62
C GLU K 318 -27.08 -43.20 71.55
N THR K 319 -27.53 -44.41 71.21
CA THR K 319 -27.19 -45.58 72.00
C THR K 319 -25.75 -45.99 71.76
N ALA K 320 -25.25 -45.82 70.54
CA ALA K 320 -23.88 -46.22 70.23
C ALA K 320 -22.86 -45.28 70.85
N VAL K 321 -23.19 -43.99 70.94
CA VAL K 321 -22.31 -43.03 71.60
C VAL K 321 -22.29 -43.27 73.09
N LYS K 322 -23.45 -43.56 73.68
CA LYS K 322 -23.54 -43.82 75.12
C LYS K 322 -22.85 -45.12 75.50
N ARG K 323 -22.84 -46.09 74.60
CA ARG K 323 -22.13 -47.34 74.84
C ARG K 323 -20.63 -47.13 74.81
N TYR K 324 -20.16 -46.14 74.06
CA TYR K 324 -18.74 -45.87 73.94
C TYR K 324 -18.19 -45.21 75.19
N TYR K 325 -18.99 -44.40 75.88
CA TYR K 325 -18.55 -43.81 77.14
C TYR K 325 -18.57 -44.82 78.27
N THR K 326 -19.47 -45.80 78.21
CA THR K 326 -19.60 -46.75 79.31
C THR K 326 -18.45 -47.74 79.30
N PHE K 327 -17.98 -48.14 78.13
CA PHE K 327 -16.91 -49.12 78.06
C PHE K 327 -15.54 -48.51 78.33
N ASN K 328 -15.46 -47.19 78.47
CA ASN K 328 -14.21 -46.49 78.76
C ASN K 328 -14.30 -45.78 80.10
N THR K 329 -15.13 -46.29 81.00
CA THR K 329 -15.27 -45.75 82.34
C THR K 329 -14.68 -46.76 83.32
N TYR K 330 -13.75 -46.29 84.15
CA TYR K 330 -13.04 -47.13 85.12
C TYR K 330 -13.23 -46.52 86.50
N PRO K 331 -14.23 -46.95 87.26
CA PRO K 331 -14.35 -46.49 88.64
C PRO K 331 -13.30 -47.14 89.52
N GLY K 332 -12.84 -46.40 90.52
CA GLY K 332 -11.84 -46.90 91.41
C GLY K 332 -11.39 -45.83 92.38
N CYS K 333 -10.44 -46.20 93.22
CA CYS K 333 -9.87 -45.26 94.18
C CYS K 333 -8.89 -44.34 93.45
N THR K 334 -9.14 -43.05 93.52
CA THR K 334 -8.35 -42.07 92.80
C THR K 334 -7.41 -41.27 93.69
N ASP K 335 -7.46 -41.47 95.01
CA ASP K 335 -6.58 -40.75 95.91
C ASP K 335 -5.23 -41.45 95.97
N LEU K 336 -4.17 -40.74 95.58
CA LEU K 336 -2.85 -41.36 95.47
C LEU K 336 -2.21 -41.66 96.81
N ASN K 337 -2.70 -41.06 97.89
CA ASN K 337 -2.16 -41.33 99.21
C ASN K 337 -2.81 -42.51 99.90
N SER K 338 -3.95 -42.98 99.41
CA SER K 338 -4.59 -44.15 99.98
C SER K 338 -3.81 -45.41 99.62
N PRO K 339 -3.78 -46.41 100.50
CA PRO K 339 -2.99 -47.62 100.20
C PRO K 339 -3.57 -48.45 99.07
N ASN K 340 -4.89 -48.45 98.89
CA ASN K 340 -5.52 -49.15 97.78
C ASN K 340 -5.78 -48.21 96.59
N PHE K 341 -4.74 -47.51 96.16
CA PHE K 341 -4.86 -46.58 95.05
C PHE K 341 -5.00 -47.32 93.72
N ASN K 342 -6.04 -47.00 92.98
CA ASN K 342 -6.26 -47.57 91.66
C ASN K 342 -5.70 -46.60 90.63
N PHE K 343 -4.47 -46.83 90.22
CA PHE K 343 -4.00 -46.32 88.95
C PHE K 343 -4.78 -47.04 87.86
N GLN K 344 -4.88 -46.39 86.70
CA GLN K 344 -5.81 -46.77 85.61
C GLN K 344 -7.27 -46.72 86.11
N ALA K 345 -7.67 -45.58 86.64
CA ALA K 345 -9.05 -45.34 87.04
C ALA K 345 -9.42 -43.90 86.71
N ASN K 346 -10.61 -43.71 86.14
CA ASN K 346 -11.07 -42.41 85.69
C ASN K 346 -11.97 -41.73 86.71
N THR K 347 -12.93 -42.47 87.25
CA THR K 347 -14.00 -41.90 88.05
C THR K 347 -13.77 -42.23 89.52
N ASP K 348 -13.98 -41.25 90.38
CA ASP K 348 -13.82 -41.44 91.82
C ASP K 348 -14.92 -42.36 92.33
N ASP K 349 -14.52 -43.51 92.87
CA ASP K 349 -15.47 -44.52 93.30
C ASP K 349 -16.13 -44.16 94.63
N GLY K 350 -15.51 -43.29 95.42
CA GLY K 350 -16.03 -42.99 96.73
C GLY K 350 -15.76 -44.04 97.78
N SER K 351 -14.93 -45.03 97.47
CA SER K 351 -14.55 -46.09 98.40
C SER K 351 -13.03 -46.10 98.44
N CYS K 352 -12.45 -45.24 99.27
CA CYS K 352 -11.02 -45.11 99.38
C CYS K 352 -10.46 -45.78 100.62
N GLU K 353 -11.32 -46.24 101.52
CA GLU K 353 -10.90 -46.95 102.73
C GLU K 353 -11.69 -48.24 102.82
N GLY K 354 -11.01 -49.36 102.58
CA GLY K 354 -11.62 -50.67 102.66
C GLY K 354 -11.38 -51.33 104.00
N LYS K 355 -11.92 -52.54 104.13
CA LYS K 355 -11.83 -53.29 105.37
C LYS K 355 -10.98 -54.54 105.28
N MET K 356 -10.57 -54.94 104.06
CA MET K 356 -9.77 -56.15 103.79
C MET K 356 -10.47 -57.41 104.33
N THR K 357 -11.59 -57.72 103.67
CA THR K 357 -12.34 -58.92 103.99
C THR K 357 -12.01 -59.99 102.94
N ASN K 358 -11.45 -61.10 103.39
CA ASN K 358 -11.20 -62.23 102.52
C ASN K 358 -12.47 -63.02 102.31
N PHE K 359 -12.74 -63.39 101.06
CA PHE K 359 -13.99 -64.05 100.70
C PHE K 359 -13.71 -65.45 100.17
N SER K 360 -14.80 -66.19 99.96
CA SER K 360 -14.76 -67.59 99.55
C SER K 360 -15.26 -67.70 98.11
N PHE K 361 -14.43 -68.26 97.24
CA PHE K 361 -14.79 -68.45 95.84
C PHE K 361 -15.43 -69.83 95.69
N GLY K 362 -16.75 -69.86 95.53
CA GLY K 362 -17.50 -71.09 95.48
C GLY K 362 -17.60 -71.74 94.13
N GLY K 363 -16.91 -71.23 93.11
CA GLY K 363 -16.86 -71.87 91.81
C GLY K 363 -17.96 -71.37 90.88
N VAL K 364 -17.81 -71.76 89.62
CA VAL K 364 -18.71 -71.36 88.55
C VAL K 364 -19.26 -72.60 87.86
N TYR K 365 -20.46 -72.47 87.29
CA TYR K 365 -21.02 -73.51 86.46
C TYR K 365 -21.94 -72.87 85.44
N GLN K 366 -22.07 -73.53 84.29
CA GLN K 366 -22.80 -72.97 83.15
C GLN K 366 -23.71 -74.04 82.57
N GLU K 367 -24.98 -73.70 82.42
CA GLU K 367 -25.94 -74.59 81.77
C GLU K 367 -25.95 -74.32 80.27
N CYS K 368 -26.52 -75.27 79.53
CA CYS K 368 -26.75 -75.09 78.10
C CYS K 368 -28.09 -75.69 77.73
N THR K 369 -28.71 -75.12 76.70
CA THR K 369 -30.01 -75.59 76.23
C THR K 369 -30.05 -75.42 74.71
N GLN K 370 -30.01 -76.54 74.00
CA GLN K 370 -30.03 -76.52 72.54
C GLN K 370 -31.40 -76.05 72.05
N LEU K 371 -31.40 -75.10 71.12
CA LEU K 371 -32.64 -74.57 70.57
C LEU K 371 -32.92 -75.05 69.15
N SER K 372 -31.89 -75.17 68.32
CA SER K 372 -32.06 -75.65 66.96
C SER K 372 -30.73 -76.22 66.47
N GLY K 373 -30.81 -77.12 65.50
CA GLY K 373 -29.62 -77.72 64.94
C GLY K 373 -29.21 -79.00 65.64
N ASN K 374 -30.17 -79.86 65.92
CA ASN K 374 -29.91 -81.09 66.64
C ASN K 374 -29.19 -82.11 65.75
N ARG K 375 -28.39 -82.96 66.41
CA ARG K 375 -27.65 -84.07 65.81
C ARG K 375 -26.66 -83.63 64.74
N ASP K 376 -26.25 -82.37 64.75
CA ASP K 376 -25.30 -81.86 63.77
C ASP K 376 -24.06 -81.25 64.41
N VAL K 377 -24.23 -80.41 65.43
CA VAL K 377 -23.12 -79.71 66.04
C VAL K 377 -22.86 -80.21 67.46
N LEU K 378 -23.91 -80.50 68.22
CA LEU K 378 -23.88 -80.75 69.67
C LEU K 378 -23.24 -79.56 70.39
N LEU K 379 -23.94 -78.43 70.30
CA LEU K 379 -23.50 -77.20 70.96
C LEU K 379 -23.48 -77.33 72.47
N CYS K 380 -24.35 -78.15 73.04
CA CYS K 380 -24.50 -78.28 74.47
C CYS K 380 -23.50 -79.29 75.08
N GLN K 381 -22.36 -79.48 74.42
CA GLN K 381 -21.30 -80.35 74.93
C GLN K 381 -20.00 -79.60 75.15
N LYS K 382 -19.59 -78.77 74.20
CA LYS K 382 -18.42 -77.91 74.37
C LYS K 382 -18.77 -76.54 74.93
N LEU K 383 -19.98 -76.38 75.48
CA LEU K 383 -20.42 -75.11 76.05
C LEU K 383 -21.00 -75.34 77.44
N GLU K 384 -20.67 -76.47 78.07
CA GLU K 384 -21.26 -76.88 79.33
C GLU K 384 -20.14 -77.05 80.35
N GLN K 385 -20.34 -76.51 81.54
CA GLN K 385 -19.33 -76.60 82.59
C GLN K 385 -20.01 -76.88 83.92
N LYS K 386 -19.47 -77.83 84.67
CA LYS K 386 -19.99 -78.18 85.99
C LYS K 386 -19.06 -77.66 87.08
N ASN K 387 -19.62 -77.49 88.26
CA ASN K 387 -18.87 -76.98 89.41
C ASN K 387 -17.94 -78.08 89.92
N PRO K 388 -16.63 -77.82 90.05
CA PRO K 388 -15.73 -78.86 90.58
C PRO K 388 -15.95 -79.18 92.04
N LEU K 389 -16.61 -78.31 92.80
CA LEU K 389 -16.83 -78.57 94.22
C LEU K 389 -17.97 -79.54 94.45
N THR K 390 -18.93 -79.63 93.52
CA THR K 390 -20.04 -80.55 93.66
C THR K 390 -20.13 -81.58 92.54
N GLY K 391 -19.48 -81.35 91.40
CA GLY K 391 -19.69 -82.20 90.25
C GLY K 391 -21.08 -82.10 89.67
N ASP K 392 -21.73 -80.96 89.84
CA ASP K 392 -23.14 -80.82 89.53
C ASP K 392 -23.41 -79.36 89.19
N PHE K 393 -24.62 -79.08 88.72
CA PHE K 393 -25.05 -77.72 88.42
C PHE K 393 -25.68 -77.09 89.67
N SER K 394 -24.89 -77.03 90.73
CA SER K 394 -25.34 -76.48 92.00
C SER K 394 -24.13 -76.02 92.78
N CYS K 395 -24.38 -75.13 93.72
CA CYS K 395 -23.36 -74.68 94.65
C CYS K 395 -23.27 -75.67 95.82
N PRO K 396 -22.16 -75.66 96.59
CA PRO K 396 -22.10 -76.51 97.78
C PRO K 396 -23.03 -76.08 98.90
N SER K 397 -22.92 -76.77 100.04
CA SER K 397 -23.88 -76.59 101.14
C SER K 397 -23.76 -75.21 101.77
N GLY K 398 -22.54 -74.67 101.84
CA GLY K 398 -22.37 -73.34 102.39
C GLY K 398 -22.49 -72.21 101.41
N TYR K 399 -22.99 -72.46 100.20
CA TYR K 399 -22.99 -71.47 99.13
C TYR K 399 -24.40 -71.34 98.54
N SER K 400 -24.53 -70.40 97.59
CA SER K 400 -25.79 -70.09 96.93
C SER K 400 -25.51 -69.57 95.52
N PRO K 401 -26.34 -69.90 94.54
CA PRO K 401 -26.05 -69.48 93.16
C PRO K 401 -26.50 -68.06 92.86
N VAL K 402 -25.68 -67.38 92.05
CA VAL K 402 -25.99 -66.04 91.55
C VAL K 402 -25.90 -66.09 90.02
N HIS K 403 -26.98 -65.66 89.37
CA HIS K 403 -27.07 -65.70 87.91
C HIS K 403 -26.35 -64.52 87.30
N LEU K 404 -25.32 -64.79 86.51
CA LEU K 404 -24.57 -63.71 85.85
C LEU K 404 -25.28 -63.21 84.61
N LEU K 405 -25.41 -64.05 83.60
CA LEU K 405 -25.83 -63.60 82.28
C LEU K 405 -26.33 -64.78 81.48
N SER K 406 -27.34 -64.50 80.65
CA SER K 406 -28.00 -65.52 79.84
C SER K 406 -28.17 -64.98 78.43
N GLN K 407 -27.48 -65.57 77.46
CA GLN K 407 -27.55 -65.14 76.07
C GLN K 407 -27.60 -66.35 75.15
N ILE K 408 -27.66 -66.08 73.86
CA ILE K 408 -27.80 -67.09 72.83
C ILE K 408 -26.48 -67.19 72.07
N HIS K 409 -25.96 -68.40 71.94
CA HIS K 409 -24.77 -68.64 71.15
C HIS K 409 -25.16 -69.23 69.80
N GLU K 410 -24.40 -68.89 68.76
CA GLU K 410 -24.66 -69.36 67.42
C GLU K 410 -23.40 -69.93 66.80
N GLU K 411 -23.52 -71.11 66.19
CA GLU K 411 -22.47 -71.65 65.34
C GLU K 411 -23.08 -72.15 64.04
N GLY K 412 -22.22 -72.40 63.07
CA GLY K 412 -22.63 -72.82 61.75
C GLY K 412 -22.17 -74.23 61.42
N TYR K 413 -23.02 -74.97 60.72
CA TYR K 413 -22.69 -76.29 60.23
C TYR K 413 -23.02 -76.37 58.75
N ASN K 414 -22.60 -77.48 58.13
CA ASN K 414 -22.41 -77.50 56.70
C ASN K 414 -22.83 -78.84 56.13
N HIS K 415 -23.70 -78.83 55.13
CA HIS K 415 -24.00 -80.00 54.34
C HIS K 415 -23.39 -79.86 52.95
N LEU K 416 -23.15 -80.99 52.31
CA LEU K 416 -22.59 -81.00 50.96
C LEU K 416 -23.19 -82.17 50.20
N GLU K 417 -24.00 -81.88 49.19
CA GLU K 417 -24.70 -82.89 48.43
C GLU K 417 -24.31 -82.78 46.96
N CYS K 418 -24.09 -83.91 46.32
CA CYS K 418 -23.67 -83.96 44.93
C CYS K 418 -24.37 -85.10 44.23
N HIS K 419 -24.89 -84.85 43.03
CA HIS K 419 -25.34 -85.94 42.18
C HIS K 419 -25.02 -85.60 40.73
N ARG K 420 -24.82 -86.65 39.94
CA ARG K 420 -24.35 -86.56 38.57
C ARG K 420 -25.36 -87.23 37.65
N LYS K 421 -25.58 -86.63 36.48
CA LYS K 421 -26.57 -87.11 35.53
C LYS K 421 -26.04 -86.95 34.12
N CYS K 422 -26.19 -87.98 33.30
CA CYS K 422 -25.74 -87.98 31.92
C CYS K 422 -26.92 -88.14 30.99
N THR K 423 -26.88 -87.44 29.85
CA THR K 423 -28.00 -87.39 28.91
C THR K 423 -27.49 -87.66 27.50
N LEU K 424 -27.98 -88.75 26.90
CA LEU K 424 -27.62 -89.20 25.54
C LEU K 424 -26.14 -89.53 25.42
N LYS K 425 -25.52 -89.98 26.52
CA LYS K 425 -24.14 -90.43 26.66
C LYS K 425 -23.10 -89.34 26.45
N VAL K 426 -23.50 -88.11 26.14
CA VAL K 426 -22.65 -86.94 26.07
C VAL K 426 -23.25 -86.08 27.19
N PHE K 427 -22.74 -84.87 27.41
CA PHE K 427 -23.41 -83.82 28.18
C PHE K 427 -23.63 -84.23 29.64
N CYS K 428 -22.53 -84.50 30.33
CA CYS K 428 -22.60 -84.91 31.72
C CYS K 428 -22.83 -83.70 32.61
N LYS K 429 -23.86 -83.78 33.46
CA LYS K 429 -24.21 -82.69 34.37
C LYS K 429 -23.91 -83.10 35.79
N THR K 430 -23.21 -82.23 36.52
CA THR K 430 -22.88 -82.45 37.92
C THR K 430 -23.20 -81.18 38.69
N VAL K 431 -24.07 -81.29 39.68
CA VAL K 431 -24.41 -80.17 40.55
C VAL K 431 -23.93 -80.49 41.96
N CYS K 432 -23.31 -79.50 42.61
CA CYS K 432 -22.69 -79.66 43.92
C CYS K 432 -23.24 -78.57 44.82
N GLU K 433 -24.17 -78.92 45.69
CA GLU K 433 -24.85 -77.96 46.56
C GLU K 433 -24.26 -78.02 47.96
N ASP K 434 -24.05 -76.85 48.56
CA ASP K 434 -23.39 -76.72 49.86
C ASP K 434 -24.18 -75.74 50.72
N VAL K 435 -24.95 -76.26 51.66
CA VAL K 435 -25.86 -75.46 52.48
C VAL K 435 -25.20 -75.18 53.82
N PHE K 436 -25.21 -73.91 54.23
CA PHE K 436 -24.68 -73.46 55.51
C PHE K 436 -25.83 -73.01 56.38
N GLN K 437 -26.04 -73.68 57.50
CA GLN K 437 -27.11 -73.34 58.42
C GLN K 437 -26.54 -72.91 59.76
N VAL K 438 -27.38 -72.29 60.58
CA VAL K 438 -26.98 -71.71 61.86
C VAL K 438 -27.65 -72.50 62.98
N ALA K 439 -26.84 -73.03 63.90
CA ALA K 439 -27.34 -73.74 65.07
C ALA K 439 -27.23 -72.85 66.30
N LYS K 440 -28.32 -72.77 67.05
CA LYS K 440 -28.40 -71.87 68.19
C LYS K 440 -28.45 -72.65 69.50
N ALA K 441 -28.07 -71.96 70.59
CA ALA K 441 -28.08 -72.57 71.91
C ALA K 441 -28.15 -71.46 72.96
N GLU K 442 -28.98 -71.69 73.97
CA GLU K 442 -29.07 -70.80 75.13
C GLU K 442 -28.10 -71.28 76.20
N PHE K 443 -27.38 -70.35 76.81
CA PHE K 443 -26.56 -70.68 77.96
C PHE K 443 -26.92 -69.77 79.12
N ARG K 444 -26.77 -70.30 80.32
CA ARG K 444 -27.01 -69.56 81.56
C ARG K 444 -25.84 -69.82 82.49
N ALA K 445 -25.05 -68.78 82.76
CA ALA K 445 -23.88 -68.90 83.60
C ALA K 445 -24.22 -68.45 85.01
N PHE K 446 -23.91 -69.28 85.98
CA PHE K 446 -24.16 -69.02 87.38
C PHE K 446 -22.84 -68.89 88.14
N TRP K 447 -22.96 -68.52 89.41
CA TRP K 447 -21.79 -68.22 90.21
C TRP K 447 -22.17 -68.35 91.68
N CYS K 448 -21.27 -68.94 92.48
CA CYS K 448 -21.54 -69.27 93.86
C CYS K 448 -21.02 -68.21 94.81
N VAL K 449 -21.74 -67.97 95.90
CA VAL K 449 -21.42 -66.94 96.87
C VAL K 449 -21.54 -67.54 98.28
N ALA K 450 -20.60 -67.19 99.15
CA ALA K 450 -20.66 -67.64 100.55
C ALA K 450 -21.81 -66.95 101.26
N SER K 451 -22.92 -67.66 101.46
CA SER K 451 -24.10 -67.11 102.10
C SER K 451 -24.44 -67.77 103.42
N SER K 452 -23.66 -68.75 103.86
CA SER K 452 -23.90 -69.44 105.13
C SER K 452 -22.95 -69.00 106.24
N GLN K 453 -21.90 -68.25 105.89
CA GLN K 453 -20.98 -67.52 106.76
C GLN K 453 -20.03 -68.45 107.53
N VAL K 454 -20.26 -69.75 107.49
CA VAL K 454 -19.36 -70.70 108.16
C VAL K 454 -18.87 -71.71 107.13
N PRO K 455 -17.77 -71.44 106.41
CA PRO K 455 -17.10 -72.51 105.69
C PRO K 455 -15.96 -73.09 106.49
N GLU K 456 -15.57 -74.33 106.19
CA GLU K 456 -14.34 -74.87 106.72
C GLU K 456 -13.14 -74.36 105.95
N ASN K 457 -13.08 -74.66 104.65
CA ASN K 457 -12.14 -74.07 103.73
C ASN K 457 -12.91 -73.49 102.56
N SER K 458 -12.37 -72.42 101.98
CA SER K 458 -13.10 -71.66 100.98
C SER K 458 -13.24 -72.44 99.68
N GLY K 459 -12.12 -72.86 99.10
CA GLY K 459 -12.17 -73.60 97.86
C GLY K 459 -11.74 -72.78 96.67
N LEU K 460 -10.96 -73.42 95.80
CA LEU K 460 -10.64 -72.94 94.45
C LEU K 460 -9.93 -71.59 94.48
N LEU K 461 -8.72 -71.59 95.05
CA LEU K 461 -8.02 -70.35 95.37
C LEU K 461 -7.31 -69.80 94.14
N PHE K 462 -8.08 -69.15 93.27
CA PHE K 462 -7.63 -68.23 92.23
C PHE K 462 -8.86 -67.54 91.66
N GLY K 463 -8.65 -66.37 91.10
CA GLY K 463 -9.75 -65.61 90.53
C GLY K 463 -9.41 -64.86 89.26
N GLY K 464 -8.35 -65.27 88.56
CA GLY K 464 -7.91 -64.60 87.36
C GLY K 464 -8.40 -65.29 86.10
N LEU K 465 -8.60 -64.49 85.05
CA LEU K 465 -9.32 -64.90 83.87
C LEU K 465 -8.47 -64.65 82.63
N PHE K 466 -8.83 -65.33 81.55
CA PHE K 466 -8.32 -64.98 80.22
C PHE K 466 -9.34 -65.41 79.19
N SER K 467 -9.46 -64.62 78.14
CA SER K 467 -10.43 -64.85 77.08
C SER K 467 -9.74 -65.44 75.86
N SER K 468 -10.48 -65.54 74.77
CA SER K 468 -9.88 -65.82 73.48
C SER K 468 -9.22 -64.59 72.87
N LYS K 469 -9.42 -63.41 73.47
CA LYS K 469 -8.77 -62.19 73.03
C LYS K 469 -8.09 -61.45 74.17
N SER K 470 -8.03 -62.04 75.36
CA SER K 470 -7.42 -61.43 76.52
C SER K 470 -6.26 -62.30 76.99
N ILE K 471 -5.61 -61.86 78.07
CA ILE K 471 -4.40 -62.49 78.59
C ILE K 471 -4.50 -62.54 80.10
N ASN K 472 -4.22 -63.70 80.67
CA ASN K 472 -4.10 -63.84 82.11
C ASN K 472 -2.86 -63.09 82.58
N PRO K 473 -2.98 -62.08 83.44
CA PRO K 473 -1.78 -61.33 83.85
C PRO K 473 -0.88 -62.10 84.79
N MET K 474 -1.38 -63.16 85.42
CA MET K 474 -0.53 -63.97 86.27
C MET K 474 0.32 -64.97 85.49
N THR K 475 0.11 -65.09 84.18
CA THR K 475 1.00 -65.84 83.31
C THR K 475 1.55 -65.03 82.16
N ASN K 476 0.98 -63.85 81.89
CA ASN K 476 1.25 -63.03 80.69
C ASN K 476 1.06 -63.83 79.40
N ALA K 477 0.07 -64.71 79.41
CA ALA K 477 -0.24 -65.58 78.28
C ALA K 477 -1.66 -66.08 78.44
N GLN K 478 -2.11 -66.87 77.46
CA GLN K 478 -3.41 -67.53 77.51
C GLN K 478 -3.28 -68.94 78.09
N SER K 479 -2.77 -69.00 79.31
CA SER K 479 -2.50 -70.28 79.95
C SER K 479 -2.76 -70.15 81.44
N CYS K 480 -2.81 -71.28 82.10
CA CYS K 480 -2.99 -71.39 83.52
C CYS K 480 -1.64 -71.31 84.23
N PRO K 481 -1.61 -70.92 85.50
CA PRO K 481 -0.36 -71.02 86.25
C PRO K 481 -0.03 -72.46 86.65
N ALA K 482 1.03 -72.63 87.44
CA ALA K 482 1.55 -73.96 87.78
C ALA K 482 0.56 -74.71 88.67
N GLY K 483 -0.12 -75.70 88.10
CA GLY K 483 -1.03 -76.54 88.86
C GLY K 483 -2.44 -76.01 88.92
N TYR K 484 -2.95 -75.52 87.80
CA TYR K 484 -4.25 -74.87 87.71
C TYR K 484 -5.02 -75.42 86.52
N PHE K 485 -6.31 -75.66 86.70
CA PHE K 485 -7.14 -76.14 85.61
C PHE K 485 -8.24 -75.14 85.29
N PRO K 486 -8.52 -74.89 84.02
CA PRO K 486 -9.46 -73.83 83.66
C PRO K 486 -10.90 -74.32 83.69
N LEU K 487 -11.81 -73.39 83.95
CA LEU K 487 -13.24 -73.66 83.94
C LEU K 487 -13.86 -72.81 82.84
N ARG K 488 -14.54 -73.44 81.89
CA ARG K 488 -15.10 -72.71 80.77
C ARG K 488 -16.32 -71.92 81.19
N LEU K 489 -16.47 -70.74 80.58
CA LEU K 489 -17.55 -69.83 80.88
C LEU K 489 -17.98 -69.26 79.53
N PHE K 490 -18.68 -68.11 79.54
CA PHE K 490 -19.77 -67.73 78.65
C PHE K 490 -19.64 -68.21 77.20
N GLU K 491 -18.62 -67.76 76.52
CA GLU K 491 -18.24 -68.34 75.25
C GLU K 491 -16.75 -68.63 75.19
N ASN K 492 -15.92 -67.79 75.80
CA ASN K 492 -14.48 -67.93 75.68
C ASN K 492 -13.73 -67.77 77.00
N LEU K 493 -14.40 -67.43 78.09
CA LEU K 493 -13.70 -67.28 79.36
C LEU K 493 -13.24 -68.62 79.89
N LYS K 494 -12.01 -68.65 80.39
CA LYS K 494 -11.46 -69.80 81.07
C LYS K 494 -10.89 -69.32 82.40
N VAL K 495 -11.58 -69.65 83.48
CA VAL K 495 -11.22 -69.20 84.82
C VAL K 495 -10.28 -70.22 85.44
N CYS K 496 -9.07 -69.80 85.78
CA CYS K 496 -8.07 -70.72 86.31
C CYS K 496 -8.35 -70.98 87.78
N VAL K 497 -8.23 -72.24 88.18
CA VAL K 497 -8.77 -72.73 89.45
C VAL K 497 -7.89 -73.84 89.98
N SER K 498 -7.49 -73.74 91.25
CA SER K 498 -6.83 -74.83 91.95
C SER K 498 -7.28 -74.84 93.40
N GLN K 499 -7.45 -76.04 93.95
CA GLN K 499 -7.85 -76.24 95.35
C GLN K 499 -6.81 -77.05 96.10
N ASP K 500 -5.54 -76.79 95.83
CA ASP K 500 -4.44 -77.57 96.40
C ASP K 500 -3.95 -77.04 97.74
N TYR K 501 -4.06 -75.72 97.96
CA TYR K 501 -3.75 -75.00 99.19
C TYR K 501 -2.26 -74.96 99.55
N GLU K 502 -1.42 -75.65 98.79
CA GLU K 502 0.02 -75.63 99.01
C GLU K 502 0.77 -75.15 97.77
N LEU K 503 0.53 -75.77 96.62
CA LEU K 503 1.12 -75.30 95.38
C LEU K 503 0.26 -74.24 94.71
N GLY K 504 -0.94 -73.99 95.22
CA GLY K 504 -1.81 -72.97 94.66
C GLY K 504 -1.70 -71.65 95.37
N SER K 505 -1.16 -71.65 96.58
CA SER K 505 -1.07 -70.43 97.38
C SER K 505 0.04 -69.50 96.92
N ARG K 506 0.92 -69.93 96.01
CA ARG K 506 1.89 -69.01 95.45
C ARG K 506 1.22 -68.02 94.51
N PHE K 507 0.22 -68.47 93.76
CA PHE K 507 -0.42 -67.65 92.75
C PHE K 507 -1.83 -67.23 93.12
N ALA K 508 -2.32 -67.62 94.29
CA ALA K 508 -3.69 -67.31 94.67
C ALA K 508 -3.85 -65.82 94.97
N VAL K 509 -4.82 -65.19 94.31
CA VAL K 509 -5.09 -63.77 94.49
C VAL K 509 -6.34 -63.61 95.34
N PRO K 510 -6.49 -62.52 96.08
CA PRO K 510 -7.75 -62.26 96.78
C PRO K 510 -8.85 -61.95 95.77
N PHE K 511 -9.91 -62.74 95.80
CA PHE K 511 -10.99 -62.61 94.83
C PHE K 511 -12.13 -61.81 95.43
N GLY K 512 -12.80 -61.02 94.59
CA GLY K 512 -13.82 -60.12 95.07
C GLY K 512 -15.23 -60.38 94.59
N GLY K 513 -15.38 -60.90 93.37
CA GLY K 513 -16.70 -61.21 92.86
C GLY K 513 -16.87 -60.78 91.41
N PHE K 514 -17.88 -61.35 90.76
CA PHE K 514 -18.28 -60.99 89.42
C PHE K 514 -19.51 -60.10 89.45
N PHE K 515 -19.62 -59.22 88.45
CA PHE K 515 -20.87 -58.51 88.19
C PHE K 515 -20.90 -58.13 86.72
N SER K 516 -22.10 -57.84 86.24
CA SER K 516 -22.31 -57.55 84.83
C SER K 516 -23.23 -56.34 84.74
N CYS K 517 -23.70 -56.06 83.52
CA CYS K 517 -24.56 -54.91 83.30
C CYS K 517 -25.98 -55.13 83.81
N THR K 518 -26.35 -56.35 84.18
CA THR K 518 -27.68 -56.66 84.65
C THR K 518 -27.74 -57.11 86.09
N VAL K 519 -26.68 -57.68 86.63
CA VAL K 519 -26.67 -58.24 87.97
C VAL K 519 -25.53 -57.61 88.75
N GLY K 520 -25.68 -57.56 90.08
CA GLY K 520 -24.63 -57.09 90.94
C GLY K 520 -24.10 -58.16 91.85
N ASN K 521 -22.88 -57.98 92.37
CA ASN K 521 -22.44 -59.00 93.30
C ASN K 521 -23.02 -58.75 94.69
N PRO K 522 -23.36 -59.80 95.42
CA PRO K 522 -23.94 -59.63 96.75
C PRO K 522 -22.89 -59.53 97.85
N LEU K 523 -21.63 -59.24 97.49
CA LEU K 523 -20.56 -59.18 98.46
C LEU K 523 -20.28 -57.77 98.94
N VAL K 524 -21.26 -56.86 98.79
CA VAL K 524 -21.11 -55.48 99.20
C VAL K 524 -22.11 -55.11 100.29
N ASP K 525 -23.34 -55.62 100.22
CA ASP K 525 -24.39 -55.19 101.14
C ASP K 525 -24.30 -55.82 102.53
N PRO K 526 -24.03 -57.15 102.68
CA PRO K 526 -23.77 -57.53 104.07
C PRO K 526 -22.32 -57.29 104.46
N PRO K 535 -32.11 -54.98 94.71
CA PRO K 535 -31.10 -56.04 94.70
C PRO K 535 -29.72 -55.55 95.10
N SER K 536 -28.68 -56.02 94.41
CA SER K 536 -27.30 -55.70 94.76
C SER K 536 -26.90 -54.35 94.18
N LEU K 537 -25.61 -54.04 94.23
CA LEU K 537 -25.12 -52.71 93.93
C LEU K 537 -24.24 -52.63 92.70
N LYS K 538 -23.70 -53.78 92.23
CA LYS K 538 -22.70 -53.92 91.14
C LYS K 538 -21.55 -52.93 91.22
N LYS K 539 -21.16 -52.56 92.45
CA LYS K 539 -20.04 -51.65 92.60
C LYS K 539 -18.71 -52.38 92.68
N CYS K 540 -18.45 -53.00 93.84
CA CYS K 540 -17.17 -53.58 94.25
C CYS K 540 -17.41 -54.11 95.66
N PRO K 541 -16.55 -54.96 96.24
CA PRO K 541 -16.66 -55.19 97.68
C PRO K 541 -16.18 -54.03 98.52
N GLY K 542 -15.10 -53.36 98.09
CA GLY K 542 -14.51 -52.31 98.89
C GLY K 542 -13.08 -52.65 99.25
N GLY K 543 -12.13 -51.88 98.73
CA GLY K 543 -10.74 -52.22 98.79
C GLY K 543 -10.24 -52.95 97.56
N PHE K 544 -11.12 -53.68 96.88
CA PHE K 544 -10.79 -54.36 95.66
C PHE K 544 -10.83 -53.38 94.48
N SER K 545 -10.51 -53.88 93.29
CA SER K 545 -10.47 -53.05 92.10
C SER K 545 -11.21 -53.76 90.97
N GLN K 546 -12.10 -53.04 90.30
CA GLN K 546 -12.80 -53.60 89.16
C GLN K 546 -11.85 -53.82 88.00
N HIS K 547 -12.02 -54.95 87.32
CA HIS K 547 -11.27 -55.19 86.11
C HIS K 547 -12.22 -55.89 85.15
N PRO K 548 -12.21 -55.51 83.88
CA PRO K 548 -13.18 -56.09 82.94
C PRO K 548 -12.75 -57.43 82.40
N ALA K 549 -13.70 -58.35 82.34
CA ALA K 549 -13.61 -59.56 81.55
C ALA K 549 -14.10 -59.22 80.14
N LEU K 550 -14.43 -60.24 79.34
CA LEU K 550 -14.86 -59.98 77.97
C LEU K 550 -16.23 -59.30 77.91
N ILE K 551 -16.63 -58.95 76.70
CA ILE K 551 -17.92 -58.34 76.44
C ILE K 551 -18.79 -59.37 75.72
N SER K 552 -19.94 -59.70 76.32
CA SER K 552 -20.86 -60.69 75.75
C SER K 552 -21.98 -59.93 75.04
N ASP K 553 -21.69 -59.51 73.81
CA ASP K 553 -22.64 -58.91 72.88
C ASP K 553 -23.29 -57.65 73.44
N GLY K 554 -22.45 -56.69 73.83
CA GLY K 554 -22.90 -55.41 74.31
C GLY K 554 -22.94 -55.26 75.82
N CYS K 555 -22.87 -56.35 76.55
CA CYS K 555 -22.84 -56.32 78.01
C CYS K 555 -21.44 -56.64 78.50
N GLN K 556 -21.02 -55.94 79.55
CA GLN K 556 -19.66 -56.04 80.06
C GLN K 556 -19.67 -56.79 81.38
N VAL K 557 -18.82 -57.82 81.49
CA VAL K 557 -18.67 -58.60 82.70
C VAL K 557 -17.38 -58.16 83.39
N SER K 558 -17.45 -57.85 84.67
CA SER K 558 -16.31 -57.34 85.40
C SER K 558 -16.07 -58.17 86.66
N TYR K 559 -14.82 -58.20 87.11
CA TYR K 559 -14.43 -58.97 88.28
C TYR K 559 -13.49 -58.17 89.16
N CYS K 560 -13.54 -58.44 90.46
CA CYS K 560 -12.83 -57.66 91.46
C CYS K 560 -11.66 -58.45 92.03
N VAL K 561 -10.57 -57.74 92.34
CA VAL K 561 -9.33 -58.38 92.78
C VAL K 561 -8.52 -57.31 93.50
N LYS K 562 -7.60 -57.74 94.37
CA LYS K 562 -6.79 -56.83 95.18
C LYS K 562 -5.32 -57.26 95.14
N SER K 563 -4.77 -57.42 93.94
CA SER K 563 -3.35 -57.76 93.89
C SER K 563 -2.48 -56.52 94.03
N GLY K 564 -2.66 -55.56 93.12
CA GLY K 564 -1.69 -54.54 92.84
C GLY K 564 -0.92 -54.81 91.56
N LEU K 565 -0.85 -56.08 91.15
CA LEU K 565 -0.29 -56.42 89.85
C LEU K 565 -1.27 -56.09 88.74
N PHE K 566 -2.57 -56.26 89.00
CA PHE K 566 -3.59 -55.92 88.01
C PHE K 566 -3.72 -54.41 87.82
N THR K 567 -3.38 -53.64 88.85
CA THR K 567 -3.65 -52.19 88.85
C THR K 567 -2.64 -51.42 88.02
N GLY K 568 -1.36 -51.50 88.38
CA GLY K 568 -0.35 -50.65 87.80
C GLY K 568 0.02 -51.02 86.37
N GLY K 569 0.99 -50.28 85.85
CA GLY K 569 1.43 -50.44 84.48
C GLY K 569 1.52 -49.10 83.78
N SER K 570 0.93 -49.02 82.59
CA SER K 570 0.73 -47.75 81.91
C SER K 570 -0.76 -47.51 81.74
N LEU K 571 -1.11 -46.30 81.38
CA LEU K 571 -2.50 -45.96 81.13
C LEU K 571 -2.95 -46.58 79.81
N PRO K 572 -4.06 -47.33 79.80
CA PRO K 572 -4.49 -47.99 78.58
C PRO K 572 -5.07 -46.99 77.59
N PRO K 573 -5.08 -47.31 76.31
CA PRO K 573 -5.81 -46.47 75.35
C PRO K 573 -7.31 -46.73 75.45
N ALA K 574 -8.06 -45.95 74.69
CA ALA K 574 -9.50 -46.11 74.67
C ALA K 574 -9.89 -47.35 73.89
N ARG K 575 -10.93 -48.04 74.36
CA ARG K 575 -11.56 -49.06 73.55
C ARG K 575 -12.41 -48.43 72.47
N LEU K 576 -12.01 -48.65 71.22
CA LEU K 576 -12.73 -48.02 70.14
C LEU K 576 -13.84 -48.94 69.65
N PRO K 577 -14.90 -48.39 69.06
CA PRO K 577 -15.95 -49.23 68.47
C PRO K 577 -15.43 -49.95 67.24
N PRO K 578 -16.16 -50.94 66.69
CA PRO K 578 -17.38 -51.62 67.09
C PRO K 578 -17.14 -52.62 68.20
N PHE K 579 -18.13 -52.77 69.07
CA PHE K 579 -18.03 -53.68 70.19
C PHE K 579 -18.80 -54.97 69.95
N THR K 580 -19.59 -55.03 68.88
CA THR K 580 -20.26 -56.24 68.45
C THR K 580 -19.71 -56.65 67.10
N ARG K 581 -20.15 -57.81 66.64
CA ARG K 581 -19.80 -58.33 65.32
C ARG K 581 -21.10 -58.53 64.54
N PRO K 582 -21.05 -58.49 63.21
CA PRO K 582 -22.24 -58.77 62.43
C PRO K 582 -22.61 -60.23 62.53
N PRO K 583 -23.89 -60.55 62.59
CA PRO K 583 -24.32 -61.91 62.93
C PRO K 583 -24.16 -62.87 61.76
N LEU K 584 -24.33 -64.16 62.07
CA LEU K 584 -24.24 -65.20 61.08
C LEU K 584 -25.55 -65.34 60.31
N MET K 585 -25.42 -65.69 59.05
CA MET K 585 -26.55 -65.84 58.15
C MET K 585 -26.51 -67.21 57.50
N SER K 586 -27.68 -67.77 57.23
CA SER K 586 -27.75 -69.06 56.56
C SER K 586 -27.62 -68.88 55.06
N GLN K 587 -26.80 -69.74 54.44
CA GLN K 587 -26.29 -69.54 53.09
C GLN K 587 -26.54 -70.79 52.26
N ALA K 588 -26.21 -70.71 50.98
CA ALA K 588 -26.29 -71.82 50.05
C ALA K 588 -25.41 -71.52 48.85
N ALA K 589 -24.70 -72.53 48.36
CA ALA K 589 -23.79 -72.35 47.24
C ALA K 589 -23.85 -73.58 46.35
N THR K 590 -24.11 -73.35 45.06
CA THR K 590 -24.23 -74.43 44.08
C THR K 590 -23.17 -74.28 43.01
N ASN K 591 -22.86 -75.40 42.35
CA ASN K 591 -21.86 -75.46 41.29
C ASN K 591 -22.36 -76.48 40.26
N THR K 592 -22.92 -76.02 39.16
CA THR K 592 -23.33 -76.90 38.08
C THR K 592 -22.27 -76.91 37.00
N VAL K 593 -21.83 -78.10 36.60
CA VAL K 593 -20.81 -78.27 35.56
C VAL K 593 -21.42 -79.11 34.45
N ILE K 594 -21.30 -78.63 33.21
CA ILE K 594 -21.71 -79.38 32.02
C ILE K 594 -20.46 -79.77 31.27
N VAL K 595 -20.30 -81.06 30.98
CA VAL K 595 -19.13 -81.58 30.29
C VAL K 595 -19.61 -82.27 29.03
N THR K 596 -19.22 -81.75 27.87
CA THR K 596 -19.49 -82.44 26.62
C THR K 596 -18.37 -83.43 26.37
N ASN K 597 -18.71 -84.71 26.27
CA ASN K 597 -17.74 -85.77 26.12
C ASN K 597 -17.39 -86.04 24.65
N SER K 598 -17.74 -85.12 23.75
CA SER K 598 -17.61 -85.41 22.33
C SER K 598 -17.53 -84.12 21.52
N GLU K 599 -16.83 -84.22 20.39
CA GLU K 599 -17.01 -83.28 19.31
C GLU K 599 -18.25 -83.70 18.51
N ASN K 600 -18.56 -82.93 17.46
CA ASN K 600 -19.80 -83.06 16.69
C ASN K 600 -21.01 -82.96 17.59
N ALA K 601 -20.97 -81.99 18.49
CA ALA K 601 -22.05 -81.80 19.46
C ALA K 601 -22.06 -80.32 19.82
N ARG K 602 -22.99 -79.59 19.24
CA ARG K 602 -23.09 -78.16 19.49
C ARG K 602 -24.07 -77.90 20.64
N SER K 603 -24.01 -76.69 21.18
CA SER K 603 -24.84 -76.33 22.31
C SER K 603 -25.08 -74.83 22.30
N TRP K 604 -26.31 -74.42 22.56
CA TRP K 604 -26.68 -73.02 22.68
C TRP K 604 -27.24 -72.78 24.06
N ILE K 605 -26.84 -71.68 24.69
CA ILE K 605 -27.21 -71.39 26.06
C ILE K 605 -27.73 -69.96 26.13
N LYS K 606 -28.89 -69.78 26.75
CA LYS K 606 -29.43 -68.46 27.05
C LYS K 606 -29.43 -68.32 28.57
N ASP K 607 -28.56 -67.44 29.09
CA ASP K 607 -28.24 -67.45 30.51
C ASP K 607 -29.37 -66.89 31.36
N SER K 608 -30.11 -65.90 30.86
CA SER K 608 -31.23 -65.32 31.58
C SER K 608 -32.18 -64.71 30.56
N GLN K 609 -33.22 -64.06 31.05
CA GLN K 609 -34.20 -63.46 30.16
C GLN K 609 -33.69 -62.22 29.46
N THR K 610 -32.67 -61.58 30.01
CA THR K 610 -32.07 -60.42 29.38
C THR K 610 -30.92 -60.75 28.46
N HIS K 611 -30.30 -61.92 28.63
CA HIS K 611 -29.24 -62.34 27.74
C HIS K 611 -29.79 -62.72 26.36
N GLN K 612 -28.89 -62.83 25.41
CA GLN K 612 -29.19 -63.41 24.11
C GLN K 612 -28.68 -64.83 24.06
N TRP K 613 -29.11 -65.57 23.05
CA TRP K 613 -28.62 -66.93 22.84
C TRP K 613 -27.13 -66.91 22.52
N ARG K 614 -26.42 -67.83 23.14
CA ARG K 614 -24.97 -67.82 23.14
C ARG K 614 -24.50 -69.22 22.78
N LEU K 615 -23.45 -69.29 21.96
CA LEU K 615 -22.91 -70.59 21.59
C LEU K 615 -22.16 -71.19 22.78
N GLY K 616 -22.48 -72.43 23.11
CA GLY K 616 -21.94 -73.03 24.31
C GLY K 616 -20.53 -73.56 24.15
N GLU K 617 -19.89 -73.78 25.28
CA GLU K 617 -18.53 -74.27 25.44
C GLU K 617 -18.56 -75.69 26.02
N PRO K 618 -17.46 -76.45 25.89
CA PRO K 618 -17.48 -77.82 26.44
C PRO K 618 -17.54 -77.90 27.96
N ILE K 619 -16.98 -76.95 28.70
CA ILE K 619 -17.09 -76.89 30.15
C ILE K 619 -17.71 -75.55 30.50
N GLU K 620 -18.79 -75.57 31.29
CA GLU K 620 -19.55 -74.35 31.56
C GLU K 620 -19.28 -73.73 32.93
N LEU K 621 -19.56 -74.46 34.02
CA LEU K 621 -19.32 -74.05 35.40
C LEU K 621 -20.08 -72.76 35.76
N ARG K 622 -21.40 -72.91 35.88
CA ARG K 622 -22.22 -71.89 36.51
C ARG K 622 -22.02 -71.91 38.03
N ARG K 623 -22.16 -70.75 38.67
CA ARG K 623 -22.06 -70.62 40.12
C ARG K 623 -23.17 -69.73 40.66
N ALA K 624 -23.56 -70.00 41.90
CA ALA K 624 -24.59 -69.20 42.55
C ALA K 624 -24.36 -69.22 44.05
N MET K 625 -24.59 -68.07 44.70
CA MET K 625 -24.51 -67.97 46.16
C MET K 625 -25.78 -67.30 46.66
N ASN K 626 -26.52 -67.98 47.52
CA ASN K 626 -27.82 -67.53 48.01
C ASN K 626 -27.73 -67.29 49.50
N VAL K 627 -28.07 -66.07 49.92
CA VAL K 627 -28.01 -65.67 51.32
C VAL K 627 -29.40 -65.24 51.73
N ILE K 628 -29.83 -65.61 52.94
CA ILE K 628 -31.06 -65.11 53.52
C ILE K 628 -30.75 -64.50 54.89
N HIS K 629 -31.22 -63.27 55.10
CA HIS K 629 -31.02 -62.56 56.37
C HIS K 629 -32.04 -63.04 57.38
N GLY K 630 -31.58 -63.79 58.38
CA GLY K 630 -32.44 -64.28 59.44
C GLY K 630 -33.38 -65.38 59.01
N ASP L 10 -3.10 -32.81 26.36
CA ASP L 10 -3.62 -32.99 27.72
C ASP L 10 -2.51 -33.38 28.70
N GLU L 11 -2.86 -33.41 29.98
CA GLU L 11 -1.91 -33.70 31.05
C GLU L 11 -2.72 -34.17 32.25
N VAL L 12 -2.24 -35.23 32.92
CA VAL L 12 -3.01 -35.86 33.98
C VAL L 12 -2.14 -36.02 35.22
N GLY L 13 -2.79 -36.43 36.31
CA GLY L 13 -2.08 -36.85 37.50
C GLY L 13 -1.60 -35.70 38.36
N VAL L 14 -0.48 -35.93 39.04
CA VAL L 14 0.07 -34.95 39.97
C VAL L 14 0.64 -33.77 39.22
N GLN L 15 1.20 -34.00 38.04
CA GLN L 15 1.94 -32.97 37.34
C GLN L 15 1.04 -31.91 36.73
N LYS L 16 -0.23 -32.24 36.47
CA LYS L 16 -1.21 -31.22 36.13
C LYS L 16 -1.44 -30.27 37.30
N CYS L 17 -1.45 -30.81 38.53
CA CYS L 17 -1.62 -29.98 39.71
C CYS L 17 -0.38 -29.13 39.95
N LYS L 18 0.80 -29.67 39.69
CA LYS L 18 2.03 -28.94 39.98
C LYS L 18 2.27 -27.80 39.01
N ASN L 19 1.79 -27.92 37.78
CA ASN L 19 2.01 -26.86 36.81
C ASN L 19 1.06 -25.70 37.02
N ALA L 20 -0.16 -25.98 37.47
CA ALA L 20 -1.14 -24.92 37.68
C ALA L 20 -0.92 -24.18 38.99
N LEU L 21 -0.32 -24.83 39.98
CA LEU L 21 -0.22 -24.27 41.31
C LEU L 21 1.19 -23.92 41.74
N LYS L 22 2.19 -24.66 41.25
CA LYS L 22 3.62 -24.42 41.50
C LYS L 22 3.96 -24.48 42.98
N LEU L 23 3.60 -25.58 43.63
CA LEU L 23 3.86 -25.78 45.03
C LEU L 23 3.94 -27.29 45.28
N PRO L 24 4.74 -27.74 46.27
CA PRO L 24 5.01 -29.18 46.39
C PRO L 24 3.85 -30.01 46.88
N VAL L 25 4.06 -31.32 46.94
CA VAL L 25 3.05 -32.28 47.36
C VAL L 25 3.41 -32.72 48.78
N LEU L 26 2.40 -32.95 49.60
CA LEU L 26 2.65 -33.35 50.98
C LEU L 26 3.15 -34.79 50.97
N GLU L 27 4.39 -34.99 51.42
CA GLU L 27 5.07 -36.26 51.27
C GLU L 27 4.73 -37.28 52.34
N VAL L 28 3.85 -36.95 53.28
CA VAL L 28 3.54 -37.80 54.42
C VAL L 28 2.09 -38.22 54.27
N LEU L 29 1.84 -39.39 53.71
CA LEU L 29 0.47 -39.73 53.37
C LEU L 29 0.02 -41.03 54.02
N PRO L 30 -1.22 -41.12 54.44
CA PRO L 30 -1.71 -42.38 55.01
C PRO L 30 -2.26 -43.31 53.94
N GLY L 31 -2.76 -44.47 54.35
CA GLY L 31 -3.27 -45.44 53.42
C GLY L 31 -2.28 -46.47 52.93
N GLY L 32 -1.07 -46.48 53.46
CA GLY L 32 -0.11 -47.50 53.09
C GLY L 32 -0.12 -48.64 54.08
N GLY L 33 0.53 -49.72 53.69
CA GLY L 33 0.65 -50.85 54.57
C GLY L 33 1.71 -50.64 55.62
N TRP L 34 1.60 -51.40 56.70
CA TRP L 34 2.48 -51.19 57.85
C TRP L 34 2.76 -52.51 58.52
N ASP L 35 4.02 -52.93 58.52
CA ASP L 35 4.45 -54.06 59.32
C ASP L 35 4.62 -53.59 60.75
N ASN L 36 3.80 -54.13 61.65
CA ASN L 36 3.80 -53.66 63.02
C ASN L 36 4.77 -54.40 63.91
N LEU L 37 5.46 -55.41 63.41
CA LEU L 37 6.57 -56.00 64.15
C LEU L 37 7.88 -55.29 63.89
N ARG L 38 8.13 -54.90 62.65
CA ARG L 38 9.39 -54.29 62.28
C ARG L 38 9.35 -52.77 62.24
N ASN L 39 8.15 -52.19 62.36
CA ASN L 39 7.88 -50.76 62.17
C ASN L 39 8.44 -50.23 60.85
N VAL L 40 8.16 -50.96 59.78
CA VAL L 40 8.46 -50.49 58.43
C VAL L 40 7.13 -50.36 57.70
N ASP L 41 7.13 -49.56 56.66
CA ASP L 41 5.91 -49.37 55.88
C ASP L 41 6.00 -50.05 54.53
N MET L 42 4.88 -50.57 54.10
CA MET L 42 4.71 -51.53 53.02
C MET L 42 4.13 -50.88 51.79
N GLY L 43 3.68 -51.70 50.86
CA GLY L 43 3.00 -51.20 49.68
C GLY L 43 1.68 -50.53 50.00
N ARG L 44 1.23 -49.77 49.02
CA ARG L 44 0.09 -48.85 49.17
C ARG L 44 -1.22 -49.62 49.04
N VAL L 45 -2.08 -49.49 50.05
CA VAL L 45 -3.34 -50.24 50.10
C VAL L 45 -4.51 -49.42 49.56
N MET L 46 -4.53 -48.12 49.83
CA MET L 46 -5.60 -47.26 49.35
C MET L 46 -5.21 -46.61 48.04
N GLU L 47 -6.17 -45.96 47.40
CA GLU L 47 -5.95 -45.35 46.10
C GLU L 47 -5.72 -43.85 46.27
N LEU L 48 -4.64 -43.35 45.67
CA LEU L 48 -4.31 -41.93 45.72
C LEU L 48 -4.57 -41.31 44.36
N THR L 49 -5.55 -40.41 44.30
CA THR L 49 -5.89 -39.70 43.08
C THR L 49 -5.70 -38.21 43.26
N TYR L 50 -5.36 -37.53 42.17
CA TYR L 50 -5.07 -36.10 42.17
C TYR L 50 -5.92 -35.39 41.13
N SER L 51 -7.22 -35.71 41.12
CA SER L 51 -8.09 -35.20 40.07
C SER L 51 -8.57 -33.78 40.35
N ASN L 52 -8.76 -33.43 41.62
CA ASN L 52 -9.45 -32.20 41.97
C ASN L 52 -8.53 -31.05 42.36
N CYS L 53 -7.20 -31.27 42.31
CA CYS L 53 -6.18 -30.25 42.58
C CYS L 53 -6.33 -29.64 43.98
N ARG L 54 -6.63 -30.48 44.96
CA ARG L 54 -6.84 -29.98 46.31
C ARG L 54 -5.52 -29.57 46.94
N THR L 55 -5.56 -28.53 47.74
CA THR L 55 -4.43 -28.11 48.55
C THR L 55 -4.82 -28.13 50.01
N THR L 56 -3.82 -27.95 50.87
CA THR L 56 -4.15 -27.70 52.26
C THR L 56 -4.74 -26.30 52.40
N GLU L 57 -5.42 -26.08 53.53
CA GLU L 57 -6.18 -24.86 53.73
C GLU L 57 -5.27 -23.64 53.81
N ASP L 58 -4.03 -23.79 54.26
CA ASP L 58 -3.09 -22.70 54.20
C ASP L 58 -2.43 -22.57 52.83
N GLY L 59 -2.67 -23.50 51.92
CA GLY L 59 -2.25 -23.36 50.54
C GLY L 59 -0.78 -23.57 50.29
N GLN L 60 -0.18 -24.61 50.87
CA GLN L 60 1.24 -24.86 50.69
C GLN L 60 1.59 -26.28 50.30
N TYR L 61 0.63 -27.20 50.24
CA TYR L 61 0.90 -28.55 49.79
C TYR L 61 -0.26 -29.05 48.98
N ILE L 62 0.03 -29.72 47.88
CA ILE L 62 -0.97 -30.48 47.13
C ILE L 62 -1.25 -31.78 47.86
N ILE L 63 -2.51 -32.08 48.09
CA ILE L 63 -2.91 -33.31 48.77
C ILE L 63 -3.84 -34.07 47.85
N PRO L 64 -3.95 -35.39 48.02
CA PRO L 64 -4.95 -36.16 47.27
C PRO L 64 -6.38 -35.80 47.66
N ASP L 65 -7.32 -36.36 46.89
CA ASP L 65 -8.71 -35.94 46.97
C ASP L 65 -9.43 -36.54 48.18
N GLU L 66 -9.06 -37.75 48.56
CA GLU L 66 -9.67 -38.52 49.61
C GLU L 66 -9.04 -38.28 50.98
N ILE L 67 -8.18 -37.28 51.10
CA ILE L 67 -7.40 -37.07 52.29
C ILE L 67 -7.67 -35.65 52.78
N PHE L 68 -8.04 -35.54 54.05
CA PHE L 68 -8.17 -34.24 54.68
C PHE L 68 -7.08 -34.05 55.72
N THR L 69 -6.65 -32.82 55.88
CA THR L 69 -5.58 -32.49 56.80
C THR L 69 -6.14 -31.64 57.94
N ILE L 70 -5.49 -31.71 59.08
CA ILE L 70 -5.84 -30.90 60.25
C ILE L 70 -4.64 -30.03 60.58
N PRO L 71 -4.75 -28.72 60.50
CA PRO L 71 -3.63 -27.86 60.90
C PRO L 71 -3.54 -27.77 62.41
N GLN L 72 -2.49 -28.38 62.96
CA GLN L 72 -2.19 -28.21 64.37
C GLN L 72 -0.71 -27.96 64.50
N LYS L 73 -0.34 -26.70 64.38
CA LYS L 73 1.05 -26.28 64.24
C LYS L 73 1.63 -26.17 65.64
N GLN L 74 2.04 -27.32 66.15
CA GLN L 74 2.31 -27.53 67.56
C GLN L 74 3.78 -27.86 67.76
N SER L 75 4.42 -27.12 68.64
CA SER L 75 5.83 -27.32 68.96
C SER L 75 5.94 -27.66 70.44
N ASN L 76 6.76 -28.66 70.76
CA ASN L 76 6.98 -29.09 72.13
C ASN L 76 8.47 -29.02 72.43
N LEU L 77 8.81 -28.57 73.62
CA LEU L 77 10.20 -28.44 74.01
C LEU L 77 10.32 -28.89 75.45
N GLU L 78 11.16 -29.88 75.71
CA GLU L 78 11.38 -30.41 77.04
C GLU L 78 12.65 -29.82 77.62
N MET L 79 12.57 -29.32 78.84
CA MET L 79 13.75 -28.96 79.62
C MET L 79 14.24 -30.10 80.48
N ASN L 80 13.68 -31.28 80.30
CA ASN L 80 13.93 -32.42 81.15
C ASN L 80 14.27 -33.60 80.26
N SER L 81 14.31 -34.78 80.85
CA SER L 81 14.52 -36.02 80.15
C SER L 81 13.41 -36.99 80.55
N GLU L 82 13.52 -38.23 80.11
CA GLU L 82 12.64 -39.27 80.60
C GLU L 82 13.43 -40.56 80.69
N ILE L 83 13.21 -41.31 81.76
CA ILE L 83 14.05 -42.44 82.11
C ILE L 83 13.32 -43.72 81.77
N LEU L 84 14.01 -44.64 81.09
CA LEU L 84 13.44 -45.90 80.63
C LEU L 84 14.39 -46.99 81.11
N GLU L 85 14.21 -47.45 82.35
CA GLU L 85 15.16 -48.39 82.95
C GLU L 85 14.85 -49.85 82.66
N SER L 86 13.99 -50.13 81.68
CA SER L 86 13.68 -51.49 81.28
C SER L 86 13.20 -51.46 79.84
N TRP L 87 13.59 -52.46 79.06
CA TRP L 87 13.17 -52.51 77.65
C TRP L 87 11.79 -53.12 77.46
N ALA L 88 11.13 -53.56 78.53
CA ALA L 88 9.79 -54.14 78.36
C ALA L 88 8.77 -53.06 78.06
N ASN L 89 8.77 -51.98 78.83
CA ASN L 89 7.87 -50.85 78.58
C ASN L 89 8.56 -49.84 77.65
N TYR L 90 8.63 -50.25 76.39
CA TYR L 90 9.35 -49.49 75.36
C TYR L 90 8.44 -48.50 74.65
N GLN L 91 8.97 -47.30 74.43
CA GLN L 91 8.29 -46.22 73.73
C GLN L 91 8.96 -46.07 72.37
N SER L 92 8.19 -46.12 71.31
CA SER L 92 8.80 -46.20 69.99
C SER L 92 9.35 -44.87 69.50
N SER L 93 8.75 -43.74 69.90
CA SER L 93 9.08 -42.34 69.58
C SER L 93 8.82 -41.95 68.13
N THR L 94 8.43 -42.87 67.26
CA THR L 94 7.98 -42.49 65.92
C THR L 94 6.77 -43.25 65.45
N SER L 95 6.39 -44.34 66.09
CA SER L 95 5.22 -45.12 65.72
C SER L 95 4.52 -45.59 66.98
N TYR L 96 4.36 -44.67 67.93
CA TYR L 96 3.92 -45.05 69.27
C TYR L 96 2.45 -45.40 69.32
N SER L 97 1.61 -44.70 68.56
CA SER L 97 0.17 -44.90 68.68
C SER L 97 -0.30 -46.16 67.98
N ILE L 98 0.42 -46.63 66.96
CA ILE L 98 0.02 -47.84 66.27
C ILE L 98 0.56 -49.09 66.96
N ASN L 99 1.56 -48.95 67.82
CA ASN L 99 2.04 -50.12 68.55
C ASN L 99 1.27 -50.37 69.83
N THR L 100 0.64 -49.36 70.42
CA THR L 100 0.03 -49.47 71.73
C THR L 100 -1.43 -49.90 71.68
N GLU L 101 -1.87 -50.47 70.57
CA GLU L 101 -3.24 -50.92 70.41
C GLU L 101 -3.58 -52.09 71.35
N LEU L 102 -4.87 -52.25 71.61
CA LEU L 102 -5.36 -53.30 72.49
C LEU L 102 -5.57 -54.57 71.68
N SER L 103 -4.72 -55.57 71.89
CA SER L 103 -4.80 -56.81 71.15
C SER L 103 -4.12 -57.91 71.95
N LEU L 104 -4.08 -59.10 71.37
CA LEU L 104 -3.40 -60.22 71.99
C LEU L 104 -1.89 -60.02 71.96
N PHE L 105 -1.39 -59.52 70.83
CA PHE L 105 0.05 -59.40 70.58
C PHE L 105 0.52 -57.99 70.72
N SER L 106 -0.02 -57.26 71.69
CA SER L 106 0.42 -55.90 71.95
C SER L 106 1.80 -55.86 72.58
N LYS L 107 2.26 -56.96 73.18
CA LYS L 107 3.59 -57.00 73.76
C LYS L 107 4.67 -57.35 72.74
N VAL L 108 4.29 -57.69 71.51
CA VAL L 108 5.24 -58.09 70.49
C VAL L 108 5.38 -57.03 69.40
N ASN L 109 4.51 -56.01 69.39
CA ASN L 109 4.57 -54.96 68.38
C ASN L 109 5.83 -54.12 68.54
N GLY L 110 6.56 -53.98 67.46
CA GLY L 110 7.77 -53.19 67.43
C GLY L 110 9.01 -53.88 67.92
N LYS L 111 8.94 -55.15 68.29
CA LYS L 111 10.06 -55.83 68.93
C LYS L 111 11.07 -56.37 67.94
N PHE L 112 10.91 -56.08 66.65
CA PHE L 112 11.90 -56.42 65.65
C PHE L 112 12.35 -55.19 64.90
N SER L 113 12.02 -54.02 65.41
CA SER L 113 12.44 -52.77 64.84
C SER L 113 13.92 -52.56 65.10
N THR L 114 14.57 -51.80 64.22
CA THR L 114 15.99 -51.51 64.42
C THR L 114 16.19 -50.58 65.61
N GLU L 115 15.20 -49.75 65.91
CA GLU L 115 15.30 -48.82 67.02
C GLU L 115 15.11 -49.53 68.35
N PHE L 116 14.35 -50.63 68.38
CA PHE L 116 14.23 -51.42 69.60
C PHE L 116 15.45 -52.30 69.80
N GLN L 117 15.85 -53.02 68.76
CA GLN L 117 16.93 -53.98 68.87
C GLN L 117 18.28 -53.32 69.08
N ARG L 118 18.41 -52.05 68.73
CA ARG L 118 19.58 -51.30 69.12
C ARG L 118 19.50 -50.88 70.57
N MET L 119 18.30 -50.65 71.09
CA MET L 119 18.20 -50.21 72.47
C MET L 119 18.35 -51.36 73.45
N LYS L 120 17.83 -52.54 73.09
CA LYS L 120 17.90 -53.69 73.97
C LYS L 120 19.33 -54.20 74.11
N THR L 121 20.11 -54.14 73.05
CA THR L 121 21.48 -54.62 73.10
C THR L 121 22.42 -53.65 73.78
N LEU L 122 21.94 -52.48 74.22
CA LEU L 122 22.74 -51.56 75.00
C LEU L 122 22.39 -51.57 76.47
N GLN L 123 21.21 -52.06 76.83
CA GLN L 123 20.86 -52.21 78.23
C GLN L 123 21.28 -53.55 78.80
N VAL L 124 21.60 -54.51 77.96
CA VAL L 124 22.01 -55.83 78.41
C VAL L 124 23.52 -56.00 78.36
N LYS L 125 24.13 -55.52 77.28
CA LYS L 125 25.58 -55.57 77.14
C LYS L 125 26.29 -54.69 78.16
N ASP L 126 25.69 -53.54 78.48
CA ASP L 126 26.33 -52.54 79.30
C ASP L 126 25.67 -52.36 80.66
N GLN L 127 24.61 -53.12 80.94
CA GLN L 127 23.83 -53.07 82.18
C GLN L 127 23.32 -51.65 82.45
N ALA L 128 22.66 -51.09 81.45
CA ALA L 128 22.42 -49.66 81.40
C ALA L 128 20.95 -49.32 81.50
N ILE L 129 20.68 -48.03 81.72
CA ILE L 129 19.37 -47.44 81.64
C ILE L 129 19.40 -46.41 80.53
N THR L 130 18.23 -46.08 80.00
CA THR L 130 18.12 -45.24 78.81
C THR L 130 17.36 -43.97 79.15
N THR L 131 17.90 -42.83 78.73
CA THR L 131 17.22 -41.55 78.83
C THR L 131 16.92 -41.02 77.44
N ARG L 132 15.88 -40.20 77.31
CA ARG L 132 15.51 -39.63 76.02
C ARG L 132 15.02 -38.21 76.18
N VAL L 133 15.62 -37.27 75.44
CA VAL L 133 15.18 -35.89 75.37
C VAL L 133 14.82 -35.60 73.92
N GLN L 134 13.72 -34.89 73.69
CA GLN L 134 13.34 -34.61 72.32
C GLN L 134 12.63 -33.28 72.17
N VAL L 135 12.83 -32.67 71.00
CA VAL L 135 12.12 -31.47 70.56
C VAL L 135 11.24 -31.89 69.40
N ARG L 136 9.94 -31.95 69.61
CA ARG L 136 9.01 -32.43 68.59
C ARG L 136 8.23 -31.28 68.02
N ASN L 137 8.00 -31.32 66.71
CA ASN L 137 7.38 -30.22 65.99
C ASN L 137 6.32 -30.80 65.07
N LEU L 138 5.11 -30.96 65.59
CA LEU L 138 3.98 -31.48 64.85
C LEU L 138 3.31 -30.37 64.04
N VAL L 139 3.17 -30.58 62.74
CA VAL L 139 2.64 -29.56 61.85
C VAL L 139 1.24 -29.92 61.35
N TYR L 140 1.05 -31.13 60.83
CA TYR L 140 -0.25 -31.55 60.32
C TYR L 140 -0.63 -32.91 60.89
N THR L 141 -1.93 -33.12 60.97
CA THR L 141 -2.51 -34.46 61.09
C THR L 141 -3.22 -34.76 59.78
N VAL L 142 -2.84 -35.86 59.15
CA VAL L 142 -3.25 -36.17 57.79
C VAL L 142 -4.04 -37.48 57.87
N LYS L 143 -5.33 -37.44 57.53
CA LYS L 143 -6.22 -38.58 57.68
C LYS L 143 -6.86 -38.98 56.36
N ILE L 144 -7.55 -40.12 56.38
CA ILE L 144 -8.27 -40.63 55.22
C ILE L 144 -9.77 -40.44 55.43
N ASN L 145 -10.44 -40.02 54.37
CA ASN L 145 -11.89 -39.96 54.33
C ASN L 145 -12.42 -41.39 54.38
N PRO L 146 -13.43 -41.69 55.20
CA PRO L 146 -13.92 -43.07 55.30
C PRO L 146 -14.60 -43.63 54.05
N THR L 147 -14.77 -42.86 52.99
CA THR L 147 -15.40 -43.35 51.76
C THR L 147 -14.37 -43.56 50.66
N LEU L 148 -13.22 -44.06 51.01
CA LEU L 148 -12.12 -44.31 50.09
C LEU L 148 -12.15 -45.74 49.60
N GLU L 149 -11.59 -45.96 48.40
CA GLU L 149 -11.53 -47.27 47.78
C GLU L 149 -10.09 -47.78 47.73
N LEU L 150 -9.97 -49.08 47.46
CA LEU L 150 -8.71 -49.79 47.49
C LEU L 150 -7.85 -49.47 46.28
N SER L 151 -6.57 -49.80 46.39
CA SER L 151 -5.62 -49.57 45.32
C SER L 151 -5.84 -50.59 44.20
N SER L 152 -5.21 -50.32 43.06
CA SER L 152 -5.36 -51.19 41.91
C SER L 152 -4.57 -52.48 42.08
N GLY L 153 -3.41 -52.42 42.72
CA GLY L 153 -2.60 -53.60 42.93
C GLY L 153 -3.09 -54.45 44.08
N PHE L 154 -3.60 -53.81 45.13
CA PHE L 154 -4.07 -54.57 46.28
C PHE L 154 -5.38 -55.28 46.01
N ARG L 155 -6.24 -54.69 45.18
CA ARG L 155 -7.48 -55.34 44.80
C ARG L 155 -7.23 -56.56 43.93
N LYS L 156 -6.21 -56.51 43.07
CA LYS L 156 -5.88 -57.63 42.20
C LYS L 156 -5.41 -58.84 42.99
N GLU L 157 -4.67 -58.61 44.06
CA GLU L 157 -4.17 -59.74 44.84
C GLU L 157 -5.19 -60.27 45.81
N LEU L 158 -6.23 -59.51 46.13
CA LEU L 158 -7.36 -60.07 46.88
C LEU L 158 -8.27 -60.86 45.97
N LEU L 159 -8.37 -60.47 44.70
CA LEU L 159 -9.15 -61.24 43.74
C LEU L 159 -8.50 -62.54 43.35
N ASP L 160 -7.18 -62.64 43.47
CA ASP L 160 -6.50 -63.90 43.23
C ASP L 160 -6.66 -64.87 44.38
N ILE L 161 -6.73 -64.36 45.61
CA ILE L 161 -7.11 -65.19 46.75
C ILE L 161 -8.58 -65.59 46.61
N SER L 162 -9.39 -64.68 46.08
CA SER L 162 -10.82 -64.91 45.91
C SER L 162 -11.10 -66.04 44.92
N ASP L 163 -10.28 -66.17 43.89
CA ASP L 163 -10.48 -67.23 42.91
C ASP L 163 -10.18 -68.59 43.49
N ARG L 164 -9.19 -68.68 44.37
CA ARG L 164 -8.82 -69.96 44.96
C ARG L 164 -9.84 -70.43 45.98
N LEU L 165 -10.54 -69.52 46.65
CA LEU L 165 -11.60 -69.94 47.56
C LEU L 165 -12.83 -70.43 46.83
N GLU L 166 -13.03 -69.99 45.58
CA GLU L 166 -14.14 -70.49 44.78
C GLU L 166 -13.93 -71.94 44.38
N ASN L 167 -12.72 -72.26 43.93
CA ASN L 167 -12.37 -73.56 43.39
C ASN L 167 -12.08 -74.60 44.45
N ASN L 168 -12.33 -74.30 45.72
CA ASN L 168 -12.00 -75.16 46.86
C ASN L 168 -10.52 -75.52 46.85
N GLN L 169 -9.67 -74.50 46.80
CA GLN L 169 -8.23 -74.69 46.80
C GLN L 169 -7.70 -73.95 48.03
N THR L 170 -7.74 -74.62 49.16
CA THR L 170 -7.50 -73.97 50.44
C THR L 170 -6.01 -73.79 50.72
N ARG L 171 -5.21 -74.78 50.35
CA ARG L 171 -3.77 -74.69 50.58
C ARG L 171 -3.11 -73.66 49.68
N MET L 172 -3.67 -73.43 48.50
CA MET L 172 -3.10 -72.45 47.60
C MET L 172 -3.59 -71.05 47.92
N ALA L 173 -4.76 -70.93 48.54
CA ALA L 173 -5.23 -69.64 49.02
C ALA L 173 -4.51 -69.20 50.29
N THR L 174 -4.18 -70.16 51.15
CA THR L 174 -3.42 -69.88 52.36
C THR L 174 -2.01 -69.41 52.01
N TYR L 175 -1.44 -69.96 50.94
CA TYR L 175 -0.14 -69.51 50.47
C TYR L 175 -0.19 -68.08 49.96
N LEU L 176 -1.20 -67.75 49.16
CA LEU L 176 -1.31 -66.40 48.63
C LEU L 176 -1.73 -65.38 49.67
N ALA L 177 -2.41 -65.80 50.73
CA ALA L 177 -2.75 -64.88 51.80
C ALA L 177 -1.52 -64.46 52.58
N GLU L 178 -0.52 -65.33 52.69
CA GLU L 178 0.71 -65.02 53.38
C GLU L 178 1.65 -64.17 52.54
N LEU L 179 1.55 -64.24 51.22
CA LEU L 179 2.29 -63.30 50.39
C LEU L 179 1.66 -61.92 50.38
N LEU L 180 0.39 -61.81 50.77
CA LEU L 180 -0.22 -60.50 50.94
C LEU L 180 0.37 -59.79 52.15
N VAL L 181 0.75 -60.55 53.17
CA VAL L 181 1.31 -59.98 54.39
C VAL L 181 2.79 -59.66 54.20
N LEU L 182 3.50 -60.41 53.36
CA LEU L 182 4.85 -60.02 52.98
C LEU L 182 4.87 -58.69 52.25
N ASN L 183 3.89 -58.44 51.38
CA ASN L 183 3.94 -57.28 50.53
C ASN L 183 3.20 -56.08 51.10
N TYR L 184 2.24 -56.29 52.00
CA TYR L 184 1.40 -55.21 52.49
C TYR L 184 1.34 -55.10 54.00
N GLY L 185 2.05 -55.94 54.73
CA GLY L 185 2.12 -55.77 56.17
C GLY L 185 0.92 -56.34 56.90
N THR L 186 0.78 -55.91 58.15
CA THR L 186 -0.28 -56.37 59.02
C THR L 186 -1.30 -55.29 59.33
N HIS L 187 -1.04 -54.05 58.96
CA HIS L 187 -1.86 -52.91 59.32
C HIS L 187 -1.92 -51.94 58.15
N VAL L 188 -2.90 -51.04 58.21
CA VAL L 188 -3.03 -49.94 57.27
C VAL L 188 -3.01 -48.65 58.06
N THR L 189 -2.13 -47.73 57.70
CA THR L 189 -2.08 -46.47 58.42
C THR L 189 -3.28 -45.62 58.03
N THR L 190 -4.07 -45.20 59.00
CA THR L 190 -5.21 -44.36 58.73
C THR L 190 -4.97 -42.90 59.08
N SER L 191 -4.01 -42.60 59.93
CA SER L 191 -3.61 -41.21 60.14
C SER L 191 -2.13 -41.16 60.42
N VAL L 192 -1.49 -40.14 59.89
CA VAL L 192 -0.08 -39.85 60.14
C VAL L 192 0.03 -38.44 60.69
N ASP L 193 1.07 -38.21 61.46
CA ASP L 193 1.40 -36.90 61.99
C ASP L 193 2.65 -36.41 61.27
N ALA L 194 2.50 -35.36 60.47
CA ALA L 194 3.60 -34.83 59.70
C ALA L 194 4.37 -33.79 60.50
N GLY L 195 5.67 -33.99 60.63
CA GLY L 195 6.48 -33.03 61.35
C GLY L 195 7.91 -33.47 61.43
N ALA L 196 8.64 -32.89 62.38
CA ALA L 196 10.04 -33.19 62.59
C ALA L 196 10.31 -33.40 64.07
N ALA L 197 11.43 -34.03 64.38
CA ALA L 197 11.82 -34.26 65.77
C ALA L 197 13.32 -34.33 65.85
N LEU L 198 13.87 -33.86 66.97
CA LEU L 198 15.29 -33.94 67.24
C LEU L 198 15.44 -34.66 68.56
N ILE L 199 16.10 -35.82 68.57
CA ILE L 199 16.06 -36.72 69.72
C ILE L 199 17.48 -36.95 70.22
N GLN L 200 17.65 -36.89 71.54
CA GLN L 200 18.84 -37.31 72.27
C GLN L 200 18.57 -38.64 72.93
N GLU L 201 19.53 -39.55 72.90
CA GLU L 201 19.34 -40.84 73.57
C GLU L 201 20.64 -41.24 74.24
N ASP L 202 20.74 -41.01 75.54
CA ASP L 202 21.91 -41.42 76.31
C ASP L 202 21.64 -42.73 77.02
N HIS L 203 22.71 -43.47 77.27
CA HIS L 203 22.66 -44.67 78.09
C HIS L 203 23.57 -44.46 79.29
N LEU L 204 23.03 -44.67 80.48
CA LEU L 204 23.73 -44.45 81.73
C LEU L 204 23.81 -45.77 82.47
N ARG L 205 24.84 -45.96 83.28
CA ARG L 205 24.93 -47.16 84.09
C ARG L 205 23.81 -47.18 85.11
N ALA L 206 23.28 -48.38 85.37
CA ALA L 206 22.11 -48.51 86.24
C ALA L 206 22.45 -48.24 87.70
N SER L 207 23.73 -48.29 88.05
CA SER L 207 24.16 -47.91 89.39
C SER L 207 24.05 -46.42 89.64
N PHE L 208 24.06 -45.61 88.58
CA PHE L 208 24.02 -44.17 88.73
C PHE L 208 22.64 -43.65 89.11
N LEU L 209 21.58 -44.41 88.84
CA LEU L 209 20.23 -43.98 89.17
C LEU L 209 19.79 -44.42 90.56
N GLN L 210 20.44 -45.41 91.14
CA GLN L 210 20.00 -46.04 92.38
C GLN L 210 20.21 -45.18 93.63
N ASP L 211 20.48 -43.88 93.56
CA ASP L 211 20.77 -43.12 94.78
C ASP L 211 19.51 -42.83 95.58
N SER L 212 18.58 -42.07 95.01
CA SER L 212 17.32 -41.74 95.67
C SER L 212 16.31 -41.28 94.62
N GLN L 213 15.15 -40.85 95.10
CA GLN L 213 14.13 -40.23 94.27
C GLN L 213 14.33 -38.73 94.11
N SER L 214 15.29 -38.16 94.84
CA SER L 214 15.70 -36.78 94.63
C SER L 214 16.91 -36.67 93.72
N SER L 215 17.71 -37.74 93.62
CA SER L 215 18.75 -37.78 92.60
C SER L 215 18.16 -37.94 91.22
N ARG L 216 16.97 -38.55 91.12
CA ARG L 216 16.34 -38.81 89.83
C ARG L 216 15.97 -37.51 89.13
N SER L 217 15.50 -36.52 89.87
CA SER L 217 15.14 -35.24 89.28
C SER L 217 16.34 -34.36 89.01
N ALA L 218 17.56 -34.81 89.32
CA ALA L 218 18.77 -34.11 88.92
C ALA L 218 19.53 -34.83 87.83
N VAL L 219 19.43 -36.16 87.77
CA VAL L 219 19.87 -36.90 86.59
C VAL L 219 19.07 -36.46 85.37
N THR L 220 17.76 -36.27 85.56
CA THR L 220 16.84 -36.01 84.46
C THR L 220 17.01 -34.60 83.91
N ALA L 221 17.25 -33.62 84.77
CA ALA L 221 17.45 -32.26 84.29
C ALA L 221 18.87 -31.99 83.85
N SER L 222 19.78 -32.94 84.07
CA SER L 222 21.13 -32.83 83.54
C SER L 222 21.17 -33.24 82.08
N ALA L 223 20.41 -34.28 81.73
CA ALA L 223 20.35 -34.75 80.36
C ALA L 223 19.68 -33.74 79.44
N GLY L 224 18.71 -32.98 79.96
CA GLY L 224 18.12 -31.92 79.18
C GLY L 224 19.00 -30.71 79.03
N LEU L 225 19.94 -30.54 79.95
CA LEU L 225 20.90 -29.45 79.86
C LEU L 225 22.01 -29.76 78.88
N ALA L 226 22.46 -31.02 78.87
CA ALA L 226 23.47 -31.46 77.92
C ALA L 226 22.94 -31.42 76.49
N PHE L 227 21.63 -31.66 76.32
CA PHE L 227 21.03 -31.64 74.99
C PHE L 227 20.96 -30.23 74.43
N GLN L 228 20.71 -29.25 75.28
CA GLN L 228 20.67 -27.88 74.81
C GLN L 228 22.07 -27.32 74.59
N ASN L 229 23.07 -27.84 75.29
CA ASN L 229 24.44 -27.45 74.99
C ASN L 229 24.89 -28.02 73.66
N THR L 230 24.51 -29.26 73.36
CA THR L 230 24.93 -29.93 72.14
C THR L 230 24.35 -29.26 70.91
N VAL L 231 23.12 -28.77 70.98
CA VAL L 231 22.58 -28.06 69.83
C VAL L 231 23.23 -26.68 69.69
N ASN L 232 23.50 -25.99 70.79
CA ASN L 232 23.95 -24.61 70.66
C ASN L 232 25.45 -24.44 70.47
N PHE L 233 26.29 -25.29 71.06
CA PHE L 233 27.69 -24.92 71.29
C PHE L 233 28.72 -25.75 70.51
N LYS L 234 28.49 -25.99 69.22
CA LYS L 234 29.54 -26.06 68.18
C LYS L 234 30.60 -27.13 68.41
N PHE L 235 30.31 -28.14 69.26
CA PHE L 235 31.17 -29.23 69.72
C PHE L 235 32.25 -28.74 70.69
N GLU L 236 32.39 -27.43 70.85
CA GLU L 236 33.43 -26.87 71.70
C GLU L 236 33.03 -27.01 73.16
N GLU L 237 33.99 -26.77 74.04
CA GLU L 237 33.70 -26.73 75.47
C GLU L 237 33.40 -25.32 75.94
N ASN L 238 32.47 -24.69 75.21
CA ASN L 238 31.81 -23.47 75.64
C ASN L 238 30.52 -23.78 76.38
N TYR L 239 30.43 -24.96 76.98
CA TYR L 239 29.20 -25.41 77.61
C TYR L 239 28.97 -24.67 78.93
N THR L 240 27.70 -24.50 79.25
CA THR L 240 27.31 -23.93 80.54
C THR L 240 27.06 -25.05 81.56
N SER L 241 28.13 -25.78 81.84
CA SER L 241 28.10 -26.90 82.78
C SER L 241 27.88 -26.38 84.19
N GLN L 242 26.68 -26.60 84.72
CA GLN L 242 26.23 -25.91 85.91
C GLN L 242 26.75 -26.49 87.22
N ASN L 243 27.11 -27.78 87.24
CA ASN L 243 27.40 -28.43 88.50
C ASN L 243 28.59 -29.37 88.31
N VAL L 244 28.90 -30.09 89.40
CA VAL L 244 29.73 -31.29 89.31
C VAL L 244 28.86 -32.48 88.89
N LEU L 245 27.54 -32.37 89.09
CA LEU L 245 26.62 -33.42 88.67
C LEU L 245 26.55 -33.53 87.15
N THR L 246 26.83 -32.44 86.43
CA THR L 246 27.02 -32.53 84.99
C THR L 246 28.28 -33.32 84.67
N LYS L 247 29.35 -33.09 85.43
CA LYS L 247 30.60 -33.80 85.20
C LYS L 247 30.48 -35.26 85.62
N SER L 248 29.76 -35.54 86.70
CA SER L 248 29.55 -36.93 87.08
C SER L 248 28.57 -37.63 86.15
N TYR L 249 27.71 -36.88 85.45
CA TYR L 249 26.82 -37.47 84.46
C TYR L 249 27.60 -38.03 83.28
N LEU L 250 28.68 -37.36 82.88
CA LEU L 250 29.41 -37.76 81.71
C LEU L 250 30.20 -39.03 81.95
N SER L 251 30.64 -39.27 83.17
CA SER L 251 31.50 -40.40 83.44
C SER L 251 30.72 -41.70 83.59
N ASN L 252 29.44 -41.63 83.90
CA ASN L 252 28.57 -42.82 83.92
C ASN L 252 27.86 -43.04 82.60
N ARG L 253 27.96 -42.07 81.68
CA ARG L 253 27.32 -42.19 80.37
C ARG L 253 27.96 -43.28 79.55
N THR L 254 27.14 -44.15 78.98
CA THR L 254 27.66 -45.24 78.16
C THR L 254 27.66 -44.94 76.66
N ASN L 255 26.54 -44.48 76.06
CA ASN L 255 26.53 -44.43 74.60
C ASN L 255 26.33 -43.05 73.97
N SER L 256 25.23 -42.34 74.25
CA SER L 256 24.92 -41.01 73.71
C SER L 256 24.79 -40.84 72.19
N ARG L 257 23.71 -41.31 71.59
CA ARG L 257 23.38 -40.98 70.20
C ARG L 257 22.53 -39.72 70.12
N VAL L 258 22.69 -38.96 69.04
CA VAL L 258 21.82 -37.83 68.71
C VAL L 258 21.18 -38.11 67.36
N GLN L 259 19.85 -38.05 67.30
CA GLN L 259 19.12 -38.44 66.11
C GLN L 259 18.20 -37.33 65.65
N SER L 260 18.25 -37.00 64.38
CA SER L 260 17.33 -36.05 63.76
C SER L 260 16.39 -36.82 62.85
N ILE L 261 15.09 -36.57 62.98
CA ILE L 261 14.08 -37.22 62.16
C ILE L 261 13.29 -36.12 61.47
N GLY L 262 13.54 -35.94 60.18
CA GLY L 262 12.92 -34.86 59.44
C GLY L 262 13.70 -33.57 59.59
N GLY L 263 13.34 -32.60 58.78
CA GLY L 263 14.05 -31.34 58.81
C GLY L 263 15.39 -31.44 58.10
N VAL L 264 16.26 -30.51 58.44
CA VAL L 264 17.62 -30.47 57.92
C VAL L 264 18.49 -31.41 58.76
N PRO L 265 19.61 -31.92 58.24
CA PRO L 265 20.45 -32.81 59.05
C PRO L 265 21.09 -32.09 60.21
N PHE L 266 21.16 -32.79 61.34
CA PHE L 266 21.74 -32.22 62.53
C PHE L 266 23.25 -32.24 62.48
N TYR L 267 23.86 -31.19 63.00
CA TYR L 267 25.28 -31.14 63.32
C TYR L 267 25.40 -30.37 64.62
N PRO L 268 26.36 -30.71 65.46
CA PRO L 268 26.48 -30.03 66.75
C PRO L 268 26.90 -28.58 66.59
N GLY L 269 25.97 -27.67 66.83
CA GLY L 269 26.23 -26.28 66.56
C GLY L 269 25.12 -25.58 65.81
N ILE L 270 24.21 -26.33 65.19
CA ILE L 270 23.05 -25.71 64.58
C ILE L 270 22.12 -25.28 65.70
N THR L 271 21.78 -23.99 65.73
CA THR L 271 20.97 -23.51 66.83
C THR L 271 19.55 -24.03 66.70
N LEU L 272 18.81 -23.96 67.80
CA LEU L 272 17.44 -24.47 67.79
C LEU L 272 16.54 -23.61 66.91
N GLN L 273 16.88 -22.33 66.78
CA GLN L 273 16.24 -21.46 65.81
C GLN L 273 16.48 -21.96 64.39
N ALA L 274 17.72 -22.32 64.06
CA ALA L 274 18.05 -22.63 62.69
C ALA L 274 17.60 -24.03 62.28
N TRP L 275 17.48 -24.95 63.23
CA TRP L 275 16.92 -26.26 62.93
C TRP L 275 15.44 -26.15 62.61
N GLN L 276 14.74 -25.23 63.26
CA GLN L 276 13.32 -25.04 63.05
C GLN L 276 12.98 -24.26 61.79
N GLN L 277 13.96 -23.68 61.13
CA GLN L 277 13.71 -23.06 59.84
C GLN L 277 13.77 -24.05 58.70
N GLY L 278 14.42 -25.18 58.89
CA GLY L 278 14.52 -26.19 57.88
C GLY L 278 13.47 -27.26 57.93
N ILE L 279 12.49 -27.12 58.82
CA ILE L 279 11.41 -28.08 58.92
C ILE L 279 10.47 -27.96 57.73
N THR L 280 10.34 -26.75 57.19
CA THR L 280 9.51 -26.49 56.03
C THR L 280 10.03 -27.25 54.81
N ASN L 281 9.14 -28.04 54.20
CA ASN L 281 9.31 -28.92 53.04
C ASN L 281 10.15 -30.15 53.35
N HIS L 282 10.52 -30.40 54.61
CA HIS L 282 11.16 -31.64 55.00
C HIS L 282 10.34 -32.19 56.16
N LEU L 283 9.23 -32.84 55.86
CA LEU L 283 8.34 -33.36 56.88
C LEU L 283 8.27 -34.86 56.76
N VAL L 284 8.27 -35.56 57.88
CA VAL L 284 8.19 -37.00 57.91
C VAL L 284 7.07 -37.38 58.87
N ALA L 285 6.76 -38.67 58.91
CA ALA L 285 5.78 -39.17 59.85
C ALA L 285 6.45 -39.37 61.20
N ILE L 286 6.09 -38.55 62.18
CA ILE L 286 6.59 -38.72 63.53
C ILE L 286 5.62 -39.48 64.41
N ASP L 287 4.41 -39.77 63.92
CA ASP L 287 3.48 -40.65 64.61
C ASP L 287 2.51 -41.21 63.60
N ARG L 288 1.92 -42.37 63.92
CA ARG L 288 0.99 -43.07 63.05
C ARG L 288 -0.10 -43.72 63.87
N SER L 289 -1.28 -43.81 63.28
CA SER L 289 -2.35 -44.64 63.81
C SER L 289 -2.82 -45.57 62.71
N GLY L 290 -3.51 -46.63 63.09
CA GLY L 290 -3.93 -47.57 62.07
C GLY L 290 -4.99 -48.54 62.52
N LEU L 291 -5.31 -49.46 61.62
CA LEU L 291 -6.26 -50.54 61.81
C LEU L 291 -5.67 -51.77 61.17
N PRO L 292 -6.06 -52.97 61.60
CA PRO L 292 -5.54 -54.19 60.98
C PRO L 292 -5.99 -54.34 59.53
N LEU L 293 -5.28 -55.22 58.82
CA LEU L 293 -5.40 -55.29 57.37
C LEU L 293 -6.72 -55.93 56.95
N HIS L 294 -7.26 -56.82 57.77
CA HIS L 294 -8.53 -57.47 57.44
C HIS L 294 -9.74 -56.62 57.78
N PHE L 295 -9.55 -55.47 58.41
CA PHE L 295 -10.65 -54.54 58.63
C PHE L 295 -11.16 -53.99 57.31
N PHE L 296 -10.28 -53.81 56.33
CA PHE L 296 -10.62 -53.22 55.05
C PHE L 296 -10.97 -54.26 54.02
N ILE L 297 -11.18 -55.50 54.42
CA ILE L 297 -11.73 -56.51 53.53
C ILE L 297 -13.16 -56.77 53.97
N ASN L 298 -14.08 -56.05 53.38
CA ASN L 298 -15.49 -56.07 53.78
C ASN L 298 -16.30 -55.88 52.52
N PRO L 299 -17.62 -56.17 52.55
CA PRO L 299 -18.42 -56.02 51.33
C PRO L 299 -18.53 -54.61 50.78
N ASN L 300 -18.16 -53.58 51.56
CA ASN L 300 -18.19 -52.22 51.05
C ASN L 300 -17.00 -51.93 50.15
N MET L 301 -15.79 -52.38 50.54
CA MET L 301 -14.61 -52.13 49.72
C MET L 301 -14.59 -52.97 48.46
N LEU L 302 -15.23 -54.13 48.48
CA LEU L 302 -15.26 -55.06 47.36
C LEU L 302 -16.71 -55.22 46.92
N PRO L 303 -17.23 -54.31 46.10
CA PRO L 303 -18.65 -54.37 45.72
C PRO L 303 -18.93 -55.28 44.55
N ASP L 304 -17.91 -55.77 43.86
CA ASP L 304 -18.07 -56.64 42.71
C ASP L 304 -17.86 -58.11 43.06
N LEU L 305 -17.98 -58.47 44.33
CA LEU L 305 -17.90 -59.84 44.78
C LEU L 305 -19.06 -60.12 45.73
N PRO L 306 -19.48 -61.38 45.86
CA PRO L 306 -20.58 -61.68 46.77
C PRO L 306 -20.20 -61.52 48.23
N GLY L 307 -21.23 -61.42 49.06
CA GLY L 307 -21.11 -61.18 50.48
C GLY L 307 -20.33 -62.19 51.28
N PRO L 308 -20.73 -63.47 51.26
CA PRO L 308 -19.98 -64.48 52.03
C PRO L 308 -18.63 -64.81 51.46
N LEU L 309 -18.33 -64.40 50.24
CA LEU L 309 -17.05 -64.72 49.64
C LEU L 309 -15.96 -63.71 50.00
N VAL L 310 -16.33 -62.47 50.33
CA VAL L 310 -15.34 -61.53 50.84
C VAL L 310 -15.11 -61.71 52.34
N LYS L 311 -15.93 -62.53 52.99
CA LYS L 311 -15.68 -62.94 54.36
C LYS L 311 -14.80 -64.16 54.44
N LYS L 312 -14.64 -64.90 53.36
CA LYS L 312 -13.64 -65.96 53.31
C LYS L 312 -12.26 -65.38 53.07
N VAL L 313 -12.19 -64.32 52.26
CA VAL L 313 -10.92 -63.64 52.02
C VAL L 313 -10.47 -62.91 53.28
N SER L 314 -11.42 -62.31 53.99
CA SER L 314 -11.08 -61.58 55.21
C SER L 314 -10.66 -62.51 56.33
N LYS L 315 -11.17 -63.74 56.34
CA LYS L 315 -10.78 -64.68 57.38
C LYS L 315 -9.47 -65.38 57.06
N THR L 316 -9.17 -65.59 55.78
CA THR L 316 -7.92 -66.23 55.45
C THR L 316 -6.73 -65.27 55.51
N VAL L 317 -6.97 -63.97 55.58
CA VAL L 317 -5.91 -62.99 55.79
C VAL L 317 -5.73 -62.70 57.28
N GLU L 318 -6.83 -62.72 58.04
CA GLU L 318 -6.75 -62.60 59.50
C GLU L 318 -5.97 -63.76 60.12
N THR L 319 -6.08 -64.94 59.52
CA THR L 319 -5.33 -66.09 60.00
C THR L 319 -3.86 -65.97 59.64
N ALA L 320 -3.55 -65.40 58.48
CA ALA L 320 -2.17 -65.28 58.05
C ALA L 320 -1.42 -64.22 58.84
N VAL L 321 -2.10 -63.15 59.24
CA VAL L 321 -1.49 -62.13 60.08
C VAL L 321 -1.25 -62.67 61.49
N LYS L 322 -2.22 -63.42 62.01
CA LYS L 322 -2.07 -64.00 63.35
C LYS L 322 -1.00 -65.06 63.40
N ARG L 323 -0.79 -65.77 62.29
CA ARG L 323 0.28 -66.77 62.22
C ARG L 323 1.64 -66.10 62.19
N TYR L 324 1.71 -64.87 61.69
CA TYR L 324 2.97 -64.15 61.60
C TYR L 324 3.43 -63.64 62.95
N TYR L 325 2.49 -63.28 63.84
CA TYR L 325 2.85 -62.87 65.19
C TYR L 325 3.25 -64.06 66.04
N THR L 326 2.67 -65.23 65.79
CA THR L 326 2.93 -66.39 66.63
C THR L 326 4.32 -66.96 66.37
N PHE L 327 4.77 -66.92 65.12
CA PHE L 327 6.07 -67.47 64.79
C PHE L 327 7.22 -66.55 65.16
N ASN L 328 6.93 -65.33 65.60
CA ASN L 328 7.93 -64.36 66.02
C ASN L 328 7.76 -64.02 67.49
N THR L 329 7.22 -64.94 68.27
CA THR L 329 7.05 -64.78 69.70
C THR L 329 8.00 -65.73 70.41
N TYR L 330 8.84 -65.19 71.29
CA TYR L 330 9.85 -65.95 72.02
C TYR L 330 9.62 -65.75 73.51
N PRO L 331 8.87 -66.62 74.16
CA PRO L 331 8.76 -66.52 75.62
C PRO L 331 10.04 -66.99 76.29
N GLY L 332 10.34 -66.37 77.42
CA GLY L 332 11.54 -66.72 78.16
C GLY L 332 11.74 -65.79 79.32
N CYS L 333 12.84 -66.02 80.03
CA CYS L 333 13.19 -65.18 81.16
C CYS L 333 13.78 -63.88 80.65
N THR L 334 13.16 -62.77 81.04
CA THR L 334 13.55 -61.46 80.55
C THR L 334 14.30 -60.62 81.57
N ASP L 335 14.44 -61.10 82.81
CA ASP L 335 15.15 -60.36 83.83
C ASP L 335 16.64 -60.60 83.68
N LEU L 336 17.40 -59.52 83.45
CA LEU L 336 18.83 -59.66 83.16
C LEU L 336 19.66 -60.04 84.37
N ASN L 337 19.12 -59.87 85.57
CA ASN L 337 19.84 -60.23 86.78
C ASN L 337 19.64 -61.68 87.19
N SER L 338 18.64 -62.37 86.63
CA SER L 338 18.44 -63.77 86.93
C SER L 338 19.53 -64.61 86.27
N PRO L 339 19.93 -65.71 86.89
CA PRO L 339 21.00 -66.53 86.29
C PRO L 339 20.59 -67.23 85.01
N ASN L 340 19.33 -67.60 84.88
CA ASN L 340 18.82 -68.21 83.64
C ASN L 340 18.18 -67.17 82.72
N PHE L 341 18.92 -66.10 82.44
CA PHE L 341 18.42 -65.03 81.57
C PHE L 341 18.39 -65.48 80.12
N ASN L 342 17.22 -65.33 79.49
CA ASN L 342 17.05 -65.65 78.08
C ASN L 342 17.20 -64.36 77.31
N PHE L 343 18.41 -64.11 76.82
CA PHE L 343 18.57 -63.22 75.70
C PHE L 343 17.94 -63.89 74.49
N GLN L 344 17.53 -63.07 73.50
CA GLN L 344 16.65 -63.48 72.39
C GLN L 344 15.32 -63.99 72.92
N ALA L 345 14.64 -63.17 73.71
CA ALA L 345 13.29 -63.47 74.19
C ALA L 345 12.49 -62.18 74.22
N ASN L 346 11.24 -62.26 73.74
CA ASN L 346 10.38 -61.10 73.63
C ASN L 346 9.42 -60.96 74.80
N THR L 347 8.78 -62.06 75.18
CA THR L 347 7.67 -62.04 76.12
C THR L 347 8.14 -62.59 77.46
N ASP L 348 7.73 -61.93 78.53
CA ASP L 348 8.07 -62.37 79.88
C ASP L 348 7.36 -63.67 80.18
N ASP L 349 8.13 -64.73 80.44
CA ASP L 349 7.56 -66.04 80.65
C ASP L 349 6.96 -66.21 82.03
N GLY L 350 7.37 -65.38 82.99
CA GLY L 350 6.91 -65.55 84.36
C GLY L 350 7.58 -66.66 85.11
N SER L 351 8.63 -67.25 84.55
CA SER L 351 9.40 -68.31 85.21
C SER L 351 10.85 -67.86 85.20
N CYS L 352 11.22 -67.07 86.19
CA CYS L 352 12.56 -66.52 86.29
C CYS L 352 13.42 -67.24 87.33
N GLU L 353 12.82 -68.12 88.13
CA GLU L 353 13.54 -68.91 89.11
C GLU L 353 13.18 -70.37 88.92
N GLY L 354 14.14 -71.14 88.41
CA GLY L 354 13.95 -72.55 88.19
C GLY L 354 14.51 -73.39 89.34
N LYS L 355 14.36 -74.70 89.19
CA LYS L 355 14.79 -75.64 90.22
C LYS L 355 15.96 -76.51 89.81
N MET L 356 16.35 -76.50 88.53
CA MET L 356 17.44 -77.30 87.96
C MET L 356 17.20 -78.80 88.20
N THR L 357 16.18 -79.29 87.52
CA THR L 357 15.84 -80.71 87.57
C THR L 357 16.36 -81.37 86.29
N ASN L 358 17.27 -82.32 86.46
CA ASN L 358 17.76 -83.09 85.33
C ASN L 358 16.75 -84.18 84.98
N PHE L 359 16.50 -84.34 83.69
CA PHE L 359 15.48 -85.27 83.22
C PHE L 359 16.10 -86.36 82.36
N SER L 360 15.26 -87.33 82.02
CA SER L 360 15.68 -88.52 81.29
C SER L 360 15.10 -88.48 79.88
N PHE L 361 15.96 -88.56 78.88
CA PHE L 361 15.54 -88.55 77.48
C PHE L 361 15.32 -89.98 77.03
N GLY L 362 14.06 -90.38 76.91
CA GLY L 362 13.72 -91.74 76.58
C GLY L 362 13.68 -92.09 75.12
N GLY L 363 14.09 -91.19 74.24
CA GLY L 363 14.19 -91.49 72.83
C GLY L 363 12.92 -91.16 72.06
N VAL L 364 13.05 -91.21 70.75
CA VAL L 364 11.97 -90.89 69.82
C VAL L 364 11.75 -92.05 68.88
N TYR L 365 10.52 -92.18 68.39
CA TYR L 365 10.21 -93.15 67.34
C TYR L 365 9.04 -92.62 66.52
N GLN L 366 8.99 -93.02 65.27
CA GLN L 366 8.03 -92.49 64.30
C GLN L 366 7.43 -93.64 63.51
N GLU L 367 6.10 -93.69 63.48
CA GLU L 367 5.40 -94.66 62.67
C GLU L 367 5.16 -94.10 61.27
N CYS L 368 4.83 -94.99 60.34
CA CYS L 368 4.42 -94.59 59.01
C CYS L 368 3.28 -95.48 58.54
N THR L 369 2.43 -94.93 57.68
CA THR L 369 1.28 -95.66 57.15
C THR L 369 1.05 -95.19 55.72
N GLN L 370 1.35 -96.06 54.76
CA GLN L 370 1.18 -95.74 53.35
C GLN L 370 -0.30 -95.63 53.02
N LEU L 371 -0.68 -94.55 52.34
CA LEU L 371 -2.07 -94.32 51.96
C LEU L 371 -2.33 -94.55 50.48
N SER L 372 -1.40 -94.17 49.62
CA SER L 372 -1.54 -94.37 48.18
C SER L 372 -0.16 -94.38 47.55
N GLY L 373 -0.07 -95.02 46.39
CA GLY L 373 1.19 -95.10 45.67
C GLY L 373 2.03 -96.30 46.05
N ASN L 374 1.39 -97.46 46.14
CA ASN L 374 2.08 -98.67 46.54
C ASN L 374 2.97 -99.19 45.43
N ARG L 375 4.05 -99.87 45.83
CA ARG L 375 5.03 -100.55 44.98
C ARG L 375 5.74 -99.60 44.02
N ASP L 376 5.75 -98.31 44.31
CA ASP L 376 6.40 -97.32 43.45
C ASP L 376 7.46 -96.52 44.18
N VAL L 377 7.15 -96.02 45.38
CA VAL L 377 8.06 -95.15 46.12
C VAL L 377 8.61 -95.84 47.36
N LEU L 378 7.76 -96.60 48.06
CA LEU L 378 8.00 -97.12 49.41
C LEU L 378 8.33 -95.99 50.37
N LEU L 379 7.31 -95.13 50.57
CA LEU L 379 7.44 -94.00 51.48
C LEU L 379 7.65 -94.44 52.92
N CYS L 380 7.11 -95.59 53.30
CA CYS L 380 7.14 -96.07 54.68
C CYS L 380 8.45 -96.82 55.00
N GLN L 381 9.53 -96.51 54.29
CA GLN L 381 10.85 -97.08 54.54
C GLN L 381 11.88 -96.03 54.90
N LYS L 382 11.93 -94.93 54.17
CA LYS L 382 12.81 -93.82 54.50
C LYS L 382 12.12 -92.78 55.37
N LEU L 383 10.99 -93.12 55.97
CA LEU L 383 10.25 -92.21 56.84
C LEU L 383 9.88 -92.90 58.15
N GLU L 384 10.60 -93.98 58.49
CA GLU L 384 10.29 -94.81 59.63
C GLU L 384 11.50 -94.84 60.55
N GLN L 385 11.26 -94.65 61.85
CA GLN L 385 12.35 -94.65 62.82
C GLN L 385 11.91 -95.41 64.06
N LYS L 386 12.78 -96.28 64.56
CA LYS L 386 12.53 -97.05 65.77
C LYS L 386 13.36 -96.51 66.92
N ASN L 387 12.90 -96.78 68.12
CA ASN L 387 13.57 -96.33 69.34
C ASN L 387 14.83 -97.16 69.56
N PRO L 388 16.01 -96.55 69.71
CA PRO L 388 17.22 -97.34 69.96
C PRO L 388 17.25 -98.02 71.31
N LEU L 389 16.44 -97.58 72.27
CA LEU L 389 16.45 -98.19 73.59
C LEU L 389 15.66 -99.50 73.63
N THR L 390 14.69 -99.68 72.73
CA THR L 390 13.92 -100.91 72.67
C THR L 390 14.04 -101.65 71.34
N GLY L 391 14.46 -100.99 70.27
CA GLY L 391 14.41 -101.60 68.95
C GLY L 391 13.01 -101.81 68.45
N ASP L 392 12.06 -100.99 68.90
CA ASP L 392 10.66 -101.23 68.68
C ASP L 392 9.94 -99.89 68.70
N PHE L 393 8.65 -99.91 68.33
CA PHE L 393 7.81 -98.71 68.37
C PHE L 393 7.15 -98.60 69.75
N SER L 394 7.99 -98.52 70.77
CA SER L 394 7.52 -98.43 72.14
C SER L 394 8.62 -97.80 72.99
N CYS L 395 8.20 -97.25 74.11
CA CYS L 395 9.13 -96.72 75.09
C CYS L 395 9.62 -97.86 76.00
N PRO L 396 10.75 -97.66 76.71
CA PRO L 396 11.17 -98.69 77.68
C PRO L 396 10.26 -98.83 78.89
N SER L 397 10.68 -99.68 79.83
CA SER L 397 9.83 -100.04 80.97
C SER L 397 9.60 -98.86 81.89
N GLY L 398 10.60 -98.00 82.05
CA GLY L 398 10.43 -96.83 82.90
C GLY L 398 9.88 -95.61 82.21
N TYR L 399 9.36 -95.74 80.99
CA TYR L 399 8.96 -94.60 80.19
C TYR L 399 7.53 -94.77 79.69
N SER L 400 7.03 -93.75 78.98
CA SER L 400 5.68 -93.70 78.46
C SER L 400 5.66 -92.84 77.20
N PRO L 401 4.86 -93.19 76.19
CA PRO L 401 4.89 -92.42 74.94
C PRO L 401 4.02 -91.18 74.99
N VAL L 402 4.50 -90.11 74.34
CA VAL L 402 3.77 -88.86 74.17
C VAL L 402 3.71 -88.55 72.68
N HIS L 403 2.51 -88.35 72.17
CA HIS L 403 2.29 -88.11 70.75
C HIS L 403 2.57 -86.66 70.41
N LEU L 404 3.55 -86.41 69.54
CA LEU L 404 3.87 -85.04 69.15
C LEU L 404 2.92 -84.53 68.08
N LEU L 405 2.96 -85.14 66.90
CA LEU L 405 2.30 -84.56 65.75
C LEU L 405 2.08 -85.64 64.69
N SER L 406 0.98 -85.52 63.97
CA SER L 406 0.57 -86.49 62.97
C SER L 406 0.10 -85.74 61.73
N GLN L 407 0.85 -85.87 60.63
CA GLN L 407 0.53 -85.19 59.39
C GLN L 407 0.73 -86.13 58.21
N ILE L 408 0.47 -85.61 57.01
CA ILE L 408 0.55 -86.38 55.78
C ILE L 408 1.75 -85.89 54.99
N HIS L 409 2.59 -86.83 54.56
CA HIS L 409 3.72 -86.52 53.71
C HIS L 409 3.38 -86.88 52.27
N GLU L 410 3.91 -86.12 51.32
CA GLU L 410 3.66 -86.34 49.90
C GLU L 410 4.98 -86.35 49.15
N GLU L 411 5.15 -87.35 48.28
CA GLU L 411 6.22 -87.35 47.30
C GLU L 411 5.66 -87.71 45.93
N GLY L 412 6.47 -87.47 44.91
CA GLY L 412 6.07 -87.69 43.54
C GLY L 412 6.89 -88.78 42.88
N TYR L 413 6.24 -89.58 42.05
CA TYR L 413 6.90 -90.60 41.26
C TYR L 413 6.47 -90.46 39.80
N ASN L 414 7.13 -91.22 38.93
CA ASN L 414 7.17 -90.87 37.52
C ASN L 414 7.13 -92.13 36.68
N HIS L 415 6.19 -92.17 35.73
CA HIS L 415 6.17 -93.18 34.69
C HIS L 415 6.57 -92.56 33.37
N LEU L 416 7.08 -93.39 32.46
CA LEU L 416 7.48 -92.95 31.13
C LEU L 416 7.18 -94.05 30.14
N GLU L 417 6.23 -93.81 29.25
CA GLU L 417 5.79 -94.80 28.28
C GLU L 417 5.98 -94.26 26.88
N CYS L 418 6.48 -95.10 25.98
CA CYS L 418 6.74 -94.71 24.60
C CYS L 418 6.35 -95.85 23.68
N HIS L 419 5.67 -95.52 22.59
CA HIS L 419 5.48 -96.48 21.51
C HIS L 419 5.54 -95.76 20.18
N ARG L 420 5.96 -96.50 19.16
CA ARG L 420 6.25 -95.98 17.84
C ARG L 420 5.41 -96.71 16.81
N LYS L 421 4.89 -95.97 15.82
CA LYS L 421 4.00 -96.52 14.82
C LYS L 421 4.33 -95.90 13.47
N CYS L 422 4.41 -96.73 12.44
CA CYS L 422 4.71 -96.28 11.08
C CYS L 422 3.54 -96.61 10.17
N THR L 423 3.26 -95.70 9.22
CA THR L 423 2.10 -95.80 8.35
C THR L 423 2.51 -95.59 6.90
N LEU L 424 2.31 -96.62 6.08
CA LEU L 424 2.65 -96.64 4.65
C LEU L 424 4.15 -96.45 4.41
N LYS L 425 4.97 -96.91 5.36
CA LYS L 425 6.44 -96.94 5.35
C LYS L 425 7.08 -95.55 5.38
N VAL L 426 6.31 -94.48 5.37
CA VAL L 426 6.76 -93.11 5.56
C VAL L 426 6.06 -92.75 6.86
N PHE L 427 6.19 -91.51 7.34
CA PHE L 427 5.32 -90.92 8.36
C PHE L 427 5.37 -91.68 9.69
N CYS L 428 6.57 -91.74 10.27
CA CYS L 428 6.75 -92.43 11.53
C CYS L 428 6.26 -91.58 12.68
N LYS L 429 5.40 -92.15 13.52
CA LYS L 429 4.83 -91.44 14.65
C LYS L 429 5.38 -92.03 15.94
N THR L 430 5.84 -91.17 16.83
CA THR L 430 6.37 -91.57 18.12
C THR L 430 5.76 -90.66 19.18
N VAL L 431 5.07 -91.25 20.15
CA VAL L 431 4.49 -90.50 21.26
C VAL L 431 5.17 -90.94 22.55
N CYS L 432 5.55 -89.97 23.39
CA CYS L 432 6.30 -90.22 24.61
C CYS L 432 5.54 -89.56 25.75
N GLU L 433 4.85 -90.37 26.54
CA GLU L 433 4.01 -89.88 27.63
C GLU L 433 4.71 -90.05 28.96
N ASP L 434 4.63 -89.03 29.81
CA ASP L 434 5.34 -88.99 31.09
C ASP L 434 4.39 -88.52 32.18
N VAL L 435 3.90 -89.44 32.99
CA VAL L 435 2.89 -89.15 34.00
C VAL L 435 3.56 -88.97 35.35
N PHE L 436 3.21 -87.89 36.04
CA PHE L 436 3.71 -87.59 37.38
C PHE L 436 2.56 -87.71 38.36
N GLN L 437 2.67 -88.65 39.30
CA GLN L 437 1.64 -88.86 40.31
C GLN L 437 2.19 -88.56 41.69
N VAL L 438 1.28 -88.42 42.65
CA VAL L 438 1.62 -88.04 44.02
C VAL L 438 1.32 -89.22 44.93
N ALA L 439 2.34 -89.66 45.68
CA ALA L 439 2.20 -90.72 46.67
C ALA L 439 2.15 -90.13 48.06
N LYS L 440 1.17 -90.56 48.85
CA LYS L 440 0.93 -90.00 50.17
C LYS L 440 1.25 -91.01 51.26
N ALA L 441 1.50 -90.50 52.46
CA ALA L 441 1.80 -91.34 53.62
C ALA L 441 1.50 -90.56 54.89
N GLU L 442 0.88 -91.24 55.85
CA GLU L 442 0.65 -90.71 57.17
C GLU L 442 1.82 -91.08 58.08
N PHE L 443 2.29 -90.12 58.87
CA PHE L 443 3.28 -90.41 59.90
C PHE L 443 2.79 -89.93 61.24
N ARG L 444 3.20 -90.64 62.29
CA ARG L 444 2.86 -90.29 63.67
C ARG L 444 4.15 -90.37 64.48
N ALA L 445 4.62 -89.23 64.96
CA ALA L 445 5.85 -89.14 65.73
C ALA L 445 5.52 -89.14 67.21
N PHE L 446 6.17 -90.04 67.95
CA PHE L 446 5.99 -90.15 69.38
C PHE L 446 7.27 -89.80 70.10
N TRP L 447 7.17 -89.76 71.42
CA TRP L 447 8.27 -89.30 72.25
C TRP L 447 8.10 -89.85 73.67
N CYS L 448 9.20 -90.28 74.26
CA CYS L 448 9.17 -90.98 75.55
C CYS L 448 9.45 -90.03 76.71
N VAL L 449 8.80 -90.27 77.84
CA VAL L 449 8.90 -89.42 79.02
C VAL L 449 9.10 -90.32 80.24
N ALA L 450 9.97 -89.90 81.16
CA ALA L 450 10.18 -90.63 82.40
C ALA L 450 8.94 -90.49 83.28
N SER L 451 8.13 -91.55 83.34
CA SER L 451 6.90 -91.54 84.13
C SER L 451 6.91 -92.54 85.26
N SER L 452 7.98 -93.30 85.44
CA SER L 452 8.07 -94.28 86.52
C SER L 452 8.96 -93.82 87.67
N GLN L 453 9.71 -92.73 87.48
CA GLN L 453 10.45 -91.95 88.48
C GLN L 453 11.70 -92.68 88.98
N VAL L 454 11.87 -93.96 88.64
CA VAL L 454 13.06 -94.69 89.04
C VAL L 454 13.73 -95.26 87.80
N PRO L 455 14.62 -94.51 87.14
CA PRO L 455 15.50 -95.13 86.16
C PRO L 455 16.84 -95.49 86.77
N GLU L 456 17.54 -96.46 86.19
CA GLU L 456 18.93 -96.69 86.54
C GLU L 456 19.84 -95.67 85.88
N ASN L 457 19.86 -95.66 84.55
CA ASN L 457 20.50 -94.62 83.76
C ASN L 457 19.46 -94.07 82.79
N SER L 458 19.61 -92.78 82.46
CA SER L 458 18.60 -92.09 81.68
C SER L 458 18.57 -92.58 80.23
N GLY L 459 19.70 -92.50 79.55
CA GLY L 459 19.75 -92.94 78.17
C GLY L 459 19.79 -91.79 77.20
N LEU L 460 20.65 -91.94 76.18
CA LEU L 460 20.68 -91.12 74.97
C LEU L 460 20.96 -89.64 75.31
N LEU L 461 22.16 -89.40 75.82
CA LEU L 461 22.49 -88.10 76.40
C LEU L 461 22.88 -87.11 75.31
N PHE L 462 21.86 -86.56 74.64
CA PHE L 462 21.93 -85.34 73.83
C PHE L 462 20.50 -84.96 73.47
N GLY L 463 20.30 -83.68 73.20
CA GLY L 463 18.98 -83.21 72.84
C GLY L 463 18.95 -82.13 71.79
N GLY L 464 20.01 -82.04 70.99
CA GLY L 464 20.12 -81.02 69.96
C GLY L 464 19.73 -81.53 68.59
N LEU L 465 19.21 -80.63 67.77
CA LEU L 465 18.52 -80.99 66.54
C LEU L 465 19.14 -80.22 65.37
N PHE L 466 18.90 -80.73 64.17
CA PHE L 466 19.14 -79.97 62.95
C PHE L 466 18.20 -80.45 61.87
N SER L 467 17.74 -79.54 61.03
CA SER L 467 16.79 -79.83 59.99
C SER L 467 17.50 -79.90 58.64
N SER L 468 16.72 -79.98 57.57
CA SER L 468 17.25 -79.77 56.23
C SER L 468 17.46 -78.30 55.92
N LYS L 469 16.98 -77.40 56.78
CA LYS L 469 17.18 -75.97 56.63
C LYS L 469 17.73 -75.32 57.89
N SER L 470 18.08 -76.11 58.90
CA SER L 470 18.59 -75.61 60.16
C SER L 470 20.00 -76.15 60.38
N ILE L 471 20.58 -75.77 61.51
CA ILE L 471 21.97 -76.08 61.84
C ILE L 471 22.03 -76.50 63.30
N ASN L 472 22.71 -77.60 63.58
CA ASN L 472 23.00 -78.00 64.94
C ASN L 472 24.01 -77.02 65.53
N PRO L 473 23.67 -76.31 66.62
CA PRO L 473 24.62 -75.33 67.16
C PRO L 473 25.80 -75.97 67.88
N MET L 474 25.70 -77.24 68.25
CA MET L 474 26.84 -77.91 68.86
C MET L 474 27.87 -78.40 67.84
N THR L 475 27.57 -78.30 66.54
CA THR L 475 28.55 -78.54 65.50
C THR L 475 28.73 -77.36 64.55
N ASN L 476 27.81 -76.38 64.58
CA ASN L 476 27.70 -75.29 63.61
C ASN L 476 27.64 -75.81 62.17
N ALA L 477 26.95 -76.94 62.00
CA ALA L 477 26.81 -77.58 60.70
C ALA L 477 25.62 -78.53 60.79
N GLN L 478 25.34 -79.19 59.66
CA GLN L 478 24.30 -80.22 59.59
C GLN L 478 24.90 -81.61 59.82
N SER L 479 25.52 -81.77 60.98
CA SER L 479 26.22 -83.00 61.29
C SER L 479 26.08 -83.28 62.78
N CYS L 480 26.42 -84.49 63.14
CA CYS L 480 26.42 -84.95 64.52
C CYS L 480 27.75 -84.61 65.18
N PRO L 481 27.79 -84.52 66.51
CA PRO L 481 29.09 -84.38 67.19
C PRO L 481 29.86 -85.69 67.22
N ALA L 482 30.99 -85.70 67.93
CA ALA L 482 31.91 -86.84 67.93
C ALA L 482 31.29 -88.03 68.64
N GLY L 483 30.87 -89.04 67.88
CA GLY L 483 30.34 -90.26 68.43
C GLY L 483 28.84 -90.23 68.66
N TYR L 484 28.10 -89.68 67.70
CA TYR L 484 26.67 -89.47 67.81
C TYR L 484 25.98 -89.96 66.54
N PHE L 485 24.84 -90.63 66.70
CA PHE L 485 24.09 -91.09 65.54
C PHE L 485 22.72 -90.44 65.49
N PRO L 486 22.26 -90.02 64.32
CA PRO L 486 21.01 -89.26 64.25
C PRO L 486 19.79 -90.16 64.20
N LEU L 487 18.68 -89.64 64.70
CA LEU L 487 17.40 -90.32 64.65
C LEU L 487 16.45 -89.49 63.81
N ARG L 488 15.91 -90.09 62.76
CA ARG L 488 15.05 -89.34 61.85
C ARG L 488 13.68 -89.08 62.47
N LEU L 489 13.14 -87.91 62.16
CA LEU L 489 11.87 -87.46 62.69
C LEU L 489 11.16 -86.77 61.52
N PHE L 490 10.16 -85.94 61.83
CA PHE L 490 8.92 -85.73 61.08
C PHE L 490 9.05 -85.83 59.56
N GLU L 491 9.82 -84.95 58.98
CA GLU L 491 10.24 -85.08 57.59
C GLU L 491 11.72 -84.88 57.42
N ASN L 492 12.32 -83.98 58.19
CA ASN L 492 13.72 -83.63 58.01
C ASN L 492 14.51 -83.53 59.31
N LEU L 493 13.88 -83.66 60.46
CA LEU L 493 14.63 -83.58 61.71
C LEU L 493 15.51 -84.79 61.91
N LYS L 494 16.74 -84.54 62.35
CA LYS L 494 17.67 -85.59 62.72
C LYS L 494 18.19 -85.25 64.11
N VAL L 495 17.74 -86.00 65.11
CA VAL L 495 18.09 -85.76 66.50
C VAL L 495 19.34 -86.55 66.85
N CYS L 496 20.40 -85.85 67.23
CA CYS L 496 21.66 -86.51 67.50
C CYS L 496 21.62 -87.15 68.89
N VAL L 497 22.15 -88.37 68.97
CA VAL L 497 21.90 -89.27 70.11
C VAL L 497 23.12 -90.14 70.34
N SER L 498 23.60 -90.19 71.58
CA SER L 498 24.63 -91.14 72.00
C SER L 498 24.33 -91.61 73.42
N GLN L 499 24.58 -92.89 73.68
CA GLN L 499 24.39 -93.49 74.99
C GLN L 499 25.69 -94.09 75.52
N ASP L 500 26.80 -93.39 75.27
CA ASP L 500 28.12 -93.90 75.62
C ASP L 500 28.57 -93.53 77.02
N TYR L 501 28.09 -92.40 77.56
CA TYR L 501 28.29 -91.90 78.92
C TYR L 501 29.73 -91.48 79.24
N GLU L 502 30.67 -91.70 78.31
CA GLU L 502 32.05 -91.27 78.49
C GLU L 502 32.49 -90.33 77.38
N LEU L 503 32.34 -90.74 76.12
CA LEU L 503 32.63 -89.85 75.01
C LEU L 503 31.45 -88.99 74.63
N GLY L 504 30.28 -89.24 75.22
CA GLY L 504 29.10 -88.45 74.93
C GLY L 504 28.87 -87.34 75.93
N SER L 505 29.52 -87.43 77.10
CA SER L 505 29.32 -86.45 78.15
C SER L 505 30.05 -85.14 77.90
N ARG L 506 30.92 -85.08 76.88
CA ARG L 506 31.52 -83.80 76.52
C ARG L 506 30.50 -82.88 75.87
N PHE L 507 29.61 -83.45 75.06
CA PHE L 507 28.65 -82.67 74.29
C PHE L 507 27.23 -82.80 74.78
N ALA L 508 26.99 -83.57 75.83
CA ALA L 508 25.63 -83.78 76.33
C ALA L 508 25.08 -82.52 76.97
N VAL L 509 23.91 -82.10 76.50
CA VAL L 509 23.24 -80.91 77.01
C VAL L 509 22.09 -81.34 77.91
N PRO L 510 21.70 -80.52 78.89
CA PRO L 510 20.48 -80.83 79.66
C PRO L 510 19.25 -80.67 78.78
N PHE L 511 18.48 -81.73 78.65
CA PHE L 511 17.32 -81.74 77.77
C PHE L 511 16.06 -81.47 78.57
N GLY L 512 15.11 -80.78 77.95
CA GLY L 512 13.92 -80.36 78.66
C GLY L 512 12.61 -80.94 78.17
N GLY L 513 12.50 -81.20 76.88
CA GLY L 513 11.29 -81.79 76.33
C GLY L 513 10.86 -81.14 75.03
N PHE L 514 10.00 -81.84 74.29
CA PHE L 514 9.40 -81.33 73.08
C PHE L 514 7.97 -80.89 73.36
N PHE L 515 7.50 -79.91 72.59
CA PHE L 515 6.09 -79.58 72.54
C PHE L 515 5.79 -78.92 71.21
N SER L 516 4.51 -78.93 70.83
CA SER L 516 4.10 -78.41 69.54
C SER L 516 2.86 -77.56 69.75
N CYS L 517 2.21 -77.19 68.65
CA CYS L 517 1.03 -76.35 68.73
C CYS L 517 -0.21 -77.09 69.21
N THR L 518 -0.15 -78.42 69.29
CA THR L 518 -1.29 -79.22 69.71
C THR L 518 -1.08 -79.97 71.02
N VAL L 519 0.16 -80.28 71.37
CA VAL L 519 0.45 -81.08 72.55
C VAL L 519 1.44 -80.32 73.43
N GLY L 520 1.40 -80.60 74.72
CA GLY L 520 2.35 -80.02 75.65
C GLY L 520 3.26 -81.05 76.27
N ASN L 521 4.41 -80.62 76.77
CA ASN L 521 5.24 -81.62 77.44
C ASN L 521 4.74 -81.87 78.86
N PRO L 522 4.80 -83.11 79.32
CA PRO L 522 4.32 -83.41 80.68
C PRO L 522 5.40 -83.23 81.73
N LEU L 523 6.47 -82.50 81.43
CA LEU L 523 7.58 -82.32 82.35
C LEU L 523 7.45 -81.02 83.15
N VAL L 524 6.25 -80.45 83.24
CA VAL L 524 6.02 -79.22 83.96
C VAL L 524 5.07 -79.42 85.13
N ASP L 525 4.04 -80.26 84.98
CA ASP L 525 3.01 -80.38 85.99
C ASP L 525 3.43 -81.24 87.19
N PRO L 526 4.08 -82.42 87.01
CA PRO L 526 4.56 -82.98 88.28
C PRO L 526 5.92 -82.40 88.68
N PRO L 535 -5.02 -81.20 80.00
CA PRO L 535 -3.74 -81.87 79.71
C PRO L 535 -2.54 -81.06 80.18
N SER L 536 -1.48 -81.04 79.37
CA SER L 536 -0.24 -80.40 79.75
C SER L 536 -0.31 -78.89 79.50
N LEU L 537 0.84 -78.22 79.59
CA LEU L 537 0.87 -76.77 79.59
C LEU L 537 1.58 -76.16 78.38
N LYS L 538 2.38 -76.95 77.65
CA LYS L 538 3.26 -76.53 76.52
C LYS L 538 4.07 -75.27 76.82
N LYS L 539 4.46 -75.07 78.08
CA LYS L 539 5.26 -73.91 78.41
C LYS L 539 6.75 -74.21 78.29
N CYS L 540 7.30 -74.94 79.25
CA CYS L 540 8.72 -75.18 79.49
C CYS L 540 8.79 -76.05 80.74
N PRO L 541 9.92 -76.68 81.07
CA PRO L 541 10.01 -77.24 82.42
C PRO L 541 10.21 -76.18 83.50
N GLY L 542 11.00 -75.15 83.22
CA GLY L 542 11.33 -74.17 84.23
C GLY L 542 12.82 -74.11 84.46
N GLY L 543 13.44 -73.00 84.10
CA GLY L 543 14.87 -72.89 84.04
C GLY L 543 15.44 -73.15 82.67
N PHE L 544 14.76 -73.95 81.86
CA PHE L 544 15.15 -74.22 80.50
C PHE L 544 14.71 -73.07 79.59
N SER L 545 15.04 -73.17 78.31
CA SER L 545 14.72 -72.14 77.34
C SER L 545 14.12 -72.78 76.10
N GLN L 546 13.00 -72.25 75.64
CA GLN L 546 12.38 -72.74 74.42
C GLN L 546 13.24 -72.40 73.21
N HIS L 547 13.34 -73.34 72.30
CA HIS L 547 14.01 -73.09 71.04
C HIS L 547 13.23 -73.82 69.98
N PRO L 548 13.01 -73.19 68.83
CA PRO L 548 12.16 -73.82 67.80
C PRO L 548 12.92 -74.82 66.96
N ALA L 549 12.27 -75.94 66.71
CA ALA L 549 12.64 -76.87 65.65
C ALA L 549 11.94 -76.42 64.37
N LEU L 550 11.85 -77.28 63.36
CA LEU L 550 11.23 -76.87 62.11
C LEU L 550 9.72 -76.67 62.25
N ILE L 551 9.12 -76.20 61.17
CA ILE L 551 7.68 -75.99 61.07
C ILE L 551 7.09 -77.05 60.16
N SER L 552 6.16 -77.85 60.69
CA SER L 552 5.53 -78.92 59.94
C SER L 552 4.16 -78.42 59.46
N ASP L 553 4.20 -77.68 58.36
CA ASP L 553 3.02 -77.21 57.61
C ASP L 553 2.09 -76.36 58.47
N GLY L 554 2.65 -75.30 59.05
CA GLY L 554 1.88 -74.36 59.83
C GLY L 554 1.95 -74.55 61.33
N CYS L 555 2.41 -75.71 61.79
CA CYS L 555 2.56 -75.98 63.22
C CYS L 555 4.03 -75.95 63.58
N GLN L 556 4.34 -75.40 64.75
CA GLN L 556 5.71 -75.18 65.18
C GLN L 556 6.06 -76.15 66.29
N VAL L 557 7.16 -76.87 66.13
CA VAL L 557 7.66 -77.81 67.13
C VAL L 557 8.81 -77.14 67.86
N SER L 558 8.79 -77.15 69.19
CA SER L 558 9.80 -76.49 69.98
C SER L 558 10.39 -77.45 71.00
N TYR L 559 11.63 -77.18 71.40
CA TYR L 559 12.34 -78.03 72.34
C TYR L 559 13.08 -77.18 73.36
N CYS L 560 13.23 -77.72 74.56
CA CYS L 560 13.78 -76.99 75.70
C CYS L 560 15.18 -77.48 76.04
N VAL L 561 16.04 -76.57 76.48
CA VAL L 561 17.45 -76.87 76.73
C VAL L 561 17.98 -75.78 77.66
N LYS L 562 19.06 -76.08 78.38
CA LYS L 562 19.64 -75.15 79.35
C LYS L 562 21.16 -75.08 79.18
N SER L 563 21.62 -74.80 77.96
CA SER L 563 23.06 -74.67 77.79
C SER L 563 23.54 -73.28 78.19
N GLY L 564 22.98 -72.26 77.54
CA GLY L 564 23.58 -70.95 77.48
C GLY L 564 24.26 -70.69 76.15
N LEU L 565 24.67 -71.75 75.46
CA LEU L 565 25.17 -71.62 74.09
C LEU L 565 24.03 -71.37 73.12
N PHE L 566 22.88 -71.99 73.36
CA PHE L 566 21.71 -71.77 72.52
C PHE L 566 21.13 -70.38 72.69
N THR L 567 21.32 -69.77 73.86
CA THR L 567 20.63 -68.53 74.20
C THR L 567 21.29 -67.33 73.55
N GLY L 568 22.56 -67.08 73.85
CA GLY L 568 23.21 -65.85 73.45
C GLY L 568 23.53 -65.77 71.97
N GLY L 569 24.19 -64.68 71.61
CA GLY L 569 24.53 -64.39 70.24
C GLY L 569 24.14 -62.97 69.86
N SER L 570 23.44 -62.82 68.75
CA SER L 570 22.81 -61.56 68.39
C SER L 570 21.30 -61.77 68.32
N LEU L 571 20.58 -60.67 68.26
CA LEU L 571 19.13 -60.75 68.14
C LEU L 571 18.76 -61.17 66.72
N PRO L 572 17.93 -62.20 66.56
CA PRO L 572 17.59 -62.68 65.23
C PRO L 572 16.65 -61.73 64.53
N PRO L 573 16.61 -61.75 63.20
CA PRO L 573 15.57 -61.00 62.49
C PRO L 573 14.24 -61.73 62.57
N ALA L 574 13.22 -61.07 62.02
CA ALA L 574 11.90 -61.66 62.01
C ALA L 574 11.83 -62.77 60.97
N ARG L 575 11.08 -63.82 61.28
CA ARG L 575 10.70 -64.80 60.28
C ARG L 575 9.61 -64.24 59.40
N LEU L 576 9.92 -64.06 58.13
CA LEU L 576 8.96 -63.45 57.24
C LEU L 576 8.13 -64.55 56.58
N PRO L 577 6.89 -64.25 56.17
CA PRO L 577 6.09 -65.22 55.42
C PRO L 577 6.68 -65.46 54.04
N PRO L 578 6.23 -66.49 53.30
CA PRO L 578 5.29 -67.59 53.56
C PRO L 578 5.93 -68.66 54.40
N PHE L 579 5.12 -69.31 55.23
CA PHE L 579 5.59 -70.37 56.10
C PHE L 579 5.22 -71.74 55.59
N THR L 580 4.39 -71.81 54.55
CA THR L 580 4.07 -73.05 53.87
C THR L 580 4.57 -72.96 52.45
N ARG L 581 4.47 -74.07 51.73
CA ARG L 581 4.81 -74.16 50.33
C ARG L 581 3.57 -74.59 49.56
N PRO L 582 3.48 -74.24 48.27
CA PRO L 582 2.35 -74.72 47.48
C PRO L 582 2.45 -76.21 47.25
N PRO L 583 1.31 -76.91 47.27
CA PRO L 583 1.34 -78.37 47.28
C PRO L 583 1.68 -78.96 45.92
N LEU L 584 1.92 -80.27 45.93
CA LEU L 584 2.22 -81.00 44.71
C LEU L 584 0.95 -81.36 43.98
N MET L 585 1.04 -81.38 42.65
CA MET L 585 -0.07 -81.68 41.77
C MET L 585 0.31 -82.80 40.84
N SER L 586 -0.67 -83.62 40.46
CA SER L 586 -0.42 -84.69 39.51
C SER L 586 -0.49 -84.15 38.09
N GLN L 587 0.48 -84.57 37.27
CA GLN L 587 0.78 -83.94 35.99
C GLN L 587 0.84 -84.99 34.90
N ALA L 588 1.00 -84.54 33.65
CA ALA L 588 1.15 -85.41 32.50
C ALA L 588 1.79 -84.58 31.38
N ALA L 589 2.71 -85.20 30.65
CA ALA L 589 3.41 -84.52 29.58
C ALA L 589 3.64 -85.47 28.43
N THR L 590 3.20 -85.07 27.23
CA THR L 590 3.30 -85.89 26.04
C THR L 590 4.17 -85.19 25.00
N ASN L 591 4.72 -85.98 24.08
CA ASN L 591 5.60 -85.51 23.01
C ASN L 591 5.33 -86.38 21.79
N THR L 592 4.55 -85.88 20.84
CA THR L 592 4.31 -86.61 19.59
C THR L 592 5.22 -86.05 18.51
N VAL L 593 5.96 -86.93 17.84
CA VAL L 593 6.86 -86.56 16.77
C VAL L 593 6.43 -87.28 15.51
N ILE L 594 6.28 -86.54 14.41
CA ILE L 594 6.00 -87.10 13.09
C ILE L 594 7.23 -86.91 12.23
N VAL L 595 7.73 -87.99 11.64
CA VAL L 595 8.93 -87.96 10.83
C VAL L 595 8.56 -88.48 9.45
N THR L 596 8.66 -87.63 8.43
CA THR L 596 8.48 -88.08 7.06
C THR L 596 9.83 -88.59 6.56
N ASN L 597 9.86 -89.86 6.16
CA ASN L 597 11.09 -90.52 5.74
C ASN L 597 11.35 -90.34 4.25
N SER L 598 10.65 -89.41 3.60
CA SER L 598 10.73 -89.33 2.15
C SER L 598 10.35 -87.94 1.66
N GLU L 599 10.93 -87.57 0.53
CA GLU L 599 10.38 -86.51 -0.31
C GLU L 599 9.25 -87.12 -1.14
N ASN L 600 8.63 -86.29 -1.98
CA ASN L 600 7.41 -86.62 -2.74
C ASN L 600 6.32 -87.10 -1.80
N ALA L 601 6.16 -86.39 -0.69
CA ALA L 601 5.18 -86.75 0.32
C ALA L 601 4.76 -85.46 1.02
N ARG L 602 3.60 -84.94 0.65
CA ARG L 602 3.10 -83.71 1.23
C ARG L 602 2.21 -84.02 2.43
N SER L 603 1.96 -82.99 3.24
CA SER L 603 1.18 -83.16 4.44
C SER L 603 0.51 -81.83 4.79
N TRP L 604 -0.76 -81.90 5.18
CA TRP L 604 -1.51 -80.75 5.63
C TRP L 604 -1.99 -81.00 7.04
N ILE L 605 -1.87 -79.99 7.91
CA ILE L 605 -2.18 -80.13 9.32
C ILE L 605 -3.09 -78.99 9.72
N LYS L 606 -4.18 -79.31 10.40
CA LYS L 606 -5.06 -78.32 11.02
C LYS L 606 -4.95 -78.51 12.53
N ASP L 607 -4.34 -77.54 13.22
CA ASP L 607 -3.89 -77.75 14.59
C ASP L 607 -5.04 -77.77 15.57
N SER L 608 -6.08 -76.97 15.33
CA SER L 608 -7.25 -76.93 16.20
C SER L 608 -8.43 -76.45 15.37
N GLN L 609 -9.57 -76.28 16.04
CA GLN L 609 -10.77 -75.84 15.34
C GLN L 609 -10.72 -74.38 14.94
N THR L 610 -9.88 -73.58 15.59
CA THR L 610 -9.73 -72.19 15.23
C THR L 610 -8.62 -71.95 14.23
N HIS L 611 -7.67 -72.87 14.11
CA HIS L 611 -6.61 -72.74 13.12
C HIS L 611 -7.16 -72.97 11.71
N GLN L 612 -6.37 -72.58 10.72
CA GLN L 612 -6.62 -72.94 9.35
C GLN L 612 -5.70 -74.08 8.94
N TRP L 613 -6.00 -74.68 7.80
CA TRP L 613 -5.15 -75.74 7.27
C TRP L 613 -3.77 -75.20 6.93
N ARG L 614 -2.76 -75.95 7.29
CA ARG L 614 -1.38 -75.50 7.25
C ARG L 614 -0.56 -76.57 6.56
N LEU L 615 0.37 -76.14 5.72
CA LEU L 615 1.23 -77.09 5.04
C LEU L 615 2.24 -77.66 6.04
N GLY L 616 2.34 -78.98 6.07
CA GLY L 616 3.15 -79.63 7.09
C GLY L 616 4.62 -79.64 6.76
N GLU L 617 5.41 -79.91 7.80
CA GLU L 617 6.86 -79.97 7.80
C GLU L 617 7.32 -81.41 8.03
N PRO L 618 8.57 -81.76 7.71
CA PRO L 618 9.01 -83.14 7.92
C PRO L 618 9.12 -83.57 9.37
N ILE L 619 9.45 -82.66 10.30
CA ILE L 619 9.46 -82.95 11.72
C ILE L 619 8.51 -81.99 12.40
N GLU L 620 7.58 -82.51 13.19
CA GLU L 620 6.52 -81.67 13.76
C GLU L 620 6.72 -81.31 15.23
N LEU L 621 6.77 -82.31 16.12
CA LEU L 621 7.01 -82.14 17.56
C LEU L 621 5.95 -81.26 18.22
N ARG L 622 4.75 -81.84 18.35
CA ARG L 622 3.73 -81.28 19.22
C ARG L 622 4.07 -81.57 20.68
N ARG L 623 3.66 -80.67 21.58
CA ARG L 623 3.86 -80.84 23.01
C ARG L 623 2.60 -80.47 23.78
N ALA L 624 2.42 -81.10 24.93
CA ALA L 624 1.27 -80.83 25.79
C ALA L 624 1.64 -81.10 27.24
N MET L 625 1.15 -80.25 28.14
CA MET L 625 1.33 -80.44 29.57
C MET L 625 -0.02 -80.31 30.25
N ASN L 626 -0.44 -81.36 30.95
CA ASN L 626 -1.76 -81.46 31.55
C ASN L 626 -1.60 -81.53 33.06
N VAL L 627 -2.24 -80.59 33.77
CA VAL L 627 -2.16 -80.51 35.22
C VAL L 627 -3.58 -80.63 35.76
N ILE L 628 -3.76 -81.37 36.85
CA ILE L 628 -5.02 -81.41 37.57
C ILE L 628 -4.77 -81.05 39.03
N HIS L 629 -5.56 -80.10 39.54
CA HIS L 629 -5.46 -79.64 40.92
C HIS L 629 -6.19 -80.63 41.83
N GLY L 630 -5.42 -81.39 42.61
CA GLY L 630 -6.01 -82.34 43.55
C GLY L 630 -6.62 -83.56 42.90
N ASP M 10 9.41 -36.94 18.01
CA ASP M 10 9.11 -37.55 19.29
C ASP M 10 10.36 -37.78 20.12
N GLU M 11 10.17 -38.20 21.37
CA GLU M 11 11.25 -38.40 22.31
C GLU M 11 10.74 -39.33 23.39
N VAL M 12 11.56 -40.31 23.78
CA VAL M 12 11.14 -41.37 24.68
C VAL M 12 12.12 -41.51 25.84
N GLY M 13 11.73 -42.32 26.81
CA GLY M 13 12.65 -42.75 27.84
C GLY M 13 12.84 -41.73 28.94
N VAL M 14 14.04 -41.73 29.52
CA VAL M 14 14.35 -40.87 30.64
C VAL M 14 14.48 -39.42 30.18
N GLN M 15 14.96 -39.22 28.96
CA GLN M 15 15.30 -37.88 28.49
C GLN M 15 14.07 -37.05 28.18
N LYS M 16 12.94 -37.69 27.88
CA LYS M 16 11.67 -36.97 27.82
C LYS M 16 11.29 -36.42 29.18
N CYS M 17 11.55 -37.18 30.24
CA CYS M 17 11.26 -36.72 31.59
C CYS M 17 12.20 -35.60 32.01
N LYS M 18 13.47 -35.68 31.59
CA LYS M 18 14.45 -34.68 32.01
C LYS M 18 14.24 -33.36 31.33
N ASN M 19 13.71 -33.35 30.11
CA ASN M 19 13.51 -32.08 29.42
C ASN M 19 12.28 -31.35 29.92
N ALA M 20 11.25 -32.08 30.32
CA ALA M 20 10.03 -31.45 30.78
C ALA M 20 10.14 -30.98 32.23
N LEU M 21 11.01 -31.61 33.03
CA LEU M 21 11.06 -31.34 34.46
C LEU M 21 12.34 -30.67 34.92
N LYS M 22 13.47 -30.94 34.24
CA LYS M 22 14.78 -30.35 34.50
C LYS M 22 15.26 -30.61 35.93
N LEU M 23 15.29 -31.88 36.29
CA LEU M 23 15.74 -32.29 37.62
C LEU M 23 16.28 -33.71 37.50
N PRO M 24 17.27 -34.09 38.33
CA PRO M 24 17.97 -35.36 38.10
C PRO M 24 17.15 -36.60 38.42
N VAL M 25 17.75 -37.75 38.16
CA VAL M 25 17.11 -39.05 38.38
C VAL M 25 17.72 -39.66 39.64
N LEU M 26 16.91 -40.36 40.42
CA LEU M 26 17.39 -40.96 41.66
C LEU M 26 18.30 -42.13 41.30
N GLU M 27 19.57 -42.02 41.65
CA GLU M 27 20.58 -42.96 41.20
C GLU M 27 20.65 -44.24 42.01
N VAL M 28 19.81 -44.41 43.01
CA VAL M 28 19.89 -45.54 43.93
C VAL M 28 18.61 -46.34 43.72
N LEU M 29 18.67 -47.39 42.91
CA LEU M 29 17.43 -48.05 42.54
C LEU M 29 17.45 -49.53 42.87
N PRO M 30 16.34 -50.10 43.29
CA PRO M 30 16.29 -51.54 43.56
C PRO M 30 15.95 -52.33 42.32
N GLY M 31 15.86 -53.65 42.46
CA GLY M 31 15.56 -54.50 41.34
C GLY M 31 16.77 -55.05 40.60
N GLY M 32 17.97 -54.79 41.07
CA GLY M 32 19.15 -55.36 40.46
C GLY M 32 19.57 -56.64 41.15
N GLY M 33 20.47 -57.35 40.50
CA GLY M 33 21.01 -58.56 41.09
C GLY M 33 22.04 -58.25 42.14
N TRP M 34 22.27 -59.22 43.02
CA TRP M 34 23.15 -59.00 44.15
C TRP M 34 23.88 -60.29 44.49
N ASP M 35 25.20 -60.28 44.35
CA ASP M 35 26.02 -61.38 44.86
C ASP M 35 26.17 -61.19 46.36
N ASN M 36 25.65 -62.14 47.12
CA ASN M 36 25.63 -62.00 48.57
C ASN M 36 26.86 -62.58 49.24
N LEU M 37 27.77 -63.19 48.48
CA LEU M 37 29.06 -63.56 49.04
C LEU M 37 30.08 -62.44 48.92
N ARG M 38 30.07 -61.73 47.81
CA ARG M 38 31.07 -60.69 47.56
C ARG M 38 30.57 -59.30 47.87
N ASN M 39 29.28 -59.15 48.16
CA ASN M 39 28.58 -57.87 48.31
C ASN M 39 28.82 -56.92 47.14
N VAL M 40 28.67 -57.44 45.93
CA VAL M 40 28.69 -56.63 44.73
C VAL M 40 27.32 -56.76 44.08
N ASP M 41 26.98 -55.80 43.26
CA ASP M 41 25.70 -55.84 42.57
C ASP M 41 25.86 -56.15 41.09
N MET M 42 24.90 -56.89 40.59
CA MET M 42 24.92 -57.59 39.32
C MET M 42 24.05 -56.89 38.30
N GLY M 43 23.78 -57.61 37.21
CA GLY M 43 22.88 -57.10 36.19
C GLY M 43 21.45 -56.95 36.69
N ARG M 44 20.69 -56.17 35.94
CA ARG M 44 19.37 -55.71 36.32
C ARG M 44 18.32 -56.80 36.05
N VAL M 45 17.57 -57.17 37.09
CA VAL M 45 16.60 -58.26 36.98
C VAL M 45 15.20 -57.74 36.69
N MET M 46 14.81 -56.61 37.26
CA MET M 46 13.50 -56.04 37.02
C MET M 46 13.55 -55.04 35.88
N GLU M 47 12.38 -54.58 35.44
CA GLU M 47 12.30 -53.67 34.31
C GLU M 47 12.09 -52.25 34.82
N LEU M 48 12.90 -51.32 34.34
CA LEU M 48 12.81 -49.92 34.71
C LEU M 48 12.24 -49.13 33.53
N THR M 49 11.05 -48.58 33.72
CA THR M 49 10.39 -47.78 32.69
C THR M 49 10.16 -46.37 33.22
N TYR M 50 10.17 -45.40 32.31
CA TYR M 50 10.02 -43.99 32.64
C TYR M 50 8.90 -43.38 31.82
N SER M 51 7.77 -44.07 31.76
CA SER M 51 6.69 -43.64 30.89
C SER M 51 5.84 -42.53 31.51
N ASN M 52 5.68 -42.53 32.82
CA ASN M 52 4.68 -41.69 33.47
C ASN M 52 5.26 -40.43 34.09
N CYS M 53 6.58 -40.20 33.96
CA CYS M 53 7.28 -39.00 34.43
C CYS M 53 7.10 -38.78 35.94
N ARG M 54 7.14 -39.86 36.70
CA ARG M 54 6.93 -39.76 38.15
C ARG M 54 8.13 -39.11 38.82
N THR M 55 7.85 -38.33 39.85
CA THR M 55 8.88 -37.76 40.69
C THR M 55 8.66 -38.22 42.12
N THR M 56 9.62 -37.92 42.97
CA THR M 56 9.38 -38.09 44.40
C THR M 56 8.42 -37.02 44.86
N GLU M 57 7.83 -37.26 46.04
CA GLU M 57 6.76 -36.41 46.54
C GLU M 57 7.26 -35.01 46.88
N ASP M 58 8.54 -34.88 47.25
CA ASP M 58 9.11 -33.55 47.41
C ASP M 58 9.57 -32.93 46.10
N GLY M 59 9.52 -33.68 45.01
CA GLY M 59 9.75 -33.12 43.69
C GLY M 59 11.18 -32.81 43.35
N GLN M 60 12.11 -33.70 43.67
CA GLN M 60 13.51 -33.46 43.39
C GLN M 60 14.23 -34.58 42.68
N TYR M 61 13.59 -35.72 42.42
CA TYR M 61 14.21 -36.79 41.67
C TYR M 61 13.16 -37.44 40.79
N ILE M 62 13.53 -37.73 39.55
CA ILE M 62 12.74 -38.58 38.67
C ILE M 62 12.93 -40.03 39.08
N ILE M 63 11.83 -40.75 39.27
CA ILE M 63 11.88 -42.16 39.65
C ILE M 63 11.14 -42.95 38.60
N PRO M 64 11.44 -44.24 38.46
CA PRO M 64 10.64 -45.10 37.57
C PRO M 64 9.22 -45.30 38.07
N ASP M 65 8.42 -45.93 37.22
CA ASP M 65 6.97 -46.01 37.43
C ASP M 65 6.58 -47.03 38.48
N GLU M 66 7.32 -48.12 38.56
CA GLU M 66 7.08 -49.26 39.43
C GLU M 66 7.74 -49.13 40.79
N ILE M 67 8.27 -47.98 41.11
CA ILE M 67 9.06 -47.79 42.31
C ILE M 67 8.44 -46.67 43.12
N PHE M 68 8.17 -46.94 44.40
CA PHE M 68 7.72 -45.91 45.31
C PHE M 68 8.81 -45.63 46.34
N THR M 69 8.87 -44.39 46.77
CA THR M 69 9.87 -43.95 47.72
C THR M 69 9.20 -43.59 49.04
N ILE M 70 9.95 -43.69 50.12
CA ILE M 70 9.49 -43.31 51.44
C ILE M 70 10.40 -42.20 51.94
N PRO M 71 9.90 -41.00 52.17
CA PRO M 71 10.74 -39.94 52.73
C PRO M 71 10.97 -40.15 54.22
N GLN M 72 12.18 -40.51 54.58
CA GLN M 72 12.56 -40.57 55.99
C GLN M 72 13.91 -39.91 56.14
N LYS M 73 13.88 -38.59 56.30
CA LYS M 73 15.06 -37.75 56.23
C LYS M 73 15.71 -37.77 57.60
N GLN M 74 16.49 -38.81 57.82
CA GLN M 74 16.94 -39.22 59.14
C GLN M 74 18.45 -39.13 59.22
N SER M 75 18.94 -38.43 60.23
CA SER M 75 20.36 -38.25 60.46
C SER M 75 20.72 -38.85 61.81
N ASN M 76 21.81 -39.59 61.87
CA ASN M 76 22.29 -40.21 63.10
C ASN M 76 23.70 -39.76 63.36
N LEU M 77 24.01 -39.48 64.62
CA LEU M 77 25.33 -39.03 64.99
C LEU M 77 25.72 -39.72 66.28
N GLU M 78 26.84 -40.43 66.27
CA GLU M 78 27.32 -41.13 67.44
C GLU M 78 28.41 -40.33 68.11
N MET M 79 28.31 -40.15 69.42
CA MET M 79 29.39 -39.62 70.23
C MET M 79 30.28 -40.72 70.79
N ASN M 80 30.08 -41.94 70.35
CA ASN M 80 30.74 -43.10 70.90
C ASN M 80 31.33 -43.90 69.76
N SER M 81 31.76 -45.09 70.06
CA SER M 81 32.26 -46.03 69.07
C SER M 81 31.54 -47.35 69.26
N GLU M 82 31.97 -48.38 68.54
CA GLU M 82 31.48 -49.72 68.80
C GLU M 82 32.62 -50.70 68.56
N ILE M 83 32.73 -51.68 69.42
CA ILE M 83 33.90 -52.54 69.48
C ILE M 83 33.55 -53.89 68.88
N LEU M 84 34.41 -54.37 67.98
CA LEU M 84 34.19 -55.63 67.26
C LEU M 84 35.47 -56.44 67.44
N GLU M 85 35.56 -57.20 68.54
CA GLU M 85 36.79 -57.89 68.87
C GLU M 85 36.90 -59.29 68.26
N SER M 86 36.07 -59.59 67.26
CA SER M 86 36.14 -60.86 66.57
C SER M 86 35.53 -60.67 65.19
N TRP M 87 36.13 -61.31 64.18
CA TRP M 87 35.61 -61.19 62.83
C TRP M 87 34.46 -62.14 62.52
N ALA M 88 34.05 -62.99 63.47
CA ALA M 88 32.95 -63.89 63.21
C ALA M 88 31.63 -63.15 63.19
N ASN M 89 31.38 -62.32 64.20
CA ASN M 89 30.17 -61.49 64.24
C ASN M 89 30.43 -60.15 63.55
N TYR M 90 30.50 -60.22 62.23
CA TYR M 90 30.86 -59.09 61.39
C TYR M 90 29.64 -58.29 60.95
N GLN M 91 29.77 -56.97 61.01
CA GLN M 91 28.74 -56.02 60.60
C GLN M 91 29.19 -55.39 59.30
N SER M 92 28.37 -55.45 58.28
CA SER M 92 28.85 -55.04 56.96
C SER M 92 28.94 -53.53 56.78
N SER M 93 28.08 -52.76 57.45
CA SER M 93 27.94 -51.30 57.45
C SER M 93 27.44 -50.71 56.15
N THR M 94 27.25 -51.48 55.09
CA THR M 94 26.60 -50.98 53.90
C THR M 94 25.62 -51.96 53.29
N SER M 95 25.64 -53.23 53.67
CA SER M 95 24.71 -54.23 53.15
C SER M 95 24.32 -55.15 54.29
N TYR M 96 23.98 -54.56 55.42
CA TYR M 96 23.81 -55.33 56.65
C TYR M 96 22.52 -56.12 56.65
N SER M 97 21.45 -55.58 56.10
CA SER M 97 20.15 -56.23 56.21
C SER M 97 20.00 -57.39 55.24
N ILE M 98 20.72 -57.38 54.13
CA ILE M 98 20.63 -58.48 53.19
C ILE M 98 21.59 -59.61 53.55
N ASN M 99 22.58 -59.37 54.38
CA ASN M 99 23.45 -60.45 54.81
C ASN M 99 22.91 -61.21 56.02
N THR M 100 22.07 -60.58 56.83
CA THR M 100 21.66 -61.16 58.10
C THR M 100 20.38 -62.00 57.99
N GLU M 101 20.03 -62.43 56.79
CA GLU M 101 18.83 -63.23 56.56
C GLU M 101 18.95 -64.62 57.21
N LEU M 102 17.80 -65.23 57.46
CA LEU M 102 17.74 -66.54 58.08
C LEU M 102 17.82 -67.60 57.00
N SER M 103 18.96 -68.30 56.95
CA SER M 103 19.17 -69.33 55.94
C SER M 103 20.22 -70.31 56.45
N LEU M 104 20.55 -71.27 55.60
CA LEU M 104 21.59 -72.24 55.93
C LEU M 104 22.96 -71.57 55.90
N PHE M 105 23.18 -70.71 54.92
CA PHE M 105 24.48 -70.12 54.65
C PHE M 105 24.53 -68.68 55.12
N SER M 106 23.90 -68.39 56.24
CA SER M 106 23.94 -67.04 56.81
C SER M 106 25.30 -66.71 57.38
N LYS M 107 26.12 -67.72 57.71
CA LYS M 107 27.45 -67.48 58.22
C LYS M 107 28.48 -67.25 57.12
N VAL M 108 28.09 -67.41 55.86
CA VAL M 108 29.03 -67.26 54.74
C VAL M 108 28.74 -66.00 53.94
N ASN M 109 27.61 -65.34 54.18
CA ASN M 109 27.26 -64.12 53.45
C ASN M 109 28.22 -62.99 53.77
N GLY M 110 28.78 -62.39 52.72
CA GLY M 110 29.68 -61.28 52.86
C GLY M 110 31.12 -61.64 53.14
N LYS M 111 31.47 -62.93 53.22
CA LYS M 111 32.79 -63.35 53.64
C LYS M 111 33.82 -63.32 52.52
N PHE M 112 33.46 -62.83 51.35
CA PHE M 112 34.41 -62.62 50.27
C PHE M 112 34.40 -61.18 49.82
N SER M 113 33.78 -60.30 50.60
CA SER M 113 33.76 -58.89 50.31
C SER M 113 35.13 -58.30 50.58
N THR M 114 35.44 -57.20 49.89
CA THR M 114 36.72 -56.55 50.12
C THR M 114 36.75 -55.88 51.49
N GLU M 115 35.60 -55.48 52.00
CA GLU M 115 35.52 -54.82 53.29
C GLU M 115 35.69 -55.83 54.43
N PHE M 116 35.29 -57.07 54.22
CA PHE M 116 35.52 -58.11 55.22
C PHE M 116 36.96 -58.60 55.18
N GLN M 117 37.45 -58.92 53.98
CA GLN M 117 38.78 -59.49 53.85
C GLN M 117 39.87 -58.51 54.18
N ARG M 118 39.59 -57.22 54.11
CA ARG M 118 40.53 -56.25 54.64
C ARG M 118 40.47 -56.19 56.15
N MET M 119 39.31 -56.46 56.75
CA MET M 119 39.21 -56.39 58.20
C MET M 119 39.79 -57.62 58.87
N LYS M 120 39.61 -58.79 58.26
CA LYS M 120 40.11 -60.03 58.84
C LYS M 120 41.62 -60.08 58.82
N THR M 121 42.24 -59.56 57.78
CA THR M 121 43.69 -59.60 57.69
C THR M 121 44.37 -58.54 58.55
N LEU M 122 43.61 -57.71 59.26
CA LEU M 122 44.17 -56.77 60.22
C LEU M 122 43.98 -57.21 61.65
N GLN M 123 43.04 -58.10 61.92
CA GLN M 123 42.88 -58.65 63.26
C GLN M 123 43.73 -59.88 63.49
N VAL M 124 44.25 -60.50 62.43
CA VAL M 124 45.07 -61.70 62.55
C VAL M 124 46.54 -61.37 62.43
N LYS M 125 46.88 -60.51 61.48
CA LYS M 125 48.26 -60.07 61.29
C LYS M 125 48.76 -59.26 62.47
N ASP M 126 47.90 -58.45 63.06
CA ASP M 126 48.29 -57.50 64.07
C ASP M 126 47.74 -57.82 65.45
N GLN M 127 46.98 -58.93 65.58
CA GLN M 127 46.34 -59.38 66.82
C GLN M 127 45.47 -58.28 67.42
N ALA M 128 44.57 -57.75 66.60
CA ALA M 128 43.92 -56.49 66.88
C ALA M 128 42.43 -56.66 67.10
N ILE M 129 41.82 -55.60 67.62
CA ILE M 129 40.38 -55.44 67.72
C ILE M 129 40.00 -54.23 66.87
N THR M 130 38.74 -54.18 66.47
CA THR M 130 38.28 -53.17 65.52
C THR M 130 37.21 -52.30 66.17
N THR M 131 37.35 -50.99 66.02
CA THR M 131 36.33 -50.04 66.43
C THR M 131 35.76 -49.34 65.20
N ARG M 132 34.52 -48.87 65.29
CA ARG M 132 33.88 -48.18 64.19
C ARG M 132 33.00 -47.04 64.68
N VAL M 133 33.23 -45.83 64.18
CA VAL M 133 32.39 -44.68 64.44
C VAL M 133 31.82 -44.22 63.11
N GLN M 134 30.54 -43.84 63.08
CA GLN M 134 29.97 -43.40 61.82
C GLN M 134 28.89 -42.36 62.00
N VAL M 135 28.79 -41.49 61.00
CA VAL M 135 27.72 -40.50 60.89
C VAL M 135 26.90 -40.90 59.67
N ARG M 136 25.70 -41.41 59.89
CA ARG M 136 24.86 -41.93 58.83
C ARG M 136 23.72 -40.97 58.56
N ASN M 137 23.39 -40.80 57.28
CA ASN M 137 22.40 -39.82 56.85
C ASN M 137 21.48 -40.49 55.85
N LEU M 138 20.43 -41.12 56.35
CA LEU M 138 19.44 -41.79 55.54
C LEU M 138 18.39 -40.80 55.02
N VAL M 139 18.20 -40.76 53.71
CA VAL M 139 17.30 -39.78 53.10
C VAL M 139 16.03 -40.45 52.57
N TYR M 140 16.16 -41.51 51.78
CA TYR M 140 15.00 -42.20 51.22
C TYR M 140 15.09 -43.69 51.47
N THR M 141 13.93 -44.32 51.53
CA THR M 141 13.79 -45.75 51.34
C THR M 141 13.08 -45.96 50.02
N VAL M 142 13.69 -46.73 49.13
CA VAL M 142 13.27 -46.86 47.76
C VAL M 142 12.91 -48.33 47.54
N LYS M 143 11.64 -48.62 47.26
CA LYS M 143 11.15 -49.98 47.17
C LYS M 143 10.53 -50.26 45.81
N ILE M 144 10.21 -51.53 45.57
CA ILE M 144 9.57 -51.99 44.35
C ILE M 144 8.11 -52.32 44.63
N ASN M 145 7.25 -51.90 43.72
CA ASN M 145 5.84 -52.29 43.72
C ASN M 145 5.77 -53.79 43.45
N PRO M 146 4.98 -54.55 44.20
CA PRO M 146 4.92 -56.01 43.99
C PRO M 146 4.33 -56.47 42.66
N THR M 147 3.82 -55.58 41.81
CA THR M 147 3.25 -55.96 40.52
C THR M 147 4.19 -55.61 39.37
N LEU M 148 5.48 -55.79 39.58
CA LEU M 148 6.51 -55.47 38.59
C LEU M 148 6.86 -56.70 37.78
N GLU M 149 7.33 -56.49 36.56
CA GLU M 149 7.71 -57.55 35.63
C GLU M 149 9.23 -57.56 35.44
N LEU M 150 9.70 -58.67 34.87
CA LEU M 150 11.11 -58.94 34.69
C LEU M 150 11.72 -58.11 33.56
N SER M 151 13.04 -58.06 33.57
CA SER M 151 13.76 -57.32 32.56
C SER M 151 13.75 -58.09 31.24
N SER M 152 14.17 -57.40 30.17
CA SER M 152 14.18 -58.00 28.86
C SER M 152 15.33 -58.99 28.70
N GLY M 153 16.46 -58.70 29.31
CA GLY M 153 17.60 -59.59 29.21
C GLY M 153 17.50 -60.78 30.13
N PHE M 154 16.93 -60.58 31.32
CA PHE M 154 16.82 -61.67 32.29
C PHE M 154 15.76 -62.68 31.88
N ARG M 155 14.69 -62.21 31.23
CA ARG M 155 13.66 -63.13 30.75
C ARG M 155 14.18 -63.99 29.61
N LYS M 156 15.05 -63.43 28.77
CA LYS M 156 15.60 -64.18 27.64
C LYS M 156 16.49 -65.33 28.11
N GLU M 157 17.22 -65.13 29.19
CA GLU M 157 18.11 -66.19 29.66
C GLU M 157 17.40 -67.20 30.52
N LEU M 158 16.21 -66.88 31.04
CA LEU M 158 15.37 -67.90 31.65
C LEU M 158 14.65 -68.73 30.61
N LEU M 159 14.33 -68.14 29.47
CA LEU M 159 13.71 -68.88 28.38
C LEU M 159 14.68 -69.80 27.68
N ASP M 160 15.97 -69.50 27.75
CA ASP M 160 16.97 -70.41 27.18
C ASP M 160 17.20 -71.61 28.08
N ILE M 161 17.12 -71.42 29.41
CA ILE M 161 17.10 -72.55 30.32
C ILE M 161 15.82 -73.34 30.13
N SER M 162 14.72 -72.64 29.86
CA SER M 162 13.41 -73.25 29.67
C SER M 162 13.39 -74.17 28.46
N ASP M 163 14.10 -73.82 27.39
CA ASP M 163 14.13 -74.65 26.19
C ASP M 163 14.88 -75.95 26.44
N ARG M 164 15.93 -75.91 27.24
CA ARG M 164 16.72 -77.11 27.51
C ARG M 164 15.98 -78.08 28.42
N LEU M 165 15.11 -77.59 29.30
CA LEU M 165 14.32 -78.51 30.12
C LEU M 165 13.22 -79.20 29.31
N GLU M 166 12.77 -78.58 28.22
CA GLU M 166 11.79 -79.21 27.35
C GLU M 166 12.39 -80.40 26.62
N ASN M 167 13.58 -80.23 26.07
CA ASN M 167 14.25 -81.21 25.23
C ASN M 167 14.94 -82.31 26.01
N ASN M 168 14.74 -82.39 27.32
CA ASN M 168 15.41 -83.33 28.23
C ASN M 168 16.93 -83.20 28.09
N GLN M 169 17.42 -81.98 28.26
CA GLN M 169 18.85 -81.71 28.18
C GLN M 169 19.25 -81.12 29.52
N THR M 170 19.52 -82.01 30.48
CA THR M 170 19.68 -81.59 31.87
C THR M 170 21.07 -81.04 32.14
N ARG M 171 22.09 -81.61 31.52
CA ARG M 171 23.45 -81.15 31.74
C ARG M 171 23.68 -79.79 31.09
N MET M 172 22.97 -79.49 30.01
CA MET M 172 23.15 -78.22 29.35
C MET M 172 22.30 -77.14 30.00
N ALA M 173 21.21 -77.53 30.66
CA ALA M 173 20.43 -76.58 31.44
C ALA M 173 21.09 -76.23 32.75
N THR M 174 21.78 -77.20 33.36
CA THR M 174 22.54 -76.96 34.58
C THR M 174 23.70 -76.02 34.32
N TYR M 175 24.31 -76.11 33.14
CA TYR M 175 25.37 -75.20 32.77
C TYR M 175 24.85 -73.78 32.60
N LEU M 176 23.71 -73.61 31.93
CA LEU M 176 23.16 -72.28 31.72
C LEU M 176 22.56 -71.69 32.99
N ALA M 177 22.14 -72.52 33.93
CA ALA M 177 21.64 -72.01 35.20
C ALA M 177 22.76 -71.40 36.02
N GLU M 178 23.97 -71.93 35.90
CA GLU M 178 25.12 -71.39 36.62
C GLU M 178 25.69 -70.15 35.97
N LEU M 179 25.49 -69.95 34.68
CA LEU M 179 25.83 -68.68 34.07
C LEU M 179 24.83 -67.59 34.39
N LEU M 180 23.63 -67.96 34.84
CA LEU M 180 22.68 -66.98 35.32
C LEU M 180 23.14 -66.40 36.65
N VAL M 181 23.82 -67.21 37.46
CA VAL M 181 24.31 -66.77 38.76
C VAL M 181 25.59 -65.97 38.62
N LEU M 182 26.41 -66.26 37.60
CA LEU M 182 27.55 -65.41 37.29
C LEU M 182 27.10 -64.01 36.89
N ASN M 183 26.02 -63.89 36.13
CA ASN M 183 25.63 -62.62 35.58
C ASN M 183 24.64 -61.86 36.43
N TYR M 184 23.87 -62.55 37.28
CA TYR M 184 22.80 -61.91 38.02
C TYR M 184 22.85 -62.15 39.52
N GLY M 185 23.84 -62.87 40.02
CA GLY M 185 24.00 -63.01 41.45
C GLY M 185 23.10 -64.05 42.07
N THR M 186 22.97 -63.97 43.38
CA THR M 186 22.17 -64.91 44.15
C THR M 186 20.91 -64.30 44.73
N HIS M 187 20.76 -62.98 44.65
CA HIS M 187 19.67 -62.26 45.28
C HIS M 187 19.22 -61.13 44.38
N VAL M 188 18.04 -60.60 44.67
CA VAL M 188 17.50 -59.43 44.01
C VAL M 188 17.20 -58.40 45.09
N THR M 189 17.73 -57.20 44.93
CA THR M 189 17.48 -56.17 45.93
C THR M 189 16.06 -55.66 45.77
N THR M 190 15.28 -55.74 46.85
CA THR M 190 13.91 -55.25 46.81
C THR M 190 13.74 -53.90 47.48
N SER M 191 14.65 -53.51 48.36
CA SER M 191 14.64 -52.15 48.87
C SER M 191 16.06 -51.69 49.11
N VAL M 192 16.32 -50.43 48.81
CA VAL M 192 17.60 -49.79 49.10
C VAL M 192 17.33 -48.57 49.96
N ASP M 193 18.33 -48.20 50.73
CA ASP M 193 18.31 -46.99 51.55
C ASP M 193 19.28 -46.00 50.93
N ALA M 194 18.76 -44.90 50.41
CA ALA M 194 19.57 -43.90 49.75
C ALA M 194 20.07 -42.87 50.75
N GLY M 195 21.37 -42.69 50.80
CA GLY M 195 21.93 -41.70 51.70
C GLY M 195 23.44 -41.69 51.65
N ALA M 196 24.05 -41.14 52.68
CA ALA M 196 25.49 -41.01 52.78
C ALA M 196 25.94 -41.44 54.17
N ALA M 197 27.23 -41.75 54.29
CA ALA M 197 27.79 -42.14 55.57
C ALA M 197 29.26 -41.76 55.60
N LEU M 198 29.75 -41.40 56.78
CA LEU M 198 31.15 -41.08 56.99
C LEU M 198 31.63 -42.00 58.11
N ILE M 199 32.59 -42.86 57.83
CA ILE M 199 32.94 -43.96 58.73
C ILE M 199 34.40 -43.84 59.13
N GLN M 200 34.67 -44.02 60.42
CA GLN M 200 35.99 -44.19 61.00
C GLN M 200 36.19 -45.66 61.34
N GLU M 201 37.37 -46.20 61.08
CA GLU M 201 37.63 -47.59 61.43
C GLU M 201 39.06 -47.70 61.95
N ASP M 202 39.22 -47.74 63.26
CA ASP M 202 40.51 -47.93 63.90
C ASP M 202 40.71 -49.37 64.27
N HIS M 203 41.97 -49.79 64.32
CA HIS M 203 42.35 -51.08 64.85
C HIS M 203 43.27 -50.87 66.03
N LEU M 204 42.93 -51.48 67.15
CA LEU M 204 43.65 -51.34 68.40
C LEU M 204 44.19 -52.70 68.80
N ARG M 205 45.31 -52.72 69.52
CA ARG M 205 45.83 -53.99 70.03
C ARG M 205 44.86 -54.57 71.04
N ALA M 206 44.73 -55.90 71.03
CA ALA M 206 43.76 -56.57 71.87
C ALA M 206 44.13 -56.54 73.34
N SER M 207 45.40 -56.24 73.64
CA SER M 207 45.82 -56.05 75.02
C SER M 207 45.30 -54.76 75.62
N PHE M 208 44.97 -53.79 74.78
CA PHE M 208 44.53 -52.48 75.26
C PHE M 208 43.10 -52.52 75.80
N LEU M 209 42.29 -53.48 75.38
CA LEU M 209 40.90 -53.58 75.83
C LEU M 209 40.74 -54.42 77.08
N GLN M 210 41.71 -55.26 77.39
CA GLN M 210 41.61 -56.26 78.46
C GLN M 210 41.67 -55.66 79.88
N ASP M 211 41.54 -54.36 80.11
CA ASP M 211 41.71 -53.81 81.47
C ASP M 211 40.50 -54.12 82.35
N SER M 212 39.33 -53.58 81.99
CA SER M 212 38.10 -53.81 82.75
C SER M 212 36.91 -53.47 81.86
N GLN M 213 35.72 -53.53 82.46
CA GLN M 213 34.49 -53.09 81.81
C GLN M 213 34.22 -51.61 82.01
N SER M 214 35.03 -50.93 82.82
CA SER M 214 35.01 -49.49 82.94
C SER M 214 36.03 -48.82 82.05
N SER M 215 37.09 -49.54 81.68
CA SER M 215 38.00 -49.04 80.66
C SER M 215 37.35 -49.07 79.28
N ARG M 216 36.39 -49.98 79.08
CA ARG M 216 35.75 -50.14 77.79
C ARG M 216 34.95 -48.90 77.41
N SER M 217 34.28 -48.29 78.38
CA SER M 217 33.50 -47.09 78.12
C SER M 217 34.36 -45.83 78.03
N ALA M 218 35.67 -45.95 78.19
CA ALA M 218 36.58 -44.84 77.95
C ALA M 218 37.42 -45.02 76.69
N VAL M 219 37.70 -46.28 76.32
CA VAL M 219 38.22 -46.58 74.99
C VAL M 219 37.22 -46.17 73.93
N THR M 220 35.94 -46.42 74.18
CA THR M 220 34.88 -46.24 73.22
C THR M 220 34.57 -44.76 72.99
N ALA M 221 34.59 -43.96 74.06
CA ALA M 221 34.33 -42.53 73.91
C ALA M 221 35.58 -41.76 73.50
N SER M 222 36.73 -42.41 73.46
CA SER M 222 37.93 -41.77 72.94
C SER M 222 37.96 -41.81 71.43
N ALA M 223 37.50 -42.94 70.86
CA ALA M 223 37.44 -43.10 69.43
C ALA M 223 36.43 -42.17 68.80
N GLY M 224 35.33 -41.87 69.49
CA GLY M 224 34.38 -40.91 68.99
C GLY M 224 34.85 -39.49 69.12
N LEU M 225 35.79 -39.24 70.03
CA LEU M 225 36.36 -37.92 70.17
C LEU M 225 37.41 -37.65 69.11
N ALA M 226 38.22 -38.67 68.81
CA ALA M 226 39.21 -38.56 67.74
C ALA M 226 38.55 -38.38 66.38
N PHE M 227 37.37 -38.97 66.19
CA PHE M 227 36.67 -38.85 64.92
C PHE M 227 36.14 -37.45 64.70
N GLN M 228 35.68 -36.81 65.76
CA GLN M 228 35.20 -35.43 65.64
C GLN M 228 36.34 -34.44 65.51
N ASN M 229 37.51 -34.77 66.05
CA ASN M 229 38.67 -33.93 65.82
C ASN M 229 39.13 -34.01 64.37
N THR M 230 39.11 -35.22 63.80
CA THR M 230 39.60 -35.45 62.46
C THR M 230 38.73 -34.75 61.42
N VAL M 231 37.41 -34.68 61.65
CA VAL M 231 36.60 -33.94 60.70
C VAL M 231 36.78 -32.44 60.88
N ASN M 232 36.94 -31.95 62.10
CA ASN M 232 36.95 -30.50 62.29
C ASN M 232 38.31 -29.85 62.11
N PHE M 233 39.42 -30.49 62.45
CA PHE M 233 40.66 -29.77 62.72
C PHE M 233 41.80 -30.06 61.75
N LYS M 234 41.53 -30.06 60.45
CA LYS M 234 42.45 -29.58 59.40
C LYS M 234 43.80 -30.30 59.34
N PHE M 235 43.90 -31.50 59.93
CA PHE M 235 45.09 -32.35 60.11
C PHE M 235 46.07 -31.77 61.13
N GLU M 236 45.82 -30.55 61.60
CA GLU M 236 46.73 -29.90 62.52
C GLU M 236 46.54 -30.47 63.92
N GLU M 237 47.46 -30.13 64.81
CA GLU M 237 47.30 -30.49 66.22
C GLU M 237 46.65 -29.38 67.01
N ASN M 238 45.51 -28.92 66.48
CA ASN M 238 44.56 -28.09 67.19
C ASN M 238 43.50 -28.93 67.88
N TYR M 239 43.82 -30.19 68.18
CA TYR M 239 42.85 -31.11 68.72
C TYR M 239 42.53 -30.78 70.17
N THR M 240 41.31 -31.09 70.57
CA THR M 240 40.89 -30.96 71.96
C THR M 240 41.08 -32.29 72.70
N SER M 241 42.36 -32.71 72.76
CA SER M 241 42.73 -33.96 73.42
C SER M 241 42.51 -33.84 74.92
N GLN M 242 41.49 -34.54 75.42
CA GLN M 242 40.96 -34.29 76.75
C GLN M 242 41.75 -34.96 77.87
N ASN M 243 42.49 -36.02 77.58
CA ASN M 243 43.08 -36.82 78.64
C ASN M 243 44.46 -37.28 78.21
N VAL M 244 45.07 -38.09 79.08
CA VAL M 244 46.20 -38.92 78.69
C VAL M 244 45.69 -40.19 78.03
N LEU M 245 44.43 -40.54 78.29
CA LEU M 245 43.81 -41.71 77.66
C LEU M 245 43.64 -41.51 76.16
N THR M 246 43.51 -40.27 75.70
CA THR M 246 43.59 -39.98 74.28
C THR M 246 44.99 -40.25 73.75
N LYS M 247 46.01 -39.86 74.52
CA LYS M 247 47.38 -40.10 74.09
C LYS M 247 47.74 -41.58 74.16
N SER M 248 47.24 -42.29 75.16
CA SER M 248 47.48 -43.73 75.22
C SER M 248 46.67 -44.47 74.16
N TYR M 249 45.57 -43.89 73.69
CA TYR M 249 44.80 -44.49 72.61
C TYR M 249 45.59 -44.53 71.32
N LEU M 250 46.38 -43.48 71.06
CA LEU M 250 47.10 -43.38 69.80
C LEU M 250 48.24 -44.37 69.71
N SER M 251 48.84 -44.71 70.85
CA SER M 251 50.01 -45.56 70.81
C SER M 251 49.68 -47.03 70.68
N ASN M 252 48.45 -47.44 71.02
CA ASN M 252 47.99 -48.79 70.79
C ASN M 252 47.27 -48.93 69.47
N ARG M 253 46.98 -47.82 68.80
CA ARG M 253 46.27 -47.84 67.53
C ARG M 253 47.13 -48.48 66.44
N THR M 254 46.55 -49.41 65.70
CA THR M 254 47.29 -50.08 64.65
C THR M 254 47.05 -49.48 63.26
N ASN M 255 45.80 -49.27 62.81
CA ASN M 255 45.64 -48.91 61.40
C ASN M 255 44.97 -47.56 61.13
N SER M 256 43.75 -47.31 61.60
CA SER M 256 43.01 -46.05 61.38
C SER M 256 42.69 -45.60 59.94
N ARG M 257 41.73 -46.25 59.28
CA ARG M 257 41.20 -45.75 58.02
C ARG M 257 40.00 -44.82 58.26
N VAL M 258 39.84 -43.84 57.38
CA VAL M 258 38.65 -42.99 57.34
C VAL M 258 37.99 -43.15 55.99
N GLN M 259 36.71 -43.50 55.97
CA GLN M 259 36.00 -43.83 54.74
C GLN M 259 34.76 -42.98 54.59
N SER M 260 34.59 -42.39 53.42
CA SER M 260 33.37 -41.67 53.07
C SER M 260 32.62 -42.48 52.03
N ILE M 261 31.32 -42.67 52.24
CA ILE M 261 30.47 -43.41 51.32
C ILE M 261 29.34 -42.48 50.92
N GLY M 262 29.39 -41.96 49.71
CA GLY M 262 28.42 -40.99 49.27
C GLY M 262 28.79 -39.59 49.69
N GLY M 263 28.08 -38.63 49.14
CA GLY M 263 28.38 -37.25 49.44
C GLY M 263 29.62 -36.77 48.70
N VAL M 264 30.21 -35.71 49.23
CA VAL M 264 31.44 -35.15 48.68
C VAL M 264 32.62 -35.93 49.26
N PRO M 265 33.79 -35.94 48.61
CA PRO M 265 34.93 -36.69 49.16
C PRO M 265 35.44 -36.07 50.46
N PHE M 266 35.82 -36.94 51.38
CA PHE M 266 36.31 -36.49 52.67
C PHE M 266 37.75 -36.03 52.56
N TYR M 267 38.08 -34.98 53.30
CA TYR M 267 39.43 -34.56 53.59
C TYR M 267 39.46 -34.09 55.02
N PRO M 268 40.55 -34.30 55.74
CA PRO M 268 40.58 -33.90 57.15
C PRO M 268 40.53 -32.39 57.32
N GLY M 269 39.41 -31.89 57.80
CA GLY M 269 39.22 -30.46 57.86
C GLY M 269 37.89 -29.99 57.32
N ILE M 270 37.19 -30.85 56.56
CA ILE M 270 35.83 -30.49 56.15
C ILE M 270 34.92 -30.62 57.36
N THR M 271 34.23 -29.55 57.69
CA THR M 271 33.43 -29.58 58.89
C THR M 271 32.22 -30.48 58.68
N LEU M 272 31.60 -30.87 59.79
CA LEU M 272 30.44 -31.76 59.70
C LEU M 272 29.26 -31.06 59.07
N GLN M 273 29.18 -29.74 59.23
CA GLN M 273 28.23 -28.93 58.50
C GLN M 273 28.47 -29.01 56.99
N ALA M 274 29.71 -28.89 56.57
CA ALA M 274 30.00 -28.79 55.14
C ALA M 274 29.93 -30.13 54.44
N TRP M 275 30.20 -31.23 55.15
CA TRP M 275 30.02 -32.55 54.57
C TRP M 275 28.55 -32.83 54.31
N GLN M 276 27.67 -32.33 55.18
CA GLN M 276 26.24 -32.56 55.05
C GLN M 276 25.57 -31.66 54.03
N GLN M 277 26.27 -30.68 53.49
CA GLN M 277 25.72 -29.90 52.39
C GLN M 277 25.96 -30.55 51.05
N GLY M 278 26.93 -31.45 50.96
CA GLY M 278 27.23 -32.13 49.73
C GLY M 278 26.55 -33.46 49.56
N ILE M 279 25.67 -33.83 50.48
CA ILE M 279 24.93 -35.08 50.38
C ILE M 279 23.89 -34.99 49.27
N THR M 280 23.36 -33.79 49.05
CA THR M 280 22.38 -33.56 47.98
C THR M 280 22.98 -33.84 46.61
N ASN M 281 22.30 -34.72 45.86
CA ASN M 281 22.62 -35.23 44.53
C ASN M 281 23.81 -36.19 44.51
N HIS M 282 24.35 -36.56 45.66
CA HIS M 282 25.37 -37.61 45.75
C HIS M 282 24.86 -38.61 46.76
N LEU M 283 23.96 -39.50 46.35
CA LEU M 283 23.37 -40.47 47.24
C LEU M 283 23.74 -41.86 46.76
N VAL M 284 24.05 -42.75 47.70
CA VAL M 284 24.40 -44.11 47.39
C VAL M 284 23.55 -45.02 48.26
N ALA M 285 23.63 -46.31 48.01
CA ALA M 285 22.93 -47.29 48.83
C ALA M 285 23.77 -47.56 50.07
N ILE M 286 23.27 -47.11 51.22
CA ILE M 286 23.93 -47.42 52.49
C ILE M 286 23.31 -48.61 53.19
N ASP M 287 22.21 -49.15 52.67
CA ASP M 287 21.65 -50.39 53.16
C ASP M 287 20.78 -50.99 52.07
N ARG M 288 20.60 -52.31 52.13
CA ARG M 288 19.85 -53.07 51.14
C ARG M 288 19.08 -54.17 51.82
N SER M 289 17.92 -54.51 51.26
CA SER M 289 17.20 -55.72 51.60
C SER M 289 16.92 -56.49 50.32
N GLY M 290 16.62 -57.77 50.46
CA GLY M 290 16.40 -58.55 49.26
C GLY M 290 15.72 -59.87 49.50
N LEU M 291 15.60 -60.62 48.42
CA LEU M 291 15.03 -61.96 48.37
C LEU M 291 15.90 -62.78 47.44
N PRO M 292 15.92 -64.10 47.60
CA PRO M 292 16.71 -64.94 46.69
C PRO M 292 16.20 -64.91 45.26
N LEU M 293 17.07 -65.35 44.35
CA LEU M 293 16.83 -65.14 42.92
C LEU M 293 15.73 -66.04 42.39
N HIS M 294 15.54 -67.22 43.00
CA HIS M 294 14.51 -68.13 42.56
C HIS M 294 13.14 -67.80 43.12
N PHE M 295 13.04 -66.81 44.00
CA PHE M 295 11.73 -66.33 44.45
C PHE M 295 10.96 -65.70 43.31
N PHE M 296 11.66 -65.06 42.38
CA PHE M 296 11.04 -64.33 41.30
C PHE M 296 10.90 -65.18 40.05
N ILE M 297 11.10 -66.49 40.15
CA ILE M 297 10.81 -67.40 39.06
C ILE M 297 9.57 -68.18 39.48
N ASN M 298 8.41 -67.67 39.09
CA ASN M 298 7.13 -68.21 39.50
C ASN M 298 6.17 -68.01 38.34
N PRO M 299 5.02 -68.69 38.34
CA PRO M 299 4.09 -68.54 37.21
C PRO M 299 3.52 -67.14 37.01
N ASN M 300 3.64 -66.25 37.99
CA ASN M 300 3.16 -64.88 37.83
C ASN M 300 4.12 -64.06 36.99
N MET M 301 5.43 -64.18 37.23
CA MET M 301 6.41 -63.41 36.46
C MET M 301 6.55 -63.92 35.04
N LEU M 302 6.28 -65.20 34.80
CA LEU M 302 6.42 -65.83 33.50
C LEU M 302 5.05 -66.33 33.08
N PRO M 303 4.22 -65.46 32.49
CA PRO M 303 2.84 -65.87 32.15
C PRO M 303 2.73 -66.55 30.81
N ASP M 304 3.79 -66.53 29.99
CA ASP M 304 3.77 -67.15 28.68
C ASP M 304 4.44 -68.52 28.67
N LEU M 305 4.55 -69.17 29.82
CA LEU M 305 5.09 -70.50 29.94
C LEU M 305 4.16 -71.33 30.83
N PRO M 306 4.14 -72.65 30.66
CA PRO M 306 3.27 -73.47 31.51
C PRO M 306 3.72 -73.51 32.96
N GLY M 307 2.80 -73.92 33.81
CA GLY M 307 2.97 -73.96 35.24
C GLY M 307 4.09 -74.84 35.76
N PRO M 308 4.08 -76.14 35.46
CA PRO M 308 5.17 -77.00 35.95
C PRO M 308 6.49 -76.78 35.28
N LEU M 309 6.54 -76.04 34.20
CA LEU M 309 7.80 -75.80 33.50
C LEU M 309 8.57 -74.61 34.05
N VAL M 310 7.88 -73.65 34.68
CA VAL M 310 8.60 -72.59 35.37
C VAL M 310 9.01 -73.01 36.77
N LYS M 311 8.54 -74.16 37.23
CA LYS M 311 9.03 -74.75 38.46
C LYS M 311 10.23 -75.63 38.25
N LYS M 312 10.49 -76.03 37.00
CA LYS M 312 11.76 -76.69 36.69
C LYS M 312 12.87 -75.68 36.55
N VAL M 313 12.56 -74.51 36.01
CA VAL M 313 13.53 -73.43 35.91
C VAL M 313 13.86 -72.88 37.28
N SER M 314 12.86 -72.78 38.15
CA SER M 314 13.07 -72.25 39.49
C SER M 314 13.86 -73.23 40.35
N LYS M 315 13.74 -74.52 40.09
CA LYS M 315 14.48 -75.50 40.87
C LYS M 315 15.90 -75.67 40.36
N THR M 316 16.12 -75.50 39.06
CA THR M 316 17.49 -75.64 38.56
C THR M 316 18.33 -74.40 38.81
N VAL M 317 17.73 -73.27 39.19
CA VAL M 317 18.47 -72.09 39.60
C VAL M 317 18.69 -72.08 41.11
N GLU M 318 17.73 -72.60 41.87
CA GLU M 318 17.90 -72.78 43.31
C GLU M 318 19.04 -73.74 43.62
N THR M 319 19.24 -74.75 42.77
CA THR M 319 20.33 -75.69 42.95
C THR M 319 21.67 -75.05 42.59
N ALA M 320 21.67 -74.18 41.58
CA ALA M 320 22.92 -73.54 41.16
C ALA M 320 23.39 -72.50 42.16
N VAL M 321 22.46 -71.80 42.82
CA VAL M 321 22.83 -70.85 43.86
C VAL M 321 23.35 -71.58 45.09
N LYS M 322 22.71 -72.69 45.44
CA LYS M 322 23.12 -73.46 46.61
C LYS M 322 24.47 -74.13 46.38
N ARG M 323 24.78 -74.49 45.13
CA ARG M 323 26.08 -75.06 44.80
C ARG M 323 27.17 -74.01 44.90
N TYR M 324 26.82 -72.74 44.70
CA TYR M 324 27.80 -71.67 44.75
C TYR M 324 28.21 -71.35 46.17
N TYR M 325 27.31 -71.49 47.14
CA TYR M 325 27.66 -71.29 48.54
C TYR M 325 28.47 -72.45 49.08
N THR M 326 28.25 -73.65 48.57
CA THR M 326 28.91 -74.84 49.10
C THR M 326 30.38 -74.87 48.68
N PHE M 327 30.67 -74.43 47.47
CA PHE M 327 32.04 -74.48 46.98
C PHE M 327 32.89 -73.34 47.54
N ASN M 328 32.30 -72.40 48.26
CA ASN M 328 33.00 -71.28 48.86
C ASN M 328 32.89 -71.33 50.38
N THR M 329 32.72 -72.52 50.94
CA THR M 329 32.65 -72.73 52.36
C THR M 329 33.90 -73.47 52.81
N TYR M 330 34.63 -72.91 53.77
CA TYR M 330 35.87 -73.45 54.27
C TYR M 330 35.74 -73.66 55.77
N PRO M 331 35.34 -74.83 56.23
CA PRO M 331 35.36 -75.10 57.67
C PRO M 331 36.77 -75.29 58.18
N GLY M 332 36.99 -74.86 59.41
CA GLY M 332 38.29 -74.96 60.01
C GLY M 332 38.32 -74.30 61.36
N CYS M 333 39.50 -74.32 61.97
CA CYS M 333 39.71 -73.68 63.25
C CYS M 333 39.83 -72.18 63.06
N THR M 334 38.95 -71.42 63.70
CA THR M 334 38.88 -69.98 63.52
C THR M 334 39.45 -69.19 64.69
N ASP M 335 39.84 -69.86 65.78
CA ASP M 335 40.40 -69.17 66.93
C ASP M 335 41.88 -68.90 66.69
N LEU M 336 42.27 -67.63 66.69
CA LEU M 336 43.63 -67.25 66.34
C LEU M 336 44.64 -67.61 67.42
N ASN M 337 44.19 -67.87 68.64
CA ASN M 337 45.11 -68.24 69.71
C ASN M 337 45.37 -69.73 69.78
N SER M 338 44.57 -70.55 69.10
CA SER M 338 44.83 -71.98 69.05
C SER M 338 46.04 -72.28 68.19
N PRO M 339 46.82 -73.33 68.53
CA PRO M 339 48.02 -73.61 67.72
C PRO M 339 47.71 -74.11 66.33
N ASN M 340 46.61 -74.81 66.15
CA ASN M 340 46.19 -75.27 64.82
C ASN M 340 45.19 -74.31 64.18
N PHE M 341 45.54 -73.03 64.13
CA PHE M 341 44.67 -72.01 63.56
C PHE M 341 44.63 -72.11 62.04
N ASN M 342 43.42 -72.22 61.50
CA ASN M 342 43.22 -72.25 60.06
C ASN M 342 42.90 -70.85 59.60
N PHE M 343 43.93 -70.13 59.16
CA PHE M 343 43.72 -69.01 58.26
C PHE M 343 43.20 -69.57 56.95
N GLN M 344 42.48 -68.73 56.20
CA GLN M 344 41.65 -69.14 55.05
C GLN M 344 40.58 -70.14 55.47
N ALA M 345 39.77 -69.77 56.45
CA ALA M 345 38.63 -70.55 56.88
C ALA M 345 37.48 -69.62 57.23
N ASN M 346 36.28 -69.97 56.78
CA ASN M 346 35.10 -69.14 56.96
C ASN M 346 34.27 -69.56 58.16
N THR M 347 34.01 -70.86 58.29
CA THR M 347 33.05 -71.39 59.23
C THR M 347 33.78 -72.03 60.40
N ASP M 348 33.29 -71.79 61.60
CA ASP M 348 33.89 -72.37 62.80
C ASP M 348 33.62 -73.87 62.81
N ASP M 349 34.69 -74.66 62.79
CA ASP M 349 34.55 -76.10 62.70
C ASP M 349 34.16 -76.74 64.02
N GLY M 350 34.40 -76.05 65.13
CA GLY M 350 34.15 -76.64 66.43
C GLY M 350 35.19 -77.63 66.88
N SER M 351 36.30 -77.73 66.18
CA SER M 351 37.41 -78.61 66.55
C SER M 351 38.65 -77.74 66.60
N CYS M 352 38.87 -77.11 67.75
CA CYS M 352 39.99 -76.21 67.95
C CYS M 352 41.11 -76.84 68.76
N GLU M 353 40.88 -78.01 69.35
CA GLU M 353 41.90 -78.73 70.10
C GLU M 353 41.97 -80.15 69.58
N GLY M 354 43.05 -80.46 68.88
CA GLY M 354 43.28 -81.79 68.34
C GLY M 354 44.16 -82.63 69.24
N LYS M 355 44.40 -83.87 68.80
CA LYS M 355 45.17 -84.81 69.57
C LYS M 355 46.50 -85.18 68.94
N MET M 356 46.75 -84.76 67.69
CA MET M 356 47.97 -85.04 66.92
C MET M 356 48.21 -86.56 66.81
N THR M 357 47.31 -87.19 66.06
CA THR M 357 47.41 -88.62 65.77
C THR M 357 47.98 -88.79 64.38
N ASN M 358 49.15 -89.43 64.29
CA ASN M 358 49.74 -89.76 62.99
C ASN M 358 49.07 -90.99 62.43
N PHE M 359 48.74 -90.94 61.14
CA PHE M 359 48.00 -92.02 60.49
C PHE M 359 48.82 -92.65 59.39
N SER M 360 48.30 -93.74 58.85
CA SER M 360 48.97 -94.56 57.85
C SER M 360 48.26 -94.39 56.51
N PHE M 361 49.02 -93.98 55.49
CA PHE M 361 48.48 -93.80 54.15
C PHE M 361 48.65 -95.10 53.37
N GLY M 362 47.56 -95.84 53.19
CA GLY M 362 47.59 -97.13 52.57
C GLY M 362 47.52 -97.15 51.07
N GLY M 363 47.57 -95.99 50.41
CA GLY M 363 47.62 -95.94 48.97
C GLY M 363 46.23 -95.87 48.34
N VAL M 364 46.25 -95.58 47.03
CA VAL M 364 45.04 -95.42 46.25
C VAL M 364 45.08 -96.37 45.06
N TYR M 365 43.90 -96.76 44.58
CA TYR M 365 43.79 -97.52 43.34
C TYR M 365 42.45 -97.22 42.71
N GLN M 366 42.41 -97.34 41.38
CA GLN M 366 41.25 -96.94 40.61
C GLN M 366 40.93 -98.02 39.59
N GLU M 367 39.68 -98.47 39.57
CA GLU M 367 39.22 -99.41 38.58
C GLU M 367 38.70 -98.67 37.35
N CYS M 368 38.55 -99.39 36.25
CA CYS M 368 37.92 -98.85 35.06
C CYS M 368 37.05 -99.94 34.42
N THR M 369 36.00 -99.51 33.73
CA THR M 369 35.07 -100.42 33.08
C THR M 369 34.58 -99.76 31.81
N GLN M 370 35.03 -100.26 30.66
CA GLN M 370 34.64 -99.71 29.38
C GLN M 370 33.16 -99.99 29.12
N LEU M 371 32.42 -98.96 28.72
CA LEU M 371 30.99 -99.10 28.44
C LEU M 371 30.67 -99.08 26.95
N SER M 372 31.37 -98.25 26.18
CA SER M 372 31.14 -98.16 24.74
C SER M 372 32.39 -97.61 24.09
N GLY M 373 32.57 -97.93 22.81
CA GLY M 373 33.71 -97.45 22.06
C GLY M 373 34.91 -98.39 22.13
N ASN M 374 34.65 -99.68 21.96
CA ASN M 374 35.70 -100.68 22.05
C ASN M 374 36.60 -100.65 20.82
N ARG M 375 37.86 -101.03 21.03
CA ARG M 375 38.91 -101.17 20.01
C ARG M 375 39.21 -99.87 19.28
N ASP M 376 38.87 -98.73 19.87
CA ASP M 376 39.12 -97.44 19.26
C ASP M 376 39.96 -96.52 20.12
N VAL M 377 39.64 -96.40 21.41
CA VAL M 377 40.30 -95.48 22.31
C VAL M 377 41.15 -96.21 23.34
N LEU M 378 40.63 -97.33 23.86
CA LEU M 378 41.15 -98.03 25.04
C LEU M 378 41.22 -97.08 26.24
N LEU M 379 40.03 -96.65 26.66
CA LEU M 379 39.89 -95.76 27.80
C LEU M 379 40.36 -96.41 29.10
N CYS M 380 40.22 -97.73 29.21
CA CYS M 380 40.54 -98.46 30.43
C CYS M 380 42.02 -98.81 30.53
N GLN M 381 42.89 -98.04 29.89
CA GLN M 381 44.33 -98.22 29.97
C GLN M 381 45.04 -97.01 30.54
N LYS M 382 44.69 -95.81 30.09
CA LYS M 382 45.23 -94.58 30.64
C LYS M 382 44.35 -94.01 31.76
N LEU M 383 43.43 -94.81 32.29
CA LEU M 383 42.54 -94.39 33.36
C LEU M 383 42.54 -95.42 34.49
N GLU M 384 43.56 -96.26 34.54
CA GLU M 384 43.61 -97.38 35.47
C GLU M 384 44.87 -97.23 36.33
N GLN M 385 44.72 -97.41 37.63
CA GLN M 385 45.84 -97.28 38.55
C GLN M 385 45.77 -98.38 39.59
N LYS M 386 46.90 -99.04 39.84
CA LYS M 386 47.00 -100.09 40.85
C LYS M 386 47.75 -99.58 42.07
N ASN M 387 47.49 -100.23 43.19
CA ASN M 387 48.12 -99.86 44.46
C ASN M 387 49.59 -100.29 44.45
N PRO M 388 50.53 -99.39 44.71
CA PRO M 388 51.95 -99.81 44.73
C PRO M 388 52.31 -100.72 45.89
N LEU M 389 51.50 -100.76 46.94
CA LEU M 389 51.81 -101.61 48.08
C LEU M 389 51.46 -103.07 47.82
N THR M 390 50.50 -103.35 46.94
CA THR M 390 50.12 -104.71 46.61
C THR M 390 50.32 -105.08 45.15
N GLY M 391 50.44 -104.10 44.25
CA GLY M 391 50.44 -104.40 42.83
C GLY M 391 49.12 -104.92 42.33
N ASP M 392 48.03 -104.54 42.99
CA ASP M 392 46.73 -105.17 42.75
C ASP M 392 45.66 -104.14 43.09
N PHE M 393 44.41 -104.48 42.76
CA PHE M 393 43.26 -103.65 43.11
C PHE M 393 42.72 -104.04 44.48
N SER M 394 43.59 -103.92 45.47
CA SER M 394 43.27 -104.28 46.85
C SER M 394 44.19 -103.54 47.79
N CYS M 395 43.75 -103.40 49.02
CA CYS M 395 44.57 -102.84 50.08
C CYS M 395 45.45 -103.93 50.66
N PRO M 396 46.53 -103.56 51.38
CA PRO M 396 47.34 -104.59 52.07
C PRO M 396 46.63 -105.25 53.24
N SER M 397 47.37 -106.12 53.95
CA SER M 397 46.78 -106.96 54.99
C SER M 397 46.30 -106.14 56.17
N GLY M 398 47.01 -105.06 56.51
CA GLY M 398 46.58 -104.22 57.60
C GLY M 398 45.63 -103.11 57.23
N TYR M 399 45.07 -103.13 56.02
CA TYR M 399 44.27 -102.02 55.53
C TYR M 399 42.91 -102.52 55.03
N SER M 400 42.07 -101.57 54.60
CA SER M 400 40.72 -101.84 54.13
C SER M 400 40.33 -100.77 53.12
N PRO M 401 39.58 -101.12 52.07
CA PRO M 401 39.25 -100.13 51.04
C PRO M 401 38.05 -99.25 51.40
N VAL M 402 38.14 -97.99 51.01
CA VAL M 402 37.06 -97.02 51.15
C VAL M 402 36.78 -96.42 49.78
N HIS M 403 35.52 -96.50 49.36
CA HIS M 403 35.10 -96.04 48.04
C HIS M 403 34.91 -94.53 48.04
N LEU M 404 35.69 -93.82 47.23
CA LEU M 404 35.55 -92.37 47.17
C LEU M 404 34.40 -91.95 46.27
N LEU M 405 34.49 -92.26 44.98
CA LEU M 405 33.59 -91.67 44.00
C LEU M 405 33.61 -92.51 42.74
N SER M 406 32.44 -92.58 42.10
CA SER M 406 32.24 -93.40 40.90
C SER M 406 31.46 -92.58 39.89
N GLN M 407 32.11 -92.24 38.76
CA GLN M 407 31.48 -91.43 37.73
C GLN M 407 31.84 -91.99 36.37
N ILE M 408 31.32 -91.34 35.32
CA ILE M 408 31.50 -91.76 33.94
C ILE M 408 32.43 -90.76 33.25
N HIS M 409 33.46 -91.27 32.61
CA HIS M 409 34.36 -90.45 31.82
C HIS M 409 34.01 -90.59 30.34
N GLU M 410 34.20 -89.52 29.58
CA GLU M 410 33.89 -89.50 28.17
C GLU M 410 35.07 -88.93 27.38
N GLU M 411 35.44 -89.60 26.30
CA GLU M 411 36.37 -89.07 25.32
C GLU M 411 35.81 -89.29 23.93
N GLY M 412 36.41 -88.59 22.98
CA GLY M 412 35.97 -88.63 21.60
C GLY M 412 37.01 -89.24 20.68
N TYR M 413 36.54 -90.00 19.70
CA TYR M 413 37.39 -90.58 18.67
C TYR M 413 36.80 -90.27 17.30
N ASN M 414 37.57 -90.58 16.27
CA ASN M 414 37.38 -89.93 14.98
C ASN M 414 37.62 -90.93 13.86
N HIS M 415 36.65 -91.06 12.95
CA HIS M 415 36.83 -91.78 11.71
C HIS M 415 36.91 -90.79 10.56
N LEU M 416 37.56 -91.21 9.47
CA LEU M 416 37.67 -90.39 8.28
C LEU M 416 37.62 -91.29 7.07
N GLU M 417 36.55 -91.17 6.28
CA GLU M 417 36.34 -92.02 5.12
C GLU M 417 36.22 -91.15 3.88
N CYS M 418 36.86 -91.58 2.79
CA CYS M 418 36.86 -90.85 1.54
C CYS M 418 36.73 -91.82 0.39
N HIS M 419 35.89 -91.49 -0.58
CA HIS M 419 35.88 -92.21 -1.86
C HIS M 419 35.60 -91.24 -2.98
N ARG M 420 36.12 -91.57 -4.15
CA ARG M 420 36.11 -90.71 -5.33
C ARG M 420 35.43 -91.43 -6.47
N LYS M 421 34.63 -90.70 -7.24
CA LYS M 421 33.85 -91.26 -8.33
C LYS M 421 33.85 -90.30 -9.50
N CYS M 422 34.06 -90.82 -10.70
CA CYS M 422 34.09 -90.02 -11.92
C CYS M 422 32.98 -90.48 -12.86
N THR M 423 32.36 -89.53 -13.55
CA THR M 423 31.21 -89.79 -14.40
C THR M 423 31.40 -89.16 -15.76
N LEU M 424 31.44 -90.00 -16.80
CA LEU M 424 31.63 -89.60 -18.21
C LEU M 424 32.98 -88.91 -18.44
N LYS M 425 33.98 -89.29 -17.64
CA LYS M 425 35.38 -88.86 -17.69
C LYS M 425 35.60 -87.38 -17.36
N VAL M 426 34.54 -86.62 -17.09
CA VAL M 426 34.58 -85.26 -16.60
C VAL M 426 33.92 -85.42 -15.23
N PHE M 427 33.74 -84.34 -14.48
CA PHE M 427 32.84 -84.27 -13.32
C PHE M 427 33.24 -85.25 -12.21
N CYS M 428 34.45 -85.05 -11.69
CA CYS M 428 34.95 -85.92 -10.64
C CYS M 428 34.34 -85.53 -9.30
N LYS M 429 33.77 -86.50 -8.61
CA LYS M 429 33.12 -86.27 -7.32
C LYS M 429 33.94 -86.93 -6.22
N THR M 430 34.22 -86.17 -5.17
CA THR M 430 34.96 -86.66 -4.01
C THR M 430 34.22 -86.23 -2.76
N VAL M 431 33.81 -87.20 -1.94
CA VAL M 431 33.16 -86.92 -0.67
C VAL M 431 34.07 -87.40 0.46
N CYS M 432 34.21 -86.56 1.49
CA CYS M 432 35.12 -86.82 2.61
C CYS M 432 34.31 -86.70 3.90
N GLU M 433 33.97 -87.83 4.48
CA GLU M 433 33.12 -87.87 5.67
C GLU M 433 33.97 -88.09 6.91
N ASP M 434 33.68 -87.36 7.99
CA ASP M 434 34.46 -87.38 9.21
C ASP M 434 33.52 -87.46 10.41
N VAL M 435 33.41 -88.65 11.00
CA VAL M 435 32.45 -88.91 12.07
C VAL M 435 33.17 -88.83 13.41
N PHE M 436 32.59 -88.08 14.33
CA PHE M 436 33.10 -87.93 15.69
C PHE M 436 32.14 -88.61 16.65
N GLN M 437 32.61 -89.65 17.34
CA GLN M 437 31.78 -90.38 18.29
C GLN M 437 32.35 -90.24 19.70
N VAL M 438 31.55 -90.59 20.69
CA VAL M 438 31.89 -90.44 22.09
C VAL M 438 32.04 -91.81 22.72
N ALA M 439 33.20 -92.07 23.32
CA ALA M 439 33.48 -93.30 24.02
C ALA M 439 33.39 -93.07 25.52
N LYS M 440 32.66 -93.94 26.21
CA LYS M 440 32.40 -93.78 27.64
C LYS M 440 33.11 -94.86 28.45
N ALA M 441 33.31 -94.56 29.74
CA ALA M 441 33.95 -95.49 30.65
C ALA M 441 33.57 -95.15 32.07
N GLU M 442 33.27 -96.17 32.85
CA GLU M 442 33.01 -96.04 34.29
C GLU M 442 34.31 -96.21 35.05
N PHE M 443 34.56 -95.35 36.02
CA PHE M 443 35.68 -95.54 36.92
C PHE M 443 35.20 -95.53 38.36
N ARG M 444 35.90 -96.28 39.20
CA ARG M 444 35.62 -96.37 40.63
C ARG M 444 36.94 -96.21 41.37
N ALA M 445 37.09 -95.11 42.09
CA ALA M 445 38.31 -94.81 42.82
C ALA M 445 38.15 -95.23 44.27
N PHE M 446 39.09 -96.02 44.77
CA PHE M 446 39.09 -96.50 46.14
C PHE M 446 40.27 -95.92 46.89
N TRP M 447 40.29 -96.21 48.19
CA TRP M 447 41.28 -95.61 49.07
C TRP M 447 41.41 -96.48 50.31
N CYS M 448 42.65 -96.68 50.77
CA CYS M 448 42.95 -97.61 51.86
C CYS M 448 43.05 -96.88 53.20
N VAL M 449 42.61 -97.56 54.26
CA VAL M 449 42.58 -97.00 55.60
C VAL M 449 43.14 -98.03 56.58
N ALA M 450 43.94 -97.56 57.54
CA ALA M 450 44.47 -98.45 58.57
C ALA M 450 43.34 -98.89 59.50
N SER M 451 42.89 -100.13 59.32
CA SER M 451 41.79 -100.66 60.12
C SER M 451 42.19 -101.84 60.99
N SER M 452 43.47 -102.26 60.96
CA SER M 452 43.93 -103.36 61.78
C SER M 452 44.75 -102.91 62.98
N GLN M 453 45.13 -101.62 63.04
CA GLN M 453 45.70 -100.89 64.16
C GLN M 453 47.15 -101.29 64.46
N VAL M 454 47.65 -102.35 63.82
CA VAL M 454 49.04 -102.75 64.00
C VAL M 454 49.72 -102.79 62.64
N PRO M 455 50.29 -101.68 62.16
CA PRO M 455 51.22 -101.78 61.03
C PRO M 455 52.66 -101.83 61.52
N GLU M 456 53.55 -102.38 60.69
CA GLU M 456 54.98 -102.25 60.96
C GLU M 456 55.48 -100.87 60.53
N ASN M 457 55.36 -100.57 59.24
CA ASN M 457 55.58 -99.24 58.70
C ASN M 457 54.35 -98.84 57.91
N SER M 458 54.08 -97.53 57.89
CA SER M 458 52.82 -97.03 57.31
C SER M 458 52.81 -97.19 55.80
N GLY M 459 53.79 -96.62 55.13
CA GLY M 459 53.85 -96.71 53.69
C GLY M 459 53.45 -95.42 53.00
N LEU M 460 54.21 -95.08 51.96
CA LEU M 460 53.88 -94.05 50.98
C LEU M 460 53.75 -92.67 51.64
N LEU M 461 54.86 -92.19 52.17
CA LEU M 461 54.84 -91.00 53.03
C LEU M 461 54.83 -89.72 52.19
N PHE M 462 53.63 -89.39 51.70
CA PHE M 462 53.25 -88.07 51.19
C PHE M 462 51.75 -88.09 50.97
N GLY M 463 51.15 -86.90 51.01
CA GLY M 463 49.72 -86.80 50.81
C GLY M 463 49.27 -85.57 50.03
N GLY M 464 50.18 -84.99 49.24
CA GLY M 464 49.88 -83.79 48.48
C GLY M 464 49.53 -84.10 47.04
N LEU M 465 48.69 -83.24 46.46
CA LEU M 465 48.03 -83.52 45.21
C LEU M 465 48.28 -82.37 44.23
N PHE M 466 48.08 -82.66 42.95
CA PHE M 466 47.97 -81.60 41.95
C PHE M 466 47.12 -82.12 40.80
N SER M 467 46.34 -81.23 40.22
CA SER M 467 45.42 -81.57 39.16
C SER M 467 45.98 -81.12 37.82
N SER M 468 45.17 -81.21 36.78
CA SER M 468 45.47 -80.56 35.51
C SER M 468 45.21 -79.07 35.54
N LYS M 469 44.58 -78.58 36.60
CA LYS M 469 44.33 -77.15 36.78
C LYS M 469 44.78 -76.65 38.15
N SER M 470 45.43 -77.49 38.94
CA SER M 470 45.90 -77.14 40.27
C SER M 470 47.42 -77.26 40.32
N ILE M 471 47.97 -76.97 41.49
CA ILE M 471 49.41 -76.90 41.71
C ILE M 471 49.73 -77.57 43.02
N ASN M 472 50.73 -78.45 43.02
CA ASN M 472 51.25 -79.02 44.24
C ASN M 472 51.98 -77.93 45.03
N PRO M 473 51.55 -77.61 46.24
CA PRO M 473 52.22 -76.53 46.98
C PRO M 473 53.60 -76.90 47.50
N MET M 474 53.92 -78.19 47.56
CA MET M 474 55.26 -78.60 47.97
C MET M 474 56.28 -78.51 46.84
N THR M 475 55.84 -78.23 45.61
CA THR M 475 56.74 -77.93 44.52
C THR M 475 56.47 -76.57 43.87
N ASN M 476 55.31 -75.96 44.15
CA ASN M 476 54.79 -74.77 43.46
C ASN M 476 54.75 -74.96 41.95
N ALA M 477 54.43 -76.18 41.53
CA ALA M 477 54.35 -76.54 40.12
C ALA M 477 53.50 -77.81 40.01
N GLN M 478 53.32 -78.27 38.78
CA GLN M 478 52.63 -79.52 38.48
C GLN M 478 53.64 -80.67 38.37
N SER M 479 54.38 -80.88 39.45
CA SER M 479 55.43 -81.87 39.44
C SER M 479 55.53 -82.50 40.83
N CYS M 480 56.26 -83.59 40.88
CA CYS M 480 56.52 -84.31 42.12
C CYS M 480 57.75 -83.73 42.81
N PRO M 481 57.88 -83.92 44.11
CA PRO M 481 59.14 -83.54 44.77
C PRO M 481 60.27 -84.52 44.48
N ALA M 482 61.41 -84.32 45.13
CA ALA M 482 62.62 -85.09 44.84
C ALA M 482 62.44 -86.55 45.28
N GLY M 483 62.27 -87.45 44.31
CA GLY M 483 62.18 -88.86 44.57
C GLY M 483 60.77 -89.35 44.84
N TYR M 484 59.82 -88.86 44.05
CA TYR M 484 58.40 -89.13 44.24
C TYR M 484 57.77 -89.52 42.91
N PHE M 485 56.89 -90.53 42.94
CA PHE M 485 56.22 -90.94 41.72
C PHE M 485 54.71 -90.75 41.87
N PRO M 486 54.03 -90.25 40.84
CA PRO M 486 52.62 -89.91 40.98
C PRO M 486 51.72 -91.12 40.76
N LEU M 487 50.56 -91.08 41.39
CA LEU M 487 49.53 -92.11 41.21
C LEU M 487 48.31 -91.44 40.61
N ARG M 488 47.86 -91.95 39.47
CA ARG M 488 46.75 -91.32 38.77
C ARG M 488 45.43 -91.64 39.48
N LEU M 489 44.54 -90.65 39.46
CA LEU M 489 43.25 -90.74 40.12
C LEU M 489 42.26 -90.07 39.17
N PHE M 490 41.09 -89.68 39.68
CA PHE M 490 39.78 -89.70 39.03
C PHE M 490 39.78 -89.43 37.53
N GLU M 491 40.19 -88.25 37.15
CA GLU M 491 40.50 -87.95 35.76
C GLU M 491 41.84 -87.26 35.61
N ASN M 492 42.22 -86.41 36.55
CA ASN M 492 43.43 -85.62 36.42
C ASN M 492 44.27 -85.56 37.68
N LEU M 493 43.83 -86.12 38.80
CA LEU M 493 44.63 -86.09 40.01
C LEU M 493 45.84 -86.98 39.89
N LYS M 494 46.97 -86.47 40.35
CA LYS M 494 48.22 -87.22 40.44
C LYS M 494 48.74 -87.05 41.86
N VAL M 495 48.64 -88.09 42.66
CA VAL M 495 49.02 -88.07 44.07
C VAL M 495 50.48 -88.49 44.18
N CYS M 496 51.32 -87.59 44.69
CA CYS M 496 52.74 -87.86 44.78
C CYS M 496 53.02 -88.77 45.97
N VAL M 497 53.90 -89.76 45.75
CA VAL M 497 54.03 -90.91 46.65
C VAL M 497 55.48 -91.38 46.64
N SER M 498 56.06 -91.56 47.83
CA SER M 498 57.36 -92.22 47.98
C SER M 498 57.36 -93.04 49.26
N GLN M 499 57.99 -94.21 49.20
CA GLN M 499 58.11 -95.11 50.34
C GLN M 499 59.57 -95.36 50.67
N ASP M 500 60.40 -94.32 50.58
CA ASP M 500 61.83 -94.46 50.76
C ASP M 500 62.29 -94.30 52.20
N TYR M 501 61.56 -93.51 53.00
CA TYR M 501 61.73 -93.27 54.44
C TYR M 501 63.01 -92.51 54.80
N GLU M 502 63.87 -92.22 53.84
CA GLU M 502 65.07 -91.44 54.07
C GLU M 502 65.11 -90.18 53.20
N LEU M 503 64.96 -90.34 51.89
CA LEU M 503 64.87 -89.19 51.00
C LEU M 503 63.45 -88.68 50.87
N GLY M 504 62.48 -89.39 51.41
CA GLY M 504 61.09 -88.97 51.35
C GLY M 504 60.65 -88.22 52.59
N SER M 505 61.39 -88.37 53.68
CA SER M 505 61.02 -87.74 54.94
C SER M 505 61.30 -86.24 54.98
N ARG M 506 62.02 -85.71 54.00
CA ARG M 506 62.18 -84.25 53.92
C ARG M 506 60.88 -83.58 53.52
N PHE M 507 60.12 -84.21 52.63
CA PHE M 507 58.91 -83.61 52.09
C PHE M 507 57.64 -84.28 52.57
N ALA M 508 57.74 -85.30 53.43
CA ALA M 508 56.56 -86.02 53.88
C ALA M 508 55.72 -85.16 54.81
N VAL M 509 54.43 -85.03 54.49
CA VAL M 509 53.51 -84.24 55.29
C VAL M 509 52.61 -85.18 56.09
N PRO M 510 52.10 -84.77 57.24
CA PRO M 510 51.11 -85.59 57.95
C PRO M 510 49.81 -85.63 57.16
N PHE M 511 49.37 -86.83 56.80
CA PHE M 511 48.19 -87.01 55.98
C PHE M 511 46.98 -87.32 56.85
N GLY M 512 45.82 -86.84 56.43
CA GLY M 512 44.63 -86.96 57.25
C GLY M 512 43.52 -87.80 56.66
N GLY M 513 43.36 -87.80 55.36
CA GLY M 513 42.33 -88.60 54.72
C GLY M 513 41.60 -87.85 53.62
N PHE M 514 40.94 -88.61 52.77
CA PHE M 514 40.08 -88.07 51.72
C PHE M 514 38.62 -88.16 52.13
N PHE M 515 37.82 -87.23 51.62
CA PHE M 515 36.37 -87.35 51.68
C PHE M 515 35.77 -86.55 50.54
N SER M 516 34.53 -86.87 50.21
CA SER M 516 33.85 -86.24 49.09
C SER M 516 32.44 -85.88 49.53
N CYS M 517 31.61 -85.50 48.56
CA CYS M 517 30.24 -85.10 48.86
C CYS M 517 29.33 -86.28 49.19
N THR M 518 29.79 -87.50 48.95
CA THR M 518 28.98 -88.69 49.21
C THR M 518 29.53 -89.59 50.30
N VAL M 519 30.84 -89.59 50.54
CA VAL M 519 31.47 -90.49 51.48
C VAL M 519 32.25 -89.66 52.49
N GLY M 520 32.42 -90.21 53.69
CA GLY M 520 33.25 -89.58 54.69
C GLY M 520 34.47 -90.38 55.03
N ASN M 521 35.50 -89.74 55.60
CA ASN M 521 36.63 -90.56 55.99
C ASN M 521 36.37 -91.25 57.32
N PRO M 522 36.84 -92.47 57.48
CA PRO M 522 36.61 -93.20 58.74
C PRO M 522 37.68 -92.92 59.79
N LEU M 523 38.45 -91.85 59.63
CA LEU M 523 39.54 -91.54 60.54
C LEU M 523 39.12 -90.55 61.61
N VAL M 524 37.82 -90.42 61.87
CA VAL M 524 37.30 -89.50 62.87
C VAL M 524 36.55 -90.23 63.98
N ASP M 525 35.82 -91.29 63.66
CA ASP M 525 34.97 -91.94 64.65
C ASP M 525 35.74 -92.87 65.60
N PRO M 526 36.68 -93.72 65.14
CA PRO M 526 37.44 -94.36 66.22
C PRO M 526 38.59 -93.49 66.71
N PRO M 535 27.01 -93.90 58.83
CA PRO M 535 28.39 -94.05 58.36
C PRO M 535 29.35 -93.04 58.98
N SER M 536 30.26 -92.51 58.17
CA SER M 536 31.30 -91.62 58.66
C SER M 536 30.75 -90.19 58.77
N LEU M 537 31.65 -89.23 58.98
CA LEU M 537 31.26 -87.87 59.32
C LEU M 537 31.63 -86.84 58.27
N LYS M 538 32.57 -87.16 57.36
CA LYS M 538 33.17 -86.27 56.34
C LYS M 538 33.59 -84.90 56.90
N LYS M 539 34.02 -84.87 58.17
CA LYS M 539 34.47 -83.62 58.75
C LYS M 539 35.96 -83.40 58.51
N CYS M 540 36.80 -84.12 59.26
CA CYS M 540 38.24 -83.95 59.40
C CYS M 540 38.68 -85.00 60.41
N PRO M 541 39.97 -85.32 60.56
CA PRO M 541 40.36 -86.10 61.75
C PRO M 541 40.35 -85.30 63.03
N GLY M 542 40.75 -84.03 62.97
CA GLY M 542 40.88 -83.24 64.17
C GLY M 542 42.30 -82.77 64.37
N GLY M 543 42.53 -81.47 64.28
CA GLY M 543 43.85 -80.90 64.21
C GLY M 543 44.34 -80.68 62.80
N PHE M 544 43.84 -81.46 61.85
CA PHE M 544 44.16 -81.29 60.44
C PHE M 544 43.32 -80.17 59.84
N SER M 545 43.55 -79.88 58.56
CA SER M 545 42.84 -78.82 57.87
C SER M 545 42.35 -79.34 56.54
N GLN M 546 41.08 -79.09 56.24
CA GLN M 546 40.52 -79.47 54.96
C GLN M 546 41.11 -78.63 53.84
N HIS M 547 41.41 -79.27 52.73
CA HIS M 547 41.83 -78.57 51.55
C HIS M 547 41.21 -79.26 50.35
N PRO M 548 40.70 -78.50 49.40
CA PRO M 548 39.99 -79.12 48.27
C PRO M 548 40.92 -79.62 47.20
N ALA M 549 40.61 -80.82 46.71
CA ALA M 549 41.14 -81.33 45.46
C ALA M 549 40.21 -80.85 44.33
N LEU M 550 40.29 -81.46 43.16
CA LEU M 550 39.47 -81.01 42.05
C LEU M 550 37.98 -81.32 42.27
N ILE M 551 37.16 -80.84 41.34
CA ILE M 551 35.72 -81.07 41.34
C ILE M 551 35.40 -82.04 40.22
N SER M 552 34.80 -83.17 40.58
CA SER M 552 34.42 -84.20 39.61
C SER M 552 32.94 -84.06 39.29
N ASP M 553 32.65 -83.12 38.40
CA ASP M 553 31.33 -82.90 37.81
C ASP M 553 30.27 -82.58 38.87
N GLY M 554 30.54 -81.55 39.66
CA GLY M 554 29.61 -81.08 40.66
C GLY M 554 29.87 -81.56 42.07
N CYS M 555 30.70 -82.59 42.24
CA CYS M 555 31.06 -83.10 43.55
C CYS M 555 32.49 -82.69 43.88
N GLN M 556 32.73 -82.34 45.13
CA GLN M 556 34.01 -81.81 45.58
C GLN M 556 34.73 -82.84 46.42
N VAL M 557 35.97 -83.13 46.07
CA VAL M 557 36.82 -84.06 46.81
C VAL M 557 37.80 -83.23 47.64
N SER M 558 37.90 -83.55 48.93
CA SER M 558 38.74 -82.79 49.83
C SER M 558 39.68 -83.72 50.58
N TYR M 559 40.83 -83.17 51.00
CA TYR M 559 41.84 -83.94 51.69
C TYR M 559 42.39 -83.15 52.87
N CYS M 560 42.81 -83.86 53.90
CA CYS M 560 43.23 -83.26 55.16
C CYS M 560 44.74 -83.35 55.34
N VAL M 561 45.32 -82.33 55.97
CA VAL M 561 46.77 -82.22 56.10
C VAL M 561 47.04 -81.26 57.25
N LYS M 562 48.23 -81.36 57.85
CA LYS M 562 48.60 -80.53 58.99
C LYS M 562 50.00 -79.95 58.80
N SER M 563 50.24 -79.30 57.67
CA SER M 563 51.56 -78.69 57.51
C SER M 563 51.64 -77.34 58.21
N GLY M 564 50.75 -76.42 57.83
CA GLY M 564 50.93 -75.01 58.07
C GLY M 564 51.37 -74.27 56.81
N LEU M 565 52.01 -74.98 55.88
CA LEU M 565 52.31 -74.41 54.58
C LEU M 565 51.06 -74.32 53.72
N PHE M 566 50.17 -75.31 53.84
CA PHE M 566 48.92 -75.29 53.10
C PHE M 566 47.97 -74.22 53.61
N THR M 567 48.08 -73.85 54.88
CA THR M 567 47.10 -72.98 55.52
C THR M 567 47.30 -71.52 55.15
N GLY M 568 48.47 -70.96 55.46
CA GLY M 568 48.68 -69.54 55.36
C GLY M 568 48.83 -69.04 53.92
N GLY M 569 49.10 -67.74 53.82
CA GLY M 569 49.20 -67.08 52.54
C GLY M 569 48.37 -65.81 52.52
N SER M 570 47.55 -65.64 51.49
CA SER M 570 46.55 -64.60 51.45
C SER M 570 45.18 -65.24 51.37
N LEU M 571 44.15 -64.43 51.58
CA LEU M 571 42.79 -64.93 51.48
C LEU M 571 42.43 -65.13 50.01
N PRO M 572 41.93 -66.30 49.64
CA PRO M 572 41.62 -66.57 48.25
C PRO M 572 40.37 -65.82 47.81
N PRO M 573 40.21 -65.57 46.52
CA PRO M 573 38.94 -65.05 46.02
C PRO M 573 37.89 -66.14 45.96
N ALA M 574 36.68 -65.74 45.62
CA ALA M 574 35.60 -66.70 45.50
C ALA M 574 35.75 -67.52 44.23
N ARG M 575 35.38 -68.79 44.31
CA ARG M 575 35.22 -69.60 43.11
C ARG M 575 33.93 -69.22 42.41
N LEU M 576 34.05 -68.68 41.21
CA LEU M 576 32.88 -68.24 40.52
C LEU M 576 32.34 -69.37 39.65
N PRO M 577 31.04 -69.38 39.35
CA PRO M 577 30.50 -70.37 38.41
C PRO M 577 30.99 -70.11 37.00
N PRO M 578 30.80 -71.04 36.05
CA PRO M 578 30.26 -72.40 36.07
C PRO M 578 31.26 -73.39 36.61
N PHE M 579 30.76 -74.40 37.29
CA PHE M 579 31.61 -75.43 37.88
C PHE M 579 31.61 -76.71 37.07
N THR M 580 30.74 -76.81 36.07
CA THR M 580 30.73 -77.91 35.13
C THR M 580 31.06 -77.37 33.74
N ARG M 581 31.20 -78.27 32.80
CA ARG M 581 31.43 -77.95 31.40
C ARG M 581 30.30 -78.56 30.58
N PRO M 582 29.99 -77.99 29.42
CA PRO M 582 28.98 -78.60 28.57
C PRO M 582 29.49 -79.91 27.99
N PRO M 583 28.62 -80.91 27.87
CA PRO M 583 29.09 -82.26 27.54
C PRO M 583 29.44 -82.41 26.07
N LEU M 584 30.06 -83.55 25.77
CA LEU M 584 30.44 -83.87 24.40
C LEU M 584 29.27 -84.45 23.63
N MET M 585 29.24 -84.15 22.34
CA MET M 585 28.18 -84.58 21.44
C MET M 585 28.79 -85.29 20.26
N SER M 586 28.07 -86.27 19.73
CA SER M 586 28.53 -86.98 18.55
C SER M 586 28.17 -86.20 17.29
N GLN M 587 29.12 -86.11 16.38
CA GLN M 587 29.11 -85.16 15.28
C GLN M 587 29.37 -85.88 13.96
N ALA M 588 29.27 -85.15 12.86
CA ALA M 588 29.56 -85.65 11.53
C ALA M 588 29.82 -84.46 10.62
N ALA M 589 30.80 -84.59 9.74
CA ALA M 589 31.17 -83.49 8.85
C ALA M 589 31.55 -84.07 7.49
N THR M 590 30.89 -83.58 6.44
CA THR M 590 31.13 -84.04 5.09
C THR M 590 31.64 -82.91 4.22
N ASN M 591 32.31 -83.28 3.13
CA ASN M 591 32.90 -82.34 2.18
C ASN M 591 32.78 -82.96 0.79
N THR M 592 31.81 -82.54 0.00
CA THR M 592 31.68 -83.01 -1.37
C THR M 592 32.27 -81.98 -2.32
N VAL M 593 33.16 -82.43 -3.20
CA VAL M 593 33.82 -81.57 -4.17
C VAL M 593 33.50 -82.10 -5.56
N ILE M 594 33.03 -81.22 -6.44
CA ILE M 594 32.81 -81.55 -7.85
C ILE M 594 33.84 -80.80 -8.67
N VAL M 595 34.57 -81.52 -9.51
CA VAL M 595 35.63 -80.96 -10.33
C VAL M 595 35.30 -81.25 -11.79
N THR M 596 35.05 -80.21 -12.57
CA THR M 596 34.88 -80.39 -14.00
C THR M 596 36.25 -80.35 -14.65
N ASN M 597 36.63 -81.42 -15.32
CA ASN M 597 37.94 -81.55 -15.92
C ASN M 597 38.00 -80.99 -17.34
N SER M 598 37.01 -80.20 -17.74
CA SER M 598 36.91 -79.80 -19.12
C SER M 598 36.10 -78.52 -19.26
N GLU M 599 36.43 -77.75 -20.30
CA GLU M 599 35.51 -76.76 -20.85
C GLU M 599 34.54 -77.49 -21.77
N ASN M 600 33.62 -76.73 -22.38
CA ASN M 600 32.49 -77.26 -23.15
C ASN M 600 31.67 -78.24 -22.33
N ALA M 601 31.42 -77.87 -21.08
CA ALA M 601 30.69 -78.73 -20.16
C ALA M 601 29.98 -77.81 -19.17
N ARG M 602 28.69 -77.61 -19.38
CA ARG M 602 27.91 -76.75 -18.50
C ARG M 602 27.26 -77.57 -17.39
N SER M 603 26.80 -76.87 -16.36
CA SER M 603 26.23 -77.53 -15.21
C SER M 603 25.23 -76.58 -14.54
N TRP M 604 24.09 -77.12 -14.15
CA TRP M 604 23.08 -76.38 -13.42
C TRP M 604 22.83 -77.07 -12.09
N ILE M 605 22.73 -76.28 -11.03
CA ILE M 605 22.61 -76.81 -9.68
C ILE M 605 21.45 -76.12 -8.99
N LYS M 606 20.57 -76.89 -8.38
CA LYS M 606 19.50 -76.39 -7.52
C LYS M 606 19.81 -76.86 -6.11
N ASP M 607 20.17 -75.92 -5.23
CA ASP M 607 20.79 -76.27 -3.96
C ASP M 607 19.79 -76.86 -2.97
N SER M 608 18.55 -76.38 -2.99
CA SER M 608 17.51 -76.90 -2.11
C SER M 608 16.16 -76.63 -2.77
N GLN M 609 15.09 -76.97 -2.06
CA GLN M 609 13.76 -76.79 -2.60
C GLN M 609 13.33 -75.33 -2.65
N THR M 610 13.97 -74.47 -1.85
CA THR M 610 13.66 -73.05 -1.87
C THR M 610 14.55 -72.28 -2.82
N HIS M 611 15.70 -72.81 -3.18
CA HIS M 611 16.58 -72.14 -4.14
C HIS M 611 15.99 -72.23 -5.54
N GLN M 612 16.54 -71.41 -6.44
CA GLN M 612 16.27 -71.52 -7.85
C GLN M 612 17.44 -72.21 -8.54
N TRP M 613 17.23 -72.62 -9.79
CA TRP M 613 18.30 -73.22 -10.57
C TRP M 613 19.41 -72.22 -10.81
N ARG M 614 20.63 -72.68 -10.66
CA ARG M 614 21.80 -71.83 -10.62
C ARG M 614 22.83 -72.41 -11.57
N LEU M 615 23.52 -71.55 -12.30
CA LEU M 615 24.55 -72.02 -13.20
C LEU M 615 25.77 -72.45 -12.40
N GLY M 616 26.26 -73.65 -12.68
CA GLY M 616 27.31 -74.22 -11.86
C GLY M 616 28.69 -73.70 -12.22
N GLU M 617 29.62 -73.92 -11.29
CA GLU M 617 31.02 -73.54 -11.34
C GLU M 617 31.89 -74.78 -11.47
N PRO M 618 33.15 -74.64 -11.90
CA PRO M 618 34.00 -75.83 -12.03
C PRO M 618 34.37 -76.50 -10.71
N ILE M 619 34.51 -75.77 -9.61
CA ILE M 619 34.75 -76.35 -8.30
C ILE M 619 33.62 -75.88 -7.39
N GLU M 620 32.96 -76.83 -6.72
CA GLU M 620 31.76 -76.50 -5.94
C GLU M 620 31.99 -76.43 -4.43
N LEU M 621 32.41 -77.53 -3.81
CA LEU M 621 32.74 -77.61 -2.37
C LEU M 621 31.53 -77.27 -1.49
N ARG M 622 30.57 -78.19 -1.49
CA ARG M 622 29.52 -78.17 -0.47
C ARG M 622 30.07 -78.66 0.87
N ARG M 623 29.50 -78.14 1.97
CA ARG M 623 29.87 -78.54 3.32
C ARG M 623 28.64 -78.76 4.18
N ALA M 624 28.77 -79.65 5.14
CA ALA M 624 27.68 -79.93 6.08
C ALA M 624 28.25 -80.39 7.41
N MET M 625 27.62 -79.94 8.50
CA MET M 625 27.98 -80.37 9.85
C MET M 625 26.73 -80.82 10.57
N ASN M 626 26.71 -82.07 11.01
CA ASN M 626 25.54 -82.70 11.60
C ASN M 626 25.85 -83.03 13.06
N VAL M 627 25.03 -82.52 13.98
CA VAL M 627 25.22 -82.73 15.41
C VAL M 627 23.96 -83.40 15.94
N ILE M 628 24.12 -84.38 16.83
CA ILE M 628 22.99 -84.95 17.55
C ILE M 628 23.27 -84.85 19.06
N HIS M 629 22.28 -84.33 19.79
CA HIS M 629 22.38 -84.18 21.23
C HIS M 629 22.06 -85.51 21.91
N GLY M 630 23.10 -86.15 22.47
CA GLY M 630 22.91 -87.41 23.18
C GLY M 630 22.63 -88.58 22.28
N ASP N 10 21.58 -35.18 8.59
CA ASP N 10 21.60 -36.12 9.70
C ASP N 10 22.94 -36.11 10.42
N GLU N 11 23.00 -36.83 11.54
CA GLU N 11 24.19 -36.88 12.38
C GLU N 11 24.09 -38.14 13.22
N VAL N 12 25.20 -38.86 13.35
CA VAL N 12 25.19 -40.18 13.99
C VAL N 12 26.29 -40.24 15.05
N GLY N 13 26.25 -41.33 15.82
CA GLY N 13 27.35 -41.66 16.70
C GLY N 13 27.33 -40.88 18.01
N VAL N 14 28.54 -40.64 18.53
CA VAL N 14 28.69 -39.98 19.82
C VAL N 14 28.34 -38.51 19.71
N GLN N 15 28.61 -37.90 18.55
CA GLN N 15 28.49 -36.46 18.40
C GLN N 15 27.03 -36.01 18.32
N LYS N 16 26.12 -36.89 17.91
CA LYS N 16 24.70 -36.61 18.05
C LYS N 16 24.31 -36.51 19.52
N CYS N 17 24.89 -37.36 20.36
CA CYS N 17 24.61 -37.31 21.80
C CYS N 17 25.21 -36.07 22.43
N LYS N 18 26.39 -35.66 21.97
CA LYS N 18 27.06 -34.53 22.59
C LYS N 18 26.41 -33.20 22.25
N ASN N 19 25.78 -33.10 21.08
CA ASN N 19 25.15 -31.85 20.70
C ASN N 19 23.81 -31.66 21.40
N ALA N 20 23.10 -32.75 21.64
CA ALA N 20 21.79 -32.64 22.28
C ALA N 20 21.90 -32.49 23.78
N LEU N 21 22.98 -32.97 24.39
CA LEU N 21 23.10 -33.02 25.84
C LEU N 21 24.15 -32.10 26.41
N LYS N 22 25.24 -31.85 25.66
CA LYS N 22 26.33 -30.93 26.02
C LYS N 22 27.00 -31.33 27.33
N LEU N 23 27.46 -32.58 27.40
CA LEU N 23 28.13 -33.10 28.57
C LEU N 23 29.05 -34.22 28.11
N PRO N 24 30.19 -34.44 28.80
CA PRO N 24 31.21 -35.35 28.26
C PRO N 24 30.84 -36.83 28.30
N VAL N 25 31.72 -37.66 27.76
CA VAL N 25 31.52 -39.09 27.68
C VAL N 25 32.40 -39.73 28.75
N LEU N 26 31.91 -40.81 29.37
CA LEU N 26 32.68 -41.47 30.41
C LEU N 26 33.85 -42.20 29.77
N GLU N 27 35.07 -41.78 30.11
CA GLU N 27 36.26 -42.24 29.41
C GLU N 27 36.80 -43.56 29.91
N VAL N 28 36.14 -44.20 30.87
CA VAL N 28 36.63 -45.42 31.49
C VAL N 28 35.64 -46.52 31.13
N LEU N 29 35.92 -47.29 30.10
CA LEU N 29 34.92 -48.21 29.62
C LEU N 29 35.42 -49.65 29.59
N PRO N 30 34.56 -50.62 29.89
CA PRO N 30 34.98 -52.01 29.83
C PRO N 30 34.77 -52.59 28.44
N GLY N 31 35.09 -53.87 28.26
CA GLY N 31 34.96 -54.52 26.98
C GLY N 31 36.18 -54.48 26.11
N GLY N 32 37.30 -53.97 26.59
CA GLY N 32 38.53 -54.00 25.84
C GLY N 32 39.37 -55.20 26.19
N GLY N 33 40.38 -55.43 25.37
CA GLY N 33 41.31 -56.50 25.65
C GLY N 33 42.30 -56.13 26.71
N TRP N 34 42.89 -57.14 27.33
CA TRP N 34 43.77 -56.90 28.46
C TRP N 34 44.88 -57.93 28.47
N ASP N 35 46.12 -57.50 28.31
CA ASP N 35 47.27 -58.35 28.52
C ASP N 35 47.51 -58.46 30.01
N ASN N 36 47.37 -59.66 30.55
CA ASN N 36 47.45 -59.85 31.98
C ASN N 36 48.86 -60.15 32.46
N LEU N 37 49.84 -60.26 31.57
CA LEU N 37 51.22 -60.32 31.99
C LEU N 37 51.84 -58.93 32.11
N ARG N 38 51.52 -58.04 31.20
CA ARG N 38 52.13 -56.72 31.17
C ARG N 38 51.27 -55.65 31.80
N ASN N 39 50.02 -55.98 32.16
CA ASN N 39 49.00 -55.05 32.62
C ASN N 39 48.83 -53.84 31.71
N VAL N 40 48.73 -54.11 30.42
CA VAL N 40 48.38 -53.10 29.44
C VAL N 40 47.06 -53.52 28.81
N ASP N 41 46.36 -52.55 28.23
CA ASP N 41 45.09 -52.84 27.61
C ASP N 41 45.19 -52.76 26.09
N MET N 42 44.45 -53.64 25.46
CA MET N 42 44.55 -54.02 24.06
C MET N 42 43.42 -53.42 23.25
N GLY N 43 43.27 -53.92 22.03
CA GLY N 43 42.16 -53.53 21.18
C GLY N 43 40.82 -53.94 21.74
N ARG N 44 39.79 -53.29 21.21
CA ARG N 44 38.43 -53.37 21.73
C ARG N 44 37.74 -54.64 21.24
N VAL N 45 37.24 -55.44 22.18
CA VAL N 45 36.63 -56.73 21.85
C VAL N 45 35.11 -56.62 21.72
N MET N 46 34.47 -55.82 22.55
CA MET N 46 33.03 -55.65 22.49
C MET N 46 32.67 -54.47 21.61
N GLU N 47 31.38 -54.31 21.32
CA GLU N 47 30.90 -53.26 20.45
C GLU N 47 30.34 -52.12 21.27
N LEU N 48 30.79 -50.90 21.00
CA LEU N 48 30.32 -49.71 21.68
C LEU N 48 29.43 -48.91 20.75
N THR N 49 28.14 -48.81 21.09
CA THR N 49 27.19 -48.05 20.30
C THR N 49 26.59 -46.94 21.14
N TYR N 50 26.23 -45.84 20.50
CA TYR N 50 25.70 -44.65 21.14
C TYR N 50 24.37 -44.26 20.52
N SER N 51 23.50 -45.24 20.34
CA SER N 51 22.26 -44.99 19.61
C SER N 51 21.18 -44.36 20.49
N ASN N 52 21.15 -44.70 21.78
CA ASN N 52 20.03 -44.37 22.64
C ASN N 52 20.26 -43.15 23.52
N CYS N 53 21.43 -42.50 23.41
CA CYS N 53 21.78 -41.28 24.13
C CYS N 53 21.69 -41.45 25.65
N ARG N 54 22.13 -42.61 26.14
CA ARG N 54 22.04 -42.88 27.56
C ARG N 54 23.05 -42.06 28.34
N THR N 55 22.66 -41.63 29.53
CA THR N 55 23.56 -40.98 30.45
C THR N 55 23.61 -41.77 31.75
N THR N 56 24.54 -41.38 32.62
CA THR N 56 24.49 -41.91 33.96
C THR N 56 23.30 -41.33 34.71
N GLU N 57 22.92 -41.98 35.80
CA GLU N 57 21.70 -41.63 36.51
C GLU N 57 21.80 -40.26 37.17
N ASP N 58 23.00 -39.81 37.51
CA ASP N 58 23.17 -38.45 37.98
C ASP N 58 23.29 -37.45 36.83
N GLY N 59 23.37 -37.92 35.59
CA GLY N 59 23.29 -37.05 34.44
C GLY N 59 24.52 -36.24 34.14
N GLN N 60 25.70 -36.85 34.21
CA GLN N 60 26.94 -36.12 33.96
C GLN N 60 27.88 -36.78 32.98
N TYR N 61 27.58 -37.98 32.50
CA TYR N 61 28.41 -38.61 31.49
C TYR N 61 27.52 -39.35 30.51
N ILE N 62 27.84 -39.25 29.23
CA ILE N 62 27.25 -40.08 28.20
C ILE N 62 27.91 -41.46 28.26
N ILE N 63 27.11 -42.50 28.30
CA ILE N 63 27.61 -43.87 28.34
C ILE N 63 27.03 -44.62 27.14
N PRO N 64 27.69 -45.70 26.70
CA PRO N 64 27.10 -46.54 25.66
C PRO N 64 25.86 -47.28 26.14
N ASP N 65 25.20 -47.93 25.18
CA ASP N 65 23.87 -48.50 25.42
C ASP N 65 23.91 -49.80 26.21
N GLU N 66 24.95 -50.58 26.00
CA GLU N 66 25.14 -51.91 26.58
C GLU N 66 25.86 -51.87 27.92
N ILE N 67 26.06 -50.70 28.50
CA ILE N 67 26.88 -50.54 29.67
C ILE N 67 26.02 -49.87 30.75
N PHE N 68 25.98 -50.49 31.93
CA PHE N 68 25.33 -49.87 33.07
C PHE N 68 26.39 -49.49 34.10
N THR N 69 26.11 -48.41 34.82
CA THR N 69 27.02 -47.89 35.81
C THR N 69 26.41 -48.05 37.19
N ILE N 70 27.26 -48.15 38.21
CA ILE N 70 26.84 -48.22 39.59
C ILE N 70 27.42 -47.00 40.31
N PRO N 71 26.61 -46.11 40.83
CA PRO N 71 27.15 -44.99 41.60
C PRO N 71 27.57 -45.43 42.99
N GLN N 72 28.87 -45.46 43.23
CA GLN N 72 29.37 -45.70 44.57
C GLN N 72 30.48 -44.69 44.82
N LYS N 73 30.07 -43.52 45.31
CA LYS N 73 30.94 -42.36 45.40
C LYS N 73 31.70 -42.47 46.71
N GLN N 74 32.77 -43.24 46.65
CA GLN N 74 33.44 -43.76 47.83
C GLN N 74 34.86 -43.22 47.89
N SER N 75 35.21 -42.64 49.03
CA SER N 75 36.53 -42.07 49.25
C SER N 75 37.19 -42.80 50.41
N ASN N 76 38.45 -43.16 50.26
CA ASN N 76 39.21 -43.85 51.30
C ASN N 76 40.44 -43.04 51.62
N LEU N 77 40.77 -42.97 52.90
CA LEU N 77 41.94 -42.20 53.33
C LEU N 77 42.63 -43.00 54.42
N GLU N 78 43.90 -43.30 54.21
CA GLU N 78 44.69 -44.06 55.17
C GLU N 78 45.55 -43.11 55.98
N MET N 79 45.52 -43.26 57.30
CA MET N 79 46.47 -42.60 58.18
C MET N 79 47.70 -43.46 58.44
N ASN N 80 47.83 -44.56 57.74
CA ASN N 80 48.86 -45.55 57.98
C ASN N 80 49.54 -45.86 56.66
N SER N 81 50.34 -46.89 56.66
CA SER N 81 50.99 -47.39 55.47
C SER N 81 50.72 -48.89 55.37
N GLU N 82 51.36 -49.55 54.42
CA GLU N 82 51.33 -51.00 54.37
C GLU N 82 52.68 -51.49 53.88
N ILE N 83 53.16 -52.55 54.49
CA ILE N 83 54.54 -52.99 54.31
C ILE N 83 54.54 -54.22 53.41
N LEU N 84 55.42 -54.21 52.41
CA LEU N 84 55.52 -55.28 51.42
C LEU N 84 56.99 -55.68 51.36
N GLU N 85 57.40 -56.58 52.26
CA GLU N 85 58.81 -56.90 52.39
C GLU N 85 59.27 -58.03 51.47
N SER N 86 58.48 -58.37 50.44
CA SER N 86 58.85 -59.37 49.46
C SER N 86 58.09 -59.09 48.17
N TRP N 87 58.75 -59.28 47.04
CA TRP N 87 58.09 -59.04 45.76
C TRP N 87 57.25 -60.21 45.28
N ALA N 88 57.20 -61.32 46.01
CA ALA N 88 56.40 -62.45 45.58
C ALA N 88 54.92 -62.17 45.77
N ASN N 89 54.54 -61.69 46.95
CA ASN N 89 53.15 -61.32 47.22
C ASN N 89 52.92 -59.84 46.86
N TYR N 90 52.90 -59.61 45.54
CA TYR N 90 52.81 -58.27 45.00
C TYR N 90 51.37 -57.82 44.78
N GLN N 91 51.10 -56.57 45.15
CA GLN N 91 49.80 -55.93 45.00
C GLN N 91 49.92 -54.92 43.88
N SER N 92 49.05 -55.00 42.88
CA SER N 92 49.26 -54.20 41.69
C SER N 92 48.88 -52.74 41.86
N SER N 93 47.89 -52.44 42.71
CA SER N 93 47.33 -51.12 43.06
C SER N 93 46.55 -50.46 41.95
N THR N 94 46.50 -51.01 40.74
CA THR N 94 45.61 -50.49 39.72
C THR N 94 44.91 -51.57 38.92
N SER N 95 45.35 -52.83 38.99
CA SER N 95 44.73 -53.92 38.29
C SER N 95 44.72 -55.15 39.18
N TYR N 96 44.34 -54.94 40.44
CA TYR N 96 44.53 -55.97 41.46
C TYR N 96 43.55 -57.12 41.31
N SER N 97 42.30 -56.83 40.93
CA SER N 97 41.28 -57.86 40.91
C SER N 97 41.39 -58.78 39.71
N ILE N 98 41.97 -58.30 38.61
CA ILE N 98 42.10 -59.15 37.43
C ILE N 98 43.40 -59.97 37.49
N ASN N 99 44.34 -59.62 38.33
CA ASN N 99 45.53 -60.44 38.48
C ASN N 99 45.37 -61.56 39.48
N THR N 100 44.46 -61.42 40.45
CA THR N 100 44.36 -62.36 41.56
C THR N 100 43.40 -63.50 41.29
N GLU N 101 43.06 -63.76 40.03
CA GLU N 101 42.16 -64.82 39.66
C GLU N 101 42.75 -66.20 39.95
N LEU N 102 41.85 -67.18 40.08
CA LEU N 102 42.24 -68.56 40.39
C LEU N 102 42.55 -69.28 39.08
N SER N 103 43.81 -69.57 38.84
CA SER N 103 44.23 -70.23 37.62
C SER N 103 45.57 -70.92 37.85
N LEU N 104 46.08 -71.53 36.79
CA LEU N 104 47.40 -72.15 36.85
C LEU N 104 48.49 -71.11 36.95
N PHE N 105 48.35 -70.04 36.18
CA PHE N 105 49.38 -69.02 36.04
C PHE N 105 49.05 -67.78 36.82
N SER N 106 48.47 -67.94 38.00
CA SER N 106 48.15 -66.81 38.86
C SER N 106 49.41 -66.20 39.47
N LYS N 107 50.52 -66.94 39.51
CA LYS N 107 51.76 -66.41 40.03
C LYS N 107 52.57 -65.65 39.00
N VAL N 108 52.12 -65.65 37.74
CA VAL N 108 52.85 -64.98 36.66
C VAL N 108 52.13 -63.73 36.19
N ASN N 109 50.88 -63.51 36.62
CA ASN N 109 50.11 -62.35 36.19
C ASN N 109 50.72 -61.07 36.75
N GLY N 110 50.97 -60.12 35.85
CA GLY N 110 51.52 -58.84 36.21
C GLY N 110 53.01 -58.78 36.37
N LYS N 111 53.72 -59.88 36.13
CA LYS N 111 55.16 -59.95 36.41
C LYS N 111 56.01 -59.36 35.31
N PHE N 112 55.40 -58.76 34.29
CA PHE N 112 56.14 -58.04 33.26
C PHE N 112 55.66 -56.61 33.16
N SER N 113 54.89 -56.16 34.14
CA SER N 113 54.41 -54.80 34.20
C SER N 113 55.56 -53.88 34.56
N THR N 114 55.46 -52.62 34.14
CA THR N 114 56.51 -51.66 34.48
C THR N 114 56.48 -51.32 35.96
N GLU N 115 55.31 -51.43 36.58
CA GLU N 115 55.17 -51.13 37.99
C GLU N 115 55.73 -52.25 38.86
N PHE N 116 55.71 -53.49 38.38
CA PHE N 116 56.34 -54.58 39.10
C PHE N 116 57.84 -54.58 38.90
N GLN N 117 58.29 -54.46 37.65
CA GLN N 117 59.70 -54.55 37.36
C GLN N 117 60.49 -53.37 37.87
N ARG N 118 59.83 -52.24 38.12
CA ARG N 118 60.49 -51.17 38.84
C ARG N 118 60.55 -51.46 40.32
N MET N 119 59.60 -52.20 40.86
CA MET N 119 59.62 -52.47 42.30
C MET N 119 60.60 -53.57 42.65
N LYS N 120 60.72 -54.58 41.79
CA LYS N 120 61.61 -55.70 42.04
C LYS N 120 63.07 -55.28 41.98
N THR N 121 63.41 -54.38 41.06
CA THR N 121 64.78 -53.93 40.93
C THR N 121 65.19 -52.92 42.00
N LEU N 122 64.29 -52.54 42.90
CA LEU N 122 64.64 -51.71 44.03
C LEU N 122 64.73 -52.48 45.34
N GLN N 123 64.13 -53.66 45.41
CA GLN N 123 64.27 -54.50 46.58
C GLN N 123 65.47 -55.43 46.49
N VAL N 124 66.04 -55.61 45.32
CA VAL N 124 67.18 -56.49 45.13
C VAL N 124 68.48 -55.69 45.04
N LYS N 125 68.45 -54.58 44.31
CA LYS N 125 69.62 -53.72 44.19
C LYS N 125 69.96 -53.05 45.52
N ASP N 126 68.95 -52.70 46.30
CA ASP N 126 69.14 -51.92 47.50
C ASP N 126 68.85 -52.69 48.78
N GLN N 127 68.47 -53.98 48.66
CA GLN N 127 68.12 -54.86 49.78
C GLN N 127 67.02 -54.25 50.65
N ALA N 128 65.94 -53.85 49.99
CA ALA N 128 64.97 -52.95 50.59
C ALA N 128 63.63 -53.62 50.80
N ILE N 129 62.79 -52.94 51.58
CA ILE N 129 61.37 -53.27 51.74
C ILE N 129 60.58 -52.09 51.21
N THR N 130 59.32 -52.34 50.86
CA THR N 130 58.49 -51.36 50.19
C THR N 130 57.28 -51.02 51.05
N THR N 131 57.01 -49.74 51.21
CA THR N 131 55.79 -49.26 51.85
C THR N 131 54.93 -48.52 50.84
N ARG N 132 53.62 -48.51 51.08
CA ARG N 132 52.70 -47.83 50.18
C ARG N 132 51.57 -47.16 50.95
N VAL N 133 51.38 -45.86 50.74
CA VAL N 133 50.26 -45.11 51.29
C VAL N 133 49.46 -44.57 50.12
N GLN N 134 48.13 -44.61 50.22
CA GLN N 134 47.33 -44.12 49.10
C GLN N 134 46.01 -43.54 49.56
N VAL N 135 45.56 -42.55 48.80
CA VAL N 135 44.23 -41.94 48.94
C VAL N 135 43.46 -42.31 47.69
N ARG N 136 42.49 -43.21 47.82
CA ARG N 136 41.75 -43.71 46.68
C ARG N 136 40.34 -43.13 46.67
N ASN N 137 39.86 -42.80 45.48
CA ASN N 137 38.59 -42.11 45.32
C ASN N 137 37.82 -42.80 44.21
N LEU N 138 37.05 -43.82 44.58
CA LEU N 138 36.22 -44.59 43.65
C LEU N 138 34.90 -43.88 43.42
N VAL N 139 34.57 -43.62 42.16
CA VAL N 139 33.36 -42.87 41.81
C VAL N 139 32.31 -43.77 41.19
N TYR N 140 32.66 -44.53 40.16
CA TYR N 140 31.72 -45.42 39.49
C TYR N 140 32.27 -46.82 39.38
N THR N 141 31.35 -47.78 39.32
CA THR N 141 31.64 -49.11 38.80
C THR N 141 30.90 -49.24 37.49
N VAL N 142 31.62 -49.57 36.44
CA VAL N 142 31.12 -49.53 35.08
C VAL N 142 31.20 -50.95 34.53
N LYS N 143 30.05 -51.56 34.22
CA LYS N 143 29.99 -52.96 33.83
C LYS N 143 29.35 -53.11 32.46
N ILE N 144 29.40 -54.34 31.94
CA ILE N 144 28.80 -54.70 30.66
C ILE N 144 27.54 -55.53 30.89
N ASN N 145 26.51 -55.21 30.13
CA ASN N 145 25.30 -56.02 30.09
C ASN N 145 25.64 -57.37 29.47
N PRO N 146 25.20 -58.48 30.05
CA PRO N 146 25.56 -59.81 29.50
C PRO N 146 25.00 -60.13 28.12
N THR N 147 24.18 -59.28 27.51
CA THR N 147 23.63 -59.54 26.18
C THR N 147 24.29 -58.67 25.13
N LEU N 148 25.59 -58.47 25.24
CA LEU N 148 26.37 -57.65 24.34
C LEU N 148 26.99 -58.51 23.24
N GLU N 149 27.25 -57.90 22.09
CA GLU N 149 27.85 -58.56 20.95
C GLU N 149 29.27 -58.05 20.70
N LEU N 150 29.99 -58.81 19.88
CA LEU N 150 31.40 -58.58 19.61
C LEU N 150 31.62 -57.39 18.70
N SER N 151 32.86 -56.93 18.67
CA SER N 151 33.22 -55.80 17.84
C SER N 151 33.31 -56.22 16.38
N SER N 152 33.39 -55.23 15.50
CA SER N 152 33.46 -55.51 14.07
C SER N 152 34.82 -56.03 13.65
N GLY N 153 35.88 -55.54 14.29
CA GLY N 153 37.22 -55.99 13.95
C GLY N 153 37.56 -57.32 14.58
N PHE N 154 37.07 -57.56 15.79
CA PHE N 154 37.40 -58.81 16.47
C PHE N 154 36.64 -59.99 15.87
N ARG N 155 35.42 -59.76 15.38
CA ARG N 155 34.67 -60.82 14.72
C ARG N 155 35.32 -61.21 13.41
N LYS N 156 35.89 -60.24 12.69
CA LYS N 156 36.54 -60.53 11.41
C LYS N 156 37.76 -61.41 11.57
N GLU N 157 38.51 -61.23 12.66
CA GLU N 157 39.71 -62.02 12.84
C GLU N 157 39.41 -63.38 13.45
N LEU N 158 38.25 -63.57 14.06
CA LEU N 158 37.82 -64.90 14.44
C LEU N 158 37.27 -65.67 13.26
N LEU N 159 36.67 -64.97 12.29
CA LEU N 159 36.21 -65.62 11.08
C LEU N 159 37.33 -66.02 10.16
N ASP N 160 38.48 -65.35 10.25
CA ASP N 160 39.64 -65.76 9.47
C ASP N 160 40.31 -66.99 10.06
N ILE N 161 40.30 -67.13 11.39
CA ILE N 161 40.71 -68.38 12.01
C ILE N 161 39.71 -69.46 11.67
N SER N 162 38.43 -69.09 11.61
CA SER N 162 37.35 -70.03 11.31
C SER N 162 37.49 -70.64 9.92
N ASP N 163 37.96 -69.85 8.95
CA ASP N 163 38.12 -70.35 7.59
C ASP N 163 39.24 -71.39 7.50
N ARG N 164 40.30 -71.19 8.26
CA ARG N 164 41.43 -72.11 8.22
C ARG N 164 41.12 -73.43 8.90
N LEU N 165 40.23 -73.45 9.90
CA LEU N 165 39.83 -74.71 10.49
C LEU N 165 38.91 -75.51 9.59
N GLU N 166 38.20 -74.85 8.67
CA GLU N 166 37.37 -75.56 7.71
C GLU N 166 38.21 -76.32 6.70
N ASN N 167 39.25 -75.67 6.19
CA ASN N 167 40.09 -76.18 5.12
C ASN N 167 41.15 -77.14 5.60
N ASN N 168 41.10 -77.57 6.87
CA ASN N 168 42.11 -78.42 7.50
C ASN N 168 43.50 -77.80 7.36
N GLN N 169 43.63 -76.56 7.80
CA GLN N 169 44.89 -75.83 7.74
C GLN N 169 45.23 -75.46 9.17
N THR N 170 45.85 -76.39 9.89
CA THR N 170 46.00 -76.27 11.33
C THR N 170 47.18 -75.37 11.69
N ARG N 171 48.27 -75.46 10.92
CA ARG N 171 49.44 -74.64 11.21
C ARG N 171 49.20 -73.17 10.88
N MET N 172 48.33 -72.89 9.92
CA MET N 172 48.05 -71.51 9.58
C MET N 172 46.98 -70.92 10.48
N ALA N 173 46.13 -71.76 11.07
CA ALA N 173 45.18 -71.29 12.07
C ALA N 173 45.84 -71.05 13.41
N THR N 174 46.84 -71.86 13.76
CA THR N 174 47.61 -71.66 14.97
C THR N 174 48.40 -70.37 14.91
N TYR N 175 48.89 -70.02 13.72
CA TYR N 175 49.58 -68.76 13.54
C TYR N 175 48.65 -67.57 13.72
N LEU N 176 47.46 -67.63 13.14
CA LEU N 176 46.52 -66.53 13.27
C LEU N 176 45.90 -66.44 14.66
N ALA N 177 45.84 -67.55 15.39
CA ALA N 177 45.35 -67.49 16.76
C ALA N 177 46.30 -66.75 17.67
N GLU N 178 47.60 -66.84 17.40
CA GLU N 178 48.60 -66.14 18.19
C GLU N 178 48.71 -64.67 17.84
N LEU N 179 48.33 -64.27 16.63
CA LEU N 179 48.21 -62.86 16.33
C LEU N 179 46.97 -62.24 16.92
N LEU N 180 45.98 -63.06 17.30
CA LEU N 180 44.83 -62.54 18.03
C LEU N 180 45.23 -62.14 19.44
N VAL N 181 46.20 -62.85 20.02
CA VAL N 181 46.66 -62.57 21.37
C VAL N 181 47.63 -61.39 21.39
N LEU N 182 48.39 -61.19 20.31
CA LEU N 182 49.18 -59.98 20.17
C LEU N 182 48.30 -58.74 20.13
N ASN N 183 47.17 -58.82 19.45
CA ASN N 183 46.36 -57.64 19.22
C ASN N 183 45.28 -57.43 20.25
N TYR N 184 44.84 -58.49 20.93
CA TYR N 184 43.71 -58.39 21.84
C TYR N 184 43.98 -58.92 23.24
N GLY N 185 45.18 -59.38 23.53
CA GLY N 185 45.51 -59.76 24.88
C GLY N 185 45.02 -61.14 25.25
N THR N 186 45.00 -61.39 26.55
CA THR N 186 44.60 -62.67 27.10
C THR N 186 43.28 -62.62 27.84
N HIS N 187 42.73 -61.44 28.08
CA HIS N 187 41.55 -61.25 28.90
C HIS N 187 40.70 -60.15 28.30
N VAL N 188 39.44 -60.11 28.73
CA VAL N 188 38.51 -59.04 28.37
C VAL N 188 38.04 -58.41 29.67
N THR N 189 38.16 -57.10 29.79
CA THR N 189 37.72 -56.44 31.00
C THR N 189 36.20 -56.38 31.01
N THR N 190 35.59 -56.91 32.06
CA THR N 190 34.15 -56.89 32.16
C THR N 190 33.64 -55.85 33.14
N SER N 191 34.48 -55.38 34.07
CA SER N 191 34.11 -54.24 34.88
C SER N 191 35.35 -53.43 35.19
N VAL N 192 35.19 -52.12 35.19
CA VAL N 192 36.24 -51.18 35.58
C VAL N 192 35.70 -50.32 36.71
N ASP N 193 36.62 -49.83 37.52
CA ASP N 193 36.32 -48.88 38.59
C ASP N 193 36.88 -47.53 38.20
N ALA N 194 36.00 -46.57 37.96
CA ALA N 194 36.42 -45.25 37.54
C ALA N 194 36.68 -44.37 38.74
N GLY N 195 37.88 -43.79 38.80
CA GLY N 195 38.20 -42.90 39.89
C GLY N 195 39.62 -42.40 39.80
N ALA N 196 40.13 -41.92 40.92
CA ALA N 196 41.48 -41.38 41.01
C ALA N 196 42.16 -41.93 42.23
N ALA N 197 43.49 -41.85 42.25
CA ALA N 197 44.27 -42.30 43.39
C ALA N 197 45.55 -41.49 43.46
N LEU N 198 46.02 -41.26 44.68
CA LEU N 198 47.28 -40.58 44.92
C LEU N 198 48.11 -41.51 45.78
N ILE N 199 49.26 -41.95 45.28
CA ILE N 199 50.01 -43.05 45.89
C ILE N 199 51.40 -42.56 46.27
N GLN N 200 51.83 -42.93 47.48
CA GLN N 200 53.20 -42.79 47.96
C GLN N 200 53.86 -44.17 47.95
N GLU N 201 55.11 -44.23 47.53
CA GLU N 201 55.81 -45.51 47.54
C GLU N 201 57.25 -45.28 47.98
N ASP N 202 57.54 -45.56 49.25
CA ASP N 202 58.89 -45.46 49.77
C ASP N 202 59.55 -46.82 49.80
N HIS N 203 60.87 -46.81 49.72
CA HIS N 203 61.68 -48.00 49.92
C HIS N 203 62.60 -47.77 51.09
N LEU N 204 62.57 -48.69 52.05
CA LEU N 204 63.33 -48.59 53.27
C LEU N 204 64.28 -49.77 53.33
N ARG N 205 65.43 -49.59 54.00
CA ARG N 205 66.34 -50.71 54.18
C ARG N 205 65.70 -51.78 55.06
N ALA N 206 65.97 -53.04 54.72
CA ALA N 206 65.32 -54.14 55.42
C ALA N 206 65.82 -54.32 56.85
N SER N 207 66.97 -53.71 57.18
CA SER N 207 67.45 -53.70 58.54
C SER N 207 66.61 -52.80 59.44
N PHE N 208 65.93 -51.81 58.86
CA PHE N 208 65.17 -50.85 59.65
C PHE N 208 63.88 -51.45 60.20
N LEU N 209 63.36 -52.50 59.59
CA LEU N 209 62.12 -53.12 60.04
C LEU N 209 62.34 -54.23 61.07
N GLN N 210 63.54 -54.77 61.15
CA GLN N 210 63.84 -55.94 61.96
C GLN N 210 63.86 -55.68 63.48
N ASP N 211 63.37 -54.55 64.01
CA ASP N 211 63.50 -54.30 65.44
C ASP N 211 62.53 -55.15 66.26
N SER N 212 61.23 -54.94 66.07
CA SER N 212 60.21 -55.70 66.79
C SER N 212 58.89 -55.56 66.04
N GLN N 213 57.83 -56.12 66.63
CA GLN N 213 56.47 -55.96 66.14
C GLN N 213 55.80 -54.72 66.70
N SER N 214 56.44 -54.02 67.62
CA SER N 214 55.98 -52.70 68.06
C SER N 214 56.68 -51.57 67.33
N SER N 215 57.87 -51.84 66.78
CA SER N 215 58.48 -50.87 65.87
C SER N 215 57.74 -50.80 64.56
N ARG N 216 57.09 -51.90 64.17
CA ARG N 216 56.39 -51.96 62.89
C ARG N 216 55.22 -51.00 62.84
N SER N 217 54.50 -50.85 63.93
CA SER N 217 53.38 -49.92 63.99
C SER N 217 53.81 -48.47 64.16
N ALA N 218 55.11 -48.20 64.27
CA ALA N 218 55.61 -46.84 64.26
C ALA N 218 56.34 -46.49 62.97
N VAL N 219 56.95 -47.48 62.31
CA VAL N 219 57.40 -47.30 60.94
C VAL N 219 56.22 -47.00 60.03
N THR N 220 55.11 -47.70 60.26
CA THR N 220 53.95 -47.64 59.38
C THR N 220 53.20 -46.34 59.52
N ALA N 221 53.08 -45.81 60.75
CA ALA N 221 52.40 -44.55 60.94
C ALA N 221 53.29 -43.36 60.69
N SER N 222 54.59 -43.58 60.47
CA SER N 222 55.48 -42.50 60.09
C SER N 222 55.38 -42.21 58.60
N ALA N 223 55.23 -43.27 57.80
CA ALA N 223 55.08 -43.13 56.37
C ALA N 223 53.77 -42.45 55.99
N GLY N 224 52.72 -42.68 56.78
CA GLY N 224 51.48 -41.97 56.54
C GLY N 224 51.51 -40.54 56.99
N LEU N 225 52.42 -40.21 57.90
CA LEU N 225 52.58 -38.83 58.34
C LEU N 225 53.39 -38.03 57.33
N ALA N 226 54.44 -38.65 56.78
CA ALA N 226 55.24 -38.02 55.75
C ALA N 226 54.43 -37.77 54.48
N PHE N 227 53.45 -38.63 54.19
CA PHE N 227 52.63 -38.48 53.00
C PHE N 227 51.69 -37.31 53.14
N GLN N 228 51.17 -37.07 54.34
CA GLN N 228 50.29 -35.94 54.54
C GLN N 228 51.06 -34.63 54.62
N ASN N 229 52.33 -34.68 55.03
CA ASN N 229 53.15 -33.49 54.98
C ASN N 229 53.48 -33.12 53.54
N THR N 230 53.76 -34.12 52.71
CA THR N 230 54.16 -33.89 51.32
C THR N 230 53.02 -33.28 50.51
N VAL N 231 51.78 -33.68 50.78
CA VAL N 231 50.68 -33.06 50.05
C VAL N 231 50.42 -31.65 50.57
N ASN N 232 50.56 -31.41 51.87
CA ASN N 232 50.15 -30.10 52.38
C ASN N 232 51.23 -29.03 52.34
N PHE N 233 52.51 -29.36 52.49
CA PHE N 233 53.50 -28.36 52.89
C PHE N 233 54.57 -28.05 51.84
N LYS N 234 54.19 -27.87 50.59
CA LYS N 234 54.82 -26.91 49.66
C LYS N 234 56.31 -27.14 49.39
N PHE N 235 56.82 -28.35 49.68
CA PHE N 235 58.22 -28.80 49.62
C PHE N 235 59.08 -28.17 50.74
N GLU N 236 58.52 -27.22 51.47
CA GLU N 236 59.28 -26.53 52.49
C GLU N 236 59.40 -27.41 53.73
N GLU N 237 60.27 -27.01 54.65
CA GLU N 237 60.37 -27.70 55.93
C GLU N 237 59.48 -27.04 56.98
N ASN N 238 58.22 -26.86 56.60
CA ASN N 238 57.13 -26.54 57.51
C ASN N 238 56.46 -27.80 58.02
N TYR N 239 57.16 -28.93 58.00
CA TYR N 239 56.57 -30.20 58.35
C TYR N 239 56.31 -30.31 59.84
N THR N 240 55.28 -31.07 60.19
CA THR N 240 54.98 -31.37 61.58
C THR N 240 55.63 -32.69 61.98
N SER N 241 56.97 -32.70 61.91
CA SER N 241 57.76 -33.87 62.24
C SER N 241 57.66 -34.16 63.74
N GLN N 242 56.95 -35.23 64.09
CA GLN N 242 56.51 -35.44 65.45
C GLN N 242 57.57 -36.06 66.36
N ASN N 243 58.55 -36.76 65.81
CA ASN N 243 59.46 -37.53 66.63
C ASN N 243 60.87 -37.44 66.08
N VAL N 244 61.77 -38.17 66.72
CA VAL N 244 63.05 -38.51 66.12
C VAL N 244 62.89 -39.71 65.19
N LEU N 245 61.81 -40.49 65.39
CA LEU N 245 61.52 -41.62 64.51
C LEU N 245 61.15 -41.17 63.11
N THR N 246 60.61 -39.96 62.97
CA THR N 246 60.45 -39.37 61.64
C THR N 246 61.81 -39.06 61.03
N LYS N 247 62.74 -38.55 61.84
CA LYS N 247 64.08 -38.24 61.34
C LYS N 247 64.87 -39.52 61.05
N SER N 248 64.70 -40.55 61.87
CA SER N 248 65.36 -41.81 61.58
C SER N 248 64.71 -42.53 60.40
N TYR N 249 63.44 -42.23 60.11
CA TYR N 249 62.78 -42.81 58.94
C TYR N 249 63.42 -42.31 57.65
N LEU N 250 63.83 -41.05 57.63
CA LEU N 250 64.36 -40.45 56.40
C LEU N 250 65.74 -40.99 56.06
N SER N 251 66.52 -41.36 57.06
CA SER N 251 67.89 -41.77 56.80
C SER N 251 67.98 -43.21 56.33
N ASN N 252 66.99 -44.04 56.60
CA ASN N 252 66.93 -45.39 56.08
C ASN N 252 66.14 -45.47 54.77
N ARG N 253 65.47 -44.39 54.39
CA ARG N 253 64.69 -44.35 53.17
C ARG N 253 65.58 -44.44 51.95
N THR N 254 65.24 -45.33 51.03
CA THR N 254 66.03 -45.49 49.82
C THR N 254 65.50 -44.72 48.62
N ASN N 255 64.20 -44.82 48.27
CA ASN N 255 63.79 -44.23 46.99
C ASN N 255 62.74 -43.14 47.05
N SER N 256 61.55 -43.37 47.60
CA SER N 256 60.45 -42.39 47.71
C SER N 256 59.88 -41.78 46.43
N ARG N 257 59.10 -42.53 45.66
CA ARG N 257 58.31 -41.96 44.57
C ARG N 257 56.92 -41.53 45.05
N VAL N 258 56.39 -40.49 44.42
CA VAL N 258 55.00 -40.07 44.62
C VAL N 258 54.30 -40.13 43.27
N GLN N 259 53.17 -40.85 43.21
CA GLN N 259 52.49 -41.12 41.96
C GLN N 259 51.04 -40.69 42.05
N SER N 260 50.58 -39.94 41.05
CA SER N 260 49.18 -39.57 40.91
C SER N 260 48.60 -40.34 39.73
N ILE N 261 47.46 -40.97 39.93
CA ILE N 261 46.78 -41.72 38.89
C ILE N 261 45.39 -41.13 38.74
N GLY N 262 45.16 -40.38 37.68
CA GLY N 262 43.91 -39.68 37.51
C GLY N 262 43.88 -38.36 38.24
N GLY N 263 42.87 -37.57 37.95
CA GLY N 263 42.78 -36.27 38.56
C GLY N 263 43.73 -35.28 37.91
N VAL N 264 44.03 -34.23 38.66
CA VAL N 264 44.98 -33.21 38.23
C VAL N 264 46.38 -33.69 38.58
N PRO N 265 47.43 -33.19 37.91
CA PRO N 265 48.79 -33.65 38.24
C PRO N 265 49.22 -33.20 39.63
N PHE N 266 49.93 -34.07 40.31
CA PHE N 266 50.39 -33.79 41.65
C PHE N 266 51.62 -32.88 41.62
N TYR N 267 51.67 -31.97 42.58
CA TYR N 267 52.87 -31.21 42.92
C TYR N 267 52.89 -31.08 44.42
N PRO N 268 54.07 -31.07 45.05
CA PRO N 268 54.12 -31.00 46.51
C PRO N 268 53.64 -29.67 47.02
N GLY N 269 52.46 -29.65 47.64
CA GLY N 269 51.86 -28.40 48.03
C GLY N 269 50.40 -28.28 47.66
N ILE N 270 49.93 -29.11 46.73
CA ILE N 270 48.49 -29.12 46.45
C ILE N 270 47.78 -29.78 47.63
N THR N 271 46.83 -29.09 48.21
CA THR N 271 46.20 -29.62 49.39
C THR N 271 45.29 -30.79 49.02
N LEU N 272 44.93 -31.59 50.01
CA LEU N 272 44.10 -32.75 49.76
C LEU N 272 42.70 -32.33 49.34
N GLN N 273 42.25 -31.17 49.81
CA GLN N 273 41.03 -30.56 49.31
C GLN N 273 41.13 -30.24 47.83
N ALA N 274 42.24 -29.65 47.41
CA ALA N 274 42.33 -29.16 46.03
C ALA N 274 42.61 -30.27 45.04
N TRP N 275 43.26 -31.36 45.47
CA TRP N 275 43.42 -32.51 44.59
C TRP N 275 42.08 -33.18 44.32
N GLN N 276 41.19 -33.18 45.30
CA GLN N 276 39.89 -33.81 45.17
C GLN N 276 38.89 -32.97 44.40
N GLN N 277 39.21 -31.72 44.09
CA GLN N 277 38.35 -30.94 43.22
C GLN N 277 38.63 -31.18 41.75
N GLY N 278 39.82 -31.69 41.43
CA GLY N 278 40.18 -31.96 40.06
C GLY N 278 39.92 -33.36 39.61
N ILE N 279 39.27 -34.18 40.45
CA ILE N 279 38.93 -35.55 40.07
C ILE N 279 37.81 -35.55 39.05
N THR N 280 36.92 -34.56 39.11
CA THR N 280 35.83 -34.43 38.17
C THR N 280 36.35 -34.20 36.75
N ASN N 281 35.88 -35.06 35.84
CA ASN N 281 36.22 -35.16 34.41
C ASN N 281 37.63 -35.66 34.14
N HIS N 282 38.37 -36.09 35.16
CA HIS N 282 39.65 -36.76 34.97
C HIS N 282 39.57 -38.06 35.73
N LEU N 283 38.94 -39.07 35.14
CA LEU N 283 38.76 -40.36 35.80
C LEU N 283 39.48 -41.41 35.00
N VAL N 284 40.12 -42.33 35.70
CA VAL N 284 40.84 -43.43 35.06
C VAL N 284 40.38 -44.72 35.72
N ALA N 285 40.82 -45.83 35.17
CA ALA N 285 40.53 -47.13 35.76
C ALA N 285 41.52 -47.39 36.88
N ILE N 286 41.04 -47.38 38.11
CA ILE N 286 41.87 -47.72 39.26
C ILE N 286 41.70 -49.17 39.68
N ASP N 287 40.77 -49.91 39.08
CA ASP N 287 40.66 -51.34 39.28
C ASP N 287 39.92 -51.93 38.09
N ARG N 288 40.14 -53.22 37.85
CA ARG N 288 39.55 -53.94 36.73
C ARG N 288 39.22 -55.36 37.15
N SER N 289 38.16 -55.91 36.56
CA SER N 289 37.87 -57.32 36.63
C SER N 289 37.71 -57.84 35.22
N GLY N 290 37.83 -59.16 35.06
CA GLY N 290 37.72 -59.69 33.72
C GLY N 290 37.50 -61.18 33.66
N LEU N 291 37.50 -61.68 32.43
CA LEU N 291 37.37 -63.09 32.09
C LEU N 291 38.34 -63.37 30.97
N PRO N 292 38.77 -64.62 30.81
CA PRO N 292 39.67 -64.96 29.72
C PRO N 292 39.04 -64.78 28.35
N LEU N 293 39.91 -64.72 27.33
CA LEU N 293 39.48 -64.29 26.00
C LEU N 293 38.65 -65.37 25.30
N HIS N 294 38.88 -66.64 25.62
CA HIS N 294 38.13 -67.72 25.01
C HIS N 294 36.78 -67.95 25.67
N PHE N 295 36.48 -67.26 26.76
CA PHE N 295 35.15 -67.33 27.35
C PHE N 295 34.11 -66.73 26.41
N PHE N 296 34.49 -65.72 25.64
CA PHE N 296 33.59 -65.01 24.76
C PHE N 296 33.58 -65.58 23.36
N ILE N 297 34.17 -66.74 23.15
CA ILE N 297 34.06 -67.45 21.88
C ILE N 297 33.16 -68.65 22.13
N ASN N 298 31.87 -68.45 21.91
CA ASN N 298 30.85 -69.44 22.23
C ASN N 298 29.78 -69.31 21.17
N PRO N 299 28.87 -70.31 21.03
CA PRO N 299 27.83 -70.20 19.99
C PRO N 299 26.85 -69.05 20.15
N ASN N 300 26.81 -68.39 21.31
CA ASN N 300 25.92 -67.25 21.47
C ASN N 300 26.51 -66.00 20.83
N MET N 301 27.82 -65.76 20.99
CA MET N 301 28.44 -64.57 20.41
C MET N 301 28.59 -64.69 18.90
N LEU N 302 28.69 -65.91 18.38
CA LEU N 302 28.88 -66.16 16.96
C LEU N 302 27.68 -66.97 16.47
N PRO N 303 26.57 -66.30 16.13
CA PRO N 303 25.37 -67.04 15.74
C PRO N 303 25.33 -67.43 14.28
N ASP N 304 26.24 -66.90 13.46
CA ASP N 304 26.29 -67.19 12.04
C ASP N 304 27.33 -68.26 11.69
N LEU N 305 27.74 -69.06 12.66
CA LEU N 305 28.66 -70.15 12.45
C LEU N 305 28.11 -71.39 13.14
N PRO N 306 28.46 -72.59 12.67
CA PRO N 306 27.98 -73.80 13.32
C PRO N 306 28.56 -74.01 14.71
N GLY N 307 27.88 -74.86 15.47
CA GLY N 307 28.20 -75.16 16.84
C GLY N 307 29.58 -75.73 17.12
N PRO N 308 29.92 -76.87 16.51
CA PRO N 308 31.26 -77.43 16.76
C PRO N 308 32.39 -76.67 16.13
N LEU N 309 32.11 -75.73 15.25
CA LEU N 309 33.16 -74.97 14.60
C LEU N 309 33.58 -73.75 15.38
N VAL N 310 32.71 -73.20 16.23
CA VAL N 310 33.15 -72.14 17.14
C VAL N 310 33.80 -72.71 18.39
N LYS N 311 33.73 -74.02 18.59
CA LYS N 311 34.50 -74.68 19.63
C LYS N 311 35.89 -75.07 19.17
N LYS N 312 36.13 -75.09 17.87
CA LYS N 312 37.49 -75.25 17.38
C LYS N 312 38.24 -73.92 17.45
N VAL N 313 37.54 -72.82 17.21
CA VAL N 313 38.13 -71.50 17.33
C VAL N 313 38.42 -71.18 18.79
N SER N 314 37.51 -71.59 19.68
CA SER N 314 37.70 -71.33 21.10
C SER N 314 38.83 -72.16 21.68
N LYS N 315 39.07 -73.34 21.13
CA LYS N 315 40.13 -74.18 21.65
C LYS N 315 41.49 -73.79 21.07
N THR N 316 41.52 -73.28 19.85
CA THR N 316 42.81 -72.87 19.29
C THR N 316 43.27 -71.51 19.80
N VAL N 317 42.39 -70.75 20.44
CA VAL N 317 42.79 -69.51 21.10
C VAL N 317 43.14 -69.76 22.56
N GLU N 318 42.46 -70.70 23.21
CA GLU N 318 42.82 -71.11 24.56
C GLU N 318 44.22 -71.72 24.61
N THR N 319 44.61 -72.41 23.55
CA THR N 319 45.96 -72.97 23.47
C THR N 319 46.99 -71.88 23.22
N ALA N 320 46.64 -70.86 22.45
CA ALA N 320 47.59 -69.79 22.16
C ALA N 320 47.82 -68.89 23.36
N VAL N 321 46.80 -68.68 24.19
CA VAL N 321 46.97 -67.90 25.41
C VAL N 321 47.80 -68.68 26.42
N LYS N 322 47.55 -69.98 26.53
CA LYS N 322 48.30 -70.81 27.47
C LYS N 322 49.76 -70.97 27.04
N ARG N 323 50.03 -70.93 25.75
CA ARG N 323 51.40 -70.99 25.26
C ARG N 323 52.14 -69.69 25.57
N TYR N 324 51.42 -68.59 25.68
CA TYR N 324 52.02 -67.30 25.95
C TYR N 324 52.45 -67.17 27.40
N TYR N 325 51.73 -67.80 28.33
CA TYR N 325 52.15 -67.81 29.72
C TYR N 325 53.32 -68.74 29.96
N THR N 326 53.41 -69.83 29.19
CA THR N 326 54.45 -70.81 29.42
C THR N 326 55.81 -70.30 28.97
N PHE N 327 55.84 -69.54 27.88
CA PHE N 327 57.10 -69.04 27.35
C PHE N 327 57.63 -67.85 28.14
N ASN N 328 56.86 -67.32 29.07
CA ASN N 328 57.25 -66.20 29.91
C ASN N 328 57.30 -66.61 31.37
N THR N 329 57.56 -67.88 31.63
CA THR N 329 57.69 -68.40 32.98
C THR N 329 59.14 -68.79 33.20
N TYR N 330 59.75 -68.24 34.25
CA TYR N 330 61.15 -68.46 34.57
C TYR N 330 61.24 -69.01 35.99
N PRO N 331 61.26 -70.33 36.17
CA PRO N 331 61.48 -70.87 37.50
C PRO N 331 62.93 -70.72 37.92
N GLY N 332 63.13 -70.51 39.22
CA GLY N 332 64.47 -70.33 39.73
C GLY N 332 64.43 -70.00 41.21
N CYS N 333 65.62 -69.78 41.76
CA CYS N 333 65.73 -69.40 43.16
C CYS N 333 65.38 -67.93 43.30
N THR N 334 64.40 -67.64 44.14
CA THR N 334 63.89 -66.29 44.30
C THR N 334 64.30 -65.64 45.60
N ASP N 335 64.98 -66.37 46.50
CA ASP N 335 65.42 -65.80 47.76
C ASP N 335 66.72 -65.03 47.55
N LEU N 336 66.70 -63.74 47.84
CA LEU N 336 67.85 -62.89 47.55
C LEU N 336 69.03 -63.13 48.48
N ASN N 337 68.80 -63.78 49.62
CA ASN N 337 69.88 -64.07 50.55
C ASN N 337 70.58 -65.37 50.26
N SER N 338 70.00 -66.24 49.43
CA SER N 338 70.66 -67.47 49.05
C SER N 338 71.82 -67.18 48.10
N PRO N 339 72.90 -67.97 48.16
CA PRO N 339 74.05 -67.69 47.29
C PRO N 339 73.77 -67.95 45.82
N ASN N 340 72.92 -68.92 45.50
CA ASN N 340 72.53 -69.18 44.12
C ASN N 340 71.22 -68.46 43.76
N PHE N 341 71.18 -67.16 44.00
CA PHE N 341 69.99 -66.37 43.70
C PHE N 341 69.83 -66.15 42.21
N ASN N 342 68.66 -66.51 41.69
CA ASN N 342 68.34 -66.31 40.28
C ASN N 342 67.57 -65.00 40.18
N PHE N 343 68.29 -63.92 39.88
CA PHE N 343 67.67 -62.76 39.29
C PHE N 343 67.21 -63.16 37.89
N GLN N 344 66.21 -62.44 37.38
CA GLN N 344 65.43 -62.83 36.18
C GLN N 344 64.75 -64.18 36.39
N ALA N 345 63.97 -64.30 37.45
CA ALA N 345 63.16 -65.48 37.71
C ALA N 345 61.83 -65.05 38.30
N ASN N 346 60.75 -65.65 37.82
CA ASN N 346 59.40 -65.29 38.22
C ASN N 346 58.84 -66.20 39.30
N THR N 347 59.01 -67.51 39.13
CA THR N 347 58.34 -68.50 39.95
C THR N 347 59.34 -69.12 40.91
N ASP N 348 58.93 -69.30 42.16
CA ASP N 348 59.78 -69.92 43.17
C ASP N 348 59.97 -71.39 42.84
N ASP N 349 61.22 -71.78 42.60
CA ASP N 349 61.52 -73.14 42.18
C ASP N 349 61.46 -74.13 43.33
N GLY N 350 61.60 -73.66 44.56
CA GLY N 350 61.65 -74.56 45.69
C GLY N 350 62.98 -75.25 45.87
N SER N 351 64.01 -74.84 45.14
CA SER N 351 65.35 -75.39 45.26
C SER N 351 66.28 -74.21 45.48
N CYS N 352 66.41 -73.80 46.74
CA CYS N 352 67.24 -72.66 47.11
C CYS N 352 68.56 -73.07 47.73
N GLU N 353 68.75 -74.35 48.02
CA GLU N 353 69.99 -74.86 48.57
C GLU N 353 70.44 -76.03 47.72
N GLY N 354 71.50 -75.83 46.93
CA GLY N 354 72.05 -76.87 46.09
C GLY N 354 73.22 -77.57 46.75
N LYS N 355 73.77 -78.55 46.03
CA LYS N 355 74.88 -79.34 46.53
C LYS N 355 76.19 -79.13 45.80
N MET N 356 76.17 -78.40 44.67
CA MET N 356 77.34 -78.12 43.82
C MET N 356 78.00 -79.42 43.36
N THR N 357 77.26 -80.13 42.50
CA THR N 357 77.76 -81.35 41.89
C THR N 357 78.21 -81.03 40.48
N ASN N 358 79.51 -81.24 40.21
CA ASN N 358 80.03 -81.08 38.87
C ASN N 358 79.71 -82.31 38.03
N PHE N 359 79.26 -82.09 36.81
CA PHE N 359 78.81 -83.18 35.95
C PHE N 359 79.68 -83.28 34.70
N SER N 360 79.44 -84.33 33.94
CA SER N 360 80.23 -84.66 32.75
C SER N 360 79.38 -84.45 31.51
N PHE N 361 79.87 -83.61 30.60
CA PHE N 361 79.18 -83.32 29.35
C PHE N 361 79.66 -84.31 28.30
N GLY N 362 78.81 -85.28 27.98
CA GLY N 362 79.17 -86.34 27.06
C GLY N 362 78.97 -86.06 25.59
N GLY N 363 78.60 -84.84 25.23
CA GLY N 363 78.49 -84.46 23.84
C GLY N 363 77.09 -84.69 23.28
N VAL N 364 76.89 -84.15 22.08
CA VAL N 364 75.62 -84.21 21.38
C VAL N 364 75.82 -84.81 20.01
N TYR N 365 74.77 -85.45 19.49
CA TYR N 365 74.78 -85.92 18.12
C TYR N 365 73.35 -85.93 17.60
N GLN N 366 73.21 -85.76 16.28
CA GLN N 366 71.92 -85.59 15.65
C GLN N 366 71.84 -86.47 14.42
N GLU N 367 70.79 -87.27 14.34
CA GLU N 367 70.53 -88.07 13.15
C GLU N 367 69.69 -87.29 12.15
N CYS N 368 69.67 -87.76 10.92
CA CYS N 368 68.78 -87.22 9.90
C CYS N 368 68.23 -88.34 9.05
N THR N 369 67.03 -88.13 8.52
CA THR N 369 66.36 -89.13 7.68
C THR N 369 65.56 -88.39 6.62
N GLN N 370 66.02 -88.47 5.38
CA GLN N 370 65.36 -87.81 4.27
C GLN N 370 64.02 -88.48 3.99
N LEU N 371 62.97 -87.67 3.86
CA LEU N 371 61.63 -88.19 3.60
C LEU N 371 61.18 -87.95 2.16
N SER N 372 61.51 -86.79 1.59
CA SER N 372 61.14 -86.48 0.21
C SER N 372 62.10 -85.44 -0.32
N GLY N 373 62.23 -85.40 -1.65
CA GLY N 373 63.11 -84.44 -2.29
C GLY N 373 64.51 -84.95 -2.48
N ASN N 374 64.64 -86.19 -2.94
CA ASN N 374 65.96 -86.81 -3.11
C ASN N 374 66.66 -86.23 -4.32
N ARG N 375 68.01 -86.25 -4.24
CA ARG N 375 68.94 -85.83 -5.29
C ARG N 375 68.77 -84.37 -5.70
N ASP N 376 68.16 -83.54 -4.86
CA ASP N 376 67.95 -82.14 -5.16
C ASP N 376 68.56 -81.21 -4.12
N VAL N 377 68.34 -81.48 -2.84
CA VAL N 377 68.79 -80.61 -1.76
C VAL N 377 69.91 -81.25 -0.96
N LEU N 378 69.81 -82.56 -0.69
CA LEU N 378 70.62 -83.30 0.27
C LEU N 378 70.53 -82.66 1.66
N LEU N 379 69.30 -82.72 2.19
CA LEU N 379 69.02 -82.18 3.53
C LEU N 379 69.79 -82.91 4.61
N CYS N 380 70.07 -84.20 4.42
CA CYS N 380 70.69 -85.03 5.43
C CYS N 380 72.22 -84.92 5.40
N GLN N 381 72.76 -83.80 4.94
CA GLN N 381 74.18 -83.53 4.93
C GLN N 381 74.56 -82.31 5.75
N LYS N 382 73.82 -81.21 5.60
CA LYS N 382 74.02 -80.03 6.41
C LYS N 382 73.13 -80.01 7.65
N LEU N 383 72.54 -81.15 8.01
CA LEU N 383 71.68 -81.27 9.16
C LEU N 383 72.09 -82.47 10.02
N GLU N 384 73.31 -82.94 9.85
CA GLU N 384 73.80 -84.15 10.49
C GLU N 384 75.02 -83.81 11.32
N GLN N 385 75.06 -84.30 12.56
CA GLN N 385 76.18 -84.03 13.45
C GLN N 385 76.54 -85.29 14.21
N LYS N 386 77.83 -85.60 14.27
CA LYS N 386 78.34 -86.75 15.00
C LYS N 386 79.02 -86.30 16.28
N ASN N 387 79.08 -87.24 17.23
CA ASN N 387 79.69 -86.98 18.53
C ASN N 387 81.20 -86.90 18.38
N PRO N 388 81.87 -85.83 18.81
CA PRO N 388 83.34 -85.78 18.70
C PRO N 388 84.06 -86.76 19.60
N LEU N 389 83.42 -87.28 20.64
CA LEU N 389 84.08 -88.21 21.54
C LEU N 389 84.15 -89.62 20.96
N THR N 390 83.24 -89.98 20.06
CA THR N 390 83.26 -91.29 19.43
C THR N 390 83.41 -91.25 17.91
N GLY N 391 83.14 -90.12 17.27
CA GLY N 391 83.09 -90.09 15.82
C GLY N 391 81.94 -90.88 15.25
N ASP N 392 80.86 -91.02 16.00
CA ASP N 392 79.78 -91.95 15.65
C ASP N 392 78.50 -91.41 16.26
N PHE N 393 77.38 -92.04 15.90
CA PHE N 393 76.08 -91.71 16.46
C PHE N 393 75.81 -92.53 17.72
N SER N 394 76.71 -92.37 18.69
CA SER N 394 76.63 -93.09 19.94
C SER N 394 77.39 -92.31 21.01
N CYS N 395 77.05 -92.58 22.24
CA CYS N 395 77.76 -92.04 23.38
C CYS N 395 78.99 -92.90 23.67
N PRO N 396 79.97 -92.37 24.43
CA PRO N 396 81.10 -93.21 24.84
C PRO N 396 80.75 -94.30 25.83
N SER N 397 81.78 -95.03 26.30
CA SER N 397 81.57 -96.21 27.13
C SER N 397 80.98 -95.86 28.48
N GLY N 398 81.37 -94.72 29.05
CA GLY N 398 80.82 -94.30 30.31
C GLY N 398 79.55 -93.49 30.24
N TYR N 399 78.90 -93.43 29.08
CA TYR N 399 77.76 -92.54 28.89
C TYR N 399 76.57 -93.32 28.32
N SER N 400 75.46 -92.61 28.14
CA SER N 400 74.20 -93.18 27.66
C SER N 400 73.42 -92.10 26.94
N PRO N 401 72.70 -92.44 25.86
CA PRO N 401 72.00 -91.40 25.10
C PRO N 401 70.65 -91.05 25.68
N VAL N 402 70.31 -89.76 25.59
CA VAL N 402 69.01 -89.24 25.99
C VAL N 402 68.42 -88.48 24.81
N HIS N 403 67.21 -88.86 24.41
CA HIS N 403 66.55 -88.27 23.25
C HIS N 403 65.91 -86.93 23.62
N LEU N 404 66.36 -85.86 22.97
CA LEU N 404 65.79 -84.54 23.24
C LEU N 404 64.48 -84.33 22.50
N LEU N 405 64.54 -84.30 21.18
CA LEU N 405 63.42 -83.84 20.39
C LEU N 405 63.55 -84.33 18.96
N SER N 406 62.41 -84.64 18.35
CA SER N 406 62.35 -85.20 17.01
C SER N 406 61.26 -84.46 16.23
N GLN N 407 61.66 -83.70 15.21
CA GLN N 407 60.72 -82.94 14.41
C GLN N 407 61.10 -83.04 12.94
N ILE N 408 60.31 -82.38 12.09
CA ILE N 408 60.47 -82.41 10.65
C ILE N 408 60.99 -81.05 10.19
N HIS N 409 62.06 -81.07 9.42
CA HIS N 409 62.58 -79.86 8.81
C HIS N 409 62.15 -79.78 7.35
N GLU N 410 61.93 -78.56 6.87
CA GLU N 410 61.49 -78.33 5.50
C GLU N 410 62.37 -77.27 4.85
N GLU N 411 62.82 -77.55 3.63
CA GLU N 411 63.45 -76.55 2.78
C GLU N 411 62.85 -76.63 1.38
N GLY N 412 63.11 -75.59 0.60
CA GLY N 412 62.57 -75.48 -0.74
C GLY N 412 63.64 -75.52 -1.80
N TYR N 413 63.33 -76.17 -2.92
CA TYR N 413 64.21 -76.21 -4.07
C TYR N 413 63.43 -75.81 -5.31
N ASN N 414 64.13 -75.64 -6.41
CA ASN N 414 63.64 -74.83 -7.51
C ASN N 414 64.06 -75.43 -8.84
N HIS N 415 63.09 -75.65 -9.72
CA HIS N 415 63.36 -76.01 -11.10
C HIS N 415 63.02 -74.82 -12.00
N LEU N 416 63.65 -74.78 -13.17
CA LEU N 416 63.39 -73.72 -14.14
C LEU N 416 63.50 -74.31 -15.53
N GLU N 417 62.37 -74.36 -16.24
CA GLU N 417 62.31 -74.97 -17.55
C GLU N 417 61.82 -73.93 -18.56
N CYS N 418 62.45 -73.91 -19.73
CA CYS N 418 62.11 -72.95 -20.78
C CYS N 418 62.17 -73.65 -22.12
N HIS N 419 61.16 -73.39 -22.96
CA HIS N 419 61.26 -73.79 -24.36
C HIS N 419 60.59 -72.74 -25.22
N ARG N 420 61.07 -72.64 -26.46
CA ARG N 420 60.69 -71.59 -27.39
C ARG N 420 60.14 -72.23 -28.66
N LYS N 421 59.08 -71.62 -29.21
CA LYS N 421 58.41 -72.16 -30.38
C LYS N 421 58.00 -71.02 -31.29
N CYS N 422 58.25 -71.18 -32.59
CA CYS N 422 57.92 -70.17 -33.58
C CYS N 422 56.90 -70.74 -34.57
N THR N 423 55.97 -69.90 -35.01
CA THR N 423 54.85 -70.33 -35.86
C THR N 423 54.73 -69.39 -37.04
N LEU N 424 54.90 -69.93 -38.26
CA LEU N 424 54.83 -69.21 -39.53
C LEU N 424 55.88 -68.10 -39.63
N LYS N 425 57.03 -68.30 -38.97
CA LYS N 425 58.23 -67.45 -38.95
C LYS N 425 58.02 -66.10 -38.29
N VAL N 426 56.81 -65.78 -37.82
CA VAL N 426 56.50 -64.60 -37.03
C VAL N 426 56.05 -65.25 -35.72
N PHE N 427 55.63 -64.47 -34.73
CA PHE N 427 54.86 -64.94 -33.56
C PHE N 427 55.64 -65.96 -32.73
N CYS N 428 56.78 -65.51 -32.21
CA CYS N 428 57.63 -66.38 -31.40
C CYS N 428 57.06 -66.49 -30.00
N LYS N 429 56.87 -67.72 -29.53
CA LYS N 429 56.33 -67.99 -28.21
C LYS N 429 57.40 -68.58 -27.32
N THR N 430 57.55 -68.02 -26.12
CA THR N 430 58.51 -68.48 -25.13
C THR N 430 57.80 -68.59 -23.80
N VAL N 431 57.78 -69.78 -23.21
CA VAL N 431 57.21 -70.00 -21.90
C VAL N 431 58.32 -70.40 -20.94
N CYS N 432 58.31 -69.81 -19.75
CA CYS N 432 59.36 -70.00 -18.74
C CYS N 432 58.68 -70.41 -17.44
N GLU N 433 58.74 -71.70 -17.12
CA GLU N 433 58.08 -72.25 -15.96
C GLU N 433 59.08 -72.46 -14.82
N ASP N 434 58.68 -72.10 -13.61
CA ASP N 434 59.55 -72.14 -12.45
C ASP N 434 58.80 -72.77 -11.27
N VAL N 435 59.10 -74.02 -10.97
CA VAL N 435 58.38 -74.80 -9.97
C VAL N 435 59.16 -74.78 -8.66
N PHE N 436 58.48 -74.47 -7.57
CA PHE N 436 59.06 -74.46 -6.23
C PHE N 436 58.44 -75.60 -5.44
N GLN N 437 59.26 -76.56 -5.03
CA GLN N 437 58.80 -77.70 -4.25
C GLN N 437 59.43 -77.69 -2.86
N VAL N 438 58.87 -78.48 -1.96
CA VAL N 438 59.28 -78.53 -0.56
C VAL N 438 59.89 -79.89 -0.28
N ALA N 439 61.14 -79.89 0.21
CA ALA N 439 61.84 -81.10 0.60
C ALA N 439 61.83 -81.24 2.12
N LYS N 440 61.46 -82.41 2.60
CA LYS N 440 61.30 -82.65 4.03
C LYS N 440 62.38 -83.60 4.55
N ALA N 441 62.61 -83.54 5.85
CA ALA N 441 63.58 -84.39 6.51
C ALA N 441 63.26 -84.50 7.98
N GLU N 442 63.36 -85.71 8.52
CA GLU N 442 63.21 -85.97 9.94
C GLU N 442 64.57 -85.89 10.60
N PHE N 443 64.64 -85.22 11.75
CA PHE N 443 65.86 -85.24 12.55
C PHE N 443 65.54 -85.70 13.97
N ARG N 444 66.51 -86.36 14.58
CA ARG N 444 66.40 -86.82 15.97
C ARG N 444 67.68 -86.43 16.68
N ALA N 445 67.57 -85.51 17.63
CA ALA N 445 68.71 -85.02 18.38
C ALA N 445 68.82 -85.77 19.70
N PHE N 446 70.01 -86.30 19.96
CA PHE N 446 70.28 -87.05 21.19
C PHE N 446 71.31 -86.30 22.03
N TRP N 447 71.55 -86.83 23.22
CA TRP N 447 72.39 -86.17 24.19
C TRP N 447 72.90 -87.19 25.19
N CYS N 448 74.18 -87.08 25.56
CA CYS N 448 74.84 -88.08 26.38
C CYS N 448 74.86 -87.67 27.85
N VAL N 449 74.74 -88.66 28.74
CA VAL N 449 74.66 -88.44 30.17
C VAL N 449 75.60 -89.42 30.86
N ALA N 450 76.32 -88.95 31.89
CA ALA N 450 77.19 -89.83 32.67
C ALA N 450 76.34 -90.79 33.49
N SER N 451 76.26 -92.04 33.05
CA SER N 451 75.46 -93.05 33.73
C SER N 451 76.29 -94.20 34.29
N SER N 452 77.60 -94.18 34.13
CA SER N 452 78.47 -95.23 34.65
C SER N 452 79.22 -94.81 35.90
N GLN N 453 79.20 -93.51 36.24
CA GLN N 453 79.64 -92.90 37.50
C GLN N 453 81.16 -92.88 37.65
N VAL N 454 81.89 -93.56 36.77
CA VAL N 454 83.34 -93.54 36.82
C VAL N 454 83.87 -93.07 35.47
N PRO N 455 84.03 -91.77 35.25
CA PRO N 455 84.83 -91.33 34.10
C PRO N 455 86.27 -91.03 34.52
N GLU N 456 87.19 -91.08 33.57
CA GLU N 456 88.53 -90.56 33.83
C GLU N 456 88.55 -89.05 33.71
N ASN N 457 88.23 -88.53 32.53
CA ASN N 457 87.99 -87.11 32.31
C ASN N 457 86.62 -86.96 31.67
N SER N 458 85.96 -85.83 31.96
CA SER N 458 84.58 -85.63 31.56
C SER N 458 84.46 -85.46 30.05
N GLY N 459 85.16 -84.48 29.50
CA GLY N 459 85.10 -84.23 28.08
C GLY N 459 84.27 -83.03 27.72
N LEU N 460 84.79 -82.25 26.77
CA LEU N 460 84.07 -81.18 26.07
C LEU N 460 83.59 -80.10 27.03
N LEU N 461 84.57 -79.41 27.63
CA LEU N 461 84.27 -78.50 28.75
C LEU N 461 83.79 -77.15 28.23
N PHE N 462 82.51 -77.10 27.86
CA PHE N 462 81.71 -75.89 27.69
C PHE N 462 80.27 -76.33 27.51
N GLY N 463 79.35 -75.43 27.84
CA GLY N 463 77.94 -75.74 27.71
C GLY N 463 77.08 -74.58 27.26
N GLY N 464 77.68 -73.58 26.60
CA GLY N 464 76.97 -72.41 26.15
C GLY N 464 76.59 -72.48 24.69
N LEU N 465 75.48 -71.84 24.35
CA LEU N 465 74.81 -72.04 23.08
C LEU N 465 74.61 -70.69 22.40
N PHE N 466 74.38 -70.73 21.09
CA PHE N 466 73.87 -69.58 20.37
C PHE N 466 73.09 -70.09 19.15
N SER N 467 72.03 -69.38 18.81
CA SER N 467 71.15 -69.76 17.72
C SER N 467 71.43 -68.87 16.52
N SER N 468 70.57 -68.99 15.50
CA SER N 468 70.54 -68.02 14.42
C SER N 468 69.86 -66.73 14.81
N LYS N 469 69.21 -66.69 15.97
CA LYS N 469 68.57 -65.49 16.49
C LYS N 469 68.99 -65.19 17.91
N SER N 470 69.93 -65.93 18.47
CA SER N 470 70.39 -65.74 19.83
C SER N 470 71.88 -65.38 19.82
N ILE N 471 72.44 -65.20 21.01
CA ILE N 471 73.80 -64.72 21.19
C ILE N 471 74.44 -65.54 22.31
N ASN N 472 75.64 -66.04 22.06
CA ASN N 472 76.43 -66.66 23.11
C ASN N 472 76.87 -65.59 24.11
N PRO N 473 76.49 -65.69 25.38
CA PRO N 473 76.88 -64.64 26.33
C PRO N 473 78.34 -64.66 26.71
N MET N 474 79.04 -65.77 26.45
CA MET N 474 80.47 -65.82 26.72
C MET N 474 81.30 -65.18 25.62
N THR N 475 80.68 -64.79 24.51
CA THR N 475 81.35 -63.99 23.50
C THR N 475 80.62 -62.69 23.18
N ASN N 476 79.36 -62.54 23.63
CA ASN N 476 78.45 -61.45 23.26
C ASN N 476 78.32 -61.31 21.74
N ALA N 477 78.33 -62.46 21.06
CA ALA N 477 78.23 -62.53 19.61
C ALA N 477 77.80 -63.93 19.22
N GLN N 478 77.64 -64.14 17.92
CA GLN N 478 77.32 -65.46 17.36
C GLN N 478 78.61 -66.18 16.95
N SER N 479 79.48 -66.37 17.93
CA SER N 479 80.78 -66.96 17.67
C SER N 479 81.20 -67.80 18.85
N CYS N 480 82.22 -68.61 18.65
CA CYS N 480 82.80 -69.45 19.67
C CYS N 480 83.85 -68.67 20.44
N PRO N 481 84.18 -69.09 21.66
CA PRO N 481 85.32 -68.48 22.36
C PRO N 481 86.65 -68.98 21.81
N ALA N 482 87.74 -68.57 22.46
CA ALA N 482 89.10 -68.85 21.97
C ALA N 482 89.40 -70.35 22.06
N GLY N 483 89.41 -71.01 20.91
CA GLY N 483 89.77 -72.41 20.84
C GLY N 483 88.61 -73.36 21.02
N TYR N 484 87.47 -73.04 20.40
CA TYR N 484 86.23 -73.78 20.55
C TYR N 484 85.62 -74.05 19.18
N PHE N 485 85.09 -75.27 19.00
CA PHE N 485 84.45 -75.58 17.74
C PHE N 485 82.98 -75.92 17.96
N PRO N 486 82.09 -75.44 17.10
CA PRO N 486 80.66 -75.61 17.35
C PRO N 486 80.14 -76.95 16.88
N LEU N 487 79.09 -77.42 17.53
CA LEU N 487 78.41 -78.65 17.15
C LEU N 487 76.99 -78.30 16.76
N ARG N 488 76.61 -78.65 15.53
CA ARG N 488 75.29 -78.28 15.05
C ARG N 488 74.19 -79.13 15.69
N LEU N 489 73.06 -78.50 15.92
CA LEU N 489 71.93 -79.13 16.57
C LEU N 489 70.69 -78.61 15.83
N PHE N 490 69.51 -78.72 16.46
CA PHE N 490 68.21 -79.01 15.86
C PHE N 490 67.98 -78.44 14.46
N GLU N 491 67.99 -77.13 14.35
CA GLU N 491 68.05 -76.47 13.06
C GLU N 491 69.11 -75.38 13.04
N ASN N 492 69.31 -74.67 14.15
CA ASN N 492 70.20 -73.53 14.18
C ASN N 492 71.11 -73.48 15.39
N LEU N 493 70.96 -74.39 16.36
CA LEU N 493 71.84 -74.36 17.52
C LEU N 493 73.25 -74.78 17.16
N LYS N 494 74.21 -74.05 17.70
CA LYS N 494 75.63 -74.38 17.58
C LYS N 494 76.20 -74.36 18.99
N VAL N 495 76.50 -75.54 19.51
CA VAL N 495 76.99 -75.68 20.88
C VAL N 495 78.51 -75.64 20.86
N CYS N 496 79.10 -74.66 21.55
CA CYS N 496 80.53 -74.49 21.52
C CYS N 496 81.19 -75.50 22.45
N VAL N 497 82.28 -76.10 21.99
CA VAL N 497 82.85 -77.30 22.59
C VAL N 497 84.36 -77.30 22.43
N SER N 498 85.08 -77.52 23.54
CA SER N 498 86.52 -77.76 23.49
C SER N 498 86.89 -78.80 24.54
N GLN N 499 87.83 -79.67 24.19
CA GLN N 499 88.34 -80.71 25.09
C GLN N 499 89.84 -80.56 25.31
N ASP N 500 90.30 -79.32 25.44
CA ASP N 500 91.73 -79.04 25.55
C ASP N 500 92.25 -79.04 26.98
N TYR N 501 91.39 -78.71 27.96
CA TYR N 501 91.63 -78.75 29.40
C TYR N 501 92.64 -77.72 29.91
N GLU N 502 93.29 -76.99 29.01
CA GLU N 502 94.21 -75.92 29.38
C GLU N 502 93.80 -74.58 28.83
N LEU N 503 93.57 -74.48 27.52
CA LEU N 503 93.06 -73.25 26.94
C LEU N 503 91.54 -73.19 26.97
N GLY N 504 90.88 -74.28 27.35
CA GLY N 504 89.44 -74.30 27.42
C GLY N 504 88.91 -74.02 28.81
N SER N 505 89.77 -74.16 29.83
CA SER N 505 89.35 -73.97 31.21
C SER N 505 89.19 -72.50 31.58
N ARG N 506 89.60 -71.56 30.73
CA ARG N 506 89.31 -70.16 31.00
C ARG N 506 87.84 -69.86 30.81
N PHE N 507 87.22 -70.48 29.80
CA PHE N 507 85.84 -70.19 29.45
C PHE N 507 84.87 -71.32 29.80
N ALA N 508 85.36 -72.41 30.40
CA ALA N 508 84.50 -73.54 30.69
C ALA N 508 83.54 -73.21 31.83
N VAL N 509 82.25 -73.41 31.57
CA VAL N 509 81.21 -73.15 32.56
C VAL N 509 80.72 -74.47 33.14
N PRO N 510 80.22 -74.49 34.37
CA PRO N 510 79.60 -75.72 34.89
C PRO N 510 78.30 -75.99 34.15
N PHE N 511 78.20 -77.16 33.54
CA PHE N 511 77.06 -77.52 32.72
C PHE N 511 76.09 -78.38 33.53
N GLY N 512 74.80 -78.20 33.28
CA GLY N 512 73.79 -78.87 34.07
C GLY N 512 72.93 -79.86 33.33
N GLY N 513 72.65 -79.63 32.07
CA GLY N 513 71.85 -80.56 31.29
C GLY N 513 70.82 -79.86 30.42
N PHE N 514 70.33 -80.59 29.43
CA PHE N 514 69.26 -80.13 28.55
C PHE N 514 67.94 -80.75 28.97
N PHE N 515 66.85 -80.04 28.73
CA PHE N 515 65.51 -80.62 28.79
C PHE N 515 64.59 -79.82 27.89
N SER N 516 63.47 -80.43 27.53
CA SER N 516 62.53 -79.82 26.60
C SER N 516 61.13 -80.03 27.15
N CYS N 517 60.13 -79.72 26.32
CA CYS N 517 58.75 -79.84 26.75
C CYS N 517 58.28 -81.28 26.81
N THR N 518 59.03 -82.23 26.28
CA THR N 518 58.65 -83.64 26.27
C THR N 518 59.55 -84.53 27.10
N VAL N 519 60.82 -84.16 27.30
CA VAL N 519 61.77 -85.01 27.99
C VAL N 519 62.37 -84.21 29.15
N GLY N 520 62.82 -84.92 30.17
CA GLY N 520 63.51 -84.31 31.28
C GLY N 520 64.96 -84.74 31.39
N ASN N 521 65.78 -83.94 32.06
CA ASN N 521 67.15 -84.42 32.22
C ASN N 521 67.23 -85.43 33.35
N PRO N 522 68.06 -86.46 33.22
CA PRO N 522 68.17 -87.46 34.28
C PRO N 522 69.21 -87.10 35.33
N LEU N 523 69.61 -85.83 35.40
CA LEU N 523 70.63 -85.40 36.34
C LEU N 523 70.05 -84.83 37.62
N VAL N 524 68.80 -85.19 37.94
CA VAL N 524 68.14 -84.70 39.13
C VAL N 524 67.75 -85.86 40.07
N ASP N 525 67.34 -87.00 39.52
CA ASP N 525 66.83 -88.09 40.36
C ASP N 525 67.92 -88.91 41.04
N PRO N 526 69.03 -89.30 40.36
CA PRO N 526 70.05 -89.88 41.24
C PRO N 526 70.93 -88.82 41.90
N PRO N 535 59.28 -91.12 34.45
CA PRO N 535 60.60 -90.75 33.93
C PRO N 535 61.26 -89.64 34.74
N SER N 536 61.89 -88.69 34.05
CA SER N 536 62.65 -87.64 34.71
C SER N 536 61.73 -86.51 35.16
N LEU N 537 62.31 -85.39 35.58
CA LEU N 537 61.56 -84.33 36.24
C LEU N 537 61.51 -83.04 35.45
N LYS N 538 62.39 -82.85 34.45
CA LYS N 538 62.61 -81.61 33.66
C LYS N 538 62.66 -80.33 34.52
N LYS N 539 63.18 -80.44 35.73
CA LYS N 539 63.30 -79.27 36.57
C LYS N 539 64.62 -78.56 36.36
N CYS N 540 65.71 -79.12 36.91
CA CYS N 540 67.03 -78.53 37.03
C CYS N 540 67.87 -79.59 37.77
N PRO N 541 69.20 -79.51 37.80
CA PRO N 541 69.92 -80.37 38.75
C PRO N 541 69.79 -79.90 40.19
N GLY N 542 69.80 -78.59 40.42
CA GLY N 542 69.79 -78.07 41.78
C GLY N 542 71.03 -77.24 42.03
N GLY N 543 70.84 -75.95 42.25
CA GLY N 543 71.92 -75.00 42.27
C GLY N 543 72.18 -74.33 40.94
N PHE N 544 71.85 -75.01 39.84
CA PHE N 544 71.97 -74.45 38.51
C PHE N 544 70.78 -73.55 38.22
N SER N 545 70.78 -72.94 37.04
CA SER N 545 69.73 -72.02 36.63
C SER N 545 69.27 -72.38 35.22
N GLN N 546 67.96 -72.48 35.03
CA GLN N 546 67.42 -72.73 33.70
C GLN N 546 67.63 -71.52 32.80
N HIS N 547 67.99 -71.79 31.56
CA HIS N 547 68.07 -70.75 30.58
C HIS N 547 67.56 -71.33 29.27
N PRO N 548 66.76 -70.58 28.53
CA PRO N 548 66.17 -71.13 27.31
C PRO N 548 67.10 -71.08 26.12
N ALA N 549 67.11 -72.17 25.37
CA ALA N 549 67.64 -72.22 24.02
C ALA N 549 66.50 -71.82 23.06
N LEU N 550 66.64 -72.11 21.78
CA LEU N 550 65.62 -71.72 20.83
C LEU N 550 64.32 -72.52 21.02
N ILE N 551 63.31 -72.12 20.24
CA ILE N 551 62.01 -72.78 20.23
C ILE N 551 61.88 -73.55 18.92
N SER N 552 61.68 -74.86 19.02
CA SER N 552 61.55 -75.72 17.86
C SER N 552 60.07 -75.98 17.62
N ASP N 553 59.42 -75.02 16.97
CA ASP N 553 58.03 -75.09 16.48
C ASP N 553 57.05 -75.36 17.61
N GLY N 554 57.08 -74.49 18.62
CA GLY N 554 56.14 -74.57 19.73
C GLY N 554 56.68 -75.24 20.98
N CYS N 555 57.79 -75.96 20.88
CA CYS N 555 58.41 -76.60 22.03
C CYS N 555 59.68 -75.84 22.40
N GLN N 556 59.92 -75.71 23.70
CA GLN N 556 61.01 -74.91 24.22
C GLN N 556 62.10 -75.83 24.78
N VAL N 557 63.32 -75.63 24.33
CA VAL N 557 64.48 -76.38 24.81
C VAL N 557 65.25 -75.50 25.78
N SER N 558 65.56 -76.04 26.96
CA SER N 558 66.22 -75.26 28.00
C SER N 558 67.47 -75.98 28.49
N TYR N 559 68.43 -75.21 28.99
CA TYR N 559 69.69 -75.75 29.46
C TYR N 559 70.09 -75.09 30.77
N CYS N 560 70.81 -75.85 31.60
CA CYS N 560 71.15 -75.43 32.95
C CYS N 560 72.63 -75.08 33.06
N VAL N 561 72.94 -74.09 33.89
CA VAL N 561 74.30 -73.56 34.00
C VAL N 561 74.37 -72.83 35.34
N LYS N 562 75.59 -72.67 35.88
CA LYS N 562 75.81 -72.04 37.17
C LYS N 562 76.95 -71.03 37.08
N SER N 563 76.88 -70.11 36.13
CA SER N 563 77.92 -69.10 36.07
C SER N 563 77.66 -67.98 37.07
N GLY N 564 76.52 -67.32 36.94
CA GLY N 564 76.28 -66.01 37.49
C GLY N 564 76.37 -64.92 36.44
N LEU N 565 77.09 -65.18 35.35
CA LEU N 565 77.08 -64.28 34.21
C LEU N 565 75.78 -64.40 33.43
N PHE N 566 75.24 -65.62 33.34
CA PHE N 566 73.97 -65.83 32.65
C PHE N 566 72.79 -65.24 33.43
N THR N 567 72.92 -65.14 34.75
CA THR N 567 71.80 -64.79 35.60
C THR N 567 71.51 -63.28 35.58
N GLY N 568 72.48 -62.47 35.98
CA GLY N 568 72.25 -61.07 36.20
C GLY N 568 72.10 -60.26 34.93
N GLY N 569 71.96 -58.95 35.12
CA GLY N 569 71.73 -58.03 34.02
C GLY N 569 70.58 -57.11 34.32
N SER N 570 69.64 -56.99 33.38
CA SER N 570 68.37 -56.32 33.62
C SER N 570 67.25 -57.33 33.43
N LEU N 571 66.06 -56.95 33.85
CA LEU N 571 64.90 -57.81 33.67
C LEU N 571 64.49 -57.80 32.21
N PRO N 572 64.31 -58.96 31.59
CA PRO N 572 63.97 -59.01 30.17
C PRO N 572 62.52 -58.61 29.96
N PRO N 573 62.16 -58.16 28.76
CA PRO N 573 60.75 -57.96 28.45
C PRO N 573 60.07 -59.29 28.17
N ALA N 574 58.77 -59.22 27.96
CA ALA N 574 58.02 -60.42 27.64
C ALA N 574 58.29 -60.86 26.21
N ARG N 575 58.32 -62.17 26.00
CA ARG N 575 58.29 -62.70 24.65
C ARG N 575 56.88 -62.62 24.09
N LEU N 576 56.72 -61.82 23.06
CA LEU N 576 55.40 -61.63 22.51
C LEU N 576 55.15 -62.65 21.41
N PRO N 577 53.89 -63.01 21.15
CA PRO N 577 53.56 -63.89 20.03
C PRO N 577 53.82 -63.20 18.70
N PRO N 578 53.82 -63.92 17.56
CA PRO N 578 53.72 -65.35 17.28
C PRO N 578 55.02 -66.06 17.56
N PHE N 579 54.92 -67.31 17.99
CA PHE N 579 56.08 -68.11 18.30
C PHE N 579 56.39 -69.13 17.21
N THR N 580 55.49 -69.28 16.24
CA THR N 580 55.72 -70.09 15.06
C THR N 580 55.73 -69.19 13.84
N ARG N 581 56.05 -69.79 12.71
CA ARG N 581 56.03 -69.11 11.41
C ARG N 581 55.06 -69.85 10.51
N PRO N 582 54.48 -69.18 9.52
CA PRO N 582 53.62 -69.88 8.58
C PRO N 582 54.44 -70.80 7.70
N PRO N 583 53.90 -71.98 7.36
CA PRO N 583 54.71 -73.01 6.72
C PRO N 583 54.95 -72.72 5.24
N LEU N 584 55.84 -73.52 4.67
CA LEU N 584 56.17 -73.40 3.26
C LEU N 584 55.16 -74.14 2.41
N MET N 585 54.91 -73.59 1.22
CA MET N 585 53.94 -74.13 0.28
C MET N 585 54.62 -74.35 -1.06
N SER N 586 54.18 -75.38 -1.78
CA SER N 586 54.71 -75.62 -3.11
C SER N 586 54.01 -74.75 -4.14
N GLN N 587 54.81 -74.17 -5.03
CA GLN N 587 54.40 -73.06 -5.88
C GLN N 587 54.73 -73.37 -7.33
N ALA N 588 54.31 -72.48 -8.23
CA ALA N 588 54.60 -72.57 -9.65
C ALA N 588 54.40 -71.19 -10.26
N ALA N 589 55.29 -70.81 -11.17
CA ALA N 589 55.23 -69.50 -11.80
C ALA N 589 55.63 -69.61 -13.25
N THR N 590 54.75 -69.14 -14.15
CA THR N 590 54.99 -69.21 -15.58
C THR N 590 55.04 -67.81 -16.17
N ASN N 591 55.69 -67.70 -17.34
CA ASN N 591 55.87 -66.45 -18.05
C ASN N 591 55.81 -66.77 -19.54
N THR N 592 54.68 -66.51 -20.18
CA THR N 592 54.56 -66.70 -21.63
C THR N 592 54.73 -65.36 -22.32
N VAL N 593 55.62 -65.30 -23.30
CA VAL N 593 55.89 -64.10 -24.07
C VAL N 593 55.62 -64.39 -25.53
N ILE N 594 54.82 -63.53 -26.18
CA ILE N 594 54.57 -63.61 -27.61
C ILE N 594 55.24 -62.41 -28.26
N VAL N 595 56.07 -62.67 -29.27
CA VAL N 595 56.83 -61.64 -29.96
C VAL N 595 56.45 -61.71 -31.43
N THR N 596 55.82 -60.65 -31.94
CA THR N 596 55.58 -60.56 -33.37
C THR N 596 56.81 -59.95 -34.03
N ASN N 597 57.42 -60.68 -34.94
CA ASN N 597 58.66 -60.27 -35.59
C ASN N 597 58.40 -59.42 -36.84
N SER N 598 57.18 -58.93 -37.02
CA SER N 598 56.83 -58.28 -38.27
C SER N 598 55.67 -57.33 -38.09
N GLU N 599 55.65 -56.29 -38.92
CA GLU N 599 54.43 -55.55 -39.20
C GLU N 599 53.63 -56.33 -40.24
N ASN N 600 52.48 -55.78 -40.62
CA ASN N 600 51.48 -56.45 -41.47
C ASN N 600 51.09 -57.80 -40.88
N ALA N 601 50.86 -57.80 -39.57
CA ALA N 601 50.51 -59.02 -38.85
C ALA N 601 49.66 -58.60 -37.65
N ARG N 602 48.35 -58.77 -37.77
CA ARG N 602 47.44 -58.41 -36.71
C ARG N 602 47.19 -59.61 -35.80
N SER N 603 46.64 -59.33 -34.63
CA SER N 603 46.39 -60.36 -33.64
C SER N 603 45.24 -59.95 -32.75
N TRP N 604 44.35 -60.89 -32.47
CA TRP N 604 43.23 -60.67 -31.55
C TRP N 604 43.34 -61.67 -30.42
N ILE N 605 43.11 -61.20 -29.20
CA ILE N 605 43.29 -62.02 -28.00
C ILE N 605 42.04 -61.88 -27.14
N LYS N 606 41.51 -63.02 -26.71
CA LYS N 606 40.42 -63.05 -25.73
C LYS N 606 41.00 -63.70 -24.48
N ASP N 607 41.14 -62.91 -23.41
CA ASP N 607 41.96 -63.32 -22.27
C ASP N 607 41.29 -64.37 -21.42
N SER N 608 39.97 -64.32 -21.30
CA SER N 608 39.22 -65.32 -20.54
C SER N 608 37.80 -65.35 -21.08
N GLN N 609 36.95 -66.16 -20.44
CA GLN N 609 35.57 -66.28 -20.89
C GLN N 609 34.74 -65.05 -20.58
N THR N 610 35.15 -64.24 -19.61
CA THR N 610 34.44 -63.01 -19.30
C THR N 610 34.96 -61.81 -20.07
N HIS N 611 36.19 -61.87 -20.57
CA HIS N 611 36.72 -60.78 -21.37
C HIS N 611 36.05 -60.73 -22.74
N GLN N 612 36.24 -59.61 -23.42
CA GLN N 612 35.87 -59.50 -24.83
C GLN N 612 37.13 -59.62 -25.67
N TRP N 613 36.92 -59.79 -26.99
CA TRP N 613 38.04 -59.86 -27.91
C TRP N 613 38.77 -58.53 -27.94
N ARG N 614 40.08 -58.60 -27.93
CA ARG N 614 40.95 -57.46 -27.74
C ARG N 614 42.01 -57.47 -28.81
N LEU N 615 42.33 -56.30 -29.35
CA LEU N 615 43.36 -56.21 -30.36
C LEU N 615 44.72 -56.41 -29.71
N GLY N 616 45.53 -57.31 -30.27
CA GLY N 616 46.77 -57.67 -29.64
C GLY N 616 47.89 -56.70 -29.91
N GLU N 617 48.92 -56.81 -29.09
CA GLU N 617 50.13 -56.00 -29.08
C GLU N 617 51.32 -56.86 -29.51
N PRO N 618 52.44 -56.23 -29.94
CA PRO N 618 53.59 -57.05 -30.36
C PRO N 618 54.26 -57.83 -29.26
N ILE N 619 54.29 -57.35 -28.01
CA ILE N 619 54.81 -58.08 -26.88
C ILE N 619 53.69 -58.20 -25.85
N GLU N 620 53.41 -59.43 -25.41
CA GLU N 620 52.26 -59.67 -24.55
C GLU N 620 52.59 -59.85 -23.06
N LEU N 621 53.39 -60.86 -22.72
CA LEU N 621 53.86 -61.15 -21.36
C LEU N 621 52.69 -61.40 -20.40
N ARG N 622 52.07 -62.56 -20.57
CA ARG N 622 51.16 -63.09 -19.57
C ARG N 622 51.95 -63.66 -18.39
N ARG N 623 51.36 -63.59 -17.19
CA ARG N 623 51.98 -64.13 -15.98
C ARG N 623 50.96 -64.90 -15.16
N ALA N 624 51.44 -65.90 -14.43
CA ALA N 624 50.58 -66.70 -13.56
C ALA N 624 51.39 -67.23 -12.38
N MET N 625 50.76 -67.24 -11.20
CA MET N 625 51.37 -67.81 -10.01
C MET N 625 50.38 -68.77 -9.38
N ASN N 626 50.79 -70.04 -9.24
CA ASN N 626 49.91 -71.11 -8.77
C ASN N 626 50.45 -71.64 -7.45
N VAL N 627 49.62 -71.61 -6.41
CA VAL N 627 49.99 -72.06 -5.09
C VAL N 627 49.05 -73.18 -4.69
N ILE N 628 49.57 -74.22 -4.06
CA ILE N 628 48.75 -75.26 -3.46
C ILE N 628 49.13 -75.41 -1.98
N HIS N 629 48.11 -75.39 -1.12
CA HIS N 629 48.31 -75.53 0.32
C HIS N 629 48.46 -77.01 0.67
N GLY N 630 49.68 -77.40 1.04
CA GLY N 630 49.95 -78.76 1.43
C GLY N 630 49.96 -79.76 0.28
N ASP O 10 31.79 -27.67 -0.48
CA ASP O 10 32.19 -28.79 0.39
C ASP O 10 33.54 -28.51 1.05
N GLU O 11 33.92 -29.40 1.97
CA GLU O 11 35.14 -29.25 2.74
C GLU O 11 35.49 -30.64 3.27
N VAL O 12 36.78 -30.99 3.19
CA VAL O 12 37.23 -32.35 3.52
C VAL O 12 38.38 -32.29 4.50
N GLY O 13 38.74 -33.47 4.99
CA GLY O 13 39.97 -33.62 5.74
C GLY O 13 39.86 -33.19 7.20
N VAL O 14 40.98 -32.70 7.72
CA VAL O 14 41.06 -32.33 9.12
C VAL O 14 40.27 -31.05 9.37
N GLN O 15 40.23 -30.16 8.38
CA GLN O 15 39.68 -28.83 8.58
C GLN O 15 38.16 -28.84 8.65
N LYS O 16 37.52 -29.85 8.07
CA LYS O 16 36.10 -30.07 8.30
C LYS O 16 35.83 -30.41 9.76
N CYS O 17 36.72 -31.20 10.38
CA CYS O 17 36.57 -31.55 11.78
C CYS O 17 36.84 -30.35 12.68
N LYS O 18 37.80 -29.50 12.29
CA LYS O 18 38.17 -28.37 13.14
C LYS O 18 37.12 -27.28 13.13
N ASN O 19 36.37 -27.14 12.04
CA ASN O 19 35.37 -26.09 11.98
C ASN O 19 34.10 -26.48 12.74
N ALA O 20 33.77 -27.76 12.74
CA ALA O 20 32.57 -28.21 13.43
C ALA O 20 32.76 -28.35 14.92
N LEU O 21 34.00 -28.59 15.36
CA LEU O 21 34.26 -28.91 16.76
C LEU O 21 35.05 -27.85 17.50
N LYS O 22 35.93 -27.13 16.80
CA LYS O 22 36.73 -26.02 17.34
C LYS O 22 37.62 -26.45 18.50
N LEU O 23 38.42 -27.48 18.25
CA LEU O 23 39.34 -28.01 19.26
C LEU O 23 40.50 -28.65 18.52
N PRO O 24 41.71 -28.66 19.11
CA PRO O 24 42.89 -29.07 18.35
C PRO O 24 42.99 -30.56 18.05
N VAL O 25 44.01 -30.93 17.31
CA VAL O 25 44.26 -32.31 16.91
C VAL O 25 45.37 -32.86 17.77
N LEU O 26 45.29 -34.14 18.13
CA LEU O 26 46.31 -34.74 18.97
C LEU O 26 47.59 -34.91 18.14
N GLU O 27 48.65 -34.22 18.54
CA GLU O 27 49.85 -34.11 17.72
C GLU O 27 50.80 -35.29 17.88
N VAL O 28 50.46 -36.28 18.68
CA VAL O 28 51.35 -37.39 18.98
C VAL O 28 50.70 -38.65 18.41
N LEU O 29 51.10 -39.04 17.21
CA LEU O 29 50.36 -40.12 16.55
C LEU O 29 51.26 -41.28 16.18
N PRO O 30 50.77 -42.51 16.27
CA PRO O 30 51.57 -43.66 15.86
C PRO O 30 51.41 -43.96 14.39
N GLY O 31 52.07 -45.01 13.91
CA GLY O 31 52.01 -45.37 12.52
C GLY O 31 53.09 -44.77 11.65
N GLY O 32 54.04 -44.06 12.21
CA GLY O 32 55.14 -43.54 11.43
C GLY O 32 56.34 -44.46 11.47
N GLY O 33 57.28 -44.19 10.60
CA GLY O 33 58.51 -44.95 10.58
C GLY O 33 59.45 -44.52 11.69
N TRP O 34 60.37 -45.41 12.04
CA TRP O 34 61.24 -45.16 13.16
C TRP O 34 62.61 -45.77 12.90
N ASP O 35 63.63 -44.94 12.81
CA ASP O 35 65.00 -45.42 12.79
C ASP O 35 65.41 -45.77 14.21
N ASN O 36 65.68 -47.04 14.46
CA ASN O 36 65.96 -47.50 15.81
C ASN O 36 67.43 -47.43 16.16
N LEU O 37 68.30 -47.05 15.23
CA LEU O 37 69.67 -46.76 15.60
C LEU O 37 69.86 -45.31 16.02
N ARG O 38 69.20 -44.39 15.35
CA ARG O 38 69.39 -42.98 15.61
C ARG O 38 68.32 -42.39 16.51
N ASN O 39 67.27 -43.15 16.81
CA ASN O 39 66.06 -42.71 17.51
C ASN O 39 65.45 -41.45 16.90
N VAL O 40 65.31 -41.45 15.58
CA VAL O 40 64.59 -40.42 14.88
C VAL O 40 63.40 -41.07 14.21
N ASP O 41 62.39 -40.28 13.89
CA ASP O 41 61.20 -40.81 13.25
C ASP O 41 61.13 -40.37 11.80
N MET O 42 60.62 -41.28 10.98
CA MET O 42 60.70 -41.29 9.54
C MET O 42 59.37 -40.92 8.92
N GLY O 43 59.25 -41.18 7.62
CA GLY O 43 58.01 -40.97 6.92
C GLY O 43 56.90 -41.89 7.41
N ARG O 44 55.68 -41.50 7.07
CA ARG O 44 54.47 -42.11 7.59
C ARG O 44 54.14 -43.39 6.84
N VAL O 45 53.98 -44.49 7.57
CA VAL O 45 53.76 -45.81 6.97
C VAL O 45 52.28 -46.14 6.90
N MET O 46 51.50 -45.78 7.92
CA MET O 46 50.08 -46.06 7.93
C MET O 46 49.30 -44.88 7.37
N GLU O 47 48.01 -45.08 7.16
CA GLU O 47 47.16 -44.07 6.57
C GLU O 47 46.36 -43.37 7.66
N LEU O 48 46.40 -42.04 7.66
CA LEU O 48 45.66 -41.23 8.62
C LEU O 48 44.49 -40.56 7.93
N THR O 49 43.28 -40.94 8.30
CA THR O 49 42.07 -40.37 7.74
C THR O 49 41.25 -39.70 8.84
N TYR O 50 40.52 -38.66 8.48
CA TYR O 50 39.73 -37.86 9.40
C TYR O 50 38.29 -37.78 8.92
N SER O 51 37.73 -38.92 8.53
CA SER O 51 36.41 -38.93 7.92
C SER O 51 35.29 -38.87 8.95
N ASN O 52 35.48 -39.46 10.12
CA ASN O 52 34.40 -39.69 11.07
C ASN O 52 34.35 -38.67 12.20
N CYS O 53 35.25 -37.70 12.21
CA CYS O 53 35.29 -36.60 13.20
C CYS O 53 35.41 -37.12 14.63
N ARG O 54 36.22 -38.15 14.83
CA ARG O 54 36.35 -38.74 16.15
C ARG O 54 37.15 -37.83 17.08
N THR O 55 36.76 -37.82 18.34
CA THR O 55 37.51 -37.13 19.36
C THR O 55 37.92 -38.12 20.44
N THR O 56 38.76 -37.66 21.35
CA THR O 56 39.01 -38.46 22.53
C THR O 56 37.77 -38.44 23.42
N GLU O 57 37.72 -39.40 24.34
CA GLU O 57 36.53 -39.61 25.14
C GLU O 57 36.28 -38.45 26.10
N ASP O 58 37.33 -37.74 26.52
CA ASP O 58 37.12 -36.52 27.28
C ASP O 58 36.82 -35.31 26.39
N GLY O 59 36.92 -35.46 25.09
CA GLY O 59 36.47 -34.43 24.16
C GLY O 59 37.38 -33.23 24.04
N GLN O 60 38.69 -33.45 23.93
CA GLN O 60 39.63 -32.34 23.83
C GLN O 60 40.62 -32.44 22.69
N TYR O 61 40.64 -33.54 21.95
CA TYR O 61 41.52 -33.65 20.80
C TYR O 61 40.81 -34.40 19.70
N ILE O 62 40.95 -33.92 18.47
CA ILE O 62 40.53 -34.67 17.29
C ILE O 62 41.57 -35.74 17.00
N ILE O 63 41.12 -36.97 16.82
CA ILE O 63 42.01 -38.09 16.53
C ILE O 63 41.57 -38.71 15.21
N PRO O 64 42.47 -39.40 14.50
CA PRO O 64 42.06 -40.15 13.31
C PRO O 64 41.15 -41.33 13.63
N ASP O 65 40.62 -41.92 12.57
CA ASP O 65 39.55 -42.90 12.70
C ASP O 65 40.05 -44.27 13.16
N GLU O 66 41.25 -44.64 12.75
CA GLU O 66 41.88 -45.92 13.00
C GLU O 66 42.68 -45.95 14.29
N ILE O 67 42.57 -44.93 15.11
CA ILE O 67 43.42 -44.78 16.28
C ILE O 67 42.52 -44.66 17.50
N PHE O 68 42.77 -45.49 18.50
CA PHE O 68 42.09 -45.37 19.77
C PHE O 68 43.07 -44.91 20.84
N THR O 69 42.57 -44.15 21.79
CA THR O 69 43.38 -43.60 22.86
C THR O 69 42.97 -44.23 24.18
N ILE O 70 43.91 -44.27 25.12
CA ILE O 70 43.66 -44.78 26.46
C ILE O 70 43.92 -43.62 27.44
N PRO O 71 42.94 -43.16 28.16
CA PRO O 71 43.20 -42.12 29.16
C PRO O 71 43.86 -42.70 30.40
N GLN O 72 45.12 -42.37 30.59
CA GLN O 72 45.81 -42.72 31.82
C GLN O 72 46.58 -41.50 32.28
N LYS O 73 45.90 -40.65 33.03
CA LYS O 73 46.38 -39.32 33.37
C LYS O 73 47.26 -39.46 34.60
N GLN O 74 48.51 -39.83 34.34
CA GLN O 74 49.42 -40.36 35.33
C GLN O 74 50.61 -39.43 35.49
N SER O 75 50.88 -39.03 36.72
CA SER O 75 51.98 -38.14 37.03
C SER O 75 52.93 -38.86 37.98
N ASN O 76 54.23 -38.77 37.71
CA ASN O 76 55.25 -39.39 38.54
C ASN O 76 56.22 -38.33 39.01
N LEU O 77 56.64 -38.43 40.27
CA LEU O 77 57.56 -37.46 40.83
C LEU O 77 58.56 -38.22 41.68
N GLU O 78 59.84 -38.05 41.37
CA GLU O 78 60.90 -38.72 42.11
C GLU O 78 61.52 -37.74 43.09
N MET O 79 61.66 -38.17 44.34
CA MET O 79 62.46 -37.46 45.32
C MET O 79 63.90 -37.93 45.35
N ASN O 80 64.29 -38.75 44.40
CA ASN O 80 65.57 -39.40 44.38
C ASN O 80 66.18 -39.19 43.00
N SER O 81 67.26 -39.90 42.74
CA SER O 81 67.91 -39.90 41.45
C SER O 81 68.08 -41.35 41.01
N GLU O 82 68.79 -41.55 39.91
CA GLU O 82 69.19 -42.90 39.53
C GLU O 82 70.57 -42.83 38.90
N ILE O 83 71.41 -43.79 39.23
CA ILE O 83 72.82 -43.74 38.91
C ILE O 83 73.11 -44.67 37.75
N LEU O 84 73.84 -44.19 36.75
CA LEU O 84 74.15 -44.93 35.54
C LEU O 84 75.66 -44.83 35.36
N GLU O 85 76.41 -45.72 36.01
CA GLU O 85 77.87 -45.61 36.02
C GLU O 85 78.54 -46.32 34.84
N SER O 86 77.79 -46.66 33.80
CA SER O 86 78.35 -47.26 32.59
C SER O 86 77.41 -46.96 31.44
N TRP O 87 77.98 -46.68 30.27
CA TRP O 87 77.16 -46.39 29.10
C TRP O 87 76.66 -47.64 28.39
N ALA O 88 77.03 -48.84 28.84
CA ALA O 88 76.56 -50.04 28.17
C ALA O 88 75.08 -50.28 28.45
N ASN O 89 74.69 -50.21 29.73
CA ASN O 89 73.28 -50.35 30.11
C ASN O 89 72.59 -48.98 30.11
N TYR O 90 72.37 -48.49 28.89
CA TYR O 90 71.84 -47.15 28.68
C TYR O 90 70.32 -47.14 28.62
N GLN O 91 69.73 -46.15 29.27
CA GLN O 91 68.29 -45.93 29.31
C GLN O 91 67.99 -44.71 28.45
N SER O 92 67.10 -44.85 27.48
CA SER O 92 66.94 -43.79 26.50
C SER O 92 66.17 -42.59 27.03
N SER O 93 65.22 -42.80 27.95
CA SER O 93 64.33 -41.84 28.62
C SER O 93 63.28 -41.22 27.71
N THR O 94 63.28 -41.49 26.41
CA THR O 94 62.18 -41.07 25.56
C THR O 94 61.76 -42.11 24.55
N SER O 95 62.56 -43.15 24.31
CA SER O 95 62.22 -44.21 23.38
C SER O 95 62.67 -45.54 23.97
N TYR O 96 62.37 -45.74 25.25
CA TYR O 96 62.95 -46.85 25.99
C TYR O 96 62.33 -48.19 25.60
N SER O 97 61.04 -48.22 25.33
CA SER O 97 60.37 -49.50 25.10
C SER O 97 60.63 -50.05 23.71
N ILE O 98 60.94 -49.20 22.75
CA ILE O 98 61.20 -49.67 21.40
C ILE O 98 62.67 -50.06 21.23
N ASN O 99 63.55 -49.61 22.11
CA ASN O 99 64.93 -50.03 22.02
C ASN O 99 65.21 -51.34 22.74
N THR O 100 64.40 -51.70 23.74
CA THR O 100 64.69 -52.84 24.60
C THR O 100 64.09 -54.14 24.09
N GLU O 101 63.74 -54.20 22.82
CA GLU O 101 63.14 -55.39 22.23
C GLU O 101 64.15 -56.56 22.18
N LEU O 102 63.60 -57.77 22.10
CA LEU O 102 64.41 -58.99 22.06
C LEU O 102 64.78 -59.28 20.62
N SER O 103 66.05 -59.10 20.28
CA SER O 103 66.52 -59.33 18.93
C SER O 103 68.02 -59.59 18.96
N LEU O 104 68.58 -59.76 17.77
CA LEU O 104 70.02 -59.96 17.65
C LEU O 104 70.76 -58.67 17.96
N PHE O 105 70.23 -57.56 17.47
CA PHE O 105 70.91 -56.26 17.54
C PHE O 105 70.29 -55.38 18.60
N SER O 106 69.90 -55.96 19.73
CA SER O 106 69.36 -55.19 20.84
C SER O 106 70.43 -54.37 21.53
N LYS O 107 71.70 -54.74 21.38
CA LYS O 107 72.78 -53.97 21.97
C LYS O 107 73.22 -52.78 21.12
N VAL O 108 72.67 -52.64 19.92
CA VAL O 108 73.07 -51.58 19.01
C VAL O 108 71.95 -50.54 18.85
N ASN O 109 70.75 -50.82 19.35
CA ASN O 109 69.64 -49.89 19.24
C ASN O 109 69.88 -48.63 20.05
N GLY O 110 69.75 -47.49 19.40
CA GLY O 110 69.92 -46.21 20.05
C GLY O 110 71.34 -45.72 20.16
N LYS O 111 72.33 -46.46 19.66
CA LYS O 111 73.73 -46.14 19.87
C LYS O 111 74.27 -45.10 18.91
N PHE O 112 73.41 -44.51 18.09
CA PHE O 112 73.80 -43.39 17.23
C PHE O 112 72.89 -42.20 17.48
N SER O 113 72.14 -42.24 18.56
CA SER O 113 71.29 -41.13 18.95
C SER O 113 72.15 -40.00 19.49
N THR O 114 71.64 -38.78 19.37
CA THR O 114 72.38 -37.64 19.91
C THR O 114 72.39 -37.66 21.43
N GLU O 115 71.37 -38.25 22.03
CA GLU O 115 71.28 -38.32 23.48
C GLU O 115 72.24 -39.36 24.05
N PHE O 116 72.53 -40.41 23.29
CA PHE O 116 73.53 -41.38 23.71
C PHE O 116 74.94 -40.87 23.48
N GLN O 117 75.21 -40.35 22.29
CA GLN O 117 76.54 -39.93 21.93
C GLN O 117 77.00 -38.70 22.70
N ARG O 118 76.06 -37.93 23.22
CA ARG O 118 76.42 -36.89 24.15
C ARG O 118 76.72 -37.45 25.52
N MET O 119 76.09 -38.55 25.91
CA MET O 119 76.33 -39.09 27.23
C MET O 119 77.62 -39.89 27.28
N LYS O 120 77.95 -40.60 26.21
CA LYS O 120 79.16 -41.42 26.17
C LYS O 120 80.41 -40.55 26.17
N THR O 121 80.37 -39.41 25.49
CA THR O 121 81.53 -38.55 25.43
C THR O 121 81.73 -37.72 26.68
N LEU O 122 80.85 -37.85 27.67
CA LEU O 122 81.04 -37.21 28.97
C LEU O 122 81.49 -38.17 30.04
N GLN O 123 81.27 -39.46 29.86
CA GLN O 123 81.77 -40.44 30.80
C GLN O 123 83.17 -40.91 30.46
N VAL O 124 83.65 -40.65 29.25
CA VAL O 124 84.98 -41.06 28.83
C VAL O 124 85.97 -39.91 28.92
N LYS O 125 85.55 -38.74 28.46
CA LYS O 125 86.38 -37.55 28.51
C LYS O 125 86.64 -37.11 29.95
N ASP O 126 85.66 -37.28 30.83
CA ASP O 126 85.72 -36.74 32.17
C ASP O 126 85.79 -37.82 33.23
N GLN O 127 85.81 -39.10 32.84
CA GLN O 127 85.85 -40.26 33.72
C GLN O 127 84.70 -40.24 34.73
N ALA O 128 83.50 -40.06 34.22
CA ALA O 128 82.37 -39.66 35.03
C ALA O 128 81.30 -40.74 35.12
N ILE O 129 80.38 -40.54 36.05
CA ILE O 129 79.16 -41.31 36.17
C ILE O 129 78.00 -40.36 35.96
N THR O 130 76.85 -40.91 35.59
CA THR O 130 75.70 -40.11 35.19
C THR O 130 74.54 -40.36 36.14
N THR O 131 73.91 -39.29 36.60
CA THR O 131 72.68 -39.37 37.37
C THR O 131 71.53 -38.74 36.59
N ARG O 132 70.31 -39.18 36.85
CA ARG O 132 69.15 -38.63 36.16
C ARG O 132 67.95 -38.54 37.10
N VAL O 133 67.37 -37.35 37.20
CA VAL O 133 66.13 -37.12 37.94
C VAL O 133 65.10 -36.63 36.95
N GLN O 134 63.86 -37.10 37.07
CA GLN O 134 62.84 -36.65 36.13
C GLN O 134 61.45 -36.61 36.74
N VAL O 135 60.65 -35.68 36.24
CA VAL O 135 59.23 -35.56 36.55
C VAL O 135 58.49 -35.87 35.28
N ARG O 136 57.85 -37.03 35.21
CA ARG O 136 57.18 -37.48 34.01
C ARG O 136 55.67 -37.38 34.17
N ASN O 137 55.00 -36.98 33.11
CA ASN O 137 53.57 -36.69 33.15
C ASN O 137 52.94 -37.34 31.92
N LEU O 138 52.55 -38.59 32.07
CA LEU O 138 51.90 -39.35 31.01
C LEU O 138 50.40 -39.07 30.98
N VAL O 139 49.88 -38.66 29.84
CA VAL O 139 48.50 -38.26 29.70
C VAL O 139 47.69 -39.29 28.91
N TYR O 140 48.16 -39.67 27.72
CA TYR O 140 47.45 -40.64 26.89
C TYR O 140 48.39 -41.75 26.44
N THR O 141 47.80 -42.90 26.18
CA THR O 141 48.41 -43.94 25.36
C THR O 141 47.62 -44.01 24.07
N VAL O 142 48.30 -43.87 22.95
CA VAL O 142 47.68 -43.68 21.65
C VAL O 142 48.12 -44.87 20.79
N LYS O 143 47.18 -45.72 20.38
CA LYS O 143 47.50 -46.95 19.67
C LYS O 143 46.80 -46.99 18.32
N ILE O 144 47.17 -48.01 17.52
CA ILE O 144 46.58 -48.25 16.22
C ILE O 144 45.65 -49.45 16.28
N ASN O 145 44.50 -49.32 15.64
CA ASN O 145 43.58 -50.43 15.44
C ASN O 145 44.26 -51.44 14.51
N PRO O 146 44.22 -52.74 14.82
CA PRO O 146 44.90 -53.73 13.97
C PRO O 146 44.34 -53.90 12.56
N THR O 147 43.24 -53.25 12.20
CA THR O 147 42.66 -53.37 10.87
C THR O 147 42.92 -52.14 10.02
N LEU O 148 44.12 -51.58 10.15
CA LEU O 148 44.53 -50.37 9.44
C LEU O 148 45.27 -50.75 8.16
N GLU O 149 45.22 -49.85 7.19
CA GLU O 149 45.87 -50.03 5.89
C GLU O 149 47.05 -49.07 5.74
N LEU O 150 47.87 -49.37 4.74
CA LEU O 150 49.12 -48.66 4.50
C LEU O 150 48.89 -47.29 3.87
N SER O 151 49.93 -46.47 3.93
CA SER O 151 49.86 -45.13 3.38
C SER O 151 49.93 -45.19 1.86
N SER O 152 49.62 -44.05 1.24
CA SER O 152 49.62 -43.99 -0.22
C SER O 152 51.03 -43.96 -0.78
N GLY O 153 51.96 -43.31 -0.08
CA GLY O 153 53.33 -43.23 -0.54
C GLY O 153 54.12 -44.49 -0.26
N PHE O 154 53.85 -45.13 0.87
CA PHE O 154 54.58 -46.34 1.24
C PHE O 154 54.16 -47.53 0.40
N ARG O 155 52.88 -47.59 0.01
CA ARG O 155 52.42 -48.66 -0.86
C ARG O 155 53.02 -48.54 -2.25
N LYS O 156 53.21 -47.32 -2.74
CA LYS O 156 53.77 -47.10 -4.06
C LYS O 156 55.23 -47.57 -4.14
N GLU O 157 55.98 -47.41 -3.07
CA GLU O 157 57.38 -47.80 -3.11
C GLU O 157 57.56 -49.28 -2.82
N LEU O 158 56.57 -49.94 -2.24
CA LEU O 158 56.59 -51.40 -2.18
C LEU O 158 56.19 -52.03 -3.49
N LEU O 159 55.32 -51.36 -4.25
CA LEU O 159 54.94 -51.85 -5.57
C LEU O 159 56.05 -51.66 -6.59
N ASP O 160 56.94 -50.72 -6.37
CA ASP O 160 58.09 -50.57 -7.26
C ASP O 160 59.15 -51.62 -6.99
N ILE O 161 59.32 -52.04 -5.73
CA ILE O 161 60.14 -53.20 -5.43
C ILE O 161 59.47 -54.44 -5.99
N SER O 162 58.14 -54.49 -5.93
CA SER O 162 57.37 -55.63 -6.40
C SER O 162 57.54 -55.84 -7.91
N ASP O 163 57.66 -54.77 -8.68
CA ASP O 163 57.83 -54.89 -10.12
C ASP O 163 59.19 -55.47 -10.48
N ARG O 164 60.22 -55.13 -9.71
CA ARG O 164 61.55 -55.62 -10.00
C ARG O 164 61.72 -57.09 -9.65
N LEU O 165 60.97 -57.59 -8.66
CA LEU O 165 61.03 -59.01 -8.37
C LEU O 165 60.31 -59.85 -9.41
N GLU O 166 59.34 -59.26 -10.12
CA GLU O 166 58.67 -59.96 -11.20
C GLU O 166 59.60 -60.19 -12.38
N ASN O 167 60.34 -59.16 -12.76
CA ASN O 167 61.19 -59.14 -13.94
C ASN O 167 62.53 -59.81 -13.72
N ASN O 168 62.74 -60.49 -12.59
CA ASN O 168 64.01 -61.10 -12.20
C ASN O 168 65.13 -60.06 -12.24
N GLN O 169 64.92 -58.96 -11.51
CA GLN O 169 65.90 -57.89 -11.44
C GLN O 169 66.25 -57.74 -9.96
N THR O 170 67.19 -58.57 -9.50
CA THR O 170 67.44 -58.71 -8.08
C THR O 170 68.33 -57.59 -7.56
N ARG O 171 69.31 -57.17 -8.34
CA ARG O 171 70.21 -56.11 -7.91
C ARG O 171 69.50 -54.76 -7.87
N MET O 172 68.51 -54.56 -8.72
CA MET O 172 67.80 -53.30 -8.72
C MET O 172 66.70 -53.28 -7.67
N ALA O 173 66.19 -54.45 -7.28
CA ALA O 173 65.25 -54.53 -6.18
C ALA O 173 65.94 -54.37 -4.83
N THR O 174 67.16 -54.89 -4.71
CA THR O 174 67.95 -54.73 -3.51
C THR O 174 68.31 -53.27 -3.28
N TYR O 175 68.56 -52.54 -4.37
CA TYR O 175 68.84 -51.12 -4.26
C TYR O 175 67.61 -50.36 -3.78
N LEU O 176 66.44 -50.65 -4.33
CA LEU O 176 65.23 -49.96 -3.92
C LEU O 176 64.75 -50.36 -2.54
N ALA O 177 65.09 -51.56 -2.08
CA ALA O 177 64.73 -51.96 -0.73
C ALA O 177 65.52 -51.17 0.31
N GLU O 178 66.75 -50.79 -0.02
CA GLU O 178 67.57 -50.00 0.89
C GLU O 178 67.19 -48.53 0.89
N LEU O 179 66.60 -48.03 -0.18
CA LEU O 179 66.05 -46.69 -0.14
C LEU O 179 64.73 -46.63 0.62
N LEU O 180 64.09 -47.77 0.82
CA LEU O 180 62.91 -47.81 1.67
C LEU O 180 63.30 -47.63 3.13
N VAL O 181 64.49 -48.10 3.50
CA VAL O 181 64.98 -47.99 4.87
C VAL O 181 65.55 -46.60 5.13
N LEU O 182 66.11 -45.95 4.11
CA LEU O 182 66.49 -44.54 4.25
C LEU O 182 65.28 -43.66 4.52
N ASN O 183 64.16 -43.94 3.87
CA ASN O 183 63.03 -43.04 3.94
C ASN O 183 62.03 -43.41 5.03
N TYR O 184 62.00 -44.68 5.45
CA TYR O 184 60.98 -45.13 6.38
C TYR O 184 61.52 -45.84 7.61
N GLY O 185 62.83 -45.95 7.75
CA GLY O 185 63.39 -46.50 8.97
C GLY O 185 63.38 -48.01 9.02
N THR O 186 63.56 -48.52 10.23
CA THR O 186 63.61 -49.95 10.46
C THR O 186 62.41 -50.48 11.23
N HIS O 187 61.57 -49.60 11.76
CA HIS O 187 60.46 -49.96 12.63
C HIS O 187 59.27 -49.09 12.32
N VAL O 188 58.11 -49.52 12.79
CA VAL O 188 56.88 -48.75 12.72
C VAL O 188 56.36 -48.60 14.14
N THR O 189 56.10 -47.37 14.56
CA THR O 189 55.60 -47.15 15.91
C THR O 189 54.14 -47.58 15.96
N THR O 190 53.82 -48.49 16.87
CA THR O 190 52.45 -48.93 17.02
C THR O 190 51.76 -48.33 18.23
N SER O 191 52.50 -47.84 19.21
CA SER O 191 51.89 -47.07 20.28
C SER O 191 52.86 -46.00 20.74
N VAL O 192 52.32 -44.84 21.05
CA VAL O 192 53.08 -43.74 21.61
C VAL O 192 52.43 -43.34 22.93
N ASP O 193 53.23 -42.78 23.81
CA ASP O 193 52.77 -42.23 25.09
C ASP O 193 52.87 -40.71 25.01
N ALA O 194 51.73 -40.05 25.02
CA ALA O 194 51.68 -38.60 24.91
C ALA O 194 51.79 -37.96 26.29
N GLY O 195 52.75 -37.07 26.44
CA GLY O 195 52.90 -36.37 27.70
C GLY O 195 54.10 -35.45 27.69
N ALA O 196 54.55 -35.09 28.88
CA ALA O 196 55.68 -34.19 29.05
C ALA O 196 56.62 -34.75 30.10
N ALA O 197 57.85 -34.26 30.09
CA ALA O 197 58.83 -34.68 31.08
C ALA O 197 59.82 -33.56 31.31
N LEU O 198 60.32 -33.46 32.53
CA LEU O 198 61.33 -32.49 32.89
C LEU O 198 62.49 -33.26 33.49
N ILE O 199 63.65 -33.22 32.87
CA ILE O 199 64.75 -34.13 33.18
C ILE O 199 65.97 -33.33 33.63
N GLN O 200 66.61 -33.79 34.71
CA GLN O 200 67.92 -33.34 35.17
C GLN O 200 68.94 -34.40 34.82
N GLU O 201 70.12 -34.00 34.36
CA GLU O 201 71.16 -34.97 34.06
C GLU O 201 72.50 -34.40 34.49
N ASP O 202 72.97 -34.83 35.65
CA ASP O 202 74.28 -34.44 36.15
C ASP O 202 75.32 -35.50 35.85
N HIS O 203 76.56 -35.06 35.74
CA HIS O 203 77.69 -35.96 35.62
C HIS O 203 78.63 -35.71 36.80
N LEU O 204 78.96 -36.77 37.52
CA LEU O 204 79.78 -36.70 38.71
C LEU O 204 81.03 -37.51 38.46
N ARG O 205 82.13 -37.14 39.12
CA ARG O 205 83.35 -37.93 39.02
C ARG O 205 83.15 -39.30 39.62
N ALA O 206 83.74 -40.32 39.00
CA ALA O 206 83.52 -41.69 39.44
C ALA O 206 84.18 -42.00 40.77
N SER O 207 85.12 -41.16 41.20
CA SER O 207 85.72 -41.29 42.53
C SER O 207 84.74 -40.91 43.63
N PHE O 208 83.75 -40.09 43.32
CA PHE O 208 82.81 -39.60 44.32
C PHE O 208 81.81 -40.67 44.76
N LEU O 209 81.58 -41.68 43.93
CA LEU O 209 80.63 -42.73 44.25
C LEU O 209 81.27 -43.90 44.99
N GLN O 210 82.57 -44.05 44.92
CA GLN O 210 83.29 -45.22 45.42
C GLN O 210 83.37 -45.29 46.95
N ASP O 211 82.63 -44.52 47.74
CA ASP O 211 82.82 -44.55 49.19
C ASP O 211 82.22 -45.81 49.81
N SER O 212 80.90 -45.98 49.72
CA SER O 212 80.22 -47.16 50.26
C SER O 212 78.86 -47.29 49.59
N GLN O 213 78.08 -48.26 50.07
CA GLN O 213 76.69 -48.43 49.66
C GLN O 213 75.73 -47.60 50.52
N SER O 214 76.23 -46.94 51.56
CA SER O 214 75.45 -45.97 52.32
C SER O 214 75.71 -44.56 51.85
N SER O 215 76.85 -44.30 51.21
CA SER O 215 77.06 -43.02 50.56
C SER O 215 76.21 -42.92 49.30
N ARG O 216 75.89 -44.05 48.69
CA ARG O 216 75.11 -44.06 47.44
C ARG O 216 73.71 -43.51 47.65
N SER O 217 73.09 -43.83 48.78
CA SER O 217 71.76 -43.33 49.07
C SER O 217 71.74 -41.90 49.58
N ALA O 218 72.92 -41.26 49.70
CA ALA O 218 72.99 -39.84 50.00
C ALA O 218 73.45 -39.02 48.81
N VAL O 219 74.26 -39.60 47.92
CA VAL O 219 74.51 -39.01 46.61
C VAL O 219 73.20 -38.90 45.84
N THR O 220 72.38 -39.94 45.92
CA THR O 220 71.18 -40.06 45.12
C THR O 220 70.08 -39.11 45.58
N ALA O 221 69.93 -38.92 46.88
CA ALA O 221 68.93 -38.00 47.40
C ALA O 221 69.41 -36.57 47.41
N SER O 222 70.69 -36.33 47.11
CA SER O 222 71.18 -34.97 46.96
C SER O 222 70.84 -34.42 45.59
N ALA O 223 70.94 -35.28 44.57
CA ALA O 223 70.61 -34.88 43.21
C ALA O 223 69.13 -34.59 43.04
N GLY O 224 68.28 -35.28 43.78
CA GLY O 224 66.87 -34.97 43.75
C GLY O 224 66.52 -33.72 44.51
N LEU O 225 67.37 -33.33 45.46
CA LEU O 225 67.16 -32.10 46.20
C LEU O 225 67.60 -30.90 45.39
N ALA O 226 68.71 -31.03 44.68
CA ALA O 226 69.19 -29.97 43.80
C ALA O 226 68.23 -29.72 42.66
N PHE O 227 67.54 -30.75 42.19
CA PHE O 227 66.59 -30.61 41.10
C PHE O 227 65.35 -29.84 41.53
N GLN O 228 64.91 -30.06 42.76
CA GLN O 228 63.75 -29.32 43.24
C GLN O 228 64.11 -27.88 43.60
N ASN O 229 65.36 -27.63 43.96
CA ASN O 229 65.79 -26.25 44.16
C ASN O 229 65.85 -25.50 42.85
N THR O 230 66.34 -26.17 41.80
CA THR O 230 66.51 -25.53 40.50
C THR O 230 65.17 -25.15 39.88
N VAL O 231 64.14 -25.96 40.08
CA VAL O 231 62.84 -25.57 39.55
C VAL O 231 62.23 -24.45 40.39
N ASN O 232 62.40 -24.47 41.70
CA ASN O 232 61.69 -23.50 42.52
C ASN O 232 62.38 -22.16 42.70
N PHE O 233 63.71 -22.10 42.74
CA PHE O 233 64.40 -20.95 43.33
C PHE O 233 65.22 -20.11 42.36
N LYS O 234 64.68 -19.79 41.19
CA LYS O 234 64.91 -18.50 40.50
C LYS O 234 66.36 -18.20 40.14
N PHE O 235 67.23 -19.22 40.13
CA PHE O 235 68.69 -19.19 39.93
C PHE O 235 69.43 -18.59 41.13
N GLU O 236 68.69 -18.04 42.09
CA GLU O 236 69.31 -17.39 43.23
C GLU O 236 69.81 -18.42 44.22
N GLU O 237 70.60 -17.98 45.18
CA GLU O 237 71.02 -18.85 46.27
C GLU O 237 70.08 -18.74 47.47
N ASN O 238 68.80 -18.89 47.17
CA ASN O 238 67.77 -19.13 48.15
C ASN O 238 67.53 -20.61 48.37
N TYR O 239 68.54 -21.43 48.08
CA TYR O 239 68.39 -22.88 48.12
C TYR O 239 68.32 -23.37 49.55
N THR O 240 67.60 -24.47 49.74
CA THR O 240 67.54 -25.14 51.04
C THR O 240 68.60 -26.25 51.09
N SER O 241 69.85 -25.82 51.00
CA SER O 241 71.00 -26.73 51.02
C SER O 241 71.13 -27.36 52.41
N GLN O 242 70.81 -28.64 52.51
CA GLN O 242 70.57 -29.27 53.80
C GLN O 242 71.85 -29.70 54.51
N ASN O 243 72.94 -29.93 53.79
CA ASN O 243 74.11 -30.55 54.39
C ASN O 243 75.37 -29.89 53.83
N VAL O 244 76.51 -30.44 54.26
CA VAL O 244 77.78 -30.22 53.56
C VAL O 244 77.87 -31.18 52.38
N LEU O 245 77.11 -32.28 52.41
CA LEU O 245 77.08 -33.23 51.31
C LEU O 245 76.45 -32.63 50.06
N THR O 246 75.57 -31.65 50.22
CA THR O 246 75.12 -30.86 49.07
C THR O 246 76.26 -30.03 48.52
N LYS O 247 77.07 -29.44 49.40
CA LYS O 247 78.19 -28.63 48.95
C LYS O 247 79.29 -29.49 48.35
N SER O 248 79.52 -30.68 48.91
CA SER O 248 80.50 -31.58 48.32
C SER O 248 79.98 -32.20 47.02
N TYR O 249 78.66 -32.26 46.84
CA TYR O 249 78.10 -32.74 45.58
C TYR O 249 78.42 -31.81 44.43
N LEU O 250 78.44 -30.50 44.69
CA LEU O 250 78.64 -29.53 43.63
C LEU O 250 80.07 -29.52 43.14
N SER O 251 81.02 -29.84 44.00
CA SER O 251 82.42 -29.73 43.62
C SER O 251 82.90 -30.94 42.82
N ASN O 252 82.22 -32.07 42.92
CA ASN O 252 82.51 -33.23 42.08
C ASN O 252 81.66 -33.26 40.82
N ARG O 253 80.67 -32.39 40.72
CA ARG O 253 79.80 -32.34 39.57
C ARG O 253 80.56 -31.87 38.33
N THR O 254 80.40 -32.61 37.24
CA THR O 254 81.09 -32.25 36.01
C THR O 254 80.23 -31.45 35.04
N ASN O 255 79.00 -31.87 34.70
CA ASN O 255 78.32 -31.17 33.61
C ASN O 255 76.99 -30.50 33.96
N SER O 256 75.98 -31.21 34.46
CA SER O 256 74.65 -30.68 34.83
C SER O 256 73.81 -30.01 33.74
N ARG O 257 73.21 -30.78 32.84
CA ARG O 257 72.19 -30.27 31.93
C ARG O 257 70.79 -30.39 32.53
N VAL O 258 69.91 -29.46 32.19
CA VAL O 258 68.49 -29.56 32.51
C VAL O 258 67.70 -29.54 31.21
N GLN O 259 66.85 -30.54 31.01
CA GLN O 259 66.15 -30.73 29.75
C GLN O 259 64.66 -30.80 29.97
N SER O 260 63.91 -30.03 29.20
CA SER O 260 62.46 -30.11 29.18
C SER O 260 62.01 -30.75 27.87
N ILE O 261 61.13 -31.72 27.95
CA ILE O 261 60.61 -32.40 26.77
C ILE O 261 59.10 -32.27 26.82
N GLY O 262 58.56 -31.40 25.97
CA GLY O 262 57.14 -31.12 25.99
C GLY O 262 56.80 -30.06 27.00
N GLY O 263 55.58 -29.58 26.93
CA GLY O 263 55.16 -28.54 27.83
C GLY O 263 55.71 -27.19 27.41
N VAL O 264 55.76 -26.28 28.38
CA VAL O 264 56.31 -24.94 28.18
C VAL O 264 57.82 -25.02 28.36
N PRO O 265 58.61 -24.09 27.81
CA PRO O 265 60.06 -24.17 27.98
C PRO O 265 60.47 -23.91 29.42
N PHE O 266 61.47 -24.65 29.86
CA PHE O 266 61.96 -24.53 31.23
C PHE O 266 62.85 -23.31 31.37
N TYR O 267 62.73 -22.64 32.52
CA TYR O 267 63.67 -21.65 32.99
C TYR O 267 63.80 -21.84 34.49
N PRO O 268 64.97 -21.61 35.06
CA PRO O 268 65.14 -21.84 36.49
C PRO O 268 64.34 -20.86 37.32
N GLY O 269 63.28 -21.34 37.95
CA GLY O 269 62.38 -20.46 38.65
C GLY O 269 60.92 -20.71 38.34
N ILE O 270 60.62 -21.44 37.28
CA ILE O 270 59.24 -21.84 37.03
C ILE O 270 58.88 -22.92 38.03
N THR O 271 57.83 -22.69 38.80
CA THR O 271 57.49 -23.64 39.84
C THR O 271 56.94 -24.92 39.22
N LEU O 272 56.94 -25.98 40.01
CA LEU O 272 56.46 -27.26 39.50
C LEU O 272 54.97 -27.22 39.23
N GLN O 273 54.25 -26.39 39.98
CA GLN O 273 52.85 -26.10 39.67
C GLN O 273 52.71 -25.45 38.30
N ALA O 274 53.55 -24.47 38.00
CA ALA O 274 53.36 -23.69 36.78
C ALA O 274 53.85 -24.42 35.55
N TRP O 275 54.83 -25.31 35.70
CA TRP O 275 55.24 -26.14 34.57
C TRP O 275 54.15 -27.12 34.18
N GLN O 276 53.40 -27.61 35.16
CA GLN O 276 52.33 -28.57 34.92
C GLN O 276 51.06 -27.94 34.38
N GLN O 277 50.95 -26.62 34.37
CA GLN O 277 49.82 -25.97 33.73
C GLN O 277 50.02 -25.79 32.24
N GLY O 278 51.26 -25.83 31.78
CA GLY O 278 51.56 -25.68 30.38
C GLY O 278 51.67 -26.95 29.61
N ILE O 279 51.40 -28.08 30.25
CA ILE O 279 51.44 -29.37 29.58
C ILE O 279 50.28 -29.52 28.62
N THR O 280 49.15 -28.89 28.93
CA THR O 280 47.98 -28.90 28.07
C THR O 280 48.27 -28.23 26.73
N ASN O 281 48.00 -28.97 25.66
CA ASN O 281 48.19 -28.65 24.24
C ASN O 281 49.66 -28.62 23.82
N HIS O 282 50.58 -29.01 24.69
CA HIS O 282 51.98 -29.18 24.31
C HIS O 282 52.37 -30.58 24.75
N LEU O 283 52.01 -31.58 23.97
CA LEU O 283 52.28 -32.97 24.31
C LEU O 283 53.20 -33.56 23.26
N VAL O 284 54.16 -34.35 23.70
CA VAL O 284 55.10 -35.02 22.82
C VAL O 284 55.11 -36.50 23.16
N ALA O 285 55.81 -37.27 22.35
CA ALA O 285 55.97 -38.68 22.63
C ALA O 285 57.10 -38.86 23.63
N ILE O 286 56.76 -39.26 24.85
CA ILE O 286 57.76 -39.57 25.86
C ILE O 286 58.08 -41.05 25.93
N ASP O 287 57.35 -41.89 25.20
CA ASP O 287 57.68 -43.30 25.07
C ASP O 287 57.04 -43.82 23.79
N ARG O 288 57.62 -44.89 23.25
CA ARG O 288 57.16 -45.50 22.01
C ARG O 288 57.30 -47.01 22.10
N SER O 289 56.41 -47.71 21.41
CA SER O 289 56.55 -49.14 21.17
C SER O 289 56.42 -49.37 19.67
N GLY O 290 56.90 -50.52 19.20
CA GLY O 290 56.83 -50.74 17.78
C GLY O 290 57.06 -52.19 17.38
N LEU O 291 57.09 -52.38 16.07
CA LEU O 291 57.34 -53.65 15.42
C LEU O 291 58.25 -53.38 14.22
N PRO O 292 59.01 -54.37 13.77
CA PRO O 292 59.86 -54.16 12.60
C PRO O 292 59.07 -53.89 11.33
N LEU O 293 59.77 -53.35 10.34
CA LEU O 293 59.12 -52.81 9.16
C LEU O 293 58.58 -53.91 8.26
N HIS O 294 59.22 -55.08 8.25
CA HIS O 294 58.75 -56.18 7.42
C HIS O 294 57.61 -56.96 8.05
N PHE O 295 57.22 -56.64 9.28
CA PHE O 295 56.03 -57.24 9.87
C PHE O 295 54.78 -56.82 9.12
N PHE O 296 54.76 -55.61 8.60
CA PHE O 296 53.61 -55.04 7.94
C PHE O 296 53.64 -55.26 6.44
N ILE O 297 54.53 -56.11 5.95
CA ILE O 297 54.50 -56.53 4.56
C ILE O 297 54.02 -57.97 4.54
N ASN O 298 52.72 -58.15 4.41
CA ASN O 298 52.08 -59.44 4.51
C ASN O 298 50.91 -59.43 3.54
N PRO O 299 50.34 -60.59 3.20
CA PRO O 299 49.21 -60.61 2.24
C PRO O 299 47.96 -59.87 2.69
N ASN O 300 47.83 -59.54 3.97
CA ASN O 300 46.68 -58.78 4.43
C ASN O 300 46.80 -57.31 4.07
N MET O 301 47.98 -56.71 4.25
CA MET O 301 48.16 -55.30 3.95
C MET O 301 48.19 -55.03 2.45
N LEU O 302 48.60 -56.02 1.66
CA LEU O 302 48.72 -55.90 0.21
C LEU O 302 47.77 -56.91 -0.42
N PRO O 303 46.49 -56.56 -0.57
CA PRO O 303 45.52 -57.53 -1.08
C PRO O 303 45.46 -57.59 -2.60
N ASP O 304 46.10 -56.64 -3.30
CA ASP O 304 46.09 -56.59 -4.75
C ASP O 304 47.35 -57.18 -5.36
N LEU O 305 48.08 -58.01 -4.62
CA LEU O 305 49.26 -58.69 -5.11
C LEU O 305 49.17 -60.16 -4.71
N PRO O 306 49.81 -61.05 -5.45
CA PRO O 306 49.77 -62.46 -5.08
C PRO O 306 50.53 -62.78 -3.80
N GLY O 307 50.21 -63.94 -3.25
CA GLY O 307 50.73 -64.40 -1.99
C GLY O 307 52.24 -64.56 -1.90
N PRO O 308 52.85 -65.38 -2.76
CA PRO O 308 54.31 -65.54 -2.68
C PRO O 308 55.09 -64.35 -3.15
N LEU O 309 54.46 -63.37 -3.79
CA LEU O 309 55.17 -62.21 -4.26
C LEU O 309 55.29 -61.12 -3.22
N VAL O 310 54.37 -61.06 -2.24
CA VAL O 310 54.57 -60.14 -1.12
C VAL O 310 55.48 -60.73 -0.06
N LYS O 311 55.82 -62.01 -0.17
CA LYS O 311 56.84 -62.61 0.67
C LYS O 311 58.23 -62.44 0.09
N LYS O 312 58.35 -62.09 -1.19
CA LYS O 312 59.64 -61.72 -1.74
C LYS O 312 59.96 -60.27 -1.38
N VAL O 313 58.94 -59.42 -1.34
CA VAL O 313 59.13 -58.03 -0.92
C VAL O 313 59.45 -57.96 0.56
N SER O 314 58.80 -58.81 1.36
CA SER O 314 59.03 -58.81 2.79
C SER O 314 60.41 -59.37 3.14
N LYS O 315 60.94 -60.26 2.31
CA LYS O 315 62.25 -60.83 2.59
C LYS O 315 63.37 -59.92 2.09
N THR O 316 63.13 -59.17 1.02
CA THR O 316 64.17 -58.28 0.53
C THR O 316 64.25 -56.98 1.34
N VAL O 317 63.26 -56.68 2.18
CA VAL O 317 63.33 -55.55 3.09
C VAL O 317 63.88 -55.98 4.44
N GLU O 318 63.58 -57.22 4.87
CA GLU O 318 64.17 -57.78 6.07
C GLU O 318 65.69 -57.91 5.93
N THR O 319 66.16 -58.19 4.73
CA THR O 319 67.59 -58.28 4.49
C THR O 319 68.24 -56.90 4.48
N ALA O 320 67.52 -55.89 3.98
CA ALA O 320 68.08 -54.55 3.92
C ALA O 320 68.15 -53.90 5.29
N VAL O 321 67.20 -54.21 6.17
CA VAL O 321 67.24 -53.69 7.54
C VAL O 321 68.36 -54.37 8.32
N LYS O 322 68.53 -55.68 8.12
CA LYS O 322 69.58 -56.42 8.82
C LYS O 322 70.96 -56.02 8.34
N ARG O 323 71.08 -55.62 7.08
CA ARG O 323 72.35 -55.14 6.55
C ARG O 323 72.71 -53.78 7.13
N TYR O 324 71.70 -53.00 7.52
CA TYR O 324 71.93 -51.68 8.07
C TYR O 324 72.43 -51.74 9.50
N TYR O 325 72.02 -52.74 10.27
CA TYR O 325 72.55 -52.92 11.62
C TYR O 325 73.97 -53.47 11.61
N THR O 326 74.30 -54.28 10.59
CA THR O 326 75.61 -54.92 10.55
C THR O 326 76.70 -53.93 10.20
N PHE O 327 76.40 -52.98 9.32
CA PHE O 327 77.41 -52.02 8.90
C PHE O 327 77.63 -50.92 9.91
N ASN O 328 76.82 -50.86 10.97
CA ASN O 328 76.94 -49.88 12.03
C ASN O 328 77.25 -50.55 13.36
N THR O 329 77.90 -51.71 13.31
CA THR O 329 78.32 -52.44 14.49
C THR O 329 79.83 -52.40 14.58
N TYR O 330 80.35 -51.92 15.71
CA TYR O 330 81.79 -51.77 15.94
C TYR O 330 82.16 -52.55 17.19
N PRO O 331 82.59 -53.81 17.05
CA PRO O 331 83.10 -54.53 18.21
C PRO O 331 84.46 -54.01 18.62
N GLY O 332 84.72 -54.05 19.92
CA GLY O 332 85.98 -53.57 20.43
C GLY O 332 86.00 -53.60 21.94
N CYS O 333 87.11 -53.15 22.50
CA CYS O 333 87.25 -53.05 23.93
C CYS O 333 86.49 -51.84 24.44
N THR O 334 85.55 -52.06 25.34
CA THR O 334 84.68 -51.00 25.83
C THR O 334 85.01 -50.54 27.24
N ASP O 335 85.95 -51.20 27.92
CA ASP O 335 86.32 -50.81 29.26
C ASP O 335 87.31 -49.65 29.20
N LEU O 336 86.94 -48.51 29.80
CA LEU O 336 87.75 -47.31 29.68
C LEU O 336 89.02 -47.37 30.50
N ASN O 337 89.11 -48.28 31.46
CA ASN O 337 90.31 -48.42 32.27
C ASN O 337 91.35 -49.34 31.65
N SER O 338 90.97 -50.14 30.66
CA SER O 338 91.93 -51.00 29.99
C SER O 338 92.85 -50.17 29.10
N PRO O 339 94.11 -50.58 28.95
CA PRO O 339 95.04 -49.77 28.13
C PRO O 339 94.71 -49.79 26.66
N ASN O 340 94.15 -50.87 26.15
CA ASN O 340 93.72 -50.95 24.76
C ASN O 340 92.24 -50.61 24.59
N PHE O 341 91.83 -49.47 25.14
CA PHE O 341 90.44 -49.04 25.06
C PHE O 341 90.08 -48.57 23.67
N ASN O 342 89.02 -49.15 23.11
CA ASN O 342 88.52 -48.75 21.80
C ASN O 342 87.39 -47.77 22.02
N PHE O 343 87.73 -46.49 21.97
CA PHE O 343 86.74 -45.47 21.68
C PHE O 343 86.28 -45.69 20.24
N GLN O 344 85.06 -45.23 19.94
CA GLN O 344 84.33 -45.57 18.71
C GLN O 344 84.10 -47.08 18.61
N ALA O 345 83.50 -47.65 19.64
CA ALA O 345 83.11 -49.05 19.64
C ALA O 345 81.77 -49.20 20.34
N ASN O 346 80.87 -49.98 19.77
CA ASN O 346 79.52 -50.16 20.27
C ASN O 346 79.37 -51.41 21.12
N THR O 347 79.89 -52.53 20.65
CA THR O 347 79.64 -53.83 21.23
C THR O 347 80.87 -54.30 21.99
N ASP O 348 80.66 -54.87 23.17
CA ASP O 348 81.75 -55.38 23.98
C ASP O 348 82.33 -56.61 23.31
N ASP O 349 83.61 -56.54 22.96
CA ASP O 349 84.26 -57.61 22.22
C ASP O 349 84.61 -58.80 23.11
N GLY O 350 84.71 -58.59 24.42
CA GLY O 350 85.15 -59.64 25.30
C GLY O 350 86.62 -59.91 25.29
N SER O 351 87.41 -59.06 24.63
CA SER O 351 88.87 -59.17 24.59
C SER O 351 89.42 -57.83 25.06
N CYS O 352 89.54 -57.69 26.37
CA CYS O 352 90.02 -56.45 26.98
C CYS O 352 91.46 -56.55 27.45
N GLU O 353 92.04 -57.75 27.42
CA GLU O 353 93.44 -57.94 27.81
C GLU O 353 94.12 -58.72 26.69
N GLY O 354 95.00 -58.03 25.95
CA GLY O 354 95.74 -58.64 24.88
C GLY O 354 97.13 -59.06 25.32
N LYS O 355 97.86 -59.64 24.37
CA LYS O 355 99.20 -60.15 24.65
C LYS O 355 100.31 -59.38 23.95
N MET O 356 99.97 -58.47 23.02
CA MET O 356 100.91 -57.67 22.24
C MET O 356 101.89 -58.56 21.46
N THR O 357 101.32 -59.26 20.49
CA THR O 357 102.09 -60.11 19.59
C THR O 357 102.29 -59.37 18.28
N ASN O 358 103.56 -59.10 17.94
CA ASN O 358 103.87 -58.50 16.66
C ASN O 358 103.85 -59.57 15.57
N PHE O 359 103.24 -59.24 14.44
CA PHE O 359 103.05 -60.20 13.36
C PHE O 359 103.78 -59.75 12.10
N SER O 360 103.80 -60.63 11.12
CA SER O 360 104.54 -60.44 9.87
C SER O 360 103.54 -60.23 8.74
N PHE O 361 103.67 -59.12 8.03
CA PHE O 361 102.80 -58.80 6.90
C PHE O 361 103.44 -59.33 5.63
N GLY O 362 102.91 -60.44 5.12
CA GLY O 362 103.48 -61.11 3.98
C GLY O 362 103.04 -60.60 2.62
N GLY O 363 102.30 -59.50 2.57
CA GLY O 363 101.94 -58.89 1.30
C GLY O 363 100.64 -59.41 0.74
N VAL O 364 100.17 -58.71 -0.29
CA VAL O 364 98.90 -59.02 -0.94
C VAL O 364 99.15 -59.21 -2.43
N TYR O 365 98.29 -60.01 -3.06
CA TYR O 365 98.30 -60.16 -4.51
C TYR O 365 96.89 -60.50 -4.97
N GLN O 366 96.59 -60.10 -6.20
CA GLN O 366 95.24 -60.21 -6.75
C GLN O 366 95.30 -60.78 -8.15
N GLU O 367 94.54 -61.84 -8.40
CA GLU O 367 94.42 -62.41 -9.73
C GLU O 367 93.29 -61.73 -10.48
N CYS O 368 93.29 -61.91 -11.80
CA CYS O 368 92.19 -61.47 -12.64
C CYS O 368 91.91 -62.50 -13.71
N THR O 369 90.66 -62.55 -14.15
CA THR O 369 90.24 -63.51 -15.17
C THR O 369 89.15 -62.85 -16.01
N GLN O 370 89.50 -62.51 -17.25
CA GLN O 370 88.57 -61.87 -18.16
C GLN O 370 87.46 -62.85 -18.56
N LEU O 371 86.21 -62.40 -18.46
CA LEU O 371 85.07 -63.22 -18.81
C LEU O 371 84.43 -62.84 -20.13
N SER O 372 84.35 -61.55 -20.43
CA SER O 372 83.76 -61.08 -21.68
C SER O 372 84.31 -59.69 -21.97
N GLY O 373 84.30 -59.35 -23.26
CA GLY O 373 84.79 -58.05 -23.68
C GLY O 373 86.25 -58.03 -24.02
N ASN O 374 86.70 -59.05 -24.76
CA ASN O 374 88.11 -59.17 -25.10
C ASN O 374 88.50 -58.15 -26.17
N ARG O 375 89.79 -57.76 -26.13
CA ARG O 375 90.45 -56.86 -27.07
C ARG O 375 89.81 -55.47 -27.14
N ASP O 376 89.07 -55.09 -26.10
CA ASP O 376 88.42 -53.78 -26.06
C ASP O 376 88.83 -52.96 -24.85
N VAL O 377 88.83 -53.55 -23.66
CA VAL O 377 89.10 -52.84 -22.42
C VAL O 377 90.43 -53.26 -21.81
N LEU O 378 90.75 -54.54 -21.86
CA LEU O 378 91.84 -55.20 -21.12
C LEU O 378 91.69 -54.93 -19.62
N LEU O 379 90.60 -55.48 -19.08
CA LEU O 379 90.30 -55.35 -17.66
C LEU O 379 91.35 -56.02 -16.80
N CYS O 380 91.98 -57.09 -17.29
CA CYS O 380 92.92 -57.89 -16.52
C CYS O 380 94.34 -57.30 -16.56
N GLN O 381 94.46 -55.99 -16.76
CA GLN O 381 95.74 -55.30 -16.74
C GLN O 381 95.82 -54.23 -15.67
N LYS O 382 94.77 -53.41 -15.54
CA LYS O 382 94.69 -52.42 -14.47
C LYS O 382 93.96 -52.96 -13.25
N LEU O 383 93.78 -54.27 -13.15
CA LEU O 383 93.10 -54.90 -12.03
C LEU O 383 93.94 -56.06 -11.49
N GLU O 384 95.22 -56.08 -11.80
CA GLU O 384 96.10 -57.19 -11.47
C GLU O 384 97.24 -56.66 -10.62
N GLN O 385 97.54 -57.38 -9.54
CA GLN O 385 98.61 -56.97 -8.63
C GLN O 385 99.41 -58.19 -8.20
N LYS O 386 100.74 -58.08 -8.25
CA LYS O 386 101.63 -59.15 -7.83
C LYS O 386 102.27 -58.80 -6.49
N ASN O 387 102.69 -59.84 -5.79
CA ASN O 387 103.32 -59.70 -4.49
C ASN O 387 104.73 -59.13 -4.66
N PRO O 388 105.07 -58.02 -3.99
CA PRO O 388 106.44 -57.49 -4.13
C PRO O 388 107.51 -58.37 -3.50
N LEU O 389 107.15 -59.27 -2.60
CA LEU O 389 108.15 -60.13 -1.97
C LEU O 389 108.58 -61.27 -2.86
N THR O 390 107.73 -61.70 -3.79
CA THR O 390 108.07 -62.78 -4.71
C THR O 390 108.06 -62.37 -6.18
N GLY O 391 107.41 -61.27 -6.54
CA GLY O 391 107.21 -60.94 -7.93
C GLY O 391 106.29 -61.91 -8.65
N ASP O 392 105.37 -62.54 -7.92
CA ASP O 392 104.61 -63.65 -8.44
C ASP O 392 103.28 -63.69 -7.69
N PHE O 393 102.37 -64.55 -8.16
CA PHE O 393 101.09 -64.75 -7.51
C PHE O 393 101.20 -65.87 -6.47
N SER O 394 102.10 -65.65 -5.51
CA SER O 394 102.37 -66.61 -4.46
C SER O 394 102.96 -65.89 -3.27
N CYS O 395 102.83 -66.51 -2.11
CA CYS O 395 103.46 -66.03 -0.90
C CYS O 395 104.91 -66.51 -0.85
N PRO O 396 105.75 -65.88 -0.02
CA PRO O 396 107.12 -66.39 0.15
C PRO O 396 107.21 -67.72 0.87
N SER O 397 108.45 -68.17 1.13
CA SER O 397 108.68 -69.51 1.66
C SER O 397 108.15 -69.66 3.08
N GLY O 398 108.23 -68.60 3.88
CA GLY O 398 107.71 -68.66 5.22
C GLY O 398 106.26 -68.29 5.38
N TYR O 399 105.51 -68.18 4.28
CA TYR O 399 104.14 -67.68 4.33
C TYR O 399 103.19 -68.64 3.63
N SER O 400 101.91 -68.30 3.65
CA SER O 400 100.84 -69.11 3.08
C SER O 400 99.70 -68.21 2.66
N PRO O 401 99.01 -68.50 1.55
CA PRO O 401 97.96 -67.60 1.07
C PRO O 401 96.62 -67.81 1.76
N VAL O 402 95.92 -66.71 1.98
CA VAL O 402 94.56 -66.71 2.53
C VAL O 402 93.67 -65.94 1.57
N HIS O 403 92.59 -66.58 1.13
CA HIS O 403 91.67 -66.00 0.15
C HIS O 403 90.71 -65.04 0.83
N LEU O 404 90.76 -63.76 0.45
CA LEU O 404 89.86 -62.78 1.04
C LEU O 404 88.48 -62.83 0.41
N LEU O 405 88.39 -62.51 -0.88
CA LEU O 405 87.10 -62.26 -1.50
C LEU O 405 87.25 -62.37 -3.01
N SER O 406 86.19 -62.87 -3.64
CA SER O 406 86.16 -63.11 -5.08
C SER O 406 84.84 -62.60 -5.64
N GLN O 407 84.89 -61.57 -6.46
CA GLN O 407 83.69 -60.97 -7.04
C GLN O 407 83.94 -60.64 -8.51
N ILE O 408 82.91 -60.09 -9.14
CA ILE O 408 82.93 -59.76 -10.56
C ILE O 408 82.98 -58.25 -10.70
N HIS O 409 83.92 -57.76 -11.49
CA HIS O 409 84.01 -56.34 -11.81
C HIS O 409 83.43 -56.09 -13.19
N GLU O 410 82.82 -54.92 -13.37
CA GLU O 410 82.20 -54.56 -14.64
C GLU O 410 82.66 -53.17 -15.04
N GLU O 411 83.05 -53.02 -16.31
CA GLU O 411 83.26 -51.72 -16.91
C GLU O 411 82.58 -51.67 -18.27
N GLY O 412 82.45 -50.47 -18.80
CA GLY O 412 81.77 -50.24 -20.06
C GLY O 412 82.70 -49.72 -21.13
N TYR O 413 82.49 -50.17 -22.36
CA TYR O 413 83.22 -49.69 -23.52
C TYR O 413 82.24 -49.31 -24.61
N ASN O 414 82.76 -48.68 -25.65
CA ASN O 414 81.93 -47.85 -26.52
C ASN O 414 82.38 -47.99 -27.97
N HIS O 415 81.45 -48.32 -28.85
CA HIS O 415 81.66 -48.26 -30.28
C HIS O 415 80.91 -47.07 -30.86
N LEU O 416 81.37 -46.58 -32.00
CA LEU O 416 80.73 -45.48 -32.70
C LEU O 416 80.86 -45.69 -34.19
N GLU O 417 79.75 -45.94 -34.85
CA GLU O 417 79.74 -46.24 -36.28
C GLU O 417 78.86 -45.21 -37.00
N CYS O 418 79.34 -44.75 -38.14
CA CYS O 418 78.64 -43.74 -38.92
C CYS O 418 78.76 -44.08 -40.40
N HIS O 419 77.65 -43.98 -41.13
CA HIS O 419 77.72 -44.01 -42.58
C HIS O 419 76.69 -43.06 -43.16
N ARG O 420 77.00 -42.55 -44.35
CA ARG O 420 76.24 -41.50 -45.00
C ARG O 420 75.77 -41.99 -46.37
N LYS O 421 74.55 -41.64 -46.73
CA LYS O 421 73.94 -42.10 -47.98
C LYS O 421 73.13 -40.97 -48.58
N CYS O 422 73.29 -40.76 -49.90
CA CYS O 422 72.58 -39.72 -50.62
C CYS O 422 71.69 -40.35 -51.69
N THR O 423 70.51 -39.77 -51.89
CA THR O 423 69.50 -40.33 -52.78
C THR O 423 68.98 -39.25 -53.71
N LEU O 424 69.20 -39.43 -55.02
CA LEU O 424 68.78 -38.51 -56.09
C LEU O 424 69.44 -37.14 -55.94
N LYS O 425 70.65 -37.11 -55.38
CA LYS O 425 71.54 -35.96 -55.20
C LYS O 425 71.01 -34.90 -54.23
N VAL O 426 69.81 -35.08 -53.68
CA VAL O 426 69.24 -34.26 -52.62
C VAL O 426 69.14 -35.29 -51.49
N PHE O 427 68.60 -34.91 -50.33
CA PHE O 427 68.13 -35.83 -49.29
C PHE O 427 69.26 -36.71 -48.73
N CYS O 428 70.26 -36.06 -48.15
CA CYS O 428 71.39 -36.77 -47.60
C CYS O 428 71.02 -37.35 -46.24
N LYS O 429 71.25 -38.64 -46.07
CA LYS O 429 70.94 -39.35 -44.84
C LYS O 429 72.23 -39.74 -44.14
N THR O 430 72.31 -39.44 -42.85
CA THR O 430 73.46 -39.79 -42.02
C THR O 430 72.95 -40.40 -40.73
N VAL O 431 73.35 -41.62 -40.44
CA VAL O 431 72.99 -42.29 -39.20
C VAL O 431 74.27 -42.53 -38.39
N CYS O 432 74.19 -42.23 -37.09
CA CYS O 432 75.33 -42.30 -36.19
C CYS O 432 74.95 -43.18 -35.01
N GLU O 433 75.42 -44.41 -34.99
CA GLU O 433 75.06 -45.38 -33.97
C GLU O 433 76.18 -45.51 -32.95
N ASP O 434 75.81 -45.56 -31.67
CA ASP O 434 76.77 -45.57 -30.57
C ASP O 434 76.36 -46.64 -29.56
N VAL O 435 77.04 -47.78 -29.57
CA VAL O 435 76.69 -48.93 -28.76
C VAL O 435 77.56 -48.95 -27.51
N PHE O 436 76.92 -49.12 -26.36
CA PHE O 436 77.60 -49.21 -25.07
C PHE O 436 77.43 -50.63 -24.54
N GLN O 437 78.53 -51.35 -24.39
CA GLN O 437 78.49 -52.72 -23.89
C GLN O 437 79.24 -52.80 -22.55
N VAL O 438 79.02 -53.91 -21.85
CA VAL O 438 79.56 -54.13 -20.52
C VAL O 438 80.58 -55.26 -20.58
N ALA O 439 81.81 -54.97 -20.14
CA ALA O 439 82.87 -55.97 -20.06
C ALA O 439 83.05 -56.42 -18.63
N LYS O 440 83.10 -57.72 -18.41
CA LYS O 440 83.16 -58.30 -17.07
C LYS O 440 84.51 -58.96 -16.83
N ALA O 441 84.83 -59.11 -15.54
CA ALA O 441 86.09 -59.74 -15.13
C ALA O 441 85.94 -60.25 -13.71
N GLU O 442 86.45 -61.46 -13.48
CA GLU O 442 86.53 -62.05 -12.16
C GLU O 442 87.87 -61.69 -11.52
N PHE O 443 87.85 -61.30 -10.26
CA PHE O 443 89.09 -61.11 -9.52
C PHE O 443 89.05 -61.93 -8.25
N ARG O 444 90.23 -62.37 -7.82
CA ARG O 444 90.40 -63.14 -6.59
C ARG O 444 91.57 -62.53 -5.83
N ALA O 445 91.28 -61.92 -4.68
CA ALA O 445 92.30 -61.27 -3.88
C ALA O 445 92.75 -62.21 -2.77
N PHE O 446 94.06 -62.39 -2.67
CA PHE O 446 94.66 -63.26 -1.66
C PHE O 446 95.49 -62.43 -0.70
N TRP O 447 96.00 -63.11 0.32
CA TRP O 447 96.70 -62.43 1.40
C TRP O 447 97.58 -63.44 2.12
N CYS O 448 98.79 -63.02 2.47
CA CYS O 448 99.81 -63.92 3.02
C CYS O 448 99.84 -63.85 4.55
N VAL O 449 100.10 -64.99 5.18
CA VAL O 449 100.11 -65.12 6.63
C VAL O 449 101.37 -65.88 7.05
N ALA O 450 102.00 -65.45 8.13
CA ALA O 450 103.16 -66.16 8.66
C ALA O 450 102.72 -67.48 9.25
N SER O 451 102.97 -68.57 8.54
CA SER O 451 102.58 -69.90 8.98
C SER O 451 103.76 -70.83 9.23
N SER O 452 104.99 -70.36 9.05
CA SER O 452 106.18 -71.18 9.28
C SER O 452 106.89 -70.83 10.58
N GLN O 453 106.52 -69.71 11.21
CA GLN O 453 106.86 -69.27 12.57
C GLN O 453 108.33 -68.81 12.68
N VAL O 454 109.14 -69.03 11.65
CA VAL O 454 110.52 -68.57 11.66
C VAL O 454 110.75 -67.68 10.44
N PRO O 455 110.49 -66.37 10.53
CA PRO O 455 111.01 -65.47 9.50
C PRO O 455 112.32 -64.84 9.94
N GLU O 456 113.13 -64.39 8.98
CA GLU O 456 114.27 -63.55 9.31
C GLU O 456 113.83 -62.12 9.56
N ASN O 457 113.25 -61.49 8.53
CA ASN O 457 112.59 -60.21 8.66
C ASN O 457 111.17 -60.35 8.11
N SER O 458 110.25 -59.57 8.68
CA SER O 458 108.83 -59.73 8.36
C SER O 458 108.52 -59.28 6.94
N GLY O 459 108.84 -58.04 6.63
CA GLY O 459 108.57 -57.53 5.30
C GLY O 459 107.39 -56.59 5.26
N LEU O 460 107.56 -55.50 4.50
CA LEU O 460 106.49 -54.60 4.08
C LEU O 460 105.82 -53.94 5.29
N LEU O 461 106.59 -53.13 6.01
CA LEU O 461 106.16 -52.62 7.31
C LEU O 461 105.25 -51.41 7.15
N PHE O 462 103.98 -51.68 6.83
CA PHE O 462 102.84 -50.78 6.97
C PHE O 462 101.58 -51.59 6.73
N GLY O 463 100.47 -51.11 7.28
CA GLY O 463 99.22 -51.81 7.13
C GLY O 463 98.01 -50.90 6.97
N GLY O 464 98.23 -49.66 6.55
CA GLY O 464 97.16 -48.69 6.42
C GLY O 464 96.67 -48.57 4.98
N LEU O 465 95.40 -48.24 4.83
CA LEU O 465 94.69 -48.37 3.57
C LEU O 465 94.04 -47.03 3.23
N PHE O 466 93.71 -46.87 1.95
CA PHE O 466 92.81 -45.80 1.53
C PHE O 466 92.10 -46.25 0.25
N SER O 467 90.85 -45.85 0.13
CA SER O 467 90.03 -46.24 -1.00
C SER O 467 89.90 -45.07 -1.97
N SER O 468 89.02 -45.23 -2.97
CA SER O 468 88.61 -44.11 -3.80
C SER O 468 87.61 -43.21 -3.09
N LYS O 469 87.10 -43.64 -1.94
CA LYS O 469 86.19 -42.83 -1.14
C LYS O 469 86.62 -42.72 0.32
N SER O 470 87.80 -43.23 0.65
CA SER O 470 88.32 -43.20 2.01
C SER O 470 89.62 -42.42 2.03
N ILE O 471 90.21 -42.32 3.22
CA ILE O 471 91.38 -41.50 3.47
C ILE O 471 92.33 -42.29 4.35
N ASN O 472 93.61 -42.33 3.96
CA ASN O 472 94.65 -42.89 4.82
C ASN O 472 94.84 -41.97 6.02
N PRO O 473 94.63 -42.45 7.25
CA PRO O 473 94.78 -41.56 8.40
C PRO O 473 96.21 -41.22 8.73
N MET O 474 97.19 -41.96 8.21
CA MET O 474 98.58 -41.62 8.42
C MET O 474 99.08 -40.54 7.47
N THR O 475 98.27 -40.13 6.50
CA THR O 475 98.56 -38.96 5.68
C THR O 475 97.45 -37.92 5.71
N ASN O 476 96.25 -38.27 6.21
CA ASN O 476 95.03 -37.46 6.12
C ASN O 476 94.72 -37.06 4.68
N ALA O 477 95.01 -37.96 3.76
CA ALA O 477 94.78 -37.74 2.33
C ALA O 477 94.75 -39.10 1.63
N GLN O 478 94.53 -39.06 0.32
CA GLN O 478 94.57 -40.26 -0.51
C GLN O 478 95.97 -40.44 -1.12
N SER O 479 96.95 -40.56 -0.23
CA SER O 479 98.34 -40.64 -0.66
C SER O 479 99.10 -41.55 0.28
N CYS O 480 100.28 -41.93 -0.13
CA CYS O 480 101.19 -42.75 0.65
C CYS O 480 102.03 -41.86 1.55
N PRO O 481 102.58 -42.42 2.64
CA PRO O 481 103.55 -41.64 3.43
C PRO O 481 104.91 -41.57 2.74
N ALA O 482 105.90 -41.00 3.43
CA ALA O 482 107.22 -40.73 2.86
C ALA O 482 107.96 -42.03 2.59
N GLY O 483 108.06 -42.41 1.31
CA GLY O 483 108.81 -43.59 0.91
C GLY O 483 107.99 -44.86 0.90
N TYR O 484 106.77 -44.78 0.39
CA TYR O 484 105.82 -45.88 0.40
C TYR O 484 105.18 -46.03 -0.97
N PHE O 485 105.02 -47.27 -1.42
CA PHE O 485 104.39 -47.50 -2.71
C PHE O 485 103.11 -48.32 -2.53
N PRO O 486 102.03 -47.97 -3.23
CA PRO O 486 100.75 -48.62 -2.98
C PRO O 486 100.62 -49.93 -3.75
N LEU O 487 99.82 -50.83 -3.20
CA LEU O 487 99.50 -52.09 -3.83
C LEU O 487 98.00 -52.12 -4.10
N ARG O 488 97.63 -52.31 -5.36
CA ARG O 488 96.22 -52.27 -5.71
C ARG O 488 95.50 -53.53 -5.26
N LEU O 489 94.25 -53.35 -4.85
CA LEU O 489 93.42 -54.43 -4.33
C LEU O 489 92.03 -54.17 -4.90
N PHE O 490 91.00 -54.78 -4.29
CA PHE O 490 89.79 -55.33 -4.91
C PHE O 490 89.27 -54.56 -6.13
N GLU O 491 88.88 -53.33 -5.93
CA GLU O 491 88.61 -52.41 -7.02
C GLU O 491 89.29 -51.07 -6.81
N ASN O 492 89.37 -50.59 -5.57
CA ASN O 492 89.89 -49.27 -5.31
C ASN O 492 90.86 -49.20 -4.14
N LEU O 493 91.08 -50.29 -3.41
CA LEU O 493 92.02 -50.24 -2.30
C LEU O 493 93.44 -50.12 -2.78
N LYS O 494 94.20 -49.26 -2.11
CA LYS O 494 95.63 -49.10 -2.34
C LYS O 494 96.31 -49.20 -0.99
N VAL O 495 96.99 -50.31 -0.76
CA VAL O 495 97.63 -50.59 0.52
C VAL O 495 99.07 -50.07 0.46
N CYS O 496 99.39 -49.14 1.35
CA CYS O 496 100.71 -48.51 1.33
C CYS O 496 101.72 -49.45 1.98
N VAL O 497 102.90 -49.56 1.37
CA VAL O 497 103.84 -50.63 1.65
C VAL O 497 105.27 -50.12 1.46
N SER O 498 106.13 -50.34 2.45
CA SER O 498 107.56 -50.11 2.32
C SER O 498 108.32 -51.18 3.09
N GLN O 499 109.44 -51.61 2.52
CA GLN O 499 110.31 -52.61 3.13
C GLN O 499 111.72 -52.06 3.35
N ASP O 500 111.80 -50.79 3.75
CA ASP O 500 113.09 -50.11 3.89
C ASP O 500 113.72 -50.26 5.25
N TYR O 501 112.90 -50.43 6.30
CA TYR O 501 113.27 -50.70 7.70
C TYR O 501 113.98 -49.55 8.40
N GLU O 502 114.29 -48.47 7.68
CA GLU O 502 114.90 -47.28 8.27
C GLU O 502 114.04 -46.04 8.07
N LEU O 503 113.67 -45.75 6.82
CA LEU O 503 112.77 -44.65 6.55
C LEU O 503 111.31 -45.06 6.63
N GLY O 504 111.05 -46.35 6.77
CA GLY O 504 109.69 -46.85 6.87
C GLY O 504 109.24 -47.05 8.30
N SER O 505 110.19 -47.12 9.24
CA SER O 505 109.87 -47.37 10.63
C SER O 505 109.32 -46.14 11.35
N ARG O 506 109.35 -44.97 10.73
CA ARG O 506 108.69 -43.81 11.33
C ARG O 506 107.18 -43.95 11.24
N PHE O 507 106.67 -44.51 10.15
CA PHE O 507 105.25 -44.59 9.90
C PHE O 507 104.69 -46.00 10.01
N ALA O 508 105.54 -46.99 10.31
CA ALA O 508 105.09 -48.38 10.36
C ALA O 508 104.18 -48.62 11.57
N VAL O 509 102.99 -49.15 11.31
CA VAL O 509 102.03 -49.44 12.36
C VAL O 509 102.01 -50.94 12.62
N PRO O 510 101.66 -51.38 13.83
CA PRO O 510 101.48 -52.82 14.06
C PRO O 510 100.26 -53.32 13.32
N PHE O 511 100.46 -54.29 12.45
CA PHE O 511 99.39 -54.81 11.60
C PHE O 511 98.81 -56.07 12.21
N GLY O 512 97.51 -56.26 12.04
CA GLY O 512 96.82 -57.36 12.68
C GLY O 512 96.23 -58.39 11.76
N GLY O 513 95.76 -57.99 10.58
CA GLY O 513 95.21 -58.94 9.64
C GLY O 513 93.95 -58.42 8.97
N PHE O 514 93.59 -59.04 7.85
CA PHE O 514 92.36 -58.75 7.14
C PHE O 514 91.33 -59.84 7.43
N PHE O 515 90.05 -59.46 7.39
CA PHE O 515 88.97 -60.43 7.36
C PHE O 515 87.76 -59.78 6.69
N SER O 516 86.85 -60.62 6.23
CA SER O 516 85.69 -60.14 5.49
C SER O 516 84.47 -60.88 6.01
N CYS O 517 83.35 -60.73 5.30
CA CYS O 517 82.11 -61.37 5.72
C CYS O 517 82.09 -62.87 5.47
N THR O 518 83.05 -63.39 4.71
CA THR O 518 83.09 -64.81 4.38
C THR O 518 84.30 -65.54 4.95
N VAL O 519 85.41 -64.85 5.21
CA VAL O 519 86.63 -65.48 5.65
C VAL O 519 87.08 -64.80 6.94
N GLY O 520 87.82 -65.55 7.76
CA GLY O 520 88.40 -64.99 8.96
C GLY O 520 89.90 -64.96 8.93
N ASN O 521 90.52 -64.12 9.75
CA ASN O 521 91.97 -64.17 9.75
C ASN O 521 92.47 -65.32 10.62
N PRO O 522 93.54 -65.99 10.22
CA PRO O 522 94.05 -67.11 11.01
C PRO O 522 95.03 -66.68 12.09
N LEU O 523 95.04 -65.40 12.46
CA LEU O 523 95.98 -64.88 13.43
C LEU O 523 95.38 -64.82 14.83
N VAL O 524 94.32 -65.59 15.09
CA VAL O 524 93.67 -65.62 16.38
C VAL O 524 93.75 -67.00 17.03
N ASP O 525 93.64 -68.07 16.23
CA ASP O 525 93.55 -69.40 16.81
C ASP O 525 94.90 -69.98 17.26
N PRO O 526 96.00 -69.85 16.48
CA PRO O 526 97.23 -70.27 17.17
C PRO O 526 97.81 -69.15 18.03
N PRO O 535 86.71 -73.31 10.56
CA PRO O 535 87.79 -72.43 10.10
C PRO O 535 88.18 -71.38 11.14
N SER O 536 88.43 -70.16 10.67
CA SER O 536 88.91 -69.09 11.54
C SER O 536 87.73 -68.43 12.27
N LEU O 537 87.99 -67.29 12.91
CA LEU O 537 87.03 -66.69 13.82
C LEU O 537 86.52 -65.33 13.36
N LYS O 538 87.21 -64.67 12.42
CA LYS O 538 86.97 -63.29 11.93
C LYS O 538 86.72 -62.27 13.05
N LYS O 539 87.37 -62.48 14.21
CA LYS O 539 87.22 -61.54 15.30
C LYS O 539 88.24 -60.41 15.22
N CYS O 540 89.49 -60.72 15.59
CA CYS O 540 90.59 -59.79 15.81
C CYS O 540 91.76 -60.67 16.25
N PRO O 541 93.01 -60.18 16.27
CA PRO O 541 94.04 -60.96 16.97
C PRO O 541 93.92 -60.88 18.48
N GLY O 542 93.56 -59.71 19.03
CA GLY O 542 93.53 -59.53 20.45
C GLY O 542 94.49 -58.42 20.87
N GLY O 543 93.94 -57.33 21.38
CA GLY O 543 94.69 -56.12 21.61
C GLY O 543 94.61 -55.14 20.45
N PHE O 544 94.39 -55.63 19.25
CA PHE O 544 94.21 -54.79 18.08
C PHE O 544 92.78 -54.27 18.04
N SER O 545 92.49 -53.45 17.03
CA SER O 545 91.17 -52.84 16.88
C SER O 545 90.72 -53.00 15.44
N GLN O 546 89.48 -53.46 15.26
CA GLN O 546 88.91 -53.58 13.93
C GLN O 546 88.66 -52.21 13.33
N HIS O 547 88.96 -52.07 12.05
CA HIS O 547 88.64 -50.87 11.33
C HIS O 547 88.20 -51.29 9.94
N PRO O 548 87.14 -50.68 9.42
CA PRO O 548 86.63 -51.13 8.13
C PRO O 548 87.38 -50.53 6.95
N ALA O 549 87.65 -51.38 5.97
CA ALA O 549 88.03 -50.96 4.63
C ALA O 549 86.74 -50.74 3.83
N LEU O 550 86.83 -50.69 2.50
CA LEU O 550 85.64 -50.44 1.70
C LEU O 550 84.67 -51.62 1.73
N ILE O 551 83.52 -51.41 1.10
CA ILE O 551 82.48 -52.42 0.96
C ILE O 551 82.45 -52.88 -0.49
N SER O 552 82.66 -54.19 -0.69
CA SER O 552 82.69 -54.77 -2.02
C SER O 552 81.32 -55.43 -2.28
N ASP O 553 80.36 -54.59 -2.66
CA ASP O 553 79.02 -54.99 -3.12
C ASP O 553 78.27 -55.79 -2.05
N GLY O 554 78.14 -55.20 -0.86
CA GLY O 554 77.38 -55.80 0.22
C GLY O 554 78.22 -56.51 1.26
N CYS O 555 79.48 -56.81 0.96
CA CYS O 555 80.37 -57.46 1.92
C CYS O 555 81.38 -56.45 2.41
N GLN O 556 81.70 -56.52 3.70
CA GLN O 556 82.56 -55.56 4.36
C GLN O 556 83.90 -56.19 4.67
N VAL O 557 84.97 -55.52 4.25
CA VAL O 557 86.34 -55.96 4.51
C VAL O 557 86.90 -55.12 5.64
N SER O 558 87.47 -55.77 6.65
CA SER O 558 87.97 -55.07 7.82
C SER O 558 89.42 -55.46 8.10
N TYR O 559 90.14 -54.55 8.73
CA TYR O 559 91.56 -54.76 9.03
C TYR O 559 91.86 -54.31 10.45
N CYS O 560 92.86 -54.95 11.06
CA CYS O 560 93.19 -54.76 12.46
C CYS O 560 94.50 -54.01 12.62
N VAL O 561 94.58 -53.17 13.65
CA VAL O 561 95.72 -52.29 13.85
C VAL O 561 95.71 -51.86 15.31
N LYS O 562 96.87 -51.46 15.83
CA LYS O 562 97.02 -51.07 17.24
C LYS O 562 97.80 -49.77 17.36
N SER O 563 97.36 -48.74 16.65
CA SER O 563 98.04 -47.47 16.81
C SER O 563 97.57 -46.72 18.04
N GLY O 564 96.26 -46.44 18.11
CA GLY O 564 95.71 -45.42 18.95
C GLY O 564 95.36 -44.16 18.18
N LEU O 565 96.02 -43.94 17.04
CA LEU O 565 95.63 -42.86 16.14
C LEU O 565 94.35 -43.21 15.39
N PHE O 566 94.19 -44.49 15.03
CA PHE O 566 92.99 -44.94 14.35
C PHE O 566 91.77 -44.92 15.27
N THR O 567 91.99 -45.07 16.57
CA THR O 567 90.90 -45.27 17.51
C THR O 567 90.18 -43.97 17.85
N GLY O 568 90.91 -43.00 18.40
CA GLY O 568 90.29 -41.82 18.96
C GLY O 568 89.78 -40.84 17.92
N GLY O 569 89.27 -39.72 18.41
CA GLY O 569 88.68 -38.71 17.57
C GLY O 569 87.33 -38.27 18.10
N SER O 570 86.33 -38.25 17.24
CA SER O 570 84.94 -38.08 17.66
C SER O 570 84.16 -39.32 17.27
N LEU O 571 82.96 -39.43 17.81
CA LEU O 571 82.09 -40.55 17.46
C LEU O 571 81.55 -40.36 16.05
N PRO O 572 81.67 -41.36 15.18
CA PRO O 572 81.22 -41.19 13.80
C PRO O 572 79.70 -41.23 13.73
N PRO O 573 79.12 -40.66 12.68
CA PRO O 573 77.68 -40.85 12.46
C PRO O 573 77.41 -42.23 11.88
N ALA O 574 76.13 -42.53 11.73
CA ALA O 574 75.74 -43.81 11.17
C ALA O 574 75.98 -43.82 9.67
N ARG O 575 76.39 -44.98 9.15
CA ARG O 575 76.38 -45.20 7.71
C ARG O 575 74.97 -45.43 7.23
N LEU O 576 74.48 -44.53 6.41
CA LEU O 576 73.12 -44.64 5.97
C LEU O 576 73.07 -45.44 4.67
N PRO O 577 71.95 -46.09 4.37
CA PRO O 577 71.80 -46.76 3.08
C PRO O 577 71.71 -45.76 1.94
N PRO O 578 71.82 -46.19 0.67
CA PRO O 578 72.12 -47.48 0.05
C PRO O 578 73.58 -47.80 0.12
N PHE O 579 73.90 -49.08 0.25
CA PHE O 579 75.27 -49.53 0.34
C PHE O 579 75.75 -50.14 -0.96
N THR O 580 74.86 -50.34 -1.92
CA THR O 580 75.21 -50.78 -3.26
C THR O 580 74.83 -49.68 -4.24
N ARG O 581 75.20 -49.88 -5.49
CA ARG O 581 74.85 -49.00 -6.59
C ARG O 581 74.06 -49.78 -7.62
N PRO O 582 73.21 -49.12 -8.41
CA PRO O 582 72.51 -49.84 -9.46
C PRO O 582 73.48 -50.26 -10.55
N PRO O 583 73.29 -51.44 -11.14
CA PRO O 583 74.30 -52.00 -12.03
C PRO O 583 74.29 -51.34 -13.40
N LEU O 584 75.32 -51.68 -14.17
CA LEU O 584 75.47 -51.16 -15.53
C LEU O 584 74.63 -51.98 -16.49
N MET O 585 74.13 -51.30 -17.52
CA MET O 585 73.27 -51.90 -18.53
C MET O 585 73.85 -51.60 -19.90
N SER O 586 73.66 -52.53 -20.83
CA SER O 586 74.12 -52.31 -22.19
C SER O 586 73.09 -51.50 -22.97
N GLN O 587 73.59 -50.52 -23.73
CA GLN O 587 72.79 -49.43 -24.28
C GLN O 587 73.05 -49.31 -25.77
N ALA O 588 72.31 -48.42 -26.42
CA ALA O 588 72.46 -48.11 -27.83
C ALA O 588 71.81 -46.76 -28.09
N ALA O 589 72.46 -45.94 -28.91
CA ALA O 589 71.94 -44.61 -29.21
C ALA O 589 72.21 -44.28 -30.66
N THR O 590 71.16 -43.93 -31.40
CA THR O 590 71.25 -43.61 -32.81
C THR O 590 70.84 -42.17 -33.07
N ASN O 591 71.32 -41.62 -34.18
CA ASN O 591 71.04 -40.25 -34.60
C ASN O 591 70.94 -40.24 -36.11
N THR O 592 69.72 -40.22 -36.66
CA THR O 592 69.53 -40.12 -38.09
C THR O 592 69.22 -38.68 -38.46
N VAL O 593 69.95 -38.14 -39.42
CA VAL O 593 69.78 -36.77 -39.89
C VAL O 593 69.46 -36.81 -41.38
N ILE O 594 68.39 -36.13 -41.78
CA ILE O 594 68.03 -35.97 -43.18
C ILE O 594 68.26 -34.51 -43.56
N VAL O 595 69.02 -34.29 -44.62
CA VAL O 595 69.37 -32.94 -45.06
C VAL O 595 68.88 -32.80 -46.49
N THR O 596 67.93 -31.91 -46.74
CA THR O 596 67.54 -31.60 -48.10
C THR O 596 68.46 -30.51 -48.62
N ASN O 597 69.17 -30.80 -49.70
CA ASN O 597 70.15 -29.89 -50.26
C ASN O 597 69.53 -28.93 -51.27
N SER O 598 68.21 -28.80 -51.29
CA SER O 598 67.57 -28.05 -52.36
C SER O 598 66.19 -27.56 -51.92
N GLU O 599 65.79 -26.43 -52.48
CA GLU O 599 64.39 -26.07 -52.55
C GLU O 599 63.75 -26.81 -53.72
N ASN O 600 62.45 -26.58 -53.93
CA ASN O 600 61.63 -27.33 -54.90
C ASN O 600 61.71 -28.82 -54.63
N ALA O 601 61.62 -29.18 -53.35
CA ALA O 601 61.72 -30.57 -52.92
C ALA O 601 60.91 -30.71 -51.64
N ARG O 602 59.71 -31.25 -51.77
CA ARG O 602 58.83 -31.43 -50.62
C ARG O 602 59.03 -32.80 -50.01
N SER O 603 58.55 -32.97 -48.79
CA SER O 603 58.72 -34.21 -48.07
C SER O 603 57.59 -34.38 -47.07
N TRP O 604 57.04 -35.59 -46.99
CA TRP O 604 56.01 -35.93 -46.03
C TRP O 604 56.51 -37.06 -45.16
N ILE O 605 56.27 -36.96 -43.86
CA ILE O 605 56.80 -37.91 -42.89
C ILE O 605 55.67 -38.37 -41.99
N LYS O 606 55.53 -39.67 -41.82
CA LYS O 606 54.62 -40.27 -40.85
C LYS O 606 55.47 -40.95 -39.80
N ASP O 607 55.48 -40.40 -38.58
CA ASP O 607 56.49 -40.76 -37.59
C ASP O 607 56.24 -42.14 -37.00
N SER O 608 54.98 -42.53 -36.84
CA SER O 608 54.64 -43.84 -36.31
C SER O 608 53.25 -44.20 -36.79
N GLN O 609 52.74 -45.35 -36.34
CA GLN O 609 51.43 -45.79 -36.78
C GLN O 609 50.30 -44.98 -36.16
N THR O 610 50.56 -44.30 -35.05
CA THR O 610 49.54 -43.46 -34.44
C THR O 610 49.60 -42.03 -34.91
N HIS O 611 50.73 -41.58 -35.45
CA HIS O 611 50.84 -40.24 -35.98
C HIS O 611 50.06 -40.11 -37.28
N GLN O 612 49.84 -38.88 -37.70
CA GLN O 612 49.32 -38.57 -39.02
C GLN O 612 50.46 -38.12 -39.91
N TRP O 613 50.20 -38.07 -41.22
CA TRP O 613 51.19 -37.57 -42.16
C TRP O 613 51.49 -36.10 -41.90
N ARG O 614 52.75 -35.77 -41.94
CA ARG O 614 53.25 -34.48 -41.50
C ARG O 614 54.16 -33.94 -42.59
N LEU O 615 54.06 -32.64 -42.84
CA LEU O 615 54.93 -32.02 -43.83
C LEU O 615 56.34 -31.91 -43.28
N GLY O 616 57.31 -32.38 -44.05
CA GLY O 616 58.67 -32.47 -43.56
C GLY O 616 59.41 -31.15 -43.62
N GLU O 617 60.50 -31.12 -42.87
CA GLU O 617 61.41 -29.99 -42.72
C GLU O 617 62.76 -30.32 -43.36
N PRO O 618 63.59 -29.30 -43.66
CA PRO O 618 64.89 -29.61 -44.30
C PRO O 618 65.88 -30.37 -43.42
N ILE O 619 65.86 -30.17 -42.11
CA ILE O 619 66.70 -30.94 -41.18
C ILE O 619 65.77 -31.61 -40.19
N GLU O 620 65.91 -32.94 -40.03
CA GLU O 620 64.97 -33.70 -39.22
C GLU O 620 65.48 -34.08 -37.84
N LEU O 621 66.57 -34.84 -37.77
CA LEU O 621 67.24 -35.26 -36.51
C LEU O 621 66.30 -36.06 -35.60
N ARG O 622 66.03 -37.29 -36.04
CA ARG O 622 65.43 -38.28 -35.15
C ARG O 622 66.46 -38.81 -34.16
N ARG O 623 66.00 -39.18 -32.96
CA ARG O 623 66.86 -39.76 -31.93
C ARG O 623 66.20 -40.97 -31.28
N ALA O 624 67.02 -41.89 -30.82
CA ALA O 624 66.52 -43.08 -30.15
C ALA O 624 67.56 -43.58 -29.15
N MET O 625 67.09 -44.04 -28.00
CA MET O 625 67.95 -44.64 -26.98
C MET O 625 67.36 -45.98 -26.56
N ASN O 626 68.13 -47.04 -26.74
CA ASN O 626 67.66 -48.40 -26.51
C ASN O 626 68.46 -49.01 -25.36
N VAL O 627 67.77 -49.47 -24.33
CA VAL O 627 68.38 -50.05 -23.14
C VAL O 627 67.85 -51.47 -23.00
N ILE O 628 68.72 -52.41 -22.65
CA ILE O 628 68.31 -53.76 -22.29
C ILE O 628 68.86 -54.09 -20.90
N HIS O 629 67.98 -54.58 -20.02
CA HIS O 629 68.33 -54.95 -18.66
C HIS O 629 68.95 -56.34 -18.67
N GLY O 630 70.27 -56.41 -18.44
CA GLY O 630 70.97 -57.67 -18.39
C GLY O 630 71.15 -58.34 -19.73
N ASP P 10 38.36 -15.61 -7.79
CA ASP P 10 39.16 -16.69 -7.22
C ASP P 10 40.42 -16.17 -6.55
N GLU P 11 41.12 -17.07 -5.87
CA GLU P 11 42.32 -16.73 -5.12
C GLU P 11 43.13 -18.00 -4.93
N VAL P 12 44.44 -17.92 -5.12
CA VAL P 12 45.29 -19.10 -5.15
C VAL P 12 46.48 -18.90 -4.20
N GLY P 13 47.22 -19.99 -4.01
CA GLY P 13 48.51 -19.90 -3.35
C GLY P 13 48.41 -19.86 -1.84
N VAL P 14 49.38 -19.17 -1.23
CA VAL P 14 49.47 -19.10 0.22
C VAL P 14 48.37 -18.21 0.77
N GLN P 15 47.98 -17.18 0.02
CA GLN P 15 47.07 -16.17 0.54
C GLN P 15 45.64 -16.67 0.64
N LYS P 16 45.27 -17.68 -0.15
CA LYS P 16 44.02 -18.37 0.08
C LYS P 16 44.01 -19.09 1.42
N CYS P 17 45.14 -19.67 1.80
CA CYS P 17 45.25 -20.34 3.09
C CYS P 17 45.24 -19.34 4.23
N LYS P 18 45.85 -18.17 4.03
CA LYS P 18 45.95 -17.20 5.12
C LYS P 18 44.63 -16.51 5.39
N ASN P 19 43.78 -16.38 4.38
CA ASN P 19 42.50 -15.70 4.59
C ASN P 19 41.49 -16.62 5.27
N ALA P 20 41.55 -17.91 4.98
CA ALA P 20 40.60 -18.85 5.57
C ALA P 20 40.98 -19.24 7.00
N LEU P 21 42.27 -19.18 7.34
CA LEU P 21 42.75 -19.68 8.61
C LEU P 21 43.26 -18.62 9.56
N LYS P 22 43.81 -17.53 9.02
CA LYS P 22 44.30 -16.36 9.78
C LYS P 22 45.38 -16.74 10.79
N LEU P 23 46.43 -17.39 10.28
CA LEU P 23 47.54 -17.81 11.11
C LEU P 23 48.77 -17.89 10.22
N PRO P 24 49.98 -17.65 10.76
CA PRO P 24 51.15 -17.49 9.89
C PRO P 24 51.65 -18.78 9.25
N VAL P 25 52.67 -18.65 8.42
CA VAL P 25 53.26 -19.76 7.69
C VAL P 25 54.58 -20.11 8.37
N LEU P 26 54.91 -21.40 8.43
CA LEU P 26 56.15 -21.81 9.08
C LEU P 26 57.33 -21.40 8.20
N GLU P 27 58.16 -20.50 8.71
CA GLU P 27 59.19 -19.87 7.91
C GLU P 27 60.46 -20.69 7.76
N VAL P 28 60.51 -21.89 8.32
CA VAL P 28 61.72 -22.70 8.34
C VAL P 28 61.42 -23.94 7.50
N LEU P 29 61.79 -23.94 6.23
CA LEU P 29 61.34 -25.01 5.37
C LEU P 29 62.51 -25.73 4.71
N PRO P 30 62.41 -27.04 4.52
CA PRO P 30 63.47 -27.78 3.83
C PRO P 30 63.27 -27.79 2.34
N GLY P 31 64.17 -28.45 1.61
CA GLY P 31 64.08 -28.51 0.17
C GLY P 31 64.84 -27.43 -0.57
N GLY P 32 65.59 -26.59 0.12
CA GLY P 32 66.41 -25.60 -0.53
C GLY P 32 67.82 -26.08 -0.75
N GLY P 33 68.55 -25.35 -1.56
CA GLY P 33 69.94 -25.68 -1.78
C GLY P 33 70.81 -25.23 -0.63
N TRP P 34 71.99 -25.84 -0.53
CA TRP P 34 72.85 -25.57 0.60
C TRP P 34 74.30 -25.66 0.17
N ASP P 35 75.02 -24.56 0.24
CA ASP P 35 76.46 -24.57 0.08
C ASP P 35 77.09 -25.07 1.36
N ASN P 36 77.75 -26.21 1.30
CA ASN P 36 78.28 -26.84 2.49
C ASN P 36 79.69 -26.40 2.82
N LEU P 37 80.31 -25.58 1.99
CA LEU P 37 81.57 -24.96 2.37
C LEU P 37 81.36 -23.66 3.11
N ARG P 38 80.40 -22.85 2.69
CA ARG P 38 80.19 -21.55 3.29
C ARG P 38 79.07 -21.53 4.32
N ASN P 39 78.33 -22.62 4.46
CA ASN P 39 77.12 -22.75 5.27
C ASN P 39 76.11 -21.63 4.99
N VAL P 40 75.85 -21.40 3.71
CA VAL P 40 74.79 -20.51 3.29
C VAL P 40 73.79 -21.35 2.51
N ASP P 41 72.57 -20.85 2.43
CA ASP P 41 71.53 -21.58 1.70
C ASP P 41 71.19 -20.89 0.39
N MET P 42 70.91 -21.71 -0.59
CA MET P 42 70.83 -21.39 -2.00
C MET P 42 69.40 -21.32 -2.48
N GLY P 43 69.25 -21.31 -3.80
CA GLY P 43 67.93 -21.36 -4.40
C GLY P 43 67.19 -22.66 -4.12
N ARG P 44 65.89 -22.60 -4.33
CA ARG P 44 64.97 -23.66 -3.92
C ARG P 44 64.96 -24.79 -4.95
N VAL P 45 65.22 -26.01 -4.48
CA VAL P 45 65.33 -27.16 -5.38
C VAL P 45 64.02 -27.93 -5.48
N MET P 46 63.28 -28.06 -4.39
CA MET P 46 62.00 -28.76 -4.40
C MET P 46 60.85 -27.78 -4.65
N GLU P 47 59.67 -28.33 -4.87
CA GLU P 47 58.50 -27.52 -5.18
C GLU P 47 57.64 -27.35 -3.94
N LEU P 48 57.29 -26.11 -3.63
CA LEU P 48 56.44 -25.80 -2.49
C LEU P 48 55.06 -25.39 -2.97
N THR P 49 54.07 -26.20 -2.66
CA THR P 49 52.68 -25.94 -3.04
C THR P 49 51.82 -25.81 -1.79
N TYR P 50 50.78 -24.99 -1.89
CA TYR P 50 49.88 -24.70 -0.78
C TYR P 50 48.44 -24.96 -1.19
N SER P 51 48.21 -26.11 -1.82
CA SER P 51 46.90 -26.39 -2.38
C SER P 51 45.92 -26.91 -1.33
N ASN P 52 46.39 -27.64 -0.34
CA ASN P 52 45.52 -28.40 0.55
C ASN P 52 45.28 -27.72 1.89
N CYS P 53 45.86 -26.53 2.10
CA CYS P 53 45.67 -25.72 3.31
C CYS P 53 46.06 -26.47 4.58
N ARG P 54 47.16 -27.21 4.52
CA ARG P 54 47.59 -28.01 5.67
C ARG P 54 48.16 -27.11 6.75
N THR P 55 47.91 -27.49 7.99
CA THR P 55 48.52 -26.85 9.14
C THR P 55 49.32 -27.87 9.93
N THR P 56 50.06 -27.37 10.90
CA THR P 56 50.65 -28.29 11.85
C THR P 56 49.56 -28.85 12.76
N GLU P 57 49.88 -29.95 13.43
CA GLU P 57 48.89 -30.68 14.19
C GLU P 57 48.40 -29.89 15.40
N ASP P 58 49.22 -28.99 15.94
CA ASP P 58 48.74 -28.09 16.98
C ASP P 58 48.02 -26.88 16.40
N GLY P 59 48.02 -26.70 15.10
CA GLY P 59 47.20 -25.69 14.45
C GLY P 59 47.70 -24.28 14.59
N GLN P 60 48.99 -24.04 14.39
CA GLN P 60 49.54 -22.70 14.53
C GLN P 60 50.42 -22.25 13.38
N TYR P 61 50.68 -23.10 12.40
CA TYR P 61 51.44 -22.69 11.23
C TYR P 61 50.88 -23.36 10.00
N ILE P 62 50.76 -22.62 8.92
CA ILE P 62 50.46 -23.18 7.61
C ILE P 62 51.74 -23.79 7.05
N ILE P 63 51.66 -25.03 6.60
CA ILE P 63 52.81 -25.73 6.03
C ILE P 63 52.46 -26.16 4.61
N PRO P 64 53.44 -26.37 3.74
CA PRO P 64 53.15 -26.92 2.42
C PRO P 64 52.67 -28.37 2.48
N ASP P 65 52.24 -28.85 1.32
CA ASP P 65 51.53 -30.13 1.24
C ASP P 65 52.45 -31.33 1.36
N GLU P 66 53.66 -31.21 0.85
CA GLU P 66 54.66 -32.26 0.78
C GLU P 66 55.56 -32.31 2.00
N ILE P 67 55.24 -31.58 3.04
CA ILE P 67 56.10 -31.43 4.20
C ILE P 67 55.34 -31.86 5.42
N PHE P 68 55.91 -32.77 6.20
CA PHE P 68 55.35 -33.14 7.49
C PHE P 68 56.26 -32.64 8.61
N THR P 69 55.64 -32.30 9.72
CA THR P 69 56.35 -31.76 10.86
C THR P 69 56.28 -32.76 12.01
N ILE P 70 57.28 -32.71 12.89
CA ILE P 70 57.32 -33.54 14.08
C ILE P 70 57.33 -32.60 15.28
N PRO P 71 56.32 -32.63 16.13
CA PRO P 71 56.36 -31.80 17.34
C PRO P 71 57.28 -32.39 18.39
N GLN P 72 58.40 -31.74 18.61
CA GLN P 72 59.28 -32.11 19.72
C GLN P 72 59.70 -30.85 20.42
N LYS P 73 58.86 -30.43 21.37
CA LYS P 73 58.96 -29.12 22.00
C LYS P 73 59.96 -29.24 23.13
N GLN P 74 61.23 -29.14 22.76
CA GLN P 74 62.35 -29.56 23.58
C GLN P 74 63.21 -28.37 23.92
N SER P 75 63.48 -28.17 25.20
CA SER P 75 64.29 -27.07 25.69
C SER P 75 65.50 -27.65 26.41
N ASN P 76 66.67 -27.11 26.14
CA ASN P 76 67.92 -27.55 26.77
C ASN P 76 68.57 -26.37 27.45
N LEU P 77 69.11 -26.59 28.63
CA LEU P 77 69.75 -25.53 29.39
C LEU P 77 71.01 -26.10 30.01
N GLU P 78 72.14 -25.48 29.72
CA GLU P 78 73.43 -25.93 30.25
C GLU P 78 73.82 -25.04 31.42
N MET P 79 74.21 -25.67 32.53
CA MET P 79 74.85 -24.97 33.62
C MET P 79 76.36 -24.96 33.50
N ASN P 80 76.88 -25.40 32.37
CA ASN P 80 78.29 -25.60 32.17
C ASN P 80 78.68 -24.92 30.87
N SER P 81 79.88 -25.19 30.42
CA SER P 81 80.38 -24.70 29.14
C SER P 81 80.93 -25.90 28.38
N GLU P 82 81.55 -25.63 27.24
CA GLU P 82 82.29 -26.67 26.54
C GLU P 82 83.52 -26.04 25.91
N ILE P 83 84.63 -26.75 25.98
CA ILE P 83 85.93 -26.18 25.65
C ILE P 83 86.37 -26.72 24.30
N LEU P 84 86.81 -25.82 23.43
CA LEU P 84 87.22 -26.15 22.06
C LEU P 84 88.61 -25.56 21.87
N GLU P 85 89.65 -26.29 22.27
CA GLU P 85 91.01 -25.75 22.27
C GLU P 85 91.73 -25.93 20.94
N SER P 86 91.02 -26.25 19.86
CA SER P 86 91.61 -26.38 18.54
C SER P 86 90.52 -26.15 17.52
N TRP P 87 90.87 -25.46 16.43
CA TRP P 87 89.88 -25.19 15.39
C TRP P 87 89.71 -26.35 14.40
N ALA P 88 90.46 -27.44 14.55
CA ALA P 88 90.30 -28.56 13.64
C ALA P 88 89.00 -29.30 13.90
N ASN P 89 88.73 -29.63 15.16
CA ASN P 89 87.48 -30.28 15.54
C ASN P 89 86.42 -29.22 15.87
N TYR P 90 85.94 -28.58 14.82
CA TYR P 90 85.02 -27.47 14.93
C TYR P 90 83.56 -27.91 14.91
N GLN P 91 82.77 -27.32 15.80
CA GLN P 91 81.34 -27.56 15.92
C GLN P 91 80.62 -26.34 15.38
N SER P 92 79.71 -26.55 14.44
CA SER P 92 79.15 -25.41 13.73
C SER P 92 78.11 -24.64 14.55
N SER P 93 77.37 -25.33 15.42
CA SER P 93 76.30 -24.85 16.31
C SER P 93 75.03 -24.42 15.60
N THR P 94 74.98 -24.39 14.28
CA THR P 94 73.73 -24.16 13.59
C THR P 94 73.54 -25.04 12.37
N SER P 95 74.58 -25.70 11.88
CA SER P 95 74.49 -26.60 10.73
C SER P 95 75.37 -27.80 10.98
N TYR P 96 75.27 -28.36 12.18
CA TYR P 96 76.21 -29.36 12.63
C TYR P 96 75.99 -30.72 11.96
N SER P 97 74.75 -31.09 11.72
CA SER P 97 74.46 -32.43 11.22
C SER P 97 74.74 -32.56 9.73
N ILE P 98 74.68 -31.46 8.97
CA ILE P 98 74.95 -31.54 7.56
C ILE P 98 76.44 -31.40 7.26
N ASN P 99 77.23 -30.91 8.20
CA ASN P 99 78.66 -30.84 7.97
C ASN P 99 79.38 -32.13 8.36
N THR P 100 78.82 -32.92 9.27
CA THR P 100 79.51 -34.06 9.83
C THR P 100 79.29 -35.36 9.05
N GLU P 101 78.84 -35.26 7.80
CA GLU P 101 78.57 -36.40 6.96
C GLU P 101 79.86 -37.16 6.62
N LEU P 102 79.70 -38.44 6.28
CA LEU P 102 80.81 -39.31 5.93
C LEU P 102 81.12 -39.16 4.44
N SER P 103 82.24 -38.52 4.13
CA SER P 103 82.62 -38.29 2.75
C SER P 103 84.12 -38.07 2.68
N LEU P 104 84.60 -37.81 1.47
CA LEU P 104 86.01 -37.51 1.27
C LEU P 104 86.36 -36.15 1.84
N PHE P 105 85.49 -35.18 1.65
CA PHE P 105 85.74 -33.79 1.99
C PHE P 105 85.00 -33.39 3.25
N SER P 106 84.92 -34.30 4.22
CA SER P 106 84.28 -34.00 5.49
C SER P 106 85.12 -33.05 6.33
N LYS P 107 86.42 -32.95 6.07
CA LYS P 107 87.28 -32.04 6.80
C LYS P 107 87.25 -30.63 6.23
N VAL P 108 86.59 -30.41 5.10
CA VAL P 108 86.55 -29.10 4.46
C VAL P 108 85.18 -28.45 4.59
N ASN P 109 84.16 -29.19 5.04
CA ASN P 109 82.82 -28.65 5.17
C ASN P 109 82.76 -27.58 6.26
N GLY P 110 82.22 -26.42 5.90
CA GLY P 110 82.08 -25.33 6.82
C GLY P 110 83.30 -24.46 7.01
N LYS P 111 84.40 -24.74 6.32
CA LYS P 111 85.65 -24.05 6.56
C LYS P 111 85.76 -22.71 5.86
N PHE P 112 84.70 -22.25 5.21
CA PHE P 112 84.65 -20.92 4.64
C PHE P 112 83.47 -20.15 5.19
N SER P 113 82.86 -20.64 6.25
CA SER P 113 81.76 -19.97 6.90
C SER P 113 82.29 -18.77 7.66
N THR P 114 81.44 -17.77 7.85
CA THR P 114 81.86 -16.60 8.61
C THR P 114 82.01 -16.93 10.09
N GLU P 115 81.29 -17.94 10.57
CA GLU P 115 81.37 -18.33 11.96
C GLU P 115 82.64 -19.13 12.24
N PHE P 116 83.15 -19.85 11.25
CA PHE P 116 84.43 -20.53 11.42
C PHE P 116 85.60 -19.57 11.27
N GLN P 117 85.58 -18.75 10.22
CA GLN P 117 86.70 -17.86 9.95
C GLN P 117 86.83 -16.75 10.96
N ARG P 118 85.76 -16.44 11.67
CA ARG P 118 85.89 -15.55 12.82
C ARG P 118 86.48 -16.28 14.01
N MET P 119 86.24 -17.58 14.14
CA MET P 119 86.75 -18.29 15.30
C MET P 119 88.22 -18.64 15.13
N LYS P 120 88.65 -18.96 13.91
CA LYS P 120 90.02 -19.33 13.65
C LYS P 120 90.96 -18.14 13.81
N THR P 121 90.52 -16.96 13.42
CA THR P 121 91.36 -15.79 13.53
C THR P 121 91.43 -15.23 14.94
N LEU P 122 90.73 -15.83 15.90
CA LEU P 122 90.83 -15.45 17.30
C LEU P 122 91.65 -16.44 18.11
N GLN P 123 91.81 -17.66 17.63
CA GLN P 123 92.67 -18.61 18.30
C GLN P 123 94.11 -18.55 17.83
N VAL P 124 94.37 -17.90 16.70
CA VAL P 124 95.72 -17.78 16.17
C VAL P 124 96.32 -16.42 16.49
N LYS P 125 95.52 -15.37 16.33
CA LYS P 125 95.97 -14.01 16.64
C LYS P 125 96.22 -13.83 18.13
N ASP P 126 95.43 -14.49 18.97
CA ASP P 126 95.46 -14.26 20.39
C ASP P 126 95.95 -15.46 21.18
N GLN P 127 96.31 -16.56 20.49
CA GLN P 127 96.77 -17.82 21.08
C GLN P 127 95.78 -18.35 22.10
N ALA P 128 94.53 -18.47 21.67
CA ALA P 128 93.41 -18.61 22.59
C ALA P 128 92.74 -19.97 22.44
N ILE P 129 91.89 -20.27 23.43
CA ILE P 129 90.97 -21.39 23.39
C ILE P 129 89.56 -20.82 23.43
N THR P 130 88.59 -21.61 22.99
CA THR P 130 87.23 -21.14 22.81
C THR P 130 86.29 -21.93 23.70
N THR P 131 85.42 -21.24 24.42
CA THR P 131 84.35 -21.85 25.18
C THR P 131 83.00 -21.46 24.60
N ARG P 132 81.99 -22.31 24.78
CA ARG P 132 80.66 -22.02 24.27
C ARG P 132 79.59 -22.50 25.24
N VAL P 133 78.69 -21.60 25.63
CA VAL P 133 77.52 -21.94 26.43
C VAL P 133 76.29 -21.58 25.61
N GLN P 134 75.27 -22.43 25.65
CA GLN P 134 74.08 -22.12 24.86
C GLN P 134 72.81 -22.65 25.51
N VAL P 135 71.72 -21.93 25.26
CA VAL P 135 70.38 -22.33 25.63
C VAL P 135 69.63 -22.58 24.33
N ARG P 136 69.35 -23.84 24.03
CA ARG P 136 68.74 -24.21 22.77
C ARG P 136 67.29 -24.61 22.99
N ASN P 137 66.43 -24.22 22.06
CA ASN P 137 64.99 -24.41 22.21
C ASN P 137 64.46 -24.94 20.89
N LEU P 138 64.48 -26.26 20.74
CA LEU P 138 63.98 -26.94 19.55
C LEU P 138 62.48 -27.14 19.63
N VAL P 139 61.76 -26.67 18.62
CA VAL P 139 60.30 -26.70 18.62
C VAL P 139 59.76 -27.73 17.64
N TYR P 140 60.21 -27.68 16.38
CA TYR P 140 59.74 -28.61 15.36
C TYR P 140 60.91 -29.26 14.65
N THR P 141 60.67 -30.46 14.13
CA THR P 141 61.48 -31.05 13.08
C THR P 141 60.63 -31.09 11.83
N VAL P 142 61.12 -30.49 10.75
CA VAL P 142 60.35 -30.25 9.55
C VAL P 142 61.04 -31.01 8.43
N LYS P 143 60.35 -32.01 7.86
CA LYS P 143 60.95 -32.89 6.86
C LYS P 143 60.17 -32.87 5.55
N ILE P 144 60.75 -33.52 4.54
CA ILE P 144 60.13 -33.64 3.22
C ILE P 144 59.61 -35.07 3.04
N ASN P 145 58.42 -35.16 2.47
CA ASN P 145 57.85 -36.43 2.04
C ASN P 145 58.71 -36.96 0.89
N PRO P 146 59.08 -38.24 0.89
CA PRO P 146 59.94 -38.77 -0.19
C PRO P 146 59.32 -38.80 -1.58
N THR P 147 58.05 -38.46 -1.76
CA THR P 147 57.41 -38.46 -3.07
C THR P 147 57.21 -37.06 -3.60
N LEU P 148 58.19 -36.19 -3.38
CA LEU P 148 58.15 -34.80 -3.79
C LEU P 148 58.84 -34.64 -5.14
N GLU P 149 58.44 -33.61 -5.90
CA GLU P 149 58.98 -33.30 -7.21
C GLU P 149 59.81 -32.02 -7.16
N LEU P 150 60.58 -31.82 -8.22
CA LEU P 150 61.53 -30.72 -8.32
C LEU P 150 60.83 -29.40 -8.60
N SER P 151 61.59 -28.33 -8.38
CA SER P 151 61.08 -26.99 -8.60
C SER P 151 61.01 -26.69 -10.09
N SER P 152 60.33 -25.60 -10.43
CA SER P 152 60.17 -25.23 -11.82
C SER P 152 61.45 -24.64 -12.40
N GLY P 153 62.19 -23.90 -11.60
CA GLY P 153 63.43 -23.31 -12.06
C GLY P 153 64.58 -24.29 -12.10
N PHE P 154 64.62 -25.21 -11.14
CA PHE P 154 65.71 -26.17 -11.09
C PHE P 154 65.58 -27.23 -12.17
N ARG P 155 64.35 -27.60 -12.54
CA ARG P 155 64.15 -28.55 -13.62
C ARG P 155 64.55 -27.96 -14.96
N LYS P 156 64.31 -26.66 -15.14
CA LYS P 156 64.66 -25.99 -16.40
C LYS P 156 66.17 -25.96 -16.63
N GLU P 157 66.94 -25.80 -15.57
CA GLU P 157 68.39 -25.73 -15.73
C GLU P 157 69.03 -27.11 -15.81
N LEU P 158 68.33 -28.15 -15.37
CA LEU P 158 68.79 -29.51 -15.65
C LEU P 158 68.47 -29.93 -17.06
N LEU P 159 67.37 -29.42 -17.62
CA LEU P 159 67.03 -29.71 -19.00
C LEU P 159 67.93 -28.98 -19.98
N ASP P 160 68.52 -27.87 -19.57
CA ASP P 160 69.47 -27.18 -20.43
C ASP P 160 70.83 -27.88 -20.44
N ILE P 161 71.22 -28.49 -19.32
CA ILE P 161 72.37 -29.37 -19.32
C ILE P 161 72.06 -30.61 -20.14
N SER P 162 70.82 -31.08 -20.06
CA SER P 162 70.37 -32.27 -20.77
C SER P 162 70.46 -32.10 -22.28
N ASP P 163 70.18 -30.89 -22.78
CA ASP P 163 70.23 -30.65 -24.22
C ASP P 163 71.66 -30.69 -24.74
N ARG P 164 72.60 -30.21 -23.94
CA ARG P 164 74.00 -30.19 -24.37
C ARG P 164 74.62 -31.58 -24.37
N LEU P 165 74.16 -32.48 -23.51
CA LEU P 165 74.65 -33.85 -23.56
C LEU P 165 74.12 -34.62 -24.76
N GLU P 166 72.96 -34.22 -25.28
CA GLU P 166 72.42 -34.85 -26.48
C GLU P 166 73.27 -34.52 -27.70
N ASN P 167 73.62 -33.25 -27.85
CA ASN P 167 74.31 -32.72 -29.01
C ASN P 167 75.80 -32.97 -29.00
N ASN P 168 76.31 -33.77 -28.06
CA ASN P 168 77.74 -34.03 -27.86
C ASN P 168 78.49 -32.71 -27.68
N GLN P 169 78.04 -31.91 -26.72
CA GLN P 169 78.67 -30.64 -26.41
C GLN P 169 79.10 -30.71 -24.95
N THR P 170 80.26 -31.28 -24.73
CA THR P 170 80.69 -31.64 -23.38
C THR P 170 81.25 -30.44 -22.63
N ARG P 171 81.99 -29.57 -23.33
CA ARG P 171 82.57 -28.41 -22.68
C ARG P 171 81.50 -27.39 -22.30
N MET P 172 80.42 -27.33 -23.05
CA MET P 172 79.36 -26.38 -22.75
C MET P 172 78.41 -26.93 -21.69
N ALA P 173 78.33 -28.25 -21.57
CA ALA P 173 77.56 -28.85 -20.49
C ALA P 173 78.30 -28.79 -19.17
N THR P 174 79.62 -28.92 -19.21
CA THR P 174 80.45 -28.78 -18.02
C THR P 174 80.38 -27.37 -17.47
N TYR P 175 80.29 -26.38 -18.36
CA TYR P 175 80.14 -25.00 -17.93
C TYR P 175 78.79 -24.77 -17.25
N LEU P 176 77.72 -25.29 -17.82
CA LEU P 176 76.40 -25.11 -17.23
C LEU P 176 76.20 -25.94 -15.97
N ALA P 177 76.92 -27.03 -15.81
CA ALA P 177 76.83 -27.80 -14.58
C ALA P 177 77.45 -27.06 -13.41
N GLU P 178 78.47 -26.25 -13.68
CA GLU P 178 79.11 -25.46 -12.63
C GLU P 178 78.32 -24.22 -12.28
N LEU P 179 77.50 -23.70 -13.18
CA LEU P 179 76.58 -22.64 -12.81
C LEU P 179 75.38 -23.16 -12.03
N LEU P 180 75.13 -24.46 -12.08
CA LEU P 180 74.11 -25.04 -11.22
C LEU P 180 74.57 -25.07 -9.78
N VAL P 181 75.88 -25.21 -9.56
CA VAL P 181 76.43 -25.25 -8.22
C VAL P 181 76.59 -23.85 -7.65
N LEU P 182 76.82 -22.85 -8.51
CA LEU P 182 76.79 -21.46 -8.06
C LEU P 182 75.40 -21.08 -7.56
N ASN P 183 74.35 -21.55 -8.23
CA ASN P 183 73.02 -21.08 -7.92
C ASN P 183 72.29 -21.97 -6.92
N TYR P 184 72.67 -23.24 -6.80
CA TYR P 184 71.93 -24.18 -5.97
C TYR P 184 72.78 -24.92 -4.97
N GLY P 185 74.07 -24.66 -4.89
CA GLY P 185 74.89 -25.25 -3.85
C GLY P 185 75.32 -26.66 -4.15
N THR P 186 75.76 -27.34 -3.10
CA THR P 186 76.26 -28.70 -3.20
C THR P 186 75.35 -29.72 -2.55
N HIS P 187 74.34 -29.28 -1.81
CA HIS P 187 73.48 -30.16 -1.02
C HIS P 187 72.06 -29.65 -1.09
N VAL P 188 71.13 -30.51 -0.70
CA VAL P 188 69.72 -30.17 -0.55
C VAL P 188 69.33 -30.49 0.87
N THR P 189 68.76 -29.52 1.58
CA THR P 189 68.34 -29.77 2.95
C THR P 189 67.09 -30.62 2.94
N THR P 190 67.15 -31.76 3.62
CA THR P 190 65.99 -32.63 3.69
C THR P 190 65.27 -32.55 5.03
N SER P 191 65.93 -32.07 6.08
CA SER P 191 65.23 -31.77 7.32
C SER P 191 65.87 -30.58 7.99
N VAL P 192 65.04 -29.75 8.58
CA VAL P 192 65.49 -28.61 9.36
C VAL P 192 64.89 -28.73 10.75
N ASP P 193 65.56 -28.15 11.72
CA ASP P 193 65.09 -28.05 13.09
C ASP P 193 64.73 -26.61 13.37
N ALA P 194 63.45 -26.35 13.57
CA ALA P 194 62.96 -24.99 13.80
C ALA P 194 63.01 -24.65 15.29
N GLY P 195 63.68 -23.57 15.62
CA GLY P 195 63.74 -23.15 17.00
C GLY P 195 64.59 -21.92 17.18
N ALA P 196 65.04 -21.71 18.40
CA ALA P 196 65.86 -20.56 18.75
C ALA P 196 67.02 -21.00 19.62
N ALA P 197 68.05 -20.17 19.70
CA ALA P 197 69.20 -20.47 20.52
C ALA P 197 69.83 -19.17 20.99
N LEU P 198 70.39 -19.19 22.19
CA LEU P 198 71.10 -18.05 22.74
C LEU P 198 72.48 -18.54 23.11
N ILE P 199 73.52 -18.00 22.49
CA ILE P 199 74.86 -18.57 22.55
C ILE P 199 75.83 -17.55 23.13
N GLN P 200 76.67 -18.01 24.06
CA GLN P 200 77.83 -17.29 24.58
C GLN P 200 79.09 -17.88 23.96
N GLU P 201 80.03 -17.03 23.58
CA GLU P 201 81.28 -17.54 23.03
C GLU P 201 82.43 -16.69 23.56
N ASP P 202 83.13 -17.20 24.57
CA ASP P 202 84.30 -16.53 25.12
C ASP P 202 85.56 -17.12 24.53
N HIS P 203 86.60 -16.31 24.50
CA HIS P 203 87.94 -16.76 24.16
C HIS P 203 88.86 -16.50 25.33
N LEU P 204 89.56 -17.53 25.76
CA LEU P 204 90.44 -17.47 26.91
C LEU P 204 91.85 -17.78 26.45
N ARG P 205 92.84 -17.23 27.16
CA ARG P 205 94.23 -17.56 26.83
C ARG P 205 94.49 -19.03 27.11
N ALA P 206 95.30 -19.65 26.25
CA ALA P 206 95.54 -21.09 26.36
C ALA P 206 96.39 -21.45 27.57
N SER P 207 97.08 -20.48 28.16
CA SER P 207 97.81 -20.69 29.40
C SER P 207 96.88 -20.87 30.59
N PHE P 208 95.66 -20.36 30.50
CA PHE P 208 94.72 -20.41 31.62
C PHE P 208 94.13 -21.80 31.82
N LEU P 209 94.13 -22.64 30.78
CA LEU P 209 93.57 -23.97 30.88
C LEU P 209 94.60 -25.02 31.30
N GLN P 210 95.87 -24.73 31.16
CA GLN P 210 96.94 -25.71 31.35
C GLN P 210 97.20 -26.08 32.82
N ASP P 211 96.34 -25.77 33.80
CA ASP P 211 96.66 -26.05 35.19
C ASP P 211 96.53 -27.53 35.52
N SER P 212 95.33 -28.08 35.41
CA SER P 212 95.08 -29.49 35.69
C SER P 212 93.76 -29.89 35.05
N GLN P 213 93.35 -31.14 35.30
CA GLN P 213 92.04 -31.63 34.91
C GLN P 213 90.97 -31.35 35.94
N SER P 214 91.35 -30.82 37.10
CA SER P 214 90.39 -30.32 38.08
C SER P 214 90.17 -28.82 37.96
N SER P 215 91.13 -28.11 37.37
CA SER P 215 90.88 -26.71 37.03
C SER P 215 89.92 -26.60 35.85
N ARG P 216 89.88 -27.62 34.99
CA ARG P 216 89.03 -27.60 33.81
C ARG P 216 87.56 -27.58 34.18
N SER P 217 87.17 -28.31 35.21
CA SER P 217 85.79 -28.33 35.65
C SER P 217 85.40 -27.11 36.47
N ALA P 218 86.33 -26.19 36.71
CA ALA P 218 86.02 -24.91 37.34
C ALA P 218 86.09 -23.74 36.36
N VAL P 219 86.95 -23.84 35.34
CA VAL P 219 86.88 -22.93 34.20
C VAL P 219 85.53 -23.07 33.51
N THR P 220 85.06 -24.32 33.36
CA THR P 220 83.88 -24.63 32.58
C THR P 220 82.61 -24.19 33.28
N ALA P 221 82.53 -24.35 34.60
CA ALA P 221 81.36 -23.91 35.34
C ALA P 221 81.39 -22.44 35.69
N SER P 222 82.50 -21.75 35.41
CA SER P 222 82.55 -20.31 35.57
C SER P 222 81.95 -19.61 34.38
N ALA P 223 82.18 -20.16 33.18
CA ALA P 223 81.64 -19.60 31.96
C ALA P 223 80.12 -19.74 31.91
N GLY P 224 79.58 -20.82 32.48
CA GLY P 224 78.14 -20.96 32.56
C GLY P 224 77.52 -20.07 33.60
N LEU P 225 78.30 -19.65 34.59
CA LEU P 225 77.81 -18.74 35.60
C LEU P 225 77.80 -17.31 35.09
N ALA P 226 78.82 -16.94 34.34
CA ALA P 226 78.88 -15.62 33.72
C ALA P 226 77.77 -15.44 32.69
N PHE P 227 77.38 -16.51 32.01
CA PHE P 227 76.33 -16.43 31.01
C PHE P 227 74.97 -16.21 31.64
N GLN P 228 74.72 -16.80 32.80
CA GLN P 228 73.47 -16.59 33.48
C GLN P 228 73.41 -15.22 34.15
N ASN P 229 74.57 -14.67 34.53
CA ASN P 229 74.58 -13.31 35.04
C ASN P 229 74.28 -12.31 33.94
N THR P 230 74.84 -12.56 32.74
CA THR P 230 74.69 -11.63 31.62
C THR P 230 73.25 -11.56 31.14
N VAL P 231 72.52 -12.68 31.18
CA VAL P 231 71.13 -12.60 30.79
C VAL P 231 70.30 -11.93 31.88
N ASN P 232 70.59 -12.19 33.16
CA ASN P 232 69.70 -11.69 34.19
C ASN P 232 69.99 -10.26 34.66
N PHE P 233 71.24 -9.80 34.68
CA PHE P 233 71.60 -8.65 35.50
C PHE P 233 72.05 -7.41 34.74
N LYS P 234 71.32 -7.02 33.69
CA LYS P 234 71.09 -5.62 33.30
C LYS P 234 72.35 -4.81 32.99
N PHE P 235 73.48 -5.48 32.72
CA PHE P 235 74.83 -4.96 32.50
C PHE P 235 75.47 -4.43 33.79
N GLU P 236 74.69 -4.35 34.87
CA GLU P 236 75.20 -3.80 36.11
C GLU P 236 76.08 -4.82 36.82
N GLU P 237 76.79 -4.37 37.84
CA GLU P 237 77.56 -5.29 38.68
C GLU P 237 76.76 -5.73 39.88
N ASN P 238 75.54 -6.20 39.59
CA ASN P 238 74.74 -6.95 40.53
C ASN P 238 74.98 -8.45 40.39
N TYR P 239 76.14 -8.84 39.89
CA TYR P 239 76.43 -10.23 39.61
C TYR P 239 76.66 -11.01 40.88
N THR P 240 76.31 -12.29 40.83
CA THR P 240 76.58 -13.21 41.93
C THR P 240 77.92 -13.92 41.69
N SER P 241 78.98 -13.12 41.66
CA SER P 241 80.33 -13.61 41.45
C SER P 241 80.77 -14.44 42.65
N GLN P 242 80.86 -15.75 42.45
CA GLN P 242 80.95 -16.69 43.57
C GLN P 242 82.37 -16.84 44.13
N ASN P 243 83.40 -16.56 43.34
CA ASN P 243 84.76 -16.89 43.75
C ASN P 243 85.70 -15.78 43.32
N VAL P 244 86.99 -16.02 43.58
CA VAL P 244 88.05 -15.27 42.92
C VAL P 244 88.32 -15.89 41.55
N LEU P 245 87.92 -17.15 41.35
CA LEU P 245 88.07 -17.80 40.06
C LEU P 245 87.18 -17.17 39.00
N THR P 246 86.06 -16.57 39.40
CA THR P 246 85.29 -15.73 38.49
C THR P 246 86.07 -14.49 38.11
N LYS P 247 86.76 -13.87 39.08
CA LYS P 247 87.53 -12.68 38.80
C LYS P 247 88.78 -13.01 37.99
N SER P 248 89.40 -14.17 38.25
CA SER P 248 90.54 -14.57 37.43
C SER P 248 90.10 -15.02 36.04
N TYR P 249 88.85 -15.45 35.89
CA TYR P 249 88.33 -15.80 34.58
C TYR P 249 88.26 -14.58 33.66
N LEU P 250 87.91 -13.42 34.22
CA LEU P 250 87.70 -12.24 33.41
C LEU P 250 89.02 -11.68 32.89
N SER P 251 90.10 -11.86 33.64
CA SER P 251 91.35 -11.25 33.25
C SER P 251 92.09 -12.04 32.18
N ASN P 252 91.79 -13.33 32.03
CA ASN P 252 92.33 -14.12 30.94
C ASN P 252 91.42 -14.16 29.74
N ARG P 253 90.19 -13.63 29.86
CA ARG P 253 89.25 -13.61 28.77
C ARG P 253 89.71 -12.68 27.66
N THR P 254 89.67 -13.17 26.43
CA THR P 254 90.11 -12.37 25.30
C THR P 254 88.95 -11.68 24.57
N ASN P 255 87.88 -12.37 24.18
CA ASN P 255 86.91 -11.72 23.29
C ASN P 255 85.49 -11.57 23.82
N SER P 256 84.80 -12.66 24.18
CA SER P 256 83.40 -12.65 24.69
C SER P 256 82.29 -12.05 23.81
N ARG P 257 81.87 -12.76 22.77
CA ARG P 257 80.66 -12.41 22.04
C ARG P 257 79.43 -13.10 22.62
N VAL P 258 78.29 -12.43 22.53
CA VAL P 258 76.99 -13.02 22.87
C VAL P 258 76.11 -12.98 21.62
N GLN P 259 75.58 -14.13 21.23
CA GLN P 259 74.86 -14.24 19.97
C GLN P 259 73.47 -14.83 20.20
N SER P 260 72.46 -14.18 19.65
CA SER P 260 71.10 -14.70 19.66
C SER P 260 70.74 -15.14 18.25
N ILE P 261 70.19 -16.34 18.12
CA ILE P 261 69.79 -16.88 16.83
C ILE P 261 68.32 -17.24 16.94
N GLY P 262 67.46 -16.42 16.33
CA GLY P 262 66.05 -16.60 16.46
C GLY P 262 65.50 -15.94 17.70
N GLY P 263 64.19 -15.87 17.78
CA GLY P 263 63.57 -15.22 18.91
C GLY P 263 63.66 -13.71 18.80
N VAL P 264 63.52 -13.06 19.96
CA VAL P 264 63.63 -11.61 20.05
C VAL P 264 65.10 -11.25 20.18
N PRO P 265 65.53 -10.03 19.84
CA PRO P 265 66.95 -9.69 19.95
C PRO P 265 67.40 -9.63 21.40
N PHE P 266 68.62 -10.10 21.63
CA PHE P 266 69.17 -10.13 22.96
C PHE P 266 69.67 -8.76 23.37
N TYR P 267 69.47 -8.42 24.64
CA TYR P 267 70.12 -7.31 25.30
C TYR P 267 70.44 -7.78 26.72
N PRO P 268 71.54 -7.31 27.30
CA PRO P 268 71.91 -7.79 28.63
C PRO P 268 70.94 -7.29 29.69
N GLY P 269 70.13 -8.21 30.22
CA GLY P 269 69.09 -7.82 31.12
C GLY P 269 67.74 -8.45 30.81
N ILE P 270 67.57 -8.98 29.59
CA ILE P 270 66.35 -9.72 29.31
C ILE P 270 66.43 -11.06 30.04
N THR P 271 65.43 -11.34 30.87
CA THR P 271 65.50 -12.54 31.66
C THR P 271 65.30 -13.76 30.77
N LEU P 272 65.68 -14.92 31.29
CA LEU P 272 65.56 -16.14 30.52
C LEU P 272 64.11 -16.51 30.31
N GLN P 273 63.25 -16.13 31.24
CA GLN P 273 61.80 -16.22 31.04
C GLN P 273 61.35 -15.37 29.87
N ALA P 274 61.83 -14.14 29.78
CA ALA P 274 61.29 -13.22 28.79
C ALA P 274 61.86 -13.47 27.40
N TRP P 275 63.06 -14.03 27.31
CA TRP P 275 63.60 -14.43 26.01
C TRP P 275 62.80 -15.58 25.44
N GLN P 276 62.33 -16.49 26.29
CA GLN P 276 61.58 -17.65 25.86
C GLN P 276 60.13 -17.35 25.53
N GLN P 277 59.64 -16.16 25.82
CA GLN P 277 58.31 -15.77 25.38
C GLN P 277 58.31 -15.23 23.97
N GLY P 278 59.45 -14.76 23.48
CA GLY P 278 59.56 -14.23 22.15
C GLY P 278 59.97 -15.23 21.10
N ILE P 279 60.09 -16.50 21.47
CA ILE P 279 60.45 -17.53 20.50
C ILE P 279 59.30 -17.81 19.57
N THR P 280 58.07 -17.65 20.05
CA THR P 280 56.87 -17.85 19.25
C THR P 280 56.82 -16.85 18.09
N ASN P 281 56.68 -17.39 16.87
CA ASN P 281 56.64 -16.72 15.57
C ASN P 281 57.98 -16.15 15.13
N HIS P 282 59.06 -16.41 15.87
CA HIS P 282 60.40 -16.05 15.42
C HIS P 282 61.22 -17.32 15.51
N LEU P 283 61.10 -18.19 14.52
CA LEU P 283 61.80 -19.46 14.51
C LEU P 283 62.75 -19.50 13.34
N VAL P 284 63.95 -20.03 13.55
CA VAL P 284 64.95 -20.16 12.52
C VAL P 284 65.43 -21.60 12.51
N ALA P 285 66.25 -21.93 11.52
CA ALA P 285 66.85 -23.24 11.45
C ALA P 285 68.06 -23.27 12.36
N ILE P 286 67.98 -24.02 13.46
CA ILE P 286 69.13 -24.20 14.33
C ILE P 286 69.86 -25.50 14.05
N ASP P 287 69.35 -26.34 13.17
CA ASP P 287 70.08 -27.52 12.70
C ASP P 287 69.50 -27.93 11.36
N ARG P 288 70.31 -28.63 10.56
CA ARG P 288 69.93 -29.07 9.23
C ARG P 288 70.52 -30.42 8.95
N SER P 289 69.82 -31.22 8.15
CA SER P 289 70.35 -32.43 7.57
C SER P 289 70.15 -32.37 6.06
N GLY P 290 70.90 -33.18 5.34
CA GLY P 290 70.76 -33.11 3.90
C GLY P 290 71.36 -34.28 3.17
N LEU P 291 71.33 -34.18 1.85
CA LEU P 291 71.88 -35.14 0.90
C LEU P 291 72.54 -34.34 -0.21
N PRO P 292 73.51 -34.93 -0.91
CA PRO P 292 74.15 -34.21 -2.01
C PRO P 292 73.20 -33.94 -3.17
N LEU P 293 73.61 -33.01 -4.03
CA LEU P 293 72.71 -32.46 -5.04
C LEU P 293 72.43 -33.45 -6.15
N HIS P 294 73.38 -34.34 -6.44
CA HIS P 294 73.19 -35.32 -7.49
C HIS P 294 72.40 -36.53 -7.04
N PHE P 295 72.06 -36.63 -5.76
CA PHE P 295 71.16 -37.68 -5.30
C PHE P 295 69.77 -37.52 -5.89
N PHE P 296 69.35 -36.28 -6.11
CA PHE P 296 68.02 -35.98 -6.59
C PHE P 296 67.97 -35.85 -8.10
N ILE P 297 69.01 -36.26 -8.80
CA ILE P 297 68.98 -36.35 -10.24
C ILE P 297 68.95 -37.83 -10.58
N ASN P 298 67.75 -38.37 -10.72
CA ASN P 298 67.53 -39.79 -10.91
C ASN P 298 66.32 -39.94 -11.82
N PRO P 299 66.10 -41.13 -12.41
CA PRO P 299 64.94 -41.27 -13.31
C PRO P 299 63.58 -41.08 -12.68
N ASN P 300 63.48 -41.08 -11.35
CA ASN P 300 62.19 -40.84 -10.70
C ASN P 300 61.85 -39.36 -10.70
N MET P 301 62.81 -38.49 -10.41
CA MET P 301 62.54 -37.05 -10.39
C MET P 301 62.34 -36.47 -11.78
N LEU P 302 62.94 -37.09 -12.79
CA LEU P 302 62.88 -36.63 -14.17
C LEU P 302 62.21 -37.73 -15.00
N PRO P 303 60.88 -37.77 -15.03
CA PRO P 303 60.19 -38.85 -15.73
C PRO P 303 60.02 -38.60 -17.21
N ASP P 304 60.26 -37.38 -17.68
CA ASP P 304 60.10 -37.03 -19.08
C ASP P 304 61.41 -37.05 -19.84
N LEU P 305 62.42 -37.75 -19.35
CA LEU P 305 63.70 -37.91 -20.01
C LEU P 305 64.10 -39.38 -19.96
N PRO P 306 64.89 -39.85 -20.91
CA PRO P 306 65.30 -41.25 -20.89
C PRO P 306 66.24 -41.57 -19.74
N GLY P 307 66.34 -42.87 -19.46
CA GLY P 307 67.09 -43.41 -18.35
C GLY P 307 68.57 -43.11 -18.34
N PRO P 308 69.32 -43.49 -19.38
CA PRO P 308 70.76 -43.21 -19.39
C PRO P 308 71.11 -41.75 -19.59
N LEU P 309 70.16 -40.91 -19.95
CA LEU P 309 70.44 -39.51 -20.17
C LEU P 309 70.33 -38.69 -18.90
N VAL P 310 69.54 -39.12 -17.91
CA VAL P 310 69.56 -38.46 -16.62
C VAL P 310 70.70 -38.95 -15.75
N LYS P 311 71.40 -40.00 -16.16
CA LYS P 311 72.62 -40.41 -15.51
C LYS P 311 73.85 -39.70 -16.07
N LYS P 312 73.73 -39.08 -17.24
CA LYS P 312 74.79 -38.20 -17.71
C LYS P 312 74.71 -36.85 -17.03
N VAL P 313 73.48 -36.38 -16.77
CA VAL P 313 73.29 -35.13 -16.05
C VAL P 313 73.71 -35.28 -14.60
N SER P 314 73.42 -36.44 -14.00
CA SER P 314 73.79 -36.68 -12.62
C SER P 314 75.29 -36.85 -12.45
N LYS P 315 75.99 -37.33 -13.47
CA LYS P 315 77.42 -37.51 -13.37
C LYS P 315 78.15 -36.20 -13.67
N THR P 316 77.61 -35.35 -14.53
CA THR P 316 78.29 -34.10 -14.82
C THR P 316 78.06 -33.05 -13.74
N VAL P 317 77.11 -33.27 -12.83
CA VAL P 317 76.93 -32.39 -11.68
C VAL P 317 77.71 -32.91 -10.48
N GLU P 318 77.83 -34.24 -10.35
CA GLU P 318 78.68 -34.83 -9.32
C GLU P 318 80.15 -34.45 -9.52
N THR P 319 80.57 -34.30 -10.78
CA THR P 319 81.93 -33.89 -11.06
C THR P 319 82.13 -32.41 -10.77
N ALA P 320 81.11 -31.59 -11.00
CA ALA P 320 81.23 -30.16 -10.76
C ALA P 320 81.24 -29.84 -9.27
N VAL P 321 80.51 -30.60 -8.46
CA VAL P 321 80.54 -30.41 -7.02
C VAL P 321 81.88 -30.85 -6.45
N LYS P 322 82.40 -31.96 -6.95
CA LYS P 322 83.68 -32.48 -6.48
C LYS P 322 84.83 -31.57 -6.89
N ARG P 323 84.71 -30.90 -8.03
CA ARG P 323 85.72 -29.95 -8.45
C ARG P 323 85.71 -28.71 -7.57
N TYR P 324 84.56 -28.38 -7.00
CA TYR P 324 84.43 -27.20 -6.16
C TYR P 324 85.08 -27.40 -4.80
N TYR P 325 85.06 -28.63 -4.27
CA TYR P 325 85.75 -28.91 -3.02
C TYR P 325 87.25 -28.99 -3.20
N THR P 326 87.71 -29.40 -4.38
CA THR P 326 89.14 -29.60 -4.60
C THR P 326 89.85 -28.25 -4.74
N PHE P 327 89.20 -27.28 -5.36
CA PHE P 327 89.82 -25.99 -5.58
C PHE P 327 89.80 -25.12 -4.33
N ASN P 328 89.13 -25.54 -3.27
CA ASN P 328 89.06 -24.82 -2.02
C ASN P 328 89.68 -25.63 -0.89
N THR P 329 90.63 -26.50 -1.23
CA THR P 329 91.36 -27.30 -0.25
C THR P 329 92.79 -26.81 -0.20
N TYR P 330 93.26 -26.46 0.99
CA TYR P 330 94.59 -25.91 1.21
C TYR P 330 95.31 -26.79 2.23
N PRO P 331 96.07 -27.79 1.80
CA PRO P 331 96.87 -28.55 2.74
C PRO P 331 98.06 -27.73 3.22
N GLY P 332 98.45 -27.97 4.46
CA GLY P 332 99.56 -27.24 5.04
C GLY P 332 99.72 -27.58 6.50
N CYS P 333 100.69 -26.93 7.12
CA CYS P 333 100.95 -27.12 8.54
C CYS P 333 99.91 -26.33 9.33
N THR P 334 99.16 -27.02 10.18
CA THR P 334 98.07 -26.42 10.92
C THR P 334 98.39 -26.20 12.39
N ASP P 335 99.54 -26.66 12.87
CA ASP P 335 99.92 -26.47 14.26
C ASP P 335 100.50 -25.09 14.45
N LEU P 336 99.87 -24.27 15.30
CA LEU P 336 100.27 -22.87 15.45
C LEU P 336 101.59 -22.71 16.20
N ASN P 337 102.03 -23.74 16.91
CA ASN P 337 103.29 -23.66 17.64
C ASN P 337 104.49 -24.06 16.80
N SER P 338 104.27 -24.70 15.66
CA SER P 338 105.37 -25.07 14.78
C SER P 338 105.91 -23.81 14.09
N PRO P 339 107.22 -23.77 13.81
CA PRO P 339 107.78 -22.56 13.18
C PRO P 339 107.34 -22.36 11.75
N ASN P 340 107.07 -23.43 11.02
CA ASN P 340 106.55 -23.33 9.66
C ASN P 340 105.02 -23.45 9.61
N PHE P 341 104.35 -22.63 10.43
CA PHE P 341 102.89 -22.65 10.49
C PHE P 341 102.28 -22.03 9.25
N ASN P 342 101.39 -22.77 8.60
CA ASN P 342 100.67 -22.29 7.44
C ASN P 342 99.33 -21.76 7.91
N PHE P 343 99.27 -20.47 8.15
CA PHE P 343 97.99 -19.78 8.13
C PHE P 343 97.48 -19.80 6.70
N GLN P 344 96.16 -19.69 6.54
CA GLN P 344 95.45 -19.98 5.29
C GLN P 344 95.67 -21.42 4.84
N ALA P 345 95.37 -22.36 5.72
CA ALA P 345 95.41 -23.78 5.41
C ALA P 345 94.26 -24.49 6.10
N ASN P 346 93.58 -25.37 5.37
CA ASN P 346 92.39 -26.06 5.86
C ASN P 346 92.71 -27.44 6.40
N THR P 347 93.49 -28.21 5.66
CA THR P 347 93.68 -29.62 5.93
C THR P 347 95.07 -29.83 6.53
N ASP P 348 95.14 -30.68 7.55
CA ASP P 348 96.41 -30.99 8.19
C ASP P 348 97.26 -31.81 7.22
N ASP P 349 98.43 -31.27 6.87
CA ASP P 349 99.28 -31.91 5.88
C ASP P 349 100.06 -33.08 6.45
N GLY P 350 100.22 -33.13 7.78
CA GLY P 350 101.03 -34.17 8.37
C GLY P 350 102.51 -33.95 8.26
N SER P 351 102.95 -32.77 7.81
CA SER P 351 104.35 -32.42 7.70
C SER P 351 104.53 -31.11 8.45
N CYS P 352 104.73 -31.22 9.76
CA CYS P 352 104.88 -30.06 10.62
C CYS P 352 106.32 -29.81 11.02
N GLU P 353 107.23 -30.72 10.71
CA GLU P 353 108.65 -30.56 10.99
C GLU P 353 109.42 -30.81 9.71
N GLY P 354 109.97 -29.75 9.13
CA GLY P 354 110.75 -29.86 7.92
C GLY P 354 112.25 -29.91 8.22
N LYS P 355 113.03 -30.02 7.14
CA LYS P 355 114.48 -30.13 7.26
C LYS P 355 115.23 -28.92 6.72
N MET P 356 114.55 -27.98 6.05
CA MET P 356 115.13 -26.78 5.45
C MET P 356 116.24 -27.14 4.46
N THR P 357 115.82 -27.75 3.37
CA THR P 357 116.71 -28.11 2.28
C THR P 357 116.57 -27.08 1.17
N ASN P 358 117.64 -26.37 0.86
CA ASN P 358 117.65 -25.44 -0.25
C ASN P 358 117.83 -26.19 -1.55
N PHE P 359 117.06 -25.84 -2.56
CA PHE P 359 117.05 -26.55 -3.82
C PHE P 359 117.49 -25.64 -4.96
N SER P 360 117.67 -26.25 -6.13
CA SER P 360 118.19 -25.58 -7.31
C SER P 360 117.08 -25.45 -8.34
N PHE P 361 116.79 -24.23 -8.77
CA PHE P 361 115.77 -23.95 -9.77
C PHE P 361 116.42 -23.97 -11.15
N GLY P 362 116.18 -25.05 -11.89
CA GLY P 362 116.80 -25.25 -13.17
C GLY P 362 116.12 -24.61 -14.36
N GLY P 363 115.08 -23.82 -14.14
CA GLY P 363 114.43 -23.09 -15.21
C GLY P 363 113.30 -23.87 -15.84
N VAL P 364 112.54 -23.15 -16.68
CA VAL P 364 111.37 -23.68 -17.35
C VAL P 364 111.51 -23.47 -18.85
N TYR P 365 110.88 -24.34 -19.62
CA TYR P 365 110.78 -24.16 -21.06
C TYR P 365 109.51 -24.81 -21.55
N GLN P 366 108.98 -24.27 -22.65
CA GLN P 366 107.68 -24.67 -23.17
C GLN P 366 107.77 -24.89 -24.66
N GLU P 367 107.34 -26.05 -25.13
CA GLU P 367 107.27 -26.33 -26.56
C GLU P 367 105.91 -25.89 -27.10
N CYS P 368 105.84 -25.78 -28.42
CA CYS P 368 104.58 -25.52 -29.10
C CYS P 368 104.52 -26.33 -30.39
N THR P 369 103.30 -26.68 -30.79
CA THR P 369 103.09 -27.49 -31.99
C THR P 369 101.78 -27.02 -32.63
N GLN P 370 101.89 -26.34 -33.76
CA GLN P 370 100.72 -25.83 -34.47
C GLN P 370 99.93 -27.00 -35.06
N LEU P 371 98.61 -26.99 -34.82
CA LEU P 371 97.74 -28.04 -35.32
C LEU P 371 96.89 -27.59 -36.50
N SER P 372 96.40 -26.36 -36.49
CA SER P 372 95.58 -25.84 -37.58
C SER P 372 95.67 -24.33 -37.56
N GLY P 373 95.43 -23.73 -38.73
CA GLY P 373 95.46 -22.29 -38.84
C GLY P 373 96.82 -21.75 -39.21
N ASN P 374 97.47 -22.38 -40.18
CA ASN P 374 98.82 -21.99 -40.57
C ASN P 374 98.78 -20.69 -41.39
N ARG P 375 99.89 -19.95 -41.29
CA ARG P 375 100.16 -18.70 -42.02
C ARG P 375 99.14 -17.60 -41.73
N ASP P 376 98.42 -17.70 -40.61
CA ASP P 376 97.42 -16.69 -40.25
C ASP P 376 97.68 -16.07 -38.90
N VAL P 377 97.98 -16.88 -37.88
CA VAL P 377 98.15 -16.39 -36.52
C VAL P 377 99.59 -16.49 -36.05
N LEU P 378 100.27 -17.58 -36.42
CA LEU P 378 101.56 -18.01 -35.88
C LEU P 378 101.49 -18.12 -34.35
N LEU P 379 100.67 -19.09 -33.93
CA LEU P 379 100.49 -19.38 -32.51
C LEU P 379 101.77 -19.85 -31.85
N CYS P 380 102.63 -20.54 -32.60
CA CYS P 380 103.84 -21.15 -32.06
C CYS P 380 105.01 -20.16 -32.00
N GLN P 381 104.71 -18.86 -31.90
CA GLN P 381 105.73 -17.83 -31.75
C GLN P 381 105.59 -17.05 -30.45
N LYS P 382 104.37 -16.64 -30.12
CA LYS P 382 104.10 -15.98 -28.85
C LYS P 382 103.69 -16.96 -27.76
N LEU P 383 103.91 -18.26 -27.96
CA LEU P 383 103.56 -19.29 -27.00
C LEU P 383 104.75 -20.22 -26.77
N GLU P 384 105.94 -19.78 -27.11
CA GLU P 384 107.14 -20.60 -27.08
C GLU P 384 108.16 -19.95 -26.16
N GLN P 385 108.76 -20.74 -25.27
CA GLN P 385 109.75 -20.22 -24.33
C GLN P 385 110.90 -21.20 -24.22
N LYS P 386 112.12 -20.68 -24.27
CA LYS P 386 113.32 -21.48 -24.14
C LYS P 386 113.97 -21.25 -22.77
N ASN P 387 114.75 -22.23 -22.35
CA ASN P 387 115.42 -22.18 -21.06
C ASN P 387 116.57 -21.18 -21.13
N PRO P 388 116.64 -20.19 -20.24
CA PRO P 388 117.78 -19.24 -20.27
C PRO P 388 119.11 -19.85 -19.91
N LEU P 389 119.12 -21.00 -19.23
CA LEU P 389 120.38 -21.62 -18.84
C LEU P 389 121.04 -22.36 -19.98
N THR P 390 120.27 -22.82 -20.97
CA THR P 390 120.83 -23.51 -22.12
C THR P 390 120.56 -22.82 -23.46
N GLY P 391 119.57 -21.93 -23.53
CA GLY P 391 119.16 -21.39 -24.81
C GLY P 391 118.50 -22.41 -25.70
N ASP P 392 117.88 -23.43 -25.12
CA ASP P 392 117.44 -24.59 -25.87
C ASP P 392 116.26 -25.19 -25.12
N PHE P 393 115.61 -26.17 -25.75
CA PHE P 393 114.51 -26.90 -25.12
C PHE P 393 115.05 -28.13 -24.37
N SER P 394 115.93 -27.85 -23.42
CA SER P 394 116.57 -28.89 -22.63
C SER P 394 117.03 -28.29 -21.32
N CYS P 395 117.21 -29.15 -20.34
CA CYS P 395 117.78 -28.76 -19.06
C CYS P 395 119.30 -28.77 -19.16
N PRO P 396 120.00 -28.10 -18.23
CA PRO P 396 121.47 -28.19 -18.22
C PRO P 396 122.02 -29.55 -17.83
N SER P 397 123.35 -29.64 -17.72
CA SER P 397 124.01 -30.92 -17.52
C SER P 397 123.70 -31.52 -16.16
N GLY P 398 123.54 -30.70 -15.14
CA GLY P 398 123.20 -31.19 -13.83
C GLY P 398 121.72 -31.33 -13.56
N TYR P 399 120.87 -31.24 -14.58
CA TYR P 399 119.43 -31.20 -14.38
C TYR P 399 118.75 -32.24 -15.27
N SER P 400 117.41 -32.33 -15.13
CA SER P 400 116.59 -33.30 -15.84
C SER P 400 115.19 -32.71 -16.02
N PRO P 401 114.53 -32.96 -17.14
CA PRO P 401 113.22 -32.35 -17.37
C PRO P 401 112.08 -33.11 -16.71
N VAL P 402 111.09 -32.36 -16.22
CA VAL P 402 109.87 -32.90 -15.66
C VAL P 402 108.69 -32.26 -16.39
N HIS P 403 107.81 -33.09 -16.93
CA HIS P 403 106.68 -32.63 -17.72
C HIS P 403 105.55 -32.19 -16.81
N LEU P 404 105.17 -30.91 -16.89
CA LEU P 404 104.08 -30.41 -16.06
C LEU P 404 102.72 -30.74 -16.65
N LEU P 405 102.43 -30.18 -17.82
CA LEU P 405 101.07 -30.22 -18.34
C LEU P 405 101.08 -29.96 -19.84
N SER P 406 100.16 -30.62 -20.54
CA SER P 406 100.08 -30.54 -21.98
C SER P 406 98.62 -30.37 -22.37
N GLN P 407 98.28 -29.20 -22.93
CA GLN P 407 96.91 -28.90 -23.33
C GLN P 407 96.90 -28.21 -24.67
N ILE P 408 95.70 -27.88 -25.14
CA ILE P 408 95.48 -27.27 -26.45
C ILE P 408 95.06 -25.82 -26.23
N HIS P 409 95.74 -24.90 -26.91
CA HIS P 409 95.37 -23.50 -26.89
C HIS P 409 94.62 -23.15 -28.16
N GLU P 410 93.66 -22.22 -28.04
CA GLU P 410 92.84 -21.80 -29.17
C GLU P 410 92.83 -20.28 -29.26
N GLU P 411 93.04 -19.76 -30.46
CA GLU P 411 92.80 -18.36 -30.75
C GLU P 411 92.00 -18.24 -32.04
N GLY P 412 91.48 -17.04 -32.26
CA GLY P 412 90.63 -16.78 -33.42
C GLY P 412 91.26 -15.77 -34.36
N TYR P 413 91.07 -15.99 -35.65
CA TYR P 413 91.52 -15.07 -36.68
C TYR P 413 90.36 -14.78 -37.63
N ASN P 414 90.57 -13.82 -38.51
CA ASN P 414 89.46 -13.12 -39.14
C ASN P 414 89.78 -12.81 -40.59
N HIS P 415 88.90 -13.21 -41.49
CA HIS P 415 88.95 -12.78 -42.88
C HIS P 415 87.83 -11.79 -43.15
N LEU P 416 88.02 -10.94 -44.16
CA LEU P 416 87.01 -9.98 -44.55
C LEU P 416 87.05 -9.81 -46.06
N GLU P 417 86.01 -10.25 -46.73
CA GLU P 417 85.93 -10.22 -48.18
C GLU P 417 84.75 -9.39 -48.62
N CYS P 418 84.94 -8.56 -49.64
CA CYS P 418 83.90 -7.68 -50.15
C CYS P 418 83.97 -7.64 -51.66
N HIS P 419 82.82 -7.73 -52.32
CA HIS P 419 82.75 -7.43 -53.74
C HIS P 419 81.44 -6.75 -54.06
N ARG P 420 81.46 -5.92 -55.10
CA ARG P 420 80.36 -5.06 -55.46
C ARG P 420 79.94 -5.35 -56.89
N LYS P 421 78.63 -5.33 -57.14
CA LYS P 421 78.08 -5.67 -58.43
C LYS P 421 76.91 -4.75 -58.75
N CYS P 422 76.87 -4.23 -59.97
CA CYS P 422 75.81 -3.33 -60.40
C CYS P 422 75.06 -3.95 -61.57
N THR P 423 73.74 -3.76 -61.60
CA THR P 423 72.85 -4.39 -62.58
C THR P 423 71.95 -3.34 -63.21
N LEU P 424 72.09 -3.17 -64.53
CA LEU P 424 71.32 -2.21 -65.34
C LEU P 424 71.56 -0.77 -64.90
N LYS P 425 72.75 -0.49 -64.38
CA LYS P 425 73.27 0.82 -63.95
C LYS P 425 72.55 1.42 -62.76
N VAL P 426 71.52 0.76 -62.22
CA VAL P 426 70.84 1.11 -60.99
C VAL P 426 71.16 -0.11 -60.13
N PHE P 427 70.65 -0.16 -58.90
CA PHE P 427 70.57 -1.40 -58.10
C PHE P 427 71.95 -1.98 -57.79
N CYS P 428 72.76 -1.18 -57.10
CA CYS P 428 74.11 -1.61 -56.75
C CYS P 428 74.06 -2.56 -55.56
N LYS P 429 74.68 -3.72 -55.71
CA LYS P 429 74.71 -4.73 -54.67
C LYS P 429 76.12 -4.86 -54.11
N THR P 430 76.24 -4.82 -52.78
CA THR P 430 77.51 -4.96 -52.09
C THR P 430 77.33 -5.96 -50.97
N VAL P 431 78.10 -7.04 -50.99
CA VAL P 431 78.08 -8.03 -49.93
C VAL P 431 79.44 -8.03 -49.23
N CYS P 432 79.41 -8.07 -47.89
CA CYS P 432 80.61 -7.96 -47.07
C CYS P 432 80.61 -9.15 -46.11
N GLU P 433 81.43 -10.14 -46.40
CA GLU P 433 81.47 -11.37 -45.63
C GLU P 433 82.67 -11.36 -44.69
N ASP P 434 82.46 -11.79 -43.45
CA ASP P 434 83.49 -11.75 -42.41
C ASP P 434 83.50 -13.08 -41.67
N VAL P 435 84.49 -13.91 -41.96
CA VAL P 435 84.57 -15.27 -41.43
C VAL P 435 85.52 -15.29 -40.25
N PHE P 436 85.08 -15.88 -39.14
CA PHE P 436 85.88 -16.04 -37.93
C PHE P 436 86.19 -17.52 -37.76
N GLN P 437 87.46 -17.87 -37.80
CA GLN P 437 87.89 -19.25 -37.63
C GLN P 437 88.74 -19.40 -36.38
N VAL P 438 88.94 -20.64 -35.95
CA VAL P 438 89.65 -20.95 -34.71
C VAL P 438 90.94 -21.68 -35.07
N ALA P 439 92.06 -21.13 -34.60
CA ALA P 439 93.38 -21.73 -34.79
C ALA P 439 93.82 -22.40 -33.49
N LYS P 440 94.27 -23.65 -33.60
CA LYS P 440 94.63 -24.44 -32.44
C LYS P 440 96.13 -24.68 -32.38
N ALA P 441 96.62 -25.00 -31.19
CA ALA P 441 98.02 -25.28 -30.97
C ALA P 441 98.18 -26.11 -29.70
N GLU P 442 99.05 -27.12 -29.78
CA GLU P 442 99.42 -27.92 -28.63
C GLU P 442 100.65 -27.32 -27.97
N PHE P 443 100.63 -27.23 -26.64
CA PHE P 443 101.83 -26.83 -25.91
C PHE P 443 102.16 -27.88 -24.86
N ARG P 444 103.46 -28.00 -24.58
CA ARG P 444 103.97 -28.92 -23.57
C ARG P 444 104.97 -28.16 -22.73
N ALA P 445 104.63 -27.94 -21.46
CA ALA P 445 105.48 -27.19 -20.54
C ALA P 445 106.30 -28.15 -19.71
N PHE P 446 107.60 -27.95 -19.68
CA PHE P 446 108.52 -28.77 -18.93
C PHE P 446 109.17 -27.96 -17.82
N TRP P 447 109.94 -28.64 -16.99
CA TRP P 447 110.51 -28.04 -15.81
C TRP P 447 111.72 -28.85 -15.37
N CYS P 448 112.78 -28.16 -14.95
CA CYS P 448 114.06 -28.79 -14.66
C CYS P 448 114.22 -29.04 -13.16
N VAL P 449 114.87 -30.15 -12.83
CA VAL P 449 115.06 -30.58 -11.44
C VAL P 449 116.52 -30.98 -11.25
N ALA P 450 117.10 -30.62 -10.11
CA ALA P 450 118.47 -31.02 -9.79
C ALA P 450 118.50 -32.52 -9.51
N SER P 451 119.00 -33.30 -10.47
CA SER P 451 119.05 -34.75 -10.35
C SER P 451 120.47 -35.29 -10.35
N SER P 452 121.48 -34.44 -10.45
CA SER P 452 122.87 -34.88 -10.44
C SER P 452 123.58 -34.61 -9.13
N GLN P 453 122.95 -33.82 -8.23
CA GLN P 453 123.29 -33.60 -6.83
C GLN P 453 124.55 -32.75 -6.64
N VAL P 454 125.28 -32.48 -7.72
CA VAL P 454 126.47 -31.62 -7.63
C VAL P 454 126.30 -30.46 -8.62
N PRO P 455 125.67 -29.36 -8.23
CA PRO P 455 125.80 -28.13 -9.02
C PRO P 455 126.89 -27.24 -8.49
N GLU P 456 127.44 -26.37 -9.33
CA GLU P 456 128.31 -25.31 -8.84
C GLU P 456 127.49 -24.17 -8.27
N ASN P 457 126.66 -23.55 -9.09
CA ASN P 457 125.66 -22.59 -8.65
C ASN P 457 124.30 -23.04 -9.18
N SER P 458 123.25 -22.72 -8.43
CA SER P 458 121.92 -23.26 -8.73
C SER P 458 121.35 -22.63 -9.99
N GLY P 459 121.26 -21.31 -10.02
CA GLY P 459 120.72 -20.63 -11.18
C GLY P 459 119.31 -20.12 -10.97
N LEU P 460 119.08 -18.91 -11.46
CA LEU P 460 117.77 -18.30 -11.62
C LEU P 460 117.04 -18.17 -10.28
N LEU P 461 117.60 -17.33 -9.41
CA LEU P 461 117.17 -17.27 -8.02
C LEU P 461 115.93 -16.40 -7.87
N PHE P 462 114.77 -16.97 -8.21
CA PHE P 462 113.44 -16.52 -7.83
C PHE P 462 112.46 -17.62 -8.22
N GLY P 463 111.32 -17.64 -7.54
CA GLY P 463 110.32 -18.64 -7.82
C GLY P 463 108.89 -18.14 -7.73
N GLY P 464 108.68 -16.83 -7.85
CA GLY P 464 107.36 -16.24 -7.73
C GLY P 464 106.74 -15.97 -9.08
N LEU P 465 105.41 -16.04 -9.11
CA LEU P 465 104.64 -16.09 -10.35
C LEU P 465 103.60 -14.99 -10.36
N PHE P 466 103.11 -14.66 -11.55
CA PHE P 466 101.90 -13.87 -11.69
C PHE P 466 101.24 -14.22 -13.01
N SER P 467 99.92 -14.22 -13.01
CA SER P 467 99.14 -14.59 -14.17
C SER P 467 98.58 -13.35 -14.85
N SER P 468 97.70 -13.55 -15.82
CA SER P 468 96.90 -12.46 -16.35
C SER P 468 95.74 -12.10 -15.44
N LYS P 469 95.50 -12.89 -14.40
CA LYS P 469 94.47 -12.60 -13.42
C LYS P 469 95.00 -12.67 -11.99
N SER P 470 96.30 -12.86 -11.81
CA SER P 470 96.91 -12.96 -10.50
C SER P 470 97.92 -11.83 -10.33
N ILE P 471 98.56 -11.82 -9.16
CA ILE P 471 99.46 -10.74 -8.75
C ILE P 471 100.69 -11.36 -8.11
N ASN P 472 101.86 -10.92 -8.52
CA ASN P 472 103.10 -11.30 -7.86
C ASN P 472 103.14 -10.65 -6.48
N PRO P 473 103.20 -11.43 -5.39
CA PRO P 473 103.19 -10.80 -4.06
C PRO P 473 104.49 -10.10 -3.71
N MET P 474 105.57 -10.39 -4.41
CA MET P 474 106.82 -9.69 -4.17
C MET P 474 106.88 -8.32 -4.84
N THR P 475 105.89 -7.99 -5.67
CA THR P 475 105.74 -6.64 -6.20
C THR P 475 104.39 -6.02 -5.90
N ASN P 476 103.40 -6.83 -5.46
CA ASN P 476 101.99 -6.45 -5.33
C ASN P 476 101.43 -5.86 -6.62
N ALA P 477 101.88 -6.40 -7.75
CA ALA P 477 101.47 -5.96 -9.08
C ALA P 477 101.77 -7.08 -10.07
N GLN P 478 101.44 -6.83 -11.33
CA GLN P 478 101.75 -7.75 -12.42
C GLN P 478 103.06 -7.36 -13.09
N SER P 479 104.11 -7.34 -12.28
CA SER P 479 105.41 -6.91 -12.75
C SER P 479 106.49 -7.71 -12.06
N CYS P 480 107.70 -7.61 -12.59
CA CYS P 480 108.87 -8.25 -12.06
C CYS P 480 109.50 -7.36 -10.99
N PRO P 481 110.29 -7.94 -10.08
CA PRO P 481 111.06 -7.09 -9.16
C PRO P 481 112.27 -6.45 -9.84
N ALA P 482 113.10 -5.76 -9.05
CA ALA P 482 114.22 -4.98 -9.59
C ALA P 482 115.29 -5.90 -10.18
N GLY P 483 115.37 -5.94 -11.51
CA GLY P 483 116.39 -6.71 -12.19
C GLY P 483 115.99 -8.13 -12.48
N TYR P 484 114.75 -8.34 -12.92
CA TYR P 484 114.18 -9.66 -13.15
C TYR P 484 113.49 -9.70 -14.50
N PHE P 485 113.66 -10.80 -15.23
CA PHE P 485 113.00 -10.94 -16.51
C PHE P 485 112.04 -12.12 -16.49
N PRO P 486 110.85 -11.99 -17.07
CA PRO P 486 109.85 -13.04 -16.95
C PRO P 486 110.03 -14.13 -17.99
N LEU P 487 109.60 -15.33 -17.64
CA LEU P 487 109.60 -16.47 -18.55
C LEU P 487 108.17 -16.90 -18.78
N ARG P 488 107.74 -16.92 -20.03
CA ARG P 488 106.36 -17.24 -20.33
C ARG P 488 106.09 -18.73 -20.17
N LEU P 489 104.89 -19.04 -19.69
CA LEU P 489 104.47 -20.41 -19.42
C LEU P 489 103.02 -20.48 -19.88
N PHE P 490 102.27 -21.49 -19.39
CA PHE P 490 101.23 -22.24 -20.09
C PHE P 490 100.39 -21.43 -21.09
N GLU P 491 99.67 -20.46 -20.59
CA GLU P 491 99.04 -19.45 -21.43
C GLU P 491 99.31 -18.05 -20.94
N ASN P 492 99.37 -17.85 -19.63
CA ASN P 492 99.50 -16.51 -19.07
C ASN P 492 100.51 -16.40 -17.94
N LEU P 493 101.11 -17.50 -17.49
CA LEU P 493 102.09 -17.40 -16.42
C LEU P 493 103.37 -16.74 -16.90
N LYS P 494 103.90 -15.85 -16.07
CA LYS P 494 105.18 -15.22 -16.30
C LYS P 494 105.99 -15.38 -15.02
N VAL P 495 106.99 -16.25 -15.07
CA VAL P 495 107.81 -16.59 -13.92
C VAL P 495 109.01 -15.65 -13.88
N CYS P 496 109.13 -14.87 -12.81
CA CYS P 496 110.20 -13.89 -12.73
C CYS P 496 111.50 -14.57 -12.33
N VAL P 497 112.59 -14.17 -12.99
CA VAL P 497 113.83 -14.94 -12.99
C VAL P 497 115.02 -13.98 -13.09
N SER P 498 116.00 -14.14 -12.21
CA SER P 498 117.27 -13.44 -12.32
C SER P 498 118.39 -14.35 -11.85
N GLN P 499 119.53 -14.30 -12.52
CA GLN P 499 120.71 -15.08 -12.18
C GLN P 499 121.90 -14.18 -11.88
N ASP P 500 121.64 -13.07 -11.19
CA ASP P 500 122.67 -12.06 -10.94
C ASP P 500 123.46 -12.30 -9.66
N TYR P 501 122.83 -12.94 -8.65
CA TYR P 501 123.41 -13.37 -7.38
C TYR P 501 123.80 -12.23 -6.44
N GLU P 502 123.70 -10.98 -6.90
CA GLU P 502 123.99 -9.82 -6.06
C GLU P 502 122.78 -8.89 -5.95
N LEU P 503 122.23 -8.47 -7.08
CA LEU P 503 121.01 -7.67 -7.06
C LEU P 503 119.76 -8.53 -7.04
N GLY P 504 119.90 -9.84 -7.21
CA GLY P 504 118.76 -10.74 -7.18
C GLY P 504 118.54 -11.37 -5.82
N SER P 505 119.56 -11.33 -4.96
CA SER P 505 119.46 -11.97 -3.66
C SER P 505 118.64 -11.17 -2.66
N ARG P 506 118.26 -9.93 -2.99
CA ARG P 506 117.35 -9.19 -2.13
C ARG P 506 115.95 -9.78 -2.19
N PHE P 507 115.53 -10.21 -3.37
CA PHE P 507 114.17 -10.68 -3.60
C PHE P 507 114.09 -12.19 -3.81
N ALA P 508 115.20 -12.90 -3.77
CA ALA P 508 115.19 -14.33 -4.02
C ALA P 508 114.52 -15.08 -2.89
N VAL P 509 113.53 -15.90 -3.23
CA VAL P 509 112.79 -16.70 -2.26
C VAL P 509 113.24 -18.15 -2.35
N PRO P 510 113.16 -18.92 -1.27
CA PRO P 510 113.44 -20.36 -1.38
C PRO P 510 112.36 -21.04 -2.19
N PHE P 511 112.75 -21.70 -3.27
CA PHE P 511 111.81 -22.32 -4.18
C PHE P 511 111.68 -23.81 -3.88
N GLY P 512 110.48 -24.35 -4.05
CA GLY P 512 110.23 -25.71 -3.66
C GLY P 512 109.87 -26.67 -4.79
N GLY P 513 109.21 -26.18 -5.82
CA GLY P 513 108.85 -27.02 -6.95
C GLY P 513 107.45 -26.80 -7.43
N PHE P 514 107.19 -27.23 -8.66
CA PHE P 514 105.85 -27.21 -9.26
C PHE P 514 105.22 -28.59 -9.19
N PHE P 515 103.90 -28.63 -9.12
CA PHE P 515 103.15 -29.85 -9.35
C PHE P 515 101.75 -29.48 -9.80
N SER P 516 101.08 -30.44 -10.43
CA SER P 516 99.77 -30.21 -11.00
C SER P 516 98.87 -31.38 -10.64
N CYS P 517 97.71 -31.44 -11.27
CA CYS P 517 96.75 -32.51 -10.97
C CYS P 517 97.16 -33.84 -11.57
N THR P 518 98.15 -33.87 -12.45
CA THR P 518 98.59 -35.10 -13.11
C THR P 518 100.00 -35.52 -12.76
N VAL P 519 100.87 -34.59 -12.38
CA VAL P 519 102.26 -34.89 -12.13
C VAL P 519 102.62 -34.40 -10.73
N GLY P 520 103.61 -35.04 -10.12
CA GLY P 520 104.12 -34.60 -8.83
C GLY P 520 105.54 -34.11 -8.91
N ASN P 521 105.95 -33.31 -7.93
CA ASN P 521 107.35 -32.90 -7.97
C ASN P 521 108.24 -34.00 -7.41
N PRO P 522 109.42 -34.19 -7.99
CA PRO P 522 110.31 -35.24 -7.49
C PRO P 522 111.23 -34.78 -6.37
N LEU P 523 110.89 -33.67 -5.72
CA LEU P 523 111.73 -33.11 -4.66
C LEU P 523 111.28 -33.53 -3.28
N VAL P 524 110.52 -34.63 -3.19
CA VAL P 524 110.03 -35.13 -1.92
C VAL P 524 110.57 -36.52 -1.61
N ASP P 525 110.72 -37.38 -2.62
CA ASP P 525 111.08 -38.78 -2.38
C ASP P 525 112.59 -38.98 -2.11
N PRO P 526 113.51 -38.35 -2.87
CA PRO P 526 114.87 -38.50 -2.33
C PRO P 526 115.18 -37.47 -1.25
N PRO P 535 105.13 -43.18 -9.18
CA PRO P 535 105.87 -41.93 -9.45
C PRO P 535 106.02 -41.05 -8.22
N SER P 536 105.85 -39.74 -8.38
CA SER P 536 106.07 -38.79 -7.30
C SER P 536 104.83 -38.70 -6.42
N LEU P 537 104.80 -37.71 -5.53
CA LEU P 537 103.80 -37.64 -4.48
C LEU P 537 102.87 -36.45 -4.59
N LYS P 538 103.23 -35.41 -5.37
CA LYS P 538 102.55 -34.10 -5.51
C LYS P 538 102.13 -33.49 -4.18
N LYS P 539 102.91 -33.72 -3.14
CA LYS P 539 102.59 -33.13 -1.85
C LYS P 539 103.22 -31.75 -1.67
N CYS P 540 104.54 -31.73 -1.43
CA CYS P 540 105.33 -30.58 -1.02
C CYS P 540 106.75 -31.11 -0.83
N PRO P 541 107.79 -30.29 -0.73
CA PRO P 541 109.07 -30.84 -0.25
C PRO P 541 109.07 -31.12 1.24
N GLY P 542 108.44 -30.27 2.03
CA GLY P 542 108.50 -30.41 3.47
C GLY P 542 109.12 -29.18 4.12
N GLY P 543 108.33 -28.45 4.88
CA GLY P 543 108.70 -27.14 5.36
C GLY P 543 108.23 -26.02 4.47
N PHE P 544 108.04 -26.28 3.19
CA PHE P 544 107.51 -25.30 2.26
C PHE P 544 105.99 -25.25 2.37
N SER P 545 105.38 -24.37 1.59
CA SER P 545 103.93 -24.19 1.62
C SER P 545 103.40 -24.17 0.20
N GLN P 546 102.34 -24.94 -0.04
CA GLN P 546 101.71 -24.94 -1.36
C GLN P 546 101.01 -23.61 -1.61
N HIS P 547 101.13 -23.12 -2.83
CA HIS P 547 100.40 -21.96 -3.24
C HIS P 547 99.97 -22.18 -4.67
N PRO P 548 98.74 -21.84 -5.02
CA PRO P 548 98.24 -22.13 -6.36
C PRO P 548 98.66 -21.09 -7.38
N ALA P 549 99.08 -21.59 -8.54
CA ALA P 549 99.19 -20.80 -9.76
C ALA P 549 97.83 -20.82 -10.45
N LEU P 550 97.77 -20.46 -11.73
CA LEU P 550 96.49 -20.42 -12.42
C LEU P 550 95.91 -21.83 -12.64
N ILE P 551 94.70 -21.85 -13.18
CA ILE P 551 94.00 -23.09 -13.51
C ILE P 551 93.97 -23.22 -15.03
N SER P 552 94.53 -24.31 -15.54
CA SER P 552 94.59 -24.56 -16.98
C SER P 552 93.48 -25.53 -17.35
N ASP P 553 92.27 -24.97 -17.49
CA ASP P 553 91.08 -25.67 -17.99
C ASP P 553 90.70 -26.86 -17.12
N GLY P 554 90.52 -26.61 -15.83
CA GLY P 554 90.08 -27.63 -14.89
C GLY P 554 91.18 -28.26 -14.08
N CYS P 555 92.44 -28.09 -14.47
CA CYS P 555 93.57 -28.61 -13.72
C CYS P 555 94.29 -27.46 -13.02
N GLN P 556 94.73 -27.71 -11.79
CA GLN P 556 95.33 -26.70 -10.95
C GLN P 556 96.83 -26.92 -10.84
N VAL P 557 97.60 -25.88 -11.11
CA VAL P 557 99.06 -25.93 -10.99
C VAL P 557 99.45 -25.21 -9.71
N SER P 558 100.28 -25.85 -8.90
CA SER P 558 100.67 -25.31 -7.61
C SER P 558 102.18 -25.27 -7.48
N TYR P 559 102.66 -24.34 -6.66
CA TYR P 559 104.10 -24.16 -6.46
C TYR P 559 104.39 -23.96 -4.98
N CYS P 560 105.59 -24.38 -4.57
CA CYS P 560 105.98 -24.39 -3.16
C CYS P 560 107.02 -23.32 -2.88
N VAL P 561 106.94 -22.73 -1.68
CA VAL P 561 107.79 -21.61 -1.31
C VAL P 561 107.80 -21.53 0.21
N LYS P 562 108.83 -20.91 0.78
CA LYS P 562 109.00 -20.81 2.23
C LYS P 562 109.36 -19.39 2.63
N SER P 563 108.56 -18.42 2.20
CA SER P 563 108.86 -17.06 2.63
C SER P 563 108.30 -16.78 4.02
N GLY P 564 106.99 -16.94 4.18
CA GLY P 564 106.23 -16.34 5.26
C GLY P 564 105.46 -15.12 4.81
N LEU P 565 105.90 -14.47 3.74
CA LEU P 565 105.14 -13.40 3.13
C LEU P 565 103.95 -13.96 2.35
N PHE P 566 104.14 -15.12 1.71
CA PHE P 566 103.06 -15.76 0.97
C PHE P 566 101.99 -16.32 1.90
N THR P 567 102.37 -16.67 3.13
CA THR P 567 101.48 -17.40 4.02
C THR P 567 100.44 -16.49 4.68
N GLY P 568 100.90 -15.49 5.42
CA GLY P 568 100.02 -14.69 6.25
C GLY P 568 99.15 -13.73 5.48
N GLY P 569 98.39 -12.95 6.24
CA GLY P 569 97.43 -12.01 5.67
C GLY P 569 96.08 -12.15 6.33
N SER P 570 95.03 -12.26 5.53
CA SER P 570 93.71 -12.62 6.00
C SER P 570 93.29 -13.93 5.36
N LEU P 571 92.23 -14.52 5.88
CA LEU P 571 91.72 -15.75 5.30
C LEU P 571 91.01 -15.44 4.00
N PRO P 572 91.32 -16.13 2.91
CA PRO P 572 90.72 -15.83 1.62
C PRO P 572 89.29 -16.32 1.58
N PRO P 573 88.45 -15.76 0.72
CA PRO P 573 87.13 -16.33 0.49
C PRO P 573 87.22 -17.57 -0.39
N ALA P 574 86.08 -18.21 -0.56
CA ALA P 574 86.03 -19.40 -1.41
C ALA P 574 86.12 -19.01 -2.88
N ARG P 575 86.80 -19.85 -3.66
CA ARG P 575 86.72 -19.75 -5.09
C ARG P 575 85.40 -20.30 -5.58
N LEU P 576 84.58 -19.43 -6.16
CA LEU P 576 83.28 -19.87 -6.58
C LEU P 576 83.34 -20.33 -8.04
N PRO P 577 82.45 -21.23 -8.45
CA PRO P 577 82.38 -21.62 -9.86
C PRO P 577 81.88 -20.47 -10.72
N PRO P 578 81.98 -20.56 -12.06
CA PRO P 578 82.60 -21.54 -12.97
C PRO P 578 84.10 -21.39 -13.01
N PHE P 579 84.78 -22.50 -13.20
CA PHE P 579 86.23 -22.51 -13.26
C PHE P 579 86.74 -22.64 -14.68
N THR P 580 85.85 -22.91 -15.63
CA THR P 580 86.19 -22.91 -17.04
C THR P 580 85.41 -21.81 -17.73
N ARG P 581 85.70 -21.61 -19.00
CA ARG P 581 85.00 -20.66 -19.84
C ARG P 581 84.38 -21.42 -21.02
N PRO P 582 83.30 -20.89 -21.60
CA PRO P 582 82.75 -21.55 -22.79
C PRO P 582 83.68 -21.40 -23.96
N PRO P 583 83.79 -22.42 -24.80
CA PRO P 583 84.84 -22.44 -25.83
C PRO P 583 84.51 -21.55 -27.00
N LEU P 584 85.50 -21.37 -27.86
CA LEU P 584 85.36 -20.56 -29.06
C LEU P 584 84.71 -21.36 -30.18
N MET P 585 83.94 -20.67 -30.99
CA MET P 585 83.20 -21.27 -32.09
C MET P 585 83.52 -20.52 -33.37
N SER P 586 83.53 -21.24 -34.48
CA SER P 586 83.77 -20.61 -35.76
C SER P 586 82.48 -20.01 -36.32
N GLN P 587 82.59 -18.78 -36.82
CA GLN P 587 81.45 -17.92 -37.09
C GLN P 587 81.53 -17.39 -38.52
N ALA P 588 80.49 -16.67 -38.92
CA ALA P 588 80.41 -16.02 -40.23
C ALA P 588 79.37 -14.92 -40.16
N ALA P 589 79.65 -13.78 -40.77
CA ALA P 589 78.74 -12.65 -40.74
C ALA P 589 78.76 -11.95 -42.08
N THR P 590 77.58 -11.78 -42.68
CA THR P 590 77.44 -11.16 -43.99
C THR P 590 76.60 -9.90 -43.88
N ASN P 591 76.78 -9.01 -44.85
CA ASN P 591 76.07 -7.73 -44.92
C ASN P 591 75.83 -7.43 -46.40
N THR P 592 74.61 -7.67 -46.88
CA THR P 592 74.25 -7.34 -48.25
C THR P 592 73.50 -6.02 -48.25
N VAL P 593 73.94 -5.08 -49.09
CA VAL P 593 73.33 -3.77 -49.23
C VAL P 593 72.89 -3.58 -50.67
N ILE P 594 71.63 -3.20 -50.87
CA ILE P 594 71.10 -2.87 -52.19
C ILE P 594 70.86 -1.36 -52.21
N VAL P 595 71.41 -0.68 -53.21
CA VAL P 595 71.30 0.76 -53.34
C VAL P 595 70.67 1.05 -54.69
N THR P 596 69.46 1.63 -54.69
CA THR P 596 68.86 2.08 -55.93
C THR P 596 69.37 3.49 -56.21
N ASN P 597 70.02 3.67 -57.34
CA ASN P 597 70.63 4.94 -57.71
C ASN P 597 69.66 5.86 -58.44
N SER P 598 68.36 5.57 -58.39
CA SER P 598 67.42 6.30 -59.23
C SER P 598 66.02 6.22 -58.66
N GLU P 599 65.25 7.27 -58.93
CA GLU P 599 63.79 7.18 -58.88
C GLU P 599 63.30 6.55 -60.17
N ASN P 600 61.98 6.40 -60.29
CA ASN P 600 61.32 5.67 -61.38
C ASN P 600 61.87 4.24 -61.47
N ALA P 601 62.02 3.62 -60.30
CA ALA P 601 62.57 2.27 -60.23
C ALA P 601 61.95 1.62 -58.99
N ARG P 602 60.96 0.76 -59.21
CA ARG P 602 60.30 0.08 -58.11
C ARG P 602 60.95 -1.26 -57.85
N SER P 603 60.66 -1.83 -56.68
CA SER P 603 61.26 -3.09 -56.27
C SER P 603 60.33 -3.80 -55.31
N TRP P 604 60.18 -5.11 -55.51
CA TRP P 604 59.40 -5.95 -54.63
C TRP P 604 60.30 -7.03 -54.05
N ILE P 605 60.18 -7.29 -52.76
CA ILE P 605 61.05 -8.21 -52.06
C ILE P 605 60.19 -9.18 -51.27
N LYS P 606 60.47 -10.47 -51.40
CA LYS P 606 59.86 -11.51 -50.58
C LYS P 606 60.98 -12.10 -49.73
N ASP P 607 60.94 -11.85 -48.42
CA ASP P 607 62.10 -12.09 -47.57
C ASP P 607 62.33 -13.57 -47.31
N SER P 608 61.27 -14.36 -47.22
CA SER P 608 61.39 -15.79 -47.00
C SER P 608 60.12 -16.44 -47.52
N GLN P 609 60.02 -17.76 -47.33
CA GLN P 609 58.87 -18.49 -47.82
C GLN P 609 57.62 -18.23 -47.01
N THR P 610 57.76 -17.76 -45.77
CA THR P 610 56.61 -17.42 -44.95
C THR P 610 56.20 -15.97 -45.08
N HIS P 611 57.09 -15.10 -45.53
CA HIS P 611 56.74 -13.70 -45.74
C HIS P 611 55.83 -13.55 -46.95
N GLN P 612 55.22 -12.38 -47.05
CA GLN P 612 54.51 -11.98 -48.26
C GLN P 612 55.37 -11.01 -49.04
N TRP P 613 54.97 -10.77 -50.30
CA TRP P 613 55.67 -9.80 -51.13
C TRP P 613 55.55 -8.40 -50.54
N ARG P 614 56.66 -7.69 -50.53
CA ARG P 614 56.79 -6.44 -49.81
C ARG P 614 57.38 -5.42 -50.77
N LEU P 615 56.88 -4.19 -50.70
CA LEU P 615 57.42 -3.15 -51.55
C LEU P 615 58.79 -2.72 -51.02
N GLY P 616 59.77 -2.68 -51.91
CA GLY P 616 61.13 -2.45 -51.49
C GLY P 616 61.45 -0.98 -51.26
N GLU P 617 62.55 -0.77 -50.55
CA GLU P 617 63.10 0.52 -50.16
C GLU P 617 64.41 0.77 -50.90
N PRO P 618 64.87 2.02 -50.98
CA PRO P 618 66.13 2.29 -51.70
C PRO P 618 67.37 1.71 -51.05
N ILE P 619 67.44 1.60 -49.73
CA ILE P 619 68.54 0.96 -49.03
C ILE P 619 67.96 -0.18 -48.19
N GLU P 620 68.50 -1.39 -48.35
CA GLU P 620 67.91 -2.56 -47.73
C GLU P 620 68.65 -3.05 -46.49
N LEU P 621 69.92 -3.44 -46.62
CA LEU P 621 70.79 -3.88 -45.52
C LEU P 621 70.23 -5.11 -44.79
N ARG P 622 70.30 -6.24 -45.49
CA ARG P 622 70.10 -7.54 -44.86
C ARG P 622 71.33 -7.92 -44.04
N ARG P 623 71.12 -8.66 -42.96
CA ARG P 623 72.21 -9.15 -42.11
C ARG P 623 72.00 -10.61 -41.75
N ALA P 624 73.10 -11.32 -41.53
CA ALA P 624 73.05 -12.72 -41.15
C ALA P 624 74.28 -13.06 -40.32
N MET P 625 74.08 -13.89 -39.29
CA MET P 625 75.17 -14.40 -38.47
C MET P 625 75.05 -15.91 -38.36
N ASN P 626 76.07 -16.62 -38.80
CA ASN P 626 76.07 -18.07 -38.88
C ASN P 626 77.11 -18.63 -37.94
N VAL P 627 76.68 -19.50 -37.02
CA VAL P 627 77.56 -20.09 -36.02
C VAL P 627 77.49 -21.60 -36.20
N ILE P 628 78.64 -22.27 -36.10
CA ILE P 628 78.68 -23.74 -36.05
C ILE P 628 79.42 -24.17 -34.80
N HIS P 629 78.81 -25.08 -34.03
CA HIS P 629 79.40 -25.61 -32.81
C HIS P 629 80.40 -26.70 -33.16
N GLY P 630 81.69 -26.41 -32.99
CA GLY P 630 82.73 -27.37 -33.25
C GLY P 630 82.97 -27.65 -34.72
N ASP Q 10 -29.27 30.37 -2.14
CA ASP Q 10 -30.73 30.41 -2.01
C ASP Q 10 -31.40 30.82 -3.32
N GLU Q 11 -32.73 30.74 -3.34
CA GLU Q 11 -33.52 31.03 -4.52
C GLU Q 11 -34.94 31.32 -4.05
N VAL Q 12 -35.55 32.38 -4.61
CA VAL Q 12 -36.83 32.86 -4.13
C VAL Q 12 -37.80 33.00 -5.30
N GLY Q 13 -39.06 33.27 -4.95
CA GLY Q 13 -40.04 33.68 -5.93
C GLY Q 13 -40.63 32.51 -6.71
N VAL Q 14 -40.99 32.80 -7.96
CA VAL Q 14 -41.66 31.82 -8.81
C VAL Q 14 -40.67 30.74 -9.24
N GLN Q 15 -39.41 31.12 -9.42
CA GLN Q 15 -38.43 30.22 -10.01
C GLN Q 15 -37.99 29.12 -9.05
N LYS Q 16 -38.12 29.36 -7.74
CA LYS Q 16 -37.96 28.26 -6.78
C LYS Q 16 -39.05 27.22 -6.96
N CYS Q 17 -40.28 27.66 -7.25
CA CYS Q 17 -41.38 26.74 -7.48
C CYS Q 17 -41.20 25.99 -8.79
N LYS Q 18 -40.68 26.66 -9.81
CA LYS Q 18 -40.56 26.04 -11.12
C LYS Q 18 -39.45 25.00 -11.16
N ASN Q 19 -38.41 25.16 -10.36
CA ASN Q 19 -37.32 24.20 -10.38
C ASN Q 19 -37.67 22.93 -9.60
N ALA Q 20 -38.46 23.07 -8.54
CA ALA Q 20 -38.82 21.91 -7.74
C ALA Q 20 -39.95 21.10 -8.36
N LEU Q 21 -40.80 21.73 -9.17
CA LEU Q 21 -42.00 21.08 -9.68
C LEU Q 21 -41.99 20.85 -11.18
N LYS Q 22 -41.32 21.71 -11.94
CA LYS Q 22 -41.15 21.60 -13.40
C LYS Q 22 -42.49 21.57 -14.13
N LEU Q 23 -43.29 22.59 -13.88
CA LEU Q 23 -44.61 22.72 -14.51
C LEU Q 23 -44.95 24.19 -14.54
N PRO Q 24 -45.74 24.65 -15.55
CA PRO Q 24 -45.90 26.10 -15.74
C PRO Q 24 -46.78 26.78 -14.71
N VAL Q 25 -46.90 28.08 -14.83
CA VAL Q 25 -47.67 28.92 -13.92
C VAL Q 25 -48.97 29.29 -14.61
N LEU Q 26 -50.07 29.36 -13.86
CA LEU Q 26 -51.35 29.69 -14.46
C LEU Q 26 -51.35 31.16 -14.84
N GLU Q 27 -51.46 31.44 -16.13
CA GLU Q 27 -51.25 32.79 -16.65
C GLU Q 27 -52.47 33.68 -16.54
N VAL Q 28 -53.57 33.20 -15.99
CA VAL Q 28 -54.82 33.94 -15.95
C VAL Q 28 -55.11 34.22 -14.48
N LEU Q 29 -54.76 35.41 -14.00
CA LEU Q 29 -54.83 35.63 -12.57
C LEU Q 29 -55.70 36.84 -12.24
N PRO Q 30 -56.45 36.79 -11.14
CA PRO Q 30 -57.25 37.94 -10.74
C PRO Q 30 -56.47 38.88 -9.86
N GLY Q 31 -57.10 39.96 -9.41
CA GLY Q 31 -56.44 40.95 -8.59
C GLY Q 31 -55.80 42.09 -9.33
N GLY Q 32 -55.97 42.18 -10.63
CA GLY Q 32 -55.47 43.31 -11.38
C GLY Q 32 -56.52 44.38 -11.56
N GLY Q 33 -56.08 45.54 -11.99
CA GLY Q 33 -56.99 46.61 -12.28
C GLY Q 33 -57.70 46.42 -13.59
N TRP Q 34 -58.83 47.09 -13.74
CA TRP Q 34 -59.67 46.89 -14.92
C TRP Q 34 -60.37 48.18 -15.27
N ASP Q 35 -60.06 48.71 -16.45
CA ASP Q 35 -60.83 49.82 -17.00
C ASP Q 35 -62.11 49.25 -17.59
N ASN Q 36 -63.23 49.66 -17.03
CA ASN Q 36 -64.51 49.09 -17.44
C ASN Q 36 -65.17 49.86 -18.57
N LEU Q 37 -64.58 50.97 -19.01
CA LEU Q 37 -65.06 51.60 -20.23
C LEU Q 37 -64.39 51.04 -21.47
N ARG Q 38 -63.10 50.75 -21.40
CA ARG Q 38 -62.35 50.31 -22.55
C ARG Q 38 -62.17 48.80 -22.59
N ASN Q 39 -62.55 48.09 -21.53
CA ASN Q 39 -62.31 46.67 -21.32
C ASN Q 39 -60.84 46.29 -21.52
N VAL Q 40 -59.95 47.06 -20.91
CA VAL Q 40 -58.55 46.72 -20.86
C VAL Q 40 -58.19 46.52 -19.39
N ASP Q 41 -57.11 45.80 -19.15
CA ASP Q 41 -56.69 45.55 -17.79
C ASP Q 41 -55.43 46.34 -17.45
N MET Q 42 -55.38 46.77 -16.21
CA MET Q 42 -54.48 47.78 -15.69
C MET Q 42 -53.39 47.16 -14.83
N GLY Q 43 -52.69 48.01 -14.08
CA GLY Q 43 -51.71 47.54 -13.14
C GLY Q 43 -52.30 46.72 -12.02
N ARG Q 44 -51.42 45.98 -11.36
CA ARG Q 44 -51.80 44.96 -10.39
C ARG Q 44 -52.09 45.60 -9.04
N VAL Q 45 -53.28 45.32 -8.50
CA VAL Q 45 -53.74 45.94 -7.25
C VAL Q 45 -53.45 45.06 -6.05
N MET Q 46 -53.61 43.74 -6.19
CA MET Q 46 -53.35 42.81 -5.09
C MET Q 46 -51.92 42.31 -5.15
N GLU Q 47 -51.51 41.61 -4.10
CA GLU Q 47 -50.15 41.12 -4.00
C GLU Q 47 -50.10 39.65 -4.37
N LEU Q 48 -49.19 39.30 -5.27
CA LEU Q 48 -49.01 37.91 -5.71
C LEU Q 48 -47.72 37.36 -5.12
N THR Q 49 -47.84 36.38 -4.24
CA THR Q 49 -46.70 35.74 -3.62
C THR Q 49 -46.67 34.27 -3.97
N TYR Q 50 -45.47 33.70 -4.03
CA TYR Q 50 -45.26 32.31 -4.41
C TYR Q 50 -44.43 31.60 -3.36
N SER Q 51 -44.80 31.79 -2.09
CA SER Q 51 -43.98 31.27 -1.00
C SER Q 51 -44.25 29.80 -0.72
N ASN Q 52 -45.47 29.34 -0.92
CA ASN Q 52 -45.89 28.02 -0.45
C ASN Q 52 -45.89 26.95 -1.52
N CYS Q 53 -45.51 27.30 -2.76
CA CYS Q 53 -45.39 26.36 -3.88
C CYS Q 53 -46.71 25.65 -4.18
N ARG Q 54 -47.82 26.37 -4.10
CA ARG Q 54 -49.12 25.76 -4.31
C ARG Q 54 -49.33 25.45 -5.78
N THR Q 55 -50.01 24.34 -6.04
CA THR Q 55 -50.43 23.98 -7.38
C THR Q 55 -51.94 23.85 -7.41
N THR Q 56 -52.48 23.70 -8.62
CA THR Q 56 -53.88 23.33 -8.71
C THR Q 56 -54.03 21.88 -8.27
N GLU Q 57 -55.28 21.51 -7.96
CA GLU Q 57 -55.55 20.21 -7.38
C GLU Q 57 -55.28 19.08 -8.36
N ASP Q 58 -55.39 19.32 -9.66
CA ASP Q 58 -54.96 18.33 -10.63
C ASP Q 58 -53.46 18.37 -10.89
N GLY Q 59 -52.75 19.33 -10.34
CA GLY Q 59 -51.30 19.33 -10.37
C GLY Q 59 -50.68 19.70 -11.69
N GLN Q 60 -51.17 20.75 -12.34
CA GLN Q 60 -50.64 21.14 -13.63
C GLN Q 60 -50.31 22.61 -13.76
N TYR Q 61 -50.59 23.43 -12.76
CA TYR Q 61 -50.22 24.83 -12.80
C TYR Q 61 -49.81 25.27 -11.42
N ILE Q 62 -48.73 26.05 -11.34
CA ILE Q 62 -48.36 26.76 -10.12
C ILE Q 62 -49.25 27.97 -9.98
N ILE Q 63 -49.85 28.13 -8.80
CA ILE Q 63 -50.73 29.27 -8.53
C ILE Q 63 -50.17 30.00 -7.32
N PRO Q 64 -50.49 31.29 -7.16
CA PRO Q 64 -50.11 32.01 -5.94
C PRO Q 64 -50.84 31.49 -4.71
N ASP Q 65 -50.40 32.01 -3.56
CA ASP Q 65 -50.83 31.45 -2.27
C ASP Q 65 -52.23 31.89 -1.88
N GLU Q 66 -52.61 33.09 -2.25
CA GLU Q 66 -53.87 33.74 -1.91
C GLU Q 66 -54.98 33.46 -2.90
N ILE Q 67 -54.76 32.54 -3.83
CA ILE Q 67 -55.68 32.32 -4.93
C ILE Q 67 -56.09 30.85 -4.90
N PHE Q 68 -57.39 30.61 -4.91
CA PHE Q 68 -57.90 29.26 -5.06
C PHE Q 68 -58.58 29.11 -6.40
N THR Q 69 -58.51 27.91 -6.96
CA THR Q 69 -59.07 27.62 -8.26
C THR Q 69 -60.23 26.64 -8.10
N ILE Q 70 -61.16 26.70 -9.04
CA ILE Q 70 -62.29 25.78 -9.09
C ILE Q 70 -62.20 25.00 -10.38
N PRO Q 71 -62.03 23.69 -10.35
CA PRO Q 71 -62.02 22.91 -11.58
C PRO Q 71 -63.43 22.73 -12.12
N GLN Q 72 -63.73 23.39 -13.21
CA GLN Q 72 -64.99 23.15 -13.91
C GLN Q 72 -64.69 23.04 -15.39
N LYS Q 73 -64.35 21.82 -15.80
CA LYS Q 73 -63.80 21.56 -17.12
C LYS Q 73 -64.97 21.41 -18.08
N GLN Q 74 -65.46 22.55 -18.53
CA GLN Q 74 -66.76 22.67 -19.16
C GLN Q 74 -66.60 23.13 -20.59
N SER Q 75 -67.20 22.40 -21.51
CA SER Q 75 -67.14 22.70 -22.94
C SER Q 75 -68.55 22.95 -23.43
N ASN Q 76 -68.74 24.00 -24.22
CA ASN Q 76 -70.03 24.34 -24.79
C ASN Q 76 -69.90 24.40 -26.31
N LEU Q 77 -70.90 23.89 -27.00
CA LEU Q 77 -70.89 23.87 -28.46
C LEU Q 77 -72.28 24.23 -28.94
N GLU Q 78 -72.39 25.28 -29.74
CA GLU Q 78 -73.67 25.73 -30.27
C GLU Q 78 -73.82 25.23 -31.69
N MET Q 79 -74.97 24.63 -32.00
CA MET Q 79 -75.35 24.33 -33.36
C MET Q 79 -76.15 25.44 -33.99
N ASN Q 80 -76.25 26.58 -33.32
CA ASN Q 80 -77.10 27.67 -33.71
C ASN Q 80 -76.27 28.95 -33.72
N SER Q 81 -76.94 30.07 -33.83
CA SER Q 81 -76.32 31.37 -33.74
C SER Q 81 -77.09 32.20 -32.72
N GLU Q 82 -76.77 33.47 -32.62
CA GLU Q 82 -77.58 34.39 -31.83
C GLU Q 82 -77.58 35.74 -32.52
N ILE Q 83 -78.73 36.38 -32.55
CA ILE Q 83 -78.94 37.56 -33.38
C ILE Q 83 -78.94 38.79 -32.49
N LEU Q 84 -78.19 39.81 -32.89
CA LEU Q 84 -78.03 41.04 -32.13
C LEU Q 84 -78.33 42.19 -33.09
N GLU Q 85 -79.60 42.54 -33.24
CA GLU Q 85 -80.02 43.51 -34.24
C GLU Q 85 -79.96 44.96 -33.76
N SER Q 86 -79.28 45.22 -32.64
CA SER Q 86 -79.11 46.57 -32.13
C SER Q 86 -77.86 46.60 -31.27
N TRP Q 87 -77.10 47.68 -31.36
CA TRP Q 87 -75.88 47.79 -30.57
C TRP Q 87 -76.13 48.28 -29.15
N ALA Q 88 -77.37 48.58 -28.78
CA ALA Q 88 -77.62 49.04 -27.41
C ALA Q 88 -77.50 47.89 -26.42
N ASN Q 89 -78.14 46.77 -26.72
CA ASN Q 89 -78.05 45.57 -25.87
C ASN Q 89 -76.86 44.71 -26.34
N TYR Q 90 -75.67 45.21 -26.03
CA TYR Q 90 -74.43 44.60 -26.48
C TYR Q 90 -73.89 43.59 -25.49
N GLN Q 91 -73.43 42.46 -26.03
CA GLN Q 91 -72.84 41.36 -25.26
C GLN Q 91 -71.35 41.38 -25.53
N SER Q 92 -70.54 41.43 -24.48
CA SER Q 92 -69.12 41.66 -24.70
C SER Q 92 -68.37 40.43 -25.20
N SER Q 93 -68.81 39.23 -24.81
CA SER Q 93 -68.28 37.90 -25.14
C SER Q 93 -66.92 37.58 -24.51
N THR Q 94 -66.28 38.52 -23.83
CA THR Q 94 -65.09 38.19 -23.07
C THR Q 94 -65.03 38.86 -21.71
N SER Q 95 -65.85 39.87 -21.45
CA SER Q 95 -65.89 40.55 -20.17
C SER Q 95 -67.34 40.86 -19.81
N TYR Q 96 -68.20 39.87 -19.98
CA TYR Q 96 -69.63 40.11 -19.92
C TYR Q 96 -70.12 40.31 -18.49
N SER Q 97 -69.55 39.59 -17.53
CA SER Q 97 -70.07 39.64 -16.17
C SER Q 97 -69.65 40.90 -15.43
N ILE Q 98 -68.54 41.51 -15.81
CA ILE Q 98 -68.09 42.72 -15.14
C ILE Q 98 -68.71 43.96 -15.76
N ASN Q 99 -69.25 43.86 -16.97
CA ASN Q 99 -69.93 45.01 -17.54
C ASN Q 99 -71.40 45.09 -17.14
N THR Q 100 -72.03 43.98 -16.78
CA THR Q 100 -73.46 43.95 -16.55
C THR Q 100 -73.86 44.24 -15.11
N GLU Q 101 -72.97 44.85 -14.34
CA GLU Q 101 -73.23 45.16 -12.95
C GLU Q 101 -74.33 46.22 -12.80
N LEU Q 102 -74.95 46.24 -11.62
CA LEU Q 102 -76.03 47.18 -11.33
C LEU Q 102 -75.42 48.48 -10.80
N SER Q 103 -75.49 49.53 -11.61
CA SER Q 103 -74.92 50.81 -11.23
C SER Q 103 -75.61 51.91 -12.03
N LEU Q 104 -75.15 53.13 -11.81
CA LEU Q 104 -75.68 54.27 -12.56
C LEU Q 104 -75.21 54.22 -14.01
N PHE Q 105 -73.95 53.85 -14.22
CA PHE Q 105 -73.31 53.90 -15.53
C PHE Q 105 -73.18 52.52 -16.13
N SER Q 106 -74.19 51.68 -15.93
CA SER Q 106 -74.20 50.35 -16.52
C SER Q 106 -74.42 50.40 -18.03
N LYS Q 107 -74.97 51.48 -18.55
CA LYS Q 107 -75.17 51.63 -19.98
C LYS Q 107 -73.94 52.15 -20.70
N VAL Q 108 -72.90 52.53 -19.97
CA VAL Q 108 -71.69 53.09 -20.58
C VAL Q 108 -70.51 52.13 -20.48
N ASN Q 109 -70.64 51.04 -19.72
CA ASN Q 109 -69.56 50.07 -19.57
C ASN Q 109 -69.29 49.34 -20.87
N GLY Q 110 -68.03 49.36 -21.29
CA GLY Q 110 -67.61 48.69 -22.50
C GLY Q 110 -67.81 49.45 -23.78
N LYS Q 111 -68.32 50.68 -23.72
CA LYS Q 111 -68.68 51.43 -24.92
C LYS Q 111 -67.51 52.12 -25.57
N PHE Q 112 -66.29 51.92 -25.08
CA PHE Q 112 -65.09 52.43 -25.73
C PHE Q 112 -64.13 51.29 -26.04
N SER Q 113 -64.61 50.06 -25.95
CA SER Q 113 -63.81 48.90 -26.29
C SER Q 113 -63.65 48.82 -27.79
N THR Q 114 -62.56 48.19 -28.22
CA THR Q 114 -62.35 48.03 -29.66
C THR Q 114 -63.33 47.04 -30.25
N GLU Q 115 -63.81 46.10 -29.44
CA GLU Q 115 -64.76 45.10 -29.91
C GLU Q 115 -66.16 45.69 -30.06
N PHE Q 116 -66.50 46.70 -29.26
CA PHE Q 116 -67.77 47.39 -29.43
C PHE Q 116 -67.72 48.37 -30.57
N GLN Q 117 -66.68 49.20 -30.62
CA GLN Q 117 -66.59 50.25 -31.62
C GLN Q 117 -66.36 49.70 -33.01
N ARG Q 118 -65.87 48.48 -33.13
CA ARG Q 118 -65.85 47.83 -34.42
C ARG Q 118 -67.22 47.29 -34.77
N MET Q 119 -68.02 46.91 -33.79
CA MET Q 119 -69.34 46.36 -34.11
C MET Q 119 -70.34 47.45 -34.45
N LYS Q 120 -70.25 48.59 -33.76
CA LYS Q 120 -71.18 49.69 -33.99
C LYS Q 120 -70.99 50.32 -35.36
N THR Q 121 -69.73 50.42 -35.81
CA THR Q 121 -69.47 51.01 -37.11
C THR Q 121 -69.77 50.09 -38.27
N LEU Q 122 -70.20 48.86 -38.02
CA LEU Q 122 -70.65 47.95 -39.06
C LEU Q 122 -72.16 47.84 -39.14
N GLN Q 123 -72.86 48.17 -38.07
CA GLN Q 123 -74.32 48.18 -38.11
C GLN Q 123 -74.87 49.52 -38.57
N VAL Q 124 -74.07 50.58 -38.59
CA VAL Q 124 -74.53 51.89 -39.00
C VAL Q 124 -74.09 52.19 -40.42
N LYS Q 125 -72.84 51.86 -40.75
CA LYS Q 125 -72.31 52.06 -42.09
C LYS Q 125 -73.01 51.18 -43.10
N ASP Q 126 -73.38 49.96 -42.71
CA ASP Q 126 -73.90 48.96 -43.63
C ASP Q 126 -75.35 48.63 -43.38
N GLN Q 127 -75.99 49.27 -42.40
CA GLN Q 127 -77.38 49.04 -41.99
C GLN Q 127 -77.63 47.57 -41.68
N ALA Q 128 -76.80 47.02 -40.81
CA ALA Q 128 -76.68 45.58 -40.67
C ALA Q 128 -77.14 45.10 -39.31
N ILE Q 129 -77.31 43.78 -39.21
CA ILE Q 129 -77.53 43.08 -37.97
C ILE Q 129 -76.36 42.14 -37.77
N THR Q 130 -76.14 41.73 -36.52
CA THR Q 130 -74.95 40.97 -36.15
C THR Q 130 -75.36 39.61 -35.62
N THR Q 131 -74.71 38.56 -36.09
CA THR Q 131 -74.86 37.22 -35.55
C THR Q 131 -73.55 36.77 -34.93
N ARG Q 132 -73.64 35.86 -33.95
CA ARG Q 132 -72.44 35.35 -33.30
C ARG Q 132 -72.59 33.88 -32.96
N VAL Q 133 -71.64 33.06 -33.41
CA VAL Q 133 -71.56 31.66 -33.05
C VAL Q 133 -70.24 31.43 -32.32
N GLN Q 134 -70.25 30.64 -31.26
CA GLN Q 134 -69.01 30.43 -30.53
C GLN Q 134 -68.93 29.05 -29.91
N VAL Q 135 -67.70 28.55 -29.82
CA VAL Q 135 -67.36 27.32 -29.11
C VAL Q 135 -66.52 27.73 -27.92
N ARG Q 136 -67.08 27.66 -26.72
CA ARG Q 136 -66.41 28.12 -25.52
C ARG Q 136 -65.95 26.93 -24.68
N ASN Q 137 -64.78 27.05 -24.10
CA ASN Q 137 -64.14 25.94 -23.39
C ASN Q 137 -63.60 26.49 -22.07
N LEU Q 138 -64.45 26.49 -21.05
CA LEU Q 138 -64.09 26.96 -19.72
C LEU Q 138 -63.40 25.85 -18.93
N VAL Q 139 -62.21 26.13 -18.42
CA VAL Q 139 -61.39 25.14 -17.74
C VAL Q 139 -61.34 25.40 -16.23
N TYR Q 140 -61.00 26.62 -15.82
CA TYR Q 140 -60.91 26.95 -14.41
C TYR Q 140 -61.69 28.21 -14.10
N THR Q 141 -62.14 28.31 -12.86
CA THR Q 141 -62.53 29.57 -12.25
C THR Q 141 -61.49 29.89 -11.19
N VAL Q 142 -60.89 31.06 -11.28
CA VAL Q 142 -59.74 31.43 -10.49
C VAL Q 142 -60.15 32.65 -9.67
N LYS Q 143 -60.17 32.50 -8.34
CA LYS Q 143 -60.67 33.54 -7.45
C LYS Q 143 -59.62 33.97 -6.44
N ILE Q 144 -59.93 35.04 -5.70
CA ILE Q 144 -59.07 35.57 -4.65
C ILE Q 144 -59.64 35.22 -3.29
N ASN Q 145 -58.77 34.80 -2.38
CA ASN Q 145 -59.12 34.61 -0.98
C ASN Q 145 -59.45 35.98 -0.39
N PRO Q 146 -60.53 36.12 0.37
CA PRO Q 146 -60.90 37.44 0.92
C PRO Q 146 -59.94 38.03 1.95
N THR Q 147 -58.89 37.32 2.37
CA THR Q 147 -57.94 37.82 3.33
C THR Q 147 -56.62 38.21 2.68
N LEU Q 148 -56.69 38.80 1.50
CA LEU Q 148 -55.54 39.20 0.72
C LEU Q 148 -55.21 40.66 0.99
N GLU Q 149 -53.94 41.03 0.82
CA GLU Q 149 -53.45 42.38 1.03
C GLU Q 149 -53.06 43.03 -0.31
N LEU Q 150 -52.89 44.34 -0.25
CA LEU Q 150 -52.64 45.16 -1.42
C LEU Q 150 -51.22 45.01 -1.93
N SER Q 151 -51.02 45.47 -3.16
CA SER Q 151 -49.71 45.40 -3.78
C SER Q 151 -48.80 46.47 -3.20
N SER Q 152 -47.51 46.35 -3.51
CA SER Q 152 -46.53 47.29 -2.97
C SER Q 152 -46.60 48.63 -3.68
N GLY Q 153 -46.89 48.62 -4.98
CA GLY Q 153 -46.99 49.86 -5.72
C GLY Q 153 -48.29 50.58 -5.51
N PHE Q 154 -49.38 49.82 -5.36
CA PHE Q 154 -50.69 50.44 -5.19
C PHE Q 154 -50.85 51.04 -3.80
N ARG Q 155 -50.22 50.43 -2.79
CA ARG Q 155 -50.26 50.99 -1.45
C ARG Q 155 -49.49 52.29 -1.35
N LYS Q 156 -48.38 52.39 -2.10
CA LYS Q 156 -47.56 53.60 -2.08
C LYS Q 156 -48.31 54.79 -2.67
N GLU Q 157 -49.12 54.56 -3.69
CA GLU Q 157 -49.82 55.67 -4.31
C GLU Q 157 -51.09 56.04 -3.56
N LEU Q 158 -51.61 55.16 -2.72
CA LEU Q 158 -52.67 55.55 -1.81
C LEU Q 158 -52.13 56.31 -0.61
N LEU Q 159 -50.90 56.01 -0.20
CA LEU Q 159 -50.27 56.76 0.89
C LEU Q 159 -49.84 58.15 0.45
N ASP Q 160 -49.61 58.36 -0.83
CA ASP Q 160 -49.31 59.69 -1.33
C ASP Q 160 -50.55 60.55 -1.42
N ILE Q 161 -51.71 59.96 -1.74
CA ILE Q 161 -52.97 60.67 -1.62
C ILE Q 161 -53.27 60.93 -0.16
N SER Q 162 -52.90 59.98 0.71
CA SER Q 162 -53.15 60.09 2.14
C SER Q 162 -52.39 61.25 2.77
N ASP Q 163 -51.18 61.54 2.27
CA ASP Q 163 -50.40 62.64 2.82
C ASP Q 163 -51.01 63.99 2.46
N ARG Q 164 -51.59 64.11 1.27
CA ARG Q 164 -52.17 65.36 0.84
C ARG Q 164 -53.47 65.66 1.57
N LEU Q 165 -54.22 64.64 1.99
CA LEU Q 165 -55.41 64.89 2.78
C LEU Q 165 -55.10 65.31 4.20
N GLU Q 166 -53.92 64.95 4.72
CA GLU Q 166 -53.50 65.39 6.04
C GLU Q 166 -53.20 66.88 6.05
N ASN Q 167 -52.48 67.34 5.04
CA ASN Q 167 -51.98 68.71 4.95
C ASN Q 167 -53.02 69.70 4.45
N ASN Q 168 -54.28 69.29 4.31
CA ASN Q 168 -55.36 70.08 3.74
C ASN Q 168 -54.98 70.58 2.35
N GLN Q 169 -54.61 69.66 1.48
CA GLN Q 169 -54.24 69.98 0.11
C GLN Q 169 -55.19 69.21 -0.79
N THR Q 170 -56.36 69.79 -1.02
CA THR Q 170 -57.46 69.07 -1.65
C THR Q 170 -57.30 69.02 -3.16
N ARG Q 171 -56.82 70.11 -3.76
CA ARG Q 171 -56.64 70.14 -5.21
C ARG Q 171 -55.51 69.24 -5.66
N MET Q 172 -54.50 69.05 -4.82
CA MET Q 172 -53.40 68.19 -5.19
C MET Q 172 -53.70 66.73 -4.91
N ALA Q 173 -54.60 66.46 -3.97
CA ALA Q 173 -55.06 65.09 -3.74
C ALA Q 173 -56.04 64.64 -4.81
N THR Q 174 -56.87 65.57 -5.29
CA THR Q 174 -57.79 65.27 -6.39
C THR Q 174 -57.03 64.96 -7.67
N TYR Q 175 -55.92 65.64 -7.89
CA TYR Q 175 -55.07 65.35 -9.03
C TYR Q 175 -54.46 63.96 -8.94
N LEU Q 176 -53.93 63.60 -7.78
CA LEU Q 176 -53.32 62.29 -7.63
C LEU Q 176 -54.33 61.16 -7.59
N ALA Q 177 -55.58 61.44 -7.20
CA ALA Q 177 -56.61 60.42 -7.24
C ALA Q 177 -56.98 60.06 -8.65
N GLU Q 178 -56.90 61.01 -9.57
CA GLU Q 178 -57.19 60.76 -10.98
C GLU Q 178 -56.05 60.08 -11.71
N LEU Q 179 -54.82 60.23 -11.24
CA LEU Q 179 -53.74 59.42 -11.78
C LEU Q 179 -53.76 58.00 -11.27
N LEU Q 180 -54.48 57.74 -10.18
CA LEU Q 180 -54.67 56.38 -9.74
C LEU Q 180 -55.60 55.63 -10.68
N VAL Q 181 -56.56 56.35 -11.28
CA VAL Q 181 -57.52 55.75 -12.20
C VAL Q 181 -56.90 55.58 -13.59
N LEU Q 182 -55.97 56.45 -13.98
CA LEU Q 182 -55.20 56.23 -15.19
C LEU Q 182 -54.38 54.95 -15.10
N ASN Q 183 -53.80 54.68 -13.95
CA ASN Q 183 -52.84 53.59 -13.83
C ASN Q 183 -53.48 52.29 -13.38
N TYR Q 184 -54.62 52.34 -12.68
CA TYR Q 184 -55.21 51.15 -12.11
C TYR Q 184 -56.67 50.94 -12.47
N GLY Q 185 -57.25 51.78 -13.29
CA GLY Q 185 -58.59 51.53 -13.77
C GLY Q 185 -59.68 51.91 -12.79
N THR Q 186 -60.87 51.39 -13.04
CA THR Q 186 -62.03 51.68 -12.22
C THR Q 186 -62.51 50.49 -11.41
N HIS Q 187 -61.97 49.30 -11.65
CA HIS Q 187 -62.42 48.06 -11.04
C HIS Q 187 -61.23 47.18 -10.73
N VAL Q 188 -61.46 46.20 -9.87
CA VAL Q 188 -60.48 45.17 -9.56
C VAL Q 188 -61.12 43.82 -9.89
N THR Q 189 -60.46 43.02 -10.69
CA THR Q 189 -61.00 41.71 -11.05
C THR Q 189 -60.86 40.79 -9.85
N THR Q 190 -61.98 40.23 -9.40
CA THR Q 190 -61.95 39.30 -8.28
C THR Q 190 -62.08 37.85 -8.71
N SER Q 191 -62.62 37.59 -9.90
CA SER Q 191 -62.56 36.24 -10.43
C SER Q 191 -62.42 36.30 -11.94
N VAL Q 192 -61.64 35.39 -12.49
CA VAL Q 192 -61.48 35.22 -13.91
C VAL Q 192 -61.85 33.79 -14.28
N ASP Q 193 -62.28 33.61 -15.51
CA ASP Q 193 -62.57 32.29 -16.07
C ASP Q 193 -61.49 31.98 -17.09
N ALA Q 194 -60.67 30.98 -16.81
CA ALA Q 194 -59.57 30.62 -17.69
C ALA Q 194 -60.04 29.60 -18.72
N GLY Q 195 -59.84 29.91 -19.99
CA GLY Q 195 -60.20 28.99 -21.03
C GLY Q 195 -59.95 29.56 -22.40
N ALA Q 196 -60.61 28.99 -23.39
CA ALA Q 196 -60.45 29.40 -24.77
C ALA Q 196 -61.81 29.52 -25.43
N ALA Q 197 -61.87 30.24 -26.54
CA ALA Q 197 -63.11 30.40 -27.28
C ALA Q 197 -62.79 30.61 -28.74
N LEU Q 198 -63.67 30.12 -29.61
CA LEU Q 198 -63.55 30.31 -31.04
C LEU Q 198 -64.85 30.94 -31.50
N ILE Q 199 -64.79 32.15 -32.04
CA ILE Q 199 -65.98 32.97 -32.27
C ILE Q 199 -66.11 33.29 -33.76
N GLN Q 200 -67.31 33.15 -34.29
CA GLN Q 200 -67.73 33.63 -35.60
C GLN Q 200 -68.57 34.88 -35.42
N GLU Q 201 -68.37 35.88 -36.27
CA GLU Q 201 -69.18 37.09 -36.18
C GLU Q 201 -69.50 37.57 -37.59
N ASP Q 202 -70.70 37.26 -38.07
CA ASP Q 202 -71.17 37.72 -39.36
C ASP Q 202 -72.04 38.95 -39.21
N HIS Q 203 -72.06 39.77 -40.25
CA HIS Q 203 -72.98 40.88 -40.34
C HIS Q 203 -73.86 40.68 -41.57
N LEU Q 204 -75.17 40.74 -41.36
CA LEU Q 204 -76.16 40.51 -42.39
C LEU Q 204 -76.96 41.78 -42.58
N ARG Q 205 -77.47 42.00 -43.78
CA ARG Q 205 -78.35 43.15 -44.01
C ARG Q 205 -79.63 42.99 -43.21
N ALA Q 206 -80.14 44.11 -42.68
CA ALA Q 206 -81.29 44.07 -41.80
C ALA Q 206 -82.57 43.74 -42.55
N SER Q 207 -82.57 43.87 -43.87
CA SER Q 207 -83.70 43.44 -44.69
C SER Q 207 -83.83 41.92 -44.75
N PHE Q 208 -82.74 41.21 -44.52
CA PHE Q 208 -82.75 39.76 -44.64
C PHE Q 208 -83.45 39.08 -43.46
N LEU Q 209 -83.54 39.75 -42.32
CA LEU Q 209 -84.17 39.18 -41.15
C LEU Q 209 -85.67 39.48 -41.08
N GLN Q 210 -86.14 40.47 -41.79
CA GLN Q 210 -87.51 40.97 -41.67
C GLN Q 210 -88.57 40.04 -42.27
N ASP Q 211 -88.31 38.78 -42.62
CA ASP Q 211 -89.32 37.97 -43.29
C ASP Q 211 -90.41 37.50 -42.32
N SER Q 212 -90.03 36.70 -41.32
CA SER Q 212 -90.99 36.21 -40.33
C SER Q 212 -90.21 35.74 -39.10
N GLN Q 213 -90.94 35.16 -38.15
CA GLN Q 213 -90.35 34.51 -36.99
C GLN Q 213 -90.01 33.05 -37.25
N SER Q 214 -90.39 32.52 -38.41
CA SER Q 214 -89.94 31.20 -38.85
C SER Q 214 -88.74 31.28 -39.76
N SER Q 215 -88.53 32.42 -40.42
CA SER Q 215 -87.28 32.63 -41.13
C SER Q 215 -86.13 32.84 -40.17
N ARG Q 216 -86.41 33.34 -38.96
CA ARG Q 216 -85.38 33.62 -37.98
C ARG Q 216 -84.68 32.35 -37.53
N SER Q 217 -85.42 31.28 -37.35
CA SER Q 217 -84.84 30.00 -36.94
C SER Q 217 -84.16 29.26 -38.07
N ALA Q 218 -84.18 29.80 -39.29
CA ALA Q 218 -83.41 29.26 -40.39
C ALA Q 218 -82.21 30.11 -40.77
N VAL Q 219 -82.30 31.43 -40.56
CA VAL Q 219 -81.13 32.30 -40.59
C VAL Q 219 -80.14 31.87 -39.51
N THR Q 220 -80.65 31.54 -38.34
CA THR Q 220 -79.83 31.28 -37.17
C THR Q 220 -79.12 29.94 -37.28
N ALA Q 221 -79.79 28.92 -37.81
CA ALA Q 221 -79.14 27.62 -37.97
C ALA Q 221 -78.31 27.53 -39.24
N SER Q 222 -78.37 28.54 -40.09
CA SER Q 222 -77.48 28.60 -41.25
C SER Q 222 -76.11 29.12 -40.86
N ALA Q 223 -76.08 30.09 -39.96
CA ALA Q 223 -74.83 30.66 -39.47
C ALA Q 223 -74.04 29.65 -38.65
N GLY Q 224 -74.72 28.77 -37.92
CA GLY Q 224 -74.02 27.73 -37.21
C GLY Q 224 -73.54 26.62 -38.11
N LEU Q 225 -74.15 26.47 -39.28
CA LEU Q 225 -73.70 25.48 -40.24
C LEU Q 225 -72.49 25.98 -41.01
N ALA Q 226 -72.48 27.25 -41.37
CA ALA Q 226 -71.33 27.86 -42.02
C ALA Q 226 -70.11 27.88 -41.12
N PHE Q 227 -70.31 28.00 -39.81
CA PHE Q 227 -69.20 28.02 -38.87
C PHE Q 227 -68.55 26.66 -38.74
N GLN Q 228 -69.34 25.60 -38.80
CA GLN Q 228 -68.77 24.27 -38.75
C GLN Q 228 -68.12 23.87 -40.05
N ASN Q 229 -68.58 24.42 -41.17
CA ASN Q 229 -67.88 24.20 -42.43
C ASN Q 229 -66.53 24.89 -42.45
N THR Q 230 -66.47 26.11 -41.91
CA THR Q 230 -65.26 26.90 -41.93
C THR Q 230 -64.16 26.27 -41.08
N VAL Q 231 -64.52 25.65 -39.96
CA VAL Q 231 -63.49 24.99 -39.17
C VAL Q 231 -63.06 23.68 -39.85
N ASN Q 232 -63.97 22.95 -40.47
CA ASN Q 232 -63.59 21.63 -40.96
C ASN Q 232 -63.00 21.62 -42.36
N PHE Q 233 -63.41 22.50 -43.27
CA PHE Q 233 -63.20 22.26 -44.70
C PHE Q 233 -62.26 23.23 -45.41
N LYS Q 234 -61.11 23.53 -44.81
CA LYS Q 234 -59.85 23.78 -45.52
C LYS Q 234 -59.88 24.94 -46.52
N PHE Q 235 -60.86 25.84 -46.40
CA PHE Q 235 -61.18 26.98 -47.29
C PHE Q 235 -61.77 26.53 -48.63
N GLU Q 236 -61.76 25.22 -48.89
CA GLU Q 236 -62.24 24.72 -50.16
C GLU Q 236 -63.76 24.71 -50.18
N GLU Q 237 -64.32 24.49 -51.36
CA GLU Q 237 -65.77 24.32 -51.48
C GLU Q 237 -66.16 22.86 -51.42
N ASN Q 238 -65.65 22.20 -50.38
CA ASN Q 238 -66.13 20.89 -49.95
C ASN Q 238 -67.23 21.02 -48.91
N TYR Q 239 -67.93 22.15 -48.89
CA TYR Q 239 -68.91 22.43 -47.88
C TYR Q 239 -70.15 21.57 -48.07
N THR Q 240 -70.80 21.26 -46.95
CA THR Q 240 -72.09 20.56 -46.98
C THR Q 240 -73.23 21.58 -46.95
N SER Q 241 -73.28 22.39 -48.00
CA SER Q 241 -74.29 23.44 -48.14
C SER Q 241 -75.66 22.79 -48.36
N GLN Q 242 -76.51 22.86 -47.34
CA GLN Q 242 -77.71 22.04 -47.29
C GLN Q 242 -78.88 22.58 -48.11
N ASN Q 243 -78.92 23.88 -48.37
CA ASN Q 243 -80.11 24.48 -48.96
C ASN Q 243 -79.70 25.54 -49.98
N VAL Q 244 -80.72 26.20 -50.51
CA VAL Q 244 -80.53 27.47 -51.20
C VAL Q 244 -80.47 28.60 -50.17
N LEU Q 245 -81.02 28.35 -48.97
CA LEU Q 245 -80.96 29.33 -47.89
C LEU Q 245 -79.54 29.55 -47.39
N THR Q 246 -78.67 28.55 -47.54
CA THR Q 246 -77.24 28.77 -47.31
C THR Q 246 -76.67 29.69 -48.37
N LYS Q 247 -77.09 29.51 -49.63
CA LYS Q 247 -76.59 30.36 -50.71
C LYS Q 247 -77.16 31.76 -50.61
N SER Q 248 -78.43 31.89 -50.20
CA SER Q 248 -78.98 33.22 -50.00
C SER Q 248 -78.42 33.89 -48.76
N TYR Q 249 -77.91 33.11 -47.79
CA TYR Q 249 -77.26 33.68 -46.62
C TYR Q 249 -75.98 34.40 -46.99
N LEU Q 250 -75.24 33.86 -47.96
CA LEU Q 250 -73.95 34.42 -48.32
C LEU Q 250 -74.08 35.75 -49.05
N SER Q 251 -75.17 35.93 -49.79
CA SER Q 251 -75.30 37.12 -50.60
C SER Q 251 -75.78 38.32 -49.81
N ASN Q 252 -76.41 38.12 -48.67
CA ASN Q 252 -76.77 39.19 -47.77
C ASN Q 252 -75.72 39.45 -46.70
N ARG Q 253 -74.73 38.57 -46.60
CA ARG Q 253 -73.67 38.71 -45.62
C ARG Q 253 -72.80 39.92 -45.93
N THR Q 254 -72.56 40.75 -44.92
CA THR Q 254 -71.74 41.93 -45.11
C THR Q 254 -70.28 41.74 -44.71
N ASN Q 255 -69.96 41.23 -43.51
CA ASN Q 255 -68.56 41.27 -43.10
C ASN Q 255 -67.89 39.93 -42.83
N SER Q 256 -68.38 39.09 -41.91
CA SER Q 256 -67.82 37.78 -41.56
C SER Q 256 -66.38 37.71 -41.03
N ARG Q 257 -66.14 38.12 -39.78
CA ARG Q 257 -64.88 37.86 -39.10
C ARG Q 257 -64.90 36.53 -38.35
N VAL Q 258 -63.75 35.87 -38.27
CA VAL Q 258 -63.56 34.70 -37.43
C VAL Q 258 -62.46 35.00 -36.41
N GLN Q 259 -62.77 34.83 -35.13
CA GLN Q 259 -61.86 35.23 -34.07
C GLN Q 259 -61.57 34.06 -33.14
N SER Q 260 -60.30 33.83 -32.86
CA SER Q 260 -59.87 32.86 -31.87
C SER Q 260 -59.34 33.59 -30.66
N ILE Q 261 -59.78 33.21 -29.48
CA ILE Q 261 -59.33 33.82 -28.24
C ILE Q 261 -58.78 32.70 -27.37
N GLY Q 262 -57.45 32.63 -27.26
CA GLY Q 262 -56.81 31.56 -26.55
C GLY Q 262 -56.62 30.34 -27.42
N GLY Q 263 -55.85 29.40 -26.92
CA GLY Q 263 -55.56 28.22 -27.70
C GLY Q 263 -54.54 28.49 -28.77
N VAL Q 264 -54.54 27.63 -29.78
CA VAL Q 264 -53.66 27.76 -30.93
C VAL Q 264 -54.32 28.72 -31.93
N PRO Q 265 -53.57 29.37 -32.82
CA PRO Q 265 -54.20 30.28 -33.78
C PRO Q 265 -55.08 29.54 -34.78
N PHE Q 266 -56.21 30.15 -35.11
CA PHE Q 266 -57.14 29.56 -36.03
C PHE Q 266 -56.68 29.74 -37.47
N TYR Q 267 -56.90 28.71 -38.28
CA TYR Q 267 -56.82 28.76 -39.72
C TYR Q 267 -57.96 27.92 -40.26
N PRO Q 268 -58.54 28.30 -41.39
CA PRO Q 268 -59.68 27.53 -41.91
C PRO Q 268 -59.27 26.15 -42.37
N GLY Q 269 -59.67 25.14 -41.61
CA GLY Q 269 -59.21 23.80 -41.89
C GLY Q 269 -58.72 23.05 -40.67
N ILE Q 270 -58.44 23.76 -39.57
CA ILE Q 270 -58.12 23.08 -38.33
C ILE Q 270 -59.40 22.47 -37.78
N THR Q 271 -59.39 21.17 -37.55
CA THR Q 271 -60.62 20.53 -37.12
C THR Q 271 -60.93 20.92 -35.69
N LEU Q 272 -62.18 20.69 -35.28
CA LEU Q 272 -62.59 21.07 -33.94
C LEU Q 272 -61.92 20.19 -32.90
N GLN Q 273 -61.58 18.96 -33.28
CA GLN Q 273 -60.73 18.11 -32.46
C GLN Q 273 -59.35 18.73 -32.25
N ALA Q 274 -58.74 19.24 -33.32
CA ALA Q 274 -57.36 19.68 -33.23
C ALA Q 274 -57.23 21.05 -32.59
N TRP Q 275 -58.27 21.89 -32.68
CA TRP Q 275 -58.26 23.16 -31.96
C TRP Q 275 -58.33 22.93 -30.46
N GLN Q 276 -59.06 21.90 -30.04
CA GLN Q 276 -59.22 21.59 -28.63
C GLN Q 276 -58.03 20.87 -28.02
N GLN Q 277 -57.08 20.44 -28.81
CA GLN Q 277 -55.85 19.89 -28.26
C GLN Q 277 -54.84 20.96 -27.93
N GLY Q 278 -54.95 22.14 -28.52
CA GLY Q 278 -54.05 23.22 -28.26
C GLY Q 278 -54.49 24.17 -27.19
N ILE Q 279 -55.59 23.88 -26.51
CA ILE Q 279 -56.08 24.72 -25.43
C ILE Q 279 -55.18 24.59 -24.21
N THR Q 280 -54.58 23.42 -24.03
CA THR Q 280 -53.66 23.17 -22.93
C THR Q 280 -52.43 24.07 -23.03
N ASN Q 281 -52.17 24.80 -21.95
CA ASN Q 281 -51.11 25.78 -21.74
C ASN Q 281 -51.28 27.06 -22.54
N HIS Q 282 -52.41 27.24 -23.21
CA HIS Q 282 -52.73 28.51 -23.85
C HIS Q 282 -54.12 28.90 -23.35
N LEU Q 283 -54.19 29.45 -22.15
CA LEU Q 283 -55.47 29.81 -21.55
C LEU Q 283 -55.50 31.31 -21.33
N VAL Q 284 -56.65 31.92 -21.61
CA VAL Q 284 -56.83 33.34 -21.42
C VAL Q 284 -58.09 33.54 -20.59
N ALA Q 285 -58.33 34.78 -20.22
CA ALA Q 285 -59.55 35.12 -19.50
C ALA Q 285 -60.68 35.29 -20.50
N ILE Q 286 -61.63 34.37 -20.50
CA ILE Q 286 -62.81 34.50 -21.33
C ILE Q 286 -63.99 35.09 -20.59
N ASP Q 287 -63.88 35.31 -19.28
CA ASP Q 287 -64.88 36.03 -18.51
C ASP Q 287 -64.21 36.57 -17.26
N ARG Q 288 -64.80 37.64 -16.71
CA ARG Q 288 -64.28 38.31 -15.52
C ARG Q 288 -65.42 38.78 -14.66
N SER Q 289 -65.20 38.81 -13.36
CA SER Q 289 -66.06 39.49 -12.42
C SER Q 289 -65.23 40.44 -11.59
N GLY Q 290 -65.88 41.42 -10.96
CA GLY Q 290 -65.11 42.37 -10.21
C GLY Q 290 -65.92 43.21 -9.25
N LEU Q 291 -65.23 44.15 -8.62
CA LEU Q 291 -65.77 45.12 -7.69
C LEU Q 291 -65.12 46.45 -7.99
N PRO Q 292 -65.76 47.56 -7.65
CA PRO Q 292 -65.13 48.87 -7.88
C PRO Q 292 -63.88 49.08 -7.04
N LEU Q 293 -63.09 50.07 -7.47
CA LEU Q 293 -61.73 50.24 -6.94
C LEU Q 293 -61.75 50.78 -5.51
N HIS Q 294 -62.77 51.54 -5.14
CA HIS Q 294 -62.86 52.09 -3.80
C HIS Q 294 -63.43 51.11 -2.80
N PHE Q 295 -63.88 49.94 -3.25
CA PHE Q 295 -64.29 48.89 -2.32
C PHE Q 295 -63.11 48.40 -1.49
N PHE Q 296 -61.92 48.38 -2.08
CA PHE Q 296 -60.74 47.85 -1.44
C PHE Q 296 -59.94 48.92 -0.73
N ILE Q 297 -60.50 50.10 -0.55
CA ILE Q 297 -59.89 51.12 0.27
C ILE Q 297 -60.73 51.21 1.54
N ASN Q 298 -60.34 50.44 2.54
CA ASN Q 298 -61.11 50.31 3.78
C ASN Q 298 -60.10 50.13 4.90
N PRO Q 299 -60.51 50.29 6.16
CA PRO Q 299 -59.55 50.14 7.27
C PRO Q 299 -58.91 48.77 7.42
N ASN Q 300 -59.47 47.74 6.78
CA ASN Q 300 -58.86 46.42 6.85
C ASN Q 300 -57.64 46.31 5.94
N MET Q 301 -57.73 46.84 4.71
CA MET Q 301 -56.61 46.76 3.79
C MET Q 301 -55.48 47.70 4.17
N LEU Q 302 -55.78 48.79 4.88
CA LEU Q 302 -54.80 49.79 5.28
C LEU Q 302 -54.79 49.83 6.81
N PRO Q 303 -54.04 48.93 7.46
CA PRO Q 303 -54.08 48.88 8.92
C PRO Q 303 -53.12 49.86 9.59
N ASP Q 304 -52.22 50.48 8.83
CA ASP Q 304 -51.25 51.41 9.38
C ASP Q 304 -51.67 52.87 9.19
N LEU Q 305 -52.96 53.12 8.98
CA LEU Q 305 -53.50 54.46 8.86
C LEU Q 305 -54.75 54.55 9.72
N PRO Q 306 -55.11 55.76 10.19
CA PRO Q 306 -56.31 55.89 11.01
C PRO Q 306 -57.58 55.66 10.22
N GLY Q 307 -58.65 55.40 10.97
CA GLY Q 307 -59.95 55.06 10.46
C GLY Q 307 -60.60 56.10 9.55
N PRO Q 308 -60.83 57.33 10.04
CA PRO Q 308 -61.45 58.34 9.18
C PRO Q 308 -60.58 58.85 8.07
N LEU Q 309 -59.29 58.55 8.09
CA LEU Q 309 -58.39 59.03 7.05
C LEU Q 309 -58.34 58.11 5.84
N VAL Q 310 -58.64 56.82 6.01
CA VAL Q 310 -58.78 55.94 4.84
C VAL Q 310 -60.16 56.05 4.23
N LYS Q 311 -61.09 56.73 4.89
CA LYS Q 311 -62.37 57.06 4.29
C LYS Q 311 -62.33 58.36 3.52
N LYS Q 312 -61.31 59.19 3.72
CA LYS Q 312 -61.10 60.33 2.86
C LYS Q 312 -60.44 59.91 1.56
N VAL Q 313 -59.54 58.92 1.64
CA VAL Q 313 -58.90 58.38 0.45
C VAL Q 313 -59.91 57.61 -0.39
N SER Q 314 -60.81 56.87 0.27
CA SER Q 314 -61.81 56.09 -0.43
C SER Q 314 -62.85 56.98 -1.09
N LYS Q 315 -63.12 58.14 -0.51
CA LYS Q 315 -64.11 59.04 -1.10
C LYS Q 315 -63.51 59.88 -2.22
N THR Q 316 -62.22 60.21 -2.13
CA THR Q 316 -61.63 60.99 -3.21
C THR Q 316 -61.27 60.15 -4.43
N VAL Q 317 -61.28 58.83 -4.31
CA VAL Q 317 -61.10 57.95 -5.46
C VAL Q 317 -62.45 57.56 -6.06
N GLU Q 318 -63.48 57.42 -5.22
CA GLU Q 318 -64.84 57.20 -5.71
C GLU Q 318 -65.33 58.39 -6.53
N THR Q 319 -64.91 59.60 -6.19
CA THR Q 319 -65.28 60.77 -6.96
C THR Q 319 -64.52 60.83 -8.27
N ALA Q 320 -63.27 60.37 -8.29
CA ALA Q 320 -62.46 60.41 -9.50
C ALA Q 320 -62.92 59.38 -10.51
N VAL Q 321 -63.39 58.21 -10.04
CA VAL Q 321 -63.93 57.20 -10.94
C VAL Q 321 -65.26 57.66 -11.52
N LYS Q 322 -66.10 58.29 -10.69
CA LYS Q 322 -67.40 58.77 -11.15
C LYS Q 322 -67.26 59.93 -12.12
N ARG Q 323 -66.20 60.73 -11.96
CA ARG Q 323 -65.94 61.82 -12.89
C ARG Q 323 -65.49 61.29 -14.24
N TYR Q 324 -64.87 60.11 -14.25
CA TYR Q 324 -64.37 59.53 -15.49
C TYR Q 324 -65.49 58.97 -16.34
N TYR Q 325 -66.56 58.45 -15.71
CA TYR Q 325 -67.71 57.99 -16.47
C TYR Q 325 -68.54 59.14 -17.00
N THR Q 326 -68.57 60.27 -16.29
CA THR Q 326 -69.41 61.39 -16.69
C THR Q 326 -68.84 62.10 -17.91
N PHE Q 327 -67.52 62.20 -17.99
CA PHE Q 327 -66.90 62.90 -19.11
C PHE Q 327 -66.86 62.06 -20.38
N ASN Q 328 -67.24 60.79 -20.31
CA ASN Q 328 -67.28 59.90 -21.45
C ASN Q 328 -68.70 59.43 -21.73
N THR Q 329 -69.68 60.24 -21.36
CA THR Q 329 -71.08 59.96 -21.61
C THR Q 329 -71.60 60.95 -22.64
N TYR Q 330 -72.16 60.42 -23.73
CA TYR Q 330 -72.66 61.22 -24.85
C TYR Q 330 -74.12 60.90 -25.06
N PRO Q 331 -75.04 61.64 -24.46
CA PRO Q 331 -76.46 61.44 -24.76
C PRO Q 331 -76.81 61.97 -26.14
N GLY Q 332 -77.74 61.30 -26.79
CA GLY Q 332 -78.15 61.71 -28.11
C GLY Q 332 -79.13 60.73 -28.70
N CYS Q 333 -79.54 61.01 -29.93
CA CYS Q 333 -80.44 60.13 -30.65
C CYS Q 333 -79.67 58.92 -31.16
N THR Q 334 -80.10 57.73 -30.76
CA THR Q 334 -79.39 56.51 -31.09
C THR Q 334 -80.10 55.68 -32.15
N ASP Q 335 -81.28 56.08 -32.59
CA ASP Q 335 -82.01 55.33 -33.61
C ASP Q 335 -81.48 55.73 -34.98
N LEU Q 336 -80.95 54.75 -35.73
CA LEU Q 336 -80.29 55.05 -37.00
C LEU Q 336 -81.28 55.41 -38.10
N ASN Q 337 -82.55 55.11 -37.93
CA ASN Q 337 -83.55 55.44 -38.94
C ASN Q 337 -84.13 56.83 -38.75
N SER Q 338 -83.93 57.46 -37.59
CA SER Q 338 -84.41 58.81 -37.38
C SER Q 338 -83.56 59.79 -38.17
N PRO Q 339 -84.14 60.89 -38.65
CA PRO Q 339 -83.36 61.84 -39.46
C PRO Q 339 -82.31 62.59 -38.66
N ASN Q 340 -82.57 62.85 -37.38
CA ASN Q 340 -81.59 63.49 -36.50
C ASN Q 340 -80.77 62.46 -35.72
N PHE Q 341 -80.19 61.50 -36.42
CA PHE Q 341 -79.40 60.45 -35.78
C PHE Q 341 -78.06 61.00 -35.31
N ASN Q 342 -77.77 60.79 -34.04
CA ASN Q 342 -76.49 61.19 -33.46
C ASN Q 342 -75.58 59.97 -33.47
N PHE Q 343 -74.76 59.88 -34.50
CA PHE Q 343 -73.56 59.09 -34.42
C PHE Q 343 -72.63 59.78 -33.44
N GLN Q 344 -71.73 59.00 -32.83
CA GLN Q 344 -70.94 59.40 -31.65
C GLN Q 344 -71.86 59.74 -30.47
N ALA Q 345 -72.72 58.81 -30.10
CA ALA Q 345 -73.58 58.94 -28.93
C ALA Q 345 -73.70 57.58 -28.25
N ASN Q 346 -73.58 57.57 -26.94
CA ASN Q 346 -73.59 56.34 -26.15
C ASN Q 346 -74.96 56.03 -25.57
N THR Q 347 -75.61 57.03 -24.98
CA THR Q 347 -76.81 56.85 -24.18
C THR Q 347 -78.01 57.34 -24.97
N ASP Q 348 -79.09 56.57 -24.91
CA ASP Q 348 -80.33 56.93 -25.59
C ASP Q 348 -80.94 58.14 -24.89
N ASP Q 349 -81.08 59.24 -25.63
CA ASP Q 349 -81.55 60.49 -25.04
C ASP Q 349 -83.06 60.49 -24.84
N GLY Q 350 -83.79 59.64 -25.56
CA GLY Q 350 -85.23 59.65 -25.48
C GLY Q 350 -85.88 60.78 -26.26
N SER Q 351 -85.12 61.50 -27.07
CA SER Q 351 -85.64 62.58 -27.91
C SER Q 351 -85.19 62.27 -29.33
N CYS Q 352 -85.97 61.45 -30.02
CA CYS Q 352 -85.65 61.03 -31.37
C CYS Q 352 -86.49 61.74 -32.42
N GLU Q 353 -87.49 62.51 -32.00
CA GLU Q 353 -88.32 63.28 -32.92
C GLU Q 353 -88.37 64.72 -32.42
N GLY Q 354 -87.68 65.61 -33.13
CA GLY Q 354 -87.66 67.02 -32.79
C GLY Q 354 -88.69 67.82 -33.58
N LYS Q 355 -88.72 69.12 -33.31
CA LYS Q 355 -89.68 70.01 -33.94
C LYS Q 355 -89.06 71.02 -34.88
N MET Q 356 -87.72 71.13 -34.89
CA MET Q 356 -86.95 72.07 -35.73
C MET Q 356 -87.40 73.52 -35.45
N THR Q 357 -87.07 73.96 -34.25
CA THR Q 357 -87.34 75.33 -33.84
C THR Q 357 -86.04 76.14 -33.94
N ASN Q 358 -86.04 77.15 -34.79
CA ASN Q 358 -84.90 78.05 -34.89
C ASN Q 358 -84.94 79.06 -33.74
N PHE Q 359 -83.79 79.28 -33.13
CA PHE Q 359 -83.71 80.14 -31.95
C PHE Q 359 -82.82 81.34 -32.23
N SER Q 360 -82.82 82.26 -31.27
CA SER Q 360 -82.12 83.53 -31.37
C SER Q 360 -80.93 83.53 -30.43
N PHE Q 361 -79.73 83.76 -30.98
CA PHE Q 361 -78.51 83.81 -30.19
C PHE Q 361 -78.28 85.25 -29.75
N GLY Q 362 -78.54 85.54 -28.48
CA GLY Q 362 -78.45 86.88 -27.95
C GLY Q 362 -77.09 87.32 -27.48
N GLY Q 363 -76.04 86.53 -27.70
CA GLY Q 363 -74.70 86.94 -27.38
C GLY Q 363 -74.28 86.55 -25.97
N VAL Q 364 -72.98 86.70 -25.72
CA VAL Q 364 -72.36 86.34 -24.46
C VAL Q 364 -71.62 87.55 -23.90
N TYR Q 365 -71.50 87.60 -22.58
CA TYR Q 365 -70.68 88.59 -21.93
C TYR Q 365 -70.16 88.02 -20.62
N GLN Q 366 -69.01 88.51 -20.20
CA GLN Q 366 -68.29 87.96 -19.05
C GLN Q 366 -67.81 89.09 -18.16
N GLU Q 367 -68.14 89.02 -16.88
CA GLU Q 367 -67.65 89.98 -15.91
C GLU Q 367 -66.32 89.50 -15.33
N CYS Q 368 -65.61 90.42 -14.69
CA CYS Q 368 -64.40 90.07 -13.95
C CYS Q 368 -64.34 90.89 -12.68
N THR Q 369 -63.70 90.32 -11.66
CA THR Q 369 -63.57 90.97 -10.36
C THR Q 369 -62.23 90.58 -9.77
N GLN Q 370 -61.31 91.55 -9.73
CA GLN Q 370 -59.98 91.31 -9.20
C GLN Q 370 -60.04 91.08 -7.69
N LEU Q 371 -59.39 90.02 -7.23
CA LEU Q 371 -59.39 89.69 -5.80
C LEU Q 371 -58.05 90.00 -5.12
N SER Q 372 -56.94 89.78 -5.81
CA SER Q 372 -55.62 90.06 -5.25
C SER Q 372 -54.64 90.24 -6.40
N GLY Q 373 -53.57 90.98 -6.12
CA GLY Q 373 -52.54 91.22 -7.12
C GLY Q 373 -52.80 92.47 -7.94
N ASN Q 374 -53.17 93.55 -7.27
CA ASN Q 374 -53.49 94.79 -7.96
C ASN Q 374 -52.23 95.49 -8.46
N ARG Q 375 -52.39 96.23 -9.56
CA ARG Q 375 -51.37 97.06 -10.20
C ARG Q 375 -50.16 96.26 -10.69
N ASP Q 376 -50.32 94.95 -10.88
CA ASP Q 376 -49.22 94.10 -11.33
C ASP Q 376 -49.56 93.35 -12.61
N VAL Q 377 -50.74 92.73 -12.68
CA VAL Q 377 -51.12 91.90 -13.82
C VAL Q 377 -52.23 92.55 -14.64
N LEU Q 378 -53.20 93.18 -13.96
CA LEU Q 378 -54.47 93.63 -14.53
C LEU Q 378 -55.20 92.45 -15.20
N LEU Q 379 -55.58 91.50 -14.35
CA LEU Q 379 -56.32 90.32 -14.80
C LEU Q 379 -57.68 90.68 -15.36
N CYS Q 380 -58.30 91.74 -14.87
CA CYS Q 380 -59.66 92.12 -15.26
C CYS Q 380 -59.68 92.96 -16.54
N GLN Q 381 -58.67 92.81 -17.40
CA GLN Q 381 -58.62 93.49 -18.68
C GLN Q 381 -58.59 92.52 -19.85
N LYS Q 382 -57.76 91.48 -19.78
CA LYS Q 382 -57.74 90.45 -20.79
C LYS Q 382 -58.66 89.27 -20.45
N LEU Q 383 -59.58 89.46 -19.51
CA LEU Q 383 -60.52 88.42 -19.10
C LEU Q 383 -61.94 88.98 -19.08
N GLU Q 384 -62.17 90.09 -19.77
CA GLU Q 384 -63.43 90.81 -19.74
C GLU Q 384 -63.98 90.88 -21.15
N GLN Q 385 -65.28 90.59 -21.30
CA GLN Q 385 -65.91 90.62 -22.62
C GLN Q 385 -67.29 91.23 -22.48
N LYS Q 386 -67.61 92.16 -23.39
CA LYS Q 386 -68.92 92.80 -23.43
C LYS Q 386 -69.74 92.27 -24.59
N ASN Q 387 -71.05 92.41 -24.45
CA ASN Q 387 -71.99 91.94 -25.47
C ASN Q 387 -71.93 92.86 -26.68
N PRO Q 388 -71.70 92.35 -27.90
CA PRO Q 388 -71.68 93.25 -29.07
C PRO Q 388 -73.04 93.83 -29.42
N LEU Q 389 -74.13 93.23 -28.95
CA LEU Q 389 -75.46 93.76 -29.27
C LEU Q 389 -75.82 94.98 -28.43
N THR Q 390 -75.25 95.12 -27.24
CA THR Q 390 -75.51 96.28 -26.40
C THR Q 390 -74.28 97.12 -26.09
N GLY Q 391 -73.08 96.58 -26.25
CA GLY Q 391 -71.89 97.27 -25.79
C GLY Q 391 -71.81 97.38 -24.29
N ASP Q 392 -72.42 96.45 -23.57
CA ASP Q 392 -72.61 96.57 -22.14
C ASP Q 392 -72.69 95.17 -21.56
N PHE Q 393 -72.69 95.10 -20.22
CA PHE Q 393 -72.85 93.82 -19.51
C PHE Q 393 -74.33 93.55 -19.26
N SER Q 394 -75.07 93.47 -20.36
CA SER Q 394 -76.51 93.24 -20.30
C SER Q 394 -76.96 92.66 -21.64
N CYS Q 395 -78.10 91.99 -21.59
CA CYS Q 395 -78.74 91.49 -22.79
C CYS Q 395 -79.57 92.60 -23.42
N PRO Q 396 -79.94 92.46 -24.71
CA PRO Q 396 -80.84 93.45 -25.32
C PRO Q 396 -82.27 93.41 -24.77
N SER Q 397 -83.14 94.24 -25.38
CA SER Q 397 -84.49 94.42 -24.85
C SER Q 397 -85.33 93.17 -24.97
N GLY Q 398 -85.13 92.40 -26.03
CA GLY Q 398 -85.87 91.16 -26.19
C GLY Q 398 -85.24 89.95 -25.56
N TYR Q 399 -84.23 90.11 -24.72
CA TYR Q 399 -83.47 88.99 -24.20
C TYR Q 399 -83.38 89.07 -22.67
N SER Q 400 -82.74 88.06 -22.08
CA SER Q 400 -82.60 87.92 -20.63
C SER Q 400 -81.33 87.15 -20.33
N PRO Q 401 -80.60 87.50 -19.26
CA PRO Q 401 -79.33 86.82 -18.99
C PRO Q 401 -79.50 85.49 -18.26
N VAL Q 402 -78.64 84.54 -18.62
CA VAL Q 402 -78.55 83.24 -17.97
C VAL Q 402 -77.12 83.03 -17.52
N HIS Q 403 -76.93 82.75 -16.23
CA HIS Q 403 -75.61 82.59 -15.65
C HIS Q 403 -75.06 81.20 -15.93
N LEU Q 404 -73.94 81.12 -16.64
CA LEU Q 404 -73.35 79.82 -16.94
C LEU Q 404 -72.53 79.29 -15.77
N LEU Q 405 -71.45 79.98 -15.44
CA LEU Q 405 -70.47 79.43 -14.53
C LEU Q 405 -69.61 80.55 -13.95
N SER Q 406 -69.22 80.38 -12.69
CA SER Q 406 -68.47 81.38 -11.96
C SER Q 406 -67.33 80.68 -11.23
N GLN Q 407 -66.09 80.96 -11.62
CA GLN Q 407 -64.92 80.34 -11.01
C GLN Q 407 -63.83 81.38 -10.82
N ILE Q 408 -62.70 80.93 -10.27
CA ILE Q 408 -61.57 81.79 -9.94
C ILE Q 408 -60.44 81.47 -10.91
N HIS Q 409 -59.90 82.51 -11.53
CA HIS Q 409 -58.74 82.37 -12.39
C HIS Q 409 -57.49 82.82 -11.64
N GLU Q 410 -56.36 82.17 -11.95
CA GLU Q 410 -55.09 82.47 -11.30
C GLU Q 410 -54.01 82.66 -12.35
N GLU Q 411 -53.23 83.72 -12.20
CA GLU Q 411 -52.00 83.89 -12.95
C GLU Q 411 -50.88 84.29 -12.01
N GLY Q 412 -49.66 84.21 -12.52
CA GLY Q 412 -48.47 84.50 -11.74
C GLY Q 412 -47.73 85.71 -12.26
N TYR Q 413 -47.18 86.50 -11.34
CA TYR Q 413 -46.34 87.63 -11.68
C TYR Q 413 -45.05 87.55 -10.87
N ASN Q 414 -44.12 88.43 -11.21
CA ASN Q 414 -42.72 88.19 -10.90
C ASN Q 414 -42.04 89.49 -10.52
N HIS Q 415 -41.39 89.51 -9.36
CA HIS Q 415 -40.49 90.59 -8.97
C HIS Q 415 -39.06 90.11 -9.04
N LEU Q 416 -38.13 91.05 -9.22
CA LEU Q 416 -36.71 90.74 -9.26
C LEU Q 416 -35.95 91.88 -8.62
N GLU Q 417 -35.33 91.61 -7.47
CA GLU Q 417 -34.62 92.63 -6.72
C GLU Q 417 -33.17 92.20 -6.54
N CYS Q 418 -32.25 93.16 -6.71
CA CYS Q 418 -30.83 92.89 -6.62
C CYS Q 418 -30.16 94.05 -5.89
N HIS Q 419 -29.26 93.73 -4.96
CA HIS Q 419 -28.38 94.74 -4.41
C HIS Q 419 -27.01 94.14 -4.15
N ARG Q 420 -26.00 94.99 -4.21
CA ARG Q 420 -24.60 94.59 -4.16
C ARG Q 420 -23.92 95.31 -3.02
N LYS Q 421 -23.04 94.59 -2.31
CA LYS Q 421 -22.37 95.13 -1.14
C LYS Q 421 -20.93 94.64 -1.12
N CYS Q 422 -20.00 95.55 -0.84
CA CYS Q 422 -18.58 95.23 -0.79
C CYS Q 422 -18.05 95.50 0.61
N THR Q 423 -17.13 94.64 1.08
CA THR Q 423 -16.63 94.69 2.45
C THR Q 423 -15.11 94.63 2.42
N LEU Q 424 -14.46 95.70 2.92
CA LEU Q 424 -13.00 95.85 3.00
C LEU Q 424 -12.35 95.82 1.62
N LYS Q 425 -13.07 96.28 0.60
CA LYS Q 425 -12.68 96.46 -0.81
C LYS Q 425 -12.40 95.14 -1.53
N VAL Q 426 -12.50 94.00 -0.86
CA VAL Q 426 -12.43 92.66 -1.46
C VAL Q 426 -13.83 92.15 -1.15
N PHE Q 427 -14.13 90.90 -1.52
CA PHE Q 427 -15.29 90.15 -1.00
C PHE Q 427 -16.63 90.82 -1.37
N CYS Q 428 -16.86 90.94 -2.67
CA CYS Q 428 -18.08 91.57 -3.15
C CYS Q 428 -19.24 90.59 -3.06
N LYS Q 429 -20.32 91.00 -2.42
CA LYS Q 429 -21.50 90.17 -2.24
C LYS Q 429 -22.64 90.73 -3.09
N THR Q 430 -23.28 89.84 -3.85
CA THR Q 430 -24.42 90.20 -4.68
C THR Q 430 -25.51 89.17 -4.46
N VAL Q 431 -26.68 89.61 -4.01
CA VAL Q 431 -27.83 88.73 -3.83
C VAL Q 431 -28.92 89.15 -4.81
N CYS Q 432 -29.53 88.16 -5.47
CA CYS Q 432 -30.53 88.39 -6.52
C CYS Q 432 -31.77 87.58 -6.16
N GLU Q 433 -32.78 88.26 -5.65
CA GLU Q 433 -34.00 87.62 -5.18
C GLU Q 433 -35.11 87.76 -6.21
N ASP Q 434 -35.85 86.68 -6.44
CA ASP Q 434 -36.87 86.61 -7.49
C ASP Q 434 -38.12 85.97 -6.91
N VAL Q 435 -39.13 86.78 -6.60
CA VAL Q 435 -40.34 86.32 -5.93
C VAL Q 435 -41.44 86.11 -6.96
N PHE Q 436 -42.09 84.95 -6.90
CA PHE Q 436 -43.20 84.60 -7.77
C PHE Q 436 -44.47 84.55 -6.93
N GLN Q 437 -45.43 85.42 -7.23
CA GLN Q 437 -46.69 85.46 -6.51
C GLN Q 437 -47.84 85.12 -7.44
N VAL Q 438 -48.99 84.82 -6.85
CA VAL Q 438 -50.18 84.39 -7.59
C VAL Q 438 -51.25 85.46 -7.47
N ALA Q 439 -51.73 85.94 -8.62
CA ALA Q 439 -52.81 86.92 -8.68
C ALA Q 439 -54.11 86.21 -9.06
N LYS Q 440 -55.17 86.49 -8.31
CA LYS Q 440 -56.44 85.81 -8.49
C LYS Q 440 -57.50 86.77 -9.03
N ALA Q 441 -58.53 86.20 -9.64
CA ALA Q 441 -59.64 86.99 -10.19
C ALA Q 441 -60.86 86.09 -10.31
N GLU Q 442 -62.01 86.64 -9.93
CA GLU Q 442 -63.30 85.99 -10.12
C GLU Q 442 -63.89 86.41 -11.46
N PHE Q 443 -64.42 85.44 -12.20
CA PHE Q 443 -65.16 85.77 -13.41
C PHE Q 443 -66.54 85.13 -13.35
N ARG Q 444 -67.50 85.80 -13.99
CA ARG Q 444 -68.87 85.33 -14.07
C ARG Q 444 -69.31 85.46 -15.53
N ALA Q 445 -69.53 84.33 -16.19
CA ALA Q 445 -69.93 84.32 -17.59
C ALA Q 445 -71.44 84.18 -17.69
N PHE Q 446 -72.06 85.07 -18.45
CA PHE Q 446 -73.49 85.07 -18.66
C PHE Q 446 -73.80 84.79 -20.11
N TRP Q 447 -75.09 84.65 -20.39
CA TRP Q 447 -75.54 84.24 -21.71
C TRP Q 447 -76.99 84.67 -21.89
N CYS Q 448 -77.31 85.16 -23.09
CA CYS Q 448 -78.62 85.76 -23.37
C CYS Q 448 -79.56 84.76 -24.03
N VAL Q 449 -80.84 84.86 -23.70
CA VAL Q 449 -81.86 83.93 -24.18
C VAL Q 449 -83.06 84.76 -24.64
N ALA Q 450 -83.66 84.36 -25.77
CA ALA Q 450 -84.87 85.02 -26.26
C ALA Q 450 -86.03 84.70 -25.34
N SER Q 451 -86.41 85.66 -24.50
CA SER Q 451 -87.50 85.47 -23.55
C SER Q 451 -88.69 86.39 -23.79
N SER Q 452 -88.63 87.24 -24.82
CA SER Q 452 -89.74 88.14 -25.13
C SER Q 452 -90.55 87.68 -26.33
N GLN Q 453 -90.06 86.69 -27.08
CA GLN Q 453 -90.74 85.92 -28.12
C GLN Q 453 -90.97 86.72 -29.40
N VAL Q 454 -90.71 88.02 -29.37
CA VAL Q 454 -90.84 88.85 -30.58
C VAL Q 454 -89.52 89.56 -30.83
N PRO Q 455 -88.58 88.95 -31.55
CA PRO Q 455 -87.45 89.73 -32.09
C PRO Q 455 -87.72 90.17 -33.51
N GLU Q 456 -87.06 91.24 -33.95
CA GLU Q 456 -87.05 91.57 -35.37
C GLU Q 456 -86.06 90.69 -36.13
N ASN Q 457 -84.79 90.78 -35.76
CA ASN Q 457 -83.76 89.87 -36.24
C ASN Q 457 -83.05 89.29 -35.02
N SER Q 458 -82.57 88.04 -35.15
CA SER Q 458 -82.04 87.32 -34.02
C SER Q 458 -80.71 87.91 -33.56
N GLY Q 459 -79.75 87.99 -34.46
CA GLY Q 459 -78.44 88.52 -34.10
C GLY Q 459 -77.39 87.46 -33.94
N LEU Q 460 -76.20 87.77 -34.47
CA LEU Q 460 -74.95 87.04 -34.22
C LEU Q 460 -75.06 85.58 -34.69
N LEU Q 461 -75.20 85.41 -36.00
CA LEU Q 461 -75.55 84.11 -36.57
C LEU Q 461 -74.30 83.24 -36.72
N PHE Q 462 -73.89 82.65 -35.60
CA PHE Q 462 -72.98 81.51 -35.52
C PHE Q 462 -72.98 81.02 -34.09
N GLY Q 463 -72.66 79.74 -33.90
CA GLY Q 463 -72.63 79.18 -32.57
C GLY Q 463 -71.52 78.18 -32.34
N GLY Q 464 -70.46 78.24 -33.13
CA GLY Q 464 -69.35 77.32 -33.02
C GLY Q 464 -68.19 77.89 -32.23
N LEU Q 465 -67.45 77.00 -31.57
CA LEU Q 465 -66.49 77.38 -30.54
C LEU Q 465 -65.13 76.77 -30.86
N PHE Q 466 -64.10 77.33 -30.25
CA PHE Q 466 -62.80 76.68 -30.21
C PHE Q 466 -62.06 77.16 -28.98
N SER Q 467 -61.30 76.27 -28.37
CA SER Q 467 -60.58 76.54 -27.15
C SER Q 467 -59.10 76.77 -27.45
N SER Q 468 -58.30 76.86 -26.40
CA SER Q 468 -56.85 76.79 -26.55
C SER Q 468 -56.36 75.37 -26.76
N LYS Q 469 -57.23 74.38 -26.61
CA LYS Q 469 -56.89 72.99 -26.87
C LYS Q 469 -57.89 72.30 -27.79
N SER Q 470 -58.83 73.04 -28.34
CA SER Q 470 -59.85 72.50 -29.23
C SER Q 470 -59.74 73.17 -30.59
N ILE Q 471 -60.62 72.76 -31.50
CA ILE Q 471 -60.59 73.17 -32.89
C ILE Q 471 -62.01 73.49 -33.33
N ASN Q 472 -62.20 74.64 -33.98
CA ASN Q 472 -63.47 74.96 -34.60
C ASN Q 472 -63.68 74.04 -35.80
N PRO Q 473 -64.73 73.23 -35.83
CA PRO Q 473 -64.89 72.30 -36.97
C PRO Q 473 -65.33 72.99 -38.25
N MET Q 474 -65.82 74.22 -38.17
CA MET Q 474 -66.17 74.97 -39.37
C MET Q 474 -64.97 75.61 -40.04
N THR Q 475 -63.80 75.57 -39.41
CA THR Q 475 -62.55 75.98 -40.04
C THR Q 475 -61.48 74.90 -40.02
N ASN Q 476 -61.67 73.83 -39.23
CA ASN Q 476 -60.66 72.81 -38.94
C ASN Q 476 -59.35 73.43 -38.44
N ALA Q 477 -59.48 74.50 -37.66
CA ALA Q 477 -58.34 75.22 -37.11
C ALA Q 477 -58.83 76.04 -35.92
N GLN Q 478 -57.89 76.74 -35.29
CA GLN Q 478 -58.20 77.67 -34.20
C GLN Q 478 -58.38 79.08 -34.74
N SER Q 479 -59.35 79.23 -35.64
CA SER Q 479 -59.58 80.49 -36.31
C SER Q 479 -61.07 80.66 -36.56
N CYS Q 480 -61.43 81.86 -36.92
CA CYS Q 480 -62.80 82.22 -37.27
C CYS Q 480 -63.05 81.96 -38.74
N PRO Q 481 -64.29 81.78 -39.16
CA PRO Q 481 -64.57 81.71 -40.60
C PRO Q 481 -64.53 83.08 -41.25
N ALA Q 482 -64.89 83.15 -42.54
CA ALA Q 482 -64.75 84.38 -43.33
C ALA Q 482 -65.72 85.44 -42.84
N GLY Q 483 -65.20 86.45 -42.16
CA GLY Q 483 -66.00 87.58 -41.71
C GLY Q 483 -66.62 87.39 -40.35
N TYR Q 484 -65.84 86.85 -39.41
CA TYR Q 484 -66.31 86.49 -38.08
C TYR Q 484 -65.33 87.00 -37.04
N PHE Q 485 -65.85 87.54 -35.93
CA PHE Q 485 -64.98 88.01 -34.87
C PHE Q 485 -65.26 87.23 -33.59
N PRO Q 486 -64.22 86.86 -32.85
CA PRO Q 486 -64.41 85.99 -31.69
C PRO Q 486 -64.79 86.78 -30.45
N LEU Q 487 -65.51 86.11 -29.56
CA LEU Q 487 -65.88 86.67 -28.27
C LEU Q 487 -65.26 85.82 -27.19
N ARG Q 488 -64.45 86.44 -26.32
CA ARG Q 488 -63.74 85.68 -25.30
C ARG Q 488 -64.68 85.24 -24.20
N LEU Q 489 -64.42 84.05 -23.67
CA LEU Q 489 -65.23 83.45 -22.63
C LEU Q 489 -64.24 82.78 -21.68
N PHE Q 490 -64.72 81.83 -20.87
CA PHE Q 490 -64.32 81.56 -19.48
C PHE Q 490 -62.84 81.78 -19.17
N GLU Q 491 -61.98 81.02 -19.81
CA GLU Q 491 -60.56 81.30 -19.82
C GLU Q 491 -59.97 81.25 -21.21
N ASN Q 492 -60.46 80.35 -22.07
CA ASN Q 492 -59.88 80.16 -23.38
C ASN Q 492 -60.90 80.04 -24.50
N LEU Q 493 -62.19 80.03 -24.21
CA LEU Q 493 -63.17 79.93 -25.28
C LEU Q 493 -63.25 81.20 -26.09
N LYS Q 494 -63.31 81.04 -27.41
CA LYS Q 494 -63.51 82.15 -28.33
C LYS Q 494 -64.67 81.75 -29.23
N VAL Q 495 -65.81 82.39 -29.04
CA VAL Q 495 -67.04 82.07 -29.77
C VAL Q 495 -67.10 82.95 -31.01
N CYS Q 496 -67.12 82.33 -32.18
CA CYS Q 496 -67.10 83.09 -33.43
C CYS Q 496 -68.49 83.63 -33.72
N VAL Q 497 -68.56 84.88 -34.16
CA VAL Q 497 -69.79 85.66 -34.18
C VAL Q 497 -69.76 86.63 -35.35
N SER Q 498 -70.83 86.64 -36.14
CA SER Q 498 -71.04 87.66 -37.17
C SER Q 498 -72.53 87.98 -37.25
N GLN Q 499 -72.83 89.26 -37.46
CA GLN Q 499 -74.20 89.75 -37.60
C GLN Q 499 -74.40 90.43 -38.96
N ASP Q 500 -73.81 89.86 -40.00
CA ASP Q 500 -73.83 90.46 -41.32
C ASP Q 500 -75.02 90.05 -42.17
N TYR Q 501 -75.55 88.83 -41.95
CA TYR Q 501 -76.75 88.26 -42.56
C TYR Q 501 -76.62 87.96 -44.05
N GLU Q 502 -75.51 88.34 -44.67
CA GLU Q 502 -75.26 88.02 -46.08
C GLU Q 502 -73.99 87.21 -46.26
N LEU Q 503 -72.87 87.69 -45.73
CA LEU Q 503 -71.63 86.92 -45.77
C LEU Q 503 -71.51 85.97 -44.59
N GLY Q 504 -72.41 86.07 -43.62
CA GLY Q 504 -72.38 85.20 -42.46
C GLY Q 504 -73.29 84.00 -42.61
N SER Q 505 -74.25 84.08 -43.54
CA SER Q 505 -75.22 83.00 -43.72
C SER Q 505 -74.65 81.79 -44.44
N ARG Q 506 -73.45 81.88 -45.00
CA ARG Q 506 -72.81 80.70 -45.57
C ARG Q 506 -72.37 79.74 -44.47
N PHE Q 507 -71.89 80.28 -43.35
CA PHE Q 507 -71.33 79.47 -42.29
C PHE Q 507 -72.20 79.42 -41.04
N ALA Q 508 -73.37 80.09 -41.05
CA ALA Q 508 -74.21 80.14 -39.87
C ALA Q 508 -74.85 78.78 -39.61
N VAL Q 509 -74.69 78.29 -38.39
CA VAL Q 509 -75.24 77.00 -37.99
C VAL Q 509 -76.45 77.25 -37.09
N PRO Q 510 -77.42 76.33 -37.05
CA PRO Q 510 -78.52 76.47 -36.08
C PRO Q 510 -78.00 76.25 -34.67
N PHE Q 511 -78.18 77.24 -33.82
CA PHE Q 511 -77.65 77.20 -32.46
C PHE Q 511 -78.73 76.76 -31.49
N GLY Q 512 -78.33 76.02 -30.46
CA GLY Q 512 -79.30 75.44 -29.55
C GLY Q 512 -79.23 75.93 -28.12
N GLY Q 513 -78.05 76.28 -27.64
CA GLY Q 513 -77.91 76.78 -26.28
C GLY Q 513 -76.72 76.18 -25.55
N PHE Q 514 -76.32 76.85 -24.49
CA PHE Q 514 -75.27 76.38 -23.59
C PHE Q 514 -75.88 75.79 -22.34
N PHE Q 515 -75.18 74.82 -21.75
CA PHE Q 515 -75.48 74.36 -20.40
C PHE Q 515 -74.22 73.77 -19.79
N SER Q 516 -74.20 73.69 -18.46
CA SER Q 516 -73.03 73.23 -17.75
C SER Q 516 -73.49 72.25 -16.68
N CYS Q 517 -72.57 71.90 -15.78
CA CYS Q 517 -72.89 70.94 -14.73
C CYS Q 517 -73.76 71.53 -13.63
N THR Q 518 -73.95 72.84 -13.61
CA THR Q 518 -74.73 73.50 -12.57
C THR Q 518 -76.00 74.17 -13.09
N VAL Q 519 -76.03 74.57 -14.35
CA VAL Q 519 -77.16 75.32 -14.91
C VAL Q 519 -77.66 74.58 -16.14
N GLY Q 520 -78.94 74.77 -16.45
CA GLY Q 520 -79.51 74.22 -17.65
C GLY Q 520 -79.96 75.28 -18.63
N ASN Q 521 -80.09 74.92 -19.90
CA ASN Q 521 -80.59 75.95 -20.80
C ASN Q 521 -82.12 76.06 -20.70
N PRO Q 522 -82.66 77.26 -20.80
CA PRO Q 522 -84.12 77.41 -20.70
C PRO Q 522 -84.82 77.26 -22.04
N LEU Q 523 -84.17 76.66 -23.03
CA LEU Q 523 -84.74 76.51 -24.36
C LEU Q 523 -85.40 75.16 -24.56
N VAL Q 524 -85.76 74.48 -23.47
CA VAL Q 524 -86.40 73.18 -23.54
C VAL Q 524 -87.80 73.20 -22.93
N ASP Q 525 -88.01 73.95 -21.85
CA ASP Q 525 -89.28 73.89 -21.14
C ASP Q 525 -90.39 74.70 -21.80
N PRO Q 526 -90.16 75.95 -22.29
CA PRO Q 526 -91.29 76.47 -23.07
C PRO Q 526 -91.25 75.99 -24.53
N PRO Q 535 -85.78 74.37 -11.72
CA PRO Q 535 -85.23 75.17 -12.82
C PRO Q 535 -85.27 74.46 -14.16
N SER Q 536 -84.21 74.59 -14.95
CA SER Q 536 -84.17 74.05 -16.30
C SER Q 536 -83.81 72.56 -16.25
N LEU Q 537 -83.52 72.00 -17.43
CA LEU Q 537 -83.37 70.56 -17.57
C LEU Q 537 -81.97 70.11 -17.96
N LYS Q 538 -81.12 71.02 -18.46
CA LYS Q 538 -79.77 70.78 -19.03
C LYS Q 538 -79.72 69.59 -19.97
N LYS Q 539 -80.79 69.33 -20.70
CA LYS Q 539 -80.78 68.23 -21.66
C LYS Q 539 -80.30 68.67 -23.02
N CYS Q 540 -81.14 69.39 -23.77
CA CYS Q 540 -81.00 69.75 -25.18
C CYS Q 540 -82.26 70.52 -25.53
N PRO Q 541 -82.33 71.24 -26.65
CA PRO Q 541 -83.66 71.71 -27.08
C PRO Q 541 -84.54 70.60 -27.64
N GLY Q 542 -83.96 69.67 -28.38
CA GLY Q 542 -84.73 68.65 -29.06
C GLY Q 542 -84.55 68.72 -30.56
N GLY Q 543 -83.93 67.70 -31.14
CA GLY Q 543 -83.48 67.72 -32.49
C GLY Q 543 -82.03 68.14 -32.64
N PHE Q 544 -81.53 68.92 -31.70
CA PHE Q 544 -80.13 69.33 -31.69
C PHE Q 544 -79.27 68.21 -31.09
N SER Q 545 -77.96 68.44 -31.05
CA SER Q 545 -77.03 67.46 -30.54
C SER Q 545 -76.06 68.13 -29.58
N GLN Q 546 -75.88 67.51 -28.41
CA GLN Q 546 -74.92 68.03 -27.45
C GLN Q 546 -73.50 67.86 -27.96
N HIS Q 547 -72.68 68.88 -27.73
CA HIS Q 547 -71.28 68.78 -28.04
C HIS Q 547 -70.54 69.51 -26.94
N PRO Q 548 -69.44 68.95 -26.45
CA PRO Q 548 -68.75 69.56 -25.32
C PRO Q 548 -67.82 70.69 -25.74
N ALA Q 549 -67.87 71.77 -24.96
CA ALA Q 549 -66.84 72.79 -24.95
C ALA Q 549 -65.76 72.37 -23.97
N LEU Q 550 -64.90 73.29 -23.54
CA LEU Q 550 -63.83 72.92 -22.62
C LEU Q 550 -64.36 72.56 -21.24
N ILE Q 551 -63.44 72.12 -20.38
CA ILE Q 551 -63.72 71.77 -19.00
C ILE Q 551 -63.11 72.84 -18.11
N SER Q 552 -63.95 73.49 -17.31
CA SER Q 552 -63.51 74.56 -16.41
C SER Q 552 -63.36 73.97 -15.01
N ASP Q 553 -62.22 73.31 -14.78
CA ASP Q 553 -61.77 72.79 -13.48
C ASP Q 553 -62.78 71.79 -12.89
N GLY Q 554 -63.08 70.75 -13.67
CA GLY Q 554 -63.95 69.69 -13.21
C GLY Q 554 -65.38 69.79 -13.68
N CYS Q 555 -65.81 70.94 -14.17
CA CYS Q 555 -67.15 71.12 -14.69
C CYS Q 555 -67.10 71.20 -16.21
N GLN Q 556 -68.09 70.60 -16.87
CA GLN Q 556 -68.11 70.48 -18.31
C GLN Q 556 -69.18 71.40 -18.88
N VAL Q 557 -68.79 72.23 -19.84
CA VAL Q 557 -69.70 73.14 -20.54
C VAL Q 557 -70.02 72.53 -21.89
N SER Q 558 -71.30 72.45 -22.23
CA SER Q 558 -71.73 71.83 -23.47
C SER Q 558 -72.64 72.77 -24.25
N TYR Q 559 -72.65 72.59 -25.58
CA TYR Q 559 -73.45 73.44 -26.45
C TYR Q 559 -74.14 72.59 -27.50
N CYS Q 560 -75.30 73.06 -27.95
CA CYS Q 560 -76.18 72.30 -28.84
C CYS Q 560 -76.17 72.90 -30.24
N VAL Q 561 -76.27 72.05 -31.25
CA VAL Q 561 -76.16 72.45 -32.64
C VAL Q 561 -76.80 71.36 -33.49
N LYS Q 562 -77.22 71.70 -34.70
CA LYS Q 562 -77.91 70.78 -35.60
C LYS Q 562 -77.32 70.87 -37.01
N SER Q 563 -76.01 70.72 -37.12
CA SER Q 563 -75.44 70.73 -38.48
C SER Q 563 -75.57 69.37 -39.14
N GLY Q 564 -74.99 68.35 -38.51
CA GLY Q 564 -74.65 67.11 -39.16
C GLY Q 564 -73.17 67.02 -39.46
N LEU Q 565 -72.49 68.16 -39.58
CA LEU Q 565 -71.04 68.17 -39.69
C LEU Q 565 -70.40 67.88 -38.34
N PHE Q 566 -71.00 68.37 -37.26
CA PHE Q 566 -70.48 68.11 -35.92
C PHE Q 566 -70.68 66.66 -35.51
N THR Q 567 -71.69 65.99 -36.06
CA THR Q 567 -72.08 64.66 -35.59
C THR Q 567 -71.16 63.57 -36.13
N GLY Q 568 -71.07 63.43 -37.45
CA GLY Q 568 -70.40 62.30 -38.05
C GLY Q 568 -68.89 62.36 -37.95
N GLY Q 569 -68.26 61.36 -38.57
CA GLY Q 569 -66.83 61.20 -38.52
C GLY Q 569 -66.44 59.79 -38.15
N SER Q 570 -65.55 59.65 -37.17
CA SER Q 570 -65.25 58.37 -36.57
C SER Q 570 -65.62 58.44 -35.09
N LEU Q 571 -65.65 57.28 -34.45
CA LEU Q 571 -65.92 57.23 -33.03
C LEU Q 571 -64.72 57.72 -32.26
N PRO Q 572 -64.88 58.66 -31.33
CA PRO Q 572 -63.74 59.21 -30.61
C PRO Q 572 -63.24 58.23 -29.59
N PRO Q 573 -61.98 58.34 -29.17
CA PRO Q 573 -61.51 57.55 -28.04
C PRO Q 573 -62.01 58.12 -26.72
N ALA Q 574 -61.72 57.42 -25.65
CA ALA Q 574 -62.11 57.89 -24.33
C ALA Q 574 -61.23 59.05 -23.89
N ARG Q 575 -61.84 60.00 -23.18
CA ARG Q 575 -61.08 61.01 -22.48
C ARG Q 575 -60.47 60.41 -21.23
N LEU Q 576 -59.16 60.34 -21.19
CA LEU Q 576 -58.51 59.73 -20.06
C LEU Q 576 -58.21 60.79 -19.00
N PRO Q 577 -58.11 60.39 -17.73
CA PRO Q 577 -57.71 61.34 -16.68
C PRO Q 577 -56.25 61.72 -16.84
N PRO Q 578 -55.76 62.76 -16.13
CA PRO Q 578 -56.37 63.75 -15.23
C PRO Q 578 -57.11 64.81 -15.99
N PHE Q 579 -58.18 65.32 -15.41
CA PHE Q 579 -58.99 66.35 -16.03
C PHE Q 579 -58.73 67.71 -15.43
N THR Q 580 -57.97 67.77 -14.34
CA THR Q 580 -57.52 69.03 -13.75
C THR Q 580 -56.01 69.09 -13.85
N ARG Q 581 -55.47 70.23 -13.46
CA ARG Q 581 -54.04 70.46 -13.40
C ARG Q 581 -53.66 70.82 -11.96
N PRO Q 582 -52.43 70.56 -11.54
CA PRO Q 582 -52.02 70.97 -10.21
C PRO Q 582 -51.92 72.47 -10.12
N PRO Q 583 -52.30 73.07 -8.99
CA PRO Q 583 -52.45 74.52 -8.93
C PRO Q 583 -51.12 75.23 -8.82
N LEU Q 584 -51.18 76.55 -8.96
CA LEU Q 584 -50.00 77.40 -8.86
C LEU Q 584 -49.68 77.69 -7.41
N MET Q 585 -48.39 77.82 -7.13
CA MET Q 585 -47.88 78.06 -5.79
C MET Q 585 -46.98 79.28 -5.82
N SER Q 586 -46.97 80.03 -4.72
CA SER Q 586 -46.09 81.18 -4.62
C SER Q 586 -44.69 80.75 -4.19
N GLN Q 587 -43.69 81.31 -4.86
CA GLN Q 587 -42.31 80.80 -4.85
C GLN Q 587 -41.36 81.94 -4.51
N ALA Q 588 -40.09 81.59 -4.36
CA ALA Q 588 -39.01 82.54 -4.12
C ALA Q 588 -37.69 81.88 -4.48
N ALA Q 589 -36.80 82.63 -5.12
CA ALA Q 589 -35.52 82.09 -5.55
C ALA Q 589 -34.45 83.14 -5.37
N THR Q 590 -33.39 82.79 -4.64
CA THR Q 590 -32.28 83.70 -4.36
C THR Q 590 -30.99 83.16 -4.94
N ASN Q 591 -30.05 84.07 -5.16
CA ASN Q 591 -28.73 83.76 -5.73
C ASN Q 591 -27.73 84.69 -5.07
N THR Q 592 -26.97 84.19 -4.09
CA THR Q 592 -25.91 84.97 -3.47
C THR Q 592 -24.59 84.58 -4.08
N VAL Q 593 -23.82 85.57 -4.53
CA VAL Q 593 -22.51 85.38 -5.13
C VAL Q 593 -21.48 86.14 -4.32
N ILE Q 594 -20.41 85.46 -3.92
CA ILE Q 594 -19.28 86.09 -3.25
C ILE Q 594 -18.10 86.08 -4.21
N VAL Q 595 -17.50 87.24 -4.43
CA VAL Q 595 -16.39 87.39 -5.37
C VAL Q 595 -15.22 87.96 -4.58
N THR Q 596 -14.14 87.21 -4.46
CA THR Q 596 -12.91 87.74 -3.88
C THR Q 596 -12.12 88.41 -4.98
N ASN Q 597 -11.86 89.70 -4.82
CA ASN Q 597 -11.19 90.50 -5.83
C ASN Q 597 -9.66 90.45 -5.68
N SER Q 598 -9.14 89.51 -4.90
CA SER Q 598 -7.72 89.54 -4.58
C SER Q 598 -7.22 88.17 -4.18
N GLU Q 599 -5.95 87.93 -4.44
CA GLU Q 599 -5.20 86.89 -3.76
C GLU Q 599 -4.76 87.44 -2.40
N ASN Q 600 -4.05 86.61 -1.63
CA ASN Q 600 -3.68 86.88 -0.23
C ASN Q 600 -4.93 87.19 0.59
N ALA Q 601 -5.97 86.38 0.38
CA ALA Q 601 -7.23 86.57 1.06
C ALA Q 601 -7.89 85.20 1.18
N ARG Q 602 -7.80 84.61 2.36
CA ARG Q 602 -8.39 83.29 2.58
C ARG Q 602 -9.79 83.43 3.12
N SER Q 603 -10.54 82.33 3.07
CA SER Q 603 -11.93 82.33 3.50
C SER Q 603 -12.32 80.94 3.94
N TRP Q 604 -13.03 80.86 5.05
CA TRP Q 604 -13.55 79.60 5.57
C TRP Q 604 -15.06 79.70 5.64
N ILE Q 605 -15.76 78.65 5.22
CA ILE Q 605 -17.21 78.65 5.13
C ILE Q 605 -17.74 77.40 5.81
N LYS Q 606 -18.72 77.57 6.69
CA LYS Q 606 -19.45 76.47 7.29
C LYS Q 606 -20.88 76.56 6.78
N ASP Q 607 -21.28 75.60 5.93
CA ASP Q 607 -22.49 75.76 5.13
C ASP Q 607 -23.76 75.59 5.97
N SER Q 608 -23.72 74.72 6.97
CA SER Q 608 -24.87 74.51 7.84
C SER Q 608 -24.35 73.97 9.17
N GLN Q 609 -25.27 73.65 10.07
CA GLN Q 609 -24.89 73.15 11.38
C GLN Q 609 -24.35 71.72 11.33
N THR Q 610 -24.68 70.97 10.29
CA THR Q 610 -24.16 69.62 10.14
C THR Q 610 -22.87 69.56 9.34
N HIS Q 611 -22.59 70.58 8.53
CA HIS Q 611 -21.34 70.63 7.79
C HIS Q 611 -20.17 70.90 8.72
N GLN Q 612 -18.97 70.66 8.21
CA GLN Q 612 -17.75 71.09 8.85
C GLN Q 612 -17.22 72.34 8.18
N TRP Q 613 -16.26 72.99 8.82
CA TRP Q 613 -15.63 74.17 8.23
C TRP Q 613 -14.88 73.77 6.97
N ARG Q 614 -15.03 74.60 5.95
CA ARG Q 614 -14.58 74.29 4.61
C ARG Q 614 -13.78 75.48 4.09
N LEU Q 615 -12.69 75.20 3.39
CA LEU Q 615 -11.89 76.28 2.83
C LEU Q 615 -12.64 76.87 1.63
N GLY Q 616 -12.77 78.18 1.62
CA GLY Q 616 -13.58 78.83 0.62
C GLY Q 616 -12.87 79.01 -0.71
N GLU Q 617 -13.68 79.27 -1.73
CA GLU Q 617 -13.29 79.47 -3.11
C GLU Q 617 -13.53 80.93 -3.51
N PRO Q 618 -12.91 81.41 -4.59
CA PRO Q 618 -13.12 82.82 -4.97
C PRO Q 618 -14.53 83.15 -5.46
N ILE Q 619 -15.24 82.22 -6.10
CA ILE Q 619 -16.64 82.41 -6.49
C ILE Q 619 -17.44 81.30 -5.83
N GLU Q 620 -18.50 81.67 -5.12
CA GLU Q 620 -19.25 80.70 -4.33
C GLU Q 620 -20.58 80.26 -4.95
N LEU Q 621 -21.50 81.19 -5.17
CA LEU Q 621 -22.81 80.94 -5.83
C LEU Q 621 -23.65 79.92 -5.05
N ARG Q 622 -24.14 80.37 -3.89
CA ARG Q 622 -25.20 79.65 -3.19
C ARG Q 622 -26.54 79.87 -3.91
N ARG Q 623 -27.42 78.87 -3.84
CA ARG Q 623 -28.76 78.95 -4.40
C ARG Q 623 -29.80 78.42 -3.44
N ALA Q 624 -31.01 78.95 -3.54
CA ALA Q 624 -32.11 78.50 -2.70
C ALA Q 624 -33.42 78.70 -3.43
N MET Q 625 -34.34 77.75 -3.28
CA MET Q 625 -35.70 77.85 -3.84
C MET Q 625 -36.70 77.55 -2.74
N ASN Q 626 -37.57 78.50 -2.46
CA ASN Q 626 -38.52 78.42 -1.36
C ASN Q 626 -39.94 78.39 -1.92
N VAL Q 627 -40.69 77.36 -1.58
CA VAL Q 627 -42.05 77.17 -2.05
C VAL Q 627 -42.96 77.12 -0.84
N ILE Q 628 -44.13 77.76 -0.92
CA ILE Q 628 -45.17 77.62 0.10
C ILE Q 628 -46.46 77.18 -0.58
N HIS Q 629 -47.08 76.13 -0.03
CA HIS Q 629 -48.33 75.59 -0.55
C HIS Q 629 -49.49 76.43 -0.03
N GLY Q 630 -50.10 77.21 -0.92
CA GLY Q 630 -51.25 78.02 -0.56
C GLY Q 630 -50.91 79.23 0.30
N ASP R 10 -18.30 36.34 -11.42
CA ASP R 10 -19.67 36.83 -11.44
C ASP R 10 -20.15 37.11 -12.87
N GLU R 11 -21.43 37.42 -12.99
CA GLU R 11 -22.06 37.65 -14.29
C GLU R 11 -23.33 38.46 -14.04
N VAL R 12 -23.57 39.47 -14.86
CA VAL R 12 -24.65 40.42 -14.63
C VAL R 12 -25.49 40.56 -15.89
N GLY R 13 -26.61 41.27 -15.74
CA GLY R 13 -27.40 41.70 -16.87
C GLY R 13 -28.30 40.62 -17.43
N VAL R 14 -28.51 40.70 -18.74
CA VAL R 14 -29.43 39.79 -19.41
C VAL R 14 -28.81 38.40 -19.51
N GLN R 15 -27.50 38.33 -19.64
CA GLN R 15 -26.83 37.07 -19.93
C GLN R 15 -26.78 36.14 -18.71
N LYS R 16 -26.87 36.70 -17.51
CA LYS R 16 -27.08 35.88 -16.32
C LYS R 16 -28.44 35.19 -16.38
N CYS R 17 -29.46 35.90 -16.88
CA CYS R 17 -30.79 35.32 -17.00
C CYS R 17 -30.82 34.26 -18.10
N LYS R 18 -30.08 34.48 -19.19
CA LYS R 18 -30.13 33.56 -20.32
C LYS R 18 -29.40 32.26 -20.02
N ASN R 19 -28.38 32.30 -19.17
CA ASN R 19 -27.65 31.07 -18.87
C ASN R 19 -28.39 30.19 -17.89
N ALA R 20 -29.13 30.80 -16.96
CA ALA R 20 -29.85 30.02 -15.97
C ALA R 20 -31.15 29.46 -16.51
N LEU R 21 -31.75 30.11 -17.52
CA LEU R 21 -33.07 29.76 -17.99
C LEU R 21 -33.10 29.17 -19.39
N LYS R 22 -32.17 29.59 -20.25
CA LYS R 22 -32.00 29.09 -21.62
C LYS R 22 -33.26 29.30 -22.47
N LEU R 23 -33.73 30.54 -22.52
CA LEU R 23 -34.92 30.89 -23.28
C LEU R 23 -34.79 32.35 -23.67
N PRO R 24 -35.35 32.78 -24.83
CA PRO R 24 -35.06 34.12 -25.34
C PRO R 24 -35.71 35.25 -24.56
N VAL R 25 -35.41 36.47 -24.98
CA VAL R 25 -35.90 37.68 -24.35
C VAL R 25 -37.00 38.25 -25.24
N LEU R 26 -38.05 38.82 -24.62
CA LEU R 26 -39.15 39.36 -25.39
C LEU R 26 -38.68 40.63 -26.09
N GLU R 27 -38.66 40.62 -27.41
CA GLU R 27 -38.04 41.68 -28.18
C GLU R 27 -38.92 42.89 -28.40
N VAL R 28 -40.12 42.91 -27.86
CA VAL R 28 -41.09 43.97 -28.10
C VAL R 28 -41.31 44.67 -26.77
N LEU R 29 -40.62 45.78 -26.52
CA LEU R 29 -40.66 46.34 -25.19
C LEU R 29 -41.13 47.79 -25.21
N PRO R 30 -41.88 48.22 -24.21
CA PRO R 30 -42.29 49.62 -24.15
C PRO R 30 -41.27 50.48 -23.41
N GLY R 31 -41.55 51.77 -23.27
CA GLY R 31 -40.64 52.67 -22.62
C GLY R 31 -39.66 53.38 -23.53
N GLY R 32 -39.76 53.20 -24.83
CA GLY R 32 -38.90 53.91 -25.75
C GLY R 32 -39.57 55.18 -26.26
N GLY R 33 -38.77 56.01 -26.89
CA GLY R 33 -39.30 57.21 -27.49
C GLY R 33 -40.00 56.93 -28.79
N TRP R 34 -40.86 57.85 -29.18
CA TRP R 34 -41.69 57.63 -30.36
C TRP R 34 -41.94 58.95 -31.06
N ASP R 35 -41.46 59.08 -32.28
CA ASP R 35 -41.82 60.20 -33.14
C ASP R 35 -43.19 59.93 -33.72
N ASN R 36 -44.15 60.76 -33.37
CA ASN R 36 -45.53 60.52 -33.76
C ASN R 36 -45.89 61.16 -35.09
N LEU R 37 -44.98 61.90 -35.71
CA LEU R 37 -45.20 62.35 -37.08
C LEU R 37 -44.70 61.34 -38.09
N ARG R 38 -43.57 60.71 -37.83
CA ARG R 38 -42.96 59.80 -38.78
C ARG R 38 -43.26 58.34 -38.48
N ASN R 39 -43.88 58.06 -37.34
CA ASN R 39 -44.10 56.70 -36.80
C ASN R 39 -42.82 55.87 -36.77
N VAL R 40 -41.75 56.46 -36.25
CA VAL R 40 -40.51 55.75 -35.99
C VAL R 40 -40.28 55.80 -34.50
N ASP R 41 -39.49 54.87 -34.00
CA ASP R 41 -39.19 54.84 -32.57
C ASP R 41 -37.76 55.27 -32.30
N MET R 42 -37.61 55.95 -31.19
CA MET R 42 -36.46 56.75 -30.81
C MET R 42 -35.64 56.05 -29.74
N GLY R 43 -34.74 56.81 -29.12
CA GLY R 43 -33.97 56.30 -28.01
C GLY R 43 -34.82 55.98 -26.79
N ARG R 44 -34.23 55.19 -25.91
CA ARG R 44 -34.92 54.59 -24.78
C ARG R 44 -35.05 55.58 -23.63
N VAL R 45 -36.28 55.81 -23.16
CA VAL R 45 -36.55 56.81 -22.13
C VAL R 45 -36.59 56.18 -20.75
N MET R 46 -37.14 54.98 -20.62
CA MET R 46 -37.22 54.31 -19.33
C MET R 46 -36.00 53.40 -19.14
N GLU R 47 -35.87 52.88 -17.93
CA GLU R 47 -34.73 52.05 -17.59
C GLU R 47 -35.13 50.58 -17.62
N LEU R 48 -34.35 49.77 -18.33
CA LEU R 48 -34.60 48.34 -18.45
C LEU R 48 -33.56 47.58 -17.63
N THR R 49 -34.01 46.92 -16.57
CA THR R 49 -33.14 46.13 -15.72
C THR R 49 -33.57 44.67 -15.73
N TYR R 50 -32.60 43.78 -15.56
CA TYR R 50 -32.82 42.34 -15.61
C TYR R 50 -32.28 41.69 -14.35
N SER R 51 -32.60 42.27 -13.20
CA SER R 51 -32.02 41.80 -11.95
C SER R 51 -32.73 40.59 -11.39
N ASN R 52 -34.04 40.48 -11.60
CA ASN R 52 -34.85 39.50 -10.89
C ASN R 52 -35.16 38.25 -11.71
N CYS R 53 -34.66 38.17 -12.94
CA CYS R 53 -34.81 37.00 -13.83
C CYS R 53 -36.27 36.66 -14.09
N ARG R 54 -37.11 37.68 -14.27
CA ARG R 54 -38.52 37.45 -14.48
C ARG R 54 -38.78 36.87 -15.85
N THR R 55 -39.78 36.00 -15.94
CA THR R 55 -40.25 35.47 -17.19
C THR R 55 -41.72 35.80 -17.35
N THR R 56 -42.25 35.53 -18.54
CA THR R 56 -43.68 35.58 -18.69
C THR R 56 -44.30 34.38 -17.97
N GLU R 57 -45.61 34.48 -17.72
CA GLU R 57 -46.29 33.49 -16.90
C GLU R 57 -46.35 32.13 -17.57
N ASP R 58 -46.35 32.09 -18.90
CA ASP R 58 -46.22 30.82 -19.59
C ASP R 58 -44.78 30.34 -19.70
N GLY R 59 -43.81 31.16 -19.30
CA GLY R 59 -42.44 30.72 -19.19
C GLY R 59 -41.70 30.56 -20.49
N GLN R 60 -41.82 31.53 -21.40
CA GLN R 60 -41.16 31.43 -22.69
C GLN R 60 -40.38 32.66 -23.10
N TYR R 61 -40.43 33.74 -22.33
CA TYR R 61 -39.64 34.92 -22.63
C TYR R 61 -39.14 35.54 -21.35
N ILE R 62 -37.87 35.95 -21.33
CA ILE R 62 -37.34 36.78 -20.26
C ILE R 62 -37.82 38.20 -20.46
N ILE R 63 -38.37 38.81 -19.42
CA ILE R 63 -38.85 40.18 -19.48
C ILE R 63 -38.12 40.98 -18.41
N PRO R 64 -38.03 42.30 -18.57
CA PRO R 64 -37.48 43.15 -17.50
C PRO R 64 -38.36 43.18 -16.27
N ASP R 65 -37.82 43.79 -15.21
CA ASP R 65 -38.43 43.71 -13.89
C ASP R 65 -39.64 44.62 -13.74
N GLU R 66 -39.62 45.76 -14.40
CA GLU R 66 -40.62 46.81 -14.32
C GLU R 66 -41.73 46.64 -15.34
N ILE R 67 -41.79 45.52 -16.02
CA ILE R 67 -42.70 45.32 -17.13
C ILE R 67 -43.54 44.10 -16.84
N PHE R 68 -44.86 44.25 -16.92
CA PHE R 68 -45.76 43.12 -16.81
C PHE R 68 -46.42 42.87 -18.16
N THR R 69 -46.70 41.60 -18.43
CA THR R 69 -47.29 41.19 -19.69
C THR R 69 -48.70 40.68 -19.44
N ILE R 70 -49.54 40.78 -20.45
CA ILE R 70 -50.90 40.25 -20.40
C ILE R 70 -51.02 39.19 -21.49
N PRO R 71 -51.27 37.95 -21.16
CA PRO R 71 -51.47 36.93 -22.20
C PRO R 71 -52.86 37.05 -22.81
N GLN R 72 -52.91 37.50 -24.05
CA GLN R 72 -54.16 37.48 -24.79
C GLN R 72 -53.87 36.95 -26.18
N LYS R 73 -53.91 35.63 -26.29
CA LYS R 73 -53.44 34.90 -27.46
C LYS R 73 -54.57 34.88 -28.47
N GLN R 74 -54.68 35.98 -29.20
CA GLN R 74 -55.85 36.33 -29.97
C GLN R 74 -55.51 36.37 -31.45
N SER R 75 -56.28 35.65 -32.24
CA SER R 75 -56.09 35.58 -33.68
C SER R 75 -57.35 36.11 -34.35
N ASN R 76 -57.18 36.95 -35.37
CA ASN R 76 -58.28 37.52 -36.12
C ASN R 76 -58.11 37.19 -37.59
N LEU R 77 -59.20 36.85 -38.25
CA LEU R 77 -59.15 36.49 -39.66
C LEU R 77 -60.35 37.12 -40.33
N GLU R 78 -60.10 37.92 -41.35
CA GLU R 78 -61.16 38.59 -42.09
C GLU R 78 -61.42 37.84 -43.38
N MET R 79 -62.69 37.56 -43.66
CA MET R 79 -63.12 37.07 -44.96
C MET R 79 -63.52 38.20 -45.89
N ASN R 80 -63.27 39.43 -45.50
CA ASN R 80 -63.73 40.61 -46.20
C ASN R 80 -62.54 41.53 -46.39
N SER R 81 -62.82 42.74 -46.81
CA SER R 81 -61.83 43.80 -46.95
C SER R 81 -62.34 45.03 -46.21
N GLU R 82 -61.64 46.13 -46.35
CA GLU R 82 -62.14 47.40 -45.87
C GLU R 82 -61.69 48.49 -46.82
N ILE R 83 -62.59 49.42 -47.11
CA ILE R 83 -62.41 50.38 -48.18
C ILE R 83 -62.05 51.73 -47.59
N LEU R 84 -61.01 52.35 -48.13
CA LEU R 84 -60.49 53.63 -47.63
C LEU R 84 -60.40 54.55 -48.83
N GLU R 85 -61.49 55.22 -49.18
CA GLU R 85 -61.55 56.00 -50.41
C GLU R 85 -61.06 57.44 -50.24
N SER R 86 -60.36 57.74 -49.15
CA SER R 86 -59.79 59.07 -48.93
C SER R 86 -58.62 58.92 -47.97
N TRP R 87 -57.55 59.68 -48.22
CA TRP R 87 -56.38 59.61 -47.36
C TRP R 87 -56.50 60.46 -46.11
N ALA R 88 -57.60 61.20 -45.93
CA ALA R 88 -57.75 62.02 -44.73
C ALA R 88 -58.01 61.15 -43.51
N ASN R 89 -58.97 60.23 -43.62
CA ASN R 89 -59.26 59.29 -42.52
C ASN R 89 -58.40 58.04 -42.67
N TYR R 90 -57.11 58.22 -42.37
CA TYR R 90 -56.11 57.18 -42.56
C TYR R 90 -55.94 56.31 -41.32
N GLN R 91 -55.85 55.01 -41.55
CA GLN R 91 -55.65 54.00 -40.52
C GLN R 91 -54.21 53.50 -40.63
N SER R 92 -53.46 53.55 -39.55
CA SER R 92 -52.02 53.30 -39.67
C SER R 92 -51.69 51.82 -39.81
N SER R 93 -52.49 50.92 -39.22
CA SER R 93 -52.38 49.46 -39.21
C SER R 93 -51.22 48.92 -38.39
N THR R 94 -50.34 49.75 -37.87
CA THR R 94 -49.32 49.28 -36.94
C THR R 94 -49.10 50.21 -35.76
N SER R 95 -49.57 51.44 -35.80
CA SER R 95 -49.43 52.38 -34.71
C SER R 95 -50.71 53.18 -34.57
N TYR R 96 -51.84 52.47 -34.61
CA TYR R 96 -53.14 53.14 -34.74
C TYR R 96 -53.57 53.81 -33.45
N SER R 97 -53.28 53.21 -32.30
CA SER R 97 -53.80 53.73 -31.05
C SER R 97 -53.02 54.93 -30.55
N ILE R 98 -51.76 55.08 -30.94
CA ILE R 98 -50.99 56.23 -30.51
C ILE R 98 -51.17 57.41 -31.44
N ASN R 99 -51.68 57.20 -32.65
CA ASN R 99 -51.96 58.33 -33.52
C ASN R 99 -53.33 58.94 -33.30
N THR R 100 -54.29 58.18 -32.75
CA THR R 100 -55.67 58.62 -32.68
C THR R 100 -55.99 59.35 -31.37
N GLU R 101 -54.97 59.83 -30.67
CA GLU R 101 -55.15 60.54 -29.41
C GLU R 101 -55.88 61.87 -29.61
N LEU R 102 -56.49 62.35 -28.53
CA LEU R 102 -57.24 63.61 -28.55
C LEU R 102 -56.27 64.75 -28.26
N SER R 103 -55.98 65.55 -29.28
CA SER R 103 -55.05 66.66 -29.13
C SER R 103 -55.35 67.69 -30.20
N LEU R 104 -54.54 68.75 -30.22
CA LEU R 104 -54.65 69.77 -31.25
C LEU R 104 -54.19 69.25 -32.59
N PHE R 105 -53.11 68.48 -32.59
CA PHE R 105 -52.45 68.03 -33.81
C PHE R 105 -52.74 66.58 -34.09
N SER R 106 -53.97 66.14 -33.81
CA SER R 106 -54.36 64.77 -34.10
C SER R 106 -54.52 64.53 -35.59
N LYS R 107 -54.69 65.57 -36.38
CA LYS R 107 -54.80 65.43 -37.83
C LYS R 107 -53.44 65.38 -38.52
N VAL R 108 -52.36 65.59 -37.79
CA VAL R 108 -51.02 65.61 -38.38
C VAL R 108 -50.21 64.39 -37.96
N ASN R 109 -50.69 63.61 -37.01
CA ASN R 109 -49.97 62.43 -36.55
C ASN R 109 -49.90 61.36 -37.64
N GLY R 110 -48.70 60.90 -37.91
CA GLY R 110 -48.47 59.87 -38.89
C GLY R 110 -48.38 60.35 -40.33
N LYS R 111 -48.48 61.65 -40.59
CA LYS R 111 -48.56 62.16 -41.95
C LYS R 111 -47.22 62.30 -42.61
N PHE R 112 -46.15 61.87 -41.98
CA PHE R 112 -44.83 61.83 -42.61
C PHE R 112 -44.26 60.42 -42.56
N SER R 113 -45.09 59.44 -42.25
CA SER R 113 -44.70 58.05 -42.26
C SER R 113 -44.52 57.58 -43.68
N THR R 114 -43.67 56.57 -43.86
CA THR R 114 -43.48 56.02 -45.20
C THR R 114 -44.71 55.25 -45.66
N GLU R 115 -45.48 54.72 -44.72
CA GLU R 115 -46.67 53.97 -45.05
C GLU R 115 -47.82 54.89 -45.46
N PHE R 116 -47.85 56.11 -44.94
CA PHE R 116 -48.84 57.09 -45.37
C PHE R 116 -48.45 57.72 -46.69
N GLN R 117 -47.21 58.16 -46.82
CA GLN R 117 -46.76 58.87 -48.00
C GLN R 117 -46.69 57.97 -49.21
N ARG R 118 -46.59 56.66 -49.02
CA ARG R 118 -46.74 55.75 -50.13
C ARG R 118 -48.21 55.58 -50.49
N MET R 119 -49.11 55.70 -49.53
CA MET R 119 -50.52 55.50 -49.85
C MET R 119 -51.13 56.73 -50.51
N LYS R 120 -50.70 57.92 -50.08
CA LYS R 120 -51.24 59.16 -50.63
C LYS R 120 -50.82 59.36 -52.08
N THR R 121 -49.60 58.98 -52.42
CA THR R 121 -49.12 59.14 -53.78
C THR R 121 -49.66 58.09 -54.74
N LEU R 122 -50.47 57.15 -54.27
CA LEU R 122 -51.14 56.20 -55.14
C LEU R 122 -52.61 56.51 -55.33
N GLN R 123 -53.20 57.30 -54.43
CA GLN R 123 -54.57 57.73 -54.62
C GLN R 123 -54.68 59.02 -55.41
N VAL R 124 -53.59 59.75 -55.56
CA VAL R 124 -53.60 61.01 -56.30
C VAL R 124 -53.05 60.83 -57.71
N LYS R 125 -51.97 60.06 -57.83
CA LYS R 125 -51.37 59.78 -59.12
C LYS R 125 -52.27 58.93 -59.99
N ASP R 126 -53.01 58.01 -59.38
CA ASP R 126 -53.79 57.03 -60.10
C ASP R 126 -55.28 57.20 -59.94
N GLN R 127 -55.71 58.21 -59.17
CA GLN R 127 -57.12 58.51 -58.88
C GLN R 127 -57.83 57.31 -58.28
N ALA R 128 -57.23 56.75 -57.23
CA ALA R 128 -57.56 55.42 -56.78
C ALA R 128 -58.20 55.43 -55.39
N ILE R 129 -58.76 54.28 -55.03
CA ILE R 129 -59.23 53.98 -53.70
C ILE R 129 -58.41 52.82 -53.18
N THR R 130 -58.36 52.66 -51.86
CA THR R 130 -57.48 51.70 -51.22
C THR R 130 -58.31 50.69 -50.45
N THR R 131 -58.00 49.41 -50.63
CA THR R 131 -58.58 48.34 -49.82
C THR R 131 -57.49 47.68 -48.99
N ARG R 132 -57.88 47.09 -47.86
CA ARG R 132 -56.92 46.42 -46.99
C ARG R 132 -57.54 45.18 -46.36
N VAL R 133 -56.87 44.04 -46.53
CA VAL R 133 -57.24 42.79 -45.86
C VAL R 133 -56.07 42.38 -44.99
N GLN R 134 -56.36 41.89 -43.79
CA GLN R 134 -55.27 41.50 -42.91
C GLN R 134 -55.64 40.35 -42.00
N VAL R 135 -54.63 39.53 -41.69
CA VAL R 135 -54.71 38.47 -40.69
C VAL R 135 -53.81 38.88 -39.54
N ARG R 136 -54.40 39.27 -38.41
CA ARG R 136 -53.65 39.77 -37.28
C ARG R 136 -53.61 38.73 -36.17
N ASN R 137 -52.47 38.63 -35.52
CA ASN R 137 -52.23 37.58 -34.53
C ASN R 137 -51.58 38.25 -33.31
N LEU R 138 -52.42 38.74 -32.41
CA LEU R 138 -51.96 39.37 -31.17
C LEU R 138 -51.67 38.33 -30.10
N VAL R 139 -50.47 38.36 -29.55
CA VAL R 139 -50.02 37.36 -28.59
C VAL R 139 -49.93 37.93 -27.18
N TYR R 140 -49.24 39.06 -27.01
CA TYR R 140 -49.09 39.67 -25.70
C TYR R 140 -49.44 41.14 -25.75
N THR R 141 -49.87 41.66 -24.60
CA THR R 141 -49.86 43.08 -24.32
C THR R 141 -48.81 43.33 -23.26
N VAL R 142 -47.87 44.21 -23.55
CA VAL R 142 -46.68 44.40 -22.74
C VAL R 142 -46.72 45.84 -22.24
N LYS R 143 -46.82 46.02 -20.93
CA LYS R 143 -46.99 47.34 -20.33
C LYS R 143 -45.88 47.66 -19.34
N ILE R 144 -45.87 48.92 -18.89
CA ILE R 144 -44.92 49.39 -17.90
C ILE R 144 -45.61 49.57 -16.55
N ASN R 145 -44.93 49.13 -15.50
CA ASN R 145 -45.36 49.39 -14.13
C ASN R 145 -45.26 50.89 -13.88
N PRO R 146 -46.27 51.53 -13.28
CA PRO R 146 -46.22 52.99 -13.07
C PRO R 146 -45.15 53.48 -12.09
N THR R 147 -44.40 52.61 -11.44
CA THR R 147 -43.35 53.04 -10.51
C THR R 147 -41.97 52.85 -11.10
N LEU R 148 -41.82 53.13 -12.39
CA LEU R 148 -40.57 52.98 -13.12
C LEU R 148 -39.81 54.31 -13.14
N GLU R 149 -38.49 54.21 -13.25
CA GLU R 149 -37.61 55.37 -13.30
C GLU R 149 -37.00 55.54 -14.69
N LEU R 150 -36.44 56.72 -14.91
CA LEU R 150 -35.91 57.13 -16.20
C LEU R 150 -34.59 56.45 -16.52
N SER R 151 -34.22 56.52 -17.80
CA SER R 151 -32.98 55.94 -18.25
C SER R 151 -31.80 56.78 -17.82
N SER R 152 -30.61 56.22 -17.97
CA SER R 152 -29.40 56.91 -17.57
C SER R 152 -29.03 58.02 -18.55
N GLY R 153 -29.27 57.79 -19.83
CA GLY R 153 -28.96 58.78 -20.83
C GLY R 153 -29.99 59.90 -20.91
N PHE R 154 -31.26 59.55 -20.71
CA PHE R 154 -32.32 60.56 -20.80
C PHE R 154 -32.31 61.48 -19.60
N ARG R 155 -31.93 60.98 -18.43
CA ARG R 155 -31.84 61.82 -17.25
C ARG R 155 -30.69 62.81 -17.36
N LYS R 156 -29.60 62.39 -18.00
CA LYS R 156 -28.44 63.27 -18.17
C LYS R 156 -28.76 64.46 -19.06
N GLU R 157 -29.58 64.25 -20.09
CA GLU R 157 -29.88 65.34 -20.99
C GLU R 157 -31.00 66.24 -20.48
N LEU R 158 -31.78 65.76 -19.51
CA LEU R 158 -32.70 66.66 -18.81
C LEU R 158 -31.98 67.49 -17.77
N LEU R 159 -30.92 66.95 -17.18
CA LEU R 159 -30.11 67.70 -16.23
C LEU R 159 -29.27 68.76 -16.90
N ASP R 160 -28.94 68.59 -18.18
CA ASP R 160 -28.23 69.61 -18.91
C ASP R 160 -29.13 70.76 -19.31
N ILE R 161 -30.41 70.47 -19.61
CA ILE R 161 -31.39 71.53 -19.77
C ILE R 161 -31.63 72.21 -18.43
N SER R 162 -31.60 71.42 -17.36
CA SER R 162 -31.84 71.93 -16.01
C SER R 162 -30.77 72.93 -15.58
N ASP R 163 -29.53 72.72 -15.99
CA ASP R 163 -28.45 73.64 -15.63
C ASP R 163 -28.60 74.98 -16.32
N ARG R 164 -29.09 74.99 -17.56
CA ARG R 164 -29.24 76.22 -18.30
C ARG R 164 -30.40 77.05 -17.79
N LEU R 165 -31.44 76.43 -17.24
CA LEU R 165 -32.52 77.20 -16.63
C LEU R 165 -32.12 77.84 -15.31
N GLU R 166 -31.13 77.27 -14.63
CA GLU R 166 -30.63 77.87 -13.39
C GLU R 166 -29.88 79.15 -13.68
N ASN R 167 -29.02 79.13 -14.69
CA ASN R 167 -28.12 80.23 -15.02
C ASN R 167 -28.78 81.33 -15.83
N ASN R 168 -30.11 81.29 -15.98
CA ASN R 168 -30.87 82.22 -16.82
C ASN R 168 -30.32 82.25 -18.24
N GLN R 169 -30.23 81.07 -18.85
CA GLN R 169 -29.74 80.94 -20.21
C GLN R 169 -30.86 80.29 -21.02
N THR R 170 -31.78 81.13 -21.48
CA THR R 170 -33.03 80.63 -22.04
C THR R 170 -32.86 80.19 -23.49
N ARG R 171 -32.05 80.91 -24.26
CA ARG R 171 -31.83 80.55 -25.65
C ARG R 171 -31.02 79.27 -25.79
N MET R 172 -30.15 78.99 -24.83
CA MET R 172 -29.36 77.78 -24.90
C MET R 172 -30.10 76.59 -24.33
N ALA R 173 -31.07 76.82 -23.45
CA ALA R 173 -31.94 75.76 -22.99
C ALA R 173 -32.98 75.38 -24.02
N THR R 174 -33.47 76.36 -24.78
CA THR R 174 -34.41 76.10 -25.87
C THR R 174 -33.76 75.29 -26.97
N TYR R 175 -32.47 75.53 -27.21
CA TYR R 175 -31.73 74.75 -28.19
C TYR R 175 -31.57 73.30 -27.73
N LEU R 176 -31.22 73.08 -26.47
CA LEU R 176 -31.05 71.72 -25.98
C LEU R 176 -32.37 70.99 -25.80
N ALA R 177 -33.48 71.71 -25.60
CA ALA R 177 -34.77 71.06 -25.52
C ALA R 177 -35.21 70.49 -26.86
N GLU R 178 -34.80 71.14 -27.96
CA GLU R 178 -35.13 70.67 -29.29
C GLU R 178 -34.23 69.52 -29.74
N LEU R 179 -33.04 69.41 -29.20
CA LEU R 179 -32.23 68.22 -29.45
C LEU R 179 -32.72 67.02 -28.65
N LEU R 180 -33.50 67.25 -27.60
CA LEU R 180 -34.13 66.15 -26.90
C LEU R 180 -35.22 65.52 -27.74
N VAL R 181 -35.89 66.32 -28.57
CA VAL R 181 -36.95 65.84 -29.42
C VAL R 181 -36.39 65.18 -30.68
N LEU R 182 -35.22 65.62 -31.15
CA LEU R 182 -34.53 64.89 -32.21
C LEU R 182 -34.14 63.49 -31.77
N ASN R 183 -33.70 63.34 -30.53
CA ASN R 183 -33.16 62.08 -30.10
C ASN R 183 -34.17 61.16 -29.43
N TYR R 184 -35.25 61.72 -28.88
CA TYR R 184 -36.20 60.93 -28.12
C TYR R 184 -37.65 61.06 -28.57
N GLY R 185 -37.92 61.83 -29.61
CA GLY R 185 -39.25 61.88 -30.15
C GLY R 185 -40.19 62.79 -29.38
N THR R 186 -41.47 62.60 -29.63
CA THR R 186 -42.52 63.41 -29.02
C THR R 186 -43.36 62.64 -28.02
N HIS R 187 -43.21 61.33 -27.94
CA HIS R 187 -44.04 60.47 -27.12
C HIS R 187 -43.19 59.37 -26.52
N VAL R 188 -43.74 58.72 -25.49
CA VAL R 188 -43.14 57.54 -24.88
C VAL R 188 -44.16 56.42 -24.97
N THR R 189 -43.75 55.28 -25.52
CA THR R 189 -44.66 54.16 -25.62
C THR R 189 -44.86 53.55 -24.24
N THR R 190 -46.10 53.46 -23.80
CA THR R 190 -46.39 52.86 -22.52
C THR R 190 -46.95 51.45 -22.63
N SER R 191 -47.51 51.09 -23.78
CA SER R 191 -47.87 49.70 -24.00
C SER R 191 -47.69 49.36 -25.46
N VAL R 192 -47.21 48.16 -25.72
CA VAL R 192 -47.07 47.62 -27.06
C VAL R 192 -47.85 46.31 -27.13
N ASP R 193 -48.28 45.98 -28.33
CA ASP R 193 -48.95 44.72 -28.62
C ASP R 193 -48.00 43.87 -29.45
N ALA R 194 -47.54 42.77 -28.88
CA ALA R 194 -46.59 41.90 -29.54
C ALA R 194 -47.32 40.85 -30.37
N GLY R 195 -46.99 40.78 -31.65
CA GLY R 195 -47.61 39.80 -32.50
C GLY R 195 -47.15 39.92 -33.93
N ALA R 196 -47.92 39.36 -34.84
CA ALA R 196 -47.60 39.36 -36.26
C ALA R 196 -48.85 39.73 -37.05
N ALA R 197 -48.65 40.15 -38.29
CA ALA R 197 -49.76 40.49 -39.17
C ALA R 197 -49.35 40.25 -40.60
N LEU R 198 -50.32 39.85 -41.42
CA LEU R 198 -50.10 39.65 -42.84
C LEU R 198 -51.13 40.52 -43.56
N ILE R 199 -50.68 41.48 -44.33
CA ILE R 199 -51.55 42.55 -44.85
C ILE R 199 -51.53 42.53 -46.37
N GLN R 200 -52.71 42.64 -46.97
CA GLN R 200 -52.92 42.90 -48.39
C GLN R 200 -53.34 44.34 -48.58
N GLU R 201 -52.81 45.01 -49.59
CA GLU R 201 -53.21 46.39 -49.84
C GLU R 201 -53.32 46.59 -51.35
N ASP R 202 -54.55 46.56 -51.86
CA ASP R 202 -54.81 46.81 -53.27
C ASP R 202 -55.26 48.24 -53.47
N HIS R 203 -55.01 48.76 -54.65
CA HIS R 203 -55.53 50.04 -55.08
C HIS R 203 -56.39 49.84 -56.31
N LEU R 204 -57.62 50.33 -56.25
CA LEU R 204 -58.60 50.16 -57.30
C LEU R 204 -58.96 51.54 -57.84
N ARG R 205 -59.35 51.61 -59.11
CA ARG R 205 -59.82 52.87 -59.66
C ARG R 205 -61.11 53.30 -58.97
N ALA R 206 -61.25 54.61 -58.75
CA ALA R 206 -62.39 55.12 -58.00
C ALA R 206 -63.68 55.01 -58.78
N SER R 207 -63.61 54.82 -60.09
CA SER R 207 -64.79 54.57 -60.91
C SER R 207 -65.39 53.20 -60.65
N PHE R 208 -64.58 52.26 -60.17
CA PHE R 208 -65.04 50.89 -59.97
C PHE R 208 -65.94 50.75 -58.75
N LEU R 209 -65.86 51.67 -57.79
CA LEU R 209 -66.67 51.60 -56.59
C LEU R 209 -68.00 52.33 -56.73
N GLN R 210 -68.12 53.23 -57.68
CA GLN R 210 -69.26 54.13 -57.81
C GLN R 210 -70.54 53.44 -58.30
N ASP R 211 -70.68 52.11 -58.34
CA ASP R 211 -71.87 51.50 -58.91
C ASP R 211 -73.08 51.63 -57.98
N SER R 212 -73.00 51.01 -56.80
CA SER R 212 -74.08 51.06 -55.82
C SER R 212 -73.53 50.69 -54.46
N GLN R 213 -74.42 50.60 -53.48
CA GLN R 213 -74.10 50.09 -52.15
C GLN R 213 -74.22 48.57 -52.05
N SER R 214 -74.72 47.92 -53.10
CA SER R 214 -74.70 46.47 -53.20
C SER R 214 -73.50 45.97 -53.98
N SER R 215 -72.93 46.81 -54.84
CA SER R 215 -71.66 46.47 -55.47
C SER R 215 -70.52 46.54 -54.46
N ARG R 216 -70.67 47.37 -53.43
CA ARG R 216 -69.62 47.56 -52.44
C ARG R 216 -69.37 46.28 -51.64
N SER R 217 -70.42 45.54 -51.32
CA SER R 217 -70.26 44.30 -50.59
C SER R 217 -69.82 43.15 -51.46
N ALA R 218 -69.63 43.36 -52.77
CA ALA R 218 -69.04 42.36 -53.64
C ALA R 218 -67.63 42.72 -54.07
N VAL R 219 -67.32 44.02 -54.17
CA VAL R 219 -65.93 44.46 -54.27
C VAL R 219 -65.15 44.03 -53.03
N THR R 220 -65.78 44.15 -51.87
CA THR R 220 -65.11 43.94 -50.59
C THR R 220 -64.84 42.46 -50.34
N ALA R 221 -65.78 41.59 -50.72
CA ALA R 221 -65.57 40.16 -50.53
C ALA R 221 -64.77 39.53 -51.65
N SER R 222 -64.49 40.29 -52.70
CA SER R 222 -63.60 39.79 -53.75
C SER R 222 -62.14 39.96 -53.34
N ALA R 223 -61.83 41.07 -52.68
CA ALA R 223 -60.49 41.33 -52.21
C ALA R 223 -60.07 40.36 -51.12
N GLY R 224 -61.01 39.92 -50.29
CA GLY R 224 -60.70 38.91 -49.31
C GLY R 224 -60.55 37.54 -49.90
N LEU R 225 -61.15 37.30 -51.06
CA LEU R 225 -61.00 36.03 -51.74
C LEU R 225 -59.67 35.94 -52.47
N ALA R 226 -59.26 37.05 -53.09
CA ALA R 226 -57.96 37.11 -53.74
C ALA R 226 -56.82 36.98 -52.75
N PHE R 227 -57.01 37.45 -51.52
CA PHE R 227 -55.97 37.37 -50.51
C PHE R 227 -55.78 35.95 -50.03
N GLN R 228 -56.86 35.18 -49.93
CA GLN R 228 -56.74 33.79 -49.53
C GLN R 228 -56.22 32.92 -50.65
N ASN R 229 -56.44 33.31 -51.90
CA ASN R 229 -55.82 32.60 -53.01
C ASN R 229 -54.32 32.84 -53.04
N THR R 230 -53.90 34.07 -52.78
CA THR R 230 -52.49 34.44 -52.85
C THR R 230 -51.67 33.74 -51.78
N VAL R 231 -52.25 33.53 -50.59
CA VAL R 231 -51.49 32.79 -49.59
C VAL R 231 -51.46 31.30 -49.93
N ASN R 232 -52.55 30.75 -50.45
CA ASN R 232 -52.59 29.30 -50.61
C ASN R 232 -51.98 28.78 -51.91
N PHE R 233 -52.07 29.51 -53.03
CA PHE R 233 -51.91 28.88 -54.34
C PHE R 233 -50.71 29.34 -55.15
N LYS R 234 -49.53 29.41 -54.52
CA LYS R 234 -48.23 29.11 -55.14
C LYS R 234 -47.87 29.94 -56.36
N PHE R 235 -48.53 31.10 -56.54
CA PHE R 235 -48.46 32.04 -57.67
C PHE R 235 -49.12 31.48 -58.94
N GLU R 236 -49.51 30.21 -58.91
CA GLU R 236 -50.09 29.58 -60.08
C GLU R 236 -51.54 30.02 -60.25
N GLU R 237 -52.10 29.72 -61.41
CA GLU R 237 -53.53 29.96 -61.63
C GLU R 237 -54.36 28.73 -61.29
N ASN R 238 -54.11 28.22 -60.09
CA ASN R 238 -54.97 27.26 -59.43
C ASN R 238 -56.00 27.94 -58.56
N TYR R 239 -56.32 29.19 -58.86
CA TYR R 239 -57.20 29.99 -58.02
C TYR R 239 -58.64 29.52 -58.15
N THR R 240 -59.39 29.68 -57.06
CA THR R 240 -60.82 29.41 -57.06
C THR R 240 -61.59 30.70 -57.35
N SER R 241 -61.36 31.23 -58.56
CA SER R 241 -62.00 32.45 -59.02
C SER R 241 -63.48 32.20 -59.24
N GLN R 242 -64.30 32.77 -58.34
CA GLN R 242 -65.70 32.38 -58.23
C GLN R 242 -66.62 33.03 -59.25
N ASN R 243 -66.24 34.19 -59.80
CA ASN R 243 -67.17 34.95 -60.62
C ASN R 243 -66.44 35.57 -61.79
N VAL R 244 -67.17 36.36 -62.56
CA VAL R 244 -66.58 37.33 -63.48
C VAL R 244 -66.20 38.59 -62.71
N LEU R 245 -66.82 38.80 -61.54
CA LEU R 245 -66.50 39.95 -60.70
C LEU R 245 -65.09 39.85 -60.14
N THR R 246 -64.58 38.62 -59.96
CA THR R 246 -63.16 38.46 -59.65
C THR R 246 -62.30 38.88 -60.84
N LYS R 247 -62.72 38.55 -62.06
CA LYS R 247 -61.95 38.93 -63.23
C LYS R 247 -62.07 40.43 -63.50
N SER R 248 -63.24 41.02 -63.25
CA SER R 248 -63.35 42.46 -63.40
C SER R 248 -62.64 43.21 -62.27
N TYR R 249 -62.43 42.56 -61.12
CA TYR R 249 -61.66 43.17 -60.04
C TYR R 249 -60.21 43.37 -60.44
N LEU R 250 -59.66 42.42 -61.19
CA LEU R 250 -58.24 42.48 -61.53
C LEU R 250 -57.94 43.57 -62.54
N SER R 251 -58.90 43.89 -63.41
CA SER R 251 -58.63 44.84 -64.47
C SER R 251 -58.72 46.28 -64.00
N ASN R 252 -59.43 46.54 -62.90
CA ASN R 252 -59.46 47.86 -62.30
C ASN R 252 -58.41 48.04 -61.22
N ARG R 253 -57.74 46.95 -60.83
CA ARG R 253 -56.71 46.99 -59.81
C ARG R 253 -55.51 47.79 -60.28
N THR R 254 -55.04 48.72 -59.45
CA THR R 254 -53.89 49.53 -59.82
C THR R 254 -52.58 49.01 -59.25
N ASN R 255 -52.46 48.73 -57.94
CA ASN R 255 -51.12 48.45 -57.41
C ASN R 255 -50.91 47.06 -56.80
N SER R 256 -51.67 46.66 -55.77
CA SER R 256 -51.55 45.36 -55.09
C SER R 256 -50.21 45.00 -54.41
N ARG R 257 -49.90 45.60 -53.26
CA ARG R 257 -48.80 45.14 -52.43
C ARG R 257 -49.26 44.09 -51.42
N VAL R 258 -48.37 43.16 -51.08
CA VAL R 258 -48.58 42.22 -49.99
C VAL R 258 -47.47 42.41 -48.97
N GLN R 259 -47.84 42.63 -47.71
CA GLN R 259 -46.89 42.99 -46.67
C GLN R 259 -47.00 42.05 -45.49
N SER R 260 -45.87 41.52 -45.05
CA SER R 260 -45.79 40.72 -43.84
C SER R 260 -45.09 41.53 -42.77
N ILE R 261 -45.66 41.58 -41.58
CA ILE R 261 -45.08 42.31 -40.46
C ILE R 261 -44.92 41.31 -39.32
N GLY R 262 -43.69 40.89 -39.07
CA GLY R 262 -43.44 39.87 -38.08
C GLY R 262 -43.61 38.48 -38.66
N GLY R 263 -43.19 37.50 -37.89
CA GLY R 263 -43.26 36.14 -38.35
C GLY R 263 -42.17 35.83 -39.37
N VAL R 264 -42.41 34.79 -40.15
CA VAL R 264 -41.51 34.38 -41.22
C VAL R 264 -41.81 35.22 -42.45
N PRO R 265 -40.87 35.40 -43.39
CA PRO R 265 -41.16 36.20 -44.58
C PRO R 265 -42.19 35.54 -45.47
N PHE R 266 -43.06 36.37 -46.03
CA PHE R 266 -44.12 35.89 -46.90
C PHE R 266 -43.58 35.57 -48.29
N TYR R 267 -44.10 34.50 -48.87
CA TYR R 267 -43.96 34.19 -50.28
C TYR R 267 -45.29 33.62 -50.73
N PRO R 268 -45.70 33.86 -51.97
CA PRO R 268 -47.01 33.38 -52.43
C PRO R 268 -47.03 31.86 -52.53
N GLY R 269 -47.75 31.23 -51.62
CA GLY R 269 -47.72 29.78 -51.55
C GLY R 269 -47.52 29.24 -50.16
N ILE R 270 -47.06 30.07 -49.22
CA ILE R 270 -47.01 29.63 -47.84
C ILE R 270 -48.43 29.58 -47.29
N THR R 271 -48.83 28.43 -46.79
CA THR R 271 -50.20 28.30 -46.35
C THR R 271 -50.42 29.10 -45.07
N LEU R 272 -51.69 29.35 -44.76
CA LEU R 272 -51.99 30.13 -43.57
C LEU R 272 -51.65 29.36 -42.31
N GLN R 273 -51.71 28.04 -42.37
CA GLN R 273 -51.18 27.20 -41.31
C GLN R 273 -49.69 27.41 -41.10
N ALA R 274 -48.93 27.44 -42.19
CA ALA R 274 -47.48 27.46 -42.07
C ALA R 274 -46.95 28.84 -41.73
N TRP R 275 -47.67 29.90 -42.10
CA TRP R 275 -47.28 31.24 -41.67
C TRP R 275 -47.46 31.40 -40.17
N GLN R 276 -48.49 30.77 -39.61
CA GLN R 276 -48.77 30.87 -38.19
C GLN R 276 -47.89 29.99 -37.33
N GLN R 277 -47.09 29.12 -37.92
CA GLN R 277 -46.12 28.38 -37.14
C GLN R 277 -44.82 29.15 -36.95
N GLY R 278 -44.56 30.12 -37.78
CA GLY R 278 -43.36 30.92 -37.68
C GLY R 278 -43.50 32.19 -36.89
N ILE R 279 -44.67 32.40 -36.29
CA ILE R 279 -44.89 33.58 -35.46
C ILE R 279 -44.12 33.49 -34.16
N THR R 280 -43.92 32.27 -33.67
CA THR R 280 -43.15 32.02 -32.46
C THR R 280 -41.71 32.46 -32.62
N ASN R 281 -41.25 33.31 -31.70
CA ASN R 281 -39.94 33.96 -31.59
C ASN R 281 -39.69 35.01 -32.67
N HIS R 282 -40.68 35.35 -33.48
CA HIS R 282 -40.58 36.48 -34.40
C HIS R 282 -41.78 37.35 -34.14
N LEU R 283 -41.72 38.18 -33.10
CA LEU R 283 -42.83 39.03 -32.71
C LEU R 283 -42.40 40.47 -32.84
N VAL R 284 -43.30 41.31 -33.34
CA VAL R 284 -43.04 42.73 -33.50
C VAL R 284 -44.19 43.48 -32.85
N ALA R 285 -44.04 44.80 -32.77
CA ALA R 285 -45.11 45.64 -32.27
C ALA R 285 -46.10 45.90 -33.39
N ILE R 286 -47.29 45.32 -33.28
CA ILE R 286 -48.36 45.59 -34.24
C ILE R 286 -49.31 46.67 -33.76
N ASP R 287 -49.17 47.14 -32.52
CA ASP R 287 -49.92 48.29 -32.04
C ASP R 287 -49.15 48.88 -30.87
N ARG R 288 -49.39 50.18 -30.62
CA ARG R 288 -48.73 50.92 -29.56
C ARG R 288 -49.69 51.90 -28.94
N SER R 289 -49.49 52.17 -27.65
CA SER R 289 -50.14 53.28 -26.97
C SER R 289 -49.06 54.11 -26.30
N GLY R 290 -49.40 55.34 -25.96
CA GLY R 290 -48.38 56.18 -25.35
C GLY R 290 -48.92 57.42 -24.68
N LEU R 291 -47.99 58.23 -24.21
CA LEU R 291 -48.23 59.51 -23.56
C LEU R 291 -47.18 60.48 -24.08
N PRO R 292 -47.45 61.78 -24.05
CA PRO R 292 -46.45 62.75 -24.49
C PRO R 292 -45.21 62.77 -23.61
N LEU R 293 -44.14 63.35 -24.15
CA LEU R 293 -42.82 63.23 -23.55
C LEU R 293 -42.71 64.06 -22.28
N HIS R 294 -43.45 65.17 -22.18
CA HIS R 294 -43.40 66.02 -21.01
C HIS R 294 -44.27 65.51 -19.87
N PHE R 295 -45.04 64.45 -20.10
CA PHE R 295 -45.79 63.83 -19.01
C PHE R 295 -44.85 63.22 -17.98
N PHE R 296 -43.71 62.70 -18.45
CA PHE R 296 -42.76 62.01 -17.59
C PHE R 296 -41.69 62.93 -17.06
N ILE R 297 -41.86 64.24 -17.19
CA ILE R 297 -40.98 65.20 -16.54
C ILE R 297 -41.79 65.83 -15.42
N ASN R 298 -41.69 65.24 -14.24
CA ASN R 298 -42.49 65.62 -13.09
C ASN R 298 -41.62 65.43 -11.85
N PRO R 299 -41.99 66.00 -10.70
CA PRO R 299 -41.14 65.83 -9.50
C PRO R 299 -40.98 64.41 -9.00
N ASN R 300 -41.80 63.47 -9.45
CA ASN R 300 -41.65 62.09 -9.05
C ASN R 300 -40.49 61.41 -9.79
N MET R 301 -40.38 61.64 -11.10
CA MET R 301 -39.32 61.01 -11.87
C MET R 301 -37.96 61.63 -11.58
N LEU R 302 -37.94 62.90 -11.17
CA LEU R 302 -36.70 63.63 -10.90
C LEU R 302 -36.72 64.03 -9.43
N PRO R 303 -36.31 63.13 -8.53
CA PRO R 303 -36.39 63.44 -7.09
C PRO R 303 -35.21 64.21 -6.56
N ASP R 304 -34.13 64.34 -7.34
CA ASP R 304 -32.93 65.06 -6.93
C ASP R 304 -32.87 66.47 -7.46
N LEU R 305 -34.01 67.04 -7.84
CA LEU R 305 -34.11 68.42 -8.30
C LEU R 305 -35.29 69.07 -7.60
N PRO R 306 -35.26 70.40 -7.44
CA PRO R 306 -36.39 71.07 -6.78
C PRO R 306 -37.65 71.06 -7.63
N GLY R 307 -38.76 71.31 -6.95
CA GLY R 307 -40.09 71.26 -7.52
C GLY R 307 -40.37 72.19 -8.68
N PRO R 308 -40.20 73.52 -8.48
CA PRO R 308 -40.46 74.44 -9.61
C PRO R 308 -39.43 74.39 -10.70
N LEU R 309 -38.31 73.73 -10.50
CA LEU R 309 -37.28 73.67 -11.52
C LEU R 309 -37.49 72.51 -12.49
N VAL R 310 -38.17 71.45 -12.08
CA VAL R 310 -38.55 70.40 -13.04
C VAL R 310 -39.81 70.77 -13.79
N LYS R 311 -40.50 71.83 -13.39
CA LYS R 311 -41.60 72.37 -14.16
C LYS R 311 -41.14 73.38 -15.19
N LYS R 312 -39.91 73.90 -15.07
CA LYS R 312 -39.35 74.69 -16.14
C LYS R 312 -38.81 73.79 -17.25
N VAL R 313 -38.27 72.64 -16.87
CA VAL R 313 -37.79 71.66 -17.84
C VAL R 313 -38.97 71.05 -18.59
N SER R 314 -40.07 70.79 -17.88
CA SER R 314 -41.24 70.20 -18.49
C SER R 314 -41.94 71.17 -19.42
N LYS R 315 -41.85 72.47 -19.14
CA LYS R 315 -42.49 73.45 -19.99
C LYS R 315 -41.63 73.79 -21.21
N THR R 316 -40.31 73.74 -21.08
CA THR R 316 -39.46 74.03 -22.23
C THR R 316 -39.36 72.85 -23.19
N VAL R 317 -39.79 71.67 -22.79
CA VAL R 317 -39.86 70.53 -23.70
C VAL R 317 -41.25 70.43 -24.33
N GLU R 318 -42.29 70.81 -23.59
CA GLU R 318 -43.63 70.89 -24.16
C GLU R 318 -43.71 71.93 -25.27
N THR R 319 -42.94 73.01 -25.15
CA THR R 319 -42.90 74.03 -26.18
C THR R 319 -42.13 73.55 -27.39
N ALA R 320 -41.08 72.75 -27.18
CA ALA R 320 -40.29 72.26 -28.30
C ALA R 320 -41.01 71.20 -29.10
N VAL R 321 -41.82 70.37 -28.44
CA VAL R 321 -42.63 69.39 -29.15
C VAL R 321 -43.73 70.07 -29.94
N LYS R 322 -44.35 71.09 -29.35
CA LYS R 322 -45.43 71.81 -30.03
C LYS R 322 -44.91 72.62 -31.21
N ARG R 323 -43.66 73.09 -31.12
CA ARG R 323 -43.05 73.79 -32.24
C ARG R 323 -42.75 72.85 -33.39
N TYR R 324 -42.52 71.58 -33.09
CA TYR R 324 -42.20 70.61 -34.11
C TYR R 324 -43.43 70.21 -34.93
N TYR R 325 -44.61 70.20 -34.31
CA TYR R 325 -45.84 69.94 -35.05
C TYR R 325 -46.25 71.12 -35.90
N THR R 326 -45.94 72.34 -35.46
CA THR R 326 -46.37 73.53 -36.18
C THR R 326 -45.58 73.73 -37.46
N PHE R 327 -44.30 73.41 -37.43
CA PHE R 327 -43.47 73.61 -38.60
C PHE R 327 -43.64 72.53 -39.65
N ASN R 328 -44.41 71.49 -39.35
CA ASN R 328 -44.70 70.40 -40.26
C ASN R 328 -46.18 70.33 -40.58
N THR R 329 -46.87 71.46 -40.49
CA THR R 329 -48.28 71.55 -40.81
C THR R 329 -48.43 72.37 -42.08
N TYR R 330 -49.11 71.80 -43.08
CA TYR R 330 -49.30 72.43 -44.38
C TYR R 330 -50.80 72.51 -44.66
N PRO R 331 -51.44 73.61 -44.33
CA PRO R 331 -52.85 73.77 -44.71
C PRO R 331 -52.97 74.04 -46.20
N GLY R 332 -54.05 73.55 -46.79
CA GLY R 332 -54.27 73.74 -48.20
C GLY R 332 -55.50 72.98 -48.65
N CYS R 333 -55.76 73.07 -49.95
CA CYS R 333 -56.88 72.35 -50.54
C CYS R 333 -56.51 70.90 -50.71
N THR R 334 -57.30 70.01 -50.10
CA THR R 334 -57.00 68.59 -50.09
C THR R 334 -57.89 67.78 -51.01
N ASP R 335 -58.89 68.39 -51.64
CA ASP R 335 -59.79 67.68 -52.54
C ASP R 335 -59.12 67.56 -53.91
N LEU R 336 -58.90 66.34 -54.37
CA LEU R 336 -58.15 66.11 -55.60
C LEU R 336 -58.94 66.48 -56.84
N ASN R 337 -60.25 66.61 -56.74
CA ASN R 337 -61.07 66.99 -57.89
C ASN R 337 -61.20 68.49 -58.07
N SER R 338 -60.84 69.28 -57.05
CA SER R 338 -60.88 70.73 -57.18
C SER R 338 -59.75 71.20 -58.09
N PRO R 339 -59.95 72.28 -58.85
CA PRO R 339 -58.88 72.74 -59.75
C PRO R 339 -57.68 73.30 -59.04
N ASN R 340 -57.88 73.92 -57.88
CA ASN R 340 -56.76 74.42 -57.08
C ASN R 340 -56.32 73.42 -56.00
N PHE R 341 -56.06 72.18 -56.42
CA PHE R 341 -55.66 71.13 -55.50
C PHE R 341 -54.22 71.35 -55.02
N ASN R 342 -54.04 71.37 -53.71
CA ASN R 342 -52.73 71.51 -53.11
C ASN R 342 -52.24 70.11 -52.77
N PHE R 343 -51.46 69.53 -53.68
CA PHE R 343 -50.56 68.46 -53.31
C PHE R 343 -49.49 69.06 -52.41
N GLN R 344 -48.90 68.22 -51.57
CA GLN R 344 -48.05 68.63 -50.43
C GLN R 344 -48.85 69.49 -49.45
N ALA R 345 -49.97 68.97 -48.98
CA ALA R 345 -50.77 69.62 -47.94
C ALA R 345 -51.33 68.56 -47.01
N ASN R 346 -51.26 68.82 -45.71
CA ASN R 346 -51.67 67.88 -44.68
C ASN R 346 -53.08 68.13 -44.18
N THR R 347 -53.40 69.39 -43.90
CA THR R 347 -54.62 69.75 -43.19
C THR R 347 -55.59 70.39 -44.18
N ASP R 348 -56.86 70.00 -44.07
CA ASP R 348 -57.90 70.55 -44.93
C ASP R 348 -58.12 72.02 -44.57
N ASP R 349 -57.89 72.91 -45.54
CA ASP R 349 -57.97 74.34 -45.29
C ASP R 349 -59.41 74.82 -45.24
N GLY R 350 -60.34 74.09 -45.82
CA GLY R 350 -61.71 74.55 -45.89
C GLY R 350 -61.96 75.60 -46.95
N SER R 351 -60.99 75.86 -47.83
CA SER R 351 -61.13 76.81 -48.92
C SER R 351 -60.75 76.05 -50.19
N CYS R 352 -61.74 75.36 -50.75
CA CYS R 352 -61.54 74.56 -51.95
C CYS R 352 -62.07 75.22 -53.20
N GLU R 353 -62.80 76.33 -53.06
CA GLU R 353 -63.32 77.07 -54.20
C GLU R 353 -62.93 78.54 -54.03
N GLY R 354 -61.99 79.00 -54.85
CA GLY R 354 -61.54 80.37 -54.81
C GLY R 354 -62.24 81.22 -55.87
N LYS R 355 -61.87 82.51 -55.87
CA LYS R 355 -62.50 83.46 -56.78
C LYS R 355 -61.56 83.99 -57.85
N MET R 356 -60.26 83.69 -57.76
CA MET R 356 -59.21 84.15 -58.70
C MET R 356 -59.19 85.68 -58.78
N THR R 357 -58.77 86.27 -57.68
CA THR R 357 -58.62 87.72 -57.59
C THR R 357 -57.13 88.05 -57.74
N ASN R 358 -56.79 88.80 -58.78
CA ASN R 358 -55.43 89.26 -58.96
C ASN R 358 -55.18 90.48 -58.08
N PHE R 359 -54.03 90.49 -57.41
CA PHE R 359 -53.72 91.54 -56.44
C PHE R 359 -52.50 92.32 -56.88
N SER R 360 -52.22 93.40 -56.15
CA SER R 360 -51.16 94.34 -56.46
C SER R 360 -50.06 94.21 -55.43
N PHE R 361 -48.84 93.94 -55.88
CA PHE R 361 -47.68 93.81 -55.01
C PHE R 361 -47.02 95.18 -54.87
N GLY R 362 -47.22 95.81 -53.72
CA GLY R 362 -46.73 97.15 -53.50
C GLY R 362 -45.31 97.27 -53.01
N GLY R 363 -44.56 96.18 -52.94
CA GLY R 363 -43.16 96.24 -52.59
C GLY R 363 -42.93 96.08 -51.10
N VAL R 364 -41.65 95.89 -50.76
CA VAL R 364 -41.21 95.67 -49.40
C VAL R 364 -40.15 96.70 -49.04
N TYR R 365 -40.06 97.02 -47.75
CA TYR R 365 -38.97 97.85 -47.25
C TYR R 365 -38.71 97.48 -45.81
N GLN R 366 -37.46 97.68 -45.38
CA GLN R 366 -36.99 97.24 -44.08
C GLN R 366 -36.19 98.35 -43.42
N GLU R 367 -36.57 98.69 -42.19
CA GLU R 367 -35.82 99.65 -41.41
C GLU R 367 -34.73 98.95 -40.61
N CYS R 368 -33.78 99.74 -40.12
CA CYS R 368 -32.77 99.24 -39.21
C CYS R 368 -32.49 100.28 -38.14
N THR R 369 -32.08 99.79 -36.96
CA THR R 369 -31.80 100.68 -35.83
C THR R 369 -30.65 100.06 -35.05
N GLN R 370 -29.48 100.68 -35.12
CA GLN R 370 -28.30 100.19 -34.41
C GLN R 370 -28.47 100.35 -32.92
N LEU R 371 -28.20 99.29 -32.16
CA LEU R 371 -28.33 99.31 -30.72
C LEU R 371 -26.99 99.37 -30.00
N SER R 372 -25.98 98.67 -30.50
CA SER R 372 -24.66 98.67 -29.89
C SER R 372 -23.65 98.28 -30.95
N GLY R 373 -22.40 98.71 -30.74
CA GLY R 373 -21.33 98.39 -31.66
C GLY R 373 -21.15 99.43 -32.75
N ASN R 374 -21.19 100.71 -32.37
CA ASN R 374 -21.08 101.78 -33.34
C ASN R 374 -19.66 101.92 -33.85
N ARG R 375 -19.56 102.41 -35.09
CA ARG R 375 -18.31 102.72 -35.80
C ARG R 375 -17.40 101.50 -35.98
N ASP R 376 -17.94 100.30 -35.89
CA ASP R 376 -17.17 99.08 -36.04
C ASP R 376 -17.68 98.19 -37.15
N VAL R 377 -18.99 97.95 -37.21
CA VAL R 377 -19.58 97.02 -38.17
C VAL R 377 -20.41 97.75 -39.22
N LEU R 378 -21.16 98.78 -38.79
CA LEU R 378 -22.22 99.44 -39.56
C LEU R 378 -23.26 98.42 -40.04
N LEU R 379 -23.94 97.85 -39.03
CA LEU R 379 -24.99 96.88 -39.29
C LEU R 379 -26.16 97.47 -40.05
N CYS R 380 -26.43 98.75 -39.87
CA CYS R 380 -27.58 99.41 -40.45
C CYS R 380 -27.31 99.90 -41.88
N GLN R 381 -26.38 99.26 -42.59
CA GLN R 381 -26.08 99.57 -43.98
C GLN R 381 -26.32 98.40 -44.90
N LYS R 382 -25.86 97.20 -44.53
CA LYS R 382 -26.14 95.99 -45.28
C LYS R 382 -27.38 95.26 -44.79
N LEU R 383 -28.23 95.93 -44.00
CA LEU R 383 -29.45 95.36 -43.47
C LEU R 383 -30.63 96.29 -43.72
N GLU R 384 -30.48 97.22 -44.64
CA GLU R 384 -31.46 98.27 -44.89
C GLU R 384 -31.93 98.18 -46.34
N GLN R 385 -33.24 98.24 -46.54
CA GLN R 385 -33.80 98.16 -47.89
C GLN R 385 -34.93 99.17 -48.03
N LYS R 386 -34.92 99.90 -49.14
CA LYS R 386 -35.95 100.87 -49.44
C LYS R 386 -36.87 100.36 -50.54
N ASN R 387 -38.08 100.90 -50.57
CA ASN R 387 -39.08 100.51 -51.54
C ASN R 387 -38.71 101.06 -52.91
N PRO R 388 -38.61 100.24 -53.96
CA PRO R 388 -38.30 100.78 -55.29
C PRO R 388 -39.39 101.63 -55.89
N LEU R 389 -40.63 101.53 -55.41
CA LEU R 389 -41.71 102.32 -55.97
C LEU R 389 -41.71 103.75 -55.45
N THR R 390 -41.14 104.00 -54.28
CA THR R 390 -41.06 105.35 -53.73
C THR R 390 -39.64 105.83 -53.49
N GLY R 391 -38.65 104.94 -53.41
CA GLY R 391 -37.32 105.34 -53.00
C GLY R 391 -37.24 105.77 -51.55
N ASP R 392 -38.14 105.26 -50.71
CA ASP R 392 -38.32 105.76 -49.36
C ASP R 392 -38.85 104.63 -48.50
N PHE R 393 -38.90 104.87 -47.20
CA PHE R 393 -39.47 103.91 -46.25
C PHE R 393 -40.98 104.15 -46.09
N SER R 394 -41.68 104.04 -47.21
CA SER R 394 -43.11 104.27 -47.25
C SER R 394 -43.69 103.55 -48.45
N CYS R 395 -44.97 103.27 -48.38
CA CYS R 395 -45.71 102.73 -49.50
C CYS R 395 -46.14 103.85 -50.44
N PRO R 396 -46.50 103.53 -51.70
CA PRO R 396 -47.03 104.57 -52.59
C PRO R 396 -48.41 105.09 -52.20
N SER R 397 -48.96 105.95 -53.04
CA SER R 397 -50.20 106.66 -52.71
C SER R 397 -51.39 105.71 -52.63
N GLY R 398 -51.41 104.70 -53.48
CA GLY R 398 -52.49 103.73 -53.44
C GLY R 398 -52.29 102.57 -52.50
N TYR R 399 -51.30 102.62 -51.62
CA TYR R 399 -50.94 101.48 -50.80
C TYR R 399 -50.88 101.89 -49.33
N SER R 400 -50.60 100.90 -48.46
CA SER R 400 -50.55 101.08 -47.02
C SER R 400 -49.58 100.05 -46.43
N PRO R 401 -48.82 100.41 -45.40
CA PRO R 401 -47.82 99.47 -44.87
C PRO R 401 -48.41 98.46 -43.89
N VAL R 402 -47.89 97.24 -43.95
CA VAL R 402 -48.23 96.17 -43.03
C VAL R 402 -46.94 95.66 -42.40
N HIS R 403 -46.88 95.64 -41.08
CA HIS R 403 -45.69 95.24 -40.34
C HIS R 403 -45.61 93.73 -40.26
N LEU R 404 -44.54 93.15 -40.82
CA LEU R 404 -44.38 91.70 -40.78
C LEU R 404 -43.80 91.24 -39.45
N LEU R 405 -42.56 91.64 -39.16
CA LEU R 405 -41.82 91.05 -38.06
C LEU R 405 -40.68 91.98 -37.67
N SER R 406 -40.40 91.99 -36.37
CA SER R 406 -39.39 92.87 -35.79
C SER R 406 -38.54 92.06 -34.82
N GLN R 407 -37.27 91.85 -35.14
CA GLN R 407 -36.37 91.08 -34.30
C GLN R 407 -35.02 91.76 -34.23
N ILE R 408 -34.10 91.15 -33.49
CA ILE R 408 -32.76 91.67 -33.24
C ILE R 408 -31.76 90.82 -34.01
N HIS R 409 -30.91 91.48 -34.78
CA HIS R 409 -29.83 90.80 -35.48
C HIS R 409 -28.53 91.01 -34.72
N GLU R 410 -27.64 90.01 -34.77
CA GLU R 410 -26.37 90.06 -34.08
C GLU R 410 -25.25 89.67 -35.03
N GLU R 411 -24.18 90.46 -35.03
CA GLU R 411 -22.93 90.08 -35.69
C GLU R 411 -21.77 90.34 -34.75
N GLY R 412 -20.63 89.78 -35.11
CA GLY R 412 -19.42 89.87 -34.29
C GLY R 412 -18.33 90.65 -34.99
N TYR R 413 -17.59 91.43 -34.22
CA TYR R 413 -16.43 92.15 -34.71
C TYR R 413 -15.26 91.89 -33.78
N ASN R 414 -14.08 92.35 -34.20
CA ASN R 414 -12.84 91.78 -33.71
C ASN R 414 -11.79 92.87 -33.55
N HIS R 415 -11.20 92.98 -32.37
CA HIS R 415 -10.03 93.80 -32.14
C HIS R 415 -8.81 92.91 -31.96
N LEU R 416 -7.64 93.47 -32.24
CA LEU R 416 -6.38 92.74 -32.08
C LEU R 416 -5.31 93.73 -31.63
N GLU R 417 -4.85 93.56 -30.40
CA GLU R 417 -3.87 94.47 -29.81
C GLU R 417 -2.63 93.69 -29.41
N CYS R 418 -1.46 94.26 -29.69
CA CYS R 418 -0.19 93.61 -29.40
C CYS R 418 0.79 94.66 -28.88
N HIS R 419 1.51 94.31 -27.82
CA HIS R 419 2.66 95.12 -27.42
C HIS R 419 3.76 94.21 -26.90
N ARG R 420 4.99 94.68 -27.04
CA ARG R 420 6.18 93.91 -26.77
C ARG R 420 7.03 94.64 -25.75
N LYS R 421 7.62 93.89 -24.82
CA LYS R 421 8.39 94.46 -23.73
C LYS R 421 9.60 93.59 -23.46
N CYS R 422 10.77 94.22 -23.30
CA CYS R 422 12.02 93.52 -23.04
C CYS R 422 12.57 93.93 -21.68
N THR R 423 13.16 92.98 -20.96
CA THR R 423 13.61 93.20 -19.59
C THR R 423 15.05 92.69 -19.45
N LEU R 424 15.97 93.60 -19.13
CA LEU R 424 17.41 93.32 -18.95
C LEU R 424 18.05 92.78 -20.22
N LYS R 425 17.53 93.18 -21.38
CA LYS R 425 18.01 92.89 -22.74
C LYS R 425 17.88 91.43 -23.15
N VAL R 426 17.40 90.55 -22.25
CA VAL R 426 17.08 89.17 -22.54
C VAL R 426 15.58 89.17 -22.27
N PHE R 427 14.91 88.02 -22.38
CA PHE R 427 13.57 87.79 -21.83
C PHE R 427 12.52 88.71 -22.47
N CYS R 428 12.37 88.59 -23.78
CA CYS R 428 11.42 89.42 -24.51
C CYS R 428 10.01 88.87 -24.31
N LYS R 429 9.09 89.74 -23.89
CA LYS R 429 7.71 89.36 -23.65
C LYS R 429 6.81 90.02 -24.70
N THR R 430 5.95 89.21 -25.32
CA THR R 430 5.00 89.68 -26.31
C THR R 430 3.64 89.10 -25.98
N VAL R 431 2.66 89.96 -25.76
CA VAL R 431 1.28 89.53 -25.51
C VAL R 431 0.40 90.00 -26.65
N CYS R 432 -0.46 89.12 -27.13
CA CYS R 432 -1.30 89.38 -28.30
C CYS R 432 -2.75 89.09 -27.89
N GLU R 433 -3.52 90.14 -27.65
CA GLU R 433 -4.88 90.01 -27.18
C GLU R 433 -5.87 90.23 -28.32
N ASP R 434 -6.90 89.39 -28.38
CA ASP R 434 -7.87 89.39 -29.48
C ASP R 434 -9.27 89.30 -28.90
N VAL R 435 -9.98 90.42 -28.88
CA VAL R 435 -11.29 90.52 -28.25
C VAL R 435 -12.37 90.41 -29.31
N PHE R 436 -13.35 89.54 -29.07
CA PHE R 436 -14.50 89.34 -29.95
C PHE R 436 -15.74 89.87 -29.24
N GLN R 437 -16.37 90.89 -29.82
CA GLN R 437 -17.57 91.46 -29.25
C GLN R 437 -18.74 91.28 -30.19
N VAL R 438 -19.95 91.48 -29.67
CA VAL R 438 -21.20 91.26 -30.40
C VAL R 438 -21.88 92.59 -30.63
N ALA R 439 -22.16 92.90 -31.90
CA ALA R 439 -22.88 94.12 -32.27
C ALA R 439 -24.32 93.76 -32.62
N LYS R 440 -25.26 94.51 -32.05
CA LYS R 440 -26.68 94.21 -32.21
C LYS R 440 -27.36 95.29 -33.04
N ALA R 441 -28.51 94.93 -33.61
CA ALA R 441 -29.30 95.84 -34.42
C ALA R 441 -30.74 95.36 -34.47
N GLU R 442 -31.67 96.30 -34.33
CA GLU R 442 -33.09 96.04 -34.50
C GLU R 442 -33.48 96.28 -35.94
N PHE R 443 -34.27 95.37 -36.51
CA PHE R 443 -34.84 95.60 -37.82
C PHE R 443 -36.35 95.45 -37.76
N ARG R 444 -37.03 96.19 -38.62
CA ARG R 444 -38.49 96.14 -38.74
C ARG R 444 -38.82 96.06 -40.22
N ALA R 445 -39.37 94.93 -40.65
CA ALA R 445 -39.71 94.70 -42.04
C ALA R 445 -41.18 95.00 -42.25
N PHE R 446 -41.47 95.83 -43.24
CA PHE R 446 -42.83 96.20 -43.59
C PHE R 446 -43.18 95.69 -44.98
N TRP R 447 -44.44 95.88 -45.35
CA TRP R 447 -44.95 95.32 -46.58
C TRP R 447 -46.19 96.10 -46.99
N CYS R 448 -46.32 96.37 -48.29
CA CYS R 448 -47.35 97.24 -48.81
C CYS R 448 -48.54 96.44 -49.33
N VAL R 449 -49.74 97.00 -49.17
CA VAL R 449 -50.99 96.33 -49.53
C VAL R 449 -51.86 97.33 -50.28
N ALA R 450 -52.53 96.88 -51.34
CA ALA R 450 -53.46 97.74 -52.08
C ALA R 450 -54.69 98.00 -51.23
N SER R 451 -54.77 99.20 -50.66
CA SER R 451 -55.88 99.58 -49.80
C SER R 451 -56.71 100.73 -50.35
N SER R 452 -56.38 101.25 -51.52
CA SER R 452 -57.13 102.33 -52.13
C SER R 452 -58.03 101.87 -53.28
N GLN R 453 -57.84 100.63 -53.74
CA GLN R 453 -58.71 99.87 -54.66
C GLN R 453 -58.63 100.38 -56.10
N VAL R 454 -57.98 101.53 -56.33
CA VAL R 454 -57.82 102.04 -57.68
C VAL R 454 -56.33 102.24 -57.95
N PRO R 455 -55.61 101.22 -58.44
CA PRO R 455 -54.30 101.49 -59.01
C PRO R 455 -54.36 101.65 -60.51
N GLU R 456 -53.39 102.33 -61.11
CA GLU R 456 -53.24 102.30 -62.55
C GLU R 456 -52.56 101.02 -63.00
N ASN R 457 -51.33 100.80 -62.56
CA ASN R 457 -50.62 99.55 -62.71
C ASN R 457 -50.16 99.09 -61.33
N SER R 458 -50.09 97.76 -61.15
CA SER R 458 -49.84 97.19 -59.84
C SER R 458 -48.41 97.45 -59.38
N GLY R 459 -47.44 97.04 -60.18
CA GLY R 459 -46.06 97.23 -59.83
C GLY R 459 -45.39 95.96 -59.34
N LEU R 460 -44.15 95.77 -59.80
CA LEU R 460 -43.20 94.79 -59.28
C LEU R 460 -43.73 93.36 -59.43
N LEU R 461 -43.89 92.94 -60.69
CA LEU R 461 -44.60 91.70 -60.99
C LEU R 461 -43.69 90.49 -60.83
N PHE R 462 -43.51 90.09 -59.57
CA PHE R 462 -43.00 88.78 -59.15
C PHE R 462 -43.21 88.67 -57.65
N GLY R 463 -43.29 87.43 -57.17
CA GLY R 463 -43.48 87.21 -55.75
C GLY R 463 -42.74 86.01 -55.19
N GLY R 464 -41.69 85.57 -55.88
CA GLY R 464 -40.93 84.41 -55.46
C GLY R 464 -39.66 84.79 -54.71
N LEU R 465 -39.26 83.90 -53.80
CA LEU R 465 -38.26 84.21 -52.79
C LEU R 465 -37.16 83.17 -52.84
N PHE R 466 -36.01 83.52 -52.27
CA PHE R 466 -34.98 82.54 -51.96
C PHE R 466 -34.16 83.06 -50.78
N SER R 467 -33.73 82.14 -49.93
CA SER R 467 -33.00 82.47 -48.73
C SER R 467 -31.52 82.17 -48.93
N SER R 468 -30.75 82.27 -47.85
CA SER R 468 -29.39 81.74 -47.84
C SER R 468 -29.36 80.23 -47.69
N LYS R 469 -30.51 79.60 -47.42
CA LYS R 469 -30.60 78.16 -47.34
C LYS R 469 -31.74 77.60 -48.18
N SER R 470 -32.40 78.44 -48.97
CA SER R 470 -33.50 78.03 -49.82
C SER R 470 -33.16 78.29 -51.27
N ILE R 471 -34.10 77.97 -52.15
CA ILE R 471 -33.91 78.02 -53.60
C ILE R 471 -35.15 78.62 -54.23
N ASN R 472 -34.94 79.59 -55.12
CA ASN R 472 -36.03 80.11 -55.92
C ASN R 472 -36.48 79.04 -56.90
N PRO R 473 -37.74 78.59 -56.87
CA PRO R 473 -38.15 77.53 -57.78
C PRO R 473 -38.32 77.99 -59.21
N MET R 474 -38.40 79.30 -59.46
CA MET R 474 -38.48 79.79 -60.82
C MET R 474 -37.11 79.89 -61.48
N THR R 475 -36.02 79.65 -60.75
CA THR R 475 -34.70 79.51 -61.33
C THR R 475 -34.02 78.19 -60.99
N ASN R 476 -34.55 77.45 -59.99
CA ASN R 476 -33.92 76.27 -59.39
C ASN R 476 -32.50 76.57 -58.91
N ALA R 477 -32.30 77.79 -58.40
CA ALA R 477 -31.02 78.24 -57.90
C ALA R 477 -31.25 79.43 -56.98
N GLN R 478 -30.16 79.95 -56.42
CA GLN R 478 -30.19 81.15 -55.60
C GLN R 478 -29.92 82.39 -56.44
N SER R 479 -30.77 82.59 -57.45
CA SER R 479 -30.57 83.68 -58.39
C SER R 479 -31.93 84.21 -58.82
N CYS R 480 -31.89 85.35 -59.45
CA CYS R 480 -33.07 86.01 -60.01
C CYS R 480 -33.34 85.49 -61.41
N PRO R 481 -34.58 85.60 -61.89
CA PRO R 481 -34.82 85.28 -63.31
C PRO R 481 -34.33 86.38 -64.24
N ALA R 482 -34.62 86.26 -65.53
CA ALA R 482 -34.10 87.15 -66.55
C ALA R 482 -34.69 88.55 -66.41
N GLY R 483 -33.90 89.49 -65.92
CA GLY R 483 -34.32 90.87 -65.80
C GLY R 483 -35.01 91.20 -64.49
N TYR R 484 -34.46 90.69 -63.39
CA TYR R 484 -35.05 90.82 -62.06
C TYR R 484 -33.98 91.24 -61.06
N PHE R 485 -34.34 92.16 -60.16
CA PHE R 485 -33.40 92.58 -59.14
C PHE R 485 -33.93 92.24 -57.76
N PRO R 486 -33.08 91.76 -56.86
CA PRO R 486 -33.58 91.29 -55.57
C PRO R 486 -33.72 92.42 -54.56
N LEU R 487 -34.64 92.23 -53.63
CA LEU R 487 -34.85 93.17 -52.53
C LEU R 487 -34.55 92.44 -51.23
N ARG R 488 -33.61 92.98 -50.45
CA ARG R 488 -33.20 92.31 -49.23
C ARG R 488 -34.26 92.44 -48.14
N LEU R 489 -34.40 91.39 -47.36
CA LEU R 489 -35.39 91.31 -46.29
C LEU R 489 -34.68 90.62 -45.13
N PHE R 490 -35.45 90.08 -44.18
CA PHE R 490 -35.19 90.04 -42.73
C PHE R 490 -33.73 89.87 -42.34
N GLU R 491 -33.14 88.77 -42.72
CA GLU R 491 -31.69 88.59 -42.64
C GLU R 491 -31.11 88.05 -43.92
N ASN R 492 -31.83 87.16 -44.61
CA ASN R 492 -31.31 86.51 -45.78
C ASN R 492 -32.28 86.43 -46.95
N LEU R 493 -33.52 86.87 -46.79
CA LEU R 493 -34.45 86.81 -47.91
C LEU R 493 -34.10 87.83 -48.98
N LYS R 494 -34.18 87.39 -50.22
CA LYS R 494 -34.01 88.25 -51.39
C LYS R 494 -35.20 88.02 -52.29
N VAL R 495 -36.09 88.99 -52.34
CA VAL R 495 -37.34 88.90 -53.10
C VAL R 495 -37.08 89.44 -54.51
N CYS R 496 -37.27 88.60 -55.52
CA CYS R 496 -36.98 88.99 -56.88
C CYS R 496 -38.13 89.83 -57.43
N VAL R 497 -37.79 90.90 -58.13
CA VAL R 497 -38.72 92.00 -58.43
C VAL R 497 -38.37 92.61 -59.78
N SER R 498 -39.35 92.75 -60.66
CA SER R 498 -39.21 93.51 -61.90
C SER R 498 -40.51 94.24 -62.19
N GLN R 499 -40.40 95.46 -62.70
CA GLN R 499 -41.54 96.28 -63.07
C GLN R 499 -41.49 96.65 -64.56
N ASP R 500 -41.07 95.70 -65.39
CA ASP R 500 -40.87 95.95 -66.81
C ASP R 500 -42.11 95.73 -67.67
N TYR R 501 -42.99 94.82 -67.23
CA TYR R 501 -44.30 94.49 -67.82
C TYR R 501 -44.23 93.83 -69.19
N GLU R 502 -43.04 93.70 -69.77
CA GLU R 502 -42.86 93.00 -71.04
C GLU R 502 -41.90 91.83 -70.92
N LEU R 503 -40.70 92.06 -70.40
CA LEU R 503 -39.77 90.97 -70.15
C LEU R 503 -39.97 90.35 -68.79
N GLY R 504 -40.82 90.93 -67.95
CA GLY R 504 -41.11 90.39 -66.64
C GLY R 504 -42.34 89.51 -66.61
N SER R 505 -43.20 89.64 -67.62
CA SER R 505 -44.45 88.90 -67.66
C SER R 505 -44.27 87.44 -68.04
N ARG R 506 -43.08 87.04 -68.49
CA ARG R 506 -42.82 85.62 -68.72
C ARG R 506 -42.74 84.86 -67.41
N PHE R 507 -42.15 85.47 -66.40
CA PHE R 507 -41.90 84.82 -65.13
C PHE R 507 -42.77 85.33 -63.99
N ALA R 508 -43.66 86.27 -64.26
CA ALA R 508 -44.49 86.86 -63.20
C ALA R 508 -45.53 85.85 -62.72
N VAL R 509 -45.55 85.63 -61.41
CA VAL R 509 -46.49 84.70 -60.80
C VAL R 509 -47.59 85.50 -60.11
N PRO R 510 -48.79 84.95 -59.95
CA PRO R 510 -49.82 85.63 -59.16
C PRO R 510 -49.43 85.60 -57.68
N PHE R 511 -49.31 86.77 -57.08
CA PHE R 511 -48.87 86.91 -55.72
C PHE R 511 -50.06 87.05 -54.78
N GLY R 512 -49.93 86.48 -53.59
CA GLY R 512 -51.05 86.44 -52.66
C GLY R 512 -50.87 87.21 -51.38
N GLY R 513 -49.66 87.30 -50.87
CA GLY R 513 -49.41 88.04 -49.64
C GLY R 513 -48.49 87.31 -48.69
N PHE R 514 -47.91 88.06 -47.75
CA PHE R 514 -47.09 87.53 -46.69
C PHE R 514 -47.89 87.45 -45.39
N PHE R 515 -47.54 86.48 -44.55
CA PHE R 515 -48.01 86.46 -43.17
C PHE R 515 -47.00 85.70 -42.33
N SER R 516 -47.06 85.92 -41.03
CA SER R 516 -46.10 85.32 -40.11
C SER R 516 -46.87 84.79 -38.91
N CYS R 517 -46.13 84.41 -37.86
CA CYS R 517 -46.76 83.87 -36.67
C CYS R 517 -47.44 84.93 -35.81
N THR R 518 -47.20 86.20 -36.09
CA THR R 518 -47.77 87.29 -35.31
C THR R 518 -48.75 88.16 -36.08
N VAL R 519 -48.63 88.25 -37.39
CA VAL R 519 -49.45 89.14 -38.20
C VAL R 519 -50.12 88.32 -39.29
N GLY R 520 -51.27 88.80 -39.75
CA GLY R 520 -51.96 88.17 -40.87
C GLY R 520 -52.02 89.06 -42.09
N ASN R 521 -52.22 88.47 -43.26
CA ASN R 521 -52.35 89.36 -44.40
C ASN R 521 -53.78 89.93 -44.48
N PRO R 522 -53.92 91.18 -44.88
CA PRO R 522 -55.25 91.78 -44.96
C PRO R 522 -55.94 91.53 -46.29
N LEU R 523 -55.48 90.56 -47.07
CA LEU R 523 -56.03 90.28 -48.39
C LEU R 523 -57.08 89.17 -48.35
N VAL R 524 -57.66 88.90 -47.19
CA VAL R 524 -58.66 87.87 -47.04
C VAL R 524 -60.00 88.44 -46.59
N ASP R 525 -60.00 89.47 -45.72
CA ASP R 525 -61.24 89.95 -45.14
C ASP R 525 -62.03 90.87 -46.07
N PRO R 526 -61.41 91.84 -46.79
CA PRO R 526 -62.30 92.47 -47.77
C PRO R 526 -62.37 91.68 -49.07
N PRO R 535 -58.03 91.57 -35.75
CA PRO R 535 -57.21 91.89 -36.93
C PRO R 535 -57.44 90.93 -38.09
N SER R 536 -56.38 90.55 -38.77
CA SER R 536 -56.47 89.72 -39.97
C SER R 536 -56.59 88.25 -39.57
N LEU R 537 -56.46 87.36 -40.56
CA LEU R 537 -56.77 85.95 -40.37
C LEU R 537 -55.56 85.04 -40.51
N LYS R 538 -54.46 85.51 -41.12
CA LYS R 538 -53.24 84.75 -41.48
C LYS R 538 -53.52 83.40 -42.14
N LYS R 539 -54.61 83.32 -42.90
CA LYS R 539 -54.92 82.08 -43.59
C LYS R 539 -54.28 82.01 -44.96
N CYS R 540 -54.85 82.76 -45.92
CA CYS R 540 -54.56 82.70 -47.35
C CYS R 540 -55.51 83.71 -47.98
N PRO R 541 -55.33 84.14 -49.24
CA PRO R 541 -56.44 84.87 -49.88
C PRO R 541 -57.58 83.97 -50.29
N GLY R 542 -57.31 82.76 -50.75
CA GLY R 542 -58.35 81.89 -51.26
C GLY R 542 -58.11 81.55 -52.71
N GLY R 543 -57.83 80.28 -52.99
CA GLY R 543 -57.35 79.85 -54.27
C GLY R 543 -55.84 79.77 -54.36
N PHE R 544 -55.14 80.57 -53.57
CA PHE R 544 -53.69 80.54 -53.51
C PHE R 544 -53.24 79.39 -52.60
N SER R 545 -51.93 79.22 -52.49
CA SER R 545 -51.36 78.14 -51.68
C SER R 545 -50.26 78.71 -50.80
N GLN R 546 -50.29 78.36 -49.52
CA GLN R 546 -49.25 78.79 -48.60
C GLN R 546 -47.95 78.09 -48.92
N HIS R 547 -46.86 78.84 -48.85
CA HIS R 547 -45.55 78.26 -48.98
C HIS R 547 -44.65 78.97 -47.99
N PRO R 548 -43.79 78.25 -47.29
CA PRO R 548 -42.98 78.87 -46.25
C PRO R 548 -41.73 79.54 -46.81
N ALA R 549 -41.47 80.73 -46.30
CA ALA R 549 -40.17 81.38 -46.42
C ALA R 549 -39.31 80.90 -45.25
N LEU R 550 -38.21 81.59 -44.96
CA LEU R 550 -37.33 81.15 -43.88
C LEU R 550 -37.98 81.30 -42.50
N ILE R 551 -37.27 80.82 -41.49
CA ILE R 551 -37.68 80.91 -40.10
C ILE R 551 -36.79 81.92 -39.40
N SER R 552 -37.40 82.97 -38.85
CA SER R 552 -36.68 84.03 -38.16
C SER R 552 -36.77 83.78 -36.66
N ASP R 553 -35.89 82.87 -36.19
CA ASP R 553 -35.67 82.57 -34.77
C ASP R 553 -36.94 82.09 -34.08
N GLY R 554 -37.54 81.03 -34.63
CA GLY R 554 -38.69 80.41 -34.05
C GLY R 554 -40.02 80.81 -34.66
N CYS R 555 -40.06 81.89 -35.44
CA CYS R 555 -41.26 82.34 -36.11
C CYS R 555 -41.15 82.05 -37.60
N GLN R 556 -42.25 81.62 -38.20
CA GLN R 556 -42.27 81.18 -39.58
C GLN R 556 -42.99 82.22 -40.44
N VAL R 557 -42.33 82.64 -41.51
CA VAL R 557 -42.90 83.59 -42.47
C VAL R 557 -43.35 82.80 -43.69
N SER R 558 -44.59 83.03 -44.12
CA SER R 558 -45.15 82.29 -45.24
C SER R 558 -45.71 83.24 -46.29
N TYR R 559 -45.74 82.77 -47.54
CA TYR R 559 -46.20 83.58 -48.65
C TYR R 559 -47.10 82.76 -49.56
N CYS R 560 -48.04 83.43 -50.20
CA CYS R 560 -49.08 82.79 -50.99
C CYS R 560 -48.85 83.00 -52.48
N VAL R 561 -49.19 82.00 -53.29
CA VAL R 561 -48.92 82.01 -54.72
C VAL R 561 -49.84 80.99 -55.37
N LYS R 562 -50.11 81.16 -56.66
CA LYS R 562 -51.03 80.30 -57.40
C LYS R 562 -50.41 79.87 -58.73
N SER R 563 -49.20 79.31 -58.69
CA SER R 563 -48.62 78.85 -59.94
C SER R 563 -49.15 77.47 -60.30
N GLY R 564 -48.94 76.49 -59.41
CA GLY R 564 -48.97 75.10 -59.75
C GLY R 564 -47.59 74.50 -59.88
N LEU R 565 -46.59 75.33 -60.18
CA LEU R 565 -45.20 74.88 -60.14
C LEU R 565 -44.72 74.73 -58.71
N PHE R 566 -45.17 75.63 -57.82
CA PHE R 566 -44.79 75.55 -56.41
C PHE R 566 -45.44 74.36 -55.72
N THR R 567 -46.59 73.91 -56.21
CA THR R 567 -47.39 72.91 -55.51
C THR R 567 -46.84 71.50 -55.70
N GLY R 568 -46.77 71.03 -56.94
CA GLY R 568 -46.47 69.65 -57.22
C GLY R 568 -45.01 69.27 -56.99
N GLY R 569 -44.72 68.02 -57.30
CA GLY R 569 -43.40 67.46 -57.09
C GLY R 569 -43.48 66.12 -56.38
N SER R 570 -42.70 65.96 -55.33
CA SER R 570 -42.84 64.83 -54.42
C SER R 570 -43.20 65.35 -53.04
N LEU R 571 -43.61 64.44 -52.18
CA LEU R 571 -43.93 64.80 -50.81
C LEU R 571 -42.65 65.09 -50.05
N PRO R 572 -42.53 66.23 -49.37
CA PRO R 572 -41.31 66.56 -48.67
C PRO R 572 -41.16 65.74 -47.41
N PRO R 573 -39.94 65.57 -46.91
CA PRO R 573 -39.76 64.96 -45.59
C PRO R 573 -40.09 65.96 -44.49
N ALA R 574 -40.06 65.47 -43.26
CA ALA R 574 -40.33 66.33 -42.13
C ALA R 574 -39.15 67.25 -41.87
N ARG R 575 -39.45 68.47 -41.45
CA ARG R 575 -38.42 69.34 -40.90
C ARG R 575 -38.07 68.91 -39.50
N LEU R 576 -36.84 68.47 -39.32
CA LEU R 576 -36.45 67.97 -38.02
C LEU R 576 -35.86 69.11 -37.19
N PRO R 577 -35.93 69.02 -35.86
CA PRO R 577 -35.28 70.01 -35.01
C PRO R 577 -33.77 69.91 -35.10
N PRO R 578 -32.99 70.88 -34.59
CA PRO R 578 -33.30 72.18 -33.99
C PRO R 578 -33.64 73.22 -35.03
N PHE R 579 -34.52 74.13 -34.67
CA PHE R 579 -34.95 75.18 -35.57
C PHE R 579 -34.29 76.51 -35.26
N THR R 580 -33.59 76.60 -34.14
CA THR R 580 -32.79 77.77 -33.80
C THR R 580 -31.33 77.36 -33.76
N ARG R 581 -30.46 78.34 -33.58
CA ARG R 581 -29.04 78.14 -33.43
C ARG R 581 -28.61 78.69 -32.07
N PRO R 582 -27.53 78.19 -31.48
CA PRO R 582 -27.05 78.77 -30.24
C PRO R 582 -26.49 80.15 -30.47
N PRO R 583 -26.71 81.08 -29.54
CA PRO R 583 -26.39 82.48 -29.81
C PRO R 583 -24.90 82.77 -29.72
N LEU R 584 -24.55 83.98 -30.15
CA LEU R 584 -23.17 84.43 -30.12
C LEU R 584 -22.81 84.95 -28.73
N MET R 585 -21.55 84.75 -28.37
CA MET R 585 -21.02 85.14 -27.07
C MET R 585 -19.79 85.99 -27.28
N SER R 586 -19.58 86.94 -26.37
CA SER R 586 -18.38 87.77 -26.43
C SER R 586 -17.21 87.06 -25.78
N GLN R 587 -16.06 87.12 -26.46
CA GLN R 587 -14.92 86.26 -26.20
C GLN R 587 -13.66 87.10 -26.03
N ALA R 588 -12.56 86.42 -25.68
CA ALA R 588 -11.25 87.05 -25.55
C ALA R 588 -10.20 85.96 -25.62
N ALA R 589 -9.10 86.24 -26.32
CA ALA R 589 -8.04 85.26 -26.49
C ALA R 589 -6.70 85.95 -26.43
N THR R 590 -5.82 85.49 -25.55
CA THR R 590 -4.50 86.08 -25.36
C THR R 590 -3.42 85.05 -25.68
N ASN R 591 -2.24 85.56 -26.01
CA ASN R 591 -1.06 84.75 -26.37
C ASN R 591 0.17 85.46 -25.83
N THR R 592 0.70 85.01 -24.70
CA THR R 592 1.93 85.56 -24.16
C THR R 592 3.10 84.67 -24.53
N VAL R 593 4.13 85.25 -25.11
CA VAL R 593 5.33 84.54 -25.52
C VAL R 593 6.52 85.13 -24.80
N ILE R 594 7.32 84.28 -24.16
CA ILE R 594 8.58 84.68 -23.53
C ILE R 594 9.72 84.10 -24.34
N VAL R 595 10.65 84.95 -24.76
CA VAL R 595 11.77 84.54 -25.59
C VAL R 595 13.04 84.90 -24.84
N THR R 596 13.83 83.90 -24.45
CA THR R 596 15.15 84.17 -23.87
C THR R 596 16.14 84.30 -25.02
N ASN R 597 16.78 85.45 -25.11
CA ASN R 597 17.70 85.75 -26.20
C ASN R 597 19.13 85.30 -25.89
N SER R 598 19.31 84.45 -24.89
CA SER R 598 20.66 84.14 -24.43
C SER R 598 20.69 82.81 -23.70
N GLU R 599 21.85 82.15 -23.78
CA GLU R 599 22.21 81.13 -22.82
C GLU R 599 22.77 81.84 -21.58
N ASN R 600 23.16 81.02 -20.58
CA ASN R 600 23.55 81.50 -19.24
C ASN R 600 22.44 82.35 -18.63
N ALA R 601 21.21 81.86 -18.76
CA ALA R 601 20.05 82.58 -18.26
C ALA R 601 19.00 81.53 -17.92
N ARG R 602 18.86 81.23 -16.64
CA ARG R 602 17.90 80.24 -16.20
C ARG R 602 16.58 80.91 -15.83
N SER R 603 15.54 80.10 -15.73
CA SER R 603 14.21 80.62 -15.45
C SER R 603 13.39 79.54 -14.75
N TRP R 604 12.65 79.94 -13.72
CA TRP R 604 11.75 79.06 -13.00
C TRP R 604 10.35 79.62 -13.10
N ILE R 605 9.37 78.75 -13.35
CA ILE R 605 8.00 79.16 -13.58
C ILE R 605 7.10 78.32 -12.71
N LYS R 606 6.19 78.97 -11.98
CA LYS R 606 5.14 78.31 -11.23
C LYS R 606 3.82 78.70 -11.89
N ASP R 607 3.16 77.73 -12.54
CA ASP R 607 2.08 78.04 -13.47
C ASP R 607 0.81 78.46 -12.75
N SER R 608 0.54 77.88 -11.59
CA SER R 608 -0.64 78.23 -10.80
C SER R 608 -0.35 77.89 -9.35
N GLN R 609 -1.36 78.08 -8.50
CA GLN R 609 -1.18 77.82 -7.08
C GLN R 609 -1.11 76.32 -6.77
N THR R 610 -1.63 75.48 -7.65
CA THR R 610 -1.55 74.04 -7.45
C THR R 610 -0.32 73.42 -8.09
N HIS R 611 0.29 74.08 -9.07
CA HIS R 611 1.51 73.58 -9.67
C HIS R 611 2.68 73.71 -8.71
N GLN R 612 3.76 73.01 -9.04
CA GLN R 612 5.03 73.20 -8.38
C GLN R 612 5.94 74.03 -9.27
N TRP R 613 7.04 74.51 -8.69
CA TRP R 613 8.01 75.27 -9.45
C TRP R 613 8.65 74.39 -10.52
N ARG R 614 8.79 74.94 -11.70
CA ARG R 614 9.16 74.21 -12.89
C ARG R 614 10.29 74.95 -13.58
N LEU R 615 11.26 74.22 -14.08
CA LEU R 615 12.36 74.84 -14.79
C LEU R 615 11.89 75.32 -16.14
N GLY R 616 12.17 76.58 -16.46
CA GLY R 616 11.62 77.19 -17.65
C GLY R 616 12.39 76.84 -18.91
N GLU R 617 11.73 77.06 -20.03
CA GLU R 617 12.20 76.82 -21.39
C GLU R 617 12.43 78.14 -22.11
N PRO R 618 13.20 78.15 -23.21
CA PRO R 618 13.45 79.43 -23.90
C PRO R 618 12.23 80.03 -24.58
N ILE R 619 11.28 79.23 -25.06
CA ILE R 619 10.02 79.73 -25.62
C ILE R 619 8.89 79.10 -24.84
N GLU R 620 7.98 79.92 -24.32
CA GLU R 620 6.94 79.44 -23.41
C GLU R 620 5.57 79.27 -24.05
N LEU R 621 4.98 80.35 -24.57
CA LEU R 621 3.69 80.36 -25.27
C LEU R 621 2.55 79.85 -24.37
N ARG R 622 2.19 80.68 -23.40
CA ARG R 622 0.94 80.50 -22.67
C ARG R 622 -0.24 80.93 -23.54
N ARG R 623 -1.39 80.28 -23.34
CA ARG R 623 -2.63 80.62 -24.04
C ARG R 623 -3.81 80.66 -23.09
N ALA R 624 -4.79 81.49 -23.42
CA ALA R 624 -6.00 81.60 -22.61
C ALA R 624 -7.17 82.00 -23.50
N MET R 625 -8.34 81.42 -23.24
CA MET R 625 -9.57 81.78 -23.94
C MET R 625 -10.65 82.06 -22.90
N ASN R 626 -11.19 83.28 -22.92
CA ASN R 626 -12.14 83.74 -21.92
C ASN R 626 -13.48 84.00 -22.60
N VAL R 627 -14.53 83.35 -22.12
CA VAL R 627 -15.88 83.47 -22.67
C VAL R 627 -16.79 83.98 -21.58
N ILE R 628 -17.69 84.89 -21.91
CA ILE R 628 -18.75 85.32 -21.00
C ILE R 628 -20.10 85.13 -21.68
N HIS R 629 -21.02 84.47 -20.98
CA HIS R 629 -22.36 84.22 -21.48
C HIS R 629 -23.22 85.46 -21.28
N GLY R 630 -23.54 86.16 -22.37
CA GLY R 630 -24.38 87.33 -22.31
C GLY R 630 -23.70 88.55 -21.70
N ASP S 10 -5.77 36.39 -20.66
CA ASP S 10 -6.91 37.24 -20.92
C ASP S 10 -7.24 37.31 -22.41
N GLU S 11 -8.37 37.95 -22.72
CA GLU S 11 -8.85 38.05 -24.09
C GLU S 11 -9.81 39.23 -24.13
N VAL S 12 -9.70 40.05 -25.19
CA VAL S 12 -10.44 41.31 -25.27
C VAL S 12 -11.17 41.39 -26.61
N GLY S 13 -12.01 42.41 -26.71
CA GLY S 13 -12.59 42.78 -27.98
C GLY S 13 -13.77 41.92 -28.38
N VAL S 14 -13.92 41.74 -29.70
CA VAL S 14 -15.05 41.01 -30.25
C VAL S 14 -14.90 39.52 -29.98
N GLN S 15 -13.66 39.03 -29.96
CA GLN S 15 -13.41 37.60 -29.91
C GLN S 15 -13.70 37.02 -28.52
N LYS S 16 -13.63 37.84 -27.48
CA LYS S 16 -14.12 37.43 -26.18
C LYS S 16 -15.62 37.17 -26.22
N CYS S 17 -16.36 38.02 -26.95
CA CYS S 17 -17.79 37.84 -27.08
C CYS S 17 -18.13 36.62 -27.92
N LYS S 18 -17.33 36.35 -28.96
CA LYS S 18 -17.63 35.25 -29.86
C LYS S 18 -17.35 33.90 -29.22
N ASN S 19 -16.39 33.83 -28.30
CA ASN S 19 -16.08 32.54 -27.68
C ASN S 19 -17.09 32.18 -26.60
N ALA S 20 -17.63 33.18 -25.90
CA ALA S 20 -18.58 32.90 -24.84
C ALA S 20 -19.98 32.65 -25.38
N LEU S 21 -20.31 33.19 -26.56
CA LEU S 21 -21.68 33.14 -27.06
C LEU S 21 -21.84 32.28 -28.30
N LYS S 22 -20.80 32.19 -29.14
CA LYS S 22 -20.77 31.37 -30.36
C LYS S 22 -21.87 31.72 -31.34
N LEU S 23 -21.93 33.00 -31.69
CA LEU S 23 -22.93 33.50 -32.63
C LEU S 23 -22.34 34.72 -33.31
N PRO S 24 -22.72 35.01 -34.58
CA PRO S 24 -22.01 36.05 -35.34
C PRO S 24 -22.29 37.48 -34.90
N VAL S 25 -21.62 38.42 -35.53
CA VAL S 25 -21.73 39.83 -35.22
C VAL S 25 -22.57 40.47 -36.32
N LEU S 26 -23.40 41.44 -35.94
CA LEU S 26 -24.26 42.10 -36.92
C LEU S 26 -23.39 42.98 -37.81
N GLU S 27 -23.35 42.66 -39.10
CA GLU S 27 -22.40 43.27 -40.01
C GLU S 27 -22.86 44.61 -40.57
N VAL S 28 -24.02 45.10 -40.17
CA VAL S 28 -24.59 46.31 -40.72
C VAL S 28 -24.63 47.34 -39.59
N LEU S 29 -23.63 48.21 -39.53
CA LEU S 29 -23.53 49.06 -38.36
C LEU S 29 -23.52 50.54 -38.73
N PRO S 30 -24.13 51.39 -37.93
CA PRO S 30 -24.08 52.83 -38.21
C PRO S 30 -22.87 53.49 -37.58
N GLY S 31 -22.74 54.80 -37.75
CA GLY S 31 -21.61 55.52 -37.22
C GLY S 31 -20.43 55.67 -38.15
N GLY S 32 -20.56 55.23 -39.39
CA GLY S 32 -19.49 55.43 -40.36
C GLY S 32 -19.72 56.67 -41.19
N GLY S 33 -18.68 57.06 -41.90
CA GLY S 33 -18.80 58.19 -42.79
C GLY S 33 -19.51 57.83 -44.06
N TRP S 34 -20.04 58.85 -44.73
CA TRP S 34 -20.86 58.61 -45.90
C TRP S 34 -20.67 59.74 -46.89
N ASP S 35 -20.13 59.43 -48.06
CA ASP S 35 -20.11 60.38 -49.17
C ASP S 35 -21.48 60.40 -49.81
N ASN S 36 -22.15 61.54 -49.74
CA ASN S 36 -23.52 61.63 -50.21
C ASN S 36 -23.62 62.02 -51.67
N LEU S 37 -22.52 62.30 -52.34
CA LEU S 37 -22.54 62.45 -53.78
C LEU S 37 -22.36 61.13 -54.51
N ARG S 38 -21.49 60.27 -54.01
CA ARG S 38 -21.17 59.04 -54.68
C ARG S 38 -21.91 57.83 -54.11
N ASN S 39 -22.61 58.02 -52.99
CA ASN S 39 -23.25 56.96 -52.20
C ASN S 39 -22.31 55.82 -51.87
N VAL S 40 -21.12 56.18 -51.39
CA VAL S 40 -20.17 55.21 -50.86
C VAL S 40 -19.98 55.54 -49.40
N ASP S 41 -19.53 54.56 -48.63
CA ASP S 41 -19.29 54.77 -47.22
C ASP S 41 -17.81 54.81 -46.90
N MET S 42 -17.48 55.65 -45.95
CA MET S 42 -16.15 56.14 -45.63
C MET S 42 -15.62 55.50 -44.37
N GLY S 43 -14.55 56.08 -43.84
CA GLY S 43 -14.00 55.64 -42.57
C GLY S 43 -14.94 55.88 -41.41
N ARG S 44 -14.65 55.18 -40.33
CA ARG S 44 -15.53 55.09 -39.17
C ARG S 44 -15.37 56.32 -38.28
N VAL S 45 -16.47 57.00 -37.99
CA VAL S 45 -16.45 58.25 -37.23
C VAL S 45 -16.72 58.00 -35.75
N MET S 46 -17.62 57.09 -35.42
CA MET S 46 -17.93 56.79 -34.04
C MET S 46 -17.07 55.64 -33.53
N GLU S 47 -17.14 55.39 -32.23
CA GLU S 47 -16.32 54.37 -31.61
C GLU S 47 -17.16 53.12 -31.37
N LEU S 48 -16.65 51.97 -31.82
CA LEU S 48 -17.33 50.69 -31.64
C LEU S 48 -16.60 49.88 -30.58
N THR S 49 -17.26 49.63 -29.46
CA THR S 49 -16.70 48.86 -28.38
C THR S 49 -17.56 47.63 -28.12
N TYR S 50 -16.92 46.55 -27.67
CA TYR S 50 -17.58 45.27 -27.43
C TYR S 50 -17.31 44.81 -26.01
N SER S 51 -17.47 45.71 -25.04
CA SER S 51 -17.08 45.40 -23.68
C SER S 51 -18.16 44.61 -22.94
N ASN S 52 -19.43 44.85 -23.25
CA ASN S 52 -20.53 44.35 -22.42
C ASN S 52 -21.18 43.10 -22.98
N CYS S 53 -20.69 42.58 -24.12
CA CYS S 53 -21.18 41.34 -24.74
C CYS S 53 -22.67 41.39 -25.06
N ARG S 54 -23.14 42.55 -25.54
CA ARG S 54 -24.55 42.71 -25.83
C ARG S 54 -24.95 41.93 -27.08
N THR S 55 -26.15 41.38 -27.06
CA THR S 55 -26.73 40.74 -28.22
C THR S 55 -28.02 41.45 -28.58
N THR S 56 -28.57 41.08 -29.74
CA THR S 56 -29.92 41.52 -30.03
C THR S 56 -30.90 40.76 -29.14
N GLU S 57 -32.11 41.30 -29.04
CA GLU S 57 -33.09 40.79 -28.09
C GLU S 57 -33.56 39.39 -28.46
N ASP S 58 -33.53 39.03 -29.75
CA ASP S 58 -33.79 37.65 -30.13
C ASP S 58 -32.57 36.76 -29.99
N GLY S 59 -31.40 37.31 -29.68
CA GLY S 59 -30.24 36.53 -29.35
C GLY S 59 -29.55 35.86 -30.52
N GLN S 60 -29.34 36.58 -31.62
CA GLN S 60 -28.71 35.99 -32.79
C GLN S 60 -27.57 36.81 -33.37
N TYR S 61 -27.30 38.01 -32.86
CA TYR S 61 -26.18 38.78 -33.33
C TYR S 61 -25.55 39.50 -32.16
N ILE S 62 -24.22 39.52 -32.11
CA ILE S 62 -23.48 40.38 -31.20
C ILE S 62 -23.48 41.79 -31.75
N ILE S 63 -23.85 42.76 -30.92
CA ILE S 63 -23.88 44.16 -31.32
C ILE S 63 -22.97 44.93 -30.37
N PRO S 64 -22.46 46.10 -30.80
CA PRO S 64 -21.70 46.96 -29.89
C PRO S 64 -22.57 47.54 -28.79
N ASP S 65 -21.90 48.19 -27.84
CA ASP S 65 -22.53 48.61 -26.59
C ASP S 65 -23.41 49.85 -26.76
N GLU S 66 -23.01 50.74 -27.65
CA GLU S 66 -23.63 52.03 -27.90
C GLU S 66 -24.72 51.96 -28.96
N ILE S 67 -25.10 50.78 -29.38
CA ILE S 67 -26.01 50.61 -30.51
C ILE S 67 -27.18 49.79 -30.04
N PHE S 68 -28.39 50.31 -30.28
CA PHE S 68 -29.60 49.55 -30.02
C PHE S 68 -30.27 49.20 -31.35
N THR S 69 -30.92 48.05 -31.36
CA THR S 69 -31.58 47.55 -32.55
C THR S 69 -33.09 47.55 -32.33
N ILE S 70 -33.83 47.65 -33.42
CA ILE S 70 -35.28 47.58 -33.40
C ILE S 70 -35.70 46.38 -34.24
N PRO S 71 -36.33 45.39 -33.68
CA PRO S 71 -36.81 44.26 -34.48
C PRO S 71 -38.07 44.64 -35.24
N GLN S 72 -37.95 44.78 -36.56
CA GLN S 72 -39.12 44.97 -37.39
C GLN S 72 -38.98 44.05 -38.60
N LYS S 73 -39.42 42.82 -38.42
CA LYS S 73 -39.17 41.73 -39.35
C LYS S 73 -40.23 41.81 -40.44
N GLN S 74 -39.95 42.68 -41.40
CA GLN S 74 -40.94 43.18 -42.33
C GLN S 74 -40.57 42.77 -43.75
N SER S 75 -41.51 42.15 -44.44
CA SER S 75 -41.31 41.70 -45.81
C SER S 75 -42.32 42.39 -46.70
N ASN S 76 -41.87 42.89 -47.85
CA ASN S 76 -42.72 43.56 -48.81
C ASN S 76 -42.62 42.86 -50.15
N LEU S 77 -43.74 42.72 -50.83
CA LEU S 77 -43.77 42.04 -52.11
C LEU S 77 -44.70 42.82 -53.03
N GLU S 78 -44.18 43.25 -54.16
CA GLU S 78 -44.96 44.01 -55.12
C GLU S 78 -45.41 43.09 -56.24
N MET S 79 -46.70 43.14 -56.58
CA MET S 79 -47.21 42.51 -57.78
C MET S 79 -47.22 43.46 -58.96
N ASN S 80 -46.61 44.61 -58.82
CA ASN S 80 -46.67 45.68 -59.80
C ASN S 80 -45.24 46.15 -60.06
N SER S 81 -45.12 47.25 -60.76
CA SER S 81 -43.86 47.89 -61.02
C SER S 81 -43.98 49.36 -60.62
N GLU S 82 -42.96 50.14 -60.92
CA GLU S 82 -43.05 51.58 -60.78
C GLU S 82 -42.26 52.23 -61.89
N ILE S 83 -42.82 53.29 -62.45
CA ILE S 83 -42.32 53.88 -63.69
C ILE S 83 -41.57 55.15 -63.36
N LEU S 84 -40.37 55.30 -63.91
CA LEU S 84 -39.50 56.45 -63.67
C LEU S 84 -39.09 56.99 -65.03
N GLU S 85 -39.92 57.85 -65.61
CA GLU S 85 -39.69 58.31 -66.98
C GLU S 85 -38.79 59.53 -67.07
N SER S 86 -38.06 59.86 -66.01
CA SER S 86 -37.11 60.96 -66.02
C SER S 86 -36.07 60.71 -64.95
N TRP S 87 -34.82 61.04 -65.25
CA TRP S 87 -33.75 60.83 -64.28
C TRP S 87 -33.63 61.95 -63.26
N ALA S 88 -34.45 63.00 -63.35
CA ALA S 88 -34.36 64.07 -62.38
C ALA S 88 -34.91 63.64 -61.03
N ASN S 89 -36.11 63.05 -61.03
CA ASN S 89 -36.70 62.52 -59.80
C ASN S 89 -36.27 61.06 -59.59
N TYR S 90 -35.01 60.92 -59.20
CA TYR S 90 -34.37 59.62 -59.07
C TYR S 90 -34.52 59.05 -57.66
N GLN S 91 -34.83 57.76 -57.60
CA GLN S 91 -34.97 57.01 -56.36
C GLN S 91 -33.77 56.10 -56.23
N SER S 92 -33.05 56.18 -55.11
CA SER S 92 -31.77 55.50 -55.03
C SER S 92 -31.91 53.99 -54.82
N SER S 93 -32.97 53.53 -54.13
CA SER S 93 -33.32 52.15 -53.79
C SER S 93 -32.41 51.49 -52.77
N THR S 94 -31.32 52.13 -52.35
CA THR S 94 -30.53 51.60 -51.26
C THR S 94 -30.06 52.67 -50.29
N SER S 95 -30.12 53.95 -50.64
CA SER S 95 -29.73 55.04 -49.77
C SER S 95 -30.71 56.18 -49.93
N TYR S 96 -31.99 55.85 -49.92
CA TYR S 96 -33.00 56.82 -50.32
C TYR S 96 -33.24 57.87 -49.25
N SER S 97 -33.19 57.49 -47.97
CA SER S 97 -33.55 58.43 -46.91
C SER S 97 -32.45 59.43 -46.62
N ILE S 98 -31.20 59.10 -46.91
CA ILE S 98 -30.12 60.03 -46.65
C ILE S 98 -29.91 60.97 -47.83
N ASN S 99 -30.42 60.64 -49.01
CA ASN S 99 -30.31 61.56 -50.13
C ASN S 99 -31.43 62.59 -50.17
N THR S 100 -32.59 62.29 -49.58
CA THR S 100 -33.77 63.13 -49.73
C THR S 100 -33.88 64.20 -48.65
N GLU S 101 -32.78 64.52 -47.97
CA GLU S 101 -32.77 65.52 -46.92
C GLU S 101 -33.04 66.92 -47.46
N LEU S 102 -33.49 67.80 -46.57
CA LEU S 102 -33.81 69.18 -46.93
C LEU S 102 -32.55 70.02 -46.80
N SER S 103 -31.99 70.44 -47.94
CA SER S 103 -30.78 71.22 -47.94
C SER S 103 -30.71 72.02 -49.25
N LEU S 104 -29.60 72.75 -49.40
CA LEU S 104 -29.38 73.50 -50.63
C LEU S 104 -29.07 72.55 -51.77
N PHE S 105 -28.27 71.53 -51.51
CA PHE S 105 -27.75 70.63 -52.53
C PHE S 105 -28.47 69.30 -52.52
N SER S 106 -29.78 69.33 -52.28
CA SER S 106 -30.57 68.12 -52.30
C SER S 106 -30.77 67.58 -53.71
N LYS S 107 -30.58 68.42 -54.73
CA LYS S 107 -30.69 67.97 -56.12
C LYS S 107 -29.40 67.37 -56.64
N VAL S 108 -28.32 67.41 -55.87
CA VAL S 108 -27.03 66.90 -56.32
C VAL S 108 -26.65 65.62 -55.57
N ASN S 109 -27.37 65.26 -54.52
CA ASN S 109 -27.07 64.06 -53.75
C ASN S 109 -27.31 62.80 -54.57
N GLY S 110 -26.29 61.95 -54.63
CA GLY S 110 -26.37 60.71 -55.34
C GLY S 110 -26.11 60.77 -56.82
N LYS S 111 -25.78 61.95 -57.36
CA LYS S 111 -25.67 62.13 -58.80
C LYS S 111 -24.33 61.71 -59.35
N PHE S 112 -23.46 61.14 -58.54
CA PHE S 112 -22.21 60.56 -59.01
C PHE S 112 -22.11 59.10 -58.61
N SER S 113 -23.22 58.52 -58.18
CA SER S 113 -23.27 57.11 -57.85
C SER S 113 -23.21 56.29 -59.12
N THR S 114 -22.71 55.06 -59.00
CA THR S 114 -22.67 54.18 -60.15
C THR S 114 -24.06 53.73 -60.55
N GLU S 115 -24.98 53.68 -59.60
CA GLU S 115 -26.35 53.27 -59.88
C GLU S 115 -27.13 54.37 -60.58
N PHE S 116 -26.78 55.63 -60.34
CA PHE S 116 -27.41 56.72 -61.07
C PHE S 116 -26.82 56.88 -62.46
N GLN S 117 -25.49 56.89 -62.54
CA GLN S 117 -24.82 57.13 -63.81
C GLN S 117 -25.00 56.00 -64.79
N ARG S 118 -25.31 54.81 -64.30
CA ARG S 118 -25.71 53.75 -65.20
C ARG S 118 -27.14 53.94 -65.66
N MET S 119 -28.00 54.55 -64.85
CA MET S 119 -29.39 54.70 -65.24
C MET S 119 -29.56 55.87 -66.21
N LYS S 120 -28.81 56.94 -66.01
CA LYS S 120 -28.91 58.12 -66.87
C LYS S 120 -28.41 57.84 -68.27
N THR S 121 -27.36 57.05 -68.40
CA THR S 121 -26.82 56.74 -69.71
C THR S 121 -27.63 55.71 -70.47
N LEU S 122 -28.71 55.18 -69.90
CA LEU S 122 -29.61 54.29 -70.59
C LEU S 122 -30.91 54.98 -70.99
N GLN S 123 -31.26 56.09 -70.35
CA GLN S 123 -32.42 56.85 -70.76
C GLN S 123 -32.10 57.89 -71.82
N VAL S 124 -30.84 58.21 -72.01
CA VAL S 124 -30.43 59.20 -73.01
C VAL S 124 -29.92 58.54 -74.28
N LYS S 125 -29.12 57.49 -74.12
CA LYS S 125 -28.61 56.75 -75.26
C LYS S 125 -29.71 56.03 -76.01
N ASP S 126 -30.71 55.53 -75.29
CA ASP S 126 -31.74 54.69 -75.86
C ASP S 126 -33.12 55.33 -75.88
N GLN S 127 -33.23 56.57 -75.40
CA GLN S 127 -34.49 57.33 -75.31
C GLN S 127 -35.54 56.56 -74.54
N ALA S 128 -35.18 56.12 -73.35
CA ALA S 128 -35.92 55.09 -72.65
C ALA S 128 -36.55 55.61 -71.37
N ILE S 129 -37.46 54.80 -70.83
CA ILE S 129 -38.03 54.98 -69.50
C ILE S 129 -37.63 53.78 -68.67
N THR S 130 -37.66 53.93 -67.36
CA THR S 130 -37.15 52.92 -66.45
C THR S 130 -38.27 52.41 -65.55
N THR S 131 -38.37 51.09 -65.43
CA THR S 131 -39.27 50.46 -64.47
C THR S 131 -38.47 49.73 -63.41
N ARG S 132 -39.04 49.57 -62.23
CA ARG S 132 -38.37 48.87 -61.15
C ARG S 132 -39.35 48.04 -60.33
N VAL S 133 -39.08 46.75 -60.17
CA VAL S 133 -39.83 45.86 -59.31
C VAL S 133 -38.88 45.34 -58.26
N GLN S 134 -39.34 45.25 -57.00
CA GLN S 134 -38.44 44.77 -55.97
C GLN S 134 -39.18 44.02 -54.87
N VAL S 135 -38.48 43.04 -54.29
CA VAL S 135 -38.91 42.31 -53.11
C VAL S 135 -37.96 42.71 -51.99
N ARG S 136 -38.43 43.49 -51.03
CA ARG S 136 -37.59 44.01 -49.97
C ARG S 136 -37.91 43.29 -48.67
N ASN S 137 -36.88 43.01 -47.89
CA ASN S 137 -36.99 42.20 -46.68
C ASN S 137 -36.21 42.91 -45.58
N LEU S 138 -36.87 43.82 -44.89
CA LEU S 138 -36.28 44.56 -43.78
C LEU S 138 -36.35 43.76 -42.49
N VAL S 139 -35.21 43.56 -41.84
CA VAL S 139 -35.12 42.73 -40.65
C VAL S 139 -34.90 43.56 -39.39
N TYR S 140 -33.89 44.44 -39.40
CA TYR S 140 -33.59 45.27 -38.25
C TYR S 140 -33.47 46.73 -38.64
N THR S 141 -33.75 47.60 -37.68
CA THR S 141 -33.31 48.98 -37.71
C THR S 141 -32.27 49.14 -36.62
N VAL S 142 -31.09 49.61 -37.01
CA VAL S 142 -29.91 49.62 -36.15
C VAL S 142 -29.52 51.08 -35.97
N LYS S 143 -29.60 51.59 -34.75
CA LYS S 143 -29.36 53.00 -34.48
C LYS S 143 -28.24 53.21 -33.47
N ILE S 144 -27.84 54.47 -33.29
CA ILE S 144 -26.82 54.85 -32.33
C ILE S 144 -27.46 55.54 -31.13
N ASN S 145 -26.97 55.18 -29.96
CA ASN S 145 -27.34 55.87 -28.72
C ASN S 145 -26.79 57.28 -28.80
N PRO S 146 -27.57 58.32 -28.44
CA PRO S 146 -27.07 59.70 -28.54
C PRO S 146 -25.92 60.07 -27.61
N THR S 147 -25.50 59.20 -26.70
CA THR S 147 -24.39 59.49 -25.79
C THR S 147 -23.12 58.77 -26.19
N LEU S 148 -22.86 58.69 -27.48
CA LEU S 148 -21.71 58.02 -28.03
C LEU S 148 -20.57 59.00 -28.27
N GLU S 149 -19.34 58.50 -28.24
CA GLU S 149 -18.14 59.29 -28.44
C GLU S 149 -17.47 58.96 -29.77
N LEU S 150 -16.56 59.83 -30.18
CA LEU S 150 -15.90 59.75 -31.47
C LEU S 150 -14.85 58.66 -31.50
N SER S 151 -14.44 58.32 -32.72
CA SER S 151 -13.44 57.29 -32.92
C SER S 151 -12.07 57.83 -32.57
N SER S 152 -11.10 56.92 -32.48
CA SER S 152 -9.75 57.29 -32.11
C SER S 152 -9.03 57.98 -33.27
N GLY S 153 -9.29 57.54 -34.50
CA GLY S 153 -8.66 58.14 -35.65
C GLY S 153 -9.29 59.45 -36.06
N PHE S 154 -10.61 59.55 -35.92
CA PHE S 154 -11.30 60.78 -36.33
C PHE S 154 -11.04 61.92 -35.35
N ARG S 155 -10.87 61.60 -34.07
CA ARG S 155 -10.55 62.63 -33.09
C ARG S 155 -9.15 63.18 -33.31
N LYS S 156 -8.21 62.34 -33.73
CA LYS S 156 -6.84 62.76 -33.97
C LYS S 156 -6.75 63.75 -35.13
N GLU S 157 -7.57 63.55 -36.16
CA GLU S 157 -7.49 64.44 -37.30
C GLU S 157 -8.29 65.72 -37.10
N LEU S 158 -9.20 65.75 -36.13
CA LEU S 158 -9.81 67.01 -35.73
C LEU S 158 -8.91 67.81 -34.83
N LEU S 159 -8.07 67.13 -34.03
CA LEU S 159 -7.10 67.81 -33.20
C LEU S 159 -5.96 68.39 -34.00
N ASP S 160 -5.66 67.82 -35.17
CA ASP S 160 -4.64 68.39 -36.03
C ASP S 160 -5.15 69.64 -36.75
N ILE S 161 -6.43 69.67 -37.11
CA ILE S 161 -7.04 70.91 -37.58
C ILE S 161 -7.09 71.92 -36.45
N SER S 162 -7.33 71.43 -35.24
CA SER S 162 -7.43 72.29 -34.06
C SER S 162 -6.12 73.00 -33.76
N ASP S 163 -4.98 72.34 -33.99
CA ASP S 163 -3.69 72.96 -33.73
C ASP S 163 -3.40 74.09 -34.70
N ARG S 164 -3.83 73.93 -35.95
CA ARG S 164 -3.57 74.96 -36.95
C ARG S 164 -4.43 76.20 -36.75
N LEU S 165 -5.63 76.05 -36.17
CA LEU S 165 -6.43 77.22 -35.86
C LEU S 165 -5.88 78.00 -34.68
N GLU S 166 -5.14 77.34 -33.79
CA GLU S 166 -4.51 78.04 -32.67
C GLU S 166 -3.39 78.94 -33.15
N ASN S 167 -2.55 78.44 -34.03
CA ASN S 167 -1.36 79.11 -34.51
C ASN S 167 -1.61 80.12 -35.60
N ASN S 168 -2.88 80.45 -35.87
CA ASN S 168 -3.30 81.35 -36.96
C ASN S 168 -2.72 80.87 -38.29
N GLN S 169 -2.99 79.61 -38.62
CA GLN S 169 -2.53 79.02 -39.87
C GLN S 169 -3.77 78.57 -40.62
N THR S 170 -4.38 79.51 -41.34
CA THR S 170 -5.70 79.30 -41.91
C THR S 170 -5.64 78.49 -43.19
N ARG S 171 -4.62 78.73 -44.02
CA ARG S 171 -4.49 78.01 -45.28
C ARG S 171 -4.12 76.55 -45.06
N MET S 172 -3.40 76.26 -43.98
CA MET S 172 -3.01 74.89 -43.71
C MET S 172 -4.12 74.15 -42.98
N ALA S 173 -4.99 74.85 -42.27
CA ALA S 173 -6.16 74.22 -41.67
C ALA S 173 -7.23 73.95 -42.70
N THR S 174 -7.37 74.83 -43.69
CA THR S 174 -8.31 74.61 -44.78
C THR S 174 -7.91 73.40 -45.61
N TYR S 175 -6.61 73.20 -45.78
CA TYR S 175 -6.13 72.01 -46.48
C TYR S 175 -6.45 70.74 -45.72
N LEU S 176 -6.22 70.72 -44.41
CA LEU S 176 -6.49 69.53 -43.63
C LEU S 176 -7.98 69.28 -43.43
N ALA S 177 -8.81 70.32 -43.49
CA ALA S 177 -10.25 70.13 -43.40
C ALA S 177 -10.79 69.41 -44.63
N GLU S 178 -10.17 69.64 -45.79
CA GLU S 178 -10.59 68.99 -47.02
C GLU S 178 -10.10 67.56 -47.12
N LEU S 179 -8.99 67.22 -46.45
CA LEU S 179 -8.60 65.83 -46.36
C LEU S 179 -9.45 65.05 -45.37
N LEU S 180 -10.16 65.74 -44.48
CA LEU S 180 -11.12 65.07 -43.62
C LEU S 180 -12.33 64.62 -44.42
N VAL S 181 -12.69 65.36 -45.45
CA VAL S 181 -13.83 65.03 -46.29
C VAL S 181 -13.47 63.96 -47.31
N LEU S 182 -12.21 63.90 -47.75
CA LEU S 182 -11.75 62.79 -48.56
C LEU S 182 -11.82 61.48 -47.79
N ASN S 183 -11.49 61.49 -46.52
CA ASN S 183 -11.37 60.26 -45.77
C ASN S 183 -12.64 59.88 -45.03
N TYR S 184 -13.51 60.83 -44.72
CA TYR S 184 -14.68 60.56 -43.90
C TYR S 184 -15.99 61.02 -44.50
N GLY S 185 -15.99 61.57 -45.70
CA GLY S 185 -17.23 61.88 -46.37
C GLY S 185 -17.85 63.17 -45.91
N THR S 186 -19.13 63.33 -46.23
CA THR S 186 -19.88 64.52 -45.91
C THR S 186 -20.95 64.29 -44.86
N HIS S 187 -21.21 63.05 -44.49
CA HIS S 187 -22.30 62.69 -43.59
C HIS S 187 -21.85 61.56 -42.69
N VAL S 188 -22.59 61.37 -41.61
CA VAL S 188 -22.41 60.25 -40.69
C VAL S 188 -23.72 59.48 -40.65
N THR S 189 -23.67 58.18 -40.90
CA THR S 189 -24.89 57.39 -40.84
C THR S 189 -25.31 57.19 -39.40
N THR S 190 -26.52 57.59 -39.06
CA THR S 190 -27.02 57.42 -37.72
C THR S 190 -27.99 56.26 -37.59
N SER S 191 -28.60 55.81 -38.67
CA SER S 191 -29.36 54.58 -38.62
C SER S 191 -29.26 53.88 -39.96
N VAL S 192 -29.17 52.56 -39.90
CA VAL S 192 -29.17 51.71 -41.08
C VAL S 192 -30.31 50.71 -40.94
N ASP S 193 -30.80 50.25 -42.07
CA ASP S 193 -31.81 49.22 -42.16
C ASP S 193 -31.16 47.95 -42.69
N ALA S 194 -31.08 46.93 -41.85
CA ALA S 194 -30.43 45.69 -42.21
C ALA S 194 -31.43 44.75 -42.87
N GLY S 195 -31.10 44.28 -44.06
CA GLY S 195 -31.97 43.35 -44.74
C GLY S 195 -31.45 42.99 -46.11
N ALA S 196 -32.34 42.49 -46.95
CA ALA S 196 -32.00 42.07 -48.30
C ALA S 196 -33.05 42.60 -49.27
N ALA S 197 -32.70 42.63 -50.54
CA ALA S 197 -33.62 43.08 -51.56
C ALA S 197 -33.28 42.39 -52.87
N LEU S 198 -34.29 42.12 -53.68
CA LEU S 198 -34.11 41.54 -55.00
C LEU S 198 -34.80 42.48 -55.97
N ILE S 199 -34.05 43.06 -56.90
CA ILE S 199 -34.53 44.17 -57.71
C ILE S 199 -34.47 43.81 -59.19
N GLN S 200 -35.55 44.12 -59.91
CA GLN S 200 -35.63 44.08 -61.37
C GLN S 200 -35.57 45.50 -61.90
N GLU S 201 -34.83 45.72 -62.97
CA GLU S 201 -34.78 47.06 -63.56
C GLU S 201 -34.78 46.94 -65.07
N ASP S 202 -35.94 47.14 -65.69
CA ASP S 202 -36.08 47.12 -67.13
C ASP S 202 -36.05 48.54 -67.67
N HIS S 203 -35.61 48.67 -68.92
CA HIS S 203 -35.70 49.91 -69.65
C HIS S 203 -36.55 49.68 -70.89
N LEU S 204 -37.56 50.53 -71.06
CA LEU S 204 -38.52 50.41 -72.14
C LEU S 204 -38.43 51.66 -72.99
N ARG S 205 -38.74 51.56 -74.27
CA ARG S 205 -38.78 52.73 -75.12
C ARG S 205 -39.89 53.67 -74.68
N ALA S 206 -39.62 54.98 -74.75
CA ALA S 206 -40.57 55.96 -74.25
C ALA S 206 -41.82 56.07 -75.10
N SER S 207 -41.76 55.56 -76.34
CA SER S 207 -42.95 55.49 -77.18
C SER S 207 -43.94 54.45 -76.71
N PHE S 208 -43.48 53.45 -75.95
CA PHE S 208 -44.34 52.37 -75.51
C PHE S 208 -45.28 52.79 -74.39
N LEU S 209 -44.94 53.84 -73.65
CA LEU S 209 -45.76 54.30 -72.54
C LEU S 209 -46.79 55.34 -72.96
N GLN S 210 -46.60 55.99 -74.09
CA GLN S 210 -47.40 57.12 -74.52
C GLN S 210 -48.82 56.75 -74.98
N ASP S 211 -49.37 55.55 -74.74
CA ASP S 211 -50.67 55.21 -75.28
C ASP S 211 -51.81 55.90 -74.53
N SER S 212 -51.96 55.59 -73.24
CA SER S 212 -52.99 56.19 -72.40
C SER S 212 -52.62 55.99 -70.93
N GLN S 213 -53.53 56.40 -70.06
CA GLN S 213 -53.41 56.15 -68.63
C GLN S 213 -54.00 54.80 -68.21
N SER S 214 -54.64 54.10 -69.15
CA SER S 214 -55.08 52.72 -68.93
C SER S 214 -54.08 51.72 -69.47
N SER S 215 -53.25 52.13 -70.43
CA SER S 215 -52.13 51.29 -70.84
C SER S 215 -51.05 51.25 -69.77
N ARG S 216 -50.97 52.31 -68.95
CA ARG S 216 -49.93 52.41 -67.92
C ARG S 216 -50.11 51.34 -66.87
N SER S 217 -51.35 51.04 -66.48
CA SER S 217 -51.61 50.01 -65.49
C SER S 217 -51.53 48.60 -66.05
N ALA S 218 -51.24 48.44 -67.35
CA ALA S 218 -50.97 47.14 -67.93
C ALA S 218 -49.50 46.95 -68.29
N VAL S 219 -48.80 48.04 -68.62
CA VAL S 219 -47.35 48.01 -68.68
C VAL S 219 -46.77 47.67 -67.32
N THR S 220 -47.35 48.24 -66.27
CA THR S 220 -46.82 48.14 -64.92
C THR S 220 -47.03 46.76 -64.33
N ALA S 221 -48.19 46.14 -64.59
CA ALA S 221 -48.45 44.80 -64.09
C ALA S 221 -47.84 43.72 -64.96
N SER S 222 -47.31 44.08 -66.13
CA SER S 222 -46.59 43.13 -66.95
C SER S 222 -45.17 42.95 -66.45
N ALA S 223 -44.55 44.03 -66.01
CA ALA S 223 -43.20 43.98 -65.48
C ALA S 223 -43.13 43.22 -64.17
N GLY S 224 -44.19 43.29 -63.36
CA GLY S 224 -44.24 42.48 -62.16
C GLY S 224 -44.51 41.03 -62.42
N LEU S 225 -45.11 40.72 -63.56
CA LEU S 225 -45.35 39.33 -63.94
C LEU S 225 -44.09 38.69 -64.50
N ALA S 226 -43.34 39.45 -65.30
CA ALA S 226 -42.07 38.97 -65.82
C ALA S 226 -41.05 38.73 -64.72
N PHE S 227 -41.12 39.53 -63.64
CA PHE S 227 -40.20 39.38 -62.53
C PHE S 227 -40.47 38.11 -61.74
N GLN S 228 -41.73 37.75 -61.60
CA GLN S 228 -42.06 36.52 -60.89
C GLN S 228 -41.79 35.29 -61.74
N ASN S 229 -41.86 35.43 -63.07
CA ASN S 229 -41.46 34.32 -63.93
C ASN S 229 -39.97 34.09 -63.87
N THR S 230 -39.18 35.19 -63.84
CA THR S 230 -37.74 35.09 -63.85
C THR S 230 -37.21 34.44 -62.57
N VAL S 231 -37.83 34.70 -61.43
CA VAL S 231 -37.37 34.02 -60.23
C VAL S 231 -37.81 32.56 -60.22
N ASN S 232 -39.00 32.24 -60.73
CA ASN S 232 -39.48 30.87 -60.57
C ASN S 232 -39.02 29.91 -61.67
N PHE S 233 -38.86 30.35 -62.92
CA PHE S 233 -38.88 29.42 -64.05
C PHE S 233 -37.56 29.29 -64.80
N LYS S 234 -36.44 29.17 -64.11
CA LYS S 234 -35.29 28.35 -64.51
C LYS S 234 -34.65 28.73 -65.85
N PHE S 235 -34.90 29.96 -66.33
CA PHE S 235 -34.52 30.54 -67.63
C PHE S 235 -35.29 29.92 -68.80
N GLU S 236 -36.06 28.87 -68.54
CA GLU S 236 -36.76 28.18 -69.60
C GLU S 236 -37.99 28.99 -70.00
N GLU S 237 -38.60 28.59 -71.12
CA GLU S 237 -39.87 29.20 -71.52
C GLU S 237 -41.05 28.37 -71.01
N ASN S 238 -41.01 28.10 -69.71
CA ASN S 238 -42.15 27.62 -68.95
C ASN S 238 -42.93 28.77 -68.34
N TYR S 239 -42.84 29.96 -68.94
CA TYR S 239 -43.46 31.14 -68.37
C TYR S 239 -44.96 31.11 -68.54
N THR S 240 -45.64 31.74 -67.59
CA THR S 240 -47.09 31.92 -67.67
C THR S 240 -47.42 33.27 -68.31
N SER S 241 -46.99 33.40 -69.57
CA SER S 241 -47.22 34.62 -70.35
C SER S 241 -48.69 34.78 -70.64
N GLN S 242 -49.32 35.75 -69.99
CA GLN S 242 -50.78 35.83 -69.92
C GLN S 242 -51.42 36.47 -71.14
N ASN S 243 -50.69 37.30 -71.88
CA ASN S 243 -51.31 38.09 -72.93
C ASN S 243 -50.38 38.17 -74.13
N VAL S 244 -50.82 38.95 -75.12
CA VAL S 244 -49.93 39.44 -76.16
C VAL S 244 -49.21 40.69 -75.65
N LEU S 245 -49.75 41.35 -74.63
CA LEU S 245 -49.11 42.50 -74.03
C LEU S 245 -47.83 42.12 -73.31
N THR S 246 -47.72 40.88 -72.84
CA THR S 246 -46.43 40.38 -72.36
C THR S 246 -45.45 40.24 -73.51
N LYS S 247 -45.92 39.76 -74.67
CA LYS S 247 -45.05 39.63 -75.82
C LYS S 247 -44.68 40.97 -76.42
N SER S 248 -45.61 41.93 -76.40
CA SER S 248 -45.27 43.27 -76.88
C SER S 248 -44.39 44.01 -75.88
N TYR S 249 -44.43 43.61 -74.60
CA TYR S 249 -43.53 44.21 -73.60
C TYR S 249 -42.08 43.87 -73.89
N LEU S 250 -41.83 42.65 -74.37
CA LEU S 250 -40.46 42.20 -74.57
C LEU S 250 -39.81 42.88 -75.76
N SER S 251 -40.59 43.25 -76.75
CA SER S 251 -40.01 43.81 -77.96
C SER S 251 -39.67 45.28 -77.83
N ASN S 252 -40.29 45.99 -76.89
CA ASN S 252 -39.92 47.37 -76.58
C ASN S 252 -38.90 47.47 -75.47
N ARG S 253 -38.61 46.36 -74.80
CA ARG S 253 -37.64 46.34 -73.71
C ARG S 253 -36.24 46.60 -74.23
N THR S 254 -35.54 47.52 -73.57
CA THR S 254 -34.18 47.85 -73.98
C THR S 254 -33.11 47.11 -73.19
N ASN S 255 -33.13 47.11 -71.84
CA ASN S 255 -31.95 46.59 -71.14
C ASN S 255 -32.20 45.38 -70.23
N SER S 256 -33.07 45.48 -69.21
CA SER S 256 -33.38 44.39 -68.26
C SER S 256 -32.25 43.82 -67.41
N ARG S 257 -31.79 44.55 -66.39
CA ARG S 257 -30.91 43.99 -65.37
C ARG S 257 -31.70 43.39 -64.21
N VAL S 258 -31.15 42.35 -63.60
CA VAL S 258 -31.67 41.79 -62.35
C VAL S 258 -30.58 41.88 -61.29
N GLN S 259 -30.90 42.49 -60.16
CA GLN S 259 -29.91 42.79 -59.14
C GLN S 259 -30.34 42.21 -57.80
N SER S 260 -29.45 41.50 -57.14
CA SER S 260 -29.66 41.02 -55.78
C SER S 260 -28.76 41.81 -54.84
N ILE S 261 -29.32 42.31 -53.76
CA ILE S 261 -28.57 43.06 -52.76
C ILE S 261 -28.76 42.36 -51.43
N GLY S 262 -27.73 41.67 -50.97
CA GLY S 262 -27.83 40.87 -49.77
C GLY S 262 -28.41 39.51 -50.04
N GLY S 263 -28.34 38.66 -49.04
CA GLY S 263 -28.82 37.31 -49.22
C GLY S 263 -27.85 36.47 -50.03
N VAL S 264 -28.39 35.39 -50.60
CA VAL S 264 -27.62 34.49 -51.46
C VAL S 264 -27.62 35.08 -52.86
N PRO S 265 -26.64 34.73 -53.72
CA PRO S 265 -26.64 35.28 -55.07
C PRO S 265 -27.79 34.78 -55.91
N PHE S 266 -28.35 35.67 -56.71
CA PHE S 266 -29.49 35.32 -57.55
C PHE S 266 -29.04 34.55 -58.78
N TYR S 267 -29.85 33.58 -59.17
CA TYR S 267 -29.78 32.92 -60.46
C TYR S 267 -31.20 32.67 -60.91
N PRO S 268 -31.48 32.74 -62.20
CA PRO S 268 -32.86 32.57 -62.67
C PRO S 268 -33.35 31.16 -62.44
N GLY S 269 -34.26 30.99 -61.50
CA GLY S 269 -34.68 29.66 -61.12
C GLY S 269 -34.70 29.43 -59.62
N ILE S 270 -34.03 30.28 -58.85
CA ILE S 270 -34.15 30.18 -57.40
C ILE S 270 -35.53 30.68 -57.00
N THR S 271 -36.28 29.85 -56.31
CA THR S 271 -37.64 30.23 -55.99
C THR S 271 -37.63 31.34 -54.93
N LEU S 272 -38.77 32.02 -54.81
CA LEU S 272 -38.85 33.11 -53.85
C LEU S 272 -38.79 32.60 -52.43
N GLN S 273 -39.26 31.37 -52.22
CA GLN S 273 -39.05 30.69 -50.95
C GLN S 273 -37.57 30.49 -50.65
N ALA S 274 -36.80 30.04 -51.64
CA ALA S 274 -35.43 29.66 -51.38
C ALA S 274 -34.50 30.86 -51.29
N TRP S 275 -34.84 31.97 -51.95
CA TRP S 275 -34.07 33.19 -51.79
C TRP S 275 -34.23 33.74 -50.39
N GLN S 276 -35.41 33.59 -49.80
CA GLN S 276 -35.70 34.10 -48.47
C GLN S 276 -35.16 33.23 -47.36
N GLN S 277 -34.65 32.05 -47.67
CA GLN S 277 -33.98 31.26 -46.65
C GLN S 277 -32.52 31.63 -46.50
N GLY S 278 -31.93 32.26 -47.51
CA GLY S 278 -30.55 32.67 -47.47
C GLY S 278 -30.32 34.06 -46.97
N ILE S 279 -31.38 34.76 -46.54
CA ILE S 279 -31.24 36.10 -46.02
C ILE S 279 -30.58 36.08 -44.66
N THR S 280 -30.78 35.01 -43.90
CA THR S 280 -30.16 34.84 -42.59
C THR S 280 -28.64 34.77 -42.71
N ASN S 281 -27.96 35.65 -41.95
CA ASN S 281 -26.52 35.89 -41.86
C ASN S 281 -25.93 36.53 -43.11
N HIS S 282 -26.75 36.95 -44.07
CA HIS S 282 -26.28 37.75 -45.19
C HIS S 282 -27.15 38.98 -45.24
N LEU S 283 -26.86 39.96 -44.40
CA LEU S 283 -27.66 41.17 -44.32
C LEU S 283 -26.81 42.36 -44.71
N VAL S 284 -27.38 43.28 -45.45
CA VAL S 284 -26.69 44.49 -45.88
C VAL S 284 -27.57 45.68 -45.54
N ALA S 285 -27.02 46.86 -45.73
CA ALA S 285 -27.79 48.08 -45.53
C ALA S 285 -28.62 48.35 -46.76
N ILE S 286 -29.94 48.20 -46.65
CA ILE S 286 -30.83 48.54 -47.74
C ILE S 286 -31.43 49.93 -47.60
N ASP S 287 -31.18 50.61 -46.49
CA ASP S 287 -31.54 52.01 -46.33
C ASP S 287 -30.66 52.61 -45.25
N ARG S 288 -30.49 53.93 -45.30
CA ARG S 288 -29.65 54.67 -44.37
C ARG S 288 -30.27 56.02 -44.07
N SER S 289 -30.04 56.50 -42.86
CA SER S 289 -30.32 57.88 -42.50
C SER S 289 -29.07 58.48 -41.91
N GLY S 290 -29.01 59.82 -41.89
CA GLY S 290 -27.80 60.42 -41.38
C GLY S 290 -27.95 61.89 -41.04
N LEU S 291 -26.82 62.47 -40.67
CA LEU S 291 -26.67 63.88 -40.34
C LEU S 291 -25.36 64.34 -40.94
N PRO S 292 -25.21 65.63 -41.21
CA PRO S 292 -23.94 66.13 -41.76
C PRO S 292 -22.79 65.99 -40.78
N LEU S 293 -21.57 66.09 -41.33
CA LEU S 293 -20.38 65.73 -40.59
C LEU S 293 -20.04 66.76 -39.52
N HIS S 294 -20.40 68.02 -39.74
CA HIS S 294 -20.12 69.07 -38.77
C HIS S 294 -21.14 69.13 -37.65
N PHE S 295 -22.20 68.33 -37.72
CA PHE S 295 -23.13 68.23 -36.60
C PHE S 295 -22.45 67.61 -35.39
N PHE S 296 -21.52 66.70 -35.60
CA PHE S 296 -20.86 65.97 -34.54
C PHE S 296 -19.57 66.63 -34.11
N ILE S 297 -19.32 67.86 -34.54
CA ILE S 297 -18.20 68.64 -34.02
C ILE S 297 -18.81 69.73 -33.15
N ASN S 298 -18.93 69.43 -31.86
CA ASN S 298 -19.60 70.30 -30.90
C ASN S 298 -18.86 70.13 -29.59
N PRO S 299 -19.08 71.04 -28.62
CA PRO S 299 -18.35 70.92 -27.34
C PRO S 299 -18.65 69.68 -26.53
N ASN S 300 -19.71 68.94 -26.84
CA ASN S 300 -20.00 67.70 -26.14
C ASN S 300 -19.10 66.57 -26.60
N MET S 301 -18.89 66.44 -27.91
CA MET S 301 -18.04 65.37 -28.43
C MET S 301 -16.57 65.60 -28.15
N LEU S 302 -16.16 66.86 -28.01
CA LEU S 302 -14.77 67.24 -27.78
C LEU S 302 -14.71 67.96 -26.44
N PRO S 303 -14.62 67.22 -25.34
CA PRO S 303 -14.64 67.86 -24.01
C PRO S 303 -13.28 68.34 -23.55
N ASP S 304 -12.20 67.97 -24.23
CA ASP S 304 -10.85 68.37 -23.86
C ASP S 304 -10.34 69.54 -24.68
N LEU S 305 -11.24 70.31 -25.29
CA LEU S 305 -10.90 71.51 -26.03
C LEU S 305 -11.82 72.63 -25.62
N PRO S 306 -11.39 73.89 -25.74
CA PRO S 306 -12.27 75.00 -25.36
C PRO S 306 -13.46 75.16 -26.30
N GLY S 307 -14.45 75.88 -25.80
CA GLY S 307 -15.71 76.11 -26.46
C GLY S 307 -15.64 76.78 -27.82
N PRO S 308 -15.09 77.99 -27.91
CA PRO S 308 -15.02 78.67 -29.21
C PRO S 308 -14.03 78.06 -30.18
N LEU S 309 -13.17 77.16 -29.72
CA LEU S 309 -12.19 76.56 -30.60
C LEU S 309 -12.72 75.33 -31.32
N VAL S 310 -13.71 74.64 -30.75
CA VAL S 310 -14.36 73.56 -31.50
C VAL S 310 -15.43 74.09 -32.43
N LYS S 311 -15.76 75.37 -32.33
CA LYS S 311 -16.63 76.03 -33.30
C LYS S 311 -15.84 76.58 -34.48
N LYS S 312 -14.53 76.72 -34.36
CA LYS S 312 -13.71 77.04 -35.51
C LYS S 312 -13.44 75.79 -36.34
N VAL S 313 -13.30 74.65 -35.67
CA VAL S 313 -13.13 73.38 -36.37
C VAL S 313 -14.41 72.99 -37.07
N SER S 314 -15.55 73.23 -36.43
CA SER S 314 -16.84 72.89 -37.03
C SER S 314 -17.17 73.79 -38.20
N LYS S 315 -16.69 75.03 -38.20
CA LYS S 315 -16.97 75.92 -39.30
C LYS S 315 -16.02 75.70 -40.47
N THR S 316 -14.78 75.29 -40.20
CA THR S 316 -13.87 75.04 -41.30
C THR S 316 -14.10 73.69 -41.97
N VAL S 317 -14.89 72.81 -41.37
CA VAL S 317 -15.29 71.57 -42.02
C VAL S 317 -16.62 71.74 -42.75
N GLU S 318 -17.51 72.57 -42.21
CA GLU S 318 -18.75 72.92 -42.90
C GLU S 318 -18.46 73.64 -44.21
N THR S 319 -17.40 74.44 -44.25
CA THR S 319 -17.02 75.14 -45.47
C THR S 319 -16.40 74.17 -46.47
N ALA S 320 -15.67 73.17 -45.99
CA ALA S 320 -15.02 72.23 -46.89
C ALA S 320 -16.03 71.27 -47.51
N VAL S 321 -17.07 70.90 -46.78
CA VAL S 321 -18.12 70.07 -47.34
C VAL S 321 -18.94 70.84 -48.36
N LYS S 322 -19.24 72.10 -48.06
CA LYS S 322 -20.01 72.93 -48.98
C LYS S 322 -19.23 73.25 -50.25
N ARG S 323 -17.91 73.33 -50.15
CA ARG S 323 -17.08 73.55 -51.32
C ARG S 323 -17.05 72.32 -52.21
N TYR S 324 -17.23 71.14 -51.62
CA TYR S 324 -17.22 69.90 -52.38
C TYR S 324 -18.47 69.71 -53.20
N TYR S 325 -19.61 70.20 -52.72
CA TYR S 325 -20.84 70.14 -53.51
C TYR S 325 -20.85 71.17 -54.63
N THR S 326 -20.18 72.30 -54.43
CA THR S 326 -20.21 73.37 -55.42
C THR S 326 -19.36 73.02 -56.63
N PHE S 327 -18.24 72.35 -56.40
CA PHE S 327 -17.35 72.01 -57.51
C PHE S 327 -17.84 70.82 -58.31
N ASN S 328 -18.89 70.15 -57.87
CA ASN S 328 -19.47 69.01 -58.56
C ASN S 328 -20.90 69.31 -59.00
N THR S 329 -21.20 70.58 -59.21
CA THR S 329 -22.51 71.02 -59.68
C THR S 329 -22.36 71.52 -61.11
N TYR S 330 -23.15 70.96 -62.03
CA TYR S 330 -23.10 71.29 -63.44
C TYR S 330 -24.50 71.74 -63.87
N PRO S 331 -24.79 73.04 -63.85
CA PRO S 331 -26.05 73.50 -64.40
C PRO S 331 -26.04 73.45 -65.92
N GLY S 332 -27.21 73.18 -66.48
CA GLY S 332 -27.33 73.08 -67.92
C GLY S 332 -28.71 72.64 -68.32
N CYS S 333 -28.90 72.50 -69.62
CA CYS S 333 -30.17 72.04 -70.15
C CYS S 333 -30.27 70.53 -69.96
N THR S 334 -31.30 70.09 -69.26
CA THR S 334 -31.46 68.69 -68.92
C THR S 334 -32.55 67.99 -69.73
N ASP S 335 -33.28 68.70 -70.57
CA ASP S 335 -34.33 68.10 -71.39
C ASP S 335 -33.70 67.48 -72.62
N LEU S 336 -33.86 66.16 -72.79
CA LEU S 336 -33.18 65.44 -73.85
C LEU S 336 -33.78 65.73 -75.23
N ASN S 337 -34.99 66.27 -75.28
CA ASN S 337 -35.61 66.59 -76.55
C ASN S 337 -35.28 67.98 -77.06
N SER S 338 -34.72 68.84 -76.21
CA SER S 338 -34.29 70.15 -76.65
C SER S 338 -33.05 70.04 -77.52
N PRO S 339 -32.88 70.93 -78.50
CA PRO S 339 -31.71 70.83 -79.39
C PRO S 339 -30.40 71.16 -78.69
N ASN S 340 -30.42 72.06 -77.71
CA ASN S 340 -29.23 72.39 -76.93
C ASN S 340 -29.17 71.58 -75.63
N PHE S 341 -29.30 70.26 -75.75
CA PHE S 341 -29.25 69.38 -74.58
C PHE S 341 -27.84 69.26 -74.04
N ASN S 342 -27.69 69.54 -72.74
CA ASN S 342 -26.41 69.41 -72.06
C ASN S 342 -26.40 68.05 -71.39
N PHE S 343 -25.81 67.07 -72.08
CA PHE S 343 -25.30 65.90 -71.40
C PHE S 343 -24.13 66.35 -70.54
N GLN S 344 -23.84 65.59 -69.48
CA GLN S 344 -22.95 65.99 -68.38
C GLN S 344 -23.46 67.25 -67.69
N ALA S 345 -24.70 67.22 -67.23
CA ALA S 345 -25.28 68.29 -66.45
C ALA S 345 -26.18 67.70 -65.37
N ASN S 346 -26.06 68.22 -64.15
CA ASN S 346 -26.77 67.71 -62.99
C ASN S 346 -28.05 68.48 -62.70
N THR S 347 -27.96 69.81 -62.72
CA THR S 347 -29.03 70.67 -62.25
C THR S 347 -29.73 71.32 -63.43
N ASP S 348 -31.06 71.36 -63.36
CA ASP S 348 -31.85 71.98 -64.41
C ASP S 348 -31.62 73.48 -64.40
N ASP S 349 -31.09 74.01 -65.51
CA ASP S 349 -30.74 75.42 -65.58
C ASP S 349 -31.95 76.31 -65.77
N GLY S 350 -33.05 75.77 -66.27
CA GLY S 350 -34.20 76.58 -66.58
C GLY S 350 -34.09 77.38 -67.86
N SER S 351 -33.06 77.13 -68.67
CA SER S 351 -32.86 77.80 -69.94
C SER S 351 -32.71 76.68 -70.97
N CYS S 352 -33.84 76.21 -71.48
CA CYS S 352 -33.86 75.12 -72.45
C CYS S 352 -34.13 75.60 -73.86
N GLU S 353 -34.49 76.87 -74.04
CA GLU S 353 -34.72 77.46 -75.35
C GLU S 353 -33.90 78.73 -75.46
N GLY S 354 -32.84 78.69 -76.26
CA GLY S 354 -31.99 79.83 -76.48
C GLY S 354 -32.36 80.59 -77.74
N LYS S 355 -31.62 81.66 -77.99
CA LYS S 355 -31.88 82.53 -79.13
C LYS S 355 -30.80 82.49 -80.21
N MET S 356 -29.66 81.85 -79.93
CA MET S 356 -28.50 81.74 -80.83
C MET S 356 -28.00 83.13 -81.25
N THR S 357 -27.45 83.81 -80.26
CA THR S 357 -26.84 85.13 -80.47
C THR S 357 -25.33 84.96 -80.54
N ASN S 358 -24.75 85.31 -81.68
CA ASN S 358 -23.30 85.29 -81.83
C ASN S 358 -22.71 86.54 -81.19
N PHE S 359 -21.64 86.37 -80.44
CA PHE S 359 -21.05 87.47 -79.69
C PHE S 359 -19.62 87.74 -80.17
N SER S 360 -19.06 88.82 -79.66
CA SER S 360 -17.74 89.31 -80.06
C SER S 360 -16.76 89.11 -78.92
N PHE S 361 -15.68 88.39 -79.19
CA PHE S 361 -14.64 88.12 -78.20
C PHE S 361 -13.59 89.22 -78.29
N GLY S 362 -13.61 90.14 -77.33
CA GLY S 362 -12.74 91.29 -77.35
C GLY S 362 -11.36 91.10 -76.76
N GLY S 363 -11.00 89.88 -76.39
CA GLY S 363 -9.66 89.59 -75.92
C GLY S 363 -9.51 89.73 -74.41
N VAL S 364 -8.38 89.26 -73.92
CA VAL S 364 -8.07 89.25 -72.50
C VAL S 364 -6.74 89.97 -72.27
N TYR S 365 -6.59 90.54 -71.08
CA TYR S 365 -5.31 91.10 -70.68
C TYR S 365 -5.21 91.01 -69.16
N GLN S 366 -3.98 90.93 -68.67
CA GLN S 366 -3.71 90.68 -67.27
C GLN S 366 -2.62 91.64 -66.79
N GLU S 367 -2.91 92.34 -65.70
CA GLU S 367 -1.92 93.21 -65.07
C GLU S 367 -1.12 92.41 -64.04
N CYS S 368 0.02 92.98 -63.64
CA CYS S 368 0.80 92.42 -62.55
C CYS S 368 1.35 93.55 -61.70
N THR S 369 1.56 93.26 -60.42
CA THR S 369 2.07 94.25 -59.47
C THR S 369 2.95 93.52 -58.46
N GLN S 370 4.26 93.74 -58.56
CA GLN S 370 5.20 93.10 -57.66
C GLN S 370 5.05 93.65 -56.25
N LEU S 371 4.96 92.77 -55.27
CA LEU S 371 4.80 93.16 -53.88
C LEU S 371 6.08 92.99 -53.06
N SER S 372 6.83 91.92 -53.30
CA SER S 372 8.06 91.67 -52.58
C SER S 372 8.95 90.76 -53.42
N GLY S 373 10.25 90.84 -53.18
CA GLY S 373 11.20 90.02 -53.91
C GLY S 373 11.71 90.68 -55.18
N ASN S 374 12.07 91.95 -55.08
CA ASN S 374 12.53 92.70 -56.24
C ASN S 374 13.94 92.28 -56.63
N ARG S 375 14.22 92.41 -57.94
CA ARG S 375 15.52 92.16 -58.57
C ARG S 375 16.01 90.72 -58.40
N ASP S 376 15.11 89.79 -58.11
CA ASP S 376 15.48 88.39 -57.91
C ASP S 376 14.75 87.45 -58.85
N VAL S 377 13.43 87.61 -58.99
CA VAL S 377 12.60 86.71 -59.78
C VAL S 377 12.07 87.39 -61.03
N LEU S 378 11.67 88.66 -60.91
CA LEU S 378 10.89 89.41 -61.91
C LEU S 378 9.60 88.66 -62.25
N LEU S 379 8.75 88.56 -61.23
CA LEU S 379 7.45 87.91 -61.36
C LEU S 379 6.55 88.63 -62.35
N CYS S 380 6.68 89.94 -62.47
CA CYS S 380 5.81 90.76 -63.28
C CYS S 380 6.26 90.79 -64.76
N GLN S 381 6.96 89.75 -65.21
CA GLN S 381 7.38 89.63 -66.60
C GLN S 381 6.81 88.40 -67.26
N LYS S 382 6.86 87.25 -66.61
CA LYS S 382 6.24 86.03 -67.11
C LYS S 382 4.83 85.84 -66.59
N LEU S 383 4.21 86.90 -66.06
CA LEU S 383 2.85 86.84 -65.54
C LEU S 383 2.03 88.01 -66.08
N GLU S 384 2.48 88.61 -67.18
CA GLU S 384 1.89 89.81 -67.73
C GLU S 384 1.45 89.53 -69.16
N GLN S 385 0.23 89.93 -69.52
CA GLN S 385 -0.29 89.69 -70.85
C GLN S 385 -1.04 90.93 -71.31
N LYS S 386 -0.77 91.35 -72.55
CA LYS S 386 -1.45 92.49 -73.15
C LYS S 386 -2.45 92.03 -74.20
N ASN S 387 -3.42 92.88 -74.46
CA ASN S 387 -4.48 92.58 -75.42
C ASN S 387 -3.91 92.68 -76.84
N PRO S 388 -4.06 91.63 -77.66
CA PRO S 388 -3.54 91.73 -79.05
C PRO S 388 -4.30 92.71 -79.92
N LEU S 389 -5.52 93.08 -79.55
CA LEU S 389 -6.30 94.02 -80.36
C LEU S 389 -5.86 95.46 -80.17
N THR S 390 -5.28 95.79 -79.02
CA THR S 390 -4.79 97.14 -78.77
C THR S 390 -3.30 97.23 -78.50
N GLY S 391 -2.65 96.13 -78.14
CA GLY S 391 -1.27 96.20 -77.70
C GLY S 391 -1.10 96.91 -76.38
N ASP S 392 -2.13 96.90 -75.55
CA ASP S 392 -2.18 97.74 -74.36
C ASP S 392 -3.06 97.04 -73.33
N PHE S 393 -3.07 97.59 -72.11
CA PHE S 393 -3.93 97.09 -71.05
C PHE S 393 -5.29 97.80 -71.08
N SER S 394 -5.96 97.64 -72.22
CA SER S 394 -7.25 98.26 -72.45
C SER S 394 -7.99 97.50 -73.53
N CYS S 395 -9.30 97.64 -73.52
CA CYS S 395 -10.14 97.09 -74.56
C CYS S 395 -10.17 98.03 -75.75
N PRO S 396 -10.58 97.54 -76.94
CA PRO S 396 -10.73 98.46 -78.08
C PRO S 396 -11.89 99.44 -77.94
N SER S 397 -12.13 100.21 -79.01
CA SER S 397 -13.09 101.30 -78.95
C SER S 397 -14.52 100.80 -78.80
N GLY S 398 -14.84 99.67 -79.40
CA GLY S 398 -16.16 99.10 -79.26
C GLY S 398 -16.37 98.19 -78.08
N TYR S 399 -15.42 98.15 -77.14
CA TYR S 399 -15.46 97.18 -76.06
C TYR S 399 -15.31 97.88 -74.72
N SER S 400 -15.37 97.09 -73.64
CA SER S 400 -15.32 97.57 -72.27
C SER S 400 -14.73 96.48 -71.38
N PRO S 401 -13.92 96.82 -70.38
CA PRO S 401 -13.28 95.78 -69.56
C PRO S 401 -14.18 95.26 -68.46
N VAL S 402 -14.07 93.95 -68.20
CA VAL S 402 -14.75 93.27 -67.11
C VAL S 402 -13.70 92.56 -66.26
N HIS S 403 -13.69 92.84 -64.97
CA HIS S 403 -12.70 92.29 -64.05
C HIS S 403 -13.09 90.88 -63.64
N LEU S 404 -12.25 89.90 -63.96
CA LEU S 404 -12.54 88.52 -63.59
C LEU S 404 -12.16 88.24 -62.15
N LEU S 405 -10.87 88.31 -61.83
CA LEU S 405 -10.38 87.80 -60.57
C LEU S 405 -9.03 88.41 -60.27
N SER S 406 -8.79 88.64 -58.98
CA SER S 406 -7.56 89.29 -58.50
C SER S 406 -7.04 88.51 -57.31
N GLN S 407 -5.88 87.88 -57.45
CA GLN S 407 -5.29 87.09 -56.38
C GLN S 407 -3.80 87.33 -56.32
N ILE S 408 -3.14 86.66 -55.38
CA ILE S 408 -1.72 86.81 -55.13
C ILE S 408 -1.01 85.55 -55.60
N HIS S 409 0.03 85.72 -56.40
CA HIS S 409 0.86 84.61 -56.83
C HIS S 409 2.15 84.60 -56.01
N GLU S 410 2.67 83.40 -55.76
CA GLU S 410 3.88 83.24 -54.97
C GLU S 410 4.85 82.31 -55.70
N GLU S 411 6.11 82.72 -55.78
CA GLU S 411 7.19 81.84 -56.21
C GLU S 411 8.36 81.96 -55.24
N GLY S 412 9.27 81.02 -55.35
CA GLY S 412 10.42 80.94 -54.47
C GLY S 412 11.73 81.18 -55.20
N TYR S 413 12.66 81.87 -54.54
CA TYR S 413 13.99 82.08 -55.06
C TYR S 413 15.00 81.70 -53.99
N ASN S 414 16.27 81.67 -54.38
CA ASN S 414 17.26 80.90 -53.66
C ASN S 414 18.59 81.64 -53.64
N HIS S 415 19.15 81.83 -52.45
CA HIS S 415 20.52 82.30 -52.29
C HIS S 415 21.39 81.16 -51.81
N LEU S 416 22.69 81.26 -52.09
CA LEU S 416 23.65 80.25 -51.65
C LEU S 416 24.96 80.95 -51.32
N GLU S 417 25.33 80.95 -50.05
CA GLU S 417 26.51 81.63 -49.57
C GLU S 417 27.44 80.64 -48.90
N CYS S 418 28.73 80.75 -49.17
CA CYS S 418 29.73 79.85 -48.63
C CYS S 418 30.97 80.64 -48.26
N HIS S 419 31.52 80.37 -47.08
CA HIS S 419 32.84 80.86 -46.75
C HIS S 419 33.60 79.81 -45.95
N ARG S 420 34.92 79.85 -46.07
CA ARG S 420 35.81 78.85 -45.52
C ARG S 420 36.81 79.51 -44.59
N LYS S 421 37.12 78.87 -43.47
CA LYS S 421 38.00 79.42 -42.46
C LYS S 421 38.88 78.31 -41.90
N CYS S 422 40.17 78.59 -41.76
CA CYS S 422 41.12 77.62 -41.24
C CYS S 422 41.75 78.17 -39.96
N THR S 423 41.99 77.28 -38.99
CA THR S 423 42.46 77.66 -37.66
C THR S 423 43.65 76.80 -37.28
N LEU S 424 44.81 77.44 -37.07
CA LEU S 424 46.08 76.81 -36.70
C LEU S 424 46.56 75.82 -37.75
N LYS S 425 46.22 76.08 -39.02
CA LYS S 425 46.60 75.35 -40.23
C LYS S 425 46.05 73.93 -40.32
N VAL S 426 45.31 73.46 -39.31
CA VAL S 426 44.57 72.21 -39.32
C VAL S 426 43.14 72.72 -39.21
N PHE S 427 42.15 71.83 -39.14
CA PHE S 427 40.78 72.15 -38.69
C PHE S 427 40.10 73.17 -39.60
N CYS S 428 39.96 72.79 -40.87
CA CYS S 428 39.32 73.67 -41.84
C CYS S 428 37.81 73.63 -41.68
N LYS S 429 37.19 74.79 -41.54
CA LYS S 429 35.76 74.92 -41.37
C LYS S 429 35.14 75.54 -42.61
N THR S 430 34.09 74.91 -43.12
CA THR S 430 33.36 75.39 -44.28
C THR S 430 31.88 75.34 -43.97
N VAL S 431 31.20 76.48 -44.03
CA VAL S 431 29.76 76.55 -43.82
C VAL S 431 29.10 76.98 -45.14
N CYS S 432 28.02 76.30 -45.50
CA CYS S 432 27.32 76.52 -46.77
C CYS S 432 25.86 76.76 -46.45
N GLU S 433 25.45 78.03 -46.51
CA GLU S 433 24.09 78.43 -46.16
C GLU S 433 23.26 78.64 -47.41
N ASP S 434 22.02 78.17 -47.40
CA ASP S 434 21.14 78.20 -48.55
C ASP S 434 19.75 78.67 -48.11
N VAL S 435 19.43 79.92 -48.40
CA VAL S 435 18.20 80.55 -47.93
C VAL S 435 17.16 80.52 -49.05
N PHE S 436 15.96 80.06 -48.73
CA PHE S 436 14.83 80.01 -49.64
C PHE S 436 13.80 81.03 -49.19
N GLN S 437 13.53 82.02 -50.03
CA GLN S 437 12.55 83.05 -49.71
C GLN S 437 11.39 83.00 -50.71
N VAL S 438 10.30 83.67 -50.36
CA VAL S 438 9.07 83.66 -51.14
C VAL S 438 8.84 85.05 -51.72
N ALA S 439 8.71 85.13 -53.05
CA ALA S 439 8.41 86.37 -53.74
C ALA S 439 6.94 86.39 -54.14
N LYS S 440 6.26 87.50 -53.84
CA LYS S 440 4.83 87.60 -54.07
C LYS S 440 4.54 88.62 -55.17
N ALA S 441 3.35 88.48 -55.77
CA ALA S 441 2.91 89.37 -56.82
C ALA S 441 1.38 89.34 -56.91
N GLU S 442 0.79 90.52 -57.07
CA GLU S 442 -0.63 90.66 -57.31
C GLU S 442 -0.89 90.66 -58.81
N PHE S 443 -1.91 89.92 -59.25
CA PHE S 443 -2.35 89.99 -60.63
C PHE S 443 -3.83 90.31 -60.68
N ARG S 444 -4.22 91.01 -61.74
CA ARG S 444 -5.62 91.37 -61.99
C ARG S 444 -5.92 91.04 -63.44
N ALA S 445 -6.78 90.05 -63.67
CA ALA S 445 -7.13 89.62 -65.00
C ALA S 445 -8.44 90.28 -65.42
N PHE S 446 -8.43 90.90 -66.59
CA PHE S 446 -9.59 91.57 -67.14
C PHE S 446 -10.04 90.87 -68.41
N TRP S 447 -11.17 91.34 -68.93
CA TRP S 447 -11.80 90.68 -70.06
C TRP S 447 -12.73 91.68 -70.75
N CYS S 448 -12.73 91.67 -72.08
CA CYS S 448 -13.43 92.65 -72.88
C CYS S 448 -14.79 92.15 -73.33
N VAL S 449 -15.76 93.05 -73.39
CA VAL S 449 -17.15 92.72 -73.74
C VAL S 449 -17.64 93.74 -74.76
N ALA S 450 -18.38 93.26 -75.77
CA ALA S 450 -18.98 94.15 -76.75
C ALA S 450 -20.09 94.96 -76.10
N SER S 451 -19.81 96.24 -75.81
CA SER S 451 -20.77 97.11 -75.17
C SER S 451 -21.20 98.29 -76.03
N SER S 452 -20.68 98.41 -77.25
CA SER S 452 -21.04 99.49 -78.15
C SER S 452 -22.00 99.07 -79.25
N GLN S 453 -22.21 97.75 -79.42
CA GLN S 453 -23.24 97.09 -80.23
C GLN S 453 -22.96 97.20 -81.73
N VAL S 454 -21.99 98.02 -82.13
CA VAL S 454 -21.64 98.12 -83.54
C VAL S 454 -20.16 97.81 -83.70
N PRO S 455 -19.78 96.54 -83.89
CA PRO S 455 -18.42 96.26 -84.37
C PRO S 455 -18.41 96.08 -85.88
N GLU S 456 -17.25 96.27 -86.50
CA GLU S 456 -17.07 95.88 -87.89
C GLU S 456 -16.82 94.38 -87.98
N ASN S 457 -15.73 93.92 -87.38
CA ASN S 457 -15.45 92.51 -87.19
C ASN S 457 -15.19 92.27 -85.71
N SER S 458 -15.54 91.07 -85.25
CA SER S 458 -15.51 90.78 -83.82
C SER S 458 -14.08 90.70 -83.30
N GLY S 459 -13.27 89.83 -83.89
CA GLY S 459 -11.90 89.68 -83.45
C GLY S 459 -11.67 88.43 -82.64
N LEU S 460 -10.54 87.78 -82.92
CA LEU S 460 -9.96 86.71 -82.12
C LEU S 460 -10.91 85.51 -82.01
N LEU S 461 -11.16 84.87 -83.15
CA LEU S 461 -12.21 83.87 -83.26
C LEU S 461 -11.72 82.51 -82.75
N PHE S 462 -11.71 82.37 -81.42
CA PHE S 462 -11.65 81.11 -80.69
C PHE S 462 -11.92 81.42 -79.22
N GLY S 463 -12.39 80.41 -78.51
CA GLY S 463 -12.68 80.60 -77.10
C GLY S 463 -12.36 79.40 -76.22
N GLY S 464 -11.48 78.52 -76.69
CA GLY S 464 -11.13 77.31 -75.96
C GLY S 464 -9.84 77.46 -75.18
N LEU S 465 -9.75 76.73 -74.07
CA LEU S 465 -8.73 76.96 -73.06
C LEU S 465 -8.01 75.66 -72.78
N PHE S 466 -6.82 75.77 -72.19
CA PHE S 466 -6.16 74.63 -71.58
C PHE S 466 -5.25 75.15 -70.46
N SER S 467 -5.15 74.37 -69.40
CA SER S 467 -4.38 74.74 -68.23
C SER S 467 -3.06 73.98 -68.23
N SER S 468 -2.34 74.09 -67.12
CA SER S 468 -1.21 73.21 -66.85
C SER S 468 -1.65 71.83 -66.39
N LYS S 469 -2.94 71.65 -66.10
CA LYS S 469 -3.49 70.36 -65.71
C LYS S 469 -4.71 69.98 -66.54
N SER S 470 -5.06 70.78 -67.54
CA SER S 470 -6.22 70.53 -68.38
C SER S 470 -5.76 70.32 -69.82
N ILE S 471 -6.74 70.11 -70.70
CA ILE S 471 -6.50 69.74 -72.09
C ILE S 471 -7.47 70.52 -72.96
N ASN S 472 -6.96 71.15 -74.00
CA ASN S 472 -7.81 71.78 -75.02
C ASN S 472 -8.54 70.69 -75.78
N PRO S 473 -9.87 70.65 -75.77
CA PRO S 473 -10.58 69.57 -76.48
C PRO S 473 -10.54 69.71 -77.98
N MET S 474 -10.23 70.89 -78.51
CA MET S 474 -10.10 71.06 -79.94
C MET S 474 -8.75 70.58 -80.48
N THR S 475 -7.82 70.22 -79.60
CA THR S 475 -6.58 69.56 -80.01
C THR S 475 -6.36 68.22 -79.32
N ASN S 476 -7.12 67.92 -78.26
CA ASN S 476 -6.89 66.78 -77.34
C ASN S 476 -5.47 66.75 -76.81
N ALA S 477 -4.92 67.94 -76.56
CA ALA S 477 -3.57 68.09 -76.05
C ALA S 477 -3.45 69.48 -75.42
N GLN S 478 -2.26 69.77 -74.89
CA GLN S 478 -1.95 71.09 -74.35
C GLN S 478 -1.28 71.95 -75.41
N SER S 479 -1.99 72.15 -76.51
CA SER S 479 -1.44 72.88 -77.64
C SER S 479 -2.56 73.67 -78.30
N CYS S 480 -2.15 74.57 -79.17
CA CYS S 480 -3.05 75.39 -79.95
C CYS S 480 -3.43 74.67 -81.24
N PRO S 481 -4.55 75.02 -81.85
CA PRO S 481 -4.86 74.48 -83.18
C PRO S 481 -4.02 75.14 -84.27
N ALA S 482 -4.30 74.79 -85.53
CA ALA S 482 -3.48 75.23 -86.66
C ALA S 482 -3.64 76.74 -86.88
N GLY S 483 -2.59 77.49 -86.52
CA GLY S 483 -2.57 78.92 -86.75
C GLY S 483 -3.15 79.73 -85.62
N TYR S 484 -2.83 79.35 -84.38
CA TYR S 484 -3.38 79.95 -83.18
C TYR S 484 -2.26 80.27 -82.19
N PHE S 485 -2.35 81.43 -81.55
CA PHE S 485 -1.34 81.79 -80.56
C PHE S 485 -1.99 81.96 -79.19
N PRO S 486 -1.36 81.47 -78.13
CA PRO S 486 -2.01 81.48 -76.82
C PRO S 486 -1.81 82.80 -76.10
N LEU S 487 -2.78 83.12 -75.24
CA LEU S 487 -2.71 84.30 -74.40
C LEU S 487 -2.68 83.84 -72.95
N ARG S 488 -1.66 84.24 -72.22
CA ARG S 488 -1.51 83.79 -70.84
C ARG S 488 -2.50 84.48 -69.92
N LEU S 489 -2.98 83.73 -68.94
CA LEU S 489 -3.97 84.20 -67.99
C LEU S 489 -3.53 83.62 -66.64
N PHE S 490 -4.47 83.58 -65.67
CA PHE S 490 -4.28 83.79 -64.24
C PHE S 490 -2.94 83.30 -63.67
N GLU S 491 -2.72 82.02 -63.74
CA GLU S 491 -1.39 81.45 -63.49
C GLU S 491 -0.99 80.47 -64.58
N ASN S 492 -1.93 79.71 -65.11
CA ASN S 492 -1.61 78.66 -66.07
C ASN S 492 -2.51 78.61 -67.28
N LEU S 493 -3.56 79.42 -67.35
CA LEU S 493 -4.44 79.38 -68.51
C LEU S 493 -3.75 79.97 -69.73
N LYS S 494 -3.94 79.29 -70.85
CA LYS S 494 -3.48 79.77 -72.14
C LYS S 494 -4.66 79.70 -73.10
N VAL S 495 -5.20 80.85 -73.44
CA VAL S 495 -6.39 80.95 -74.28
C VAL S 495 -5.94 81.06 -75.74
N CYS S 496 -6.36 80.08 -76.56
CA CYS S 496 -5.92 80.05 -77.94
C CYS S 496 -6.74 81.05 -78.76
N VAL S 497 -6.05 81.78 -79.64
CA VAL S 497 -6.59 82.99 -80.26
C VAL S 497 -6.03 83.13 -81.67
N SER S 498 -6.91 83.35 -82.64
CA SER S 498 -6.50 83.73 -84.00
C SER S 498 -7.50 84.71 -84.57
N GLN S 499 -7.00 85.69 -85.31
CA GLN S 499 -7.82 86.70 -85.97
C GLN S 499 -7.62 86.69 -87.48
N ASP S 500 -7.49 85.49 -88.04
CA ASP S 500 -7.18 85.33 -89.47
C ASP S 500 -8.41 85.29 -90.36
N TYR S 501 -9.54 84.81 -89.83
CA TYR S 501 -10.87 84.76 -90.46
C TYR S 501 -10.98 83.79 -91.64
N GLU S 502 -9.87 83.19 -92.07
CA GLU S 502 -9.88 82.20 -93.13
C GLU S 502 -9.34 80.86 -92.68
N LEU S 503 -8.14 80.84 -92.10
CA LEU S 503 -7.59 79.61 -91.54
C LEU S 503 -8.03 79.41 -90.09
N GLY S 504 -8.68 80.40 -89.49
CA GLY S 504 -9.14 80.28 -88.13
C GLY S 504 -10.59 79.85 -88.02
N SER S 505 -11.34 79.98 -89.12
CA SER S 505 -12.76 79.66 -89.12
C SER S 505 -13.03 78.17 -89.17
N ARG S 506 -12.00 77.33 -89.39
CA ARG S 506 -12.21 75.90 -89.29
C ARG S 506 -12.39 75.47 -87.85
N PHE S 507 -11.66 76.10 -86.94
CA PHE S 507 -11.67 75.71 -85.53
C PHE S 507 -12.37 76.71 -84.64
N ALA S 508 -12.91 77.79 -85.18
CA ALA S 508 -13.55 78.81 -84.37
C ALA S 508 -14.86 78.32 -83.77
N VAL S 509 -14.99 78.42 -82.45
CA VAL S 509 -16.19 77.98 -81.76
C VAL S 509 -17.00 79.20 -81.36
N PRO S 510 -18.32 79.09 -81.22
CA PRO S 510 -19.11 80.22 -80.68
C PRO S 510 -18.78 80.41 -79.21
N PHE S 511 -18.32 81.61 -78.87
CA PHE S 511 -17.89 81.92 -77.52
C PHE S 511 -19.01 82.62 -76.76
N GLY S 512 -19.10 82.34 -75.45
CA GLY S 512 -20.19 82.85 -74.67
C GLY S 512 -19.83 83.81 -73.56
N GLY S 513 -18.66 83.65 -72.96
CA GLY S 513 -18.22 84.55 -71.91
C GLY S 513 -17.59 83.82 -70.74
N PHE S 514 -16.85 84.57 -69.94
CA PHE S 514 -16.25 84.08 -68.70
C PHE S 514 -17.07 84.54 -67.51
N PHE S 515 -17.07 83.74 -66.44
CA PHE S 515 -17.55 84.19 -65.15
C PHE S 515 -16.86 83.37 -64.07
N SER S 516 -16.87 83.90 -62.85
CA SER S 516 -16.18 83.28 -61.74
C SER S 516 -17.11 83.30 -60.53
N CYS S 517 -16.55 82.97 -59.37
CA CYS S 517 -17.35 82.93 -58.15
C CYS S 517 -17.68 84.31 -57.61
N THR S 518 -17.06 85.36 -58.13
CA THR S 518 -17.29 86.72 -57.66
C THR S 518 -17.92 87.64 -58.69
N VAL S 519 -17.74 87.37 -59.98
CA VAL S 519 -18.22 88.25 -61.04
C VAL S 519 -19.08 87.44 -61.98
N GLY S 520 -20.02 88.11 -62.64
CA GLY S 520 -20.83 87.47 -63.66
C GLY S 520 -20.58 88.04 -65.04
N ASN S 521 -20.93 87.28 -66.08
CA ASN S 521 -20.75 87.87 -67.39
C ASN S 521 -21.92 88.80 -67.72
N PRO S 522 -21.65 89.91 -68.40
CA PRO S 522 -22.73 90.83 -68.73
C PRO S 522 -23.43 90.50 -70.04
N LEU S 523 -23.27 89.27 -70.54
CA LEU S 523 -23.85 88.88 -71.82
C LEU S 523 -25.18 88.17 -71.65
N VAL S 524 -25.85 88.36 -70.51
CA VAL S 524 -27.13 87.74 -70.25
C VAL S 524 -28.23 88.78 -70.06
N ASP S 525 -27.95 89.93 -69.44
CA ASP S 525 -28.98 90.89 -69.09
C ASP S 525 -29.43 91.75 -70.28
N PRO S 526 -28.51 92.30 -71.13
CA PRO S 526 -29.14 92.91 -72.30
C PRO S 526 -29.42 91.90 -73.40
N PRO S 535 -25.67 93.62 -60.01
CA PRO S 535 -24.78 93.40 -61.15
C PRO S 535 -25.27 92.31 -62.09
N SER S 536 -24.34 91.48 -62.56
CA SER S 536 -24.67 90.47 -63.56
C SER S 536 -25.24 89.22 -62.86
N LEU S 537 -25.37 88.13 -63.62
CA LEU S 537 -26.10 86.97 -63.17
C LEU S 537 -25.24 85.73 -62.99
N LYS S 538 -24.04 85.70 -63.58
CA LYS S 538 -23.10 84.55 -63.65
C LYS S 538 -23.77 83.23 -64.03
N LYS S 539 -24.81 83.30 -64.85
CA LYS S 539 -25.47 82.08 -65.29
C LYS S 539 -24.85 81.50 -66.55
N CYS S 540 -25.12 82.14 -67.69
CA CYS S 540 -24.83 81.67 -69.05
C CYS S 540 -25.40 82.74 -69.97
N PRO S 541 -25.06 82.79 -71.26
CA PRO S 541 -25.87 83.64 -72.15
C PRO S 541 -27.24 83.05 -72.46
N GLY S 542 -27.34 81.74 -72.63
CA GLY S 542 -28.58 81.12 -73.03
C GLY S 542 -28.42 80.40 -74.36
N GLY S 543 -28.54 79.08 -74.32
CA GLY S 543 -28.19 78.24 -75.43
C GLY S 543 -26.78 77.70 -75.35
N PHE S 544 -25.89 78.41 -74.68
CA PHE S 544 -24.52 77.96 -74.48
C PHE S 544 -24.47 76.99 -73.31
N SER S 545 -23.28 76.47 -73.03
CA SER S 545 -23.09 75.49 -71.97
C SER S 545 -21.90 75.89 -71.12
N GLN S 546 -22.08 75.88 -69.80
CA GLN S 546 -20.98 76.18 -68.90
C GLN S 546 -19.94 75.07 -68.93
N HIS S 547 -18.68 75.46 -68.92
CA HIS S 547 -17.62 74.51 -68.79
C HIS S 547 -16.56 75.12 -67.90
N PRO S 548 -16.00 74.36 -66.98
CA PRO S 548 -15.05 74.95 -66.03
C PRO S 548 -13.64 75.07 -66.59
N ALA S 549 -13.03 76.21 -66.32
CA ALA S 549 -11.59 76.40 -66.45
C ALA S 549 -10.95 75.97 -65.13
N LEU S 550 -9.71 76.36 -64.88
CA LEU S 550 -9.04 75.94 -63.65
C LEU S 550 -9.65 76.60 -62.42
N ILE S 551 -9.14 76.18 -61.26
CA ILE S 551 -9.55 76.70 -59.96
C ILE S 551 -8.40 77.54 -59.42
N SER S 552 -8.68 78.82 -59.16
CA SER S 552 -7.68 79.75 -58.64
C SER S 552 -7.87 79.89 -57.14
N ASP S 553 -7.34 78.91 -56.41
CA ASP S 553 -7.26 78.89 -54.95
C ASP S 553 -8.64 78.98 -54.29
N GLY S 554 -9.52 78.05 -54.66
CA GLY S 554 -10.83 77.96 -54.08
C GLY S 554 -11.95 78.57 -54.89
N CYS S 555 -11.62 79.40 -55.88
CA CYS S 555 -12.61 80.02 -56.75
C CYS S 555 -12.55 79.37 -58.12
N GLN S 556 -13.72 79.16 -58.72
CA GLN S 556 -13.85 78.43 -59.97
C GLN S 556 -14.17 79.41 -61.09
N VAL S 557 -13.39 79.35 -62.17
CA VAL S 557 -13.62 80.17 -63.35
C VAL S 557 -14.25 79.30 -64.42
N SER S 558 -15.35 79.78 -65.01
CA SER S 558 -16.08 79.00 -65.98
C SER S 558 -16.28 79.79 -67.26
N TYR S 559 -16.42 79.08 -68.37
CA TYR S 559 -16.59 79.70 -69.68
C TYR S 559 -17.68 79.00 -70.47
N CYS S 560 -18.34 79.74 -71.34
CA CYS S 560 -19.51 79.27 -72.07
C CYS S 560 -19.18 79.06 -73.54
N VAL S 561 -19.80 78.04 -74.14
CA VAL S 561 -19.49 77.64 -75.50
C VAL S 561 -20.67 76.82 -76.00
N LYS S 562 -20.84 76.75 -77.32
CA LYS S 562 -21.96 76.04 -77.95
C LYS S 562 -21.46 75.16 -79.09
N SER S 563 -20.48 74.30 -78.81
CA SER S 563 -20.06 73.40 -79.87
C SER S 563 -20.97 72.18 -79.99
N GLY S 564 -21.10 71.44 -78.89
CA GLY S 564 -21.57 70.07 -78.92
C GLY S 564 -20.43 69.08 -78.77
N LEU S 565 -19.21 69.48 -79.14
CA LEU S 565 -18.03 68.66 -78.88
C LEU S 565 -17.65 68.72 -77.41
N PHE S 566 -17.83 69.89 -76.79
CA PHE S 566 -17.54 70.03 -75.37
C PHE S 566 -18.54 69.28 -74.50
N THR S 567 -19.76 69.09 -75.00
CA THR S 567 -20.85 68.57 -74.18
C THR S 567 -20.76 67.05 -74.00
N GLY S 568 -20.81 66.32 -75.10
CA GLY S 568 -20.95 64.87 -75.04
C GLY S 568 -19.69 64.15 -74.60
N GLY S 569 -19.78 62.82 -74.61
CA GLY S 569 -18.70 61.97 -74.16
C GLY S 569 -19.22 60.92 -73.19
N SER S 570 -18.56 60.78 -72.05
CA SER S 570 -19.07 59.99 -70.94
C SER S 570 -19.30 60.90 -69.75
N LEU S 571 -19.99 60.38 -68.76
CA LEU S 571 -20.21 61.13 -67.54
C LEU S 571 -18.92 61.20 -66.73
N PRO S 572 -18.48 62.37 -66.31
CA PRO S 572 -17.22 62.49 -65.58
C PRO S 572 -17.37 61.98 -64.16
N PRO S 573 -16.28 61.57 -63.52
CA PRO S 573 -16.34 61.26 -62.09
C PRO S 573 -16.37 62.55 -61.27
N ALA S 574 -16.53 62.37 -59.97
CA ALA S 574 -16.54 63.52 -59.07
C ALA S 574 -15.15 64.08 -58.90
N ARG S 575 -15.06 65.40 -58.78
CA ARG S 575 -13.83 66.03 -58.34
C ARG S 575 -13.67 65.84 -56.85
N LEU S 576 -12.64 65.12 -56.45
CA LEU S 576 -12.46 64.84 -55.06
C LEU S 576 -11.57 65.92 -54.43
N PRO S 577 -11.70 66.16 -53.13
CA PRO S 577 -10.79 67.09 -52.45
C PRO S 577 -9.39 66.52 -52.37
N PRO S 578 -8.37 67.32 -52.01
CA PRO S 578 -8.26 68.75 -51.73
C PRO S 578 -8.24 69.56 -53.00
N PHE S 579 -8.81 70.76 -52.93
CA PHE S 579 -8.86 71.65 -54.08
C PHE S 579 -7.83 72.76 -53.99
N THR S 580 -7.16 72.89 -52.85
CA THR S 580 -6.05 73.81 -52.69
C THR S 580 -4.79 73.00 -52.43
N ARG S 581 -3.67 73.71 -52.38
CA ARG S 581 -2.38 73.14 -52.04
C ARG S 581 -1.84 73.84 -50.81
N PRO S 582 -0.99 73.19 -50.02
CA PRO S 582 -0.38 73.88 -48.88
C PRO S 582 0.60 74.93 -49.35
N PRO S 583 0.66 76.07 -48.67
CA PRO S 583 1.39 77.22 -49.19
C PRO S 583 2.89 77.07 -49.03
N LEU S 584 3.61 77.97 -49.67
CA LEU S 584 5.07 77.99 -49.60
C LEU S 584 5.53 78.69 -48.34
N MET S 585 6.66 78.21 -47.81
CA MET S 585 7.24 78.73 -46.59
C MET S 585 8.69 79.10 -46.85
N SER S 586 9.16 80.13 -46.14
CA SER S 586 10.55 80.53 -46.27
C SER S 586 11.43 79.67 -45.37
N GLN S 587 12.56 79.23 -45.92
CA GLN S 587 13.36 78.15 -45.38
C GLN S 587 14.82 78.60 -45.27
N ALA S 588 15.64 77.73 -44.68
CA ALA S 588 17.07 77.96 -44.56
C ALA S 588 17.73 76.62 -44.30
N ALA S 589 18.89 76.39 -44.93
CA ALA S 589 19.60 75.13 -44.78
C ALA S 589 21.09 75.39 -44.75
N THR S 590 21.75 74.89 -43.70
CA THR S 590 23.18 75.09 -43.51
C THR S 590 23.90 73.74 -43.50
N ASN S 591 25.20 73.79 -43.81
CA ASN S 591 26.06 72.61 -43.87
C ASN S 591 27.44 73.03 -43.37
N THR S 592 27.77 72.72 -42.13
CA THR S 592 29.10 73.00 -41.60
C THR S 592 29.94 71.73 -41.66
N VAL S 593 31.13 71.83 -42.25
CA VAL S 593 32.05 70.71 -42.39
C VAL S 593 33.35 71.08 -41.68
N ILE S 594 33.83 70.21 -40.80
CA ILE S 594 35.13 70.36 -40.16
C ILE S 594 36.05 69.28 -40.71
N VAL S 595 37.21 69.70 -41.20
CA VAL S 595 38.17 68.78 -41.81
C VAL S 595 39.48 68.92 -41.04
N THR S 596 39.90 67.86 -40.37
CA THR S 596 41.22 67.86 -39.74
C THR S 596 42.23 67.41 -40.78
N ASN S 597 43.20 68.26 -41.06
CA ASN S 597 44.20 68.01 -42.09
C ASN S 597 45.40 67.24 -41.55
N SER S 598 45.29 66.64 -40.38
CA SER S 598 46.46 66.06 -39.74
C SER S 598 46.06 64.98 -38.74
N GLU S 599 46.95 64.02 -38.57
CA GLU S 599 46.95 63.19 -37.38
C GLU S 599 47.67 63.96 -36.26
N ASN S 600 47.76 63.33 -35.08
CA ASN S 600 48.26 63.96 -33.85
C ASN S 600 47.44 65.23 -33.55
N ALA S 601 46.13 65.11 -33.69
CA ALA S 601 45.23 66.24 -33.47
C ALA S 601 43.90 65.65 -33.02
N ARG S 602 43.64 65.71 -31.72
CA ARG S 602 42.40 65.19 -31.17
C ARG S 602 41.36 66.29 -31.09
N SER S 603 40.10 65.87 -30.91
CA SER S 603 38.99 66.81 -30.88
C SER S 603 37.87 66.22 -30.05
N TRP S 604 37.27 67.05 -29.21
CA TRP S 604 36.11 66.67 -28.42
C TRP S 604 34.95 67.57 -28.77
N ILE S 605 33.77 67.00 -28.92
CA ILE S 605 32.59 67.74 -29.36
C ILE S 605 31.44 67.43 -28.42
N LYS S 606 30.77 68.47 -27.94
CA LYS S 606 29.54 68.34 -27.17
C LYS S 606 28.43 68.95 -28.03
N ASP S 607 27.53 68.09 -28.53
CA ASP S 607 26.62 68.49 -29.59
C ASP S 607 25.53 69.42 -29.10
N SER S 608 25.05 69.24 -27.87
CA SER S 608 24.03 70.09 -27.31
C SER S 608 24.15 70.03 -25.79
N GLN S 609 23.23 70.70 -25.11
CA GLN S 609 23.28 70.73 -23.65
C GLN S 609 22.88 69.41 -23.02
N THR S 610 22.15 68.58 -23.75
CA THR S 610 21.76 67.27 -23.24
C THR S 610 22.75 66.17 -23.61
N HIS S 611 23.57 66.38 -24.64
CA HIS S 611 24.58 65.41 -25.00
C HIS S 611 25.71 65.41 -23.98
N GLN S 612 26.53 64.37 -24.04
CA GLN S 612 27.79 64.31 -23.32
C GLN S 612 28.93 64.61 -24.28
N TRP S 613 30.10 64.86 -23.70
CA TRP S 613 31.29 65.09 -24.52
C TRP S 613 31.64 63.84 -25.29
N ARG S 614 31.98 64.04 -26.55
CA ARG S 614 32.14 62.98 -27.52
C ARG S 614 33.46 63.17 -28.23
N LEU S 615 34.17 62.07 -28.47
CA LEU S 615 35.43 62.16 -29.18
C LEU S 615 35.16 62.43 -30.66
N GLY S 616 35.83 63.45 -31.20
CA GLY S 616 35.53 63.89 -32.55
C GLY S 616 36.18 63.04 -33.61
N GLU S 617 35.66 63.18 -34.83
CA GLU S 617 36.07 62.50 -36.04
C GLU S 617 36.72 63.49 -37.00
N PRO S 618 37.48 63.01 -37.99
CA PRO S 618 38.12 63.95 -38.92
C PRO S 618 37.18 64.72 -39.82
N ILE S 619 36.04 64.15 -40.22
CA ILE S 619 35.02 64.85 -40.99
C ILE S 619 33.72 64.79 -40.19
N GLU S 620 33.10 65.94 -39.96
CA GLU S 620 31.94 66.01 -39.08
C GLU S 620 30.60 66.11 -39.79
N LEU S 621 30.40 67.18 -40.59
CA LEU S 621 29.19 67.40 -41.40
C LEU S 621 27.92 67.47 -40.53
N ARG S 622 27.81 68.57 -39.79
CA ARG S 622 26.54 68.94 -39.17
C ARG S 622 25.58 69.49 -40.22
N ARG S 623 24.27 69.28 -40.00
CA ARG S 623 23.23 69.79 -40.88
C ARG S 623 22.10 70.40 -40.08
N ALA S 624 21.43 71.38 -40.67
CA ALA S 624 20.30 72.04 -40.03
C ALA S 624 19.34 72.54 -41.09
N MET S 625 18.04 72.42 -40.82
CA MET S 625 17.00 72.96 -41.69
C MET S 625 16.04 73.77 -40.86
N ASN S 626 15.89 75.05 -41.19
CA ASN S 626 15.11 76.00 -40.41
C ASN S 626 13.93 76.48 -41.25
N VAL S 627 12.72 76.30 -40.75
CA VAL S 627 11.49 76.68 -41.45
C VAL S 627 10.76 77.68 -40.58
N ILE S 628 10.19 78.72 -41.18
CA ILE S 628 9.29 79.63 -40.49
C ILE S 628 7.97 79.71 -41.25
N HIS S 629 6.88 79.53 -40.53
CA HIS S 629 5.53 79.58 -41.09
C HIS S 629 5.10 81.03 -41.24
N GLY S 630 5.05 81.51 -42.47
CA GLY S 630 4.61 82.86 -42.75
C GLY S 630 5.61 83.93 -42.36
N ASP T 10 6.39 30.56 -28.42
CA ASP T 10 5.57 31.64 -28.97
C ASP T 10 5.33 31.46 -30.47
N GLU T 11 4.46 32.30 -31.02
CA GLU T 11 4.07 32.22 -32.41
C GLU T 11 3.53 33.58 -32.80
N VAL T 12 3.91 34.06 -33.99
CA VAL T 12 3.61 35.42 -34.41
C VAL T 12 2.97 35.41 -35.80
N GLY T 13 2.49 36.58 -36.20
CA GLY T 13 2.09 36.80 -37.58
C GLY T 13 0.71 36.25 -37.89
N VAL T 14 0.55 35.83 -39.15
CA VAL T 14 -0.74 35.36 -39.64
C VAL T 14 -1.06 34.00 -39.06
N GLN T 15 -0.04 33.18 -38.81
CA GLN T 15 -0.25 31.80 -38.42
C GLN T 15 -0.73 31.67 -36.98
N LYS T 16 -0.44 32.65 -36.14
CA LYS T 16 -1.08 32.71 -34.82
C LYS T 16 -2.58 32.91 -34.95
N CYS T 17 -2.99 33.75 -35.93
CA CYS T 17 -4.41 33.98 -36.15
C CYS T 17 -5.08 32.74 -36.74
N LYS T 18 -4.38 32.01 -37.61
CA LYS T 18 -4.99 30.87 -38.28
C LYS T 18 -5.15 29.68 -37.35
N ASN T 19 -4.29 29.55 -36.34
CA ASN T 19 -4.41 28.42 -35.43
C ASN T 19 -5.52 28.64 -34.41
N ALA T 20 -5.74 29.88 -34.00
CA ALA T 20 -6.76 30.16 -33.00
C ALA T 20 -8.15 30.21 -33.61
N LEU T 21 -8.27 30.53 -34.88
CA LEU T 21 -9.56 30.78 -35.50
C LEU T 21 -9.95 29.74 -36.54
N LYS T 22 -8.97 29.15 -37.24
CA LYS T 22 -9.16 28.09 -38.24
C LYS T 22 -10.07 28.53 -39.38
N LEU T 23 -9.73 29.64 -40.01
CA LEU T 23 -10.48 30.18 -41.12
C LEU T 23 -9.53 30.98 -41.99
N PRO T 24 -9.77 31.07 -43.32
CA PRO T 24 -8.75 31.63 -44.20
C PRO T 24 -8.58 33.15 -44.11
N VAL T 25 -7.64 33.66 -44.86
CA VAL T 25 -7.31 35.08 -44.88
C VAL T 25 -7.89 35.68 -46.16
N LEU T 26 -8.38 36.91 -46.08
CA LEU T 26 -8.96 37.54 -47.25
C LEU T 26 -7.84 37.89 -48.23
N GLU T 27 -7.87 37.27 -49.40
CA GLU T 27 -6.75 37.34 -50.33
C GLU T 27 -6.75 38.59 -51.20
N VAL T 28 -7.70 39.49 -51.03
CA VAL T 28 -7.86 40.65 -51.89
C VAL T 28 -7.61 41.88 -51.02
N LEU T 29 -6.39 42.40 -51.04
CA LEU T 29 -6.06 43.44 -50.07
C LEU T 29 -5.58 44.71 -50.75
N PRO T 30 -5.92 45.87 -50.21
CA PRO T 30 -5.42 47.11 -50.79
C PRO T 30 -4.08 47.52 -50.20
N GLY T 31 -3.55 48.65 -50.62
CA GLY T 31 -2.26 49.10 -50.15
C GLY T 31 -1.07 48.67 -50.98
N GLY T 32 -1.29 48.01 -52.10
CA GLY T 32 -0.19 47.66 -52.98
C GLY T 32 0.00 48.69 -54.07
N GLY T 33 1.12 48.57 -54.75
CA GLY T 33 1.39 49.44 -55.87
C GLY T 33 0.63 49.03 -57.10
N TRP T 34 0.47 49.97 -58.02
CA TRP T 34 -0.35 49.72 -59.19
C TRP T 34 0.21 50.48 -60.37
N ASP T 35 0.65 49.76 -61.39
CA ASP T 35 1.01 50.37 -62.67
C ASP T 35 -0.28 50.65 -63.42
N ASN T 36 -0.56 51.92 -63.67
CA ASN T 36 -1.83 52.30 -64.27
C ASN T 36 -1.77 52.35 -65.79
N LEU T 37 -0.60 52.12 -66.39
CA LEU T 37 -0.55 51.94 -67.84
C LEU T 37 -0.77 50.49 -68.24
N ARG T 38 -0.21 49.55 -67.48
CA ARG T 38 -0.28 48.15 -67.84
C ARG T 38 -1.37 47.40 -67.10
N ASN T 39 -2.01 48.03 -66.12
CA ASN T 39 -2.97 47.43 -65.19
C ASN T 39 -2.43 46.17 -64.52
N VAL T 40 -1.21 46.25 -64.03
CA VAL T 40 -0.63 45.20 -63.21
C VAL T 40 -0.37 45.80 -61.83
N ASP T 41 -0.27 44.93 -60.84
CA ASP T 41 -0.02 45.39 -59.49
C ASP T 41 1.39 45.06 -59.04
N MET T 42 1.94 45.97 -58.27
CA MET T 42 3.34 46.09 -57.94
C MET T 42 3.61 45.65 -56.51
N GLY T 43 4.80 45.99 -56.03
CA GLY T 43 5.15 45.71 -54.64
C GLY T 43 4.30 46.49 -53.66
N ARG T 44 4.33 46.01 -52.43
CA ARG T 44 3.43 46.45 -51.37
C ARG T 44 3.95 47.75 -50.75
N VAL T 45 3.10 48.78 -50.73
CA VAL T 45 3.49 50.10 -50.25
C VAL T 45 3.12 50.30 -48.80
N MET T 46 1.97 49.80 -48.36
CA MET T 46 1.54 49.94 -46.98
C MET T 46 1.99 48.73 -46.16
N GLU T 47 1.81 48.83 -44.85
CA GLU T 47 2.25 47.78 -43.94
C GLU T 47 1.06 46.93 -43.53
N LEU T 48 1.19 45.62 -43.66
CA LEU T 48 0.15 44.68 -43.28
C LEU T 48 0.56 43.95 -42.02
N THR T 49 -0.17 44.19 -40.93
CA THR T 49 0.09 43.55 -39.65
C THR T 49 -1.12 42.72 -39.23
N TYR T 50 -0.86 41.65 -38.50
CA TYR T 50 -1.89 40.71 -38.06
C TYR T 50 -1.80 40.53 -36.55
N SER T 51 -1.70 41.64 -35.82
CA SER T 51 -1.48 41.55 -34.39
C SER T 51 -2.76 41.32 -33.61
N ASN T 52 -3.89 41.84 -34.08
CA ASN T 52 -5.10 41.90 -33.29
C ASN T 52 -6.10 40.81 -33.62
N CYS T 53 -5.77 39.92 -34.57
CA CYS T 53 -6.60 38.76 -34.96
C CYS T 53 -7.99 39.19 -35.43
N ARG T 54 -8.06 40.28 -36.19
CA ARG T 54 -9.35 40.77 -36.65
C ARG T 54 -9.93 39.88 -37.72
N THR T 55 -11.25 39.73 -37.70
CA THR T 55 -11.97 39.04 -38.76
C THR T 55 -12.97 39.99 -39.38
N THR T 56 -13.57 39.55 -40.48
CA THR T 56 -14.71 40.29 -40.99
C THR T 56 -15.89 40.08 -40.05
N GLU T 57 -16.89 40.97 -40.19
CA GLU T 57 -18.00 41.00 -39.25
C GLU T 57 -18.87 39.75 -39.36
N ASP T 58 -18.92 39.11 -40.52
CA ASP T 58 -19.58 37.83 -40.64
C ASP T 58 -18.71 36.66 -40.19
N GLY T 59 -17.43 36.92 -39.90
CA GLY T 59 -16.58 35.92 -39.29
C GLY T 59 -16.09 34.83 -40.21
N GLN T 60 -15.65 35.17 -41.42
CA GLN T 60 -15.20 34.17 -42.36
C GLN T 60 -13.85 34.45 -43.00
N TYR T 61 -13.24 35.59 -42.73
CA TYR T 61 -11.91 35.87 -43.24
C TYR T 61 -11.12 36.63 -42.20
N ILE T 62 -9.86 36.26 -42.03
CA ILE T 62 -8.91 37.04 -41.25
C ILE T 62 -8.47 38.23 -42.09
N ILE T 63 -8.52 39.42 -41.53
CA ILE T 63 -8.11 40.64 -42.22
C ILE T 63 -7.02 41.31 -41.38
N PRO T 64 -6.18 42.13 -41.99
CA PRO T 64 -5.22 42.92 -41.21
C PRO T 64 -5.89 43.97 -40.35
N ASP T 65 -5.07 44.60 -39.51
CA ASP T 65 -5.58 45.46 -38.44
C ASP T 65 -6.01 46.83 -38.95
N GLU T 66 -5.34 47.34 -39.97
CA GLU T 66 -5.53 48.65 -40.55
C GLU T 66 -6.54 48.67 -41.67
N ILE T 67 -7.26 47.58 -41.87
CA ILE T 67 -8.15 47.43 -43.02
C ILE T 67 -9.53 47.14 -42.50
N PHE T 68 -10.51 47.91 -42.96
CA PHE T 68 -11.90 47.63 -42.68
C PHE T 68 -12.61 47.19 -43.95
N THR T 69 -13.59 46.33 -43.78
CA THR T 69 -14.34 45.78 -44.89
C THR T 69 -15.77 46.28 -44.83
N ILE T 70 -16.42 46.33 -45.98
CA ILE T 70 -17.82 46.71 -46.08
C ILE T 70 -18.57 45.52 -46.69
N PRO T 71 -19.49 44.92 -45.99
CA PRO T 71 -20.28 43.82 -46.58
C PRO T 71 -21.34 44.37 -47.52
N GLN T 72 -21.14 44.16 -48.81
CA GLN T 72 -22.18 44.48 -49.78
C GLN T 72 -22.28 43.31 -50.74
N LYS T 73 -23.11 42.34 -50.35
CA LYS T 73 -23.17 41.05 -51.00
C LYS T 73 -24.12 41.18 -52.18
N GLN T 74 -23.57 41.69 -53.28
CA GLN T 74 -24.33 42.22 -54.39
C GLN T 74 -24.07 41.40 -55.63
N SER T 75 -25.13 40.95 -56.27
CA SER T 75 -25.05 40.14 -57.47
C SER T 75 -25.77 40.88 -58.59
N ASN T 76 -25.15 40.94 -59.77
CA ASN T 76 -25.72 41.59 -60.94
C ASN T 76 -25.81 40.60 -62.07
N LEU T 77 -26.91 40.64 -62.81
CA LEU T 77 -27.11 39.72 -63.92
C LEU T 77 -27.72 40.51 -65.06
N GLU T 78 -27.07 40.49 -66.20
CA GLU T 78 -27.54 41.20 -67.38
C GLU T 78 -28.23 40.21 -68.33
N MET T 79 -29.42 40.56 -68.78
CA MET T 79 -30.07 39.86 -69.86
C MET T 79 -29.76 40.46 -71.21
N ASN T 80 -28.82 41.38 -71.26
CA ASN T 80 -28.51 42.15 -72.45
C ASN T 80 -27.01 42.11 -72.67
N SER T 81 -26.54 42.92 -73.57
CA SER T 81 -25.12 43.08 -73.83
C SER T 81 -24.79 44.57 -73.77
N GLU T 82 -23.57 44.92 -74.14
CA GLU T 82 -23.22 46.32 -74.30
C GLU T 82 -22.24 46.43 -75.46
N ILE T 83 -22.42 47.44 -76.28
CA ILE T 83 -21.73 47.54 -77.56
C ILE T 83 -20.63 48.59 -77.44
N LEU T 84 -19.44 48.24 -77.90
CA LEU T 84 -18.26 49.09 -77.81
C LEU T 84 -17.66 49.16 -79.20
N GLU T 85 -18.16 50.06 -80.04
CA GLU T 85 -17.77 50.10 -81.45
C GLU T 85 -16.53 50.95 -81.71
N SER T 86 -15.76 51.28 -80.69
CA SER T 86 -14.52 52.02 -80.83
C SER T 86 -13.64 51.72 -79.64
N TRP T 87 -12.33 51.58 -79.88
CA TRP T 87 -11.41 51.30 -78.78
C TRP T 87 -10.98 52.54 -78.02
N ALA T 88 -11.43 53.73 -78.41
CA ALA T 88 -11.04 54.94 -77.69
C ALA T 88 -11.73 55.01 -76.34
N ASN T 89 -13.05 54.81 -76.33
CA ASN T 89 -13.82 54.79 -75.08
C ASN T 89 -13.86 53.37 -74.51
N TYR T 90 -12.72 52.95 -73.99
CA TYR T 90 -12.52 51.58 -73.52
C TYR T 90 -12.87 51.43 -72.05
N GLN T 91 -13.57 50.35 -71.74
CA GLN T 91 -13.97 49.99 -70.39
C GLN T 91 -13.11 48.81 -69.95
N SER T 92 -12.45 48.93 -68.80
CA SER T 92 -11.45 47.94 -68.47
C SER T 92 -12.05 46.63 -67.95
N SER T 93 -13.21 46.69 -67.29
CA SER T 93 -13.99 45.60 -66.69
C SER T 93 -13.35 44.95 -65.46
N THR T 94 -12.14 45.31 -65.10
CA THR T 94 -11.57 44.86 -63.84
C THR T 94 -10.82 45.92 -63.07
N SER T 95 -10.48 47.04 -63.70
CA SER T 95 -9.78 48.14 -63.04
C SER T 95 -10.35 49.46 -63.54
N TYR T 96 -11.67 49.53 -63.59
CA TYR T 96 -12.33 50.64 -64.27
C TYR T 96 -12.25 51.94 -63.49
N SER T 97 -12.35 51.86 -62.17
CA SER T 97 -12.44 53.08 -61.38
C SER T 97 -11.10 53.75 -61.20
N ILE T 98 -10.00 53.01 -61.27
CA ILE T 98 -8.69 53.61 -61.12
C ILE T 98 -8.16 54.13 -62.46
N ASN T 99 -8.73 53.72 -63.58
CA ASN T 99 -8.30 54.27 -64.85
C ASN T 99 -9.04 55.55 -65.22
N THR T 100 -10.25 55.75 -64.70
CA THR T 100 -11.10 56.85 -65.13
C THR T 100 -10.91 58.12 -64.33
N GLU T 101 -9.79 58.25 -63.63
CA GLU T 101 -9.50 59.41 -62.81
C GLU T 101 -9.30 60.66 -63.66
N LEU T 102 -9.48 61.82 -63.05
CA LEU T 102 -9.34 63.11 -63.72
C LEU T 102 -7.88 63.54 -63.65
N SER T 103 -7.20 63.50 -64.78
CA SER T 103 -5.79 63.87 -64.84
C SER T 103 -5.45 64.27 -66.27
N LEU T 104 -4.17 64.59 -66.47
CA LEU T 104 -3.69 64.92 -67.80
C LEU T 104 -3.65 63.70 -68.68
N PHE T 105 -3.22 62.57 -68.12
CA PHE T 105 -2.98 61.34 -68.88
C PHE T 105 -4.09 60.33 -68.65
N SER T 106 -5.32 60.80 -68.55
CA SER T 106 -6.46 59.91 -68.39
C SER T 106 -6.76 59.14 -69.67
N LYS T 107 -6.30 59.62 -70.82
CA LYS T 107 -6.50 58.92 -72.07
C LYS T 107 -5.46 57.85 -72.33
N VAL T 108 -4.43 57.76 -71.48
CA VAL T 108 -3.35 56.79 -71.68
C VAL T 108 -3.41 55.67 -70.66
N ASN T 109 -4.24 55.79 -69.62
CA ASN T 109 -4.34 54.77 -68.59
C ASN T 109 -4.94 53.49 -69.15
N GLY T 110 -4.24 52.39 -68.92
CA GLY T 110 -4.69 51.09 -69.35
C GLY T 110 -4.37 50.73 -70.78
N LYS T 111 -3.69 51.60 -71.52
CA LYS T 111 -3.49 51.39 -72.95
C LYS T 111 -2.31 50.48 -73.27
N PHE T 112 -1.70 49.88 -72.26
CA PHE T 112 -0.67 48.86 -72.47
C PHE T 112 -1.04 47.58 -71.77
N SER T 113 -2.28 47.47 -71.34
CA SER T 113 -2.78 46.26 -70.71
C SER T 113 -2.95 45.18 -71.77
N THR T 114 -2.87 43.92 -71.34
CA THR T 114 -3.06 42.82 -72.26
C THR T 114 -4.51 42.73 -72.70
N GLU T 115 -5.43 43.18 -71.85
CA GLU T 115 -6.85 43.14 -72.17
C GLU T 115 -7.23 44.22 -73.16
N PHE T 116 -6.52 45.35 -73.16
CA PHE T 116 -6.76 46.38 -74.17
C PHE T 116 -6.11 46.02 -75.49
N GLN T 117 -4.84 45.62 -75.45
CA GLN T 117 -4.09 45.35 -76.67
C GLN T 117 -4.58 44.12 -77.39
N ARG T 118 -5.27 43.23 -76.70
CA ARG T 118 -5.96 42.15 -77.38
C ARG T 118 -7.24 42.64 -78.01
N MET T 119 -7.89 43.65 -77.42
CA MET T 119 -9.14 44.11 -77.99
C MET T 119 -8.92 45.01 -79.19
N LYS T 120 -7.87 45.83 -79.15
CA LYS T 120 -7.58 46.76 -80.24
C LYS T 120 -7.16 46.02 -81.50
N THR T 121 -6.41 44.94 -81.35
CA THR T 121 -5.95 44.20 -82.51
C THR T 121 -7.02 43.30 -83.11
N LEU T 122 -8.22 43.27 -82.54
CA LEU T 122 -9.35 42.56 -83.12
C LEU T 122 -10.35 43.48 -83.78
N GLN T 123 -10.36 44.76 -83.43
CA GLN T 123 -11.22 45.72 -84.10
C GLN T 123 -10.55 46.34 -85.32
N VAL T 124 -9.24 46.21 -85.46
CA VAL T 124 -8.53 46.78 -86.59
C VAL T 124 -8.22 45.72 -87.63
N LYS T 125 -7.79 44.55 -87.18
CA LYS T 125 -7.50 43.44 -88.09
C LYS T 125 -8.76 42.92 -88.77
N ASP T 126 -9.88 42.93 -88.05
CA ASP T 126 -11.10 42.31 -88.53
C ASP T 126 -12.21 43.31 -88.82
N GLN T 127 -11.94 44.61 -88.63
CA GLN T 127 -12.90 45.70 -88.83
C GLN T 127 -14.17 45.50 -88.02
N ALA T 128 -13.99 45.25 -86.73
CA ALA T 128 -15.03 44.68 -85.91
C ALA T 128 -15.51 45.65 -84.84
N ILE T 129 -16.63 45.29 -84.23
CA ILE T 129 -17.15 45.93 -83.04
C ILE T 129 -17.17 44.89 -81.92
N THR T 130 -17.19 45.36 -80.68
CA THR T 130 -17.04 44.49 -79.53
C THR T 130 -18.29 44.56 -78.67
N THR T 131 -18.80 43.39 -78.26
CA THR T 131 -19.88 43.30 -77.30
C THR T 131 -19.37 42.63 -76.03
N ARG T 132 -20.00 42.93 -74.89
CA ARG T 132 -19.60 42.33 -73.63
C ARG T 132 -20.82 42.05 -72.75
N VAL T 133 -20.96 40.80 -72.31
CA VAL T 133 -21.98 40.41 -71.35
C VAL T 133 -21.27 39.89 -70.11
N GLN T 134 -21.77 40.23 -68.93
CA GLN T 134 -21.09 39.76 -67.73
C GLN T 134 -22.05 39.54 -66.58
N VAL T 135 -21.70 38.58 -65.73
CA VAL T 135 -22.38 38.31 -64.47
C VAL T 135 -21.38 38.63 -63.37
N ARG T 136 -21.61 39.73 -62.66
CA ARG T 136 -20.68 40.20 -61.65
C ARG T 136 -21.24 39.95 -60.27
N ASN T 137 -20.36 39.56 -59.35
CA ASN T 137 -20.76 39.13 -58.02
C ASN T 137 -19.82 39.81 -57.02
N LEU T 138 -20.19 41.01 -56.60
CA LEU T 138 -19.42 41.78 -55.62
C LEU T 138 -19.78 41.36 -54.21
N VAL T 139 -18.78 40.99 -53.42
CA VAL T 139 -18.99 40.47 -52.08
C VAL T 139 -18.55 41.47 -51.02
N TYR T 140 -17.31 41.97 -51.11
CA TYR T 140 -16.80 42.92 -50.13
C TYR T 140 -16.23 44.15 -50.82
N THR T 141 -16.25 45.27 -50.10
CA THR T 141 -15.40 46.41 -50.38
C THR T 141 -14.38 46.50 -49.26
N VAL T 142 -13.11 46.50 -49.62
CA VAL T 142 -12.02 46.36 -48.67
C VAL T 142 -11.19 47.63 -48.77
N LYS T 143 -11.14 48.42 -47.70
CA LYS T 143 -10.48 49.72 -47.72
C LYS T 143 -9.38 49.80 -46.67
N ILE T 144 -8.62 50.90 -46.72
CA ILE T 144 -7.55 51.18 -45.78
C ILE T 144 -7.97 52.28 -44.82
N ASN T 145 -7.67 52.08 -43.55
CA ASN T 145 -7.82 53.12 -42.53
C ASN T 145 -6.86 54.25 -42.85
N PRO T 146 -7.29 55.52 -42.81
CA PRO T 146 -6.38 56.62 -43.15
C PRO T 146 -5.21 56.85 -42.21
N THR T 147 -5.10 56.12 -41.10
CA THR T 147 -3.98 56.28 -40.17
C THR T 147 -2.99 55.14 -40.28
N LEU T 148 -2.73 54.69 -41.50
CA LEU T 148 -1.82 53.59 -41.78
C LEU T 148 -0.43 54.12 -42.11
N GLU T 149 0.58 53.29 -41.84
CA GLU T 149 1.97 53.63 -42.09
C GLU T 149 2.53 52.81 -43.26
N LEU T 150 3.69 53.25 -43.75
CA LEU T 150 4.33 52.68 -44.92
C LEU T 150 4.98 51.34 -44.61
N SER T 151 5.30 50.62 -45.69
CA SER T 151 5.94 49.33 -45.56
C SER T 151 7.40 49.50 -45.20
N SER T 152 8.02 48.39 -44.82
CA SER T 152 9.43 48.43 -44.42
C SER T 152 10.35 48.58 -45.62
N GLY T 153 9.99 47.96 -46.74
CA GLY T 153 10.82 48.06 -47.93
C GLY T 153 10.63 49.36 -48.67
N PHE T 154 9.42 49.89 -48.68
CA PHE T 154 9.16 51.12 -49.41
C PHE T 154 9.72 52.33 -48.68
N ARG T 155 9.75 52.30 -47.35
CA ARG T 155 10.35 53.37 -46.58
C ARG T 155 11.86 53.43 -46.78
N LYS T 156 12.49 52.25 -46.91
CA LYS T 156 13.93 52.20 -47.10
C LYS T 156 14.36 52.80 -48.44
N GLU T 157 13.56 52.63 -49.47
CA GLU T 157 13.93 53.16 -50.77
C GLU T 157 13.57 54.63 -50.92
N LEU T 158 12.68 55.16 -50.08
CA LEU T 158 12.48 56.59 -50.02
C LEU T 158 13.57 57.28 -49.22
N LEU T 159 14.12 56.59 -48.23
CA LEU T 159 15.24 57.13 -47.46
C LEU T 159 16.53 57.13 -48.25
N ASP T 160 16.66 56.25 -49.23
CA ASP T 160 17.83 56.28 -50.10
C ASP T 160 17.76 57.41 -51.11
N ILE T 161 16.56 57.74 -51.59
CA ILE T 161 16.38 58.95 -52.37
C ILE T 161 16.62 60.16 -51.50
N SER T 162 16.20 60.08 -50.24
CA SER T 162 16.34 61.17 -49.29
C SER T 162 17.79 61.52 -49.02
N ASP T 163 18.68 60.50 -48.99
CA ASP T 163 20.08 60.75 -48.75
C ASP T 163 20.74 61.49 -49.90
N ARG T 164 20.33 61.18 -51.13
CA ARG T 164 20.92 61.82 -52.30
C ARG T 164 20.48 63.27 -52.44
N LEU T 165 19.28 63.62 -51.98
CA LEU T 165 18.88 65.02 -52.00
C LEU T 165 19.61 65.86 -50.96
N GLU T 166 20.08 65.23 -49.89
CA GLU T 166 20.86 65.95 -48.88
C GLU T 166 22.22 66.34 -49.43
N ASN T 167 22.89 65.42 -50.10
CA ASN T 167 24.25 65.57 -50.59
C ASN T 167 24.34 66.34 -51.89
N ASN T 168 23.25 66.95 -52.36
CA ASN T 168 23.16 67.65 -53.64
C ASN T 168 23.59 66.73 -54.78
N GLN T 169 22.96 65.56 -54.86
CA GLN T 169 23.25 64.59 -55.90
C GLN T 169 21.95 64.37 -56.65
N THR T 170 21.68 65.25 -57.61
CA THR T 170 20.37 65.31 -58.24
C THR T 170 20.22 64.24 -59.31
N ARG T 171 21.28 63.97 -60.08
CA ARG T 171 21.21 62.98 -61.13
C ARG T 171 21.11 61.57 -60.56
N MET T 172 21.68 61.34 -59.38
CA MET T 172 21.60 60.01 -58.79
C MET T 172 20.30 59.81 -58.04
N ALA T 173 19.68 60.90 -57.58
CA ALA T 173 18.36 60.81 -56.98
C ALA T 173 17.28 60.63 -58.02
N THR T 174 17.44 61.25 -59.19
CA THR T 174 16.52 61.08 -60.30
C THR T 174 16.53 59.65 -60.80
N TYR T 175 17.71 59.02 -60.80
CA TYR T 175 17.82 57.63 -61.18
C TYR T 175 17.11 56.72 -60.20
N LEU T 176 17.28 56.94 -58.90
CA LEU T 176 16.64 56.10 -57.91
C LEU T 176 15.14 56.36 -57.81
N ALA T 177 14.68 57.55 -58.17
CA ALA T 177 13.25 57.81 -58.18
C ALA T 177 12.54 57.03 -59.28
N GLU T 178 13.22 56.79 -60.40
CA GLU T 178 12.66 56.03 -61.49
C GLU T 178 12.70 54.53 -61.24
N LEU T 179 13.62 54.05 -60.41
CA LEU T 179 13.54 52.66 -59.98
C LEU T 179 12.47 52.42 -58.94
N LEU T 180 12.00 53.48 -58.29
CA LEU T 180 10.85 53.35 -57.41
C LEU T 180 9.58 53.10 -58.19
N VAL T 181 9.50 53.65 -59.41
CA VAL T 181 8.33 53.49 -60.26
C VAL T 181 8.37 52.15 -60.98
N LEU T 182 9.57 51.62 -61.27
CA LEU T 182 9.67 50.26 -61.77
C LEU T 182 9.17 49.25 -60.76
N ASN T 183 9.46 49.47 -59.48
CA ASN T 183 9.17 48.46 -58.48
C ASN T 183 7.83 48.66 -57.80
N TYR T 184 7.28 49.88 -57.80
CA TYR T 184 6.07 50.16 -57.05
C TYR T 184 4.98 50.83 -57.87
N GLY T 185 5.19 51.06 -59.15
CA GLY T 185 4.12 51.55 -59.99
C GLY T 185 3.92 53.05 -59.88
N THR T 186 2.77 53.49 -60.35
CA THR T 186 2.42 54.90 -60.37
C THR T 186 1.31 55.25 -59.39
N HIS T 187 0.65 54.27 -58.80
CA HIS T 187 -0.51 54.46 -57.96
C HIS T 187 -0.46 53.50 -56.79
N VAL T 188 -1.26 53.79 -55.77
CA VAL T 188 -1.46 52.91 -54.63
C VAL T 188 -2.94 52.61 -54.54
N THR T 189 -3.29 51.33 -54.50
CA THR T 189 -4.70 50.97 -54.41
C THR T 189 -5.19 51.24 -52.99
N THR T 190 -6.24 52.05 -52.88
CA THR T 190 -6.79 52.35 -51.57
C THR T 190 -8.08 51.60 -51.29
N SER T 191 -8.78 51.12 -52.31
CA SER T 191 -9.89 50.22 -52.08
C SER T 191 -9.97 49.21 -53.22
N VAL T 192 -10.30 47.98 -52.87
CA VAL T 192 -10.53 46.93 -53.83
C VAL T 192 -11.92 46.37 -53.60
N ASP T 193 -12.50 45.83 -54.65
CA ASP T 193 -13.79 45.15 -54.61
C ASP T 193 -13.54 43.65 -54.79
N ALA T 194 -13.80 42.88 -53.75
CA ALA T 194 -13.56 41.45 -53.77
C ALA T 194 -14.79 40.73 -54.31
N GLY T 195 -14.59 39.92 -55.33
CA GLY T 195 -15.69 39.16 -55.88
C GLY T 195 -15.27 38.36 -57.09
N ALA T 196 -16.25 37.95 -57.88
CA ALA T 196 -16.02 37.15 -59.06
C ALA T 196 -16.83 37.72 -60.22
N ALA T 197 -16.44 37.35 -61.44
CA ALA T 197 -17.15 37.80 -62.62
C ALA T 197 -17.00 36.75 -63.71
N LEU T 198 -18.03 36.61 -64.54
CA LEU T 198 -18.01 35.71 -65.68
C LEU T 198 -18.34 36.56 -66.89
N ILE T 199 -17.42 36.67 -67.84
CA ILE T 199 -17.51 37.66 -68.91
C ILE T 199 -17.53 36.95 -70.26
N GLN T 200 -18.44 37.38 -71.14
CA GLN T 200 -18.48 37.03 -72.55
C GLN T 200 -17.97 38.20 -73.36
N GLU T 201 -17.17 37.94 -74.39
CA GLU T 201 -16.69 39.02 -75.23
C GLU T 201 -16.69 38.56 -76.68
N ASP T 202 -17.71 38.95 -77.43
CA ASP T 202 -17.80 38.64 -78.85
C ASP T 202 -17.33 39.82 -79.68
N HIS T 203 -16.84 39.51 -80.87
CA HIS T 203 -16.51 40.52 -81.86
C HIS T 203 -17.37 40.27 -83.09
N LEU T 204 -18.06 41.31 -83.54
CA LEU T 204 -18.97 41.24 -84.66
C LEU T 204 -18.48 42.18 -85.74
N ARG T 205 -18.78 41.86 -87.00
CA ARG T 205 -18.41 42.77 -88.08
C ARG T 205 -19.19 44.07 -87.96
N ALA T 206 -18.53 45.18 -88.28
CA ALA T 206 -19.14 46.49 -88.09
C ALA T 206 -20.26 46.76 -89.07
N SER T 207 -20.33 45.98 -90.16
CA SER T 207 -21.46 46.07 -91.09
C SER T 207 -22.74 45.51 -90.49
N PHE T 208 -22.63 44.63 -89.50
CA PHE T 208 -23.80 43.99 -88.92
C PHE T 208 -24.59 44.92 -88.02
N LEU T 209 -23.96 45.97 -87.48
CA LEU T 209 -24.63 46.89 -86.59
C LEU T 209 -25.28 48.06 -87.32
N GLN T 210 -24.86 48.33 -88.54
CA GLN T 210 -25.26 49.53 -89.29
C GLN T 210 -26.71 49.50 -89.79
N ASP T 211 -27.61 48.62 -89.35
CA ASP T 211 -28.93 48.55 -89.93
C ASP T 211 -29.82 49.70 -89.45
N SER T 212 -30.10 49.76 -88.15
CA SER T 212 -30.92 50.82 -87.57
C SER T 212 -30.67 50.86 -86.06
N GLN T 213 -31.43 51.72 -85.38
CA GLN T 213 -31.43 51.78 -83.93
C GLN T 213 -32.42 50.81 -83.31
N SER T 214 -33.22 50.14 -84.12
CA SER T 214 -34.07 49.05 -83.66
C SER T 214 -33.41 47.69 -83.86
N SER T 215 -32.47 47.60 -84.80
CA SER T 215 -31.66 46.39 -84.92
C SER T 215 -30.69 46.29 -83.75
N ARG T 216 -30.29 47.43 -83.18
CA ARG T 216 -29.31 47.45 -82.11
C ARG T 216 -29.84 46.76 -80.86
N SER T 217 -31.12 46.95 -80.55
CA SER T 217 -31.71 46.30 -79.39
C SER T 217 -32.05 44.84 -79.63
N ALA T 218 -31.80 44.31 -80.83
CA ALA T 218 -31.93 42.89 -81.09
C ALA T 218 -30.59 42.20 -81.25
N VAL T 219 -29.57 42.91 -81.74
CA VAL T 219 -28.19 42.44 -81.65
C VAL T 219 -27.79 42.27 -80.19
N THR T 220 -28.20 43.22 -79.36
CA THR T 220 -27.76 43.29 -77.97
C THR T 220 -28.41 42.20 -77.12
N ALA T 221 -29.69 41.91 -77.35
CA ALA T 221 -30.36 40.86 -76.61
C ALA T 221 -30.11 39.48 -77.16
N SER T 222 -29.45 39.39 -78.32
CA SER T 222 -29.05 38.10 -78.85
C SER T 222 -27.76 37.62 -78.19
N ALA T 223 -26.84 38.55 -77.93
CA ALA T 223 -25.59 38.23 -77.27
C ALA T 223 -25.81 37.80 -75.83
N GLY T 224 -26.82 38.37 -75.16
CA GLY T 224 -27.13 37.93 -73.82
C GLY T 224 -27.84 36.59 -73.79
N LEU T 225 -28.48 36.22 -74.89
CA LEU T 225 -29.13 34.93 -74.98
C LEU T 225 -28.13 33.83 -75.27
N ALA T 226 -27.15 34.12 -76.13
CA ALA T 226 -26.08 33.17 -76.42
C ALA T 226 -25.21 32.91 -75.20
N PHE T 227 -25.06 33.91 -74.33
CA PHE T 227 -24.25 33.76 -73.13
C PHE T 227 -24.93 32.86 -72.12
N GLN T 228 -26.25 32.92 -72.02
CA GLN T 228 -26.96 32.05 -71.10
C GLN T 228 -27.07 30.64 -71.65
N ASN T 229 -27.05 30.47 -72.97
CA ASN T 229 -26.99 29.14 -73.53
C ASN T 229 -25.64 28.49 -73.27
N THR T 230 -24.57 29.27 -73.39
CA THR T 230 -23.21 28.75 -73.24
C THR T 230 -22.95 28.29 -71.82
N VAL T 231 -23.50 28.98 -70.83
CA VAL T 231 -23.31 28.51 -69.46
C VAL T 231 -24.17 27.27 -69.19
N ASN T 232 -25.38 27.21 -69.73
CA ASN T 232 -26.27 26.13 -69.34
C ASN T 232 -26.12 24.85 -70.15
N PHE T 233 -25.79 24.92 -71.44
CA PHE T 233 -26.05 23.79 -72.34
C PHE T 233 -24.83 23.11 -72.92
N LYS T 234 -23.82 22.82 -72.10
CA LYS T 234 -22.97 21.63 -72.21
C LYS T 234 -22.21 21.48 -73.53
N PHE T 235 -22.06 22.58 -74.29
CA PHE T 235 -21.47 22.70 -75.63
C PHE T 235 -22.36 22.09 -76.72
N GLU T 236 -23.42 21.40 -76.31
CA GLU T 236 -24.28 20.73 -77.27
C GLU T 236 -25.20 21.74 -77.94
N GLU T 237 -25.87 21.30 -79.01
CA GLU T 237 -26.87 22.13 -79.65
C GLU T 237 -28.26 21.85 -79.09
N ASN T 238 -28.35 21.89 -77.77
CA ASN T 238 -29.59 21.96 -77.04
C ASN T 238 -30.00 23.39 -76.77
N TYR T 239 -29.53 24.32 -77.59
CA TYR T 239 -29.76 25.74 -77.36
C TYR T 239 -31.19 26.11 -77.66
N THR T 240 -31.67 27.12 -76.94
CA THR T 240 -32.99 27.69 -77.20
C THR T 240 -32.86 28.89 -78.14
N SER T 241 -32.39 28.60 -79.35
CA SER T 241 -32.19 29.61 -80.39
C SER T 241 -33.54 30.13 -80.85
N GLN T 242 -33.85 31.38 -80.49
CA GLN T 242 -35.21 31.89 -80.58
C GLN T 242 -35.58 32.38 -81.97
N ASN T 243 -34.62 32.76 -82.80
CA ASN T 243 -34.93 33.44 -84.05
C ASN T 243 -33.99 32.96 -85.13
N VAL T 244 -34.14 33.57 -86.31
CA VAL T 244 -33.12 33.53 -87.34
C VAL T 244 -32.06 34.58 -87.04
N LEU T 245 -32.40 35.59 -86.24
CA LEU T 245 -31.44 36.62 -85.83
C LEU T 245 -30.36 36.05 -84.93
N THR T 246 -30.65 34.97 -84.21
CA THR T 246 -29.61 34.24 -83.50
C THR T 246 -28.68 33.55 -84.50
N LYS T 247 -29.25 32.99 -85.56
CA LYS T 247 -28.43 32.32 -86.58
C LYS T 247 -27.64 33.34 -87.40
N SER T 248 -28.23 34.49 -87.69
CA SER T 248 -27.48 35.52 -88.39
C SER T 248 -26.44 36.18 -87.49
N TYR T 249 -26.63 36.12 -86.17
CA TYR T 249 -25.63 36.64 -85.25
C TYR T 249 -24.35 35.82 -85.31
N LEU T 250 -24.47 34.51 -85.48
CA LEU T 250 -23.30 33.65 -85.45
C LEU T 250 -22.44 33.81 -86.69
N SER T 251 -23.04 34.15 -87.81
CA SER T 251 -22.28 34.21 -89.05
C SER T 251 -21.50 35.50 -89.21
N ASN T 252 -21.90 36.56 -88.50
CA ASN T 252 -21.13 37.80 -88.47
C ASN T 252 -20.16 37.84 -87.30
N ARG T 253 -20.25 36.89 -86.39
CA ARG T 253 -19.37 36.84 -85.22
C ARG T 253 -17.94 36.55 -85.65
N THR T 254 -17.00 37.33 -85.14
CA THR T 254 -15.60 37.14 -85.48
C THR T 254 -14.83 36.32 -84.45
N ASN T 255 -14.88 36.65 -83.14
CA ASN T 255 -13.95 35.97 -82.23
C ASN T 255 -14.58 35.15 -81.11
N SER T 256 -15.41 35.73 -80.23
CA SER T 256 -16.06 35.04 -79.10
C SER T 256 -15.19 34.38 -78.04
N ARG T 257 -14.56 35.16 -77.16
CA ARG T 257 -13.92 34.61 -75.96
C ARG T 257 -14.89 34.57 -74.78
N VAL T 258 -14.71 33.58 -73.91
CA VAL T 258 -15.42 33.51 -72.63
C VAL T 258 -14.39 33.52 -71.52
N GLN T 259 -14.52 34.44 -70.57
CA GLN T 259 -13.52 34.66 -69.54
C GLN T 259 -14.14 34.57 -68.17
N SER T 260 -13.53 33.81 -67.29
CA SER T 260 -13.92 33.74 -65.89
C SER T 260 -12.85 34.41 -65.05
N ILE T 261 -13.25 35.30 -64.16
CA ILE T 261 -12.33 36.02 -63.28
C ILE T 261 -12.76 35.73 -61.86
N GLY T 262 -12.02 34.88 -61.16
CA GLY T 262 -12.39 34.46 -59.84
C GLY T 262 -13.36 33.30 -59.87
N GLY T 263 -13.58 32.72 -58.71
CA GLY T 263 -14.45 31.57 -58.64
C GLY T 263 -13.77 30.32 -59.14
N VAL T 264 -14.60 29.35 -59.52
CA VAL T 264 -14.13 28.09 -60.09
C VAL T 264 -13.90 28.30 -61.58
N PRO T 265 -13.06 27.50 -62.24
CA PRO T 265 -12.86 27.70 -63.68
C PRO T 265 -14.09 27.37 -64.49
N PHE T 266 -14.31 28.17 -65.52
CA PHE T 266 -15.47 27.99 -66.37
C PHE T 266 -15.26 26.86 -67.35
N TYR T 267 -16.32 26.11 -67.60
CA TYR T 267 -16.42 25.18 -68.71
C TYR T 267 -17.85 25.27 -69.24
N PRO T 268 -18.05 25.11 -70.54
CA PRO T 268 -19.40 25.25 -71.08
C PRO T 268 -20.31 24.13 -70.61
N GLY T 269 -21.25 24.47 -69.74
CA GLY T 269 -22.08 23.46 -69.14
C GLY T 269 -22.21 23.60 -67.64
N ILE T 270 -21.33 24.37 -67.00
CA ILE T 270 -21.51 24.65 -65.58
C ILE T 270 -22.68 25.61 -65.43
N THR T 271 -23.67 25.23 -64.66
CA THR T 271 -24.85 26.07 -64.57
C THR T 271 -24.53 27.33 -63.78
N LEU T 272 -25.39 28.33 -63.91
CA LEU T 272 -25.16 29.59 -63.22
C LEU T 272 -25.30 29.43 -61.72
N GLN T 273 -26.13 28.48 -61.29
CA GLN T 273 -26.18 28.08 -59.90
C GLN T 273 -24.86 27.52 -59.42
N ALA T 274 -24.24 26.65 -60.21
CA ALA T 274 -23.05 25.94 -59.75
C ALA T 274 -21.80 26.81 -59.82
N TRP T 275 -21.76 27.78 -60.74
CA TRP T 275 -20.66 28.72 -60.76
C TRP T 275 -20.67 29.61 -59.53
N GLN T 276 -21.86 29.96 -59.05
CA GLN T 276 -22.01 30.83 -57.90
C GLN T 276 -21.79 30.12 -56.57
N GLN T 277 -21.67 28.81 -56.57
CA GLN T 277 -21.31 28.10 -55.34
C GLN T 277 -19.81 28.05 -55.14
N GLY T 278 -19.03 28.23 -56.19
CA GLY T 278 -17.59 28.21 -56.10
C GLY T 278 -16.95 29.55 -55.91
N ILE T 279 -17.74 30.60 -55.73
CA ILE T 279 -17.21 31.93 -55.50
C ILE T 279 -16.63 32.03 -54.10
N THR T 280 -17.18 31.28 -53.16
CA THR T 280 -16.67 31.24 -51.79
C THR T 280 -15.24 30.70 -51.74
N ASN T 281 -14.36 31.49 -51.14
CA ASN T 281 -12.91 31.30 -50.95
C ASN T 281 -12.12 31.42 -52.24
N HIS T 282 -12.73 31.84 -53.35
CA HIS T 282 -12.01 32.17 -54.57
C HIS T 282 -12.46 33.57 -54.96
N LEU T 283 -11.90 34.58 -54.32
CA LEU T 283 -12.28 35.96 -54.58
C LEU T 283 -11.09 36.71 -55.13
N VAL T 284 -11.33 37.57 -56.11
CA VAL T 284 -10.29 38.37 -56.72
C VAL T 284 -10.76 39.82 -56.73
N ALA T 285 -9.87 40.70 -57.11
CA ALA T 285 -10.22 42.10 -57.25
C ALA T 285 -10.90 42.32 -58.59
N ILE T 286 -12.20 42.59 -58.57
CA ILE T 286 -12.91 42.92 -59.80
C ILE T 286 -13.04 44.41 -60.01
N ASP T 287 -12.62 45.23 -59.05
CA ASP T 287 -12.53 46.67 -59.24
C ASP T 287 -11.54 47.22 -58.22
N ARG T 288 -10.97 48.38 -58.54
CA ARG T 288 -9.96 49.04 -57.71
C ARG T 288 -10.15 50.53 -57.77
N SER T 289 -9.81 51.20 -56.68
CA SER T 289 -9.67 52.64 -56.65
C SER T 289 -8.29 52.97 -56.08
N GLY T 290 -7.83 54.19 -56.33
CA GLY T 290 -6.50 54.52 -55.85
C GLY T 290 -6.19 56.00 -55.85
N LEU T 291 -4.95 56.30 -55.51
CA LEU T 291 -4.37 57.63 -55.47
C LEU T 291 -2.97 57.52 -56.03
N PRO T 292 -2.42 58.61 -56.56
CA PRO T 292 -1.05 58.57 -57.07
C PRO T 292 -0.02 58.33 -55.98
N LEU T 293 1.17 57.93 -56.41
CA LEU T 293 2.18 57.41 -55.50
C LEU T 293 2.79 58.51 -54.65
N HIS T 294 2.85 59.74 -55.17
CA HIS T 294 3.41 60.85 -54.43
C HIS T 294 2.43 61.47 -53.44
N PHE T 295 1.17 61.02 -53.44
CA PHE T 295 0.23 61.47 -52.43
C PHE T 295 0.65 60.99 -51.05
N PHE T 296 1.26 59.81 -50.97
CA PHE T 296 1.63 59.19 -49.72
C PHE T 296 3.05 59.52 -49.31
N ILE T 297 3.68 60.49 -49.97
CA ILE T 297 4.97 60.99 -49.52
C ILE T 297 4.72 62.38 -48.97
N ASN T 298 4.47 62.44 -47.66
CA ASN T 298 4.08 63.66 -46.98
C ASN T 298 4.69 63.62 -45.60
N PRO T 299 4.74 64.74 -44.87
CA PRO T 299 5.36 64.72 -43.53
C PRO T 299 4.66 63.84 -42.51
N ASN T 300 3.43 63.39 -42.76
CA ASN T 300 2.76 62.51 -41.83
C ASN T 300 3.27 61.08 -41.96
N MET T 301 3.47 60.58 -43.19
CA MET T 301 3.95 59.22 -43.38
C MET T 301 5.42 59.07 -43.01
N LEU T 302 6.19 60.15 -43.10
CA LEU T 302 7.63 60.14 -42.83
C LEU T 302 7.88 61.10 -41.67
N PRO T 303 7.70 60.64 -40.43
CA PRO T 303 7.84 61.55 -39.29
C PRO T 303 9.27 61.71 -38.80
N ASP T 304 10.20 60.88 -39.28
CA ASP T 304 11.59 60.94 -38.87
C ASP T 304 12.47 61.68 -39.87
N LEU T 305 11.87 62.51 -40.71
CA LEU T 305 12.59 63.35 -41.66
C LEU T 305 12.05 64.77 -41.59
N PRO T 306 12.85 65.77 -41.93
CA PRO T 306 12.35 67.14 -41.88
C PRO T 306 11.30 67.43 -42.94
N GLY T 307 10.57 68.51 -42.70
CA GLY T 307 9.46 68.93 -43.54
C GLY T 307 9.76 69.23 -44.99
N PRO T 308 10.67 70.16 -45.27
CA PRO T 308 10.99 70.46 -46.69
C PRO T 308 11.76 69.37 -47.39
N LEU T 309 12.29 68.39 -46.68
CA LEU T 309 13.06 67.34 -47.31
C LEU T 309 12.19 66.19 -47.78
N VAL T 310 11.02 65.98 -47.19
CA VAL T 310 10.08 65.00 -47.75
C VAL T 310 9.26 65.59 -48.88
N LYS T 311 9.33 66.90 -49.08
CA LYS T 311 8.75 67.54 -50.26
C LYS T 311 9.69 67.54 -51.44
N LYS T 312 10.99 67.31 -51.22
CA LYS T 312 11.89 67.09 -52.33
C LYS T 312 11.78 65.66 -52.84
N VAL T 313 11.54 64.72 -51.93
CA VAL T 313 11.33 63.33 -52.32
C VAL T 313 10.00 63.18 -53.05
N SER T 314 8.98 63.90 -52.59
CA SER T 314 7.67 63.83 -53.22
C SER T 314 7.66 64.48 -54.58
N LYS T 315 8.51 65.49 -54.80
CA LYS T 315 8.54 66.14 -56.09
C LYS T 315 9.42 65.38 -57.08
N THR T 316 10.44 64.70 -56.62
CA THR T 316 11.28 63.94 -57.54
C THR T 316 10.66 62.60 -57.94
N VAL T 317 9.62 62.16 -57.24
CA VAL T 317 8.87 60.98 -57.65
C VAL T 317 7.68 61.36 -58.51
N GLU T 318 7.07 62.52 -58.26
CA GLU T 318 6.03 63.04 -59.13
C GLU T 318 6.56 63.33 -60.53
N THR T 319 7.81 63.75 -60.63
CA THR T 319 8.42 63.98 -61.93
C THR T 319 8.74 62.67 -62.63
N ALA T 320 9.11 61.64 -61.88
CA ALA T 320 9.45 60.36 -62.49
C ALA T 320 8.22 59.63 -62.99
N VAL T 321 7.08 59.77 -62.30
CA VAL T 321 5.84 59.18 -62.77
C VAL T 321 5.34 59.89 -64.00
N LYS T 322 5.44 61.22 -64.02
CA LYS T 322 5.00 62.01 -65.16
C LYS T 322 5.86 61.77 -66.38
N ARG T 323 7.15 61.49 -66.17
CA ARG T 323 8.04 61.16 -67.28
C ARG T 323 7.71 59.80 -67.88
N TYR T 324 7.14 58.91 -67.08
CA TYR T 324 6.80 57.58 -67.54
C TYR T 324 5.57 57.58 -68.42
N TYR T 325 4.62 58.49 -68.17
CA TYR T 325 3.46 58.62 -69.04
C TYR T 325 3.80 59.30 -70.35
N THR T 326 4.78 60.20 -70.34
CA THR T 326 5.11 60.97 -71.53
C THR T 326 5.84 60.11 -72.55
N PHE T 327 6.70 59.20 -72.08
CA PHE T 327 7.47 58.38 -72.99
C PHE T 327 6.66 57.23 -73.57
N ASN T 328 5.43 57.03 -73.09
CA ASN T 328 4.54 55.98 -73.58
C ASN T 328 3.29 56.58 -74.20
N THR T 329 3.39 57.80 -74.72
CA THR T 329 2.31 58.47 -75.39
C THR T 329 2.64 58.57 -76.88
N TYR T 330 1.74 58.07 -77.72
CA TYR T 330 1.93 58.04 -79.16
C TYR T 330 0.77 58.76 -79.82
N PRO T 331 0.89 60.05 -80.10
CA PRO T 331 -0.15 60.74 -80.86
C PRO T 331 -0.12 60.32 -82.32
N GLY T 332 -1.31 60.29 -82.93
CA GLY T 332 -1.40 59.90 -84.32
C GLY T 332 -2.85 59.81 -84.74
N CYS T 333 -3.03 59.42 -86.00
CA CYS T 333 -4.37 59.24 -86.54
C CYS T 333 -4.93 57.93 -86.04
N THR T 334 -6.07 57.99 -85.37
CA THR T 334 -6.67 56.82 -84.75
C THR T 334 -7.89 56.30 -85.49
N ASP T 335 -8.35 56.99 -86.53
CA ASP T 335 -9.51 56.54 -87.30
C ASP T 335 -9.07 55.49 -88.30
N LEU T 336 -9.63 54.28 -88.19
CA LEU T 336 -9.18 53.18 -89.02
C LEU T 336 -9.61 53.30 -90.47
N ASN T 337 -10.60 54.14 -90.76
CA ASN T 337 -11.06 54.33 -92.12
C ASN T 337 -10.29 55.39 -92.88
N SER T 338 -9.52 56.22 -92.18
CA SER T 338 -8.69 57.22 -92.86
C SER T 338 -7.51 56.54 -93.55
N PRO T 339 -7.06 57.08 -94.68
CA PRO T 339 -5.96 56.43 -95.41
C PRO T 339 -4.63 56.51 -94.68
N ASN T 340 -4.40 57.58 -93.92
CA ASN T 340 -3.18 57.71 -93.11
C ASN T 340 -3.40 57.25 -91.68
N PHE T 341 -3.93 56.03 -91.52
CA PHE T 341 -4.20 55.49 -90.19
C PHE T 341 -2.92 55.08 -89.49
N ASN T 342 -2.72 55.60 -88.28
CA ASN T 342 -1.56 55.26 -87.47
C ASN T 342 -1.99 54.15 -86.52
N PHE T 343 -1.72 52.92 -86.92
CA PHE T 343 -1.61 51.83 -85.95
C PHE T 343 -0.39 52.10 -85.11
N GLN T 344 -0.38 51.56 -83.89
CA GLN T 344 0.57 51.92 -82.82
C GLN T 344 0.45 53.40 -82.47
N ALA T 345 -0.74 53.85 -82.13
CA ALA T 345 -0.99 55.20 -81.66
C ALA T 345 -2.04 55.16 -80.57
N ASN T 346 -1.81 55.90 -79.49
CA ASN T 346 -2.68 55.90 -78.32
C ASN T 346 -3.65 57.07 -78.33
N THR T 347 -3.17 58.27 -78.63
CA THR T 347 -3.92 59.49 -78.45
C THR T 347 -4.35 60.01 -79.80
N ASP T 348 -5.60 60.47 -79.88
CA ASP T 348 -6.13 61.04 -81.11
C ASP T 348 -5.45 62.37 -81.40
N ASP T 349 -4.75 62.43 -82.53
CA ASP T 349 -3.98 63.61 -82.87
C ASP T 349 -4.84 64.75 -83.37
N GLY T 350 -6.04 64.46 -83.85
CA GLY T 350 -6.87 65.49 -84.43
C GLY T 350 -6.48 65.90 -85.84
N SER T 351 -5.57 65.16 -86.46
CA SER T 351 -5.14 65.43 -87.83
C SER T 351 -5.31 64.12 -88.59
N CYS T 352 -6.52 63.89 -89.08
CA CYS T 352 -6.85 62.67 -89.79
C CYS T 352 -6.92 62.86 -91.29
N GLU T 353 -6.86 64.11 -91.77
CA GLU T 353 -6.87 64.40 -93.20
C GLU T 353 -5.68 65.32 -93.49
N GLY T 354 -4.67 64.78 -94.16
CA GLY T 354 -3.50 65.54 -94.54
C GLY T 354 -3.58 66.04 -95.96
N LYS T 355 -2.54 66.76 -96.36
CA LYS T 355 -2.48 67.37 -97.68
C LYS T 355 -1.44 66.76 -98.61
N MET T 356 -0.56 65.89 -98.09
CA MET T 356 0.53 65.24 -98.83
C MET T 356 1.44 66.29 -99.48
N THR T 357 2.16 66.99 -98.61
CA THR T 357 3.14 67.97 -99.03
C THR T 357 4.53 67.35 -98.93
N ASN T 358 5.22 67.23 -100.05
CA ASN T 358 6.59 66.76 -100.05
C ASN T 358 7.53 67.89 -99.65
N PHE T 359 8.47 67.60 -98.77
CA PHE T 359 9.37 68.60 -98.22
C PHE T 359 10.81 68.32 -98.60
N SER T 360 11.67 69.28 -98.29
CA SER T 360 13.08 69.25 -98.65
C SER T 360 13.91 69.03 -97.39
N PHE T 361 14.73 67.98 -97.40
CA PHE T 361 15.61 67.66 -96.28
C PHE T 361 16.95 68.34 -96.50
N GLY T 362 17.19 69.43 -95.77
CA GLY T 362 18.38 70.22 -95.95
C GLY T 362 19.61 69.77 -95.20
N GLY T 363 19.57 68.62 -94.54
CA GLY T 363 20.75 68.08 -93.89
C GLY T 363 20.87 68.51 -92.45
N VAL T 364 21.80 67.85 -91.75
CA VAL T 364 22.06 68.08 -90.34
C VAL T 364 23.53 68.41 -90.15
N TYR T 365 23.82 69.17 -89.10
CA TYR T 365 25.19 69.41 -88.69
C TYR T 365 25.23 69.65 -87.19
N GLN T 366 26.36 69.32 -86.59
CA GLN T 366 26.50 69.34 -85.13
C GLN T 366 27.80 70.02 -84.76
N GLU T 367 27.73 71.01 -83.89
CA GLU T 367 28.92 71.66 -83.36
C GLU T 367 29.40 70.93 -82.12
N CYS T 368 30.65 71.21 -81.74
CA CYS T 368 31.19 70.72 -80.49
C CYS T 368 32.05 71.80 -79.84
N THR T 369 32.12 71.77 -78.51
CA THR T 369 32.89 72.75 -77.76
C THR T 369 33.47 72.06 -76.54
N GLN T 370 34.78 71.84 -76.55
CA GLN T 370 35.46 71.18 -75.44
C GLN T 370 35.44 72.07 -74.22
N LEU T 371 35.06 71.50 -73.08
CA LEU T 371 34.99 72.24 -71.82
C LEU T 371 36.12 71.89 -70.87
N SER T 372 36.51 70.62 -70.79
CA SER T 372 37.59 70.20 -69.92
C SER T 372 38.17 68.89 -70.47
N GLY T 373 39.43 68.64 -70.13
CA GLY T 373 40.09 67.43 -70.56
C GLY T 373 40.81 67.58 -71.88
N ASN T 374 41.55 68.68 -72.02
CA ASN T 374 42.25 68.96 -73.26
C ASN T 374 43.47 68.06 -73.42
N ARG T 375 43.82 67.80 -74.69
CA ARG T 375 44.99 67.03 -75.12
C ARG T 375 45.00 65.60 -74.60
N ASP T 376 43.86 65.07 -74.20
CA ASP T 376 43.77 63.71 -73.68
C ASP T 376 42.80 62.84 -74.46
N VAL T 377 41.59 63.35 -74.75
CA VAL T 377 40.56 62.57 -75.42
C VAL T 377 40.29 63.07 -76.83
N LEU T 378 40.31 64.39 -77.02
CA LEU T 378 39.82 65.08 -78.23
C LEU T 378 38.37 64.69 -78.53
N LEU T 379 37.50 65.09 -77.59
CA LEU T 379 36.08 64.84 -77.71
C LEU T 379 35.47 65.55 -78.91
N CYS T 380 36.01 66.70 -79.29
CA CYS T 380 35.46 67.52 -80.36
C CYS T 380 35.93 67.08 -81.75
N GLN T 381 36.29 65.80 -81.90
CA GLN T 381 36.69 65.24 -83.19
C GLN T 381 35.78 64.10 -83.62
N LYS T 382 35.45 63.18 -82.73
CA LYS T 382 34.50 62.12 -83.02
C LYS T 382 33.07 62.49 -82.61
N LEU T 383 32.82 63.77 -82.38
CA LEU T 383 31.48 64.24 -81.99
C LEU T 383 31.09 65.44 -82.85
N GLU T 384 31.73 65.60 -84.00
CA GLU T 384 31.55 66.77 -84.86
C GLU T 384 31.09 66.30 -86.23
N GLN T 385 30.06 66.95 -86.77
CA GLN T 385 29.54 66.58 -88.07
C GLN T 385 29.22 67.84 -88.86
N LYS T 386 29.63 67.86 -90.13
CA LYS T 386 29.37 68.97 -91.02
C LYS T 386 28.30 68.59 -92.04
N ASN T 387 27.64 69.61 -92.56
CA ASN T 387 26.57 69.42 -93.54
C ASN T 387 27.17 69.01 -94.88
N PRO T 388 26.74 67.89 -95.48
CA PRO T 388 27.29 67.51 -96.79
C PRO T 388 26.91 68.44 -97.93
N LEU T 389 25.85 69.24 -97.77
CA LEU T 389 25.43 70.13 -98.83
C LEU T 389 26.29 71.38 -98.92
N THR T 390 26.92 71.79 -97.81
CA THR T 390 27.79 72.95 -97.81
C THR T 390 29.22 72.65 -97.42
N GLY T 391 29.50 71.53 -96.77
CA GLY T 391 30.82 71.29 -96.22
C GLY T 391 31.16 72.21 -95.07
N ASP T 392 30.14 72.70 -94.36
CA ASP T 392 30.33 73.76 -93.39
C ASP T 392 29.26 73.62 -92.32
N PHE T 393 29.38 74.41 -91.26
CA PHE T 393 28.38 74.45 -90.20
C PHE T 393 27.31 75.50 -90.53
N SER T 394 26.66 75.29 -91.66
CA SER T 394 25.63 76.20 -92.14
C SER T 394 24.71 75.45 -93.09
N CYS T 395 23.52 75.98 -93.25
CA CYS T 395 22.57 75.47 -94.23
C CYS T 395 22.87 76.08 -95.59
N PRO T 396 22.37 75.48 -96.68
CA PRO T 396 22.53 76.10 -98.00
C PRO T 396 21.73 77.38 -98.19
N SER T 397 21.78 77.92 -99.41
CA SER T 397 21.21 79.24 -99.69
C SER T 397 19.68 79.23 -99.56
N GLY T 398 19.05 78.13 -99.94
CA GLY T 398 17.60 78.04 -99.82
C GLY T 398 17.10 77.52 -98.49
N TYR T 399 17.96 77.42 -97.48
CA TYR T 399 17.59 76.79 -96.22
C TYR T 399 17.91 77.72 -95.05
N SER T 400 17.57 77.24 -93.84
CA SER T 400 17.75 77.99 -92.60
C SER T 400 17.94 77.01 -91.45
N PRO T 401 18.78 77.32 -90.47
CA PRO T 401 19.05 76.36 -89.39
C PRO T 401 18.00 76.40 -88.29
N VAL T 402 17.70 75.22 -87.76
CA VAL T 402 16.81 75.05 -86.60
C VAL T 402 17.56 74.28 -85.54
N HIS T 403 17.62 74.84 -84.34
CA HIS T 403 18.37 74.25 -83.24
C HIS T 403 17.55 73.16 -82.57
N LEU T 404 18.05 71.92 -82.59
CA LEU T 404 17.34 70.81 -81.97
C LEU T 404 17.56 70.77 -80.46
N LEU T 405 18.80 70.54 -80.05
CA LEU T 405 19.07 70.22 -78.65
C LEU T 405 20.55 70.45 -78.36
N SER T 406 20.81 70.90 -77.14
CA SER T 406 22.17 71.24 -76.70
C SER T 406 22.38 70.65 -75.32
N GLN T 407 23.29 69.68 -75.21
CA GLN T 407 23.58 69.02 -73.94
C GLN T 407 25.08 68.82 -73.80
N ILE T 408 25.46 68.23 -72.67
CA ILE T 408 26.86 68.01 -72.31
C ILE T 408 27.15 66.51 -72.43
N HIS T 409 28.21 66.17 -73.15
CA HIS T 409 28.67 64.80 -73.25
C HIS T 409 29.86 64.60 -72.32
N GLU T 410 29.98 63.39 -71.77
CA GLU T 410 31.06 63.06 -70.85
C GLU T 410 31.71 61.76 -71.27
N GLU T 411 33.04 61.74 -71.30
CA GLU T 411 33.80 60.51 -71.43
C GLU T 411 34.92 60.50 -70.40
N GLY T 412 35.50 59.33 -70.23
CA GLY T 412 36.55 59.12 -69.23
C GLY T 412 37.88 58.78 -69.86
N TYR T 413 38.95 59.29 -69.29
CA TYR T 413 40.31 58.97 -69.70
C TYR T 413 41.12 58.58 -68.48
N ASN T 414 42.33 58.08 -68.73
CA ASN T 414 43.01 57.24 -67.77
C ASN T 414 44.50 57.53 -67.78
N HIS T 415 45.06 57.82 -66.61
CA HIS T 415 46.50 57.89 -66.43
C HIS T 415 46.96 56.69 -65.62
N LEU T 416 48.23 56.33 -65.79
CA LEU T 416 48.82 55.22 -65.06
C LEU T 416 50.26 55.56 -64.75
N GLU T 417 50.59 55.75 -63.48
CA GLU T 417 51.91 56.14 -63.05
C GLU T 417 52.46 55.10 -62.09
N CYS T 418 53.74 54.75 -62.26
CA CYS T 418 54.39 53.75 -61.43
C CYS T 418 55.81 54.20 -61.12
N HIS T 419 56.21 54.05 -59.87
CA HIS T 419 57.62 54.20 -59.53
C HIS T 419 57.99 53.19 -58.45
N ARG T 420 59.25 52.80 -58.44
CA ARG T 420 59.77 51.74 -57.60
C ARG T 420 60.90 52.28 -56.75
N LYS T 421 60.96 51.84 -55.49
CA LYS T 421 61.94 52.33 -54.54
C LYS T 421 62.42 51.18 -53.67
N CYS T 422 63.72 51.08 -53.47
CA CYS T 422 64.32 50.03 -52.67
C CYS T 422 65.05 50.65 -51.48
N THR T 423 64.97 49.99 -50.32
CA THR T 423 65.51 50.50 -49.07
C THR T 423 66.36 49.45 -48.39
N LEU T 424 67.65 49.74 -48.22
CA LEU T 424 68.65 48.86 -47.59
C LEU T 424 68.83 47.56 -48.36
N LYS T 425 68.63 47.60 -49.68
CA LYS T 425 68.80 46.53 -50.67
C LYS T 425 67.83 45.36 -50.50
N VAL T 426 66.96 45.39 -49.50
CA VAL T 426 65.86 44.44 -49.31
C VAL T 426 64.65 45.37 -49.45
N PHE T 427 63.43 44.85 -49.29
CA PHE T 427 62.23 45.66 -49.05
C PHE T 427 61.92 46.59 -50.22
N CYS T 428 61.70 45.99 -51.39
CA CYS T 428 61.40 46.77 -52.58
C CYS T 428 59.94 47.22 -52.57
N LYS T 429 59.72 48.51 -52.74
CA LYS T 429 58.39 49.09 -52.74
C LYS T 429 58.03 49.55 -54.14
N THR T 430 56.84 49.17 -54.60
CA THR T 430 56.33 49.55 -55.91
C THR T 430 54.90 50.01 -55.73
N VAL T 431 54.61 51.26 -56.11
CA VAL T 431 53.26 51.79 -56.06
C VAL T 431 52.80 52.09 -57.49
N CYS T 432 51.57 51.70 -57.81
CA CYS T 432 51.01 51.81 -59.14
C CYS T 432 49.70 52.55 -59.04
N GLU T 433 49.69 53.82 -59.41
CA GLU T 433 48.52 54.68 -59.28
C GLU T 433 47.84 54.84 -60.63
N ASP T 434 46.51 54.76 -60.63
CA ASP T 434 45.71 54.79 -61.86
C ASP T 434 44.53 55.73 -61.67
N VAL T 435 44.61 56.92 -62.24
CA VAL T 435 43.63 57.98 -62.03
C VAL T 435 42.67 57.99 -63.21
N PHE T 436 41.37 58.01 -62.91
CA PHE T 436 40.32 58.08 -63.91
C PHE T 436 39.63 59.43 -63.80
N GLN T 437 39.71 60.24 -64.85
CA GLN T 437 39.09 61.56 -64.86
C GLN T 437 38.01 61.61 -65.93
N VAL T 438 37.17 62.65 -65.84
CA VAL T 438 36.01 62.81 -66.71
C VAL T 438 36.25 64.03 -67.60
N ALA T 439 36.18 63.84 -68.91
CA ALA T 439 36.30 64.92 -69.89
C ALA T 439 34.93 65.27 -70.42
N LYS T 440 34.61 66.56 -70.43
CA LYS T 440 33.30 67.05 -70.82
C LYS T 440 33.36 67.81 -72.14
N ALA T 441 32.21 67.90 -72.80
CA ALA T 441 32.09 68.61 -74.06
C ALA T 441 30.65 69.01 -74.29
N GLU T 442 30.45 70.24 -74.76
CA GLU T 442 29.14 70.73 -75.15
C GLU T 442 28.94 70.46 -76.64
N PHE T 443 27.75 69.97 -77.00
CA PHE T 443 27.40 69.85 -78.41
C PHE T 443 26.08 70.57 -78.67
N ARG T 444 25.96 71.09 -79.89
CA ARG T 444 24.75 71.77 -80.34
C ARG T 444 24.40 71.22 -81.71
N ALA T 445 23.29 70.51 -81.80
CA ALA T 445 22.85 69.90 -83.04
C ALA T 445 21.83 70.80 -83.71
N PHE T 446 22.06 71.10 -84.99
CA PHE T 446 21.18 71.94 -85.78
C PHE T 446 20.56 71.13 -86.90
N TRP T 447 19.66 71.77 -87.62
CA TRP T 447 18.87 71.09 -88.64
C TRP T 447 18.33 72.12 -89.61
N CYS T 448 18.36 71.80 -90.90
CA CYS T 448 18.03 72.75 -91.97
C CYS T 448 16.58 72.57 -92.43
N VAL T 449 15.94 73.68 -92.77
CA VAL T 449 14.54 73.70 -93.18
C VAL T 449 14.41 74.54 -94.44
N ALA T 450 13.59 74.10 -95.38
CA ALA T 450 13.32 74.87 -96.60
C ALA T 450 12.50 76.10 -96.25
N SER T 451 13.16 77.27 -96.21
CA SER T 451 12.50 78.52 -95.85
C SER T 451 12.49 79.53 -96.98
N SER T 452 13.04 79.19 -98.15
CA SER T 452 13.07 80.10 -99.30
C SER T 452 12.05 79.73 -100.36
N GLN T 453 11.45 78.53 -100.26
CA GLN T 453 10.29 78.04 -101.01
C GLN T 453 10.62 77.71 -102.47
N VAL T 454 11.80 78.08 -102.94
CA VAL T 454 12.21 77.75 -104.31
C VAL T 454 13.53 76.98 -104.24
N PRO T 455 13.50 75.64 -104.12
CA PRO T 455 14.72 74.88 -104.39
C PRO T 455 14.71 74.34 -105.81
N GLU T 456 15.89 74.05 -106.35
CA GLU T 456 15.97 73.30 -107.59
C GLU T 456 15.75 71.81 -107.34
N ASN T 457 16.63 71.20 -106.55
CA ASN T 457 16.45 69.86 -106.04
C ASN T 457 16.58 69.91 -104.52
N SER T 458 15.87 69.01 -103.85
CA SER T 458 15.76 69.06 -102.40
C SER T 458 17.09 68.68 -101.74
N GLY T 459 17.60 67.51 -102.04
CA GLY T 459 18.84 67.07 -101.45
C GLY T 459 18.65 66.02 -100.37
N LEU T 460 19.53 65.02 -100.40
CA LEU T 460 19.72 64.04 -99.33
C LEU T 460 18.45 63.24 -99.07
N LEU T 461 18.04 62.46 -100.06
CA LEU T 461 16.73 61.82 -100.04
C LEU T 461 16.75 60.54 -99.22
N PHE T 462 16.70 60.71 -97.89
CA PHE T 462 16.33 59.70 -96.90
C PHE T 462 16.14 60.40 -95.57
N GLY T 463 15.35 59.78 -94.70
CA GLY T 463 15.10 60.37 -93.40
C GLY T 463 15.01 59.37 -92.27
N GLY T 464 15.59 58.18 -92.46
CA GLY T 464 15.52 57.13 -91.45
C GLY T 464 16.78 57.07 -90.61
N LEU T 465 16.60 56.63 -89.36
CA LEU T 465 17.61 56.77 -88.32
C LEU T 465 17.88 55.42 -87.70
N PHE T 466 19.03 55.31 -87.04
CA PHE T 466 19.30 54.20 -86.14
C PHE T 466 20.29 54.67 -85.07
N SER T 467 20.11 54.17 -83.86
CA SER T 467 20.92 54.55 -82.74
C SER T 467 21.94 53.46 -82.43
N SER T 468 22.63 53.60 -81.30
CA SER T 468 23.42 52.51 -80.75
C SER T 468 22.56 51.47 -80.05
N LYS T 469 21.27 51.76 -79.86
CA LYS T 469 20.35 50.81 -79.26
C LYS T 469 19.08 50.65 -80.10
N SER T 470 19.02 51.24 -81.28
CA SER T 470 17.87 51.16 -82.15
C SER T 470 18.28 50.50 -83.47
N ILE T 471 17.31 50.38 -84.36
CA ILE T 471 17.45 49.65 -85.62
C ILE T 471 16.80 50.47 -86.72
N ASN T 472 17.52 50.65 -87.83
CA ASN T 472 16.93 51.24 -89.03
C ASN T 472 15.91 50.27 -89.60
N PRO T 473 14.63 50.63 -89.72
CA PRO T 473 13.65 49.68 -90.25
C PRO T 473 13.77 49.45 -91.73
N MET T 474 14.46 50.32 -92.46
CA MET T 474 14.67 50.10 -93.89
C MET T 474 15.81 49.14 -94.17
N THR T 475 16.56 48.72 -93.15
CA THR T 475 17.54 47.65 -93.29
C THR T 475 17.32 46.51 -92.31
N ASN T 476 16.47 46.71 -91.28
CA ASN T 476 16.30 45.80 -90.14
C ASN T 476 17.63 45.47 -89.47
N ALA T 477 18.52 46.46 -89.42
CA ALA T 477 19.83 46.33 -88.82
C ALA T 477 20.36 47.72 -88.50
N GLN T 478 21.56 47.76 -87.93
CA GLN T 478 22.26 49.01 -87.66
C GLN T 478 23.20 49.38 -88.80
N SER T 479 22.61 49.51 -89.99
CA SER T 479 23.39 49.76 -91.18
C SER T 479 22.60 50.66 -92.12
N CYS T 480 23.28 51.18 -93.11
CA CYS T 480 22.71 52.03 -94.13
C CYS T 480 22.16 51.17 -95.26
N PRO T 481 21.21 51.68 -96.05
CA PRO T 481 20.80 50.96 -97.25
C PRO T 481 21.83 51.06 -98.37
N ALA T 482 21.48 50.54 -99.54
CA ALA T 482 22.42 50.44 -100.67
C ALA T 482 22.76 51.82 -101.21
N GLY T 483 23.97 52.29 -100.93
CA GLY T 483 24.44 53.56 -101.45
C GLY T 483 24.11 54.74 -100.57
N TYR T 484 24.27 54.59 -99.26
CA TYR T 484 23.89 55.60 -98.27
C TYR T 484 25.03 55.78 -97.27
N PHE T 485 25.30 57.04 -96.90
CA PHE T 485 26.33 57.30 -95.92
C PHE T 485 25.73 57.97 -94.70
N PRO T 486 26.16 57.58 -93.49
CA PRO T 486 25.50 58.09 -92.29
C PRO T 486 26.08 59.42 -91.85
N LEU T 487 25.24 60.20 -91.18
CA LEU T 487 25.65 61.47 -90.60
C LEU T 487 25.49 61.38 -89.09
N ARG T 488 26.58 61.62 -88.37
CA ARG T 488 26.54 61.47 -86.92
C ARG T 488 25.79 62.62 -86.27
N LEU T 489 25.07 62.29 -85.20
CA LEU T 489 24.25 63.25 -84.48
C LEU T 489 24.45 62.90 -83.00
N PHE T 490 23.51 63.36 -82.14
CA PHE T 490 23.73 63.83 -80.78
C PHE T 490 24.83 63.12 -80.00
N GLU T 491 24.64 61.84 -79.76
CA GLU T 491 25.71 60.98 -79.27
C GLU T 491 25.83 59.71 -80.07
N ASN T 492 24.72 59.15 -80.53
CA ASN T 492 24.72 57.86 -81.19
C ASN T 492 23.87 57.80 -82.45
N LEU T 493 23.13 58.86 -82.79
CA LEU T 493 22.33 58.81 -84.00
C LEU T 493 23.18 58.86 -85.24
N LYS T 494 22.83 58.03 -86.21
CA LYS T 494 23.45 58.03 -87.51
C LYS T 494 22.33 58.09 -88.55
N VAL T 495 22.19 59.24 -89.18
CA VAL T 495 21.11 59.48 -90.14
C VAL T 495 21.60 59.11 -91.53
N CYS T 496 20.94 58.15 -92.16
CA CYS T 496 21.37 57.66 -93.46
C CYS T 496 20.93 58.64 -94.54
N VAL T 497 21.82 58.89 -95.49
CA VAL T 497 21.71 60.04 -96.40
C VAL T 497 22.33 59.68 -97.75
N SER T 498 21.59 59.91 -98.83
CA SER T 498 22.13 59.82 -100.18
C SER T 498 21.50 60.90 -101.05
N GLN T 499 22.31 61.48 -101.93
CA GLN T 499 21.85 62.51 -102.87
C GLN T 499 22.08 62.08 -104.31
N ASP T 500 21.84 60.80 -104.59
CA ASP T 500 22.13 60.23 -105.91
C ASP T 500 20.98 60.34 -106.89
N TYR T 501 19.73 60.36 -106.38
CA TYR T 501 18.48 60.56 -107.11
C TYR T 501 18.11 59.43 -108.08
N GLU T 502 18.98 58.43 -108.24
CA GLU T 502 18.69 57.28 -109.06
C GLU T 502 18.78 55.98 -108.28
N LEU T 503 19.90 55.74 -107.61
CA LEU T 503 20.01 54.58 -106.73
C LEU T 503 19.50 54.85 -105.33
N GLY T 504 19.18 56.10 -105.02
CA GLY T 504 18.67 56.45 -103.72
C GLY T 504 17.14 56.50 -103.68
N SER T 505 16.51 56.60 -104.84
CA SER T 505 15.06 56.72 -104.90
C SER T 505 14.34 55.40 -104.66
N ARG T 506 15.05 54.27 -104.60
CA ARG T 506 14.42 53.02 -104.22
C ARG T 506 14.07 53.03 -102.74
N PHE T 507 14.93 53.61 -101.91
CA PHE T 507 14.77 53.57 -100.47
C PHE T 507 14.39 54.92 -99.87
N ALA T 508 14.22 55.95 -100.69
CA ALA T 508 13.92 57.28 -100.17
C ALA T 508 12.50 57.34 -99.63
N VAL T 509 12.38 57.79 -98.38
CA VAL T 509 11.08 57.90 -97.71
C VAL T 509 10.68 59.37 -97.68
N PRO T 510 9.39 59.69 -97.65
CA PRO T 510 8.98 61.08 -97.44
C PRO T 510 9.31 61.52 -96.02
N PHE T 511 10.10 62.56 -95.90
CA PHE T 511 10.58 63.04 -94.61
C PHE T 511 9.72 64.20 -94.14
N GLY T 512 9.51 64.26 -92.82
CA GLY T 512 8.60 65.25 -92.27
C GLY T 512 9.22 66.29 -91.36
N GLY T 513 10.26 65.93 -90.63
CA GLY T 513 10.92 66.88 -89.76
C GLY T 513 11.26 66.29 -88.40
N PHE T 514 12.19 66.95 -87.71
CA PHE T 514 12.56 66.61 -86.35
C PHE T 514 11.89 67.57 -85.36
N PHE T 515 11.63 67.07 -84.16
CA PHE T 515 11.27 67.93 -83.04
C PHE T 515 11.65 67.22 -81.75
N SER T 516 11.77 68.00 -80.69
CA SER T 516 12.20 67.48 -79.40
C SER T 516 11.30 68.05 -78.32
N CYS T 517 11.68 67.86 -77.06
CA CYS T 517 10.89 68.34 -75.95
C CYS T 517 10.98 69.84 -75.76
N THR T 518 11.92 70.51 -76.42
CA THR T 518 12.11 71.95 -76.28
C THR T 518 11.82 72.74 -77.53
N VAL T 519 11.95 72.15 -78.71
CA VAL T 519 11.78 72.85 -79.97
C VAL T 519 10.73 72.13 -80.80
N GLY T 520 10.08 72.87 -81.69
CA GLY T 520 9.13 72.30 -82.61
C GLY T 520 9.59 72.41 -84.05
N ASN T 521 9.05 71.58 -84.93
CA ASN T 521 9.43 71.77 -86.31
C ASN T 521 8.62 72.89 -86.95
N PRO T 522 9.24 73.69 -87.82
CA PRO T 522 8.51 74.79 -88.45
C PRO T 522 7.79 74.38 -89.72
N LEU T 523 7.56 73.08 -89.92
CA LEU T 523 6.92 72.58 -91.14
C LEU T 523 5.43 72.36 -90.95
N VAL T 524 4.83 73.01 -89.96
CA VAL T 524 3.41 72.87 -89.69
C VAL T 524 2.67 74.20 -89.85
N ASP T 525 3.29 75.32 -89.45
CA ASP T 525 2.60 76.60 -89.42
C ASP T 525 2.48 77.26 -90.80
N PRO T 526 3.54 77.29 -91.65
CA PRO T 526 3.17 77.77 -92.99
C PRO T 526 2.61 76.66 -93.88
N PRO T 535 6.35 80.27 -80.85
CA PRO T 535 7.16 79.55 -81.83
C PRO T 535 6.38 78.46 -82.55
N SER T 536 7.01 77.30 -82.76
CA SER T 536 6.41 76.22 -83.53
C SER T 536 5.47 75.41 -82.66
N LEU T 537 5.03 74.26 -83.17
CA LEU T 537 3.95 73.50 -82.55
C LEU T 537 4.38 72.14 -82.02
N LYS T 538 5.54 71.61 -82.47
CA LYS T 538 6.07 70.25 -82.21
C LYS T 538 5.02 69.15 -82.36
N LYS T 539 4.08 69.32 -83.27
CA LYS T 539 3.08 68.30 -83.50
C LYS T 539 3.54 67.28 -84.54
N CYS T 540 3.50 67.68 -85.82
CA CYS T 540 3.67 66.84 -87.00
C CYS T 540 3.49 67.79 -88.18
N PRO T 541 3.86 67.44 -89.42
CA PRO T 541 3.38 68.25 -90.54
C PRO T 541 1.91 68.05 -90.85
N GLY T 542 1.42 66.82 -90.74
CA GLY T 542 0.05 66.52 -91.13
C GLY T 542 0.02 65.50 -92.24
N GLY T 543 -0.51 64.31 -91.94
CA GLY T 543 -0.41 63.17 -92.81
C GLY T 543 0.77 62.26 -92.47
N PHE T 544 1.81 62.82 -91.88
CA PHE T 544 2.97 62.05 -91.46
C PHE T 544 2.67 61.40 -90.10
N SER T 545 3.63 60.64 -89.61
CA SER T 545 3.49 59.92 -88.35
C SER T 545 4.72 60.14 -87.50
N GLN T 546 4.51 60.49 -86.23
CA GLN T 546 5.61 60.65 -85.31
C GLN T 546 6.26 59.31 -85.00
N HIS T 547 7.58 59.30 -84.94
CA HIS T 547 8.29 58.13 -84.52
C HIS T 547 9.47 58.60 -83.68
N PRO T 548 9.74 57.94 -82.57
CA PRO T 548 10.79 58.42 -81.67
C PRO T 548 12.17 57.98 -82.11
N ALA T 549 13.11 58.93 -82.03
CA ALA T 549 14.53 58.64 -82.05
C ALA T 549 14.98 58.36 -80.61
N LEU T 550 16.27 58.42 -80.33
CA LEU T 550 16.74 58.11 -79.00
C LEU T 550 16.34 59.18 -77.98
N ILE T 551 16.65 58.92 -76.73
CA ILE T 551 16.40 59.84 -75.62
C ILE T 551 17.73 60.40 -75.16
N SER T 552 17.86 61.72 -75.21
CA SER T 552 19.09 62.41 -74.81
C SER T 552 18.91 62.95 -73.39
N ASP T 553 19.09 62.05 -72.42
CA ASP T 553 19.12 62.35 -70.99
C ASP T 553 17.82 63.01 -70.51
N GLY T 554 16.71 62.32 -70.75
CA GLY T 554 15.41 62.75 -70.29
C GLY T 554 14.57 63.46 -71.32
N CYS T 555 15.16 63.91 -72.42
CA CYS T 555 14.44 64.57 -73.49
C CYS T 555 14.33 63.62 -74.68
N GLN T 556 13.17 63.64 -75.33
CA GLN T 556 12.86 62.71 -76.41
C GLN T 556 12.88 63.45 -77.75
N VAL T 557 13.63 62.91 -78.70
CA VAL T 557 13.71 63.46 -80.05
C VAL T 557 12.86 62.59 -80.96
N SER T 558 11.99 63.22 -81.74
CA SER T 558 11.07 62.49 -82.60
C SER T 558 11.16 62.99 -84.03
N TYR T 559 10.83 62.11 -84.98
CA TYR T 559 10.91 62.43 -86.39
C TYR T 559 9.68 61.91 -87.11
N CYS T 560 9.30 62.60 -88.18
CA CYS T 560 8.07 62.33 -88.90
C CYS T 560 8.35 61.70 -90.26
N VAL T 561 7.47 60.80 -90.68
CA VAL T 561 7.67 60.02 -91.90
C VAL T 561 6.30 59.49 -92.33
N LYS T 562 6.16 59.16 -93.60
CA LYS T 562 4.90 58.70 -94.17
C LYS T 562 5.11 57.47 -95.04
N SER T 563 5.77 56.44 -94.50
CA SER T 563 5.93 55.24 -95.29
C SER T 563 4.68 54.36 -95.22
N GLY T 564 4.30 53.96 -94.02
CA GLY T 564 3.44 52.83 -93.80
C GLY T 564 4.20 51.60 -93.34
N LEU T 565 5.50 51.53 -93.66
CA LEU T 565 6.35 50.49 -93.11
C LEU T 565 6.70 50.77 -91.66
N PHE T 566 6.86 52.05 -91.31
CA PHE T 566 7.15 52.42 -89.94
C PHE T 566 5.94 52.23 -89.04
N THR T 567 4.74 52.30 -89.60
CA THR T 567 3.52 52.34 -88.80
C THR T 567 3.12 50.94 -88.29
N GLY T 568 2.88 50.02 -89.21
CA GLY T 568 2.30 48.74 -88.86
C GLY T 568 3.26 47.80 -88.16
N GLY T 569 2.75 46.59 -87.89
CA GLY T 569 3.50 45.59 -87.16
C GLY T 569 2.66 45.00 -86.04
N SER T 570 3.22 44.94 -84.84
CA SER T 570 2.46 44.62 -83.65
C SER T 570 2.49 45.81 -82.71
N LEU T 571 1.64 45.76 -81.69
CA LEU T 571 1.64 46.81 -80.69
C LEU T 571 2.86 46.67 -79.79
N PRO T 572 3.63 47.73 -79.59
CA PRO T 572 4.85 47.64 -78.78
C PRO T 572 4.50 47.53 -77.31
N PRO T 573 5.39 46.99 -76.50
CA PRO T 573 5.20 47.06 -75.05
C PRO T 573 5.54 48.45 -74.53
N ALA T 574 5.31 48.63 -73.23
CA ALA T 574 5.63 49.90 -72.62
C ALA T 574 7.13 50.05 -72.43
N ARG T 575 7.61 51.28 -72.59
CA ARG T 575 8.97 51.60 -72.18
C ARG T 575 9.02 51.73 -70.67
N LEU T 576 9.77 50.84 -70.03
CA LEU T 576 9.81 50.85 -68.60
C LEU T 576 10.97 51.73 -68.13
N PRO T 577 10.89 52.30 -66.93
CA PRO T 577 12.02 53.05 -66.38
C PRO T 577 13.18 52.13 -66.04
N PRO T 578 14.39 52.66 -65.77
CA PRO T 578 14.93 54.01 -65.79
C PRO T 578 15.23 54.47 -67.20
N PHE T 579 15.07 55.76 -67.44
CA PHE T 579 15.33 56.32 -68.75
C PHE T 579 16.64 57.07 -68.80
N THR T 580 17.29 57.26 -67.66
CA THR T 580 18.63 57.82 -67.59
C THR T 580 19.57 56.76 -67.03
N ARG T 581 20.85 57.09 -67.02
CA ARG T 581 21.89 56.26 -66.45
C ARG T 581 22.58 57.04 -65.35
N PRO T 582 23.17 56.36 -64.37
CA PRO T 582 23.93 57.09 -63.35
C PRO T 582 25.20 57.66 -63.94
N PRO T 583 25.59 58.86 -63.51
CA PRO T 583 26.66 59.59 -64.19
C PRO T 583 28.04 59.03 -63.85
N LEU T 584 29.02 59.51 -64.60
CA LEU T 584 30.41 59.12 -64.40
C LEU T 584 31.03 59.92 -63.27
N MET T 585 31.94 59.27 -62.55
CA MET T 585 32.62 59.85 -61.41
C MET T 585 34.12 59.71 -61.60
N SER T 586 34.87 60.69 -61.09
CA SER T 586 36.32 60.62 -61.17
C SER T 586 36.86 59.77 -60.02
N GLN T 587 37.81 58.89 -60.36
CA GLN T 587 38.22 57.79 -59.51
C GLN T 587 39.74 57.79 -59.36
N ALA T 588 40.24 56.89 -58.53
CA ALA T 588 41.67 56.69 -58.31
C ALA T 588 41.88 55.32 -57.70
N ALA T 589 42.92 54.62 -58.15
CA ALA T 589 43.19 53.27 -57.68
C ALA T 589 44.68 53.08 -57.55
N THR T 590 45.14 52.67 -56.37
CA THR T 590 46.55 52.47 -56.09
C THR T 590 46.81 51.02 -55.72
N ASN T 591 48.07 50.61 -55.90
CA ASN T 591 48.52 49.24 -55.62
C ASN T 591 49.95 49.34 -55.10
N THR T 592 50.13 49.24 -53.79
CA THR T 592 51.47 49.23 -53.20
C THR T 592 51.87 47.79 -52.92
N VAL T 593 53.04 47.40 -53.39
CA VAL T 593 53.58 46.05 -53.18
C VAL T 593 54.91 46.18 -52.46
N ILE T 594 55.07 45.43 -51.37
CA ILE T 594 56.33 45.34 -50.65
C ILE T 594 56.90 43.94 -50.86
N VAL T 595 58.13 43.86 -51.32
CA VAL T 595 58.78 42.59 -51.62
C VAL T 595 60.04 42.51 -50.77
N THR T 596 60.10 41.56 -49.85
CA THR T 596 61.33 41.30 -49.11
C THR T 596 62.18 40.35 -49.93
N ASN T 597 63.38 40.79 -50.29
CA ASN T 597 64.27 40.02 -51.14
C ASN T 597 65.17 39.07 -50.33
N SER T 598 64.83 38.83 -49.07
CA SER T 598 65.75 38.08 -48.21
C SER T 598 65.00 37.45 -47.05
N GLU T 599 65.55 36.32 -46.58
CA GLU T 599 65.26 35.84 -45.25
C GLU T 599 66.15 36.59 -44.27
N ASN T 600 66.02 36.27 -42.98
CA ASN T 600 66.64 36.99 -41.87
C ASN T 600 66.26 38.47 -41.92
N ALA T 601 64.98 38.72 -42.16
CA ALA T 601 64.47 40.09 -42.28
C ALA T 601 63.01 40.04 -41.84
N ARG T 602 62.75 40.48 -40.62
CA ARG T 602 61.39 40.49 -40.10
C ARG T 602 60.74 41.83 -40.35
N SER T 603 59.42 41.86 -40.21
CA SER T 603 58.66 43.07 -40.49
C SER T 603 57.38 43.05 -39.67
N TRP T 604 57.05 44.19 -39.09
CA TRP T 604 55.81 44.36 -38.35
C TRP T 604 54.99 45.47 -39.00
N ILE T 605 53.69 45.25 -39.14
CA ILE T 605 52.82 46.18 -39.84
C ILE T 605 51.61 46.45 -38.97
N LYS T 606 51.28 47.73 -38.80
CA LYS T 606 50.06 48.15 -38.14
C LYS T 606 49.21 48.84 -39.21
N ASP T 607 48.10 48.20 -39.59
CA ASP T 607 47.38 48.59 -40.81
C ASP T 607 46.62 49.89 -40.64
N SER T 608 46.08 50.15 -39.46
CA SER T 608 45.36 51.39 -39.18
C SER T 608 45.42 51.64 -37.69
N GLN T 609 44.73 52.69 -37.24
CA GLN T 609 44.76 53.05 -35.84
C GLN T 609 43.93 52.09 -34.98
N THR T 610 43.00 51.36 -35.58
CA THR T 610 42.21 50.39 -34.84
C THR T 610 42.83 48.99 -34.88
N HIS T 611 43.70 48.71 -35.83
CA HIS T 611 44.36 47.42 -35.89
C HIS T 611 45.42 47.32 -34.78
N GLN T 612 45.86 46.10 -34.55
CA GLN T 612 47.01 45.85 -33.71
C GLN T 612 48.23 45.56 -34.58
N TRP T 613 49.41 45.58 -33.97
CA TRP T 613 50.63 45.26 -34.69
C TRP T 613 50.60 43.80 -35.15
N ARG T 614 51.01 43.60 -36.38
CA ARG T 614 50.86 42.34 -37.07
C ARG T 614 52.19 41.95 -37.68
N LEU T 615 52.53 40.68 -37.61
CA LEU T 615 53.77 40.22 -38.19
C LEU T 615 53.64 40.21 -39.72
N GLY T 616 54.61 40.81 -40.40
CA GLY T 616 54.49 41.00 -41.82
C GLY T 616 54.88 39.76 -42.61
N GLU T 617 54.47 39.78 -43.87
CA GLU T 617 54.67 38.74 -44.87
C GLU T 617 55.62 39.24 -45.95
N PRO T 618 56.23 38.33 -46.74
CA PRO T 618 57.16 38.80 -47.78
C PRO T 618 56.52 39.58 -48.92
N ILE T 619 55.27 39.29 -49.29
CA ILE T 619 54.54 40.06 -50.29
C ILE T 619 53.27 40.58 -49.63
N GLU T 620 53.03 41.89 -49.71
CA GLU T 620 51.93 42.50 -48.98
C GLU T 620 50.71 42.83 -49.83
N LEU T 621 50.85 43.69 -50.84
CA LEU T 621 49.80 44.06 -51.80
C LEU T 621 48.59 44.71 -51.10
N ARG T 622 48.82 45.94 -50.63
CA ARG T 622 47.71 46.80 -50.23
C ARG T 622 46.99 47.34 -51.46
N ARG T 623 45.69 47.59 -51.33
CA ARG T 623 44.88 48.17 -52.39
C ARG T 623 43.97 49.26 -51.86
N ALA T 624 43.66 50.22 -52.71
CA ALA T 624 42.76 51.31 -52.33
C ALA T 624 42.04 51.83 -53.57
N MET T 625 40.76 52.15 -53.41
CA MET T 625 39.96 52.76 -54.47
C MET T 625 39.28 53.99 -53.92
N ASN T 626 39.55 55.15 -54.53
CA ASN T 626 39.08 56.44 -54.06
C ASN T 626 38.14 57.03 -55.10
N VAL T 627 36.92 57.34 -54.69
CA VAL T 627 35.89 57.89 -55.57
C VAL T 627 35.47 59.24 -55.00
N ILE T 628 35.28 60.23 -55.87
CA ILE T 628 34.69 61.51 -55.48
C ILE T 628 33.47 61.78 -56.36
N HIS T 629 32.36 62.12 -55.72
CA HIS T 629 31.12 62.43 -56.42
C HIS T 629 31.16 63.87 -56.92
N GLY T 630 31.29 64.05 -58.23
CA GLY T 630 31.30 65.36 -58.82
C GLY T 630 32.58 66.14 -58.58
N ASP U 10 16.33 19.74 -33.52
CA ASP U 10 15.89 20.85 -34.36
C ASP U 10 15.64 20.40 -35.81
N GLU U 11 15.10 21.32 -36.61
CA GLU U 11 14.74 21.02 -37.99
C GLU U 11 14.66 22.36 -38.72
N VAL U 12 15.21 22.41 -39.93
CA VAL U 12 15.34 23.67 -40.66
C VAL U 12 14.79 23.52 -42.07
N GLY U 13 14.70 24.65 -42.77
CA GLY U 13 14.42 24.65 -44.18
C GLY U 13 12.95 24.48 -44.51
N VAL U 14 12.71 23.85 -45.65
CA VAL U 14 11.35 23.67 -46.15
C VAL U 14 10.60 22.65 -45.32
N GLN U 15 11.32 21.65 -44.81
CA GLN U 15 10.68 20.52 -44.16
C GLN U 15 10.13 20.87 -42.78
N LYS U 16 10.69 21.90 -42.13
CA LYS U 16 10.07 22.45 -40.94
C LYS U 16 8.71 23.06 -41.26
N CYS U 17 8.60 23.72 -42.41
CA CYS U 17 7.33 24.30 -42.83
C CYS U 17 6.32 23.23 -43.20
N LYS U 18 6.79 22.14 -43.81
CA LYS U 18 5.88 21.10 -44.29
C LYS U 18 5.33 20.27 -43.15
N ASN U 19 6.07 20.12 -42.05
CA ASN U 19 5.58 19.32 -40.94
C ASN U 19 4.57 20.09 -40.10
N ALA U 20 4.73 21.40 -39.98
CA ALA U 20 3.83 22.19 -39.18
C ALA U 20 2.54 22.52 -39.90
N LEU U 21 2.57 22.55 -41.24
CA LEU U 21 1.43 23.01 -42.01
C LEU U 21 0.76 21.93 -42.84
N LYS U 22 1.53 20.94 -43.30
CA LYS U 22 1.05 19.78 -44.06
C LYS U 22 0.35 20.18 -45.35
N LEU U 23 1.04 20.96 -46.17
CA LEU U 23 0.51 21.42 -47.44
C LEU U 23 1.69 21.68 -48.36
N PRO U 24 1.53 21.52 -49.69
CA PRO U 24 2.70 21.54 -50.58
C PRO U 24 3.32 22.91 -50.78
N VAL U 25 4.41 22.93 -51.53
CA VAL U 25 5.15 24.15 -51.82
C VAL U 25 4.83 24.57 -53.25
N LEU U 26 4.74 25.87 -53.49
CA LEU U 26 4.42 26.36 -54.82
C LEU U 26 5.62 26.12 -55.73
N GLU U 27 5.43 25.28 -56.75
CA GLU U 27 6.55 24.80 -57.56
C GLU U 27 6.95 25.76 -58.66
N VAL U 28 6.32 26.91 -58.79
CA VAL U 28 6.55 27.83 -59.89
C VAL U 28 7.15 29.09 -59.28
N LEU U 29 8.47 29.21 -59.29
CA LEU U 29 9.08 30.29 -58.54
C LEU U 29 9.95 31.17 -59.43
N PRO U 30 9.98 32.48 -59.18
CA PRO U 30 10.86 33.35 -59.96
C PRO U 30 12.24 33.46 -59.33
N GLY U 31 13.11 34.25 -59.95
CA GLY U 31 14.46 34.40 -59.46
C GLY U 31 15.48 33.45 -60.06
N GLY U 32 15.10 32.65 -61.03
CA GLY U 32 16.05 31.79 -61.69
C GLY U 32 16.58 32.43 -62.95
N GLY U 33 17.64 31.84 -63.49
CA GLY U 33 18.19 32.30 -64.73
C GLY U 33 17.37 31.85 -65.91
N TRP U 34 17.53 32.56 -67.02
CA TRP U 34 16.71 32.30 -68.18
C TRP U 34 17.52 32.56 -69.45
N ASP U 35 17.73 31.52 -70.24
CA ASP U 35 18.29 31.69 -71.58
C ASP U 35 17.18 32.15 -72.49
N ASN U 36 17.31 33.35 -73.03
CA ASN U 36 16.26 33.94 -73.82
C ASN U 36 16.37 33.61 -75.30
N LEU U 37 17.41 32.91 -75.73
CA LEU U 37 17.45 32.39 -77.08
C LEU U 37 16.81 31.02 -77.19
N ARG U 38 17.02 30.17 -76.20
CA ARG U 38 16.53 28.81 -76.25
C ARG U 38 15.23 28.60 -75.48
N ASN U 39 14.80 29.61 -74.73
CA ASN U 39 13.67 29.55 -73.78
C ASN U 39 13.77 28.38 -72.81
N VAL U 40 14.94 28.22 -72.23
CA VAL U 40 15.15 27.26 -71.16
C VAL U 40 15.54 28.05 -69.92
N ASP U 41 15.33 27.46 -68.76
CA ASP U 41 15.68 28.12 -67.52
C ASP U 41 16.91 27.50 -66.88
N MET U 42 17.69 28.36 -66.27
CA MET U 42 19.05 28.14 -65.83
C MET U 42 19.13 27.97 -64.33
N GLY U 43 20.36 28.04 -63.82
CA GLY U 43 20.57 28.01 -62.38
C GLY U 43 19.97 29.21 -61.66
N ARG U 44 19.82 29.05 -60.36
CA ARG U 44 19.08 29.97 -59.51
C ARG U 44 19.96 31.17 -59.14
N VAL U 45 19.47 32.37 -59.42
CA VAL U 45 20.24 33.60 -59.21
C VAL U 45 19.90 34.24 -57.86
N MET U 46 18.64 34.22 -57.45
CA MET U 46 18.24 34.79 -56.17
C MET U 46 18.27 33.73 -55.09
N GLU U 47 18.10 34.18 -53.85
CA GLU U 47 18.17 33.28 -52.70
C GLU U 47 16.76 32.95 -52.23
N LEU U 48 16.49 31.66 -52.07
CA LEU U 48 15.18 31.19 -51.60
C LEU U 48 15.31 30.69 -50.17
N THR U 49 14.67 31.38 -49.24
CA THR U 49 14.68 31.01 -47.83
C THR U 49 13.26 30.70 -47.37
N TYR U 50 13.16 29.80 -46.40
CA TYR U 50 11.88 29.34 -45.87
C TYR U 50 11.86 29.51 -44.36
N SER U 51 12.28 30.67 -43.88
CA SER U 51 12.44 30.86 -42.45
C SER U 51 11.12 31.20 -41.76
N ASN U 52 10.22 31.91 -42.44
CA ASN U 52 9.06 32.50 -41.80
C ASN U 52 7.78 31.72 -41.99
N CYS U 53 7.84 30.58 -42.69
CA CYS U 53 6.71 29.66 -42.90
C CYS U 53 5.53 30.36 -43.59
N ARG U 54 5.82 31.21 -44.56
CA ARG U 54 4.77 31.95 -45.23
C ARG U 54 3.97 31.03 -46.15
N THR U 55 2.67 31.30 -46.24
CA THR U 55 1.80 30.62 -47.17
C THR U 55 1.16 31.66 -48.08
N THR U 56 0.48 31.17 -49.11
CA THR U 56 -0.36 32.07 -49.88
C THR U 56 -1.58 32.45 -49.04
N GLU U 57 -2.23 33.53 -49.46
CA GLU U 57 -3.31 34.11 -48.67
C GLU U 57 -4.52 33.19 -48.60
N ASP U 58 -4.73 32.34 -49.59
CA ASP U 58 -5.77 31.32 -49.49
C ASP U 58 -5.30 30.09 -48.73
N GLY U 59 -4.02 30.01 -48.37
CA GLY U 59 -3.54 28.97 -47.48
C GLY U 59 -3.39 27.61 -48.09
N GLN U 60 -2.84 27.51 -49.30
CA GLN U 60 -2.69 26.23 -49.95
C GLN U 60 -1.31 25.94 -50.50
N TYR U 61 -0.37 26.88 -50.42
CA TYR U 61 0.99 26.62 -50.86
C TYR U 61 1.95 27.33 -49.92
N ILE U 62 3.03 26.66 -49.56
CA ILE U 62 4.14 27.29 -48.88
C ILE U 62 4.97 28.05 -49.90
N ILE U 63 5.26 29.31 -49.61
CA ILE U 63 6.05 30.15 -50.50
C ILE U 63 7.27 30.64 -49.74
N PRO U 64 8.35 31.02 -50.42
CA PRO U 64 9.49 31.64 -49.73
C PRO U 64 9.16 33.02 -49.19
N ASP U 65 10.10 33.54 -48.42
CA ASP U 65 9.86 34.75 -47.62
C ASP U 65 9.89 36.02 -48.45
N GLU U 66 10.72 36.06 -49.49
CA GLU U 66 10.96 37.19 -50.34
C GLU U 66 10.03 37.25 -51.54
N ILE U 67 9.01 36.42 -51.57
CA ILE U 67 8.16 36.26 -52.73
C ILE U 67 6.73 36.52 -52.31
N PHE U 68 6.06 37.42 -53.02
CA PHE U 68 4.64 37.65 -52.82
C PHE U 68 3.86 37.15 -54.02
N THR U 69 2.66 36.67 -53.77
CA THR U 69 1.82 36.13 -54.81
C THR U 69 0.60 37.04 -54.99
N ILE U 70 0.03 37.01 -56.19
CA ILE U 70 -1.18 37.75 -56.51
C ILE U 70 -2.24 36.73 -56.92
N PRO U 71 -3.34 36.61 -56.20
CA PRO U 71 -4.40 35.70 -56.61
C PRO U 71 -5.21 36.30 -57.75
N GLN U 72 -5.05 35.74 -58.94
CA GLN U 72 -5.91 36.11 -60.05
C GLN U 72 -6.35 34.84 -60.75
N LYS U 73 -7.44 34.28 -60.24
CA LYS U 73 -7.89 32.95 -60.61
C LYS U 73 -8.72 33.08 -61.87
N GLN U 74 -8.01 33.13 -62.98
CA GLN U 74 -8.53 33.59 -64.25
C GLN U 74 -8.50 32.46 -65.27
N SER U 75 -9.64 32.20 -65.89
CA SER U 75 -9.78 31.15 -66.88
C SER U 75 -10.20 31.79 -68.20
N ASN U 76 -9.56 31.39 -69.29
CA ASN U 76 -9.88 31.89 -70.62
C ASN U 76 -10.24 30.73 -71.52
N LEU U 77 -11.24 30.93 -72.36
CA LEU U 77 -11.69 29.87 -73.26
C LEU U 77 -12.00 30.51 -74.59
N GLU U 78 -11.35 30.03 -75.64
CA GLU U 78 -11.55 30.55 -76.98
C GLU U 78 -12.48 29.63 -77.76
N MET U 79 -13.49 30.20 -78.39
CA MET U 79 -14.31 29.49 -79.35
C MET U 79 -13.78 29.63 -80.76
N ASN U 80 -12.60 30.21 -80.92
CA ASN U 80 -12.05 30.55 -82.20
C ASN U 80 -10.63 30.01 -82.26
N SER U 81 -9.89 30.42 -83.26
CA SER U 81 -8.49 30.08 -83.42
C SER U 81 -7.72 31.38 -83.65
N GLU U 82 -6.44 31.25 -83.95
CA GLU U 82 -5.67 32.41 -84.39
C GLU U 82 -4.67 31.95 -85.44
N ILE U 83 -4.51 32.75 -86.47
CA ILE U 83 -3.78 32.34 -87.67
C ILE U 83 -2.41 33.00 -87.66
N LEU U 84 -1.37 32.22 -87.92
CA LEU U 84 0.01 32.68 -87.90
C LEU U 84 0.63 32.23 -89.21
N GLU U 85 0.46 33.03 -90.27
CA GLU U 85 0.88 32.62 -91.60
C GLU U 85 2.33 32.97 -91.93
N SER U 86 3.13 33.30 -90.91
CA SER U 86 4.54 33.58 -91.10
C SER U 86 5.26 33.32 -89.79
N TRP U 87 6.46 32.75 -89.86
CA TRP U 87 7.22 32.47 -88.65
C TRP U 87 8.00 33.67 -88.13
N ALA U 88 7.96 34.81 -88.81
CA ALA U 88 8.68 35.98 -88.32
C ALA U 88 8.00 36.57 -87.10
N ASN U 89 6.69 36.78 -87.17
CA ASN U 89 5.93 37.28 -86.03
C ASN U 89 5.42 36.11 -85.19
N TYR U 90 6.37 35.50 -84.47
CA TYR U 90 6.11 34.29 -83.70
C TYR U 90 5.69 34.60 -82.27
N GLN U 91 4.69 33.87 -81.81
CA GLN U 91 4.15 33.97 -80.46
C GLN U 91 4.60 32.73 -79.70
N SER U 92 5.24 32.92 -78.55
CA SER U 92 5.86 31.77 -77.91
C SER U 92 4.88 30.86 -77.19
N SER U 93 3.77 31.41 -76.67
CA SER U 93 2.67 30.77 -75.93
C SER U 93 3.04 30.27 -74.54
N THR U 94 4.30 30.33 -74.14
CA THR U 94 4.66 30.04 -72.75
C THR U 94 5.68 30.98 -72.17
N SER U 95 6.37 31.77 -72.98
CA SER U 95 7.36 32.73 -72.51
C SER U 95 7.25 34.00 -73.34
N TYR U 96 6.01 34.45 -73.54
CA TYR U 96 5.75 35.51 -74.50
C TYR U 96 6.20 36.88 -74.00
N SER U 97 6.05 37.14 -72.71
CA SER U 97 6.32 38.48 -72.21
C SER U 97 7.81 38.75 -72.05
N ILE U 98 8.62 37.72 -71.86
CA ILE U 98 10.06 37.92 -71.71
C ILE U 98 10.76 37.94 -73.06
N ASN U 99 10.12 37.46 -74.12
CA ASN U 99 10.73 37.55 -75.43
C ASN U 99 10.43 38.86 -76.14
N THR U 100 9.33 39.53 -75.80
CA THR U 100 8.87 40.70 -76.54
C THR U 100 9.43 42.01 -76.01
N GLU U 101 10.52 41.96 -75.24
CA GLU U 101 11.13 43.14 -74.66
C GLU U 101 11.74 44.03 -75.75
N LEU U 102 11.90 45.31 -75.41
CA LEU U 102 12.45 46.30 -76.33
C LEU U 102 13.97 46.29 -76.21
N SER U 103 14.64 45.79 -77.24
CA SER U 103 16.10 45.69 -77.23
C SER U 103 16.58 45.63 -78.67
N LEU U 104 17.90 45.50 -78.81
CA LEU U 104 18.51 45.35 -80.13
C LEU U 104 18.18 44.00 -80.72
N PHE U 105 18.22 42.96 -79.89
CA PHE U 105 18.09 41.58 -80.34
C PHE U 105 16.72 41.02 -80.01
N SER U 106 15.69 41.85 -80.14
CA SER U 106 14.33 41.39 -79.91
C SER U 106 13.84 40.47 -81.01
N LYS U 107 14.46 40.52 -82.18
CA LYS U 107 14.08 39.64 -83.27
C LYS U 107 14.75 38.28 -83.20
N VAL U 108 15.66 38.07 -82.26
CA VAL U 108 16.39 36.82 -82.14
C VAL U 108 15.97 36.04 -80.90
N ASN U 109 15.19 36.64 -80.01
CA ASN U 109 14.74 35.96 -78.80
C ASN U 109 13.80 34.83 -79.11
N GLY U 110 14.11 33.66 -78.59
CA GLY U 110 13.29 32.48 -78.78
C GLY U 110 13.52 31.72 -80.06
N LYS U 111 14.45 32.15 -80.91
CA LYS U 111 14.63 31.57 -82.23
C LYS U 111 15.46 30.30 -82.22
N PHE U 112 15.83 29.79 -81.06
CA PHE U 112 16.50 28.50 -80.95
C PHE U 112 15.73 27.59 -80.03
N SER U 113 14.50 27.94 -79.70
CA SER U 113 13.64 27.12 -78.89
C SER U 113 13.17 25.93 -79.70
N THR U 114 12.85 24.84 -78.99
CA THR U 114 12.35 23.66 -79.69
C THR U 114 10.94 23.90 -80.23
N GLU U 115 10.19 24.79 -79.59
CA GLU U 115 8.84 25.10 -80.03
C GLU U 115 8.84 25.98 -81.27
N PHE U 116 9.86 26.82 -81.44
CA PHE U 116 9.98 27.61 -82.65
C PHE U 116 10.53 26.78 -83.79
N GLN U 117 11.61 26.03 -83.56
CA GLN U 117 12.27 25.29 -84.61
C GLN U 117 11.43 24.12 -85.09
N ARG U 118 10.48 23.65 -84.29
CA ARG U 118 9.52 22.70 -84.80
C ARG U 118 8.47 23.39 -85.64
N MET U 119 8.15 24.66 -85.35
CA MET U 119 7.12 25.33 -86.12
C MET U 119 7.64 25.81 -87.46
N LYS U 120 8.89 26.27 -87.50
CA LYS U 120 9.48 26.79 -88.73
C LYS U 120 9.69 25.68 -89.75
N THR U 121 10.07 24.50 -89.30
CA THR U 121 10.30 23.40 -90.23
C THR U 121 9.02 22.75 -90.71
N LEU U 122 7.85 23.21 -90.27
CA LEU U 122 6.58 22.75 -90.79
C LEU U 122 5.93 23.74 -91.73
N GLN U 123 6.32 25.01 -91.66
CA GLN U 123 5.82 25.99 -92.60
C GLN U 123 6.66 26.09 -93.86
N VAL U 124 7.88 25.55 -93.84
CA VAL U 124 8.77 25.60 -94.99
C VAL U 124 8.75 24.28 -95.75
N LYS U 125 8.78 23.18 -95.02
CA LYS U 125 8.74 21.86 -95.63
C LYS U 125 7.41 21.59 -96.30
N ASP U 126 6.33 22.10 -95.72
CA ASP U 126 4.98 21.78 -96.17
C ASP U 126 4.26 22.97 -96.77
N GLN U 127 4.91 24.14 -96.85
CA GLN U 127 4.34 25.38 -97.37
C GLN U 127 3.05 25.75 -96.65
N ALA U 128 3.11 25.78 -95.33
CA ALA U 128 1.91 25.75 -94.52
C ALA U 128 1.73 27.04 -93.73
N ILE U 129 0.54 27.18 -93.17
CA ILE U 129 0.21 28.21 -92.19
C ILE U 129 -0.16 27.51 -90.89
N THR U 130 -0.06 28.24 -89.79
CA THR U 130 -0.23 27.65 -88.46
C THR U 130 -1.41 28.28 -87.76
N THR U 131 -2.27 27.46 -87.18
CA THR U 131 -3.35 27.92 -86.32
C THR U 131 -3.11 27.43 -84.90
N ARG U 132 -3.65 28.17 -83.92
CA ARG U 132 -3.49 27.80 -82.52
C ARG U 132 -4.76 28.09 -81.73
N VAL U 133 -5.29 27.10 -81.05
CA VAL U 133 -6.41 27.25 -80.13
C VAL U 133 -5.92 26.84 -78.74
N GLN U 134 -6.32 27.59 -77.71
CA GLN U 134 -5.85 27.23 -76.38
C GLN U 134 -6.87 27.59 -75.30
N VAL U 135 -6.86 26.78 -74.25
CA VAL U 135 -7.62 27.02 -73.03
C VAL U 135 -6.61 27.30 -71.93
N ARG U 136 -6.50 28.54 -71.50
CA ARG U 136 -5.50 28.94 -70.53
C ARG U 136 -6.15 29.19 -69.18
N ASN U 137 -5.46 28.79 -68.12
CA ASN U 137 -6.00 28.82 -66.77
C ASN U 137 -4.94 29.40 -65.86
N LEU U 138 -4.92 30.73 -65.74
CA LEU U 138 -3.98 31.43 -64.89
C LEU U 138 -4.48 31.48 -63.45
N VAL U 139 -3.67 31.02 -62.51
CA VAL U 139 -4.07 30.92 -61.12
C VAL U 139 -3.36 31.96 -60.25
N TYR U 140 -2.03 32.04 -60.33
CA TYR U 140 -1.28 33.00 -59.55
C TYR U 140 -0.33 33.80 -60.41
N THR U 141 -0.02 35.00 -59.95
CA THR U 141 1.15 35.75 -60.38
C THR U 141 2.11 35.80 -59.22
N VAL U 142 3.33 35.34 -59.44
CA VAL U 142 4.29 35.10 -58.38
C VAL U 142 5.48 36.01 -58.67
N LYS U 143 5.75 36.97 -57.79
CA LYS U 143 6.77 37.98 -58.01
C LYS U 143 7.82 37.98 -56.91
N ILE U 144 8.89 38.75 -57.13
CA ILE U 144 9.97 38.92 -56.16
C ILE U 144 9.87 40.29 -55.51
N ASN U 145 10.07 40.31 -54.21
CA ASN U 145 10.21 41.54 -53.45
C ASN U 145 11.49 42.24 -53.91
N PRO U 146 11.48 43.55 -54.18
CA PRO U 146 12.69 44.23 -54.67
C PRO U 146 13.86 44.30 -53.68
N THR U 147 13.71 43.85 -52.43
CA THR U 147 14.79 43.89 -51.45
C THR U 147 15.39 42.51 -51.22
N LEU U 148 15.52 41.73 -52.28
CA LEU U 148 16.04 40.38 -52.23
C LEU U 148 17.54 40.38 -52.52
N GLU U 149 18.24 39.38 -52.00
CA GLU U 149 19.67 39.22 -52.17
C GLU U 149 19.98 38.01 -53.07
N LEU U 150 21.23 37.97 -53.53
CA LEU U 150 21.69 36.98 -54.49
C LEU U 150 21.88 35.62 -53.85
N SER U 151 21.99 34.60 -54.71
CA SER U 151 22.19 33.25 -54.25
C SER U 151 23.63 33.06 -53.79
N SER U 152 23.87 31.94 -53.12
CA SER U 152 25.19 31.64 -52.60
C SER U 152 26.15 31.23 -53.71
N GLY U 153 25.66 30.51 -54.70
CA GLY U 153 26.50 30.08 -55.80
C GLY U 153 26.75 31.16 -56.81
N PHE U 154 25.75 32.01 -57.05
CA PHE U 154 25.91 33.06 -58.05
C PHE U 154 26.81 34.18 -57.55
N ARG U 155 26.78 34.45 -56.25
CA ARG U 155 27.67 35.45 -55.67
C ARG U 155 29.12 35.01 -55.73
N LYS U 156 29.36 33.71 -55.54
CA LYS U 156 30.72 33.17 -55.58
C LYS U 156 31.35 33.31 -56.95
N GLU U 157 30.56 33.14 -58.01
CA GLU U 157 31.12 33.22 -59.34
C GLU U 157 31.24 34.64 -59.84
N LEU U 158 30.53 35.59 -59.22
CA LEU U 158 30.79 37.00 -59.49
C LEU U 158 32.02 37.49 -58.76
N LEU U 159 32.30 36.92 -57.59
CA LEU U 159 33.50 37.27 -56.85
C LEU U 159 34.76 36.70 -57.48
N ASP U 160 34.63 35.62 -58.25
CA ASP U 160 35.77 35.10 -58.98
C ASP U 160 36.08 35.92 -60.22
N ILE U 161 35.07 36.47 -60.86
CA ILE U 161 35.30 37.47 -61.90
C ILE U 161 35.87 38.73 -61.29
N SER U 162 35.41 39.06 -60.08
CA SER U 162 35.86 40.25 -59.38
C SER U 162 37.34 40.21 -59.04
N ASP U 163 37.86 39.02 -58.73
CA ASP U 163 39.27 38.89 -58.40
C ASP U 163 40.16 39.10 -59.61
N ARG U 164 39.70 38.66 -60.78
CA ARG U 164 40.49 38.80 -62.00
C ARG U 164 40.53 40.23 -62.49
N LEU U 165 39.49 41.03 -62.23
CA LEU U 165 39.55 42.44 -62.60
C LEU U 165 40.47 43.24 -61.69
N GLU U 166 40.69 42.77 -60.46
CA GLU U 166 41.63 43.44 -59.57
C GLU U 166 43.06 43.27 -60.06
N ASN U 167 43.43 42.06 -60.44
CA ASN U 167 44.78 41.68 -60.81
C ASN U 167 45.14 42.07 -62.24
N ASN U 168 44.31 42.85 -62.93
CA ASN U 168 44.47 43.22 -64.32
C ASN U 168 44.64 41.97 -65.19
N GLN U 169 43.67 41.07 -65.08
CA GLN U 169 43.66 39.84 -65.86
C GLN U 169 42.38 39.84 -66.68
N THR U 170 42.43 40.51 -67.82
CA THR U 170 41.23 40.80 -68.57
C THR U 170 40.78 39.61 -69.41
N ARG U 171 41.72 38.88 -69.99
CA ARG U 171 41.37 37.72 -70.80
C ARG U 171 40.82 36.58 -69.96
N MET U 172 41.25 36.48 -68.71
CA MET U 172 40.76 35.41 -67.86
C MET U 172 39.44 35.79 -67.21
N ALA U 173 39.18 37.08 -67.06
CA ALA U 173 37.88 37.53 -66.57
C ALA U 173 36.82 37.44 -67.66
N THR U 174 37.20 37.69 -68.91
CA THR U 174 36.29 37.55 -70.04
C THR U 174 35.89 36.10 -70.23
N TYR U 175 36.81 35.18 -69.98
CA TYR U 175 36.49 33.76 -70.03
C TYR U 175 35.49 33.36 -68.95
N LEU U 176 35.71 33.81 -67.73
CA LEU U 176 34.80 33.47 -66.65
C LEU U 176 33.45 34.18 -66.75
N ALA U 177 33.40 35.33 -67.41
CA ALA U 177 32.12 35.99 -67.61
C ALA U 177 31.24 35.22 -68.57
N GLU U 178 31.84 34.54 -69.55
CA GLU U 178 31.09 33.74 -70.49
C GLU U 178 30.65 32.40 -69.92
N LEU U 179 31.35 31.88 -68.93
CA LEU U 179 30.85 30.71 -68.23
C LEU U 179 29.73 31.06 -67.27
N LEU U 180 29.58 32.33 -66.92
CA LEU U 180 28.43 32.75 -66.13
C LEU U 180 27.17 32.70 -66.97
N VAL U 181 27.30 32.97 -68.27
CA VAL U 181 26.16 32.96 -69.18
C VAL U 181 25.80 31.54 -69.59
N LEU U 182 26.78 30.63 -69.65
CA LEU U 182 26.47 29.22 -69.83
C LEU U 182 25.65 28.67 -68.68
N ASN U 183 25.96 29.09 -67.46
CA ASN U 183 25.35 28.47 -66.30
C ASN U 183 24.11 29.21 -65.81
N TYR U 184 23.98 30.50 -66.12
CA TYR U 184 22.89 31.29 -65.58
C TYR U 184 22.08 32.05 -66.62
N GLY U 185 22.39 31.90 -67.90
CA GLY U 185 21.55 32.49 -68.92
C GLY U 185 21.83 33.96 -69.15
N THR U 186 20.88 34.60 -69.82
CA THR U 186 20.98 36.00 -70.17
C THR U 186 20.01 36.89 -69.41
N HIS U 187 19.07 36.30 -68.67
CA HIS U 187 18.00 37.02 -68.02
C HIS U 187 17.72 36.38 -66.67
N VAL U 188 17.02 37.13 -65.82
CA VAL U 188 16.52 36.64 -64.54
C VAL U 188 15.02 36.82 -64.53
N THR U 189 14.29 35.75 -64.26
CA THR U 189 12.84 35.85 -64.23
C THR U 189 12.42 36.59 -62.96
N THR U 190 11.68 37.68 -63.13
CA THR U 190 11.20 38.42 -61.98
C THR U 190 9.73 38.18 -61.67
N SER U 191 8.96 37.70 -62.62
CA SER U 191 7.61 37.24 -62.32
C SER U 191 7.26 36.08 -63.21
N VAL U 192 6.55 35.12 -62.64
CA VAL U 192 6.03 33.97 -63.37
C VAL U 192 4.52 33.94 -63.17
N ASP U 193 3.84 33.35 -64.13
CA ASP U 193 2.40 33.11 -64.07
C ASP U 193 2.18 31.62 -63.89
N ALA U 194 1.66 31.23 -62.75
CA ALA U 194 1.44 29.83 -62.45
C ALA U 194 0.06 29.38 -62.92
N GLY U 195 0.03 28.35 -63.74
CA GLY U 195 -1.24 27.83 -64.21
C GLY U 195 -1.05 26.69 -65.17
N ALA U 196 -2.09 26.43 -65.95
CA ALA U 196 -2.08 25.34 -66.91
C ALA U 196 -2.65 25.83 -68.23
N ALA U 197 -2.37 25.09 -69.30
CA ALA U 197 -2.87 25.44 -70.61
C ALA U 197 -3.02 24.17 -71.44
N LEU U 198 -4.02 24.16 -72.31
CA LEU U 198 -4.24 23.05 -73.23
C LEU U 198 -4.27 23.65 -74.62
N ILE U 199 -3.34 23.26 -75.47
CA ILE U 199 -3.09 23.94 -76.73
C ILE U 199 -3.29 22.98 -77.90
N GLN U 200 -3.99 23.45 -78.93
CA GLN U 200 -4.10 22.81 -80.23
C GLN U 200 -3.22 23.55 -81.22
N GLU U 201 -2.52 22.83 -82.08
CA GLU U 201 -1.70 23.50 -83.10
C GLU U 201 -1.81 22.73 -84.40
N ASP U 202 -2.64 23.22 -85.31
CA ASP U 202 -2.79 22.63 -86.63
C ASP U 202 -1.94 23.38 -87.64
N HIS U 203 -1.55 22.67 -88.68
CA HIS U 203 -0.90 23.27 -89.84
C HIS U 203 -1.74 23.02 -91.06
N LEU U 204 -2.07 24.08 -91.78
CA LEU U 204 -2.93 24.02 -92.95
C LEU U 204 -2.14 24.49 -94.16
N ARG U 205 -2.48 23.99 -95.34
CA ARG U 205 -1.84 24.47 -96.54
C ARG U 205 -2.17 25.93 -96.78
N ALA U 206 -1.19 26.69 -97.27
CA ALA U 206 -1.36 28.13 -97.42
C ALA U 206 -2.32 28.48 -98.54
N SER U 207 -2.61 27.54 -99.44
CA SER U 207 -3.61 27.73 -100.46
C SER U 207 -5.02 27.74 -99.89
N PHE U 208 -5.22 27.12 -98.74
CA PHE U 208 -6.55 27.00 -98.15
C PHE U 208 -7.03 28.31 -97.55
N LEU U 209 -6.13 29.22 -97.19
CA LEU U 209 -6.50 30.48 -96.58
C LEU U 209 -6.72 31.58 -97.61
N GLN U 210 -6.21 31.44 -98.81
CA GLN U 210 -6.20 32.48 -99.83
C GLN U 210 -7.57 32.77 -100.45
N ASP U 211 -8.71 32.32 -99.93
CA ASP U 211 -9.98 32.52 -100.60
C ASP U 211 -10.47 33.96 -100.47
N SER U 212 -10.76 34.40 -99.24
CA SER U 212 -11.23 35.76 -98.99
C SER U 212 -11.01 36.08 -97.51
N GLN U 213 -11.48 37.26 -97.10
CA GLN U 213 -11.50 37.65 -95.71
C GLN U 213 -12.76 37.19 -94.99
N SER U 214 -13.72 36.61 -95.72
CA SER U 214 -14.87 35.96 -95.11
C SER U 214 -14.66 34.46 -94.97
N SER U 215 -13.77 33.88 -95.76
CA SER U 215 -13.37 32.50 -95.54
C SER U 215 -12.51 32.38 -94.29
N ARG U 216 -11.80 33.46 -93.95
CA ARG U 216 -10.88 33.44 -92.80
C ARG U 216 -11.64 33.25 -91.50
N SER U 217 -12.80 33.87 -91.36
CA SER U 217 -13.60 33.72 -90.15
C SER U 217 -14.38 32.41 -90.11
N ALA U 218 -14.26 31.57 -91.13
CA ALA U 218 -14.82 30.23 -91.08
C ALA U 218 -13.76 29.14 -90.97
N VAL U 219 -12.56 29.39 -91.50
CA VAL U 219 -11.40 28.58 -91.18
C VAL U 219 -11.11 28.63 -89.69
N THR U 220 -11.22 29.83 -89.11
CA THR U 220 -10.82 30.09 -87.73
C THR U 220 -11.81 29.47 -86.75
N ALA U 221 -13.09 29.53 -87.04
CA ALA U 221 -14.08 28.94 -86.14
C ALA U 221 -14.26 27.45 -86.38
N SER U 222 -13.63 26.90 -87.42
CA SER U 222 -13.64 25.46 -87.61
C SER U 222 -12.59 24.79 -86.74
N ALA U 223 -11.43 25.44 -86.60
CA ALA U 223 -10.36 24.92 -85.77
C ALA U 223 -10.74 24.93 -84.30
N GLY U 224 -11.53 25.90 -83.87
CA GLY U 224 -12.01 25.90 -82.50
C GLY U 224 -13.10 24.89 -82.26
N LEU U 225 -13.79 24.47 -83.31
CA LEU U 225 -14.81 23.45 -83.18
C LEU U 225 -14.19 22.07 -83.13
N ALA U 226 -13.14 21.84 -83.93
CA ALA U 226 -12.41 20.59 -83.90
C ALA U 226 -11.71 20.37 -82.57
N PHE U 227 -11.27 21.46 -81.94
CA PHE U 227 -10.58 21.35 -80.66
C PHE U 227 -11.54 20.95 -79.55
N GLN U 228 -12.77 21.43 -79.60
CA GLN U 228 -13.74 21.05 -78.58
C GLN U 228 -14.27 19.64 -78.83
N ASN U 229 -14.27 19.18 -80.07
CA ASN U 229 -14.62 17.79 -80.32
C ASN U 229 -13.55 16.85 -79.80
N THR U 230 -12.27 17.23 -79.99
CA THR U 230 -11.16 16.38 -79.60
C THR U 230 -11.08 16.21 -78.09
N VAL U 231 -11.42 17.25 -77.33
CA VAL U 231 -11.42 17.06 -75.88
C VAL U 231 -12.63 16.25 -75.44
N ASN U 232 -13.79 16.42 -76.06
CA ASN U 232 -14.98 15.78 -75.53
C ASN U 232 -15.21 14.36 -76.04
N PHE U 233 -14.84 14.02 -77.27
CA PHE U 233 -15.42 12.85 -77.93
C PHE U 233 -14.45 11.71 -78.24
N LYS U 234 -13.60 11.34 -77.28
CA LYS U 234 -13.16 9.95 -77.04
C LYS U 234 -12.46 9.28 -78.22
N PHE U 235 -11.95 10.08 -79.17
CA PHE U 235 -11.32 9.71 -80.46
C PHE U 235 -12.33 9.15 -81.46
N GLU U 236 -13.56 8.92 -81.03
CA GLU U 236 -14.56 8.33 -81.90
C GLU U 236 -15.10 9.38 -82.86
N GLU U 237 -15.84 8.92 -83.86
CA GLU U 237 -16.51 9.84 -84.76
C GLU U 237 -17.94 10.12 -84.30
N ASN U 238 -18.04 10.50 -83.02
CA ASN U 238 -19.23 11.09 -82.46
C ASN U 238 -19.17 12.61 -82.54
N TYR U 239 -18.41 13.14 -83.49
CA TYR U 239 -18.19 14.57 -83.59
C TYR U 239 -19.43 15.28 -84.11
N THR U 240 -19.60 16.53 -83.67
CA THR U 240 -20.66 17.39 -84.17
C THR U 240 -20.15 18.24 -85.33
N SER U 241 -19.75 17.53 -86.40
CA SER U 241 -19.23 18.18 -87.60
C SER U 241 -20.33 18.95 -88.30
N GLN U 242 -20.25 20.28 -88.23
CA GLN U 242 -21.38 21.14 -88.57
C GLN U 242 -21.55 21.37 -90.07
N ASN U 243 -20.48 21.25 -90.85
CA ASN U 243 -20.54 21.68 -92.25
C ASN U 243 -19.76 20.69 -93.11
N VAL U 244 -19.69 21.04 -94.39
CA VAL U 244 -18.69 20.46 -95.28
C VAL U 244 -17.36 21.18 -95.11
N LEU U 245 -17.40 22.40 -94.59
CA LEU U 245 -16.19 23.16 -94.32
C LEU U 245 -15.36 22.53 -93.22
N THR U 246 -15.99 21.80 -92.30
CA THR U 246 -15.25 20.97 -91.37
C THR U 246 -14.55 19.83 -92.10
N LYS U 247 -15.24 19.22 -93.07
CA LYS U 247 -14.64 18.13 -93.83
C LYS U 247 -13.56 18.63 -94.77
N SER U 248 -13.75 19.81 -95.35
CA SER U 248 -12.69 20.38 -96.18
C SER U 248 -11.53 20.89 -95.35
N TYR U 249 -11.76 21.20 -94.08
CA TYR U 249 -10.67 21.60 -93.18
C TYR U 249 -9.70 20.46 -92.95
N LEU U 250 -10.22 19.23 -92.86
CA LEU U 250 -9.39 18.09 -92.52
C LEU U 250 -8.49 17.69 -93.67
N SER U 251 -8.92 17.92 -94.90
CA SER U 251 -8.15 17.47 -96.04
C SER U 251 -7.00 18.40 -96.38
N ASN U 252 -7.06 19.66 -95.97
CA ASN U 252 -5.94 20.58 -96.12
C ASN U 252 -5.04 20.62 -94.90
N ARG U 253 -5.45 19.97 -93.82
CA ARG U 253 -4.66 19.93 -92.60
C ARG U 253 -3.39 19.14 -92.80
N THR U 254 -2.26 19.71 -92.39
CA THR U 254 -0.98 19.03 -92.54
C THR U 254 -0.53 18.30 -91.29
N ASN U 255 -0.51 18.91 -90.09
CA ASN U 255 0.13 18.22 -88.98
C ASN U 255 -0.75 17.91 -87.76
N SER U 256 -1.38 18.90 -87.12
CA SER U 256 -2.25 18.72 -85.94
C SER U 256 -1.65 18.09 -84.67
N ARG U 257 -0.84 18.83 -83.93
CA ARG U 257 -0.43 18.41 -82.59
C ARG U 257 -1.39 18.94 -81.52
N VAL U 258 -1.55 18.18 -80.45
CA VAL U 258 -2.28 18.62 -79.26
C VAL U 258 -1.32 18.58 -78.07
N GLN U 259 -1.20 19.69 -77.37
CA GLN U 259 -0.20 19.84 -76.32
C GLN U 259 -0.86 20.27 -75.02
N SER U 260 -0.54 19.58 -73.94
CA SER U 260 -0.97 19.95 -72.60
C SER U 260 0.24 20.46 -71.84
N ILE U 261 0.11 21.61 -71.19
CA ILE U 261 1.18 22.20 -70.40
C ILE U 261 0.64 22.40 -69.00
N GLY U 262 1.06 21.56 -68.08
CA GLY U 262 0.54 21.59 -66.73
C GLY U 262 -0.74 20.80 -66.61
N GLY U 263 -1.16 20.60 -65.37
CA GLY U 263 -2.34 19.81 -65.14
C GLY U 263 -2.08 18.33 -65.31
N VAL U 264 -3.16 17.59 -65.54
CA VAL U 264 -3.08 16.15 -65.78
C VAL U 264 -2.77 15.92 -67.25
N PRO U 265 -2.20 14.78 -67.65
CA PRO U 265 -1.90 14.56 -69.06
C PRO U 265 -3.15 14.44 -69.90
N PHE U 266 -3.08 15.01 -71.10
CA PHE U 266 -4.22 14.99 -72.01
C PHE U 266 -4.34 13.64 -72.69
N TYR U 267 -5.58 13.20 -72.88
CA TYR U 267 -5.94 12.12 -73.77
C TYR U 267 -7.24 12.50 -74.44
N PRO U 268 -7.45 12.10 -75.68
CA PRO U 268 -8.68 12.51 -76.38
C PRO U 268 -9.91 11.86 -75.78
N GLY U 269 -10.72 12.65 -75.09
CA GLY U 269 -11.83 12.10 -74.36
C GLY U 269 -11.95 12.62 -72.95
N ILE U 270 -10.90 13.22 -72.40
CA ILE U 270 -11.03 13.86 -71.10
C ILE U 270 -11.83 15.14 -71.29
N THR U 271 -12.92 15.25 -70.54
CA THR U 271 -13.78 16.41 -70.74
C THR U 271 -13.09 17.66 -70.22
N LEU U 272 -13.61 18.82 -70.65
CA LEU U 272 -13.01 20.07 -70.22
C LEU U 272 -13.24 20.32 -68.75
N GLN U 273 -14.33 19.78 -68.21
CA GLN U 273 -14.54 19.76 -66.77
C GLN U 273 -13.47 18.95 -66.06
N ALA U 274 -13.13 17.78 -66.58
CA ALA U 274 -12.24 16.88 -65.87
C ALA U 274 -10.78 17.30 -66.00
N TRP U 275 -10.42 17.97 -67.09
CA TRP U 275 -9.06 18.51 -67.21
C TRP U 275 -8.84 19.63 -66.21
N GLN U 276 -9.87 20.41 -65.92
CA GLN U 276 -9.78 21.53 -65.00
C GLN U 276 -9.83 21.11 -63.54
N GLN U 277 -10.13 19.87 -63.25
CA GLN U 277 -10.03 19.39 -61.87
C GLN U 277 -8.62 18.94 -61.51
N GLY U 278 -7.80 18.63 -62.50
CA GLY U 278 -6.45 18.22 -62.27
C GLY U 278 -5.43 19.31 -62.31
N ILE U 279 -5.86 20.56 -62.44
CA ILE U 279 -4.94 21.69 -62.44
C ILE U 279 -4.39 21.93 -61.05
N THR U 280 -5.17 21.62 -60.03
CA THR U 280 -4.74 21.76 -58.64
C THR U 280 -3.56 20.85 -58.34
N ASN U 281 -2.49 21.45 -57.82
CA ASN U 281 -1.18 20.88 -57.47
C ASN U 281 -0.34 20.47 -58.67
N HIS U 282 -0.77 20.77 -59.89
CA HIS U 282 0.05 20.58 -61.08
C HIS U 282 0.07 21.91 -61.80
N LEU U 283 0.90 22.84 -61.35
CA LEU U 283 0.97 24.17 -61.93
C LEU U 283 2.35 24.38 -62.51
N VAL U 284 2.42 25.01 -63.67
CA VAL U 284 3.67 25.31 -64.33
C VAL U 284 3.67 26.79 -64.69
N ALA U 285 4.81 27.26 -65.17
CA ALA U 285 4.92 28.63 -65.63
C ALA U 285 4.37 28.71 -67.05
N ILE U 286 3.23 29.36 -67.22
CA ILE U 286 2.68 29.59 -68.55
C ILE U 286 3.02 30.96 -69.09
N ASP U 287 3.65 31.82 -68.29
CA ASP U 287 4.19 33.09 -68.77
C ASP U 287 5.28 33.53 -67.81
N ARG U 288 6.19 34.36 -68.31
CA ARG U 288 7.33 34.86 -67.55
C ARG U 288 7.61 36.29 -67.94
N SER U 289 8.11 37.06 -66.98
CA SER U 289 8.70 38.36 -67.25
C SER U 289 10.09 38.39 -66.64
N GLY U 290 10.92 39.32 -67.10
CA GLY U 290 12.27 39.34 -66.57
C GLY U 290 13.02 40.63 -66.85
N LEU U 291 14.28 40.61 -66.46
CA LEU U 291 15.24 41.68 -66.65
C LEU U 291 16.56 41.03 -67.04
N PRO U 292 17.44 41.76 -67.74
CA PRO U 292 18.74 41.19 -68.09
C PRO U 292 19.61 40.91 -66.88
N LEU U 293 20.63 40.09 -67.10
CA LEU U 293 21.41 39.53 -65.99
C LEU U 293 22.31 40.57 -65.35
N HIS U 294 22.76 41.57 -66.10
CA HIS U 294 23.62 42.60 -65.57
C HIS U 294 22.85 43.69 -64.84
N PHE U 295 21.52 43.65 -64.86
CA PHE U 295 20.74 44.58 -64.06
C PHE U 295 20.95 44.33 -62.58
N PHE U 296 21.16 43.08 -62.20
CA PHE U 296 21.29 42.69 -60.81
C PHE U 296 22.73 42.66 -60.35
N ILE U 297 23.64 43.22 -61.13
CA ILE U 297 25.01 43.42 -60.69
C ILE U 297 25.19 44.90 -60.46
N ASN U 298 24.94 45.33 -59.24
CA ASN U 298 24.93 46.75 -58.87
C ASN U 298 25.46 46.84 -57.45
N PRO U 299 25.84 48.03 -56.98
CA PRO U 299 26.39 48.14 -55.61
C PRO U 299 25.41 47.77 -54.50
N ASN U 300 24.12 47.67 -54.77
CA ASN U 300 23.17 47.26 -53.75
C ASN U 300 23.22 45.76 -53.51
N MET U 301 23.29 44.96 -54.58
CA MET U 301 23.32 43.50 -54.43
C MET U 301 24.66 43.02 -53.89
N LEU U 302 25.74 43.76 -54.14
CA LEU U 302 27.09 43.39 -53.73
C LEU U 302 27.59 44.48 -52.79
N PRO U 303 27.25 44.41 -51.50
CA PRO U 303 27.64 45.47 -50.57
C PRO U 303 29.03 45.30 -50.00
N ASP U 304 29.66 44.15 -50.19
CA ASP U 304 30.99 43.89 -49.67
C ASP U 304 32.08 44.08 -50.72
N LEU U 305 31.81 44.84 -51.77
CA LEU U 305 32.77 45.17 -52.80
C LEU U 305 32.70 46.66 -53.08
N PRO U 306 33.78 47.27 -53.55
CA PRO U 306 33.73 48.70 -53.85
C PRO U 306 32.84 49.03 -55.04
N GLY U 307 32.48 50.31 -55.12
CA GLY U 307 31.59 50.84 -56.12
C GLY U 307 32.01 50.67 -57.57
N PRO U 308 33.17 51.20 -57.95
CA PRO U 308 33.59 51.05 -59.35
C PRO U 308 34.01 49.66 -59.73
N LEU U 309 34.19 48.76 -58.78
CA LEU U 309 34.61 47.41 -59.10
C LEU U 309 33.44 46.49 -59.40
N VAL U 310 32.24 46.78 -58.89
CA VAL U 310 31.07 46.02 -59.31
C VAL U 310 30.50 46.56 -60.61
N LYS U 311 30.98 47.70 -61.09
CA LYS U 311 30.66 48.18 -62.42
C LYS U 311 31.58 47.63 -63.48
N LYS U 312 32.74 47.08 -63.09
CA LYS U 312 33.56 46.35 -64.04
C LYS U 312 33.03 44.94 -64.24
N VAL U 313 32.48 44.35 -63.17
CA VAL U 313 31.85 43.04 -63.28
C VAL U 313 30.57 43.12 -64.09
N SER U 314 29.81 44.20 -63.89
CA SER U 314 28.56 44.37 -64.62
C SER U 314 28.79 44.67 -66.08
N LYS U 315 29.90 45.29 -66.43
CA LYS U 315 30.19 45.59 -67.82
C LYS U 315 30.80 44.39 -68.53
N THR U 316 31.56 43.56 -67.83
CA THR U 316 32.14 42.39 -68.49
C THR U 316 31.14 41.25 -68.65
N VAL U 317 30.00 41.31 -67.98
CA VAL U 317 28.93 40.34 -68.19
C VAL U 317 27.94 40.85 -69.23
N GLU U 318 27.72 42.16 -69.29
CA GLU U 318 26.91 42.76 -70.35
C GLU U 318 27.54 42.54 -71.72
N THR U 319 28.87 42.53 -71.79
CA THR U 319 29.56 42.26 -73.04
C THR U 319 29.47 40.80 -73.41
N ALA U 320 29.48 39.90 -72.43
CA ALA U 320 29.42 38.47 -72.72
C ALA U 320 28.04 38.04 -73.17
N VAL U 321 26.99 38.67 -72.64
CA VAL U 321 25.63 38.37 -73.08
C VAL U 321 25.41 38.91 -74.48
N LYS U 322 25.92 40.10 -74.77
CA LYS U 322 25.77 40.69 -76.09
C LYS U 322 26.56 39.94 -77.15
N ARG U 323 27.68 39.34 -76.76
CA ARG U 323 28.45 38.52 -77.68
C ARG U 323 27.73 37.22 -78.00
N TYR U 324 26.90 36.75 -77.08
CA TYR U 324 26.17 35.50 -77.29
C TYR U 324 25.03 35.67 -78.26
N TYR U 325 24.40 36.84 -78.30
CA TYR U 325 23.36 37.10 -79.29
C TYR U 325 23.94 37.33 -80.68
N THR U 326 25.15 37.87 -80.76
CA THR U 326 25.73 38.21 -82.06
C THR U 326 26.19 36.96 -82.78
N PHE U 327 26.71 35.98 -82.06
CA PHE U 327 27.20 34.77 -82.69
C PHE U 327 26.09 33.82 -83.09
N ASN U 328 24.85 34.11 -82.70
CA ASN U 328 23.69 33.28 -83.03
C ASN U 328 22.71 34.07 -83.89
N THR U 329 23.21 35.04 -84.64
CA THR U 329 22.40 35.83 -85.55
C THR U 329 22.79 35.48 -86.97
N TYR U 330 21.80 35.08 -87.77
CA TYR U 330 22.00 34.65 -89.16
C TYR U 330 21.14 35.52 -90.06
N PRO U 331 21.67 36.61 -90.60
CA PRO U 331 20.91 37.37 -91.58
C PRO U 331 20.85 36.65 -92.91
N GLY U 332 19.74 36.82 -93.61
CA GLY U 332 19.56 36.17 -94.89
C GLY U 332 18.16 36.41 -95.42
N CYS U 333 17.91 35.83 -96.58
CA CYS U 333 16.60 35.92 -97.20
C CYS U 333 15.63 34.98 -96.49
N THR U 334 14.55 35.55 -95.96
CA THR U 334 13.61 34.78 -95.17
C THR U 334 12.30 34.49 -95.89
N ASP U 335 12.11 35.02 -97.10
CA ASP U 335 10.89 34.78 -97.86
C ASP U 335 11.02 33.43 -98.57
N LEU U 336 10.10 32.51 -98.26
CA LEU U 336 10.21 31.15 -98.78
C LEU U 336 9.87 31.06 -100.26
N ASN U 337 9.20 32.06 -100.82
CA ASN U 337 8.85 32.05 -102.23
C ASN U 337 9.94 32.63 -103.12
N SER U 338 10.91 33.33 -102.54
CA SER U 338 12.03 33.86 -103.32
C SER U 338 12.95 32.72 -103.74
N PRO U 339 13.58 32.81 -104.92
CA PRO U 339 14.45 31.72 -105.36
C PRO U 339 15.72 31.58 -104.54
N ASN U 340 16.24 32.67 -104.02
CA ASN U 340 17.41 32.62 -103.15
C ASN U 340 17.03 32.59 -101.66
N PHE U 341 16.14 31.66 -101.30
CA PHE U 341 15.68 31.54 -99.93
C PHE U 341 16.77 30.95 -99.03
N ASN U 342 17.07 31.65 -97.95
CA ASN U 342 18.04 31.18 -96.97
C ASN U 342 17.27 30.51 -95.86
N PHE U 343 17.15 29.19 -95.95
CA PHE U 343 16.89 28.38 -94.77
C PHE U 343 18.12 28.47 -93.90
N GLN U 344 17.92 28.24 -92.59
CA GLN U 344 18.90 28.54 -91.53
C GLN U 344 19.25 30.03 -91.52
N ALA U 345 18.24 30.88 -91.41
CA ALA U 345 18.41 32.31 -91.26
C ALA U 345 17.37 32.85 -90.29
N ASN U 346 17.80 33.71 -89.38
CA ASN U 346 16.95 34.25 -88.33
C ASN U 346 16.38 35.62 -88.68
N THR U 347 17.22 36.50 -89.18
CA THR U 347 16.88 37.91 -89.34
C THR U 347 16.67 38.21 -90.82
N ASP U 348 15.63 38.98 -91.12
CA ASP U 348 15.33 39.37 -92.47
C ASP U 348 16.41 40.33 -92.97
N ASP U 349 17.11 39.93 -94.03
CA ASP U 349 18.24 40.71 -94.52
C ASP U 349 17.78 41.91 -95.35
N GLY U 350 16.55 41.89 -95.86
CA GLY U 350 16.10 42.94 -96.73
C GLY U 350 16.64 42.88 -98.14
N SER U 351 17.30 41.78 -98.50
CA SER U 351 17.83 41.58 -99.85
C SER U 351 17.27 40.24 -100.32
N CYS U 352 16.06 40.27 -100.87
CA CYS U 352 15.39 39.07 -101.33
C CYS U 352 15.42 38.92 -102.85
N GLU U 353 15.89 39.94 -103.56
CA GLU U 353 16.01 39.89 -105.01
C GLU U 353 17.42 40.31 -105.38
N GLY U 354 18.24 39.35 -105.82
CA GLY U 354 19.59 39.62 -106.23
C GLY U 354 19.71 39.79 -107.74
N LYS U 355 20.94 40.04 -108.17
CA LYS U 355 21.21 40.29 -109.59
C LYS U 355 22.04 39.20 -110.25
N MET U 356 22.59 38.26 -109.47
CA MET U 356 23.44 37.16 -109.95
C MET U 356 24.66 37.70 -110.71
N THR U 357 25.53 38.35 -109.94
CA THR U 357 26.78 38.86 -110.48
C THR U 357 27.90 37.90 -110.10
N ASN U 358 28.56 37.33 -111.10
CA ASN U 358 29.71 36.48 -110.86
C ASN U 358 30.94 37.35 -110.62
N PHE U 359 31.73 37.00 -109.62
CA PHE U 359 32.87 37.79 -109.21
C PHE U 359 34.16 37.01 -109.39
N SER U 360 35.28 37.71 -109.19
CA SER U 360 36.61 37.18 -109.40
C SER U 360 37.30 37.02 -108.06
N PHE U 361 37.75 35.81 -107.76
CA PHE U 361 38.46 35.52 -106.51
C PHE U 361 39.95 35.71 -106.74
N GLY U 362 40.50 36.80 -106.24
CA GLY U 362 41.88 37.16 -106.47
C GLY U 362 42.89 36.55 -105.53
N GLY U 363 42.47 35.64 -104.64
CA GLY U 363 43.39 34.94 -103.79
C GLY U 363 43.62 35.63 -102.46
N VAL U 364 44.27 34.91 -101.56
CA VAL U 364 44.54 35.38 -100.20
C VAL U 364 46.04 35.29 -99.95
N TYR U 365 46.53 36.15 -99.06
CA TYR U 365 47.90 36.07 -98.58
C TYR U 365 47.96 36.63 -97.17
N GLN U 366 48.92 36.13 -96.40
CA GLN U 366 49.02 36.45 -94.98
C GLN U 366 50.47 36.77 -94.63
N GLU U 367 50.68 37.91 -94.00
CA GLU U 367 51.98 38.28 -93.52
C GLU U 367 52.19 37.75 -92.10
N CYS U 368 53.45 37.73 -91.67
CA CYS U 368 53.78 37.41 -90.30
C CYS U 368 54.92 38.31 -89.82
N THR U 369 54.94 38.57 -88.52
CA THR U 369 55.95 39.43 -87.91
C THR U 369 56.25 38.90 -86.53
N GLN U 370 57.44 38.30 -86.36
CA GLN U 370 57.84 37.75 -85.08
C GLN U 370 58.07 38.87 -84.08
N LEU U 371 57.50 38.72 -82.88
CA LEU U 371 57.64 39.71 -81.82
C LEU U 371 58.58 39.29 -80.72
N SER U 372 58.55 38.01 -80.33
CA SER U 372 59.42 37.49 -79.29
C SER U 372 59.57 36.00 -79.49
N GLY U 373 60.68 35.46 -78.97
CA GLY U 373 60.94 34.04 -79.08
C GLY U 373 61.71 33.66 -80.31
N ASN U 374 62.76 34.43 -80.62
CA ASN U 374 63.55 34.19 -81.82
C ASN U 374 64.43 32.97 -81.66
N ARG U 375 64.71 32.32 -82.80
CA ARG U 375 65.60 31.16 -82.94
C ARG U 375 65.15 29.95 -82.13
N ASP U 376 63.88 29.89 -81.74
CA ASP U 376 63.36 28.78 -80.97
C ASP U 376 62.19 28.08 -81.63
N VAL U 377 61.22 28.84 -82.14
CA VAL U 377 60.00 28.28 -82.70
C VAL U 377 59.95 28.48 -84.21
N LEU U 378 60.37 29.66 -84.69
CA LEU U 378 60.17 30.16 -86.05
C LEU U 378 58.68 30.16 -86.40
N LEU U 379 57.95 31.01 -85.66
CA LEU U 379 56.52 31.17 -85.87
C LEU U 379 56.19 31.72 -87.24
N CYS U 380 57.08 32.53 -87.81
CA CYS U 380 56.83 33.21 -89.07
C CYS U 380 57.18 32.34 -90.27
N GLN U 381 57.13 31.02 -90.12
CA GLN U 381 57.37 30.08 -91.21
C GLN U 381 56.16 29.19 -91.49
N LYS U 382 55.54 28.65 -90.44
CA LYS U 382 54.32 27.88 -90.59
C LYS U 382 53.07 28.73 -90.43
N LEU U 383 53.20 30.06 -90.49
CA LEU U 383 52.10 30.98 -90.35
C LEU U 383 52.10 32.00 -91.48
N GLU U 384 52.80 31.69 -92.57
CA GLU U 384 53.01 32.63 -93.66
C GLU U 384 52.47 32.00 -94.94
N GLN U 385 51.71 32.79 -95.71
CA GLN U 385 51.12 32.30 -96.95
C GLN U 385 51.24 33.38 -98.02
N LYS U 386 51.68 32.98 -99.21
CA LYS U 386 51.79 33.88 -100.35
C LYS U 386 50.69 33.61 -101.35
N ASN U 387 50.40 34.62 -102.15
CA ASN U 387 49.35 34.54 -103.16
C ASN U 387 49.83 33.66 -104.32
N PRO U 388 49.08 32.62 -104.70
CA PRO U 388 49.52 31.79 -105.84
C PRO U 388 49.47 32.50 -107.18
N LEU U 389 48.71 33.59 -107.30
CA LEU U 389 48.62 34.29 -108.57
C LEU U 389 49.83 35.18 -108.83
N THR U 390 50.52 35.63 -107.79
CA THR U 390 51.71 36.45 -107.95
C THR U 390 52.97 35.84 -107.36
N GLY U 391 52.86 34.86 -106.46
CA GLY U 391 54.02 34.38 -105.74
C GLY U 391 54.60 35.40 -104.80
N ASP U 392 53.78 36.31 -104.30
CA ASP U 392 54.26 37.48 -103.57
C ASP U 392 53.17 37.91 -102.61
N PHE U 393 53.50 38.86 -101.74
CA PHE U 393 52.54 39.44 -100.82
C PHE U 393 51.85 40.65 -101.46
N SER U 394 51.20 40.39 -102.58
CA SER U 394 50.52 41.42 -103.34
C SER U 394 49.45 40.78 -104.19
N CYS U 395 48.47 41.59 -104.58
CA CYS U 395 47.44 41.16 -105.51
C CYS U 395 47.96 41.32 -106.94
N PRO U 396 47.31 40.65 -107.92
CA PRO U 396 47.70 40.88 -109.32
C PRO U 396 47.35 42.25 -109.85
N SER U 397 47.59 42.46 -111.15
CA SER U 397 47.46 43.79 -111.76
C SER U 397 46.01 44.25 -111.78
N GLY U 398 45.07 43.33 -111.98
CA GLY U 398 43.68 43.71 -111.97
C GLY U 398 43.00 43.69 -110.63
N TYR U 399 43.76 43.58 -109.54
CA TYR U 399 43.18 43.40 -108.22
C TYR U 399 43.74 44.43 -107.24
N SER U 400 43.24 44.38 -106.00
CA SER U 400 43.59 45.31 -104.94
C SER U 400 43.45 44.62 -103.60
N PRO U 401 44.32 44.88 -102.63
CA PRO U 401 44.24 44.16 -101.34
C PRO U 401 43.23 44.77 -100.38
N VAL U 402 42.56 43.89 -99.64
CA VAL U 402 41.63 44.26 -98.58
C VAL U 402 42.08 43.57 -97.30
N HIS U 403 42.28 44.35 -96.25
CA HIS U 403 42.77 43.84 -94.97
C HIS U 403 41.63 43.24 -94.17
N LEU U 404 41.73 41.93 -93.88
CA LEU U 404 40.69 41.27 -93.10
C LEU U 404 40.86 41.52 -91.61
N LEU U 405 41.94 41.03 -91.04
CA LEU U 405 42.06 40.96 -89.59
C LEU U 405 43.53 40.82 -89.21
N SER U 406 43.89 41.43 -88.09
CA SER U 406 45.27 41.46 -87.61
C SER U 406 45.25 41.17 -86.12
N GLN U 407 45.81 40.03 -85.72
CA GLN U 407 45.84 39.63 -84.31
C GLN U 407 47.20 39.03 -83.98
N ILE U 408 47.35 38.63 -82.73
CA ILE U 408 48.60 38.09 -82.20
C ILE U 408 48.42 36.60 -81.96
N HIS U 409 49.33 35.81 -82.49
CA HIS U 409 49.34 34.37 -82.24
C HIS U 409 50.39 34.04 -81.18
N GLU U 410 50.12 33.03 -80.38
CA GLU U 410 51.02 32.61 -79.30
C GLU U 410 51.24 31.11 -79.37
N GLU U 411 52.50 30.70 -79.27
CA GLU U 411 52.85 29.30 -79.06
C GLU U 411 53.88 29.19 -77.95
N GLY U 412 54.06 27.98 -77.46
CA GLY U 412 54.96 27.71 -76.35
C GLY U 412 56.13 26.85 -76.77
N TYR U 413 57.30 27.14 -76.21
CA TYR U 413 58.49 26.35 -76.41
C TYR U 413 59.10 26.03 -75.06
N ASN U 414 60.11 25.15 -75.08
CA ASN U 414 60.47 24.39 -73.90
C ASN U 414 61.98 24.22 -73.83
N HIS U 415 62.57 24.60 -72.70
CA HIS U 415 63.95 24.27 -72.39
C HIS U 415 63.99 23.21 -71.31
N LEU U 416 65.10 22.46 -71.28
CA LEU U 416 65.29 21.43 -70.26
C LEU U 416 66.76 21.38 -69.91
N GLU U 417 67.08 21.76 -68.67
CA GLU U 417 68.45 21.84 -68.21
C GLU U 417 68.63 20.93 -67.00
N CYS U 418 69.75 20.20 -66.97
CA CYS U 418 70.03 19.26 -65.89
C CYS U 418 71.50 19.34 -65.54
N HIS U 419 71.81 19.36 -64.24
CA HIS U 419 73.18 19.17 -63.80
C HIS U 419 73.18 18.39 -62.51
N ARG U 420 74.27 17.65 -62.31
CA ARG U 420 74.41 16.71 -61.21
C ARG U 420 75.64 17.06 -60.39
N LYS U 421 75.51 16.93 -59.06
CA LYS U 421 76.57 17.32 -58.15
C LYS U 421 76.64 16.31 -57.01
N CYS U 422 77.85 15.89 -56.67
CA CYS U 422 78.07 14.92 -55.59
C CYS U 422 78.92 15.56 -54.51
N THR U 423 78.62 15.23 -53.25
CA THR U 423 79.25 15.85 -52.09
C THR U 423 79.71 14.77 -51.13
N LEU U 424 81.02 14.71 -50.89
CA LEU U 424 81.68 13.74 -49.99
C LEU U 424 81.47 12.30 -50.45
N LYS U 425 81.32 12.08 -51.76
CA LYS U 425 81.18 10.81 -52.48
C LYS U 425 79.88 10.06 -52.15
N VAL U 426 79.04 10.59 -51.27
CA VAL U 426 77.71 10.08 -50.99
C VAL U 426 76.85 11.26 -51.44
N PHE U 427 75.53 11.18 -51.30
CA PHE U 427 74.62 12.34 -51.35
C PHE U 427 74.64 13.02 -52.73
N CYS U 428 74.28 12.26 -53.75
CA CYS U 428 74.28 12.78 -55.10
C CYS U 428 73.02 13.63 -55.32
N LYS U 429 73.23 14.86 -55.80
CA LYS U 429 72.14 15.79 -56.04
C LYS U 429 71.98 16.01 -57.54
N THR U 430 70.75 15.89 -58.02
CA THR U 430 70.42 16.09 -59.43
C THR U 430 69.19 16.98 -59.50
N VAL U 431 69.32 18.13 -60.15
CA VAL U 431 68.20 19.04 -60.35
C VAL U 431 67.90 19.12 -61.85
N CYS U 432 66.61 19.05 -62.20
CA CYS U 432 66.16 19.00 -63.58
C CYS U 432 65.13 20.11 -63.76
N GLU U 433 65.53 21.20 -64.39
CA GLU U 433 64.68 22.37 -64.56
C GLU U 433 64.12 22.40 -65.98
N ASP U 434 62.83 22.73 -66.09
CA ASP U 434 62.11 22.70 -67.36
C ASP U 434 61.28 23.98 -67.50
N VAL U 435 61.75 24.91 -68.30
CA VAL U 435 61.14 26.23 -68.42
C VAL U 435 60.26 26.26 -69.66
N PHE U 436 59.03 26.72 -69.51
CA PHE U 436 58.07 26.87 -70.59
C PHE U 436 57.84 28.35 -70.84
N GLN U 437 58.19 28.82 -72.02
CA GLN U 437 58.01 30.23 -72.38
C GLN U 437 57.03 30.36 -73.53
N VAL U 438 56.56 31.58 -73.75
CA VAL U 438 55.53 31.87 -74.75
C VAL U 438 56.16 32.73 -75.84
N ALA U 439 56.06 32.27 -77.09
CA ALA U 439 56.55 33.00 -78.25
C ALA U 439 55.37 33.61 -78.99
N LYS U 440 55.47 34.90 -79.31
CA LYS U 440 54.38 35.64 -79.92
C LYS U 440 54.71 36.03 -81.35
N ALA U 441 53.66 36.30 -82.13
CA ALA U 441 53.81 36.69 -83.51
C ALA U 441 52.56 37.44 -83.97
N GLU U 442 52.77 38.52 -84.69
CA GLU U 442 51.69 39.28 -85.32
C GLU U 442 51.45 38.74 -86.72
N PHE U 443 50.18 38.55 -87.08
CA PHE U 443 49.85 38.22 -88.46
C PHE U 443 48.84 39.21 -89.00
N ARG U 444 48.91 39.45 -90.30
CA ARG U 444 47.99 40.33 -91.00
C ARG U 444 47.52 39.61 -92.26
N ALA U 445 46.25 39.25 -92.30
CA ALA U 445 45.67 38.53 -93.42
C ALA U 445 45.00 39.51 -94.37
N PHE U 446 45.35 39.43 -95.65
CA PHE U 446 44.80 40.28 -96.68
C PHE U 446 44.00 39.44 -97.66
N TRP U 447 43.35 40.14 -98.58
CA TRP U 447 42.43 39.51 -99.51
C TRP U 447 42.25 40.41 -100.72
N CYS U 448 42.21 39.79 -101.90
CA CYS U 448 42.21 40.51 -103.17
C CYS U 448 40.80 40.67 -103.72
N VAL U 449 40.55 41.81 -104.36
CA VAL U 449 39.23 42.16 -104.90
C VAL U 449 39.41 42.69 -106.32
N ALA U 450 38.51 42.28 -107.21
CA ALA U 450 38.53 42.80 -108.59
C ALA U 450 38.13 44.27 -108.59
N SER U 451 39.11 45.16 -108.74
CA SER U 451 38.87 46.59 -108.73
C SER U 451 39.21 47.27 -110.04
N SER U 452 39.66 46.52 -111.05
CA SER U 452 39.99 47.09 -112.35
C SER U 452 38.94 46.80 -113.41
N GLN U 453 38.00 45.89 -113.11
CA GLN U 453 36.75 45.60 -113.85
C GLN U 453 37.01 44.86 -115.16
N VAL U 454 38.27 44.74 -115.59
CA VAL U 454 38.59 43.99 -116.80
C VAL U 454 39.59 42.90 -116.45
N PRO U 455 39.15 41.71 -116.04
CA PRO U 455 40.07 40.58 -116.03
C PRO U 455 39.94 39.75 -117.30
N GLU U 456 40.98 39.00 -117.64
CA GLU U 456 40.86 37.99 -118.69
C GLU U 456 40.18 36.73 -118.14
N ASN U 457 40.80 36.10 -117.16
CA ASN U 457 40.21 35.02 -116.39
C ASN U 457 40.30 35.38 -114.92
N SER U 458 39.32 34.92 -114.14
CA SER U 458 39.20 35.33 -112.75
C SER U 458 40.32 34.76 -111.89
N GLY U 459 40.45 33.44 -111.89
CA GLY U 459 41.48 32.80 -111.10
C GLY U 459 40.94 32.14 -109.85
N LEU U 460 41.46 30.95 -109.57
CA LEU U 460 41.31 30.23 -108.31
C LEU U 460 39.85 29.94 -108.00
N LEU U 461 39.26 29.10 -108.84
CA LEU U 461 37.80 28.89 -108.82
C LEU U 461 37.41 27.89 -107.74
N PHE U 462 37.37 28.38 -106.50
CA PHE U 462 36.68 27.78 -105.35
C PHE U 462 36.69 28.80 -104.23
N GLY U 463 35.72 28.67 -103.33
CA GLY U 463 35.63 29.58 -102.21
C GLY U 463 35.19 28.95 -100.90
N GLY U 464 35.37 27.64 -100.77
CA GLY U 464 34.97 26.92 -99.58
C GLY U 464 36.11 26.68 -98.62
N LEU U 465 35.78 26.63 -97.34
CA LEU U 465 36.75 26.70 -96.26
C LEU U 465 36.58 25.51 -95.34
N PHE U 466 37.62 25.22 -94.56
CA PHE U 466 37.49 24.33 -93.42
C PHE U 466 38.55 24.71 -92.39
N SER U 467 38.20 24.58 -91.13
CA SER U 467 39.06 24.96 -90.03
C SER U 467 39.67 23.72 -89.40
N SER U 468 40.35 23.91 -88.27
CA SER U 468 40.74 22.80 -87.43
C SER U 468 39.59 22.25 -86.61
N LYS U 469 38.45 22.95 -86.60
CA LYS U 469 37.25 22.48 -85.91
C LYS U 469 36.02 22.51 -86.81
N SER U 470 36.18 22.80 -88.09
CA SER U 470 35.10 22.87 -89.04
C SER U 470 35.30 21.83 -90.13
N ILE U 471 34.37 21.79 -91.07
CA ILE U 471 34.32 20.78 -92.12
C ILE U 471 33.98 21.47 -93.43
N ASN U 472 34.75 21.17 -94.48
CA ASN U 472 34.40 21.61 -95.82
C ASN U 472 33.16 20.88 -96.28
N PRO U 473 32.06 21.57 -96.59
CA PRO U 473 30.84 20.85 -97.00
C PRO U 473 30.92 20.26 -98.39
N MET U 474 31.86 20.70 -99.22
CA MET U 474 32.03 20.10 -100.53
C MET U 474 32.82 18.80 -100.48
N THR U 475 33.39 18.43 -99.34
CA THR U 475 33.98 17.11 -99.14
C THR U 475 33.38 16.35 -97.97
N ASN U 476 32.63 17.03 -97.09
CA ASN U 476 32.14 16.50 -95.80
C ASN U 476 33.29 15.96 -94.95
N ALA U 477 34.44 16.64 -95.03
CA ALA U 477 35.63 16.25 -94.29
C ALA U 477 36.55 17.46 -94.24
N GLN U 478 37.69 17.27 -93.57
CA GLN U 478 38.74 18.29 -93.50
C GLN U 478 39.77 18.08 -94.61
N SER U 479 39.29 18.10 -95.84
CA SER U 479 40.14 17.82 -96.98
C SER U 479 39.69 18.68 -98.16
N CYS U 480 40.53 18.72 -99.16
CA CYS U 480 40.28 19.44 -100.40
C CYS U 480 39.52 18.54 -101.36
N PRO U 481 38.80 19.11 -102.32
CA PRO U 481 38.21 18.29 -103.38
C PRO U 481 39.25 17.81 -104.39
N ALA U 482 38.80 17.15 -105.46
CA ALA U 482 39.69 16.52 -106.43
C ALA U 482 40.45 17.58 -107.23
N GLY U 483 41.74 17.73 -106.93
CA GLY U 483 42.60 18.63 -107.66
C GLY U 483 42.63 20.04 -107.10
N TYR U 484 42.70 20.15 -105.77
CA TYR U 484 42.63 21.42 -105.06
C TYR U 484 43.73 21.49 -104.02
N PHE U 485 44.37 22.66 -103.91
CA PHE U 485 45.41 22.82 -102.91
C PHE U 485 45.01 23.91 -101.91
N PRO U 486 45.26 23.70 -100.63
CA PRO U 486 44.77 24.64 -99.62
C PRO U 486 45.72 25.81 -99.43
N LEU U 487 45.15 26.94 -99.02
CA LEU U 487 45.91 28.14 -98.70
C LEU U 487 45.69 28.45 -97.23
N ARG U 488 46.78 28.51 -96.46
CA ARG U 488 46.66 28.73 -95.03
C ARG U 488 46.29 30.17 -94.72
N LEU U 489 45.48 30.33 -93.67
CA LEU U 489 44.98 31.62 -93.25
C LEU U 489 45.01 31.59 -91.74
N PHE U 490 44.25 32.49 -91.08
CA PHE U 490 44.57 33.18 -89.83
C PHE U 490 45.36 32.37 -88.81
N GLU U 491 44.79 31.31 -88.33
CA GLU U 491 45.51 30.31 -87.57
C GLU U 491 45.26 28.91 -88.06
N ASN U 492 44.03 28.61 -88.49
CA ASN U 492 43.66 27.27 -88.87
C ASN U 492 42.87 27.16 -90.16
N LEU U 493 42.50 28.28 -90.79
CA LEU U 493 41.74 28.20 -92.02
C LEU U 493 42.61 27.70 -93.17
N LYS U 494 42.05 26.80 -93.97
CA LYS U 494 42.68 26.31 -95.17
C LYS U 494 41.66 26.46 -96.29
N VAL U 495 41.89 27.43 -97.18
CA VAL U 495 40.97 27.74 -98.26
C VAL U 495 41.36 26.93 -99.49
N CYS U 496 40.45 26.09 -99.96
CA CYS U 496 40.74 25.21 -101.06
C CYS U 496 40.65 25.98 -102.38
N VAL U 497 41.62 25.75 -103.27
CA VAL U 497 41.88 26.61 -104.41
C VAL U 497 42.40 25.78 -105.57
N SER U 498 41.80 25.97 -106.76
CA SER U 498 42.31 25.41 -107.99
C SER U 498 42.08 26.39 -109.12
N GLN U 499 43.05 26.48 -110.03
CA GLN U 499 42.96 27.35 -111.21
C GLN U 499 43.09 26.55 -112.50
N ASP U 500 42.47 25.37 -112.52
CA ASP U 500 42.60 24.46 -113.65
C ASP U 500 41.56 24.67 -114.74
N TYR U 501 40.37 25.17 -114.37
CA TYR U 501 39.26 25.57 -115.25
C TYR U 501 38.58 24.40 -115.97
N GLU U 502 39.11 23.19 -115.84
CA GLU U 502 38.50 22.00 -116.42
C GLU U 502 38.15 20.96 -115.37
N LEU U 503 39.13 20.57 -114.55
CA LEU U 503 38.86 19.66 -113.45
C LEU U 503 38.41 20.38 -112.20
N GLY U 504 38.49 21.72 -112.20
CA GLY U 504 38.06 22.50 -111.05
C GLY U 504 36.64 23.01 -111.17
N SER U 505 36.11 23.00 -112.38
CA SER U 505 34.76 23.53 -112.62
C SER U 505 33.66 22.58 -112.16
N ARG U 506 33.99 21.34 -111.79
CA ARG U 506 32.99 20.46 -111.22
C ARG U 506 32.62 20.91 -109.81
N PHE U 507 33.59 21.39 -109.05
CA PHE U 507 33.38 21.74 -107.66
C PHE U 507 33.43 23.24 -107.41
N ALA U 508 33.62 24.06 -108.43
CA ALA U 508 33.73 25.50 -108.25
C ALA U 508 32.37 26.10 -107.87
N VAL U 509 32.36 26.84 -106.76
CA VAL U 509 31.15 27.48 -106.27
C VAL U 509 31.23 28.98 -106.58
N PRO U 510 30.09 29.66 -106.74
CA PRO U 510 30.14 31.13 -106.89
C PRO U 510 30.55 31.76 -105.57
N PHE U 511 31.63 32.53 -105.59
CA PHE U 511 32.19 33.12 -104.40
C PHE U 511 31.72 34.56 -104.26
N GLY U 512 31.51 34.99 -103.02
CA GLY U 512 30.93 36.30 -102.78
C GLY U 512 31.82 37.29 -102.06
N GLY U 513 32.68 36.83 -101.17
CA GLY U 513 33.59 37.70 -100.46
C GLY U 513 33.69 37.38 -98.99
N PHE U 514 34.75 37.88 -98.37
CA PHE U 514 34.96 37.77 -96.93
C PHE U 514 34.60 39.08 -96.25
N PHE U 515 34.16 38.99 -95.00
CA PHE U 515 34.05 40.15 -94.12
C PHE U 515 34.16 39.68 -92.68
N SER U 516 34.49 40.62 -91.81
CA SER U 516 34.70 40.30 -90.40
C SER U 516 33.99 41.35 -89.56
N CYS U 517 34.27 41.35 -88.27
CA CYS U 517 33.62 42.29 -87.36
C CYS U 517 34.18 43.70 -87.48
N THR U 518 35.30 43.89 -88.19
CA THR U 518 35.92 45.19 -88.33
C THR U 518 35.93 45.72 -89.75
N VAL U 519 35.89 44.85 -90.76
CA VAL U 519 35.99 45.27 -92.15
C VAL U 519 34.80 44.71 -92.90
N GLY U 520 34.43 45.39 -93.98
CA GLY U 520 33.38 44.92 -94.86
C GLY U 520 33.88 44.56 -96.24
N ASN U 521 33.13 43.73 -96.97
CA ASN U 521 33.60 43.47 -98.31
C ASN U 521 33.19 44.61 -99.25
N PRO U 522 34.04 44.95 -100.20
CA PRO U 522 33.71 46.04 -101.13
C PRO U 522 32.93 45.58 -102.35
N LEU U 523 32.32 44.40 -102.29
CA LEU U 523 31.60 43.85 -103.41
C LEU U 523 30.10 44.13 -103.34
N VAL U 524 29.71 45.14 -102.57
CA VAL U 524 28.31 45.51 -102.42
C VAL U 524 28.03 46.91 -102.92
N ASP U 525 28.96 47.86 -102.71
CA ASP U 525 28.69 49.25 -103.03
C ASP U 525 28.83 49.57 -104.52
N PRO U 526 29.86 49.10 -105.25
CA PRO U 526 29.70 49.34 -106.69
C PRO U 526 28.84 48.27 -107.37
N PRO U 535 33.17 53.55 -95.12
CA PRO U 535 33.74 52.40 -95.83
C PRO U 535 32.67 51.45 -96.39
N SER U 536 32.92 50.16 -96.27
CA SER U 536 32.04 49.15 -96.85
C SER U 536 30.86 48.88 -95.92
N LEU U 537 30.10 47.83 -96.22
CA LEU U 537 28.83 47.59 -95.56
C LEU U 537 28.79 46.32 -94.71
N LYS U 538 29.74 45.39 -94.92
CA LYS U 538 29.82 44.04 -94.32
C LYS U 538 28.49 43.29 -94.32
N LYS U 539 27.67 43.51 -95.35
CA LYS U 539 26.41 42.80 -95.45
C LYS U 539 26.56 41.49 -96.19
N CYS U 540 26.68 41.57 -97.53
CA CYS U 540 26.61 40.47 -98.48
C CYS U 540 26.76 41.13 -99.86
N PRO U 541 27.04 40.39 -100.95
CA PRO U 541 26.86 41.02 -102.26
C PRO U 541 25.42 41.20 -102.66
N GLY U 542 24.56 40.24 -102.34
CA GLY U 542 23.18 40.28 -102.79
C GLY U 542 22.86 39.08 -103.64
N GLY U 543 21.97 38.21 -103.15
CA GLY U 543 21.74 36.92 -103.74
C GLY U 543 22.57 35.82 -103.12
N PHE U 544 23.73 36.16 -102.56
CA PHE U 544 24.57 35.21 -101.86
C PHE U 544 24.05 35.00 -100.44
N SER U 545 24.72 34.12 -99.70
CA SER U 545 24.31 33.80 -98.34
C SER U 545 25.53 33.84 -97.43
N GLN U 546 25.41 34.52 -96.30
CA GLN U 546 26.49 34.55 -95.33
C GLN U 546 26.67 33.19 -94.68
N HIS U 547 27.92 32.80 -94.49
CA HIS U 547 28.22 31.60 -93.76
C HIS U 547 29.46 31.89 -92.94
N PRO U 548 29.49 31.45 -91.68
CA PRO U 548 30.61 31.80 -90.81
C PRO U 548 31.80 30.88 -91.01
N ALA U 549 32.98 31.50 -91.04
CA ALA U 549 34.24 30.81 -90.86
C ALA U 549 34.54 30.75 -89.36
N LEU U 550 35.78 30.49 -88.97
CA LEU U 550 36.10 30.37 -87.56
C LEU U 550 36.02 31.73 -86.85
N ILE U 551 36.20 31.67 -85.53
CA ILE U 551 36.21 32.86 -84.68
C ILE U 551 37.64 33.09 -84.22
N SER U 552 38.19 34.27 -84.54
CA SER U 552 39.54 34.63 -84.18
C SER U 552 39.50 35.51 -82.94
N ASP U 553 39.37 34.86 -81.78
CA ASP U 553 39.46 35.46 -80.45
C ASP U 553 38.41 36.56 -80.25
N GLY U 554 37.15 36.19 -80.45
CA GLY U 554 36.04 37.10 -80.22
C GLY U 554 35.48 37.76 -81.46
N CYS U 555 36.22 37.75 -82.57
CA CYS U 555 35.76 38.31 -83.83
C CYS U 555 35.39 37.20 -84.79
N GLN U 556 34.32 37.41 -85.54
CA GLN U 556 33.77 36.39 -86.41
C GLN U 556 34.05 36.75 -87.86
N VAL U 557 34.63 35.81 -88.60
CA VAL U 557 34.91 35.97 -90.03
C VAL U 557 33.85 35.22 -90.80
N SER U 558 33.24 35.87 -91.79
CA SER U 558 32.17 35.26 -92.56
C SER U 558 32.45 35.36 -94.04
N TYR U 559 31.89 34.43 -94.80
CA TYR U 559 32.10 34.37 -96.25
C TYR U 559 30.79 34.10 -96.95
N CYS U 560 30.67 34.60 -98.18
CA CYS U 560 29.44 34.55 -98.95
C CYS U 560 29.55 33.56 -100.10
N VAL U 561 28.44 32.88 -100.40
CA VAL U 561 28.42 31.81 -101.39
C VAL U 561 26.96 31.64 -101.83
N LYS U 562 26.76 31.08 -103.03
CA LYS U 562 25.43 30.89 -103.59
C LYS U 562 25.28 29.48 -104.16
N SER U 563 25.57 28.47 -103.34
CA SER U 563 25.37 27.12 -103.84
C SER U 563 23.91 26.69 -103.71
N GLY U 564 23.39 26.71 -102.49
CA GLY U 564 22.22 25.97 -102.11
C GLY U 564 22.54 24.72 -101.33
N LEU U 565 23.76 24.19 -101.52
CA LEU U 565 24.23 23.09 -100.67
C LEU U 565 24.60 23.60 -99.29
N PHE U 566 25.15 24.81 -99.21
CA PHE U 566 25.51 25.40 -97.92
C PHE U 566 24.27 25.79 -97.12
N THR U 567 23.16 26.08 -97.80
CA THR U 567 22.00 26.66 -97.15
C THR U 567 21.19 25.61 -96.40
N GLY U 568 20.69 24.60 -97.11
CA GLY U 568 19.72 23.67 -96.56
C GLY U 568 20.33 22.68 -95.57
N GLY U 569 19.46 21.79 -95.11
CA GLY U 569 19.84 20.81 -94.11
C GLY U 569 18.83 20.76 -92.98
N SER U 570 19.30 20.83 -91.76
CA SER U 570 18.45 21.03 -90.59
C SER U 570 18.83 22.34 -89.93
N LEU U 571 17.99 22.78 -89.02
CA LEU U 571 18.27 24.00 -88.27
C LEU U 571 19.36 23.72 -87.24
N PRO U 572 20.42 24.52 -87.20
CA PRO U 572 21.52 24.25 -86.29
C PRO U 572 21.13 24.60 -84.86
N PRO U 573 21.78 24.03 -83.86
CA PRO U 573 21.58 24.49 -82.49
C PRO U 573 22.33 25.79 -82.25
N ALA U 574 22.13 26.33 -81.05
CA ALA U 574 22.81 27.57 -80.69
C ALA U 574 24.28 27.30 -80.40
N ARG U 575 25.12 28.25 -80.76
CA ARG U 575 26.49 28.24 -80.30
C ARG U 575 26.55 28.69 -78.86
N LEU U 576 26.97 27.80 -77.98
CA LEU U 576 26.98 28.14 -76.58
C LEU U 576 28.33 28.72 -76.20
N PRO U 577 28.41 29.55 -75.17
CA PRO U 577 29.70 30.03 -74.68
C PRO U 577 30.50 28.91 -74.05
N PRO U 578 31.80 29.10 -73.76
CA PRO U 578 32.74 30.20 -74.02
C PRO U 578 33.21 30.20 -75.46
N PHE U 579 33.46 31.38 -75.99
CA PHE U 579 33.92 31.53 -77.35
C PHE U 579 35.41 31.81 -77.44
N THR U 580 36.05 32.06 -76.31
CA THR U 580 37.49 32.20 -76.23
C THR U 580 38.04 31.08 -75.38
N ARG U 581 39.36 31.00 -75.31
CA ARG U 581 40.07 30.06 -74.47
C ARG U 581 40.94 30.83 -73.50
N PRO U 582 41.26 30.26 -72.34
CA PRO U 582 42.19 30.94 -71.43
C PRO U 582 43.58 30.97 -72.01
N PRO U 583 44.31 32.05 -71.80
CA PRO U 583 45.58 32.24 -72.52
C PRO U 583 46.71 31.41 -71.94
N LEU U 584 47.81 31.39 -72.67
CA LEU U 584 48.99 30.66 -72.25
C LEU U 584 49.81 31.48 -71.27
N MET U 585 50.45 30.77 -70.34
CA MET U 585 51.24 31.38 -69.30
C MET U 585 52.63 30.77 -69.30
N SER U 586 53.62 31.56 -68.94
CA SER U 586 54.99 31.05 -68.85
C SER U 586 55.21 30.37 -67.51
N GLN U 587 55.85 29.19 -67.55
CA GLN U 587 55.88 28.24 -66.46
C GLN U 587 57.31 27.83 -66.17
N ALA U 588 57.48 27.05 -65.11
CA ALA U 588 58.77 26.50 -64.73
C ALA U 588 58.52 25.30 -63.83
N ALA U 589 59.30 24.24 -64.01
CA ALA U 589 59.14 23.03 -63.22
C ALA U 589 60.49 22.42 -62.92
N THR U 590 60.77 22.19 -61.63
CA THR U 590 62.04 21.66 -61.18
C THR U 590 61.83 20.32 -60.49
N ASN U 591 62.89 19.53 -60.46
CA ASN U 591 62.89 18.19 -59.84
C ASN U 591 64.27 17.98 -59.22
N THR U 592 64.38 18.14 -57.91
CA THR U 592 65.62 17.86 -57.21
C THR U 592 65.55 16.49 -56.58
N VAL U 593 66.56 15.66 -56.83
CA VAL U 593 66.64 14.31 -56.30
C VAL U 593 67.92 14.19 -55.49
N ILE U 594 67.81 13.70 -54.26
CA ILE U 594 68.96 13.41 -53.42
C ILE U 594 69.07 11.90 -53.28
N VAL U 595 70.24 11.35 -53.57
CA VAL U 595 70.47 9.92 -53.54
C VAL U 595 71.61 9.67 -52.57
N THR U 596 71.35 8.98 -51.47
CA THR U 596 72.42 8.55 -50.57
C THR U 596 72.95 7.23 -51.08
N ASN U 597 74.23 7.20 -51.41
CA ASN U 597 74.87 6.02 -51.97
C ASN U 597 75.40 5.06 -50.91
N SER U 598 74.97 5.23 -49.66
CA SER U 598 75.59 4.48 -48.58
C SER U 598 74.65 4.37 -47.39
N GLU U 599 74.81 3.29 -46.64
CA GLU U 599 74.34 3.23 -45.27
C GLU U 599 75.40 3.90 -44.39
N ASN U 600 75.14 3.93 -43.08
CA ASN U 600 75.92 4.68 -42.09
C ASN U 600 76.03 6.15 -42.49
N ALA U 601 74.89 6.70 -42.90
CA ALA U 601 74.84 8.09 -43.36
C ALA U 601 73.42 8.59 -43.07
N ARG U 602 73.28 9.36 -42.00
CA ARG U 602 71.98 9.88 -41.63
C ARG U 602 71.78 11.27 -42.23
N SER U 603 70.53 11.72 -42.23
CA SER U 603 70.19 12.99 -42.83
C SER U 603 68.95 13.54 -42.15
N TRP U 604 68.96 14.84 -41.86
CA TRP U 604 67.82 15.54 -41.30
C TRP U 604 67.43 16.66 -42.24
N ILE U 605 66.12 16.80 -42.47
CA ILE U 605 65.59 17.76 -43.43
C ILE U 605 64.51 18.58 -42.76
N LYS U 606 64.59 19.89 -42.90
CA LYS U 606 63.54 20.81 -42.47
C LYS U 606 62.98 21.45 -43.74
N ASP U 607 61.73 21.09 -44.08
CA ASP U 607 61.21 21.38 -45.42
C ASP U 607 60.88 22.86 -45.62
N SER U 608 60.42 23.52 -44.57
CA SER U 608 60.12 24.95 -44.63
C SER U 608 60.21 25.52 -43.23
N GLN U 609 59.88 26.80 -43.10
CA GLN U 609 59.96 27.46 -41.79
C GLN U 609 58.86 27.01 -40.84
N THR U 610 57.76 26.47 -41.36
CA THR U 610 56.70 25.97 -40.51
C THR U 610 56.85 24.49 -40.18
N HIS U 611 57.61 23.74 -40.98
CA HIS U 611 57.84 22.34 -40.68
C HIS U 611 58.78 22.19 -39.49
N GLN U 612 58.83 20.98 -38.95
CA GLN U 612 59.82 20.60 -37.96
C GLN U 612 60.89 19.78 -38.64
N TRP U 613 62.01 19.59 -37.93
CA TRP U 613 63.08 18.76 -38.44
C TRP U 613 62.62 17.32 -38.58
N ARG U 614 62.99 16.71 -39.69
CA ARG U 614 62.47 15.43 -40.11
C ARG U 614 63.63 14.54 -40.49
N LEU U 615 63.56 13.27 -40.11
CA LEU U 615 64.60 12.34 -40.47
C LEU U 615 64.52 12.02 -41.95
N GLY U 616 65.64 12.13 -42.65
CA GLY U 616 65.63 12.00 -44.09
C GLY U 616 65.63 10.56 -44.56
N GLU U 617 65.28 10.40 -45.83
CA GLU U 617 65.17 9.15 -46.55
C GLU U 617 66.27 9.07 -47.61
N PRO U 618 66.58 7.88 -48.13
CA PRO U 618 67.64 7.79 -49.15
C PRO U 618 67.30 8.43 -50.49
N ILE U 619 66.04 8.45 -50.91
CA ILE U 619 65.60 9.15 -52.11
C ILE U 619 64.55 10.16 -51.71
N GLU U 620 64.73 11.42 -52.09
CA GLU U 620 63.85 12.49 -51.61
C GLU U 620 62.82 12.95 -52.63
N LEU U 621 63.26 13.46 -53.79
CA LEU U 621 62.40 13.90 -54.90
C LEU U 621 61.43 15.02 -54.48
N ARG U 622 62.01 16.20 -54.26
CA ARG U 622 61.23 17.43 -54.16
C ARG U 622 60.74 17.85 -55.55
N ARG U 623 59.57 18.50 -55.60
CA ARG U 623 59.01 19.03 -56.83
C ARG U 623 58.47 20.43 -56.63
N ALA U 624 58.49 21.22 -57.70
CA ALA U 624 57.97 22.58 -57.65
C ALA U 624 57.48 22.98 -59.04
N MET U 625 56.36 23.71 -59.07
CA MET U 625 55.83 24.25 -60.31
C MET U 625 55.54 25.73 -60.11
N ASN U 626 56.18 26.57 -60.93
CA ASN U 626 56.12 28.02 -60.79
C ASN U 626 55.43 28.60 -62.02
N VAL U 627 54.35 29.35 -61.80
CA VAL U 627 53.58 29.95 -62.88
C VAL U 627 53.59 31.47 -62.65
N ILE U 628 53.74 32.23 -63.72
CA ILE U 628 53.57 33.68 -63.67
C ILE U 628 52.52 34.10 -64.71
N HIS U 629 51.55 34.89 -64.27
CA HIS U 629 50.48 35.38 -65.14
C HIS U 629 50.98 36.58 -65.92
N GLY U 630 51.20 36.40 -67.23
CA GLY U 630 51.64 37.48 -68.08
C GLY U 630 53.08 37.88 -67.88
N ASP V 10 22.55 5.59 -35.21
CA ASP V 10 22.50 6.55 -36.30
C ASP V 10 22.17 5.87 -37.63
N GLU V 11 21.96 6.69 -38.66
CA GLU V 11 21.56 6.21 -39.97
C GLU V 11 21.92 7.29 -40.97
N VAL V 12 22.49 6.90 -42.11
CA VAL V 12 23.03 7.84 -43.07
C VAL V 12 22.49 7.54 -44.46
N GLY V 13 22.78 8.46 -45.39
CA GLY V 13 22.56 8.21 -46.80
C GLY V 13 21.11 8.40 -47.22
N VAL V 14 20.71 7.62 -48.22
CA VAL V 14 19.39 7.76 -48.80
C VAL V 14 18.34 7.23 -47.85
N GLN V 15 18.67 6.21 -47.07
CA GLN V 15 17.70 5.50 -46.26
C GLN V 15 17.27 6.31 -45.05
N LYS V 16 18.10 7.25 -44.59
CA LYS V 16 17.65 8.22 -43.60
C LYS V 16 16.56 9.11 -44.17
N CYS V 17 16.68 9.49 -45.45
CA CYS V 17 15.67 10.31 -46.09
C CYS V 17 14.39 9.52 -46.32
N LYS V 18 14.51 8.23 -46.65
CA LYS V 18 13.34 7.43 -46.97
C LYS V 18 12.52 7.10 -45.73
N ASN V 19 13.16 7.00 -44.57
CA ASN V 19 12.41 6.66 -43.36
C ASN V 19 11.67 7.86 -42.81
N ALA V 20 12.24 9.06 -42.97
CA ALA V 20 11.60 10.26 -42.44
C ALA V 20 10.49 10.77 -43.34
N LEU V 21 10.56 10.47 -44.65
CA LEU V 21 9.64 11.06 -45.61
C LEU V 21 8.69 10.06 -46.24
N LYS V 22 9.13 8.81 -46.40
CA LYS V 22 8.32 7.70 -46.94
C LYS V 22 7.82 7.98 -48.35
N LEU V 23 8.74 8.31 -49.24
CA LEU V 23 8.42 8.59 -50.63
C LEU V 23 9.65 8.27 -51.46
N PRO V 24 9.48 7.85 -52.74
CA PRO V 24 10.62 7.32 -53.49
C PRO V 24 11.64 8.34 -53.93
N VAL V 25 12.70 7.88 -54.56
CA VAL V 25 13.80 8.71 -55.02
C VAL V 25 13.66 8.86 -56.53
N LEU V 26 13.99 10.04 -57.05
CA LEU V 26 13.87 10.27 -58.49
C LEU V 26 14.95 9.49 -59.20
N GLU V 27 14.55 8.52 -60.02
CA GLU V 27 15.48 7.56 -60.60
C GLU V 27 16.19 8.06 -61.85
N VAL V 28 15.95 9.29 -62.28
CA VAL V 28 16.49 9.82 -63.51
C VAL V 28 17.43 10.95 -63.13
N LEU V 29 18.72 10.66 -63.04
CA LEU V 29 19.63 11.66 -62.49
C LEU V 29 20.75 12.01 -63.45
N PRO V 30 21.17 13.26 -63.48
CA PRO V 30 22.30 13.63 -64.34
C PRO V 30 23.62 13.46 -63.64
N GLY V 31 24.72 13.80 -64.31
CA GLY V 31 26.03 13.65 -63.74
C GLY V 31 26.72 12.33 -64.02
N GLY V 32 26.14 11.47 -64.82
CA GLY V 32 26.79 10.24 -65.20
C GLY V 32 27.53 10.37 -66.50
N GLY V 33 28.36 9.38 -66.79
CA GLY V 33 29.06 9.35 -68.04
C GLY V 33 28.18 8.91 -69.18
N TRP V 34 28.58 9.26 -70.39
CA TRP V 34 27.75 8.99 -71.55
C TRP V 34 28.63 8.69 -72.75
N ASP V 35 28.53 7.49 -73.27
CA ASP V 35 29.15 7.16 -74.56
C ASP V 35 28.26 7.71 -75.65
N ASN V 36 28.77 8.65 -76.42
CA ASN V 36 27.97 9.32 -77.42
C ASN V 36 28.01 8.64 -78.78
N LEU V 37 28.80 7.58 -78.93
CA LEU V 37 28.71 6.78 -80.14
C LEU V 37 27.67 5.67 -80.01
N ARG V 38 27.58 5.05 -78.84
CA ARG V 38 26.69 3.92 -78.65
C ARG V 38 25.38 4.30 -77.99
N ASN V 39 25.27 5.55 -77.51
CA ASN V 39 24.16 6.05 -76.70
C ASN V 39 23.85 5.15 -75.50
N VAL V 40 24.90 4.79 -74.77
CA VAL V 40 24.77 4.09 -73.50
C VAL V 40 25.35 5.01 -72.44
N ASP V 41 24.95 4.78 -71.21
CA ASP V 41 25.45 5.59 -70.10
C ASP V 41 26.41 4.80 -69.22
N MET V 42 27.40 5.50 -68.74
CA MET V 42 28.62 4.99 -68.14
C MET V 42 28.60 5.17 -66.64
N GLY V 43 29.77 5.00 -66.03
CA GLY V 43 29.92 5.24 -64.61
C GLY V 43 29.71 6.68 -64.23
N ARG V 44 29.48 6.89 -62.94
CA ARG V 44 29.04 8.17 -62.39
C ARG V 44 30.24 9.10 -62.20
N VAL V 45 30.15 10.29 -62.78
CA VAL V 45 31.26 11.25 -62.76
C VAL V 45 31.11 12.25 -61.62
N MET V 46 29.90 12.70 -61.33
CA MET V 46 29.66 13.65 -60.26
C MET V 46 29.33 12.92 -58.97
N GLU V 47 29.27 13.67 -57.87
CA GLU V 47 29.02 13.10 -56.57
C GLU V 47 27.57 13.31 -56.17
N LEU V 48 26.90 12.24 -55.77
CA LEU V 48 25.52 12.30 -55.34
C LEU V 48 25.45 12.13 -53.83
N THR V 49 25.02 13.18 -53.14
CA THR V 49 24.87 13.16 -51.69
C THR V 49 23.42 13.41 -51.30
N TYR V 50 23.02 12.83 -50.18
CA TYR V 50 21.64 12.92 -49.69
C TYR V 50 21.64 13.42 -48.26
N SER V 51 22.39 14.48 -48.00
CA SER V 51 22.55 14.95 -46.64
C SER V 51 21.39 15.83 -46.17
N ASN V 52 20.79 16.59 -47.07
CA ASN V 52 19.85 17.63 -46.70
C ASN V 52 18.39 17.23 -46.83
N CYS V 53 18.11 16.00 -47.26
CA CYS V 53 16.75 15.44 -47.38
C CYS V 53 15.87 16.27 -48.31
N ARG V 54 16.43 16.75 -49.41
CA ARG V 54 15.68 17.58 -50.33
C ARG V 54 14.66 16.76 -51.10
N THR V 55 13.52 17.38 -51.37
CA THR V 55 12.51 16.79 -52.22
C THR V 55 12.24 17.72 -53.39
N THR V 56 11.48 17.24 -54.35
CA THR V 56 10.98 18.13 -55.37
C THR V 56 9.92 19.04 -54.76
N GLU V 57 9.64 20.15 -55.46
CA GLU V 57 8.78 21.18 -54.92
C GLU V 57 7.34 20.71 -54.76
N ASP V 58 6.90 19.76 -55.57
CA ASP V 58 5.60 19.15 -55.36
C ASP V 58 5.64 18.04 -54.31
N GLY V 59 6.82 17.68 -53.82
CA GLY V 59 6.93 16.78 -52.69
C GLY V 59 6.65 15.33 -52.97
N GLN V 60 7.19 14.79 -54.07
CA GLN V 60 6.94 13.40 -54.42
C GLN V 60 8.18 12.59 -54.75
N TYR V 61 9.36 13.20 -54.79
CA TYR V 61 10.58 12.47 -55.02
C TYR V 61 11.69 13.06 -54.18
N ILE V 62 12.49 12.20 -53.56
CA ILE V 62 13.74 12.60 -52.93
C ILE V 62 14.79 12.83 -54.01
N ILE V 63 15.45 13.97 -53.96
CA ILE V 63 16.49 14.31 -54.94
C ILE V 63 17.77 14.58 -54.18
N PRO V 64 18.93 14.45 -54.82
CA PRO V 64 20.19 14.84 -54.18
C PRO V 64 20.29 16.35 -53.97
N ASP V 65 21.34 16.73 -53.25
CA ASP V 65 21.47 18.11 -52.75
C ASP V 65 21.90 19.08 -53.83
N GLU V 66 22.73 18.62 -54.76
CA GLU V 66 23.34 19.41 -55.81
C GLU V 66 22.50 19.46 -57.08
N ILE V 67 21.27 18.98 -57.03
CA ILE V 67 20.45 18.82 -58.22
C ILE V 67 19.16 19.58 -58.00
N PHE V 68 18.83 20.46 -58.94
CA PHE V 68 17.54 21.13 -58.93
C PHE V 68 16.68 20.62 -60.08
N THR V 69 15.38 20.59 -59.84
CA THR V 69 14.44 20.10 -60.82
C THR V 69 13.57 21.25 -61.32
N ILE V 70 13.06 21.11 -62.53
CA ILE V 70 12.14 22.08 -63.12
C ILE V 70 10.83 21.37 -63.39
N PRO V 71 9.73 21.74 -62.77
CA PRO V 71 8.45 21.11 -63.08
C PRO V 71 7.90 21.65 -64.40
N GLN V 72 7.90 20.81 -65.41
CA GLN V 72 7.24 21.15 -66.67
C GLN V 72 6.43 19.94 -67.11
N LYS V 73 5.22 19.87 -66.60
CA LYS V 73 4.38 18.68 -66.71
C LYS V 73 3.67 18.75 -68.05
N GLN V 74 4.39 18.32 -69.08
CA GLN V 74 4.07 18.61 -70.46
C GLN V 74 3.76 17.32 -71.19
N SER V 75 2.62 17.27 -71.85
CA SER V 75 2.20 16.11 -72.61
C SER V 75 2.03 16.52 -74.07
N ASN V 76 2.53 15.70 -74.98
CA ASN V 76 2.43 15.95 -76.41
C ASN V 76 1.75 14.77 -77.07
N LEU V 77 0.87 15.05 -78.03
CA LEU V 77 0.14 14.00 -78.71
C LEU V 77 0.09 14.37 -80.18
N GLU V 78 0.58 13.49 -81.04
CA GLU V 78 0.58 13.72 -82.48
C GLU V 78 -0.56 12.96 -83.12
N MET V 79 -1.33 13.64 -83.95
CA MET V 79 -2.29 13.00 -84.82
C MET V 79 -1.71 12.64 -86.17
N ASN V 80 -0.41 12.78 -86.33
CA ASN V 80 0.26 12.64 -87.60
C ASN V 80 1.44 11.70 -87.39
N SER V 81 2.29 11.63 -88.40
CA SER V 81 3.52 10.86 -88.33
C SER V 81 4.66 11.78 -88.75
N GLU V 82 5.84 11.21 -88.89
CA GLU V 82 6.95 11.95 -89.50
C GLU V 82 7.78 10.98 -90.32
N ILE V 83 8.22 11.43 -91.48
CA ILE V 83 8.81 10.55 -92.48
C ILE V 83 10.32 10.77 -92.49
N LEU V 84 11.06 9.67 -92.47
CA LEU V 84 12.52 9.69 -92.41
C LEU V 84 13.01 8.80 -93.54
N GLU V 85 13.13 9.33 -94.75
CA GLU V 85 13.43 8.52 -95.91
C GLU V 85 14.92 8.33 -96.16
N SER V 86 15.76 8.63 -95.17
CA SER V 86 17.19 8.43 -95.27
C SER V 86 17.76 8.28 -93.88
N TRP V 87 18.73 7.38 -93.71
CA TRP V 87 19.32 7.18 -92.40
C TRP V 87 20.43 8.18 -92.07
N ALA V 88 20.75 9.09 -92.98
CA ALA V 88 21.80 10.07 -92.68
C ALA V 88 21.31 11.10 -91.69
N ASN V 89 20.13 11.68 -91.93
CA ASN V 89 19.53 12.62 -91.00
C ASN V 89 18.66 11.89 -89.98
N TYR V 90 19.35 11.21 -89.07
CA TYR V 90 18.71 10.35 -88.08
C TYR V 90 18.37 11.09 -86.80
N GLN V 91 17.17 10.83 -86.29
CA GLN V 91 16.67 11.40 -85.05
C GLN V 91 16.67 10.30 -84.00
N SER V 92 17.31 10.55 -82.86
CA SER V 92 17.53 9.46 -81.94
C SER V 92 16.30 9.08 -81.13
N SER V 93 15.40 10.03 -80.86
CA SER V 93 14.14 9.93 -80.11
C SER V 93 14.30 9.69 -78.62
N THR V 94 15.51 9.46 -78.12
CA THR V 94 15.71 9.41 -76.68
C THR V 94 16.97 10.11 -76.21
N SER V 95 17.89 10.45 -77.10
CA SER V 95 19.11 11.16 -76.76
C SER V 95 19.42 12.17 -77.84
N TYR V 96 18.39 12.91 -78.25
CA TYR V 96 18.50 13.74 -79.44
C TYR V 96 19.35 14.99 -79.20
N SER V 97 19.25 15.59 -78.02
CA SER V 97 19.91 16.86 -77.79
C SER V 97 21.40 16.70 -77.55
N ILE V 98 21.85 15.55 -77.06
CA ILE V 98 23.27 15.35 -76.83
C ILE V 98 23.98 14.84 -78.07
N ASN V 99 23.25 14.33 -79.06
CA ASN V 99 23.88 13.93 -80.30
C ASN V 99 24.03 15.07 -81.30
N THR V 100 23.19 16.09 -81.21
CA THR V 100 23.13 17.14 -82.23
C THR V 100 24.07 18.31 -81.93
N GLU V 101 25.05 18.12 -81.07
CA GLU V 101 26.01 19.16 -80.71
C GLU V 101 26.88 19.56 -81.90
N LEU V 102 27.43 20.78 -81.82
CA LEU V 102 28.28 21.31 -82.88
C LEU V 102 29.72 20.88 -82.61
N SER V 103 30.22 19.97 -83.43
CA SER V 103 31.58 19.45 -83.27
C SER V 103 32.06 18.92 -84.61
N LEU V 104 33.27 18.38 -84.59
CA LEU V 104 33.83 17.75 -85.78
C LEU V 104 33.11 16.45 -86.09
N PHE V 105 32.82 15.67 -85.06
CA PHE V 105 32.27 14.33 -85.22
C PHE V 105 30.79 14.29 -84.91
N SER V 106 30.07 15.34 -85.31
CA SER V 106 28.63 15.38 -85.11
C SER V 106 27.90 14.41 -86.04
N LYS V 107 28.54 13.99 -87.13
CA LYS V 107 27.93 13.03 -88.04
C LYS V 107 28.14 11.59 -87.61
N VAL V 108 28.93 11.35 -86.57
CA VAL V 108 29.22 10.00 -86.11
C VAL V 108 28.54 9.70 -84.77
N ASN V 109 27.96 10.69 -84.11
CA ASN V 109 27.30 10.48 -82.83
C ASN V 109 26.05 9.64 -82.99
N GLY V 110 25.97 8.58 -82.20
CA GLY V 110 24.84 7.69 -82.21
C GLY V 110 24.85 6.62 -83.27
N LYS V 111 25.89 6.54 -84.09
CA LYS V 111 25.91 5.64 -85.23
C LYS V 111 26.30 4.23 -84.88
N PHE V 112 26.47 3.91 -83.61
CA PHE V 112 26.69 2.55 -83.15
C PHE V 112 25.66 2.15 -82.14
N SER V 113 24.59 2.93 -82.02
CA SER V 113 23.49 2.60 -81.13
C SER V 113 22.70 1.46 -81.71
N THR V 114 22.04 0.71 -80.83
CA THR V 114 21.21 -0.39 -81.31
C THR V 114 19.97 0.11 -82.01
N GLU V 115 19.51 1.31 -81.65
CA GLU V 115 18.34 1.89 -82.28
C GLU V 115 18.65 2.42 -83.67
N PHE V 116 19.88 2.84 -83.91
CA PHE V 116 20.28 3.26 -85.25
C PHE V 116 20.56 2.05 -86.14
N GLN V 117 21.35 1.11 -85.63
CA GLN V 117 21.78 -0.03 -86.43
C GLN V 117 20.63 -0.97 -86.73
N ARG V 118 19.57 -0.94 -85.96
CA ARG V 118 18.36 -1.64 -86.34
C ARG V 118 17.60 -0.89 -87.40
N MET V 119 17.69 0.43 -87.42
CA MET V 119 16.93 1.19 -88.41
C MET V 119 17.62 1.17 -89.77
N LYS V 120 18.95 1.21 -89.77
CA LYS V 120 19.70 1.23 -91.03
C LYS V 120 19.59 -0.09 -91.77
N THR V 121 19.55 -1.20 -91.04
CA THR V 121 19.46 -2.50 -91.68
C THR V 121 18.05 -2.83 -92.14
N LEU V 122 17.08 -1.96 -91.92
CA LEU V 122 15.74 -2.13 -92.46
C LEU V 122 15.46 -1.23 -93.64
N GLN V 123 16.22 -0.17 -93.81
CA GLN V 123 16.08 0.67 -94.99
C GLN V 123 16.95 0.22 -96.14
N VAL V 124 17.93 -0.63 -95.89
CA VAL V 124 18.82 -1.12 -96.93
C VAL V 124 18.42 -2.51 -97.39
N LYS V 125 18.09 -3.37 -96.44
CA LYS V 125 17.65 -4.73 -96.75
C LYS V 125 16.31 -4.74 -97.48
N ASP V 126 15.43 -3.81 -97.14
CA ASP V 126 14.07 -3.81 -97.63
C ASP V 126 13.76 -2.64 -98.54
N GLN V 127 14.75 -1.77 -98.80
CA GLN V 127 14.62 -0.56 -99.63
C GLN V 127 13.48 0.33 -99.14
N ALA V 128 13.51 0.64 -97.86
CA ALA V 128 12.34 1.16 -97.17
C ALA V 128 12.56 2.59 -96.70
N ILE V 129 11.45 3.21 -96.30
CA ILE V 129 11.43 4.50 -95.61
C ILE V 129 10.83 4.26 -94.23
N THR V 130 11.11 5.16 -93.31
CA THR V 130 10.75 4.97 -91.91
C THR V 130 9.80 6.08 -91.47
N THR V 131 8.72 5.71 -90.81
CA THR V 131 7.81 6.66 -90.18
C THR V 131 7.84 6.47 -88.67
N ARG V 132 7.54 7.53 -87.94
CA ARG V 132 7.53 7.48 -86.48
C ARG V 132 6.40 8.31 -85.90
N VAL V 133 5.57 7.70 -85.07
CA VAL V 133 4.53 8.40 -84.32
C VAL V 133 4.83 8.20 -82.84
N GLN V 134 4.66 9.25 -82.03
CA GLN V 134 4.95 9.09 -80.63
C GLN V 134 4.07 9.98 -79.76
N VAL V 135 3.79 9.48 -78.56
CA VAL V 135 3.12 10.22 -77.49
C VAL V 135 4.14 10.42 -76.39
N ARG V 136 4.62 11.64 -76.22
CA ARG V 136 5.67 11.94 -75.27
C ARG V 136 5.10 12.67 -74.07
N ASN V 137 5.59 12.34 -72.89
CA ASN V 137 5.05 12.85 -71.64
C ASN V 137 6.22 13.29 -70.77
N LEU V 138 6.65 14.53 -70.94
CA LEU V 138 7.73 15.12 -70.17
C LEU V 138 7.24 15.64 -68.83
N VAL V 139 7.85 15.20 -67.74
CA VAL V 139 7.39 15.55 -66.41
C VAL V 139 8.36 16.50 -65.72
N TYR V 140 9.65 16.16 -65.68
CA TYR V 140 10.64 17.01 -65.05
C TYR V 140 11.82 17.27 -65.97
N THR V 141 12.48 18.40 -65.76
CA THR V 141 13.83 18.63 -66.23
C THR V 141 14.72 18.66 -65.01
N VAL V 142 15.75 17.83 -65.00
CA VAL V 142 16.57 17.57 -63.83
C VAL V 142 17.99 17.99 -64.19
N LYS V 143 18.51 19.01 -63.51
CA LYS V 143 19.81 19.58 -63.85
C LYS V 143 20.78 19.53 -62.67
N ILE V 144 22.03 19.87 -62.95
CA ILE V 144 23.09 19.94 -61.94
C ILE V 144 23.41 21.38 -61.61
N ASN V 145 23.57 21.65 -60.32
CA ASN V 145 24.07 22.94 -59.85
C ASN V 145 25.51 23.08 -60.31
N PRO V 146 25.91 24.23 -60.85
CA PRO V 146 27.29 24.39 -61.35
C PRO V 146 28.39 24.34 -60.30
N THR V 147 28.08 24.26 -59.01
CA THR V 147 29.10 24.20 -57.96
C THR V 147 29.22 22.81 -57.38
N LEU V 148 29.14 21.80 -58.23
CA LEU V 148 29.21 20.41 -57.84
C LEU V 148 30.64 19.89 -57.98
N GLU V 149 30.97 18.88 -57.19
CA GLU V 149 32.29 18.25 -57.18
C GLU V 149 32.23 16.85 -57.76
N LEU V 150 33.41 16.33 -58.08
CA LEU V 150 33.57 15.05 -58.75
C LEU V 150 33.32 13.88 -57.83
N SER V 151 33.13 12.71 -58.43
CA SER V 151 32.87 11.51 -57.67
C SER V 151 34.17 11.01 -57.05
N SER V 152 34.03 10.05 -56.13
CA SER V 152 35.19 9.51 -55.44
C SER V 152 35.99 8.58 -56.33
N GLY V 153 35.33 7.83 -57.19
CA GLY V 153 36.02 6.92 -58.08
C GLY V 153 36.62 7.61 -59.28
N PHE V 154 35.95 8.64 -59.80
CA PHE V 154 36.45 9.33 -60.96
C PHE V 154 37.64 10.22 -60.63
N ARG V 155 37.67 10.78 -59.42
CA ARG V 155 38.81 11.58 -58.99
C ARG V 155 40.05 10.72 -58.81
N LYS V 156 39.87 9.48 -58.33
CA LYS V 156 40.99 8.58 -58.11
C LYS V 156 41.68 8.19 -59.42
N GLU V 157 40.89 8.03 -60.48
CA GLU V 157 41.48 7.63 -61.74
C GLU V 157 42.05 8.79 -62.53
N LEU V 158 41.66 10.02 -62.20
CA LEU V 158 42.35 11.19 -62.73
C LEU V 158 43.65 11.46 -62.00
N LEU V 159 43.71 11.11 -60.72
CA LEU V 159 44.95 11.25 -59.96
C LEU V 159 45.97 10.21 -60.34
N ASP V 160 45.54 9.06 -60.86
CA ASP V 160 46.48 8.06 -61.34
C ASP V 160 47.07 8.46 -62.69
N ILE V 161 46.28 9.12 -63.53
CA ILE V 161 46.84 9.72 -64.74
C ILE V 161 47.77 10.86 -64.35
N SER V 162 47.40 11.58 -63.30
CA SER V 162 48.18 12.73 -62.83
C SER V 162 49.57 12.32 -62.35
N ASP V 163 49.68 11.14 -61.74
CA ASP V 163 50.97 10.67 -61.25
C ASP V 163 51.91 10.33 -62.39
N ARG V 164 51.37 9.78 -63.48
CA ARG V 164 52.20 9.39 -64.61
C ARG V 164 52.69 10.59 -65.39
N LEU V 165 51.95 11.69 -65.41
CA LEU V 165 52.44 12.90 -66.06
C LEU V 165 53.55 13.58 -65.26
N GLU V 166 53.59 13.36 -63.95
CA GLU V 166 54.66 13.90 -63.13
C GLU V 166 55.98 13.22 -63.43
N ASN V 167 55.96 11.89 -63.51
CA ASN V 167 57.13 11.06 -63.66
C ASN V 167 57.64 10.97 -65.09
N ASN V 168 57.10 11.79 -66.01
CA ASN V 168 57.42 11.75 -67.43
C ASN V 168 57.21 10.35 -68.00
N GLN V 169 56.00 9.82 -67.79
CA GLN V 169 55.64 8.50 -68.28
C GLN V 169 54.44 8.69 -69.20
N THR V 170 54.73 9.03 -70.45
CA THR V 170 53.69 9.49 -71.36
C THR V 170 52.91 8.32 -71.96
N ARG V 171 53.60 7.22 -72.27
CA ARG V 171 52.93 6.07 -72.85
C ARG V 171 52.03 5.37 -71.84
N MET V 172 52.37 5.44 -70.56
CA MET V 172 51.54 4.80 -69.55
C MET V 172 50.40 5.70 -69.13
N ALA V 173 50.55 7.00 -69.29
CA ALA V 173 49.44 7.92 -69.04
C ALA V 173 48.43 7.90 -70.18
N THR V 174 48.91 7.73 -71.42
CA THR V 174 48.03 7.60 -72.57
C THR V 174 47.20 6.33 -72.48
N TYR V 175 47.78 5.26 -71.95
CA TYR V 175 47.04 4.03 -71.73
C TYR V 175 45.94 4.21 -70.69
N LEU V 176 46.25 4.86 -69.58
CA LEU V 176 45.25 5.05 -68.54
C LEU V 176 44.20 6.08 -68.92
N ALA V 177 44.52 7.01 -69.81
CA ALA V 177 43.52 7.97 -70.28
C ALA V 177 42.47 7.30 -71.14
N GLU V 178 42.85 6.25 -71.87
CA GLU V 178 41.92 5.51 -72.70
C GLU V 178 41.07 4.54 -71.90
N LEU V 179 41.54 4.07 -70.76
CA LEU V 179 40.68 3.31 -69.87
C LEU V 179 39.70 4.18 -69.12
N LEU V 180 39.94 5.49 -69.06
CA LEU V 180 38.97 6.40 -68.50
C LEU V 180 37.77 6.54 -69.44
N VAL V 181 38.01 6.44 -70.75
CA VAL V 181 36.96 6.56 -71.74
C VAL V 181 36.18 5.25 -71.87
N LEU V 182 36.83 4.11 -71.63
CA LEU V 182 36.09 2.85 -71.54
C LEU V 182 35.11 2.86 -70.38
N ASN V 183 35.50 3.44 -69.25
CA ASN V 183 34.70 3.32 -68.06
C ASN V 183 33.75 4.49 -67.86
N TYR V 184 34.03 5.65 -68.45
CA TYR V 184 33.24 6.84 -68.19
C TYR V 184 32.73 7.53 -69.44
N GLY V 185 33.01 7.00 -70.62
CA GLY V 185 32.42 7.56 -71.83
C GLY V 185 33.15 8.78 -72.34
N THR V 186 32.46 9.49 -73.22
CA THR V 186 33.01 10.68 -73.86
C THR V 186 32.34 11.97 -73.40
N HIS V 187 31.24 11.87 -72.65
CA HIS V 187 30.43 13.03 -72.27
C HIS V 187 29.93 12.83 -70.85
N VAL V 188 29.48 13.92 -70.25
CA VAL V 188 28.83 13.92 -68.95
C VAL V 188 27.46 14.53 -69.13
N THR V 189 26.42 13.83 -68.71
CA THR V 189 25.07 14.37 -68.84
C THR V 189 24.87 15.46 -67.81
N THR V 190 24.51 16.66 -68.27
CA THR V 190 24.26 17.76 -67.37
C THR V 190 22.78 18.03 -67.15
N SER V 191 21.92 17.59 -68.05
CA SER V 191 20.49 17.64 -67.79
C SER V 191 19.81 16.46 -68.44
N VAL V 192 18.83 15.92 -67.75
CA VAL V 192 17.99 14.84 -68.26
C VAL V 192 16.55 15.30 -68.21
N ASP V 193 15.74 14.74 -69.08
CA ASP V 193 14.30 14.97 -69.12
C ASP V 193 13.62 13.69 -68.66
N ALA V 194 12.97 13.75 -67.50
CA ALA V 194 12.32 12.59 -66.92
C ALA V 194 10.89 12.48 -67.43
N GLY V 195 10.55 11.33 -68.00
CA GLY V 195 9.20 11.13 -68.48
C GLY V 195 9.05 9.78 -69.14
N ALA V 196 8.00 9.66 -69.94
CA ALA V 196 7.69 8.43 -70.64
C ALA V 196 7.35 8.75 -72.09
N ALA V 197 7.41 7.73 -72.94
CA ALA V 197 7.08 7.89 -74.34
C ALA V 197 6.56 6.57 -74.88
N LEU V 198 5.63 6.66 -75.83
CA LEU V 198 5.09 5.48 -76.50
C LEU V 198 5.30 5.71 -77.98
N ILE V 199 6.08 4.87 -78.64
CA ILE V 199 6.56 5.14 -79.99
C ILE V 199 6.11 4.03 -80.94
N GLN V 200 5.61 4.43 -82.10
CA GLN V 200 5.34 3.57 -83.24
C GLN V 200 6.43 3.77 -84.29
N GLU V 201 6.89 2.69 -84.90
CA GLU V 201 7.91 2.83 -85.94
C GLU V 201 7.59 1.84 -87.06
N ASP V 202 6.98 2.33 -88.13
CA ASP V 202 6.70 1.52 -89.29
C ASP V 202 7.76 1.72 -90.36
N HIS V 203 7.95 0.71 -91.18
CA HIS V 203 8.78 0.80 -92.37
C HIS V 203 7.92 0.53 -93.58
N LEU V 204 7.97 1.44 -94.54
CA LEU V 204 7.16 1.37 -95.75
C LEU V 204 8.09 1.29 -96.95
N ARG V 205 7.64 0.66 -98.02
CA ARG V 205 8.45 0.62 -99.23
C ARG V 205 8.58 2.02 -99.81
N ALA V 206 9.76 2.32 -100.35
CA ALA V 206 10.06 3.65 -100.83
C ALA V 206 9.28 4.01 -102.09
N SER V 207 8.74 3.01 -102.78
CA SER V 207 7.87 3.25 -103.92
C SER V 207 6.52 3.80 -103.51
N PHE V 208 6.11 3.57 -102.26
CA PHE V 208 4.80 4.00 -101.80
C PHE V 208 4.73 5.49 -101.54
N LEU V 209 5.86 6.14 -101.30
CA LEU V 209 5.89 7.56 -101.01
C LEU V 209 6.04 8.41 -102.27
N GLN V 210 6.52 7.84 -103.36
CA GLN V 210 6.88 8.57 -104.57
C GLN V 210 5.68 9.10 -105.37
N ASP V 211 4.44 9.13 -104.88
CA ASP V 211 3.32 9.54 -105.70
C ASP V 211 3.29 11.05 -105.93
N SER V 212 3.13 11.83 -104.86
CA SER V 212 3.10 13.29 -104.94
C SER V 212 3.37 13.87 -103.56
N GLN V 213 3.28 15.19 -103.46
CA GLN V 213 3.34 15.89 -102.19
C GLN V 213 1.98 16.01 -101.51
N SER V 214 0.92 15.59 -102.19
CA SER V 214 -0.40 15.47 -101.57
C SER V 214 -0.67 14.05 -101.10
N SER V 215 0.02 13.06 -101.66
CA SER V 215 -0.05 11.72 -101.10
C SER V 215 0.70 11.64 -99.78
N ARG V 216 1.71 12.51 -99.61
CA ARG V 216 2.54 12.49 -98.40
C ARG V 216 1.72 12.84 -97.17
N SER V 217 0.82 13.79 -97.28
CA SER V 217 -0.02 14.17 -96.15
C SER V 217 -1.17 13.21 -95.90
N ALA V 218 -1.30 12.15 -96.70
CA ALA V 218 -2.24 11.09 -96.43
C ALA V 218 -1.57 9.79 -95.99
N VAL V 219 -0.35 9.55 -96.43
CA VAL V 219 0.50 8.52 -95.84
C VAL V 219 0.74 8.84 -94.37
N THR V 220 1.00 10.11 -94.08
CA THR V 220 1.42 10.55 -92.76
C THR V 220 0.27 10.51 -91.76
N ALA V 221 -0.93 10.87 -92.18
CA ALA V 221 -2.08 10.83 -91.28
C ALA V 221 -2.70 9.45 -91.20
N SER V 222 -2.25 8.51 -92.04
CA SER V 222 -2.70 7.14 -91.92
C SER V 222 -1.93 6.41 -90.82
N ALA V 223 -0.63 6.69 -90.72
CA ALA V 223 0.20 6.09 -89.69
C ALA V 223 -0.19 6.56 -88.30
N GLY V 224 -0.66 7.79 -88.17
CA GLY V 224 -1.14 8.26 -86.88
C GLY V 224 -2.50 7.70 -86.54
N LEU V 225 -3.26 7.27 -87.54
CA LEU V 225 -4.55 6.65 -87.30
C LEU V 225 -4.39 5.20 -86.89
N ALA V 226 -3.46 4.50 -87.52
CA ALA V 226 -3.16 3.12 -87.15
C ALA V 226 -2.58 3.03 -85.74
N PHE V 227 -1.85 4.06 -85.30
CA PHE V 227 -1.26 4.06 -83.98
C PHE V 227 -2.32 4.23 -82.90
N GLN V 228 -3.34 5.03 -83.17
CA GLN V 228 -4.41 5.19 -82.20
C GLN V 228 -5.34 4.00 -82.19
N ASN V 229 -5.46 3.27 -83.30
CA ASN V 229 -6.21 2.03 -83.29
C ASN V 229 -5.49 0.97 -82.47
N THR V 230 -4.17 0.89 -82.61
CA THR V 230 -3.39 -0.13 -81.94
C THR V 230 -3.41 0.05 -80.43
N VAL V 231 -3.43 1.28 -79.94
CA VAL V 231 -3.52 1.45 -78.50
C VAL V 231 -4.94 1.16 -78.01
N ASN V 232 -5.97 1.51 -78.77
CA ASN V 232 -7.31 1.39 -78.24
C ASN V 232 -7.96 0.04 -78.44
N PHE V 233 -7.69 -0.68 -79.54
CA PHE V 233 -8.58 -1.75 -79.99
C PHE V 233 -8.00 -3.16 -79.93
N LYS V 234 -7.35 -3.53 -78.84
CA LYS V 234 -7.37 -4.88 -78.28
C LYS V 234 -6.87 -6.00 -79.21
N PHE V 235 -6.11 -5.63 -80.26
CA PHE V 235 -5.59 -6.46 -81.36
C PHE V 235 -6.70 -6.91 -82.32
N GLU V 236 -7.96 -6.65 -81.96
CA GLU V 236 -9.06 -7.11 -82.78
C GLU V 236 -9.22 -6.21 -83.99
N GLU V 237 -10.05 -6.64 -84.94
CA GLU V 237 -10.38 -5.80 -86.08
C GLU V 237 -11.66 -5.01 -85.83
N ASN V 238 -11.66 -4.34 -84.69
CA ASN V 238 -12.62 -3.29 -84.37
C ASN V 238 -12.09 -1.93 -84.77
N TYR V 239 -11.18 -1.88 -85.74
CA TYR V 239 -10.52 -0.65 -86.12
C TYR V 239 -11.47 0.26 -86.89
N THR V 240 -11.24 1.55 -86.75
CA THR V 240 -11.97 2.56 -87.52
C THR V 240 -11.20 2.92 -88.78
N SER V 241 -11.01 1.90 -89.63
CA SER V 241 -10.28 2.06 -90.89
C SER V 241 -11.07 2.93 -91.84
N GLN V 242 -10.58 4.16 -92.06
CA GLN V 242 -11.38 5.20 -92.68
C GLN V 242 -11.41 5.14 -94.20
N ASN V 243 -10.43 4.51 -94.84
CA ASN V 243 -10.31 4.60 -96.28
C ASN V 243 -9.85 3.27 -96.83
N VAL V 244 -9.63 3.25 -98.15
CA VAL V 244 -8.86 2.20 -98.80
C VAL V 244 -7.37 2.52 -98.66
N LEU V 245 -7.04 3.80 -98.41
CA LEU V 245 -5.65 4.20 -98.19
C LEU V 245 -5.10 3.62 -96.90
N THR V 246 -5.96 3.34 -95.92
CA THR V 246 -5.52 2.57 -94.76
C THR V 246 -5.20 1.14 -95.16
N LYS V 247 -6.02 0.55 -96.03
CA LYS V 247 -5.77 -0.81 -96.48
C LYS V 247 -4.56 -0.89 -97.40
N SER V 248 -4.36 0.12 -98.24
CA SER V 248 -3.16 0.14 -99.06
C SER V 248 -1.92 0.47 -98.25
N TYR V 249 -2.07 1.12 -97.10
CA TYR V 249 -0.93 1.38 -96.21
C TYR V 249 -0.39 0.08 -95.65
N LEU V 250 -1.26 -0.87 -95.34
CA LEU V 250 -0.83 -2.10 -94.69
C LEU V 250 -0.06 -3.01 -95.64
N SER V 251 -0.37 -2.94 -96.92
CA SER V 251 0.25 -3.87 -97.86
C SER V 251 1.64 -3.43 -98.28
N ASN V 252 1.96 -2.14 -98.15
CA ASN V 252 3.31 -1.66 -98.40
C ASN V 252 4.14 -1.61 -97.13
N ARG V 253 3.53 -1.83 -95.97
CA ARG V 253 4.24 -1.82 -94.70
C ARG V 253 5.20 -2.98 -94.60
N THR V 254 6.44 -2.69 -94.21
CA THR V 254 7.44 -3.72 -94.10
C THR V 254 7.61 -4.26 -92.67
N ASN V 255 7.79 -3.41 -91.64
CA ASN V 255 8.16 -3.97 -90.35
C ASN V 255 7.19 -3.72 -89.19
N SER V 256 6.89 -2.47 -88.83
CA SER V 256 5.97 -2.10 -87.73
C SER V 256 6.31 -2.56 -86.31
N ARG V 257 7.30 -1.94 -85.67
CA ARG V 257 7.52 -2.13 -84.23
C ARG V 257 6.74 -1.12 -83.41
N VAL V 258 6.31 -1.52 -82.21
CA VAL V 258 5.74 -0.63 -81.22
C VAL V 258 6.60 -0.66 -79.98
N GLN V 259 7.05 0.51 -79.52
CA GLN V 259 8.01 0.58 -78.42
C GLN V 259 7.49 1.47 -77.33
N SER V 260 7.54 0.99 -76.09
CA SER V 260 7.22 1.79 -74.91
C SER V 260 8.51 2.08 -74.16
N ILE V 261 8.72 3.33 -73.80
CA ILE V 261 9.89 3.74 -73.05
C ILE V 261 9.41 4.42 -71.78
N GLY V 262 9.53 3.73 -70.65
CA GLY V 262 9.00 4.23 -69.41
C GLY V 262 7.54 3.90 -69.25
N GLY V 263 7.05 4.12 -68.05
CA GLY V 263 5.67 3.80 -67.77
C GLY V 263 5.46 2.31 -67.58
N VAL V 264 4.22 1.90 -67.75
CA VAL V 264 3.85 0.49 -67.68
C VAL V 264 4.11 -0.16 -69.03
N PRO V 265 4.31 -1.48 -69.11
CA PRO V 265 4.57 -2.10 -70.41
C PRO V 265 3.36 -2.05 -71.32
N PHE V 266 3.62 -1.81 -72.60
CA PHE V 266 2.57 -1.70 -73.58
C PHE V 266 2.05 -3.08 -73.98
N TYR V 267 0.75 -3.17 -74.19
CA TYR V 267 0.09 -4.28 -74.85
C TYR V 267 -1.01 -3.68 -75.70
N PRO V 268 -1.30 -4.28 -76.86
CA PRO V 268 -2.33 -3.70 -77.74
C PRO V 268 -3.71 -3.79 -77.13
N GLY V 269 -4.25 -2.66 -76.71
CA GLY V 269 -5.50 -2.67 -76.00
C GLY V 269 -5.49 -1.82 -74.75
N ILE V 270 -4.32 -1.46 -74.25
CA ILE V 270 -4.27 -0.52 -73.13
C ILE V 270 -4.63 0.86 -73.66
N THR V 271 -5.64 1.48 -73.07
CA THR V 271 -6.10 2.74 -73.60
C THR V 271 -5.08 3.83 -73.29
N LEU V 272 -5.19 4.95 -74.00
CA LEU V 272 -4.24 6.03 -73.80
C LEU V 272 -4.42 6.67 -72.44
N GLN V 273 -5.64 6.63 -71.91
CA GLN V 273 -5.89 7.01 -70.53
C GLN V 273 -5.13 6.11 -69.56
N ALA V 274 -5.17 4.79 -69.78
CA ALA V 274 -4.61 3.87 -68.81
C ALA V 274 -3.10 3.78 -68.88
N TRP V 275 -2.52 4.04 -70.06
CA TRP V 275 -1.06 4.11 -70.15
C TRP V 275 -0.52 5.32 -69.39
N GLN V 276 -1.27 6.41 -69.39
CA GLN V 276 -0.85 7.64 -68.72
C GLN V 276 -1.07 7.62 -67.22
N GLN V 277 -1.75 6.61 -66.69
CA GLN V 277 -1.84 6.47 -65.25
C GLN V 277 -0.66 5.72 -64.67
N GLY V 278 0.06 4.96 -65.48
CA GLY V 278 1.21 4.22 -65.03
C GLY V 278 2.52 4.92 -65.20
N ILE V 279 2.50 6.17 -65.64
CA ILE V 279 3.71 6.95 -65.80
C ILE V 279 4.28 7.34 -64.45
N THR V 280 3.42 7.52 -63.46
CA THR V 280 3.83 7.84 -62.10
C THR V 280 4.66 6.71 -61.49
N ASN V 281 5.86 7.08 -61.03
CA ASN V 281 6.91 6.25 -60.43
C ASN V 281 7.61 5.34 -61.42
N HIS V 282 7.32 5.46 -62.72
CA HIS V 282 8.08 4.76 -63.74
C HIS V 282 8.53 5.82 -64.74
N LEU V 283 9.60 6.53 -64.41
CA LEU V 283 10.09 7.61 -65.25
C LEU V 283 11.49 7.26 -65.73
N VAL V 284 11.78 7.55 -66.99
CA VAL V 284 13.08 7.30 -67.57
C VAL V 284 13.55 8.58 -68.24
N ALA V 285 14.79 8.57 -68.69
CA ALA V 285 15.33 9.70 -69.43
C ALA V 285 14.88 9.60 -70.87
N ILE V 286 14.00 10.50 -71.30
CA ILE V 286 13.58 10.56 -72.68
C ILE V 286 14.35 11.60 -73.47
N ASP V 287 15.19 12.40 -72.81
CA ASP V 287 16.11 13.30 -73.50
C ASP V 287 17.26 13.61 -72.56
N ARG V 288 18.40 14.00 -73.14
CA ARG V 288 19.61 14.30 -72.39
C ARG V 288 20.34 15.45 -73.05
N SER V 289 21.04 16.23 -72.24
CA SER V 289 22.00 17.20 -72.72
C SER V 289 23.32 16.96 -71.99
N GLY V 290 24.41 17.46 -72.56
CA GLY V 290 25.68 17.21 -71.92
C GLY V 290 26.80 18.10 -72.40
N LEU V 291 27.98 17.81 -71.89
CA LEU V 291 29.23 18.47 -72.21
C LEU V 291 30.29 17.39 -72.32
N PRO V 292 31.37 17.63 -73.07
CA PRO V 292 32.44 16.64 -73.16
C PRO V 292 33.15 16.41 -71.84
N LEU V 293 33.87 15.29 -71.78
CA LEU V 293 34.40 14.80 -70.51
C LEU V 293 35.56 15.65 -70.01
N HIS V 294 36.33 16.25 -70.93
CA HIS V 294 37.45 17.08 -70.53
C HIS V 294 37.04 18.50 -70.14
N PHE V 295 35.77 18.85 -70.28
CA PHE V 295 35.29 20.13 -69.78
C PHE V 295 35.37 20.18 -68.26
N PHE V 296 35.17 19.05 -67.61
CA PHE V 296 35.14 18.98 -66.16
C PHE V 296 36.48 18.63 -65.57
N ILE V 297 37.55 18.69 -66.36
CA ILE V 297 38.89 18.57 -65.83
C ILE V 297 39.53 19.95 -65.92
N ASN V 298 39.39 20.71 -64.84
CA ASN V 298 39.81 22.10 -64.80
C ASN V 298 40.30 22.36 -63.37
N PRO V 299 41.03 23.47 -63.14
CA PRO V 299 41.54 23.72 -61.78
C PRO V 299 40.48 23.93 -60.72
N ASN V 300 39.22 24.16 -61.08
CA ASN V 300 38.17 24.30 -60.10
C ASN V 300 37.74 22.95 -59.53
N MET V 301 37.58 21.94 -60.40
CA MET V 301 37.16 20.62 -59.93
C MET V 301 38.26 19.89 -59.18
N LEU V 302 39.52 20.20 -59.48
CA LEU V 302 40.68 19.56 -58.87
C LEU V 302 41.47 20.64 -58.14
N PRO V 303 41.09 20.97 -56.90
CA PRO V 303 41.77 22.05 -56.18
C PRO V 303 43.02 21.62 -55.46
N ASP V 304 43.27 20.33 -55.34
CA ASP V 304 44.44 19.80 -54.65
C ASP V 304 45.56 19.42 -55.60
N LEU V 305 45.56 19.95 -56.80
CA LEU V 305 46.60 19.73 -57.78
C LEU V 305 47.01 21.07 -58.39
N PRO V 306 48.24 21.20 -58.87
CA PRO V 306 48.64 22.47 -59.48
C PRO V 306 47.94 22.75 -60.79
N GLY V 307 47.99 24.03 -61.17
CA GLY V 307 47.33 24.55 -62.34
C GLY V 307 47.71 23.94 -63.67
N PRO V 308 49.00 23.99 -64.05
CA PRO V 308 49.39 23.40 -65.34
C PRO V 308 49.37 21.90 -65.37
N LEU V 309 49.23 21.24 -64.24
CA LEU V 309 49.21 19.78 -64.21
C LEU V 309 47.83 19.21 -64.43
N VAL V 310 46.77 19.95 -64.10
CA VAL V 310 45.42 19.50 -64.47
C VAL V 310 45.08 19.86 -65.90
N LYS V 311 45.91 20.66 -66.56
CA LYS V 311 45.79 20.90 -67.99
C LYS V 311 46.53 19.85 -68.81
N LYS V 312 47.44 19.10 -68.20
CA LYS V 312 48.02 17.95 -68.89
C LYS V 312 47.07 16.77 -68.83
N VAL V 313 46.34 16.63 -67.72
CA VAL V 313 45.35 15.58 -67.61
C VAL V 313 44.18 15.85 -68.54
N SER V 314 43.78 17.11 -68.65
CA SER V 314 42.67 17.48 -69.51
C SER V 314 43.02 17.34 -70.98
N LYS V 315 44.28 17.50 -71.34
CA LYS V 315 44.68 17.37 -72.73
C LYS V 315 44.91 15.91 -73.10
N THR V 316 45.35 15.09 -72.17
CA THR V 316 45.55 13.68 -72.51
C THR V 316 44.25 12.89 -72.51
N VAL V 317 43.17 13.44 -71.98
CA VAL V 317 41.85 12.80 -72.08
C VAL V 317 41.11 13.32 -73.30
N GLU V 318 41.30 14.59 -73.66
CA GLU V 318 40.75 15.14 -74.90
C GLU V 318 41.32 14.43 -76.12
N THR V 319 42.57 14.00 -76.05
CA THR V 319 43.18 13.26 -77.14
C THR V 319 42.65 11.84 -77.21
N ALA V 320 42.36 11.24 -76.05
CA ALA V 320 41.86 9.87 -76.04
C ALA V 320 40.42 9.78 -76.51
N VAL V 321 39.61 10.80 -76.24
CA VAL V 321 38.24 10.82 -76.74
C VAL V 321 38.24 11.05 -78.24
N LYS V 322 39.10 11.94 -78.73
CA LYS V 322 39.18 12.21 -80.15
C LYS V 322 39.71 11.03 -80.93
N ARG V 323 40.59 10.24 -80.32
CA ARG V 323 41.09 9.03 -80.96
C ARG V 323 40.01 7.97 -81.07
N TYR V 324 39.05 7.99 -80.15
CA TYR V 324 37.98 7.01 -80.16
C TYR V 324 36.96 7.27 -81.26
N TYR V 325 36.73 8.55 -81.60
CA TYR V 325 35.86 8.86 -82.72
C TYR V 325 36.51 8.57 -84.06
N THR V 326 37.83 8.70 -84.14
CA THR V 326 38.53 8.54 -85.42
C THR V 326 38.59 7.08 -85.81
N PHE V 327 38.76 6.18 -84.84
CA PHE V 327 38.86 4.76 -85.15
C PHE V 327 37.52 4.12 -85.44
N ASN V 328 36.42 4.85 -85.24
CA ASN V 328 35.07 4.35 -85.51
C ASN V 328 34.41 5.17 -86.61
N THR V 329 35.21 5.74 -87.49
CA THR V 329 34.71 6.50 -88.62
C THR V 329 35.00 5.73 -89.90
N TYR V 330 33.97 5.47 -90.69
CA TYR V 330 34.06 4.69 -91.92
C TYR V 330 33.54 5.54 -93.07
N PRO V 331 34.39 6.26 -93.77
CA PRO V 331 33.93 6.97 -94.97
C PRO V 331 33.69 6.00 -96.11
N GLY V 332 32.70 6.33 -96.93
CA GLY V 332 32.36 5.47 -98.05
C GLY V 332 31.13 6.00 -98.76
N CYS V 333 30.74 5.26 -99.78
CA CYS V 333 29.53 5.59 -100.53
C CYS V 333 28.31 5.18 -99.74
N THR V 334 27.44 6.13 -99.44
CA THR V 334 26.29 5.90 -98.60
C THR V 334 24.97 5.85 -99.38
N ASP V 335 24.99 6.11 -100.67
CA ASP V 335 23.77 6.07 -101.48
C ASP V 335 23.49 4.62 -101.87
N LEU V 336 22.33 4.11 -101.47
CA LEU V 336 22.02 2.70 -101.67
C LEU V 336 21.71 2.37 -103.12
N ASN V 337 21.40 3.37 -103.94
CA ASN V 337 21.11 3.13 -105.34
C ASN V 337 22.34 3.14 -106.23
N SER V 338 23.48 3.63 -105.73
CA SER V 338 24.71 3.60 -106.48
C SER V 338 25.24 2.17 -106.56
N PRO V 339 25.90 1.80 -107.66
CA PRO V 339 26.40 0.42 -107.78
C PRO V 339 27.53 0.11 -106.83
N ASN V 340 28.37 1.09 -106.50
CA ASN V 340 29.43 0.89 -105.52
C ASN V 340 29.02 1.33 -104.11
N PHE V 341 27.88 0.81 -103.65
CA PHE V 341 27.37 1.16 -102.33
C PHE V 341 28.19 0.50 -101.23
N ASN V 342 28.68 1.31 -100.30
CA ASN V 342 29.42 0.82 -99.15
C ASN V 342 28.46 0.69 -98.00
N PHE V 343 27.93 -0.52 -97.83
CA PHE V 343 27.39 -0.91 -96.54
C PHE V 343 28.57 -0.99 -95.57
N GLN V 344 28.27 -0.84 -94.28
CA GLN V 344 29.27 -0.59 -93.22
C GLN V 344 30.07 0.68 -93.50
N ALA V 345 29.37 1.79 -93.66
CA ALA V 345 29.97 3.09 -93.80
C ALA V 345 29.13 4.14 -93.09
N ASN V 346 29.78 5.02 -92.34
CA ASN V 346 29.11 6.02 -91.52
C ASN V 346 29.00 7.36 -92.21
N THR V 347 30.09 7.82 -92.80
CA THR V 347 30.21 9.18 -93.29
C THR V 347 30.14 9.18 -94.81
N ASP V 348 29.41 10.13 -95.37
CA ASP V 348 29.28 10.27 -96.81
C ASP V 348 30.62 10.72 -97.39
N ASP V 349 31.19 9.89 -98.26
CA ASP V 349 32.51 10.17 -98.80
C ASP V 349 32.47 11.22 -99.90
N GLY V 350 31.32 11.43 -100.52
CA GLY V 350 31.24 12.35 -101.63
C GLY V 350 31.76 11.79 -102.94
N SER V 351 32.06 10.49 -102.99
CA SER V 351 32.53 9.83 -104.20
C SER V 351 31.60 8.65 -104.43
N CYS V 352 30.48 8.91 -105.09
CA CYS V 352 29.48 7.90 -105.34
C CYS V 352 29.50 7.39 -106.78
N GLU V 353 30.28 8.03 -107.64
CA GLU V 353 30.42 7.60 -109.03
C GLU V 353 31.90 7.50 -109.35
N GLY V 354 32.39 6.26 -109.48
CA GLY V 354 33.77 6.01 -109.81
C GLY V 354 33.98 5.78 -111.30
N LYS V 355 35.23 5.55 -111.66
CA LYS V 355 35.60 5.36 -113.05
C LYS V 355 36.07 3.95 -113.39
N MET V 356 36.28 3.10 -112.38
CA MET V 356 36.76 1.71 -112.52
C MET V 356 38.10 1.67 -113.26
N THR V 357 39.11 2.19 -112.57
CA THR V 357 40.48 2.17 -113.08
C THR V 357 41.23 1.04 -112.40
N ASN V 358 41.70 0.08 -113.18
CA ASN V 358 42.53 -1.00 -112.65
C ASN V 358 43.96 -0.50 -112.49
N PHE V 359 44.56 -0.82 -111.35
CA PHE V 359 45.89 -0.33 -111.03
C PHE V 359 46.88 -1.47 -110.90
N SER V 360 48.15 -1.11 -110.75
CA SER V 360 49.25 -2.05 -110.71
C SER V 360 49.83 -2.08 -109.30
N PHE V 361 49.87 -3.28 -108.71
CA PHE V 361 50.42 -3.46 -107.37
C PHE V 361 51.90 -3.79 -107.49
N GLY V 362 52.75 -2.82 -107.17
CA GLY V 362 54.17 -2.96 -107.34
C GLY V 362 54.92 -3.60 -106.20
N GLY V 363 54.22 -4.11 -105.19
CA GLY V 363 54.85 -4.83 -104.11
C GLY V 363 55.25 -3.94 -102.95
N VAL V 364 55.62 -4.60 -101.85
CA VAL V 364 55.99 -3.92 -100.61
C VAL V 364 57.38 -4.39 -100.20
N TYR V 365 58.08 -3.53 -99.47
CA TYR V 365 59.35 -3.90 -98.85
C TYR V 365 59.54 -3.07 -97.60
N GLN V 366 60.28 -3.64 -96.65
CA GLN V 366 60.44 -3.05 -95.33
C GLN V 366 61.89 -3.10 -94.92
N GLU V 367 62.44 -1.95 -94.53
CA GLU V 367 63.79 -1.89 -94.01
C GLU V 367 63.78 -2.10 -92.50
N CYS V 368 64.96 -2.39 -91.96
CA CYS V 368 65.13 -2.47 -90.52
C CYS V 368 66.48 -1.87 -90.14
N THR V 369 66.55 -1.32 -88.92
CA THR V 369 67.76 -0.69 -88.43
C THR V 369 67.84 -0.95 -86.93
N GLN V 370 68.78 -1.81 -86.53
CA GLN V 370 68.96 -2.14 -85.12
C GLN V 370 69.50 -0.94 -84.37
N LEU V 371 68.88 -0.62 -83.23
CA LEU V 371 69.29 0.50 -82.40
C LEU V 371 70.02 0.08 -81.14
N SER V 372 69.59 -1.01 -80.51
CA SER V 372 70.23 -1.49 -79.29
C SER V 372 69.90 -2.97 -79.14
N GLY V 373 70.78 -3.67 -78.42
CA GLY V 373 70.58 -5.09 -78.19
C GLY V 373 71.24 -5.96 -79.24
N ASN V 374 72.48 -5.63 -79.61
CA ASN V 374 73.17 -6.37 -80.65
C ASN V 374 73.64 -7.73 -80.14
N ARG V 375 73.73 -8.68 -81.08
CA ARG V 375 74.22 -10.05 -80.88
C ARG V 375 73.39 -10.85 -79.88
N ASP V 376 72.15 -10.43 -79.61
CA ASP V 376 71.30 -11.12 -78.67
C ASP V 376 69.99 -11.58 -79.28
N VAL V 377 69.31 -10.71 -80.03
CA VAL V 377 67.99 -11.00 -80.58
C VAL V 377 68.05 -11.15 -82.10
N LEU V 378 68.84 -10.30 -82.77
CA LEU V 378 68.83 -10.09 -84.22
C LEU V 378 67.42 -9.73 -84.70
N LEU V 379 66.98 -8.56 -84.23
CA LEU V 379 65.67 -8.03 -84.61
C LEU V 379 65.57 -7.74 -86.09
N CYS V 380 66.68 -7.38 -86.73
CA CYS V 380 66.69 -6.98 -88.13
C CYS V 380 66.78 -8.18 -89.08
N GLN V 381 66.32 -9.34 -88.65
CA GLN V 381 66.28 -10.54 -89.49
C GLN V 381 64.86 -11.06 -89.68
N LYS V 382 64.08 -11.15 -88.61
CA LYS V 382 62.68 -11.53 -88.71
C LYS V 382 61.76 -10.32 -88.85
N LEU V 383 62.30 -9.15 -89.19
CA LEU V 383 61.52 -7.94 -89.35
C LEU V 383 61.88 -7.26 -90.67
N GLU V 384 62.48 -8.00 -91.59
CA GLU V 384 63.00 -7.46 -92.84
C GLU V 384 62.32 -8.17 -94.00
N GLN V 385 61.87 -7.40 -94.99
CA GLN V 385 61.19 -7.96 -96.15
C GLN V 385 61.66 -7.26 -97.41
N LYS V 386 61.99 -8.03 -98.44
CA LYS V 386 62.40 -7.50 -99.72
C LYS V 386 61.30 -7.66 -100.75
N ASN V 387 61.36 -6.82 -101.77
CA ASN V 387 60.37 -6.82 -102.84
C ASN V 387 60.58 -8.04 -103.73
N PRO V 388 59.56 -8.88 -103.95
CA PRO V 388 59.75 -10.04 -104.84
C PRO V 388 59.95 -9.68 -106.30
N LEU V 389 59.58 -8.48 -106.72
CA LEU V 389 59.75 -8.09 -108.12
C LEU V 389 61.17 -7.70 -108.44
N THR V 390 61.94 -7.24 -107.45
CA THR V 390 63.33 -6.88 -107.67
C THR V 390 64.33 -7.68 -106.84
N GLY V 391 63.89 -8.34 -105.77
CA GLY V 391 64.83 -8.97 -104.86
C GLY V 391 65.67 -7.98 -104.10
N ASP V 392 65.17 -6.76 -103.90
CA ASP V 392 65.96 -5.66 -103.39
C ASP V 392 65.03 -4.71 -102.65
N PHE V 393 65.62 -3.72 -101.98
CA PHE V 393 64.86 -2.68 -101.30
C PHE V 393 64.60 -1.51 -102.25
N SER V 394 63.93 -1.82 -103.35
CA SER V 394 63.63 -0.84 -104.37
C SER V 394 62.44 -1.32 -105.17
N CYS V 395 61.77 -0.38 -105.81
CA CYS V 395 60.69 -0.67 -106.73
C CYS V 395 61.26 -1.01 -108.10
N PRO V 396 60.47 -1.67 -108.97
CA PRO V 396 60.94 -1.91 -110.34
C PRO V 396 61.04 -0.64 -111.19
N SER V 397 61.38 -0.84 -112.47
CA SER V 397 61.68 0.29 -113.36
C SER V 397 60.46 1.15 -113.63
N GLY V 398 59.28 0.52 -113.71
CA GLY V 398 58.07 1.29 -113.92
C GLY V 398 57.38 1.79 -112.68
N TYR V 399 58.04 1.72 -111.52
CA TYR V 399 57.40 2.03 -110.26
C TYR V 399 58.23 3.05 -109.47
N SER V 400 57.70 3.44 -108.30
CA SER V 400 58.31 4.44 -107.44
C SER V 400 57.92 4.15 -105.99
N PRO V 401 58.80 4.37 -105.03
CA PRO V 401 58.47 4.03 -103.63
C PRO V 401 57.67 5.11 -102.93
N VAL V 402 56.74 4.68 -102.09
CA VAL V 402 55.96 5.55 -101.22
C VAL V 402 56.12 5.07 -99.79
N HIS V 403 56.53 5.99 -98.91
CA HIS V 403 56.81 5.66 -97.51
C HIS V 403 55.51 5.62 -96.72
N LEU V 404 55.19 4.45 -96.15
CA LEU V 404 53.98 4.33 -95.35
C LEU V 404 54.17 4.87 -93.94
N LEU V 405 55.04 4.21 -93.18
CA LEU V 405 55.09 4.47 -91.74
C LEU V 405 56.43 3.99 -91.20
N SER V 406 56.94 4.71 -90.20
CA SER V 406 58.24 4.44 -89.61
C SER V 406 58.09 4.52 -88.09
N GLN V 407 58.25 3.40 -87.41
CA GLN V 407 58.13 3.34 -85.95
C GLN V 407 59.21 2.46 -85.37
N ILE V 408 59.20 2.33 -84.05
CA ILE V 408 60.21 1.59 -83.30
C ILE V 408 59.57 0.32 -82.77
N HIS V 409 60.20 -0.81 -83.02
CA HIS V 409 59.76 -2.08 -82.47
C HIS V 409 60.63 -2.45 -81.27
N GLU V 410 60.02 -3.12 -80.29
CA GLU V 410 60.72 -3.52 -79.08
C GLU V 410 60.46 -4.99 -78.80
N GLU V 411 61.53 -5.73 -78.49
CA GLU V 411 61.42 -7.07 -77.95
C GLU V 411 62.34 -7.21 -76.75
N GLY V 412 62.11 -8.28 -76.00
CA GLY V 412 62.86 -8.53 -74.77
C GLY V 412 63.72 -9.77 -74.88
N TYR V 413 64.90 -9.72 -74.29
CA TYR V 413 65.80 -10.86 -74.20
C TYR V 413 66.24 -11.03 -72.75
N ASN V 414 66.93 -12.15 -72.49
CA ASN V 414 66.99 -12.67 -71.14
C ASN V 414 68.38 -13.26 -70.89
N HIS V 415 69.02 -12.82 -69.82
CA HIS V 415 70.23 -13.46 -69.32
C HIS V 415 69.91 -14.21 -68.04
N LEU V 416 70.72 -15.22 -67.72
CA LEU V 416 70.55 -16.00 -66.50
C LEU V 416 71.93 -16.40 -66.00
N GLU V 417 72.32 -15.85 -64.86
CA GLU V 417 73.64 -16.08 -64.29
C GLU V 417 73.49 -16.69 -62.89
N CYS V 418 74.32 -17.69 -62.60
CA CYS V 418 74.26 -18.39 -61.33
C CYS V 418 75.68 -18.67 -60.86
N HIS V 419 75.95 -18.43 -59.58
CA HIS V 419 77.18 -18.93 -58.98
C HIS V 419 76.90 -19.35 -57.54
N ARG V 420 77.70 -20.30 -57.08
CA ARG V 420 77.50 -20.97 -55.81
C ARG V 420 78.75 -20.81 -54.96
N LYS V 421 78.57 -20.57 -53.66
CA LYS V 421 79.67 -20.32 -52.74
C LYS V 421 79.40 -21.01 -51.42
N CYS V 422 80.40 -21.68 -50.87
CA CYS V 422 80.28 -22.38 -49.61
C CYS V 422 81.25 -21.80 -48.60
N THR V 423 80.82 -21.71 -47.34
CA THR V 423 81.58 -21.06 -46.29
C THR V 423 81.67 -21.97 -45.06
N LEU V 424 82.89 -22.37 -44.70
CA LEU V 424 83.19 -23.25 -43.56
C LEU V 424 82.55 -24.61 -43.71
N LYS V 425 82.38 -25.07 -44.96
CA LYS V 425 81.87 -26.38 -45.39
C LYS V 425 80.39 -26.62 -45.04
N VAL V 426 79.72 -25.68 -44.38
CA VAL V 426 78.29 -25.69 -44.13
C VAL V 426 77.86 -24.45 -44.90
N PHE V 427 76.57 -24.09 -44.87
CA PHE V 427 76.08 -22.76 -45.27
C PHE V 427 76.36 -22.46 -46.74
N CYS V 428 75.80 -23.30 -47.61
CA CYS V 428 75.99 -23.12 -49.04
C CYS V 428 75.08 -22.02 -49.55
N LYS V 429 75.66 -21.06 -50.26
CA LYS V 429 74.92 -19.92 -50.81
C LYS V 429 74.88 -20.03 -52.33
N THR V 430 73.69 -19.89 -52.89
CA THR V 430 73.48 -19.93 -54.32
C THR V 430 72.59 -18.75 -54.70
N VAL V 431 73.09 -17.88 -55.58
CA VAL V 431 72.31 -16.75 -56.07
C VAL V 431 72.09 -16.94 -57.57
N CYS V 432 70.86 -16.70 -58.02
CA CYS V 432 70.44 -16.93 -59.40
C CYS V 432 69.81 -15.65 -59.92
N GLU V 433 70.56 -14.91 -60.72
CA GLU V 433 70.12 -13.61 -61.22
C GLU V 433 69.63 -13.74 -62.66
N ASP V 434 68.51 -13.09 -62.97
CA ASP V 434 67.85 -13.19 -64.26
C ASP V 434 67.46 -11.80 -64.74
N VAL V 435 68.22 -11.26 -65.68
CA VAL V 435 68.05 -9.89 -66.15
C VAL V 435 67.26 -9.90 -67.44
N PHE V 436 66.23 -9.06 -67.52
CA PHE V 436 65.39 -8.89 -68.70
C PHE V 436 65.65 -7.50 -69.27
N GLN V 437 66.16 -7.45 -70.49
CA GLN V 437 66.44 -6.18 -71.16
C GLN V 437 65.58 -6.04 -72.40
N VAL V 438 65.51 -4.82 -72.92
CA VAL V 438 64.66 -4.48 -74.05
C VAL V 438 65.54 -4.12 -75.24
N ALA V 439 65.35 -4.83 -76.35
CA ALA V 439 66.06 -4.56 -77.60
C ALA V 439 65.16 -3.81 -78.56
N LYS V 440 65.66 -2.73 -79.14
CA LYS V 440 64.87 -1.86 -79.99
C LYS V 440 65.35 -1.94 -81.44
N ALA V 441 64.45 -1.56 -82.35
CA ALA V 441 64.76 -1.56 -83.78
C ALA V 441 63.81 -0.60 -84.49
N GLU V 442 64.37 0.17 -85.41
CA GLU V 442 63.60 1.05 -86.29
C GLU V 442 63.24 0.29 -87.56
N PHE V 443 61.99 0.41 -87.99
CA PHE V 443 61.61 -0.12 -89.29
C PHE V 443 60.97 0.97 -90.13
N ARG V 444 61.14 0.86 -91.44
CA ARG V 444 60.57 1.78 -92.40
C ARG V 444 59.93 0.96 -93.51
N ALA V 445 58.60 1.00 -93.60
CA ALA V 445 57.86 0.25 -94.59
C ALA V 445 57.55 1.13 -95.78
N PHE V 446 57.89 0.64 -96.97
CA PHE V 446 57.66 1.36 -98.22
C PHE V 446 56.66 0.60 -99.06
N TRP V 447 56.30 1.22 -100.18
CA TRP V 447 55.24 0.69 -101.03
C TRP V 447 55.39 1.29 -102.42
N CYS V 448 55.19 0.46 -103.44
CA CYS V 448 55.46 0.83 -104.83
C CYS V 448 54.18 1.26 -105.53
N VAL V 449 54.31 2.24 -106.42
CA VAL V 449 53.18 2.83 -107.14
C VAL V 449 53.55 2.93 -108.62
N ALA V 450 52.60 2.63 -109.49
CA ALA V 450 52.81 2.77 -110.93
C ALA V 450 52.89 4.24 -111.29
N SER V 451 54.10 4.75 -111.54
CA SER V 451 54.32 6.15 -111.86
C SER V 451 54.88 6.37 -113.25
N SER V 452 55.11 5.31 -114.02
CA SER V 452 55.63 5.42 -115.37
C SER V 452 54.57 5.22 -116.45
N GLN V 453 53.39 4.73 -116.05
CA GLN V 453 52.13 4.66 -116.83
C GLN V 453 52.18 3.59 -117.92
N VAL V 454 53.35 3.01 -118.18
CA VAL V 454 53.45 1.94 -119.17
C VAL V 454 54.06 0.71 -118.50
N PRO V 455 53.26 -0.17 -117.89
CA PRO V 455 53.78 -1.49 -117.54
C PRO V 455 53.43 -2.52 -118.61
N GLU V 456 54.19 -3.60 -118.68
CA GLU V 456 53.79 -4.73 -119.50
C GLU V 456 52.74 -5.57 -118.76
N ASN V 457 53.11 -6.11 -117.61
CA ASN V 457 52.19 -6.75 -116.69
C ASN V 457 52.34 -6.11 -115.33
N SER V 458 51.25 -6.06 -114.57
CA SER V 458 51.22 -5.31 -113.31
C SER V 458 52.09 -5.98 -112.25
N GLY V 459 51.81 -7.24 -111.95
CA GLY V 459 52.56 -7.95 -110.94
C GLY V 459 51.82 -8.11 -109.64
N LEU V 460 51.93 -9.30 -109.07
CA LEU V 460 51.53 -9.63 -107.70
C LEU V 460 50.03 -9.39 -107.48
N LEU V 461 49.23 -10.19 -108.18
CA LEU V 461 47.79 -9.94 -108.25
C LEU V 461 47.08 -10.50 -107.02
N PHE V 462 47.16 -9.73 -105.93
CA PHE V 462 46.29 -9.83 -104.75
C PHE V 462 46.58 -8.62 -103.88
N GLY V 463 45.60 -8.25 -103.07
CA GLY V 463 45.77 -7.11 -102.19
C GLY V 463 45.13 -7.26 -100.83
N GLY V 464 44.88 -8.49 -100.40
CA GLY V 464 44.24 -8.77 -99.13
C GLY V 464 45.23 -9.09 -98.03
N LEU V 465 44.86 -8.75 -96.81
CA LEU V 465 45.78 -8.72 -95.67
C LEU V 465 45.22 -9.55 -94.54
N PHE V 466 46.10 -9.94 -93.62
CA PHE V 466 45.67 -10.47 -92.33
C PHE V 466 46.76 -10.19 -91.32
N SER V 467 46.36 -9.91 -90.10
CA SER V 467 47.26 -9.55 -89.03
C SER V 467 47.44 -10.74 -88.08
N SER V 468 48.11 -10.50 -86.96
CA SER V 468 48.12 -11.45 -85.87
C SER V 468 46.83 -11.42 -85.07
N LYS V 469 45.96 -10.44 -85.32
CA LYS V 469 44.66 -10.35 -84.67
C LYS V 469 43.53 -10.17 -85.66
N SER V 470 43.81 -10.25 -86.95
CA SER V 470 42.81 -10.08 -88.00
C SER V 470 42.72 -11.37 -88.82
N ILE V 471 41.84 -11.34 -89.82
CA ILE V 471 41.52 -12.51 -90.62
C ILE V 471 41.44 -12.07 -92.07
N ASN V 472 42.09 -12.83 -92.96
CA ASN V 472 41.95 -12.62 -94.39
C ASN V 472 40.54 -13.05 -94.80
N PRO V 473 39.73 -12.14 -95.36
CA PRO V 473 38.36 -12.54 -95.71
C PRO V 473 38.28 -13.44 -96.93
N MET V 474 39.34 -13.52 -97.74
CA MET V 474 39.35 -14.43 -98.87
C MET V 474 39.69 -15.85 -98.47
N THR V 475 40.08 -16.09 -97.22
CA THR V 475 40.24 -17.44 -96.69
C THR V 475 39.40 -17.69 -95.44
N ASN V 476 38.86 -16.64 -94.82
CA ASN V 476 38.22 -16.68 -93.49
C ASN V 476 39.11 -17.33 -92.44
N ALA V 477 40.41 -17.06 -92.55
CA ALA V 477 41.40 -17.60 -91.64
C ALA V 477 42.66 -16.74 -91.75
N GLN V 478 43.66 -17.10 -90.95
CA GLN V 478 44.98 -16.45 -90.99
C GLN V 478 45.91 -17.21 -91.92
N SER V 479 45.50 -17.33 -93.18
CA SER V 479 46.24 -18.11 -94.15
C SER V 479 46.12 -17.47 -95.51
N CYS V 480 46.96 -17.91 -96.42
CA CYS V 480 46.97 -17.46 -97.80
C CYS V 480 46.00 -18.29 -98.61
N PRO V 481 45.52 -17.77 -99.75
CA PRO V 481 44.73 -18.61 -100.65
C PRO V 481 45.60 -19.59 -101.43
N ALA V 482 44.99 -20.31 -102.37
CA ALA V 482 45.66 -21.39 -103.10
C ALA V 482 46.74 -20.83 -104.02
N GLY V 483 48.00 -21.00 -103.63
CA GLY V 483 49.12 -20.60 -104.46
C GLY V 483 49.58 -19.17 -104.21
N TYR V 484 49.64 -18.78 -102.93
CA TYR V 484 49.94 -17.41 -102.53
C TYR V 484 50.99 -17.43 -101.43
N PHE V 485 51.95 -16.52 -101.50
CA PHE V 485 52.97 -16.44 -100.46
C PHE V 485 52.90 -15.09 -99.77
N PRO V 486 53.03 -15.04 -98.44
CA PRO V 486 52.84 -13.79 -97.72
C PRO V 486 54.10 -12.95 -97.69
N LEU V 487 53.90 -11.64 -97.60
CA LEU V 487 54.99 -10.68 -97.46
C LEU V 487 54.84 -10.00 -96.12
N ARG V 488 55.88 -10.07 -95.29
CA ARG V 488 55.79 -9.50 -93.96
C ARG V 488 55.87 -7.98 -93.99
N LEU V 489 55.12 -7.36 -93.10
CA LEU V 489 55.04 -5.90 -93.02
C LEU V 489 55.02 -5.59 -91.52
N PHE V 490 54.56 -4.38 -91.16
CA PHE V 490 55.05 -3.54 -90.06
C PHE V 490 55.53 -4.28 -88.82
N GLU V 491 54.63 -4.99 -88.18
CA GLU V 491 55.00 -5.95 -87.15
C GLU V 491 54.32 -7.29 -87.35
N ASN V 492 53.09 -7.29 -87.83
CA ASN V 492 52.32 -8.53 -87.95
C ASN V 492 51.57 -8.68 -89.26
N LEU V 493 51.58 -7.68 -90.13
CA LEU V 493 50.88 -7.82 -91.40
C LEU V 493 51.57 -8.81 -92.31
N LYS V 494 50.78 -9.65 -92.95
CA LYS V 494 51.25 -10.58 -93.97
C LYS V 494 50.37 -10.41 -95.18
N VAL V 495 50.91 -9.79 -96.22
CA VAL V 495 50.17 -9.47 -97.44
C VAL V 495 50.31 -10.62 -98.42
N CYS V 496 49.19 -11.24 -98.78
CA CYS V 496 49.23 -12.42 -99.65
C CYS V 496 49.43 -11.97 -101.09
N VAL V 497 50.29 -12.69 -101.81
CA VAL V 497 50.84 -12.23 -103.08
C VAL V 497 51.11 -13.42 -103.99
N SER V 498 50.62 -13.35 -105.23
CA SER V 498 50.97 -14.31 -106.26
C SER V 498 51.08 -13.60 -107.60
N GLN V 499 52.05 -14.00 -108.40
CA GLN V 499 52.28 -13.45 -109.74
C GLN V 499 52.17 -14.54 -110.80
N ASP V 500 51.22 -15.45 -110.64
CA ASP V 500 51.09 -16.60 -111.53
C ASP V 500 50.20 -16.35 -112.73
N TYR V 501 49.21 -15.45 -112.60
CA TYR V 501 48.31 -14.95 -113.64
C TYR V 501 47.32 -16.01 -114.17
N GLU V 502 47.44 -17.25 -113.72
CA GLU V 502 46.51 -18.31 -114.09
C GLU V 502 45.83 -18.93 -112.89
N LEU V 503 46.61 -19.39 -111.91
CA LEU V 503 46.03 -19.89 -110.67
C LEU V 503 45.80 -18.79 -109.65
N GLY V 504 46.29 -17.58 -109.93
CA GLY V 504 46.10 -16.46 -109.02
C GLY V 504 44.92 -15.60 -109.38
N SER V 505 44.43 -15.72 -110.62
CA SER V 505 43.32 -14.89 -111.08
C SER V 505 41.97 -15.34 -110.55
N ARG V 506 41.89 -16.50 -109.90
CA ARG V 506 40.64 -16.87 -109.24
C ARG V 506 40.39 -16.02 -108.01
N PHE V 507 41.46 -15.69 -107.28
CA PHE V 507 41.34 -14.97 -106.02
C PHE V 507 41.84 -13.54 -106.09
N ALA V 508 42.30 -13.08 -107.25
CA ALA V 508 42.84 -11.74 -107.36
C ALA V 508 41.75 -10.69 -107.26
N VAL V 509 41.94 -9.74 -106.35
CA VAL V 509 40.97 -8.67 -106.12
C VAL V 509 41.51 -7.39 -106.74
N PRO V 510 40.66 -6.46 -107.16
CA PRO V 510 41.15 -5.15 -107.60
C PRO V 510 41.70 -4.37 -106.41
N PHE V 511 42.97 -3.99 -106.50
CA PHE V 511 43.66 -3.32 -105.41
C PHE V 511 43.66 -1.82 -105.63
N GLY V 512 43.56 -1.06 -104.54
CA GLY V 512 43.42 0.37 -104.65
C GLY V 512 44.55 1.19 -104.06
N GLY V 513 45.20 0.71 -103.02
CA GLY V 513 46.32 1.43 -102.43
C GLY V 513 46.26 1.44 -100.92
N PHE V 514 47.42 1.73 -100.32
CA PHE V 514 47.55 1.90 -98.88
C PHE V 514 47.60 3.38 -98.53
N PHE V 515 47.11 3.72 -97.34
CA PHE V 515 47.35 5.02 -96.75
C PHE V 515 47.26 4.90 -95.23
N SER V 516 47.84 5.88 -94.55
CA SER V 516 47.91 5.85 -93.10
C SER V 516 47.55 7.23 -92.58
N CYS V 517 47.77 7.45 -91.29
CA CYS V 517 47.43 8.73 -90.68
C CYS V 517 48.41 9.84 -91.04
N THR V 518 49.54 9.51 -91.66
CA THR V 518 50.54 10.49 -92.01
C THR V 518 50.75 10.66 -93.51
N VAL V 519 50.48 9.64 -94.31
CA VAL V 519 50.74 9.66 -95.73
C VAL V 519 49.45 9.32 -96.47
N GLY V 520 49.34 9.81 -97.70
CA GLY V 520 48.21 9.48 -98.56
C GLY V 520 48.62 8.67 -99.77
N ASN V 521 47.67 7.96 -100.36
CA ASN V 521 48.07 7.26 -101.58
C ASN V 521 48.07 8.22 -102.77
N PRO V 522 49.00 8.06 -103.69
CA PRO V 522 49.05 8.95 -104.85
C PRO V 522 48.19 8.48 -106.01
N LEU V 523 47.25 7.57 -105.76
CA LEU V 523 46.42 7.01 -106.81
C LEU V 523 45.08 7.73 -106.94
N VAL V 524 45.00 8.97 -106.45
CA VAL V 524 43.78 9.76 -106.52
C VAL V 524 43.97 11.03 -107.34
N ASP V 525 45.14 11.67 -107.24
CA ASP V 525 45.33 12.98 -107.89
C ASP V 525 45.60 12.88 -109.39
N PRO V 526 46.45 11.96 -109.89
CA PRO V 526 46.41 11.89 -111.36
C PRO V 526 45.28 11.00 -111.87
N PRO V 535 50.71 17.46 -100.68
CA PRO V 535 50.92 16.07 -101.07
C PRO V 535 49.63 15.38 -101.50
N SER V 536 49.45 14.12 -101.09
CA SER V 536 48.31 13.32 -101.52
C SER V 536 47.09 13.64 -100.67
N LEU V 537 46.05 12.82 -100.81
CA LEU V 537 44.75 13.14 -100.24
C LEU V 537 44.29 12.17 -99.15
N LYS V 538 44.91 10.97 -99.06
CA LYS V 538 44.54 9.84 -98.18
C LYS V 538 43.05 9.55 -98.16
N LYS V 539 42.37 9.76 -99.29
CA LYS V 539 40.95 9.45 -99.35
C LYS V 539 40.71 8.01 -99.78
N CYS V 540 40.88 7.74 -101.08
CA CYS V 540 40.50 6.52 -101.78
C CYS V 540 40.88 6.76 -103.24
N PRO V 541 40.94 5.75 -104.12
CA PRO V 541 41.01 6.08 -105.54
C PRO V 541 39.70 6.58 -106.11
N GLY V 542 38.57 6.01 -105.67
CA GLY V 542 37.29 6.35 -106.26
C GLY V 542 36.63 5.14 -106.86
N GLY V 543 35.52 4.71 -106.29
CA GLY V 543 34.91 3.45 -106.60
C GLY V 543 35.33 2.33 -105.68
N PHE V 544 36.52 2.43 -105.09
CA PHE V 544 37.00 1.46 -104.13
C PHE V 544 36.41 1.76 -102.76
N SER V 545 36.75 0.93 -101.78
CA SER V 545 36.23 1.07 -100.43
C SER V 545 37.37 0.95 -99.44
N GLN V 546 37.44 1.88 -98.49
CA GLN V 546 38.45 1.82 -97.45
C GLN V 546 38.18 0.65 -96.52
N HIS V 547 39.24 -0.03 -96.13
CA HIS V 547 39.13 -1.06 -95.13
C HIS V 547 40.38 -0.97 -94.27
N PRO V 548 40.24 -1.09 -92.96
CA PRO V 548 41.38 -0.90 -92.08
C PRO V 548 42.24 -2.15 -91.95
N ALA V 549 43.55 -1.94 -92.00
CA ALA V 549 44.54 -2.91 -91.56
C ALA V 549 44.75 -2.69 -90.06
N LEU V 550 45.84 -3.22 -89.51
CA LEU V 550 46.07 -3.09 -88.08
C LEU V 550 46.39 -1.65 -87.68
N ILE V 551 46.53 -1.44 -86.38
CA ILE V 551 46.88 -0.15 -85.81
C ILE V 551 48.29 -0.25 -85.27
N SER V 552 49.19 0.60 -85.77
CA SER V 552 50.58 0.62 -85.37
C SER V 552 50.79 1.74 -84.36
N ASP V 553 50.43 1.44 -83.10
CA ASP V 553 50.67 2.29 -81.93
C ASP V 553 50.00 3.66 -82.07
N GLY V 554 48.69 3.65 -82.31
CA GLY V 554 47.92 4.87 -82.39
C GLY V 554 47.63 5.36 -83.79
N CYS V 555 48.35 4.86 -84.79
CA CYS V 555 48.13 5.24 -86.18
C CYS V 555 47.46 4.09 -86.92
N GLN V 556 46.52 4.42 -87.79
CA GLN V 556 45.70 3.44 -88.47
C GLN V 556 46.12 3.35 -89.93
N VAL V 557 46.40 2.13 -90.40
CA VAL V 557 46.75 1.88 -91.79
C VAL V 557 45.53 1.30 -92.48
N SER V 558 45.19 1.86 -93.64
CA SER V 558 43.99 1.44 -94.36
C SER V 558 44.34 1.10 -95.80
N TYR V 559 43.53 0.22 -96.40
CA TYR V 559 43.75 -0.23 -97.76
C TYR V 559 42.44 -0.26 -98.52
N CYS V 560 42.51 -0.05 -99.83
CA CYS V 560 41.34 0.09 -100.68
C CYS V 560 41.17 -1.13 -101.58
N VAL V 561 39.92 -1.49 -101.84
CA VAL V 561 39.59 -2.71 -102.58
C VAL V 561 38.17 -2.55 -103.11
N LYS V 562 37.83 -3.28 -104.17
CA LYS V 562 36.52 -3.19 -104.80
C LYS V 562 35.96 -4.59 -105.07
N SER V 563 35.90 -5.42 -104.03
CA SER V 563 35.30 -6.73 -104.24
C SER V 563 33.78 -6.66 -104.17
N GLY V 564 33.25 -6.20 -103.04
CA GLY V 564 31.90 -6.45 -102.64
C GLY V 564 31.80 -7.51 -101.56
N LEU V 565 32.79 -8.41 -101.51
CA LEU V 565 32.88 -9.36 -100.41
C LEU V 565 33.35 -8.69 -99.14
N PHE V 566 34.25 -7.72 -99.27
CA PHE V 566 34.74 -6.98 -98.11
C PHE V 566 33.66 -6.06 -97.53
N THR V 567 32.72 -5.62 -98.36
CA THR V 567 31.78 -4.58 -97.97
C THR V 567 30.65 -5.14 -97.10
N GLY V 568 29.89 -6.08 -97.63
CA GLY V 568 28.67 -6.53 -96.98
C GLY V 568 28.90 -7.39 -95.75
N GLY V 569 27.79 -7.86 -95.19
CA GLY V 569 27.82 -8.64 -93.97
C GLY V 569 26.82 -8.12 -92.97
N SER V 570 27.26 -7.92 -91.74
CA SER V 570 26.48 -7.20 -90.74
C SER V 570 27.23 -5.95 -90.33
N LEU V 571 26.54 -5.07 -89.62
CA LEU V 571 27.17 -3.86 -89.13
C LEU V 571 28.09 -4.20 -87.97
N PRO V 572 29.35 -3.76 -88.00
CA PRO V 572 30.29 -4.13 -86.94
C PRO V 572 29.99 -3.35 -85.67
N PRO V 573 30.40 -3.84 -84.51
CA PRO V 573 30.31 -3.04 -83.30
C PRO V 573 31.43 -2.00 -83.27
N ALA V 574 31.37 -1.16 -82.25
CA ALA V 574 32.39 -0.13 -82.09
C ALA V 574 33.69 -0.74 -81.60
N ARG V 575 34.81 -0.20 -82.08
CA ARG V 575 36.10 -0.51 -81.50
C ARG V 575 36.25 0.24 -80.19
N LEU V 576 36.34 -0.51 -79.11
CA LEU V 576 36.42 0.13 -77.81
C LEU V 576 37.88 0.34 -77.44
N PRO V 577 38.17 1.33 -76.60
CA PRO V 577 39.55 1.52 -76.11
C PRO V 577 39.94 0.38 -75.17
N PRO V 578 41.23 0.24 -74.81
CA PRO V 578 42.47 0.92 -75.21
C PRO V 578 42.95 0.44 -76.56
N PHE V 579 43.57 1.34 -77.30
CA PHE V 579 44.09 1.02 -78.62
C PHE V 579 45.59 0.83 -78.62
N THR V 580 46.25 1.13 -77.50
CA THR V 580 47.66 0.84 -77.32
C THR V 580 47.81 -0.16 -76.19
N ARG V 581 49.04 -0.61 -75.99
CA ARG V 581 49.39 -1.50 -74.90
C ARG V 581 50.44 -0.82 -74.03
N PRO V 582 50.54 -1.17 -72.75
CA PRO V 582 51.60 -0.60 -71.93
C PRO V 582 52.95 -1.12 -72.36
N PRO V 583 53.99 -0.28 -72.33
CA PRO V 583 55.26 -0.65 -72.94
C PRO V 583 56.05 -1.63 -72.08
N LEU V 584 57.12 -2.14 -72.68
CA LEU V 584 58.00 -3.08 -72.01
C LEU V 584 59.01 -2.32 -71.14
N MET V 585 59.37 -2.95 -70.03
CA MET V 585 60.29 -2.39 -69.06
C MET V 585 61.41 -3.37 -68.80
N SER V 586 62.59 -2.84 -68.53
CA SER V 586 63.72 -3.70 -68.20
C SER V 586 63.69 -4.09 -66.73
N GLN V 587 63.93 -5.37 -66.46
CA GLN V 587 63.64 -6.00 -65.18
C GLN V 587 64.87 -6.73 -64.67
N ALA V 588 64.75 -7.27 -63.46
CA ALA V 588 65.80 -8.08 -62.84
C ALA V 588 65.17 -8.90 -61.73
N ALA V 589 65.58 -10.16 -61.61
CA ALA V 589 65.02 -11.05 -60.61
C ALA V 589 66.11 -11.93 -60.04
N THR V 590 66.27 -11.92 -58.72
CA THR V 590 67.29 -12.69 -58.04
C THR V 590 66.66 -13.71 -57.10
N ASN V 591 67.42 -14.76 -56.79
CA ASN V 591 66.99 -15.84 -55.92
C ASN V 591 68.21 -16.30 -55.13
N THR V 592 68.33 -15.88 -53.88
CA THR V 592 69.42 -16.34 -53.02
C THR V 592 68.90 -17.45 -52.12
N VAL V 593 69.61 -18.57 -52.10
CA VAL V 593 69.25 -19.73 -51.27
C VAL V 593 70.41 -20.02 -50.34
N ILE V 594 70.12 -20.15 -49.05
CA ILE V 594 71.10 -20.57 -48.04
C ILE V 594 70.72 -21.96 -47.58
N VAL V 595 71.67 -22.89 -47.64
CA VAL V 595 71.45 -24.28 -47.27
C VAL V 595 72.43 -24.62 -46.17
N THR V 596 71.92 -24.92 -44.97
CA THR V 596 72.79 -25.42 -43.91
C THR V 596 72.90 -26.93 -44.06
N ASN V 597 74.12 -27.42 -44.25
CA ASN V 597 74.36 -28.83 -44.49
C ASN V 597 74.54 -29.62 -43.21
N SER V 598 74.16 -29.05 -42.06
CA SER V 598 74.48 -29.67 -40.79
C SER V 598 73.53 -29.21 -39.70
N GLU V 599 73.32 -30.09 -38.73
CA GLU V 599 72.82 -29.69 -37.43
C GLU V 599 74.01 -29.17 -36.61
N ASN V 600 73.73 -28.76 -35.37
CA ASN V 600 74.69 -28.07 -34.49
C ASN V 600 75.25 -26.83 -35.19
N ALA V 601 74.36 -26.08 -35.82
CA ALA V 601 74.75 -24.89 -36.57
C ALA V 601 73.56 -23.94 -36.54
N ARG V 602 73.63 -22.94 -35.67
CA ARG V 602 72.56 -21.97 -35.54
C ARG V 602 72.81 -20.77 -36.45
N SER V 603 71.76 -19.99 -36.67
CA SER V 603 71.85 -18.84 -37.56
C SER V 603 70.83 -17.81 -37.14
N TRP V 604 71.24 -16.54 -37.14
CA TRP V 604 70.36 -15.43 -36.85
C TRP V 604 70.35 -14.49 -38.04
N ILE V 605 69.17 -14.02 -38.41
CA ILE V 605 69.00 -13.21 -39.61
C ILE V 605 68.20 -11.97 -39.25
N LYS V 606 68.69 -10.81 -39.64
CA LYS V 606 67.96 -9.55 -39.54
C LYS V 606 67.66 -9.09 -40.96
N ASP V 607 66.38 -9.13 -41.34
CA ASP V 607 66.01 -9.02 -42.75
C ASP V 607 66.17 -7.60 -43.28
N SER V 608 65.91 -6.59 -42.45
CA SER V 608 66.05 -5.20 -42.86
C SER V 608 66.29 -4.38 -41.60
N GLN V 609 66.36 -3.06 -41.78
CA GLN V 609 66.62 -2.18 -40.65
C GLN V 609 65.42 -2.04 -39.73
N THR V 610 64.21 -2.33 -40.22
CA THR V 610 63.02 -2.28 -39.40
C THR V 610 62.70 -3.61 -38.74
N HIS V 611 63.21 -4.72 -39.28
CA HIS V 611 62.99 -6.01 -38.67
C HIS V 611 63.80 -6.15 -37.38
N GLN V 612 63.44 -7.16 -36.60
CA GLN V 612 64.25 -7.58 -35.47
C GLN V 612 65.03 -8.82 -35.84
N TRP V 613 66.01 -9.16 -35.00
CA TRP V 613 66.79 -10.37 -35.22
C TRP V 613 65.90 -11.60 -35.10
N ARG V 614 66.09 -12.53 -36.00
CA ARG V 614 65.20 -13.65 -36.19
C ARG V 614 66.05 -14.91 -36.25
N LEU V 615 65.56 -15.98 -35.62
CA LEU V 615 66.29 -17.24 -35.66
C LEU V 615 66.14 -17.86 -37.05
N GLY V 616 67.26 -18.24 -37.64
CA GLY V 616 67.25 -18.70 -39.01
C GLY V 616 66.81 -20.14 -39.16
N GLU V 617 66.46 -20.48 -40.39
CA GLU V 617 65.99 -21.78 -40.84
C GLU V 617 67.03 -22.42 -41.75
N PRO V 618 66.97 -23.75 -41.96
CA PRO V 618 67.98 -24.37 -42.83
C PRO V 618 67.89 -24.00 -44.30
N ILE V 619 66.70 -23.70 -44.84
CA ILE V 619 66.55 -23.21 -46.20
C ILE V 619 65.85 -21.86 -46.13
N GLU V 620 66.43 -20.85 -46.75
CA GLU V 620 65.90 -19.48 -46.60
C GLU V 620 65.10 -18.98 -47.80
N LEU V 621 65.70 -18.91 -48.98
CA LEU V 621 65.05 -18.50 -50.24
C LEU V 621 64.48 -17.08 -50.15
N ARG V 622 65.38 -16.12 -50.15
CA ARG V 622 65.01 -14.73 -50.39
C ARG V 622 64.73 -14.51 -51.87
N ARG V 623 63.82 -13.57 -52.17
CA ARG V 623 63.49 -13.21 -53.55
C ARG V 623 63.41 -11.71 -53.71
N ALA V 624 63.71 -11.23 -54.91
CA ALA V 624 63.63 -9.81 -55.20
C ALA V 624 63.33 -9.61 -56.68
N MET V 625 62.49 -8.62 -56.98
CA MET V 625 62.18 -8.25 -58.36
C MET V 625 62.37 -6.75 -58.51
N ASN V 626 63.25 -6.35 -59.42
CA ASN V 626 63.65 -4.96 -59.60
C ASN V 626 63.21 -4.50 -60.98
N VAL V 627 62.42 -3.44 -61.04
CA VAL V 627 61.90 -2.89 -62.29
C VAL V 627 62.37 -1.45 -62.40
N ILE V 628 62.78 -1.03 -63.59
CA ILE V 628 63.06 0.37 -63.88
C ILE V 628 62.23 0.82 -65.07
N HIS V 629 61.54 1.95 -64.91
CA HIS V 629 60.70 2.51 -65.96
C HIS V 629 61.58 3.29 -66.93
N GLY V 630 61.76 2.75 -68.13
CA GLY V 630 62.54 3.43 -69.16
C GLY V 630 64.02 3.41 -68.91
N ASP W 10 24.10 -9.78 -33.21
CA ASP W 10 24.38 -9.14 -34.49
C ASP W 10 23.88 -9.97 -35.67
N GLU W 11 23.97 -9.39 -36.86
CA GLU W 11 23.47 -10.02 -38.08
C GLU W 11 24.19 -9.36 -39.24
N VAL W 12 24.63 -10.17 -40.22
CA VAL W 12 25.47 -9.67 -41.30
C VAL W 12 24.89 -10.12 -42.64
N GLY W 13 25.48 -9.57 -43.70
CA GLY W 13 25.22 -10.07 -45.04
C GLY W 13 23.92 -9.55 -45.63
N VAL W 14 23.32 -10.39 -46.48
CA VAL W 14 22.12 -10.02 -47.21
C VAL W 14 20.94 -9.97 -46.25
N GLN W 15 20.92 -10.84 -45.25
CA GLN W 15 19.75 -11.01 -44.40
C GLN W 15 19.56 -9.84 -43.44
N LYS W 16 20.63 -9.12 -43.12
CA LYS W 16 20.48 -7.85 -42.41
C LYS W 16 19.74 -6.83 -43.26
N CYS W 17 20.01 -6.83 -44.57
CA CYS W 17 19.32 -5.92 -45.48
C CYS W 17 17.86 -6.32 -45.66
N LYS W 18 17.59 -7.62 -45.69
CA LYS W 18 16.23 -8.09 -45.94
C LYS W 18 15.32 -7.86 -44.74
N ASN W 19 15.87 -7.88 -43.53
CA ASN W 19 15.02 -7.69 -42.37
C ASN W 19 14.67 -6.22 -42.16
N ALA W 20 15.58 -5.32 -42.51
CA ALA W 20 15.34 -3.90 -42.31
C ALA W 20 14.47 -3.30 -43.41
N LEU W 21 14.48 -3.91 -44.60
CA LEU W 21 13.82 -3.31 -45.76
C LEU W 21 12.62 -4.11 -46.25
N LYS W 22 12.64 -5.43 -46.09
CA LYS W 22 11.55 -6.35 -46.45
C LYS W 22 11.20 -6.27 -47.93
N LEU W 23 12.20 -6.45 -48.79
CA LEU W 23 12.02 -6.41 -50.22
C LEU W 23 13.11 -7.28 -50.85
N PRO W 24 12.85 -7.90 -52.01
CA PRO W 24 13.79 -8.91 -52.52
C PRO W 24 15.09 -8.36 -53.06
N VAL W 25 15.97 -9.26 -53.47
CA VAL W 25 17.28 -8.93 -53.99
C VAL W 25 17.24 -9.09 -55.50
N LEU W 26 17.92 -8.23 -56.23
CA LEU W 26 17.92 -8.31 -57.69
C LEU W 26 18.73 -9.52 -58.11
N GLU W 27 18.07 -10.49 -58.74
CA GLU W 27 18.66 -11.79 -59.01
C GLU W 27 19.52 -11.83 -60.26
N VAL W 28 19.69 -10.72 -60.95
CA VAL W 28 20.41 -10.68 -62.22
C VAL W 28 21.64 -9.82 -62.00
N LEU W 29 22.79 -10.45 -61.73
CA LEU W 29 23.93 -9.66 -61.31
C LEU W 29 25.13 -9.90 -62.21
N PRO W 30 25.93 -8.88 -62.48
CA PRO W 30 27.13 -9.08 -63.28
C PRO W 30 28.33 -9.45 -62.42
N GLY W 31 29.49 -9.63 -63.05
CA GLY W 31 30.67 -10.02 -62.32
C GLY W 31 30.92 -11.51 -62.25
N GLY W 32 30.13 -12.33 -62.91
CA GLY W 32 30.36 -13.75 -62.95
C GLY W 32 31.14 -14.15 -64.17
N GLY W 33 31.63 -15.37 -64.15
CA GLY W 33 32.33 -15.90 -65.30
C GLY W 33 31.38 -16.32 -66.40
N TRP W 34 31.90 -16.40 -67.61
CA TRP W 34 31.06 -16.67 -68.76
C TRP W 34 31.83 -17.49 -69.78
N ASP W 35 31.38 -18.70 -70.04
CA ASP W 35 31.90 -19.49 -71.15
C ASP W 35 31.26 -18.98 -72.42
N ASN W 36 32.07 -18.43 -73.32
CA ASN W 36 31.53 -17.80 -74.51
C ASN W 36 31.40 -18.77 -75.68
N LEU W 37 31.83 -20.01 -75.53
CA LEU W 37 31.51 -21.02 -76.54
C LEU W 37 30.18 -21.70 -76.28
N ARG W 38 29.86 -21.98 -75.02
CA ARG W 38 28.67 -22.71 -74.68
C ARG W 38 27.53 -21.82 -74.25
N ASN W 39 27.78 -20.52 -74.06
CA ASN W 39 26.86 -19.54 -73.48
C ASN W 39 26.28 -19.99 -72.15
N VAL W 40 27.14 -20.47 -71.27
CA VAL W 40 26.76 -20.78 -69.90
C VAL W 40 27.58 -19.86 -69.00
N ASP W 41 27.08 -19.65 -67.79
CA ASP W 41 27.77 -18.81 -66.85
C ASP W 41 28.42 -19.61 -65.73
N MET W 42 29.57 -19.15 -65.31
CA MET W 42 30.54 -19.83 -64.50
C MET W 42 30.54 -19.32 -63.08
N GLY W 43 31.59 -19.69 -62.34
CA GLY W 43 31.77 -19.17 -60.99
C GLY W 43 32.01 -17.68 -60.96
N ARG W 44 31.82 -17.12 -59.77
CA ARG W 44 31.79 -15.68 -59.55
C ARG W 44 33.21 -15.12 -59.45
N VAL W 45 33.52 -14.13 -60.28
CA VAL W 45 34.87 -13.57 -60.35
C VAL W 45 35.00 -12.33 -59.48
N MET W 46 33.99 -11.49 -59.42
CA MET W 46 34.03 -10.29 -58.60
C MET W 46 33.45 -10.56 -57.22
N GLU W 47 33.60 -9.60 -56.32
CA GLU W 47 33.15 -9.75 -54.95
C GLU W 47 31.83 -9.02 -54.76
N LEU W 48 30.84 -9.72 -54.20
CA LEU W 48 29.53 -9.15 -53.93
C LEU W 48 29.38 -8.94 -52.44
N THR W 49 29.28 -7.68 -52.02
CA THR W 49 29.10 -7.31 -50.64
C THR W 49 27.79 -6.56 -50.45
N TYR W 50 27.20 -6.72 -49.28
CA TYR W 50 25.90 -6.11 -48.95
C TYR W 50 26.01 -5.31 -47.67
N SER W 51 27.06 -4.49 -47.57
CA SER W 51 27.32 -3.78 -46.33
C SER W 51 26.47 -2.52 -46.18
N ASN W 52 26.16 -1.85 -47.27
CA ASN W 52 25.59 -0.52 -47.22
C ASN W 52 24.08 -0.48 -47.42
N CYS W 53 23.44 -1.65 -47.59
CA CYS W 53 21.98 -1.79 -47.72
C CYS W 53 21.42 -0.97 -48.88
N ARG W 54 22.14 -0.96 -50.01
CA ARG W 54 21.71 -0.18 -51.15
C ARG W 54 20.50 -0.81 -51.82
N THR W 55 19.62 0.04 -52.33
CA THR W 55 18.50 -0.41 -53.13
C THR W 55 18.57 0.26 -54.49
N THR W 56 17.71 -0.19 -55.39
CA THR W 56 17.55 0.56 -56.62
C THR W 56 16.81 1.85 -56.33
N GLU W 57 16.90 2.79 -57.27
CA GLU W 57 16.39 4.13 -57.05
C GLU W 57 14.88 4.16 -56.95
N ASP W 58 14.17 3.22 -57.57
CA ASP W 58 12.75 3.09 -57.35
C ASP W 58 12.42 2.30 -56.09
N GLY W 59 13.40 1.72 -55.42
CA GLY W 59 13.21 1.12 -54.12
C GLY W 59 12.50 -0.21 -54.12
N GLN W 60 12.87 -1.12 -55.01
CA GLN W 60 12.21 -2.41 -55.08
C GLN W 60 13.15 -3.60 -55.10
N TYR W 61 14.46 -3.39 -55.17
CA TYR W 61 15.40 -4.50 -55.11
C TYR W 61 16.61 -4.07 -54.31
N ILE W 62 17.09 -4.97 -53.45
CA ILE W 62 18.38 -4.82 -52.80
C ILE W 62 19.48 -5.17 -53.79
N ILE W 63 20.46 -4.30 -53.93
CA ILE W 63 21.57 -4.52 -54.84
C ILE W 63 22.87 -4.47 -54.04
N PRO W 64 23.94 -5.09 -54.53
CA PRO W 64 25.24 -4.95 -53.87
C PRO W 64 25.80 -3.54 -53.98
N ASP W 65 26.89 -3.32 -53.26
CA ASP W 65 27.42 -1.97 -53.05
C ASP W 65 28.18 -1.45 -54.27
N GLU W 66 28.84 -2.33 -54.99
CA GLU W 66 29.70 -2.03 -56.13
C GLU W 66 28.95 -2.04 -57.45
N ILE W 67 27.63 -2.11 -57.42
CA ILE W 67 26.82 -2.29 -58.61
C ILE W 67 25.84 -1.15 -58.70
N PHE W 68 25.82 -0.46 -59.83
CA PHE W 68 24.80 0.55 -60.09
C PHE W 68 23.86 0.05 -61.17
N THR W 69 22.62 0.48 -61.07
CA THR W 69 21.58 0.08 -62.00
C THR W 69 21.13 1.28 -62.81
N ILE W 70 20.63 1.02 -64.01
CA ILE W 70 20.09 2.05 -64.88
C ILE W 70 18.62 1.71 -65.13
N PRO W 71 17.69 2.53 -64.70
CA PRO W 71 16.28 2.26 -65.01
C PRO W 71 15.96 2.61 -66.45
N GLN W 72 15.73 1.60 -67.26
CA GLN W 72 15.24 1.81 -68.62
C GLN W 72 14.10 0.83 -68.87
N LYS W 73 12.91 1.25 -68.47
CA LYS W 73 11.75 0.36 -68.41
C LYS W 73 11.13 0.32 -69.79
N GLN W 74 11.71 -0.52 -70.63
CA GLN W 74 11.53 -0.49 -72.07
C GLN W 74 10.86 -1.76 -72.54
N SER W 75 9.78 -1.62 -73.28
CA SER W 75 9.03 -2.75 -73.80
C SER W 75 9.04 -2.66 -75.32
N ASN W 76 9.29 -3.78 -75.99
CA ASN W 76 9.30 -3.86 -77.44
C ASN W 76 8.31 -4.91 -77.89
N LEU W 77 7.59 -4.60 -78.97
CA LEU W 77 6.59 -5.52 -79.48
C LEU W 77 6.69 -5.50 -81.00
N GLU W 78 6.91 -6.66 -81.59
CA GLU W 78 7.02 -6.79 -83.03
C GLU W 78 5.71 -7.30 -83.61
N MET W 79 5.22 -6.63 -84.64
CA MET W 79 4.12 -7.15 -85.44
C MET W 79 4.60 -7.97 -86.62
N ASN W 80 5.88 -8.26 -86.68
CA ASN W 80 6.51 -8.89 -87.82
C ASN W 80 7.33 -10.06 -87.30
N SER W 81 8.15 -10.61 -88.17
CA SER W 81 9.08 -11.67 -87.84
C SER W 81 10.45 -11.26 -88.32
N GLU W 82 11.41 -12.17 -88.23
CA GLU W 82 12.70 -11.96 -88.86
C GLU W 82 13.21 -13.29 -89.37
N ILE W 83 13.80 -13.28 -90.55
CA ILE W 83 14.12 -14.50 -91.28
C ILE W 83 15.60 -14.75 -91.19
N LEU W 84 15.98 -15.98 -90.86
CA LEU W 84 17.37 -16.38 -90.66
C LEU W 84 17.58 -17.63 -91.52
N GLU W 85 17.89 -17.44 -92.81
CA GLU W 85 17.96 -18.56 -93.74
C GLU W 85 19.33 -19.23 -93.78
N SER W 86 20.19 -18.97 -92.81
CA SER W 86 21.50 -19.61 -92.72
C SER W 86 21.95 -19.59 -91.27
N TRP W 87 22.58 -20.67 -90.82
CA TRP W 87 23.05 -20.72 -89.45
C TRP W 87 24.40 -20.05 -89.25
N ALA W 88 25.02 -19.51 -90.29
CA ALA W 88 26.31 -18.86 -90.12
C ALA W 88 26.14 -17.51 -89.41
N ASN W 89 25.20 -16.69 -89.89
CA ASN W 89 24.90 -15.41 -89.25
C ASN W 89 23.82 -15.60 -88.17
N TYR W 90 24.24 -16.22 -87.07
CA TYR W 90 23.33 -16.59 -86.00
C TYR W 90 23.21 -15.51 -84.95
N GLN W 91 21.98 -15.28 -84.50
CA GLN W 91 21.64 -14.31 -83.48
C GLN W 91 21.28 -15.08 -82.22
N SER W 92 21.93 -14.77 -81.11
CA SER W 92 21.77 -15.64 -79.95
C SER W 92 20.46 -15.44 -79.21
N SER W 93 19.90 -14.22 -79.23
CA SER W 93 18.66 -13.75 -78.60
C SER W 93 18.69 -13.69 -77.09
N THR W 94 19.75 -14.14 -76.43
CA THR W 94 19.90 -13.91 -75.00
C THR W 94 21.29 -13.53 -74.58
N SER W 95 22.30 -13.70 -75.43
CA SER W 95 23.67 -13.32 -75.12
C SER W 95 24.31 -12.73 -76.36
N TYR W 96 23.58 -11.83 -77.02
CA TYR W 96 23.97 -11.37 -78.34
C TYR W 96 25.15 -10.41 -78.30
N SER W 97 25.21 -9.55 -77.29
CA SER W 97 26.24 -8.52 -77.27
C SER W 97 27.59 -9.05 -76.85
N ILE W 98 27.64 -10.14 -76.10
CA ILE W 98 28.92 -10.69 -75.69
C ILE W 98 29.47 -11.66 -76.73
N ASN W 99 28.65 -12.15 -77.64
CA ASN W 99 29.17 -12.99 -78.70
C ASN W 99 29.68 -12.22 -79.89
N THR W 100 29.20 -11.00 -80.11
CA THR W 100 29.50 -10.25 -81.32
C THR W 100 30.74 -9.38 -81.21
N GLU W 101 31.60 -9.65 -80.24
CA GLU W 101 32.81 -8.87 -80.02
C GLU W 101 33.80 -9.04 -81.17
N LEU W 102 34.70 -8.07 -81.30
CA LEU W 102 35.70 -8.07 -82.35
C LEU W 102 36.93 -8.84 -81.86
N SER W 103 37.14 -10.02 -82.42
CA SER W 103 38.26 -10.86 -82.02
C SER W 103 38.59 -11.81 -83.16
N LEU W 104 39.57 -12.67 -82.90
CA LEU W 104 39.95 -13.69 -83.87
C LEU W 104 38.87 -14.76 -83.97
N PHE W 105 38.31 -15.16 -82.83
CA PHE W 105 37.38 -16.26 -82.74
C PHE W 105 35.95 -15.79 -82.58
N SER W 106 35.60 -14.70 -83.26
CA SER W 106 34.24 -14.20 -83.23
C SER W 106 33.28 -15.09 -83.99
N LYS W 107 33.78 -15.92 -84.90
CA LYS W 107 32.93 -16.84 -85.64
C LYS W 107 32.67 -18.13 -84.88
N VAL W 108 33.31 -18.34 -83.74
CA VAL W 108 33.17 -19.58 -82.98
C VAL W 108 32.39 -19.35 -81.68
N ASN W 109 32.14 -18.09 -81.31
CA ASN W 109 31.40 -17.79 -80.09
C ASN W 109 29.95 -18.25 -80.18
N GLY W 110 29.53 -19.01 -79.20
CA GLY W 110 28.17 -19.50 -79.12
C GLY W 110 27.88 -20.75 -79.93
N LYS W 111 28.88 -21.32 -80.61
CA LYS W 111 28.64 -22.43 -81.52
C LYS W 111 28.56 -23.77 -80.84
N PHE W 112 28.59 -23.81 -79.51
CA PHE W 112 28.37 -25.03 -78.76
C PHE W 112 27.23 -24.86 -77.79
N SER W 113 26.45 -23.80 -77.94
CA SER W 113 25.29 -23.56 -77.13
C SER W 113 24.19 -24.53 -77.51
N THR W 114 23.31 -24.81 -76.56
CA THR W 114 22.19 -25.70 -76.86
C THR W 114 21.19 -25.02 -77.78
N GLU W 115 21.12 -23.70 -77.74
CA GLU W 115 20.20 -22.96 -78.58
C GLU W 115 20.69 -22.89 -80.02
N PHE W 116 22.01 -22.92 -80.22
CA PHE W 116 22.54 -22.97 -81.58
C PHE W 116 22.47 -24.37 -82.15
N GLN W 117 22.91 -25.36 -81.38
CA GLN W 117 22.97 -26.73 -81.87
C GLN W 117 21.60 -27.34 -82.08
N ARG W 118 20.58 -26.80 -81.43
CA ARG W 118 19.23 -27.20 -81.77
C ARG W 118 18.77 -26.51 -83.04
N MET W 119 19.26 -25.31 -83.33
CA MET W 119 18.80 -24.63 -84.53
C MET W 119 19.49 -25.17 -85.78
N LYS W 120 20.77 -25.53 -85.67
CA LYS W 120 21.52 -26.03 -86.82
C LYS W 120 21.02 -27.39 -87.26
N THR W 121 20.63 -28.23 -86.31
CA THR W 121 20.15 -29.56 -86.67
C THR W 121 18.72 -29.56 -87.18
N LEU W 122 18.06 -28.41 -87.26
CA LEU W 122 16.75 -28.30 -87.86
C LEU W 122 16.79 -27.66 -89.24
N GLN W 123 17.86 -26.93 -89.56
CA GLN W 123 18.01 -26.38 -90.89
C GLN W 123 18.73 -27.33 -91.83
N VAL W 124 19.39 -28.36 -91.31
CA VAL W 124 20.11 -29.32 -92.13
C VAL W 124 19.31 -30.60 -92.31
N LYS W 125 18.69 -31.07 -91.24
CA LYS W 125 17.86 -32.27 -91.30
C LYS W 125 16.61 -32.05 -92.13
N ASP W 126 16.06 -30.84 -92.08
CA ASP W 126 14.77 -30.57 -92.70
C ASP W 126 14.87 -29.60 -93.86
N GLN W 127 16.09 -29.15 -94.21
CA GLN W 127 16.35 -28.19 -95.28
C GLN W 127 15.55 -26.91 -95.11
N ALA W 128 15.64 -26.33 -93.92
CA ALA W 128 14.68 -25.34 -93.48
C ALA W 128 15.32 -23.97 -93.31
N ILE W 129 14.44 -22.97 -93.17
CA ILE W 129 14.81 -21.62 -92.77
C ILE W 129 14.12 -21.34 -91.44
N THR W 130 14.65 -20.37 -90.70
CA THR W 130 14.20 -20.11 -89.35
C THR W 130 13.64 -18.70 -89.25
N THR W 131 12.47 -18.57 -88.63
CA THR W 131 11.89 -17.28 -88.31
C THR W 131 11.82 -17.10 -86.80
N ARG W 132 11.84 -15.85 -86.34
CA ARG W 132 11.78 -15.57 -84.91
C ARG W 132 10.96 -14.32 -84.64
N VAL W 133 9.95 -14.44 -83.79
CA VAL W 133 9.16 -13.32 -83.31
C VAL W 133 9.35 -13.24 -81.80
N GLN W 134 9.48 -12.04 -81.25
CA GLN W 134 9.67 -11.94 -79.82
C GLN W 134 9.09 -10.65 -79.25
N VAL W 135 8.65 -10.75 -78.00
CA VAL W 135 8.20 -9.63 -77.19
C VAL W 135 9.21 -9.48 -76.07
N ARG W 136 10.04 -8.45 -76.12
CA ARG W 136 11.10 -8.26 -75.16
C ARG W 136 10.75 -7.13 -74.21
N ASN W 137 11.10 -7.30 -72.94
CA ASN W 137 10.71 -6.38 -71.88
C ASN W 137 11.92 -6.12 -71.02
N LEU W 138 12.73 -5.14 -71.41
CA LEU W 138 13.92 -4.74 -70.68
C LEU W 138 13.58 -3.79 -69.54
N VAL W 139 13.98 -4.13 -68.32
CA VAL W 139 13.63 -3.36 -67.15
C VAL W 139 14.83 -2.60 -66.59
N TYR W 140 15.95 -3.29 -66.36
CA TYR W 140 17.14 -2.65 -65.83
C TYR W 140 18.36 -2.98 -66.66
N THR W 141 19.33 -2.08 -66.62
CA THR W 141 20.71 -2.37 -67.00
C THR W 141 21.53 -2.32 -65.73
N VAL W 142 22.23 -3.40 -65.45
CA VAL W 142 22.91 -3.61 -64.18
C VAL W 142 24.39 -3.72 -64.49
N LYS W 143 25.19 -2.78 -63.99
CA LYS W 143 26.61 -2.71 -64.31
C LYS W 143 27.48 -2.77 -63.07
N ILE W 144 28.79 -2.88 -63.29
CA ILE W 144 29.78 -2.92 -62.21
C ILE W 144 30.53 -1.58 -62.17
N ASN W 145 30.74 -1.09 -60.96
CA ASN W 145 31.59 0.06 -60.73
C ASN W 145 33.02 -0.34 -61.07
N PRO W 146 33.77 0.49 -61.81
CA PRO W 146 35.15 0.11 -62.19
C PRO W 146 36.15 -0.01 -61.05
N THR W 147 35.79 0.30 -59.81
CA THR W 147 36.71 0.20 -58.68
C THR W 147 36.38 -1.01 -57.80
N LEU W 148 36.00 -2.11 -58.42
CA LEU W 148 35.64 -3.33 -57.74
C LEU W 148 36.83 -4.27 -57.62
N GLU W 149 36.82 -5.12 -56.60
CA GLU W 149 37.88 -6.08 -56.34
C GLU W 149 37.40 -7.50 -56.61
N LEU W 150 38.37 -8.41 -56.69
CA LEU W 150 38.13 -9.80 -57.05
C LEU W 150 37.51 -10.59 -55.91
N SER W 151 36.97 -11.76 -56.28
CA SER W 151 36.34 -12.62 -55.31
C SER W 151 37.40 -13.33 -54.46
N SER W 152 36.95 -13.95 -53.39
CA SER W 152 37.86 -14.63 -52.48
C SER W 152 38.37 -15.93 -53.07
N GLY W 153 37.52 -16.64 -53.81
CA GLY W 153 37.92 -17.89 -54.42
C GLY W 153 38.74 -17.71 -55.67
N PHE W 154 38.43 -16.68 -56.45
CA PHE W 154 39.15 -16.46 -57.70
C PHE W 154 40.56 -15.92 -57.44
N ARG W 155 40.72 -15.13 -56.38
CA ARG W 155 42.04 -14.62 -56.03
C ARG W 155 42.94 -15.74 -55.54
N LYS W 156 42.38 -16.72 -54.83
CA LYS W 156 43.16 -17.84 -54.32
C LYS W 156 43.72 -18.70 -55.44
N GLU W 157 42.95 -18.87 -56.52
CA GLU W 157 43.42 -19.72 -57.60
C GLU W 157 44.35 -18.98 -58.54
N LEU W 158 44.35 -17.65 -58.53
CA LEU W 158 45.38 -16.91 -59.24
C LEU W 158 46.68 -16.87 -58.45
N LEU W 159 46.60 -16.90 -57.13
CA LEU W 159 47.80 -16.96 -56.30
C LEU W 159 48.45 -18.33 -56.34
N ASP W 160 47.70 -19.38 -56.64
CA ASP W 160 48.30 -20.70 -56.82
C ASP W 160 49.01 -20.84 -58.14
N ILE W 161 48.49 -20.19 -59.19
CA ILE W 161 49.25 -20.07 -60.44
C ILE W 161 50.47 -19.19 -60.22
N SER W 162 50.32 -18.17 -59.39
CA SER W 162 51.40 -17.23 -59.09
C SER W 162 52.58 -17.92 -58.41
N ASP W 163 52.30 -18.90 -57.54
CA ASP W 163 53.37 -19.60 -56.84
C ASP W 163 54.18 -20.46 -57.79
N ARG W 164 53.53 -21.07 -58.78
CA ARG W 164 54.23 -21.94 -59.71
C ARG W 164 55.09 -21.16 -60.69
N LEU W 165 54.73 -19.91 -61.01
CA LEU W 165 55.59 -19.10 -61.85
C LEU W 165 56.83 -18.61 -61.12
N GLU W 166 56.76 -18.52 -59.79
CA GLU W 166 57.93 -18.13 -59.00
C GLU W 166 58.98 -19.23 -59.02
N ASN W 167 58.55 -20.47 -58.82
CA ASN W 167 59.41 -21.64 -58.68
C ASN W 167 59.90 -22.20 -59.99
N ASN W 168 59.67 -21.50 -61.11
CA ASN W 168 59.99 -21.97 -62.46
C ASN W 168 59.37 -23.33 -62.73
N GLN W 169 58.05 -23.41 -62.53
CA GLN W 169 57.32 -24.64 -62.75
C GLN W 169 56.26 -24.32 -63.80
N THR W 170 56.67 -24.38 -65.07
CA THR W 170 55.85 -23.87 -66.15
C THR W 170 54.77 -24.86 -66.56
N ARG W 171 55.08 -26.14 -66.57
CA ARG W 171 54.10 -27.15 -66.95
C ARG W 171 53.01 -27.30 -65.90
N MET W 172 53.31 -27.04 -64.64
CA MET W 172 52.31 -27.15 -63.60
C MET W 172 51.49 -25.88 -63.49
N ALA W 173 52.04 -24.74 -63.91
CA ALA W 173 51.27 -23.51 -63.98
C ALA W 173 50.32 -23.50 -65.18
N THR W 174 50.77 -24.10 -66.29
CA THR W 174 49.93 -24.22 -67.47
C THR W 174 48.73 -25.12 -67.20
N TYR W 175 48.94 -26.16 -66.39
CA TYR W 175 47.84 -27.03 -65.99
C TYR W 175 46.83 -26.30 -65.13
N LEU W 176 47.30 -25.53 -64.15
CA LEU W 176 46.38 -24.80 -63.29
C LEU W 176 45.71 -23.63 -63.98
N ALA W 177 46.32 -23.07 -65.01
CA ALA W 177 45.69 -22.00 -65.77
C ALA W 177 44.51 -22.52 -66.55
N GLU W 178 44.56 -23.77 -67.01
CA GLU W 178 43.47 -24.37 -67.75
C GLU W 178 42.34 -24.83 -66.85
N LEU W 179 42.61 -25.13 -65.59
CA LEU W 179 41.53 -25.38 -64.65
C LEU W 179 40.85 -24.09 -64.21
N LEU W 180 41.49 -22.95 -64.39
CA LEU W 180 40.82 -21.68 -64.15
C LEU W 180 39.76 -21.41 -65.21
N VAL W 181 40.00 -21.89 -66.43
CA VAL W 181 39.05 -21.70 -67.52
C VAL W 181 37.91 -22.70 -67.45
N LEU W 182 38.17 -23.90 -66.91
CA LEU W 182 37.09 -24.83 -66.62
C LEU W 182 36.12 -24.26 -65.58
N ASN W 183 36.64 -23.58 -64.58
CA ASN W 183 35.81 -23.16 -63.46
C ASN W 183 35.26 -21.76 -63.62
N TYR W 184 35.91 -20.90 -64.41
CA TYR W 184 35.51 -19.50 -64.50
C TYR W 184 35.28 -19.01 -65.92
N GLY W 185 35.41 -19.85 -66.92
CA GLY W 185 35.06 -19.45 -68.26
C GLY W 185 36.15 -18.65 -68.96
N THR W 186 35.74 -17.99 -70.03
CA THR W 186 36.65 -17.20 -70.84
C THR W 186 36.40 -15.71 -70.75
N HIS W 187 35.31 -15.30 -70.11
CA HIS W 187 34.88 -13.91 -70.06
C HIS W 187 34.31 -13.61 -68.68
N VAL W 188 34.20 -12.31 -68.39
CA VAL W 188 33.55 -11.82 -67.19
C VAL W 188 32.44 -10.90 -67.63
N THR W 189 31.22 -11.13 -67.16
CA THR W 189 30.11 -10.27 -67.54
C THR W 189 30.24 -8.95 -66.79
N THR W 190 30.28 -7.86 -67.53
CA THR W 190 30.37 -6.55 -66.91
C THR W 190 29.05 -5.80 -66.90
N SER W 191 28.11 -6.16 -67.77
CA SER W 191 26.77 -5.62 -67.66
C SER W 191 25.77 -6.68 -68.11
N VAL W 192 24.64 -6.73 -67.42
CA VAL W 192 23.53 -7.59 -67.77
C VAL W 192 22.30 -6.73 -67.96
N ASP W 193 21.37 -7.21 -68.76
CA ASP W 193 20.08 -6.58 -68.98
C ASP W 193 19.01 -7.45 -68.32
N ALA W 194 18.39 -6.93 -67.28
CA ALA W 194 17.40 -7.69 -66.53
C ALA W 194 16.02 -7.48 -67.14
N GLY W 195 15.35 -8.58 -67.49
CA GLY W 195 14.03 -8.47 -68.03
C GLY W 195 13.48 -9.82 -68.41
N ALA W 196 12.47 -9.81 -69.26
CA ALA W 196 11.81 -11.02 -69.71
C ALA W 196 11.62 -10.97 -71.22
N ALA W 197 11.39 -12.13 -71.82
CA ALA W 197 11.15 -12.21 -73.25
C ALA W 197 10.27 -13.40 -73.55
N LEU W 198 9.44 -13.27 -74.57
CA LEU W 198 8.58 -14.35 -75.03
C LEU W 198 8.89 -14.55 -76.50
N ILE W 199 9.38 -15.72 -76.88
CA ILE W 199 9.97 -15.93 -78.20
C ILE W 199 9.21 -17.03 -78.92
N GLN W 200 8.89 -16.79 -80.20
CA GLN W 200 8.40 -17.77 -81.15
C GLN W 200 9.52 -18.16 -82.10
N GLU W 201 9.64 -19.43 -82.42
CA GLU W 201 10.67 -19.85 -83.36
C GLU W 201 10.10 -20.94 -84.26
N ASP W 202 9.70 -20.56 -85.47
CA ASP W 202 9.21 -21.50 -86.45
C ASP W 202 10.32 -21.86 -87.43
N HIS W 203 10.20 -23.05 -88.00
CA HIS W 203 11.04 -23.49 -89.09
C HIS W 203 10.19 -23.78 -90.30
N LEU W 204 10.53 -23.17 -91.42
CA LEU W 204 9.78 -23.27 -92.65
C LEU W 204 10.67 -23.91 -93.70
N ARG W 205 10.07 -24.62 -94.66
CA ARG W 205 10.85 -25.17 -95.75
C ARG W 205 11.43 -24.05 -96.60
N ALA W 206 12.66 -24.26 -97.07
CA ALA W 206 13.37 -23.21 -97.79
C ALA W 206 12.78 -22.94 -99.18
N SER W 207 11.97 -23.87 -99.69
CA SER W 207 11.26 -23.65 -100.93
C SER W 207 10.14 -22.64 -100.77
N PHE W 208 9.63 -22.46 -99.56
CA PHE W 208 8.51 -21.56 -99.33
C PHE W 208 8.90 -20.09 -99.40
N LEU W 209 10.17 -19.78 -99.19
CA LEU W 209 10.64 -18.40 -99.22
C LEU W 209 11.08 -17.95 -100.61
N GLN W 210 11.37 -18.87 -101.50
CA GLN W 210 11.98 -18.59 -102.79
C GLN W 210 11.03 -17.93 -103.80
N ASP W 211 9.85 -17.42 -103.44
CA ASP W 211 8.93 -16.90 -104.45
C ASP W 211 9.39 -15.55 -104.99
N SER W 212 9.44 -14.52 -104.13
CA SER W 212 9.88 -13.18 -104.53
C SER W 212 10.28 -12.41 -103.29
N GLN W 213 10.60 -11.12 -103.48
CA GLN W 213 10.84 -10.20 -102.39
C GLN W 213 9.57 -9.53 -101.90
N SER W 214 8.45 -9.77 -102.56
CA SER W 214 7.14 -9.34 -102.07
C SER W 214 6.43 -10.46 -101.32
N SER W 215 6.78 -11.71 -101.59
CA SER W 215 6.30 -12.81 -100.77
C SER W 215 6.95 -12.80 -99.40
N ARG W 216 8.17 -12.25 -99.31
CA ARG W 216 8.92 -12.23 -98.07
C ARG W 216 8.23 -11.38 -97.02
N SER W 217 7.65 -10.25 -97.42
CA SER W 217 6.95 -9.39 -96.49
C SER W 217 5.55 -9.88 -96.15
N ALA W 218 5.12 -11.01 -96.71
CA ALA W 218 3.88 -11.65 -96.31
C ALA W 218 4.11 -12.93 -95.53
N VAL W 219 5.21 -13.64 -95.80
CA VAL W 219 5.67 -14.70 -94.92
C VAL W 219 5.97 -14.14 -93.54
N THR W 220 6.60 -12.96 -93.50
CA THR W 220 7.10 -12.37 -92.26
C THR W 220 5.97 -11.84 -91.41
N ALA W 221 4.95 -11.23 -92.01
CA ALA W 221 3.82 -10.73 -91.24
C ALA W 221 2.80 -11.81 -90.93
N SER W 222 2.96 -13.00 -91.49
CA SER W 222 2.10 -14.11 -91.12
C SER W 222 2.58 -14.76 -89.83
N ALA W 223 3.89 -14.85 -89.66
CA ALA W 223 4.47 -15.41 -88.45
C ALA W 223 4.20 -14.55 -87.23
N GLY W 224 4.15 -13.24 -87.42
CA GLY W 224 3.79 -12.37 -86.32
C GLY W 224 2.33 -12.40 -86.00
N LEU W 225 1.49 -12.80 -86.95
CA LEU W 225 0.07 -12.93 -86.71
C LEU W 225 -0.24 -14.23 -85.99
N ALA W 226 0.44 -15.31 -86.36
CA ALA W 226 0.30 -16.58 -85.68
C ALA W 226 0.77 -16.50 -84.23
N PHE W 227 1.78 -15.68 -83.95
CA PHE W 227 2.30 -15.54 -82.61
C PHE W 227 1.32 -14.82 -81.70
N GLN W 228 0.60 -13.83 -82.23
CA GLN W 228 -0.39 -13.14 -81.44
C GLN W 228 -1.65 -13.96 -81.25
N ASN W 229 -1.96 -14.86 -82.19
CA ASN W 229 -3.05 -15.78 -81.98
C ASN W 229 -2.73 -16.79 -80.89
N THR W 230 -1.49 -17.28 -80.88
CA THR W 230 -1.07 -18.31 -79.94
C THR W 230 -1.09 -17.79 -78.51
N VAL W 231 -0.73 -16.52 -78.30
CA VAL W 231 -0.80 -16.00 -76.94
C VAL W 231 -2.26 -15.73 -76.54
N ASN W 232 -3.10 -15.27 -77.46
CA ASN W 232 -4.43 -14.87 -77.04
C ASN W 232 -5.46 -15.98 -77.02
N PHE W 233 -5.40 -16.98 -77.90
CA PHE W 233 -6.57 -17.80 -78.19
C PHE W 233 -6.47 -19.27 -77.79
N LYS W 234 -5.98 -19.55 -76.58
CA LYS W 234 -6.43 -20.67 -75.74
C LYS W 234 -6.28 -22.06 -76.37
N PHE W 235 -5.42 -22.20 -77.39
CA PHE W 235 -5.16 -23.38 -78.22
C PHE W 235 -6.33 -23.69 -79.17
N GLU W 236 -7.46 -23.00 -79.01
CA GLU W 236 -8.63 -23.28 -79.81
C GLU W 236 -8.46 -22.68 -81.20
N GLU W 237 -9.35 -23.07 -82.11
CA GLU W 237 -9.37 -22.45 -83.42
C GLU W 237 -10.35 -21.28 -83.47
N ASN W 238 -10.18 -20.38 -82.50
CA ASN W 238 -10.77 -19.06 -82.52
C ASN W 238 -9.84 -18.04 -83.16
N TYR W 239 -8.93 -18.51 -84.01
CA TYR W 239 -7.91 -17.65 -84.59
C TYR W 239 -8.51 -16.71 -85.62
N THR W 240 -7.89 -15.54 -85.73
CA THR W 240 -8.26 -14.57 -86.78
C THR W 240 -7.37 -14.77 -88.00
N SER W 241 -7.49 -15.96 -88.59
CA SER W 241 -6.70 -16.33 -89.77
C SER W 241 -7.16 -15.51 -90.96
N GLN W 242 -6.31 -14.57 -91.39
CA GLN W 242 -6.72 -13.51 -92.29
C GLN W 242 -6.74 -13.92 -93.76
N ASN W 243 -5.98 -14.93 -94.15
CA ASN W 243 -5.80 -15.22 -95.56
C ASN W 243 -5.78 -16.73 -95.77
N VAL W 244 -5.54 -17.11 -97.02
CA VAL W 244 -5.10 -18.46 -97.35
C VAL W 244 -3.59 -18.58 -97.13
N LEU W 245 -2.89 -17.44 -97.14
CA LEU W 245 -1.46 -17.43 -96.88
C LEU W 245 -1.14 -17.83 -95.45
N THR W 246 -2.06 -17.60 -94.52
CA THR W 246 -1.93 -18.16 -93.18
C THR W 246 -2.06 -19.69 -93.23
N LYS W 247 -2.99 -20.18 -94.04
CA LYS W 247 -3.17 -21.63 -94.16
C LYS W 247 -2.01 -22.27 -94.92
N SER W 248 -1.49 -21.59 -95.93
CA SER W 248 -0.32 -22.12 -96.61
C SER W 248 0.93 -22.00 -95.77
N TYR W 249 0.96 -21.08 -94.81
CA TYR W 249 2.10 -20.97 -93.89
C TYR W 249 2.21 -22.20 -93.01
N LEU W 250 1.07 -22.76 -92.60
CA LEU W 250 1.08 -23.87 -91.66
C LEU W 250 1.55 -25.15 -92.31
N SER W 251 1.31 -25.31 -93.60
CA SER W 251 1.64 -26.57 -94.25
C SER W 251 3.10 -26.67 -94.62
N ASN W 252 3.81 -25.55 -94.74
CA ASN W 252 5.25 -25.56 -94.95
C ASN W 252 6.03 -25.46 -93.65
N ARG W 253 5.34 -25.22 -92.53
CA ARG W 253 5.97 -25.12 -91.24
C ARG W 253 6.53 -26.46 -90.79
N THR W 254 7.79 -26.46 -90.36
CA THR W 254 8.42 -27.70 -89.92
C THR W 254 8.37 -27.90 -88.41
N ASN W 255 8.78 -26.93 -87.57
CA ASN W 255 8.92 -27.26 -86.16
C ASN W 255 8.05 -26.47 -85.19
N SER W 256 8.14 -25.13 -85.14
CA SER W 256 7.36 -24.26 -84.23
C SER W 256 7.50 -24.46 -82.72
N ARG W 257 8.60 -24.03 -82.13
CA ARG W 257 8.72 -23.93 -80.67
C ARG W 257 8.27 -22.57 -80.16
N VAL W 258 7.71 -22.54 -78.96
CA VAL W 258 7.42 -21.31 -78.24
C VAL W 258 8.19 -21.30 -76.94
N GLN W 259 8.97 -20.26 -76.70
CA GLN W 259 9.88 -20.21 -75.56
C GLN W 259 9.63 -18.96 -74.74
N SER W 260 9.50 -19.14 -73.42
CA SER W 260 9.41 -18.04 -72.48
C SER W 260 10.70 -17.97 -71.69
N ILE W 261 11.28 -16.80 -71.58
CA ILE W 261 12.51 -16.59 -70.84
C ILE W 261 12.23 -15.52 -69.79
N GLY W 262 12.10 -15.94 -68.54
CA GLY W 262 11.72 -15.02 -67.49
C GLY W 262 10.22 -14.85 -67.40
N GLY W 263 9.79 -14.21 -66.33
CA GLY W 263 8.37 -14.04 -66.13
C GLY W 263 7.71 -15.31 -65.64
N VAL W 264 6.40 -15.38 -65.85
CA VAL W 264 5.60 -16.55 -65.50
C VAL W 264 5.70 -17.54 -66.65
N PRO W 265 5.47 -18.84 -66.42
CA PRO W 265 5.55 -19.80 -67.53
C PRO W 265 4.45 -19.59 -68.55
N PHE W 266 4.81 -19.76 -69.82
CA PHE W 266 3.87 -19.58 -70.89
C PHE W 266 2.96 -20.78 -71.03
N TYR W 267 1.70 -20.52 -71.34
CA TYR W 267 0.75 -21.51 -71.81
C TYR W 267 -0.09 -20.84 -72.89
N PRO W 268 -0.53 -21.57 -73.91
CA PRO W 268 -1.29 -20.94 -74.98
C PRO W 268 -2.65 -20.48 -74.51
N GLY W 269 -2.83 -19.17 -74.40
CA GLY W 269 -4.03 -18.64 -73.82
C GLY W 269 -3.80 -17.56 -72.79
N ILE W 270 -2.58 -17.46 -72.26
CA ILE W 270 -2.27 -16.35 -71.38
C ILE W 270 -2.17 -15.08 -72.23
N THR W 271 -2.96 -14.08 -71.88
CA THR W 271 -2.98 -12.89 -72.71
C THR W 271 -1.68 -12.12 -72.54
N LEU W 272 -1.42 -11.21 -73.48
CA LEU W 272 -0.18 -10.44 -73.43
C LEU W 272 -0.19 -9.48 -72.26
N GLN W 273 -1.39 -9.04 -71.86
CA GLN W 273 -1.54 -8.29 -70.61
C GLN W 273 -1.12 -9.12 -69.41
N ALA W 274 -1.56 -10.37 -69.34
CA ALA W 274 -1.34 -11.17 -68.15
C ALA W 274 0.07 -11.72 -68.05
N TRP W 275 0.73 -11.92 -69.20
CA TRP W 275 2.14 -12.31 -69.16
C TRP W 275 3.00 -11.18 -68.63
N GLN W 276 2.63 -9.93 -68.94
CA GLN W 276 3.39 -8.77 -68.51
C GLN W 276 3.14 -8.38 -67.06
N GLN W 277 2.17 -8.98 -66.40
CA GLN W 277 2.00 -8.75 -64.98
C GLN W 277 2.88 -9.66 -64.14
N GLY W 278 3.33 -10.77 -64.70
CA GLY W 278 4.19 -11.69 -63.99
C GLY W 278 5.66 -11.47 -64.17
N ILE W 279 6.04 -10.40 -64.88
CA ILE W 279 7.44 -10.08 -65.07
C ILE W 279 8.07 -9.58 -63.79
N THR W 280 7.27 -8.92 -62.94
CA THR W 280 7.73 -8.43 -61.65
C THR W 280 8.15 -9.58 -60.75
N ASN W 281 9.39 -9.48 -60.25
CA ASN W 281 10.11 -10.42 -59.39
C ASN W 281 10.52 -11.71 -60.10
N HIS W 282 10.33 -11.82 -61.41
CA HIS W 282 10.86 -12.93 -62.19
C HIS W 282 11.64 -12.31 -63.33
N LEU W 283 12.87 -11.90 -63.06
CA LEU W 283 13.69 -11.24 -64.07
C LEU W 283 14.92 -12.09 -64.32
N VAL W 284 15.31 -12.20 -65.57
CA VAL W 284 16.50 -12.96 -65.95
C VAL W 284 17.36 -12.07 -66.83
N ALA W 285 18.54 -12.56 -67.15
CA ALA W 285 19.43 -11.84 -68.06
C ALA W 285 19.01 -12.13 -69.49
N ILE W 286 18.46 -11.13 -70.17
CA ILE W 286 18.13 -11.27 -71.57
C ILE W 286 19.20 -10.73 -72.49
N ASP W 287 20.23 -10.08 -71.95
CA ASP W 287 21.40 -9.68 -72.71
C ASP W 287 22.56 -9.51 -71.75
N ARG W 288 23.78 -9.64 -72.29
CA ARG W 288 25.01 -9.54 -71.50
C ARG W 288 26.08 -8.84 -72.32
N SER W 289 26.96 -8.14 -71.63
CA SER W 289 28.19 -7.63 -72.21
C SER W 289 29.35 -8.09 -71.33
N GLY W 290 30.55 -8.07 -71.88
CA GLY W 290 31.66 -8.54 -71.08
C GLY W 290 33.01 -8.15 -71.63
N LEU W 291 34.03 -8.66 -70.96
CA LEU W 291 35.43 -8.50 -71.29
C LEU W 291 36.11 -9.83 -71.06
N PRO W 292 37.23 -10.10 -71.74
CA PRO W 292 37.94 -11.36 -71.50
C PRO W 292 38.51 -11.47 -70.10
N LEU W 293 38.84 -12.71 -69.72
CA LEU W 293 39.16 -13.02 -68.35
C LEU W 293 40.51 -12.47 -67.93
N HIS W 294 41.45 -12.34 -68.87
CA HIS W 294 42.76 -11.82 -68.56
C HIS W 294 42.81 -10.30 -68.52
N PHE W 295 41.72 -9.63 -68.86
CA PHE W 295 41.64 -8.18 -68.69
C PHE W 295 41.70 -7.80 -67.22
N PHE W 296 41.14 -8.63 -66.36
CA PHE W 296 41.04 -8.36 -64.94
C PHE W 296 42.20 -8.94 -64.15
N ILE W 297 43.25 -9.38 -64.83
CA ILE W 297 44.48 -9.77 -64.17
C ILE W 297 45.51 -8.71 -64.49
N ASN W 298 45.59 -7.71 -63.61
CA ASN W 298 46.42 -6.54 -63.83
C ASN W 298 46.93 -6.11 -62.46
N PRO W 299 47.95 -5.24 -62.40
CA PRO W 299 48.48 -4.84 -61.08
C PRO W 299 47.51 -4.08 -60.19
N ASN W 300 46.40 -3.58 -60.72
CA ASN W 300 45.41 -2.91 -59.89
C ASN W 300 44.58 -3.90 -59.10
N MET W 301 44.13 -5.00 -59.73
CA MET W 301 43.31 -5.98 -59.04
C MET W 301 44.11 -6.80 -58.05
N LEU W 302 45.42 -6.96 -58.28
CA LEU W 302 46.30 -7.75 -57.43
C LEU W 302 47.36 -6.83 -56.87
N PRO W 303 47.07 -6.11 -55.78
CA PRO W 303 48.03 -5.14 -55.26
C PRO W 303 49.07 -5.74 -54.34
N ASP W 304 48.90 -7.00 -53.91
CA ASP W 304 49.83 -7.66 -53.02
C ASP W 304 50.80 -8.58 -53.75
N LEU W 305 50.99 -8.36 -55.04
CA LEU W 305 51.95 -9.11 -55.85
C LEU W 305 52.75 -8.13 -56.68
N PRO W 306 53.99 -8.48 -57.06
CA PRO W 306 54.78 -7.57 -57.87
C PRO W 306 54.24 -7.40 -59.28
N GLY W 307 54.69 -6.33 -59.92
CA GLY W 307 54.26 -5.93 -61.23
C GLY W 307 54.47 -6.92 -62.36
N PRO W 308 55.72 -7.34 -62.61
CA PRO W 308 55.94 -8.31 -63.70
C PRO W 308 55.45 -9.69 -63.41
N LEU W 309 55.09 -10.00 -62.18
CA LEU W 309 54.62 -11.33 -61.85
C LEU W 309 53.12 -11.51 -62.06
N VAL W 310 52.35 -10.42 -62.01
CA VAL W 310 50.93 -10.53 -62.40
C VAL W 310 50.76 -10.43 -63.90
N LYS W 311 51.82 -10.09 -64.64
CA LYS W 311 51.81 -10.17 -66.09
C LYS W 311 52.21 -11.54 -66.60
N LYS W 312 52.82 -12.37 -65.75
CA LYS W 312 53.04 -13.76 -66.11
C LYS W 312 51.77 -14.57 -65.91
N VAL W 313 51.00 -14.22 -64.87
CA VAL W 313 49.73 -14.88 -64.63
C VAL W 313 48.73 -14.49 -65.70
N SER W 314 48.75 -13.22 -66.12
CA SER W 314 47.82 -12.76 -67.14
C SER W 314 48.15 -13.35 -68.51
N LYS W 315 49.41 -13.65 -68.76
CA LYS W 315 49.79 -14.21 -70.05
C LYS W 315 49.56 -15.72 -70.08
N THR W 316 49.70 -16.40 -68.96
CA THR W 316 49.46 -17.83 -68.96
C THR W 316 47.98 -18.19 -68.91
N VAL W 317 47.11 -17.23 -68.63
CA VAL W 317 45.67 -17.46 -68.72
C VAL W 317 45.14 -17.03 -70.09
N GLU W 318 45.73 -16.00 -70.68
CA GLU W 318 45.41 -15.62 -72.06
C GLU W 318 45.76 -16.74 -73.04
N THR W 319 46.82 -17.48 -72.76
CA THR W 319 47.20 -18.61 -73.61
C THR W 319 46.25 -19.78 -73.42
N ALA W 320 45.76 -19.99 -72.20
CA ALA W 320 44.87 -21.10 -71.93
C ALA W 320 43.48 -20.87 -72.51
N VAL W 321 43.01 -19.62 -72.54
CA VAL W 321 41.74 -19.30 -73.17
C VAL W 321 41.84 -19.45 -74.68
N LYS W 322 42.95 -19.00 -75.25
CA LYS W 322 43.15 -19.09 -76.69
C LYS W 322 43.32 -20.53 -77.15
N ARG W 323 43.88 -21.38 -76.29
CA ARG W 323 44.00 -22.79 -76.61
C ARG W 323 42.64 -23.48 -76.59
N TYR W 324 41.71 -22.96 -75.81
CA TYR W 324 40.39 -23.54 -75.70
C TYR W 324 39.53 -23.26 -76.92
N TYR W 325 39.72 -22.11 -77.56
CA TYR W 325 39.01 -21.82 -78.80
C TYR W 325 39.59 -22.58 -79.97
N THR W 326 40.89 -22.88 -79.95
CA THR W 326 41.53 -23.53 -81.08
C THR W 326 41.14 -25.00 -81.15
N PHE W 327 41.00 -25.65 -80.01
CA PHE W 327 40.67 -27.06 -79.99
C PHE W 327 39.20 -27.33 -80.26
N ASN W 328 38.38 -26.29 -80.34
CA ASN W 328 36.95 -26.40 -80.61
C ASN W 328 36.60 -25.71 -81.92
N THR W 329 37.55 -25.62 -82.83
CA THR W 329 37.35 -25.03 -84.15
C THR W 329 37.43 -26.14 -85.19
N TYR W 330 36.38 -26.25 -86.00
CA TYR W 330 36.26 -27.28 -87.01
C TYR W 330 36.05 -26.62 -88.37
N PRO W 331 37.11 -26.37 -89.12
CA PRO W 331 36.93 -25.85 -90.48
C PRO W 331 36.42 -26.95 -91.41
N GLY W 332 35.61 -26.54 -92.37
CA GLY W 332 35.06 -27.49 -93.31
C GLY W 332 34.07 -26.81 -94.23
N CYS W 333 33.48 -27.61 -95.11
CA CYS W 333 32.47 -27.12 -96.02
C CYS W 333 31.16 -26.96 -95.28
N THR W 334 30.62 -25.75 -95.29
CA THR W 334 29.42 -25.42 -94.53
C THR W 334 28.19 -25.27 -95.39
N ASP W 335 28.32 -25.33 -96.72
CA ASP W 335 27.17 -25.20 -97.61
C ASP W 335 26.47 -26.54 -97.71
N LEU W 336 25.19 -26.58 -97.31
CA LEU W 336 24.46 -27.84 -97.24
C LEU W 336 24.10 -28.39 -98.62
N ASN W 337 24.14 -27.56 -99.65
CA ASN W 337 23.82 -28.03 -100.99
C ASN W 337 25.03 -28.60 -101.73
N SER W 338 26.24 -28.36 -101.24
CA SER W 338 27.42 -28.92 -101.86
C SER W 338 27.49 -30.43 -101.56
N PRO W 339 28.04 -31.22 -102.50
CA PRO W 339 28.07 -32.68 -102.26
C PRO W 339 29.03 -33.09 -101.17
N ASN W 340 30.12 -32.35 -100.97
CA ASN W 340 31.05 -32.61 -99.88
C ASN W 340 30.75 -31.75 -98.65
N PHE W 341 29.50 -31.79 -98.20
CA PHE W 341 29.09 -31.01 -97.03
C PHE W 341 29.63 -31.60 -95.75
N ASN W 342 30.32 -30.78 -94.97
CA ASN W 342 30.85 -31.19 -93.67
C ASN W 342 29.84 -30.75 -92.62
N PHE W 343 28.97 -31.67 -92.24
CA PHE W 343 28.31 -31.57 -90.95
C PHE W 343 29.38 -31.78 -89.89
N GLN W 344 29.11 -31.24 -88.69
CA GLN W 344 30.10 -31.07 -87.61
C GLN W 344 31.26 -30.19 -88.07
N ALA W 345 30.94 -28.99 -88.55
CA ALA W 345 31.94 -27.99 -88.91
C ALA W 345 31.43 -26.61 -88.51
N ASN W 346 32.30 -25.82 -87.92
CA ASN W 346 31.95 -24.51 -87.40
C ASN W 346 32.29 -23.38 -88.37
N THR W 347 33.50 -23.42 -88.94
CA THR W 347 34.04 -22.30 -89.69
C THR W 347 34.02 -22.65 -91.18
N ASP W 348 33.62 -21.67 -91.99
CA ASP W 348 33.58 -21.85 -93.43
C ASP W 348 35.00 -21.97 -93.96
N ASP W 349 35.32 -23.11 -94.57
CA ASP W 349 36.67 -23.37 -95.02
C ASP W 349 36.99 -22.64 -96.33
N GLY W 350 35.98 -22.24 -97.08
CA GLY W 350 36.22 -21.63 -98.37
C GLY W 350 36.58 -22.61 -99.47
N SER W 351 36.46 -23.90 -99.22
CA SER W 351 36.74 -24.94 -100.21
C SER W 351 35.49 -25.81 -100.26
N CYS W 352 34.52 -25.40 -101.07
CA CYS W 352 33.26 -26.10 -101.20
C CYS W 352 33.17 -26.91 -102.49
N GLU W 353 34.12 -26.75 -103.39
CA GLU W 353 34.16 -27.51 -104.63
C GLU W 353 35.54 -28.13 -104.77
N GLY W 354 35.63 -29.44 -104.59
CA GLY W 354 36.87 -30.17 -104.72
C GLY W 354 37.03 -30.78 -106.10
N LYS W 355 38.17 -31.46 -106.28
CA LYS W 355 38.50 -32.07 -107.55
C LYS W 355 38.51 -33.59 -107.52
N MET W 356 38.42 -34.21 -106.34
CA MET W 356 38.45 -35.67 -106.14
C MET W 356 39.73 -36.27 -106.71
N THR W 357 40.83 -35.93 -106.06
CA THR W 357 42.13 -36.47 -106.42
C THR W 357 42.49 -37.58 -105.44
N ASN W 358 42.65 -38.79 -105.95
CA ASN W 358 43.09 -39.92 -105.13
C ASN W 358 44.59 -39.85 -104.93
N PHE W 359 45.04 -40.06 -103.71
CA PHE W 359 46.44 -39.92 -103.36
C PHE W 359 47.03 -41.24 -102.89
N SER W 360 48.34 -41.25 -102.71
CA SER W 360 49.10 -42.44 -102.36
C SER W 360 49.60 -42.31 -100.93
N PHE W 361 49.25 -43.28 -100.09
CA PHE W 361 49.67 -43.31 -98.69
C PHE W 361 50.99 -44.07 -98.60
N GLY W 362 52.08 -43.36 -98.42
CA GLY W 362 53.40 -43.95 -98.41
C GLY W 362 53.88 -44.49 -97.08
N GLY W 363 53.03 -44.52 -96.07
CA GLY W 363 53.37 -45.13 -94.80
C GLY W 363 53.99 -44.15 -93.82
N VAL W 364 54.11 -44.60 -92.58
CA VAL W 364 54.64 -43.81 -91.49
C VAL W 364 55.80 -44.55 -90.85
N TYR W 365 56.72 -43.79 -90.26
CA TYR W 365 57.79 -44.37 -89.45
C TYR W 365 58.20 -43.37 -88.39
N GLN W 366 58.70 -43.89 -87.28
CA GLN W 366 59.00 -43.08 -86.11
C GLN W 366 60.36 -43.46 -85.56
N GLU W 367 61.22 -42.48 -85.37
CA GLU W 367 62.52 -42.69 -84.75
C GLU W 367 62.39 -42.54 -83.24
N CYS W 368 63.41 -43.03 -82.52
CA CYS W 368 63.51 -42.81 -81.09
C CYS W 368 64.97 -42.57 -80.72
N THR W 369 65.17 -41.80 -79.66
CA THR W 369 66.51 -41.46 -79.19
C THR W 369 66.47 -41.37 -77.68
N GLN W 370 67.08 -42.35 -77.01
CA GLN W 370 67.11 -42.39 -75.55
C GLN W 370 67.98 -41.25 -75.02
N LEU W 371 67.44 -40.51 -74.04
CA LEU W 371 68.17 -39.39 -73.45
C LEU W 371 68.70 -39.71 -72.06
N SER W 372 67.93 -40.43 -71.24
CA SER W 372 68.35 -40.79 -69.89
C SER W 372 67.59 -42.04 -69.47
N GLY W 373 68.18 -42.78 -68.53
CA GLY W 373 67.55 -43.98 -68.02
C GLY W 373 67.92 -45.23 -68.79
N ASN W 374 69.22 -45.37 -69.10
CA ASN W 374 69.68 -46.51 -69.89
C ASN W 374 69.68 -47.78 -69.05
N ARG W 375 69.49 -48.91 -69.75
CA ARG W 375 69.53 -50.27 -69.22
C ARG W 375 68.47 -50.53 -68.15
N ASP W 376 67.42 -49.72 -68.11
CA ASP W 376 66.36 -49.88 -67.12
C ASP W 376 64.99 -50.06 -67.75
N VAL W 377 64.64 -49.23 -68.73
CA VAL W 377 63.31 -49.25 -69.33
C VAL W 377 63.36 -49.75 -70.76
N LEU W 378 64.38 -49.34 -71.52
CA LEU W 378 64.48 -49.49 -72.98
C LEU W 378 63.27 -48.85 -73.66
N LEU W 379 63.20 -47.53 -73.50
CA LEU W 379 62.14 -46.73 -74.12
C LEU W 379 62.17 -46.79 -75.63
N CYS W 380 63.35 -46.93 -76.21
CA CYS W 380 63.52 -46.89 -77.66
C CYS W 380 63.26 -48.25 -78.31
N GLN W 381 62.45 -49.09 -77.69
CA GLN W 381 62.06 -50.37 -78.25
C GLN W 381 60.56 -50.50 -78.47
N LYS W 382 59.76 -50.09 -77.49
CA LYS W 382 58.32 -50.05 -77.64
C LYS W 382 57.82 -48.69 -78.13
N LEU W 383 58.70 -47.85 -78.64
CA LEU W 383 58.36 -46.53 -79.15
C LEU W 383 58.94 -46.32 -80.54
N GLU W 384 59.30 -47.40 -81.22
CA GLU W 384 59.99 -47.34 -82.49
C GLU W 384 59.16 -48.07 -83.53
N GLN W 385 58.99 -47.46 -84.70
CA GLN W 385 58.21 -48.06 -85.78
C GLN W 385 58.91 -47.83 -87.10
N LYS W 386 59.00 -48.88 -87.90
CA LYS W 386 59.60 -48.82 -89.23
C LYS W 386 58.53 -48.87 -90.30
N ASN W 387 58.87 -48.36 -91.47
CA ASN W 387 57.96 -48.31 -92.60
C ASN W 387 57.80 -49.72 -93.18
N PRO W 388 56.58 -50.24 -93.32
CA PRO W 388 56.42 -51.58 -93.92
C PRO W 388 56.76 -51.64 -95.39
N LEU W 389 56.80 -50.52 -96.10
CA LEU W 389 57.11 -50.54 -97.52
C LEU W 389 58.61 -50.67 -97.78
N THR W 390 59.46 -50.25 -96.84
CA THR W 390 60.90 -50.37 -97.00
C THR W 390 61.57 -51.22 -95.93
N GLY W 391 60.91 -51.45 -94.79
CA GLY W 391 61.58 -52.10 -93.67
C GLY W 391 62.67 -51.25 -93.07
N ASP W 392 62.56 -49.92 -93.18
CA ASP W 392 63.66 -49.03 -92.84
C ASP W 392 63.04 -47.70 -92.42
N PHE W 393 63.89 -46.80 -91.92
CA PHE W 393 63.47 -45.45 -91.56
C PHE W 393 63.62 -44.51 -92.76
N SER W 394 62.92 -44.86 -93.83
CA SER W 394 62.97 -44.10 -95.06
C SER W 394 61.70 -44.37 -95.85
N CYS W 395 61.38 -43.45 -96.73
CA CYS W 395 60.28 -43.62 -97.66
C CYS W 395 60.75 -44.42 -98.88
N PRO W 396 59.82 -45.00 -99.66
CA PRO W 396 60.23 -45.68 -100.89
C PRO W 396 60.75 -44.74 -101.97
N SER W 397 61.04 -45.33 -103.15
CA SER W 397 61.70 -44.58 -104.21
C SER W 397 60.80 -43.49 -104.78
N GLY W 398 59.51 -43.72 -104.85
CA GLY W 398 58.60 -42.71 -105.33
C GLY W 398 58.07 -41.75 -104.30
N TYR W 399 58.64 -41.74 -103.10
CA TYR W 399 58.10 -40.97 -101.99
C TYR W 399 59.17 -40.09 -101.37
N SER W 400 58.77 -39.30 -100.37
CA SER W 400 59.64 -38.35 -99.68
C SER W 400 59.13 -38.15 -98.26
N PRO W 401 60.02 -38.00 -97.27
CA PRO W 401 59.56 -37.88 -95.89
C PRO W 401 59.11 -36.47 -95.51
N VAL W 402 58.07 -36.41 -94.68
CA VAL W 402 57.57 -35.17 -94.11
C VAL W 402 57.55 -35.33 -92.60
N HIS W 403 58.20 -34.40 -91.89
CA HIS W 403 58.32 -34.45 -90.45
C HIS W 403 57.06 -33.92 -89.79
N LEU W 404 56.38 -34.77 -89.02
CA LEU W 404 55.16 -34.33 -88.34
C LEU W 404 55.48 -33.57 -87.06
N LEU W 405 56.07 -34.24 -86.09
CA LEU W 405 56.17 -33.70 -84.75
C LEU W 405 57.27 -34.42 -83.98
N SER W 406 57.95 -33.65 -83.13
CA SER W 406 59.09 -34.16 -82.36
C SER W 406 58.93 -33.69 -80.92
N GLN W 407 58.72 -34.61 -80.00
CA GLN W 407 58.54 -34.29 -78.59
C GLN W 407 59.30 -35.29 -77.73
N ILE W 408 59.20 -35.09 -76.42
CA ILE W 408 59.91 -35.90 -75.43
C ILE W 408 58.89 -36.76 -74.70
N HIS W 409 59.15 -38.06 -74.64
CA HIS W 409 58.32 -38.98 -73.88
C HIS W 409 59.00 -39.30 -72.55
N GLU W 410 58.18 -39.51 -71.52
CA GLU W 410 58.69 -39.81 -70.18
C GLU W 410 57.98 -41.02 -69.62
N GLU W 411 58.76 -41.95 -69.06
CA GLU W 411 58.22 -43.03 -68.25
C GLU W 411 59.02 -43.15 -66.97
N GLY W 412 58.46 -43.90 -66.03
CA GLY W 412 59.06 -44.07 -64.72
C GLY W 412 59.47 -45.50 -64.47
N TYR W 413 60.61 -45.66 -63.79
CA TYR W 413 61.09 -46.96 -63.36
C TYR W 413 61.43 -46.91 -61.89
N ASN W 414 61.72 -48.09 -61.33
CA ASN W 414 61.59 -48.28 -59.89
C ASN W 414 62.71 -49.18 -59.40
N HIS W 415 63.43 -48.72 -58.37
CA HIS W 415 64.37 -49.55 -57.63
C HIS W 415 63.79 -49.84 -56.26
N LEU W 416 64.24 -50.94 -55.66
CA LEU W 416 63.81 -51.33 -54.32
C LEU W 416 64.99 -51.99 -53.62
N GLU W 417 65.49 -51.34 -52.58
CA GLU W 417 66.65 -51.81 -51.85
C GLU W 417 66.28 -52.00 -50.39
N CYS W 418 66.75 -53.10 -49.81
CA CYS W 418 66.46 -53.44 -48.43
C CYS W 418 67.69 -54.01 -47.78
N HIS W 419 67.99 -53.57 -46.55
CA HIS W 419 68.99 -54.24 -45.74
C HIS W 419 68.56 -54.22 -44.28
N ARG W 420 69.01 -55.24 -43.55
CA ARG W 420 68.58 -55.49 -42.19
C ARG W 420 69.80 -55.52 -41.28
N LYS W 421 69.66 -54.95 -40.08
CA LYS W 421 70.76 -54.83 -39.14
C LYS W 421 70.25 -55.07 -37.74
N CYS W 422 70.97 -55.87 -36.96
CA CYS W 422 70.61 -56.18 -35.60
C CYS W 422 71.70 -55.69 -34.65
N THR W 423 71.28 -55.20 -33.47
CA THR W 423 72.18 -54.57 -32.52
C THR W 423 71.93 -55.14 -31.14
N LEU W 424 72.97 -55.79 -30.57
CA LEU W 424 72.95 -56.43 -29.25
C LEU W 424 71.91 -57.54 -29.16
N LYS W 425 71.65 -58.20 -30.29
CA LYS W 425 70.76 -59.36 -30.48
C LYS W 425 69.29 -59.07 -30.23
N VAL W 426 68.93 -57.84 -29.86
CA VAL W 426 67.56 -57.37 -29.74
C VAL W 426 67.55 -56.28 -30.81
N PHE W 427 66.44 -55.55 -30.98
CA PHE W 427 66.39 -54.27 -31.70
C PHE W 427 66.79 -54.41 -33.18
N CYS W 428 66.02 -55.23 -33.90
CA CYS W 428 66.30 -55.46 -35.30
C CYS W 428 65.79 -54.28 -36.13
N LYS W 429 66.66 -53.73 -36.96
CA LYS W 429 66.33 -52.60 -37.81
C LYS W 429 66.29 -53.04 -39.26
N THR W 430 65.21 -52.68 -39.96
CA THR W 430 65.04 -52.99 -41.37
C THR W 430 64.58 -51.73 -42.08
N VAL W 431 65.34 -51.27 -43.06
CA VAL W 431 64.97 -50.12 -43.87
C VAL W 431 64.74 -50.58 -45.30
N CYS W 432 63.65 -50.09 -45.91
CA CYS W 432 63.23 -50.50 -47.23
C CYS W 432 63.04 -49.25 -48.07
N GLU W 433 64.00 -48.97 -48.95
CA GLU W 433 64.00 -47.76 -49.75
C GLU W 433 63.53 -48.07 -51.16
N ASP W 434 62.68 -47.20 -51.71
CA ASP W 434 62.05 -47.41 -53.02
C ASP W 434 62.14 -46.12 -53.82
N VAL W 435 63.06 -46.06 -54.78
CA VAL W 435 63.33 -44.85 -55.54
C VAL W 435 62.61 -44.93 -56.88
N PHE W 436 61.89 -43.86 -57.22
CA PHE W 436 61.18 -43.74 -58.48
C PHE W 436 61.86 -42.66 -59.31
N GLN W 437 62.41 -43.05 -60.46
CA GLN W 437 63.09 -42.11 -61.35
C GLN W 437 62.34 -42.02 -62.67
N VAL W 438 62.67 -40.99 -63.45
CA VAL W 438 62.00 -40.69 -64.70
C VAL W 438 62.98 -40.90 -65.85
N ALA W 439 62.61 -41.75 -66.80
CA ALA W 439 63.41 -42.00 -68.00
C ALA W 439 62.80 -41.26 -69.18
N LYS W 440 63.63 -40.55 -69.93
CA LYS W 440 63.18 -39.71 -71.02
C LYS W 440 63.64 -40.26 -72.36
N ALA W 441 62.93 -39.86 -73.42
CA ALA W 441 63.26 -40.28 -74.77
C ALA W 441 62.68 -39.28 -75.76
N GLU W 442 63.47 -38.95 -76.77
CA GLU W 442 63.04 -38.12 -77.88
C GLU W 442 62.50 -39.01 -78.99
N PHE W 443 61.36 -38.62 -79.56
CA PHE W 443 60.86 -39.31 -80.75
C PHE W 443 60.62 -38.29 -81.86
N ARG W 444 60.78 -38.77 -83.09
CA ARG W 444 60.55 -37.96 -84.28
C ARG W 444 59.71 -38.79 -85.25
N ALA W 445 58.48 -38.37 -85.47
CA ALA W 445 57.56 -39.09 -86.34
C ALA W 445 57.57 -38.46 -87.73
N PHE W 446 57.78 -39.28 -88.74
CA PHE W 446 57.82 -38.85 -90.12
C PHE W 446 56.66 -39.46 -90.89
N TRP W 447 56.52 -39.03 -92.14
CA TRP W 447 55.38 -39.41 -92.95
C TRP W 447 55.74 -39.23 -94.42
N CYS W 448 55.32 -40.18 -95.25
CA CYS W 448 55.73 -40.23 -96.64
C CYS W 448 54.66 -39.62 -97.56
N VAL W 449 55.12 -38.96 -98.62
CA VAL W 449 54.26 -38.25 -99.55
C VAL W 449 54.68 -38.61 -100.97
N ALA W 450 53.70 -38.82 -101.85
CA ALA W 450 53.98 -39.08 -103.26
C ALA W 450 54.53 -37.81 -103.92
N SER W 451 55.84 -37.77 -104.14
CA SER W 451 56.48 -36.62 -104.73
C SER W 451 57.12 -36.90 -106.08
N SER W 452 57.03 -38.14 -106.58
CA SER W 452 57.61 -38.50 -107.87
C SER W 452 56.56 -38.62 -108.97
N GLN W 453 55.27 -38.63 -108.60
CA GLN W 453 54.09 -38.50 -109.46
C GLN W 453 53.83 -39.77 -110.29
N VAL W 454 54.75 -40.72 -110.30
CA VAL W 454 54.55 -41.97 -111.03
C VAL W 454 54.73 -43.13 -110.05
N PRO W 455 53.68 -43.56 -109.35
CA PRO W 455 53.75 -44.86 -108.67
C PRO W 455 53.12 -45.95 -109.52
N GLU W 456 53.52 -47.20 -109.29
CA GLU W 456 52.80 -48.32 -109.87
C GLU W 456 51.53 -48.61 -109.09
N ASN W 457 51.68 -48.95 -107.81
CA ASN W 457 50.58 -49.05 -106.88
C ASN W 457 50.89 -48.19 -105.68
N SER W 458 49.85 -47.64 -105.05
CA SER W 458 50.03 -46.65 -103.99
C SER W 458 50.61 -47.28 -102.74
N GLY W 459 49.93 -48.29 -102.20
CA GLY W 459 50.41 -48.93 -101.00
C GLY W 459 49.62 -48.55 -99.78
N LEU W 460 49.33 -49.56 -98.95
CA LEU W 460 48.82 -49.42 -97.59
C LEU W 460 47.47 -48.71 -97.57
N LEU W 461 46.48 -49.37 -98.15
CA LEU W 461 45.18 -48.73 -98.42
C LEU W 461 44.30 -48.74 -97.18
N PHE W 462 44.59 -47.81 -96.27
CA PHE W 462 43.70 -47.37 -95.19
C PHE W 462 44.33 -46.12 -94.57
N GLY W 463 43.49 -45.30 -93.96
CA GLY W 463 43.98 -44.09 -93.33
C GLY W 463 43.29 -43.72 -92.04
N GLY W 464 42.67 -44.70 -91.38
CA GLY W 464 41.94 -44.45 -90.15
C GLY W 464 42.74 -44.80 -88.91
N LEU W 465 42.46 -44.08 -87.83
CA LEU W 465 43.32 -44.06 -86.66
C LEU W 465 42.49 -44.40 -85.43
N PHE W 466 43.18 -44.82 -84.37
CA PHE W 466 42.58 -44.87 -83.04
C PHE W 466 43.68 -44.69 -82.01
N SER W 467 43.35 -44.02 -80.92
CA SER W 467 44.29 -43.72 -79.86
C SER W 467 44.07 -44.65 -78.68
N SER W 468 44.75 -44.37 -77.57
CA SER W 468 44.43 -44.99 -76.30
C SER W 468 43.19 -44.39 -75.66
N LYS W 469 42.68 -43.29 -76.21
CA LYS W 469 41.47 -42.66 -75.71
C LYS W 469 40.46 -42.39 -76.83
N SER W 470 40.74 -42.85 -78.05
CA SER W 470 39.87 -42.65 -79.19
C SER W 470 39.41 -44.00 -79.72
N ILE W 471 38.61 -43.96 -80.79
CA ILE W 471 37.95 -45.12 -81.35
C ILE W 471 38.06 -45.04 -82.87
N ASN W 472 38.47 -46.14 -83.49
CA ASN W 472 38.43 -46.24 -84.94
C ASN W 472 36.98 -46.31 -85.39
N PRO W 473 36.49 -45.37 -86.20
CA PRO W 473 35.08 -45.41 -86.60
C PRO W 473 34.76 -46.51 -87.59
N MET W 474 35.77 -47.08 -88.25
CA MET W 474 35.52 -48.18 -89.17
C MET W 474 35.39 -49.52 -88.44
N THR W 475 35.65 -49.56 -87.14
CA THR W 475 35.37 -50.73 -86.32
C THR W 475 34.46 -50.42 -85.13
N ASN W 476 34.26 -49.14 -84.80
CA ASN W 476 33.59 -48.68 -83.57
C ASN W 476 34.22 -49.30 -82.32
N ALA W 477 35.54 -49.46 -82.35
CA ALA W 477 36.30 -50.04 -81.26
C ALA W 477 37.75 -49.64 -81.42
N GLN W 478 38.58 -50.09 -80.47
CA GLN W 478 40.02 -49.89 -80.53
C GLN W 478 40.71 -51.09 -81.18
N SER W 479 40.31 -51.37 -82.41
CA SER W 479 40.80 -52.54 -83.11
C SER W 479 40.92 -52.22 -84.59
N CYS W 480 41.60 -53.09 -85.29
CA CYS W 480 41.78 -53.00 -86.73
C CYS W 480 40.62 -53.68 -87.44
N PRO W 481 40.37 -53.32 -88.71
CA PRO W 481 39.37 -54.07 -89.48
C PRO W 481 39.92 -55.42 -89.93
N ALA W 482 39.15 -56.13 -90.76
CA ALA W 482 39.46 -57.49 -91.17
C ALA W 482 40.68 -57.51 -92.07
N GLY W 483 41.82 -57.96 -91.55
CA GLY W 483 43.03 -58.10 -92.32
C GLY W 483 43.90 -56.86 -92.34
N TYR W 484 44.04 -56.22 -91.18
CA TYR W 484 44.75 -54.96 -91.05
C TYR W 484 45.71 -55.02 -89.87
N PHE W 485 46.91 -54.48 -90.04
CA PHE W 485 47.87 -54.46 -88.96
C PHE W 485 48.22 -53.03 -88.58
N PRO W 486 48.32 -52.72 -87.29
CA PRO W 486 48.50 -51.33 -86.87
C PRO W 486 49.96 -50.92 -86.90
N LEU W 487 50.17 -49.62 -87.10
CA LEU W 487 51.50 -49.04 -87.07
C LEU W 487 51.54 -48.03 -85.93
N ARG W 488 52.48 -48.22 -85.01
CA ARG W 488 52.54 -47.35 -83.84
C ARG W 488 53.10 -45.98 -84.19
N LEU W 489 52.56 -44.97 -83.53
CA LEU W 489 52.92 -43.58 -83.77
C LEU W 489 52.96 -42.94 -82.39
N PHE W 490 52.89 -41.59 -82.34
CA PHE W 490 53.59 -40.70 -81.40
C PHE W 490 53.77 -41.24 -79.99
N GLU W 491 52.69 -41.48 -79.31
CA GLU W 491 52.71 -42.23 -78.06
C GLU W 491 51.65 -43.33 -78.04
N ASN W 492 50.48 -43.08 -78.63
CA ASN W 492 49.38 -44.02 -78.54
C ASN W 492 48.66 -44.24 -79.86
N LEU W 493 49.00 -43.53 -80.93
CA LEU W 493 48.32 -43.75 -82.20
C LEU W 493 48.70 -45.09 -82.80
N LYS W 494 47.71 -45.78 -83.32
CA LYS W 494 47.89 -47.01 -84.06
C LYS W 494 47.14 -46.87 -85.37
N VAL W 495 47.88 -46.70 -86.46
CA VAL W 495 47.30 -46.47 -87.77
C VAL W 495 47.11 -47.82 -88.47
N CYS W 496 45.86 -48.14 -88.79
CA CYS W 496 45.55 -49.44 -89.39
C CYS W 496 45.92 -49.42 -90.87
N VAL W 497 46.53 -50.50 -91.32
CA VAL W 497 47.24 -50.55 -92.60
C VAL W 497 47.13 -51.94 -93.20
N SER W 498 46.73 -52.02 -94.47
CA SER W 498 46.79 -53.26 -95.24
C SER W 498 47.16 -52.94 -96.68
N GLN W 499 47.98 -53.80 -97.28
CA GLN W 499 48.39 -53.66 -98.67
C GLN W 499 47.99 -54.89 -99.49
N ASP W 500 46.79 -55.41 -99.23
CA ASP W 500 46.34 -56.64 -99.85
C ASP W 500 45.60 -56.43 -101.17
N TYR W 501 44.94 -55.27 -101.32
CA TYR W 501 44.26 -54.79 -102.54
C TYR W 501 43.01 -55.59 -102.92
N GLU W 502 42.72 -56.67 -102.20
CA GLU W 502 41.51 -57.46 -102.44
C GLU W 502 40.65 -57.55 -101.19
N LEU W 503 41.21 -57.98 -100.07
CA LEU W 503 40.48 -57.99 -98.81
C LEU W 503 40.59 -56.66 -98.08
N GLY W 504 41.43 -55.75 -98.56
CA GLY W 504 41.57 -54.45 -97.93
C GLY W 504 40.73 -53.37 -98.59
N SER W 505 40.26 -53.64 -99.81
CA SER W 505 39.48 -52.65 -100.55
C SER W 505 38.05 -52.53 -100.07
N ARG W 506 37.58 -53.43 -99.19
CA ARG W 506 36.27 -53.26 -98.60
C ARG W 506 36.27 -52.11 -97.61
N PHE W 507 37.36 -51.95 -96.86
CA PHE W 507 37.43 -50.96 -95.80
C PHE W 507 38.35 -49.79 -96.13
N ALA W 508 38.96 -49.78 -97.31
CA ALA W 508 39.90 -48.72 -97.65
C ALA W 508 39.18 -47.40 -97.88
N VAL W 509 39.63 -46.37 -97.18
CA VAL W 509 39.05 -45.04 -97.28
C VAL W 509 39.98 -44.15 -98.11
N PRO W 510 39.46 -43.12 -98.79
CA PRO W 510 40.35 -42.17 -99.45
C PRO W 510 41.09 -41.34 -98.42
N PHE W 511 42.41 -41.38 -98.46
CA PHE W 511 43.24 -40.71 -97.47
C PHE W 511 43.72 -39.38 -98.01
N GLY W 512 43.83 -38.39 -97.12
CA GLY W 512 44.15 -37.04 -97.55
C GLY W 512 45.46 -36.49 -97.05
N GLY W 513 45.90 -36.88 -95.87
CA GLY W 513 47.17 -36.41 -95.34
C GLY W 513 47.09 -36.03 -93.87
N PHE W 514 48.25 -35.96 -93.24
CA PHE W 514 48.39 -35.50 -91.87
C PHE W 514 48.89 -34.06 -91.85
N PHE W 515 48.50 -33.33 -90.81
CA PHE W 515 49.12 -32.05 -90.49
C PHE W 515 48.96 -31.79 -89.00
N SER W 516 49.79 -30.90 -88.49
CA SER W 516 49.81 -30.60 -87.06
C SER W 516 49.88 -29.09 -86.89
N CYS W 517 50.13 -28.66 -85.66
CA CYS W 517 50.19 -27.22 -85.37
C CYS W 517 51.47 -26.58 -85.88
N THR W 518 52.46 -27.35 -86.29
CA THR W 518 53.73 -26.83 -86.75
C THR W 518 54.02 -27.09 -88.22
N VAL W 519 53.45 -28.15 -88.80
CA VAL W 519 53.76 -28.53 -90.17
C VAL W 519 52.44 -28.63 -90.94
N GLY W 520 52.52 -28.43 -92.25
CA GLY W 520 51.37 -28.60 -93.11
C GLY W 520 51.53 -29.76 -94.08
N ASN W 521 50.43 -30.27 -94.60
CA ASN W 521 50.62 -31.33 -95.60
C ASN W 521 50.95 -30.72 -96.96
N PRO W 522 51.82 -31.36 -97.73
CA PRO W 522 52.18 -30.81 -99.04
C PRO W 522 51.24 -31.28 -100.14
N LEU W 523 50.06 -31.77 -99.80
CA LEU W 523 49.12 -32.29 -100.79
C LEU W 523 48.08 -31.26 -101.20
N VAL W 524 48.37 -29.98 -100.99
CA VAL W 524 47.46 -28.90 -101.35
C VAL W 524 48.06 -27.97 -102.40
N ASP W 525 49.37 -27.69 -102.33
CA ASP W 525 49.97 -26.70 -103.21
C ASP W 525 50.23 -27.21 -104.63
N PRO W 526 50.77 -28.44 -104.84
CA PRO W 526 50.75 -28.83 -106.26
C PRO W 526 49.42 -29.45 -106.66
N PRO W 535 56.29 -22.45 -96.65
CA PRO W 535 56.06 -23.90 -96.71
C PRO W 535 54.63 -24.25 -97.11
N SER W 536 54.06 -25.26 -96.46
CA SER W 536 52.75 -25.77 -96.82
C SER W 536 51.66 -24.91 -96.18
N LEU W 537 50.42 -25.39 -96.24
CA LEU W 537 49.27 -24.59 -95.88
C LEU W 537 48.50 -25.10 -94.66
N LYS W 538 48.71 -26.36 -94.25
CA LYS W 538 47.99 -27.10 -93.19
C LYS W 538 46.48 -26.92 -93.25
N LYS W 539 45.93 -26.78 -94.46
CA LYS W 539 44.49 -26.66 -94.59
C LYS W 539 43.81 -28.02 -94.72
N CYS W 540 43.93 -28.63 -95.91
CA CYS W 540 43.21 -29.82 -96.37
C CYS W 540 43.69 -30.05 -97.81
N PRO W 541 43.45 -31.20 -98.43
CA PRO W 541 43.66 -31.26 -99.88
C PRO W 541 42.58 -30.54 -100.67
N GLY W 542 41.33 -30.62 -100.23
CA GLY W 542 40.23 -30.06 -101.00
C GLY W 542 39.25 -31.12 -101.39
N GLY W 543 38.03 -31.06 -100.85
CA GLY W 543 37.07 -32.13 -100.94
C GLY W 543 37.10 -33.07 -99.76
N PHE W 544 38.25 -33.19 -99.10
CA PHE W 544 38.38 -34.01 -97.91
C PHE W 544 37.87 -33.24 -96.70
N SER W 545 37.91 -33.88 -95.53
CA SER W 545 37.42 -33.28 -94.30
C SER W 545 38.45 -33.49 -93.20
N GLN W 546 38.77 -32.43 -92.48
CA GLN W 546 39.69 -32.55 -91.35
C GLN W 546 39.04 -33.33 -90.23
N HIS W 547 39.82 -34.18 -89.60
CA HIS W 547 39.38 -34.87 -88.41
C HIS W 547 40.57 -34.96 -87.47
N PRO W 548 40.36 -34.72 -86.18
CA PRO W 548 41.49 -34.68 -85.26
C PRO W 548 41.91 -36.06 -84.78
N ALA W 549 43.22 -36.26 -84.75
CA ALA W 549 43.84 -37.35 -84.02
C ALA W 549 44.07 -36.86 -82.59
N LEU W 550 44.92 -37.54 -81.83
CA LEU W 550 45.15 -37.16 -80.44
C LEU W 550 45.90 -35.83 -80.35
N ILE W 551 46.05 -35.36 -79.10
CA ILE W 551 46.77 -34.15 -78.79
C ILE W 551 48.07 -34.54 -78.11
N SER W 552 49.19 -34.12 -78.70
CA SER W 552 50.52 -34.43 -78.17
C SER W 552 51.03 -33.22 -77.41
N ASP W 553 50.56 -33.09 -76.16
CA ASP W 553 51.01 -32.10 -75.18
C ASP W 553 50.83 -30.67 -75.67
N GLY W 554 49.58 -30.35 -76.03
CA GLY W 554 49.22 -29.01 -76.44
C GLY W 554 49.14 -28.79 -77.94
N CYS W 555 49.71 -29.71 -78.73
CA CYS W 555 49.64 -29.62 -80.19
C CYS W 555 48.66 -30.66 -80.72
N GLN W 556 47.91 -30.27 -81.74
CA GLN W 556 46.84 -31.11 -82.28
C GLN W 556 47.25 -31.65 -83.63
N VAL W 557 47.14 -32.96 -83.80
CA VAL W 557 47.44 -33.63 -85.05
C VAL W 557 46.12 -33.97 -85.72
N SER W 558 45.99 -33.61 -87.00
CA SER W 558 44.75 -33.82 -87.72
C SER W 558 45.01 -34.57 -89.02
N TYR W 559 43.98 -35.29 -89.49
CA TYR W 559 44.09 -36.09 -90.70
C TYR W 559 42.85 -35.91 -91.56
N CYS W 560 43.02 -36.04 -92.86
CA CYS W 560 41.98 -35.75 -93.84
C CYS W 560 41.47 -37.05 -94.47
N VAL W 561 40.17 -37.07 -94.77
CA VAL W 561 39.50 -38.28 -95.26
C VAL W 561 38.22 -37.82 -95.94
N LYS W 562 37.69 -38.65 -96.85
CA LYS W 562 36.49 -38.33 -97.62
C LYS W 562 35.53 -39.52 -97.62
N SER W 563 35.18 -40.02 -96.45
CA SER W 563 34.21 -41.11 -96.44
C SER W 563 32.78 -40.58 -96.53
N GLY W 564 32.40 -39.73 -95.57
CA GLY W 564 31.02 -39.46 -95.25
C GLY W 564 30.56 -40.18 -94.00
N LEU W 565 31.24 -41.28 -93.66
CA LEU W 565 30.99 -41.94 -92.38
C LEU W 565 31.62 -41.15 -91.25
N PHE W 566 32.79 -40.55 -91.49
CA PHE W 566 33.44 -39.73 -90.47
C PHE W 566 32.70 -38.44 -90.21
N THR W 567 31.96 -37.95 -91.20
CA THR W 567 31.37 -36.62 -91.13
C THR W 567 30.11 -36.59 -90.28
N GLY W 568 29.09 -37.36 -90.66
CA GLY W 568 27.78 -37.26 -90.07
C GLY W 568 27.71 -37.84 -88.66
N GLY W 569 26.49 -37.82 -88.12
CA GLY W 569 26.23 -38.27 -86.77
C GLY W 569 25.43 -37.25 -86.00
N SER W 570 25.87 -36.89 -84.80
CA SER W 570 25.32 -35.77 -84.06
C SER W 570 26.41 -34.73 -83.87
N LEU W 571 26.02 -33.56 -83.43
CA LEU W 571 26.98 -32.51 -83.15
C LEU W 571 27.71 -32.83 -81.85
N PRO W 572 29.05 -32.81 -81.86
CA PRO W 572 29.80 -33.16 -80.65
C PRO W 572 29.72 -32.06 -79.62
N PRO W 573 29.93 -32.37 -78.35
CA PRO W 573 30.07 -31.32 -77.35
C PRO W 573 31.44 -30.68 -77.43
N ALA W 574 31.63 -29.65 -76.63
CA ALA W 574 32.91 -28.96 -76.60
C ALA W 574 33.94 -29.80 -75.87
N ARG W 575 35.18 -29.74 -76.34
CA ARG W 575 36.30 -30.27 -75.57
C ARG W 575 36.65 -29.32 -74.45
N LEU W 576 36.46 -29.78 -73.22
CA LEU W 576 36.71 -28.92 -72.09
C LEU W 576 38.15 -29.07 -71.64
N PRO W 577 38.72 -28.04 -71.01
CA PRO W 577 40.07 -28.15 -70.43
C PRO W 577 40.07 -29.10 -69.25
N PRO W 578 41.24 -29.54 -68.74
CA PRO W 578 42.63 -29.37 -69.15
C PRO W 578 42.98 -30.28 -70.31
N PHE W 579 43.87 -29.80 -71.16
CA PHE W 579 44.29 -30.55 -72.33
C PHE W 579 45.66 -31.18 -72.14
N THR W 580 46.35 -30.83 -71.06
CA THR W 580 47.60 -31.47 -70.68
C THR W 580 47.40 -32.19 -69.35
N ARG W 581 48.42 -32.91 -68.94
CA ARG W 581 48.44 -33.59 -67.66
C ARG W 581 49.64 -33.06 -66.86
N PRO W 582 49.58 -33.12 -65.54
CA PRO W 582 50.75 -32.72 -64.75
C PRO W 582 51.88 -33.71 -64.92
N PRO W 583 53.11 -33.23 -64.97
CA PRO W 583 54.23 -34.10 -65.36
C PRO W 583 54.66 -35.03 -64.25
N LEU W 584 55.53 -35.97 -64.61
CA LEU W 584 56.06 -36.93 -63.67
C LEU W 584 57.22 -36.33 -62.88
N MET W 585 57.34 -36.76 -61.64
CA MET W 585 58.36 -36.27 -60.73
C MET W 585 59.11 -37.46 -60.16
N SER W 586 60.40 -37.27 -59.89
CA SER W 586 61.19 -38.32 -59.28
C SER W 586 61.00 -38.32 -57.77
N GLN W 587 60.83 -39.51 -57.21
CA GLN W 587 60.31 -39.71 -55.86
C GLN W 587 61.24 -40.64 -55.09
N ALA W 588 60.94 -40.82 -53.81
CA ALA W 588 61.66 -41.73 -52.93
C ALA W 588 60.77 -42.04 -51.73
N ALA W 589 60.78 -43.30 -51.30
CA ALA W 589 59.94 -43.72 -50.19
C ALA W 589 60.69 -44.73 -49.36
N THR W 590 60.80 -44.47 -48.06
CA THR W 590 61.52 -45.33 -47.13
C THR W 590 60.58 -45.86 -46.06
N ASN W 591 60.97 -46.98 -45.47
CA ASN W 591 60.19 -47.66 -44.42
C ASN W 591 61.19 -48.27 -43.44
N THR W 592 61.40 -47.62 -42.30
CA THR W 592 62.26 -48.16 -41.26
C THR W 592 61.41 -48.82 -40.19
N VAL W 593 61.72 -50.07 -39.86
CA VAL W 593 61.01 -50.83 -38.86
C VAL W 593 61.99 -51.24 -37.77
N ILE W 594 61.64 -50.97 -36.52
CA ILE W 594 62.42 -51.41 -35.36
C ILE W 594 61.61 -52.48 -34.64
N VAL W 595 62.22 -53.63 -34.42
CA VAL W 595 61.56 -54.77 -33.78
C VAL W 595 62.37 -55.12 -32.53
N THR W 596 61.77 -54.96 -31.36
CA THR W 596 62.40 -55.44 -30.14
C THR W 596 62.03 -56.90 -29.95
N ASN W 597 63.05 -57.76 -29.90
CA ASN W 597 62.85 -59.20 -29.82
C ASN W 597 62.74 -59.68 -28.37
N SER W 598 62.52 -58.77 -27.42
CA SER W 598 62.60 -59.15 -26.02
C SER W 598 61.81 -58.18 -25.15
N GLU W 599 61.31 -58.71 -24.05
CA GLU W 599 60.93 -57.88 -22.92
C GLU W 599 62.20 -57.56 -22.12
N ASN W 600 62.03 -56.82 -21.03
CA ASN W 600 63.13 -56.25 -20.23
C ASN W 600 64.06 -55.44 -21.12
N ALA W 601 63.47 -54.62 -21.98
CA ALA W 601 64.23 -53.81 -22.92
C ALA W 601 63.40 -52.57 -23.20
N ARG W 602 63.75 -51.46 -22.58
CA ARG W 602 63.03 -50.21 -22.77
C ARG W 602 63.67 -49.39 -23.87
N SER W 603 62.93 -48.41 -24.35
CA SER W 603 63.39 -47.59 -25.46
C SER W 603 62.73 -46.22 -25.38
N TRP W 604 63.52 -45.17 -25.60
CA TRP W 604 63.01 -43.81 -25.64
C TRP W 604 63.32 -43.22 -27.01
N ILE W 605 62.36 -42.52 -27.59
CA ILE W 605 62.48 -42.00 -28.94
C ILE W 605 62.10 -40.53 -28.93
N LYS W 606 62.94 -39.69 -29.52
CA LYS W 606 62.64 -38.28 -29.75
C LYS W 606 62.53 -38.10 -31.27
N ASP W 607 61.32 -37.85 -31.76
CA ASP W 607 61.03 -37.96 -33.19
C ASP W 607 61.64 -36.82 -33.99
N SER W 608 61.68 -35.63 -33.42
CA SER W 608 62.27 -34.47 -34.09
C SER W 608 62.71 -33.48 -33.03
N GLN W 609 63.21 -32.33 -33.48
CA GLN W 609 63.69 -31.32 -32.54
C GLN W 609 62.56 -30.62 -31.80
N THR W 610 61.34 -30.65 -32.33
CA THR W 610 60.21 -30.06 -31.65
C THR W 610 59.46 -31.05 -30.77
N HIS W 611 59.62 -32.34 -31.01
CA HIS W 611 58.99 -33.34 -30.15
C HIS W 611 59.68 -33.40 -28.80
N GLN W 612 59.01 -34.05 -27.86
CA GLN W 612 59.61 -34.41 -26.58
C GLN W 612 59.98 -35.88 -26.60
N TRP W 613 60.79 -36.28 -25.62
CA TRP W 613 61.15 -37.69 -25.50
C TRP W 613 59.93 -38.53 -25.19
N ARG W 614 59.84 -39.66 -25.87
CA ARG W 614 58.65 -40.48 -25.89
C ARG W 614 59.06 -41.91 -25.59
N LEU W 615 58.25 -42.61 -24.80
CA LEU W 615 58.55 -44.00 -24.50
C LEU W 615 58.25 -44.86 -25.73
N GLY W 616 59.21 -45.68 -26.11
CA GLY W 616 59.10 -46.42 -27.35
C GLY W 616 58.24 -47.67 -27.23
N GLU W 617 57.83 -48.16 -28.39
CA GLU W 617 56.99 -49.33 -28.59
C GLU W 617 57.80 -50.45 -29.24
N PRO W 618 57.34 -51.71 -29.17
CA PRO W 618 58.13 -52.79 -29.78
C PRO W 618 58.20 -52.75 -31.29
N ILE W 619 57.18 -52.25 -31.99
CA ILE W 619 57.23 -52.07 -33.44
C ILE W 619 56.97 -50.60 -33.73
N GLU W 620 57.86 -49.97 -34.50
CA GLU W 620 57.78 -48.53 -34.70
C GLU W 620 57.20 -48.10 -36.04
N LEU W 621 57.84 -48.49 -37.15
CA LEU W 621 57.37 -48.22 -38.51
C LEU W 621 57.26 -46.71 -38.80
N ARG W 622 58.43 -46.08 -38.91
CA ARG W 622 58.52 -44.74 -39.47
C ARG W 622 58.35 -44.80 -41.00
N ARG W 623 57.79 -43.74 -41.58
CA ARG W 623 57.62 -43.63 -43.03
C ARG W 623 58.02 -42.24 -43.50
N ALA W 624 58.49 -42.17 -44.74
CA ALA W 624 58.86 -40.91 -45.35
C ALA W 624 58.67 -40.97 -46.86
N MET W 625 58.19 -39.89 -47.44
CA MET W 625 58.05 -39.77 -48.89
C MET W 625 58.70 -38.47 -49.34
N ASN W 626 59.69 -38.57 -50.22
CA ASN W 626 60.51 -37.45 -50.65
C ASN W 626 60.27 -37.21 -52.14
N VAL W 627 59.85 -36.01 -52.50
CA VAL W 627 59.56 -35.64 -53.88
C VAL W 627 60.45 -34.48 -54.25
N ILE W 628 61.01 -34.48 -55.46
CA ILE W 628 61.72 -33.35 -56.01
C ILE W 628 61.10 -32.95 -57.35
N HIS W 629 60.79 -31.67 -57.50
CA HIS W 629 60.20 -31.14 -58.72
C HIS W 629 61.30 -30.90 -59.76
N GLY W 630 61.34 -31.74 -60.78
CA GLY W 630 62.30 -31.59 -61.86
C GLY W 630 63.72 -31.99 -61.46
N ASP X 10 20.72 -23.98 -27.83
CA ASP X 10 21.22 -23.77 -29.18
C ASP X 10 20.52 -24.67 -30.19
N GLU X 11 20.82 -24.44 -31.47
CA GLU X 11 20.18 -25.16 -32.56
C GLU X 11 21.09 -25.03 -33.78
N VAL X 12 21.29 -26.13 -34.50
CA VAL X 12 22.27 -26.18 -35.58
C VAL X 12 21.63 -26.74 -36.85
N GLY X 13 22.38 -26.65 -37.93
CA GLY X 13 22.01 -27.35 -39.15
C GLY X 13 20.96 -26.63 -39.97
N VAL X 14 20.16 -27.42 -40.67
CA VAL X 14 19.15 -26.88 -41.57
C VAL X 14 18.01 -26.27 -40.78
N GLN X 15 17.70 -26.83 -39.61
CA GLN X 15 16.51 -26.45 -38.87
C GLN X 15 16.66 -25.08 -38.20
N LYS X 16 17.90 -24.65 -37.93
CA LYS X 16 18.13 -23.27 -37.54
C LYS X 16 17.76 -22.32 -38.65
N CYS X 17 18.06 -22.69 -39.90
CA CYS X 17 17.71 -21.85 -41.04
C CYS X 17 16.21 -21.84 -41.28
N LYS X 18 15.54 -22.97 -41.05
CA LYS X 18 14.11 -23.05 -41.33
C LYS X 18 13.28 -22.30 -40.31
N ASN X 19 13.76 -22.19 -39.07
CA ASN X 19 12.99 -21.49 -38.06
C ASN X 19 13.11 -19.99 -38.20
N ALA X 20 14.27 -19.50 -38.64
CA ALA X 20 14.47 -18.06 -38.78
C ALA X 20 13.86 -17.51 -40.07
N LEU X 21 13.71 -18.34 -41.09
CA LEU X 21 13.30 -17.88 -42.40
C LEU X 21 11.93 -18.37 -42.83
N LYS X 22 11.53 -19.57 -42.39
CA LYS X 22 10.22 -20.18 -42.66
C LYS X 22 9.94 -20.34 -44.15
N LEU X 23 10.87 -21.01 -44.83
CA LEU X 23 10.75 -21.25 -46.26
C LEU X 23 11.53 -22.52 -46.57
N PRO X 24 11.12 -23.30 -47.60
CA PRO X 24 11.70 -24.64 -47.78
C PRO X 24 13.13 -24.64 -48.30
N VAL X 25 13.70 -25.83 -48.42
CA VAL X 25 15.07 -26.02 -48.87
C VAL X 25 15.00 -26.52 -50.31
N LEU X 26 15.96 -26.10 -51.14
CA LEU X 26 15.96 -26.51 -52.53
C LEU X 26 16.36 -27.97 -52.60
N GLU X 27 15.45 -28.82 -53.08
CA GLU X 27 15.62 -30.26 -53.00
C GLU X 27 16.46 -30.85 -54.12
N VAL X 28 16.98 -30.04 -55.02
CA VAL X 28 17.71 -30.50 -56.19
C VAL X 28 19.14 -30.02 -56.04
N LEU X 29 20.02 -30.87 -55.53
CA LEU X 29 21.35 -30.39 -55.18
C LEU X 29 22.44 -31.18 -55.89
N PRO X 30 23.52 -30.53 -56.29
CA PRO X 30 24.63 -31.25 -56.91
C PRO X 30 25.62 -31.76 -55.88
N GLY X 31 26.69 -32.41 -56.33
CA GLY X 31 27.67 -32.96 -55.44
C GLY X 31 27.44 -34.39 -55.02
N GLY X 32 26.45 -35.06 -55.56
CA GLY X 32 26.24 -36.45 -55.27
C GLY X 32 26.88 -37.35 -56.30
N GLY X 33 26.96 -38.62 -55.97
CA GLY X 33 27.49 -39.58 -56.90
C GLY X 33 26.49 -39.95 -57.97
N TRP X 34 26.99 -40.46 -59.09
CA TRP X 34 26.14 -40.73 -60.22
C TRP X 34 26.65 -41.95 -60.97
N ASP X 35 25.85 -43.00 -61.00
CA ASP X 35 26.12 -44.15 -61.86
C ASP X 35 25.70 -43.78 -63.28
N ASN X 36 26.66 -43.72 -64.18
CA ASN X 36 26.39 -43.27 -65.53
C ASN X 36 25.99 -44.39 -66.47
N LEU X 37 26.00 -45.64 -66.02
CA LEU X 37 25.42 -46.71 -66.82
C LEU X 37 23.94 -46.88 -66.55
N ARG X 38 23.52 -46.75 -65.29
CA ARG X 38 22.15 -47.00 -64.92
C ARG X 38 21.32 -45.73 -64.80
N ASN X 39 21.97 -44.57 -64.87
CA ASN X 39 21.39 -43.24 -64.61
C ASN X 39 20.66 -43.18 -63.28
N VAL X 40 21.30 -43.68 -62.24
CA VAL X 40 20.80 -43.52 -60.87
C VAL X 40 21.84 -42.71 -60.11
N ASP X 41 21.40 -42.09 -59.04
CA ASP X 41 22.31 -41.29 -58.23
C ASP X 41 22.63 -41.96 -56.91
N MET X 42 23.86 -41.77 -56.50
CA MET X 42 24.56 -42.52 -55.46
C MET X 42 24.68 -41.71 -54.19
N GLY X 43 25.53 -42.18 -53.29
CA GLY X 43 25.82 -41.44 -52.08
C GLY X 43 26.52 -40.12 -52.34
N ARG X 44 26.49 -39.28 -51.32
CA ARG X 44 26.89 -37.88 -51.42
C ARG X 44 28.41 -37.77 -51.30
N VAL X 45 29.04 -37.13 -52.28
CA VAL X 45 30.50 -37.03 -52.35
C VAL X 45 30.99 -35.71 -51.76
N MET X 46 30.28 -34.62 -51.97
CA MET X 46 30.67 -33.33 -51.43
C MET X 46 30.00 -33.09 -50.09
N GLU X 47 30.43 -32.03 -49.41
CA GLU X 47 29.91 -31.72 -48.08
C GLU X 47 28.88 -30.61 -48.18
N LEU X 48 27.72 -30.83 -47.58
CA LEU X 48 26.63 -29.86 -47.57
C LEU X 48 26.51 -29.26 -46.18
N THR X 49 26.80 -27.97 -46.06
CA THR X 49 26.70 -27.26 -44.80
C THR X 49 25.69 -26.13 -44.92
N TYR X 50 25.05 -25.82 -43.79
CA TYR X 50 24.00 -24.80 -43.73
C TYR X 50 24.31 -23.79 -42.65
N SER X 51 25.56 -23.32 -42.63
CA SER X 51 26.00 -22.45 -41.55
C SER X 51 25.58 -21.00 -41.76
N ASN X 52 25.51 -20.54 -43.00
CA ASN X 52 25.39 -19.11 -43.28
C ASN X 52 23.97 -18.69 -43.62
N CYS X 53 23.01 -19.61 -43.60
CA CYS X 53 21.59 -19.35 -43.85
C CYS X 53 21.34 -18.70 -45.21
N ARG X 54 22.05 -19.16 -46.23
CA ARG X 54 21.91 -18.57 -47.56
C ARG X 54 20.60 -18.96 -48.19
N THR X 55 20.03 -18.04 -48.94
CA THR X 55 18.85 -18.30 -49.74
C THR X 55 19.16 -18.01 -51.20
N THR X 56 18.22 -18.39 -52.06
CA THR X 56 18.33 -17.94 -53.43
C THR X 56 18.03 -16.44 -53.50
N GLU X 57 18.44 -15.84 -54.60
CA GLU X 57 18.37 -14.38 -54.73
C GLU X 57 16.93 -13.88 -54.78
N ASP X 58 16.00 -14.70 -55.25
CA ASP X 58 14.58 -14.34 -55.15
C ASP X 58 13.99 -14.67 -53.79
N GLY X 59 14.74 -15.34 -52.92
CA GLY X 59 14.33 -15.54 -51.54
C GLY X 59 13.24 -16.56 -51.32
N GLN X 60 13.34 -17.72 -51.97
CA GLN X 60 12.31 -18.74 -51.82
C GLN X 60 12.82 -20.12 -51.50
N TYR X 61 14.13 -20.34 -51.47
CA TYR X 61 14.68 -21.63 -51.08
C TYR X 61 15.94 -21.41 -50.28
N ILE X 62 16.09 -22.18 -49.21
CA ILE X 62 17.37 -22.27 -48.49
C ILE X 62 18.31 -23.15 -49.27
N ILE X 63 19.53 -22.67 -49.50
CA ILE X 63 20.53 -23.43 -50.23
C ILE X 63 21.76 -23.57 -49.33
N PRO X 64 22.59 -24.58 -49.56
CA PRO X 64 23.86 -24.67 -48.83
C PRO X 64 24.83 -23.56 -49.18
N ASP X 65 25.92 -23.52 -48.42
CA ASP X 65 26.84 -22.37 -48.46
C ASP X 65 27.74 -22.40 -49.68
N GLU X 66 28.12 -23.58 -50.13
CA GLU X 66 29.05 -23.83 -51.21
C GLU X 66 28.38 -23.92 -52.57
N ILE X 67 27.11 -23.59 -52.65
CA ILE X 67 26.33 -23.79 -53.85
C ILE X 67 25.74 -22.46 -54.27
N PHE X 68 25.96 -22.08 -55.53
CA PHE X 68 25.32 -20.91 -56.09
C PHE X 68 24.30 -21.33 -57.14
N THR X 69 23.24 -20.55 -57.25
CA THR X 69 22.17 -20.84 -58.17
C THR X 69 22.14 -19.77 -59.26
N ILE X 70 21.62 -20.15 -60.42
CA ILE X 70 21.44 -19.23 -61.53
C ILE X 70 19.94 -19.17 -61.84
N PRO X 71 19.30 -18.03 -61.70
CA PRO X 71 17.89 -17.94 -62.08
C PRO X 71 17.73 -17.86 -63.58
N GLN X 72 17.21 -18.92 -64.17
CA GLN X 72 16.85 -18.89 -65.58
C GLN X 72 15.48 -19.52 -65.72
N LYS X 73 14.46 -18.69 -65.55
CA LYS X 73 13.08 -19.14 -65.41
C LYS X 73 12.52 -19.33 -66.81
N GLN X 74 12.83 -20.47 -67.39
CA GLN X 74 12.71 -20.72 -68.81
C GLN X 74 11.69 -21.81 -69.06
N SER X 75 10.73 -21.54 -69.91
CA SER X 75 9.68 -22.48 -70.26
C SER X 75 9.75 -22.76 -71.75
N ASN X 76 9.65 -24.03 -72.13
CA ASN X 76 9.69 -24.44 -73.53
C ASN X 76 8.43 -25.22 -73.84
N LEU X 77 7.87 -24.98 -75.02
CA LEU X 77 6.65 -25.66 -75.42
C LEU X 77 6.79 -26.02 -76.89
N GLU X 78 6.65 -27.30 -77.19
CA GLU X 78 6.76 -27.78 -78.56
C GLU X 78 5.37 -28.00 -79.13
N MET X 79 5.14 -27.48 -80.33
CA MET X 79 3.96 -27.82 -81.11
C MET X 79 4.18 -28.99 -82.03
N ASN X 80 5.32 -29.66 -81.90
CA ASN X 80 5.75 -30.69 -82.80
C ASN X 80 6.15 -31.90 -81.98
N SER X 81 6.78 -32.86 -82.63
CA SER X 81 7.32 -34.03 -81.98
C SER X 81 8.77 -34.18 -82.41
N GLU X 82 9.39 -35.29 -82.03
CA GLU X 82 10.71 -35.61 -82.56
C GLU X 82 10.79 -37.12 -82.72
N ILE X 83 11.38 -37.55 -83.82
CA ILE X 83 11.32 -38.95 -84.23
C ILE X 83 12.66 -39.61 -83.94
N LEU X 84 12.62 -40.78 -83.32
CA LEU X 84 13.81 -41.51 -82.92
C LEU X 84 13.64 -42.93 -83.46
N GLU X 85 14.03 -43.15 -84.71
CA GLU X 85 13.77 -44.43 -85.38
C GLU X 85 14.86 -45.47 -85.14
N SER X 86 15.75 -45.26 -84.17
CA SER X 86 16.78 -46.21 -83.83
C SER X 86 17.18 -45.99 -82.38
N TRP X 87 17.43 -47.07 -81.65
CA TRP X 87 17.82 -46.95 -80.25
C TRP X 87 19.31 -46.67 -80.07
N ALA X 88 20.09 -46.61 -81.14
CA ALA X 88 21.52 -46.33 -80.99
C ALA X 88 21.76 -44.88 -80.60
N ASN X 89 21.13 -43.95 -81.32
CA ASN X 89 21.23 -42.53 -81.01
C ASN X 89 20.12 -42.13 -80.04
N TYR X 90 20.29 -42.57 -78.79
CA TYR X 90 19.29 -42.40 -77.75
C TYR X 90 19.48 -41.11 -76.97
N GLN X 91 18.37 -40.43 -76.71
CA GLN X 91 18.32 -39.19 -75.95
C GLN X 91 17.71 -39.51 -74.60
N SER X 92 18.38 -39.15 -73.52
CA SER X 92 17.94 -39.64 -72.22
C SER X 92 16.74 -38.88 -71.67
N SER X 93 16.59 -37.60 -72.01
CA SER X 93 15.53 -36.66 -71.62
C SER X 93 15.54 -36.24 -70.16
N THR X 94 16.39 -36.83 -69.33
CA THR X 94 16.56 -36.33 -67.97
C THR X 94 18.00 -36.28 -67.51
N SER X 95 18.92 -36.93 -68.20
CA SER X 95 20.33 -36.92 -67.85
C SER X 95 21.15 -36.85 -69.12
N TYR X 96 20.76 -35.96 -70.02
CA TYR X 96 21.31 -35.96 -71.37
C TYR X 96 22.72 -35.41 -71.42
N SER X 97 23.03 -34.40 -70.61
CA SER X 97 24.32 -33.74 -70.72
C SER X 97 25.44 -34.54 -70.07
N ILE X 98 25.12 -35.39 -69.09
CA ILE X 98 26.15 -36.18 -68.45
C ILE X 98 26.40 -37.49 -69.20
N ASN X 99 25.49 -37.90 -70.06
CA ASN X 99 25.75 -39.09 -70.86
C ASN X 99 26.51 -38.81 -72.14
N THR X 100 26.44 -37.59 -72.66
CA THR X 100 26.99 -37.26 -73.97
C THR X 100 28.44 -36.79 -73.92
N GLU X 101 29.14 -37.07 -72.83
CA GLU X 101 30.52 -36.66 -72.66
C GLU X 101 31.44 -37.39 -73.65
N LEU X 102 32.61 -36.77 -73.91
CA LEU X 102 33.60 -37.32 -74.83
C LEU X 102 34.50 -38.28 -74.06
N SER X 103 34.36 -39.57 -74.34
CA SER X 103 35.14 -40.59 -73.65
C SER X 103 35.19 -41.83 -74.52
N LEU X 104 35.85 -42.86 -74.00
CA LEU X 104 35.92 -44.14 -74.68
C LEU X 104 34.55 -44.83 -74.66
N PHE X 105 33.88 -44.76 -73.52
CA PHE X 105 32.64 -45.50 -73.29
C PHE X 105 31.44 -44.59 -73.38
N SER X 106 31.46 -43.64 -74.30
CA SER X 106 30.33 -42.76 -74.51
C SER X 106 29.15 -43.48 -75.15
N LYS X 107 29.39 -44.62 -75.81
CA LYS X 107 28.32 -45.39 -76.41
C LYS X 107 27.64 -46.33 -75.43
N VAL X 108 28.16 -46.45 -74.21
CA VAL X 108 27.61 -47.37 -73.22
C VAL X 108 26.91 -46.62 -72.09
N ASN X 109 27.05 -45.30 -72.02
CA ASN X 109 26.42 -44.52 -70.97
C ASN X 109 24.91 -44.53 -71.10
N GLY X 110 24.23 -44.89 -70.02
CA GLY X 110 22.79 -44.92 -69.98
C GLY X 110 22.15 -46.17 -70.52
N LYS X 111 22.94 -47.16 -70.96
CA LYS X 111 22.39 -48.32 -71.63
C LYS X 111 21.89 -49.39 -70.69
N PHE X 112 21.86 -49.12 -69.39
CA PHE X 112 21.24 -50.01 -68.42
C PHE X 112 20.19 -49.29 -67.62
N SER X 113 19.80 -48.11 -68.07
CA SER X 113 18.73 -47.36 -67.44
C SER X 113 17.40 -48.02 -67.72
N THR X 114 16.45 -47.80 -66.81
CA THR X 114 15.12 -48.35 -67.04
C THR X 114 14.41 -47.65 -68.17
N GLU X 115 14.75 -46.39 -68.42
CA GLU X 115 14.12 -45.63 -69.48
C GLU X 115 14.66 -46.05 -70.85
N PHE X 116 15.90 -46.50 -70.92
CA PHE X 116 16.44 -47.03 -72.17
C PHE X 116 15.94 -48.44 -72.43
N GLN X 117 16.03 -49.31 -71.43
CA GLN X 117 15.68 -50.71 -71.61
C GLN X 117 14.19 -50.91 -71.81
N ARG X 118 13.37 -49.97 -71.39
CA ARG X 118 11.98 -50.00 -71.77
C ARG X 118 11.78 -49.54 -73.20
N MET X 119 12.64 -48.64 -73.69
CA MET X 119 12.44 -48.15 -75.05
C MET X 119 12.96 -49.15 -76.08
N LYS X 120 14.06 -49.83 -75.77
CA LYS X 120 14.66 -50.77 -76.70
C LYS X 120 13.77 -51.99 -76.89
N THR X 121 13.11 -52.45 -75.83
CA THR X 121 12.24 -53.61 -75.94
C THR X 121 10.90 -53.31 -76.59
N LEU X 122 10.63 -52.07 -76.96
CA LEU X 122 9.44 -51.71 -77.70
C LEU X 122 9.72 -51.46 -79.18
N GLN X 123 10.96 -51.18 -79.53
CA GLN X 123 11.31 -51.03 -80.93
C GLN X 123 11.72 -52.34 -81.57
N VAL X 124 12.01 -53.36 -80.78
CA VAL X 124 12.42 -54.65 -81.30
C VAL X 124 11.27 -55.64 -81.29
N LYS X 125 10.51 -55.65 -80.21
CA LYS X 125 9.36 -56.52 -80.08
C LYS X 125 8.26 -56.15 -81.06
N ASP X 126 8.10 -54.86 -81.32
CA ASP X 126 6.99 -54.36 -82.11
C ASP X 126 7.41 -53.77 -83.44
N GLN X 127 8.71 -53.78 -83.75
CA GLN X 127 9.30 -53.23 -84.97
C GLN X 127 8.92 -51.76 -85.16
N ALA X 128 9.16 -50.98 -84.12
CA ALA X 128 8.54 -49.67 -83.99
C ALA X 128 9.57 -48.54 -84.06
N ILE X 129 9.04 -47.33 -84.22
CA ILE X 129 9.80 -46.10 -84.09
C ILE X 129 9.20 -45.32 -82.92
N THR X 130 9.99 -44.42 -82.37
CA THR X 130 9.61 -43.72 -81.14
C THR X 130 9.50 -42.23 -81.41
N THR X 131 8.42 -41.62 -80.95
CA THR X 131 8.26 -40.18 -80.97
C THR X 131 8.21 -39.64 -79.55
N ARG X 132 8.61 -38.38 -79.37
CA ARG X 132 8.61 -37.77 -78.04
C ARG X 132 8.19 -36.30 -78.12
N VAL X 133 7.18 -35.91 -77.37
CA VAL X 133 6.77 -34.53 -77.22
C VAL X 133 6.93 -34.16 -75.75
N GLN X 134 7.42 -32.96 -75.46
CA GLN X 134 7.58 -32.58 -74.07
C GLN X 134 7.42 -31.10 -73.85
N VAL X 135 6.93 -30.76 -72.67
CA VAL X 135 6.84 -29.39 -72.16
C VAL X 135 7.81 -29.29 -71.00
N ARG X 136 8.92 -28.60 -71.19
CA ARG X 136 9.97 -28.51 -70.19
C ARG X 136 9.96 -27.14 -69.54
N ASN X 137 10.20 -27.11 -68.24
CA ASN X 137 10.08 -25.90 -67.44
C ASN X 137 11.31 -25.82 -66.55
N LEU X 138 12.38 -25.23 -67.05
CA LEU X 138 13.62 -25.05 -66.32
C LEU X 138 13.56 -23.81 -65.44
N VAL X 139 13.81 -23.96 -64.15
CA VAL X 139 13.67 -22.86 -63.21
C VAL X 139 15.04 -22.39 -62.71
N TYR X 140 15.89 -23.30 -62.23
CA TYR X 140 17.20 -22.93 -61.73
C TYR X 140 18.28 -23.79 -62.36
N THR X 141 19.48 -23.24 -62.42
CA THR X 141 20.70 -24.00 -62.59
C THR X 141 21.47 -23.91 -61.29
N VAL X 142 21.80 -25.06 -60.72
CA VAL X 142 22.34 -25.14 -59.37
C VAL X 142 23.72 -25.76 -59.50
N LYS X 143 24.76 -25.01 -59.13
CA LYS X 143 26.14 -25.45 -59.33
C LYS X 143 26.91 -25.47 -58.02
N ILE X 144 28.12 -26.02 -58.07
CA ILE X 144 29.03 -26.08 -56.94
C ILE X 144 30.15 -25.07 -57.10
N ASN X 145 30.47 -24.38 -56.01
CA ASN X 145 31.64 -23.52 -55.94
C ASN X 145 32.88 -24.39 -56.06
N PRO X 146 33.88 -24.02 -56.88
CA PRO X 146 35.06 -24.88 -57.03
C PRO X 146 35.95 -25.02 -55.80
N THR X 147 35.68 -24.33 -54.70
CA THR X 147 36.48 -24.43 -53.49
C THR X 147 35.77 -25.25 -52.41
N LEU X 148 35.10 -26.30 -52.81
CA LEU X 148 34.34 -27.16 -51.92
C LEU X 148 35.18 -28.36 -51.50
N GLU X 149 34.88 -28.90 -50.32
CA GLU X 149 35.57 -30.04 -49.75
C GLU X 149 34.69 -31.28 -49.75
N LEU X 150 35.33 -32.43 -49.55
CA LEU X 150 34.69 -33.74 -49.63
C LEU X 150 33.82 -34.01 -48.42
N SER X 151 32.95 -35.01 -48.57
CA SER X 151 32.06 -35.40 -47.51
C SER X 151 32.83 -36.17 -46.43
N SER X 152 32.17 -36.37 -45.29
CA SER X 152 32.80 -37.06 -44.18
C SER X 152 32.88 -38.56 -44.43
N GLY X 153 31.89 -39.13 -45.08
CA GLY X 153 31.89 -40.55 -45.35
C GLY X 153 32.76 -40.92 -46.53
N PHE X 154 32.81 -40.05 -47.54
CA PHE X 154 33.59 -40.35 -48.73
C PHE X 154 35.09 -40.21 -48.47
N ARG X 155 35.47 -39.27 -47.59
CA ARG X 155 36.87 -39.12 -47.23
C ARG X 155 37.37 -40.31 -46.42
N LYS X 156 36.50 -40.88 -45.58
CA LYS X 156 36.89 -42.03 -44.77
C LYS X 156 37.17 -43.25 -45.62
N GLU X 157 36.43 -43.44 -46.70
CA GLU X 157 36.63 -44.61 -47.52
C GLU X 157 37.77 -44.43 -48.51
N LEU X 158 38.18 -43.19 -48.78
CA LEU X 158 39.42 -42.98 -49.53
C LEU X 158 40.64 -43.15 -48.65
N LEU X 159 40.51 -42.84 -47.36
CA LEU X 159 41.61 -43.06 -46.42
C LEU X 159 41.82 -44.53 -46.11
N ASP X 160 40.78 -45.35 -46.25
CA ASP X 160 40.94 -46.79 -46.07
C ASP X 160 41.62 -47.43 -47.27
N ILE X 161 41.35 -46.93 -48.48
CA ILE X 161 42.14 -47.33 -49.64
C ILE X 161 43.56 -46.83 -49.50
N SER X 162 43.72 -45.64 -48.91
CA SER X 162 45.03 -45.03 -48.73
C SER X 162 45.92 -45.85 -47.80
N ASP X 163 45.33 -46.48 -46.78
CA ASP X 163 46.11 -47.28 -45.85
C ASP X 163 46.64 -48.54 -46.51
N ARG X 164 45.86 -49.13 -47.40
CA ARG X 164 46.27 -50.37 -48.05
C ARG X 164 47.36 -50.13 -49.08
N LEU X 165 47.40 -48.95 -49.70
CA LEU X 165 48.50 -48.64 -50.61
C LEU X 165 49.81 -48.39 -49.87
N GLU X 166 49.74 -47.97 -48.61
CA GLU X 166 50.96 -47.78 -47.82
C GLU X 166 51.60 -49.12 -47.50
N ASN X 167 50.81 -50.09 -47.08
CA ASN X 167 51.26 -51.38 -46.60
C ASN X 167 51.59 -52.36 -47.71
N ASN X 168 51.61 -51.91 -48.96
CA ASN X 168 51.82 -52.74 -50.15
C ASN X 168 50.80 -53.88 -50.18
N GLN X 169 49.53 -53.52 -50.10
CA GLN X 169 48.44 -54.49 -50.13
C GLN X 169 47.57 -54.14 -51.32
N THR X 170 47.97 -54.61 -52.49
CA THR X 170 47.39 -54.14 -53.74
C THR X 170 46.06 -54.83 -54.03
N ARG X 171 45.96 -56.12 -53.72
CA ARG X 171 44.72 -56.85 -53.97
C ARG X 171 43.61 -56.42 -53.04
N MET X 172 43.96 -55.96 -51.83
CA MET X 172 42.93 -55.54 -50.90
C MET X 172 42.54 -54.09 -51.15
N ALA X 173 43.43 -53.30 -51.75
CA ALA X 173 43.08 -51.94 -52.16
C ALA X 173 42.23 -51.93 -53.40
N THR X 174 42.48 -52.88 -54.32
CA THR X 174 41.68 -53.01 -55.52
C THR X 174 40.26 -53.43 -55.18
N TYR X 175 40.11 -54.27 -54.15
CA TYR X 175 38.80 -54.66 -53.68
C TYR X 175 38.04 -53.48 -53.10
N LEU X 176 38.68 -52.67 -52.28
CA LEU X 176 38.02 -51.53 -51.67
C LEU X 176 37.77 -50.40 -52.66
N ALA X 177 38.56 -50.31 -53.73
CA ALA X 177 38.29 -49.31 -54.75
C ALA X 177 37.04 -49.61 -55.53
N GLU X 178 36.71 -50.90 -55.69
CA GLU X 178 35.50 -51.31 -56.39
C GLU X 178 34.26 -51.19 -55.53
N LEU X 179 34.41 -51.25 -54.21
CA LEU X 179 33.27 -50.94 -53.35
C LEU X 179 33.00 -49.45 -53.26
N LEU X 180 33.98 -48.63 -53.63
CA LEU X 180 33.74 -47.20 -53.72
C LEU X 180 32.83 -46.88 -54.91
N VAL X 181 32.94 -47.67 -55.97
CA VAL X 181 32.14 -47.47 -57.17
C VAL X 181 30.74 -48.04 -56.99
N LEU X 182 30.59 -49.10 -56.19
CA LEU X 182 29.27 -49.58 -55.81
C LEU X 182 28.51 -48.52 -55.03
N ASN X 183 29.17 -47.81 -54.14
CA ASN X 183 28.49 -46.92 -53.23
C ASN X 183 28.41 -45.49 -53.73
N TYR X 184 29.31 -45.07 -54.62
CA TYR X 184 29.37 -43.69 -55.05
C TYR X 184 29.35 -43.49 -56.55
N GLY X 185 29.23 -44.54 -57.34
CA GLY X 185 29.06 -44.38 -58.76
C GLY X 185 30.36 -44.13 -59.50
N THR X 186 30.21 -43.64 -60.72
CA THR X 186 31.34 -43.37 -61.59
C THR X 186 31.56 -41.89 -61.84
N HIS X 187 30.64 -41.03 -61.42
CA HIS X 187 30.67 -39.61 -61.71
C HIS X 187 30.19 -38.84 -60.50
N VAL X 188 30.47 -37.54 -60.49
CA VAL X 188 29.97 -36.61 -59.49
C VAL X 188 29.22 -35.52 -60.23
N THR X 189 27.98 -35.28 -59.85
CA THR X 189 27.20 -34.25 -60.50
C THR X 189 27.71 -32.88 -60.05
N THR X 190 28.10 -32.05 -61.00
CA THR X 190 28.58 -30.72 -60.66
C THR X 190 27.56 -29.63 -60.95
N SER X 191 26.58 -29.89 -61.81
CA SER X 191 25.46 -28.97 -61.94
C SER X 191 24.20 -29.75 -62.25
N VAL X 192 23.10 -29.31 -61.68
CA VAL X 192 21.79 -29.86 -61.95
C VAL X 192 20.88 -28.73 -62.43
N ASP X 193 19.88 -29.10 -63.20
CA ASP X 193 18.85 -28.18 -63.67
C ASP X 193 17.56 -28.52 -62.95
N ALA X 194 17.10 -27.61 -62.11
CA ALA X 194 15.90 -27.84 -61.32
C ALA X 194 14.67 -27.38 -62.09
N GLY X 195 13.70 -28.28 -62.25
CA GLY X 195 12.48 -27.92 -62.94
C GLY X 195 11.56 -29.09 -63.06
N ALA X 196 10.63 -28.98 -63.99
CA ALA X 196 9.63 -30.01 -64.24
C ALA X 196 9.51 -30.26 -65.73
N ALA X 197 8.94 -31.40 -66.09
CA ALA X 197 8.73 -31.74 -67.49
C ALA X 197 7.53 -32.66 -67.60
N LEU X 198 6.81 -32.52 -68.71
CA LEU X 198 5.67 -33.38 -69.00
C LEU X 198 5.94 -33.99 -70.36
N ILE X 199 6.06 -35.32 -70.43
CA ILE X 199 6.58 -35.98 -71.62
C ILE X 199 5.54 -36.95 -72.16
N GLN X 200 5.35 -36.94 -73.48
CA GLN X 200 4.59 -37.93 -74.24
C GLN X 200 5.57 -38.83 -74.97
N GLU X 201 5.30 -40.13 -74.99
CA GLU X 201 6.17 -41.04 -75.72
C GLU X 201 5.32 -42.08 -76.43
N ASP X 202 5.09 -41.89 -77.72
CA ASP X 202 4.36 -42.85 -78.52
C ASP X 202 5.31 -43.75 -79.28
N HIS X 203 4.85 -44.95 -79.59
CA HIS X 203 5.55 -45.85 -80.48
C HIS X 203 4.67 -46.15 -81.67
N LEU X 204 5.23 -45.96 -82.86
CA LEU X 204 4.50 -46.11 -84.11
C LEU X 204 5.19 -47.21 -84.91
N ARG X 205 4.42 -47.91 -85.75
CA ARG X 205 5.02 -48.91 -86.61
C ARG X 205 5.94 -48.25 -87.62
N ALA X 206 7.06 -48.91 -87.92
CA ALA X 206 8.08 -48.32 -88.78
C ALA X 206 7.64 -48.22 -90.22
N SER X 207 6.60 -48.97 -90.60
CA SER X 207 6.01 -48.84 -91.93
C SER X 207 5.26 -47.53 -92.10
N PHE X 208 4.80 -46.93 -91.01
CA PHE X 208 4.00 -45.71 -91.09
C PHE X 208 4.85 -44.48 -91.43
N LEU X 209 6.14 -44.52 -91.18
CA LEU X 209 7.01 -43.38 -91.46
C LEU X 209 7.61 -43.43 -92.85
N GLN X 210 7.62 -44.58 -93.49
CA GLN X 210 8.32 -44.80 -94.76
C GLN X 210 7.65 -44.14 -95.97
N ASP X 211 6.69 -43.23 -95.85
CA ASP X 211 6.00 -42.72 -97.02
C ASP X 211 6.87 -41.72 -97.80
N SER X 212 7.22 -40.59 -97.18
CA SER X 212 8.05 -39.58 -97.81
C SER X 212 8.64 -38.69 -96.72
N GLN X 213 9.35 -37.65 -97.15
CA GLN X 213 9.84 -36.60 -96.27
C GLN X 213 8.83 -35.49 -96.05
N SER X 214 7.71 -35.52 -96.77
CA SER X 214 6.58 -34.64 -96.50
C SER X 214 5.53 -35.28 -95.61
N SER X 215 5.50 -36.61 -95.57
CA SER X 215 4.67 -37.29 -94.58
C SER X 215 5.26 -37.14 -93.19
N ARG X 216 6.58 -36.99 -93.10
CA ARG X 216 7.27 -36.90 -91.81
C ARG X 216 6.85 -35.65 -91.05
N SER X 217 6.67 -34.54 -91.74
CA SER X 217 6.24 -33.31 -91.09
C SER X 217 4.75 -33.27 -90.78
N ALA X 218 4.01 -34.33 -91.14
CA ALA X 218 2.62 -34.46 -90.73
C ALA X 218 2.41 -35.53 -89.68
N VAL X 219 3.24 -36.57 -89.68
CA VAL X 219 3.33 -37.49 -88.55
C VAL X 219 3.75 -36.73 -87.29
N THR X 220 4.71 -35.82 -87.45
CA THR X 220 5.35 -35.14 -86.33
C THR X 220 4.41 -34.10 -85.71
N ALA X 221 3.64 -33.39 -86.53
CA ALA X 221 2.72 -32.40 -86.00
C ALA X 221 1.40 -33.02 -85.56
N SER X 222 1.19 -34.31 -85.84
CA SER X 222 0.02 -35.00 -85.33
C SER X 222 0.23 -35.43 -83.89
N ALA X 223 1.45 -35.87 -83.58
CA ALA X 223 1.80 -36.28 -82.22
C ALA X 223 1.78 -35.11 -81.25
N GLY X 224 2.14 -33.93 -81.72
CA GLY X 224 2.04 -32.76 -80.88
C GLY X 224 0.63 -32.27 -80.69
N LEU X 225 -0.26 -32.63 -81.62
CA LEU X 225 -1.67 -32.27 -81.49
C LEU X 225 -2.38 -33.20 -80.54
N ALA X 226 -2.05 -34.50 -80.61
CA ALA X 226 -2.60 -35.47 -79.69
C ALA X 226 -2.18 -35.21 -78.25
N PHE X 227 -0.97 -34.68 -78.07
CA PHE X 227 -0.46 -34.39 -76.72
C PHE X 227 -1.19 -33.21 -76.10
N GLN X 228 -1.55 -32.22 -76.90
CA GLN X 228 -2.30 -31.10 -76.37
C GLN X 228 -3.75 -31.44 -76.13
N ASN X 229 -4.30 -32.40 -76.88
CA ASN X 229 -5.64 -32.88 -76.59
C ASN X 229 -5.67 -33.65 -75.29
N THR X 230 -4.64 -34.48 -75.05
CA THR X 230 -4.60 -35.32 -73.87
C THR X 230 -4.48 -34.51 -72.59
N VAL X 231 -3.76 -33.40 -72.62
CA VAL X 231 -3.71 -32.57 -71.43
C VAL X 231 -5.01 -31.80 -71.24
N ASN X 232 -5.64 -31.33 -72.31
CA ASN X 232 -6.79 -30.47 -72.12
C ASN X 232 -8.13 -31.19 -71.95
N PHE X 233 -8.34 -32.34 -72.59
CA PHE X 233 -9.70 -32.82 -72.81
C PHE X 233 -10.07 -34.12 -72.10
N LYS X 234 -9.73 -34.24 -70.82
CA LYS X 234 -10.54 -34.95 -69.81
C LYS X 234 -10.81 -36.42 -70.10
N PHE X 235 -10.01 -37.04 -70.99
CA PHE X 235 -10.10 -38.41 -71.52
C PHE X 235 -11.28 -38.57 -72.48
N GLU X 236 -12.14 -37.57 -72.58
CA GLU X 236 -13.32 -37.66 -73.42
C GLU X 236 -12.94 -37.48 -74.88
N GLU X 237 -13.88 -37.78 -75.76
CA GLU X 237 -13.68 -37.52 -77.19
C GLU X 237 -14.24 -36.15 -77.58
N ASN X 238 -13.82 -35.15 -76.80
CA ASN X 238 -13.98 -33.76 -77.16
C ASN X 238 -12.75 -33.24 -77.91
N TYR X 239 -12.01 -34.13 -78.55
CA TYR X 239 -10.76 -33.77 -79.19
C TYR X 239 -11.01 -32.97 -80.46
N THR X 240 -10.07 -32.09 -80.76
CA THR X 240 -10.09 -31.34 -82.01
C THR X 240 -9.25 -32.07 -83.08
N SER X 241 -9.73 -33.28 -83.40
CA SER X 241 -9.07 -34.12 -84.41
C SER X 241 -9.21 -33.50 -85.78
N GLN X 242 -8.10 -32.99 -86.31
CA GLN X 242 -8.13 -32.10 -87.46
C GLN X 242 -8.25 -32.81 -88.79
N ASN X 243 -7.82 -34.07 -88.89
CA ASN X 243 -7.71 -34.72 -90.18
C ASN X 243 -8.15 -36.17 -90.06
N VAL X 244 -8.01 -36.89 -91.16
CA VAL X 244 -8.01 -38.34 -91.16
C VAL X 244 -6.62 -38.84 -90.78
N LEU X 245 -5.60 -38.00 -90.95
CA LEU X 245 -4.23 -38.36 -90.57
C LEU X 245 -4.09 -38.48 -89.06
N THR X 246 -4.93 -37.78 -88.29
CA THR X 246 -5.01 -38.04 -86.85
C THR X 246 -5.60 -39.42 -86.59
N LYS X 247 -6.63 -39.80 -87.36
CA LYS X 247 -7.24 -41.10 -87.18
C LYS X 247 -6.33 -42.22 -87.67
N SER X 248 -5.59 -41.98 -88.75
CA SER X 248 -4.63 -42.98 -89.19
C SER X 248 -3.41 -43.04 -88.28
N TYR X 249 -3.13 -41.97 -87.53
CA TYR X 249 -2.04 -42.00 -86.55
C TYR X 249 -2.34 -42.96 -85.42
N LEU X 250 -3.61 -43.04 -85.01
CA LEU X 250 -3.97 -43.85 -83.86
C LEU X 250 -3.91 -45.33 -84.17
N SER X 251 -4.14 -45.71 -85.42
CA SER X 251 -4.21 -47.12 -85.75
C SER X 251 -2.84 -47.74 -85.96
N ASN X 252 -1.82 -46.93 -86.23
CA ASN X 252 -0.45 -47.42 -86.30
C ASN X 252 0.27 -47.26 -84.97
N ARG X 253 -0.31 -46.57 -84.01
CA ARG X 253 0.28 -46.36 -82.71
C ARG X 253 0.38 -47.66 -81.94
N THR X 254 1.56 -47.94 -81.39
CA THR X 254 1.76 -49.16 -80.65
C THR X 254 1.62 -48.99 -79.13
N ASN X 255 2.28 -48.01 -78.50
CA ASN X 255 2.27 -48.03 -77.03
C ASN X 255 1.67 -46.81 -76.34
N SER X 256 2.17 -45.59 -76.56
CA SER X 256 1.67 -44.34 -75.95
C SER X 256 1.70 -44.21 -74.42
N ARG X 257 2.88 -44.01 -73.83
CA ARG X 257 2.98 -43.61 -72.43
C ARG X 257 2.96 -42.10 -72.27
N VAL X 258 2.41 -41.63 -71.15
CA VAL X 258 2.49 -40.22 -70.76
C VAL X 258 3.19 -40.15 -69.41
N GLN X 259 4.25 -39.36 -69.33
CA GLN X 259 5.09 -39.31 -68.15
C GLN X 259 5.22 -37.90 -67.63
N SER X 260 5.01 -37.71 -66.34
CA SER X 260 5.25 -36.45 -65.66
C SER X 260 6.47 -36.58 -64.77
N ILE X 261 7.38 -35.64 -64.87
CA ILE X 261 8.60 -35.64 -64.07
C ILE X 261 8.63 -34.32 -63.30
N GLY X 262 8.34 -34.37 -62.02
CA GLY X 262 8.25 -33.17 -61.22
C GLY X 262 6.87 -32.54 -61.32
N GLY X 263 6.64 -31.58 -60.46
CA GLY X 263 5.34 -30.95 -60.44
C GLY X 263 4.30 -31.82 -59.76
N VAL X 264 3.04 -31.54 -60.07
CA VAL X 264 1.91 -32.31 -59.56
C VAL X 264 1.72 -33.52 -60.46
N PRO X 265 1.09 -34.60 -59.99
CA PRO X 265 0.90 -35.77 -60.85
C PRO X 265 -0.06 -35.50 -61.99
N PHE X 266 0.28 -36.05 -63.15
CA PHE X 266 -0.54 -35.85 -64.34
C PHE X 266 -1.77 -36.74 -64.29
N TYR X 267 -2.89 -36.20 -64.78
CA TYR X 267 -4.08 -36.94 -65.12
C TYR X 267 -4.64 -36.31 -66.38
N PRO X 268 -5.25 -37.11 -67.25
CA PRO X 268 -5.76 -36.54 -68.51
C PRO X 268 -6.91 -35.60 -68.29
N GLY X 269 -6.68 -34.31 -68.47
CA GLY X 269 -7.68 -33.32 -68.15
C GLY X 269 -7.14 -32.16 -67.34
N ILE X 270 -5.96 -32.30 -66.74
CA ILE X 270 -5.35 -31.15 -66.09
C ILE X 270 -4.84 -30.21 -67.17
N THR X 271 -5.30 -28.97 -67.13
CA THR X 271 -4.92 -28.05 -68.18
C THR X 271 -3.44 -27.68 -68.06
N LEU X 272 -2.89 -27.15 -69.14
CA LEU X 272 -1.49 -26.79 -69.14
C LEU X 272 -1.22 -25.62 -68.20
N GLN X 273 -2.22 -24.76 -68.03
CA GLN X 273 -2.17 -23.74 -66.99
C GLN X 273 -2.07 -24.35 -65.60
N ALA X 274 -2.88 -25.36 -65.32
CA ALA X 274 -2.96 -25.88 -63.96
C ALA X 274 -1.78 -26.79 -63.63
N TRP X 275 -1.18 -27.44 -64.62
CA TRP X 275 0.03 -28.21 -64.37
C TRP X 275 1.19 -27.29 -64.01
N GLN X 276 1.24 -26.11 -64.60
CA GLN X 276 2.31 -25.16 -64.37
C GLN X 276 2.15 -24.38 -63.08
N GLN X 277 1.02 -24.50 -62.40
CA GLN X 277 0.89 -23.89 -61.08
C GLN X 277 1.42 -24.80 -59.97
N GLY X 278 1.53 -26.09 -60.24
CA GLY X 278 2.04 -27.03 -59.28
C GLY X 278 3.50 -27.31 -59.36
N ILE X 279 4.22 -26.60 -60.23
CA ILE X 279 5.66 -26.77 -60.35
C ILE X 279 6.37 -26.18 -59.15
N THR X 280 5.80 -25.15 -58.55
CA THR X 280 6.35 -24.52 -57.35
C THR X 280 6.37 -25.50 -56.19
N ASN X 281 7.56 -25.66 -55.60
CA ASN X 281 7.93 -26.55 -54.50
C ASN X 281 7.94 -28.02 -54.87
N HIS X 282 7.76 -28.37 -56.14
CA HIS X 282 7.94 -29.74 -56.61
C HIS X 282 8.90 -29.66 -57.78
N LEU X 283 10.19 -29.58 -57.48
CA LEU X 283 11.21 -29.45 -58.52
C LEU X 283 12.12 -30.66 -58.46
N VAL X 284 12.49 -31.18 -59.62
CA VAL X 284 13.39 -32.32 -59.71
C VAL X 284 14.50 -31.95 -60.67
N ALA X 285 15.49 -32.82 -60.77
CA ALA X 285 16.57 -32.64 -61.72
C ALA X 285 16.12 -33.12 -63.07
N ILE X 286 15.93 -32.19 -64.02
CA ILE X 286 15.61 -32.55 -65.38
C ILE X 286 16.82 -32.58 -66.28
N ASP X 287 17.99 -32.17 -65.79
CA ASP X 287 19.24 -32.32 -66.50
C ASP X 287 20.38 -32.28 -65.49
N ARG X 288 21.51 -32.88 -65.86
CA ARG X 288 22.68 -32.97 -65.01
C ARG X 288 23.94 -32.84 -65.85
N SER X 289 24.97 -32.28 -65.25
CA SER X 289 26.31 -32.32 -65.79
C SER X 289 27.25 -32.87 -64.73
N GLY X 290 28.41 -33.35 -65.15
CA GLY X 290 29.31 -33.92 -64.16
C GLY X 290 30.73 -34.10 -64.65
N LEU X 291 31.52 -34.71 -63.78
CA LEU X 291 32.91 -35.05 -64.01
C LEU X 291 33.13 -36.44 -63.44
N PRO X 292 34.13 -37.17 -63.92
CA PRO X 292 34.41 -38.49 -63.37
C PRO X 292 34.87 -38.44 -61.92
N LEU X 293 34.79 -39.60 -61.26
CA LEU X 293 34.96 -39.66 -59.82
C LEU X 293 36.41 -39.45 -59.40
N HIS X 294 37.36 -39.84 -60.25
CA HIS X 294 38.77 -39.66 -59.93
C HIS X 294 39.28 -38.26 -60.22
N PHE X 295 38.46 -37.39 -60.80
CA PHE X 295 38.84 -35.99 -60.95
C PHE X 295 38.96 -35.32 -59.59
N PHE X 296 38.15 -35.73 -58.63
CA PHE X 296 38.11 -35.10 -57.33
C PHE X 296 39.00 -35.80 -56.32
N ILE X 297 39.88 -36.68 -56.79
CA ILE X 297 40.91 -37.25 -55.93
C ILE X 297 42.23 -36.64 -56.37
N ASN X 298 42.60 -35.54 -55.73
CA ASN X 298 43.75 -34.74 -56.11
C ASN X 298 44.33 -34.19 -54.82
N PRO X 299 45.58 -33.68 -54.84
CA PRO X 299 46.17 -33.15 -53.60
C PRO X 299 45.46 -31.95 -52.99
N ASN X 300 44.57 -31.29 -53.71
CA ASN X 300 43.82 -30.18 -53.15
C ASN X 300 42.69 -30.67 -52.26
N MET X 301 41.96 -31.69 -52.69
CA MET X 301 40.85 -32.20 -51.88
C MET X 301 41.32 -32.96 -50.65
N LEU X 302 42.52 -33.55 -50.72
CA LEU X 302 43.08 -34.35 -49.64
C LEU X 302 44.37 -33.67 -49.20
N PRO X 303 44.29 -32.68 -48.31
CA PRO X 303 45.49 -31.93 -47.92
C PRO X 303 46.26 -32.59 -46.79
N ASP X 304 45.70 -33.60 -46.14
CA ASP X 304 46.35 -34.28 -45.03
C ASP X 304 47.01 -35.59 -45.45
N LEU X 305 47.29 -35.75 -46.73
CA LEU X 305 48.00 -36.91 -47.26
C LEU X 305 49.09 -36.44 -48.20
N PRO X 306 50.16 -37.21 -48.37
CA PRO X 306 51.23 -36.80 -49.28
C PRO X 306 50.79 -36.81 -50.74
N GLY X 307 51.58 -36.10 -51.55
CA GLY X 307 51.32 -35.90 -52.96
C GLY X 307 51.25 -37.15 -53.81
N PRO X 308 52.30 -37.97 -53.85
CA PRO X 308 52.25 -39.18 -54.67
C PRO X 308 51.34 -40.25 -54.15
N LEU X 309 50.86 -40.15 -52.91
CA LEU X 309 49.99 -41.16 -52.36
C LEU X 309 48.53 -40.92 -52.67
N VAL X 310 48.12 -39.68 -52.94
CA VAL X 310 46.76 -39.46 -53.43
C VAL X 310 46.67 -39.66 -54.93
N LYS X 311 47.79 -39.84 -55.61
CA LYS X 311 47.79 -40.25 -57.00
C LYS X 311 47.78 -41.76 -57.16
N LYS X 312 48.07 -42.50 -56.11
CA LYS X 312 47.85 -43.94 -56.13
C LYS X 312 46.39 -44.26 -55.88
N VAL X 313 45.74 -43.48 -55.02
CA VAL X 313 44.32 -43.64 -54.77
C VAL X 313 43.52 -43.24 -56.00
N SER X 314 43.94 -42.17 -56.68
CA SER X 314 43.24 -41.71 -57.86
C SER X 314 43.40 -42.66 -59.03
N LYS X 315 44.52 -43.37 -59.09
CA LYS X 315 44.72 -44.31 -60.18
C LYS X 315 44.04 -45.65 -59.91
N THR X 316 43.94 -46.05 -58.66
CA THR X 316 43.26 -47.32 -58.38
C THR X 316 41.74 -47.20 -58.41
N VAL X 317 41.20 -45.99 -58.42
CA VAL X 317 39.77 -45.79 -58.60
C VAL X 317 39.44 -45.55 -60.06
N GLU X 318 40.34 -44.92 -60.82
CA GLU X 318 40.19 -44.80 -62.27
C GLU X 318 40.20 -46.16 -62.94
N THR X 319 40.97 -47.10 -62.41
CA THR X 319 41.00 -48.44 -62.95
C THR X 319 39.73 -49.21 -62.61
N ALA X 320 39.17 -48.96 -61.43
CA ALA X 320 37.96 -49.67 -61.02
C ALA X 320 36.73 -49.18 -61.77
N VAL X 321 36.68 -47.89 -62.11
CA VAL X 321 35.59 -47.37 -62.91
C VAL X 321 35.68 -47.88 -64.33
N LYS X 322 36.89 -47.93 -64.89
CA LYS X 322 37.08 -48.41 -66.24
C LYS X 322 36.81 -49.90 -66.37
N ARG X 323 37.06 -50.66 -65.30
CA ARG X 323 36.74 -52.08 -65.30
C ARG X 323 35.23 -52.31 -65.26
N TYR X 324 34.49 -51.36 -64.70
CA TYR X 324 33.05 -51.49 -64.59
C TYR X 324 32.36 -51.26 -65.93
N TYR X 325 32.92 -50.39 -66.78
CA TYR X 325 32.38 -50.20 -68.11
C TYR X 325 32.70 -51.35 -69.04
N THR X 326 33.84 -52.00 -68.83
CA THR X 326 34.27 -53.07 -69.72
C THR X 326 33.46 -54.33 -69.51
N PHE X 327 33.09 -54.62 -68.27
CA PHE X 327 32.34 -55.82 -67.99
C PHE X 327 30.86 -55.70 -68.33
N ASN X 328 30.40 -54.51 -68.71
CA ASN X 328 29.03 -54.26 -69.10
C ASN X 328 28.94 -53.82 -70.55
N THR X 329 29.90 -54.23 -71.36
CA THR X 329 29.93 -53.93 -72.77
C THR X 329 29.68 -55.23 -73.55
N TYR X 330 28.67 -55.20 -74.41
CA TYR X 330 28.27 -56.37 -75.19
C TYR X 330 28.32 -56.01 -76.66
N PRO X 331 29.42 -56.26 -77.35
CA PRO X 331 29.44 -56.06 -78.81
C PRO X 331 28.65 -57.13 -79.53
N GLY X 332 28.03 -56.74 -80.62
CA GLY X 332 27.23 -57.67 -81.39
C GLY X 332 26.53 -56.97 -82.51
N CYS X 333 25.74 -57.74 -83.25
CA CYS X 333 24.95 -57.20 -84.35
C CYS X 333 23.74 -56.48 -83.79
N THR X 334 23.61 -55.20 -84.11
CA THR X 334 22.55 -54.38 -83.56
C THR X 334 21.45 -54.06 -84.56
N ASP X 335 21.59 -54.47 -85.81
CA ASP X 335 20.56 -54.21 -86.82
C ASP X 335 19.48 -55.27 -86.70
N LEU X 336 18.25 -54.84 -86.44
CA LEU X 336 17.16 -55.77 -86.17
C LEU X 336 16.68 -56.49 -87.41
N ASN X 337 17.00 -55.98 -88.60
CA ASN X 337 16.60 -56.64 -89.84
C ASN X 337 17.58 -57.69 -90.31
N SER X 338 18.80 -57.71 -89.77
CA SER X 338 19.76 -58.74 -90.12
C SER X 338 19.35 -60.07 -89.52
N PRO X 339 19.64 -61.19 -90.20
CA PRO X 339 19.22 -62.49 -89.65
C PRO X 339 19.97 -62.90 -88.41
N ASN X 340 21.23 -62.50 -88.27
CA ASN X 340 22.00 -62.76 -87.07
C ASN X 340 21.96 -61.59 -86.08
N PHE X 341 20.74 -61.14 -85.76
CA PHE X 341 20.56 -60.03 -84.83
C PHE X 341 20.86 -60.44 -83.40
N ASN X 342 21.75 -59.69 -82.76
CA ASN X 342 22.09 -59.93 -81.36
C ASN X 342 21.24 -58.99 -80.52
N PHE X 343 20.11 -59.49 -80.04
CA PHE X 343 19.48 -58.91 -78.88
C PHE X 343 20.40 -59.16 -77.69
N GLN X 344 20.28 -58.30 -76.67
CA GLN X 344 21.26 -58.19 -75.57
C GLN X 344 22.64 -57.82 -76.09
N ALA X 345 22.72 -56.73 -76.84
CA ALA X 345 23.99 -56.19 -77.30
C ALA X 345 23.93 -54.67 -77.26
N ASN X 346 24.99 -54.05 -76.77
CA ASN X 346 25.06 -52.61 -76.58
C ASN X 346 25.76 -51.90 -77.73
N THR X 347 26.89 -52.42 -78.16
CA THR X 347 27.78 -51.73 -79.08
C THR X 347 27.69 -52.38 -80.44
N ASP X 348 27.64 -51.55 -81.48
CA ASP X 348 27.59 -52.05 -82.85
C ASP X 348 28.91 -52.69 -83.20
N ASP X 349 28.87 -53.99 -83.52
CA ASP X 349 30.09 -54.74 -83.78
C ASP X 349 30.66 -54.46 -85.16
N GLY X 350 29.84 -53.96 -86.08
CA GLY X 350 30.29 -53.78 -87.45
C GLY X 350 30.36 -55.04 -88.26
N SER X 351 29.83 -56.15 -87.76
CA SER X 351 29.80 -57.42 -88.47
C SER X 351 28.35 -57.87 -88.46
N CYS X 352 27.58 -57.38 -89.43
CA CYS X 352 26.16 -57.69 -89.53
C CYS X 352 25.86 -58.71 -90.61
N GLU X 353 26.84 -59.06 -91.43
CA GLU X 353 26.68 -60.07 -92.47
C GLU X 353 27.80 -61.09 -92.34
N GLY X 354 27.46 -62.29 -91.88
CA GLY X 354 28.43 -63.36 -91.72
C GLY X 354 28.42 -64.30 -92.91
N LYS X 355 29.29 -65.30 -92.83
CA LYS X 355 29.45 -66.26 -93.91
C LYS X 355 28.99 -67.67 -93.56
N MET X 356 28.68 -67.93 -92.29
CA MET X 356 28.25 -69.24 -91.78
C MET X 356 29.29 -70.32 -92.08
N THR X 357 30.42 -70.18 -91.41
CA THR X 357 31.51 -71.14 -91.51
C THR X 357 31.47 -72.06 -90.29
N ASN X 358 31.26 -73.34 -90.52
CA ASN X 358 31.31 -74.31 -89.44
C ASN X 358 32.76 -74.65 -89.11
N PHE X 359 33.08 -74.70 -87.82
CA PHE X 359 34.45 -74.90 -87.39
C PHE X 359 34.57 -76.19 -86.59
N SER X 360 35.82 -76.54 -86.28
CA SER X 360 36.16 -77.78 -85.61
C SER X 360 36.64 -77.48 -84.20
N PHE X 361 35.98 -78.09 -83.21
CA PHE X 361 36.33 -77.91 -81.81
C PHE X 361 37.34 -78.99 -81.43
N GLY X 362 38.60 -78.61 -81.30
CA GLY X 362 39.67 -79.54 -81.03
C GLY X 362 39.92 -79.87 -79.59
N GLY X 363 39.08 -79.41 -78.67
CA GLY X 363 39.19 -79.78 -77.28
C GLY X 363 40.05 -78.83 -76.48
N VAL X 364 40.00 -79.00 -75.16
CA VAL X 364 40.72 -78.17 -74.21
C VAL X 364 41.57 -79.05 -73.32
N TYR X 365 42.67 -78.48 -72.82
CA TYR X 365 43.47 -79.14 -71.82
C TYR X 365 44.15 -78.09 -70.96
N GLN X 366 44.43 -78.46 -69.72
CA GLN X 366 44.93 -77.53 -68.71
C GLN X 366 46.09 -78.15 -67.97
N GLU X 367 47.21 -77.45 -67.92
CA GLU X 367 48.36 -77.89 -67.14
C GLU X 367 48.26 -77.36 -65.71
N CYS X 368 49.04 -77.95 -64.82
CA CYS X 368 49.17 -77.45 -63.46
C CYS X 368 50.62 -77.56 -63.02
N THR X 369 51.01 -76.66 -62.12
CA THR X 369 52.39 -76.64 -61.62
C THR X 369 52.33 -76.19 -60.15
N GLN X 370 52.59 -77.12 -59.25
CA GLN X 370 52.57 -76.82 -57.82
C GLN X 370 53.73 -75.90 -57.45
N LEU X 371 53.43 -74.84 -56.72
CA LEU X 371 54.45 -73.88 -56.30
C LEU X 371 54.81 -74.00 -54.84
N SER X 372 53.84 -74.26 -53.97
CA SER X 372 54.10 -74.41 -52.54
C SER X 372 52.97 -75.22 -51.93
N GLY X 373 53.28 -75.87 -50.81
CA GLY X 373 52.29 -76.67 -50.12
C GLY X 373 52.28 -78.11 -50.56
N ASN X 374 53.47 -78.70 -50.70
CA ASN X 374 53.57 -80.08 -51.18
C ASN X 374 53.16 -81.06 -50.09
N ARG X 375 52.65 -82.21 -50.55
CA ARG X 375 52.24 -83.37 -49.74
C ARG X 375 51.13 -83.04 -48.75
N ASP X 376 50.38 -81.97 -48.98
CA ASP X 376 49.30 -81.57 -48.09
C ASP X 376 47.96 -81.48 -48.79
N VAL X 377 47.92 -80.83 -49.96
CA VAL X 377 46.67 -80.60 -50.68
C VAL X 377 46.59 -81.41 -51.95
N LEU X 378 47.71 -81.52 -52.68
CA LEU X 378 47.80 -82.02 -54.05
C LEU X 378 46.86 -81.23 -54.97
N LEU X 379 47.21 -79.94 -55.11
CA LEU X 379 46.46 -79.04 -55.97
C LEU X 379 46.51 -79.45 -57.43
N CYS X 380 47.60 -80.07 -57.85
CA CYS X 380 47.82 -80.42 -59.26
C CYS X 380 47.17 -81.76 -59.63
N GLN X 381 46.12 -82.15 -58.92
CA GLN X 381 45.36 -83.36 -59.22
C GLN X 381 43.90 -83.07 -59.55
N LYS X 382 43.25 -82.23 -58.76
CA LYS X 382 41.90 -81.80 -59.06
C LYS X 382 41.85 -80.50 -59.87
N LEU X 383 42.97 -80.11 -60.48
CA LEU X 383 43.06 -78.91 -61.28
C LEU X 383 43.72 -79.21 -62.62
N GLU X 384 43.74 -80.47 -63.01
CA GLU X 384 44.45 -80.92 -64.20
C GLU X 384 43.47 -81.60 -65.13
N GLN X 385 43.52 -81.25 -66.42
CA GLN X 385 42.62 -81.82 -67.40
C GLN X 385 43.40 -82.13 -68.68
N LYS X 386 43.17 -83.33 -69.22
CA LYS X 386 43.80 -83.75 -70.47
C LYS X 386 42.79 -83.73 -71.60
N ASN X 387 43.32 -83.62 -72.82
CA ASN X 387 42.49 -83.58 -74.02
C ASN X 387 41.92 -84.97 -74.29
N PRO X 388 40.61 -85.12 -74.43
CA PRO X 388 40.04 -86.45 -74.74
C PRO X 388 40.39 -86.96 -76.13
N LEU X 389 40.79 -86.10 -77.05
CA LEU X 389 41.13 -86.54 -78.39
C LEU X 389 42.50 -87.16 -78.48
N THR X 390 43.41 -86.80 -77.57
CA THR X 390 44.75 -87.38 -77.55
C THR X 390 45.09 -88.12 -76.27
N GLY X 391 44.37 -87.87 -75.18
CA GLY X 391 44.79 -88.40 -73.89
C GLY X 391 46.07 -87.81 -73.37
N ASP X 392 46.38 -86.58 -73.78
CA ASP X 392 47.68 -85.98 -73.54
C ASP X 392 47.51 -84.48 -73.48
N PHE X 393 48.58 -83.78 -73.09
CA PHE X 393 48.59 -82.32 -73.07
C PHE X 393 49.06 -81.78 -74.42
N SER X 394 48.31 -82.14 -75.45
CA SER X 394 48.62 -81.73 -76.81
C SER X 394 47.35 -81.80 -77.65
N CYS X 395 47.36 -81.06 -78.74
CA CYS X 395 46.29 -81.11 -79.71
C CYS X 395 46.52 -82.28 -80.67
N PRO X 396 45.48 -82.72 -81.39
CA PRO X 396 45.69 -83.76 -82.41
C PRO X 396 46.50 -83.30 -83.62
N SER X 397 46.63 -84.19 -84.60
CA SER X 397 47.51 -83.95 -85.74
C SER X 397 47.03 -82.80 -86.61
N GLY X 398 45.72 -82.65 -86.74
CA GLY X 398 45.18 -81.56 -87.53
C GLY X 398 44.95 -80.28 -86.77
N TYR X 399 45.46 -80.15 -85.55
CA TYR X 399 45.15 -79.01 -84.70
C TYR X 399 46.44 -78.38 -84.18
N SER X 400 46.27 -77.29 -83.41
CA SER X 400 47.37 -76.51 -82.87
C SER X 400 46.91 -75.85 -81.57
N PRO X 401 47.78 -75.73 -80.57
CA PRO X 401 47.34 -75.16 -79.28
C PRO X 401 47.35 -73.64 -79.27
N VAL X 402 46.35 -73.08 -78.57
CA VAL X 402 46.25 -71.65 -78.33
C VAL X 402 46.14 -71.43 -76.82
N HIS X 403 47.02 -70.60 -76.28
CA HIS X 403 47.09 -70.35 -74.85
C HIS X 403 46.03 -69.33 -74.46
N LEU X 404 45.11 -69.73 -73.59
CA LEU X 404 44.07 -68.81 -73.13
C LEU X 404 44.56 -67.90 -72.03
N LEU X 405 44.90 -68.48 -70.87
CA LEU X 405 45.13 -67.68 -69.68
C LEU X 405 45.92 -68.50 -68.68
N SER X 406 46.79 -67.79 -67.94
CA SER X 406 47.69 -68.42 -66.97
C SER X 406 47.66 -67.60 -65.69
N GLN X 407 47.14 -68.18 -64.62
CA GLN X 407 47.03 -67.49 -63.34
C GLN X 407 47.41 -68.44 -62.22
N ILE X 408 47.35 -67.92 -60.98
CA ILE X 408 47.74 -68.66 -59.79
C ILE X 408 46.49 -68.98 -59.00
N HIS X 409 46.32 -70.24 -58.63
CA HIS X 409 45.24 -70.67 -57.78
C HIS X 409 45.74 -70.86 -56.35
N GLU X 410 44.88 -70.57 -55.38
CA GLU X 410 45.23 -70.68 -53.97
C GLU X 410 44.17 -71.47 -53.23
N GLU X 411 44.60 -72.42 -52.41
CA GLU X 411 43.73 -73.08 -51.45
C GLU X 411 44.42 -73.13 -50.09
N GLY X 412 43.62 -73.43 -49.08
CA GLY X 412 44.10 -73.47 -47.71
C GLY X 412 44.05 -74.86 -47.12
N TYR X 413 45.06 -75.19 -46.31
CA TYR X 413 45.11 -76.43 -45.58
C TYR X 413 45.39 -76.14 -44.12
N ASN X 414 45.30 -77.18 -43.30
CA ASN X 414 45.07 -76.99 -41.88
C ASN X 414 45.84 -78.03 -41.08
N HIS X 415 46.64 -77.59 -40.13
CA HIS X 415 47.26 -78.46 -39.14
C HIS X 415 46.59 -78.24 -37.79
N LEU X 416 46.65 -79.26 -36.94
CA LEU X 416 46.09 -79.18 -35.60
C LEU X 416 46.98 -79.96 -34.66
N GLU X 417 47.63 -79.27 -33.73
CA GLU X 417 48.57 -79.88 -32.81
C GLU X 417 48.12 -79.61 -31.38
N CYS X 418 48.21 -80.62 -30.53
CA CYS X 418 47.79 -80.53 -29.14
C CYS X 418 48.77 -81.28 -28.27
N HIS X 419 49.16 -80.67 -27.15
CA HIS X 419 49.87 -81.40 -26.12
C HIS X 419 49.43 -80.91 -24.75
N ARG X 420 49.52 -81.81 -23.78
CA ARG X 420 49.00 -81.60 -22.45
C ARG X 420 50.12 -81.78 -21.43
N LYS X 421 50.14 -80.93 -20.41
CA LYS X 421 51.20 -80.93 -19.41
C LYS X 421 50.60 -80.67 -18.03
N CYS X 422 51.02 -81.44 -17.04
CA CYS X 422 50.54 -81.31 -15.68
C CYS X 422 51.70 -80.95 -14.76
N THR X 423 51.43 -80.09 -13.78
CA THR X 423 52.45 -79.56 -12.89
C THR X 423 52.01 -79.69 -11.44
N LEU X 424 52.77 -80.47 -10.66
CA LEU X 424 52.52 -80.74 -9.24
C LEU X 424 51.18 -81.45 -9.01
N LYS X 425 50.75 -82.25 -9.99
CA LYS X 425 49.55 -83.11 -10.02
C LYS X 425 48.24 -82.33 -9.99
N VAL X 426 48.27 -81.01 -9.92
CA VAL X 426 47.11 -80.13 -10.05
C VAL X 426 47.48 -79.37 -11.32
N PHE X 427 46.65 -78.41 -11.74
CA PHE X 427 47.03 -77.37 -12.72
C PHE X 427 47.39 -77.97 -14.09
N CYS X 428 46.43 -78.66 -14.69
CA CYS X 428 46.65 -79.29 -15.97
C CYS X 428 46.56 -78.24 -17.08
N LYS X 429 47.58 -78.18 -17.92
CA LYS X 429 47.64 -77.23 -19.02
C LYS X 429 47.51 -77.97 -20.35
N THR X 430 46.62 -77.47 -21.20
CA THR X 430 46.40 -78.04 -22.52
C THR X 430 46.37 -76.91 -23.52
N VAL X 431 47.27 -76.94 -24.51
CA VAL X 431 47.29 -75.94 -25.57
C VAL X 431 46.96 -76.63 -26.89
N CYS X 432 46.10 -76.00 -27.69
CA CYS X 432 45.60 -76.58 -28.94
C CYS X 432 45.84 -75.55 -30.04
N GLU X 433 46.86 -75.79 -30.85
CA GLU X 433 47.25 -74.85 -31.88
C GLU X 433 46.75 -75.33 -33.24
N ASP X 434 46.24 -74.41 -34.04
CA ASP X 434 45.61 -74.71 -35.33
C ASP X 434 46.10 -73.73 -36.38
N VAL X 435 47.02 -74.17 -37.23
CA VAL X 435 47.69 -73.31 -38.20
C VAL X 435 47.00 -73.48 -39.55
N PHE X 436 46.67 -72.36 -40.19
CA PHE X 436 46.07 -72.33 -41.52
C PHE X 436 47.07 -71.73 -42.49
N GLN X 437 47.49 -72.52 -43.47
CA GLN X 437 48.45 -72.06 -44.46
C GLN X 437 47.82 -72.06 -45.84
N VAL X 438 48.47 -71.39 -46.79
CA VAL X 438 47.96 -71.21 -48.14
C VAL X 438 48.85 -71.96 -49.11
N ALA X 439 48.26 -72.86 -49.89
CA ALA X 439 48.96 -73.61 -50.92
C ALA X 439 48.66 -73.02 -52.28
N LYS X 440 49.69 -72.78 -53.07
CA LYS X 440 49.55 -72.12 -54.37
C LYS X 440 49.85 -73.08 -55.51
N ALA X 441 49.33 -72.75 -56.69
CA ALA X 441 49.54 -73.55 -57.88
C ALA X 441 49.33 -72.69 -59.12
N GLU X 442 50.22 -72.85 -60.09
CA GLU X 442 50.10 -72.21 -61.39
C GLU X 442 49.34 -73.13 -62.33
N PHE X 443 48.38 -72.57 -63.08
CA PHE X 443 47.73 -73.33 -64.14
C PHE X 443 47.84 -72.59 -65.46
N ARG X 444 47.89 -73.35 -66.53
CA ARG X 444 47.95 -72.82 -67.89
C ARG X 444 46.92 -73.56 -68.72
N ALA X 445 45.89 -72.87 -69.16
CA ALA X 445 44.81 -73.46 -69.93
C ALA X 445 45.06 -73.21 -71.41
N PHE X 446 45.02 -74.27 -72.20
CA PHE X 446 45.23 -74.20 -73.64
C PHE X 446 43.95 -74.60 -74.37
N TRP X 447 43.99 -74.45 -75.69
CA TRP X 447 42.82 -74.65 -76.51
C TRP X 447 43.26 -74.94 -77.94
N CYS X 448 42.59 -75.89 -78.58
CA CYS X 448 42.99 -76.38 -79.89
C CYS X 448 42.20 -75.71 -81.00
N VAL X 449 42.86 -75.48 -82.13
CA VAL X 449 42.28 -74.79 -83.28
C VAL X 449 42.61 -75.58 -84.55
N ALA X 450 41.64 -75.68 -85.46
CA ALA X 450 41.87 -76.35 -86.74
C ALA X 450 42.79 -75.49 -87.59
N SER X 451 44.06 -75.89 -87.68
CA SER X 451 45.05 -75.14 -88.45
C SER X 451 45.61 -75.92 -89.63
N SER X 452 45.15 -77.14 -89.87
CA SER X 452 45.62 -77.95 -90.99
C SER X 452 44.61 -78.01 -92.13
N GLN X 453 43.38 -77.55 -91.90
CA GLN X 453 42.31 -77.28 -92.87
C GLN X 453 41.69 -78.57 -93.43
N VAL X 454 42.29 -79.73 -93.16
CA VAL X 454 41.71 -81.00 -93.61
C VAL X 454 41.50 -81.90 -92.40
N PRO X 455 40.35 -81.82 -91.72
CA PRO X 455 39.99 -82.89 -90.79
C PRO X 455 39.08 -83.91 -91.44
N GLU X 456 39.07 -85.13 -90.91
CA GLU X 456 38.05 -86.09 -91.31
C GLU X 456 36.73 -85.80 -90.60
N ASN X 457 36.73 -85.86 -89.27
CA ASN X 457 35.62 -85.42 -88.45
C ASN X 457 36.17 -84.42 -87.43
N SER X 458 35.32 -83.46 -87.05
CA SER X 458 35.78 -82.35 -86.21
C SER X 458 36.10 -82.80 -84.80
N GLY X 459 35.13 -83.41 -84.13
CA GLY X 459 35.35 -83.87 -82.78
C GLY X 459 34.68 -83.01 -81.75
N LEU X 460 34.07 -83.66 -80.75
CA LEU X 460 33.60 -83.07 -79.51
C LEU X 460 32.53 -82.00 -79.78
N LEU X 461 31.40 -82.45 -80.30
CA LEU X 461 30.38 -81.54 -80.83
C LEU X 461 29.50 -81.00 -79.70
N PHE X 462 30.04 -80.01 -78.98
CA PHE X 462 29.31 -79.08 -78.12
C PHE X 462 30.28 -77.97 -77.72
N GLY X 463 29.72 -76.82 -77.38
CA GLY X 463 30.54 -75.70 -76.99
C GLY X 463 29.96 -74.84 -75.88
N GLY X 464 29.05 -75.41 -75.09
CA GLY X 464 28.40 -74.67 -74.02
C GLY X 464 29.03 -74.95 -72.66
N LEU X 465 28.96 -73.95 -71.79
CA LEU X 465 29.74 -73.91 -70.58
C LEU X 465 28.82 -73.69 -69.38
N PHE X 466 29.32 -74.03 -68.20
CA PHE X 466 28.70 -73.59 -66.95
C PHE X 466 29.77 -73.52 -65.88
N SER X 467 29.63 -72.55 -64.99
CA SER X 467 30.60 -72.29 -63.95
C SER X 467 30.06 -72.82 -62.62
N SER X 468 30.77 -72.49 -61.54
CA SER X 468 30.24 -72.69 -60.20
C SER X 468 29.23 -71.61 -59.83
N LYS X 469 29.10 -70.56 -60.64
CA LYS X 469 28.12 -69.51 -60.42
C LYS X 469 27.29 -69.23 -61.66
N SER X 470 27.44 -70.02 -62.71
CA SER X 470 26.71 -69.84 -63.95
C SER X 470 25.86 -71.07 -64.22
N ILE X 471 25.15 -71.04 -65.34
CA ILE X 471 24.18 -72.06 -65.70
C ILE X 471 24.34 -72.37 -67.18
N ASN X 472 24.41 -73.66 -67.52
CA ASN X 472 24.38 -74.08 -68.92
C ASN X 472 22.99 -73.82 -69.47
N PRO X 473 22.85 -72.99 -70.51
CA PRO X 473 21.50 -72.70 -71.03
C PRO X 473 20.88 -73.86 -71.79
N MET X 474 21.67 -74.83 -72.22
CA MET X 474 21.12 -76.00 -72.88
C MET X 474 20.56 -77.03 -71.90
N THR X 475 20.76 -76.84 -70.60
CA THR X 475 20.11 -77.65 -69.59
C THR X 475 19.31 -76.82 -68.59
N ASN X 476 19.51 -75.50 -68.55
CA ASN X 476 18.99 -74.58 -67.52
C ASN X 476 19.36 -75.04 -66.12
N ALA X 477 20.55 -75.60 -65.99
CA ALA X 477 21.07 -76.10 -64.72
C ALA X 477 22.58 -76.21 -64.83
N GLN X 478 23.20 -76.64 -63.73
CA GLN X 478 24.64 -76.90 -63.69
C GLN X 478 24.93 -78.37 -64.00
N SER X 479 24.49 -78.80 -65.17
CA SER X 479 24.62 -80.19 -65.55
C SER X 479 24.87 -80.27 -67.05
N CYS X 480 25.27 -81.45 -67.48
CA CYS X 480 25.51 -81.76 -68.87
C CYS X 480 24.22 -82.20 -69.54
N PRO X 481 24.11 -82.08 -70.86
CA PRO X 481 22.96 -82.67 -71.55
C PRO X 481 23.06 -84.18 -71.66
N ALA X 482 22.13 -84.80 -72.38
CA ALA X 482 22.03 -86.26 -72.45
C ALA X 482 23.21 -86.85 -73.21
N GLY X 483 24.12 -87.47 -72.49
CA GLY X 483 25.26 -88.15 -73.10
C GLY X 483 26.46 -87.27 -73.30
N TYR X 484 26.77 -86.44 -72.30
CA TYR X 484 27.84 -85.45 -72.37
C TYR X 484 28.69 -85.52 -71.12
N PHE X 485 30.01 -85.41 -71.28
CA PHE X 485 30.90 -85.43 -70.13
C PHE X 485 31.66 -84.12 -70.04
N PRO X 486 31.82 -83.56 -68.84
CA PRO X 486 32.42 -82.23 -68.72
C PRO X 486 33.93 -82.29 -68.69
N LEU X 487 34.54 -81.20 -69.15
CA LEU X 487 35.98 -81.04 -69.11
C LEU X 487 36.31 -79.86 -68.21
N ARG X 488 37.11 -80.09 -67.19
CA ARG X 488 37.40 -79.04 -66.23
C ARG X 488 38.36 -78.01 -66.81
N LEU X 489 38.15 -76.76 -66.44
CA LEU X 489 38.94 -75.64 -66.92
C LEU X 489 39.15 -74.74 -65.72
N PHE X 490 39.49 -73.46 -65.97
CA PHE X 490 40.40 -72.62 -65.18
C PHE X 490 40.38 -72.84 -63.68
N GLU X 491 39.25 -72.59 -63.06
CA GLU X 491 39.01 -73.01 -61.69
C GLU X 491 37.66 -73.70 -61.54
N ASN X 492 36.64 -73.26 -62.28
CA ASN X 492 35.30 -73.77 -62.10
C ASN X 492 34.58 -74.08 -63.40
N LEU X 493 35.15 -73.77 -64.56
CA LEU X 493 34.48 -74.06 -65.81
C LEU X 493 34.44 -75.56 -66.08
N LYS X 494 33.29 -76.02 -66.53
CA LYS X 494 33.10 -77.40 -66.97
C LYS X 494 32.47 -77.34 -68.35
N VAL X 495 33.25 -77.66 -69.37
CA VAL X 495 32.81 -77.59 -70.76
C VAL X 495 32.22 -78.93 -71.15
N CYS X 496 30.95 -78.94 -71.53
CA CYS X 496 30.27 -80.19 -71.85
C CYS X 496 30.66 -80.62 -73.26
N VAL X 497 30.91 -81.93 -73.41
CA VAL X 497 31.61 -82.47 -74.58
C VAL X 497 31.10 -83.87 -74.88
N SER X 498 30.72 -84.12 -76.14
CA SER X 498 30.41 -85.46 -76.61
C SER X 498 30.90 -85.61 -78.04
N GLN X 499 31.42 -86.78 -78.36
CA GLN X 499 31.89 -87.11 -79.70
C GLN X 499 31.15 -88.32 -80.27
N ASP X 500 29.85 -88.39 -80.01
CA ASP X 500 29.05 -89.54 -80.41
C ASP X 500 28.46 -89.43 -81.81
N TYR X 501 28.19 -88.20 -82.28
CA TYR X 501 27.72 -87.83 -83.62
C TYR X 501 26.30 -88.29 -83.94
N GLU X 502 25.67 -89.05 -83.04
CA GLU X 502 24.29 -89.47 -83.22
C GLU X 502 23.40 -89.00 -82.07
N LEU X 503 23.77 -89.31 -80.83
CA LEU X 503 23.04 -88.80 -79.68
C LEU X 503 23.53 -87.43 -79.24
N GLY X 504 24.63 -86.95 -79.82
CA GLY X 504 25.16 -85.65 -79.48
C GLY X 504 24.70 -84.56 -80.42
N SER X 505 24.21 -84.95 -81.60
CA SER X 505 23.80 -83.98 -82.60
C SER X 505 22.46 -83.32 -82.30
N ARG X 506 21.72 -83.81 -81.31
CA ARG X 506 20.50 -83.13 -80.89
C ARG X 506 20.83 -81.83 -80.17
N PHE X 507 21.90 -81.83 -79.38
CA PHE X 507 22.25 -80.68 -78.56
C PHE X 507 23.49 -79.96 -79.03
N ALA X 508 24.11 -80.40 -80.13
CA ALA X 508 25.34 -79.78 -80.59
C ALA X 508 25.07 -78.40 -81.17
N VAL X 509 25.81 -77.41 -80.66
CA VAL X 509 25.67 -76.02 -81.11
C VAL X 509 26.84 -75.68 -82.00
N PRO X 510 26.71 -74.74 -82.94
CA PRO X 510 27.86 -74.27 -83.70
C PRO X 510 28.78 -73.48 -82.80
N PHE X 511 30.04 -73.92 -82.70
CA PHE X 511 31.01 -73.32 -81.80
C PHE X 511 31.88 -72.34 -82.57
N GLY X 512 32.27 -71.26 -81.91
CA GLY X 512 33.00 -70.20 -82.57
C GLY X 512 34.41 -69.96 -82.09
N GLY X 513 34.67 -70.18 -80.81
CA GLY X 513 36.01 -70.00 -80.27
C GLY X 513 36.02 -69.28 -78.94
N PHE X 514 37.13 -69.41 -78.22
CA PHE X 514 37.37 -68.71 -76.98
C PHE X 514 38.28 -67.52 -77.20
N PHE X 515 38.12 -66.48 -76.38
CA PHE X 515 39.09 -65.40 -76.30
C PHE X 515 38.98 -64.77 -74.93
N SER X 516 40.04 -64.07 -74.53
CA SER X 516 40.11 -63.47 -73.22
C SER X 516 40.64 -62.06 -73.37
N CYS X 517 40.98 -61.44 -72.23
CA CYS X 517 41.47 -60.07 -72.26
C CYS X 517 42.90 -59.96 -72.76
N THR X 518 43.61 -61.07 -72.90
CA THR X 518 45.00 -61.06 -73.33
C THR X 518 45.23 -61.73 -74.67
N VAL X 519 44.39 -62.68 -75.07
CA VAL X 519 44.58 -63.45 -76.29
C VAL X 519 43.33 -63.33 -77.14
N GLY X 520 43.49 -63.48 -78.45
CA GLY X 520 42.38 -63.50 -79.36
C GLY X 520 42.19 -64.83 -80.04
N ASN X 521 41.00 -65.11 -80.55
CA ASN X 521 40.88 -66.37 -81.27
C ASN X 521 41.42 -66.22 -82.70
N PRO X 522 42.06 -67.25 -83.22
CA PRO X 522 42.61 -67.17 -84.58
C PRO X 522 41.61 -67.58 -85.65
N LEU X 523 40.31 -67.60 -85.32
CA LEU X 523 39.29 -68.03 -86.25
C LEU X 523 38.64 -66.86 -86.98
N VAL X 524 39.30 -65.71 -87.02
CA VAL X 524 38.79 -64.53 -87.69
C VAL X 524 39.67 -64.09 -88.84
N ASP X 525 40.99 -64.21 -88.71
CA ASP X 525 41.91 -63.68 -89.72
C ASP X 525 42.03 -64.56 -90.97
N PRO X 526 42.16 -65.90 -90.85
CA PRO X 526 42.06 -66.59 -92.15
C PRO X 526 40.61 -66.86 -92.55
N PRO X 535 49.05 -60.09 -83.64
CA PRO X 535 48.39 -61.37 -83.41
C PRO X 535 46.93 -61.37 -83.86
N SER X 536 46.05 -61.98 -83.06
CA SER X 536 44.66 -62.14 -83.44
C SER X 536 43.88 -60.88 -83.12
N LEU X 537 42.55 -60.96 -83.19
CA LEU X 537 41.69 -59.80 -83.12
C LEU X 537 40.78 -59.75 -81.90
N LYS X 538 40.58 -60.90 -81.21
CA LYS X 538 39.63 -61.12 -80.09
C LYS X 538 38.25 -60.52 -80.34
N LYS X 539 37.81 -60.51 -81.59
CA LYS X 539 36.48 -60.00 -81.88
C LYS X 539 35.41 -61.10 -81.80
N CYS X 540 35.37 -61.97 -82.81
CA CYS X 540 34.33 -62.96 -83.07
C CYS X 540 34.75 -63.65 -84.36
N PRO X 541 34.18 -64.79 -84.74
CA PRO X 541 34.41 -65.24 -86.13
C PRO X 541 33.63 -64.44 -87.15
N GLY X 542 32.40 -64.04 -86.83
CA GLY X 542 31.55 -63.38 -87.80
C GLY X 542 30.29 -64.17 -88.05
N GLY X 543 29.15 -63.61 -87.65
CA GLY X 543 27.90 -64.35 -87.62
C GLY X 543 27.61 -64.95 -86.26
N PHE X 544 28.64 -65.25 -85.48
CA PHE X 544 28.48 -65.77 -84.14
C PHE X 544 28.21 -64.62 -83.17
N SER X 545 28.01 -64.95 -81.91
CA SER X 545 27.70 -63.97 -80.88
C SER X 545 28.57 -64.21 -79.67
N GLN X 546 29.20 -63.15 -79.16
CA GLN X 546 30.00 -63.27 -77.95
C GLN X 546 29.12 -63.54 -76.74
N HIS X 547 29.58 -64.42 -75.87
CA HIS X 547 28.91 -64.64 -74.63
C HIS X 547 29.98 -64.86 -73.58
N PRO X 548 29.83 -64.26 -72.40
CA PRO X 548 30.88 -64.35 -71.40
C PRO X 548 30.84 -65.64 -70.60
N ALA X 549 32.02 -66.21 -70.40
CA ALA X 549 32.26 -67.24 -69.39
C ALA X 549 32.59 -66.53 -68.08
N LEU X 550 33.17 -67.23 -67.12
CA LEU X 550 33.47 -66.62 -65.83
C LEU X 550 34.59 -65.58 -65.95
N ILE X 551 34.84 -64.90 -64.82
CA ILE X 551 35.90 -63.92 -64.71
C ILE X 551 36.99 -64.51 -63.84
N SER X 552 38.20 -64.60 -64.39
CA SER X 552 39.35 -65.15 -63.68
C SER X 552 40.20 -64.00 -63.15
N ASP X 553 39.76 -63.46 -62.01
CA ASP X 553 40.47 -62.44 -61.22
C ASP X 553 40.74 -61.17 -62.03
N GLY X 554 39.68 -60.59 -62.57
CA GLY X 554 39.76 -59.34 -63.29
C GLY X 554 39.81 -59.47 -64.79
N CYS X 555 40.06 -60.66 -65.32
CA CYS X 555 40.07 -60.90 -66.76
C CYS X 555 38.84 -61.69 -67.14
N GLN X 556 38.25 -61.35 -68.29
CA GLN X 556 37.00 -61.93 -68.73
C GLN X 556 37.26 -62.88 -69.90
N VAL X 557 36.76 -64.10 -69.79
CA VAL X 557 36.86 -65.10 -70.84
C VAL X 557 35.52 -65.17 -71.55
N SER X 558 35.55 -65.12 -72.88
CA SER X 558 34.32 -65.10 -73.66
C SER X 558 34.36 -66.18 -74.74
N TYR X 559 33.18 -66.64 -75.13
CA TYR X 559 33.07 -67.70 -76.13
C TYR X 559 31.96 -67.36 -77.12
N CYS X 560 32.12 -67.85 -78.35
CA CYS X 560 31.24 -67.50 -79.46
C CYS X 560 30.37 -68.69 -79.85
N VAL X 561 29.14 -68.40 -80.26
CA VAL X 561 28.14 -69.43 -80.54
C VAL X 561 27.08 -68.79 -81.43
N LYS X 562 26.35 -69.62 -82.18
CA LYS X 562 25.33 -69.14 -83.11
C LYS X 562 24.05 -69.95 -82.96
N SER X 563 23.53 -70.04 -81.74
CA SER X 563 22.27 -70.76 -81.58
C SER X 563 21.08 -69.86 -81.92
N GLY X 564 20.95 -68.74 -81.22
CA GLY X 564 19.73 -68.02 -81.11
C GLY X 564 19.03 -68.26 -79.78
N LEU X 565 19.32 -69.39 -79.15
CA LEU X 565 18.84 -69.63 -77.79
C LEU X 565 19.65 -68.82 -76.79
N PHE X 566 20.96 -68.66 -77.04
CA PHE X 566 21.80 -67.86 -76.16
C PHE X 566 21.49 -66.38 -76.26
N THR X 567 20.98 -65.94 -77.40
CA THR X 567 20.83 -64.51 -77.68
C THR X 567 19.61 -63.92 -76.97
N GLY X 568 18.42 -64.43 -77.28
CA GLY X 568 17.19 -63.80 -76.84
C GLY X 568 16.90 -63.99 -75.36
N GLY X 569 15.73 -63.48 -74.97
CA GLY X 569 15.32 -63.51 -73.58
C GLY X 569 14.84 -62.15 -73.14
N SER X 570 15.35 -61.67 -72.00
CA SER X 570 15.16 -60.29 -71.57
C SER X 570 16.51 -59.61 -71.50
N LEU X 571 16.49 -58.30 -71.37
CA LEU X 571 17.72 -57.55 -71.22
C LEU X 571 18.29 -57.76 -69.82
N PRO X 572 19.56 -58.14 -69.70
CA PRO X 572 20.13 -58.42 -68.39
C PRO X 572 20.37 -57.12 -67.62
N PRO X 573 20.44 -57.18 -66.30
CA PRO X 573 20.88 -56.01 -65.54
C PRO X 573 22.38 -55.84 -65.63
N ALA X 574 22.86 -54.75 -65.04
CA ALA X 574 24.28 -54.49 -65.04
C ALA X 574 24.99 -55.41 -64.05
N ARG X 575 26.20 -55.83 -64.40
CA ARG X 575 27.07 -56.47 -63.42
C ARG X 575 27.66 -55.44 -62.50
N LEU X 576 27.32 -55.52 -61.23
CA LEU X 576 27.78 -54.52 -60.31
C LEU X 576 29.10 -54.99 -59.69
N PRO X 577 29.94 -54.06 -59.24
CA PRO X 577 31.16 -54.44 -58.52
C PRO X 577 30.84 -55.03 -57.16
N PRO X 578 31.80 -55.66 -56.47
CA PRO X 578 33.19 -56.02 -56.76
C PRO X 578 33.27 -57.22 -57.66
N PHE X 579 34.29 -57.25 -58.51
CA PHE X 579 34.48 -58.35 -59.44
C PHE X 579 35.58 -59.29 -58.99
N THR X 580 36.32 -58.92 -57.94
CA THR X 580 37.30 -59.79 -57.31
C THR X 580 36.84 -60.09 -55.90
N ARG X 581 37.58 -60.97 -55.23
CA ARG X 581 37.36 -61.30 -53.85
C ARG X 581 38.63 -60.98 -53.06
N PRO X 582 38.53 -60.71 -51.77
CA PRO X 582 39.75 -60.49 -50.98
C PRO X 582 40.51 -61.79 -50.82
N PRO X 583 41.84 -61.72 -50.84
CA PRO X 583 42.65 -62.94 -50.93
C PRO X 583 42.73 -63.68 -49.61
N LEU X 584 43.27 -64.89 -49.68
CA LEU X 584 43.45 -65.72 -48.51
C LEU X 584 44.72 -65.33 -47.76
N MET X 585 44.67 -65.46 -46.45
CA MET X 585 45.77 -65.11 -45.57
C MET X 585 46.10 -66.30 -44.69
N SER X 586 47.37 -66.44 -44.34
CA SER X 586 47.78 -67.51 -43.45
C SER X 586 47.56 -67.09 -41.99
N GLN X 587 47.01 -68.02 -41.21
CA GLN X 587 46.42 -67.73 -39.92
C GLN X 587 46.99 -68.69 -38.87
N ALA X 588 46.61 -68.46 -37.62
CA ALA X 588 47.00 -69.32 -36.50
C ALA X 588 46.02 -69.07 -35.36
N ALA X 589 45.63 -70.13 -34.68
CA ALA X 589 44.67 -70.02 -33.59
C ALA X 589 45.04 -70.98 -32.47
N THR X 590 45.20 -70.45 -31.26
CA THR X 590 45.58 -71.25 -30.11
C THR X 590 44.50 -71.21 -29.05
N ASN X 591 44.50 -72.23 -28.18
CA ASN X 591 43.53 -72.39 -27.10
C ASN X 591 44.26 -73.01 -25.92
N THR X 592 44.64 -72.20 -24.94
CA THR X 592 45.26 -72.72 -23.72
C THR X 592 44.21 -72.83 -22.63
N VAL X 593 44.12 -74.00 -22.01
CA VAL X 593 43.16 -74.26 -20.94
C VAL X 593 43.94 -74.68 -19.69
N ILE X 594 43.67 -74.03 -18.57
CA ILE X 594 44.23 -74.40 -17.28
C ILE X 594 43.12 -74.99 -16.43
N VAL X 595 43.33 -76.19 -15.89
CA VAL X 595 42.34 -76.89 -15.10
C VAL X 595 42.96 -77.16 -13.74
N THR X 596 42.40 -76.56 -12.69
CA THR X 596 42.82 -76.90 -11.34
C THR X 596 42.02 -78.11 -10.88
N ASN X 597 42.71 -79.19 -10.55
CA ASN X 597 42.07 -80.44 -10.18
C ASN X 597 41.78 -80.52 -8.68
N SER X 598 41.84 -79.40 -7.98
CA SER X 598 41.74 -79.44 -6.53
C SER X 598 41.28 -78.11 -5.97
N GLU X 599 40.61 -78.19 -4.83
CA GLU X 599 40.47 -77.05 -3.94
C GLU X 599 41.76 -76.94 -3.11
N ASN X 600 41.80 -75.94 -2.22
CA ASN X 600 43.01 -75.56 -1.47
C ASN X 600 44.17 -75.29 -2.42
N ALA X 601 43.89 -74.57 -3.49
CA ALA X 601 44.88 -74.25 -4.50
C ALA X 601 44.48 -72.92 -5.12
N ARG X 602 45.14 -71.85 -4.71
CA ARG X 602 44.85 -70.54 -5.23
C ARG X 602 45.75 -70.22 -6.42
N SER X 603 45.36 -69.20 -7.17
CA SER X 603 46.08 -68.84 -8.37
C SER X 603 45.89 -67.36 -8.65
N TRP X 604 46.95 -66.67 -9.02
CA TRP X 604 46.91 -65.28 -9.40
C TRP X 604 47.42 -65.14 -10.82
N ILE X 605 46.74 -64.33 -11.64
CA ILE X 605 47.05 -64.21 -13.05
C ILE X 605 47.14 -62.73 -13.38
N LYS X 606 48.22 -62.34 -14.06
CA LYS X 606 48.38 -61.01 -14.61
C LYS X 606 48.37 -61.16 -16.13
N ASP X 607 47.31 -60.67 -16.78
CA ASP X 607 47.04 -61.03 -18.17
C ASP X 607 48.00 -60.34 -19.14
N SER X 608 48.40 -59.11 -18.84
CA SER X 608 49.33 -58.38 -19.69
C SER X 608 50.02 -57.34 -18.82
N GLN X 609 50.87 -56.53 -19.45
CA GLN X 609 51.62 -55.52 -18.71
C GLN X 609 50.74 -54.36 -18.25
N THR X 610 49.59 -54.16 -18.89
CA THR X 610 48.67 -53.10 -18.46
C THR X 610 47.64 -53.60 -17.46
N HIS X 611 47.39 -54.89 -17.39
CA HIS X 611 46.46 -55.43 -16.42
C HIS X 611 47.06 -55.38 -15.01
N GLN X 612 46.20 -55.56 -14.03
CA GLN X 612 46.62 -55.78 -12.66
C GLN X 612 46.52 -57.25 -12.33
N TRP X 613 47.13 -57.64 -11.20
CA TRP X 613 47.04 -59.02 -10.74
C TRP X 613 45.60 -59.36 -10.40
N ARG X 614 45.18 -60.54 -10.81
CA ARG X 614 43.80 -60.95 -10.78
C ARG X 614 43.74 -62.33 -10.15
N LEU X 615 42.73 -62.56 -9.31
CA LEU X 615 42.57 -63.85 -8.69
C LEU X 615 42.06 -64.85 -9.72
N GLY X 616 42.73 -65.99 -9.83
CA GLY X 616 42.42 -66.93 -10.88
C GLY X 616 41.21 -67.80 -10.58
N GLU X 617 40.70 -68.40 -11.64
CA GLU X 617 39.55 -69.28 -11.67
C GLU X 617 39.98 -70.71 -11.98
N PRO X 618 39.15 -71.72 -11.69
CA PRO X 618 39.58 -73.10 -11.98
C PRO X 618 39.70 -73.45 -13.44
N ILE X 619 38.91 -72.85 -14.33
CA ILE X 619 39.04 -73.03 -15.78
C ILE X 619 39.27 -71.66 -16.40
N GLU X 620 40.32 -71.52 -17.19
CA GLU X 620 40.71 -70.20 -17.69
C GLU X 620 40.33 -69.95 -19.15
N LEU X 621 40.83 -70.75 -20.09
CA LEU X 621 40.52 -70.69 -21.52
C LEU X 621 40.89 -69.32 -22.13
N ARG X 622 42.20 -69.12 -22.26
CA ARG X 622 42.72 -68.03 -23.09
C ARG X 622 42.58 -68.39 -24.56
N ARG X 623 42.39 -67.38 -25.41
CA ARG X 623 42.30 -67.56 -26.86
C ARG X 623 43.12 -66.51 -27.59
N ALA X 624 43.62 -66.87 -28.76
CA ALA X 624 44.39 -65.95 -29.58
C ALA X 624 44.23 -66.31 -31.05
N MET X 625 44.13 -65.29 -31.90
CA MET X 625 44.07 -65.48 -33.34
C MET X 625 45.11 -64.58 -34.00
N ASN X 626 46.03 -65.18 -34.74
CA ASN X 626 47.17 -64.47 -35.33
C ASN X 626 47.06 -64.53 -36.84
N VAL X 627 47.04 -63.38 -37.49
CA VAL X 627 46.91 -63.28 -38.93
C VAL X 627 48.14 -62.55 -39.46
N ILE X 628 48.69 -63.01 -40.58
CA ILE X 628 49.75 -62.29 -41.29
C ILE X 628 49.31 -62.06 -42.72
N HIS X 629 49.42 -60.81 -43.18
CA HIS X 629 49.05 -60.43 -44.54
C HIS X 629 50.20 -60.77 -45.48
N GLY X 630 50.00 -61.80 -46.31
CA GLY X 630 51.00 -62.20 -47.28
C GLY X 630 52.21 -62.89 -46.68
N ASP Y 10 12.95 -34.87 -19.89
CA ASP Y 10 13.54 -35.15 -21.19
C ASP Y 10 12.62 -36.01 -22.05
N GLU Y 11 13.00 -36.18 -23.32
CA GLU Y 11 12.20 -36.91 -24.28
C GLU Y 11 13.15 -37.35 -25.40
N VAL Y 12 13.01 -38.59 -25.84
CA VAL Y 12 13.95 -39.18 -26.80
C VAL Y 12 13.20 -39.79 -27.97
N GLY Y 13 13.97 -40.20 -28.97
CA GLY Y 13 13.44 -41.02 -30.04
C GLY Y 13 12.69 -40.23 -31.09
N VAL Y 14 11.69 -40.89 -31.68
CA VAL Y 14 10.93 -40.30 -32.77
C VAL Y 14 10.01 -39.22 -32.24
N GLN Y 15 9.51 -39.37 -31.01
CA GLN Y 15 8.49 -38.48 -30.50
C GLN Y 15 9.04 -37.12 -30.13
N LYS Y 16 10.34 -37.02 -29.83
CA LYS Y 16 10.97 -35.72 -29.72
C LYS Y 16 10.95 -34.98 -31.05
N CYS Y 17 11.16 -35.71 -32.15
CA CYS Y 17 11.11 -35.10 -33.48
C CYS Y 17 9.70 -34.69 -33.85
N LYS Y 18 8.71 -35.48 -33.45
CA LYS Y 18 7.33 -35.21 -33.85
C LYS Y 18 6.75 -34.03 -33.09
N ASN Y 19 7.20 -33.78 -31.87
CA ASN Y 19 6.67 -32.65 -31.11
C ASN Y 19 7.25 -31.34 -31.56
N ALA Y 20 8.51 -31.33 -31.98
CA ALA Y 20 9.15 -30.10 -32.40
C ALA Y 20 8.77 -29.71 -33.83
N LEU Y 21 8.41 -30.68 -34.66
CA LEU Y 21 8.20 -30.42 -36.08
C LEU Y 21 6.76 -30.58 -36.52
N LYS Y 22 5.99 -31.46 -35.88
CA LYS Y 22 4.56 -31.70 -36.13
C LYS Y 22 4.29 -32.12 -37.58
N LEU Y 23 4.98 -33.17 -38.01
CA LEU Y 23 4.83 -33.70 -39.35
C LEU Y 23 5.18 -35.18 -39.31
N PRO Y 24 4.58 -36.01 -40.18
CA PRO Y 24 4.73 -37.46 -40.01
C PRO Y 24 6.09 -38.02 -40.37
N VAL Y 25 6.27 -39.31 -40.19
CA VAL Y 25 7.51 -40.01 -40.45
C VAL Y 25 7.35 -40.78 -41.74
N LEU Y 26 8.41 -40.86 -42.55
CA LEU Y 26 8.32 -41.58 -43.81
C LEU Y 26 8.24 -43.07 -43.54
N GLU Y 27 7.13 -43.69 -43.90
CA GLU Y 27 6.84 -45.06 -43.50
C GLU Y 27 7.48 -46.11 -44.37
N VAL Y 28 8.26 -45.72 -45.38
CA VAL Y 28 8.83 -46.65 -46.35
C VAL Y 28 10.34 -46.59 -46.15
N LEU Y 29 10.90 -47.52 -45.39
CA LEU Y 29 12.29 -47.39 -45.04
C LEU Y 29 13.11 -48.61 -45.44
N PRO Y 30 14.34 -48.42 -45.86
CA PRO Y 30 15.19 -49.57 -46.20
C PRO Y 30 15.94 -50.09 -45.00
N GLY Y 31 16.77 -51.11 -45.20
CA GLY Y 31 17.50 -51.70 -44.11
C GLY Y 31 16.84 -52.86 -43.42
N GLY Y 32 15.70 -53.31 -43.90
CA GLY Y 32 15.05 -54.48 -43.34
C GLY Y 32 15.42 -55.73 -44.08
N GLY Y 33 15.09 -56.86 -43.49
CA GLY Y 33 15.32 -58.13 -44.14
C GLY Y 33 14.28 -58.42 -45.19
N TRP Y 34 14.63 -59.30 -46.11
CA TRP Y 34 13.76 -59.56 -47.24
C TRP Y 34 13.89 -61.01 -47.66
N ASP Y 35 12.80 -61.76 -47.55
CA ASP Y 35 12.72 -63.10 -48.12
C ASP Y 35 12.49 -62.96 -49.61
N ASN Y 36 13.43 -63.42 -50.41
CA ASN Y 36 13.36 -63.22 -51.84
C ASN Y 36 12.66 -64.37 -52.56
N LEU Y 37 12.26 -65.42 -51.85
CA LEU Y 37 11.40 -66.42 -52.45
C LEU Y 37 9.93 -66.08 -52.29
N ARG Y 38 9.54 -65.55 -51.14
CA ARG Y 38 8.15 -65.28 -50.86
C ARG Y 38 7.76 -63.82 -51.09
N ASN Y 39 8.74 -62.96 -51.35
CA ASN Y 39 8.58 -61.50 -51.43
C ASN Y 39 7.86 -60.91 -50.23
N VAL Y 40 8.31 -61.32 -49.05
CA VAL Y 40 7.84 -60.73 -47.81
C VAL Y 40 9.05 -60.09 -47.15
N ASP Y 41 8.81 -59.14 -46.26
CA ASP Y 41 9.89 -58.47 -45.57
C ASP Y 41 9.96 -58.89 -44.11
N MET Y 42 11.18 -58.98 -43.63
CA MET Y 42 11.57 -59.63 -42.40
C MET Y 42 11.91 -58.61 -41.32
N GLY Y 43 12.54 -59.10 -40.26
CA GLY Y 43 13.03 -58.22 -39.21
C GLY Y 43 14.10 -57.27 -39.68
N ARG Y 44 14.30 -56.23 -38.88
CA ARG Y 44 15.13 -55.09 -39.23
C ARG Y 44 16.60 -55.40 -39.00
N VAL Y 45 17.42 -55.23 -40.03
CA VAL Y 45 18.84 -55.58 -39.97
C VAL Y 45 19.70 -54.37 -39.61
N MET Y 46 19.38 -53.20 -40.13
CA MET Y 46 20.14 -52.00 -39.84
C MET Y 46 19.54 -51.26 -38.66
N GLU Y 47 20.25 -50.25 -38.19
CA GLU Y 47 19.83 -49.50 -37.01
C GLU Y 47 19.19 -48.19 -37.45
N LEU Y 48 18.00 -47.91 -36.93
CA LEU Y 48 17.27 -46.68 -37.23
C LEU Y 48 17.31 -45.77 -36.01
N THR Y 49 17.98 -44.63 -36.16
CA THR Y 49 18.08 -43.65 -35.09
C THR Y 49 17.47 -42.32 -35.54
N TYR Y 50 16.92 -41.59 -34.59
CA TYR Y 50 16.24 -40.32 -34.85
C TYR Y 50 16.83 -39.23 -33.98
N SER Y 51 18.15 -39.15 -33.94
CA SER Y 51 18.81 -38.22 -33.02
C SER Y 51 18.87 -36.81 -33.57
N ASN Y 52 18.99 -36.65 -34.89
CA ASN Y 52 19.32 -35.36 -35.49
C ASN Y 52 18.12 -34.63 -36.05
N CYS Y 53 16.91 -35.20 -35.93
CA CYS Y 53 15.65 -34.58 -36.36
C CYS Y 53 15.65 -34.23 -37.84
N ARG Y 54 16.21 -35.10 -38.67
CA ARG Y 54 16.31 -34.82 -40.09
C ARG Y 54 14.95 -34.94 -40.75
N THR Y 55 14.72 -34.10 -41.74
CA THR Y 55 13.53 -34.17 -42.57
C THR Y 55 13.95 -34.34 -44.02
N THR Y 56 12.98 -34.62 -44.87
CA THR Y 56 13.26 -34.55 -46.30
C THR Y 56 13.44 -33.09 -46.70
N GLU Y 57 14.05 -32.91 -47.88
CA GLU Y 57 14.43 -31.58 -48.32
C GLU Y 57 13.22 -30.70 -48.60
N ASP Y 58 12.09 -31.29 -48.98
CA ASP Y 58 10.87 -30.51 -49.10
C ASP Y 58 10.16 -30.32 -47.77
N GLY Y 59 10.63 -30.96 -46.70
CA GLY Y 59 10.15 -30.70 -45.36
C GLY Y 59 8.80 -31.27 -45.03
N GLN Y 60 8.54 -32.53 -45.41
CA GLN Y 60 7.24 -33.13 -45.14
C GLN Y 60 7.30 -34.49 -44.48
N TYR Y 61 8.47 -35.07 -44.28
CA TYR Y 61 8.58 -36.33 -43.58
C TYR Y 61 9.82 -36.32 -42.72
N ILE Y 62 9.70 -36.83 -41.50
CA ILE Y 62 10.85 -37.12 -40.65
C ILE Y 62 11.50 -38.40 -41.13
N ILE Y 63 12.81 -38.37 -41.34
CA ILE Y 63 13.56 -39.54 -41.79
C ILE Y 63 14.65 -39.82 -40.76
N PRO Y 64 15.14 -41.06 -40.69
CA PRO Y 64 16.29 -41.36 -39.83
C PRO Y 64 17.57 -40.69 -40.32
N ASP Y 65 18.60 -40.79 -39.48
CA ASP Y 65 19.82 -40.02 -39.68
C ASP Y 65 20.72 -40.60 -40.77
N GLU Y 66 20.71 -41.92 -40.92
CA GLU Y 66 21.55 -42.67 -41.82
C GLU Y 66 20.92 -42.86 -43.19
N ILE Y 67 19.82 -42.19 -43.47
CA ILE Y 67 19.04 -42.44 -44.67
C ILE Y 67 18.91 -41.13 -45.42
N PHE Y 68 19.28 -41.14 -46.70
CA PHE Y 68 19.05 -40.00 -47.55
C PHE Y 68 17.97 -40.33 -48.58
N THR Y 69 17.21 -39.32 -48.96
CA THR Y 69 16.12 -39.48 -49.90
C THR Y 69 16.45 -38.75 -51.19
N ILE Y 70 15.88 -39.21 -52.29
CA ILE Y 70 16.02 -38.56 -53.58
C ILE Y 70 14.63 -38.14 -54.05
N PRO Y 71 14.37 -36.86 -54.21
CA PRO Y 71 13.06 -36.44 -54.73
C PRO Y 71 12.98 -36.67 -56.23
N GLN Y 72 12.18 -37.64 -56.63
CA GLN Y 72 11.88 -37.83 -58.05
C GLN Y 72 10.38 -38.04 -58.18
N LYS Y 73 9.67 -36.93 -58.29
CA LYS Y 73 8.22 -36.91 -58.19
C LYS Y 73 7.66 -37.23 -59.57
N GLN Y 74 7.61 -38.53 -59.85
CA GLN Y 74 7.46 -39.06 -61.19
C GLN Y 74 6.16 -39.82 -61.29
N SER Y 75 5.36 -39.48 -62.28
CA SER Y 75 4.08 -40.12 -62.52
C SER Y 75 4.10 -40.75 -63.90
N ASN Y 76 3.63 -41.98 -64.01
CA ASN Y 76 3.56 -42.70 -65.27
C ASN Y 76 2.13 -43.12 -65.54
N LEU Y 77 1.70 -43.02 -66.79
CA LEU Y 77 0.35 -43.37 -67.15
C LEU Y 77 0.41 -44.10 -68.48
N GLU Y 78 -0.11 -45.30 -68.52
CA GLU Y 78 -0.12 -46.11 -69.73
C GLU Y 78 -1.50 -46.03 -70.38
N MET Y 79 -1.53 -45.76 -71.68
CA MET Y 79 -2.73 -45.90 -72.47
C MET Y 79 -2.85 -47.28 -73.10
N ASN Y 80 -1.99 -48.19 -72.72
CA ASN Y 80 -1.88 -49.49 -73.34
C ASN Y 80 -1.90 -50.54 -72.23
N SER Y 81 -1.58 -51.77 -72.59
CA SER Y 81 -1.45 -52.86 -71.67
C SER Y 81 -0.11 -53.53 -71.91
N GLU Y 82 0.13 -54.64 -71.25
CA GLU Y 82 1.29 -55.46 -71.57
C GLU Y 82 0.90 -56.92 -71.39
N ILE Y 83 1.36 -57.75 -72.30
CA ILE Y 83 0.88 -59.12 -72.41
C ILE Y 83 1.94 -60.06 -71.87
N LEU Y 84 1.52 -60.99 -71.01
CA LEU Y 84 2.41 -61.93 -70.34
C LEU Y 84 1.83 -63.32 -70.59
N GLU Y 85 2.17 -63.94 -71.72
CA GLU Y 85 1.54 -65.19 -72.11
C GLU Y 85 2.25 -66.43 -71.56
N SER Y 86 3.12 -66.26 -70.57
CA SER Y 86 3.80 -67.38 -69.93
C SER Y 86 4.21 -66.94 -68.53
N TRP Y 87 4.09 -67.85 -67.57
CA TRP Y 87 4.47 -67.52 -66.20
C TRP Y 87 5.95 -67.67 -65.93
N ALA Y 88 6.75 -68.09 -66.91
CA ALA Y 88 8.18 -68.22 -66.68
C ALA Y 88 8.85 -66.86 -66.60
N ASN Y 89 8.56 -65.99 -67.56
CA ASN Y 89 9.10 -64.62 -67.54
C ASN Y 89 8.14 -63.70 -66.80
N TYR Y 90 8.13 -63.87 -65.48
CA TYR Y 90 7.20 -63.17 -64.60
C TYR Y 90 7.76 -61.85 -64.10
N GLN Y 91 6.91 -60.83 -64.10
CA GLN Y 91 7.23 -59.49 -63.64
C GLN Y 91 6.51 -59.28 -62.32
N SER Y 92 7.24 -58.91 -61.27
CA SER Y 92 6.64 -58.91 -59.95
C SER Y 92 5.71 -57.73 -59.70
N SER Y 93 5.97 -56.58 -60.32
CA SER Y 93 5.25 -55.30 -60.25
C SER Y 93 5.36 -54.59 -58.91
N THR Y 94 5.96 -55.17 -57.89
CA THR Y 94 6.24 -54.44 -56.67
C THR Y 94 7.61 -54.73 -56.09
N SER Y 95 8.30 -55.76 -56.52
CA SER Y 95 9.63 -56.09 -56.05
C SER Y 95 10.47 -56.57 -57.21
N TYR Y 96 10.40 -55.83 -58.32
CA TYR Y 96 10.95 -56.31 -59.57
C TYR Y 96 12.47 -56.23 -59.60
N SER Y 97 13.06 -55.21 -59.01
CA SER Y 97 14.49 -55.00 -59.12
C SER Y 97 15.28 -55.92 -58.21
N ILE Y 98 14.70 -56.38 -57.11
CA ILE Y 98 15.41 -57.28 -56.22
C ILE Y 98 15.26 -58.74 -56.64
N ASN Y 99 14.29 -59.05 -57.48
CA ASN Y 99 14.19 -60.42 -57.98
C ASN Y 99 15.04 -60.66 -59.21
N THR Y 100 15.36 -59.64 -59.98
CA THR Y 100 16.01 -59.81 -61.27
C THR Y 100 17.54 -59.79 -61.18
N GLU Y 101 18.09 -60.01 -59.99
CA GLU Y 101 19.53 -60.01 -59.78
C GLU Y 101 20.21 -61.18 -60.50
N LEU Y 102 21.50 -61.02 -60.76
CA LEU Y 102 22.30 -62.03 -61.45
C LEU Y 102 22.84 -63.00 -60.42
N SER Y 103 22.31 -64.22 -60.42
CA SER Y 103 22.72 -65.23 -59.46
C SER Y 103 22.40 -66.61 -60.03
N LEU Y 104 22.69 -67.64 -59.24
CA LEU Y 104 22.37 -69.00 -59.62
C LEU Y 104 20.87 -69.23 -59.59
N PHE Y 105 20.21 -68.70 -58.56
CA PHE Y 105 18.81 -68.96 -58.30
C PHE Y 105 17.94 -67.79 -58.69
N SER Y 106 18.28 -67.12 -59.80
CA SER Y 106 17.48 -66.02 -60.29
C SER Y 106 16.16 -66.49 -60.88
N LYS Y 107 16.06 -67.77 -61.25
CA LYS Y 107 14.81 -68.30 -61.78
C LYS Y 107 13.85 -68.74 -60.68
N VAL Y 108 14.28 -68.72 -59.43
CA VAL Y 108 13.45 -69.18 -58.32
C VAL Y 108 12.98 -68.02 -57.44
N ASN Y 109 13.52 -66.81 -57.65
CA ASN Y 109 13.14 -65.66 -56.86
C ASN Y 109 11.69 -65.26 -57.13
N GLY Y 110 10.92 -65.13 -56.07
CA GLY Y 110 9.55 -64.73 -56.16
C GLY Y 110 8.56 -65.81 -56.48
N LYS Y 111 9.00 -67.06 -56.63
CA LYS Y 111 8.14 -68.15 -57.08
C LYS Y 111 7.30 -68.76 -55.99
N PHE Y 112 7.33 -68.21 -54.79
CA PHE Y 112 6.44 -68.62 -53.71
C PHE Y 112 5.64 -67.45 -53.19
N SER Y 113 5.65 -66.35 -53.92
CA SER Y 113 4.86 -65.18 -53.57
C SER Y 113 3.40 -65.46 -53.83
N THR Y 114 2.53 -64.77 -53.09
CA THR Y 114 1.10 -64.94 -53.31
C THR Y 114 0.67 -64.34 -54.64
N GLU Y 115 1.39 -63.33 -55.11
CA GLU Y 115 1.07 -62.69 -56.38
C GLU Y 115 1.48 -63.56 -57.56
N PHE Y 116 2.52 -64.37 -57.41
CA PHE Y 116 2.90 -65.31 -58.46
C PHE Y 116 2.00 -66.53 -58.46
N GLN Y 117 1.79 -67.12 -57.29
CA GLN Y 117 1.02 -68.35 -57.21
C GLN Y 117 -0.45 -68.15 -57.50
N ARG Y 118 -0.94 -66.93 -57.38
CA ARG Y 118 -2.27 -66.64 -57.87
C ARG Y 118 -2.27 -66.49 -59.38
N MET Y 119 -1.17 -66.03 -59.96
CA MET Y 119 -1.16 -65.83 -61.41
C MET Y 119 -0.94 -67.14 -62.15
N LYS Y 120 -0.12 -68.03 -61.59
CA LYS Y 120 0.16 -69.31 -62.23
C LYS Y 120 -1.05 -70.21 -62.25
N THR Y 121 -1.85 -70.19 -61.19
CA THR Y 121 -3.02 -71.04 -61.12
C THR Y 121 -4.19 -70.50 -61.94
N LEU Y 122 -4.05 -69.36 -62.60
CA LEU Y 122 -5.05 -68.86 -63.52
C LEU Y 122 -4.66 -69.05 -64.97
N GLN Y 123 -3.39 -69.24 -65.27
CA GLN Y 123 -2.97 -69.53 -66.62
C GLN Y 123 -2.98 -71.02 -66.92
N VAL Y 124 -3.04 -71.87 -65.90
CA VAL Y 124 -3.03 -73.31 -66.10
C VAL Y 124 -4.44 -73.88 -65.98
N LYS Y 125 -5.20 -73.41 -65.00
CA LYS Y 125 -6.57 -73.85 -64.81
C LYS Y 125 -7.46 -73.40 -65.95
N ASP Y 126 -7.20 -72.22 -66.50
CA ASP Y 126 -8.09 -71.61 -67.48
C ASP Y 126 -7.47 -71.50 -68.85
N GLN Y 127 -6.23 -71.97 -69.02
CA GLN Y 127 -5.46 -71.92 -70.27
C GLN Y 127 -5.36 -70.49 -70.80
N ALA Y 128 -4.92 -69.59 -69.95
CA ALA Y 128 -5.11 -68.17 -70.16
C ALA Y 128 -3.78 -67.46 -70.37
N ILE Y 129 -3.89 -66.21 -70.83
CA ILE Y 129 -2.79 -65.26 -70.89
C ILE Y 129 -3.15 -64.10 -69.99
N THR Y 130 -2.14 -63.35 -69.56
CA THR Y 130 -2.31 -62.31 -68.55
C THR Y 130 -1.94 -60.96 -69.15
N THR Y 131 -2.79 -59.96 -68.93
CA THR Y 131 -2.49 -58.59 -69.28
C THR Y 131 -2.41 -57.75 -68.01
N ARG Y 132 -1.64 -56.66 -68.07
CA ARG Y 132 -1.50 -55.77 -66.92
C ARG Y 132 -1.42 -54.32 -67.35
N VAL Y 133 -2.29 -53.48 -66.79
CA VAL Y 133 -2.26 -52.03 -66.98
C VAL Y 133 -2.04 -51.40 -65.62
N GLN Y 134 -1.20 -50.37 -65.56
CA GLN Y 134 -0.95 -49.75 -64.26
C GLN Y 134 -0.65 -48.27 -64.39
N VAL Y 135 -1.05 -47.54 -63.35
CA VAL Y 135 -0.72 -46.13 -63.16
C VAL Y 135 0.19 -46.05 -61.96
N ARG Y 136 1.47 -45.78 -62.19
CA ARG Y 136 2.47 -45.78 -61.13
C ARG Y 136 2.88 -44.36 -60.79
N ASN Y 137 3.07 -44.09 -59.51
CA ASN Y 137 3.32 -42.75 -59.02
C ASN Y 137 4.48 -42.83 -58.04
N LEU Y 138 5.70 -42.72 -58.55
CA LEU Y 138 6.91 -42.76 -57.75
C LEU Y 138 7.22 -41.38 -57.19
N VAL Y 139 7.37 -41.29 -55.87
CA VAL Y 139 7.57 -40.02 -55.19
C VAL Y 139 9.00 -39.85 -54.68
N TYR Y 140 9.50 -40.84 -53.94
CA TYR Y 140 10.85 -40.78 -53.40
C TYR Y 140 11.63 -42.04 -53.72
N THR Y 141 12.94 -41.91 -53.78
CA THR Y 141 13.87 -43.01 -53.66
C THR Y 141 14.59 -42.85 -52.34
N VAL Y 142 14.53 -43.88 -51.51
CA VAL Y 142 14.97 -43.80 -50.12
C VAL Y 142 16.11 -44.82 -49.98
N LYS Y 143 17.31 -44.34 -49.70
CA LYS Y 143 18.50 -45.20 -49.65
C LYS Y 143 19.19 -45.14 -48.30
N ILE Y 144 20.16 -46.02 -48.12
CA ILE Y 144 20.98 -46.08 -46.91
C ILE Y 144 22.37 -45.52 -47.18
N ASN Y 145 22.85 -44.73 -46.23
CA ASN Y 145 24.23 -44.26 -46.24
C ASN Y 145 25.14 -45.46 -46.04
N PRO Y 146 26.22 -45.60 -46.82
CA PRO Y 146 27.08 -46.79 -46.68
C PRO Y 146 27.85 -46.89 -45.36
N THR Y 147 27.78 -45.91 -44.46
CA THR Y 147 28.47 -45.96 -43.18
C THR Y 147 27.53 -46.26 -42.03
N LEU Y 148 26.56 -47.13 -42.26
CA LEU Y 148 25.55 -47.49 -41.29
C LEU Y 148 25.98 -48.75 -40.54
N GLU Y 149 25.49 -48.89 -39.30
CA GLU Y 149 25.78 -50.02 -38.44
C GLU Y 149 24.54 -50.91 -38.27
N LEU Y 150 24.79 -52.11 -37.76
CA LEU Y 150 23.77 -53.14 -37.62
C LEU Y 150 22.83 -52.86 -36.47
N SER Y 151 21.71 -53.57 -36.49
CA SER Y 151 20.71 -53.42 -35.45
C SER Y 151 21.16 -54.10 -34.17
N SER Y 152 20.44 -53.82 -33.09
CA SER Y 152 20.81 -54.39 -31.79
C SER Y 152 20.42 -55.85 -31.70
N GLY Y 153 19.31 -56.23 -32.31
CA GLY Y 153 18.88 -57.61 -32.28
C GLY Y 153 19.62 -58.50 -33.26
N PHE Y 154 19.97 -57.95 -34.42
CA PHE Y 154 20.66 -58.74 -35.44
C PHE Y 154 22.11 -58.99 -35.06
N ARG Y 155 22.74 -58.03 -34.38
CA ARG Y 155 24.11 -58.21 -33.91
C ARG Y 155 24.18 -59.28 -32.83
N LYS Y 156 23.17 -59.35 -31.97
CA LYS Y 156 23.15 -60.34 -30.90
C LYS Y 156 23.06 -61.76 -31.44
N GLU Y 157 22.33 -61.96 -32.52
CA GLU Y 157 22.19 -63.30 -33.05
C GLU Y 157 23.34 -63.71 -33.94
N LEU Y 158 24.13 -62.74 -34.43
CA LEU Y 158 25.38 -63.08 -35.07
C LEU Y 158 26.47 -63.40 -34.07
N LEU Y 159 26.42 -62.78 -32.89
CA LEU Y 159 27.36 -63.09 -31.83
C LEU Y 159 27.09 -64.44 -31.20
N ASP Y 160 25.85 -64.92 -31.25
CA ASP Y 160 25.56 -66.25 -30.75
C ASP Y 160 26.03 -67.34 -31.72
N ILE Y 161 25.97 -67.06 -33.02
CA ILE Y 161 26.62 -67.94 -33.99
C ILE Y 161 28.13 -67.87 -33.82
N SER Y 162 28.63 -66.69 -33.49
CA SER Y 162 30.06 -66.46 -33.31
C SER Y 162 30.63 -67.27 -32.16
N ASP Y 163 29.84 -67.44 -31.08
CA ASP Y 163 30.31 -68.19 -29.92
C ASP Y 163 30.43 -69.67 -30.24
N ARG Y 164 29.53 -70.20 -31.06
CA ARG Y 164 29.55 -71.61 -31.40
C ARG Y 164 30.70 -71.96 -32.34
N LEU Y 165 31.13 -71.02 -33.18
CA LEU Y 165 32.28 -71.28 -34.02
C LEU Y 165 33.59 -71.25 -33.24
N GLU Y 166 33.62 -70.55 -32.11
CA GLU Y 166 34.81 -70.56 -31.26
C GLU Y 166 35.00 -71.91 -30.60
N ASN Y 167 33.92 -72.47 -30.07
CA ASN Y 167 33.94 -73.69 -29.28
C ASN Y 167 33.98 -74.96 -30.12
N ASN Y 168 34.18 -74.84 -31.44
CA ASN Y 168 34.14 -75.95 -32.39
C ASN Y 168 32.83 -76.71 -32.27
N GLN Y 169 31.72 -75.98 -32.39
CA GLN Y 169 30.39 -76.57 -32.32
C GLN Y 169 29.71 -76.24 -33.63
N THR Y 170 29.97 -77.08 -34.64
CA THR Y 170 29.60 -76.76 -36.00
C THR Y 170 28.13 -77.08 -36.27
N ARG Y 171 27.62 -78.17 -35.70
CA ARG Y 171 26.23 -78.54 -35.91
C ARG Y 171 25.28 -77.59 -35.21
N MET Y 172 25.71 -77.00 -34.09
CA MET Y 172 24.85 -76.07 -33.39
C MET Y 172 24.94 -74.68 -33.97
N ALA Y 173 26.04 -74.35 -34.64
CA ALA Y 173 26.15 -73.08 -35.35
C ALA Y 173 25.37 -73.12 -36.66
N THR Y 174 25.35 -74.27 -37.32
CA THR Y 174 24.57 -74.45 -38.54
C THR Y 174 23.08 -74.33 -38.25
N TYR Y 175 22.66 -74.82 -37.09
CA TYR Y 175 21.27 -74.68 -36.68
C TYR Y 175 20.90 -73.22 -36.44
N LEU Y 176 21.75 -72.49 -35.74
CA LEU Y 176 21.45 -71.08 -35.47
C LEU Y 176 21.60 -70.20 -36.70
N ALA Y 177 22.40 -70.60 -37.67
CA ALA Y 177 22.50 -69.83 -38.91
C ALA Y 177 21.21 -69.93 -39.72
N GLU Y 178 20.52 -71.06 -39.64
CA GLU Y 178 19.27 -71.24 -40.35
C GLU Y 178 18.10 -70.56 -39.65
N LEU Y 179 18.18 -70.35 -38.35
CA LEU Y 179 17.18 -69.52 -37.68
C LEU Y 179 17.39 -68.05 -37.95
N LEU Y 180 18.58 -67.66 -38.39
CA LEU Y 180 18.79 -66.28 -38.81
C LEU Y 180 18.07 -66.00 -40.11
N VAL Y 181 17.95 -67.01 -40.97
CA VAL Y 181 17.28 -66.86 -42.25
C VAL Y 181 15.77 -66.94 -42.09
N LEU Y 182 15.28 -67.69 -41.10
CA LEU Y 182 13.86 -67.65 -40.77
C LEU Y 182 13.44 -66.26 -40.30
N ASN Y 183 14.28 -65.60 -39.53
CA ASN Y 183 13.88 -64.35 -38.90
C ASN Y 183 14.27 -63.13 -39.71
N TYR Y 184 15.27 -63.22 -40.57
CA TYR Y 184 15.78 -62.05 -41.27
C TYR Y 184 15.86 -62.21 -42.78
N GLY Y 185 15.44 -63.33 -43.32
CA GLY Y 185 15.36 -63.46 -44.76
C GLY Y 185 16.69 -63.78 -45.40
N THR Y 186 16.74 -63.58 -46.71
CA THR Y 186 17.91 -63.87 -47.52
C THR Y 186 18.59 -62.62 -48.05
N HIS Y 187 17.98 -61.46 -47.91
CA HIS Y 187 18.45 -60.22 -48.50
C HIS Y 187 18.21 -59.08 -47.53
N VAL Y 188 18.88 -57.96 -47.77
CA VAL Y 188 18.67 -56.72 -47.05
C VAL Y 188 18.31 -55.66 -48.07
N THR Y 189 17.20 -54.97 -47.87
CA THR Y 189 16.80 -53.93 -48.81
C THR Y 189 17.69 -52.72 -48.60
N THR Y 190 18.35 -52.29 -49.67
CA THR Y 190 19.21 -51.11 -49.58
C THR Y 190 18.58 -49.87 -50.19
N SER Y 191 17.59 -50.03 -51.07
CA SER Y 191 16.83 -48.87 -51.51
C SER Y 191 15.39 -49.29 -51.76
N VAL Y 192 14.47 -48.42 -51.41
CA VAL Y 192 13.05 -48.60 -51.67
C VAL Y 192 12.57 -47.41 -52.48
N ASP Y 193 11.52 -47.63 -53.25
CA ASP Y 193 10.84 -46.58 -54.00
C ASP Y 193 9.49 -46.34 -53.36
N ALA Y 194 9.31 -45.17 -52.77
CA ALA Y 194 8.07 -44.84 -52.08
C ALA Y 194 7.08 -44.24 -53.04
N GLY Y 195 5.88 -44.82 -53.10
CA GLY Y 195 4.86 -44.28 -53.96
C GLY Y 195 3.61 -45.12 -53.93
N ALA Y 196 2.78 -44.96 -54.95
CA ALA Y 196 1.53 -45.67 -55.06
C ALA Y 196 1.37 -46.22 -56.47
N ALA Y 197 0.49 -47.20 -56.63
CA ALA Y 197 0.22 -47.77 -57.93
C ALA Y 197 -1.20 -48.29 -57.97
N LEU Y 198 -1.82 -48.21 -59.14
CA LEU Y 198 -3.16 -48.73 -59.36
C LEU Y 198 -3.06 -49.70 -60.52
N ILE Y 199 -3.36 -50.97 -60.29
CA ILE Y 199 -3.03 -52.02 -61.25
C ILE Y 199 -4.31 -52.74 -61.67
N GLN Y 200 -4.46 -52.98 -62.98
CA GLN Y 200 -5.45 -53.85 -63.58
C GLN Y 200 -4.79 -55.15 -63.99
N GLU Y 201 -5.44 -56.27 -63.77
CA GLU Y 201 -4.88 -57.55 -64.19
C GLU Y 201 -6.00 -58.42 -64.73
N ASP Y 202 -6.12 -58.48 -66.05
CA ASP Y 202 -7.10 -59.33 -66.71
C ASP Y 202 -6.45 -60.62 -67.17
N HIS Y 203 -7.25 -61.67 -67.26
CA HIS Y 203 -6.84 -62.93 -67.84
C HIS Y 203 -7.74 -63.22 -69.04
N LEU Y 204 -7.13 -63.48 -70.18
CA LEU Y 204 -7.83 -63.71 -71.43
C LEU Y 204 -7.50 -65.11 -71.90
N ARG Y 205 -8.42 -65.72 -72.63
CA ARG Y 205 -8.14 -67.03 -73.22
C ARG Y 205 -7.02 -66.93 -74.24
N ALA Y 206 -6.16 -67.95 -74.28
CA ALA Y 206 -4.99 -67.89 -75.14
C ALA Y 206 -5.35 -68.02 -76.61
N SER Y 207 -6.55 -68.48 -76.93
CA SER Y 207 -7.03 -68.51 -78.30
C SER Y 207 -7.34 -67.11 -78.82
N PHE Y 208 -7.61 -66.16 -77.93
CA PHE Y 208 -7.98 -64.81 -78.34
C PHE Y 208 -6.80 -64.01 -78.86
N LEU Y 209 -5.58 -64.37 -78.48
CA LEU Y 209 -4.40 -63.64 -78.91
C LEU Y 209 -3.80 -64.18 -80.20
N GLN Y 210 -4.13 -65.41 -80.57
CA GLN Y 210 -3.50 -66.11 -81.68
C GLN Y 210 -3.90 -65.59 -83.07
N ASP Y 211 -4.54 -64.43 -83.23
CA ASP Y 211 -5.00 -64.03 -84.57
C ASP Y 211 -3.85 -63.54 -85.44
N SER Y 212 -3.18 -62.45 -85.04
CA SER Y 212 -2.05 -61.91 -85.80
C SER Y 212 -1.24 -61.00 -84.88
N GLN Y 213 -0.23 -60.35 -85.45
CA GLN Y 213 0.53 -59.32 -84.76
C GLN Y 213 -0.10 -57.94 -84.89
N SER Y 214 -1.15 -57.81 -85.68
CA SER Y 214 -1.94 -56.59 -85.72
C SER Y 214 -3.17 -56.67 -84.82
N SER Y 215 -3.62 -57.88 -84.50
CA SER Y 215 -4.64 -58.03 -83.48
C SER Y 215 -4.07 -57.75 -82.10
N ARG Y 216 -2.76 -57.97 -81.92
CA ARG Y 216 -2.12 -57.79 -80.63
C ARG Y 216 -2.16 -56.34 -80.18
N SER Y 217 -1.96 -55.42 -81.11
CA SER Y 217 -2.01 -53.99 -80.78
C SER Y 217 -3.42 -53.45 -80.64
N ALA Y 218 -4.43 -54.28 -80.83
CA ALA Y 218 -5.81 -53.91 -80.54
C ALA Y 218 -6.37 -54.58 -79.31
N VAL Y 219 -5.90 -55.80 -79.00
CA VAL Y 219 -6.14 -56.41 -77.70
C VAL Y 219 -5.53 -55.54 -76.61
N THR Y 220 -4.33 -55.02 -76.86
CA THR Y 220 -3.55 -54.31 -75.85
C THR Y 220 -4.13 -52.93 -75.56
N ALA Y 221 -4.61 -52.24 -76.59
CA ALA Y 221 -5.21 -50.92 -76.37
C ALA Y 221 -6.66 -51.01 -75.94
N SER Y 222 -7.25 -52.20 -75.95
CA SER Y 222 -8.59 -52.37 -75.42
C SER Y 222 -8.57 -52.50 -73.92
N ALA Y 223 -7.54 -53.20 -73.40
CA ALA Y 223 -7.39 -53.36 -71.97
C ALA Y 223 -7.07 -52.05 -71.28
N GLY Y 224 -6.34 -51.16 -71.94
CA GLY Y 224 -6.10 -49.85 -71.38
C GLY Y 224 -7.29 -48.95 -71.45
N LEU Y 225 -8.22 -49.22 -72.36
CA LEU Y 225 -9.44 -48.45 -72.45
C LEU Y 225 -10.44 -48.88 -71.40
N ALA Y 226 -10.52 -50.19 -71.14
CA ALA Y 226 -11.38 -50.71 -70.10
C ALA Y 226 -10.93 -50.26 -68.72
N PHE Y 227 -9.62 -50.07 -68.53
CA PHE Y 227 -9.09 -49.65 -67.25
C PHE Y 227 -9.44 -48.19 -66.96
N GLN Y 228 -9.45 -47.36 -67.98
CA GLN Y 228 -9.81 -45.97 -67.78
C GLN Y 228 -11.32 -45.81 -67.62
N ASN Y 229 -12.11 -46.71 -68.20
CA ASN Y 229 -13.54 -46.68 -67.95
C ASN Y 229 -13.85 -47.09 -66.52
N THR Y 230 -13.14 -48.09 -66.01
CA THR Y 230 -13.39 -48.62 -64.67
C THR Y 230 -13.06 -47.60 -63.59
N VAL Y 231 -12.02 -46.79 -63.80
CA VAL Y 231 -11.75 -45.77 -62.81
C VAL Y 231 -12.76 -44.63 -62.91
N ASN Y 232 -13.18 -44.26 -64.11
CA ASN Y 232 -14.01 -43.06 -64.22
C ASN Y 232 -15.50 -43.30 -64.04
N PHE Y 233 -16.05 -44.44 -64.43
CA PHE Y 233 -17.49 -44.54 -64.69
C PHE Y 233 -18.26 -45.46 -63.75
N LYS Y 234 -18.01 -45.38 -62.44
CA LYS Y 234 -19.03 -45.56 -61.38
C LYS Y 234 -19.74 -46.91 -61.38
N PHE Y 235 -19.14 -47.93 -62.03
CA PHE Y 235 -19.64 -49.29 -62.27
C PHE Y 235 -20.80 -49.32 -63.28
N GLU Y 236 -21.28 -48.15 -63.68
CA GLU Y 236 -22.41 -48.09 -64.58
C GLU Y 236 -21.96 -48.38 -66.00
N GLU Y 237 -22.93 -48.58 -66.90
CA GLU Y 237 -22.60 -48.74 -68.31
C GLU Y 237 -22.70 -47.40 -69.04
N ASN Y 238 -22.03 -46.41 -68.47
CA ASN Y 238 -21.72 -45.16 -69.13
C ASN Y 238 -20.38 -45.22 -69.84
N TYR Y 239 -19.93 -46.41 -70.20
CA TYR Y 239 -18.61 -46.60 -70.78
C TYR Y 239 -18.57 -46.08 -72.21
N THR Y 240 -17.39 -45.63 -72.60
CA THR Y 240 -17.13 -45.21 -73.98
C THR Y 240 -16.56 -46.37 -74.78
N SER Y 241 -17.37 -47.43 -74.88
CA SER Y 241 -16.98 -48.64 -75.60
C SER Y 241 -16.88 -48.35 -77.09
N GLN Y 242 -15.65 -48.32 -77.60
CA GLN Y 242 -15.38 -47.75 -78.91
C GLN Y 242 -15.67 -48.70 -80.08
N ASN Y 243 -15.66 -50.01 -79.84
CA ASN Y 243 -15.72 -50.95 -80.96
C ASN Y 243 -16.59 -52.13 -80.57
N VAL Y 244 -16.65 -53.10 -81.48
CA VAL Y 244 -17.10 -54.44 -81.16
C VAL Y 244 -15.95 -55.23 -80.55
N LEU Y 245 -14.71 -54.79 -80.81
CA LEU Y 245 -13.54 -55.44 -80.22
C LEU Y 245 -13.49 -55.25 -78.71
N THR Y 246 -14.08 -54.17 -78.19
CA THR Y 246 -14.28 -54.04 -76.76
C THR Y 246 -15.27 -55.08 -76.27
N LYS Y 247 -16.34 -55.32 -77.03
CA LYS Y 247 -17.34 -56.30 -76.63
C LYS Y 247 -16.81 -57.72 -76.78
N SER Y 248 -16.00 -57.96 -77.80
CA SER Y 248 -15.38 -59.28 -77.93
C SER Y 248 -14.28 -59.49 -76.91
N TYR Y 249 -13.69 -58.42 -76.39
CA TYR Y 249 -12.70 -58.52 -75.32
C TYR Y 249 -13.31 -59.07 -74.04
N LEU Y 250 -14.55 -58.67 -73.75
CA LEU Y 250 -15.18 -59.03 -72.50
C LEU Y 250 -15.57 -60.50 -72.48
N SER Y 251 -15.88 -61.07 -73.63
CA SER Y 251 -16.38 -62.44 -73.66
C SER Y 251 -15.25 -63.46 -73.58
N ASN Y 252 -14.03 -63.09 -73.93
CA ASN Y 252 -12.88 -63.96 -73.76
C ASN Y 252 -12.17 -63.72 -72.43
N ARG Y 253 -12.55 -62.68 -71.70
CA ARG Y 253 -11.95 -62.36 -70.42
C ARG Y 253 -12.28 -63.42 -69.39
N THR Y 254 -11.26 -63.89 -68.68
CA THR Y 254 -11.48 -64.91 -67.68
C THR Y 254 -11.59 -64.35 -66.26
N ASN Y 255 -10.67 -63.49 -65.78
CA ASN Y 255 -10.73 -63.17 -64.35
C ASN Y 255 -10.94 -61.70 -64.00
N SER Y 256 -10.08 -60.76 -64.44
CA SER Y 256 -10.18 -59.33 -64.15
C SER Y 256 -10.15 -58.85 -62.69
N ARG Y 257 -8.99 -58.88 -62.05
CA ARG Y 257 -8.81 -58.20 -60.76
C ARG Y 257 -8.36 -56.76 -60.93
N VAL Y 258 -8.77 -55.89 -60.00
CA VAL Y 258 -8.26 -54.53 -59.91
C VAL Y 258 -7.61 -54.36 -58.55
N GLN Y 259 -6.36 -53.92 -58.54
CA GLN Y 259 -5.57 -53.86 -57.31
C GLN Y 259 -5.03 -52.46 -57.10
N SER Y 260 -5.21 -51.93 -55.90
CA SER Y 260 -4.61 -50.66 -55.50
C SER Y 260 -3.51 -50.95 -54.49
N ILE Y 261 -2.34 -50.36 -54.69
CA ILE Y 261 -1.21 -50.53 -53.78
C ILE Y 261 -0.79 -49.15 -53.33
N GLY Y 262 -1.11 -48.81 -52.09
CA GLY Y 262 -0.86 -47.49 -51.59
C GLY Y 262 -1.96 -46.52 -51.95
N GLY Y 263 -1.91 -45.36 -51.35
CA GLY Y 263 -2.95 -44.39 -51.58
C GLY Y 263 -4.22 -44.72 -50.84
N VAL Y 264 -5.32 -44.16 -51.33
CA VAL Y 264 -6.65 -44.42 -50.79
C VAL Y 264 -7.19 -45.70 -51.41
N PRO Y 265 -8.13 -46.40 -50.78
CA PRO Y 265 -8.65 -47.63 -51.38
C PRO Y 265 -9.44 -47.36 -52.65
N PHE Y 266 -9.27 -48.23 -53.62
CA PHE Y 266 -9.96 -48.08 -54.89
C PHE Y 266 -11.40 -48.53 -54.79
N TYR Y 267 -12.28 -47.82 -55.48
CA TYR Y 267 -13.64 -48.22 -55.77
C TYR Y 267 -13.94 -47.78 -57.18
N PRO Y 268 -14.74 -48.53 -57.93
CA PRO Y 268 -15.01 -48.16 -59.32
C PRO Y 268 -15.82 -46.89 -59.41
N GLY Y 269 -15.19 -45.81 -59.85
CA GLY Y 269 -15.84 -44.52 -59.84
C GLY Y 269 -14.99 -43.41 -59.26
N ILE Y 270 -13.94 -43.75 -58.53
CA ILE Y 270 -13.01 -42.71 -58.08
C ILE Y 270 -12.21 -42.25 -59.28
N THR Y 271 -12.25 -40.95 -59.55
CA THR Y 271 -11.59 -40.46 -60.73
C THR Y 271 -10.07 -40.53 -60.55
N LEU Y 272 -9.35 -40.45 -61.66
CA LEU Y 272 -7.90 -40.53 -61.59
C LEU Y 272 -7.31 -39.31 -60.92
N GLN Y 273 -8.00 -38.18 -61.02
CA GLN Y 273 -7.66 -37.00 -60.24
C GLN Y 273 -7.79 -37.28 -58.74
N ALA Y 274 -8.88 -37.91 -58.33
CA ALA Y 274 -9.16 -38.05 -56.91
C ALA Y 274 -8.32 -39.16 -56.26
N TRP Y 275 -7.94 -40.17 -57.03
CA TRP Y 275 -7.04 -41.18 -56.51
C TRP Y 275 -5.65 -40.59 -56.24
N GLN Y 276 -5.22 -39.66 -57.08
CA GLN Y 276 -3.92 -39.03 -56.94
C GLN Y 276 -3.86 -37.97 -55.86
N GLN Y 277 -4.98 -37.58 -55.28
CA GLN Y 277 -4.96 -36.68 -54.15
C GLN Y 277 -4.76 -37.42 -52.84
N GLY Y 278 -5.06 -38.71 -52.81
CA GLY Y 278 -4.90 -39.50 -51.62
C GLY Y 278 -3.59 -40.21 -51.50
N ILE Y 279 -2.67 -39.97 -52.43
CA ILE Y 279 -1.35 -40.58 -52.37
C ILE Y 279 -0.52 -39.97 -51.25
N THR Y 280 -0.75 -38.70 -50.95
CA THR Y 280 -0.07 -38.01 -49.87
C THR Y 280 -0.38 -38.65 -48.52
N ASN Y 281 0.68 -39.01 -47.80
CA ASN Y 281 0.73 -39.69 -46.50
C ASN Y 281 0.28 -41.14 -46.54
N HIS Y 282 0.04 -41.71 -47.72
CA HIS Y 282 -0.21 -43.13 -47.87
C HIS Y 282 0.76 -43.62 -48.92
N LEU Y 283 2.01 -43.86 -48.54
CA LEU Y 283 3.04 -44.29 -49.46
C LEU Y 283 3.52 -45.66 -49.06
N VAL Y 284 3.76 -46.52 -50.04
CA VAL Y 284 4.25 -47.86 -49.81
C VAL Y 284 5.45 -48.09 -50.71
N ALA Y 285 6.11 -49.21 -50.51
CA ALA Y 285 7.23 -49.58 -51.36
C ALA Y 285 6.69 -50.20 -52.64
N ILE Y 286 6.82 -49.51 -53.76
CA ILE Y 286 6.44 -50.07 -55.05
C ILE Y 286 7.61 -50.66 -55.79
N ASP Y 287 8.83 -50.51 -55.28
CA ASP Y 287 9.99 -51.19 -55.83
C ASP Y 287 11.06 -51.26 -54.75
N ARG Y 288 11.95 -52.24 -54.87
CA ARG Y 288 13.03 -52.47 -53.90
C ARG Y 288 14.27 -52.91 -54.62
N SER Y 289 15.42 -52.56 -54.06
CA SER Y 289 16.70 -53.13 -54.45
C SER Y 289 17.38 -53.66 -53.21
N GLY Y 290 18.35 -54.55 -53.40
CA GLY Y 290 18.99 -55.11 -52.24
C GLY Y 290 20.30 -55.81 -52.53
N LEU Y 291 20.85 -56.41 -51.47
CA LEU Y 291 22.06 -57.20 -51.49
C LEU Y 291 21.83 -58.41 -50.61
N PRO Y 292 22.56 -59.50 -50.83
CA PRO Y 292 22.40 -60.68 -49.98
C PRO Y 292 22.82 -60.43 -48.53
N LEU Y 293 22.37 -61.33 -47.66
CA LEU Y 293 22.46 -61.09 -46.22
C LEU Y 293 23.89 -61.23 -45.73
N HIS Y 294 24.70 -62.07 -46.38
CA HIS Y 294 26.08 -62.25 -45.96
C HIS Y 294 27.01 -61.17 -46.49
N PHE Y 295 26.52 -60.26 -47.32
CA PHE Y 295 27.32 -59.12 -47.73
C PHE Y 295 27.61 -58.20 -46.54
N PHE Y 296 26.69 -58.11 -45.60
CA PHE Y 296 26.80 -57.23 -44.47
C PHE Y 296 27.41 -57.91 -43.26
N ILE Y 297 27.98 -59.09 -43.44
CA ILE Y 297 28.76 -59.72 -42.39
C ILE Y 297 30.21 -59.65 -42.80
N ASN Y 298 30.89 -58.59 -42.39
CA ASN Y 298 32.25 -58.28 -42.81
C ASN Y 298 32.94 -57.63 -41.62
N PRO Y 299 34.28 -57.54 -41.63
CA PRO Y 299 34.97 -56.94 -40.48
C PRO Y 299 34.64 -55.48 -40.21
N ASN Y 300 34.03 -54.77 -41.15
CA ASN Y 300 33.66 -53.38 -40.91
C ASN Y 300 32.40 -53.29 -40.04
N MET Y 301 31.39 -54.12 -40.31
CA MET Y 301 30.16 -54.07 -39.53
C MET Y 301 30.35 -54.64 -38.13
N LEU Y 302 31.30 -55.55 -37.96
CA LEU Y 302 31.56 -56.20 -36.68
C LEU Y 302 32.98 -55.86 -36.26
N PRO Y 303 33.19 -54.70 -35.63
CA PRO Y 303 34.56 -54.28 -35.29
C PRO Y 303 35.05 -54.86 -33.98
N ASP Y 304 34.19 -55.47 -33.18
CA ASP Y 304 34.56 -56.03 -31.89
C ASP Y 304 34.79 -57.53 -31.96
N LEU Y 305 35.05 -58.07 -33.14
CA LEU Y 305 35.37 -59.47 -33.33
C LEU Y 305 36.58 -59.58 -34.24
N PRO Y 306 37.35 -60.66 -34.14
CA PRO Y 306 38.52 -60.81 -35.01
C PRO Y 306 38.15 -61.03 -36.47
N GLY Y 307 39.13 -60.80 -37.33
CA GLY Y 307 38.99 -60.86 -38.76
C GLY Y 307 38.56 -62.19 -39.34
N PRO Y 308 39.30 -63.28 -39.10
CA PRO Y 308 38.89 -64.58 -39.64
C PRO Y 308 37.68 -65.18 -38.99
N LEU Y 309 37.24 -64.65 -37.86
CA LEU Y 309 36.07 -65.20 -37.19
C LEU Y 309 34.77 -64.62 -37.68
N VAL Y 310 34.77 -63.42 -38.25
CA VAL Y 310 33.56 -62.92 -38.91
C VAL Y 310 33.45 -63.43 -40.33
N LYS Y 311 34.49 -64.08 -40.85
CA LYS Y 311 34.40 -64.79 -42.11
C LYS Y 311 33.91 -66.21 -41.94
N LYS Y 312 33.93 -66.75 -40.73
CA LYS Y 312 33.28 -68.02 -40.47
C LYS Y 312 31.79 -67.83 -40.30
N VAL Y 313 31.39 -66.70 -39.70
CA VAL Y 313 29.98 -66.38 -39.55
C VAL Y 313 29.37 -66.05 -40.91
N SER Y 314 30.13 -65.35 -41.76
CA SER Y 314 29.64 -64.98 -43.07
C SER Y 314 29.53 -66.19 -43.99
N LYS Y 315 30.36 -67.19 -43.79
CA LYS Y 315 30.30 -68.39 -44.63
C LYS Y 315 29.23 -69.35 -44.15
N THR Y 316 28.97 -69.41 -42.85
CA THR Y 316 27.92 -70.31 -42.37
C THR Y 316 26.52 -69.75 -42.57
N VAL Y 317 26.39 -68.47 -42.90
CA VAL Y 317 25.09 -67.90 -43.26
C VAL Y 317 24.89 -67.94 -44.77
N GLU Y 318 25.96 -67.79 -45.54
CA GLU Y 318 25.89 -67.97 -46.99
C GLU Y 318 25.50 -69.39 -47.36
N THR Y 319 25.92 -70.37 -46.56
CA THR Y 319 25.55 -71.75 -46.80
C THR Y 319 24.09 -72.00 -46.43
N ALA Y 320 23.60 -71.33 -45.39
CA ALA Y 320 22.23 -71.52 -44.95
C ALA Y 320 21.24 -70.89 -45.91
N VAL Y 321 21.60 -69.77 -46.52
CA VAL Y 321 20.74 -69.14 -47.51
C VAL Y 321 20.71 -69.98 -48.79
N LYS Y 322 21.86 -70.51 -49.19
CA LYS Y 322 21.93 -71.32 -50.39
C LYS Y 322 21.21 -72.65 -50.22
N ARG Y 323 21.18 -73.17 -48.99
CA ARG Y 323 20.44 -74.40 -48.71
C ARG Y 323 18.93 -74.15 -48.78
N TYR Y 324 18.51 -72.92 -48.51
CA TYR Y 324 17.09 -72.59 -48.53
C TYR Y 324 16.55 -72.49 -49.94
N TYR Y 325 17.37 -72.04 -50.89
CA TYR Y 325 16.95 -72.02 -52.29
C TYR Y 325 16.93 -73.40 -52.90
N THR Y 326 17.80 -74.30 -52.44
CA THR Y 326 17.91 -75.62 -53.05
C THR Y 326 16.73 -76.50 -52.65
N PHE Y 327 16.25 -76.36 -51.42
CA PHE Y 327 15.16 -77.19 -50.96
C PHE Y 327 13.80 -76.72 -51.47
N ASN Y 328 13.76 -75.57 -52.13
CA ASN Y 328 12.53 -75.02 -52.69
C ASN Y 328 12.63 -74.92 -54.21
N THR Y 329 13.43 -75.78 -54.81
CA THR Y 329 13.59 -75.84 -56.26
C THR Y 329 12.97 -77.15 -56.75
N TYR Y 330 12.04 -77.04 -57.70
CA TYR Y 330 11.31 -78.18 -58.25
C TYR Y 330 11.52 -78.20 -59.76
N PRO Y 331 12.50 -78.91 -60.26
CA PRO Y 331 12.63 -79.07 -61.71
C PRO Y 331 11.56 -80.00 -62.25
N GLY Y 332 11.12 -79.71 -63.46
CA GLY Y 332 10.09 -80.51 -64.09
C GLY Y 332 9.67 -79.91 -65.41
N CYS Y 333 8.71 -80.58 -66.04
CA CYS Y 333 8.16 -80.09 -67.30
C CYS Y 333 7.21 -78.94 -67.02
N THR Y 334 7.49 -77.79 -67.62
CA THR Y 334 6.74 -76.58 -67.36
C THR Y 334 5.81 -76.19 -68.51
N ASP Y 335 5.85 -76.91 -69.63
CA ASP Y 335 4.99 -76.61 -70.76
C ASP Y 335 3.61 -77.24 -70.53
N LEU Y 336 2.58 -76.40 -70.48
CA LEU Y 336 1.24 -76.88 -70.12
C LEU Y 336 0.59 -77.70 -71.23
N ASN Y 337 1.09 -77.60 -72.46
CA ASN Y 337 0.54 -78.37 -73.56
C ASN Y 337 1.16 -79.75 -73.70
N SER Y 338 2.29 -80.01 -73.04
CA SER Y 338 2.90 -81.32 -73.09
C SER Y 338 2.07 -82.30 -72.25
N PRO Y 339 2.03 -83.57 -72.64
CA PRO Y 339 1.20 -84.54 -71.88
C PRO Y 339 1.76 -84.84 -70.50
N ASN Y 340 3.08 -84.81 -70.33
CA ASN Y 340 3.70 -85.00 -69.03
C ASN Y 340 3.98 -83.67 -68.32
N PHE Y 341 2.97 -82.83 -68.23
CA PHE Y 341 3.11 -81.52 -67.59
C PHE Y 341 3.23 -81.66 -66.08
N ASN Y 342 4.29 -81.09 -65.53
CA ASN Y 342 4.50 -81.07 -64.09
C ASN Y 342 3.97 -79.75 -63.55
N PHE Y 343 2.72 -79.77 -63.09
CA PHE Y 343 2.28 -78.77 -62.14
C PHE Y 343 3.04 -79.00 -60.85
N GLN Y 344 3.17 -77.94 -60.05
CA GLN Y 344 4.11 -77.86 -58.91
C GLN Y 344 5.54 -78.06 -59.36
N ALA Y 345 5.99 -77.25 -60.30
CA ALA Y 345 7.37 -77.22 -60.76
C ALA Y 345 7.78 -75.79 -61.05
N ASN Y 346 8.97 -75.42 -60.60
CA ASN Y 346 9.47 -74.06 -60.72
C ASN Y 346 10.39 -73.88 -61.92
N THR Y 347 11.32 -74.79 -62.10
CA THR Y 347 12.40 -74.63 -63.06
C THR Y 347 12.15 -75.53 -64.26
N ASP Y 348 12.39 -74.99 -65.46
CA ASP Y 348 12.22 -75.75 -66.68
C ASP Y 348 13.29 -76.83 -66.76
N ASP Y 349 12.86 -78.09 -66.79
CA ASP Y 349 13.79 -79.20 -66.77
C ASP Y 349 14.45 -79.45 -68.11
N GLY Y 350 13.85 -78.96 -69.19
CA GLY Y 350 14.37 -79.23 -70.52
C GLY Y 350 14.07 -80.62 -71.03
N SER Y 351 13.21 -81.37 -70.36
CA SER Y 351 12.80 -82.71 -70.78
C SER Y 351 11.28 -82.69 -70.81
N CYS Y 352 10.73 -82.24 -71.93
CA CYS Y 352 9.29 -82.12 -72.10
C CYS Y 352 8.72 -83.22 -72.96
N GLU Y 353 9.56 -84.03 -73.59
CA GLU Y 353 9.12 -85.16 -74.40
C GLU Y 353 9.87 -86.41 -73.94
N GLY Y 354 9.16 -87.31 -73.27
CA GLY Y 354 9.73 -88.55 -72.80
C GLY Y 354 9.47 -89.70 -73.76
N LYS Y 355 9.99 -90.87 -73.38
CA LYS Y 355 9.87 -92.05 -74.21
C LYS Y 355 8.98 -93.14 -73.61
N MET Y 356 8.57 -93.00 -72.35
CA MET Y 356 7.73 -93.96 -71.62
C MET Y 356 8.40 -95.34 -71.57
N THR Y 357 9.51 -95.39 -70.84
CA THR Y 357 10.23 -96.63 -70.64
C THR Y 357 9.88 -97.17 -69.25
N ASN Y 358 9.28 -98.36 -69.21
CA ASN Y 358 9.00 -99.02 -67.95
C ASN Y 358 10.26 -99.68 -67.42
N PHE Y 359 10.53 -99.52 -66.13
CA PHE Y 359 11.74 -100.01 -65.52
C PHE Y 359 11.45 -101.06 -64.46
N SER Y 360 12.50 -101.68 -63.97
CA SER Y 360 12.43 -102.78 -63.02
C SER Y 360 12.93 -102.31 -61.67
N PHE Y 361 12.10 -102.44 -60.64
CA PHE Y 361 12.46 -102.05 -59.28
C PHE Y 361 13.06 -103.26 -58.57
N GLY Y 362 14.38 -103.26 -58.41
CA GLY Y 362 15.09 -104.37 -57.85
C GLY Y 362 15.18 -104.42 -56.35
N GLY Y 363 14.51 -103.53 -55.64
CA GLY Y 363 14.45 -103.58 -54.20
C GLY Y 363 15.55 -102.77 -53.53
N VAL Y 364 15.41 -102.60 -52.23
CA VAL Y 364 16.32 -101.82 -51.41
C VAL Y 364 16.84 -102.68 -50.27
N TYR Y 365 18.05 -102.36 -49.80
CA TYR Y 365 18.58 -102.98 -48.59
C TYR Y 365 19.53 -102.00 -47.93
N GLN Y 366 19.65 -102.14 -46.61
CA GLN Y 366 20.39 -101.18 -45.80
C GLN Y 366 21.27 -101.94 -44.82
N GLU Y 367 22.56 -101.61 -44.81
CA GLU Y 367 23.48 -102.18 -43.85
C GLU Y 367 23.51 -101.32 -42.59
N CYS Y 368 24.06 -101.90 -41.52
CA CYS Y 368 24.30 -101.15 -40.29
C CYS Y 368 25.62 -101.59 -39.69
N THR Y 369 26.25 -100.66 -38.98
CA THR Y 369 27.55 -100.92 -38.35
C THR Y 369 27.60 -100.14 -37.04
N GLN Y 370 27.54 -100.87 -35.93
CA GLN Y 370 27.57 -100.26 -34.61
C GLN Y 370 28.94 -99.67 -34.34
N LEU Y 371 28.97 -98.42 -33.88
CA LEU Y 371 30.23 -97.74 -33.59
C LEU Y 371 30.51 -97.61 -32.09
N SER Y 372 29.47 -97.36 -31.29
CA SER Y 372 29.63 -97.24 -29.85
C SER Y 372 28.29 -97.52 -29.19
N GLY Y 373 28.35 -97.95 -27.93
CA GLY Y 373 27.15 -98.24 -27.18
C GLY Y 373 26.70 -99.68 -27.31
N ASN Y 374 27.65 -100.60 -27.20
CA ASN Y 374 27.34 -102.02 -27.35
C ASN Y 374 26.61 -102.55 -26.14
N ARG Y 375 25.78 -103.58 -26.39
CA ARG Y 375 25.01 -104.33 -25.39
C ARG Y 375 24.03 -103.47 -24.60
N ASP Y 376 23.65 -102.30 -25.13
CA ASP Y 376 22.73 -101.42 -24.45
C ASP Y 376 21.50 -101.09 -25.29
N VAL Y 377 21.69 -100.75 -26.57
CA VAL Y 377 20.60 -100.33 -27.43
C VAL Y 377 20.30 -101.36 -28.52
N LEU Y 378 21.35 -101.97 -29.08
CA LEU Y 378 21.32 -102.78 -30.30
C LEU Y 378 20.69 -101.98 -31.45
N LEU Y 379 21.43 -100.93 -31.83
CA LEU Y 379 21.02 -100.07 -32.94
C LEU Y 379 20.99 -100.81 -34.26
N CYS Y 380 21.84 -101.80 -34.43
CA CYS Y 380 21.98 -102.52 -35.70
C CYS Y 380 20.95 -103.65 -35.83
N GLN Y 381 19.81 -103.53 -35.16
CA GLN Y 381 18.72 -104.50 -35.28
C GLN Y 381 17.44 -103.88 -35.81
N LYS Y 382 17.06 -102.72 -35.28
CA LYS Y 382 15.91 -101.99 -35.80
C LYS Y 382 16.30 -100.97 -36.86
N LEU Y 383 17.50 -101.08 -37.42
CA LEU Y 383 17.98 -100.18 -38.45
C LEU Y 383 18.55 -100.97 -39.63
N GLU Y 384 18.19 -102.23 -39.74
CA GLU Y 384 18.76 -103.15 -40.71
C GLU Y 384 17.63 -103.69 -41.58
N GLN Y 385 17.83 -103.68 -42.90
CA GLN Y 385 16.82 -104.18 -43.82
C GLN Y 385 17.50 -104.99 -44.92
N LYS Y 386 16.93 -106.16 -45.22
CA LYS Y 386 17.43 -107.02 -46.27
C LYS Y 386 16.50 -106.97 -47.48
N ASN Y 387 17.07 -107.32 -48.63
CA ASN Y 387 16.33 -107.31 -49.88
C ASN Y 387 15.36 -108.48 -49.91
N PRO Y 388 14.06 -108.28 -50.14
CA PRO Y 388 13.13 -109.42 -50.22
C PRO Y 388 13.34 -110.31 -51.42
N LEU Y 389 14.02 -109.84 -52.46
CA LEU Y 389 14.22 -110.67 -53.64
C LEU Y 389 15.34 -111.67 -53.46
N THR Y 390 16.30 -111.40 -52.56
CA THR Y 390 17.39 -112.33 -52.30
C THR Y 390 17.45 -112.81 -50.85
N GLY Y 391 16.82 -112.11 -49.91
CA GLY Y 391 17.00 -112.43 -48.51
C GLY Y 391 18.40 -112.13 -48.01
N ASP Y 392 19.08 -111.18 -48.63
CA ASP Y 392 20.50 -110.97 -48.40
C ASP Y 392 20.80 -109.50 -48.68
N PHE Y 393 22.02 -109.09 -48.36
CA PHE Y 393 22.49 -107.74 -48.64
C PHE Y 393 23.14 -107.68 -50.03
N SER Y 394 22.34 -108.04 -51.03
CA SER Y 394 22.80 -108.08 -52.41
C SER Y 394 21.60 -107.95 -53.32
N CYS Y 395 21.87 -107.52 -54.54
CA CYS Y 395 20.86 -107.48 -55.58
C CYS Y 395 20.74 -108.85 -56.24
N PRO Y 396 19.63 -109.12 -56.96
CA PRO Y 396 19.53 -110.38 -57.70
C PRO Y 396 20.48 -110.48 -58.88
N SER Y 397 20.35 -111.57 -59.65
CA SER Y 397 21.29 -111.88 -60.71
C SER Y 397 21.21 -110.88 -61.85
N GLY Y 398 20.01 -110.39 -62.15
CA GLY Y 398 19.87 -109.39 -63.19
C GLY Y 398 20.03 -107.96 -62.75
N TYR Y 399 20.52 -107.71 -61.54
CA TYR Y 399 20.57 -106.37 -60.99
C TYR Y 399 21.97 -106.04 -60.49
N SER Y 400 22.13 -104.81 -60.01
CA SER Y 400 23.40 -104.28 -59.53
C SER Y 400 23.14 -103.23 -58.46
N PRO Y 401 23.96 -103.15 -57.42
CA PRO Y 401 23.69 -102.19 -56.34
C PRO Y 401 24.17 -100.78 -56.64
N VAL Y 402 23.38 -99.80 -56.18
CA VAL Y 402 23.73 -98.39 -56.27
C VAL Y 402 23.65 -97.80 -54.87
N HIS Y 403 24.73 -97.17 -54.43
CA HIS Y 403 24.84 -96.61 -53.08
C HIS Y 403 24.14 -95.27 -53.02
N LEU Y 404 23.11 -95.16 -52.17
CA LEU Y 404 22.40 -93.90 -52.03
C LEU Y 404 23.13 -92.94 -51.10
N LEU Y 405 23.23 -93.31 -49.84
CA LEU Y 405 23.66 -92.36 -48.82
C LEU Y 405 24.15 -93.12 -47.59
N SER Y 406 25.16 -92.55 -46.94
CA SER Y 406 25.79 -93.17 -45.79
C SER Y 406 25.98 -92.10 -44.72
N GLN Y 407 25.28 -92.23 -43.59
CA GLN Y 407 25.36 -91.27 -42.50
C GLN Y 407 25.39 -91.99 -41.17
N ILE Y 408 25.47 -91.21 -40.10
CA ILE Y 408 25.58 -91.73 -38.74
C ILE Y 408 24.26 -91.47 -38.03
N HIS Y 409 23.71 -92.51 -37.42
CA HIS Y 409 22.51 -92.37 -36.61
C HIS Y 409 22.90 -92.36 -35.13
N GLU Y 410 22.15 -91.61 -34.32
CA GLU Y 410 22.40 -91.49 -32.90
C GLU Y 410 21.13 -91.74 -32.12
N GLU Y 411 21.22 -92.56 -31.07
CA GLU Y 411 20.16 -92.68 -30.09
C GLU Y 411 20.76 -92.61 -28.69
N GLY Y 412 19.89 -92.43 -27.71
CA GLY Y 412 20.29 -92.27 -26.33
C GLY Y 412 19.80 -93.41 -25.46
N TYR Y 413 20.64 -93.83 -24.52
CA TYR Y 413 20.27 -94.83 -23.53
C TYR Y 413 20.60 -94.30 -22.14
N ASN Y 414 20.16 -95.04 -21.13
CA ASN Y 414 19.98 -94.46 -19.81
C ASN Y 414 20.36 -95.47 -18.74
N HIS Y 415 21.24 -95.07 -17.83
CA HIS Y 415 21.51 -95.83 -16.62
C HIS Y 415 20.90 -95.12 -15.42
N LEU Y 416 20.64 -95.87 -14.37
CA LEU Y 416 20.08 -95.31 -13.14
C LEU Y 416 20.65 -96.09 -11.97
N GLU Y 417 21.48 -95.43 -11.16
CA GLU Y 417 22.15 -96.06 -10.03
C GLU Y 417 21.77 -95.34 -8.76
N CYS Y 418 21.52 -96.11 -7.70
CA CYS Y 418 21.10 -95.57 -6.41
C CYS Y 418 21.78 -96.35 -5.31
N HIS Y 419 22.30 -95.64 -4.31
CA HIS Y 419 22.73 -96.29 -3.08
C HIS Y 419 22.42 -95.38 -1.90
N ARG Y 420 22.20 -96.01 -0.75
CA ARG Y 420 21.74 -95.36 0.45
C ARG Y 420 22.73 -95.61 1.58
N LYS Y 421 22.98 -94.60 2.39
CA LYS Y 421 23.96 -94.67 3.47
C LYS Y 421 23.44 -93.93 4.69
N CYS Y 422 23.57 -94.55 5.86
CA CYS Y 422 23.12 -93.96 7.11
C CYS Y 422 24.30 -93.76 8.03
N THR Y 423 24.28 -92.66 8.79
CA THR Y 423 25.40 -92.25 9.63
C THR Y 423 24.89 -91.92 11.02
N LEU Y 424 25.35 -92.67 12.03
CA LEU Y 424 24.99 -92.52 13.44
C LEU Y 424 23.49 -92.72 13.68
N LYS Y 425 22.87 -93.56 12.86
CA LYS Y 425 21.46 -94.00 12.90
C LYS Y 425 20.46 -92.89 12.64
N VAL Y 426 20.90 -91.66 12.43
CA VAL Y 426 20.07 -90.54 12.00
C VAL Y 426 20.69 -90.24 10.63
N PHE Y 427 20.22 -89.20 9.93
CA PHE Y 427 20.91 -88.59 8.80
C PHE Y 427 21.12 -89.56 7.64
N CYS Y 428 20.01 -90.06 7.11
CA CYS Y 428 20.06 -91.01 6.01
C CYS Y 428 20.33 -90.27 4.70
N LYS Y 429 21.34 -90.71 3.97
CA LYS Y 429 21.72 -90.10 2.71
C LYS Y 429 21.40 -91.06 1.56
N THR Y 430 20.73 -90.54 0.54
CA THR Y 430 20.38 -91.31 -0.64
C THR Y 430 20.73 -90.48 -1.86
N VAL Y 431 21.60 -91.00 -2.72
CA VAL Y 431 21.96 -90.34 -3.97
C VAL Y 431 21.47 -91.19 -5.14
N CYS Y 432 20.87 -90.54 -6.13
CA CYS Y 432 20.24 -91.21 -7.27
C CYS Y 432 20.82 -90.60 -8.53
N GLU Y 433 21.74 -91.30 -9.17
CA GLU Y 433 22.44 -90.80 -10.35
C GLU Y 433 21.85 -91.41 -11.61
N ASP Y 434 21.66 -90.58 -12.64
CA ASP Y 434 21.00 -90.99 -13.88
C ASP Y 434 21.81 -90.46 -15.06
N VAL Y 435 22.57 -91.35 -15.71
CA VAL Y 435 23.49 -90.97 -16.77
C VAL Y 435 22.84 -91.25 -18.11
N PHE Y 436 22.88 -90.26 -19.00
CA PHE Y 436 22.35 -90.36 -20.36
C PHE Y 436 23.52 -90.33 -21.33
N GLN Y 437 23.71 -91.42 -22.08
CA GLN Y 437 24.79 -91.51 -23.05
C GLN Y 437 24.21 -91.64 -24.45
N VAL Y 438 25.07 -91.43 -25.45
CA VAL Y 438 24.68 -91.42 -26.85
C VAL Y 438 25.32 -92.61 -27.55
N ALA Y 439 24.50 -93.45 -28.17
CA ALA Y 439 24.97 -94.60 -28.94
C ALA Y 439 24.88 -94.28 -30.42
N LYS Y 440 25.97 -94.55 -31.15
CA LYS Y 440 26.06 -94.20 -32.56
C LYS Y 440 26.08 -95.45 -33.43
N ALA Y 441 25.73 -95.26 -34.70
CA ALA Y 441 25.72 -96.35 -35.67
C ALA Y 441 25.82 -95.77 -37.07
N GLU Y 442 26.64 -96.41 -37.90
CA GLU Y 442 26.75 -96.09 -39.31
C GLU Y 442 25.76 -96.93 -40.10
N PHE Y 443 25.06 -96.32 -41.04
CA PHE Y 443 24.23 -97.06 -41.97
C PHE Y 443 24.60 -96.72 -43.39
N ARG Y 444 24.43 -97.69 -44.28
CA ARG Y 444 24.70 -97.53 -45.70
C ARG Y 444 23.51 -98.11 -46.46
N ALA Y 445 22.75 -97.27 -47.13
CA ALA Y 445 21.57 -97.67 -47.86
C ALA Y 445 21.92 -97.86 -49.33
N PHE Y 446 21.58 -99.01 -49.88
CA PHE Y 446 21.84 -99.35 -51.26
C PHE Y 446 20.53 -99.50 -52.01
N TRP Y 447 20.65 -99.70 -53.32
CA TRP Y 447 19.48 -99.73 -54.19
C TRP Y 447 19.85 -100.45 -55.47
N CYS Y 448 18.94 -101.29 -55.96
CA CYS Y 448 19.20 -102.17 -57.09
C CYS Y 448 18.69 -101.57 -58.39
N VAL Y 449 19.42 -101.83 -59.48
CA VAL Y 449 19.11 -101.27 -60.79
C VAL Y 449 19.22 -102.39 -61.82
N ALA Y 450 18.28 -102.42 -62.78
CA ALA Y 450 18.33 -103.40 -63.86
C ALA Y 450 19.50 -103.08 -64.78
N SER Y 451 20.58 -103.85 -64.67
CA SER Y 451 21.77 -103.63 -65.47
C SER Y 451 22.10 -104.80 -66.40
N SER Y 452 21.28 -105.85 -66.41
CA SER Y 452 21.50 -106.99 -67.28
C SER Y 452 20.57 -107.02 -68.48
N GLN Y 453 19.52 -106.17 -68.47
CA GLN Y 453 18.61 -105.84 -69.58
C GLN Y 453 17.65 -106.97 -69.91
N VAL Y 454 17.85 -108.16 -69.34
CA VAL Y 454 16.92 -109.27 -69.56
C VAL Y 454 16.40 -109.75 -68.21
N PRO Y 455 15.31 -109.18 -67.69
CA PRO Y 455 14.62 -109.85 -66.57
C PRO Y 455 13.46 -110.68 -67.08
N GLU Y 456 13.05 -111.67 -66.30
CA GLU Y 456 11.79 -112.36 -66.58
C GLU Y 456 10.61 -111.54 -66.10
N ASN Y 457 10.55 -111.28 -64.80
CA ASN Y 457 9.63 -110.34 -64.19
C ASN Y 457 10.42 -109.34 -63.37
N SER Y 458 9.91 -108.12 -63.28
CA SER Y 458 10.66 -107.03 -62.67
C SER Y 458 10.78 -107.22 -61.16
N GLY Y 459 9.66 -107.34 -60.47
CA GLY Y 459 9.68 -107.51 -59.04
C GLY Y 459 9.30 -106.27 -58.29
N LEU Y 460 8.49 -106.46 -57.25
CA LEU Y 460 8.20 -105.48 -56.21
C LEU Y 460 7.51 -104.23 -56.80
N LEU Y 461 6.31 -104.44 -57.32
CA LEU Y 461 5.64 -103.42 -58.13
C LEU Y 461 4.95 -102.40 -57.23
N PHE Y 462 5.74 -101.47 -56.70
CA PHE Y 462 5.32 -100.18 -56.13
C PHE Y 462 6.56 -99.36 -55.88
N GLY Y 463 6.39 -98.04 -55.85
CA GLY Y 463 7.51 -97.16 -55.63
C GLY Y 463 7.20 -95.94 -54.79
N GLY Y 464 6.13 -96.00 -53.99
CA GLY Y 464 5.71 -94.89 -53.17
C GLY Y 464 6.20 -95.01 -51.74
N LEU Y 465 6.41 -93.86 -51.11
CA LEU Y 465 7.13 -93.77 -49.86
C LEU Y 465 6.29 -93.02 -48.84
N PHE Y 466 6.62 -93.20 -47.56
CA PHE Y 466 6.15 -92.32 -46.51
C PHE Y 466 7.15 -92.32 -45.37
N SER Y 467 7.30 -91.17 -44.73
CA SER Y 467 8.27 -90.98 -43.68
C SER Y 467 7.56 -91.00 -42.33
N SER Y 468 8.31 -90.65 -41.28
CA SER Y 468 7.70 -90.36 -39.99
C SER Y 468 7.07 -88.97 -39.95
N LYS Y 469 7.30 -88.16 -40.98
CA LYS Y 469 6.69 -86.84 -41.09
C LYS Y 469 6.02 -86.63 -42.43
N SER Y 470 5.95 -87.64 -43.27
CA SER Y 470 5.34 -87.55 -44.59
C SER Y 470 4.16 -88.51 -44.67
N ILE Y 471 3.52 -88.53 -45.83
CA ILE Y 471 2.29 -89.27 -46.06
C ILE Y 471 2.39 -89.95 -47.42
N ASN Y 472 2.07 -91.24 -47.46
CA ASN Y 472 1.94 -91.94 -48.73
C ASN Y 472 0.72 -91.42 -49.47
N PRO Y 473 0.87 -90.86 -50.67
CA PRO Y 473 -0.31 -90.31 -51.36
C PRO Y 473 -1.24 -91.38 -51.92
N MET Y 474 -0.77 -92.61 -52.05
CA MET Y 474 -1.65 -93.69 -52.49
C MET Y 474 -2.52 -94.25 -51.38
N THR Y 475 -2.30 -93.83 -50.13
CA THR Y 475 -3.21 -94.14 -49.03
C THR Y 475 -3.74 -92.90 -48.32
N ASN Y 476 -3.14 -91.73 -48.56
CA ASN Y 476 -3.38 -90.48 -47.80
C ASN Y 476 -3.21 -90.70 -46.30
N ALA Y 477 -2.24 -91.54 -45.93
CA ALA Y 477 -1.95 -91.86 -44.55
C ALA Y 477 -0.54 -92.43 -44.48
N GLN Y 478 -0.11 -92.76 -43.26
CA GLN Y 478 1.17 -93.41 -43.02
C GLN Y 478 1.00 -94.93 -42.97
N SER Y 479 0.49 -95.48 -44.07
CA SER Y 479 0.18 -96.89 -44.14
C SER Y 479 0.43 -97.40 -45.54
N CYS Y 480 0.45 -98.70 -45.67
CA CYS Y 480 0.62 -99.39 -46.94
C CYS Y 480 -0.72 -99.56 -47.61
N PRO Y 481 -0.74 -99.74 -48.93
CA PRO Y 481 -2.01 -100.10 -49.59
C PRO Y 481 -2.38 -101.56 -49.36
N ALA Y 482 -3.44 -102.01 -50.02
CA ALA Y 482 -4.00 -103.35 -49.79
C ALA Y 482 -3.03 -104.43 -50.30
N GLY Y 483 -2.37 -105.11 -49.36
CA GLY Y 483 -1.50 -106.21 -49.69
C GLY Y 483 -0.06 -105.80 -49.97
N TYR Y 484 0.46 -104.89 -49.14
CA TYR Y 484 1.78 -104.31 -49.31
C TYR Y 484 2.54 -104.33 -48.00
N PHE Y 485 3.82 -104.67 -48.06
CA PHE Y 485 4.63 -104.68 -46.85
C PHE Y 485 5.76 -103.66 -46.97
N PRO Y 486 6.06 -102.92 -45.90
CA PRO Y 486 7.03 -101.83 -46.01
C PRO Y 486 8.46 -102.33 -45.82
N LEU Y 487 9.38 -101.61 -46.44
CA LEU Y 487 10.81 -101.88 -46.30
C LEU Y 487 11.45 -100.68 -45.65
N ARG Y 488 12.12 -100.89 -44.52
CA ARG Y 488 12.70 -99.78 -43.79
C ARG Y 488 13.95 -99.25 -44.48
N LEU Y 489 14.13 -97.94 -44.40
CA LEU Y 489 15.24 -97.26 -45.04
C LEU Y 489 15.67 -96.19 -44.04
N PHE Y 490 16.42 -95.17 -44.52
CA PHE Y 490 17.52 -94.48 -43.85
C PHE Y 490 17.38 -94.33 -42.34
N GLU Y 491 16.38 -93.61 -41.92
CA GLU Y 491 15.98 -93.61 -40.51
C GLU Y 491 14.49 -93.81 -40.35
N ASN Y 492 13.68 -93.27 -41.27
CA ASN Y 492 12.24 -93.31 -41.11
C ASN Y 492 11.49 -93.68 -42.38
N LEU Y 493 12.16 -93.84 -43.52
CA LEU Y 493 11.46 -94.21 -44.74
C LEU Y 493 10.97 -95.64 -44.68
N LYS Y 494 9.74 -95.83 -45.13
CA LYS Y 494 9.14 -97.16 -45.28
C LYS Y 494 8.59 -97.24 -46.69
N VAL Y 495 9.27 -98.00 -47.54
CA VAL Y 495 8.90 -98.13 -48.94
C VAL Y 495 7.94 -99.30 -49.10
N CYS Y 496 6.73 -99.02 -49.59
CA CYS Y 496 5.71 -100.03 -49.70
C CYS Y 496 5.98 -100.89 -50.94
N VAL Y 497 5.83 -102.20 -50.78
CA VAL Y 497 6.36 -103.18 -51.74
C VAL Y 497 5.43 -104.40 -51.78
N SER Y 498 5.04 -104.81 -52.98
CA SER Y 498 4.33 -106.07 -53.18
C SER Y 498 4.79 -106.69 -54.49
N GLN Y 499 4.93 -108.01 -54.50
CA GLN Y 499 5.31 -108.77 -55.69
C GLN Y 499 4.25 -109.79 -56.06
N ASP Y 500 2.98 -109.42 -55.93
CA ASP Y 500 1.88 -110.34 -56.14
C ASP Y 500 1.38 -110.38 -57.57
N TYR Y 501 1.53 -109.28 -58.32
CA TYR Y 501 1.23 -109.12 -59.75
C TYR Y 501 -0.26 -109.19 -60.10
N GLU Y 502 -1.11 -109.49 -59.13
CA GLU Y 502 -2.56 -109.51 -59.34
C GLU Y 502 -3.28 -108.55 -58.41
N LEU Y 503 -3.06 -108.65 -57.11
CA LEU Y 503 -3.62 -107.70 -56.17
C LEU Y 503 -2.73 -106.47 -55.99
N GLY Y 504 -1.53 -106.49 -56.55
CA GLY Y 504 -0.63 -105.36 -56.44
C GLY Y 504 -0.71 -104.43 -57.64
N SER Y 505 -1.25 -104.93 -58.76
CA SER Y 505 -1.32 -104.13 -59.98
C SER Y 505 -2.40 -103.07 -59.95
N ARG Y 506 -3.29 -103.07 -58.95
CA ARG Y 506 -4.23 -101.97 -58.81
C ARG Y 506 -3.54 -100.70 -58.36
N PHE Y 507 -2.55 -100.83 -57.49
CA PHE Y 507 -1.88 -99.68 -56.89
C PHE Y 507 -0.46 -99.49 -57.40
N ALA Y 508 0.02 -100.34 -58.30
CA ALA Y 508 1.40 -100.24 -58.77
C ALA Y 508 1.59 -99.01 -59.65
N VAL Y 509 2.58 -98.20 -59.30
CA VAL Y 509 2.88 -96.98 -60.04
C VAL Y 509 4.15 -97.22 -60.87
N PRO Y 510 4.32 -96.52 -61.99
CA PRO Y 510 5.59 -96.61 -62.72
C PRO Y 510 6.69 -95.94 -61.92
N PHE Y 511 7.73 -96.70 -61.61
CA PHE Y 511 8.82 -96.22 -60.77
C PHE Y 511 9.98 -95.76 -61.65
N GLY Y 512 10.67 -94.72 -61.20
CA GLY Y 512 11.71 -94.11 -62.00
C GLY Y 512 13.11 -94.19 -61.43
N GLY Y 513 13.26 -94.17 -60.12
CA GLY Y 513 14.57 -94.27 -59.51
C GLY Y 513 14.75 -93.30 -58.37
N PHE Y 514 15.76 -93.58 -57.54
CA PHE Y 514 16.16 -92.71 -56.44
C PHE Y 514 17.41 -91.94 -56.84
N PHE Y 515 17.55 -90.74 -56.28
CA PHE Y 515 18.82 -90.01 -56.33
C PHE Y 515 18.87 -89.07 -55.14
N SER Y 516 20.08 -88.65 -54.81
CA SER Y 516 20.30 -87.80 -53.65
C SER Y 516 21.26 -86.68 -54.05
N CYS Y 517 21.74 -85.93 -53.04
CA CYS Y 517 22.63 -84.82 -53.31
C CYS Y 517 24.04 -85.26 -53.68
N THR Y 518 24.37 -86.53 -53.51
CA THR Y 518 25.70 -87.05 -53.80
C THR Y 518 25.75 -88.06 -54.94
N VAL Y 519 24.65 -88.77 -55.19
CA VAL Y 519 24.64 -89.82 -56.20
C VAL Y 519 23.51 -89.53 -57.18
N GLY Y 520 23.66 -90.04 -58.41
CA GLY Y 520 22.62 -89.93 -59.40
C GLY Y 520 22.05 -91.28 -59.79
N ASN Y 521 20.84 -91.29 -60.34
CA ASN Y 521 20.36 -92.59 -60.78
C ASN Y 521 20.94 -92.96 -62.14
N PRO Y 522 21.25 -94.22 -62.37
CA PRO Y 522 21.83 -94.61 -63.66
C PRO Y 522 20.79 -94.95 -64.71
N LEU Y 523 19.54 -94.51 -64.51
CA LEU Y 523 18.46 -94.83 -65.42
C LEU Y 523 18.22 -93.72 -66.44
N VAL Y 524 19.21 -92.87 -66.66
CA VAL Y 524 19.10 -91.78 -67.61
C VAL Y 524 20.12 -91.89 -68.75
N ASP Y 525 21.33 -92.38 -68.46
CA ASP Y 525 22.39 -92.38 -69.47
C ASP Y 525 22.26 -93.53 -70.48
N PRO Y 526 21.97 -94.79 -70.07
CA PRO Y 526 21.70 -95.69 -71.19
C PRO Y 526 20.26 -95.60 -71.66
N PRO Y 535 30.13 -89.75 -63.63
CA PRO Y 535 29.09 -90.70 -63.20
C PRO Y 535 27.72 -90.37 -63.78
N SER Y 536 26.68 -90.49 -62.96
CA SER Y 536 25.31 -90.31 -63.42
C SER Y 536 24.95 -88.83 -63.45
N LEU Y 537 23.67 -88.53 -63.63
CA LEU Y 537 23.22 -87.19 -63.91
C LEU Y 537 22.33 -86.59 -62.82
N LYS Y 538 21.77 -87.42 -61.93
CA LYS Y 538 20.77 -87.08 -60.88
C LYS Y 538 19.65 -86.18 -61.38
N LYS Y 539 19.27 -86.33 -62.65
CA LYS Y 539 18.17 -85.54 -63.17
C LYS Y 539 16.82 -86.21 -62.96
N CYS Y 540 16.53 -87.24 -63.76
CA CYS Y 540 15.23 -87.91 -63.90
C CYS Y 540 15.45 -88.97 -64.96
N PRO Y 541 14.56 -89.95 -65.15
CA PRO Y 541 14.68 -90.76 -66.37
C PRO Y 541 14.22 -90.03 -67.62
N GLY Y 542 13.16 -89.22 -67.52
CA GLY Y 542 12.59 -88.58 -68.67
C GLY Y 542 11.16 -89.00 -68.88
N GLY Y 543 10.24 -88.06 -68.72
CA GLY Y 543 8.83 -88.35 -68.65
C GLY Y 543 8.31 -88.51 -67.23
N PHE Y 544 9.19 -88.91 -66.31
CA PHE Y 544 8.84 -89.03 -64.91
C PHE Y 544 8.91 -87.66 -64.24
N SER Y 545 8.58 -87.61 -62.96
CA SER Y 545 8.56 -86.36 -62.20
C SER Y 545 9.29 -86.57 -60.89
N GLN Y 546 10.19 -85.65 -60.56
CA GLN Y 546 10.89 -85.72 -59.29
C GLN Y 546 9.94 -85.41 -58.14
N HIS Y 547 10.08 -86.17 -57.06
CA HIS Y 547 9.34 -85.89 -55.86
C HIS Y 547 10.27 -86.16 -54.70
N PRO Y 548 10.27 -85.29 -53.69
CA PRO Y 548 11.22 -85.45 -52.59
C PRO Y 548 10.75 -86.45 -51.55
N ALA Y 549 11.69 -87.28 -51.12
CA ALA Y 549 11.56 -88.06 -49.89
C ALA Y 549 12.07 -87.20 -48.74
N LEU Y 550 12.37 -87.79 -47.59
CA LEU Y 550 12.81 -87.01 -46.44
C LEU Y 550 14.20 -86.41 -46.66
N ILE Y 551 14.62 -85.60 -45.70
CA ILE Y 551 15.93 -84.97 -45.70
C ILE Y 551 16.77 -85.64 -44.61
N SER Y 552 17.90 -86.21 -45.01
CA SER Y 552 18.81 -86.90 -44.09
C SER Y 552 19.96 -85.96 -43.74
N ASP Y 553 19.67 -85.06 -42.80
CA ASP Y 553 20.65 -84.15 -42.18
C ASP Y 553 21.32 -83.24 -43.21
N GLY Y 554 20.50 -82.51 -43.95
CA GLY Y 554 20.99 -81.55 -44.92
C GLY Y 554 21.03 -82.03 -46.35
N CYS Y 555 20.92 -83.34 -46.58
CA CYS Y 555 20.89 -83.90 -47.92
C CYS Y 555 19.48 -84.36 -48.25
N GLN Y 556 19.07 -84.14 -49.49
CA GLN Y 556 17.71 -84.41 -49.93
C GLN Y 556 17.69 -85.62 -50.83
N VAL Y 557 16.83 -86.58 -50.51
CA VAL Y 557 16.65 -87.79 -51.30
C VAL Y 557 15.37 -87.63 -52.12
N SER Y 558 15.45 -87.88 -53.42
CA SER Y 558 14.31 -87.69 -54.29
C SER Y 558 14.04 -88.96 -55.10
N TYR Y 559 12.78 -89.13 -55.51
CA TYR Y 559 12.38 -90.30 -56.27
C TYR Y 559 11.45 -89.90 -57.41
N CYS Y 560 11.49 -90.69 -58.48
CA CYS Y 560 10.80 -90.36 -59.72
C CYS Y 560 9.61 -91.29 -59.93
N VAL Y 561 8.53 -90.75 -60.51
CA VAL Y 561 7.28 -91.47 -60.65
C VAL Y 561 6.49 -90.77 -61.76
N LYS Y 562 5.56 -91.50 -62.38
CA LYS Y 562 4.76 -90.98 -63.50
C LYS Y 562 3.30 -91.30 -63.29
N SER Y 563 2.74 -90.95 -62.15
CA SER Y 563 1.31 -91.21 -61.96
C SER Y 563 0.47 -90.11 -62.60
N GLY Y 564 0.68 -88.87 -62.18
CA GLY Y 564 -0.27 -87.80 -62.34
C GLY Y 564 -1.03 -87.50 -61.07
N LEU Y 565 -1.13 -88.50 -60.17
CA LEU Y 565 -1.69 -88.25 -58.85
C LEU Y 565 -0.70 -87.51 -57.97
N PHE Y 566 0.59 -87.82 -58.12
CA PHE Y 566 1.62 -87.13 -57.36
C PHE Y 566 1.79 -85.68 -57.80
N THR Y 567 1.47 -85.38 -59.06
CA THR Y 567 1.78 -84.09 -59.64
C THR Y 567 0.79 -83.00 -59.20
N GLY Y 568 -0.48 -83.20 -59.51
CA GLY Y 568 -1.48 -82.15 -59.35
C GLY Y 568 -1.85 -81.89 -57.89
N GLY Y 569 -2.80 -80.98 -57.72
CA GLY Y 569 -3.25 -80.56 -56.41
C GLY Y 569 -3.29 -79.05 -56.32
N SER Y 570 -2.70 -78.50 -55.27
CA SER Y 570 -2.46 -77.07 -55.17
C SER Y 570 -0.96 -76.82 -55.11
N LEU Y 571 -0.58 -75.57 -55.27
CA LEU Y 571 0.82 -75.21 -55.16
C LEU Y 571 1.26 -75.25 -53.70
N PRO Y 572 2.35 -75.93 -53.38
CA PRO Y 572 2.76 -76.05 -51.99
C PRO Y 572 3.38 -74.76 -51.50
N PRO Y 573 3.39 -74.51 -50.19
CA PRO Y 573 4.15 -73.39 -49.66
C PRO Y 573 5.63 -73.70 -49.63
N ALA Y 574 6.41 -72.70 -49.25
CA ALA Y 574 7.85 -72.87 -49.16
C ALA Y 574 8.20 -73.70 -47.94
N ARG Y 575 9.22 -74.53 -48.07
CA ARG Y 575 9.83 -75.16 -46.90
C ARG Y 575 10.69 -74.16 -46.17
N LEU Y 576 10.30 -73.85 -44.95
CA LEU Y 576 11.03 -72.84 -44.21
C LEU Y 576 12.12 -73.51 -43.39
N PRO Y 577 13.20 -72.79 -43.07
CA PRO Y 577 14.23 -73.34 -42.17
C PRO Y 577 13.69 -73.48 -40.75
N PRO Y 578 14.40 -74.19 -39.85
CA PRO Y 578 15.61 -75.00 -39.92
C PRO Y 578 15.33 -76.35 -40.54
N PHE Y 579 16.31 -76.87 -41.25
CA PHE Y 579 16.18 -78.17 -41.90
C PHE Y 579 16.92 -79.26 -41.15
N THR Y 580 17.71 -78.89 -40.15
CA THR Y 580 18.35 -79.85 -39.26
C THR Y 580 17.80 -79.65 -37.86
N ARG Y 581 18.20 -80.52 -36.96
CA ARG Y 581 17.85 -80.45 -35.55
C ARG Y 581 19.13 -80.34 -34.74
N PRO Y 582 19.09 -79.76 -33.55
CA PRO Y 582 20.28 -79.73 -32.71
C PRO Y 582 20.62 -81.12 -32.21
N PRO Y 583 21.90 -81.47 -32.11
CA PRO Y 583 22.28 -82.86 -31.86
C PRO Y 583 22.09 -83.25 -30.40
N LEU Y 584 22.24 -84.55 -30.16
CA LEU Y 584 22.12 -85.10 -28.83
C LEU Y 584 23.42 -84.94 -28.06
N MET Y 585 23.30 -84.74 -26.76
CA MET Y 585 24.42 -84.54 -25.87
C MET Y 585 24.35 -85.52 -24.73
N SER Y 586 25.50 -85.96 -24.24
CA SER Y 586 25.54 -86.86 -23.10
C SER Y 586 25.41 -86.07 -21.80
N GLN Y 587 24.58 -86.58 -20.89
CA GLN Y 587 24.08 -85.84 -19.75
C GLN Y 587 24.30 -86.64 -18.48
N ALA Y 588 23.97 -86.03 -17.34
CA ALA Y 588 24.04 -86.67 -16.04
C ALA Y 588 23.17 -85.88 -15.08
N ALA Y 589 22.44 -86.59 -14.22
CA ALA Y 589 21.53 -85.94 -13.28
C ALA Y 589 21.55 -86.70 -11.96
N THR Y 590 21.83 -85.97 -10.88
CA THR Y 590 21.93 -86.55 -9.55
C THR Y 590 20.88 -85.94 -8.63
N ASN Y 591 20.54 -86.69 -7.58
CA ASN Y 591 19.54 -86.28 -6.58
C ASN Y 591 20.01 -86.81 -5.24
N THR Y 592 20.59 -85.94 -4.41
CA THR Y 592 20.98 -86.32 -3.06
C THR Y 592 19.92 -85.86 -2.08
N VAL Y 593 19.45 -86.77 -1.23
CA VAL Y 593 18.44 -86.49 -0.23
C VAL Y 593 19.02 -86.80 1.14
N ILE Y 594 18.92 -85.86 2.07
CA ILE Y 594 19.31 -86.06 3.46
C ILE Y 594 18.05 -86.08 4.31
N VAL Y 595 17.87 -87.13 5.09
CA VAL Y 595 16.68 -87.30 5.92
C VAL Y 595 17.15 -87.41 7.37
N THR Y 596 16.78 -86.46 8.20
CA THR Y 596 17.04 -86.58 9.63
C THR Y 596 15.89 -87.35 10.25
N ASN Y 597 16.20 -88.48 10.88
CA ASN Y 597 15.19 -89.36 11.45
C ASN Y 597 14.85 -89.00 12.88
N SER Y 598 15.22 -87.80 13.34
CA SER Y 598 15.10 -87.48 14.75
C SER Y 598 15.05 -85.98 14.96
N GLU Y 599 14.35 -85.59 16.02
CA GLU Y 599 14.57 -84.29 16.63
C GLU Y 599 15.79 -84.38 17.53
N ASN Y 600 16.12 -83.25 18.18
CA ASN Y 600 17.36 -83.08 18.96
C ASN Y 600 18.58 -83.40 18.10
N ALA Y 601 18.56 -82.89 16.87
CA ALA Y 601 19.63 -83.13 15.92
C ALA Y 601 19.68 -81.93 14.99
N ARG Y 602 20.64 -81.05 15.22
CA ARG Y 602 20.78 -79.85 14.41
C ARG Y 602 21.76 -80.11 13.26
N SER Y 603 21.73 -79.22 12.28
CA SER Y 603 22.56 -79.39 11.10
C SER Y 603 22.84 -78.01 10.49
N TRP Y 604 24.09 -77.79 10.10
CA TRP Y 604 24.48 -76.57 9.42
C TRP Y 604 25.06 -76.93 8.07
N ILE Y 605 24.68 -76.17 7.04
CA ILE Y 605 25.06 -76.48 5.67
C ILE Y 605 25.61 -75.21 5.03
N LYS Y 606 26.78 -75.33 4.40
CA LYS Y 606 27.35 -74.27 3.59
C LYS Y 606 27.34 -74.76 2.14
N ASP Y 607 26.50 -74.15 1.30
CA ASP Y 607 26.17 -74.73 0.00
C ASP Y 607 27.31 -74.60 -0.99
N SER Y 608 28.07 -73.51 -0.93
CA SER Y 608 29.21 -73.30 -1.81
C SER Y 608 30.17 -72.35 -1.12
N GLN Y 609 31.23 -71.99 -1.83
CA GLN Y 609 32.24 -71.11 -1.26
C GLN Y 609 31.76 -69.68 -1.14
N THR Y 610 30.74 -69.29 -1.91
CA THR Y 610 30.19 -67.94 -1.81
C THR Y 610 29.03 -67.85 -0.84
N HIS Y 611 28.39 -68.98 -0.52
CA HIS Y 611 27.31 -68.97 0.46
C HIS Y 611 27.86 -68.77 1.86
N GLN Y 612 26.96 -68.44 2.78
CA GLN Y 612 27.26 -68.45 4.20
C GLN Y 612 26.70 -69.72 4.83
N TRP Y 613 27.11 -69.99 6.06
CA TRP Y 613 26.59 -71.13 6.79
C TRP Y 613 25.11 -70.94 7.06
N ARG Y 614 24.36 -72.00 6.88
CA ARG Y 614 22.92 -71.97 6.86
C ARG Y 614 22.41 -73.08 7.76
N LEU Y 615 21.37 -72.79 8.52
CA LEU Y 615 20.79 -73.80 9.39
C LEU Y 615 20.02 -74.81 8.55
N GLY Y 616 20.31 -76.09 8.76
CA GLY Y 616 19.74 -77.11 7.90
C GLY Y 616 18.32 -77.49 8.26
N GLU Y 617 17.68 -78.15 7.31
CA GLU Y 617 16.30 -78.62 7.36
C GLU Y 617 16.28 -80.15 7.41
N PRO Y 618 15.18 -80.77 7.82
CA PRO Y 618 15.15 -82.24 7.89
C PRO Y 618 15.21 -82.94 6.54
N ILE Y 619 14.66 -82.36 5.47
CA ILE Y 619 14.77 -82.90 4.12
C ILE Y 619 15.43 -81.84 3.25
N GLU Y 620 16.50 -82.21 2.55
CA GLU Y 620 17.29 -81.23 1.82
C GLU Y 620 17.05 -81.22 0.31
N LEU Y 621 17.29 -82.34 -0.38
CA LEU Y 621 17.06 -82.52 -1.82
C LEU Y 621 17.85 -81.51 -2.67
N ARG Y 622 19.16 -81.73 -2.71
CA ARG Y 622 20.01 -81.08 -3.69
C ARG Y 622 19.81 -81.72 -5.07
N ARG Y 623 19.97 -80.92 -6.13
CA ARG Y 623 19.87 -81.39 -7.51
C ARG Y 623 21.00 -80.84 -8.35
N ALA Y 624 21.39 -81.59 -9.37
CA ALA Y 624 22.43 -81.17 -10.29
C ALA Y 624 22.19 -81.80 -11.65
N MET Y 625 22.44 -81.02 -12.71
CA MET Y 625 22.37 -81.52 -14.09
C MET Y 625 23.65 -81.14 -14.80
N ASN Y 626 24.37 -82.14 -15.30
CA ASN Y 626 25.68 -81.96 -15.91
C ASN Y 626 25.59 -82.35 -17.38
N VAL Y 627 25.95 -81.42 -18.27
CA VAL Y 627 25.91 -81.63 -19.70
C VAL Y 627 27.31 -81.43 -20.25
N ILE Y 628 27.72 -82.29 -21.18
CA ILE Y 628 28.96 -82.09 -21.92
C ILE Y 628 28.66 -82.09 -23.42
N HIS Y 629 29.16 -81.08 -24.12
CA HIS Y 629 28.98 -80.93 -25.56
C HIS Y 629 29.99 -81.82 -26.28
N GLY Y 630 29.50 -82.90 -26.89
CA GLY Y 630 30.35 -83.79 -27.65
C GLY Y 630 31.26 -84.65 -26.80
N ASP Z 10 2.00 -40.83 -10.57
CA ASP Z 10 2.51 -41.56 -11.73
C ASP Z 10 1.38 -42.28 -12.47
N GLU Z 11 1.74 -42.85 -13.62
CA GLU Z 11 0.77 -43.52 -14.48
C GLU Z 11 1.55 -44.46 -15.39
N VAL Z 12 1.05 -45.68 -15.57
CA VAL Z 12 1.79 -46.72 -16.27
C VAL Z 12 0.91 -47.34 -17.35
N GLY Z 13 1.55 -48.18 -18.17
CA GLY Z 13 0.81 -49.03 -19.08
C GLY Z 13 0.37 -48.32 -20.35
N VAL Z 14 -0.77 -48.78 -20.88
CA VAL Z 14 -1.28 -48.25 -22.13
C VAL Z 14 -1.82 -46.85 -21.94
N GLN Z 15 -2.38 -46.57 -20.77
CA GLN Z 15 -3.09 -45.31 -20.55
C GLN Z 15 -2.15 -44.12 -20.43
N LYS Z 16 -0.89 -44.35 -20.04
CA LYS Z 16 0.12 -43.31 -20.15
C LYS Z 16 0.37 -42.94 -21.61
N CYS Z 17 0.36 -43.92 -22.49
CA CYS Z 17 0.54 -43.66 -23.92
C CYS Z 17 -0.67 -42.95 -24.50
N LYS Z 18 -1.87 -43.30 -24.04
CA LYS Z 18 -3.07 -42.72 -24.62
C LYS Z 18 -3.28 -41.28 -24.19
N ASN Z 19 -2.80 -40.89 -23.01
CA ASN Z 19 -2.99 -39.52 -22.57
C ASN Z 19 -2.00 -38.58 -23.23
N ALA Z 20 -0.79 -39.05 -23.52
CA ALA Z 20 0.22 -38.19 -24.13
C ALA Z 20 0.01 -38.05 -25.64
N LEU Z 21 -0.61 -39.03 -26.28
CA LEU Z 21 -0.70 -39.07 -27.73
C LEU Z 21 -2.10 -38.89 -28.27
N LYS Z 22 -3.12 -39.33 -27.52
CA LYS Z 22 -4.54 -39.18 -27.86
C LYS Z 22 -4.89 -39.83 -29.20
N LEU Z 23 -4.56 -41.11 -29.32
CA LEU Z 23 -4.84 -41.86 -30.54
C LEU Z 23 -4.96 -43.33 -30.15
N PRO Z 24 -5.78 -44.12 -30.87
CA PRO Z 24 -6.09 -45.47 -30.38
C PRO Z 24 -4.95 -46.47 -30.49
N VAL Z 25 -5.20 -47.67 -30.01
CA VAL Z 25 -4.22 -48.75 -29.99
C VAL Z 25 -4.60 -49.73 -31.11
N LEU Z 26 -3.60 -50.30 -31.76
CA LEU Z 26 -3.87 -51.23 -32.85
C LEU Z 26 -4.41 -52.53 -32.26
N GLU Z 27 -5.65 -52.85 -32.60
CA GLU Z 27 -6.37 -53.93 -31.94
C GLU Z 27 -6.06 -55.31 -32.52
N VAL Z 28 -5.18 -55.42 -33.49
CA VAL Z 28 -4.91 -56.67 -34.17
C VAL Z 28 -3.46 -57.02 -33.86
N LEU Z 29 -3.24 -57.87 -32.86
CA LEU Z 29 -1.88 -58.08 -32.41
C LEU Z 29 -1.48 -59.55 -32.46
N PRO Z 30 -0.23 -59.85 -32.79
CA PRO Z 30 0.22 -61.23 -32.80
C PRO Z 30 0.74 -61.67 -31.44
N GLY Z 31 1.21 -62.90 -31.33
CA GLY Z 31 1.69 -63.41 -30.08
C GLY Z 31 0.67 -64.13 -29.23
N GLY Z 32 -0.54 -64.31 -29.71
CA GLY Z 32 -1.53 -65.07 -28.98
C GLY Z 32 -1.55 -66.51 -29.39
N GLY Z 33 -2.23 -67.33 -28.60
CA GLY Z 33 -2.40 -68.71 -28.94
C GLY Z 33 -3.44 -68.91 -30.01
N TRP Z 34 -3.37 -70.05 -30.69
CA TRP Z 34 -4.24 -70.30 -31.82
C TRP Z 34 -4.56 -71.78 -31.90
N ASP Z 35 -5.83 -72.13 -31.73
CA ASP Z 35 -6.30 -73.48 -32.00
C ASP Z 35 -6.45 -73.63 -33.50
N ASN Z 36 -5.67 -74.51 -34.09
CA ASN Z 36 -5.65 -74.65 -35.54
C ASN Z 36 -6.65 -75.66 -36.05
N LEU Z 37 -7.37 -76.35 -35.18
CA LEU Z 37 -8.49 -77.16 -35.63
C LEU Z 37 -9.78 -76.37 -35.69
N ARG Z 38 -10.01 -75.49 -34.73
CA ARG Z 38 -11.26 -74.76 -34.65
C ARG Z 38 -11.17 -73.36 -35.23
N ASN Z 39 -9.96 -72.91 -35.57
CA ASN Z 39 -9.65 -71.54 -35.98
C ASN Z 39 -10.18 -70.49 -35.00
N VAL Z 40 -9.92 -70.72 -33.71
CA VAL Z 40 -10.21 -69.74 -32.68
C VAL Z 40 -8.87 -69.36 -32.06
N ASP Z 41 -8.83 -68.20 -31.43
CA ASP Z 41 -7.62 -67.75 -30.79
C ASP Z 41 -7.72 -67.81 -29.28
N MET Z 42 -6.60 -68.15 -28.66
CA MET Z 42 -6.46 -68.58 -27.29
C MET Z 42 -5.85 -67.49 -26.43
N GLY Z 43 -5.43 -67.88 -25.24
CA GLY Z 43 -4.73 -66.97 -24.36
C GLY Z 43 -3.39 -66.52 -24.92
N ARG Z 44 -2.90 -65.44 -24.33
CA ARG Z 44 -1.75 -64.70 -24.84
C ARG Z 44 -0.46 -65.38 -24.40
N VAL Z 45 0.41 -65.70 -25.37
CA VAL Z 45 1.64 -66.44 -25.09
C VAL Z 45 2.83 -65.50 -24.93
N MET Z 46 2.90 -64.43 -25.71
CA MET Z 46 3.99 -63.47 -25.61
C MET Z 46 3.63 -62.33 -24.67
N GLU Z 47 4.60 -61.51 -24.36
CA GLU Z 47 4.41 -60.40 -23.42
C GLU Z 47 4.22 -59.11 -24.19
N LEU Z 48 3.16 -58.38 -23.86
CA LEU Z 48 2.87 -57.09 -24.49
C LEU Z 48 3.16 -55.97 -23.50
N THR Z 49 4.15 -55.15 -23.81
CA THR Z 49 4.52 -54.03 -22.98
C THR Z 49 4.37 -52.73 -23.76
N TYR Z 50 4.05 -51.66 -23.04
CA TYR Z 50 3.81 -50.34 -23.63
C TYR Z 50 4.69 -49.30 -22.97
N SER Z 51 5.97 -49.62 -22.82
CA SER Z 51 6.86 -48.75 -22.07
C SER Z 51 7.37 -47.58 -22.89
N ASN Z 52 7.57 -47.78 -24.20
CA ASN Z 52 8.30 -46.83 -25.01
C ASN Z 52 7.41 -45.92 -25.84
N CYS Z 53 6.09 -46.05 -25.72
CA CYS Z 53 5.09 -45.21 -26.39
C CYS Z 53 5.24 -45.23 -27.90
N ARG Z 54 5.52 -46.39 -28.47
CA ARG Z 54 5.73 -46.51 -29.90
C ARG Z 54 4.42 -46.36 -30.66
N THR Z 55 4.49 -45.73 -31.82
CA THR Z 55 3.37 -45.65 -32.72
C THR Z 55 3.75 -46.27 -34.05
N THR Z 56 2.76 -46.44 -34.92
CA THR Z 56 3.08 -46.79 -36.28
C THR Z 56 3.72 -45.59 -36.97
N GLU Z 57 4.39 -45.87 -38.10
CA GLU Z 57 5.19 -44.85 -38.77
C GLU Z 57 4.31 -43.75 -39.36
N ASP Z 58 3.07 -44.04 -39.70
CA ASP Z 58 2.14 -42.99 -40.10
C ASP Z 58 1.50 -42.29 -38.91
N GLY Z 59 1.72 -42.78 -37.70
CA GLY Z 59 1.31 -42.07 -36.50
C GLY Z 59 -0.17 -42.12 -36.19
N GLN Z 60 -0.79 -43.29 -36.31
CA GLN Z 60 -2.21 -43.40 -36.05
C GLN Z 60 -2.61 -44.53 -35.11
N TYR Z 61 -1.67 -45.36 -34.68
CA TYR Z 61 -1.98 -46.41 -33.72
C TYR Z 61 -0.83 -46.56 -32.77
N ILE Z 62 -1.13 -46.71 -31.48
CA ILE Z 62 -0.15 -47.12 -30.48
C ILE Z 62 0.09 -48.62 -30.62
N ILE Z 63 1.34 -49.02 -30.69
CA ILE Z 63 1.70 -50.44 -30.82
C ILE Z 63 2.62 -50.78 -29.65
N PRO Z 64 2.69 -52.06 -29.27
CA PRO Z 64 3.66 -52.47 -28.25
C PRO Z 64 5.10 -52.36 -28.74
N ASP Z 65 6.02 -52.56 -27.81
CA ASP Z 65 7.43 -52.27 -28.05
C ASP Z 65 8.13 -53.32 -28.90
N GLU Z 66 7.72 -54.57 -28.76
CA GLU Z 66 8.30 -55.73 -29.40
C GLU Z 66 7.67 -56.05 -30.75
N ILE Z 67 6.84 -55.16 -31.26
CA ILE Z 67 6.07 -55.43 -32.46
C ILE Z 67 6.37 -54.36 -33.48
N PHE Z 68 6.75 -54.77 -34.68
CA PHE Z 68 6.90 -53.85 -35.79
C PHE Z 68 5.81 -54.08 -36.81
N THR Z 69 5.42 -53.00 -37.47
CA THR Z 69 4.36 -53.05 -38.46
C THR Z 69 4.94 -52.76 -39.83
N ILE Z 70 4.27 -53.28 -40.86
CA ILE Z 70 4.64 -53.03 -42.24
C ILE Z 70 3.47 -52.33 -42.92
N PRO Z 71 3.62 -51.11 -43.38
CA PRO Z 71 2.53 -50.45 -44.10
C PRO Z 71 2.42 -50.98 -45.52
N GLN Z 72 1.36 -51.74 -45.77
CA GLN Z 72 1.06 -52.15 -47.13
C GLN Z 72 -0.43 -51.93 -47.37
N LYS Z 73 -0.76 -50.73 -47.78
CA LYS Z 73 -2.13 -50.25 -47.83
C LYS Z 73 -2.72 -50.71 -49.15
N GLN Z 74 -3.17 -51.95 -49.16
CA GLN Z 74 -3.44 -52.71 -50.36
C GLN Z 74 -4.92 -53.05 -50.42
N SER Z 75 -5.55 -52.72 -51.54
CA SER Z 75 -6.96 -52.99 -51.75
C SER Z 75 -7.09 -53.90 -52.96
N ASN Z 76 -7.93 -54.93 -52.85
CA ASN Z 76 -8.18 -55.87 -53.93
C ASN Z 76 -9.66 -55.90 -54.23
N LEU Z 77 -10.00 -55.95 -55.52
CA LEU Z 77 -11.39 -55.96 -55.93
C LEU Z 77 -11.52 -56.96 -57.06
N GLU Z 78 -12.40 -57.94 -56.90
CA GLU Z 78 -12.63 -58.96 -57.90
C GLU Z 78 -13.89 -58.63 -58.67
N MET Z 79 -13.80 -58.67 -60.00
CA MET Z 79 -14.97 -58.63 -60.85
C MET Z 79 -15.50 -60.01 -61.18
N ASN Z 80 -14.98 -61.03 -60.53
CA ASN Z 80 -15.25 -62.41 -60.84
C ASN Z 80 -15.63 -63.11 -59.55
N SER Z 81 -15.70 -64.42 -59.61
CA SER Z 81 -15.94 -65.27 -58.46
C SER Z 81 -14.87 -66.34 -58.43
N GLU Z 82 -15.01 -67.29 -57.51
CA GLU Z 82 -14.16 -68.47 -57.53
C GLU Z 82 -14.99 -69.66 -57.08
N ILE Z 83 -14.79 -70.79 -57.75
CA ILE Z 83 -15.67 -71.93 -57.62
C ILE Z 83 -14.97 -72.99 -56.78
N LEU Z 84 -15.69 -73.53 -55.79
CA LEU Z 84 -15.15 -74.51 -54.86
C LEU Z 84 -16.12 -75.68 -54.85
N GLU Z 85 -15.98 -76.60 -55.79
CA GLU Z 85 -16.96 -77.67 -55.96
C GLU Z 85 -16.68 -78.90 -55.09
N SER Z 86 -15.83 -78.78 -54.09
CA SER Z 86 -15.55 -79.86 -53.15
C SER Z 86 -15.06 -79.25 -51.84
N TRP Z 87 -15.48 -79.83 -50.73
CA TRP Z 87 -15.06 -79.32 -49.43
C TRP Z 87 -13.69 -79.84 -49.00
N ALA Z 88 -13.05 -80.70 -49.78
CA ALA Z 88 -11.73 -81.19 -49.38
C ALA Z 88 -10.68 -80.11 -49.54
N ASN Z 89 -10.65 -79.45 -50.69
CA ASN Z 89 -9.72 -78.33 -50.91
C ASN Z 89 -10.37 -77.02 -50.47
N TYR Z 90 -10.45 -76.87 -49.16
CA TYR Z 90 -11.13 -75.74 -48.54
C TYR Z 90 -10.20 -74.57 -48.29
N GLN Z 91 -10.70 -73.37 -48.59
CA GLN Z 91 -9.99 -72.12 -48.39
C GLN Z 91 -10.64 -71.40 -47.22
N SER Z 92 -9.86 -71.03 -46.21
CA SER Z 92 -10.47 -70.55 -44.99
C SER Z 92 -10.99 -69.12 -45.09
N SER Z 93 -10.36 -68.27 -45.91
CA SER Z 93 -10.64 -66.86 -46.18
C SER Z 93 -10.35 -65.91 -45.02
N THR Z 94 -9.99 -66.41 -43.85
CA THR Z 94 -9.54 -65.53 -42.78
C THR Z 94 -8.34 -66.06 -42.02
N SER Z 95 -8.00 -67.32 -42.17
CA SER Z 95 -6.84 -67.92 -41.50
C SER Z 95 -6.16 -68.88 -42.46
N TYR Z 96 -5.98 -68.43 -43.70
CA TYR Z 96 -5.56 -69.34 -44.76
C TYR Z 96 -4.10 -69.73 -44.66
N SER Z 97 -3.24 -68.81 -44.24
CA SER Z 97 -1.81 -69.08 -44.26
C SER Z 97 -1.37 -69.95 -43.10
N ILE Z 98 -2.10 -69.95 -41.99
CA ILE Z 98 -1.71 -70.77 -40.86
C ILE Z 98 -2.30 -72.17 -40.97
N ASN Z 99 -3.30 -72.38 -41.82
CA ASN Z 99 -3.82 -73.73 -42.02
C ASN Z 99 -3.06 -74.50 -43.08
N THR Z 100 -2.40 -73.83 -44.01
CA THR Z 100 -1.81 -74.49 -45.17
C THR Z 100 -0.36 -74.91 -44.93
N GLU Z 101 0.07 -74.99 -43.68
CA GLU Z 101 1.43 -75.37 -43.34
C GLU Z 101 1.72 -76.82 -43.73
N LEU Z 102 3.01 -77.11 -43.89
CA LEU Z 102 3.47 -78.45 -44.26
C LEU Z 102 3.65 -79.28 -43.00
N SER Z 103 2.76 -80.25 -42.78
CA SER Z 103 2.82 -81.08 -41.60
C SER Z 103 2.10 -82.39 -41.89
N LEU Z 104 2.03 -83.24 -40.87
CA LEU Z 104 1.31 -84.50 -40.98
C LEU Z 104 -0.19 -84.25 -41.04
N PHE Z 105 -0.67 -83.32 -40.22
CA PHE Z 105 -2.10 -83.09 -40.05
C PHE Z 105 -2.55 -81.83 -40.77
N SER Z 106 -1.98 -81.58 -41.95
CA SER Z 106 -2.38 -80.44 -42.75
C SER Z 106 -3.77 -80.62 -43.34
N LYS Z 107 -4.25 -81.85 -43.45
CA LYS Z 107 -5.59 -82.10 -43.96
C LYS Z 107 -6.67 -81.97 -42.90
N VAL Z 108 -6.30 -81.78 -41.64
CA VAL Z 108 -7.26 -81.70 -40.54
C VAL Z 108 -7.36 -80.28 -39.99
N ASN Z 109 -6.46 -79.37 -40.39
CA ASN Z 109 -6.49 -78.00 -39.90
C ASN Z 109 -7.72 -77.27 -40.40
N GLY Z 110 -8.45 -76.67 -39.47
CA GLY Z 110 -9.62 -75.91 -39.78
C GLY Z 110 -10.89 -76.70 -39.95
N LYS Z 111 -10.86 -78.02 -39.78
CA LYS Z 111 -12.00 -78.87 -40.08
C LYS Z 111 -13.02 -78.92 -38.96
N PHE Z 112 -12.85 -78.14 -37.91
CA PHE Z 112 -13.85 -78.01 -36.86
C PHE Z 112 -14.26 -76.57 -36.68
N SER Z 113 -13.89 -75.72 -37.64
CA SER Z 113 -14.28 -74.33 -37.63
C SER Z 113 -15.76 -74.21 -37.96
N THR Z 114 -16.38 -73.14 -37.47
CA THR Z 114 -17.78 -72.92 -37.80
C THR Z 114 -17.96 -72.55 -39.25
N GLU Z 115 -16.95 -71.94 -39.85
CA GLU Z 115 -17.03 -71.55 -41.25
C GLU Z 115 -16.87 -72.75 -42.18
N PHE Z 116 -16.14 -73.78 -41.75
CA PHE Z 116 -16.05 -75.00 -42.54
C PHE Z 116 -17.30 -75.86 -42.37
N GLN Z 117 -17.71 -76.07 -41.12
CA GLN Z 117 -18.83 -76.97 -40.85
C GLN Z 117 -20.15 -76.41 -41.32
N ARG Z 118 -20.23 -75.10 -41.51
CA ARG Z 118 -21.39 -74.55 -42.18
C ARG Z 118 -21.30 -74.75 -43.68
N MET Z 119 -20.10 -74.80 -44.24
CA MET Z 119 -19.99 -74.96 -45.69
C MET Z 119 -20.18 -76.41 -46.10
N LYS Z 120 -19.70 -77.35 -45.29
CA LYS Z 120 -19.80 -78.77 -45.61
C LYS Z 120 -21.24 -79.24 -45.55
N THR Z 121 -22.02 -78.73 -44.61
CA THR Z 121 -23.40 -79.15 -44.47
C THR Z 121 -24.32 -78.51 -45.49
N LEU Z 122 -23.81 -77.64 -46.37
CA LEU Z 122 -24.58 -77.09 -47.47
C LEU Z 122 -24.24 -77.72 -48.80
N GLN Z 123 -23.08 -78.35 -48.92
CA GLN Z 123 -22.74 -79.07 -50.14
C GLN Z 123 -23.20 -80.51 -50.11
N VAL Z 124 -23.54 -81.04 -48.95
CA VAL Z 124 -23.99 -82.42 -48.83
C VAL Z 124 -25.51 -82.50 -48.73
N LYS Z 125 -26.10 -81.61 -47.95
CA LYS Z 125 -27.55 -81.56 -47.80
C LYS Z 125 -28.23 -81.15 -49.09
N ASP Z 126 -27.60 -80.25 -49.85
CA ASP Z 126 -28.22 -79.66 -51.02
C ASP Z 126 -27.56 -80.06 -52.32
N GLN Z 127 -26.52 -80.91 -52.26
CA GLN Z 127 -25.75 -81.38 -53.41
C GLN Z 127 -25.20 -80.22 -54.22
N ALA Z 128 -24.52 -79.31 -53.54
CA ALA Z 128 -24.25 -77.99 -54.08
C ALA Z 128 -22.75 -77.77 -54.30
N ILE Z 129 -22.46 -76.70 -55.03
CA ILE Z 129 -21.12 -76.16 -55.18
C ILE Z 129 -21.12 -74.76 -54.59
N THR Z 130 -19.94 -74.28 -54.24
CA THR Z 130 -19.80 -73.02 -53.50
C THR Z 130 -19.01 -72.02 -54.32
N THR Z 131 -19.51 -70.81 -54.41
CA THR Z 131 -18.79 -69.70 -55.02
C THR Z 131 -18.48 -68.65 -53.96
N ARG Z 132 -17.41 -67.88 -54.17
CA ARG Z 132 -17.03 -66.84 -53.22
C ARG Z 132 -16.49 -65.61 -53.94
N VAL Z 133 -17.06 -64.45 -53.67
CA VAL Z 133 -16.57 -63.17 -54.16
C VAL Z 133 -16.20 -62.34 -52.96
N GLN Z 134 -15.08 -61.60 -53.02
CA GLN Z 134 -14.69 -60.81 -51.89
C GLN Z 134 -13.94 -59.55 -52.28
N VAL Z 135 -14.11 -58.51 -51.47
CA VAL Z 135 -13.37 -57.26 -51.56
C VAL Z 135 -12.50 -57.19 -50.32
N ARG Z 136 -11.20 -57.37 -50.48
CA ARG Z 136 -10.29 -57.42 -49.35
C ARG Z 136 -9.47 -56.15 -49.29
N ASN Z 137 -9.23 -55.66 -48.09
CA ASN Z 137 -8.58 -54.38 -47.87
C ASN Z 137 -7.53 -54.57 -46.78
N LEU Z 138 -6.33 -54.95 -47.18
CA LEU Z 138 -5.20 -55.16 -46.28
C LEU Z 138 -4.50 -53.85 -45.99
N VAL Z 139 -4.36 -53.50 -44.72
CA VAL Z 139 -3.80 -52.22 -44.32
C VAL Z 139 -2.40 -52.39 -43.71
N TYR Z 140 -2.25 -53.27 -42.73
CA TYR Z 140 -0.97 -53.49 -42.09
C TYR Z 140 -0.62 -54.96 -42.05
N THR Z 141 0.67 -55.24 -42.03
CA THR Z 141 1.20 -56.53 -41.58
C THR Z 141 1.91 -56.28 -40.26
N VAL Z 142 1.52 -57.01 -39.23
CA VAL Z 142 1.92 -56.76 -37.87
C VAL Z 142 2.68 -57.99 -37.39
N LYS Z 143 3.96 -57.86 -37.10
CA LYS Z 143 4.81 -58.99 -36.76
C LYS Z 143 5.45 -58.83 -35.39
N ILE Z 144 6.10 -59.89 -34.93
CA ILE Z 144 6.82 -59.91 -33.66
C ILE Z 144 8.32 -59.87 -33.91
N ASN Z 145 9.00 -59.05 -33.12
CA ASN Z 145 10.46 -59.03 -33.09
C ASN Z 145 10.95 -60.37 -32.55
N PRO Z 146 11.94 -61.00 -33.17
CA PRO Z 146 12.40 -62.32 -32.69
C PRO Z 146 13.05 -62.34 -31.32
N THR Z 147 13.27 -61.20 -30.66
CA THR Z 147 13.88 -61.17 -29.34
C THR Z 147 12.86 -60.88 -28.25
N LEU Z 148 11.68 -61.45 -28.38
CA LEU Z 148 10.58 -61.26 -27.45
C LEU Z 148 10.57 -62.38 -26.41
N GLU Z 149 10.02 -62.07 -25.24
CA GLU Z 149 9.92 -63.01 -24.13
C GLU Z 149 8.47 -63.41 -23.88
N LEU Z 150 8.32 -64.48 -23.11
CA LEU Z 150 7.03 -65.10 -22.85
C LEU Z 150 6.19 -64.29 -21.88
N SER Z 151 4.90 -64.62 -21.86
CA SER Z 151 3.97 -63.93 -20.99
C SER Z 151 4.15 -64.41 -19.55
N SER Z 152 3.54 -63.68 -18.62
CA SER Z 152 3.67 -64.01 -17.21
C SER Z 152 2.84 -65.24 -16.84
N GLY Z 153 1.68 -65.41 -17.46
CA GLY Z 153 0.84 -66.54 -17.18
C GLY Z 153 1.30 -67.81 -17.87
N PHE Z 154 1.82 -67.67 -19.09
CA PHE Z 154 2.26 -68.84 -19.84
C PHE Z 154 3.56 -69.41 -19.28
N ARG Z 155 4.43 -68.56 -18.75
CA ARG Z 155 5.66 -69.03 -18.14
C ARG Z 155 5.38 -69.79 -16.84
N LYS Z 156 4.36 -69.35 -16.09
CA LYS Z 156 4.01 -70.01 -14.84
C LYS Z 156 3.49 -71.42 -15.07
N GLU Z 157 2.76 -71.64 -16.15
CA GLU Z 157 2.22 -72.96 -16.39
C GLU Z 157 3.22 -73.90 -17.06
N LEU Z 158 4.28 -73.36 -17.66
CA LEU Z 158 5.38 -74.19 -18.09
C LEU Z 158 6.28 -74.57 -16.94
N LEU Z 159 6.40 -73.71 -15.94
CA LEU Z 159 7.17 -74.03 -14.75
C LEU Z 159 6.48 -75.04 -13.87
N ASP Z 160 5.16 -75.13 -13.95
CA ASP Z 160 4.44 -76.17 -13.21
C ASP Z 160 4.58 -77.53 -13.86
N ILE Z 161 4.64 -77.57 -15.20
CA ILE Z 161 5.00 -78.81 -15.88
C ILE Z 161 6.45 -79.15 -15.58
N SER Z 162 7.30 -78.12 -15.47
CA SER Z 162 8.72 -78.31 -15.21
C SER Z 162 8.97 -78.94 -13.86
N ASP Z 163 8.15 -78.62 -12.85
CA ASP Z 163 8.33 -79.18 -11.52
C ASP Z 163 7.98 -80.66 -11.49
N ARG Z 164 6.98 -81.07 -12.27
CA ARG Z 164 6.58 -82.47 -12.29
C ARG Z 164 7.58 -83.35 -13.03
N LEU Z 165 8.30 -82.80 -14.00
CA LEU Z 165 9.34 -83.59 -14.66
C LEU Z 165 10.57 -83.78 -13.77
N GLU Z 166 10.78 -82.87 -12.82
CA GLU Z 166 11.89 -83.02 -11.88
C GLU Z 166 11.63 -84.18 -10.93
N ASN Z 167 10.42 -84.26 -10.38
CA ASN Z 167 10.03 -85.21 -9.36
C ASN Z 167 9.70 -86.59 -9.91
N ASN Z 168 9.96 -86.84 -11.19
CA ASN Z 168 9.60 -88.09 -11.88
C ASN Z 168 8.10 -88.37 -11.73
N GLN Z 169 7.29 -87.39 -12.11
CA GLN Z 169 5.84 -87.52 -12.04
C GLN Z 169 5.33 -87.33 -13.46
N THR Z 170 5.35 -88.41 -14.23
CA THR Z 170 5.12 -88.33 -15.67
C THR Z 170 3.64 -88.24 -15.99
N ARG Z 171 2.80 -88.97 -15.26
CA ARG Z 171 1.37 -88.94 -15.52
C ARG Z 171 0.75 -87.61 -15.13
N MET Z 172 1.31 -86.94 -14.14
CA MET Z 172 0.77 -85.65 -13.72
C MET Z 172 1.30 -84.53 -14.58
N ALA Z 173 2.47 -84.71 -15.20
CA ALA Z 173 2.98 -83.74 -16.15
C ALA Z 173 2.27 -83.84 -17.49
N THR Z 174 1.90 -85.06 -17.89
CA THR Z 174 1.14 -85.28 -19.11
C THR Z 174 -0.24 -84.66 -19.00
N TYR Z 175 -0.83 -84.71 -17.81
CA TYR Z 175 -2.12 -84.07 -17.58
C TYR Z 175 -2.02 -82.56 -17.69
N LEU Z 176 -1.00 -81.96 -17.09
CA LEU Z 176 -0.85 -80.51 -17.15
C LEU Z 176 -0.40 -80.02 -18.52
N ALA Z 177 0.26 -80.87 -19.31
CA ALA Z 177 0.63 -80.47 -20.66
C ALA Z 177 -0.60 -80.37 -21.56
N GLU Z 178 -1.61 -81.18 -21.30
CA GLU Z 178 -2.84 -81.13 -22.07
C GLU Z 178 -3.76 -80.01 -21.66
N LEU Z 179 -3.66 -79.52 -20.43
CA LEU Z 179 -4.37 -78.31 -20.05
C LEU Z 179 -3.70 -77.06 -20.60
N LEU Z 180 -2.43 -77.16 -21.00
CA LEU Z 180 -1.78 -76.05 -21.68
C LEU Z 180 -2.35 -75.88 -23.08
N VAL Z 181 -2.76 -76.98 -23.71
CA VAL Z 181 -3.31 -76.95 -25.05
C VAL Z 181 -4.77 -76.53 -25.03
N LEU Z 182 -5.50 -76.85 -23.95
CA LEU Z 182 -6.84 -76.30 -23.77
C LEU Z 182 -6.82 -74.78 -23.66
N ASN Z 183 -5.83 -74.24 -22.97
CA ASN Z 183 -5.84 -72.83 -22.66
C ASN Z 183 -5.06 -71.99 -23.67
N TYR Z 184 -4.12 -72.58 -24.40
CA TYR Z 184 -3.26 -71.81 -25.28
C TYR Z 184 -3.20 -72.34 -26.70
N GLY Z 185 -3.93 -73.38 -27.03
CA GLY Z 185 -4.00 -73.81 -28.40
C GLY Z 185 -2.82 -74.66 -28.83
N THR Z 186 -2.68 -74.78 -30.14
CA THR Z 186 -1.64 -75.59 -30.75
C THR Z 186 -0.59 -74.76 -31.47
N HIS Z 187 -0.81 -73.47 -31.64
CA HIS Z 187 0.05 -72.60 -32.42
C HIS Z 187 0.14 -71.25 -31.76
N VAL Z 188 1.14 -70.47 -32.16
CA VAL Z 188 1.31 -69.09 -31.75
C VAL Z 188 1.33 -68.24 -33.01
N THR Z 189 0.48 -67.23 -33.06
CA THR Z 189 0.45 -66.37 -34.24
C THR Z 189 1.67 -65.46 -34.22
N THR Z 190 2.46 -65.51 -35.28
CA THR Z 190 3.63 -64.66 -35.36
C THR Z 190 3.44 -63.46 -36.28
N SER Z 191 2.48 -63.51 -37.19
CA SER Z 191 2.13 -62.32 -37.95
C SER Z 191 0.65 -62.34 -38.23
N VAL Z 192 0.03 -61.18 -38.17
CA VAL Z 192 -1.37 -60.98 -38.53
C VAL Z 192 -1.44 -59.92 -39.61
N ASP Z 193 -2.48 -60.00 -40.41
CA ASP Z 193 -2.78 -59.00 -41.44
C ASP Z 193 -4.00 -58.22 -40.99
N ALA Z 194 -3.82 -56.94 -40.69
CA ALA Z 194 -4.91 -56.12 -40.20
C ALA Z 194 -5.65 -55.48 -41.37
N GLY Z 195 -6.95 -55.67 -41.42
CA GLY Z 195 -7.74 -55.07 -42.47
C GLY Z 195 -9.18 -55.47 -42.38
N ALA Z 196 -9.89 -55.31 -43.49
CA ALA Z 196 -11.31 -55.63 -43.56
C ALA Z 196 -11.59 -56.41 -44.83
N ALA Z 197 -12.73 -57.09 -44.87
CA ALA Z 197 -13.12 -57.85 -46.03
C ALA Z 197 -14.64 -57.90 -46.10
N LEU Z 198 -15.17 -57.92 -47.31
CA LEU Z 198 -16.60 -58.06 -47.54
C LEU Z 198 -16.78 -59.26 -48.45
N ILE Z 199 -17.45 -60.30 -47.99
CA ILE Z 199 -17.46 -61.59 -48.67
C ILE Z 199 -18.89 -61.97 -49.05
N GLN Z 200 -19.06 -62.45 -50.27
CA GLN Z 200 -20.26 -63.10 -50.78
C GLN Z 200 -20.03 -64.60 -50.83
N GLU Z 201 -21.02 -65.38 -50.45
CA GLU Z 201 -20.87 -66.83 -50.53
C GLU Z 201 -22.19 -67.43 -50.98
N ASP Z 202 -22.29 -67.76 -52.26
CA ASP Z 202 -23.46 -68.41 -52.81
C ASP Z 202 -23.24 -69.92 -52.90
N HIS Z 203 -24.33 -70.66 -52.84
CA HIS Z 203 -24.32 -72.08 -53.11
C HIS Z 203 -25.23 -72.36 -54.30
N LEU Z 204 -24.70 -73.05 -55.29
CA LEU Z 204 -25.40 -73.34 -56.53
C LEU Z 204 -25.52 -74.84 -56.65
N ARG Z 205 -26.56 -75.32 -57.32
CA ARG Z 205 -26.69 -76.75 -57.58
C ARG Z 205 -25.57 -77.22 -58.50
N ALA Z 206 -25.07 -78.43 -58.23
CA ALA Z 206 -23.92 -78.94 -58.96
C ALA Z 206 -24.26 -79.29 -60.40
N SER Z 207 -25.54 -79.43 -60.73
CA SER Z 207 -25.97 -79.62 -62.10
C SER Z 207 -25.80 -78.37 -62.94
N PHE Z 208 -25.79 -77.20 -62.30
CA PHE Z 208 -25.72 -75.94 -63.03
C PHE Z 208 -24.32 -75.66 -63.58
N LEU Z 209 -23.28 -76.28 -63.02
CA LEU Z 209 -21.93 -76.05 -63.47
C LEU Z 209 -21.50 -77.04 -64.56
N GLN Z 210 -22.18 -78.16 -64.68
CA GLN Z 210 -21.77 -79.26 -65.55
C GLN Z 210 -21.95 -78.98 -67.05
N ASP Z 211 -22.20 -77.75 -67.54
CA ASP Z 211 -22.47 -77.54 -68.95
C ASP Z 211 -21.20 -77.65 -69.79
N SER Z 212 -20.24 -76.75 -69.57
CA SER Z 212 -18.98 -76.76 -70.31
C SER Z 212 -17.96 -75.94 -69.53
N GLN Z 213 -16.78 -75.78 -70.13
CA GLN Z 213 -15.75 -74.89 -69.61
C GLN Z 213 -15.90 -73.46 -70.09
N SER Z 214 -16.84 -73.20 -71.00
CA SER Z 214 -17.22 -71.85 -71.37
C SER Z 214 -18.42 -71.34 -70.59
N SER Z 215 -19.23 -72.26 -70.07
CA SER Z 215 -20.28 -71.86 -69.14
C SER Z 215 -19.70 -71.44 -67.80
N ARG Z 216 -18.53 -72.00 -67.46
CA ARG Z 216 -17.89 -71.72 -66.17
C ARG Z 216 -17.48 -70.26 -66.06
N SER Z 217 -16.98 -69.68 -67.14
CA SER Z 217 -16.59 -68.28 -67.12
C SER Z 217 -17.76 -67.32 -67.25
N ALA Z 218 -18.98 -67.83 -67.35
CA ALA Z 218 -20.18 -67.00 -67.28
C ALA Z 218 -20.96 -67.18 -65.99
N VAL Z 219 -20.89 -68.37 -65.39
CA VAL Z 219 -21.34 -68.55 -64.02
C VAL Z 219 -20.53 -67.68 -63.08
N THR Z 220 -19.22 -67.62 -63.32
CA THR Z 220 -18.28 -66.96 -62.42
C THR Z 220 -18.41 -65.44 -62.49
N ALA Z 221 -18.63 -64.88 -63.68
CA ALA Z 221 -18.78 -63.44 -63.81
C ALA Z 221 -20.20 -62.99 -63.52
N SER Z 222 -21.13 -63.93 -63.34
CA SER Z 222 -22.48 -63.57 -62.91
C SER Z 222 -22.53 -63.34 -61.41
N ALA Z 223 -21.80 -64.16 -60.66
CA ALA Z 223 -21.73 -64.03 -59.22
C ALA Z 223 -21.03 -62.75 -58.79
N GLY Z 224 -20.05 -62.30 -59.57
CA GLY Z 224 -19.42 -61.03 -59.27
C GLY Z 224 -20.28 -59.85 -59.65
N LEU Z 225 -21.22 -60.04 -60.57
CA LEU Z 225 -22.13 -58.98 -60.94
C LEU Z 225 -23.25 -58.84 -59.92
N ALA Z 226 -23.74 -59.96 -59.41
CA ALA Z 226 -24.75 -59.94 -58.36
C ALA Z 226 -24.21 -59.35 -57.07
N PHE Z 227 -22.92 -59.52 -56.80
CA PHE Z 227 -22.31 -58.98 -55.60
C PHE Z 227 -22.20 -57.47 -55.66
N GLN Z 228 -21.92 -56.93 -56.83
CA GLN Z 228 -21.84 -55.48 -56.97
C GLN Z 228 -23.22 -54.85 -57.00
N ASN Z 229 -24.23 -55.58 -57.44
CA ASN Z 229 -25.59 -55.07 -57.34
C ASN Z 229 -26.05 -55.02 -55.89
N THR Z 230 -25.70 -56.05 -55.12
CA THR Z 230 -26.14 -56.15 -53.72
C THR Z 230 -25.54 -55.05 -52.87
N VAL Z 231 -24.29 -54.66 -53.14
CA VAL Z 231 -23.73 -53.56 -52.36
C VAL Z 231 -24.33 -52.23 -52.81
N ASN Z 232 -24.59 -52.04 -54.09
CA ASN Z 232 -25.00 -50.71 -54.54
C ASN Z 232 -26.49 -50.45 -54.46
N PHE Z 233 -27.37 -51.43 -54.65
CA PHE Z 233 -28.75 -51.15 -55.01
C PHE Z 233 -29.80 -51.56 -53.97
N LYS Z 234 -29.57 -51.25 -52.71
CA LYS Z 234 -30.62 -50.86 -51.74
C LYS Z 234 -31.72 -51.90 -51.51
N PHE Z 235 -31.45 -53.17 -51.86
CA PHE Z 235 -32.35 -54.34 -51.86
C PHE Z 235 -33.42 -54.26 -52.95
N GLU Z 236 -33.52 -53.13 -53.64
CA GLU Z 236 -34.54 -52.94 -54.63
C GLU Z 236 -34.16 -53.68 -55.90
N GLU Z 237 -35.12 -53.79 -56.82
CA GLU Z 237 -34.82 -54.34 -58.14
C GLU Z 237 -34.49 -53.25 -59.14
N ASN Z 238 -33.54 -52.41 -58.73
CA ASN Z 238 -32.84 -51.49 -59.61
C ASN Z 238 -31.57 -52.12 -60.16
N TYR Z 239 -31.52 -53.44 -60.22
CA TYR Z 239 -30.31 -54.14 -60.60
C TYR Z 239 -30.06 -54.01 -62.10
N THR Z 240 -28.78 -54.03 -62.47
CA THR Z 240 -28.39 -54.04 -63.86
C THR Z 240 -28.17 -55.48 -64.33
N SER Z 241 -29.28 -56.25 -64.29
CA SER Z 241 -29.27 -57.64 -64.70
C SER Z 241 -29.04 -57.75 -66.20
N GLN Z 242 -27.86 -58.22 -66.58
CA GLN Z 242 -27.38 -58.08 -67.95
C GLN Z 242 -27.92 -59.13 -68.90
N ASN Z 243 -28.34 -60.29 -68.40
CA ASN Z 243 -28.65 -61.41 -69.28
C ASN Z 243 -29.86 -62.15 -68.74
N VAL Z 244 -30.20 -63.24 -69.42
CA VAL Z 244 -31.06 -64.28 -68.87
C VAL Z 244 -30.22 -65.21 -68.00
N LEU Z 245 -28.90 -65.23 -68.21
CA LEU Z 245 -28.00 -66.04 -67.39
C LEU Z 245 -27.93 -65.52 -65.96
N THR Z 246 -28.17 -64.23 -65.75
CA THR Z 246 -28.36 -63.72 -64.40
C THR Z 246 -29.64 -64.27 -63.79
N LYS Z 247 -30.71 -64.34 -64.59
CA LYS Z 247 -31.98 -64.86 -64.09
C LYS Z 247 -31.91 -66.37 -63.88
N SER Z 248 -31.19 -67.08 -64.75
CA SER Z 248 -31.02 -68.51 -64.52
C SER Z 248 -30.07 -68.80 -63.38
N TYR Z 249 -29.18 -67.85 -63.05
CA TYR Z 249 -28.30 -68.01 -61.89
C TYR Z 249 -29.09 -68.02 -60.59
N LEU Z 250 -30.15 -67.21 -60.52
CA LEU Z 250 -30.89 -67.08 -59.28
C LEU Z 250 -31.72 -68.32 -58.99
N SER Z 251 -32.16 -69.01 -60.01
CA SER Z 251 -33.05 -70.14 -59.80
C SER Z 251 -32.32 -71.41 -59.40
N ASN Z 252 -31.03 -71.51 -59.70
CA ASN Z 252 -30.21 -72.61 -59.22
C ASN Z 252 -29.50 -72.30 -57.92
N ARG Z 253 -29.56 -71.04 -57.48
CA ARG Z 253 -28.91 -70.63 -56.24
C ARG Z 253 -29.60 -71.27 -55.04
N THR Z 254 -28.79 -71.85 -54.16
CA THR Z 254 -29.33 -72.50 -52.97
C THR Z 254 -29.31 -71.61 -51.73
N ASN Z 255 -28.19 -70.98 -51.35
CA ASN Z 255 -28.17 -70.33 -50.05
C ASN Z 255 -27.92 -68.82 -50.04
N SER Z 256 -26.81 -68.32 -50.58
CA SER Z 256 -26.45 -66.88 -50.62
C SER Z 256 -26.32 -66.12 -49.30
N ARG Z 257 -25.24 -66.33 -48.56
CA ARG Z 257 -24.90 -65.48 -47.42
C ARG Z 257 -24.01 -64.31 -47.86
N VAL Z 258 -24.15 -63.17 -47.18
CA VAL Z 258 -23.25 -62.04 -47.33
C VAL Z 258 -22.61 -61.75 -45.99
N GLN Z 259 -21.28 -61.71 -45.94
CA GLN Z 259 -20.54 -61.60 -44.69
C GLN Z 259 -19.59 -60.42 -44.73
N SER Z 260 -19.63 -59.60 -43.70
CA SER Z 260 -18.68 -58.51 -43.51
C SER Z 260 -17.75 -58.87 -42.37
N ILE Z 261 -16.46 -58.73 -42.58
CA ILE Z 261 -15.46 -59.01 -41.55
C ILE Z 261 -14.64 -57.74 -41.36
N GLY Z 262 -14.87 -57.05 -40.27
CA GLY Z 262 -14.23 -55.78 -40.03
C GLY Z 262 -14.97 -54.64 -40.70
N GLY Z 263 -14.57 -53.44 -40.36
CA GLY Z 263 -15.24 -52.28 -40.89
C GLY Z 263 -16.58 -52.04 -40.23
N VAL Z 264 -17.43 -51.30 -40.93
CA VAL Z 264 -18.79 -51.02 -40.47
C VAL Z 264 -19.68 -52.19 -40.86
N PRO Z 265 -20.81 -52.42 -40.18
CA PRO Z 265 -21.68 -53.54 -40.56
C PRO Z 265 -22.31 -53.34 -41.92
N PHE Z 266 -22.40 -54.44 -42.66
CA PHE Z 266 -22.96 -54.39 -44.00
C PHE Z 266 -24.48 -54.35 -43.95
N TYR Z 267 -25.06 -53.59 -44.86
CA TYR Z 267 -26.48 -53.62 -45.18
C TYR Z 267 -26.59 -53.45 -46.69
N PRO Z 268 -27.57 -54.08 -47.32
CA PRO Z 268 -27.67 -53.98 -48.78
C PRO Z 268 -28.04 -52.58 -49.22
N GLY Z 269 -27.09 -51.88 -49.81
CA GLY Z 269 -27.32 -50.49 -50.14
C GLY Z 269 -26.18 -49.58 -49.73
N ILE Z 270 -25.29 -50.04 -48.84
CA ILE Z 270 -24.11 -49.25 -48.54
C ILE Z 270 -23.17 -49.34 -49.74
N THR Z 271 -22.79 -48.20 -50.28
CA THR Z 271 -21.97 -48.22 -51.47
C THR Z 271 -20.56 -48.68 -51.13
N LEU Z 272 -19.83 -49.09 -52.16
CA LEU Z 272 -18.48 -49.58 -51.94
C LEU Z 272 -17.56 -48.47 -51.48
N GLN Z 273 -17.85 -47.24 -51.89
CA GLN Z 273 -17.18 -46.07 -51.34
C GLN Z 273 -17.43 -45.93 -49.85
N ALA Z 274 -18.67 -46.10 -49.41
CA ALA Z 274 -19.01 -45.81 -48.03
C ALA Z 274 -18.59 -46.94 -47.09
N TRP Z 275 -18.52 -48.17 -47.58
CA TRP Z 275 -17.99 -49.26 -46.77
C TRP Z 275 -16.50 -49.06 -46.50
N GLN Z 276 -15.78 -48.51 -47.47
CA GLN Z 276 -14.35 -48.29 -47.35
C GLN Z 276 -13.99 -47.08 -46.51
N GLN Z 277 -14.95 -46.25 -46.15
CA GLN Z 277 -14.67 -45.15 -45.23
C GLN Z 277 -14.75 -45.59 -43.78
N GLY Z 278 -15.44 -46.69 -43.50
CA GLY Z 278 -15.57 -47.19 -42.15
C GLY Z 278 -14.55 -48.21 -41.77
N ILE Z 279 -13.57 -48.48 -42.63
CA ILE Z 279 -12.51 -49.43 -42.31
C ILE Z 279 -11.56 -48.85 -41.28
N THR Z 280 -11.40 -47.53 -41.28
CA THR Z 280 -10.56 -46.84 -40.31
C THR Z 280 -11.09 -47.03 -38.90
N ASN Z 281 -10.21 -47.51 -38.02
CA ASN Z 281 -10.41 -47.85 -36.60
C ASN Z 281 -11.29 -49.07 -36.37
N HIS Z 282 -11.67 -49.80 -37.42
CA HIS Z 282 -12.35 -51.08 -37.28
C HIS Z 282 -11.55 -52.07 -38.11
N LEU Z 283 -10.45 -52.56 -37.57
CA LEU Z 283 -9.58 -53.49 -38.27
C LEU Z 283 -9.56 -54.81 -37.54
N VAL Z 284 -9.59 -55.91 -38.29
CA VAL Z 284 -9.54 -57.24 -37.72
C VAL Z 284 -8.44 -58.01 -38.44
N ALA Z 285 -8.17 -59.21 -37.94
CA ALA Z 285 -7.20 -60.08 -38.59
C ALA Z 285 -7.89 -60.80 -39.74
N ILE Z 286 -7.51 -60.45 -40.96
CA ILE Z 286 -8.02 -61.15 -42.13
C ILE Z 286 -7.07 -62.23 -42.62
N ASP Z 287 -5.88 -62.33 -42.04
CA ASP Z 287 -4.97 -63.44 -42.30
C ASP Z 287 -4.02 -63.56 -41.14
N ARG Z 288 -3.46 -64.76 -40.96
CA ARG Z 288 -2.55 -65.08 -39.87
C ARG Z 288 -1.48 -66.03 -40.35
N SER Z 289 -0.30 -65.91 -39.76
CA SER Z 289 0.75 -66.92 -39.90
C SER Z 289 1.20 -67.32 -38.51
N GLY Z 290 1.85 -68.47 -38.42
CA GLY Z 290 2.25 -68.91 -37.10
C GLY Z 290 3.28 -70.01 -37.11
N LEU Z 291 3.58 -70.49 -35.91
CA LEU Z 291 4.50 -71.58 -35.63
C LEU Z 291 3.87 -72.44 -34.54
N PRO Z 292 4.23 -73.70 -34.45
CA PRO Z 292 3.68 -74.55 -33.38
C PRO Z 292 4.12 -74.11 -32.00
N LEU Z 293 3.39 -74.60 -30.99
CA LEU Z 293 3.52 -74.07 -29.65
C LEU Z 293 4.81 -74.52 -28.99
N HIS Z 294 5.34 -75.69 -29.37
CA HIS Z 294 6.58 -76.17 -28.80
C HIS Z 294 7.82 -75.58 -29.44
N PHE Z 295 7.66 -74.78 -30.49
CA PHE Z 295 8.78 -74.05 -31.05
C PHE Z 295 9.32 -73.02 -30.07
N PHE Z 296 8.45 -72.44 -29.27
CA PHE Z 296 8.80 -71.38 -28.34
C PHE Z 296 9.14 -71.91 -26.96
N ILE Z 297 9.31 -73.22 -26.83
CA ILE Z 297 9.82 -73.80 -25.59
C ILE Z 297 11.24 -74.26 -25.87
N ASN Z 298 12.21 -73.38 -25.63
CA ASN Z 298 13.59 -73.60 -25.97
C ASN Z 298 14.43 -72.93 -24.89
N PRO Z 299 15.73 -73.25 -24.79
CA PRO Z 299 16.54 -72.63 -23.73
C PRO Z 299 16.69 -71.12 -23.82
N ASN Z 300 16.35 -70.50 -24.94
CA ASN Z 300 16.42 -69.05 -25.05
C ASN Z 300 15.24 -68.38 -24.34
N MET Z 301 14.03 -68.91 -24.52
CA MET Z 301 12.85 -68.32 -23.89
C MET Z 301 12.81 -68.58 -22.40
N LEU Z 302 13.42 -69.65 -21.94
CA LEU Z 302 13.44 -70.04 -20.53
C LEU Z 302 14.88 -70.05 -20.06
N PRO Z 303 15.42 -68.90 -19.67
CA PRO Z 303 16.84 -68.83 -19.29
C PRO Z 303 17.10 -69.20 -17.85
N ASP Z 304 16.07 -69.33 -17.02
CA ASP Z 304 16.22 -69.66 -15.62
C ASP Z 304 15.96 -71.14 -15.33
N LEU Z 305 16.07 -71.98 -16.35
CA LEU Z 305 15.93 -73.43 -16.21
C LEU Z 305 17.08 -74.09 -16.95
N PRO Z 306 17.47 -75.31 -16.54
CA PRO Z 306 18.56 -75.99 -17.24
C PRO Z 306 18.17 -76.42 -18.65
N GLY Z 307 19.20 -76.70 -19.44
CA GLY Z 307 19.09 -77.06 -20.83
C GLY Z 307 18.27 -78.30 -21.14
N PRO Z 308 18.63 -79.46 -20.61
CA PRO Z 308 17.86 -80.67 -20.90
C PRO Z 308 16.50 -80.71 -20.26
N LEU Z 309 16.21 -79.82 -19.32
CA LEU Z 309 14.93 -79.83 -18.66
C LEU Z 309 13.88 -79.03 -19.40
N VAL Z 310 14.27 -78.04 -20.20
CA VAL Z 310 13.30 -77.37 -21.07
C VAL Z 310 13.06 -78.14 -22.35
N LYS Z 311 13.86 -79.18 -22.61
CA LYS Z 311 13.59 -80.10 -23.70
C LYS Z 311 12.67 -81.24 -23.27
N LYS Z 312 12.50 -81.46 -21.97
CA LYS Z 312 11.47 -82.38 -21.52
C LYS Z 312 10.11 -81.70 -21.54
N VAL Z 313 10.06 -80.41 -21.24
CA VAL Z 313 8.83 -79.66 -21.30
C VAL Z 313 8.39 -79.49 -22.75
N SER Z 314 9.35 -79.26 -23.64
CA SER Z 314 9.03 -79.09 -25.05
C SER Z 314 8.58 -80.38 -25.70
N LYS Z 315 9.05 -81.51 -25.20
CA LYS Z 315 8.64 -82.79 -25.77
C LYS Z 315 7.31 -83.26 -25.20
N THR Z 316 7.00 -82.93 -23.96
CA THR Z 316 5.73 -83.34 -23.40
C THR Z 316 4.57 -82.46 -23.85
N VAL Z 317 4.85 -81.30 -24.45
CA VAL Z 317 3.81 -80.48 -25.05
C VAL Z 317 3.64 -80.80 -26.53
N GLU Z 318 4.73 -81.16 -27.21
CA GLU Z 318 4.65 -81.65 -28.59
C GLU Z 318 3.84 -82.93 -28.68
N THR Z 319 3.92 -83.78 -27.65
CA THR Z 319 3.13 -85.00 -27.63
C THR Z 319 1.67 -84.70 -27.35
N ALA Z 320 1.38 -83.70 -26.53
CA ALA Z 320 0.00 -83.37 -26.20
C ALA Z 320 -0.72 -82.70 -27.36
N VAL Z 321 -0.01 -81.92 -28.16
CA VAL Z 321 -0.60 -81.31 -29.35
C VAL Z 321 -0.85 -82.37 -30.40
N LYS Z 322 0.08 -83.30 -30.57
CA LYS Z 322 -0.08 -84.36 -31.55
C LYS Z 322 -1.18 -85.34 -31.17
N ARG Z 323 -1.41 -85.52 -29.88
CA ARG Z 323 -2.50 -86.36 -29.42
C ARG Z 323 -3.85 -85.70 -29.67
N TYR Z 324 -3.87 -84.38 -29.72
CA TYR Z 324 -5.12 -83.65 -29.94
C TYR Z 324 -5.56 -83.73 -31.39
N TYR Z 325 -4.62 -83.79 -32.33
CA TYR Z 325 -4.98 -83.96 -33.74
C TYR Z 325 -5.41 -85.38 -34.04
N THR Z 326 -4.87 -86.35 -33.32
CA THR Z 326 -5.17 -87.75 -33.60
C THR Z 326 -6.57 -88.12 -33.15
N PHE Z 327 -7.01 -87.56 -32.03
CA PHE Z 327 -8.33 -87.90 -31.51
C PHE Z 327 -9.45 -87.18 -32.24
N ASN Z 328 -9.12 -86.25 -33.14
CA ASN Z 328 -10.10 -85.52 -33.93
C ASN Z 328 -9.93 -85.80 -35.40
N THR Z 329 -9.42 -86.99 -35.73
CA THR Z 329 -9.26 -87.43 -37.10
C THR Z 329 -10.23 -88.56 -37.36
N TYR Z 330 -11.06 -88.40 -38.40
CA TYR Z 330 -12.09 -89.36 -38.76
C TYR Z 330 -11.86 -89.80 -40.20
N PRO Z 331 -11.15 -90.88 -40.43
CA PRO Z 331 -11.04 -91.39 -41.81
C PRO Z 331 -12.33 -92.06 -42.24
N GLY Z 332 -12.63 -91.95 -43.52
CA GLY Z 332 -13.84 -92.53 -44.06
C GLY Z 332 -14.01 -92.15 -45.50
N CYS Z 333 -15.12 -92.63 -46.06
CA CYS Z 333 -15.46 -92.32 -47.45
C CYS Z 333 -16.00 -90.90 -47.51
N THR Z 334 -15.36 -90.06 -48.32
CA THR Z 334 -15.71 -88.66 -48.41
C THR Z 334 -16.43 -88.29 -49.69
N ASP Z 335 -16.59 -89.22 -50.63
CA ASP Z 335 -17.29 -88.95 -51.87
C ASP Z 335 -18.79 -89.07 -51.64
N LEU Z 336 -19.52 -87.98 -51.88
CA LEU Z 336 -20.94 -87.94 -51.56
C LEU Z 336 -21.79 -88.76 -52.52
N ASN Z 337 -21.25 -89.11 -53.69
CA ASN Z 337 -21.98 -89.91 -54.65
C ASN Z 337 -21.83 -91.41 -54.43
N SER Z 338 -20.85 -91.82 -53.63
CA SER Z 338 -20.68 -93.23 -53.32
C SER Z 338 -21.79 -93.70 -52.38
N PRO Z 339 -22.23 -94.96 -52.49
CA PRO Z 339 -23.33 -95.42 -51.63
C PRO Z 339 -22.93 -95.54 -50.17
N ASN Z 340 -21.67 -95.87 -49.89
CA ASN Z 340 -21.18 -95.93 -48.52
C ASN Z 340 -20.51 -94.62 -48.09
N PHE Z 341 -21.21 -93.51 -48.28
CA PHE Z 341 -20.68 -92.20 -47.92
C PHE Z 341 -20.65 -92.01 -46.41
N ASN Z 342 -19.48 -91.66 -45.89
CA ASN Z 342 -19.31 -91.38 -44.47
C ASN Z 342 -19.42 -89.87 -44.29
N PHE Z 343 -20.62 -89.41 -43.96
CA PHE Z 343 -20.76 -88.14 -43.29
C PHE Z 343 -20.14 -88.27 -41.91
N GLN Z 344 -19.71 -87.14 -41.35
CA GLN Z 344 -18.83 -87.08 -40.17
C GLN Z 344 -17.51 -87.79 -40.42
N ALA Z 345 -16.82 -87.39 -41.48
CA ALA Z 345 -15.48 -87.89 -41.78
C ALA Z 345 -14.63 -86.76 -42.34
N ASN Z 346 -13.39 -86.67 -41.86
CA ASN Z 346 -12.49 -85.58 -42.22
C ASN Z 346 -11.53 -85.97 -43.34
N THR Z 347 -10.92 -87.14 -43.23
CA THR Z 347 -9.83 -87.54 -44.09
C THR Z 347 -10.32 -88.57 -45.09
N ASP Z 348 -9.89 -88.43 -46.34
CA ASP Z 348 -10.26 -89.36 -47.39
C ASP Z 348 -9.57 -90.70 -47.13
N ASP Z 349 -10.38 -91.74 -46.93
CA ASP Z 349 -9.85 -93.05 -46.57
C ASP Z 349 -9.25 -93.78 -47.77
N GLY Z 350 -9.65 -93.40 -48.98
CA GLY Z 350 -9.21 -94.12 -50.16
C GLY Z 350 -9.91 -95.44 -50.40
N SER Z 351 -10.98 -95.71 -49.66
CA SER Z 351 -11.77 -96.92 -49.82
C SER Z 351 -13.21 -96.47 -50.01
N CYS Z 352 -13.57 -96.15 -51.25
CA CYS Z 352 -14.89 -95.65 -51.57
C CYS Z 352 -15.77 -96.71 -52.23
N GLU Z 353 -15.19 -97.85 -52.59
CA GLU Z 353 -15.95 -98.95 -53.18
C GLU Z 353 -15.63 -100.22 -52.40
N GLY Z 354 -16.61 -100.69 -51.62
CA GLY Z 354 -16.46 -101.89 -50.83
C GLY Z 354 -17.04 -103.11 -51.55
N LYS Z 355 -16.93 -104.25 -50.89
CA LYS Z 355 -17.39 -105.51 -51.45
C LYS Z 355 -18.59 -106.11 -50.72
N MET Z 356 -18.97 -105.56 -49.56
CA MET Z 356 -20.08 -106.03 -48.72
C MET Z 356 -19.89 -107.50 -48.33
N THR Z 357 -18.87 -107.70 -47.50
CA THR Z 357 -18.57 -109.02 -46.96
C THR Z 357 -19.11 -109.09 -45.53
N ASN Z 358 -20.05 -109.99 -45.29
CA ASN Z 358 -20.56 -110.23 -43.95
C ASN Z 358 -19.58 -111.11 -43.18
N PHE Z 359 -19.32 -110.73 -41.93
CA PHE Z 359 -18.32 -111.40 -41.12
C PHE Z 359 -18.97 -112.03 -39.90
N SER Z 360 -18.16 -112.81 -39.18
CA SER Z 360 -18.60 -113.59 -38.02
C SER Z 360 -18.02 -112.98 -36.75
N PHE Z 361 -18.88 -112.62 -35.82
CA PHE Z 361 -18.45 -112.05 -34.54
C PHE Z 361 -18.28 -113.18 -33.54
N GLY Z 362 -17.02 -113.53 -33.26
CA GLY Z 362 -16.71 -114.65 -32.40
C GLY Z 362 -16.68 -114.37 -30.92
N GLY Z 363 -17.07 -113.17 -30.49
CA GLY Z 363 -17.17 -112.86 -29.08
C GLY Z 363 -15.88 -112.29 -28.51
N VAL Z 364 -16.01 -111.79 -27.29
CA VAL Z 364 -14.91 -111.15 -26.57
C VAL Z 364 -14.72 -111.83 -25.23
N TYR Z 365 -13.49 -111.78 -24.72
CA TYR Z 365 -13.21 -112.24 -23.37
C TYR Z 365 -12.02 -111.46 -22.83
N GLN Z 366 -11.98 -111.31 -21.51
CA GLN Z 366 -11.00 -110.47 -20.85
C GLN Z 366 -10.43 -111.20 -19.65
N GLU Z 367 -9.11 -111.27 -19.59
CA GLU Z 367 -8.43 -111.85 -18.45
C GLU Z 367 -8.16 -110.78 -17.40
N CYS Z 368 -7.85 -111.21 -16.18
CA CYS Z 368 -7.42 -110.32 -15.13
C CYS Z 368 -6.31 -110.97 -14.32
N THR Z 369 -5.44 -110.13 -13.76
CA THR Z 369 -4.31 -110.61 -12.97
C THR Z 369 -4.06 -109.62 -11.87
N GLN Z 370 -4.38 -110.00 -10.63
CA GLN Z 370 -4.19 -109.13 -9.48
C GLN Z 370 -2.71 -108.94 -9.21
N LEU Z 371 -2.29 -107.68 -9.03
CA LEU Z 371 -0.90 -107.36 -8.76
C LEU Z 371 -0.64 -106.97 -7.31
N SER Z 372 -1.56 -106.24 -6.69
CA SER Z 372 -1.41 -105.84 -5.30
C SER Z 372 -2.78 -105.55 -4.73
N GLY Z 373 -2.89 -105.67 -3.40
CA GLY Z 373 -4.15 -105.40 -2.73
C GLY Z 373 -5.02 -106.63 -2.60
N ASN Z 374 -4.42 -107.75 -2.19
CA ASN Z 374 -5.15 -109.00 -2.07
C ASN Z 374 -6.04 -108.99 -0.85
N ARG Z 375 -7.15 -109.75 -0.95
CA ARG Z 375 -8.13 -109.99 0.11
C ARG Z 375 -8.82 -108.71 0.59
N ASP Z 376 -8.79 -107.65 -0.21
CA ASP Z 376 -9.42 -106.38 0.17
C ASP Z 376 -10.45 -105.92 -0.84
N VAL Z 377 -10.13 -105.96 -2.13
CA VAL Z 377 -11.02 -105.44 -3.16
C VAL Z 377 -11.59 -106.57 -4.02
N LEU Z 378 -10.77 -107.57 -4.35
CA LEU Z 378 -11.02 -108.60 -5.36
C LEU Z 378 -11.33 -107.95 -6.71
N LEU Z 379 -10.30 -107.27 -7.23
CA LEU Z 379 -10.39 -106.61 -8.53
C LEU Z 379 -10.61 -107.59 -9.66
N CYS Z 380 -10.11 -108.82 -9.54
CA CYS Z 380 -10.17 -109.81 -10.59
C CYS Z 380 -11.50 -110.58 -10.59
N GLN Z 381 -12.57 -109.98 -10.07
CA GLN Z 381 -13.90 -110.58 -10.08
C GLN Z 381 -14.90 -109.74 -10.84
N LYS Z 382 -14.92 -108.43 -10.63
CA LYS Z 382 -15.77 -107.54 -11.40
C LYS Z 382 -15.05 -106.95 -12.61
N LEU Z 383 -13.93 -107.55 -13.01
CA LEU Z 383 -13.16 -107.09 -14.16
C LEU Z 383 -12.83 -108.26 -15.08
N GLU Z 384 -13.58 -109.36 -14.95
CA GLU Z 384 -13.30 -110.60 -15.65
C GLU Z 384 -14.52 -110.98 -16.49
N GLN Z 385 -14.28 -111.33 -17.75
CA GLN Z 385 -15.38 -111.71 -18.64
C GLN Z 385 -14.96 -112.91 -19.47
N LYS Z 386 -15.86 -113.90 -19.56
CA LYS Z 386 -15.63 -115.10 -20.36
C LYS Z 386 -16.46 -115.05 -21.63
N ASN Z 387 -16.00 -115.81 -22.62
CA ASN Z 387 -16.67 -115.87 -23.91
C ASN Z 387 -17.95 -116.68 -23.79
N PRO Z 388 -19.12 -116.15 -24.18
CA PRO Z 388 -20.36 -116.94 -24.09
C PRO Z 388 -20.41 -118.12 -25.05
N LEU Z 389 -19.59 -118.12 -26.10
CA LEU Z 389 -19.62 -119.23 -27.05
C LEU Z 389 -18.87 -120.46 -26.55
N THR Z 390 -17.90 -120.28 -25.65
CA THR Z 390 -17.17 -121.40 -25.08
C THR Z 390 -17.29 -121.52 -23.57
N GLY Z 391 -17.70 -120.47 -22.86
CA GLY Z 391 -17.66 -120.50 -21.41
C GLY Z 391 -16.26 -120.52 -20.86
N ASP Z 392 -15.30 -119.99 -21.60
CA ASP Z 392 -13.89 -120.15 -21.28
C ASP Z 392 -13.14 -118.96 -21.84
N PHE Z 393 -11.86 -118.86 -21.49
CA PHE Z 393 -10.98 -117.82 -22.01
C PHE Z 393 -10.31 -118.28 -23.31
N SER Z 394 -11.16 -118.61 -24.28
CA SER Z 394 -10.70 -119.10 -25.57
C SER Z 394 -11.78 -118.85 -26.60
N CYS Z 395 -11.36 -118.81 -27.85
CA CYS Z 395 -12.27 -118.71 -28.97
C CYS Z 395 -12.80 -120.10 -29.32
N PRO Z 396 -13.90 -120.18 -30.08
CA PRO Z 396 -14.37 -121.50 -30.53
C PRO Z 396 -13.48 -122.14 -31.58
N SER Z 397 -13.93 -123.30 -32.09
CA SER Z 397 -13.09 -124.12 -32.98
C SER Z 397 -12.83 -123.42 -34.30
N GLY Z 398 -13.80 -122.68 -34.82
CA GLY Z 398 -13.61 -121.96 -36.05
C GLY Z 398 -13.02 -120.59 -35.92
N TYR Z 399 -12.51 -120.22 -34.75
CA TYR Z 399 -12.06 -118.86 -34.50
C TYR Z 399 -10.63 -118.86 -33.94
N SER Z 400 -10.11 -117.65 -33.71
CA SER Z 400 -8.74 -117.43 -33.24
C SER Z 400 -8.71 -116.13 -32.45
N PRO Z 401 -7.91 -116.05 -31.38
CA PRO Z 401 -7.90 -114.84 -30.56
C PRO Z 401 -7.00 -113.75 -31.11
N VAL Z 402 -7.45 -112.50 -30.96
CA VAL Z 402 -6.68 -111.31 -31.30
C VAL Z 402 -6.61 -110.42 -30.07
N HIS Z 403 -5.40 -110.06 -29.68
CA HIS Z 403 -5.16 -109.27 -28.48
C HIS Z 403 -5.40 -107.79 -28.77
N LEU Z 404 -6.38 -107.19 -28.08
CA LEU Z 404 -6.65 -105.78 -28.28
C LEU Z 404 -5.68 -104.89 -27.51
N LEU Z 405 -5.74 -104.96 -26.19
CA LEU Z 405 -5.06 -103.98 -25.36
C LEU Z 405 -4.86 -104.54 -23.96
N SER Z 406 -3.74 -104.16 -23.35
CA SER Z 406 -3.36 -104.66 -22.03
C SER Z 406 -2.87 -103.47 -21.20
N GLN Z 407 -3.61 -103.13 -20.16
CA GLN Z 407 -3.26 -102.00 -19.30
C GLN Z 407 -3.50 -102.37 -17.84
N ILE Z 408 -3.21 -101.42 -16.95
CA ILE Z 408 -3.30 -101.61 -15.51
C ILE Z 408 -4.49 -100.81 -15.00
N HIS Z 409 -5.35 -101.47 -14.24
CA HIS Z 409 -6.47 -100.79 -13.59
C HIS Z 409 -6.13 -100.56 -12.12
N GLU Z 410 -6.64 -99.46 -11.58
CA GLU Z 410 -6.39 -99.08 -10.19
C GLU Z 410 -7.70 -98.75 -9.50
N GLU Z 411 -7.90 -99.29 -8.31
CA GLU Z 411 -8.97 -98.85 -7.42
C GLU Z 411 -8.41 -98.65 -6.02
N GLY Z 412 -9.20 -97.99 -5.20
CA GLY Z 412 -8.81 -97.64 -3.85
C GLY Z 412 -9.66 -98.35 -2.80
N TYR Z 413 -9.01 -98.76 -1.72
CA TYR Z 413 -9.70 -99.34 -0.58
C TYR Z 413 -9.26 -98.62 0.69
N ASN Z 414 -9.94 -98.95 1.79
CA ASN Z 414 -9.97 -98.05 2.93
C ASN Z 414 -9.96 -98.85 4.22
N HIS Z 415 -9.01 -98.53 5.11
CA HIS Z 415 -9.01 -99.03 6.47
C HIS Z 415 -9.40 -97.91 7.42
N LEU Z 416 -9.93 -98.28 8.58
CA LEU Z 416 -10.31 -97.31 9.60
C LEU Z 416 -10.04 -97.93 10.97
N GLU Z 417 -9.07 -97.38 11.69
CA GLU Z 417 -8.66 -97.90 12.98
C GLU Z 417 -8.83 -96.82 14.04
N CYS Z 418 -9.34 -97.21 15.20
CA CYS Z 418 -9.60 -96.28 16.30
C CYS Z 418 -9.22 -96.95 17.61
N HIS Z 419 -8.53 -96.22 18.47
CA HIS Z 419 -8.36 -96.66 19.85
C HIS Z 419 -8.40 -95.45 20.77
N ARG Z 420 -8.83 -95.71 22.00
CA ARG Z 420 -9.10 -94.68 22.98
C ARG Z 420 -8.28 -94.95 24.23
N LYS Z 421 -7.74 -93.89 24.83
CA LYS Z 421 -6.86 -94.00 25.98
C LYS Z 421 -7.16 -92.87 26.95
N CYS Z 422 -7.26 -93.21 28.24
CA CYS Z 422 -7.54 -92.24 29.29
C CYS Z 422 -6.37 -92.18 30.27
N THR Z 423 -6.06 -90.98 30.76
CA THR Z 423 -4.90 -90.74 31.60
C THR Z 423 -5.31 -89.96 32.84
N LEU Z 424 -5.14 -90.56 34.02
CA LEU Z 424 -5.47 -89.98 35.33
C LEU Z 424 -6.95 -89.67 35.45
N LYS Z 425 -7.79 -90.45 34.77
CA LYS Z 425 -9.27 -90.44 34.77
C LYS Z 425 -9.87 -89.16 34.18
N VAL Z 426 -9.06 -88.21 33.75
CA VAL Z 426 -9.48 -87.02 33.01
C VAL Z 426 -8.76 -87.24 31.68
N PHE Z 427 -8.87 -86.31 30.73
CA PHE Z 427 -7.99 -86.21 29.57
C PHE Z 427 -8.07 -87.44 28.67
N CYS Z 428 -9.26 -87.70 28.16
CA CYS Z 428 -9.48 -88.85 27.29
C CYS Z 428 -8.97 -88.55 25.90
N LYS Z 429 -8.13 -89.43 25.38
CA LYS Z 429 -7.53 -89.28 24.05
C LYS Z 429 -8.11 -90.33 23.12
N THR Z 430 -8.56 -89.89 21.94
CA THR Z 430 -9.10 -90.77 20.92
C THR Z 430 -8.48 -90.40 19.59
N VAL Z 431 -7.80 -91.34 18.95
CA VAL Z 431 -7.21 -91.13 17.63
C VAL Z 431 -7.91 -92.04 16.64
N CYS Z 432 -8.25 -91.49 15.48
CA CYS Z 432 -9.03 -92.20 14.46
C CYS Z 432 -8.25 -92.09 13.14
N GLU Z 433 -7.59 -93.17 12.76
CA GLU Z 433 -6.74 -93.18 11.58
C GLU Z 433 -7.45 -93.87 10.42
N ASP Z 434 -7.34 -93.28 9.23
CA ASP Z 434 -8.06 -93.76 8.04
C ASP Z 434 -7.10 -93.80 6.87
N VAL Z 435 -6.64 -94.98 6.50
CA VAL Z 435 -5.62 -95.16 5.47
C VAL Z 435 -6.29 -95.53 4.17
N PHE Z 436 -5.91 -94.83 3.09
CA PHE Z 436 -6.41 -95.09 1.75
C PHE Z 436 -5.27 -95.64 0.91
N GLN Z 437 -5.41 -96.87 0.43
CA GLN Z 437 -4.40 -97.50 -0.39
C GLN Z 437 -4.95 -97.79 -1.78
N VAL Z 438 -4.04 -98.08 -2.70
CA VAL Z 438 -4.38 -98.29 -4.11
C VAL Z 438 -4.11 -99.75 -4.47
N ALA Z 439 -5.14 -100.42 -4.98
CA ALA Z 439 -5.04 -101.80 -5.43
C ALA Z 439 -4.97 -101.83 -6.96
N LYS Z 440 -4.01 -102.56 -7.49
CA LYS Z 440 -3.77 -102.60 -8.92
C LYS Z 440 -4.12 -103.96 -9.51
N ALA Z 441 -4.37 -103.99 -10.82
CA ALA Z 441 -4.69 -105.21 -11.52
C ALA Z 441 -4.38 -105.04 -13.00
N GLU Z 442 -3.78 -106.07 -13.59
CA GLU Z 442 -3.54 -106.13 -15.02
C GLU Z 442 -4.72 -106.80 -15.70
N PHE Z 443 -5.17 -106.23 -16.82
CA PHE Z 443 -6.17 -106.90 -17.63
C PHE Z 443 -5.67 -107.02 -19.06
N ARG Z 444 -6.10 -108.09 -19.73
CA ARG Z 444 -5.77 -108.34 -21.13
C ARG Z 444 -7.06 -108.70 -21.85
N ALA Z 445 -7.49 -107.85 -22.76
CA ALA Z 445 -8.72 -108.05 -23.50
C ALA Z 445 -8.41 -108.66 -24.85
N PHE Z 446 -9.08 -109.77 -25.16
CA PHE Z 446 -8.90 -110.47 -26.42
C PHE Z 446 -10.18 -110.41 -27.24
N TRP Z 447 -10.09 -110.92 -28.46
CA TRP Z 447 -11.18 -110.80 -29.41
C TRP Z 447 -11.03 -111.88 -30.47
N CYS Z 448 -12.15 -112.50 -30.86
CA CYS Z 448 -12.14 -113.66 -31.73
C CYS Z 448 -12.41 -113.25 -33.18
N VAL Z 449 -11.76 -113.96 -34.10
CA VAL Z 449 -11.85 -113.67 -35.53
C VAL Z 449 -12.08 -114.98 -36.28
N ALA Z 450 -12.94 -114.94 -37.30
CA ALA Z 450 -13.18 -116.12 -38.13
C ALA Z 450 -11.95 -116.38 -38.99
N SER Z 451 -11.16 -117.40 -38.61
CA SER Z 451 -9.93 -117.74 -39.32
C SER Z 451 -9.97 -119.12 -39.95
N SER Z 452 -11.07 -119.85 -39.81
CA SER Z 452 -11.20 -121.19 -40.39
C SER Z 452 -12.07 -121.21 -41.63
N GLN Z 453 -12.80 -120.12 -41.91
CA GLN Z 453 -13.52 -119.79 -43.14
C GLN Z 453 -14.78 -120.64 -43.32
N VAL Z 454 -14.99 -121.65 -42.49
CA VAL Z 454 -16.21 -122.46 -42.56
C VAL Z 454 -16.88 -122.44 -41.19
N PRO Z 455 -17.75 -121.47 -40.91
CA PRO Z 455 -18.65 -121.61 -39.76
C PRO Z 455 -20.00 -122.15 -40.19
N GLU Z 456 -20.72 -122.76 -39.26
CA GLU Z 456 -22.12 -123.10 -39.50
C GLU Z 456 -23.00 -121.86 -39.32
N ASN Z 457 -23.00 -121.31 -38.11
CA ASN Z 457 -23.61 -120.02 -37.82
C ASN Z 457 -22.56 -119.14 -37.15
N SER Z 458 -22.67 -117.83 -37.37
CA SER Z 458 -21.62 -116.91 -36.95
C SER Z 458 -21.61 -116.77 -35.42
N GLY Z 459 -22.73 -116.39 -34.84
CA GLY Z 459 -22.80 -116.22 -33.41
C GLY Z 459 -22.80 -114.77 -32.99
N LEU Z 460 -23.65 -114.47 -32.01
CA LEU Z 460 -23.66 -113.22 -31.24
C LEU Z 460 -23.89 -112.01 -32.14
N LEU Z 461 -25.09 -111.97 -32.73
CA LEU Z 461 -25.38 -111.00 -33.79
C LEU Z 461 -25.75 -109.64 -33.21
N PHE Z 462 -24.71 -108.90 -32.81
CA PHE Z 462 -24.73 -107.45 -32.58
C PHE Z 462 -23.30 -107.01 -32.39
N GLY Z 463 -23.05 -105.73 -32.66
CA GLY Z 463 -21.72 -105.19 -32.53
C GLY Z 463 -21.66 -103.77 -31.99
N GLY Z 464 -22.70 -103.32 -31.31
CA GLY Z 464 -22.77 -101.98 -30.79
C GLY Z 464 -22.40 -101.90 -29.33
N LEU Z 465 -21.85 -100.75 -28.94
CA LEU Z 465 -21.16 -100.59 -27.67
C LEU Z 465 -21.75 -99.40 -26.93
N PHE Z 466 -21.53 -99.38 -25.61
CA PHE Z 466 -21.74 -98.18 -24.82
C PHE Z 466 -20.80 -98.20 -23.63
N SER Z 467 -20.32 -97.04 -23.24
CA SER Z 467 -19.37 -96.91 -22.16
C SER Z 467 -20.08 -96.39 -20.91
N SER Z 468 -19.30 -96.06 -19.89
CA SER Z 468 -19.82 -95.30 -18.75
C SER Z 468 -19.97 -93.83 -19.08
N LYS Z 469 -19.48 -93.37 -20.22
CA LYS Z 469 -19.65 -92.00 -20.67
C LYS Z 469 -20.18 -91.91 -22.10
N SER Z 470 -20.54 -93.03 -22.69
CA SER Z 470 -21.05 -93.07 -24.06
C SER Z 470 -22.48 -93.63 -24.04
N ILE Z 471 -23.05 -93.73 -25.24
CA ILE Z 471 -24.46 -94.10 -25.42
C ILE Z 471 -24.53 -95.08 -26.58
N ASN Z 472 -25.25 -96.18 -26.38
CA ASN Z 472 -25.55 -97.09 -27.47
C ASN Z 472 -26.53 -96.42 -28.42
N PRO Z 473 -26.19 -96.21 -29.69
CA PRO Z 473 -27.11 -95.52 -30.59
C PRO Z 473 -28.30 -96.36 -31.00
N MET Z 474 -28.25 -97.67 -30.81
CA MET Z 474 -29.41 -98.51 -31.11
C MET Z 474 -30.44 -98.50 -29.99
N THR Z 475 -30.13 -97.89 -28.85
CA THR Z 475 -31.12 -97.66 -27.81
C THR Z 475 -31.25 -96.19 -27.43
N ASN Z 476 -30.31 -95.34 -27.84
CA ASN Z 476 -30.16 -93.94 -27.40
C ASN Z 476 -30.11 -93.83 -25.88
N ALA Z 477 -29.46 -94.81 -25.25
CA ALA Z 477 -29.33 -94.87 -23.80
C ALA Z 477 -28.16 -95.80 -23.48
N GLN Z 478 -27.90 -95.95 -22.18
CA GLN Z 478 -26.90 -96.88 -21.69
C GLN Z 478 -27.53 -98.22 -21.33
N SER Z 479 -28.16 -98.84 -22.33
CA SER Z 479 -28.89 -100.07 -22.12
C SER Z 479 -28.77 -100.93 -23.36
N CYS Z 480 -29.15 -102.18 -23.20
CA CYS Z 480 -29.17 -103.16 -24.27
C CYS Z 480 -30.49 -103.08 -25.02
N PRO Z 481 -30.53 -103.55 -26.27
CA PRO Z 481 -31.83 -103.66 -26.96
C PRO Z 481 -32.64 -104.85 -26.46
N ALA Z 482 -33.78 -105.11 -27.10
CA ALA Z 482 -34.72 -106.12 -26.64
C ALA Z 482 -34.14 -107.52 -26.81
N GLY Z 483 -33.75 -108.14 -25.69
CA GLY Z 483 -33.24 -109.50 -25.70
C GLY Z 483 -31.76 -109.60 -25.90
N TYR Z 484 -30.99 -108.73 -25.25
CA TYR Z 484 -29.55 -108.62 -25.41
C TYR Z 484 -28.88 -108.56 -24.06
N PHE Z 485 -27.76 -109.27 -23.92
CA PHE Z 485 -27.03 -109.24 -22.66
C PHE Z 485 -25.63 -108.67 -22.88
N PRO Z 486 -25.15 -107.81 -21.97
CA PRO Z 486 -23.88 -107.13 -22.22
C PRO Z 486 -22.69 -107.96 -21.79
N LEU Z 487 -21.57 -107.72 -22.45
CA LEU Z 487 -20.30 -108.37 -22.12
C LEU Z 487 -19.33 -107.29 -21.69
N ARG Z 488 -18.79 -107.42 -20.48
CA ARG Z 488 -17.91 -106.39 -19.95
C ARG Z 488 -16.54 -106.45 -20.61
N LEU Z 489 -15.96 -105.26 -20.80
CA LEU Z 489 -14.68 -105.11 -21.46
C LEU Z 489 -13.96 -104.02 -20.67
N PHE Z 490 -12.93 -103.41 -21.29
CA PHE Z 490 -11.69 -102.95 -20.67
C PHE Z 490 -11.80 -102.42 -19.25
N GLU Z 491 -12.54 -101.35 -19.09
CA GLU Z 491 -12.96 -100.89 -17.78
C GLU Z 491 -14.45 -100.60 -17.71
N ASN Z 492 -15.02 -100.08 -18.79
CA ASN Z 492 -16.40 -99.65 -18.78
C ASN Z 492 -17.20 -100.06 -20.00
N LEU Z 493 -16.58 -100.68 -21.00
CA LEU Z 493 -17.33 -101.09 -22.18
C LEU Z 493 -18.25 -102.25 -21.86
N LYS Z 494 -19.46 -102.17 -22.39
CA LYS Z 494 -20.43 -103.25 -22.30
C LYS Z 494 -20.94 -103.49 -23.71
N VAL Z 495 -20.52 -104.60 -24.31
CA VAL Z 495 -20.87 -104.94 -25.69
C VAL Z 495 -22.14 -105.77 -25.69
N CYS Z 496 -23.19 -105.26 -26.33
CA CYS Z 496 -24.48 -105.93 -26.33
C CYS Z 496 -24.45 -107.09 -27.32
N VAL Z 497 -25.01 -108.22 -26.90
CA VAL Z 497 -24.80 -109.51 -27.57
C VAL Z 497 -26.06 -110.36 -27.43
N SER Z 498 -26.53 -110.92 -28.56
CA SER Z 498 -27.58 -111.92 -28.55
C SER Z 498 -27.31 -112.93 -29.65
N GLN Z 499 -27.59 -114.21 -29.36
CA GLN Z 499 -27.43 -115.29 -30.32
C GLN Z 499 -28.75 -116.01 -30.56
N ASP Z 500 -29.84 -115.25 -30.63
CA ASP Z 500 -31.17 -115.82 -30.75
C ASP Z 500 -31.61 -116.05 -32.19
N TYR Z 501 -31.11 -115.25 -33.13
CA TYR Z 501 -31.31 -115.34 -34.58
C TYR Z 501 -32.74 -115.04 -35.05
N GLU Z 502 -33.67 -114.84 -34.13
CA GLU Z 502 -35.04 -114.48 -34.46
C GLU Z 502 -35.45 -113.17 -33.85
N LEU Z 503 -35.30 -113.02 -32.53
CA LEU Z 503 -35.57 -111.75 -31.87
C LEU Z 503 -34.35 -110.84 -31.88
N GLY Z 504 -33.19 -111.34 -32.31
CA GLY Z 504 -31.99 -110.53 -32.35
C GLY Z 504 -31.74 -109.94 -33.72
N SER Z 505 -32.39 -110.49 -34.75
CA SER Z 505 -32.16 -110.02 -36.12
C SER Z 505 -32.86 -108.71 -36.42
N ARG Z 506 -33.73 -108.22 -35.53
CA ARG Z 506 -34.29 -106.89 -35.73
C ARG Z 506 -33.24 -105.81 -35.50
N PHE Z 507 -32.36 -106.01 -34.52
CA PHE Z 507 -31.39 -105.02 -34.13
C PHE Z 507 -29.96 -105.38 -34.51
N ALA Z 508 -29.75 -106.52 -35.17
CA ALA Z 508 -28.40 -106.96 -35.51
C ALA Z 508 -27.81 -106.08 -36.60
N VAL Z 509 -26.62 -105.54 -36.34
CA VAL Z 509 -25.94 -104.67 -37.30
C VAL Z 509 -24.79 -105.46 -37.93
N PRO Z 510 -24.38 -105.14 -39.16
CA PRO Z 510 -23.18 -105.77 -39.72
C PRO Z 510 -21.95 -105.29 -38.98
N PHE Z 511 -21.21 -106.23 -38.42
CA PHE Z 511 -20.04 -105.91 -37.60
C PHE Z 511 -18.77 -106.03 -38.43
N GLY Z 512 -17.80 -105.17 -38.15
CA GLY Z 512 -16.60 -105.11 -38.96
C GLY Z 512 -15.31 -105.47 -38.26
N GLY Z 513 -15.20 -105.19 -36.98
CA GLY Z 513 -14.01 -105.53 -36.22
C GLY Z 513 -13.55 -104.42 -35.30
N PHE Z 514 -12.72 -104.79 -34.34
CA PHE Z 514 -12.08 -103.84 -33.43
C PHE Z 514 -10.64 -103.59 -33.86
N PHE Z 515 -10.15 -102.39 -33.55
CA PHE Z 515 -8.72 -102.12 -33.63
C PHE Z 515 -8.41 -100.97 -32.68
N SER Z 516 -7.13 -100.87 -32.32
CA SER Z 516 -6.69 -99.88 -31.35
C SER Z 516 -5.43 -99.22 -31.89
N CYS Z 517 -4.77 -98.45 -31.02
CA CYS Z 517 -3.56 -97.74 -31.44
C CYS Z 517 -2.35 -98.66 -31.57
N THR Z 518 -2.44 -99.89 -31.10
CA THR Z 518 -1.33 -100.84 -31.14
C THR Z 518 -1.57 -102.04 -32.03
N VAL Z 519 -2.82 -102.44 -32.24
CA VAL Z 519 -3.14 -103.64 -32.98
C VAL Z 519 -4.10 -103.27 -34.11
N GLY Z 520 -4.08 -104.06 -35.17
CA GLY Z 520 -5.02 -103.90 -36.26
C GLY Z 520 -5.96 -105.06 -36.41
N ASN Z 521 -7.10 -104.84 -37.06
CA ASN Z 521 -7.96 -106.00 -37.25
C ASN Z 521 -7.47 -106.83 -38.45
N PRO Z 522 -7.57 -108.14 -38.37
CA PRO Z 522 -7.11 -108.99 -39.48
C PRO Z 522 -8.18 -109.22 -40.53
N LEU Z 523 -9.23 -108.40 -40.55
CA LEU Z 523 -10.33 -108.58 -41.48
C LEU Z 523 -10.18 -107.73 -42.73
N VAL Z 524 -8.97 -107.28 -43.03
CA VAL Z 524 -8.71 -106.46 -44.20
C VAL Z 524 -7.76 -107.15 -45.18
N ASP Z 525 -6.76 -107.89 -44.68
CA ASP Z 525 -5.73 -108.43 -45.55
C ASP Z 525 -6.18 -109.69 -46.30
N PRO Z 526 -6.86 -110.68 -45.66
CA PRO Z 526 -7.38 -111.71 -46.58
C PRO Z 526 -8.71 -111.30 -47.20
N PRO Z 535 2.29 -106.96 -39.68
CA PRO Z 535 1.00 -107.41 -39.17
C PRO Z 535 -0.19 -106.83 -39.93
N SER Z 536 -1.24 -106.44 -39.21
CA SER Z 536 -2.47 -105.98 -39.83
C SER Z 536 -2.34 -104.51 -40.21
N LEU Z 537 -3.47 -103.90 -40.58
CA LEU Z 537 -3.47 -102.57 -41.18
C LEU Z 537 -4.14 -101.51 -40.33
N LYS Z 538 -4.97 -101.91 -39.34
CA LYS Z 538 -5.84 -101.04 -38.49
C LYS Z 538 -6.61 -99.99 -39.28
N LYS Z 539 -6.98 -100.31 -40.52
CA LYS Z 539 -7.76 -99.38 -41.30
C LYS Z 539 -9.26 -99.55 -41.08
N CYS Z 540 -9.84 -100.60 -41.66
CA CYS Z 540 -11.27 -100.87 -41.79
C CYS Z 540 -11.36 -102.17 -42.58
N PRO Z 541 -12.51 -102.86 -42.63
CA PRO Z 541 -12.63 -103.92 -43.64
C PRO Z 541 -12.81 -103.39 -45.05
N GLY Z 542 -13.55 -102.31 -45.22
CA GLY Z 542 -13.86 -101.81 -46.54
C GLY Z 542 -15.35 -101.82 -46.79
N GLY Z 543 -15.94 -100.63 -46.93
CA GLY Z 543 -17.37 -100.47 -46.94
C GLY Z 543 -17.94 -100.13 -45.58
N PHE Z 544 -17.27 -100.55 -44.50
CA PHE Z 544 -17.67 -100.23 -43.15
C PHE Z 544 -17.19 -98.82 -42.80
N SER Z 545 -17.52 -98.38 -41.58
CA SER Z 545 -17.17 -97.05 -41.13
C SER Z 545 -16.58 -97.15 -39.73
N GLN Z 546 -15.44 -96.50 -39.51
CA GLN Z 546 -14.83 -96.47 -38.19
C GLN Z 546 -15.67 -95.64 -37.24
N HIS Z 547 -15.80 -96.12 -36.01
CA HIS Z 547 -16.45 -95.36 -34.98
C HIS Z 547 -15.68 -95.61 -33.70
N PRO Z 548 -15.44 -94.58 -32.90
CA PRO Z 548 -14.61 -94.75 -31.72
C PRO Z 548 -15.39 -95.30 -30.53
N ALA Z 549 -14.77 -96.24 -29.84
CA ALA Z 549 -15.17 -96.64 -28.49
C ALA Z 549 -14.45 -95.72 -27.51
N LEU Z 550 -14.38 -96.10 -26.24
CA LEU Z 550 -13.75 -95.23 -25.25
C LEU Z 550 -12.23 -95.15 -25.46
N ILE Z 551 -11.61 -94.29 -24.65
CA ILE Z 551 -10.17 -94.10 -24.65
C ILE Z 551 -9.61 -94.72 -23.38
N SER Z 552 -8.70 -95.68 -23.54
CA SER Z 552 -8.08 -96.37 -22.40
C SER Z 552 -6.71 -95.77 -22.15
N ASP Z 553 -6.72 -94.62 -21.45
CA ASP Z 553 -5.53 -93.93 -20.95
C ASP Z 553 -4.57 -93.54 -22.08
N GLY Z 554 -5.10 -92.79 -23.05
CA GLY Z 554 -4.31 -92.27 -24.14
C GLY Z 554 -4.39 -93.06 -25.42
N CYS Z 555 -4.89 -94.29 -25.38
CA CYS Z 555 -5.06 -95.11 -26.58
C CYS Z 555 -6.53 -95.19 -26.92
N GLN Z 556 -6.83 -95.15 -28.22
CA GLN Z 556 -8.19 -95.09 -28.72
C GLN Z 556 -8.56 -96.43 -29.34
N VAL Z 557 -9.69 -96.99 -28.90
CA VAL Z 557 -10.22 -98.23 -29.44
C VAL Z 557 -11.36 -97.89 -30.38
N SER Z 558 -11.34 -98.45 -31.59
CA SER Z 558 -12.33 -98.15 -32.59
C SER Z 558 -12.96 -99.42 -33.13
N TYR Z 559 -14.20 -99.30 -33.61
CA TYR Z 559 -14.94 -100.45 -34.13
C TYR Z 559 -15.65 -100.07 -35.42
N CYS Z 560 -15.83 -101.05 -36.30
CA CYS Z 560 -16.35 -100.84 -37.63
C CYS Z 560 -17.77 -101.38 -37.75
N VAL Z 561 -18.61 -100.70 -38.54
CA VAL Z 561 -20.02 -101.03 -38.65
C VAL Z 561 -20.52 -100.41 -39.94
N LYS Z 562 -21.62 -100.95 -40.49
CA LYS Z 562 -22.18 -100.48 -41.75
C LYS Z 562 -23.68 -100.31 -41.64
N SER Z 563 -24.14 -99.54 -40.65
CA SER Z 563 -25.57 -99.31 -40.56
C SER Z 563 -26.01 -98.19 -41.50
N GLY Z 564 -25.43 -97.01 -41.32
CA GLY Z 564 -25.99 -95.78 -41.80
C GLY Z 564 -26.66 -94.98 -40.70
N LEU Z 565 -27.09 -95.65 -39.63
CA LEU Z 565 -27.59 -94.95 -38.45
C LEU Z 565 -26.43 -94.36 -37.66
N PHE Z 566 -25.29 -95.06 -37.62
CA PHE Z 566 -24.11 -94.55 -36.92
C PHE Z 566 -23.50 -93.37 -37.65
N THR Z 567 -23.68 -93.29 -38.96
CA THR Z 567 -22.96 -92.32 -39.78
C THR Z 567 -23.57 -90.92 -39.68
N GLY Z 568 -24.84 -90.79 -40.06
CA GLY Z 568 -25.45 -89.49 -40.22
C GLY Z 568 -25.76 -88.79 -38.90
N GLY Z 569 -26.39 -87.63 -39.03
CA GLY Z 569 -26.71 -86.80 -37.89
C GLY Z 569 -26.28 -85.37 -38.11
N SER Z 570 -25.57 -84.79 -37.15
CA SER Z 570 -24.90 -83.51 -37.34
C SER Z 570 -23.40 -83.72 -37.18
N LEU Z 571 -22.65 -82.71 -37.58
CA LEU Z 571 -21.21 -82.77 -37.41
C LEU Z 571 -20.84 -82.60 -35.95
N PRO Z 572 -20.03 -83.49 -35.37
CA PRO Z 572 -19.71 -83.39 -33.95
C PRO Z 572 -18.74 -82.26 -33.70
N PRO Z 573 -18.68 -81.74 -32.48
CA PRO Z 573 -17.63 -80.79 -32.14
C PRO Z 573 -16.31 -81.52 -31.89
N ALA Z 574 -15.28 -80.73 -31.66
CA ALA Z 574 -13.97 -81.31 -31.40
C ALA Z 574 -13.92 -81.89 -29.99
N ARG Z 575 -13.21 -83.00 -29.85
CA ARG Z 575 -12.86 -83.49 -28.53
C ARG Z 575 -11.74 -82.64 -27.95
N LEU Z 576 -12.05 -81.95 -26.86
CA LEU Z 576 -11.07 -81.07 -26.28
C LEU Z 576 -10.25 -81.82 -25.23
N PRO Z 577 -9.02 -81.41 -24.97
CA PRO Z 577 -8.23 -82.01 -23.89
C PRO Z 577 -8.83 -81.65 -22.53
N PRO Z 578 -8.40 -82.29 -21.43
CA PRO Z 578 -7.51 -83.43 -21.21
C PRO Z 578 -8.17 -84.74 -21.54
N PHE Z 579 -7.39 -85.69 -22.03
CA PHE Z 579 -7.89 -86.99 -22.40
C PHE Z 579 -7.55 -88.05 -21.36
N THR Z 580 -6.72 -87.71 -20.38
CA THR Z 580 -6.43 -88.57 -19.26
C THR Z 580 -6.94 -87.90 -17.99
N ARG Z 581 -6.85 -88.62 -16.90
CA ARG Z 581 -7.19 -88.13 -15.57
C ARG Z 581 -5.96 -88.22 -14.68
N PRO Z 582 -5.85 -87.38 -13.65
CA PRO Z 582 -4.73 -87.52 -12.73
C PRO Z 582 -4.87 -88.79 -11.91
N PRO Z 583 -3.76 -89.47 -11.63
CA PRO Z 583 -3.84 -90.81 -11.04
C PRO Z 583 -4.18 -90.77 -9.56
N LEU Z 584 -4.45 -91.96 -9.04
CA LEU Z 584 -4.77 -92.12 -7.63
C LEU Z 584 -3.51 -92.20 -6.80
N MET Z 585 -3.59 -91.67 -5.58
CA MET Z 585 -2.48 -91.61 -4.65
C MET Z 585 -2.90 -92.23 -3.34
N SER Z 586 -1.94 -92.86 -2.67
CA SER Z 586 -2.23 -93.43 -1.36
C SER Z 586 -2.13 -92.38 -0.27
N GLN Z 587 -3.10 -92.38 0.63
CA GLN Z 587 -3.38 -91.28 1.54
C GLN Z 587 -3.46 -91.80 2.97
N ALA Z 588 -3.61 -90.86 3.91
CA ALA Z 588 -3.78 -91.17 5.33
C ALA Z 588 -4.38 -89.96 6.01
N ALA Z 589 -5.32 -90.20 6.91
CA ALA Z 589 -6.00 -89.11 7.61
C ALA Z 589 -6.24 -89.50 9.05
N THR Z 590 -5.78 -88.65 9.97
CA THR Z 590 -5.91 -88.91 11.41
C THR Z 590 -6.74 -87.83 12.06
N ASN Z 591 -7.32 -88.17 13.21
CA ASN Z 591 -8.17 -87.27 13.98
C ASN Z 591 -7.93 -87.58 15.46
N THR Z 592 -7.13 -86.75 16.13
CA THR Z 592 -6.90 -86.90 17.57
C THR Z 592 -7.79 -85.93 18.31
N VAL Z 593 -8.55 -86.44 19.29
CA VAL Z 593 -9.44 -85.64 20.11
C VAL Z 593 -9.03 -85.79 21.56
N ILE Z 594 -8.85 -84.66 22.26
CA ILE Z 594 -8.58 -84.65 23.68
C ILE Z 594 -9.81 -84.08 24.39
N VAL Z 595 -10.33 -84.81 25.37
CA VAL Z 595 -11.53 -84.43 26.09
C VAL Z 595 -11.16 -84.34 27.56
N THR Z 596 -11.23 -83.15 28.14
CA THR Z 596 -11.06 -83.00 29.57
C THR Z 596 -12.41 -83.23 30.24
N ASN Z 597 -12.49 -84.22 31.11
CA ASN Z 597 -13.73 -84.61 31.75
C ASN Z 597 -13.98 -83.83 33.04
N SER Z 598 -13.26 -82.73 33.26
CA SER Z 598 -13.32 -82.07 34.54
C SER Z 598 -12.90 -80.61 34.43
N GLU Z 599 -13.46 -79.80 35.31
CA GLU Z 599 -12.88 -78.51 35.64
C GLU Z 599 -11.76 -78.74 36.66
N ASN Z 600 -11.11 -77.66 37.08
CA ASN Z 600 -9.90 -77.69 37.92
C ASN Z 600 -8.82 -78.54 37.27
N ALA Z 601 -8.65 -78.35 35.96
CA ALA Z 601 -7.69 -79.12 35.19
C ALA Z 601 -7.24 -78.24 34.04
N ARG Z 602 -6.06 -77.65 34.17
CA ARG Z 602 -5.52 -76.78 33.14
C ARG Z 602 -4.65 -77.57 32.18
N SER Z 603 -4.37 -76.98 31.03
CA SER Z 603 -3.60 -77.65 30.00
C SER Z 603 -2.89 -76.61 29.15
N TRP Z 604 -1.63 -76.86 28.83
CA TRP Z 604 -0.85 -76.01 27.95
C TRP Z 604 -0.40 -76.83 26.77
N ILE Z 605 -0.48 -76.26 25.57
CA ILE Z 605 -0.18 -76.97 24.34
C ILE Z 605 0.75 -76.12 23.50
N LYS Z 606 1.84 -76.72 23.03
CA LYS Z 606 2.73 -76.10 22.06
C LYS Z 606 2.61 -76.89 20.77
N ASP Z 607 2.03 -76.27 19.75
CA ASP Z 607 1.57 -77.01 18.58
C ASP Z 607 2.72 -77.46 17.68
N SER Z 608 3.78 -76.67 17.58
CA SER Z 608 4.94 -77.02 16.79
C SER Z 608 6.13 -76.26 17.35
N GLN Z 609 7.28 -76.41 16.69
CA GLN Z 609 8.50 -75.76 17.16
C GLN Z 609 8.49 -74.27 16.92
N THR Z 610 7.67 -73.79 15.99
CA THR Z 610 7.56 -72.36 15.74
C THR Z 610 6.46 -71.70 16.56
N HIS Z 611 5.49 -72.47 17.04
CA HIS Z 611 4.44 -71.91 17.88
C HIS Z 611 4.99 -71.56 19.27
N GLN Z 612 4.20 -70.78 20.00
CA GLN Z 612 4.45 -70.55 21.41
C GLN Z 612 3.51 -71.39 22.24
N TRP Z 613 3.79 -71.49 23.53
CA TRP Z 613 2.92 -72.22 24.44
C TRP Z 613 1.57 -71.54 24.51
N ARG Z 614 0.52 -72.35 24.49
CA ARG Z 614 -0.84 -71.89 24.32
C ARG Z 614 -1.68 -72.54 25.39
N LEU Z 615 -2.61 -71.78 25.97
CA LEU Z 615 -3.50 -72.35 26.96
C LEU Z 615 -4.52 -73.26 26.29
N GLY Z 616 -4.66 -74.48 26.79
CA GLY Z 616 -5.49 -75.46 26.13
C GLY Z 616 -6.97 -75.30 26.42
N GLU Z 617 -7.76 -75.93 25.57
CA GLU Z 617 -9.22 -75.96 25.60
C GLU Z 617 -9.71 -77.34 25.96
N PRO Z 618 -10.97 -77.50 26.39
CA PRO Z 618 -11.45 -78.83 26.77
C PRO Z 618 -11.59 -79.82 25.61
N ILE Z 619 -11.90 -79.36 24.40
CA ILE Z 619 -11.91 -80.21 23.21
C ILE Z 619 -10.94 -79.63 22.20
N GLU Z 620 -10.03 -80.46 21.71
CA GLU Z 620 -8.95 -79.96 20.85
C GLU Z 620 -9.14 -80.22 19.37
N LEU Z 621 -9.23 -81.49 18.97
CA LEU Z 621 -9.48 -81.92 17.57
C LEU Z 621 -8.38 -81.43 16.61
N ARG Z 622 -7.21 -82.03 16.75
CA ARG Z 622 -6.17 -81.90 15.73
C ARG Z 622 -6.53 -82.76 14.51
N ARG Z 623 -6.09 -82.32 13.33
CA ARG Z 623 -6.31 -83.05 12.09
C ARG Z 623 -5.04 -83.07 11.25
N ALA Z 624 -4.88 -84.13 10.46
CA ALA Z 624 -3.73 -84.25 9.58
C ALA Z 624 -4.11 -85.09 8.37
N MET Z 625 -3.61 -84.70 7.20
CA MET Z 625 -3.79 -85.44 5.96
C MET Z 625 -2.44 -85.65 5.30
N ASN Z 626 -2.06 -86.91 5.10
CA ASN Z 626 -0.75 -87.27 4.60
C ASN Z 626 -0.91 -87.94 3.24
N VAL Z 627 -0.26 -87.41 2.22
CA VAL Z 627 -0.33 -87.91 0.85
C VAL Z 627 1.08 -88.29 0.43
N ILE Z 628 1.23 -89.42 -0.26
CA ILE Z 628 2.49 -89.78 -0.90
C ILE Z 628 2.24 -90.04 -2.38
N HIS Z 629 3.06 -89.41 -3.23
CA HIS Z 629 2.96 -89.56 -4.67
C HIS Z 629 3.65 -90.85 -5.10
N GLY Z 630 2.87 -91.85 -5.49
CA GLY Z 630 3.42 -93.10 -5.97
C GLY Z 630 4.00 -93.97 -4.87
N ASP AA 10 -10.52 -40.87 -1.32
CA ASP AA 10 -10.24 -41.96 -2.24
C ASP AA 10 -11.51 -42.47 -2.91
N GLU AA 11 -11.33 -43.37 -3.88
CA GLU AA 11 -12.42 -43.91 -4.67
C GLU AA 11 -11.94 -45.22 -5.27
N VAL AA 12 -12.80 -46.23 -5.23
CA VAL AA 12 -12.41 -47.59 -5.61
C VAL AA 12 -13.41 -48.15 -6.62
N GLY AA 13 -13.05 -49.31 -7.17
CA GLY AA 13 -13.98 -50.10 -7.95
C GLY AA 13 -14.14 -49.60 -9.38
N VAL AA 14 -15.35 -49.81 -9.91
CA VAL AA 14 -15.64 -49.47 -11.28
C VAL AA 14 -15.73 -47.96 -11.45
N GLN AA 15 -16.20 -47.26 -10.43
CA GLN AA 15 -16.49 -45.84 -10.55
C GLN AA 15 -15.23 -44.98 -10.60
N LYS AA 16 -14.12 -45.49 -10.05
CA LYS AA 16 -12.83 -44.84 -10.28
C LYS AA 16 -12.44 -44.90 -11.75
N CYS AA 17 -12.73 -46.03 -12.40
CA CYS AA 17 -12.44 -46.17 -13.82
C CYS AA 17 -13.35 -45.29 -14.67
N LYS AA 18 -14.61 -45.14 -14.26
CA LYS AA 18 -15.56 -44.39 -15.06
C LYS AA 18 -15.31 -42.89 -14.98
N ASN AA 19 -14.77 -42.41 -13.87
CA ASN AA 19 -14.53 -40.98 -13.75
C ASN AA 19 -13.28 -40.55 -14.50
N ALA AA 20 -12.27 -41.42 -14.56
CA ALA AA 20 -11.04 -41.07 -15.24
C ALA AA 20 -11.15 -41.23 -16.75
N LEU AA 21 -12.04 -42.10 -17.23
CA LEU AA 21 -12.08 -42.45 -18.63
C LEU AA 21 -13.36 -41.98 -19.34
N LYS AA 22 -14.47 -41.92 -18.62
CA LYS AA 22 -15.77 -41.43 -19.12
C LYS AA 22 -16.27 -42.24 -20.31
N LEU AA 23 -16.35 -43.55 -20.13
CA LEU AA 23 -16.81 -44.45 -21.17
C LEU AA 23 -17.40 -45.67 -20.49
N PRO AA 24 -18.41 -46.35 -21.10
CA PRO AA 24 -19.14 -47.39 -20.37
C PRO AA 24 -18.36 -48.68 -20.14
N VAL AA 25 -18.98 -49.60 -19.44
CA VAL AA 25 -18.40 -50.89 -19.11
C VAL AA 25 -19.02 -51.94 -20.01
N LEU AA 26 -18.23 -52.93 -20.43
CA LEU AA 26 -18.76 -53.96 -21.32
C LEU AA 26 -19.69 -54.86 -20.53
N GLU AA 27 -20.96 -54.86 -20.90
CA GLU AA 27 -22.00 -55.51 -20.10
C GLU AA 27 -22.11 -57.00 -20.33
N VAL AA 28 -21.29 -57.59 -21.17
CA VAL AA 28 -21.39 -58.99 -21.54
C VAL AA 28 -20.14 -59.68 -21.02
N LEU AA 29 -20.23 -60.30 -19.85
CA LEU AA 29 -19.01 -60.79 -19.23
C LEU AA 29 -19.08 -62.28 -18.94
N PRO AA 30 -17.98 -63.00 -19.07
CA PRO AA 30 -17.98 -64.42 -18.73
C PRO AA 30 -17.65 -64.66 -17.27
N GLY AA 31 -17.60 -65.91 -16.86
CA GLY AA 31 -17.33 -66.24 -15.48
C GLY AA 31 -18.54 -66.40 -14.59
N GLY AA 32 -19.74 -66.33 -15.14
CA GLY AA 32 -20.94 -66.56 -14.36
C GLY AA 32 -21.40 -67.99 -14.46
N GLY AA 33 -22.32 -68.35 -13.59
CA GLY AA 33 -22.89 -69.67 -13.64
C GLY AA 33 -23.92 -69.80 -14.73
N TRP AA 34 -24.19 -71.03 -15.13
CA TRP AA 34 -25.06 -71.26 -16.26
C TRP AA 34 -25.83 -72.56 -16.05
N ASP AA 35 -27.15 -72.46 -15.94
CA ASP AA 35 -28.01 -73.63 -15.96
C ASP AA 35 -28.16 -74.08 -17.41
N ASN AA 36 -27.68 -75.27 -17.71
CA ASN AA 36 -27.66 -75.73 -19.09
C ASN AA 36 -28.92 -76.50 -19.47
N LEU AA 37 -29.84 -76.72 -18.54
CA LEU AA 37 -31.14 -77.25 -18.91
C LEU AA 37 -32.12 -76.14 -19.27
N ARG AA 38 -32.09 -75.04 -18.54
CA ARG AA 38 -33.05 -73.97 -18.75
C ARG AA 38 -32.51 -72.83 -19.59
N ASN AA 39 -31.21 -72.85 -19.90
CA ASN AA 39 -30.47 -71.77 -20.56
C ASN AA 39 -30.69 -70.42 -19.89
N VAL AA 40 -30.55 -70.41 -18.57
CA VAL AA 40 -30.53 -69.18 -17.80
C VAL AA 40 -29.17 -69.07 -17.15
N ASP AA 41 -28.79 -67.86 -16.79
CA ASP AA 41 -27.50 -67.66 -16.14
C ASP AA 41 -27.66 -67.33 -14.66
N MET AA 42 -26.73 -67.83 -13.89
CA MET AA 42 -26.77 -67.96 -12.45
C MET AA 42 -25.86 -66.93 -11.79
N GLY AA 43 -25.61 -67.13 -10.50
CA GLY AA 43 -24.69 -66.29 -9.78
C GLY AA 43 -23.26 -66.40 -10.28
N ARG AA 44 -22.48 -65.40 -9.90
CA ARG AA 44 -21.14 -65.19 -10.44
C ARG AA 44 -20.13 -66.09 -9.75
N VAL AA 45 -19.39 -66.88 -10.52
CA VAL AA 45 -18.45 -67.86 -9.98
C VAL AA 45 -17.04 -67.30 -9.91
N MET AA 46 -16.61 -66.51 -10.89
CA MET AA 46 -15.29 -65.94 -10.90
C MET AA 46 -15.30 -64.56 -10.27
N GLU AA 47 -14.13 -64.00 -10.05
CA GLU AA 47 -14.00 -62.71 -9.39
C GLU AA 47 -13.74 -61.63 -10.42
N LEU AA 48 -14.53 -60.56 -10.36
CA LEU AA 48 -14.40 -59.43 -11.28
C LEU AA 48 -13.80 -58.25 -10.53
N THR AA 49 -12.58 -57.86 -10.91
CA THR AA 49 -11.91 -56.73 -10.31
C THR AA 49 -11.63 -55.67 -11.36
N TYR AA 50 -11.62 -54.41 -10.93
CA TYR AA 50 -11.42 -53.26 -11.80
C TYR AA 50 -10.28 -52.41 -11.29
N SER AA 51 -9.16 -53.04 -10.95
CA SER AA 51 -8.07 -52.33 -10.32
C SER AA 51 -7.19 -51.60 -11.33
N ASN AA 52 -7.03 -52.14 -12.53
CA ASN AA 52 -6.02 -51.66 -13.46
C ASN AA 52 -6.56 -50.75 -14.54
N CYS AA 53 -7.87 -50.45 -14.52
CA CYS AA 53 -8.54 -49.53 -15.46
C CYS AA 53 -8.35 -49.94 -16.91
N ARG AA 54 -8.44 -51.25 -17.18
CA ARG AA 54 -8.23 -51.74 -18.54
C ARG AA 54 -9.41 -51.39 -19.42
N THR AA 55 -9.12 -51.11 -20.68
CA THR AA 55 -10.14 -50.91 -21.69
C THR AA 55 -9.93 -51.91 -22.81
N THR AA 56 -10.90 -51.96 -23.71
CA THR AA 56 -10.67 -52.71 -24.93
C THR AA 56 -9.68 -51.95 -25.80
N GLU AA 57 -9.10 -52.67 -26.76
CA GLU AA 57 -8.02 -52.12 -27.56
C GLU AA 57 -8.47 -50.98 -28.45
N ASP AA 58 -9.74 -50.96 -28.85
CA ASP AA 58 -10.28 -49.81 -29.54
C ASP AA 58 -10.72 -48.69 -28.61
N GLY AA 59 -10.68 -48.92 -27.30
CA GLY AA 59 -10.89 -47.87 -26.33
C GLY AA 59 -12.30 -47.41 -26.16
N GLN AA 60 -13.26 -48.33 -26.08
CA GLN AA 60 -14.66 -47.95 -25.94
C GLN AA 60 -15.40 -48.66 -24.83
N TYR AA 61 -14.79 -49.60 -24.14
CA TYR AA 61 -15.43 -50.25 -23.01
C TYR AA 61 -14.40 -50.52 -21.94
N ILE AA 62 -14.79 -50.27 -20.69
CA ILE AA 62 -14.00 -50.71 -19.54
C ILE AA 62 -14.25 -52.20 -19.32
N ILE AA 63 -13.18 -52.96 -19.19
CA ILE AA 63 -13.27 -54.40 -18.96
C ILE AA 63 -12.54 -54.72 -17.68
N PRO AA 64 -12.88 -55.84 -17.02
CA PRO AA 64 -12.11 -56.27 -15.86
C PRO AA 64 -10.69 -56.71 -16.22
N ASP AA 65 -9.90 -56.95 -15.18
CA ASP AA 65 -8.46 -57.15 -15.33
C ASP AA 65 -8.11 -58.52 -15.86
N GLU AA 66 -8.89 -59.53 -15.50
CA GLU AA 66 -8.68 -60.93 -15.82
C GLU AA 66 -9.34 -61.35 -17.12
N ILE AA 67 -9.84 -60.41 -17.89
CA ILE AA 67 -10.63 -60.70 -19.08
C ILE AA 67 -9.98 -60.04 -20.26
N PHE AA 68 -9.72 -60.82 -21.31
CA PHE AA 68 -9.25 -60.26 -22.56
C PHE AA 68 -10.34 -60.39 -23.62
N THR AA 69 -10.36 -59.43 -24.53
CA THR AA 69 -11.36 -59.40 -25.58
C THR AA 69 -10.68 -59.62 -26.93
N ILE AA 70 -11.44 -60.14 -27.87
CA ILE AA 70 -10.98 -60.34 -29.24
C ILE AA 70 -11.85 -59.50 -30.15
N PRO AA 71 -11.33 -58.53 -30.85
CA PRO AA 71 -12.13 -57.76 -31.80
C PRO AA 71 -12.37 -58.55 -33.07
N GLN AA 72 -13.60 -59.00 -33.26
CA GLN AA 72 -13.98 -59.61 -34.53
C GLN AA 72 -15.32 -59.02 -34.94
N LYS AA 73 -15.25 -57.90 -35.63
CA LYS AA 73 -16.40 -57.06 -35.92
C LYS AA 73 -17.06 -57.62 -37.17
N GLN AA 74 -17.88 -58.64 -36.94
CA GLN AA 74 -18.34 -59.54 -37.98
C GLN AA 74 -19.85 -59.43 -38.11
N SER AA 75 -20.31 -59.21 -39.32
CA SER AA 75 -21.74 -59.09 -39.61
C SER AA 75 -22.12 -60.17 -40.60
N ASN AA 76 -23.24 -60.85 -40.36
CA ASN AA 76 -23.73 -61.90 -41.23
C ASN AA 76 -25.14 -61.55 -41.67
N LEU AA 77 -25.44 -61.81 -42.93
CA LEU AA 77 -26.76 -61.50 -43.47
C LEU AA 77 -27.18 -62.65 -44.36
N GLU AA 78 -28.31 -63.25 -44.07
CA GLU AA 78 -28.82 -64.36 -44.85
C GLU AA 78 -29.90 -63.87 -45.81
N MET AA 79 -29.79 -64.24 -47.07
CA MET AA 79 -30.87 -64.06 -48.03
C MET AA 79 -31.79 -65.26 -48.10
N ASN AA 80 -31.62 -66.20 -47.20
CA ASN AA 80 -32.32 -67.47 -47.24
C ASN AA 80 -32.92 -67.71 -45.87
N SER AA 81 -33.40 -68.92 -45.65
CA SER AA 81 -33.92 -69.35 -44.37
C SER AA 81 -33.23 -70.66 -44.00
N GLU AA 82 -33.69 -71.28 -42.93
CA GLU AA 82 -33.25 -72.62 -42.62
C GLU AA 82 -34.41 -73.39 -42.01
N ILE AA 83 -34.57 -74.64 -42.39
CA ILE AA 83 -35.76 -75.41 -42.10
C ILE AA 83 -35.44 -76.39 -40.99
N LEU AA 84 -36.31 -76.46 -39.98
CA LEU AA 84 -36.13 -77.30 -38.81
C LEU AA 84 -37.43 -78.09 -38.65
N GLU AA 85 -37.55 -79.22 -39.35
CA GLU AA 85 -38.81 -79.95 -39.39
C GLU AA 85 -38.95 -80.97 -38.25
N SER AA 86 -38.13 -80.87 -37.22
CA SER AA 86 -38.23 -81.74 -36.05
C SER AA 86 -37.60 -81.02 -34.87
N TRP AA 87 -38.22 -81.17 -33.69
CA TRP AA 87 -37.69 -80.52 -32.50
C TRP AA 87 -36.57 -81.30 -31.83
N ALA AA 88 -36.20 -82.48 -32.35
CA ALA AA 88 -35.12 -83.22 -31.73
C ALA AA 88 -33.77 -82.58 -32.00
N ASN AA 89 -33.50 -82.24 -33.26
CA ASN AA 89 -32.27 -81.53 -33.64
C ASN AA 89 -32.48 -80.02 -33.56
N TYR AA 90 -32.56 -79.54 -32.32
CA TYR AA 90 -32.88 -78.16 -32.02
C TYR AA 90 -31.63 -77.29 -31.93
N GLN AA 91 -31.72 -76.10 -32.54
CA GLN AA 91 -30.66 -75.11 -32.54
C GLN AA 91 -31.09 -73.98 -31.61
N SER AA 92 -30.25 -73.63 -30.65
CA SER AA 92 -30.71 -72.72 -29.61
C SER AA 92 -30.76 -71.26 -30.07
N SER AA 93 -29.88 -70.86 -30.98
CA SER AA 93 -29.70 -69.54 -31.58
C SER AA 93 -29.16 -68.46 -30.64
N THR AA 94 -29.00 -68.76 -29.35
CA THR AA 94 -28.32 -67.84 -28.46
C THR AA 94 -27.37 -68.50 -27.49
N SER AA 95 -27.43 -69.81 -27.32
CA SER AA 95 -26.54 -70.55 -26.44
C SER AA 95 -26.18 -71.86 -27.10
N TYR AA 96 -25.83 -71.80 -28.38
CA TYR AA 96 -25.69 -73.00 -29.18
C TYR AA 96 -24.41 -73.78 -28.85
N SER AA 97 -23.33 -73.08 -28.56
CA SER AA 97 -22.05 -73.76 -28.38
C SER AA 97 -21.93 -74.43 -27.03
N ILE AA 98 -22.65 -73.94 -26.02
CA ILE AA 98 -22.58 -74.56 -24.71
C ILE AA 98 -23.57 -75.71 -24.57
N ASN AA 99 -24.56 -75.81 -25.45
CA ASN AA 99 -25.46 -76.94 -25.40
C ASN AA 99 -24.95 -78.13 -26.20
N THR AA 100 -24.10 -77.92 -27.19
CA THR AA 100 -23.71 -78.98 -28.11
C THR AA 100 -22.47 -79.74 -27.65
N GLU AA 101 -22.12 -79.66 -26.38
CA GLU AA 101 -20.95 -80.33 -25.83
C GLU AA 101 -21.12 -81.85 -25.86
N LEU AA 102 -19.98 -82.54 -25.83
CA LEU AA 102 -19.96 -84.00 -25.86
C LEU AA 102 -20.07 -84.52 -24.44
N SER AA 103 -21.22 -85.11 -24.12
CA SER AA 103 -21.47 -85.63 -22.78
C SER AA 103 -22.54 -86.69 -22.85
N LEU AA 104 -22.90 -87.22 -21.69
CA LEU AA 104 -23.97 -88.20 -21.59
C LEU AA 104 -25.32 -87.55 -21.85
N PHE AA 105 -25.51 -86.34 -21.30
CA PHE AA 105 -26.80 -85.66 -21.32
C PHE AA 105 -26.81 -84.53 -22.33
N SER AA 106 -26.16 -84.75 -23.47
CA SER AA 106 -26.17 -83.76 -24.54
C SER AA 106 -27.53 -83.65 -25.21
N LYS AA 107 -28.37 -84.67 -25.10
CA LYS AA 107 -29.70 -84.62 -25.67
C LYS AA 107 -30.72 -83.93 -24.77
N VAL AA 108 -30.33 -83.57 -23.55
CA VAL AA 108 -31.24 -82.96 -22.60
C VAL AA 108 -30.92 -81.48 -22.38
N ASN AA 109 -29.78 -81.01 -22.86
CA ASN AA 109 -29.39 -79.62 -22.69
C ASN AA 109 -30.31 -78.69 -23.46
N GLY AA 110 -30.84 -77.70 -22.75
CA GLY AA 110 -31.72 -76.71 -23.33
C GLY AA 110 -33.17 -77.11 -23.45
N LYS AA 111 -33.54 -78.30 -22.99
CA LYS AA 111 -34.89 -78.82 -23.22
C LYS AA 111 -35.90 -78.31 -22.22
N PHE AA 112 -35.52 -77.39 -21.34
CA PHE AA 112 -36.46 -76.73 -20.45
C PHE AA 112 -36.41 -75.23 -20.63
N SER AA 113 -35.77 -74.77 -21.69
CA SER AA 113 -35.70 -73.37 -22.02
C SER AA 113 -37.05 -72.90 -22.51
N THR AA 114 -37.33 -71.61 -22.33
CA THR AA 114 -38.59 -71.06 -22.82
C THR AA 114 -38.61 -71.00 -24.34
N GLU AA 115 -37.44 -70.88 -24.96
CA GLU AA 115 -37.35 -70.83 -26.40
C GLU AA 115 -37.55 -72.19 -27.03
N PHE AA 116 -37.20 -73.26 -26.33
CA PHE AA 116 -37.47 -74.61 -26.82
C PHE AA 116 -38.91 -75.00 -26.59
N GLN AA 117 -39.41 -74.78 -25.38
CA GLN AA 117 -40.75 -75.21 -25.03
C GLN AA 117 -41.83 -74.41 -25.73
N ARG AA 118 -41.50 -73.22 -26.21
CA ARG AA 118 -42.41 -72.52 -27.08
C ARG AA 118 -42.35 -73.10 -28.49
N MET AA 119 -41.21 -73.63 -28.91
CA MET AA 119 -41.11 -74.14 -30.28
C MET AA 119 -41.74 -75.52 -30.39
N LYS AA 120 -41.59 -76.35 -29.35
CA LYS AA 120 -42.12 -77.70 -29.38
C LYS AA 120 -43.64 -77.70 -29.35
N THR AA 121 -44.24 -76.78 -28.61
CA THR AA 121 -45.69 -76.73 -28.53
C THR AA 121 -46.34 -76.10 -29.75
N LEU AA 122 -45.56 -75.65 -30.73
CA LEU AA 122 -46.10 -75.16 -31.99
C LEU AA 122 -45.93 -76.16 -33.13
N GLN AA 123 -45.01 -77.11 -32.99
CA GLN AA 123 -44.88 -78.16 -33.98
C GLN AA 123 -45.77 -79.36 -33.70
N VAL AA 124 -46.30 -79.48 -32.48
CA VAL AA 124 -47.15 -80.59 -32.12
C VAL AA 124 -48.62 -80.20 -32.15
N LYS AA 125 -48.93 -79.01 -31.64
CA LYS AA 125 -50.29 -78.50 -31.65
C LYS AA 125 -50.78 -78.22 -33.06
N ASP AA 126 -49.89 -77.75 -33.93
CA ASP AA 126 -50.26 -77.29 -35.25
C ASP AA 126 -49.72 -78.16 -36.36
N GLN AA 127 -49.00 -79.24 -36.03
CA GLN AA 127 -48.38 -80.18 -36.98
C GLN AA 127 -47.47 -79.46 -37.96
N ALA AA 128 -46.57 -78.66 -37.41
CA ALA AA 128 -45.88 -77.64 -38.19
C ALA AA 128 -44.39 -77.93 -38.31
N ILE AA 129 -43.75 -77.19 -39.22
CA ILE AA 129 -42.31 -77.13 -39.36
C ILE AA 129 -41.89 -75.70 -39.07
N THR AA 130 -40.62 -75.52 -38.72
CA THR AA 130 -40.12 -74.23 -38.27
C THR AA 130 -39.04 -73.74 -39.20
N THR AA 131 -39.14 -72.47 -39.60
CA THR AA 131 -38.09 -71.80 -40.36
C THR AA 131 -37.49 -70.68 -39.52
N ARG AA 132 -36.24 -70.33 -39.78
CA ARG AA 132 -35.58 -69.27 -39.05
C ARG AA 132 -34.66 -68.46 -39.97
N VAL AA 133 -34.86 -67.14 -40.00
CA VAL AA 133 -33.98 -66.23 -40.71
C VAL AA 133 -33.40 -65.27 -39.67
N GLN AA 134 -32.11 -64.95 -39.80
CA GLN AA 134 -31.51 -64.06 -38.81
C GLN AA 134 -30.40 -63.21 -39.40
N VAL AA 135 -30.27 -62.01 -38.85
CA VAL AA 135 -29.16 -61.10 -39.13
C VAL AA 135 -28.35 -60.99 -37.86
N ARG AA 136 -27.16 -61.58 -37.84
CA ARG AA 136 -26.34 -61.64 -36.65
C ARG AA 136 -25.17 -60.69 -36.78
N ASN AA 137 -24.82 -60.03 -35.69
CA ASN AA 137 -23.81 -58.98 -35.69
C ASN AA 137 -22.91 -59.22 -34.50
N LEU AA 138 -21.87 -60.03 -34.69
CA LEU AA 138 -20.89 -60.34 -33.67
C LEU AA 138 -19.82 -59.26 -33.59
N VAL AA 139 -19.61 -58.68 -32.42
CA VAL AA 139 -18.69 -57.57 -32.24
C VAL AA 139 -17.44 -58.00 -31.49
N TYR AA 140 -17.59 -58.64 -30.33
CA TYR AA 140 -16.45 -59.07 -29.53
C TYR AA 140 -16.59 -60.53 -29.15
N THR AA 141 -15.45 -61.16 -28.93
CA THR AA 141 -15.34 -62.40 -28.18
C THR AA 141 -14.64 -62.07 -26.87
N VAL AA 142 -15.27 -62.40 -25.76
CA VAL AA 142 -14.84 -61.96 -24.44
C VAL AA 142 -14.52 -63.22 -23.65
N LYS AA 143 -13.27 -63.41 -23.27
CA LYS AA 143 -12.82 -64.63 -22.62
C LYS AA 143 -12.19 -64.35 -21.25
N ILE AA 144 -11.91 -65.42 -20.52
CA ILE AA 144 -11.28 -65.35 -19.21
C ILE AA 144 -9.83 -65.82 -19.32
N ASN AA 145 -8.94 -65.09 -18.66
CA ASN AA 145 -7.55 -65.49 -18.50
C ASN AA 145 -7.53 -66.74 -17.63
N PRO AA 146 -6.76 -67.78 -18.00
CA PRO AA 146 -6.75 -69.02 -17.21
C PRO AA 146 -6.17 -68.91 -15.80
N THR AA 147 -5.64 -67.77 -15.39
CA THR AA 147 -5.08 -67.60 -14.05
C THR AA 147 -5.98 -66.79 -13.16
N LEU AA 148 -7.28 -67.00 -13.28
CA LEU AA 148 -8.29 -66.27 -12.52
C LEU AA 148 -8.67 -67.06 -11.27
N GLU AA 149 -9.13 -66.33 -10.24
CA GLU AA 149 -9.55 -66.91 -8.98
C GLU AA 149 -11.05 -66.81 -8.80
N LEU AA 150 -11.55 -67.57 -7.84
CA LEU AA 150 -12.98 -67.70 -7.58
C LEU AA 150 -13.55 -66.47 -6.89
N SER AA 151 -14.87 -66.38 -6.92
CA SER AA 151 -15.57 -65.27 -6.30
C SER AA 151 -15.58 -65.43 -4.79
N SER AA 152 -15.96 -64.36 -4.11
CA SER AA 152 -15.98 -64.37 -2.65
C SER AA 152 -17.15 -65.17 -2.12
N GLY AA 153 -18.29 -65.13 -2.79
CA GLY AA 153 -19.45 -65.87 -2.35
C GLY AA 153 -19.39 -67.33 -2.71
N PHE AA 154 -18.82 -67.65 -3.87
CA PHE AA 154 -18.75 -69.04 -4.30
C PHE AA 154 -17.72 -69.83 -3.51
N ARG AA 155 -16.63 -69.17 -3.10
CA ARG AA 155 -15.62 -69.84 -2.27
C ARG AA 155 -16.17 -70.15 -0.89
N LYS AA 156 -17.01 -69.26 -0.36
CA LYS AA 156 -17.58 -69.47 0.97
C LYS AA 156 -18.50 -70.68 1.00
N GLU AA 157 -19.24 -70.92 -0.08
CA GLU AA 157 -20.17 -72.04 -0.07
C GLU AA 157 -19.48 -73.35 -0.42
N LEU AA 158 -18.29 -73.30 -1.03
CA LEU AA 158 -17.49 -74.51 -1.16
C LEU AA 158 -16.78 -74.86 0.13
N LEU AA 159 -16.43 -73.86 0.93
CA LEU AA 159 -15.83 -74.11 2.22
C LEU AA 159 -16.83 -74.64 3.23
N ASP AA 160 -18.11 -74.35 3.05
CA ASP AA 160 -19.13 -74.92 3.93
C ASP AA 160 -19.41 -76.37 3.59
N ILE AA 161 -19.33 -76.75 2.31
CA ILE AA 161 -19.35 -78.16 1.94
C ILE AA 161 -18.09 -78.84 2.44
N SER AA 162 -16.97 -78.11 2.42
CA SER AA 162 -15.69 -78.64 2.85
C SER AA 162 -15.68 -78.99 4.34
N ASP AA 163 -16.38 -78.20 5.15
CA ASP AA 163 -16.43 -78.47 6.59
C ASP AA 163 -17.21 -79.74 6.89
N ARG AA 164 -18.27 -80.00 6.12
CA ARG AA 164 -19.09 -81.17 6.37
C ARG AA 164 -18.39 -82.46 5.95
N LEU AA 165 -17.51 -82.40 4.95
CA LEU AA 165 -16.75 -83.59 4.57
C LEU AA 165 -15.67 -83.92 5.60
N GLU AA 166 -15.21 -82.92 6.35
CA GLU AA 166 -14.23 -83.17 7.40
C GLU AA 166 -14.86 -83.95 8.56
N ASN AA 167 -16.04 -83.53 8.98
CA ASN AA 167 -16.73 -84.06 10.14
C ASN AA 167 -17.47 -85.35 9.87
N ASN AA 168 -17.26 -85.97 8.70
CA ASN AA 168 -17.98 -87.18 8.26
C ASN AA 168 -19.49 -86.96 8.33
N GLN AA 169 -19.95 -85.91 7.67
CA GLN AA 169 -21.36 -85.57 7.61
C GLN AA 169 -21.75 -85.57 6.15
N THR AA 170 -22.06 -86.77 5.64
CA THR AA 170 -22.20 -86.96 4.21
C THR AA 170 -23.58 -86.51 3.72
N ARG AA 171 -24.62 -86.77 4.50
CA ARG AA 171 -25.97 -86.38 4.11
C ARG AA 171 -26.16 -84.87 4.16
N MET AA 172 -25.43 -84.18 5.02
CA MET AA 172 -25.56 -82.74 5.10
C MET AA 172 -24.68 -82.05 4.07
N ALA AA 173 -23.61 -82.71 3.63
CA ALA AA 173 -22.80 -82.18 2.54
C ALA AA 173 -23.47 -82.39 1.19
N THR AA 174 -24.19 -83.50 1.03
CA THR AA 174 -24.95 -83.75 -0.19
C THR AA 174 -26.07 -82.75 -0.34
N TYR AA 175 -26.67 -82.35 0.76
CA TYR AA 175 -27.70 -81.32 0.73
C TYR AA 175 -27.14 -79.97 0.31
N LEU AA 176 -26.00 -79.58 0.86
CA LEU AA 176 -25.40 -78.30 0.50
C LEU AA 176 -24.80 -78.29 -0.89
N ALA AA 177 -24.40 -79.46 -1.41
CA ALA AA 177 -23.90 -79.52 -2.77
C ALA AA 177 -25.00 -79.27 -3.78
N GLU AA 178 -26.24 -79.66 -3.45
CA GLU AA 178 -27.37 -79.43 -4.34
C GLU AA 178 -27.89 -78.01 -4.27
N LEU AA 179 -27.67 -77.32 -3.16
CA LEU AA 179 -27.98 -75.90 -3.12
C LEU AA 179 -26.95 -75.07 -3.86
N LEU AA 180 -25.76 -75.62 -4.11
CA LEU AA 180 -24.79 -74.95 -4.94
C LEU AA 180 -25.23 -74.95 -6.40
N VAL AA 181 -25.95 -75.99 -6.81
CA VAL AA 181 -26.43 -76.11 -8.18
C VAL AA 181 -27.69 -75.28 -8.38
N LEU AA 182 -28.51 -75.11 -7.34
CA LEU AA 182 -29.61 -74.17 -7.42
C LEU AA 182 -29.12 -72.75 -7.62
N ASN AA 183 -28.03 -72.37 -6.97
CA ASN AA 183 -27.61 -70.99 -6.98
C ASN AA 183 -26.59 -70.67 -8.06
N TYR AA 184 -25.85 -71.67 -8.55
CA TYR AA 184 -24.77 -71.42 -9.48
C TYR AA 184 -24.84 -72.26 -10.75
N GLY AA 185 -25.85 -73.08 -10.92
CA GLY AA 185 -26.02 -73.79 -12.17
C GLY AA 185 -25.16 -75.02 -12.29
N THR AA 186 -25.03 -75.49 -13.53
CA THR AA 186 -24.26 -76.68 -13.84
C THR AA 186 -22.98 -76.40 -14.61
N HIS AA 187 -22.80 -75.17 -15.08
CA HIS AA 187 -21.69 -74.80 -15.95
C HIS AA 187 -21.21 -73.43 -15.58
N VAL AA 188 -20.00 -73.09 -16.04
CA VAL AA 188 -19.43 -71.77 -15.92
C VAL AA 188 -19.10 -71.28 -17.33
N THR AA 189 -19.60 -70.11 -17.68
CA THR AA 189 -19.32 -69.58 -19.00
C THR AA 189 -17.88 -69.09 -19.05
N THR AA 190 -17.11 -69.62 -20.00
CA THR AA 190 -15.73 -69.21 -20.16
C THR AA 190 -15.52 -68.25 -21.31
N SER AA 191 -16.42 -68.22 -22.29
CA SER AA 191 -16.37 -67.20 -23.31
C SER AA 191 -17.78 -66.85 -23.73
N VAL AA 192 -18.00 -65.57 -23.98
CA VAL AA 192 -19.26 -65.06 -24.51
C VAL AA 192 -18.96 -64.30 -25.79
N ASP AA 193 -19.95 -64.25 -26.65
CA ASP AA 193 -19.91 -63.48 -27.89
C ASP AA 193 -20.84 -62.29 -27.74
N ALA AA 194 -20.28 -61.10 -27.71
CA ALA AA 194 -21.06 -59.89 -27.52
C ALA AA 194 -21.53 -59.35 -28.86
N GLY AA 195 -22.84 -59.15 -29.00
CA GLY AA 195 -23.37 -58.61 -30.22
C GLY AA 195 -24.87 -58.52 -30.19
N ALA AA 196 -25.46 -58.43 -31.37
CA ALA AA 196 -26.90 -58.32 -31.51
C ALA AA 196 -27.38 -59.26 -32.60
N ALA AA 197 -28.67 -59.56 -32.60
CA ALA AA 197 -29.26 -60.41 -33.61
C ALA AA 197 -30.71 -60.04 -33.81
N LEU AA 198 -31.19 -60.18 -35.04
CA LEU AA 198 -32.58 -59.93 -35.37
C LEU AA 198 -33.10 -61.20 -36.02
N ILE AA 199 -34.09 -61.86 -35.41
CA ILE AA 199 -34.48 -63.21 -35.78
C ILE AA 199 -35.94 -63.23 -36.21
N GLN AA 200 -36.22 -63.91 -37.33
CA GLN AA 200 -37.55 -64.27 -37.79
C GLN AA 200 -37.80 -65.73 -37.51
N GLU AA 201 -38.99 -66.08 -37.05
CA GLU AA 201 -39.29 -67.48 -36.80
C GLU AA 201 -40.73 -67.75 -37.24
N ASP AA 202 -40.88 -68.33 -38.43
CA ASP AA 202 -42.19 -68.71 -38.93
C ASP AA 202 -42.44 -70.19 -38.69
N HIS AA 203 -43.70 -70.54 -38.58
CA HIS AA 203 -44.14 -71.92 -38.53
C HIS AA 203 -45.06 -72.19 -39.70
N LEU AA 204 -44.74 -73.21 -40.47
CA LEU AA 204 -45.46 -73.57 -41.68
C LEU AA 204 -46.04 -74.96 -41.50
N ARG AA 205 -47.16 -75.24 -42.15
CA ARG AA 205 -47.73 -76.58 -42.11
C ARG AA 205 -46.79 -77.57 -42.77
N ALA AA 206 -46.69 -78.77 -42.21
CA ALA AA 206 -45.74 -79.76 -42.71
C ALA AA 206 -46.12 -80.32 -44.06
N SER AA 207 -47.38 -80.14 -44.47
CA SER AA 207 -47.82 -80.52 -45.81
C SER AA 207 -47.25 -79.60 -46.88
N PHE AA 208 -46.88 -78.37 -46.51
CA PHE AA 208 -46.40 -77.40 -47.47
C PHE AA 208 -44.99 -77.69 -47.94
N LEU AA 209 -44.20 -78.43 -47.16
CA LEU AA 209 -42.82 -78.73 -47.52
C LEU AA 209 -42.70 -80.03 -48.32
N GLN AA 210 -43.69 -80.89 -48.27
CA GLN AA 210 -43.63 -82.23 -48.84
C GLN AA 210 -43.67 -82.27 -50.37
N ASP AA 211 -43.50 -81.18 -51.12
CA ASP AA 211 -43.67 -81.24 -52.57
C ASP AA 211 -42.47 -81.90 -53.25
N SER AA 212 -41.28 -81.30 -53.13
CA SER AA 212 -40.07 -81.86 -53.73
C SER AA 212 -38.87 -81.23 -53.04
N GLN AA 213 -37.67 -81.56 -53.55
CA GLN AA 213 -36.43 -80.93 -53.13
C GLN AA 213 -36.12 -79.67 -53.92
N SER AA 214 -36.92 -79.36 -54.95
CA SER AA 214 -36.84 -78.09 -55.64
C SER AA 214 -37.85 -77.09 -55.10
N SER AA 215 -38.92 -77.56 -54.48
CA SER AA 215 -39.81 -76.66 -53.76
C SER AA 215 -39.16 -76.14 -52.50
N ARG AA 216 -38.24 -76.92 -51.93
CA ARG AA 216 -37.58 -76.55 -50.68
C ARG AA 216 -36.73 -75.30 -50.83
N SER AA 217 -36.06 -75.15 -51.96
CA SER AA 217 -35.24 -73.98 -52.21
C SER AA 217 -36.06 -72.77 -52.64
N ALA AA 218 -37.38 -72.89 -52.76
CA ALA AA 218 -38.25 -71.76 -52.99
C ALA AA 218 -39.08 -71.39 -51.77
N VAL AA 219 -39.41 -72.38 -50.93
CA VAL AA 219 -39.93 -72.09 -49.60
C VAL AA 219 -38.91 -71.30 -48.80
N THR AA 220 -37.64 -71.69 -48.91
CA THR AA 220 -36.56 -71.15 -48.09
C THR AA 220 -36.21 -69.73 -48.49
N ALA AA 221 -36.21 -69.43 -49.79
CA ALA AA 221 -35.92 -68.07 -50.24
C ALA AA 221 -37.12 -67.16 -50.19
N SER AA 222 -38.30 -67.70 -49.90
CA SER AA 222 -39.48 -66.87 -49.70
C SER AA 222 -39.50 -66.30 -48.30
N ALA AA 223 -39.08 -67.10 -47.32
CA ALA AA 223 -39.01 -66.66 -45.94
C ALA AA 223 -37.96 -65.59 -45.74
N GLY AA 224 -36.87 -65.64 -46.48
CA GLY AA 224 -35.88 -64.59 -46.41
C GLY AA 224 -36.31 -63.33 -47.11
N LEU AA 225 -37.24 -63.44 -48.05
CA LEU AA 225 -37.78 -62.27 -48.74
C LEU AA 225 -38.81 -61.57 -47.88
N ALA AA 226 -39.65 -62.35 -47.19
CA ALA AA 226 -40.63 -61.78 -46.27
C ALA AA 226 -39.97 -61.08 -45.10
N PHE AA 227 -38.80 -61.57 -44.68
CA PHE AA 227 -38.09 -60.97 -43.56
C PHE AA 227 -37.51 -59.62 -43.92
N GLN AA 228 -37.03 -59.48 -45.16
CA GLN AA 228 -36.51 -58.19 -45.59
C GLN AA 228 -37.62 -57.20 -45.89
N ASN AA 229 -38.81 -57.68 -46.26
CA ASN AA 229 -39.94 -56.78 -46.40
C ASN AA 229 -40.39 -56.26 -45.05
N THR AA 230 -40.41 -57.13 -44.04
CA THR AA 230 -40.89 -56.77 -42.71
C THR AA 230 -39.99 -55.74 -42.06
N VAL AA 231 -38.69 -55.81 -42.28
CA VAL AA 231 -37.84 -54.77 -41.71
C VAL AA 231 -37.98 -53.46 -42.49
N ASN AA 232 -38.13 -53.51 -43.80
CA ASN AA 232 -38.09 -52.27 -44.56
C ASN AA 232 -39.43 -51.55 -44.68
N PHE AA 233 -40.56 -52.26 -44.74
CA PHE AA 233 -41.79 -51.67 -45.29
C PHE AA 233 -42.93 -51.50 -44.29
N LYS AA 234 -42.65 -50.98 -43.10
CA LYS AA 234 -43.56 -50.09 -42.34
C LYS AA 234 -44.92 -50.67 -42.01
N PHE AA 235 -45.06 -52.01 -42.05
CA PHE AA 235 -46.28 -52.82 -41.88
C PHE AA 235 -47.24 -52.68 -43.07
N GLU AA 236 -46.96 -51.77 -43.98
CA GLU AA 236 -47.85 -51.52 -45.09
C GLU AA 236 -47.68 -52.61 -46.14
N GLU AA 237 -48.61 -52.65 -47.10
CA GLU AA 237 -48.47 -53.55 -48.23
C GLU AA 237 -47.77 -52.88 -49.41
N ASN AA 238 -46.63 -52.28 -49.10
CA ASN AA 238 -45.66 -51.85 -50.08
C ASN AA 238 -44.63 -52.93 -50.35
N TYR AA 239 -44.98 -54.19 -50.13
CA TYR AA 239 -44.04 -55.28 -50.23
C TYR AA 239 -43.73 -55.58 -51.68
N THR AA 240 -42.52 -56.06 -51.92
CA THR AA 240 -42.10 -56.52 -53.23
C THR AA 240 -42.35 -58.03 -53.37
N SER AA 241 -43.63 -58.40 -53.27
CA SER AA 241 -44.04 -59.79 -53.36
C SER AA 241 -43.82 -60.31 -54.77
N GLN AA 242 -42.83 -61.18 -54.93
CA GLN AA 242 -42.30 -61.51 -56.25
C GLN AA 242 -43.12 -62.55 -57.00
N ASN AA 243 -43.89 -63.39 -56.30
CA ASN AA 243 -44.50 -64.53 -56.95
C ASN AA 243 -45.90 -64.74 -56.38
N VAL AA 244 -46.54 -65.81 -56.85
CA VAL AA 244 -47.69 -66.38 -56.16
C VAL AA 244 -47.22 -67.28 -55.03
N LEU AA 245 -45.96 -67.75 -55.12
CA LEU AA 245 -45.39 -68.57 -54.06
C LEU AA 245 -45.20 -67.79 -52.77
N THR AA 246 -45.02 -66.47 -52.87
CA THR AA 246 -45.08 -65.63 -51.68
C THR AA 246 -46.49 -65.60 -51.10
N LYS AA 247 -47.51 -65.54 -51.96
CA LYS AA 247 -48.88 -65.53 -51.49
C LYS AA 247 -49.29 -66.90 -50.95
N SER AA 248 -48.81 -67.97 -51.58
CA SER AA 248 -49.09 -69.29 -51.04
C SER AA 248 -48.30 -69.58 -49.77
N TYR AA 249 -47.18 -68.88 -49.56
CA TYR AA 249 -46.42 -69.02 -48.33
C TYR AA 249 -47.21 -68.49 -47.14
N LEU AA 250 -47.96 -67.41 -47.33
CA LEU AA 250 -48.66 -66.78 -46.23
C LEU AA 250 -49.84 -67.62 -45.76
N SER AA 251 -50.46 -68.37 -46.66
CA SER AA 251 -51.66 -69.10 -46.29
C SER AA 251 -51.36 -70.40 -45.55
N ASN AA 252 -50.16 -70.94 -45.70
CA ASN AA 252 -49.74 -72.10 -44.93
C ASN AA 252 -49.01 -71.71 -43.66
N ARG AA 253 -48.67 -70.42 -43.50
CA ARG AA 253 -47.97 -69.95 -42.33
C ARG AA 253 -48.84 -70.06 -41.09
N THR AA 254 -48.29 -70.62 -40.02
CA THR AA 254 -49.03 -70.78 -38.80
C THR AA 254 -48.77 -69.68 -37.77
N ASN AA 255 -47.51 -69.34 -37.43
CA ASN AA 255 -47.33 -68.44 -36.30
C ASN AA 255 -46.63 -67.12 -36.59
N SER AA 256 -45.39 -67.10 -37.12
CA SER AA 256 -44.61 -65.90 -37.43
C SER AA 256 -44.28 -64.91 -36.29
N ARG AA 257 -43.34 -65.27 -35.43
CA ARG AA 257 -42.78 -64.31 -34.47
C ARG AA 257 -41.55 -63.59 -35.06
N VAL AA 258 -41.35 -62.34 -34.65
CA VAL AA 258 -40.14 -61.60 -34.96
C VAL AA 258 -39.48 -61.20 -33.65
N GLN AA 259 -38.21 -61.56 -33.48
CA GLN AA 259 -37.51 -61.37 -32.22
C GLN AA 259 -36.24 -60.57 -32.42
N SER AA 260 -36.04 -59.56 -31.59
CA SER AA 260 -34.81 -58.80 -31.57
C SER AA 260 -34.07 -59.12 -30.28
N ILE AA 261 -32.78 -59.43 -30.39
CA ILE AA 261 -31.95 -59.75 -29.24
C ILE AA 261 -30.79 -58.79 -29.24
N GLY AA 262 -30.82 -57.80 -28.35
CA GLY AA 262 -29.81 -56.77 -28.33
C GLY AA 262 -30.15 -55.65 -29.29
N GLY AA 263 -29.40 -54.57 -29.18
CA GLY AA 263 -29.68 -53.43 -30.02
C GLY AA 263 -30.89 -52.66 -29.54
N VAL AA 264 -31.45 -51.88 -30.47
CA VAL AA 264 -32.66 -51.11 -30.22
C VAL AA 264 -33.86 -52.02 -30.43
N PRO AA 265 -35.02 -51.73 -29.83
CA PRO AA 265 -36.18 -52.61 -30.05
C PRO AA 265 -36.68 -52.56 -31.47
N PHE AA 266 -37.09 -53.72 -31.97
CA PHE AA 266 -37.58 -53.82 -33.34
C PHE AA 266 -39.01 -53.32 -33.43
N TYR AA 267 -39.31 -52.64 -34.53
CA TYR AA 267 -40.65 -52.34 -34.98
C TYR AA 267 -40.66 -52.50 -36.50
N PRO AA 268 -41.77 -52.95 -37.07
CA PRO AA 268 -41.80 -53.15 -38.52
C PRO AA 268 -41.71 -51.86 -39.28
N GLY AA 269 -40.57 -51.62 -39.92
CA GLY AA 269 -40.33 -50.35 -40.56
C GLY AA 269 -38.99 -49.75 -40.24
N ILE AA 270 -38.32 -50.23 -39.20
CA ILE AA 270 -36.95 -49.79 -38.95
C ILE AA 270 -36.05 -50.42 -40.00
N THR AA 271 -35.33 -49.60 -40.74
CA THR AA 271 -34.53 -50.14 -41.81
C THR AA 271 -33.34 -50.91 -41.25
N LEU AA 272 -32.74 -51.75 -42.09
CA LEU AA 272 -31.61 -52.55 -41.63
C LEU AA 272 -30.41 -51.69 -41.34
N GLN AA 273 -30.29 -50.56 -42.03
CA GLN AA 273 -29.31 -49.55 -41.69
C GLN AA 273 -29.54 -48.99 -40.29
N ALA AA 274 -30.78 -48.68 -39.95
CA ALA AA 274 -31.05 -47.99 -38.70
C ALA AA 274 -31.03 -48.93 -37.50
N TRP AA 275 -31.33 -50.21 -37.71
CA TRP AA 275 -31.19 -51.19 -36.64
C TRP AA 275 -29.72 -51.39 -36.28
N GLN AA 276 -28.84 -51.32 -37.26
CA GLN AA 276 -27.41 -51.51 -37.05
C GLN AA 276 -26.71 -50.30 -36.46
N GLN AA 277 -27.38 -49.16 -36.38
CA GLN AA 277 -26.80 -48.02 -35.71
C GLN AA 277 -27.05 -48.05 -34.21
N GLY AA 278 -28.05 -48.80 -33.77
CA GLY AA 278 -28.36 -48.92 -32.37
C GLY AA 278 -27.72 -50.07 -31.67
N ILE AA 279 -26.86 -50.82 -32.35
CA ILE AA 279 -26.15 -51.93 -31.74
C ILE AA 279 -25.10 -51.44 -30.76
N THR AA 280 -24.53 -50.26 -31.03
CA THR AA 280 -23.54 -49.65 -30.16
C THR AA 280 -24.15 -49.33 -28.80
N ASN AA 281 -23.49 -49.84 -27.74
CA ASN AA 281 -23.82 -49.76 -26.32
C ASN AA 281 -25.03 -50.58 -25.92
N HIS AA 282 -25.59 -51.38 -26.83
CA HIS AA 282 -26.64 -52.33 -26.49
C HIS AA 282 -26.17 -53.69 -27.00
N LEU AA 283 -25.30 -54.34 -26.25
CA LEU AA 283 -24.74 -55.62 -26.67
C LEU AA 283 -25.15 -56.68 -25.66
N VAL AA 284 -25.49 -57.86 -26.16
CA VAL AA 284 -25.88 -58.97 -25.32
C VAL AA 284 -25.06 -60.18 -25.74
N ALA AA 285 -25.19 -61.26 -24.97
CA ALA AA 285 -24.52 -62.50 -25.31
C ALA AA 285 -25.36 -63.23 -26.35
N ILE AA 286 -24.87 -63.31 -27.58
CA ILE AA 286 -25.54 -64.08 -28.61
C ILE AA 286 -24.96 -65.47 -28.76
N ASP AA 287 -23.87 -65.79 -28.07
CA ASP AA 287 -23.35 -67.14 -28.00
C ASP AA 287 -22.51 -67.27 -26.75
N ARG AA 288 -22.36 -68.50 -26.27
CA ARG AA 288 -21.63 -68.81 -25.05
C ARG AA 288 -20.89 -70.12 -25.21
N SER AA 289 -19.75 -70.23 -24.54
CA SER AA 289 -19.06 -71.49 -24.37
C SER AA 289 -18.79 -71.68 -22.88
N GLY AA 290 -18.54 -72.92 -22.48
CA GLY AA 290 -18.33 -73.14 -21.07
C GLY AA 290 -17.70 -74.47 -20.74
N LEU AA 291 -17.59 -74.71 -19.44
CA LEU AA 291 -17.07 -75.94 -18.85
C LEU AA 291 -17.96 -76.27 -17.67
N PRO AA 292 -18.01 -77.55 -17.27
CA PRO AA 292 -18.82 -77.91 -16.11
C PRO AA 292 -18.30 -77.31 -14.82
N LEU AA 293 -19.17 -77.32 -13.81
CA LEU AA 293 -18.92 -76.56 -12.59
C LEU AA 293 -17.85 -77.20 -11.74
N HIS AA 294 -17.70 -78.51 -11.80
CA HIS AA 294 -16.68 -79.21 -11.02
C HIS AA 294 -15.31 -79.17 -11.66
N PHE AA 295 -15.19 -78.62 -12.86
CA PHE AA 295 -13.88 -78.42 -13.46
C PHE AA 295 -13.08 -77.39 -12.67
N PHE AA 296 -13.75 -76.41 -12.10
CA PHE AA 296 -13.10 -75.33 -11.39
C PHE AA 296 -12.98 -75.59 -9.90
N ILE AA 297 -13.22 -76.82 -9.47
CA ILE AA 297 -12.96 -77.22 -8.10
C ILE AA 297 -11.74 -78.13 -8.14
N ASN AA 298 -10.57 -77.55 -7.99
CA ASN AA 298 -9.30 -78.24 -8.16
C ASN AA 298 -8.34 -77.62 -7.16
N PRO AA 299 -7.20 -78.28 -6.87
CA PRO AA 299 -6.25 -77.70 -5.89
C PRO AA 299 -5.65 -76.36 -6.29
N ASN AA 300 -5.75 -75.95 -7.54
CA ASN AA 300 -5.23 -74.65 -7.95
C ASN AA 300 -6.16 -73.52 -7.52
N MET AA 301 -7.47 -73.70 -7.70
CA MET AA 301 -8.42 -72.65 -7.33
C MET AA 301 -8.57 -72.52 -5.82
N LEU AA 302 -8.34 -73.60 -5.09
CA LEU AA 302 -8.50 -73.63 -3.63
C LEU AA 302 -7.13 -73.96 -3.03
N PRO AA 303 -6.26 -72.96 -2.85
CA PRO AA 303 -4.91 -73.24 -2.37
C PRO AA 303 -4.81 -73.32 -0.85
N ASP AA 304 -5.86 -72.93 -0.13
CA ASP AA 304 -5.86 -72.96 1.33
C ASP AA 304 -6.56 -74.19 1.89
N LEU AA 305 -6.70 -75.24 1.10
CA LEU AA 305 -7.28 -76.50 1.53
C LEU AA 305 -6.38 -77.63 1.07
N PRO AA 306 -6.40 -78.77 1.76
CA PRO AA 306 -5.56 -79.89 1.33
C PRO AA 306 -6.02 -80.51 0.02
N GLY AA 307 -5.11 -81.25 -0.59
CA GLY AA 307 -5.30 -81.88 -1.87
C GLY AA 307 -6.44 -82.86 -2.00
N PRO AA 308 -6.48 -83.92 -1.19
CA PRO AA 308 -7.59 -84.88 -1.30
C PRO AA 308 -8.90 -84.36 -0.79
N LEU AA 309 -8.93 -83.23 -0.09
CA LEU AA 309 -10.17 -82.70 0.43
C LEU AA 309 -10.89 -81.82 -0.57
N VAL AA 310 -10.19 -81.20 -1.52
CA VAL AA 310 -10.89 -80.51 -2.60
C VAL AA 310 -11.31 -81.45 -3.71
N LYS AA 311 -10.88 -82.70 -3.66
CA LYS AA 311 -11.39 -83.73 -4.54
C LYS AA 311 -12.63 -84.41 -3.98
N LYS AA 312 -12.90 -84.26 -2.68
CA LYS AA 312 -14.17 -84.70 -2.14
C LYS AA 312 -15.25 -83.68 -2.44
N VAL AA 313 -14.90 -82.40 -2.43
CA VAL AA 313 -15.83 -81.34 -2.77
C VAL AA 313 -16.16 -81.40 -4.26
N SER AA 314 -15.15 -81.68 -5.08
CA SER AA 314 -15.37 -81.75 -6.52
C SER AA 314 -16.19 -82.97 -6.91
N LYS AA 315 -16.11 -84.05 -6.14
CA LYS AA 315 -16.87 -85.24 -6.47
C LYS AA 315 -18.30 -85.14 -5.94
N THR AA 316 -18.52 -84.45 -4.83
CA THR AA 316 -19.87 -84.33 -4.32
C THR AA 316 -20.69 -83.27 -5.06
N VAL AA 317 -20.05 -82.42 -5.87
CA VAL AA 317 -20.76 -81.49 -6.73
C VAL AA 317 -20.98 -82.09 -8.11
N GLU AA 318 -20.04 -82.91 -8.59
CA GLU AA 318 -20.24 -83.65 -9.83
C GLU AA 318 -21.40 -84.62 -9.72
N THR AA 319 -21.62 -85.19 -8.54
CA THR AA 319 -22.75 -86.08 -8.33
C THR AA 319 -24.06 -85.31 -8.27
N ALA AA 320 -24.04 -84.10 -7.71
CA ALA AA 320 -25.25 -83.31 -7.59
C ALA AA 320 -25.69 -82.76 -8.94
N VAL AA 321 -24.75 -82.42 -9.81
CA VAL AA 321 -25.10 -81.96 -11.15
C VAL AA 321 -25.65 -83.11 -11.97
N LYS AA 322 -25.04 -84.29 -11.85
CA LYS AA 322 -25.49 -85.46 -12.60
C LYS AA 322 -26.85 -85.94 -12.12
N ARG AA 323 -27.17 -85.75 -10.85
CA ARG AA 323 -28.48 -86.09 -10.33
C ARG AA 323 -29.54 -85.14 -10.84
N TYR AA 324 -29.15 -83.92 -11.18
CA TYR AA 324 -30.10 -82.92 -11.66
C TYR AA 324 -30.51 -83.20 -13.10
N TYR AA 325 -29.62 -83.76 -13.91
CA TYR AA 325 -29.97 -84.14 -15.28
C TYR AA 325 -30.81 -85.39 -15.31
N THR AA 326 -30.62 -86.30 -14.34
CA THR AA 326 -31.33 -87.57 -14.36
C THR AA 326 -32.79 -87.38 -13.97
N PHE AA 327 -33.07 -86.47 -13.05
CA PHE AA 327 -34.43 -86.27 -12.60
C PHE AA 327 -35.26 -85.44 -13.57
N ASN AA 328 -34.64 -84.89 -14.60
CA ASN AA 328 -35.30 -84.10 -15.62
C ASN AA 328 -35.21 -84.77 -16.98
N THR AA 329 -35.08 -86.09 -16.99
CA THR AA 329 -35.03 -86.87 -18.22
C THR AA 329 -36.30 -87.68 -18.32
N TYR AA 330 -37.00 -87.53 -19.45
CA TYR AA 330 -38.28 -88.21 -19.69
C TYR AA 330 -38.16 -89.01 -20.98
N PRO AA 331 -37.80 -90.27 -20.90
CA PRO AA 331 -37.83 -91.11 -22.12
C PRO AA 331 -39.25 -91.44 -22.52
N GLY AA 332 -39.46 -91.55 -23.82
CA GLY AA 332 -40.78 -91.85 -24.33
C GLY AA 332 -40.79 -91.80 -25.83
N CYS AA 333 -41.97 -92.04 -26.38
CA CYS AA 333 -42.17 -91.97 -27.83
C CYS AA 333 -42.24 -90.52 -28.25
N THR AA 334 -41.35 -90.11 -29.15
CA THR AA 334 -41.24 -88.73 -29.56
C THR AA 334 -41.79 -88.47 -30.96
N ASP AA 335 -42.20 -89.52 -31.69
CA ASP AA 335 -42.74 -89.34 -33.02
C ASP AA 335 -44.21 -88.95 -32.93
N LEU AA 336 -44.55 -87.78 -33.46
CA LEU AA 336 -45.91 -87.25 -33.30
C LEU AA 336 -46.94 -87.98 -34.14
N ASN AA 337 -46.50 -88.73 -35.14
CA ASN AA 337 -47.43 -89.48 -35.98
C ASN AA 337 -47.74 -90.87 -35.42
N SER AA 338 -46.97 -91.36 -34.47
CA SER AA 338 -47.26 -92.64 -33.85
C SER AA 338 -48.48 -92.51 -32.94
N PRO AA 339 -49.29 -93.58 -32.83
CA PRO AA 339 -50.50 -93.48 -31.99
C PRO AA 339 -50.20 -93.38 -30.51
N ASN AA 340 -49.12 -93.98 -30.04
CA ASN AA 340 -48.69 -93.86 -28.65
C ASN AA 340 -47.67 -92.75 -28.45
N PHE AA 341 -47.98 -91.56 -28.94
CA PHE AA 341 -47.08 -90.42 -28.82
C PHE AA 341 -47.03 -89.89 -27.39
N ASN AA 342 -45.83 -89.80 -26.84
CA ASN AA 342 -45.62 -89.26 -25.51
C ASN AA 342 -45.25 -87.79 -25.67
N PHE AA 343 -46.25 -86.94 -25.56
CA PHE AA 343 -46.00 -85.55 -25.21
C PHE AA 343 -45.49 -85.54 -23.78
N GLN AA 344 -44.75 -84.49 -23.42
CA GLN AA 344 -43.93 -84.42 -22.20
C GLN AA 344 -42.89 -85.53 -22.17
N ALA AA 345 -42.08 -85.61 -23.21
CA ALA AA 345 -40.96 -86.55 -23.28
C ALA AA 345 -39.79 -85.87 -23.97
N ASN AA 346 -38.60 -86.04 -23.41
CA ASN AA 346 -37.38 -85.39 -23.89
C ASN AA 346 -36.57 -86.30 -24.81
N THR AA 347 -36.36 -87.53 -24.40
CA THR AA 347 -35.42 -88.43 -25.04
C THR AA 347 -36.18 -89.48 -25.84
N ASP AA 348 -35.70 -89.77 -27.04
CA ASP AA 348 -36.31 -90.76 -27.90
C ASP AA 348 -36.08 -92.15 -27.30
N ASP AA 349 -37.17 -92.82 -26.96
CA ASP AA 349 -37.09 -94.11 -26.28
C ASP AA 349 -36.72 -95.23 -27.23
N GLY AA 350 -36.95 -95.06 -28.53
CA GLY AA 350 -36.71 -96.13 -29.47
C GLY AA 350 -37.79 -97.19 -29.49
N SER AA 351 -38.91 -96.96 -28.82
CA SER AA 351 -40.03 -97.88 -28.79
C SER AA 351 -41.26 -97.08 -29.21
N CYS AA 352 -41.45 -96.97 -30.53
CA CYS AA 352 -42.55 -96.19 -31.07
C CYS AA 352 -43.69 -97.06 -31.57
N GLU AA 353 -43.50 -98.38 -31.62
CA GLU AA 353 -44.54 -99.31 -32.03
C GLU AA 353 -44.66 -100.39 -30.96
N GLY AA 354 -45.75 -100.35 -30.21
CA GLY AA 354 -46.01 -101.34 -29.18
C GLY AA 354 -46.92 -102.45 -29.66
N LYS AA 355 -47.19 -103.38 -28.75
CA LYS AA 355 -48.01 -104.54 -29.07
C LYS AA 355 -49.35 -104.58 -28.36
N MET AA 356 -49.57 -103.68 -27.38
CA MET AA 356 -50.79 -103.59 -26.58
C MET AA 356 -51.07 -104.91 -25.86
N THR AA 357 -50.19 -105.21 -24.91
CA THR AA 357 -50.33 -106.38 -24.08
C THR AA 357 -50.91 -105.96 -22.72
N ASN AA 358 -52.09 -106.47 -22.39
CA ASN AA 358 -52.67 -106.22 -21.09
C ASN AA 358 -52.04 -107.14 -20.06
N PHE AA 359 -51.71 -106.58 -18.90
CA PHE AA 359 -50.99 -107.32 -17.86
C PHE AA 359 -51.83 -107.42 -16.61
N SER AA 360 -51.33 -108.21 -15.66
CA SER AA 360 -52.03 -108.52 -14.42
C SER AA 360 -51.31 -107.84 -13.26
N PHE AA 361 -52.04 -107.03 -12.51
CA PHE AA 361 -51.49 -106.33 -11.35
C PHE AA 361 -51.70 -107.20 -10.11
N GLY AA 362 -50.63 -107.83 -9.64
CA GLY AA 362 -50.71 -108.76 -8.54
C GLY AA 362 -50.62 -108.16 -7.16
N GLY AA 363 -50.63 -106.84 -7.04
CA GLY AA 363 -50.67 -106.19 -5.74
C GLY AA 363 -49.28 -105.91 -5.19
N VAL AA 364 -49.28 -105.12 -4.12
CA VAL AA 364 -48.05 -104.69 -3.45
C VAL AA 364 -48.12 -105.07 -1.98
N TYR AA 365 -46.95 -105.27 -1.38
CA TYR AA 365 -46.86 -105.46 0.06
C TYR AA 365 -45.50 -104.96 0.53
N GLN AA 366 -45.46 -104.52 1.78
CA GLN AA 366 -44.28 -103.88 2.34
C GLN AA 366 -43.99 -104.45 3.72
N GLU AA 367 -42.75 -104.89 3.92
CA GLU AA 367 -42.32 -105.37 5.22
C GLU AA 367 -41.76 -104.20 6.03
N CYS AA 368 -41.64 -104.41 7.34
CA CYS AA 368 -40.98 -103.47 8.21
C CYS AA 368 -40.14 -104.21 9.25
N THR AA 369 -39.07 -103.57 9.70
CA THR AA 369 -38.17 -104.17 10.68
C THR AA 369 -37.65 -103.05 11.57
N GLN AA 370 -38.11 -103.03 12.82
CA GLN AA 370 -37.69 -102.02 13.78
C GLN AA 370 -36.23 -102.21 14.14
N LEU AA 371 -35.45 -101.13 14.08
CA LEU AA 371 -34.03 -101.18 14.41
C LEU AA 371 -33.70 -100.57 15.76
N SER AA 372 -34.37 -99.47 16.12
CA SER AA 372 -34.13 -98.81 17.40
C SER AA 372 -35.36 -98.00 17.75
N GLY AA 373 -35.54 -97.77 19.06
CA GLY AA 373 -36.66 -96.99 19.53
C GLY AA 373 -37.88 -97.84 19.85
N ASN AA 374 -37.67 -98.96 20.53
CA ASN AA 374 -38.75 -99.87 20.84
C ASN AA 374 -39.64 -99.32 21.95
N ARG AA 375 -40.91 -99.71 21.90
CA ARG AA 375 -41.95 -99.39 22.88
C ARG AA 375 -42.21 -97.90 23.01
N ASP AA 376 -41.84 -97.10 22.02
CA ASP AA 376 -42.05 -95.67 22.06
C ASP AA 376 -42.86 -95.16 20.88
N VAL AA 377 -42.54 -95.59 19.66
CA VAL AA 377 -43.19 -95.10 18.45
C VAL AA 377 -44.06 -96.16 17.80
N LEU AA 378 -43.59 -97.41 17.79
CA LEU AA 378 -44.13 -98.52 16.99
C LEU AA 378 -44.18 -98.15 15.51
N LEU AA 379 -42.97 -97.95 14.97
CA LEU AA 379 -42.81 -97.62 13.55
C LEU AA 379 -43.31 -98.72 12.64
N CYS AA 380 -43.22 -99.97 13.07
CA CYS AA 380 -43.56 -101.12 12.26
C CYS AA 380 -45.06 -101.44 12.29
N GLN AA 381 -45.90 -100.45 12.56
CA GLN AA 381 -47.34 -100.61 12.55
C GLN AA 381 -48.01 -99.72 11.53
N LYS AA 382 -47.63 -98.45 11.46
CA LYS AA 382 -48.14 -97.54 10.44
C LYS AA 382 -47.25 -97.51 9.21
N LEU AA 383 -46.36 -98.47 9.05
CA LEU AA 383 -45.46 -98.56 7.91
C LEU AA 383 -45.49 -99.95 7.30
N GLU AA 384 -46.53 -100.72 7.59
CA GLU AA 384 -46.64 -102.11 7.20
C GLU AA 384 -47.88 -102.29 6.35
N GLN AA 385 -47.75 -102.99 5.23
CA GLN AA 385 -48.88 -103.22 4.33
C GLN AA 385 -48.83 -104.65 3.82
N LYS AA 386 -49.99 -105.31 3.85
CA LYS AA 386 -50.12 -106.68 3.37
C LYS AA 386 -50.87 -106.69 2.04
N ASN AA 387 -50.64 -107.75 1.28
CA ASN AA 387 -51.27 -107.92 -0.03
C ASN AA 387 -52.74 -108.26 0.14
N PRO AA 388 -53.67 -107.51 -0.47
CA PRO AA 388 -55.09 -107.86 -0.33
C PRO AA 388 -55.48 -109.15 -1.01
N LEU AA 389 -54.68 -109.65 -1.95
CA LEU AA 389 -55.03 -110.89 -2.64
C LEU AA 389 -54.71 -112.13 -1.82
N THR AA 390 -53.76 -112.04 -0.89
CA THR AA 390 -53.43 -113.16 -0.02
C THR AA 390 -53.62 -112.89 1.46
N GLY AA 391 -53.71 -111.63 1.88
CA GLY AA 391 -53.71 -111.32 3.30
C GLY AA 391 -52.40 -111.63 3.98
N ASP AA 392 -51.30 -111.59 3.23
CA ASP AA 392 -50.02 -112.10 3.72
C ASP AA 392 -48.92 -111.34 2.99
N PHE AA 393 -47.69 -111.55 3.43
CA PHE AA 393 -46.51 -110.97 2.79
C PHE AA 393 -45.99 -111.90 1.70
N SER AA 394 -46.87 -112.17 0.74
CA SER AA 394 -46.55 -113.07 -0.37
C SER AA 394 -47.47 -112.75 -1.53
N CYS AA 395 -47.03 -113.14 -2.71
CA CYS AA 395 -47.83 -113.04 -3.91
C CYS AA 395 -48.76 -114.25 -4.01
N PRO AA 396 -49.82 -114.17 -4.82
CA PRO AA 396 -50.67 -115.35 -5.03
C PRO AA 396 -49.98 -116.47 -5.82
N SER AA 397 -50.75 -117.52 -6.12
CA SER AA 397 -50.19 -118.73 -6.72
C SER AA 397 -49.70 -118.48 -8.14
N GLY AA 398 -50.37 -117.62 -8.89
CA GLY AA 398 -49.93 -117.31 -10.22
C GLY AA 398 -48.95 -116.17 -10.33
N TYR AA 399 -48.37 -115.71 -9.23
CA TYR AA 399 -47.54 -114.53 -9.23
C TYR AA 399 -46.20 -114.82 -8.56
N SER AA 400 -45.33 -113.80 -8.53
CA SER AA 400 -43.98 -113.89 -8.00
C SER AA 400 -43.55 -112.52 -7.50
N PRO AA 401 -42.80 -112.43 -6.39
CA PRO AA 401 -42.44 -111.12 -5.86
C PRO AA 401 -41.23 -110.50 -6.54
N VAL AA 402 -41.27 -109.18 -6.70
CA VAL AA 402 -40.17 -108.39 -7.22
C VAL AA 402 -39.85 -107.29 -6.20
N HIS AA 403 -38.59 -107.23 -5.79
CA HIS AA 403 -38.16 -106.28 -4.76
C HIS AA 403 -37.91 -104.91 -5.39
N LEU AA 404 -38.67 -103.92 -4.94
CA LEU AA 404 -38.49 -102.56 -5.47
C LEU AA 404 -37.32 -101.85 -4.81
N LEU AA 405 -37.42 -101.60 -3.51
CA LEU AA 405 -36.49 -100.69 -2.86
C LEU AA 405 -36.51 -100.94 -1.36
N SER AA 406 -35.36 -100.78 -0.73
CA SER AA 406 -35.18 -101.05 0.69
C SER AA 406 -34.36 -99.91 1.29
N GLN AA 407 -34.99 -99.12 2.16
CA GLN AA 407 -34.33 -97.98 2.79
C GLN AA 407 -34.71 -97.92 4.26
N ILE AA 408 -34.16 -96.91 4.95
CA ILE AA 408 -34.34 -96.71 6.38
C ILE AA 408 -35.24 -95.51 6.59
N HIS AA 409 -36.28 -95.68 7.38
CA HIS AA 409 -37.15 -94.57 7.76
C HIS AA 409 -36.80 -94.12 9.17
N GLU AA 410 -36.96 -92.81 9.41
CA GLU AA 410 -36.64 -92.22 10.71
C GLU AA 410 -37.79 -91.36 11.18
N GLU AA 411 -38.17 -91.53 12.44
CA GLU AA 411 -39.08 -90.60 13.11
C GLU AA 411 -38.53 -90.24 14.48
N GLY AA 412 -39.10 -89.20 15.06
CA GLY AA 412 -38.64 -88.69 16.34
C GLY AA 412 -39.70 -88.84 17.42
N TYR AA 413 -39.25 -89.16 18.62
CA TYR AA 413 -40.12 -89.23 19.79
C TYR AA 413 -39.50 -88.41 20.91
N ASN AA 414 -40.27 -88.24 21.98
CA ASN AA 414 -40.06 -87.13 22.90
C ASN AA 414 -40.33 -87.57 24.33
N HIS AA 415 -39.36 -87.35 25.21
CA HIS AA 415 -39.55 -87.50 26.64
C HIS AA 415 -39.58 -86.12 27.29
N LEU AA 416 -40.24 -86.04 28.45
CA LEU AA 416 -40.32 -84.80 29.20
C LEU AA 416 -40.30 -85.12 30.68
N GLU AA 417 -39.23 -84.72 31.35
CA GLU AA 417 -39.02 -85.03 32.76
C GLU AA 417 -38.88 -83.73 33.54
N CYS AA 418 -39.52 -83.68 34.70
CA CYS AA 418 -39.50 -82.49 35.54
C CYS AA 418 -39.38 -82.91 37.00
N HIS AA 419 -38.52 -82.23 37.75
CA HIS AA 419 -38.54 -82.37 39.20
C HIS AA 419 -38.22 -81.03 39.84
N ARG AA 420 -38.75 -80.84 41.04
CA ARG AA 420 -38.71 -79.58 41.75
C ARG AA 420 -38.04 -79.79 43.10
N LYS AA 421 -37.21 -78.83 43.51
CA LYS AA 421 -36.44 -78.92 44.73
C LYS AA 421 -36.41 -77.56 45.41
N CYS AA 422 -36.63 -77.55 46.72
CA CYS AA 422 -36.62 -76.31 47.51
C CYS AA 422 -35.53 -76.38 48.56
N THR AA 423 -34.87 -75.25 48.81
CA THR AA 423 -33.71 -75.18 49.69
C THR AA 423 -33.89 -74.04 50.68
N LEU AA 424 -33.94 -74.38 51.98
CA LEU AA 424 -34.12 -73.44 53.09
C LEU AA 424 -35.43 -72.68 53.01
N LYS AA 425 -36.46 -73.31 52.43
CA LYS AA 425 -37.85 -72.85 52.28
C LYS AA 425 -38.02 -71.64 51.38
N VAL AA 426 -36.94 -71.09 50.83
CA VAL AA 426 -36.95 -70.04 49.82
C VAL AA 426 -36.30 -70.77 48.65
N PHE AA 427 -36.09 -70.09 47.51
CA PHE AA 427 -35.18 -70.54 46.45
C PHE AA 427 -35.62 -71.87 45.83
N CYS AA 428 -36.82 -71.86 45.26
CA CYS AA 428 -37.37 -73.07 44.65
C CYS AA 428 -36.75 -73.27 43.28
N LYS AA 429 -36.20 -74.46 43.04
CA LYS AA 429 -35.57 -74.80 41.78
C LYS AA 429 -36.41 -75.82 41.05
N THR AA 430 -36.67 -75.56 39.76
CA THR AA 430 -37.43 -76.46 38.91
C THR AA 430 -36.69 -76.60 37.60
N VAL AA 431 -36.32 -77.82 37.24
CA VAL AA 431 -35.67 -78.11 35.98
C VAL AA 431 -36.59 -78.98 35.14
N CYS AA 432 -36.71 -78.64 33.85
CA CYS AA 432 -37.64 -79.30 32.93
C CYS AA 432 -36.83 -79.74 31.71
N GLU AA 433 -36.52 -81.02 31.64
CA GLU AA 433 -35.69 -81.57 30.58
C GLU AA 433 -36.56 -82.27 29.54
N ASP AA 434 -36.24 -82.03 28.26
CA ASP AA 434 -37.04 -82.54 27.14
C ASP AA 434 -36.11 -83.12 26.09
N VAL AA 435 -36.03 -84.45 26.04
CA VAL AA 435 -35.09 -85.15 25.17
C VAL AA 435 -35.81 -85.60 23.91
N PHE AA 436 -35.21 -85.32 22.76
CA PHE AA 436 -35.73 -85.73 21.46
C PHE AA 436 -34.80 -86.77 20.87
N GLN AA 437 -35.29 -87.98 20.66
CA GLN AA 437 -34.50 -89.06 20.10
C GLN AA 437 -35.07 -89.49 18.75
N VAL AA 438 -34.29 -90.24 18.00
CA VAL AA 438 -34.62 -90.66 16.65
C VAL AA 438 -34.83 -92.17 16.64
N ALA AA 439 -36.00 -92.61 16.19
CA ALA AA 439 -36.32 -94.02 16.05
C ALA AA 439 -36.23 -94.43 14.58
N LYS AA 440 -35.53 -95.52 14.31
CA LYS AA 440 -35.27 -95.97 12.95
C LYS AA 440 -36.01 -97.25 12.64
N ALA AA 441 -36.21 -97.51 11.36
CA ALA AA 441 -36.89 -98.71 10.89
C ALA AA 441 -36.50 -98.99 9.45
N GLU AA 442 -36.23 -100.25 9.16
CA GLU AA 442 -35.98 -100.72 7.80
C GLU AA 442 -37.30 -101.15 7.17
N PHE AA 443 -37.53 -100.75 5.92
CA PHE AA 443 -38.66 -101.27 5.17
C PHE AA 443 -38.18 -101.86 3.86
N ARG AA 444 -38.92 -102.87 3.40
CA ARG AA 444 -38.65 -103.53 2.13
C ARG AA 444 -39.96 -103.66 1.38
N ALA AA 445 -40.08 -102.94 0.27
CA ALA AA 445 -41.29 -102.94 -0.53
C ALA AA 445 -41.15 -103.92 -1.68
N PHE AA 446 -42.12 -104.81 -1.81
CA PHE AA 446 -42.14 -105.81 -2.87
C PHE AA 446 -43.32 -105.55 -3.80
N TRP AA 447 -43.36 -106.35 -4.87
CA TRP AA 447 -44.33 -106.14 -5.92
C TRP AA 447 -44.50 -107.43 -6.70
N CYS AA 448 -45.74 -107.76 -7.06
CA CYS AA 448 -46.07 -109.04 -7.66
C CYS AA 448 -46.16 -108.92 -9.18
N VAL AA 449 -45.74 -109.99 -9.88
CA VAL AA 449 -45.69 -110.02 -11.33
C VAL AA 449 -46.30 -111.34 -11.80
N ALA AA 450 -47.08 -111.29 -12.87
CA ALA AA 450 -47.65 -112.50 -13.46
C ALA AA 450 -46.54 -113.32 -14.11
N SER AA 451 -46.11 -114.40 -13.45
CA SER AA 451 -45.04 -115.24 -13.95
C SER AA 451 -45.50 -116.66 -14.26
N SER AA 452 -46.77 -116.99 -14.07
CA SER AA 452 -47.29 -118.31 -14.37
C SER AA 452 -48.10 -118.37 -15.66
N GLN AA 453 -48.43 -117.20 -16.23
CA GLN AA 453 -48.98 -116.98 -17.57
C GLN AA 453 -50.45 -117.42 -17.69
N VAL AA 454 -50.97 -118.10 -16.68
CA VAL AA 454 -52.38 -118.52 -16.69
C VAL AA 454 -53.05 -117.97 -15.44
N PRO AA 455 -53.58 -116.75 -15.46
CA PRO AA 455 -54.51 -116.34 -14.39
C PRO AA 455 -55.95 -116.55 -14.82
N GLU AA 456 -56.86 -116.69 -13.86
CA GLU AA 456 -58.28 -116.63 -14.16
C GLU AA 456 -58.73 -115.18 -14.34
N ASN AA 457 -58.60 -114.39 -13.27
CA ASN AA 457 -58.78 -112.95 -13.33
C ASN AA 457 -57.53 -112.29 -12.76
N SER AA 458 -57.22 -111.10 -13.27
CA SER AA 458 -55.96 -110.45 -12.95
C SER AA 458 -55.93 -109.97 -11.50
N GLY AA 459 -56.89 -109.14 -11.13
CA GLY AA 459 -56.94 -108.64 -9.78
C GLY AA 459 -56.50 -107.20 -9.67
N LEU AA 460 -57.25 -106.44 -8.88
CA LEU AA 460 -56.88 -105.10 -8.39
C LEU AA 460 -56.71 -104.12 -9.56
N LEU AA 461 -57.81 -103.85 -10.24
CA LEU AA 461 -57.77 -103.13 -11.52
C LEU AA 461 -57.71 -101.63 -11.28
N PHE AA 462 -56.50 -101.15 -10.95
CA PHE AA 462 -56.07 -99.76 -11.03
C PHE AA 462 -54.57 -99.72 -10.81
N GLY AA 463 -53.94 -98.68 -11.32
CA GLY AA 463 -52.50 -98.55 -11.17
C GLY AA 463 -52.02 -97.12 -10.96
N GLY AA 464 -52.90 -96.25 -10.49
CA GLY AA 464 -52.56 -94.85 -10.28
C GLY AA 464 -52.21 -94.54 -8.84
N LEU AA 465 -51.34 -93.56 -8.66
CA LEU AA 465 -50.67 -93.32 -7.39
C LEU AA 465 -50.89 -91.87 -6.97
N PHE AA 466 -50.69 -91.61 -5.68
CA PHE AA 466 -50.55 -90.24 -5.19
C PHE AA 466 -49.70 -90.27 -3.94
N SER AA 467 -48.90 -89.25 -3.76
CA SER AA 467 -47.98 -89.14 -2.64
C SER AA 467 -48.52 -88.17 -1.61
N SER AA 468 -47.70 -87.85 -0.62
CA SER AA 468 -47.97 -86.74 0.28
C SER AA 468 -47.67 -85.39 -0.37
N LYS AA 469 -47.03 -85.39 -1.53
CA LYS AA 469 -46.74 -84.17 -2.27
C LYS AA 469 -47.18 -84.27 -3.73
N SER AA 470 -47.87 -85.33 -4.11
CA SER AA 470 -48.33 -85.54 -5.47
C SER AA 470 -49.85 -85.63 -5.48
N ILE AA 471 -50.41 -85.83 -6.68
CA ILE AA 471 -51.84 -85.80 -6.91
C ILE AA 471 -52.19 -86.95 -7.84
N ASN AA 472 -53.21 -87.72 -7.47
CA ASN AA 472 -53.76 -88.72 -8.37
C ASN AA 472 -54.45 -88.03 -9.53
N PRO AA 473 -54.03 -88.24 -10.78
CA PRO AA 473 -54.68 -87.54 -11.89
C PRO AA 473 -56.06 -88.05 -12.22
N MET AA 474 -56.42 -89.24 -11.76
CA MET AA 474 -57.76 -89.75 -11.98
C MET AA 474 -58.78 -89.17 -10.99
N THR AA 475 -58.33 -88.42 -9.98
CA THR AA 475 -59.22 -87.67 -9.11
C THR AA 475 -58.90 -86.19 -9.07
N ASN AA 476 -57.72 -85.78 -9.56
CA ASN AA 476 -57.17 -84.42 -9.42
C ASN AA 476 -57.12 -83.98 -7.96
N ALA AA 477 -56.83 -84.94 -7.08
CA ALA AA 477 -56.75 -84.70 -5.64
C ALA AA 477 -55.95 -85.83 -5.02
N GLN AA 478 -55.78 -85.74 -3.70
CA GLN AA 478 -55.11 -86.79 -2.92
C GLN AA 478 -56.16 -87.75 -2.35
N SER AA 479 -56.91 -88.36 -3.25
CA SER AA 479 -58.00 -89.24 -2.85
C SER AA 479 -58.12 -90.37 -3.85
N CYS AA 480 -58.88 -91.37 -3.48
CA CYS AA 480 -59.17 -92.52 -4.30
C CYS AA 480 -60.38 -92.24 -5.18
N PRO AA 481 -60.53 -92.94 -6.30
CA PRO AA 481 -61.78 -92.82 -7.06
C PRO AA 481 -62.94 -93.56 -6.40
N ALA AA 482 -64.08 -93.62 -7.08
CA ALA AA 482 -65.31 -94.17 -6.52
C ALA AA 482 -65.18 -95.68 -6.32
N GLY AA 483 -65.04 -96.10 -5.07
CA GLY AA 483 -64.98 -97.51 -4.74
C GLY AA 483 -63.60 -98.10 -4.77
N TYR AA 484 -62.62 -97.36 -4.24
CA TYR AA 484 -61.21 -97.73 -4.29
C TYR AA 484 -60.58 -97.56 -2.91
N PHE AA 485 -59.74 -98.51 -2.52
CA PHE AA 485 -59.06 -98.41 -1.24
C PHE AA 485 -57.56 -98.34 -1.44
N PRO AA 486 -56.86 -97.49 -0.69
CA PRO AA 486 -55.44 -97.28 -0.95
C PRO AA 486 -54.58 -98.31 -0.24
N LEU AA 487 -53.41 -98.58 -0.83
CA LEU AA 487 -52.43 -99.47 -0.25
C LEU AA 487 -51.18 -98.66 0.04
N ARG AA 488 -50.74 -98.66 1.30
CA ARG AA 488 -49.60 -97.84 1.68
C ARG AA 488 -48.29 -98.46 1.17
N LEU AA 489 -47.37 -97.58 0.79
CA LEU AA 489 -46.09 -97.97 0.24
C LEU AA 489 -45.08 -97.00 0.85
N PHE AA 490 -43.90 -96.88 0.22
CA PHE AA 490 -42.58 -96.68 0.84
C PHE AA 490 -42.57 -95.81 2.09
N GLU AA 491 -42.95 -94.57 1.95
CA GLU AA 491 -43.24 -93.72 3.10
C GLU AA 491 -44.56 -92.99 2.94
N ASN AA 492 -44.91 -92.59 1.74
CA ASN AA 492 -46.10 -91.78 1.52
C ASN AA 492 -46.94 -92.21 0.34
N LEU AA 493 -46.53 -93.20 -0.45
CA LEU AA 493 -47.34 -93.63 -1.58
C LEU AA 493 -48.58 -94.36 -1.10
N LYS AA 494 -49.69 -94.05 -1.74
CA LYS AA 494 -50.95 -94.74 -1.53
C LYS AA 494 -51.48 -95.15 -2.90
N VAL AA 495 -51.41 -96.43 -3.20
CA VAL AA 495 -51.80 -96.96 -4.49
C VAL AA 495 -53.27 -97.35 -4.44
N CYS AA 496 -54.09 -96.73 -5.29
CA CYS AA 496 -55.52 -96.97 -5.25
C CYS AA 496 -55.83 -98.27 -5.98
N VAL AA 497 -56.73 -99.06 -5.38
CA VAL AA 497 -56.91 -100.47 -5.73
C VAL AA 497 -58.38 -100.86 -5.54
N SER AA 498 -58.96 -101.48 -6.55
CA SER AA 498 -60.28 -102.11 -6.43
C SER AA 498 -60.31 -103.37 -7.25
N GLN AA 499 -60.98 -104.40 -6.74
CA GLN AA 499 -61.13 -105.68 -7.41
C GLN AA 499 -62.61 -106.02 -7.63
N ASP AA 500 -63.40 -105.00 -7.97
CA ASP AA 500 -64.85 -105.16 -8.08
C ASP AA 500 -65.31 -105.58 -9.48
N TYR AA 501 -64.54 -105.20 -10.52
CA TYR AA 501 -64.72 -105.57 -11.93
C TYR AA 501 -65.97 -104.99 -12.58
N GLU AA 502 -66.83 -104.31 -11.82
CA GLU AA 502 -68.00 -103.65 -12.36
C GLU AA 502 -68.00 -102.15 -12.08
N LEU AA 503 -67.85 -101.76 -10.82
CA LEU AA 503 -67.72 -100.35 -10.49
C LEU AA 503 -66.29 -99.87 -10.56
N GLY AA 504 -65.33 -100.78 -10.75
CA GLY AA 504 -63.93 -100.40 -10.86
C GLY AA 504 -63.47 -100.24 -12.29
N SER AA 505 -64.23 -100.80 -13.24
CA SER AA 505 -63.85 -100.76 -14.64
C SER AA 505 -64.09 -99.40 -15.29
N ARG AA 506 -64.78 -98.48 -14.61
CA ARG AA 506 -64.90 -97.12 -15.15
C ARG AA 506 -63.56 -96.39 -15.05
N PHE AA 507 -62.82 -96.62 -13.97
CA PHE AA 507 -61.60 -95.89 -13.70
C PHE AA 507 -60.34 -96.73 -13.87
N ALA AA 508 -60.48 -98.01 -14.23
CA ALA AA 508 -59.33 -98.89 -14.34
C ALA AA 508 -58.46 -98.51 -15.54
N VAL AA 509 -57.18 -98.29 -15.29
CA VAL AA 509 -56.23 -97.92 -16.33
C VAL AA 509 -55.37 -99.15 -16.67
N PRO AA 510 -54.85 -99.24 -17.88
CA PRO AA 510 -53.89 -100.32 -18.19
C PRO AA 510 -52.59 -100.08 -17.46
N PHE AA 511 -52.19 -101.03 -16.63
CA PHE AA 511 -51.01 -100.90 -15.79
C PHE AA 511 -49.82 -101.58 -16.44
N GLY AA 512 -48.64 -101.00 -16.26
CA GLY AA 512 -47.45 -101.49 -16.95
C GLY AA 512 -46.37 -102.04 -16.06
N GLY AA 513 -46.21 -101.51 -14.87
CA GLY AA 513 -45.20 -102.02 -13.95
C GLY AA 513 -44.44 -100.90 -13.25
N PHE AA 514 -43.78 -101.27 -12.16
CA PHE AA 514 -42.91 -100.37 -11.41
C PHE AA 514 -41.45 -100.66 -11.73
N PHE AA 515 -40.62 -99.63 -11.65
CA PHE AA 515 -39.18 -99.81 -11.65
C PHE AA 515 -38.55 -98.63 -10.94
N SER AA 516 -37.31 -98.82 -10.49
CA SER AA 516 -36.61 -97.81 -9.72
C SER AA 516 -35.19 -97.70 -10.25
N CYS AA 517 -34.35 -96.98 -9.51
CA CYS AA 517 -32.97 -96.79 -9.95
C CYS AA 517 -32.10 -98.02 -9.76
N THR AA 518 -32.59 -99.03 -9.05
CA THR AA 518 -31.82 -100.24 -8.79
C THR AA 518 -32.40 -101.49 -9.41
N VAL AA 519 -33.71 -101.54 -9.65
CA VAL AA 519 -34.38 -102.74 -10.15
C VAL AA 519 -35.14 -102.37 -11.41
N GLY AA 520 -35.33 -103.35 -12.28
CA GLY AA 520 -36.14 -103.17 -13.47
C GLY AA 520 -37.40 -104.00 -13.45
N ASN AA 521 -38.40 -103.62 -14.24
CA ASN AA 521 -39.56 -104.48 -14.26
C ASN AA 521 -39.33 -105.67 -15.20
N PRO AA 522 -39.83 -106.84 -14.84
CA PRO AA 522 -39.63 -108.01 -15.70
C PRO AA 522 -40.69 -108.16 -16.77
N LEU AA 523 -41.43 -107.10 -17.07
CA LEU AA 523 -42.52 -107.16 -18.05
C LEU AA 523 -42.07 -106.70 -19.43
N VAL AA 524 -40.77 -106.72 -19.70
CA VAL AA 524 -40.24 -106.31 -20.99
C VAL AA 524 -39.52 -107.45 -21.70
N ASP AA 525 -38.81 -108.31 -20.96
CA ASP AA 525 -37.99 -109.34 -21.60
C ASP AA 525 -38.79 -110.54 -22.09
N PRO AA 526 -39.77 -111.10 -21.33
CA PRO AA 526 -40.55 -112.12 -22.06
C PRO AA 526 -41.67 -111.48 -22.87
N PRO AA 535 -30.07 -108.97 -15.43
CA PRO AA 535 -31.44 -108.90 -14.95
C PRO AA 535 -32.37 -108.18 -15.93
N SER AA 536 -33.27 -107.35 -15.41
CA SER AA 536 -34.28 -106.70 -16.24
C SER AA 536 -33.69 -105.47 -16.91
N LEU AA 537 -34.55 -104.65 -17.51
CA LEU AA 537 -34.12 -103.56 -18.37
C LEU AA 537 -34.47 -102.17 -17.84
N LYS AA 538 -35.40 -102.06 -16.88
CA LYS AA 538 -35.98 -100.82 -16.32
C LYS AA 538 -36.35 -99.80 -17.39
N LYS AA 539 -36.79 -100.26 -18.55
CA LYS AA 539 -37.21 -99.35 -19.60
C LYS AA 539 -38.70 -99.01 -19.49
N CYS AA 540 -39.55 -99.96 -19.89
CA CYS AA 540 -40.99 -99.80 -20.09
C CYS AA 540 -41.47 -101.17 -20.59
N PRO AA 541 -42.77 -101.48 -20.61
CA PRO AA 541 -43.19 -102.66 -21.37
C PRO AA 541 -43.15 -102.45 -22.87
N GLY AA 542 -43.52 -101.26 -23.34
CA GLY AA 542 -43.63 -101.02 -24.76
C GLY AA 542 -45.04 -100.64 -25.14
N GLY AA 543 -45.23 -99.40 -25.59
CA GLY AA 543 -46.53 -98.83 -25.78
C GLY AA 543 -47.00 -98.03 -24.57
N PHE AA 544 -46.52 -98.37 -23.38
CA PHE AA 544 -46.84 -97.63 -22.17
C PHE AA 544 -45.96 -96.38 -22.07
N SER AA 545 -46.17 -95.60 -21.03
CA SER AA 545 -45.43 -94.36 -20.82
C SER AA 545 -44.93 -94.30 -19.40
N GLN AA 546 -43.66 -93.99 -19.22
CA GLN AA 546 -43.10 -93.83 -17.89
C GLN AA 546 -43.67 -92.60 -17.22
N HIS AA 547 -43.97 -92.71 -15.94
CA HIS AA 547 -44.38 -91.58 -15.15
C HIS AA 547 -43.76 -91.74 -13.78
N PRO AA 548 -43.23 -90.67 -13.21
CA PRO AA 548 -42.52 -90.80 -11.93
C PRO AA 548 -43.47 -90.79 -10.74
N ALA AA 549 -43.20 -91.69 -9.81
CA ALA AA 549 -43.73 -91.62 -8.46
C ALA AA 549 -42.78 -90.76 -7.63
N LEU AA 550 -42.88 -90.83 -6.30
CA LEU AA 550 -42.02 -89.99 -5.46
C LEU AA 550 -40.55 -90.41 -5.55
N ILE AA 551 -39.72 -89.62 -4.87
CA ILE AA 551 -38.29 -89.87 -4.78
C ILE AA 551 -37.98 -90.31 -3.35
N SER AA 552 -37.42 -91.50 -3.22
CA SER AA 552 -37.07 -92.06 -1.91
C SER AA 552 -35.59 -91.84 -1.66
N ASP AA 553 -35.26 -90.62 -1.22
CA ASP AA 553 -33.92 -90.22 -0.77
C ASP AA 553 -32.86 -90.40 -1.86
N GLY AA 554 -33.11 -89.78 -3.01
CA GLY AA 554 -32.17 -89.79 -4.11
C GLY AA 554 -32.46 -90.80 -5.19
N CYS AA 555 -33.32 -91.77 -4.93
CA CYS AA 555 -33.70 -92.77 -5.93
C CYS AA 555 -35.12 -92.48 -6.40
N GLN AA 556 -35.35 -92.67 -7.70
CA GLN AA 556 -36.61 -92.32 -8.32
C GLN AA 556 -37.37 -93.59 -8.68
N VAL AA 557 -38.62 -93.67 -8.24
CA VAL AA 557 -39.50 -94.80 -8.55
C VAL AA 557 -40.46 -94.36 -9.65
N SER AA 558 -40.58 -95.17 -10.70
CA SER AA 558 -41.40 -94.82 -11.84
C SER AA 558 -42.38 -95.94 -12.15
N TYR AA 559 -43.51 -95.58 -12.76
CA TYR AA 559 -44.55 -96.54 -13.09
C TYR AA 559 -45.07 -96.27 -14.49
N CYS AA 560 -45.53 -97.33 -15.14
CA CYS AA 560 -45.92 -97.29 -16.55
C CYS AA 560 -47.44 -97.41 -16.68
N VAL AA 561 -48.00 -96.71 -17.67
CA VAL AA 561 -49.44 -96.62 -17.86
C VAL AA 561 -49.70 -96.20 -19.29
N LYS AA 562 -50.88 -96.50 -19.82
CA LYS AA 562 -51.24 -96.21 -21.20
C LYS AA 562 -52.62 -95.57 -21.26
N SER AA 563 -52.84 -94.49 -20.51
CA SER AA 563 -54.13 -93.84 -20.62
C SER AA 563 -54.16 -92.89 -21.81
N GLY AA 564 -53.26 -91.92 -21.84
CA GLY AA 564 -53.39 -90.72 -22.62
C GLY AA 564 -53.81 -89.53 -21.78
N LEU AA 565 -54.46 -89.77 -20.65
CA LEU AA 565 -54.73 -88.71 -19.69
C LEU AA 565 -53.48 -88.32 -18.94
N PHE AA 566 -52.62 -89.29 -18.64
CA PHE AA 566 -51.37 -89.01 -17.96
C PHE AA 566 -50.39 -88.27 -18.86
N THR AA 567 -50.50 -88.45 -20.17
CA THR AA 567 -49.48 -87.95 -21.10
C THR AA 567 -49.64 -86.45 -21.36
N GLY AA 568 -50.79 -86.05 -21.88
CA GLY AA 568 -50.96 -84.69 -22.37
C GLY AA 568 -51.09 -83.65 -21.27
N GLY AA 569 -51.31 -82.42 -21.71
CA GLY AA 569 -51.39 -81.29 -20.81
C GLY AA 569 -50.53 -80.14 -21.30
N SER AA 570 -49.70 -79.59 -20.42
CA SER AA 570 -48.66 -78.65 -20.80
C SER AA 570 -47.30 -79.25 -20.47
N LEU AA 571 -46.27 -78.63 -20.99
CA LEU AA 571 -44.92 -79.07 -20.68
C LEU AA 571 -44.56 -78.68 -19.25
N PRO AA 572 -44.08 -79.61 -18.43
CA PRO AA 572 -43.78 -79.29 -17.04
C PRO AA 572 -42.51 -78.47 -16.94
N PRO AA 573 -42.33 -77.72 -15.86
CA PRO AA 573 -41.04 -77.07 -15.62
C PRO AA 573 -40.03 -78.08 -15.11
N ALA AA 574 -38.80 -77.61 -14.95
CA ALA AA 574 -37.75 -78.46 -14.45
C ALA AA 574 -37.92 -78.69 -12.95
N ARG AA 575 -37.59 -79.89 -12.50
CA ARG AA 575 -37.45 -80.14 -11.08
C ARG AA 575 -36.13 -79.56 -10.58
N LEU AA 576 -36.24 -78.57 -9.71
CA LEU AA 576 -35.04 -77.92 -9.25
C LEU AA 576 -34.54 -78.60 -7.98
N PRO AA 577 -33.24 -78.53 -7.70
CA PRO AA 577 -32.72 -79.07 -6.44
C PRO AA 577 -33.20 -78.24 -5.26
N PRO AA 578 -33.02 -78.71 -4.01
CA PRO AA 578 -32.53 -79.97 -3.46
C PRO AA 578 -33.57 -81.07 -3.57
N PHE AA 579 -33.10 -82.29 -3.77
CA PHE AA 579 -33.98 -83.43 -3.89
C PHE AA 579 -34.01 -84.27 -2.63
N THR AA 580 -33.14 -83.98 -1.67
CA THR AA 580 -33.17 -84.60 -0.36
C THR AA 580 -33.47 -83.53 0.67
N ARG AA 581 -33.63 -83.97 1.91
CA ARG AA 581 -33.84 -83.09 3.05
C ARG AA 581 -32.72 -83.34 4.06
N PRO AA 582 -32.39 -82.36 4.89
CA PRO AA 582 -31.39 -82.61 5.93
C PRO AA 582 -31.94 -83.54 6.98
N PRO AA 583 -31.11 -84.43 7.52
CA PRO AA 583 -31.61 -85.52 8.36
C PRO AA 583 -31.97 -85.04 9.76
N LEU AA 584 -32.60 -85.93 10.50
CA LEU AA 584 -33.00 -85.66 11.87
C LEU AA 584 -31.84 -85.91 12.81
N MET AA 585 -31.79 -85.11 13.87
CA MET AA 585 -30.73 -85.16 14.87
C MET AA 585 -31.37 -85.31 16.24
N SER AA 586 -30.67 -86.01 17.13
CA SER AA 586 -31.14 -86.16 18.49
C SER AA 586 -30.75 -84.96 19.33
N GLN AA 587 -31.70 -84.46 20.12
CA GLN AA 587 -31.65 -83.15 20.73
C GLN AA 587 -31.92 -83.27 22.23
N ALA AA 588 -31.80 -82.14 22.93
CA ALA AA 588 -32.09 -82.05 24.35
C ALA AA 588 -32.31 -80.58 24.69
N ALA AA 589 -33.29 -80.31 25.54
CA ALA AA 589 -33.62 -78.95 25.90
C ALA AA 589 -34.01 -78.89 27.37
N THR AA 590 -33.33 -78.04 28.14
CA THR AA 590 -33.58 -77.90 29.56
C THR AA 590 -34.04 -76.49 29.89
N ASN AA 591 -34.73 -76.37 31.03
CA ASN AA 591 -35.28 -75.10 31.51
C ASN AA 591 -35.17 -75.11 33.03
N THR AA 592 -34.19 -74.43 33.59
CA THR AA 592 -34.06 -74.31 35.03
C THR AA 592 -34.62 -72.97 35.47
N VAL AA 593 -35.52 -72.98 36.45
CA VAL AA 593 -36.14 -71.78 36.98
C VAL AA 593 -35.83 -71.71 38.47
N ILE AA 594 -35.33 -70.56 38.93
CA ILE AA 594 -35.10 -70.29 40.33
C ILE AA 594 -36.12 -69.24 40.78
N VAL AA 595 -36.86 -69.53 41.84
CA VAL AA 595 -37.90 -68.65 42.34
C VAL AA 595 -37.56 -68.34 43.79
N THR AA 596 -37.27 -67.07 44.08
CA THR AA 596 -37.11 -66.65 45.46
C THR AA 596 -38.48 -66.31 46.03
N ASN AA 597 -38.88 -67.00 47.08
CA ASN AA 597 -40.20 -66.84 47.67
C ASN AA 597 -40.22 -65.75 48.73
N SER AA 598 -39.21 -64.89 48.78
CA SER AA 598 -39.09 -63.95 49.89
C SER AA 598 -38.24 -62.76 49.49
N GLU AA 599 -38.54 -61.63 50.12
CA GLU AA 599 -37.59 -60.54 50.23
C GLU AA 599 -36.63 -60.85 51.37
N ASN AA 600 -35.68 -59.93 51.62
CA ASN AA 600 -34.58 -60.12 52.55
C ASN AA 600 -33.79 -61.39 52.21
N ALA AA 601 -33.54 -61.57 50.92
CA ALA AA 601 -32.84 -62.75 50.43
C ALA AA 601 -32.11 -62.33 49.16
N ARG AA 602 -30.81 -62.10 49.27
CA ARG AA 602 -30.01 -61.70 48.13
C ARG AA 602 -29.40 -62.93 47.45
N SER AA 603 -28.92 -62.72 46.24
CA SER AA 603 -28.37 -63.81 45.45
C SER AA 603 -27.35 -63.26 44.47
N TRP AA 604 -26.22 -63.94 44.35
CA TRP AA 604 -25.19 -63.58 43.38
C TRP AA 604 -24.98 -64.76 42.45
N ILE AA 605 -24.85 -64.48 41.16
CA ILE AA 605 -24.76 -65.52 40.14
C ILE AA 605 -23.58 -65.21 39.24
N LYS AA 606 -22.73 -66.19 39.01
CA LYS AA 606 -21.65 -66.11 38.02
C LYS AA 606 -21.98 -67.11 36.92
N ASP AA 607 -22.32 -66.60 35.74
CA ASP AA 607 -22.96 -67.43 34.71
C ASP AA 607 -21.98 -68.39 34.06
N SER AA 608 -20.73 -67.99 33.90
CA SER AA 608 -19.70 -68.85 33.32
C SER AA 608 -18.35 -68.38 33.81
N GLN AA 609 -17.29 -69.01 33.31
CA GLN AA 609 -15.95 -68.66 33.75
C GLN AA 609 -15.49 -67.33 33.19
N THR AA 610 -16.10 -66.85 32.10
CA THR AA 610 -15.75 -65.56 31.54
C THR AA 610 -16.60 -64.43 32.10
N HIS AA 611 -17.78 -64.74 32.64
CA HIS AA 611 -18.62 -63.72 33.23
C HIS AA 611 -18.03 -63.23 34.56
N GLN AA 612 -18.55 -62.11 35.02
CA GLN AA 612 -18.27 -61.64 36.36
C GLN AA 612 -19.46 -61.95 37.26
N TRP AA 613 -19.26 -61.81 38.57
CA TRP AA 613 -20.34 -62.02 39.52
C TRP AA 613 -21.41 -60.97 39.32
N ARG AA 614 -22.66 -61.41 39.36
CA ARG AA 614 -23.80 -60.62 38.97
C ARG AA 614 -24.84 -60.74 40.07
N LEU AA 615 -25.50 -59.62 40.38
CA LEU AA 615 -26.53 -59.64 41.39
C LEU AA 615 -27.77 -60.34 40.82
N GLY AA 616 -28.30 -61.31 41.56
CA GLY AA 616 -29.37 -62.13 41.04
C GLY AA 616 -30.73 -61.47 41.15
N GLU AA 617 -31.67 -62.02 40.38
CA GLU AA 617 -33.06 -61.61 40.27
C GLU AA 617 -33.97 -62.66 40.88
N PRO AA 618 -35.22 -62.32 41.20
CA PRO AA 618 -36.10 -63.34 41.80
C PRO AA 618 -36.50 -64.47 40.88
N ILE AA 619 -36.63 -64.24 39.57
CA ILE AA 619 -36.89 -65.31 38.60
C ILE AA 619 -35.75 -65.29 37.59
N GLU AA 620 -35.12 -66.44 37.37
CA GLU AA 620 -33.92 -66.49 36.54
C GLU AA 620 -34.15 -67.03 35.14
N LEU AA 621 -34.61 -68.28 35.00
CA LEU AA 621 -34.96 -68.93 33.73
C LEU AA 621 -33.73 -69.02 32.79
N ARG AA 622 -32.80 -69.90 33.17
CA ARG AA 622 -31.75 -70.32 32.25
C ARG AA 622 -32.33 -71.30 31.21
N ARG AA 623 -31.75 -71.29 30.01
CA ARG AA 623 -32.15 -72.20 28.93
C ARG AA 623 -30.93 -72.79 28.25
N ALA AA 624 -31.09 -74.00 27.73
CA ALA AA 624 -30.01 -74.67 27.00
C ALA AA 624 -30.60 -75.60 25.97
N MET AA 625 -29.96 -75.66 24.79
CA MET AA 625 -30.34 -76.59 23.74
C MET AA 625 -29.11 -77.33 23.27
N ASN AA 626 -29.13 -78.65 23.39
CA ASN AA 626 -27.98 -79.50 23.09
C ASN AA 626 -28.31 -80.40 21.92
N VAL AA 627 -27.49 -80.33 20.87
CA VAL AA 627 -27.68 -81.10 19.65
C VAL AA 627 -26.45 -81.96 19.44
N ILE AA 628 -26.64 -83.21 19.03
CA ILE AA 628 -25.54 -84.07 18.61
C ILE AA 628 -25.82 -84.58 17.20
N HIS AA 629 -24.83 -84.44 16.33
CA HIS AA 629 -24.93 -84.89 14.94
C HIS AA 629 -24.65 -86.38 14.88
N GLY AA 630 -25.70 -87.17 14.62
CA GLY AA 630 -25.56 -88.61 14.49
C GLY AA 630 -25.32 -89.33 15.80
N ASP BA 10 -22.71 -35.02 6.41
CA ASP BA 10 -22.76 -36.33 5.78
C ASP BA 10 -24.11 -36.58 5.10
N GLU BA 11 -24.19 -37.69 4.38
CA GLU BA 11 -25.39 -38.05 3.63
C GLU BA 11 -25.31 -39.55 3.37
N VAL BA 12 -26.45 -40.24 3.54
CA VAL BA 12 -26.48 -41.69 3.50
C VAL BA 12 -27.58 -42.16 2.54
N GLY BA 13 -27.58 -43.46 2.29
CA GLY BA 13 -28.69 -44.09 1.61
C GLY BA 13 -28.66 -43.92 0.11
N VAL BA 14 -29.86 -43.88 -0.48
CA VAL BA 14 -30.00 -43.80 -1.91
C VAL BA 14 -29.61 -42.42 -2.42
N GLN BA 15 -29.86 -41.39 -1.61
CA GLN BA 15 -29.70 -40.02 -2.06
C GLN BA 15 -28.23 -39.60 -2.17
N LYS BA 16 -27.34 -40.27 -1.43
CA LYS BA 16 -25.92 -40.11 -1.66
C LYS BA 16 -25.53 -40.63 -3.05
N CYS BA 17 -26.14 -41.74 -3.47
CA CYS BA 17 -25.87 -42.28 -4.79
C CYS BA 17 -26.44 -41.40 -5.88
N LYS BA 18 -27.60 -40.80 -5.64
CA LYS BA 18 -28.26 -40.00 -6.68
C LYS BA 18 -27.56 -38.67 -6.89
N ASN BA 19 -26.93 -38.12 -5.86
CA ASN BA 19 -26.25 -36.84 -6.03
C ASN BA 19 -24.92 -36.98 -6.73
N ALA BA 20 -24.23 -38.10 -6.51
CA ALA BA 20 -22.92 -38.30 -7.13
C ALA BA 20 -23.04 -38.77 -8.57
N LEU BA 21 -24.14 -39.42 -8.93
CA LEU BA 21 -24.26 -40.06 -10.23
C LEU BA 21 -25.31 -39.42 -11.14
N LYS BA 22 -26.37 -38.86 -10.55
CA LYS BA 22 -27.44 -38.14 -11.27
C LYS BA 22 -28.13 -39.02 -12.30
N LEU BA 23 -28.62 -40.17 -11.85
CA LEU BA 23 -29.31 -41.12 -12.71
C LEU BA 23 -30.26 -41.92 -11.85
N PRO BA 24 -31.41 -42.39 -12.39
CA PRO BA 24 -32.44 -42.96 -11.52
C PRO BA 24 -32.11 -44.33 -10.96
N VAL BA 25 -33.02 -44.84 -10.14
CA VAL BA 25 -32.86 -46.13 -9.48
C VAL BA 25 -33.75 -47.13 -10.19
N LEU BA 26 -33.30 -48.37 -10.32
CA LEU BA 26 -34.09 -49.39 -11.00
C LEU BA 26 -35.28 -49.76 -10.13
N GLU BA 27 -36.48 -49.48 -10.61
CA GLU BA 27 -37.68 -49.58 -9.79
C GLU BA 27 -38.26 -50.98 -9.71
N VAL BA 28 -37.63 -51.97 -10.33
CA VAL BA 28 -38.15 -53.32 -10.40
C VAL BA 28 -37.19 -54.20 -9.62
N LEU BA 29 -37.49 -54.49 -8.36
CA LEU BA 29 -36.49 -55.15 -7.54
C LEU BA 29 -37.03 -56.44 -6.94
N PRO BA 30 -36.21 -57.46 -6.81
CA PRO BA 30 -36.66 -58.70 -6.18
C PRO BA 30 -36.45 -58.67 -4.67
N GLY BA 31 -36.81 -59.76 -3.99
CA GLY BA 31 -36.68 -59.82 -2.56
C GLY BA 31 -37.90 -59.40 -1.78
N GLY BA 32 -39.01 -59.11 -2.44
CA GLY BA 32 -40.24 -58.79 -1.74
C GLY BA 32 -41.12 -60.01 -1.59
N GLY BA 33 -42.12 -59.86 -0.74
CA GLY BA 33 -43.07 -60.93 -0.56
C GLY BA 33 -44.07 -61.00 -1.69
N TRP BA 34 -44.68 -62.16 -1.85
CA TRP BA 34 -45.57 -62.38 -2.99
C TRP BA 34 -46.70 -63.30 -2.57
N ASP BA 35 -47.92 -62.79 -2.62
CA ASP BA 35 -49.11 -63.63 -2.46
C ASP BA 35 -49.35 -64.33 -3.78
N ASN BA 36 -49.26 -65.66 -3.78
CA ASN BA 36 -49.35 -66.41 -5.01
C ASN BA 36 -50.77 -66.84 -5.34
N LEU BA 37 -51.73 -66.56 -4.48
CA LEU BA 37 -53.12 -66.74 -4.85
C LEU BA 37 -53.71 -65.52 -5.53
N ARG BA 38 -53.36 -64.33 -5.06
CA ARG BA 38 -53.93 -63.11 -5.57
C ARG BA 38 -53.05 -62.41 -6.59
N ASN BA 39 -51.81 -62.88 -6.77
CA ASN BA 39 -50.77 -62.25 -7.57
C ASN BA 39 -50.56 -60.78 -7.22
N VAL BA 40 -50.46 -60.50 -5.93
CA VAL BA 40 -50.08 -59.18 -5.45
C VAL BA 40 -48.77 -59.35 -4.70
N ASP BA 41 -48.04 -58.25 -4.57
CA ASP BA 41 -46.78 -58.29 -3.87
C ASP BA 41 -46.87 -57.59 -2.52
N MET BA 42 -46.14 -58.16 -1.57
CA MET BA 42 -46.25 -57.92 -0.15
C MET BA 42 -45.10 -57.07 0.36
N GLY BA 43 -44.95 -57.04 1.68
CA GLY BA 43 -43.83 -56.36 2.29
C GLY BA 43 -42.51 -57.01 1.96
N ARG BA 44 -41.46 -56.23 2.18
CA ARG BA 44 -40.11 -56.54 1.75
C ARG BA 44 -39.45 -57.52 2.71
N VAL BA 45 -38.96 -58.65 2.20
CA VAL BA 45 -38.38 -59.70 3.02
C VAL BA 45 -36.87 -59.59 3.11
N MET BA 46 -36.21 -59.22 2.02
CA MET BA 46 -34.76 -59.07 2.02
C MET BA 46 -34.36 -57.64 2.34
N GLU BA 47 -33.08 -57.42 2.55
CA GLU BA 47 -32.58 -56.12 2.92
C GLU BA 47 -31.97 -55.43 1.71
N LEU BA 48 -32.39 -54.19 1.46
CA LEU BA 48 -31.89 -53.40 0.34
C LEU BA 48 -30.98 -52.31 0.87
N THR BA 49 -29.70 -52.39 0.53
CA THR BA 49 -28.72 -51.40 0.94
C THR BA 49 -28.10 -50.75 -0.28
N TYR BA 50 -27.70 -49.49 -0.12
CA TYR BA 50 -27.14 -48.68 -1.20
C TYR BA 50 -25.80 -48.10 -0.79
N SER BA 51 -24.95 -48.95 -0.21
CA SER BA 51 -23.71 -48.46 0.35
C SER BA 51 -22.62 -48.28 -0.70
N ASN BA 52 -22.60 -49.11 -1.74
CA ASN BA 52 -21.48 -49.18 -2.65
C ASN BA 52 -21.69 -48.42 -3.94
N CYS BA 53 -22.83 -47.75 -4.12
CA CYS BA 53 -23.16 -46.92 -5.29
C CYS BA 53 -23.08 -47.71 -6.60
N ARG BA 54 -23.55 -48.95 -6.58
CA ARG BA 54 -23.48 -49.78 -7.77
C ARG BA 54 -24.47 -49.33 -8.82
N THR BA 55 -24.07 -49.43 -10.08
CA THR BA 55 -24.96 -49.19 -11.20
C THR BA 55 -25.04 -50.44 -12.05
N THR BA 56 -25.95 -50.41 -13.01
CA THR BA 56 -25.93 -51.46 -14.02
C THR BA 56 -24.73 -51.24 -14.93
N GLU BA 57 -24.38 -52.31 -15.66
CA GLU BA 57 -23.16 -52.31 -16.45
C GLU BA 57 -23.22 -51.32 -17.59
N ASP BA 58 -24.41 -51.02 -18.11
CA ASP BA 58 -24.54 -49.95 -19.09
C ASP BA 58 -24.63 -48.58 -18.46
N GLY BA 59 -24.71 -48.50 -17.13
CA GLY BA 59 -24.61 -47.24 -16.43
C GLY BA 59 -25.82 -46.35 -16.50
N GLN BA 60 -27.01 -46.90 -16.31
CA GLN BA 60 -28.22 -46.11 -16.40
C GLN BA 60 -29.18 -46.28 -15.24
N TYR BA 61 -28.91 -47.18 -14.31
CA TYR BA 61 -29.76 -47.32 -13.14
C TYR BA 61 -28.88 -47.63 -11.93
N ILE BA 62 -29.20 -46.99 -10.81
CA ILE BA 62 -28.61 -47.36 -9.53
C ILE BA 62 -29.31 -48.61 -9.01
N ILE BA 63 -28.53 -49.61 -8.62
CA ILE BA 63 -29.08 -50.86 -8.11
C ILE BA 63 -28.51 -51.07 -6.71
N PRO BA 64 -29.20 -51.86 -5.87
CA PRO BA 64 -28.62 -52.21 -4.57
C PRO BA 64 -27.40 -53.12 -4.69
N ASP BA 65 -26.75 -53.33 -3.55
CA ASP BA 65 -25.44 -53.98 -3.52
C ASP BA 65 -25.52 -55.49 -3.71
N GLU BA 66 -26.59 -56.10 -3.21
CA GLU BA 66 -26.81 -57.53 -3.20
C GLU BA 66 -27.53 -58.03 -4.44
N ILE BA 67 -27.70 -57.19 -5.45
CA ILE BA 67 -28.51 -57.50 -6.60
C ILE BA 67 -27.66 -57.36 -7.85
N PHE BA 68 -27.63 -58.40 -8.66
CA PHE BA 68 -26.98 -58.32 -9.96
C PHE BA 68 -28.03 -58.37 -11.06
N THR BA 69 -27.73 -57.68 -12.15
CA THR BA 69 -28.63 -57.60 -13.28
C THR BA 69 -28.03 -58.33 -14.47
N ILE BA 70 -28.89 -58.80 -15.36
CA ILE BA 70 -28.48 -59.44 -16.60
C ILE BA 70 -29.03 -58.62 -17.75
N PRO BA 71 -28.20 -58.03 -18.59
CA PRO BA 71 -28.71 -57.31 -19.74
C PRO BA 71 -29.15 -58.27 -20.84
N GLN BA 72 -30.45 -58.36 -21.05
CA GLN BA 72 -30.97 -59.11 -22.18
C GLN BA 72 -32.05 -58.27 -22.84
N LYS BA 73 -31.61 -57.41 -23.74
CA LYS BA 73 -32.44 -56.36 -24.31
C LYS BA 73 -33.23 -56.97 -25.46
N GLN BA 74 -34.31 -57.62 -25.11
CA GLN BA 74 -35.01 -58.56 -25.97
C GLN BA 74 -36.41 -58.06 -26.25
N SER BA 75 -36.75 -57.99 -27.53
CA SER BA 75 -38.06 -57.52 -27.97
C SER BA 75 -38.73 -58.65 -28.74
N ASN BA 76 -40.00 -58.89 -28.46
CA ASN BA 76 -40.79 -59.92 -29.13
C ASN BA 76 -42.01 -59.29 -29.77
N LEU BA 77 -42.34 -59.72 -30.97
CA LEU BA 77 -43.48 -59.18 -31.68
C LEU BA 77 -44.20 -60.33 -32.34
N GLU BA 78 -45.48 -60.48 -32.04
CA GLU BA 78 -46.30 -61.55 -32.62
C GLU BA 78 -47.13 -60.99 -33.75
N MET BA 79 -47.12 -61.66 -34.89
CA MET BA 79 -48.05 -61.40 -35.96
C MET BA 79 -49.30 -62.26 -35.86
N ASN BA 80 -49.47 -62.97 -34.76
CA ASN BA 80 -50.51 -63.94 -34.59
C ASN BA 80 -51.19 -63.67 -33.27
N SER BA 81 -52.03 -64.60 -32.85
CA SER BA 81 -52.69 -64.55 -31.56
C SER BA 81 -52.46 -65.88 -30.86
N GLU BA 82 -53.10 -66.06 -29.73
CA GLU BA 82 -53.11 -67.38 -29.08
C GLU BA 82 -54.46 -67.58 -28.44
N ILE BA 83 -54.99 -68.79 -28.57
CA ILE BA 83 -56.37 -69.09 -28.23
C ILE BA 83 -56.40 -69.84 -26.91
N LEU BA 84 -57.27 -69.40 -26.00
CA LEU BA 84 -57.39 -69.97 -24.67
C LEU BA 84 -58.88 -70.27 -24.47
N GLU BA 85 -59.31 -71.44 -24.91
CA GLU BA 85 -60.74 -71.76 -24.91
C GLU BA 85 -61.21 -72.40 -23.61
N SER BA 86 -60.43 -72.31 -22.54
CA SER BA 86 -60.83 -72.82 -21.23
C SER BA 86 -60.05 -72.05 -20.17
N TRP BA 87 -60.70 -71.74 -19.06
CA TRP BA 87 -60.03 -71.02 -17.99
C TRP BA 87 -59.21 -71.91 -17.06
N ALA BA 88 -59.21 -73.23 -17.28
CA ALA BA 88 -58.43 -74.10 -16.41
C ALA BA 88 -56.94 -73.96 -16.70
N ASN BA 89 -56.55 -74.02 -17.97
CA ASN BA 89 -55.16 -73.81 -18.36
C ASN BA 89 -54.90 -72.34 -18.62
N TYR BA 90 -54.85 -71.59 -17.53
CA TYR BA 90 -54.73 -70.14 -17.57
C TYR BA 90 -53.28 -69.68 -17.55
N GLN BA 91 -52.98 -68.70 -18.40
CA GLN BA 91 -51.66 -68.08 -18.51
C GLN BA 91 -51.74 -66.70 -17.90
N SER BA 92 -50.88 -66.40 -16.95
CA SER BA 92 -51.05 -65.17 -16.19
C SER BA 92 -50.64 -63.92 -16.94
N SER BA 93 -49.65 -64.02 -17.84
CA SER BA 93 -49.05 -62.98 -18.69
C SER BA 93 -48.24 -61.93 -17.94
N THR BA 94 -48.21 -61.95 -16.62
CA THR BA 94 -47.30 -61.08 -15.89
C THR BA 94 -46.62 -61.75 -14.71
N SER BA 95 -47.09 -62.91 -14.27
CA SER BA 95 -46.50 -63.65 -13.17
C SER BA 95 -46.53 -65.14 -13.49
N TYR BA 96 -46.15 -65.48 -14.72
CA TYR BA 96 -46.37 -66.82 -15.23
C TYR BA 96 -45.41 -67.83 -14.62
N SER BA 97 -44.17 -67.44 -14.39
CA SER BA 97 -43.17 -68.41 -13.94
C SER BA 97 -43.30 -68.74 -12.47
N ILE BA 98 -43.86 -67.84 -11.66
CA ILE BA 98 -44.02 -68.14 -10.25
C ILE BA 98 -45.31 -68.88 -9.97
N ASN BA 99 -46.27 -68.87 -10.90
CA ASN BA 99 -47.47 -69.65 -10.69
C ASN BA 99 -47.34 -71.09 -11.15
N THR BA 100 -46.44 -71.38 -12.09
CA THR BA 100 -46.37 -72.69 -12.71
C THR BA 100 -45.44 -73.65 -12.00
N GLU BA 101 -45.11 -73.38 -10.74
CA GLU BA 101 -44.22 -74.22 -9.94
C GLU BA 101 -44.85 -75.59 -9.67
N LEU BA 102 -43.98 -76.56 -9.38
CA LEU BA 102 -44.41 -77.93 -9.09
C LEU BA 102 -44.72 -78.04 -7.61
N SER BA 103 -46.00 -78.17 -7.28
CA SER BA 103 -46.42 -78.27 -5.89
C SER BA 103 -47.78 -78.95 -5.84
N LEU BA 104 -48.31 -79.07 -4.62
CA LEU BA 104 -49.63 -79.63 -4.43
C LEU BA 104 -50.69 -78.68 -4.95
N PHE BA 105 -50.53 -77.39 -4.69
CA PHE BA 105 -51.54 -76.38 -4.98
C PHE BA 105 -51.17 -75.57 -6.21
N SER BA 106 -50.60 -76.22 -7.20
CA SER BA 106 -50.27 -75.55 -8.45
C SER BA 106 -51.51 -75.21 -9.26
N LYS BA 107 -52.63 -75.88 -9.01
CA LYS BA 107 -53.87 -75.57 -9.71
C LYS BA 107 -54.64 -74.44 -9.08
N VAL BA 108 -54.20 -73.93 -7.92
CA VAL BA 108 -54.90 -72.86 -7.22
C VAL BA 108 -54.14 -71.54 -7.29
N ASN BA 109 -52.90 -71.55 -7.76
CA ASN BA 109 -52.10 -70.34 -7.85
C ASN BA 109 -52.67 -69.38 -8.88
N GLY BA 110 -52.89 -68.15 -8.46
CA GLY BA 110 -53.40 -67.11 -9.32
C GLY BA 110 -54.89 -67.08 -9.48
N LYS BA 111 -55.64 -67.97 -8.83
CA LYS BA 111 -57.07 -68.10 -9.05
C LYS BA 111 -57.90 -67.10 -8.30
N PHE BA 112 -57.28 -66.15 -7.61
CA PHE BA 112 -57.99 -65.06 -6.97
C PHE BA 112 -57.46 -63.73 -7.45
N SER BA 113 -56.69 -63.74 -8.54
CA SER BA 113 -56.19 -62.52 -9.14
C SER BA 113 -57.32 -61.81 -9.85
N THR BA 114 -57.18 -60.49 -9.98
CA THR BA 114 -58.21 -59.73 -10.69
C THR BA 114 -58.17 -60.02 -12.18
N GLU BA 115 -57.01 -60.40 -12.69
CA GLU BA 115 -56.86 -60.71 -14.11
C GLU BA 115 -57.47 -62.07 -14.45
N PHE BA 116 -57.46 -63.00 -13.49
CA PHE BA 116 -58.13 -64.28 -13.71
C PHE BA 116 -59.63 -64.16 -13.55
N GLN BA 117 -60.07 -63.52 -12.46
CA GLN BA 117 -61.48 -63.45 -12.15
C GLN BA 117 -62.24 -62.56 -13.12
N ARG BA 118 -61.55 -61.66 -13.80
CA ARG BA 118 -62.18 -60.95 -14.89
C ARG BA 118 -62.26 -61.82 -16.12
N MET BA 119 -61.33 -62.75 -16.32
CA MET BA 119 -61.36 -63.57 -17.52
C MET BA 119 -62.38 -64.69 -17.39
N LYS BA 120 -62.52 -65.26 -16.19
CA LYS BA 120 -63.45 -66.36 -15.97
C LYS BA 120 -64.90 -65.91 -16.09
N THR BA 121 -65.20 -64.71 -15.64
CA THR BA 121 -66.56 -64.21 -15.70
C THR BA 121 -66.95 -63.72 -17.09
N LEU BA 122 -66.05 -63.77 -18.06
CA LEU BA 122 -66.38 -63.45 -19.44
C LEU BA 122 -66.50 -64.69 -20.31
N GLN BA 123 -65.93 -65.81 -19.89
CA GLN BA 123 -66.10 -67.05 -20.63
C GLN BA 123 -67.32 -67.84 -20.17
N VAL BA 124 -67.89 -67.50 -19.02
CA VAL BA 124 -69.06 -68.20 -18.51
C VAL BA 124 -70.33 -67.41 -18.76
N LYS BA 125 -70.26 -66.09 -18.55
CA LYS BA 125 -71.41 -65.22 -18.79
C LYS BA 125 -71.74 -65.15 -20.27
N ASP BA 126 -70.73 -65.18 -21.13
CA ASP BA 126 -70.90 -64.95 -22.55
C ASP BA 126 -70.63 -66.18 -23.39
N GLN BA 127 -70.30 -67.31 -22.77
CA GLN BA 127 -69.97 -68.59 -23.43
C GLN BA 127 -68.86 -68.41 -24.45
N ALA BA 128 -67.77 -67.82 -24.01
CA ALA BA 128 -66.78 -67.26 -24.92
C ALA BA 128 -65.45 -68.00 -24.83
N ILE BA 129 -64.60 -67.71 -25.81
CA ILE BA 129 -63.21 -68.12 -25.82
C ILE BA 129 -62.37 -66.84 -25.81
N THR BA 130 -61.12 -66.97 -25.39
CA THR BA 130 -60.25 -65.81 -25.16
C THR BA 130 -59.05 -65.89 -26.08
N THR BA 131 -58.74 -64.79 -26.76
CA THR BA 131 -57.52 -64.65 -27.53
C THR BA 131 -56.62 -63.58 -26.89
N ARG BA 132 -55.32 -63.70 -27.12
CA ARG BA 132 -54.37 -62.74 -26.57
C ARG BA 132 -53.24 -62.47 -27.54
N VAL BA 133 -53.01 -61.21 -27.88
CA VAL BA 133 -51.87 -60.78 -28.68
C VAL BA 133 -51.04 -59.83 -27.82
N GLN BA 134 -49.72 -59.94 -27.88
CA GLN BA 134 -48.91 -59.05 -27.07
C GLN BA 134 -47.57 -58.74 -27.72
N VAL BA 135 -47.08 -57.54 -27.43
CA VAL BA 135 -45.75 -57.08 -27.79
C VAL BA 135 -44.98 -56.92 -26.49
N ARG BA 136 -44.03 -57.83 -26.23
CA ARG BA 136 -43.30 -57.83 -24.98
C ARG BA 136 -41.89 -57.34 -25.21
N ASN BA 137 -41.37 -56.57 -24.26
CA ASN BA 137 -40.10 -55.90 -24.39
C ASN BA 137 -39.33 -56.10 -23.08
N LEU BA 138 -38.59 -57.20 -23.00
CA LEU BA 138 -37.79 -57.54 -21.84
C LEU BA 138 -36.43 -56.84 -21.90
N VAL BA 139 -36.10 -56.10 -20.87
CA VAL BA 139 -34.88 -55.30 -20.84
C VAL BA 139 -33.83 -55.89 -19.90
N TYR BA 140 -34.20 -56.16 -18.65
CA TYR BA 140 -33.28 -56.72 -17.68
C TYR BA 140 -33.87 -57.94 -17.00
N THR BA 141 -32.98 -58.81 -16.54
CA THR BA 141 -33.29 -59.81 -15.53
C THR BA 141 -32.55 -59.42 -14.27
N VAL BA 142 -33.27 -59.27 -13.19
CA VAL BA 142 -32.77 -58.68 -11.95
C VAL BA 142 -32.88 -59.76 -10.89
N LYS BA 143 -31.75 -60.22 -10.36
CA LYS BA 143 -31.71 -61.33 -9.41
C LYS BA 143 -31.07 -60.94 -8.09
N ILE BA 144 -31.16 -61.84 -7.12
CA ILE BA 144 -30.56 -61.66 -5.80
C ILE BA 144 -29.32 -62.54 -5.67
N ASN BA 145 -28.28 -61.97 -5.09
CA ASN BA 145 -27.09 -62.71 -4.72
C ASN BA 145 -27.47 -63.68 -3.62
N PRO BA 146 -27.05 -64.96 -3.68
CA PRO BA 146 -27.45 -65.92 -2.64
C PRO BA 146 -26.90 -65.67 -1.24
N THR BA 147 -26.04 -64.67 -1.03
CA THR BA 147 -25.48 -64.37 0.29
C THR BA 147 -26.12 -63.14 0.89
N LEU BA 148 -27.42 -62.97 0.70
CA LEU BA 148 -28.17 -61.83 1.18
C LEU BA 148 -28.81 -62.15 2.53
N GLU BA 149 -29.05 -61.11 3.33
CA GLU BA 149 -29.65 -61.23 4.65
C GLU BA 149 -31.06 -60.64 4.66
N LEU BA 150 -31.80 -60.97 5.71
CA LEU BA 150 -33.20 -60.62 5.85
C LEU BA 150 -33.37 -59.15 6.20
N SER BA 151 -34.61 -58.68 6.03
CA SER BA 151 -34.94 -57.30 6.32
C SER BA 151 -35.04 -57.10 7.83
N SER BA 152 -35.08 -55.83 8.22
CA SER BA 152 -35.14 -55.49 9.64
C SER BA 152 -36.52 -55.77 10.22
N GLY BA 153 -37.57 -55.55 9.44
CA GLY BA 153 -38.91 -55.78 9.92
C GLY BA 153 -39.30 -57.25 9.89
N PHE BA 154 -38.83 -57.98 8.89
CA PHE BA 154 -39.18 -59.39 8.77
C PHE BA 154 -38.45 -60.23 9.80
N ARG BA 155 -37.23 -59.86 10.17
CA ARG BA 155 -36.50 -60.57 11.21
C ARG BA 155 -37.15 -60.38 12.57
N LYS BA 156 -37.69 -59.18 12.82
CA LYS BA 156 -38.33 -58.90 14.10
C LYS BA 156 -39.59 -59.75 14.30
N GLU BA 157 -40.33 -60.00 13.24
CA GLU BA 157 -41.55 -60.76 13.39
C GLU BA 157 -41.31 -62.27 13.39
N LEU BA 158 -40.15 -62.71 12.91
CA LEU BA 158 -39.75 -64.10 13.11
C LEU BA 158 -39.22 -64.34 14.51
N LEU BA 159 -38.60 -63.32 15.11
CA LEU BA 159 -38.14 -63.43 16.48
C LEU BA 159 -39.28 -63.39 17.48
N ASP BA 160 -40.40 -62.78 17.12
CA ASP BA 160 -41.56 -62.81 17.99
C ASP BA 160 -42.27 -64.15 17.96
N ILE BA 161 -42.28 -64.82 16.80
CA ILE BA 161 -42.72 -66.20 16.74
C ILE BA 161 -41.75 -67.08 17.50
N SER BA 162 -40.46 -66.76 17.41
CA SER BA 162 -39.41 -67.52 18.07
C SER BA 162 -39.54 -67.50 19.58
N ASP BA 163 -39.99 -66.37 20.15
CA ASP BA 163 -40.15 -66.27 21.59
C ASP BA 163 -41.30 -67.15 22.09
N ARG BA 164 -42.37 -67.25 21.30
CA ARG BA 164 -43.52 -68.04 21.72
C ARG BA 164 -43.24 -69.53 21.64
N LEU BA 165 -42.36 -69.97 20.74
CA LEU BA 165 -42.00 -71.38 20.72
C LEU BA 165 -41.10 -71.77 21.88
N GLU BA 166 -40.36 -70.81 22.44
CA GLU BA 166 -39.54 -71.09 23.61
C GLU BA 166 -40.40 -71.35 24.84
N ASN BA 167 -41.42 -70.51 25.04
CA ASN BA 167 -42.26 -70.53 26.22
C ASN BA 167 -43.36 -71.57 26.17
N ASN BA 168 -43.33 -72.48 25.19
CA ASN BA 168 -44.37 -73.49 24.95
C ASN BA 168 -45.74 -72.82 24.82
N GLN BA 169 -45.83 -71.86 23.91
CA GLN BA 169 -47.07 -71.16 23.66
C GLN BA 169 -47.41 -71.39 22.19
N THR BA 170 -48.05 -72.52 21.91
CA THR BA 170 -48.21 -72.99 20.55
C THR BA 170 -49.38 -72.28 19.86
N ARG BA 171 -50.46 -72.02 20.57
CA ARG BA 171 -51.61 -71.36 19.97
C ARG BA 171 -51.32 -69.90 19.68
N MET BA 172 -50.44 -69.27 20.44
CA MET BA 172 -50.13 -67.88 20.20
C MET BA 172 -49.04 -67.74 19.13
N ALA BA 173 -48.22 -68.77 18.95
CA ALA BA 173 -47.26 -68.78 17.85
C ALA BA 173 -47.93 -69.08 16.52
N THR BA 174 -48.95 -69.93 16.54
CA THR BA 174 -49.72 -70.23 15.33
C THR BA 174 -50.47 -69.01 14.86
N TYR BA 175 -50.95 -68.19 15.80
CA TYR BA 175 -51.61 -66.95 15.44
C TYR BA 175 -50.65 -65.96 14.79
N LEU BA 176 -49.46 -65.81 15.36
CA LEU BA 176 -48.49 -64.88 14.79
C LEU BA 176 -47.87 -65.38 13.50
N ALA BA 177 -47.85 -66.69 13.28
CA ALA BA 177 -47.35 -67.22 12.01
C ALA BA 177 -48.30 -66.89 10.87
N GLU BA 178 -49.59 -66.82 11.15
CA GLU BA 178 -50.58 -66.49 10.14
C GLU BA 178 -50.64 -64.99 9.86
N LEU BA 179 -50.26 -64.15 10.80
CA LEU BA 179 -50.11 -62.74 10.50
C LEU BA 179 -48.84 -62.44 9.71
N LEU BA 180 -47.89 -63.37 9.70
CA LEU BA 180 -46.73 -63.23 8.84
C LEU BA 180 -47.11 -63.44 7.38
N VAL BA 181 -48.10 -64.29 7.14
CA VAL BA 181 -48.57 -64.57 5.79
C VAL BA 181 -49.51 -63.48 5.29
N LEU BA 182 -50.25 -62.85 6.19
CA LEU BA 182 -51.01 -61.66 5.80
C LEU BA 182 -50.10 -60.54 5.34
N ASN BA 183 -48.97 -60.36 6.01
CA ASN BA 183 -48.13 -59.20 5.73
C ASN BA 183 -47.04 -59.47 4.72
N TYR BA 184 -46.64 -60.72 4.53
CA TYR BA 184 -45.51 -61.03 3.67
C TYR BA 184 -45.80 -62.08 2.61
N GLY BA 185 -47.02 -62.58 2.53
CA GLY BA 185 -47.37 -63.47 1.44
C GLY BA 185 -46.92 -64.91 1.67
N THR BA 186 -46.91 -65.67 0.58
CA THR BA 186 -46.54 -67.07 0.61
C THR BA 186 -45.23 -67.37 -0.07
N HIS BA 187 -44.65 -66.39 -0.78
CA HIS BA 187 -43.46 -66.58 -1.59
C HIS BA 187 -42.58 -65.36 -1.49
N VAL BA 188 -41.33 -65.52 -1.90
CA VAL BA 188 -40.37 -64.43 -2.00
C VAL BA 188 -39.88 -64.40 -3.43
N THR BA 189 -39.98 -63.24 -4.09
CA THR BA 189 -39.51 -63.14 -5.46
C THR BA 189 -38.00 -63.14 -5.48
N THR BA 190 -37.41 -64.07 -6.22
CA THR BA 190 -35.96 -64.13 -6.31
C THR BA 190 -35.44 -63.59 -7.63
N SER BA 191 -36.27 -63.53 -8.67
CA SER BA 191 -35.87 -62.82 -9.87
C SER BA 191 -37.10 -62.17 -10.50
N VAL BA 192 -36.91 -60.98 -11.03
CA VAL BA 192 -37.93 -60.26 -11.77
C VAL BA 192 -37.38 -59.95 -13.16
N ASP BA 193 -38.28 -59.81 -14.10
CA ASP BA 193 -37.97 -59.39 -15.47
C ASP BA 193 -38.49 -57.99 -15.67
N ALA BA 194 -37.59 -57.04 -15.84
CA ALA BA 194 -37.96 -55.64 -15.98
C ALA BA 194 -38.21 -55.32 -17.45
N GLY BA 195 -39.39 -54.79 -17.75
CA GLY BA 195 -39.70 -54.41 -19.10
C GLY BA 195 -41.10 -53.89 -19.23
N ALA BA 196 -41.60 -53.90 -20.45
CA ALA BA 196 -42.93 -53.40 -20.75
C ALA BA 196 -43.65 -54.38 -21.66
N ALA BA 197 -44.97 -54.27 -21.72
CA ALA BA 197 -45.76 -55.14 -22.57
C ALA BA 197 -47.03 -54.40 -22.98
N LEU BA 198 -47.49 -54.68 -24.20
CA LEU BA 198 -48.74 -54.11 -24.70
C LEU BA 198 -49.60 -55.29 -25.11
N ILE BA 199 -50.76 -55.46 -24.47
CA ILE BA 199 -51.53 -56.69 -24.59
C ILE BA 199 -52.92 -56.38 -25.14
N GLN BA 200 -53.37 -57.18 -26.10
CA GLN BA 200 -54.73 -57.23 -26.60
C GLN BA 200 -55.43 -58.45 -26.03
N GLU BA 201 -56.68 -58.31 -25.62
CA GLU BA 201 -57.40 -59.47 -25.12
C GLU BA 201 -58.85 -59.40 -25.62
N ASP BA 202 -59.14 -60.15 -26.67
CA ASP BA 202 -60.49 -60.24 -27.20
C ASP BA 202 -61.19 -61.48 -26.67
N HIS BA 203 -62.51 -61.41 -26.61
CA HIS BA 203 -63.35 -62.55 -26.30
C HIS BA 203 -64.27 -62.81 -27.48
N LEU BA 204 -64.27 -64.03 -27.98
CA LEU BA 204 -65.05 -64.42 -29.14
C LEU BA 204 -66.03 -65.49 -28.71
N ARG BA 205 -67.15 -65.58 -29.40
CA ARG BA 205 -68.11 -66.65 -29.12
C ARG BA 205 -67.50 -67.99 -29.47
N ALA BA 206 -67.80 -69.00 -28.66
CA ALA BA 206 -67.18 -70.32 -28.83
C ALA BA 206 -67.69 -71.04 -30.07
N SER BA 207 -68.83 -70.60 -30.62
CA SER BA 207 -69.32 -71.13 -31.89
C SER BA 207 -68.47 -70.69 -33.07
N PHE BA 208 -67.75 -69.58 -32.93
CA PHE BA 208 -66.97 -69.04 -34.05
C PHE BA 208 -65.70 -69.84 -34.29
N LEU BA 209 -65.20 -70.57 -33.30
CA LEU BA 209 -63.99 -71.35 -33.46
C LEU BA 209 -64.24 -72.77 -33.94
N GLN BA 210 -65.45 -73.26 -33.80
CA GLN BA 210 -65.79 -74.66 -34.06
C GLN BA 210 -65.81 -75.03 -35.56
N ASP BA 211 -65.29 -74.26 -36.50
CA ASP BA 211 -65.42 -74.60 -37.91
C ASP BA 211 -64.48 -75.73 -38.31
N SER BA 212 -63.17 -75.50 -38.21
CA SER BA 212 -62.17 -76.51 -38.56
C SER BA 212 -60.85 -76.11 -37.91
N GLN BA 213 -59.81 -76.90 -38.22
CA GLN BA 213 -58.44 -76.58 -37.83
C GLN BA 213 -57.73 -75.69 -38.84
N SER BA 214 -58.37 -75.40 -39.97
CA SER BA 214 -57.88 -74.41 -40.91
C SER BA 214 -58.55 -73.06 -40.71
N SER BA 215 -59.73 -73.03 -40.11
CA SER BA 215 -60.32 -71.77 -39.69
C SER BA 215 -59.56 -71.19 -38.50
N ARG BA 216 -58.94 -72.05 -37.69
CA ARG BA 216 -58.24 -71.61 -36.50
C ARG BA 216 -57.05 -70.73 -36.84
N SER BA 217 -56.32 -71.07 -37.91
CA SER BA 217 -55.18 -70.27 -38.32
C SER BA 217 -55.58 -69.01 -39.08
N ALA BA 218 -56.86 -68.77 -39.29
CA ALA BA 218 -57.34 -67.51 -39.84
C ALA BA 218 -58.05 -66.65 -38.81
N VAL BA 219 -58.68 -67.26 -37.81
CA VAL BA 219 -59.12 -66.53 -36.63
C VAL BA 219 -57.92 -65.92 -35.91
N THR BA 220 -56.83 -66.68 -35.83
CA THR BA 220 -55.67 -66.30 -35.04
C THR BA 220 -54.88 -65.18 -35.71
N ALA BA 221 -54.76 -65.21 -37.03
CA ALA BA 221 -54.04 -64.15 -37.72
C ALA BA 221 -54.91 -62.93 -37.99
N SER BA 222 -56.21 -63.02 -37.71
CA SER BA 222 -57.07 -61.86 -37.80
C SER BA 222 -56.95 -60.99 -36.56
N ALA BA 223 -56.82 -61.63 -35.40
CA ALA BA 223 -56.66 -60.91 -34.15
C ALA BA 223 -55.33 -60.19 -34.08
N GLY BA 224 -54.30 -60.74 -34.69
CA GLY BA 224 -53.03 -60.03 -34.75
C GLY BA 224 -53.03 -58.89 -35.75
N LEU BA 225 -53.93 -58.95 -36.72
CA LEU BA 225 -54.06 -57.87 -37.69
C LEU BA 225 -54.85 -56.71 -37.11
N ALA BA 226 -55.90 -57.03 -36.35
CA ALA BA 226 -56.68 -56.00 -35.67
C ALA BA 226 -55.86 -55.27 -34.61
N PHE BA 227 -54.91 -55.97 -33.98
CA PHE BA 227 -54.08 -55.36 -32.96
C PHE BA 227 -53.10 -54.37 -33.56
N GLN BA 228 -52.58 -54.66 -34.74
CA GLN BA 228 -51.68 -53.73 -35.39
C GLN BA 228 -52.41 -52.55 -35.99
N ASN BA 229 -53.68 -52.73 -36.37
CA ASN BA 229 -54.48 -51.60 -36.80
C ASN BA 229 -54.79 -50.67 -35.65
N THR BA 230 -55.09 -51.23 -34.48
CA THR BA 230 -55.47 -50.45 -33.31
C THR BA 230 -54.32 -49.60 -32.81
N VAL BA 231 -53.09 -50.11 -32.88
CA VAL BA 231 -51.97 -49.26 -32.47
C VAL BA 231 -51.69 -48.20 -33.52
N ASN BA 232 -51.81 -48.50 -34.81
CA ASN BA 232 -51.38 -47.54 -35.80
C ASN BA 232 -52.43 -46.51 -36.21
N PHE BA 233 -53.72 -46.84 -36.22
CA PHE BA 233 -54.68 -46.06 -36.99
C PHE BA 233 -55.74 -45.33 -36.18
N LYS BA 234 -55.35 -44.66 -35.10
CA LYS BA 234 -55.94 -43.39 -34.64
C LYS BA 234 -57.44 -43.45 -34.32
N PHE BA 235 -57.97 -44.65 -34.09
CA PHE BA 235 -59.39 -45.00 -33.86
C PHE BA 235 -60.24 -44.87 -35.14
N GLU BA 236 -59.66 -44.31 -36.20
CA GLU BA 236 -60.41 -44.09 -37.42
C GLU BA 236 -60.56 -45.40 -38.19
N GLU BA 237 -61.42 -45.38 -39.20
CA GLU BA 237 -61.54 -46.52 -40.08
C GLU BA 237 -60.65 -46.38 -41.30
N ASN BA 238 -59.37 -46.09 -41.03
CA ASN BA 238 -58.29 -46.20 -41.98
C ASN BA 238 -57.64 -47.57 -41.93
N TYR BA 239 -58.38 -48.57 -41.46
CA TYR BA 239 -57.82 -49.89 -41.24
C TYR BA 239 -57.58 -50.60 -42.56
N THR BA 240 -56.57 -51.46 -42.57
CA THR BA 240 -56.28 -52.32 -43.71
C THR BA 240 -56.97 -53.67 -43.53
N SER BA 241 -58.31 -53.62 -43.48
CA SER BA 241 -59.14 -54.80 -43.31
C SER BA 241 -59.05 -55.68 -44.55
N GLN BA 242 -58.38 -56.81 -44.43
CA GLN BA 242 -57.94 -57.58 -45.59
C GLN BA 242 -59.02 -58.48 -46.17
N ASN BA 243 -60.02 -58.87 -45.39
CA ASN BA 243 -60.95 -59.90 -45.83
C ASN BA 243 -62.35 -59.54 -45.36
N VAL BA 244 -63.28 -60.45 -45.65
CA VAL BA 244 -64.57 -60.48 -44.98
C VAL BA 244 -64.42 -61.20 -43.64
N LEU BA 245 -63.38 -62.01 -43.50
CA LEU BA 245 -63.11 -62.70 -42.24
C LEU BA 245 -62.71 -61.73 -41.14
N THR BA 246 -62.14 -60.58 -41.49
CA THR BA 246 -61.97 -59.51 -40.53
C THR BA 246 -63.31 -58.93 -40.11
N LYS BA 247 -64.23 -58.78 -41.06
CA LYS BA 247 -65.56 -58.25 -40.73
C LYS BA 247 -66.38 -59.28 -39.95
N SER BA 248 -66.23 -60.55 -40.28
CA SER BA 248 -66.93 -61.58 -39.49
C SER BA 248 -66.30 -61.78 -38.13
N TYR BA 249 -65.03 -61.41 -37.97
CA TYR BA 249 -64.37 -61.48 -36.67
C TYR BA 249 -64.99 -60.47 -35.70
N LEU BA 250 -65.37 -59.31 -36.20
CA LEU BA 250 -65.87 -58.25 -35.33
C LEU BA 250 -67.26 -58.56 -34.80
N SER BA 251 -68.05 -59.29 -35.57
CA SER BA 251 -69.43 -59.52 -35.17
C SER BA 251 -69.57 -60.64 -34.15
N ASN BA 252 -68.59 -61.54 -34.06
CA ASN BA 252 -68.56 -62.56 -33.02
C ASN BA 252 -67.77 -62.12 -31.80
N ARG BA 253 -67.07 -60.99 -31.89
CA ARG BA 253 -66.29 -60.48 -30.78
C ARG BA 253 -67.18 -60.03 -29.64
N THR BA 254 -66.85 -60.48 -28.43
CA THR BA 254 -67.64 -60.11 -27.27
C THR BA 254 -67.08 -58.93 -26.49
N ASN BA 255 -65.79 -58.91 -26.11
CA ASN BA 255 -65.36 -57.86 -25.18
C ASN BA 255 -64.28 -56.91 -25.68
N SER BA 256 -63.09 -57.39 -26.08
CA SER BA 256 -61.96 -56.57 -26.57
C SER BA 256 -61.37 -55.50 -25.64
N ARG BA 257 -60.60 -55.89 -24.64
CA ARG BA 257 -59.80 -54.95 -23.87
C ARG BA 257 -58.40 -54.78 -24.47
N VAL BA 258 -57.84 -53.59 -24.33
CA VAL BA 258 -56.44 -53.33 -24.67
C VAL BA 258 -55.73 -52.86 -23.42
N GLN BA 259 -54.63 -53.51 -23.06
CA GLN BA 259 -53.95 -53.26 -21.80
C GLN BA 259 -52.49 -52.94 -22.05
N SER BA 260 -52.00 -51.86 -21.45
CA SER BA 260 -50.59 -51.51 -21.46
C SER BA 260 -50.02 -51.75 -20.07
N ILE BA 261 -48.89 -52.43 -19.98
CA ILE BA 261 -48.23 -52.71 -18.71
C ILE BA 261 -46.83 -52.15 -18.82
N GLY BA 262 -46.57 -51.03 -18.16
CA GLY BA 262 -45.31 -50.36 -18.28
C GLY BA 262 -45.25 -49.45 -19.48
N GLY BA 263 -44.21 -48.65 -19.53
CA GLY BA 263 -44.09 -47.70 -20.62
C GLY BA 263 -45.01 -46.52 -20.44
N VAL BA 264 -45.29 -45.85 -21.56
CA VAL BA 264 -46.21 -44.72 -21.59
C VAL BA 264 -47.62 -45.26 -21.72
N PRO BA 265 -48.66 -44.51 -21.31
CA PRO BA 265 -50.03 -45.03 -21.45
C PRO BA 265 -50.45 -45.16 -22.89
N PHE BA 266 -51.19 -46.23 -23.16
CA PHE BA 266 -51.65 -46.50 -24.50
C PHE BA 266 -52.85 -45.64 -24.85
N TYR BA 267 -52.89 -45.19 -26.10
CA TYR BA 267 -54.07 -44.61 -26.72
C TYR BA 267 -54.09 -45.10 -28.16
N PRO BA 268 -55.27 -45.32 -28.73
CA PRO BA 268 -55.32 -45.86 -30.10
C PRO BA 268 -54.81 -44.85 -31.12
N GLY BA 269 -53.65 -45.12 -31.67
CA GLY BA 269 -53.01 -44.16 -32.54
C GLY BA 269 -51.56 -43.93 -32.23
N ILE BA 270 -51.09 -44.33 -31.05
CA ILE BA 270 -49.66 -44.27 -30.78
C ILE BA 270 -48.98 -45.37 -31.58
N THR BA 271 -48.01 -44.98 -32.40
CA THR BA 271 -47.39 -45.98 -33.26
C THR BA 271 -46.52 -46.91 -32.42
N LEU BA 272 -46.18 -48.06 -33.01
CA LEU BA 272 -45.37 -49.03 -32.28
C LEU BA 272 -43.97 -48.51 -32.08
N GLN BA 273 -43.49 -47.67 -32.98
CA GLN BA 273 -42.25 -46.93 -32.76
C GLN BA 273 -42.33 -46.03 -31.54
N ALA BA 274 -43.43 -45.29 -31.40
CA ALA BA 274 -43.51 -44.28 -30.36
C ALA BA 274 -43.80 -44.88 -28.99
N TRP BA 275 -44.47 -46.03 -28.95
CA TRP BA 275 -44.67 -46.73 -27.68
C TRP BA 275 -43.34 -47.25 -27.14
N GLN BA 276 -42.46 -47.68 -28.03
CA GLN BA 276 -41.18 -48.23 -27.65
C GLN BA 276 -40.14 -47.18 -27.28
N GLN BA 277 -40.43 -45.91 -27.51
CA GLN BA 277 -39.55 -44.86 -27.03
C GLN BA 277 -39.83 -44.47 -25.60
N GLY BA 278 -41.02 -44.76 -25.10
CA GLY BA 278 -41.39 -44.46 -23.75
C GLY BA 278 -41.15 -45.56 -22.75
N ILE BA 279 -40.55 -46.66 -23.18
CA ILE BA 279 -40.24 -47.75 -22.27
C ILE BA 279 -39.11 -47.38 -21.34
N THR BA 280 -38.20 -46.52 -21.79
CA THR BA 280 -37.09 -46.05 -20.98
C THR BA 280 -37.60 -45.25 -19.78
N ASN BA 281 -37.15 -45.67 -18.59
CA ASN BA 281 -37.48 -45.17 -17.26
C ASN BA 281 -38.91 -45.47 -16.81
N HIS BA 282 -39.66 -46.26 -17.57
CA HIS BA 282 -40.96 -46.76 -17.13
C HIS BA 282 -40.91 -48.27 -17.29
N LEU BA 283 -40.31 -48.96 -16.34
CA LEU BA 283 -40.16 -50.40 -16.41
C LEU BA 283 -40.90 -51.03 -15.25
N VAL BA 284 -41.58 -52.13 -15.51
CA VAL BA 284 -42.31 -52.86 -14.50
C VAL BA 284 -41.90 -54.32 -14.57
N ALA BA 285 -42.37 -55.10 -13.61
CA ALA BA 285 -42.11 -56.52 -13.61
C ALA BA 285 -43.12 -57.20 -14.53
N ILE BA 286 -42.64 -57.70 -15.67
CA ILE BA 286 -43.49 -58.46 -16.57
C ILE BA 286 -43.37 -59.96 -16.37
N ASP BA 287 -42.45 -60.41 -15.52
CA ASP BA 287 -42.37 -61.81 -15.12
C ASP BA 287 -41.64 -61.87 -13.78
N ARG BA 288 -41.89 -62.95 -13.03
CA ARG BA 288 -41.31 -63.16 -11.72
C ARG BA 288 -41.02 -64.63 -11.52
N SER BA 289 -39.98 -64.91 -10.76
CA SER BA 289 -39.73 -66.25 -10.23
C SER BA 289 -39.57 -66.16 -8.73
N GLY BA 290 -39.72 -67.29 -8.05
CA GLY BA 290 -39.62 -67.23 -6.61
C GLY BA 290 -39.44 -68.57 -5.94
N LEU BA 291 -39.45 -68.52 -4.61
CA LEU BA 291 -39.34 -69.67 -3.73
C LEU BA 291 -40.32 -69.45 -2.60
N PRO BA 292 -40.78 -70.52 -1.94
CA PRO BA 292 -41.69 -70.35 -0.81
C PRO BA 292 -41.04 -69.64 0.36
N LEU BA 293 -41.90 -69.15 1.26
CA LEU BA 293 -41.46 -68.23 2.31
C LEU BA 293 -40.66 -68.94 3.39
N HIS BA 294 -40.92 -70.23 3.62
CA HIS BA 294 -40.19 -70.98 4.62
C HIS BA 294 -38.86 -71.50 4.12
N PHE BA 295 -38.54 -71.32 2.84
CA PHE BA 295 -37.22 -71.65 2.35
C PHE BA 295 -36.16 -70.76 2.97
N PHE BA 296 -36.51 -69.51 3.25
CA PHE BA 296 -35.58 -68.53 3.76
C PHE BA 296 -35.58 -68.47 5.28
N ILE BA 297 -36.20 -69.43 5.94
CA ILE BA 297 -36.10 -69.56 7.38
C ILE BA 297 -35.23 -70.78 7.65
N ASN BA 298 -33.94 -70.55 7.79
CA ASN BA 298 -32.95 -71.60 7.90
C ASN BA 298 -31.85 -71.08 8.82
N PRO BA 299 -30.98 -71.95 9.36
CA PRO BA 299 -29.94 -71.46 10.28
C PRO BA 299 -28.94 -70.50 9.67
N ASN BA 300 -28.87 -70.39 8.34
CA ASN BA 300 -27.96 -69.43 7.72
C ASN BA 300 -28.51 -68.00 7.80
N MET BA 301 -29.81 -67.82 7.54
CA MET BA 301 -30.39 -66.49 7.58
C MET BA 301 -30.54 -65.97 9.01
N LEU BA 302 -30.67 -66.86 9.98
CA LEU BA 302 -30.86 -66.52 11.39
C LEU BA 302 -29.69 -67.08 12.17
N PRO BA 303 -28.56 -66.37 12.21
CA PRO BA 303 -27.37 -66.90 12.88
C PRO BA 303 -27.34 -66.67 14.37
N ASP BA 304 -28.23 -65.83 14.89
CA ASP BA 304 -28.28 -65.51 16.31
C ASP BA 304 -29.34 -66.31 17.05
N LEU BA 305 -29.78 -67.43 16.50
CA LEU BA 305 -30.72 -68.32 17.14
C LEU BA 305 -30.21 -69.74 17.01
N PRO BA 306 -30.59 -70.64 17.93
CA PRO BA 306 -30.13 -72.02 17.83
C PRO BA 306 -30.74 -72.76 16.64
N GLY BA 307 -30.08 -73.87 16.30
CA GLY BA 307 -30.42 -74.69 15.16
C GLY BA 307 -31.82 -75.28 15.14
N PRO BA 308 -32.19 -76.07 16.15
CA PRO BA 308 -33.54 -76.66 16.16
C PRO BA 308 -34.64 -75.67 16.41
N LEU BA 309 -34.33 -74.45 16.84
CA LEU BA 309 -35.36 -73.47 17.12
C LEU BA 309 -35.75 -72.67 15.89
N VAL BA 310 -34.88 -72.54 14.90
CA VAL BA 310 -35.29 -71.93 13.63
C VAL BA 310 -35.96 -72.94 12.72
N LYS BA 311 -35.93 -74.22 13.08
CA LYS BA 311 -36.71 -75.23 12.38
C LYS BA 311 -38.11 -75.36 12.96
N LYS BA 312 -38.36 -74.84 14.16
CA LYS BA 312 -39.71 -74.75 14.66
C LYS BA 312 -40.43 -73.55 14.05
N VAL BA 313 -39.69 -72.47 13.83
CA VAL BA 313 -40.26 -71.29 13.17
C VAL BA 313 -40.54 -71.59 11.71
N SER BA 314 -39.65 -72.35 11.07
CA SER BA 314 -39.84 -72.68 9.66
C SER BA 314 -40.99 -73.66 9.46
N LYS BA 315 -41.26 -74.50 10.45
CA LYS BA 315 -42.35 -75.45 10.32
C LYS BA 315 -43.69 -74.82 10.67
N THR BA 316 -43.71 -73.86 11.58
CA THR BA 316 -44.97 -73.22 11.92
C THR BA 316 -45.40 -72.18 10.89
N VAL BA 317 -44.51 -71.77 10.00
CA VAL BA 317 -44.88 -70.89 8.90
C VAL BA 317 -45.24 -71.71 7.66
N GLU BA 318 -44.59 -72.85 7.45
CA GLU BA 318 -44.97 -73.78 6.39
C GLU BA 318 -46.38 -74.31 6.59
N THR BA 319 -46.80 -74.49 7.84
CA THR BA 319 -48.15 -74.93 8.12
C THR BA 319 -49.15 -73.82 7.90
N ALA BA 320 -48.77 -72.58 8.18
CA ALA BA 320 -49.68 -71.46 8.01
C ALA BA 320 -49.90 -71.13 6.54
N VAL BA 321 -48.88 -71.30 5.71
CA VAL BA 321 -49.04 -71.09 4.27
C VAL BA 321 -49.89 -72.18 3.67
N LYS BA 322 -49.68 -73.42 4.10
CA LYS BA 322 -50.46 -74.54 3.58
C LYS BA 322 -51.91 -74.48 4.02
N ARG BA 323 -52.18 -73.90 5.19
CA ARG BA 323 -53.54 -73.72 5.65
C ARG BA 323 -54.25 -72.65 4.83
N TYR BA 324 -53.50 -71.70 4.29
CA TYR BA 324 -54.09 -70.62 3.51
C TYR BA 324 -54.52 -71.08 2.13
N TYR BA 325 -53.81 -72.05 1.54
CA TYR BA 325 -54.24 -72.62 0.27
C TYR BA 325 -55.42 -73.55 0.43
N THR BA 326 -55.55 -74.21 1.58
CA THR BA 326 -56.62 -75.19 1.77
C THR BA 326 -57.96 -74.49 1.96
N PHE BA 327 -57.97 -73.36 2.65
CA PHE BA 327 -59.21 -72.66 2.90
C PHE BA 327 -59.71 -71.87 1.70
N ASN BA 328 -58.93 -71.79 0.64
CA ASN BA 328 -59.29 -71.09 -0.58
C ASN BA 328 -59.37 -72.06 -1.75
N THR BA 329 -59.65 -73.32 -1.47
CA THR BA 329 -59.81 -74.34 -2.49
C THR BA 329 -61.27 -74.75 -2.54
N TYR BA 330 -61.88 -74.67 -3.72
CA TYR BA 330 -63.28 -74.97 -3.94
C TYR BA 330 -63.39 -76.05 -5.01
N PRO BA 331 -63.45 -77.32 -4.63
CA PRO BA 331 -63.69 -78.36 -5.63
C PRO BA 331 -65.14 -78.35 -6.09
N GLY BA 332 -65.34 -78.69 -7.35
CA GLY BA 332 -66.67 -78.69 -7.91
C GLY BA 332 -66.63 -78.99 -9.38
N CYS BA 333 -67.82 -78.99 -9.99
CA CYS BA 333 -67.93 -79.21 -11.42
C CYS BA 333 -67.55 -77.94 -12.15
N THR BA 334 -66.56 -78.04 -13.02
CA THR BA 334 -66.02 -76.89 -13.72
C THR BA 334 -66.41 -76.82 -15.18
N ASP BA 335 -67.11 -77.83 -15.70
CA ASP BA 335 -67.54 -77.82 -17.09
C ASP BA 335 -68.82 -77.00 -17.21
N LEU BA 336 -68.77 -75.93 -18.02
CA LEU BA 336 -69.90 -75.00 -18.10
C LEU BA 336 -71.09 -75.58 -18.85
N ASN BA 337 -70.88 -76.64 -19.63
CA ASN BA 337 -71.97 -77.26 -20.37
C ASN BA 337 -72.72 -78.31 -19.57
N SER BA 338 -72.15 -78.77 -18.45
CA SER BA 338 -72.84 -79.73 -17.61
C SER BA 338 -73.98 -79.04 -16.87
N PRO BA 339 -75.08 -79.77 -16.61
CA PRO BA 339 -76.23 -79.12 -15.93
C PRO BA 339 -75.94 -78.77 -14.49
N ASN BA 340 -75.11 -79.54 -13.80
CA ASN BA 340 -74.71 -79.23 -12.43
C ASN BA 340 -73.40 -78.45 -12.38
N PHE BA 341 -73.32 -77.37 -13.13
CA PHE BA 341 -72.10 -76.56 -13.17
C PHE BA 341 -71.93 -75.76 -11.90
N ASN BA 342 -70.77 -75.89 -11.28
CA ASN BA 342 -70.43 -75.14 -10.07
C ASN BA 342 -69.64 -73.93 -10.50
N PHE BA 343 -70.32 -72.81 -10.68
CA PHE BA 343 -69.67 -71.52 -10.60
C PHE BA 343 -69.21 -71.32 -9.17
N GLN BA 344 -68.19 -70.49 -8.98
CA GLN BA 344 -67.42 -70.38 -7.73
C GLN BA 344 -66.77 -71.71 -7.36
N ALA BA 345 -66.00 -72.28 -8.28
CA ALA BA 345 -65.23 -73.48 -8.04
C ALA BA 345 -63.89 -73.37 -8.75
N ASN BA 346 -62.82 -73.74 -8.05
CA ASN BA 346 -61.46 -73.61 -8.55
C ASN BA 346 -60.94 -74.90 -9.16
N THR BA 347 -61.13 -76.02 -8.48
CA THR BA 347 -60.50 -77.27 -8.82
C THR BA 347 -61.52 -78.21 -9.45
N ASP BA 348 -61.12 -78.89 -10.51
CA ASP BA 348 -61.99 -79.84 -11.18
C ASP BA 348 -62.22 -81.04 -10.28
N ASP BA 349 -63.48 -81.27 -9.91
CA ASP BA 349 -63.81 -82.33 -8.97
C ASP BA 349 -63.79 -83.71 -9.62
N GLY BA 350 -63.91 -83.78 -10.93
CA GLY BA 350 -64.00 -85.06 -11.59
C GLY BA 350 -65.35 -85.73 -11.49
N SER BA 351 -66.36 -85.02 -10.99
CA SER BA 351 -67.72 -85.55 -10.89
C SER BA 351 -68.62 -84.54 -11.58
N CYS BA 352 -68.74 -84.68 -12.89
CA CYS BA 352 -69.54 -83.76 -13.70
C CYS BA 352 -70.87 -84.35 -14.11
N GLU BA 353 -71.10 -85.63 -13.86
CA GLU BA 353 -72.36 -86.29 -14.15
C GLU BA 353 -72.84 -87.01 -12.90
N GLY BA 354 -73.88 -86.47 -12.27
CA GLY BA 354 -74.44 -87.07 -11.09
C GLY BA 354 -75.65 -87.94 -11.40
N LYS BA 355 -76.22 -88.52 -10.35
CA LYS BA 355 -77.34 -89.43 -10.48
C LYS BA 355 -78.64 -88.89 -9.91
N MET BA 356 -78.60 -87.77 -9.19
CA MET BA 356 -79.76 -87.13 -8.54
C MET BA 356 -80.45 -88.11 -7.58
N THR BA 357 -79.74 -88.43 -6.50
CA THR BA 357 -80.26 -89.28 -5.46
C THR BA 357 -80.70 -88.41 -4.29
N ASN BA 358 -81.99 -88.45 -3.97
CA ASN BA 358 -82.51 -87.74 -2.82
C ASN BA 358 -82.21 -88.53 -1.55
N PHE BA 359 -81.75 -87.85 -0.51
CA PHE BA 359 -81.33 -88.49 0.71
C PHE BA 359 -82.19 -88.05 1.88
N SER BA 360 -81.97 -88.71 3.02
CA SER BA 360 -82.76 -88.51 4.23
C SER BA 360 -81.90 -87.82 5.28
N PHE BA 361 -82.37 -86.68 5.77
CA PHE BA 361 -81.66 -85.92 6.79
C PHE BA 361 -82.16 -86.38 8.16
N GLY BA 362 -81.34 -87.16 8.85
CA GLY BA 362 -81.73 -87.74 10.12
C GLY BA 362 -81.51 -86.89 11.34
N GLY BA 363 -81.10 -85.64 11.18
CA GLY BA 363 -80.97 -84.73 12.29
C GLY BA 363 -79.57 -84.75 12.91
N VAL BA 364 -79.35 -83.76 13.78
CA VAL BA 364 -78.08 -83.57 14.45
C VAL BA 364 -78.29 -83.56 15.95
N TYR BA 365 -77.26 -83.94 16.69
CA TYR BA 365 -77.26 -83.82 18.14
C TYR BA 365 -75.84 -83.64 18.62
N GLN BA 366 -75.69 -82.96 19.75
CA GLN BA 366 -74.39 -82.58 20.26
C GLN BA 366 -74.32 -82.88 21.75
N GLU BA 367 -73.29 -83.61 22.17
CA GLU BA 367 -73.06 -83.86 23.57
C GLU BA 367 -72.18 -82.76 24.16
N CYS BA 368 -72.17 -82.69 25.49
CA CYS BA 368 -71.27 -81.80 26.20
C CYS BA 368 -70.74 -82.49 27.44
N THR BA 369 -69.52 -82.12 27.85
CA THR BA 369 -68.87 -82.71 29.01
C THR BA 369 -68.05 -81.62 29.69
N GLN BA 370 -68.52 -81.17 30.85
CA GLN BA 370 -67.84 -80.13 31.60
C GLN BA 370 -66.51 -80.66 32.14
N LEU BA 371 -65.44 -79.90 31.93
CA LEU BA 371 -64.12 -80.29 32.39
C LEU BA 371 -63.64 -79.50 33.61
N SER BA 372 -63.94 -78.21 33.65
CA SER BA 372 -63.55 -77.37 34.78
C SER BA 372 -64.48 -76.16 34.84
N GLY BA 373 -64.61 -75.60 36.03
CA GLY BA 373 -65.44 -74.44 36.22
C GLY BA 373 -66.87 -74.79 36.59
N ASN BA 374 -67.03 -75.73 37.52
CA ASN BA 374 -68.36 -76.19 37.92
C ASN BA 374 -69.05 -75.15 38.79
N ARG BA 375 -70.38 -75.15 38.71
CA ARG BA 375 -71.30 -74.31 39.50
C ARG BA 375 -71.09 -72.82 39.28
N ASP BA 376 -70.47 -72.44 38.17
CA ASP BA 376 -70.22 -71.02 37.88
C ASP BA 376 -70.80 -70.59 36.55
N VAL BA 377 -70.61 -71.37 35.49
CA VAL BA 377 -71.03 -71.01 34.15
C VAL BA 377 -72.18 -71.89 33.66
N LEU BA 378 -72.11 -73.19 33.96
CA LEU BA 378 -72.95 -74.24 33.37
C LEU BA 378 -72.85 -74.23 31.85
N LEU BA 379 -71.62 -74.53 31.39
CA LEU BA 379 -71.33 -74.59 29.96
C LEU BA 379 -72.13 -75.69 29.26
N CYS BA 380 -72.45 -76.77 29.96
CA CYS BA 380 -73.09 -77.93 29.38
C CYS BA 380 -74.62 -77.78 29.34
N GLN BA 381 -75.12 -76.54 29.31
CA GLN BA 381 -76.54 -76.27 29.20
C GLN BA 381 -76.88 -75.48 27.95
N LYS BA 382 -76.13 -74.43 27.64
CA LYS BA 382 -76.29 -73.68 26.41
C LYS BA 382 -75.42 -74.19 25.28
N LEU BA 383 -74.86 -75.40 25.43
CA LEU BA 383 -74.00 -76.00 24.41
C LEU BA 383 -74.44 -77.42 24.13
N GLU BA 384 -75.68 -77.75 24.47
CA GLU BA 384 -76.20 -79.11 24.38
C GLU BA 384 -77.42 -79.11 23.47
N GLN BA 385 -77.48 -80.06 22.55
CA GLN BA 385 -78.60 -80.15 21.62
C GLN BA 385 -78.99 -81.61 21.43
N LYS BA 386 -80.29 -81.87 21.50
CA LYS BA 386 -80.84 -83.21 21.30
C LYS BA 386 -81.51 -83.31 19.94
N ASN BA 387 -81.60 -84.54 19.46
CA ASN BA 387 -82.21 -84.81 18.16
C ASN BA 387 -83.72 -84.65 18.26
N PRO BA 388 -84.36 -83.83 17.42
CA PRO BA 388 -85.82 -83.70 17.49
C PRO BA 388 -86.58 -84.95 17.07
N LEU BA 389 -85.95 -85.86 16.34
CA LEU BA 389 -86.64 -87.06 15.89
C LEU BA 389 -86.75 -88.11 17.00
N THR BA 390 -85.84 -88.10 17.97
CA THR BA 390 -85.89 -89.03 19.09
C THR BA 390 -86.03 -88.38 20.45
N GLY BA 391 -85.73 -87.09 20.57
CA GLY BA 391 -85.68 -86.46 21.88
C GLY BA 391 -84.54 -86.99 22.74
N ASP BA 392 -83.47 -87.45 22.12
CA ASP BA 392 -82.42 -88.18 22.81
C ASP BA 392 -81.12 -87.97 22.06
N PHE BA 393 -80.02 -88.43 22.64
CA PHE BA 393 -78.71 -88.39 22.00
C PHE BA 393 -78.48 -89.65 21.19
N SER BA 394 -79.37 -89.87 20.23
CA SER BA 394 -79.32 -91.05 19.39
C SER BA 394 -80.06 -90.76 18.10
N CYS BA 395 -79.74 -91.53 17.07
CA CYS BA 395 -80.44 -91.47 15.82
C CYS BA 395 -81.69 -92.35 15.88
N PRO BA 396 -82.66 -92.15 14.97
CA PRO BA 396 -83.82 -93.06 14.95
C PRO BA 396 -83.50 -94.47 14.48
N SER BA 397 -84.55 -95.28 14.35
CA SER BA 397 -84.37 -96.71 14.08
C SER BA 397 -83.79 -96.96 12.69
N GLY BA 398 -84.14 -96.13 11.72
CA GLY BA 398 -83.60 -96.28 10.39
C GLY BA 398 -82.30 -95.56 10.13
N TYR BA 399 -81.65 -95.04 11.16
CA TYR BA 399 -80.49 -94.19 10.99
C TYR BA 399 -79.32 -94.69 11.83
N SER BA 400 -78.17 -94.01 11.72
CA SER BA 400 -76.94 -94.36 12.39
C SER BA 400 -76.11 -93.10 12.62
N PRO BA 401 -75.41 -92.98 13.74
CA PRO BA 401 -74.66 -91.74 14.02
C PRO BA 401 -73.31 -91.70 13.34
N VAL BA 402 -72.94 -90.49 12.90
CA VAL BA 402 -71.63 -90.21 12.33
C VAL BA 402 -71.02 -89.05 13.12
N HIS BA 403 -69.81 -89.27 13.63
CA HIS BA 403 -69.13 -88.28 14.46
C HIS BA 403 -68.46 -87.23 13.58
N LEU BA 404 -68.88 -85.97 13.73
CA LEU BA 404 -68.28 -84.89 12.94
C LEU BA 404 -66.96 -84.43 13.54
N LEU BA 405 -67.01 -83.86 14.74
CA LEU BA 405 -65.86 -83.14 15.27
C LEU BA 405 -66.00 -83.01 16.77
N SER BA 406 -64.87 -83.07 17.46
CA SER BA 406 -64.81 -83.03 18.92
C SER BA 406 -63.71 -82.07 19.34
N GLN BA 407 -64.07 -80.95 19.95
CA GLN BA 407 -63.12 -79.95 20.38
C GLN BA 407 -63.49 -79.43 21.76
N ILE BA 408 -62.68 -78.50 22.27
CA ILE BA 408 -62.82 -77.94 23.60
C ILE BA 408 -63.31 -76.50 23.46
N HIS BA 409 -64.38 -76.16 24.17
CA HIS BA 409 -64.87 -74.80 24.23
C HIS BA 409 -64.43 -74.15 25.52
N GLU BA 410 -64.17 -72.84 25.47
CA GLU BA 410 -63.72 -72.09 26.63
C GLU BA 410 -64.57 -70.83 26.79
N GLU BA 411 -65.02 -70.57 28.01
CA GLU BA 411 -65.61 -69.30 28.38
C GLU BA 411 -65.00 -68.82 29.68
N GLY BA 412 -65.24 -67.55 29.97
CA GLY BA 412 -64.68 -66.90 31.14
C GLY BA 412 -65.76 -66.49 32.13
N TYR BA 413 -65.46 -66.62 33.41
CA TYR BA 413 -66.33 -66.17 34.48
C TYR BA 413 -65.53 -65.32 35.45
N ASN BA 414 -66.23 -64.69 36.39
CA ASN BA 414 -65.71 -63.51 37.06
C ASN BA 414 -66.13 -63.52 38.51
N HIS BA 415 -65.17 -63.39 39.41
CA HIS BA 415 -65.43 -63.13 40.83
C HIS BA 415 -65.06 -61.69 41.15
N LEU BA 416 -65.69 -61.15 42.20
CA LEU BA 416 -65.40 -59.80 42.66
C LEU BA 416 -65.51 -59.77 44.16
N GLU BA 417 -64.38 -59.56 44.84
CA GLU BA 417 -64.32 -59.57 46.29
C GLU BA 417 -63.80 -58.23 46.79
N CYS BA 418 -64.42 -57.72 47.85
CA CYS BA 418 -64.06 -56.42 48.41
C CYS BA 418 -64.12 -56.51 49.92
N HIS BA 419 -63.11 -55.96 50.59
CA HIS BA 419 -63.20 -55.75 52.02
C HIS BA 419 -62.51 -54.45 52.39
N ARG BA 420 -62.98 -53.84 53.47
CA ARG BA 420 -62.56 -52.52 53.90
C ARG BA 420 -62.03 -52.59 55.32
N LYS BA 421 -60.96 -51.84 55.58
CA LYS BA 421 -60.28 -51.87 56.87
C LYS BA 421 -59.84 -50.47 57.24
N CYS BA 422 -60.08 -50.08 58.49
CA CYS BA 422 -59.72 -48.76 58.99
C CYS BA 422 -58.73 -48.90 60.13
N THR BA 423 -57.76 -47.99 60.19
CA THR BA 423 -56.65 -48.06 61.14
C THR BA 423 -56.50 -46.72 61.85
N LEU BA 424 -56.68 -46.71 63.17
CA LEU BA 424 -56.59 -45.53 64.04
C LEU BA 424 -57.60 -44.46 63.66
N LYS BA 425 -58.75 -44.88 63.13
CA LYS BA 425 -59.93 -44.09 62.77
C LYS BA 425 -59.69 -43.11 61.62
N VAL BA 426 -58.49 -43.05 61.07
CA VAL BA 426 -58.14 -42.31 59.86
C VAL BA 426 -57.72 -43.45 58.94
N PHE BA 427 -57.28 -43.15 57.71
CA PHE BA 427 -56.54 -44.08 56.86
C PHE BA 427 -57.35 -45.33 56.50
N CYS BA 428 -58.48 -45.10 55.84
CA CYS BA 428 -59.35 -46.20 55.45
C CYS BA 428 -58.79 -46.90 54.22
N LYS BA 429 -58.64 -48.21 54.29
CA LYS BA 429 -58.10 -49.01 53.20
C LYS BA 429 -59.21 -49.88 52.62
N THR BA 430 -59.34 -49.85 51.30
CA THR BA 430 -60.31 -50.66 50.58
C THR BA 430 -59.62 -51.32 49.41
N VAL BA 431 -59.64 -52.64 49.37
CA VAL BA 431 -59.07 -53.40 48.26
C VAL BA 431 -60.20 -54.14 47.54
N CYS BA 432 -60.18 -54.08 46.20
CA CYS BA 432 -61.24 -54.63 45.36
C CYS BA 432 -60.58 -55.56 44.35
N GLU BA 433 -60.68 -56.86 44.58
CA GLU BA 433 -60.03 -57.86 43.74
C GLU BA 433 -61.04 -58.49 42.80
N ASP BA 434 -60.65 -58.67 41.54
CA ASP BA 434 -61.52 -59.15 40.48
C ASP BA 434 -60.79 -60.22 39.67
N VAL BA 435 -61.13 -61.49 39.91
CA VAL BA 435 -60.43 -62.62 39.32
C VAL BA 435 -61.22 -63.11 38.12
N PHE BA 436 -60.54 -63.30 37.00
CA PHE BA 436 -61.12 -63.82 35.76
C PHE BA 436 -60.54 -65.20 35.51
N GLN BA 437 -61.39 -66.23 35.52
CA GLN BA 437 -60.96 -67.59 35.27
C GLN BA 437 -61.60 -68.13 34.00
N VAL BA 438 -61.05 -69.24 33.52
CA VAL BA 438 -61.48 -69.85 32.26
C VAL BA 438 -62.13 -71.19 32.55
N ALA BA 439 -63.38 -71.36 32.10
CA ALA BA 439 -64.11 -72.60 32.24
C ALA BA 439 -64.12 -73.34 30.91
N LYS BA 440 -63.78 -74.63 30.94
CA LYS BA 440 -63.63 -75.43 29.74
C LYS BA 440 -64.74 -76.48 29.65
N ALA BA 441 -64.98 -76.95 28.42
CA ALA BA 441 -65.98 -77.97 28.17
C ALA BA 441 -65.65 -78.68 26.87
N GLU BA 442 -65.79 -80.00 26.88
CA GLU BA 442 -65.66 -80.83 25.68
C GLU BA 442 -67.02 -80.99 25.03
N PHE BA 443 -67.08 -80.84 23.72
CA PHE BA 443 -68.30 -81.16 22.99
C PHE BA 443 -68.01 -82.15 21.88
N ARG BA 444 -69.00 -82.98 21.58
CA ARG BA 444 -68.92 -83.97 20.52
C ARG BA 444 -70.19 -83.87 19.70
N ALA BA 445 -70.05 -83.43 18.45
CA ALA BA 445 -71.19 -83.26 17.57
C ALA BA 445 -71.33 -84.48 16.67
N PHE BA 446 -72.52 -85.05 16.63
CA PHE BA 446 -72.82 -86.22 15.82
C PHE BA 446 -73.83 -85.86 14.74
N TRP BA 447 -74.09 -86.83 13.87
CA TRP BA 447 -74.92 -86.58 12.71
C TRP BA 447 -75.46 -87.92 12.21
N CYS BA 448 -76.73 -87.93 11.83
CA CYS BA 448 -77.43 -89.17 11.47
C CYS BA 448 -77.44 -89.38 9.96
N VAL BA 449 -77.35 -90.65 9.56
CA VAL BA 449 -77.28 -91.04 8.15
C VAL BA 449 -78.26 -92.20 7.93
N ALA BA 450 -78.96 -92.17 6.80
CA ALA BA 450 -79.86 -93.27 6.43
C ALA BA 450 -79.05 -94.50 6.08
N SER BA 451 -78.99 -95.46 6.99
CA SER BA 451 -78.22 -96.68 6.79
C SER BA 451 -79.07 -97.94 6.75
N SER BA 452 -80.40 -97.82 6.88
CA SER BA 452 -81.29 -98.96 6.83
C SER BA 452 -82.05 -99.08 5.51
N GLN BA 453 -81.98 -98.03 4.67
CA GLN BA 453 -82.42 -97.98 3.26
C GLN BA 453 -83.94 -97.98 3.11
N VAL BA 454 -84.67 -98.23 4.19
CA VAL BA 454 -86.14 -98.20 4.13
C VAL BA 454 -86.65 -97.20 5.17
N PRO BA 455 -86.76 -95.91 4.84
CA PRO BA 455 -87.54 -95.02 5.69
C PRO BA 455 -88.97 -94.88 5.18
N GLU BA 456 -89.89 -94.51 6.06
CA GLU BA 456 -91.22 -94.11 5.62
C GLU BA 456 -91.20 -92.69 5.10
N ASN BA 457 -90.86 -91.74 5.97
CA ASN BA 457 -90.58 -90.36 5.59
C ASN BA 457 -89.20 -89.99 6.12
N SER BA 458 -88.53 -89.10 5.40
CA SER BA 458 -87.13 -88.79 5.69
C SER BA 458 -87.00 -88.02 7.00
N GLY BA 459 -87.67 -86.88 7.10
CA GLY BA 459 -87.60 -86.09 8.29
C GLY BA 459 -86.73 -84.85 8.13
N LEU BA 460 -87.22 -83.74 8.67
CA LEU BA 460 -86.47 -82.51 8.89
C LEU BA 460 -85.98 -81.91 7.56
N LEU BA 461 -86.93 -81.51 6.73
CA LEU BA 461 -86.63 -81.14 5.35
C LEU BA 461 -86.11 -79.72 5.26
N PHE BA 462 -84.83 -79.55 5.60
CA PHE BA 462 -83.99 -78.40 5.26
C PHE BA 462 -82.55 -78.76 5.60
N GLY BA 463 -81.62 -78.10 4.95
CA GLY BA 463 -80.21 -78.36 5.19
C GLY BA 463 -79.32 -77.14 5.15
N GLY BA 464 -79.90 -75.96 5.33
CA GLY BA 464 -79.15 -74.72 5.26
C GLY BA 464 -78.76 -74.21 6.64
N LEU BA 465 -77.63 -73.50 6.68
CA LEU BA 465 -76.96 -73.17 7.93
C LEU BA 465 -76.72 -71.67 8.01
N PHE BA 466 -76.49 -71.19 9.22
CA PHE BA 466 -75.94 -69.85 9.41
C PHE BA 466 -75.18 -69.84 10.73
N SER BA 467 -74.09 -69.08 10.75
CA SER BA 467 -73.22 -69.00 11.91
C SER BA 467 -73.46 -67.70 12.65
N SER BA 468 -72.61 -67.41 13.62
CA SER BA 468 -72.55 -66.09 14.22
C SER BA 468 -71.83 -65.08 13.35
N LYS BA 469 -71.19 -65.55 12.27
CA LYS BA 469 -70.52 -64.67 11.31
C LYS BA 469 -70.93 -64.97 9.88
N SER BA 470 -71.90 -65.85 9.67
CA SER BA 470 -72.37 -66.22 8.35
C SER BA 470 -73.85 -65.85 8.22
N ILE BA 471 -74.39 -66.15 7.04
CA ILE BA 471 -75.76 -65.76 6.67
C ILE BA 471 -76.42 -66.93 5.98
N ASN BA 472 -77.64 -67.26 6.40
CA ASN BA 472 -78.45 -68.24 5.70
C ASN BA 472 -78.86 -67.66 4.35
N PRO BA 473 -78.49 -68.28 3.22
CA PRO BA 473 -78.86 -67.69 1.93
C PRO BA 473 -80.32 -67.84 1.59
N MET BA 474 -81.05 -68.73 2.27
CA MET BA 474 -82.48 -68.84 2.04
C MET BA 474 -83.29 -67.79 2.77
N THR BA 475 -82.66 -66.99 3.63
CA THR BA 475 -83.29 -65.82 4.23
C THR BA 475 -82.52 -64.54 3.99
N ASN BA 476 -81.27 -64.62 3.52
CA ASN BA 476 -80.33 -63.49 3.43
C ASN BA 476 -80.18 -62.76 4.76
N ALA BA 477 -80.22 -63.52 5.85
CA ALA BA 477 -80.11 -62.98 7.19
C ALA BA 477 -79.72 -64.12 8.13
N GLN BA 478 -79.56 -63.78 9.40
CA GLN BA 478 -79.27 -64.77 10.45
C GLN BA 478 -80.58 -65.23 11.11
N SER BA 479 -81.46 -65.78 10.29
CA SER BA 479 -82.77 -66.18 10.77
C SER BA 479 -83.22 -67.42 10.02
N CYS BA 480 -84.26 -68.04 10.53
CA CYS BA 480 -84.87 -69.21 9.95
C CYS BA 480 -85.91 -68.80 8.92
N PRO BA 481 -86.24 -69.66 7.97
CA PRO BA 481 -87.37 -69.36 7.08
C PRO BA 481 -88.71 -69.56 7.77
N ALA BA 482 -89.80 -69.43 7.01
CA ALA BA 482 -91.15 -69.45 7.57
C ALA BA 482 -91.50 -70.83 8.10
N GLY BA 483 -91.52 -70.98 9.41
CA GLY BA 483 -91.92 -72.22 10.04
C GLY BA 483 -90.78 -73.18 10.27
N TYR BA 484 -89.64 -72.67 10.72
CA TYR BA 484 -88.41 -73.44 10.89
C TYR BA 484 -87.80 -73.14 12.24
N PHE BA 485 -87.31 -74.19 12.91
CA PHE BA 485 -86.67 -73.98 14.21
C PHE BA 485 -85.20 -74.42 14.14
N PRO BA 486 -84.30 -73.65 14.75
CA PRO BA 486 -82.87 -73.94 14.59
C PRO BA 486 -82.39 -74.99 15.58
N LEU BA 487 -81.35 -75.71 15.18
CA LEU BA 487 -80.70 -76.69 16.03
C LEU BA 487 -79.27 -76.24 16.25
N ARG BA 488 -78.89 -76.09 17.51
CA ARG BA 488 -77.56 -75.58 17.81
C ARG BA 488 -76.50 -76.64 17.58
N LEU BA 489 -75.34 -76.19 17.11
CA LEU BA 489 -74.23 -77.06 16.78
C LEU BA 489 -72.98 -76.32 17.26
N PHE BA 490 -71.81 -76.70 16.74
CA PHE BA 490 -70.51 -76.76 17.42
C PHE BA 490 -70.27 -75.68 18.45
N GLU BA 491 -70.23 -74.44 18.03
CA GLU BA 491 -70.27 -73.30 18.92
C GLU BA 491 -71.30 -72.27 18.49
N ASN BA 492 -71.48 -72.07 17.19
CA ASN BA 492 -72.35 -71.02 16.70
C ASN BA 492 -73.27 -71.45 15.56
N LEU BA 493 -73.15 -72.67 15.06
CA LEU BA 493 -74.02 -73.10 13.97
C LEU BA 493 -75.44 -73.30 14.46
N LYS BA 494 -76.39 -72.84 13.67
CA LYS BA 494 -77.81 -73.05 13.91
C LYS BA 494 -78.39 -73.59 12.61
N VAL BA 495 -78.72 -74.87 12.60
CA VAL BA 495 -79.23 -75.56 11.41
C VAL BA 495 -80.74 -75.46 11.41
N CYS BA 496 -81.31 -74.84 10.38
CA CYS BA 496 -82.74 -74.63 10.33
C CYS BA 496 -83.43 -75.91 9.88
N VAL BA 497 -84.54 -76.24 10.54
CA VAL BA 497 -85.13 -77.58 10.49
C VAL BA 497 -86.65 -77.46 10.61
N SER BA 498 -87.39 -78.11 9.70
CA SER BA 498 -88.82 -78.26 9.82
C SER BA 498 -89.22 -79.62 9.30
N GLN BA 499 -90.19 -80.26 9.97
CA GLN BA 499 -90.72 -81.56 9.56
C GLN BA 499 -92.22 -81.48 9.29
N ASP BA 500 -92.65 -80.38 8.66
CA ASP BA 500 -94.07 -80.13 8.44
C ASP BA 500 -94.60 -80.71 7.14
N TYR BA 501 -93.74 -80.83 6.11
CA TYR BA 501 -93.98 -81.45 4.80
C TYR BA 501 -94.97 -80.69 3.92
N GLU BA 502 -95.60 -79.63 4.44
CA GLU BA 502 -96.50 -78.80 3.65
C GLU BA 502 -96.04 -77.35 3.61
N LEU BA 503 -95.81 -76.73 4.76
CA LEU BA 503 -95.26 -75.38 4.80
C LEU BA 503 -93.74 -75.38 4.77
N GLY BA 504 -93.11 -76.55 4.87
CA GLY BA 504 -91.67 -76.64 4.81
C GLY BA 504 -91.14 -76.96 3.42
N SER BA 505 -92.01 -77.47 2.56
CA SER BA 505 -91.59 -77.87 1.22
C SER BA 505 -91.39 -76.70 0.28
N ARG BA 506 -91.78 -75.48 0.67
CA ARG BA 506 -91.46 -74.32 -0.15
C ARG BA 506 -89.96 -74.01 -0.08
N PHE BA 507 -89.36 -74.19 1.08
CA PHE BA 507 -87.98 -73.81 1.30
C PHE BA 507 -87.04 -75.00 1.44
N ALA BA 508 -87.55 -76.22 1.35
CA ALA BA 508 -86.73 -77.41 1.53
C ALA BA 508 -85.77 -77.59 0.37
N VAL BA 509 -84.49 -77.71 0.70
CA VAL BA 509 -83.43 -77.90 -0.31
C VAL BA 509 -82.99 -79.35 -0.28
N PRO BA 510 -82.49 -79.89 -1.40
CA PRO BA 510 -81.91 -81.24 -1.36
C PRO BA 510 -80.61 -81.23 -0.58
N PHE BA 511 -80.55 -82.04 0.46
CA PHE BA 511 -79.40 -82.06 1.36
C PHE BA 511 -78.47 -83.20 0.97
N GLY BA 512 -77.17 -82.97 1.15
CA GLY BA 512 -76.18 -83.92 0.70
C GLY BA 512 -75.34 -84.56 1.78
N GLY BA 513 -75.05 -83.84 2.84
CA GLY BA 513 -74.27 -84.39 3.94
C GLY BA 513 -73.22 -83.41 4.45
N PHE BA 514 -72.74 -83.68 5.65
CA PHE BA 514 -71.65 -82.94 6.27
C PHE BA 514 -70.36 -83.72 6.16
N PHE BA 515 -69.24 -82.99 6.10
CA PHE BA 515 -67.93 -83.58 6.28
C PHE BA 515 -66.98 -82.51 6.78
N SER BA 516 -65.88 -82.94 7.37
CA SER BA 516 -64.92 -82.04 7.97
C SER BA 516 -63.52 -82.48 7.56
N CYS BA 517 -62.51 -81.89 8.21
CA CYS BA 517 -61.13 -82.21 7.87
C CYS BA 517 -60.69 -83.57 8.40
N THR BA 518 -61.48 -84.20 9.27
CA THR BA 518 -61.14 -85.49 9.85
C THR BA 518 -62.06 -86.61 9.45
N VAL BA 519 -63.32 -86.33 9.11
CA VAL BA 519 -64.30 -87.36 8.82
C VAL BA 519 -64.89 -87.09 7.44
N GLY BA 520 -65.35 -88.15 6.79
CA GLY BA 520 -66.03 -88.02 5.52
C GLY BA 520 -67.49 -88.41 5.60
N ASN BA 521 -68.30 -87.94 4.65
CA ASN BA 521 -69.67 -88.41 4.70
C ASN BA 521 -69.79 -89.79 4.07
N PRO BA 522 -70.65 -90.65 4.62
CA PRO BA 522 -70.79 -92.00 4.06
C PRO BA 522 -71.83 -92.07 2.94
N LEU BA 523 -72.19 -90.94 2.35
CA LEU BA 523 -73.22 -90.90 1.31
C LEU BA 523 -72.62 -90.93 -0.08
N VAL BA 524 -71.38 -91.40 -0.22
CA VAL BA 524 -70.71 -91.47 -1.50
C VAL BA 524 -70.37 -92.90 -1.89
N ASP BA 525 -69.98 -93.75 -0.92
CA ASP BA 525 -69.49 -95.08 -1.24
C ASP BA 525 -70.62 -96.08 -1.53
N PRO BA 526 -71.73 -96.13 -0.76
CA PRO BA 526 -72.76 -97.01 -1.33
C PRO BA 526 -73.62 -96.28 -2.37
N PRO BA 535 -62.00 -95.65 5.44
CA PRO BA 535 -63.31 -95.05 5.75
C PRO BA 535 -63.94 -94.35 4.56
N SER BA 536 -64.54 -93.19 4.80
CA SER BA 536 -65.29 -92.48 3.76
C SER BA 536 -64.32 -91.67 2.89
N LEU BA 537 -64.88 -90.79 2.06
CA LEU BA 537 -64.12 -90.11 1.03
C LEU BA 537 -64.02 -88.61 1.22
N LYS BA 538 -64.90 -88.01 2.04
CA LYS BA 538 -65.08 -86.55 2.26
C LYS BA 538 -65.10 -85.74 0.96
N LYS BA 539 -65.62 -86.32 -0.12
CA LYS BA 539 -65.72 -85.60 -1.36
C LYS BA 539 -67.02 -84.81 -1.47
N CYS BA 540 -68.12 -85.53 -1.74
CA CYS BA 540 -69.44 -85.00 -2.10
C CYS BA 540 -70.30 -86.25 -2.35
N PRO BA 541 -71.64 -86.15 -2.41
CA PRO BA 541 -72.37 -87.31 -2.94
C PRO BA 541 -72.24 -87.47 -4.45
N GLY BA 542 -72.21 -86.37 -5.19
CA GLY BA 542 -72.20 -86.45 -6.64
C GLY BA 542 -73.42 -85.77 -7.22
N GLY BA 543 -73.20 -84.67 -7.95
CA GLY BA 543 -74.26 -83.80 -8.36
C GLY BA 543 -74.50 -82.64 -7.41
N PHE BA 544 -74.16 -82.81 -6.14
CA PHE BA 544 -74.28 -81.75 -5.15
C PHE BA 544 -73.05 -80.84 -5.24
N SER BA 545 -73.03 -79.81 -4.41
CA SER BA 545 -71.95 -78.83 -4.41
C SER BA 545 -71.50 -78.59 -2.98
N GLN BA 546 -70.20 -78.64 -2.75
CA GLN BA 546 -69.65 -78.34 -1.44
C GLN BA 546 -69.83 -76.87 -1.12
N HIS BA 547 -70.18 -76.59 0.13
CA HIS BA 547 -70.24 -75.24 0.60
C HIS BA 547 -69.74 -75.25 2.04
N PRO BA 548 -68.91 -74.28 2.41
CA PRO BA 548 -68.32 -74.31 3.75
C PRO BA 548 -69.24 -73.75 4.82
N ALA BA 549 -69.28 -74.45 5.94
CA ALA BA 549 -69.80 -73.91 7.19
C ALA BA 549 -68.66 -73.19 7.90
N LEU BA 550 -68.79 -72.92 9.20
CA LEU BA 550 -67.75 -72.20 9.91
C LEU BA 550 -66.48 -73.04 10.07
N ILE BA 551 -65.46 -72.40 10.63
CA ILE BA 551 -64.18 -73.03 10.91
C ILE BA 551 -64.06 -73.19 12.42
N SER BA 552 -63.89 -74.44 12.86
CA SER BA 552 -63.78 -74.75 14.29
C SER BA 552 -62.31 -74.93 14.62
N ASP BA 553 -61.63 -73.79 14.82
CA ASP BA 553 -60.24 -73.71 15.29
C ASP BA 553 -59.26 -74.45 14.38
N GLY BA 554 -59.27 -74.07 13.10
CA GLY BA 554 -58.35 -74.60 12.13
C GLY BA 554 -58.92 -75.71 11.26
N CYS BA 555 -60.04 -76.29 11.64
CA CYS BA 555 -60.69 -77.33 10.84
C CYS BA 555 -61.94 -76.77 10.19
N GLN BA 556 -62.18 -77.17 8.95
CA GLN BA 556 -63.26 -76.63 8.15
C GLN BA 556 -64.36 -77.67 8.01
N VAL BA 557 -65.59 -77.27 8.33
CA VAL BA 557 -66.76 -78.11 8.18
C VAL BA 557 -67.51 -77.69 6.94
N SER BA 558 -67.84 -78.65 6.08
CA SER BA 558 -68.49 -78.35 4.81
C SER BA 558 -69.76 -79.18 4.65
N TYR BA 559 -70.70 -78.65 3.87
CA TYR BA 559 -71.98 -79.30 3.66
C TYR BA 559 -72.36 -79.23 2.19
N CYS BA 560 -73.12 -80.23 1.74
CA CYS BA 560 -73.45 -80.40 0.33
C CYS BA 560 -74.92 -80.10 0.08
N VAL BA 561 -75.20 -79.52 -1.08
CA VAL BA 561 -76.55 -79.05 -1.42
C VAL BA 561 -76.62 -78.92 -2.93
N LYS BA 562 -77.83 -78.97 -3.49
CA LYS BA 562 -78.04 -78.92 -4.93
C LYS BA 562 -79.16 -77.93 -5.26
N SER BA 563 -79.05 -76.70 -4.78
CA SER BA 563 -80.07 -75.73 -5.14
C SER BA 563 -79.79 -75.11 -6.51
N GLY BA 564 -78.62 -74.49 -6.66
CA GLY BA 564 -78.36 -73.52 -7.69
C GLY BA 564 -78.40 -72.11 -7.18
N LEU BA 565 -79.12 -71.87 -6.08
CA LEU BA 565 -79.08 -70.58 -5.40
C LEU BA 565 -77.79 -70.41 -4.63
N PHE BA 566 -77.27 -71.50 -4.06
CA PHE BA 566 -76.01 -71.45 -3.33
C PHE BA 566 -74.83 -71.26 -4.27
N THR BA 567 -74.96 -71.70 -5.52
CA THR BA 567 -73.82 -71.75 -6.44
C THR BA 567 -73.50 -70.38 -7.03
N GLY BA 568 -74.46 -69.78 -7.73
CA GLY BA 568 -74.19 -68.59 -8.52
C GLY BA 568 -74.01 -67.34 -7.68
N GLY BA 569 -73.83 -66.23 -8.38
CA GLY BA 569 -73.58 -64.95 -7.76
C GLY BA 569 -72.39 -64.26 -8.40
N SER BA 570 -71.46 -63.79 -7.59
CA SER BA 570 -70.17 -63.32 -8.06
C SER BA 570 -69.08 -64.19 -7.48
N LEU BA 571 -67.88 -64.04 -8.02
CA LEU BA 571 -66.74 -64.78 -7.50
C LEU BA 571 -66.32 -64.19 -6.16
N PRO BA 572 -66.18 -65.00 -5.11
CA PRO BA 572 -65.83 -64.47 -3.80
C PRO BA 572 -64.36 -64.06 -3.76
N PRO BA 573 -63.99 -63.16 -2.86
CA PRO BA 573 -62.57 -62.89 -2.63
C PRO BA 573 -61.93 -64.00 -1.82
N ALA BA 574 -60.62 -63.90 -1.66
CA ALA BA 574 -59.89 -64.88 -0.88
C ALA BA 574 -60.17 -64.69 0.61
N ARG BA 575 -60.24 -65.79 1.33
CA ARG BA 575 -60.21 -65.73 2.79
C ARG BA 575 -58.80 -65.46 3.26
N LEU BA 576 -58.61 -64.32 3.89
CA LEU BA 576 -57.29 -63.96 4.31
C LEU BA 576 -57.05 -64.44 5.74
N PRO BA 577 -55.80 -64.69 6.12
CA PRO BA 577 -55.50 -65.05 7.51
C PRO BA 577 -55.73 -63.86 8.43
N PRO BA 578 -55.75 -64.07 9.77
CA PRO BA 578 -55.68 -65.26 10.62
C PRO BA 578 -57.00 -65.99 10.65
N PHE BA 579 -56.93 -67.30 10.77
CA PHE BA 579 -58.12 -68.13 10.81
C PHE BA 579 -58.43 -68.60 12.21
N THR BA 580 -57.54 -68.36 13.16
CA THR BA 580 -57.79 -68.62 14.57
C THR BA 580 -57.77 -67.30 15.32
N ARG BA 581 -58.10 -67.38 16.59
CA ARG BA 581 -58.05 -66.24 17.50
C ARG BA 581 -57.09 -66.57 18.64
N PRO BA 582 -56.49 -65.56 19.26
CA PRO BA 582 -55.65 -65.83 20.42
C PRO BA 582 -56.48 -66.30 21.59
N PRO BA 583 -55.98 -67.25 22.37
CA PRO BA 583 -56.81 -67.90 23.38
C PRO BA 583 -57.04 -67.04 24.61
N LEU BA 584 -57.94 -67.50 25.46
CA LEU BA 584 -58.27 -66.81 26.69
C LEU BA 584 -57.25 -67.16 27.77
N MET BA 585 -57.01 -66.18 28.64
CA MET BA 585 -56.04 -66.32 29.72
C MET BA 585 -56.71 -65.95 31.03
N SER BA 586 -56.29 -66.60 32.10
CA SER BA 586 -56.83 -66.28 33.41
C SER BA 586 -56.10 -65.08 34.00
N GLN BA 587 -56.87 -64.16 34.58
CA GLN BA 587 -56.43 -62.81 34.91
C GLN BA 587 -56.76 -62.49 36.35
N ALA BA 588 -56.31 -61.32 36.81
CA ALA BA 588 -56.60 -60.82 38.14
C ALA BA 588 -56.36 -59.32 38.14
N ALA BA 589 -57.24 -58.57 38.81
CA ALA BA 589 -57.13 -57.12 38.84
C ALA BA 589 -57.53 -56.62 40.22
N THR BA 590 -56.64 -55.84 40.85
CA THR BA 590 -56.86 -55.32 42.17
C THR BA 590 -56.89 -53.80 42.15
N ASN BA 591 -57.52 -53.21 43.16
CA ASN BA 591 -57.67 -51.77 43.30
C ASN BA 591 -57.61 -51.45 44.79
N THR BA 592 -56.46 -50.99 45.28
CA THR BA 592 -56.35 -50.57 46.67
C THR BA 592 -56.47 -49.06 46.75
N VAL BA 593 -57.36 -48.59 47.63
CA VAL BA 593 -57.59 -47.16 47.83
C VAL BA 593 -57.31 -46.84 49.29
N ILE BA 594 -56.49 -45.82 49.53
CA ILE BA 594 -56.23 -45.30 50.86
C ILE BA 594 -56.88 -43.93 50.98
N VAL BA 595 -57.71 -43.74 52.00
CA VAL BA 595 -58.43 -42.49 52.19
C VAL BA 595 -58.05 -41.95 53.57
N THR BA 596 -57.39 -40.80 53.61
CA THR BA 596 -57.13 -40.15 54.89
C THR BA 596 -58.35 -39.29 55.22
N ASN BA 597 -58.97 -39.57 56.35
CA ASN BA 597 -60.19 -38.90 56.77
C ASN BA 597 -59.91 -37.62 57.56
N SER BA 598 -58.67 -37.12 57.52
CA SER BA 598 -58.30 -36.03 58.41
C SER BA 598 -57.11 -35.26 57.86
N GLU BA 599 -57.06 -33.98 58.20
CA GLU BA 599 -55.82 -33.23 58.15
C GLU BA 599 -55.05 -33.52 59.43
N ASN BA 600 -53.86 -32.90 59.56
CA ASN BA 600 -52.89 -33.19 60.61
C ASN BA 600 -52.53 -34.67 60.63
N ALA BA 601 -52.31 -35.22 59.44
CA ALA BA 601 -52.00 -36.64 59.28
C ALA BA 601 -51.14 -36.76 58.03
N ARG BA 602 -49.83 -36.91 58.21
CA ARG BA 602 -48.93 -37.03 57.10
C ARG BA 602 -48.70 -38.50 56.76
N SER BA 603 -48.16 -38.74 55.57
CA SER BA 603 -47.94 -40.09 55.10
C SER BA 603 -46.79 -40.10 54.12
N TRP BA 604 -45.92 -41.11 54.25
CA TRP BA 604 -44.81 -41.31 53.34
C TRP BA 604 -44.95 -42.68 52.70
N ILE BA 605 -44.71 -42.75 51.40
CA ILE BA 605 -44.92 -43.99 50.64
C ILE BA 605 -43.68 -44.25 49.80
N LYS BA 606 -43.17 -45.48 49.88
CA LYS BA 606 -42.09 -45.94 49.02
C LYS BA 606 -42.69 -47.03 48.12
N ASP BA 607 -42.82 -46.73 46.82
CA ASP BA 607 -43.65 -47.55 45.95
C ASP BA 607 -43.01 -48.88 45.61
N SER BA 608 -41.69 -48.92 45.49
CA SER BA 608 -40.97 -50.15 45.20
C SER BA 608 -39.55 -50.00 45.72
N GLN BA 609 -38.73 -51.01 45.47
CA GLN BA 609 -37.35 -50.98 45.94
C GLN BA 609 -36.49 -50.01 45.16
N THR BA 610 -36.89 -49.65 43.95
CA THR BA 610 -36.15 -48.69 43.15
C THR BA 610 -36.62 -47.26 43.36
N HIS BA 611 -37.85 -47.07 43.84
CA HIS BA 611 -38.35 -45.74 44.13
C HIS BA 611 -37.67 -45.15 45.36
N GLN BA 612 -37.83 -43.85 45.53
CA GLN BA 612 -37.46 -43.18 46.76
C GLN BA 612 -38.70 -42.91 47.58
N TRP BA 613 -38.50 -42.54 48.84
CA TRP BA 613 -39.62 -42.20 49.71
C TRP BA 613 -40.31 -40.94 49.19
N ARG BA 614 -41.63 -40.99 49.20
CA ARG BA 614 -42.47 -40.00 48.55
C ARG BA 614 -43.51 -39.54 49.54
N LEU BA 615 -43.79 -38.25 49.54
CA LEU BA 615 -44.82 -37.73 50.43
C LEU BA 615 -46.20 -38.13 49.91
N GLY BA 616 -47.01 -38.70 50.78
CA GLY BA 616 -48.27 -39.26 50.35
C GLY BA 616 -49.37 -38.23 50.19
N GLU BA 617 -50.41 -38.64 49.47
CA GLU BA 617 -51.59 -37.88 49.13
C GLU BA 617 -52.80 -38.45 49.86
N PRO BA 618 -53.90 -37.68 50.00
CA PRO BA 618 -55.07 -38.22 50.71
C PRO BA 618 -55.78 -39.37 50.02
N ILE BA 619 -55.78 -39.43 48.68
CA ILE BA 619 -56.34 -40.56 47.94
C ILE BA 619 -55.24 -41.12 47.06
N GLU BA 620 -54.99 -42.43 47.16
CA GLU BA 620 -53.83 -43.02 46.48
C GLU BA 620 -54.19 -43.78 45.21
N LEU BA 621 -55.01 -44.82 45.30
CA LEU BA 621 -55.49 -45.63 44.17
C LEU BA 621 -54.34 -46.29 43.39
N ARG BA 622 -53.75 -47.28 44.03
CA ARG BA 622 -52.85 -48.21 43.34
C ARG BA 622 -53.68 -49.19 42.48
N ARG BA 623 -53.09 -49.63 41.36
CA ARG BA 623 -53.73 -50.60 40.49
C ARG BA 623 -52.73 -51.66 40.06
N ALA BA 624 -53.24 -52.86 39.79
CA ALA BA 624 -52.41 -53.97 39.33
C ALA BA 624 -53.22 -54.91 38.48
N MET BA 625 -52.62 -55.42 37.40
CA MET BA 625 -53.24 -56.41 36.54
C MET BA 625 -52.28 -57.58 36.36
N ASN BA 626 -52.71 -58.77 36.75
CA ASN BA 626 -51.88 -59.97 36.77
C ASN BA 626 -52.44 -60.97 35.78
N VAL BA 627 -51.61 -61.39 34.82
CA VAL BA 627 -52.00 -62.33 33.78
C VAL BA 627 -51.09 -63.54 33.89
N ILE BA 628 -51.65 -64.74 33.74
CA ILE BA 628 -50.86 -65.97 33.62
C ILE BA 628 -51.24 -66.68 32.34
N HIS BA 629 -50.23 -67.05 31.54
CA HIS BA 629 -50.43 -67.75 30.28
C HIS BA 629 -50.64 -69.24 30.57
N GLY BA 630 -51.87 -69.72 30.39
CA GLY BA 630 -52.17 -71.12 30.59
C GLY BA 630 -52.20 -71.56 32.04
N ASP CA 10 -32.55 -24.27 11.48
CA ASP CA 10 -32.99 -25.61 11.15
C ASP CA 10 -34.33 -25.60 10.42
N GLU CA 11 -34.74 -26.78 9.94
CA GLU CA 11 -35.96 -26.93 9.17
C GLU CA 11 -36.36 -28.39 9.25
N VAL CA 12 -37.65 -28.64 9.46
CA VAL CA 12 -38.15 -30.00 9.72
C VAL CA 12 -39.31 -30.32 8.79
N GLY CA 13 -39.71 -31.58 8.82
CA GLY CA 13 -40.95 -32.00 8.21
C GLY CA 13 -40.83 -32.20 6.69
N VAL CA 14 -41.94 -31.94 6.01
CA VAL CA 14 -42.01 -32.16 4.58
C VAL CA 14 -41.19 -31.12 3.83
N GLN CA 15 -41.13 -29.90 4.37
CA GLN CA 15 -40.54 -28.79 3.65
C GLN CA 15 -39.01 -28.88 3.60
N LYS CA 16 -38.39 -29.58 4.54
CA LYS CA 16 -36.98 -29.91 4.43
C LYS CA 16 -36.75 -30.83 3.23
N CYS CA 17 -37.66 -31.77 3.00
CA CYS CA 17 -37.54 -32.67 1.86
C CYS CA 17 -37.77 -31.94 0.55
N LYS CA 18 -38.70 -30.98 0.54
CA LYS CA 18 -39.05 -30.29 -0.70
C LYS CA 18 -37.97 -29.32 -1.12
N ASN CA 19 -37.21 -28.76 -0.18
CA ASN CA 19 -36.17 -27.81 -0.55
C ASN CA 19 -34.93 -28.51 -1.07
N ALA CA 20 -34.62 -29.70 -0.55
CA ALA CA 20 -33.44 -30.42 -0.99
C ALA CA 20 -33.66 -31.15 -2.30
N LEU CA 21 -34.90 -31.52 -2.61
CA LEU CA 21 -35.18 -32.37 -3.75
C LEU CA 21 -35.95 -31.68 -4.88
N LYS CA 22 -36.81 -30.71 -4.53
CA LYS CA 22 -37.57 -29.89 -5.48
C LYS CA 22 -38.48 -30.74 -6.36
N LEU CA 23 -39.31 -31.56 -5.72
CA LEU CA 23 -40.25 -32.43 -6.42
C LEU CA 23 -41.43 -32.67 -5.49
N PRO CA 24 -42.64 -32.89 -6.04
CA PRO CA 24 -43.83 -32.92 -5.18
C PRO CA 24 -43.96 -34.14 -4.30
N VAL CA 25 -44.99 -34.16 -3.48
CA VAL CA 25 -45.27 -35.24 -2.54
C VAL CA 25 -46.41 -36.06 -3.11
N LEU CA 26 -46.37 -37.38 -2.92
CA LEU CA 26 -47.42 -38.24 -3.44
C LEU CA 26 -48.68 -38.02 -2.62
N GLU CA 27 -49.73 -37.52 -3.28
CA GLU CA 27 -50.92 -37.06 -2.58
C GLU CA 27 -51.90 -38.16 -2.24
N VAL CA 28 -51.60 -39.40 -2.57
CA VAL CA 28 -52.52 -40.52 -2.39
C VAL CA 28 -51.90 -41.44 -1.35
N LEU CA 29 -52.31 -41.31 -0.10
CA LEU CA 29 -51.59 -42.03 0.94
C LEU CA 29 -52.53 -42.92 1.75
N PRO CA 30 -52.06 -44.09 2.17
CA PRO CA 30 -52.89 -44.95 3.01
C PRO CA 30 -52.73 -44.64 4.48
N GLY CA 31 -53.42 -45.38 5.34
CA GLY CA 31 -53.36 -45.14 6.77
C GLY CA 31 -54.41 -44.20 7.31
N GLY CA 32 -55.35 -43.74 6.51
CA GLY CA 32 -56.44 -42.93 6.99
C GLY CA 32 -57.66 -43.74 7.32
N GLY CA 33 -58.58 -43.12 8.02
CA GLY CA 33 -59.82 -43.77 8.32
C GLY CA 33 -60.76 -43.81 7.14
N TRP CA 34 -61.71 -44.72 7.19
CA TRP CA 34 -62.59 -44.93 6.04
C TRP CA 34 -63.97 -45.35 6.53
N ASP CA 35 -64.97 -44.53 6.26
CA ASP CA 35 -66.36 -44.91 6.48
C ASP CA 35 -66.77 -45.79 5.32
N ASN CA 36 -67.09 -47.05 5.62
CA ASN CA 36 -67.39 -48.01 4.58
C ASN CA 36 -68.86 -48.05 4.21
N LEU CA 37 -69.71 -47.30 4.89
CA LEU CA 37 -71.08 -47.14 4.44
C LEU CA 37 -71.23 -46.00 3.46
N ARG CA 38 -70.54 -44.89 3.70
CA ARG CA 38 -70.69 -43.71 2.88
C ARG CA 38 -69.61 -43.57 1.82
N ASN CA 39 -68.58 -44.42 1.87
CA ASN CA 39 -67.37 -44.34 1.06
C ASN CA 39 -66.73 -42.96 1.10
N VAL CA 40 -66.56 -42.42 2.30
CA VAL CA 40 -65.81 -41.21 2.52
C VAL CA 40 -64.63 -41.57 3.41
N ASP CA 41 -63.61 -40.75 3.37
CA ASP CA 41 -62.43 -41.00 4.19
C ASP CA 41 -62.33 -40.01 5.34
N MET CA 42 -61.85 -40.52 6.45
CA MET CA 42 -61.91 -39.94 7.77
C MET CA 42 -60.57 -39.38 8.19
N GLY CA 43 -60.45 -39.09 9.48
CA GLY CA 43 -59.19 -38.65 10.04
C GLY CA 43 -58.11 -39.72 9.99
N ARG CA 44 -56.88 -39.26 10.14
CA ARG CA 44 -55.69 -40.06 9.91
C ARG CA 44 -55.39 -40.94 11.13
N VAL CA 45 -55.28 -42.24 10.91
CA VAL CA 45 -55.08 -43.20 12.00
C VAL CA 45 -53.61 -43.53 12.20
N MET CA 46 -52.83 -43.64 11.14
CA MET CA 46 -51.42 -43.94 11.23
C MET CA 46 -50.61 -42.65 11.28
N GLU CA 47 -49.31 -42.79 11.55
CA GLU CA 47 -48.43 -41.64 11.68
C GLU CA 47 -47.62 -41.47 10.41
N LEU CA 48 -47.63 -40.26 9.86
CA LEU CA 48 -46.87 -39.95 8.66
C LEU CA 48 -45.68 -39.07 9.02
N THR CA 49 -44.48 -39.62 8.83
CA THR CA 49 -43.24 -38.91 9.12
C THR CA 49 -42.42 -38.77 7.85
N TYR CA 50 -41.66 -37.68 7.77
CA TYR CA 50 -40.85 -37.37 6.60
C TYR CA 50 -39.40 -37.14 7.01
N SER CA 51 -38.88 -38.03 7.83
CA SER CA 51 -37.55 -37.82 8.39
C SER CA 51 -36.43 -38.23 7.44
N ASN CA 52 -36.66 -39.24 6.61
CA ASN CA 52 -35.59 -39.86 5.85
C ASN CA 52 -35.51 -39.40 4.41
N CYS CA 53 -36.39 -38.48 3.98
CA CYS CA 53 -36.42 -37.90 2.64
C CYS CA 53 -36.55 -38.95 1.54
N ARG CA 54 -37.39 -39.95 1.78
CA ARG CA 54 -37.55 -41.03 0.81
C ARG CA 54 -38.32 -40.55 -0.40
N THR CA 55 -37.95 -41.06 -1.57
CA THR CA 55 -38.68 -40.84 -2.79
C THR CA 55 -39.13 -42.16 -3.36
N THR CA 56 -39.97 -42.09 -4.39
CA THR CA 56 -40.25 -43.31 -5.14
C THR CA 56 -39.02 -43.69 -5.95
N GLU CA 57 -39.01 -44.94 -6.39
CA GLU CA 57 -37.82 -45.50 -7.04
C GLU CA 57 -37.55 -44.83 -8.39
N ASP CA 58 -38.57 -44.32 -9.06
CA ASP CA 58 -38.34 -43.52 -10.25
C ASP CA 58 -38.01 -42.08 -9.95
N GLY CA 59 -38.09 -41.67 -8.68
CA GLY CA 59 -37.61 -40.37 -8.26
C GLY CA 59 -38.48 -39.20 -8.64
N GLN CA 60 -39.79 -39.31 -8.46
CA GLN CA 60 -40.69 -38.23 -8.82
C GLN CA 60 -41.69 -37.83 -7.75
N TYR CA 61 -41.73 -38.52 -6.63
CA TYR CA 61 -42.60 -38.13 -5.54
C TYR CA 61 -41.90 -38.39 -4.22
N ILE CA 62 -42.02 -37.44 -3.30
CA ILE CA 62 -41.62 -37.65 -1.91
C ILE CA 62 -42.69 -38.49 -1.21
N ILE CA 63 -42.27 -39.55 -0.54
CA ILE CA 63 -43.19 -40.42 0.18
C ILE CA 63 -42.76 -40.46 1.64
N PRO CA 64 -43.67 -40.78 2.55
CA PRO CA 64 -43.28 -40.98 3.95
C PRO CA 64 -42.40 -42.21 4.14
N ASP CA 65 -41.88 -42.33 5.36
CA ASP CA 65 -40.84 -43.32 5.65
C ASP CA 65 -41.38 -44.74 5.79
N GLU CA 66 -42.59 -44.86 6.30
CA GLU CA 66 -43.26 -46.12 6.59
C GLU CA 66 -44.07 -46.66 5.43
N ILE CA 67 -43.93 -46.07 4.26
CA ILE CA 67 -44.78 -46.38 3.13
C ILE CA 67 -43.89 -46.79 1.97
N PHE CA 68 -44.17 -47.95 1.40
CA PHE CA 68 -43.50 -48.38 0.18
C PHE CA 68 -44.48 -48.38 -0.97
N THR CA 69 -43.96 -48.09 -2.16
CA THR CA 69 -44.76 -48.00 -3.36
C THR CA 69 -44.38 -49.14 -4.30
N ILE CA 70 -45.32 -49.52 -5.14
CA ILE CA 70 -45.11 -50.54 -6.16
C ILE CA 70 -45.35 -49.87 -7.52
N PRO CA 71 -44.35 -49.78 -8.37
CA PRO CA 71 -44.58 -49.23 -9.71
C PRO CA 71 -45.27 -50.24 -10.61
N GLN CA 72 -46.53 -49.99 -10.91
CA GLN CA 72 -47.24 -50.79 -11.91
C GLN CA 72 -47.99 -49.85 -12.83
N LYS CA 73 -47.27 -49.39 -13.85
CA LYS CA 73 -47.72 -48.31 -14.71
C LYS CA 73 -48.62 -48.91 -15.77
N GLN CA 74 -49.87 -49.10 -15.39
CA GLN CA 74 -50.80 -49.97 -16.10
C GLN CA 74 -51.96 -49.15 -16.62
N SER CA 75 -52.23 -49.28 -17.91
CA SER CA 75 -53.32 -48.56 -18.56
C SER CA 75 -54.29 -49.58 -19.12
N ASN CA 76 -55.58 -49.36 -18.94
CA ASN CA 76 -56.63 -50.23 -19.43
C ASN CA 76 -57.57 -49.43 -20.30
N LEU CA 77 -58.00 -50.02 -21.41
CA LEU CA 77 -58.89 -49.33 -22.33
C LEU CA 77 -59.93 -50.35 -22.80
N GLU CA 78 -61.19 -50.04 -22.59
CA GLU CA 78 -62.28 -50.90 -23.00
C GLU CA 78 -62.88 -50.40 -24.30
N MET CA 79 -63.05 -51.30 -25.26
CA MET CA 79 -63.83 -51.03 -26.45
C MET CA 79 -65.28 -51.42 -26.30
N ASN CA 80 -65.69 -51.78 -25.09
CA ASN CA 80 -66.99 -52.33 -24.81
C ASN CA 80 -67.59 -51.55 -23.65
N SER CA 81 -68.68 -52.06 -23.12
CA SER CA 81 -69.32 -51.52 -21.95
C SER CA 81 -69.53 -52.65 -20.95
N GLU CA 82 -70.23 -52.37 -19.87
CA GLU CA 82 -70.66 -53.43 -18.97
C GLU CA 82 -72.04 -53.07 -18.44
N ILE CA 83 -72.90 -54.05 -18.34
CA ILE CA 83 -74.32 -53.83 -18.09
C ILE CA 83 -74.62 -54.21 -16.64
N LEU CA 84 -75.33 -53.33 -15.94
CA LEU CA 84 -75.66 -53.50 -14.53
C LEU CA 84 -77.17 -53.30 -14.41
N GLU CA 85 -77.94 -54.35 -14.63
CA GLU CA 85 -79.39 -54.22 -14.71
C GLU CA 85 -80.08 -54.36 -13.34
N SER CA 86 -79.32 -54.26 -12.25
CA SER CA 86 -79.90 -54.30 -10.91
C SER CA 86 -78.93 -53.58 -9.96
N TRP CA 87 -79.49 -52.84 -9.01
CA TRP CA 87 -78.65 -52.12 -8.06
C TRP CA 87 -78.19 -52.97 -6.90
N ALA CA 88 -78.58 -54.24 -6.83
CA ALA CA 88 -78.15 -55.08 -5.72
C ALA CA 88 -76.68 -55.46 -5.88
N ASN CA 89 -76.30 -55.92 -7.06
CA ASN CA 89 -74.90 -56.26 -7.35
C ASN CA 89 -74.18 -55.02 -7.90
N TYR CA 90 -73.93 -54.09 -6.99
CA TYR CA 90 -73.36 -52.79 -7.34
C TYR CA 90 -71.84 -52.80 -7.28
N GLN CA 91 -71.22 -52.18 -8.29
CA GLN CA 91 -69.78 -52.03 -8.41
C GLN CA 91 -69.44 -50.59 -8.11
N SER CA 92 -68.54 -50.35 -7.17
CA SER CA 92 -68.35 -48.97 -6.72
C SER CA 92 -67.53 -48.12 -7.68
N SER CA 93 -66.61 -48.72 -8.43
CA SER CA 93 -65.70 -48.13 -9.43
C SER CA 93 -64.61 -47.24 -8.84
N THR CA 94 -64.62 -46.95 -7.56
CA THR CA 94 -63.50 -46.25 -6.94
C THR CA 94 -63.10 -46.80 -5.59
N SER CA 95 -63.92 -47.62 -4.96
CA SER CA 95 -63.62 -48.23 -3.67
C SER CA 95 -64.11 -49.66 -3.66
N TYR CA 96 -63.82 -50.38 -4.75
CA TYR CA 96 -64.44 -51.68 -4.97
C TYR CA 96 -63.86 -52.75 -4.07
N SER CA 97 -62.56 -52.71 -3.81
CA SER CA 97 -61.93 -53.79 -3.08
C SER CA 97 -62.19 -53.72 -1.58
N ILE CA 98 -62.46 -52.54 -1.04
CA ILE CA 98 -62.74 -52.43 0.37
C ILE CA 98 -64.22 -52.66 0.69
N ASN CA 99 -65.08 -52.59 -0.31
CA ASN CA 99 -66.49 -52.89 -0.06
C ASN CA 99 -66.80 -54.38 -0.19
N THR CA 100 -66.01 -55.14 -0.95
CA THR CA 100 -66.34 -56.51 -1.27
C THR CA 100 -65.78 -57.52 -0.27
N GLU CA 101 -65.41 -57.06 0.93
CA GLU CA 101 -64.86 -57.92 1.96
C GLU CA 101 -65.88 -58.94 2.46
N LEU CA 102 -65.37 -60.03 3.04
CA LEU CA 102 -66.22 -61.10 3.57
C LEU CA 102 -66.58 -60.76 5.01
N SER CA 103 -67.84 -60.42 5.23
CA SER CA 103 -68.31 -60.05 6.56
C SER CA 103 -69.81 -60.27 6.63
N LEU CA 104 -70.38 -59.93 7.78
CA LEU CA 104 -71.82 -60.01 7.97
C LEU CA 104 -72.52 -58.94 7.15
N PHE CA 105 -71.97 -57.73 7.15
CA PHE CA 105 -72.59 -56.57 6.55
C PHE CA 105 -71.96 -56.21 5.22
N SER CA 106 -71.60 -57.22 4.44
CA SER CA 106 -71.05 -56.99 3.12
C SER CA 106 -72.10 -56.49 2.13
N LYS CA 107 -73.38 -56.72 2.42
CA LYS CA 107 -74.44 -56.23 1.55
C LYS CA 107 -74.83 -54.80 1.85
N VAL CA 108 -74.29 -54.19 2.90
CA VAL CA 108 -74.64 -52.83 3.28
C VAL CA 108 -73.50 -51.86 3.01
N ASN CA 109 -72.30 -52.35 2.67
CA ASN CA 109 -71.16 -51.49 2.40
C ASN CA 109 -71.38 -50.67 1.14
N GLY CA 110 -71.21 -49.36 1.26
CA GLY CA 110 -71.35 -48.45 0.16
C GLY CA 110 -72.76 -48.02 -0.17
N LYS CA 111 -73.75 -48.46 0.60
CA LYS CA 111 -75.15 -48.21 0.27
C LYS CA 111 -75.65 -46.85 0.71
N PHE CA 112 -74.77 -46.00 1.24
CA PHE CA 112 -75.12 -44.62 1.55
C PHE CA 112 -74.19 -43.67 0.84
N SER CA 113 -73.44 -44.16 -0.13
CA SER CA 113 -72.56 -43.33 -0.93
C SER CA 113 -73.39 -42.50 -1.89
N THR CA 114 -72.85 -41.35 -2.28
CA THR CA 114 -73.56 -40.51 -3.24
C THR CA 114 -73.58 -41.14 -4.62
N GLU CA 115 -72.58 -41.97 -4.92
CA GLU CA 115 -72.51 -42.62 -6.22
C GLU CA 115 -73.50 -43.78 -6.31
N PHE CA 116 -73.81 -44.42 -5.19
CA PHE CA 116 -74.84 -45.45 -5.18
C PHE CA 116 -76.24 -44.85 -5.19
N GLN CA 117 -76.48 -43.88 -4.32
CA GLN CA 117 -77.81 -43.31 -4.17
C GLN CA 117 -78.22 -42.48 -5.37
N ARG CA 118 -77.27 -42.02 -6.16
CA ARG CA 118 -77.62 -41.44 -7.44
C ARG CA 118 -77.93 -42.51 -8.46
N MET CA 119 -77.34 -43.69 -8.35
CA MET CA 119 -77.60 -44.72 -9.35
C MET CA 119 -78.92 -45.42 -9.08
N LYS CA 120 -79.26 -45.63 -7.80
CA LYS CA 120 -80.49 -46.32 -7.45
C LYS CA 120 -81.71 -45.49 -7.80
N THR CA 121 -81.64 -44.18 -7.64
CA THR CA 121 -82.77 -43.33 -7.95
C THR CA 121 -82.95 -43.09 -9.44
N LEU CA 122 -82.10 -43.63 -10.28
CA LEU CA 122 -82.27 -43.57 -11.73
C LEU CA 122 -82.76 -44.88 -12.31
N GLN CA 123 -82.57 -45.99 -11.61
CA GLN CA 123 -83.11 -47.25 -12.06
C GLN CA 123 -84.52 -47.50 -11.58
N VAL CA 124 -84.98 -46.76 -10.58
CA VAL CA 124 -86.32 -46.93 -10.05
C VAL CA 124 -87.27 -45.88 -10.59
N LYS CA 125 -86.82 -44.63 -10.65
CA LYS CA 125 -87.61 -43.54 -11.20
C LYS CA 125 -87.87 -43.72 -12.68
N ASP CA 126 -86.90 -44.26 -13.41
CA ASP CA 126 -86.95 -44.33 -14.86
C ASP CA 126 -87.07 -45.74 -15.39
N GLN CA 127 -87.13 -46.74 -14.51
CA GLN CA 127 -87.20 -48.17 -14.84
C GLN CA 127 -86.06 -48.59 -15.76
N ALA CA 128 -84.85 -48.26 -15.36
CA ALA CA 128 -83.72 -48.25 -16.26
C ALA CA 128 -82.68 -49.31 -15.89
N ILE CA 129 -81.76 -49.53 -16.82
CA ILE CA 129 -80.57 -50.32 -16.61
C ILE CA 129 -79.37 -49.40 -16.80
N THR CA 130 -78.23 -49.79 -16.24
CA THR CA 130 -77.06 -48.93 -16.18
C THR CA 130 -75.91 -49.58 -16.95
N THR CA 131 -75.26 -48.80 -17.80
CA THR CA 131 -74.03 -49.23 -18.47
C THR CA 131 -72.87 -48.36 -18.00
N ARG CA 132 -71.66 -48.91 -18.06
CA ARG CA 132 -70.47 -48.16 -17.64
C ARG CA 132 -69.29 -48.49 -18.53
N VAL CA 133 -68.67 -47.47 -19.11
CA VAL CA 133 -67.44 -47.60 -19.87
C VAL CA 133 -66.37 -46.77 -19.17
N GLN CA 134 -65.15 -47.29 -19.07
CA GLN CA 134 -64.12 -46.52 -18.39
C GLN CA 134 -62.74 -46.77 -18.96
N VAL CA 135 -61.91 -45.75 -18.89
CA VAL CA 135 -60.49 -45.80 -19.22
C VAL CA 135 -59.73 -45.59 -17.91
N ARG CA 136 -59.13 -46.64 -17.39
CA ARG CA 136 -58.46 -46.59 -16.10
C ARG CA 136 -56.96 -46.59 -16.28
N ASN CA 137 -56.27 -45.82 -15.48
CA ASN CA 137 -54.83 -45.60 -15.62
C ASN CA 137 -54.21 -45.72 -14.24
N LEU CA 138 -53.86 -46.94 -13.85
CA LEU CA 138 -53.22 -47.22 -12.58
C LEU CA 138 -51.71 -46.99 -12.65
N VAL CA 139 -51.18 -46.16 -11.78
CA VAL CA 139 -49.78 -45.78 -11.80
C VAL CA 139 -49.00 -46.41 -10.65
N TYR CA 140 -49.47 -46.26 -9.42
CA TYR CA 140 -48.79 -46.82 -8.27
C TYR CA 140 -49.74 -47.62 -7.40
N THR CA 141 -49.19 -48.59 -6.69
CA THR CA 141 -49.82 -49.18 -5.52
C THR CA 141 -49.02 -48.75 -4.31
N VAL CA 142 -49.69 -48.13 -3.35
CA VAL CA 142 -49.06 -47.46 -2.24
C VAL CA 142 -49.52 -48.17 -0.97
N LYS CA 143 -48.61 -48.80 -0.25
CA LYS CA 143 -48.95 -49.62 0.91
C LYS CA 143 -48.25 -49.13 2.16
N ILE CA 144 -48.64 -49.72 3.30
CA ILE CA 144 -48.04 -49.43 4.60
C ILE CA 144 -47.15 -50.58 5.03
N ASN CA 145 -46.00 -50.23 5.57
CA ASN CA 145 -45.10 -51.18 6.21
C ASN CA 145 -45.80 -51.71 7.46
N PRO CA 146 -45.80 -53.02 7.72
CA PRO CA 146 -46.50 -53.55 8.90
C PRO CA 146 -45.94 -53.15 10.25
N THR CA 147 -44.82 -52.44 10.33
CA THR CA 147 -44.23 -52.02 11.60
C THR CA 147 -44.46 -50.55 11.85
N LEU CA 148 -45.64 -50.05 11.50
CA LEU CA 148 -46.01 -48.66 11.65
C LEU CA 148 -46.74 -48.44 12.97
N GLU CA 149 -46.66 -47.23 13.50
CA GLU CA 149 -47.31 -46.84 14.75
C GLU CA 149 -48.46 -45.87 14.48
N LEU CA 150 -49.29 -45.72 15.52
CA LEU CA 150 -50.51 -44.93 15.45
C LEU CA 150 -50.23 -43.44 15.44
N SER CA 151 -51.25 -42.68 15.06
CA SER CA 151 -51.14 -41.24 15.01
C SER CA 151 -51.20 -40.66 16.42
N SER CA 152 -50.86 -39.38 16.53
CA SER CA 152 -50.84 -38.72 17.83
C SER CA 152 -52.25 -38.42 18.32
N GLY CA 153 -53.16 -38.10 17.42
CA GLY CA 153 -54.52 -37.79 17.80
C GLY CA 153 -55.34 -39.04 18.06
N PHE CA 154 -55.10 -40.09 17.28
CA PHE CA 154 -55.88 -41.31 17.44
C PHE CA 154 -55.48 -42.07 18.70
N ARG CA 155 -54.21 -42.00 19.08
CA ARG CA 155 -53.77 -42.64 20.32
C ARG CA 155 -54.36 -41.95 21.53
N LYS CA 156 -54.50 -40.63 21.47
CA LYS CA 156 -55.06 -39.87 22.59
C LYS CA 156 -56.51 -40.23 22.85
N GLU CA 157 -57.27 -40.49 21.80
CA GLU CA 157 -58.68 -40.80 21.99
C GLU CA 157 -58.91 -42.26 22.34
N LEU CA 158 -57.94 -43.13 22.09
CA LEU CA 158 -58.00 -44.48 22.62
C LEU CA 158 -57.61 -44.53 24.08
N LEU CA 159 -56.72 -43.64 24.50
CA LEU CA 159 -56.34 -43.55 25.90
C LEU CA 159 -57.43 -42.94 26.76
N ASP CA 160 -58.30 -42.13 26.17
CA ASP CA 160 -59.44 -41.60 26.91
C ASP CA 160 -60.53 -42.64 27.08
N ILE CA 161 -60.72 -43.52 26.10
CA ILE CA 161 -61.58 -44.69 26.30
C ILE CA 161 -60.94 -45.62 27.32
N SER CA 162 -59.61 -45.72 27.29
CA SER CA 162 -58.87 -46.58 28.21
C SER CA 162 -59.04 -46.17 29.66
N ASP CA 163 -59.13 -44.86 29.92
CA ASP CA 163 -59.28 -44.38 31.28
C ASP CA 163 -60.65 -44.73 31.85
N ARG CA 164 -61.69 -44.69 31.01
CA ARG CA 164 -63.03 -44.98 31.46
C ARG CA 164 -63.23 -46.46 31.74
N LEU CA 165 -62.51 -47.35 31.04
CA LEU CA 165 -62.61 -48.77 31.36
C LEU CA 165 -61.91 -49.11 32.66
N GLU CA 166 -60.92 -48.32 33.06
CA GLU CA 166 -60.25 -48.54 34.34
C GLU CA 166 -61.18 -48.24 35.51
N ASN CA 167 -61.89 -47.12 35.43
CA ASN CA 167 -62.73 -46.60 36.50
C ASN CA 167 -64.09 -47.25 36.57
N ASN CA 168 -64.33 -48.33 35.81
CA ASN CA 168 -65.62 -49.01 35.70
C ASN CA 168 -66.71 -48.01 35.29
N GLN CA 169 -66.47 -47.31 34.20
CA GLN CA 169 -67.43 -46.34 33.68
C GLN CA 169 -67.78 -46.79 32.27
N THR CA 170 -68.74 -47.71 32.19
CA THR CA 170 -69.01 -48.43 30.94
C THR CA 170 -69.87 -47.58 30.01
N ARG CA 171 -70.84 -46.85 30.54
CA ARG CA 171 -71.71 -46.03 29.72
C ARG CA 171 -70.96 -44.84 29.13
N MET CA 172 -69.96 -44.34 29.82
CA MET CA 172 -69.21 -43.21 29.31
C MET CA 172 -68.12 -43.66 28.35
N ALA CA 173 -67.66 -44.90 28.48
CA ALA CA 173 -66.72 -45.44 27.50
C ALA CA 173 -67.42 -45.84 26.21
N THR CA 174 -68.65 -46.33 26.31
CA THR CA 174 -69.44 -46.65 25.14
C THR CA 174 -69.76 -45.40 24.34
N TYR CA 175 -69.99 -44.28 25.02
CA TYR CA 175 -70.21 -43.02 24.35
C TYR CA 175 -68.97 -42.56 23.60
N LEU CA 176 -67.80 -42.63 24.23
CA LEU CA 176 -66.58 -42.19 23.57
C LEU CA 176 -66.13 -43.15 22.48
N ALA CA 177 -66.51 -44.42 22.56
CA ALA CA 177 -66.17 -45.35 21.49
C ALA CA 177 -66.94 -45.03 20.22
N GLU CA 178 -68.15 -44.51 20.35
CA GLU CA 178 -68.96 -44.14 19.20
C GLU CA 178 -68.55 -42.81 18.60
N LEU CA 179 -67.93 -41.94 19.38
CA LEU CA 179 -67.34 -40.74 18.78
C LEU CA 179 -66.03 -41.04 18.08
N LEU CA 180 -65.41 -42.18 18.36
CA LEU CA 180 -64.25 -42.60 17.60
C LEU CA 180 -64.65 -43.01 16.19
N VAL CA 181 -65.85 -43.56 16.05
CA VAL CA 181 -66.34 -44.01 14.75
C VAL CA 181 -66.88 -42.84 13.95
N LEU CA 182 -67.40 -41.81 14.61
CA LEU CA 182 -67.75 -40.57 13.91
C LEU CA 182 -66.52 -39.91 13.30
N ASN CA 183 -65.41 -39.94 14.01
CA ASN CA 183 -64.24 -39.18 13.59
C ASN CA 183 -63.27 -39.98 12.76
N TYR CA 184 -63.27 -41.31 12.88
CA TYR CA 184 -62.27 -42.14 12.23
C TYR CA 184 -62.85 -43.27 11.39
N GLY CA 185 -64.16 -43.40 11.31
CA GLY CA 185 -64.75 -44.37 10.41
C GLY CA 185 -64.77 -45.77 10.98
N THR CA 186 -64.98 -46.74 10.09
CA THR CA 186 -65.07 -48.13 10.46
C THR CA 186 -63.90 -48.96 9.98
N HIS CA 187 -63.03 -48.40 9.14
CA HIS CA 187 -61.95 -49.12 8.51
C HIS CA 187 -60.72 -48.23 8.43
N VAL CA 188 -59.58 -48.85 8.19
CA VAL CA 188 -58.32 -48.16 7.94
C VAL CA 188 -57.81 -48.61 6.59
N THR CA 189 -57.53 -47.67 5.70
CA THR CA 189 -57.02 -48.04 4.39
C THR CA 189 -55.58 -48.49 4.52
N THR CA 190 -55.29 -49.70 4.06
CA THR CA 190 -53.94 -50.21 4.11
C THR CA 190 -53.24 -50.17 2.77
N SER CA 191 -53.98 -50.11 1.66
CA SER CA 191 -53.35 -49.86 0.38
C SER CA 191 -54.29 -49.05 -0.49
N VAL CA 192 -53.73 -48.13 -1.24
CA VAL CA 192 -54.46 -47.33 -2.21
C VAL CA 192 -53.80 -47.53 -3.57
N ASP CA 193 -54.60 -47.35 -4.61
CA ASP CA 193 -54.13 -47.38 -5.99
C ASP CA 193 -54.18 -45.97 -6.54
N ALA CA 194 -53.02 -45.40 -6.83
CA ALA CA 194 -52.93 -44.03 -7.31
C ALA CA 194 -53.03 -44.00 -8.82
N GLY CA 195 -53.98 -43.23 -9.34
CA GLY CA 195 -54.12 -43.11 -10.77
C GLY CA 195 -55.28 -42.23 -11.14
N ALA CA 196 -55.73 -42.38 -12.38
CA ALA CA 196 -56.84 -41.59 -12.90
C ALA CA 196 -57.80 -42.50 -13.65
N ALA CA 197 -59.02 -42.02 -13.85
CA ALA CA 197 -60.02 -42.78 -14.57
C ALA CA 197 -60.98 -41.81 -15.26
N LEU CA 198 -61.48 -42.22 -16.41
CA LEU CA 198 -62.46 -41.44 -17.15
C LEU CA 198 -63.65 -42.37 -17.38
N ILE CA 199 -64.81 -42.03 -16.83
CA ILE CA 199 -65.93 -42.96 -16.75
C ILE CA 199 -67.14 -42.39 -17.49
N GLN CA 200 -67.79 -43.22 -18.30
CA GLN CA 200 -69.09 -42.97 -18.90
C GLN CA 200 -70.14 -43.76 -18.15
N GLU CA 201 -71.30 -43.17 -17.91
CA GLU CA 201 -72.37 -43.90 -17.24
C GLU CA 201 -73.69 -43.52 -17.87
N ASP CA 202 -74.19 -44.38 -18.76
CA ASP CA 202 -75.49 -44.18 -19.39
C ASP CA 202 -76.55 -44.99 -18.68
N HIS CA 203 -77.78 -44.52 -18.75
CA HIS CA 203 -78.94 -45.26 -18.30
C HIS CA 203 -79.87 -45.48 -19.47
N LEU CA 204 -80.24 -46.73 -19.69
CA LEU CA 204 -81.07 -47.14 -20.81
C LEU CA 204 -82.35 -47.74 -20.27
N ARG CA 205 -83.43 -47.63 -21.02
CA ARG CA 205 -84.68 -48.27 -20.61
C ARG CA 205 -84.52 -49.78 -20.61
N ALA CA 206 -85.14 -50.44 -19.62
CA ALA CA 206 -84.96 -51.88 -19.45
C ALA CA 206 -85.64 -52.68 -20.55
N SER CA 207 -86.56 -52.07 -21.29
CA SER CA 207 -87.16 -52.71 -22.45
C SER CA 207 -86.19 -52.83 -23.61
N PHE CA 208 -85.16 -51.99 -23.65
CA PHE CA 208 -84.23 -51.99 -24.77
C PHE CA 208 -83.26 -53.16 -24.72
N LEU CA 209 -83.05 -53.75 -23.55
CA LEU CA 209 -82.13 -54.88 -23.41
C LEU CA 209 -82.80 -56.23 -23.61
N GLN CA 210 -84.11 -56.29 -23.48
CA GLN CA 210 -84.87 -57.54 -23.46
C GLN CA 210 -84.96 -58.24 -24.83
N ASP CA 211 -84.20 -57.88 -25.87
CA ASP CA 211 -84.40 -58.49 -27.18
C ASP CA 211 -83.85 -59.92 -27.23
N SER CA 212 -82.54 -60.07 -27.06
CA SER CA 212 -81.90 -61.38 -27.08
C SER CA 212 -80.53 -61.27 -26.41
N GLN CA 213 -79.79 -62.37 -26.44
CA GLN CA 213 -78.40 -62.40 -26.00
C GLN CA 213 -77.42 -62.02 -27.10
N SER CA 214 -77.91 -61.84 -28.33
CA SER CA 214 -77.11 -61.28 -29.40
C SER CA 214 -77.32 -59.78 -29.57
N SER CA 215 -78.46 -59.27 -29.10
CA SER CA 215 -78.63 -57.83 -29.02
C SER CA 215 -77.76 -57.23 -27.92
N ARG CA 216 -77.46 -58.03 -26.89
CA ARG CA 216 -76.68 -57.54 -25.75
C ARG CA 216 -75.27 -57.17 -26.16
N SER CA 217 -74.67 -57.95 -27.05
CA SER CA 217 -73.31 -57.66 -27.52
C SER CA 217 -73.28 -56.56 -28.56
N ALA CA 218 -74.42 -55.99 -28.94
CA ALA CA 218 -74.46 -54.81 -29.79
C ALA CA 218 -74.88 -53.56 -29.06
N VAL CA 219 -75.71 -53.70 -28.01
CA VAL CA 219 -75.93 -52.62 -27.05
C VAL CA 219 -74.61 -52.25 -26.39
N THR CA 220 -73.81 -53.25 -26.03
CA THR CA 220 -72.61 -53.07 -25.24
C THR CA 220 -71.50 -52.42 -26.05
N ALA CA 221 -71.36 -52.79 -27.32
CA ALA CA 221 -70.33 -52.19 -28.15
C ALA CA 221 -70.77 -50.88 -28.76
N SER CA 222 -72.03 -50.49 -28.58
CA SER CA 222 -72.49 -49.19 -29.02
C SER CA 222 -72.13 -48.13 -27.98
N ALA CA 223 -72.23 -48.49 -26.70
CA ALA CA 223 -71.89 -47.58 -25.61
C ALA CA 223 -70.40 -47.29 -25.59
N GLY CA 224 -69.57 -48.25 -25.96
CA GLY CA 224 -68.15 -47.99 -26.05
C GLY CA 224 -67.78 -47.17 -27.26
N LEU CA 225 -68.62 -47.19 -28.28
CA LEU CA 225 -68.38 -46.37 -29.47
C LEU CA 225 -68.78 -44.93 -29.23
N ALA CA 226 -69.89 -44.72 -28.53
CA ALA CA 226 -70.33 -43.39 -28.16
C ALA CA 226 -69.36 -42.71 -27.22
N PHE CA 227 -68.68 -43.49 -26.37
CA PHE CA 227 -67.73 -42.94 -25.42
C PHE CA 227 -66.47 -42.45 -26.12
N GLN CA 228 -66.04 -43.15 -27.15
CA GLN CA 228 -64.88 -42.72 -27.90
C GLN CA 228 -65.19 -41.55 -28.81
N ASN CA 229 -66.44 -41.44 -29.26
CA ASN CA 229 -66.83 -40.25 -30.00
C ASN CA 229 -66.85 -39.01 -29.11
N THR CA 230 -67.35 -39.18 -27.87
CA THR CA 230 -67.51 -38.06 -26.96
C THR CA 230 -66.15 -37.50 -26.54
N VAL CA 231 -65.14 -38.36 -26.39
CA VAL CA 231 -63.83 -37.82 -26.06
C VAL CA 231 -63.19 -37.16 -27.28
N ASN CA 232 -63.38 -37.70 -28.47
CA ASN CA 232 -62.64 -37.18 -29.60
C ASN CA 232 -63.30 -36.00 -30.32
N PHE CA 233 -64.64 -35.93 -30.39
CA PHE CA 233 -65.28 -35.10 -31.40
C PHE CA 233 -66.08 -33.92 -30.87
N LYS CA 234 -65.51 -33.16 -29.93
CA LYS CA 234 -65.70 -31.70 -29.81
C LYS CA 234 -67.15 -31.23 -29.63
N PHE CA 235 -68.04 -32.13 -29.20
CA PHE CA 235 -69.50 -31.98 -29.04
C PHE CA 235 -70.23 -31.91 -30.39
N GLU CA 236 -69.48 -31.82 -31.48
CA GLU CA 236 -70.08 -31.66 -32.79
C GLU CA 236 -70.62 -33.01 -33.26
N GLU CA 237 -71.41 -32.97 -34.34
CA GLU CA 237 -71.87 -34.20 -34.96
C GLU CA 237 -70.94 -34.62 -36.10
N ASN CA 238 -69.65 -34.67 -35.76
CA ASN CA 238 -68.63 -35.32 -36.57
C ASN CA 238 -68.45 -36.77 -36.15
N TYR CA 239 -69.48 -37.37 -35.55
CA TYR CA 239 -69.37 -38.71 -35.01
C TYR CA 239 -69.32 -39.75 -36.12
N THR CA 240 -68.63 -40.85 -35.84
CA THR CA 240 -68.59 -41.99 -36.74
C THR CA 240 -69.68 -42.99 -36.33
N SER CA 241 -70.93 -42.53 -36.43
CA SER CA 241 -72.09 -43.34 -36.09
C SER CA 241 -72.25 -44.46 -37.10
N GLN CA 242 -71.97 -45.69 -36.67
CA GLN CA 242 -71.78 -46.80 -37.58
C GLN CA 242 -73.06 -47.45 -38.06
N ASN CA 243 -74.16 -47.32 -37.31
CA ASN CA 243 -75.35 -48.10 -37.61
C ASN CA 243 -76.59 -47.24 -37.37
N VAL CA 244 -77.74 -47.87 -37.54
CA VAL CA 244 -78.99 -47.36 -37.00
C VAL CA 244 -79.12 -47.75 -35.54
N LEU CA 245 -78.38 -48.79 -35.12
CA LEU CA 245 -78.37 -49.20 -33.72
C LEU CA 245 -77.72 -48.16 -32.82
N THR CA 246 -76.81 -47.35 -33.37
CA THR CA 246 -76.33 -46.18 -32.64
C THR CA 246 -77.44 -45.16 -32.48
N LYS CA 247 -78.24 -44.96 -33.53
CA LYS CA 247 -79.33 -44.01 -33.45
C LYS CA 247 -80.46 -44.52 -32.55
N SER CA 248 -80.72 -45.82 -32.58
CA SER CA 248 -81.71 -46.37 -31.68
C SER CA 248 -81.21 -46.42 -30.24
N TYR CA 249 -79.89 -46.43 -30.04
CA TYR CA 249 -79.32 -46.38 -28.69
C TYR CA 249 -79.62 -45.05 -28.02
N LEU CA 250 -79.60 -43.97 -28.80
CA LEU CA 250 -79.76 -42.64 -28.23
C LEU CA 250 -81.20 -42.38 -27.79
N SER CA 251 -82.16 -43.00 -28.46
CA SER CA 251 -83.55 -42.71 -28.15
C SER CA 251 -84.06 -43.46 -26.94
N ASN CA 252 -83.41 -44.56 -26.55
CA ASN CA 252 -83.73 -45.27 -25.33
C ASN CA 252 -82.88 -44.81 -24.16
N ARG CA 253 -81.86 -44.01 -24.42
CA ARG CA 253 -80.97 -43.50 -23.38
C ARG CA 253 -81.71 -42.56 -22.45
N THR CA 254 -81.57 -42.78 -21.14
CA THR CA 254 -82.23 -41.94 -20.17
C THR CA 254 -81.35 -40.83 -19.61
N ASN CA 255 -80.12 -41.11 -19.13
CA ASN CA 255 -79.41 -40.05 -18.42
C ASN CA 255 -78.07 -39.62 -19.00
N SER CA 256 -77.09 -40.50 -19.16
CA SER CA 256 -75.75 -40.19 -19.71
C SER CA 256 -74.87 -39.17 -18.98
N ARG CA 257 -74.29 -39.52 -17.84
CA ARG CA 257 -73.26 -38.71 -17.22
C ARG CA 257 -71.87 -39.11 -17.71
N VAL CA 258 -70.95 -38.14 -17.78
CA VAL CA 258 -69.54 -38.41 -18.02
C VAL CA 258 -68.74 -37.89 -16.84
N GLN CA 259 -67.91 -38.74 -16.26
CA GLN CA 259 -67.22 -38.42 -15.02
C GLN CA 259 -65.72 -38.61 -15.18
N SER CA 260 -64.95 -37.63 -14.78
CA SER CA 260 -63.50 -37.72 -14.73
C SER CA 260 -63.07 -37.78 -13.28
N ILE CA 261 -62.20 -38.73 -12.94
CA ILE CA 261 -61.70 -38.88 -11.59
C ILE CA 261 -60.18 -38.82 -11.67
N GLY CA 262 -59.61 -37.70 -11.25
CA GLY CA 262 -58.19 -37.49 -11.38
C GLY CA 262 -57.83 -36.95 -12.74
N GLY CA 263 -56.58 -36.52 -12.86
CA GLY CA 263 -56.15 -35.95 -14.11
C GLY CA 263 -56.66 -34.54 -14.28
N VAL CA 264 -56.68 -34.10 -15.54
CA VAL CA 264 -57.20 -32.78 -15.90
C VAL CA 264 -58.71 -32.89 -16.05
N PRO CA 265 -59.46 -31.79 -15.92
CA PRO CA 265 -60.92 -31.88 -16.06
C PRO CA 265 -61.34 -32.22 -17.48
N PHE CA 266 -62.37 -33.06 -17.59
CA PHE CA 266 -62.85 -33.49 -18.88
C PHE CA 266 -63.71 -32.41 -19.52
N TYR CA 267 -63.58 -32.27 -20.83
CA TYR CA 267 -64.50 -31.53 -21.68
C TYR CA 267 -64.64 -32.31 -22.96
N PRO CA 268 -65.82 -32.30 -23.59
CA PRO CA 268 -66.00 -33.11 -24.81
C PRO CA 268 -65.18 -32.56 -25.96
N GLY CA 269 -64.13 -33.29 -26.33
CA GLY CA 269 -63.22 -32.80 -27.32
C GLY CA 269 -61.76 -32.95 -26.93
N ILE CA 270 -61.48 -33.18 -25.66
CA ILE CA 270 -60.10 -33.49 -25.26
C ILE CA 270 -59.78 -34.90 -25.74
N THR CA 271 -58.73 -35.03 -26.53
CA THR CA 271 -58.43 -36.32 -27.08
C THR CA 271 -57.91 -37.26 -25.98
N LEU CA 272 -57.94 -38.56 -26.28
CA LEU CA 272 -57.50 -39.53 -25.29
C LEU CA 272 -56.00 -39.43 -25.05
N GLN CA 273 -55.26 -38.99 -26.07
CA GLN CA 273 -53.86 -38.64 -25.90
C GLN CA 273 -53.68 -37.49 -24.91
N ALA CA 274 -54.50 -36.45 -25.04
CA ALA CA 274 -54.28 -35.25 -24.25
C ALA CA 274 -54.78 -35.39 -22.83
N TRP CA 275 -55.79 -36.24 -22.60
CA TRP CA 275 -56.22 -36.52 -21.24
C TRP CA 275 -55.14 -37.28 -20.48
N GLN CA 276 -54.42 -38.16 -21.17
CA GLN CA 276 -53.37 -38.96 -20.55
C GLN CA 276 -52.08 -38.21 -20.31
N GLN CA 277 -51.94 -37.00 -20.84
CA GLN CA 277 -50.79 -36.19 -20.51
C GLN CA 277 -50.97 -35.40 -19.23
N GLY CA 278 -52.20 -35.20 -18.80
CA GLY CA 278 -52.49 -34.49 -17.59
C GLY CA 278 -52.64 -35.33 -16.37
N ILE CA 279 -52.39 -36.64 -16.48
CA ILE CA 279 -52.47 -37.53 -15.34
C ILE CA 279 -51.29 -37.31 -14.40
N THR CA 280 -50.16 -36.90 -14.94
CA THR CA 280 -48.98 -36.59 -14.15
C THR CA 280 -49.24 -35.43 -13.20
N ASN CA 281 -48.98 -35.66 -11.91
CA ASN CA 281 -49.16 -34.79 -10.76
C ASN CA 281 -50.62 -34.54 -10.39
N HIS CA 282 -51.57 -35.22 -11.04
CA HIS CA 282 -52.96 -35.19 -10.62
C HIS CA 282 -53.39 -36.64 -10.45
N LEU CA 283 -53.06 -37.24 -9.32
CA LEU CA 283 -53.36 -38.63 -9.07
C LEU CA 283 -54.30 -38.72 -7.88
N VAL CA 284 -55.28 -39.60 -7.96
CA VAL CA 284 -56.23 -39.81 -6.88
C VAL CA 284 -56.29 -41.30 -6.59
N ALA CA 285 -57.01 -41.65 -5.54
CA ALA CA 285 -57.21 -43.06 -5.22
C ALA CA 285 -58.36 -43.59 -6.06
N ILE CA 286 -58.03 -44.47 -7.01
CA ILE CA 286 -59.05 -45.13 -7.81
C ILE CA 286 -59.40 -46.50 -7.27
N ASP CA 287 -58.70 -46.99 -6.26
CA ASP CA 287 -59.07 -48.20 -5.56
C ASP CA 287 -58.44 -48.18 -4.18
N ARG CA 288 -59.04 -48.92 -3.25
CA ARG CA 288 -58.58 -48.98 -1.87
C ARG CA 288 -58.77 -50.39 -1.33
N SER CA 289 -57.89 -50.78 -0.42
CA SER CA 289 -58.08 -51.96 0.39
C SER CA 289 -57.94 -51.58 1.86
N GLY CA 290 -58.45 -52.41 2.75
CA GLY CA 290 -58.37 -52.05 4.14
C GLY CA 290 -58.64 -53.19 5.10
N LEU CA 291 -58.66 -52.83 6.37
CA LEU CA 291 -58.95 -53.72 7.48
C LEU CA 291 -59.84 -52.95 8.45
N PRO CA 292 -60.62 -53.65 9.27
CA PRO CA 292 -61.46 -52.95 10.25
C PRO CA 292 -60.66 -52.21 11.31
N LEU CA 293 -61.33 -51.29 11.98
CA LEU CA 293 -60.65 -50.33 12.85
C LEU CA 293 -60.14 -50.98 14.13
N HIS CA 294 -60.80 -52.03 14.60
CA HIS CA 294 -60.37 -52.72 15.81
C HIS CA 294 -59.26 -53.70 15.56
N PHE CA 295 -58.87 -53.93 14.32
CA PHE CA 295 -57.70 -54.76 14.03
C PHE CA 295 -56.43 -54.10 14.54
N PHE CA 296 -56.38 -52.78 14.51
CA PHE CA 296 -55.20 -52.03 14.90
C PHE CA 296 -55.22 -51.61 16.35
N ILE CA 297 -56.13 -52.17 17.14
CA ILE CA 297 -56.11 -51.97 18.58
C ILE CA 297 -55.67 -53.29 19.18
N ASN CA 298 -54.38 -53.44 19.39
CA ASN CA 298 -53.77 -54.69 19.84
C ASN CA 298 -52.60 -54.31 20.72
N PRO CA 299 -52.05 -55.26 21.51
CA PRO CA 299 -50.92 -54.90 22.39
C PRO CA 299 -49.66 -54.45 21.69
N ASN CA 300 -49.53 -54.68 20.39
CA ASN CA 300 -48.36 -54.21 19.66
C ASN CA 300 -48.43 -52.71 19.39
N MET CA 301 -49.59 -52.22 18.96
CA MET CA 301 -49.74 -50.80 18.67
C MET CA 301 -49.75 -49.93 19.93
N LEU CA 302 -50.18 -50.50 21.05
CA LEU CA 302 -50.28 -49.79 22.31
C LEU CA 302 -49.36 -50.48 23.32
N PRO CA 303 -48.07 -50.14 23.31
CA PRO CA 303 -47.12 -50.84 24.19
C PRO CA 303 -47.05 -50.28 25.58
N ASP CA 304 -47.65 -49.11 25.84
CA ASP CA 304 -47.63 -48.47 27.14
C ASP CA 304 -48.90 -48.72 27.93
N LEU CA 305 -49.66 -49.75 27.59
CA LEU CA 305 -50.86 -50.15 28.31
C LEU CA 305 -50.81 -51.64 28.54
N PRO CA 306 -51.48 -52.14 29.59
CA PRO CA 306 -51.47 -53.59 29.83
C PRO CA 306 -52.25 -54.37 28.79
N GLY CA 307 -51.97 -55.67 28.75
CA GLY CA 307 -52.52 -56.59 27.80
C GLY CA 307 -54.03 -56.73 27.77
N PRO CA 308 -54.65 -57.10 28.89
CA PRO CA 308 -56.11 -57.24 28.88
C PRO CA 308 -56.87 -55.94 28.81
N LEU CA 309 -56.20 -54.81 28.99
CA LEU CA 309 -56.88 -53.53 28.95
C LEU CA 309 -56.97 -52.96 27.55
N VAL CA 310 -56.07 -53.33 26.64
CA VAL CA 310 -56.24 -52.95 25.24
C VAL CA 310 -57.17 -53.89 24.51
N LYS CA 311 -57.55 -55.00 25.13
CA LYS CA 311 -58.59 -55.85 24.61
C LYS CA 311 -59.98 -55.42 25.05
N LYS CA 312 -60.07 -54.59 26.09
CA LYS CA 312 -61.35 -53.98 26.43
C LYS CA 312 -61.63 -52.81 25.50
N VAL CA 313 -60.59 -52.07 25.13
CA VAL CA 313 -60.74 -50.97 24.18
C VAL CA 313 -61.07 -51.51 22.80
N SER CA 314 -60.45 -52.62 22.41
CA SER CA 314 -60.69 -53.21 21.10
C SER CA 314 -62.08 -53.82 21.02
N LYS CA 315 -62.64 -54.28 22.12
CA LYS CA 315 -63.96 -54.86 22.10
C LYS CA 315 -65.04 -53.80 22.18
N THR CA 316 -64.78 -52.68 22.85
CA THR CA 316 -65.79 -51.64 22.92
C THR CA 316 -65.84 -50.79 21.66
N VAL CA 317 -64.85 -50.89 20.79
CA VAL CA 317 -64.89 -50.23 19.49
C VAL CA 317 -65.46 -51.16 18.42
N GLU CA 318 -65.20 -52.47 18.53
CA GLU CA 318 -65.83 -53.45 17.66
C GLU CA 318 -67.33 -53.48 17.83
N THR CA 319 -67.81 -53.22 19.05
CA THR CA 319 -69.25 -53.16 19.29
C THR CA 319 -69.84 -51.89 18.74
N ALA CA 320 -69.10 -50.78 18.79
CA ALA CA 320 -69.62 -49.52 18.28
C ALA CA 320 -69.69 -49.49 16.77
N VAL CA 321 -68.75 -50.15 16.10
CA VAL CA 321 -68.79 -50.24 14.64
C VAL CA 321 -69.93 -51.14 14.20
N LYS CA 322 -70.13 -52.25 14.91
CA LYS CA 322 -71.21 -53.18 14.57
C LYS CA 322 -72.58 -52.58 14.84
N ARG CA 323 -72.68 -51.69 15.83
CA ARG CA 323 -73.93 -51.01 16.10
C ARG CA 323 -74.24 -49.99 15.02
N TYR CA 324 -73.22 -49.47 14.36
CA TYR CA 324 -73.41 -48.48 13.30
C TYR CA 324 -73.94 -49.11 12.02
N TYR CA 325 -73.55 -50.35 11.74
CA TYR CA 325 -74.11 -51.05 10.58
C TYR CA 325 -75.54 -51.51 10.82
N THR CA 326 -75.88 -51.81 12.06
CA THR CA 326 -77.21 -52.35 12.36
C THR CA 326 -78.27 -51.27 12.26
N PHE CA 327 -77.94 -50.06 12.68
CA PHE CA 327 -78.91 -48.98 12.67
C PHE CA 327 -79.11 -48.38 11.29
N ASN CA 328 -78.31 -48.78 10.30
CA ASN CA 328 -78.41 -48.32 8.94
C ASN CA 328 -78.75 -49.46 8.00
N THR CA 329 -79.43 -50.48 8.52
CA THR CA 329 -79.87 -51.62 7.73
C THR CA 329 -81.38 -51.58 7.62
N TYR CA 330 -81.90 -51.59 6.40
CA TYR CA 330 -83.32 -51.50 6.12
C TYR CA 330 -83.74 -52.72 5.30
N PRO CA 331 -84.20 -53.79 5.93
CA PRO CA 331 -84.73 -54.91 5.17
C PRO CA 331 -86.10 -54.57 4.58
N GLY CA 332 -86.35 -55.12 3.41
CA GLY CA 332 -87.62 -54.86 2.74
C GLY CA 332 -87.63 -55.49 1.37
N CYS CA 333 -88.74 -55.28 0.69
CA CYS CA 333 -88.89 -55.78 -0.68
C CYS CA 333 -88.10 -54.89 -1.63
N THR CA 334 -87.17 -55.50 -2.36
CA THR CA 334 -86.28 -54.75 -3.23
C THR CA 334 -86.61 -54.91 -4.71
N ASP CA 335 -87.57 -55.75 -5.06
CA ASP CA 335 -87.94 -55.95 -6.45
C ASP CA 335 -88.90 -54.83 -6.87
N LEU CA 336 -88.49 -54.05 -7.88
CA LEU CA 336 -89.27 -52.88 -8.27
C LEU CA 336 -90.56 -53.24 -8.99
N ASN CA 337 -90.68 -54.46 -9.50
CA ASN CA 337 -91.88 -54.87 -10.19
C ASN CA 337 -92.94 -55.44 -9.26
N SER CA 338 -92.58 -55.77 -8.02
CA SER CA 338 -93.56 -56.25 -7.06
C SER CA 338 -94.45 -55.10 -6.60
N PRO CA 339 -95.72 -55.38 -6.30
CA PRO CA 339 -96.62 -54.28 -5.88
C PRO CA 339 -96.28 -53.70 -4.53
N ASN CA 340 -95.74 -54.51 -3.61
CA ASN CA 340 -95.30 -54.01 -2.32
C ASN CA 340 -93.81 -53.67 -2.30
N PHE CA 341 -93.37 -52.87 -3.27
CA PHE CA 341 -91.97 -52.49 -3.37
C PHE CA 341 -91.59 -51.50 -2.28
N ASN CA 342 -90.55 -51.83 -1.53
CA ASN CA 342 -90.03 -50.96 -0.49
C ASN CA 342 -88.87 -50.17 -1.09
N PHE CA 343 -89.17 -48.97 -1.58
CA PHE CA 343 -88.15 -47.96 -1.72
C PHE CA 343 -87.69 -47.58 -0.32
N GLN CA 344 -86.46 -47.07 -0.22
CA GLN CA 344 -85.72 -46.91 1.04
C GLN CA 344 -85.54 -48.24 1.75
N ALA CA 345 -84.96 -49.22 1.06
CA ALA CA 345 -84.61 -50.50 1.62
C ALA CA 345 -83.28 -50.97 1.04
N ASN CA 346 -82.40 -51.47 1.91
CA ASN CA 346 -81.05 -51.87 1.52
C ASN CA 346 -80.96 -53.37 1.25
N THR CA 347 -81.51 -54.18 2.14
CA THR CA 347 -81.29 -55.61 2.14
C THR CA 347 -82.54 -56.31 1.64
N ASP CA 348 -82.35 -57.32 0.79
CA ASP CA 348 -83.46 -58.10 0.26
C ASP CA 348 -84.07 -58.93 1.37
N ASP CA 349 -85.34 -58.67 1.66
CA ASP CA 349 -86.02 -59.33 2.77
C ASP CA 349 -86.40 -60.76 2.44
N GLY CA 350 -86.52 -61.10 1.16
CA GLY CA 350 -86.98 -62.41 0.79
C GLY CA 350 -88.48 -62.61 0.90
N SER CA 351 -89.23 -61.53 1.13
CA SER CA 351 -90.69 -61.59 1.22
C SER CA 351 -91.20 -60.55 0.24
N CYS CA 352 -91.33 -60.94 -1.01
CA CYS CA 352 -91.78 -60.05 -2.08
C CYS CA 352 -93.22 -60.28 -2.47
N GLU CA 353 -93.84 -61.35 -1.97
CA GLU CA 353 -95.25 -61.65 -2.24
C GLU CA 353 -95.95 -61.87 -0.91
N GLY CA 354 -96.79 -60.92 -0.52
CA GLY CA 354 -97.54 -61.02 0.71
C GLY CA 354 -98.95 -61.54 0.47
N LYS CA 355 -99.69 -61.66 1.57
CA LYS CA 355 -101.05 -62.19 1.52
C LYS CA 355 -102.13 -61.18 1.83
N MET CA 356 -101.76 -59.98 2.31
CA MET CA 356 -102.67 -58.90 2.69
C MET CA 356 -103.66 -59.37 3.76
N THR CA 357 -103.10 -59.63 4.94
CA THR CA 357 -103.89 -60.01 6.10
C THR CA 357 -104.07 -58.79 6.99
N ASN CA 358 -105.31 -58.38 7.20
CA ASN CA 358 -105.61 -57.28 8.11
C ASN CA 358 -105.61 -57.82 9.54
N PHE CA 359 -104.98 -57.08 10.44
CA PHE CA 359 -104.81 -57.52 11.81
C PHE CA 359 -105.52 -56.57 12.77
N SER CA 360 -105.56 -56.97 14.04
CA SER CA 360 -106.27 -56.27 15.09
C SER CA 360 -105.26 -55.65 16.05
N PHE CA 361 -105.35 -54.33 16.23
CA PHE CA 361 -104.47 -53.61 17.14
C PHE CA 361 -105.12 -53.55 18.51
N GLY CA 362 -104.61 -54.36 19.43
CA GLY CA 362 -105.19 -54.49 20.76
C GLY CA 362 -104.74 -53.48 21.78
N GLY CA 363 -103.96 -52.48 21.39
CA GLY CA 363 -103.58 -51.42 22.29
C GLY CA 363 -102.28 -51.70 23.03
N VAL CA 364 -101.78 -50.65 23.68
CA VAL CA 364 -100.52 -50.70 24.41
C VAL CA 364 -100.76 -50.27 25.85
N TYR CA 365 -99.92 -50.77 26.75
CA TYR CA 365 -99.92 -50.30 28.13
C TYR CA 365 -98.53 -50.46 28.70
N GLN CA 366 -98.20 -49.61 29.67
CA GLN CA 366 -96.85 -49.53 30.21
C GLN CA 366 -96.92 -49.47 31.73
N GLU CA 367 -96.18 -50.36 32.39
CA GLU CA 367 -96.08 -50.34 33.83
C GLU CA 367 -94.92 -49.44 34.25
N CYS CA 368 -94.91 -49.06 35.53
CA CYS CA 368 -93.79 -48.35 36.11
C CYS CA 368 -93.53 -48.86 37.52
N THR CA 369 -92.28 -48.77 37.95
CA THR CA 369 -91.87 -49.24 39.27
C THR CA 369 -90.77 -48.32 39.77
N GLN CA 370 -91.10 -47.49 40.76
CA GLN CA 370 -90.14 -46.56 41.33
C GLN CA 370 -89.07 -47.32 42.10
N LEU CA 371 -87.81 -46.99 41.83
CA LEU CA 371 -86.68 -47.64 42.49
C LEU CA 371 -86.02 -46.76 43.54
N SER CA 372 -85.90 -45.46 43.28
CA SER CA 372 -85.29 -44.54 44.24
C SER CA 372 -85.80 -43.14 43.95
N GLY CA 373 -85.77 -42.29 44.98
CA GLY CA 373 -86.21 -40.93 44.82
C GLY CA 373 -87.68 -40.74 45.12
N ASN CA 374 -88.15 -41.34 46.21
CA ASN CA 374 -89.56 -41.28 46.56
C ASN CA 374 -89.91 -39.90 47.13
N ARG CA 375 -91.18 -39.52 46.92
CA ARG CA 375 -91.82 -38.29 47.41
C ARG CA 375 -91.13 -37.02 46.90
N ASP CA 376 -90.40 -37.11 45.80
CA ASP CA 376 -89.71 -35.96 45.23
C ASP CA 376 -90.10 -35.69 43.79
N VAL CA 377 -90.12 -36.72 42.95
CA VAL CA 377 -90.39 -36.57 41.53
C VAL CA 377 -91.74 -37.15 41.14
N LEU CA 378 -92.09 -38.31 41.71
CA LEU CA 378 -93.20 -39.17 41.29
C LEU CA 378 -93.06 -39.54 39.82
N LEU CA 379 -91.99 -40.30 39.55
CA LEU CA 379 -91.70 -40.78 38.20
C LEU CA 379 -92.77 -41.72 37.68
N CYS CA 380 -93.42 -42.46 38.56
CA CYS CA 380 -94.39 -43.48 38.19
C CYS CA 380 -95.79 -42.88 37.97
N GLN CA 381 -95.88 -41.60 37.62
CA GLN CA 381 -97.14 -40.94 37.32
C GLN CA 381 -97.19 -40.41 35.90
N LYS CA 382 -96.13 -39.74 35.46
CA LYS CA 382 -96.03 -39.29 34.08
C LYS CA 382 -95.32 -40.29 33.18
N LEU CA 383 -95.18 -41.53 33.64
CA LEU CA 383 -94.52 -42.58 32.87
C LEU CA 383 -95.39 -43.84 32.84
N GLU CA 384 -96.68 -43.69 33.13
CA GLU CA 384 -97.59 -44.81 33.29
C GLU CA 384 -98.73 -44.66 32.28
N GLN CA 385 -99.06 -45.73 31.59
CA GLN CA 385 -100.12 -45.70 30.59
C GLN CA 385 -100.95 -46.96 30.69
N LYS CA 386 -102.26 -46.81 30.69
CA LYS CA 386 -103.19 -47.93 30.73
C LYS CA 386 -103.84 -48.14 29.37
N ASN CA 387 -104.30 -49.36 29.15
CA ASN CA 387 -104.93 -49.75 27.90
C ASN CA 387 -106.32 -49.12 27.81
N PRO CA 388 -106.64 -48.36 26.75
CA PRO CA 388 -108.00 -47.79 26.65
C PRO CA 388 -109.09 -48.82 26.43
N LEU CA 389 -108.76 -50.02 25.98
CA LEU CA 389 -109.78 -51.03 25.74
C LEU CA 389 -110.23 -51.71 27.03
N THR CA 390 -109.40 -51.73 28.07
CA THR CA 390 -109.77 -52.32 29.34
C THR CA 390 -109.73 -51.36 30.51
N GLY CA 391 -109.04 -50.23 30.39
CA GLY CA 391 -108.83 -49.36 31.54
C GLY CA 391 -107.93 -49.98 32.58
N ASP CA 392 -107.05 -50.87 32.18
CA ASP CA 392 -106.30 -51.70 33.12
C ASP CA 392 -104.98 -52.07 32.46
N PHE CA 393 -104.09 -52.68 33.24
CA PHE CA 393 -102.82 -53.19 32.73
C PHE CA 393 -102.97 -54.63 32.24
N SER CA 394 -103.87 -54.79 31.27
CA SER CA 394 -104.17 -56.10 30.71
C SER CA 394 -104.75 -55.90 29.32
N CYS CA 395 -104.65 -56.94 28.52
CA CYS CA 395 -105.27 -56.98 27.22
C CYS CA 395 -106.74 -57.40 27.35
N PRO CA 396 -107.58 -57.15 26.33
CA PRO CA 396 -108.96 -57.64 26.39
C PRO CA 396 -109.09 -59.15 26.28
N SER CA 397 -110.34 -59.62 26.22
CA SER CA 397 -110.61 -61.06 26.27
C SER CA 397 -110.10 -61.79 25.04
N GLY CA 398 -110.16 -61.15 23.88
CA GLY CA 398 -109.65 -61.76 22.68
C GLY CA 398 -108.18 -61.53 22.39
N TYR CA 399 -107.43 -61.01 23.36
CA TYR CA 399 -106.05 -60.61 23.11
C TYR CA 399 -105.12 -61.23 24.15
N SER CA 400 -103.82 -60.97 24.00
CA SER CA 400 -102.77 -61.51 24.85
C SER CA 400 -101.60 -60.53 24.88
N PRO CA 401 -100.93 -60.37 26.02
CA PRO CA 401 -99.84 -59.38 26.09
C PRO CA 401 -98.52 -59.90 25.55
N VAL CA 402 -97.78 -59.01 24.90
CA VAL CA 402 -96.43 -59.27 24.41
C VAL CA 402 -95.51 -58.20 24.98
N HIS CA 403 -94.44 -58.63 25.65
CA HIS CA 403 -93.51 -57.74 26.30
C HIS CA 403 -92.52 -57.16 25.29
N LEU CA 404 -92.53 -55.85 25.12
CA LEU CA 404 -91.60 -55.21 24.18
C LEU CA 404 -90.22 -55.03 24.79
N LEU CA 405 -90.12 -54.22 25.83
CA LEU CA 405 -88.81 -53.77 26.30
C LEU CA 405 -88.95 -53.26 27.73
N SER CA 406 -87.90 -53.48 28.51
CA SER CA 406 -87.88 -53.13 29.92
C SER CA 406 -86.54 -52.47 30.22
N GLN CA 407 -86.55 -51.17 30.55
CA GLN CA 407 -85.32 -50.43 30.84
C GLN CA 407 -85.56 -49.52 32.04
N ILE CA 408 -84.51 -48.80 32.40
CA ILE CA 408 -84.51 -47.91 33.57
C ILE CA 408 -84.51 -46.47 33.07
N HIS CA 409 -85.44 -45.68 33.58
CA HIS CA 409 -85.47 -44.25 33.30
C HIS CA 409 -84.88 -43.47 34.46
N GLU CA 410 -84.23 -42.36 34.15
CA GLU CA 410 -83.60 -41.52 35.16
C GLU CA 410 -84.01 -40.07 34.97
N GLU CA 411 -84.39 -39.42 36.06
CA GLU CA 411 -84.56 -37.97 36.08
C GLU CA 411 -83.86 -37.40 37.30
N GLY CA 412 -83.69 -36.08 37.28
CA GLY CA 412 -82.99 -35.38 38.34
C GLY CA 412 -83.91 -34.44 39.10
N TYR CA 413 -83.70 -34.35 40.41
CA TYR CA 413 -84.41 -33.43 41.26
C TYR CA 413 -83.40 -32.65 42.10
N ASN CA 414 -83.90 -31.64 42.80
CA ASN CA 414 -83.06 -30.55 43.26
C ASN CA 414 -83.50 -30.08 44.63
N HIS CA 415 -82.56 -30.03 45.56
CA HIS CA 415 -82.76 -29.39 46.85
C HIS CA 415 -81.97 -28.10 46.90
N LEU CA 416 -82.41 -27.17 47.75
CA LEU CA 416 -81.73 -25.89 47.93
C LEU CA 416 -81.86 -25.48 49.38
N GLU CA 417 -80.75 -25.46 50.09
CA GLU CA 417 -80.73 -25.15 51.51
C GLU CA 417 -79.82 -23.94 51.75
N CYS CA 418 -80.28 -23.03 52.61
CA CYS CA 418 -79.54 -21.82 52.91
C CYS CA 418 -79.66 -21.53 54.39
N HIS CA 419 -78.55 -21.16 55.02
CA HIS CA 419 -78.61 -20.60 56.36
C HIS CA 419 -77.55 -19.53 56.50
N ARG CA 420 -77.83 -18.57 57.38
CA ARG CA 420 -77.04 -17.37 57.55
C ARG CA 420 -76.58 -17.27 59.00
N LYS CA 421 -75.34 -16.83 59.20
CA LYS CA 421 -74.74 -16.76 60.52
C LYS CA 421 -73.89 -15.50 60.62
N CYS CA 422 -74.03 -14.77 61.72
CA CYS CA 422 -73.28 -13.55 61.96
C CYS CA 422 -72.41 -13.72 63.19
N THR CA 423 -71.21 -13.14 63.15
CA THR CA 423 -70.21 -13.31 64.21
C THR CA 423 -69.65 -11.96 64.60
N LEU CA 424 -69.87 -11.58 65.88
CA LEU CA 424 -69.42 -10.32 66.48
C LEU CA 424 -70.04 -9.11 65.78
N LYS CA 425 -71.25 -9.27 65.25
CA LYS CA 425 -72.11 -8.27 64.61
C LYS CA 425 -71.55 -7.72 63.29
N VAL CA 426 -70.36 -8.15 62.87
CA VAL CA 426 -69.78 -7.85 61.58
C VAL CA 426 -69.72 -9.25 60.96
N PHE CA 427 -69.19 -9.39 59.75
CA PHE CA 427 -68.74 -10.68 59.19
C PHE CA 427 -69.89 -11.66 59.03
N CYS CA 428 -70.88 -11.28 58.23
CA CYS CA 428 -72.03 -12.13 58.00
C CYS CA 428 -71.70 -13.22 57.01
N LYS CA 429 -71.97 -14.46 57.38
CA LYS CA 429 -71.68 -15.62 56.55
C LYS CA 429 -72.99 -16.23 56.06
N THR CA 430 -73.07 -16.48 54.76
CA THR CA 430 -74.23 -17.10 54.14
C THR CA 430 -73.76 -18.19 53.21
N VAL CA 431 -74.19 -19.43 53.45
CA VAL CA 431 -73.85 -20.55 52.59
C VAL CA 431 -75.14 -21.06 51.94
N CYS CA 432 -75.07 -21.33 50.64
CA CYS CA 432 -76.23 -21.72 49.84
C CYS CA 432 -75.87 -23.02 49.12
N GLU CA 433 -76.38 -24.13 49.62
CA GLU CA 433 -76.05 -25.45 49.08
C GLU CA 433 -77.19 -25.95 48.20
N ASP CA 434 -76.83 -26.53 47.05
CA ASP CA 434 -77.80 -26.97 46.04
C ASP CA 434 -77.42 -28.36 45.57
N VAL CA 435 -78.14 -29.37 46.04
CA VAL CA 435 -77.82 -30.77 45.77
C VAL CA 435 -78.70 -31.27 44.63
N PHE CA 436 -78.07 -31.91 43.65
CA PHE CA 436 -78.76 -32.51 42.51
C PHE CA 436 -78.64 -34.02 42.62
N GLN CA 437 -79.76 -34.72 42.76
CA GLN CA 437 -79.78 -36.16 42.86
C GLN CA 437 -80.52 -36.77 41.68
N VAL CA 438 -80.35 -38.07 41.49
CA VAL CA 438 -80.91 -38.80 40.36
C VAL CA 438 -81.95 -39.77 40.88
N ALA CA 439 -83.17 -39.66 40.35
CA ALA CA 439 -84.26 -40.56 40.68
C ALA CA 439 -84.47 -41.56 39.55
N LYS CA 440 -84.55 -42.84 39.90
CA LYS CA 440 -84.64 -43.91 38.91
C LYS CA 440 -86.01 -44.57 38.94
N ALA CA 441 -86.36 -45.23 37.83
CA ALA CA 441 -87.62 -45.92 37.71
C ALA CA 441 -87.51 -46.99 36.62
N GLU CA 442 -88.05 -48.16 36.91
CA GLU CA 442 -88.16 -49.24 35.93
C GLU CA 442 -89.49 -49.14 35.21
N PHE CA 443 -89.46 -49.30 33.89
CA PHE CA 443 -90.70 -49.39 33.13
C PHE CA 443 -90.70 -50.67 32.31
N ARG CA 444 -91.90 -51.20 32.09
CA ARG CA 444 -92.10 -52.40 31.29
C ARG CA 444 -93.26 -52.12 30.34
N ALA CA 445 -92.96 -52.05 29.04
CA ALA CA 445 -93.96 -51.75 28.04
C ALA CA 445 -94.45 -53.05 27.42
N PHE CA 446 -95.76 -53.22 27.38
CA PHE CA 446 -96.40 -54.40 26.82
C PHE CA 446 -97.21 -54.01 25.61
N TRP CA 447 -97.74 -55.04 24.94
CA TRP CA 447 -98.43 -54.85 23.68
C TRP CA 447 -99.34 -56.03 23.43
N CYS CA 448 -100.55 -55.76 22.93
CA CYS CA 448 -101.59 -56.77 22.78
C CYS CA 448 -101.64 -57.33 21.37
N VAL CA 449 -101.94 -58.62 21.27
CA VAL CA 449 -101.96 -59.33 19.99
C VAL CA 449 -103.24 -60.17 19.92
N ALA CA 450 -103.87 -60.19 18.75
CA ALA CA 450 -105.05 -61.02 18.54
C ALA CA 450 -104.66 -62.49 18.54
N SER CA 451 -104.94 -63.18 19.64
CA SER CA 451 -104.58 -64.59 19.79
C SER CA 451 -105.79 -65.50 19.94
N SER CA 452 -107.00 -64.97 19.90
CA SER CA 452 -108.22 -65.77 20.02
C SER CA 452 -108.92 -65.96 18.69
N GLN CA 453 -108.52 -65.21 17.65
CA GLN CA 453 -108.87 -65.36 16.24
C GLN CA 453 -110.32 -64.94 15.94
N VAL CA 454 -111.12 -64.69 16.97
CA VAL CA 454 -112.50 -64.23 16.76
C VAL CA 454 -112.70 -62.92 17.50
N PRO CA 455 -112.39 -61.77 16.90
CA PRO CA 455 -112.88 -60.51 17.46
C PRO CA 455 -114.18 -60.08 16.80
N GLU CA 456 -114.96 -59.26 17.49
CA GLU CA 456 -116.09 -58.60 16.84
C GLU CA 456 -115.61 -57.39 16.04
N ASN CA 457 -115.00 -56.42 16.70
CA ASN CA 457 -114.30 -55.32 16.06
C ASN CA 457 -112.89 -55.27 16.63
N SER CA 458 -111.95 -54.81 15.80
CA SER CA 458 -110.54 -54.87 16.16
C SER CA 458 -110.20 -53.89 17.27
N GLY CA 459 -110.49 -52.62 17.06
CA GLY CA 459 -110.19 -51.62 18.05
C GLY CA 459 -108.99 -50.78 17.71
N LEU CA 460 -109.12 -49.48 17.96
CA LEU CA 460 -108.02 -48.51 17.97
C LEU CA 460 -107.33 -48.42 16.61
N LEU CA 461 -108.09 -47.95 15.62
CA LEU CA 461 -107.66 -48.04 14.23
C LEU CA 461 -106.71 -46.89 13.89
N PHE CA 462 -105.45 -47.04 14.30
CA PHE CA 462 -104.29 -46.31 13.80
C PHE CA 462 -103.05 -46.99 14.35
N GLY CA 463 -101.93 -46.81 13.66
CA GLY CA 463 -100.70 -47.42 14.09
C GLY CA 463 -99.46 -46.57 13.87
N GLY CA 464 -99.63 -45.26 13.74
CA GLY CA 464 -98.54 -44.35 13.48
C GLY CA 464 -98.04 -43.67 14.75
N LEU CA 465 -96.75 -43.34 14.75
CA LEU CA 465 -96.04 -42.95 15.95
C LEU CA 465 -95.35 -41.63 15.72
N PHE CA 466 -95.00 -40.95 16.81
CA PHE CA 466 -94.07 -39.84 16.77
C PHE CA 466 -93.37 -39.75 18.12
N SER CA 467 -92.11 -39.37 18.08
CA SER CA 467 -91.28 -39.28 19.27
C SER CA 467 -91.12 -37.83 19.69
N SER CA 468 -90.24 -37.59 20.66
CA SER CA 468 -89.79 -36.24 20.96
C SER CA 468 -88.77 -35.74 19.96
N LYS CA 469 -88.27 -36.61 19.08
CA LYS CA 469 -87.34 -36.23 18.02
C LYS CA 469 -87.80 -36.71 16.66
N SER CA 470 -88.98 -37.28 16.55
CA SER CA 470 -89.52 -37.80 15.30
C SER CA 470 -90.79 -37.05 14.94
N ILE CA 471 -91.39 -37.44 13.82
CA ILE CA 471 -92.54 -36.75 13.25
C ILE CA 471 -93.52 -37.80 12.77
N ASN CA 472 -94.79 -37.64 13.12
CA ASN CA 472 -95.85 -38.47 12.57
C ASN CA 472 -96.03 -38.13 11.11
N PRO CA 473 -95.84 -39.07 10.18
CA PRO CA 473 -95.97 -38.73 8.76
C PRO CA 473 -97.41 -38.51 8.31
N MET CA 474 -98.39 -38.95 9.09
CA MET CA 474 -99.78 -38.68 8.75
C MET CA 474 -100.23 -37.29 9.16
N THR CA 475 -99.40 -36.55 9.88
CA THR CA 475 -99.66 -35.14 10.16
C THR CA 475 -98.52 -34.22 9.72
N ASN CA 476 -97.34 -34.78 9.40
CA ASN CA 476 -96.09 -34.05 9.16
C ASN CA 476 -95.76 -33.10 10.31
N ALA CA 477 -96.06 -33.54 11.53
CA ALA CA 477 -95.82 -32.77 12.73
C ALA CA 477 -95.82 -33.71 13.92
N GLN CA 478 -95.60 -33.15 15.11
CA GLN CA 478 -95.67 -33.91 16.36
C GLN CA 478 -97.06 -33.78 16.98
N SER CA 479 -98.05 -34.21 16.22
CA SER CA 479 -99.43 -34.08 16.63
C SER CA 479 -100.22 -35.28 16.13
N CYS CA 480 -101.42 -35.41 16.67
CA CYS CA 480 -102.35 -36.45 16.28
C CYS CA 480 -103.18 -36.00 15.10
N PRO CA 481 -103.76 -36.93 14.33
CA PRO CA 481 -104.71 -36.52 13.29
C PRO CA 481 -106.06 -36.13 13.88
N ALA CA 482 -107.03 -35.86 13.00
CA ALA CA 482 -108.34 -35.34 13.42
C ALA CA 482 -109.12 -36.40 14.20
N GLY CA 483 -109.21 -36.22 15.51
CA GLY CA 483 -109.99 -37.10 16.36
C GLY CA 483 -109.22 -38.28 16.89
N TYR CA 484 -107.98 -38.03 17.33
CA TYR CA 484 -107.06 -39.07 17.77
C TYR CA 484 -106.43 -38.66 19.09
N PHE CA 485 -106.30 -39.62 20.01
CA PHE CA 485 -105.66 -39.33 21.28
C PHE CA 485 -104.41 -40.17 21.45
N PRO CA 486 -103.33 -39.61 21.96
CA PRO CA 486 -102.06 -40.34 22.01
C PRO CA 486 -101.96 -41.21 23.24
N LEU CA 487 -101.19 -42.29 23.11
CA LEU CA 487 -100.90 -43.19 24.21
C LEU CA 487 -99.41 -43.15 24.47
N ARG CA 488 -99.02 -42.82 25.70
CA ARG CA 488 -97.61 -42.68 26.01
C ARG CA 488 -96.93 -44.04 26.12
N LEU CA 489 -95.68 -44.07 25.68
CA LEU CA 489 -94.88 -45.29 25.65
C LEU CA 489 -93.49 -44.86 26.07
N PHE CA 490 -92.48 -45.69 25.76
CA PHE CA 490 -91.29 -45.97 26.56
C PHE CA 490 -90.73 -44.80 27.36
N GLU CA 491 -90.30 -43.77 26.67
CA GLU CA 491 -90.00 -42.50 27.30
C GLU CA 491 -90.65 -41.33 26.56
N ASN CA 492 -90.73 -41.40 25.23
CA ASN CA 492 -91.21 -40.29 24.44
C ASN CA 492 -92.18 -40.68 23.35
N LEU CA 493 -92.44 -41.96 23.12
CA LEU CA 493 -93.37 -42.35 22.08
C LEU CA 493 -94.80 -41.99 22.47
N LYS CA 494 -95.53 -41.47 21.50
CA LYS CA 494 -96.95 -41.19 21.65
C LYS CA 494 -97.64 -41.81 20.44
N VAL CA 495 -98.36 -42.90 20.68
CA VAL CA 495 -99.02 -43.65 19.63
C VAL CA 495 -100.44 -43.12 19.46
N CYS CA 496 -100.75 -42.62 18.26
CA CYS CA 496 -102.05 -42.01 18.03
C CYS CA 496 -103.09 -43.09 17.81
N VAL CA 497 -104.26 -42.91 18.41
CA VAL CA 497 -105.25 -43.98 18.59
C VAL CA 497 -106.65 -43.38 18.54
N SER CA 498 -107.53 -43.98 17.72
CA SER CA 498 -108.94 -43.66 17.75
C SER CA 498 -109.74 -44.93 17.48
N GLN CA 499 -110.87 -45.06 18.17
CA GLN CA 499 -111.78 -46.20 18.01
C GLN CA 499 -113.17 -45.74 17.58
N ASP CA 500 -113.22 -44.76 16.70
CA ASP CA 500 -114.48 -44.14 16.30
C ASP CA 500 -115.13 -44.83 15.09
N TYR CA 501 -114.33 -45.43 14.21
CA TYR CA 501 -114.72 -46.24 13.05
C TYR CA 501 -115.41 -45.45 11.93
N GLU CA 502 -115.67 -44.16 12.15
CA GLU CA 502 -116.25 -43.30 11.13
C GLU CA 502 -115.36 -42.11 10.81
N LEU CA 503 -114.97 -41.34 11.82
CA LEU CA 503 -114.03 -40.26 11.62
C LEU CA 503 -112.59 -40.71 11.73
N GLY CA 504 -112.36 -41.96 12.14
CA GLY CA 504 -111.02 -42.49 12.24
C GLY CA 504 -110.58 -43.27 11.02
N SER CA 505 -111.54 -43.69 10.20
CA SER CA 505 -111.24 -44.49 9.02
C SER CA 505 -110.66 -43.69 7.88
N ARG CA 506 -110.65 -42.36 7.97
CA ARG CA 506 -109.96 -41.58 6.95
C ARG CA 506 -108.46 -41.71 7.08
N PHE CA 507 -107.96 -41.79 8.31
CA PHE CA 507 -106.53 -41.80 8.58
C PHE CA 507 -106.03 -43.15 9.06
N ALA CA 508 -106.89 -44.15 9.18
CA ALA CA 508 -106.49 -45.45 9.70
C ALA CA 508 -105.60 -46.18 8.70
N VAL CA 509 -104.42 -46.60 9.17
CA VAL CA 509 -103.46 -47.32 8.33
C VAL CA 509 -103.50 -48.80 8.71
N PRO CA 510 -103.17 -49.70 7.79
CA PRO CA 510 -103.04 -51.12 8.18
C PRO CA 510 -101.82 -51.30 9.05
N PHE CA 511 -102.05 -51.83 10.26
CA PHE CA 511 -100.99 -51.99 11.23
C PHE CA 511 -100.45 -53.40 11.21
N GLY CA 512 -99.15 -53.54 11.44
CA GLY CA 512 -98.50 -54.84 11.31
C GLY CA 512 -97.93 -55.41 12.58
N GLY CA 513 -97.45 -54.58 13.49
CA GLY CA 513 -96.91 -55.06 14.74
C GLY CA 513 -95.62 -54.36 15.13
N PHE CA 514 -95.28 -54.47 16.41
CA PHE CA 514 -94.03 -53.96 16.95
C PHE CA 514 -93.04 -55.10 17.13
N PHE CA 515 -91.75 -54.78 17.03
CA PHE CA 515 -90.69 -55.67 17.46
C PHE CA 515 -89.46 -54.84 17.81
N SER CA 516 -88.57 -55.45 18.58
CA SER CA 516 -87.40 -54.75 19.06
C SER CA 516 -86.20 -55.67 18.89
N CYS CA 517 -85.07 -55.28 19.49
CA CYS CA 517 -83.85 -56.07 19.37
C CYS CA 517 -83.87 -57.33 20.22
N THR CA 518 -84.85 -57.47 21.12
CA THR CA 518 -84.93 -58.62 22.00
C THR CA 518 -86.15 -59.49 21.76
N VAL CA 519 -87.24 -58.93 21.26
CA VAL CA 519 -88.49 -59.66 21.09
C VAL CA 519 -88.93 -59.55 19.64
N GLY CA 520 -89.70 -60.55 19.19
CA GLY CA 520 -90.26 -60.52 17.86
C GLY CA 520 -91.77 -60.43 17.88
N ASN CA 521 -92.36 -59.98 16.78
CA ASN CA 521 -93.83 -59.98 16.80
C ASN CA 521 -94.36 -61.37 16.47
N PRO CA 522 -95.44 -61.79 17.10
CA PRO CA 522 -95.99 -63.12 16.83
C PRO CA 522 -96.97 -63.13 15.67
N LEU CA 523 -96.95 -62.12 14.82
CA LEU CA 523 -97.88 -62.01 13.70
C LEU CA 523 -97.29 -62.55 12.41
N VAL CA 524 -96.26 -63.39 12.49
CA VAL CA 524 -95.61 -63.96 11.33
C VAL CA 524 -95.73 -65.48 11.30
N ASP CA 525 -95.65 -66.14 12.45
CA ASP CA 525 -95.60 -67.60 12.48
C ASP CA 525 -96.97 -68.26 12.31
N PRO CA 526 -98.07 -67.79 12.96
CA PRO CA 526 -99.31 -68.42 12.49
C PRO CA 526 -99.87 -67.75 11.25
N PRO CA 535 -88.82 -68.80 19.81
CA PRO CA 535 -89.88 -67.79 19.87
C PRO CA 535 -90.24 -67.23 18.49
N SER CA 536 -90.45 -65.92 18.41
CA SER CA 536 -90.91 -65.29 17.18
C SER CA 536 -89.72 -65.02 16.26
N LEU CA 537 -89.96 -64.24 15.21
CA LEU CA 537 -88.99 -64.09 14.13
C LEU CA 537 -88.44 -62.68 14.00
N LYS CA 538 -89.10 -61.67 14.58
CA LYS CA 538 -88.82 -60.22 14.46
C LYS CA 538 -88.55 -59.76 13.02
N LYS CA 539 -89.20 -60.39 12.06
CA LYS CA 539 -89.03 -59.98 10.68
C LYS CA 539 -90.03 -58.90 10.29
N CYS CA 540 -91.28 -59.30 10.07
CA CYS CA 540 -92.36 -58.51 9.47
C CYS CA 540 -93.56 -59.45 9.43
N PRO CA 541 -94.80 -58.98 9.21
CA PRO CA 541 -95.85 -59.95 8.88
C PRO CA 541 -95.73 -60.49 7.46
N GLY CA 542 -95.35 -59.66 6.50
CA GLY CA 542 -95.33 -60.08 5.11
C GLY CA 542 -96.26 -59.22 4.28
N GLY CA 543 -95.69 -58.44 3.36
CA GLY CA 543 -96.41 -57.42 2.67
C GLY CA 543 -96.29 -56.05 3.32
N PHE CA 544 -96.06 -56.01 4.62
CA PHE CA 544 -95.86 -54.77 5.34
C PHE CA 544 -94.41 -54.31 5.18
N SER CA 545 -94.10 -53.16 5.76
CA SER CA 545 -92.76 -52.59 5.66
C SER CA 545 -92.29 -52.16 7.04
N GLN CA 546 -91.07 -52.54 7.39
CA GLN CA 546 -90.50 -52.12 8.66
C GLN CA 546 -90.20 -50.63 8.65
N HIS CA 547 -90.49 -49.98 9.76
CA HIS CA 547 -90.13 -48.59 9.93
C HIS CA 547 -89.69 -48.43 11.37
N PRO CA 548 -88.61 -47.68 11.60
CA PRO CA 548 -88.09 -47.58 12.97
C PRO CA 548 -88.82 -46.53 13.79
N ALA CA 549 -89.10 -46.89 15.03
CA ALA CA 549 -89.47 -45.95 16.08
C ALA CA 549 -88.17 -45.46 16.72
N LEU CA 550 -88.24 -44.87 17.91
CA LEU CA 550 -87.05 -44.35 18.55
C LEU CA 550 -86.10 -45.46 19.01
N ILE CA 551 -84.94 -45.05 19.51
CA ILE CA 551 -83.94 -45.95 20.04
C ILE CA 551 -83.91 -45.78 21.55
N SER CA 552 -84.16 -46.88 22.27
CA SER CA 552 -84.18 -46.86 23.73
C SER CA 552 -82.84 -47.40 24.24
N ASP CA 553 -81.84 -46.50 24.25
CA ASP CA 553 -80.52 -46.73 24.84
C ASP CA 553 -79.80 -47.92 24.19
N GLY CA 554 -79.66 -47.86 22.87
CA GLY CA 554 -78.93 -48.86 22.13
C GLY CA 554 -79.79 -49.92 21.47
N CYS CA 555 -81.05 -50.04 21.86
CA CYS CA 555 -81.97 -50.99 21.25
C CYS CA 555 -82.96 -50.25 20.38
N GLN CA 556 -83.29 -50.84 19.23
CA GLN CA 556 -84.12 -50.20 18.23
C GLN CA 556 -85.49 -50.86 18.21
N VAL CA 557 -86.54 -50.05 18.30
CA VAL CA 557 -87.92 -50.52 18.25
C VAL CA 557 -88.46 -50.19 16.86
N SER CA 558 -89.06 -51.18 16.21
CA SER CA 558 -89.55 -51.01 14.85
C SER CA 558 -91.01 -51.43 14.75
N TYR CA 559 -91.72 -50.85 13.79
CA TYR CA 559 -93.13 -51.12 13.60
C TYR CA 559 -93.44 -51.28 12.12
N CYS CA 560 -94.45 -52.09 11.82
CA CYS CA 560 -94.78 -52.48 10.46
C CYS CA 560 -96.08 -51.82 10.01
N VAL CA 561 -96.14 -51.46 8.72
CA VAL CA 561 -97.26 -50.71 8.17
C VAL CA 561 -97.25 -50.92 6.67
N LYS CA 562 -98.40 -50.73 6.02
CA LYS CA 562 -98.55 -50.96 4.58
C LYS CA 562 -99.29 -49.79 3.94
N SER CA 563 -98.81 -48.57 4.15
CA SER CA 563 -99.47 -47.45 3.49
C SER CA 563 -98.98 -47.29 2.06
N GLY CA 564 -97.67 -47.11 1.89
CA GLY CA 564 -97.10 -46.53 0.71
C GLY CA 564 -96.70 -45.08 0.90
N LEU CA 565 -97.34 -44.40 1.84
CA LEU CA 565 -96.92 -43.06 2.23
C LEU CA 565 -95.65 -43.10 3.06
N PHE CA 566 -95.53 -44.13 3.91
CA PHE CA 566 -94.33 -44.29 4.72
C PHE CA 566 -93.11 -44.69 3.88
N THR CA 567 -93.35 -45.36 2.75
CA THR CA 567 -92.27 -45.96 1.98
C THR CA 567 -91.51 -44.92 1.14
N GLY CA 568 -92.22 -44.25 0.24
CA GLY CA 568 -91.57 -43.41 -0.75
C GLY CA 568 -91.03 -42.11 -0.19
N GLY CA 569 -90.50 -41.31 -1.10
CA GLY CA 569 -89.86 -40.05 -0.74
C GLY CA 569 -88.51 -39.92 -1.40
N SER CA 570 -87.49 -39.57 -0.62
CA SER CA 570 -86.11 -39.63 -1.06
C SER CA 570 -85.36 -40.63 -0.20
N LEU CA 571 -84.17 -40.98 -0.64
CA LEU CA 571 -83.33 -41.88 0.14
C LEU CA 571 -82.78 -41.14 1.34
N PRO CA 572 -82.92 -41.69 2.55
CA PRO CA 572 -82.45 -40.99 3.74
C PRO CA 572 -80.94 -41.04 3.84
N PRO CA 573 -80.32 -40.12 4.56
CA PRO CA 573 -78.90 -40.24 4.85
C PRO CA 573 -78.66 -41.27 5.94
N ALA CA 574 -77.39 -41.51 6.21
CA ALA CA 574 -77.03 -42.46 7.25
C ALA CA 574 -77.27 -41.86 8.62
N ARG CA 575 -77.69 -42.69 9.55
CA ARG CA 575 -77.69 -42.30 10.96
C ARG CA 575 -76.27 -42.36 11.50
N LEU CA 576 -75.75 -41.20 11.88
CA LEU CA 576 -74.39 -41.17 12.35
C LEU CA 576 -74.36 -41.36 13.85
N PRO CA 577 -73.26 -41.88 14.40
CA PRO CA 577 -73.11 -41.97 15.86
C PRO CA 577 -72.99 -40.59 16.49
N PRO CA 578 -73.09 -40.45 17.82
CA PRO CA 578 -73.42 -41.37 18.90
C PRO CA 578 -74.91 -41.65 18.97
N PHE CA 579 -75.26 -42.85 19.37
CA PHE CA 579 -76.64 -43.26 19.47
C PHE CA 579 -77.13 -43.27 20.90
N THR CA 580 -76.23 -43.09 21.87
CA THR CA 580 -76.59 -42.93 23.27
C THR CA 580 -76.17 -41.53 23.71
N ARG CA 581 -76.53 -41.20 24.94
CA ARG CA 581 -76.16 -39.96 25.57
C ARG CA 581 -75.37 -40.27 26.84
N PRO CA 582 -74.51 -39.37 27.29
CA PRO CA 582 -73.81 -39.62 28.56
C PRO CA 582 -74.78 -39.52 29.71
N PRO CA 583 -74.63 -40.36 30.73
CA PRO CA 583 -75.65 -40.48 31.77
C PRO CA 583 -75.61 -39.33 32.76
N LEU CA 584 -76.65 -39.29 33.59
CA LEU CA 584 -76.77 -38.26 34.61
C LEU CA 584 -75.94 -38.63 35.83
N MET CA 585 -75.41 -37.60 36.49
CA MET CA 585 -74.57 -37.76 37.66
C MET CA 585 -75.12 -36.91 38.79
N SER CA 586 -74.96 -37.39 40.01
CA SER CA 586 -75.40 -36.62 41.17
C SER CA 586 -74.34 -35.58 41.56
N GLN CA 587 -74.80 -34.37 41.84
CA GLN CA 587 -73.97 -33.18 41.90
C GLN CA 587 -74.22 -32.44 43.21
N ALA CA 588 -73.44 -31.40 43.44
CA ALA CA 588 -73.59 -30.53 44.60
C ALA CA 588 -72.89 -29.21 44.30
N ALA CA 589 -73.51 -28.10 44.71
CA ALA CA 589 -72.95 -26.78 44.43
C ALA CA 589 -73.20 -25.88 45.63
N THR CA 590 -72.13 -25.28 46.16
CA THR CA 590 -72.21 -24.41 47.31
C THR CA 590 -71.75 -23.01 46.96
N ASN CA 591 -72.20 -22.04 47.75
CA ASN CA 591 -71.89 -20.62 47.57
C ASN CA 591 -71.77 -20.00 48.95
N THR CA 592 -70.55 -19.80 49.44
CA THR CA 592 -70.35 -19.12 50.71
C THR CA 592 -69.99 -17.67 50.46
N VAL CA 593 -70.70 -16.76 51.11
CA VAL CA 593 -70.48 -15.32 50.98
C VAL CA 593 -70.16 -14.77 52.36
N ILE CA 594 -69.06 -14.01 52.45
CA ILE CA 594 -68.68 -13.30 53.66
C ILE CA 594 -68.87 -11.81 53.41
N VAL CA 595 -69.62 -11.15 54.28
CA VAL CA 595 -69.92 -9.73 54.13
C VAL CA 595 -69.43 -9.03 55.38
N THR CA 596 -68.44 -8.15 55.25
CA THR CA 596 -68.03 -7.32 56.37
C THR CA 596 -68.91 -6.08 56.39
N ASN CA 597 -69.62 -5.88 57.49
CA ASN CA 597 -70.58 -4.80 57.63
C ASN CA 597 -69.93 -3.53 58.16
N SER CA 598 -68.60 -3.44 58.13
CA SER CA 598 -67.93 -2.34 58.79
C SER CA 598 -66.54 -2.11 58.21
N GLU CA 599 -66.10 -0.86 58.26
CA GLU CA 599 -64.69 -0.55 58.17
C GLU CA 599 -64.08 -0.76 59.55
N ASN CA 600 -62.77 -0.50 59.66
CA ASN CA 600 -61.96 -0.81 60.84
C ASN CA 600 -62.08 -2.28 61.21
N ALA CA 601 -62.01 -3.13 60.19
CA ALA CA 601 -62.15 -4.57 60.37
C ALA CA 601 -61.36 -5.24 59.26
N ARG CA 602 -60.17 -5.72 59.60
CA ARG CA 602 -59.31 -6.38 58.63
C ARG CA 602 -59.56 -7.88 58.65
N SER CA 603 -59.08 -8.54 57.60
CA SER CA 603 -59.30 -9.97 57.45
C SER CA 603 -58.17 -10.57 56.62
N TRP CA 604 -57.67 -11.71 57.04
CA TRP CA 604 -56.65 -12.44 56.30
C TRP CA 604 -57.20 -13.82 55.97
N ILE CA 605 -56.97 -14.27 54.74
CA ILE CA 605 -57.52 -15.52 54.25
C ILE CA 605 -56.41 -16.33 53.62
N LYS CA 606 -56.32 -17.60 54.00
CA LYS CA 606 -55.42 -18.56 53.37
C LYS CA 606 -56.30 -19.60 52.68
N ASP CA 607 -56.30 -19.59 51.34
CA ASP CA 607 -57.32 -20.30 50.58
C ASP CA 607 -57.13 -21.80 50.60
N SER CA 608 -55.88 -22.26 50.62
CA SER CA 608 -55.58 -23.69 50.68
C SER CA 608 -54.20 -23.85 51.28
N GLN CA 609 -53.73 -25.10 51.33
CA GLN CA 609 -52.42 -25.37 51.92
C GLN CA 609 -51.28 -24.91 51.03
N THR CA 610 -51.52 -24.74 49.74
CA THR CA 610 -50.49 -24.25 48.83
C THR CA 610 -50.50 -22.74 48.69
N HIS CA 611 -51.62 -22.09 48.99
CA HIS CA 611 -51.68 -20.64 48.93
C HIS CA 611 -50.89 -20.02 50.07
N GLN CA 612 -50.63 -18.72 49.94
CA GLN CA 612 -50.10 -17.92 51.02
C GLN CA 612 -51.22 -17.11 51.64
N TRP CA 613 -50.94 -16.53 52.81
CA TRP CA 613 -51.91 -15.67 53.46
C TRP CA 613 -52.16 -14.43 52.63
N ARG CA 614 -53.43 -14.07 52.52
CA ARG CA 614 -53.89 -13.06 51.60
C ARG CA 614 -54.77 -12.09 52.35
N LEU CA 615 -54.64 -10.81 52.05
CA LEU CA 615 -55.47 -9.81 52.70
C LEU CA 615 -56.89 -9.90 52.16
N GLY CA 616 -57.87 -9.98 53.05
CA GLY CA 616 -59.23 -10.22 52.62
C GLY CA 616 -59.93 -8.98 52.14
N GLU CA 617 -61.03 -9.22 51.44
CA GLU CA 617 -61.91 -8.23 50.83
C GLU CA 617 -63.26 -8.23 51.54
N PRO CA 618 -64.06 -7.16 51.40
CA PRO CA 618 -65.36 -7.13 52.10
C PRO CA 618 -66.38 -8.15 51.60
N ILE CA 619 -66.37 -8.52 50.32
CA ILE CA 619 -67.23 -9.57 49.78
C ILE CA 619 -66.33 -10.62 49.16
N GLU CA 620 -66.51 -11.88 49.56
CA GLU CA 620 -65.59 -12.93 49.13
C GLU CA 620 -66.13 -13.83 48.02
N LEU CA 621 -67.24 -14.54 48.27
CA LEU CA 621 -67.93 -15.39 47.29
C LEU CA 621 -67.02 -16.53 46.79
N ARG CA 622 -66.78 -17.49 47.69
CA ARG CA 622 -66.21 -18.77 47.30
C ARG CA 622 -67.27 -19.62 46.60
N ARG CA 623 -66.83 -20.47 45.66
CA ARG CA 623 -67.72 -21.39 44.95
C ARG CA 623 -67.10 -22.77 44.86
N ALA CA 624 -67.94 -23.79 44.82
CA ALA CA 624 -67.48 -25.17 44.69
C ALA CA 624 -68.54 -25.99 43.98
N MET CA 625 -68.09 -26.91 43.11
CA MET CA 625 -68.98 -27.84 42.42
C MET CA 625 -68.43 -29.25 42.60
N ASN CA 626 -69.22 -30.13 43.19
CA ASN CA 626 -68.80 -31.47 43.54
C ASN CA 626 -69.62 -32.47 42.74
N VAL CA 627 -68.95 -33.34 41.99
CA VAL CA 627 -69.60 -34.33 41.14
C VAL CA 627 -69.10 -35.69 41.59
N ILE CA 628 -70.01 -36.67 41.65
CA ILE CA 628 -69.63 -38.06 41.87
C ILE CA 628 -70.20 -38.92 40.74
N HIS CA 629 -69.34 -39.75 40.15
CA HIS CA 629 -69.72 -40.64 39.06
C HIS CA 629 -70.38 -41.88 39.64
N GLY CA 630 -71.69 -41.99 39.45
CA GLY CA 630 -72.43 -43.16 39.91
C GLY CA 630 -72.62 -43.21 41.41
N ASP DA 10 -38.71 -10.26 13.19
CA ASP DA 10 -39.54 -11.45 13.11
C ASP DA 10 -40.79 -11.21 12.26
N GLU DA 11 -41.52 -12.29 12.01
CA GLU DA 11 -42.72 -12.25 11.17
C GLU DA 11 -43.56 -13.46 11.52
N VAL DA 12 -44.87 -13.28 11.64
CA VAL DA 12 -45.76 -14.31 12.14
C VAL DA 12 -46.94 -14.49 11.20
N GLY DA 13 -47.71 -15.53 11.45
CA GLY DA 13 -49.00 -15.69 10.81
C GLY DA 13 -48.90 -16.27 9.41
N VAL DA 14 -49.85 -15.86 8.57
CA VAL DA 14 -49.95 -16.38 7.22
C VAL DA 14 -48.83 -15.83 6.36
N GLN DA 15 -48.41 -14.61 6.62
CA GLN DA 15 -47.47 -13.91 5.73
C GLN DA 15 -46.06 -14.45 5.86
N LYS DA 16 -45.72 -15.07 6.99
CA LYS DA 16 -44.47 -15.83 7.08
C LYS DA 16 -44.50 -17.02 6.15
N CYS DA 17 -45.64 -17.68 6.03
CA CYS DA 17 -45.78 -18.82 5.13
C CYS DA 17 -45.74 -18.37 3.68
N LYS DA 18 -46.32 -17.21 3.38
CA LYS DA 18 -46.40 -16.76 2.00
C LYS DA 18 -45.05 -16.28 1.47
N ASN DA 19 -44.19 -15.77 2.35
CA ASN DA 19 -42.90 -15.28 1.88
C ASN DA 19 -41.92 -16.42 1.65
N ALA DA 20 -42.02 -17.48 2.44
CA ALA DA 20 -41.10 -18.60 2.29
C ALA DA 20 -41.50 -19.53 1.15
N LEU DA 21 -42.79 -19.57 0.80
CA LEU DA 21 -43.29 -20.55 -0.15
C LEU DA 21 -43.77 -19.94 -1.46
N LYS DA 22 -44.28 -18.71 -1.42
CA LYS DA 22 -44.74 -17.95 -2.60
C LYS DA 22 -45.84 -18.67 -3.37
N LEU DA 23 -46.90 -19.03 -2.65
CA LEU DA 23 -48.03 -19.72 -3.25
C LEU DA 23 -49.26 -19.39 -2.41
N PRO DA 24 -50.46 -19.36 -3.01
CA PRO DA 24 -51.63 -18.82 -2.29
C PRO DA 24 -52.16 -19.72 -1.19
N VAL DA 25 -53.17 -19.23 -0.49
CA VAL DA 25 -53.79 -19.94 0.63
C VAL DA 25 -55.12 -20.49 0.13
N LEU DA 26 -55.49 -21.68 0.61
CA LEU DA 26 -56.74 -22.29 0.18
C LEU DA 26 -57.90 -21.52 0.79
N GLU DA 27 -58.71 -20.90 -0.04
CA GLU DA 27 -59.73 -19.95 0.42
C GLU DA 27 -61.01 -20.61 0.88
N VAL DA 28 -61.10 -21.93 0.86
CA VAL DA 28 -62.33 -22.64 1.18
C VAL DA 28 -62.06 -23.44 2.44
N LEU DA 29 -62.44 -22.91 3.59
CA LEU DA 29 -62.02 -23.54 4.84
C LEU DA 29 -63.20 -23.90 5.72
N PRO DA 30 -63.14 -25.02 6.43
CA PRO DA 30 -64.23 -25.37 7.34
C PRO DA 30 -64.01 -24.78 8.72
N GLY DA 31 -64.92 -25.06 9.64
CA GLY DA 31 -64.84 -24.53 10.98
C GLY DA 31 -65.55 -23.23 11.20
N GLY DA 32 -66.28 -22.72 10.23
CA GLY DA 32 -67.07 -21.53 10.41
C GLY DA 32 -68.49 -21.84 10.79
N GLY DA 33 -69.20 -20.82 11.24
CA GLY DA 33 -70.60 -20.99 11.56
C GLY DA 33 -71.46 -21.02 10.32
N TRP DA 34 -72.65 -21.59 10.46
CA TRP DA 34 -73.51 -21.77 9.31
C TRP DA 34 -74.96 -21.64 9.73
N ASP DA 35 -75.66 -20.65 9.20
CA ASP DA 35 -77.10 -20.54 9.36
C ASP DA 35 -77.74 -21.51 8.38
N ASN DA 36 -78.44 -22.51 8.90
CA ASN DA 36 -78.99 -23.55 8.05
C ASN DA 36 -80.39 -23.24 7.56
N LEU DA 37 -80.98 -22.13 7.99
CA LEU DA 37 -82.23 -21.69 7.37
C LEU DA 37 -81.98 -20.81 6.17
N ARG DA 38 -80.98 -19.94 6.22
CA ARG DA 38 -80.74 -18.99 5.16
C ARG DA 38 -79.63 -19.43 4.21
N ASN DA 39 -78.93 -20.50 4.55
CA ASN DA 39 -77.73 -20.98 3.86
C ASN DA 39 -76.67 -19.89 3.67
N VAL DA 40 -76.41 -19.17 4.74
CA VAL DA 40 -75.32 -18.20 4.78
C VAL DA 40 -74.34 -18.68 5.83
N ASP DA 41 -73.10 -18.23 5.72
CA ASP DA 41 -72.08 -18.61 6.68
C ASP DA 41 -71.72 -17.47 7.60
N MET DA 42 -71.45 -17.83 8.84
CA MET DA 42 -71.37 -16.96 9.99
C MET DA 42 -69.93 -16.74 10.42
N GLY DA 43 -69.76 -16.20 11.62
CA GLY DA 43 -68.44 -16.04 12.20
C GLY DA 43 -67.76 -17.35 12.48
N ARG DA 44 -66.45 -17.26 12.65
CA ARG DA 44 -65.56 -18.41 12.72
C ARG DA 44 -65.58 -19.02 14.12
N VAL DA 45 -65.88 -20.32 14.20
CA VAL DA 45 -66.02 -21.01 15.47
C VAL DA 45 -64.73 -21.70 15.90
N MET DA 46 -63.99 -22.28 14.95
CA MET DA 46 -62.74 -22.95 15.26
C MET DA 46 -61.58 -21.99 15.11
N GLU DA 47 -60.40 -22.44 15.54
CA GLU DA 47 -59.21 -21.60 15.50
C GLU DA 47 -58.35 -21.98 14.31
N LEU DA 48 -57.97 -20.99 13.52
CA LEU DA 48 -57.11 -21.20 12.36
C LEU DA 48 -55.72 -20.67 12.64
N THR DA 49 -54.74 -21.57 12.70
CA THR DA 49 -53.35 -21.21 12.95
C THR DA 49 -52.49 -21.61 11.77
N TYR DA 50 -51.43 -20.86 11.53
CA TYR DA 50 -50.52 -21.08 10.41
C TYR DA 50 -49.09 -21.19 10.90
N SER DA 51 -48.90 -21.99 11.95
CA SER DA 51 -47.59 -22.05 12.58
C SER DA 51 -46.62 -22.98 11.85
N ASN DA 52 -47.13 -24.05 11.24
CA ASN DA 52 -46.28 -25.12 10.74
C ASN DA 52 -46.03 -25.06 9.24
N CYS DA 53 -46.57 -24.04 8.55
CA CYS DA 53 -46.36 -23.80 7.11
C CYS DA 53 -46.78 -25.00 6.26
N ARG DA 54 -47.91 -25.62 6.62
CA ARG DA 54 -48.36 -26.80 5.90
C ARG DA 54 -48.90 -26.41 4.54
N THR DA 55 -48.68 -27.27 3.56
CA THR DA 55 -49.27 -27.12 2.24
C THR DA 55 -50.09 -28.36 1.93
N THR DA 56 -50.84 -28.29 0.83
CA THR DA 56 -51.45 -29.50 0.33
C THR DA 56 -50.39 -30.41 -0.26
N GLU DA 57 -50.74 -31.67 -0.42
CA GLU DA 57 -49.78 -32.69 -0.81
C GLU DA 57 -49.26 -32.47 -2.23
N ASP DA 58 -50.06 -31.85 -3.10
CA ASP DA 58 -49.56 -31.46 -4.40
C ASP DA 58 -48.80 -30.14 -4.38
N GLY DA 59 -48.79 -29.45 -3.24
CA GLY DA 59 -47.94 -28.28 -3.07
C GLY DA 59 -48.39 -27.04 -3.77
N GLN DA 60 -49.68 -26.71 -3.71
CA GLN DA 60 -50.19 -25.53 -4.38
C GLN DA 60 -51.04 -24.61 -3.52
N TYR DA 61 -51.33 -24.98 -2.29
CA TYR DA 61 -52.07 -24.10 -1.39
C TYR DA 61 -51.53 -24.24 0.01
N ILE DA 62 -51.37 -23.11 0.70
CA ILE DA 62 -51.10 -23.10 2.12
C ILE DA 62 -52.39 -23.40 2.87
N ILE DA 63 -52.35 -24.34 3.80
CA ILE DA 63 -53.51 -24.71 4.59
C ILE DA 63 -53.16 -24.54 6.06
N PRO DA 64 -54.15 -24.35 6.93
CA PRO DA 64 -53.88 -24.32 8.37
C PRO DA 64 -53.43 -25.68 8.91
N ASP DA 65 -53.01 -25.66 10.17
CA ASP DA 65 -52.34 -26.81 10.76
C ASP DA 65 -53.30 -27.93 11.14
N GLU DA 66 -54.50 -27.58 11.54
CA GLU DA 66 -55.54 -28.47 12.03
C GLU DA 66 -56.44 -29.00 10.93
N ILE DA 67 -56.10 -28.77 9.69
CA ILE DA 67 -56.96 -29.07 8.56
C ILE DA 67 -56.21 -29.99 7.62
N PHE DA 68 -56.82 -31.11 7.28
CA PHE DA 68 -56.28 -32.00 6.26
C PHE DA 68 -57.17 -31.96 5.04
N THR DA 69 -56.55 -32.14 3.88
CA THR DA 69 -57.25 -32.10 2.61
C THR DA 69 -57.22 -33.48 1.98
N ILE DA 70 -58.21 -33.76 1.15
CA ILE DA 70 -58.29 -34.99 0.39
C ILE DA 70 -58.27 -34.63 -1.09
N PRO DA 71 -57.27 -35.04 -1.85
CA PRO DA 71 -57.28 -34.77 -3.29
C PRO DA 71 -58.22 -35.71 -4.00
N GLN DA 72 -59.34 -35.17 -4.49
CA GLN DA 72 -60.22 -35.94 -5.34
C GLN DA 72 -60.60 -35.07 -6.52
N LYS DA 73 -59.76 -35.10 -7.54
CA LYS DA 73 -59.83 -34.16 -8.65
C LYS DA 73 -60.83 -34.70 -9.65
N GLN DA 74 -62.09 -34.42 -9.36
CA GLN DA 74 -63.23 -35.11 -9.95
C GLN DA 74 -64.06 -34.13 -10.75
N SER DA 75 -64.32 -34.47 -12.00
CA SER DA 75 -65.11 -33.64 -12.90
C SER DA 75 -66.33 -34.43 -13.33
N ASN DA 76 -67.49 -33.79 -13.32
CA ASN DA 76 -68.75 -34.40 -13.73
C ASN DA 76 -69.37 -33.60 -14.83
N LEU DA 77 -69.93 -34.27 -15.82
CA LEU DA 77 -70.54 -33.59 -16.96
C LEU DA 77 -71.82 -34.33 -17.30
N GLU DA 78 -72.93 -33.62 -17.29
CA GLU DA 78 -74.22 -34.20 -17.61
C GLU DA 78 -74.60 -33.86 -19.03
N MET DA 79 -75.00 -34.87 -19.80
CA MET DA 79 -75.64 -34.66 -21.09
C MET DA 79 -77.13 -34.56 -21.00
N ASN DA 80 -77.66 -34.49 -19.79
CA ASN DA 80 -79.09 -34.54 -19.54
C ASN DA 80 -79.45 -33.38 -18.63
N SER DA 81 -80.65 -33.41 -18.12
CA SER DA 81 -81.14 -32.44 -17.16
C SER DA 81 -81.72 -33.19 -15.97
N GLU DA 82 -82.33 -32.47 -15.05
CA GLU DA 82 -83.09 -33.11 -13.99
C GLU DA 82 -84.30 -32.25 -13.68
N ILE DA 83 -85.44 -32.88 -13.47
CA ILE DA 83 -86.71 -32.20 -13.41
C ILE DA 83 -87.16 -32.13 -11.96
N LEU DA 84 -87.58 -30.93 -11.53
CA LEU DA 84 -87.98 -30.67 -10.17
C LEU DA 84 -89.36 -30.01 -10.23
N GLU DA 85 -90.42 -30.80 -10.31
CA GLU DA 85 -91.75 -30.27 -10.55
C GLU DA 85 -92.49 -29.87 -9.26
N SER DA 86 -91.78 -29.75 -8.15
CA SER DA 86 -92.36 -29.30 -6.89
C SER DA 86 -91.26 -28.71 -6.03
N TRP DA 87 -91.58 -27.62 -5.33
CA TRP DA 87 -90.60 -26.98 -4.47
C TRP DA 87 -90.45 -27.64 -3.11
N ALA DA 88 -91.23 -28.68 -2.80
CA ALA DA 88 -91.10 -29.33 -1.51
C ALA DA 88 -89.82 -30.15 -1.44
N ASN DA 89 -89.57 -30.97 -2.45
CA ASN DA 89 -88.33 -31.76 -2.52
C ASN DA 89 -87.25 -30.96 -3.25
N TYR DA 90 -86.74 -29.95 -2.54
CA TYR DA 90 -85.79 -29.01 -3.10
C TYR DA 90 -84.35 -29.45 -2.88
N GLN DA 91 -83.55 -29.29 -3.93
CA GLN DA 91 -82.13 -29.61 -3.93
C GLN DA 91 -81.36 -28.30 -3.92
N SER DA 92 -80.46 -28.13 -2.97
CA SER DA 92 -79.87 -26.81 -2.80
C SER DA 92 -78.80 -26.48 -3.84
N SER DA 93 -78.09 -27.48 -4.35
CA SER DA 93 -77.01 -27.45 -5.35
C SER DA 93 -75.71 -26.80 -4.87
N THR DA 94 -75.67 -26.23 -3.68
CA THR DA 94 -74.41 -25.77 -3.12
C THR DA 94 -74.24 -26.08 -1.65
N SER DA 95 -75.30 -26.45 -0.94
CA SER DA 95 -75.23 -26.80 0.47
C SER DA 95 -76.15 -27.98 0.73
N TYR DA 96 -76.06 -28.98 -0.14
CA TYR DA 96 -77.05 -30.06 -0.14
C TYR DA 96 -76.85 -31.02 1.02
N SER DA 97 -75.61 -31.30 1.40
CA SER DA 97 -75.37 -32.32 2.41
C SER DA 97 -75.65 -31.83 3.82
N ILE DA 98 -75.55 -30.52 4.06
CA ILE DA 98 -75.82 -30.00 5.39
C ILE DA 98 -77.31 -29.71 5.59
N ASN DA 99 -78.08 -29.62 4.53
CA ASN DA 99 -79.51 -29.43 4.69
C ASN DA 99 -80.27 -30.74 4.86
N THR DA 100 -79.73 -31.85 4.36
CA THR DA 100 -80.46 -33.10 4.31
C THR DA 100 -80.27 -33.97 5.55
N GLU DA 101 -79.81 -33.38 6.65
CA GLU DA 101 -79.58 -34.10 7.89
C GLU DA 101 -80.89 -34.61 8.49
N LEU DA 102 -80.76 -35.64 9.34
CA LEU DA 102 -81.91 -36.26 10.00
C LEU DA 102 -82.20 -35.50 11.29
N SER DA 103 -83.29 -34.76 11.31
CA SER DA 103 -83.66 -33.97 12.47
C SER DA 103 -85.16 -33.71 12.43
N LEU DA 104 -85.63 -32.96 13.42
CA LEU DA 104 -87.03 -32.56 13.47
C LEU DA 104 -87.34 -31.55 12.39
N PHE DA 105 -86.43 -30.61 12.18
CA PHE DA 105 -86.65 -29.48 11.28
C PHE DA 105 -85.90 -29.65 9.99
N SER DA 106 -85.85 -30.87 9.48
CA SER DA 106 -85.21 -31.13 8.19
C SER DA 106 -86.03 -30.59 7.03
N LYS DA 107 -87.33 -30.35 7.22
CA LYS DA 107 -88.15 -29.79 6.17
C LYS DA 107 -88.09 -28.27 6.12
N VAL DA 108 -87.40 -27.63 7.06
CA VAL DA 108 -87.34 -26.18 7.11
C VAL DA 108 -85.93 -25.67 6.75
N ASN DA 109 -84.95 -26.57 6.64
CA ASN DA 109 -83.59 -26.17 6.31
C ASN DA 109 -83.51 -25.64 4.88
N GLY DA 110 -82.94 -24.45 4.74
CA GLY DA 110 -82.76 -23.82 3.46
C GLY DA 110 -83.95 -23.08 2.93
N LYS DA 111 -85.06 -23.02 3.66
CA LYS DA 111 -86.29 -22.45 3.14
C LYS DA 111 -86.35 -20.94 3.24
N PHE DA 112 -85.28 -20.29 3.65
CA PHE DA 112 -85.19 -18.84 3.63
C PHE DA 112 -83.99 -18.39 2.82
N SER DA 113 -83.39 -19.30 2.07
CA SER DA 113 -82.28 -18.98 1.19
C SER DA 113 -82.79 -18.19 0.01
N THR DA 114 -81.89 -17.38 -0.57
CA THR DA 114 -82.28 -16.62 -1.75
C THR DA 114 -82.46 -17.51 -2.95
N GLU DA 115 -81.76 -18.64 -2.98
CA GLU DA 115 -81.86 -19.57 -4.08
C GLU DA 115 -83.15 -20.37 -4.03
N PHE DA 116 -83.69 -20.61 -2.84
CA PHE DA 116 -84.99 -21.26 -2.72
C PHE DA 116 -86.11 -20.29 -2.99
N GLN DA 117 -86.08 -19.12 -2.36
CA GLN DA 117 -87.17 -18.17 -2.48
C GLN DA 117 -87.27 -17.57 -3.87
N ARG DA 118 -86.20 -17.60 -4.64
CA ARG DA 118 -86.30 -17.25 -6.04
C ARG DA 118 -86.91 -18.39 -6.83
N MET DA 119 -86.72 -19.63 -6.42
CA MET DA 119 -87.26 -20.74 -7.19
C MET DA 119 -88.74 -20.95 -6.92
N LYS DA 120 -89.16 -20.73 -5.67
CA LYS DA 120 -90.55 -20.92 -5.29
C LYS DA 120 -91.45 -19.88 -5.94
N THR DA 121 -90.97 -18.65 -6.05
CA THR DA 121 -91.78 -17.60 -6.65
C THR DA 121 -91.83 -17.67 -8.16
N LEU DA 122 -91.15 -18.63 -8.79
CA LEU DA 122 -91.26 -18.85 -10.21
C LEU DA 122 -92.11 -20.06 -10.55
N GLN DA 123 -92.30 -20.98 -9.62
CA GLN DA 123 -93.20 -22.09 -9.84
C GLN DA 123 -94.63 -21.79 -9.46
N VAL DA 124 -94.87 -20.74 -8.70
CA VAL DA 124 -96.20 -20.37 -8.28
C VAL DA 124 -96.77 -19.24 -9.12
N LYS DA 125 -95.94 -18.24 -9.41
CA LYS DA 125 -96.34 -17.13 -10.24
C LYS DA 125 -96.61 -17.56 -11.67
N ASP DA 126 -95.83 -18.51 -12.17
CA ASP DA 126 -95.87 -18.90 -13.57
C ASP DA 126 -96.39 -20.30 -13.79
N GLN DA 127 -96.78 -21.00 -12.72
CA GLN DA 127 -97.29 -22.39 -12.75
C GLN DA 127 -96.30 -23.32 -13.45
N ALA DA 128 -95.06 -23.28 -13.00
CA ALA DA 128 -93.96 -23.82 -13.77
C ALA DA 128 -93.32 -25.01 -13.09
N ILE DA 129 -92.48 -25.72 -13.85
CA ILE DA 129 -91.59 -26.75 -13.35
C ILE DA 129 -90.17 -26.29 -13.61
N THR DA 130 -89.23 -26.86 -12.87
CA THR DA 130 -87.84 -26.40 -12.89
C THR DA 130 -86.94 -27.52 -13.38
N THR DA 131 -86.05 -27.20 -14.30
CA THR DA 131 -85.00 -28.10 -14.74
C THR DA 131 -83.64 -27.54 -14.36
N ARG DA 132 -82.66 -28.42 -14.17
CA ARG DA 132 -81.31 -27.99 -13.81
C ARG DA 132 -80.26 -28.85 -14.48
N VAL DA 133 -79.33 -28.22 -15.20
CA VAL DA 133 -78.18 -28.88 -15.79
C VAL DA 133 -76.94 -28.25 -15.17
N GLN DA 134 -75.93 -29.07 -14.85
CA GLN DA 134 -74.74 -28.51 -14.25
C GLN DA 134 -73.49 -29.29 -14.61
N VAL DA 135 -72.38 -28.56 -14.68
CA VAL DA 135 -71.04 -29.11 -14.84
C VAL DA 135 -70.30 -28.84 -13.55
N ARG DA 136 -70.07 -29.87 -12.75
CA ARG DA 136 -69.45 -29.71 -11.44
C ARG DA 136 -68.03 -30.21 -11.46
N ASN DA 137 -67.15 -29.50 -10.78
CA ASN DA 137 -65.72 -29.77 -10.83
C ASN DA 137 -65.19 -29.74 -9.39
N LEU DA 138 -65.26 -30.88 -8.72
CA LEU DA 138 -64.77 -31.02 -7.35
C LEU DA 138 -63.28 -31.27 -7.34
N VAL DA 139 -62.53 -30.46 -6.60
CA VAL DA 139 -61.08 -30.54 -6.58
C VAL DA 139 -60.57 -31.09 -5.24
N TYR DA 140 -61.01 -30.51 -4.13
CA TYR DA 140 -60.56 -30.97 -2.81
C TYR DA 140 -61.75 -31.22 -1.90
N THR DA 141 -61.54 -32.11 -0.94
CA THR DA 141 -62.36 -32.20 0.25
C THR DA 141 -61.50 -31.75 1.41
N VAL DA 142 -61.98 -30.75 2.15
CA VAL DA 142 -61.19 -30.06 3.16
C VAL DA 142 -61.90 -30.28 4.49
N LYS DA 143 -61.25 -30.97 5.42
CA LYS DA 143 -61.86 -31.36 6.68
C LYS DA 143 -61.08 -30.83 7.88
N ILE DA 144 -61.67 -30.99 9.06
CA ILE DA 144 -61.05 -30.59 10.32
C ILE DA 144 -60.57 -31.81 11.08
N ASN DA 145 -59.38 -31.71 11.63
CA ASN DA 145 -58.86 -32.70 12.56
C ASN DA 145 -59.71 -32.69 13.82
N PRO DA 146 -60.12 -33.85 14.34
CA PRO DA 146 -61.00 -33.85 15.53
C PRO DA 146 -60.37 -33.34 16.81
N THR DA 147 -59.09 -33.00 16.85
CA THR DA 147 -58.44 -32.48 18.05
C THR DA 147 -58.21 -30.99 17.97
N LEU DA 148 -59.15 -30.26 17.41
CA LEU DA 148 -59.08 -28.82 17.22
C LEU DA 148 -59.76 -28.10 18.38
N GLU DA 149 -59.31 -26.87 18.63
CA GLU DA 149 -59.85 -26.03 19.70
C GLU DA 149 -60.63 -24.85 19.13
N LEU DA 150 -61.40 -24.23 20.01
CA LEU DA 150 -62.32 -23.16 19.65
C LEU DA 150 -61.58 -21.86 19.36
N SER DA 151 -62.31 -20.94 18.73
CA SER DA 151 -61.75 -19.65 18.38
C SER DA 151 -61.68 -18.77 19.62
N SER DA 152 -60.95 -17.66 19.49
CA SER DA 152 -60.78 -16.75 20.61
C SER DA 152 -62.03 -15.95 20.89
N GLY DA 153 -62.76 -15.58 19.85
CA GLY DA 153 -63.98 -14.81 20.03
C GLY DA 153 -65.16 -15.66 20.45
N PHE DA 154 -65.23 -16.89 19.94
CA PHE DA 154 -66.35 -17.76 20.28
C PHE DA 154 -66.25 -18.29 21.71
N ARG DA 155 -65.02 -18.50 22.20
CA ARG DA 155 -64.84 -18.94 23.57
C ARG DA 155 -65.22 -17.84 24.55
N LYS DA 156 -64.95 -16.58 24.20
CA LYS DA 156 -65.27 -15.45 25.06
C LYS DA 156 -66.77 -15.30 25.25
N GLU DA 157 -67.55 -15.55 24.20
CA GLU DA 157 -68.98 -15.38 24.32
C GLU DA 157 -69.67 -16.57 24.94
N LEU DA 158 -69.01 -17.74 24.98
CA LEU DA 158 -69.51 -18.84 25.78
C LEU DA 158 -69.19 -18.66 27.25
N LEU DA 159 -68.08 -18.00 27.56
CA LEU DA 159 -67.74 -17.71 28.95
C LEU DA 159 -68.61 -16.62 29.53
N ASP DA 160 -69.17 -15.75 28.70
CA ASP DA 160 -70.10 -14.75 29.18
C ASP DA 160 -71.46 -15.34 29.48
N ILE DA 161 -71.89 -16.34 28.70
CA ILE DA 161 -73.07 -17.13 29.05
C ILE DA 161 -72.79 -17.92 30.30
N SER DA 162 -71.56 -18.42 30.44
CA SER DA 162 -71.15 -19.22 31.57
C SER DA 162 -71.22 -18.45 32.89
N ASP DA 163 -70.90 -17.15 32.84
CA ASP DA 163 -70.95 -16.35 34.06
C ASP DA 163 -72.37 -16.13 34.54
N ARG DA 164 -73.31 -15.99 33.61
CA ARG DA 164 -74.70 -15.75 33.97
C ARG DA 164 -75.37 -17.01 34.54
N LEU DA 165 -74.93 -18.19 34.12
CA LEU DA 165 -75.47 -19.41 34.73
C LEU DA 165 -74.94 -19.63 36.14
N GLU DA 166 -73.78 -19.09 36.46
CA GLU DA 166 -73.25 -19.19 37.82
C GLU DA 166 -74.08 -18.37 38.79
N ASN DA 167 -74.39 -17.14 38.41
CA ASN DA 167 -75.07 -16.16 39.25
C ASN DA 167 -76.56 -16.35 39.32
N ASN DA 168 -77.09 -17.45 38.79
CA ASN DA 168 -78.53 -17.73 38.70
C ASN DA 168 -79.25 -16.58 37.99
N GLN DA 169 -78.78 -16.26 36.79
CA GLN DA 169 -79.37 -15.19 35.98
C GLN DA 169 -79.80 -15.84 34.68
N THR DA 170 -80.99 -16.43 34.70
CA THR DA 170 -81.43 -17.30 33.61
C THR DA 170 -81.96 -16.49 32.44
N ARG DA 171 -82.67 -15.40 32.70
CA ARG DA 171 -83.21 -14.58 31.63
C ARG DA 171 -82.13 -13.82 30.89
N MET DA 172 -81.03 -13.50 31.56
CA MET DA 172 -79.95 -12.79 30.89
C MET DA 172 -79.03 -13.75 30.16
N ALA DA 173 -78.98 -15.00 30.60
CA ALA DA 173 -78.22 -16.02 29.86
C ALA DA 173 -78.97 -16.48 28.62
N THR DA 174 -80.31 -16.55 28.70
CA THR DA 174 -81.13 -16.88 27.55
C THR DA 174 -81.02 -15.81 26.47
N TYR DA 175 -80.90 -14.55 26.88
CA TYR DA 175 -80.70 -13.48 25.93
C TYR DA 175 -79.35 -13.59 25.23
N LEU DA 176 -78.29 -13.86 25.97
CA LEU DA 176 -76.98 -13.97 25.37
C LEU DA 176 -76.80 -15.24 24.56
N ALA DA 177 -77.56 -16.29 24.86
CA ALA DA 177 -77.50 -17.49 24.05
C ALA DA 177 -78.09 -17.28 22.67
N GLU DA 178 -79.09 -16.40 22.57
CA GLU DA 178 -79.71 -16.09 21.29
C GLU DA 178 -78.89 -15.13 20.47
N LEU DA 179 -78.05 -14.30 21.09
CA LEU DA 179 -77.09 -13.52 20.33
C LEU DA 179 -75.93 -14.35 19.83
N LEU DA 180 -75.71 -15.52 20.42
CA LEU DA 180 -74.71 -16.42 19.88
C LEU DA 180 -75.17 -17.03 18.56
N VAL DA 181 -76.48 -17.21 18.41
CA VAL DA 181 -77.05 -17.78 17.21
C VAL DA 181 -77.17 -16.73 16.11
N LEU DA 182 -77.37 -15.46 16.49
CA LEU DA 182 -77.30 -14.37 15.50
C LEU DA 182 -75.90 -14.27 14.91
N ASN DA 183 -74.87 -14.46 15.71
CA ASN DA 183 -73.52 -14.20 15.25
C ASN DA 183 -72.82 -15.44 14.71
N TYR DA 184 -73.23 -16.63 15.12
CA TYR DA 184 -72.53 -17.84 14.75
C TYR DA 184 -73.41 -18.91 14.13
N GLY DA 185 -74.69 -18.67 13.94
CA GLY DA 185 -75.51 -19.60 13.21
C GLY DA 185 -76.00 -20.76 14.07
N THR DA 186 -76.46 -21.79 13.39
CA THR DA 186 -77.00 -22.97 14.03
C THR DA 186 -76.12 -24.20 13.87
N HIS DA 187 -75.10 -24.14 13.01
CA HIS DA 187 -74.27 -25.28 12.66
C HIS DA 187 -72.83 -24.83 12.51
N VAL DA 188 -71.93 -25.81 12.54
CA VAL DA 188 -70.52 -25.58 12.27
C VAL DA 188 -70.14 -26.48 11.10
N THR DA 189 -69.54 -25.89 10.06
CA THR DA 189 -69.14 -26.68 8.92
C THR DA 189 -67.92 -27.50 9.28
N THR DA 190 -68.01 -28.82 9.13
CA THR DA 190 -66.88 -29.68 9.42
C THR DA 190 -66.17 -30.16 8.18
N SER DA 191 -66.81 -30.15 7.02
CA SER DA 191 -66.10 -30.40 5.78
C SER DA 191 -66.72 -29.57 4.67
N VAL DA 192 -65.87 -29.07 3.80
CA VAL DA 192 -66.29 -28.34 2.61
C VAL DA 192 -65.69 -29.03 1.40
N ASP DA 193 -66.36 -28.87 0.28
CA ASP DA 193 -65.89 -29.37 -1.01
C ASP DA 193 -65.48 -28.18 -1.86
N ALA DA 194 -64.19 -28.06 -2.14
CA ALA DA 194 -63.67 -26.93 -2.89
C ALA DA 194 -63.71 -27.23 -4.39
N GLY DA 195 -64.35 -26.35 -5.14
CA GLY DA 195 -64.40 -26.53 -6.57
C GLY DA 195 -65.23 -25.46 -7.24
N ALA DA 196 -65.67 -25.75 -8.46
CA ALA DA 196 -66.45 -24.83 -9.24
C ALA DA 196 -67.62 -25.55 -9.86
N ALA DA 197 -68.63 -24.79 -10.28
CA ALA DA 197 -69.80 -25.36 -10.93
C ALA DA 197 -70.39 -24.35 -11.88
N LEU DA 198 -70.95 -24.85 -12.98
CA LEU DA 198 -71.63 -24.01 -13.96
C LEU DA 198 -73.04 -24.57 -14.10
N ILE DA 199 -74.05 -23.79 -13.75
CA ILE DA 199 -75.40 -24.30 -13.60
C ILE DA 199 -76.35 -23.58 -14.56
N GLN DA 200 -77.21 -24.35 -15.22
CA GLN DA 200 -78.35 -23.87 -16.00
C GLN DA 200 -79.62 -24.12 -15.21
N GLU DA 201 -80.53 -23.17 -15.22
CA GLU DA 201 -81.79 -23.37 -14.51
C GLU DA 201 -82.92 -22.78 -15.35
N ASP DA 202 -83.64 -23.63 -16.07
CA ASP DA 202 -84.79 -23.22 -16.86
C ASP DA 202 -86.07 -23.48 -16.10
N HIS DA 203 -87.09 -22.69 -16.40
CA HIS DA 203 -88.43 -22.93 -15.91
C HIS DA 203 -89.35 -23.15 -17.10
N LEU DA 204 -90.08 -24.25 -17.07
CA LEU DA 204 -90.96 -24.64 -18.16
C LEU DA 204 -92.39 -24.69 -17.63
N ARG DA 205 -93.36 -24.44 -18.49
CA ARG DA 205 -94.75 -24.57 -18.09
C ARG DA 205 -95.07 -26.02 -17.75
N ALA DA 206 -95.89 -26.22 -16.71
CA ALA DA 206 -96.17 -27.56 -16.22
C ALA DA 206 -97.03 -28.36 -17.18
N SER DA 207 -97.70 -27.70 -18.12
CA SER DA 207 -98.44 -28.38 -19.17
C SER DA 207 -97.51 -29.05 -20.17
N PHE DA 208 -96.28 -28.58 -20.30
CA PHE DA 208 -95.36 -29.12 -21.29
C PHE DA 208 -94.81 -30.49 -20.89
N LEU DA 209 -94.82 -30.82 -19.61
CA LEU DA 209 -94.30 -32.09 -19.14
C LEU DA 209 -95.35 -33.19 -19.11
N GLN DA 210 -96.62 -32.83 -19.11
CA GLN DA 210 -97.72 -33.77 -18.91
C GLN DA 210 -98.00 -34.71 -20.09
N ASP DA 211 -97.14 -34.84 -21.10
CA ASP DA 211 -97.47 -35.65 -22.26
C ASP DA 211 -97.40 -37.15 -21.95
N SER DA 212 -96.20 -37.64 -21.62
CA SER DA 212 -95.99 -39.05 -21.30
C SER DA 212 -94.68 -39.20 -20.54
N GLN DA 213 -94.31 -40.44 -20.26
CA GLN DA 213 -93.02 -40.77 -19.68
C GLN DA 213 -91.94 -40.97 -20.74
N SER DA 214 -92.31 -40.95 -22.02
CA SER DA 214 -91.36 -40.92 -23.11
C SER DA 214 -91.08 -39.51 -23.60
N SER DA 215 -92.00 -38.59 -23.37
CA SER DA 215 -91.72 -37.18 -23.61
C SER DA 215 -90.75 -36.63 -22.59
N ARG DA 216 -90.74 -37.21 -21.38
CA ARG DA 216 -89.88 -36.74 -20.31
C ARG DA 216 -88.41 -36.90 -20.64
N SER DA 217 -88.05 -38.01 -21.27
CA SER DA 217 -86.67 -38.24 -21.66
C SER DA 217 -86.26 -37.48 -22.91
N ALA DA 218 -87.16 -36.71 -23.51
CA ALA DA 218 -86.80 -35.81 -24.59
C ALA DA 218 -86.84 -34.35 -24.19
N VAL DA 219 -87.70 -33.99 -23.22
CA VAL DA 219 -87.60 -32.70 -22.55
C VAL DA 219 -86.25 -32.58 -21.84
N THR DA 220 -85.82 -33.67 -21.21
CA THR DA 220 -84.64 -33.66 -20.36
C THR DA 220 -83.36 -33.59 -21.18
N ALA DA 221 -83.30 -34.28 -22.31
CA ALA DA 221 -82.12 -34.21 -23.15
C ALA DA 221 -82.10 -33.01 -24.06
N SER DA 222 -83.20 -32.24 -24.10
CA SER DA 222 -83.21 -30.99 -24.84
C SER DA 222 -82.56 -29.88 -24.03
N ALA DA 223 -82.82 -29.88 -22.72
CA ALA DA 223 -82.24 -28.89 -21.83
C ALA DA 223 -80.74 -29.05 -21.70
N GLY DA 224 -80.24 -30.28 -21.79
CA GLY DA 224 -78.80 -30.48 -21.78
C GLY DA 224 -78.16 -30.12 -23.10
N LEU DA 225 -78.93 -30.11 -24.18
CA LEU DA 225 -78.41 -29.70 -25.48
C LEU DA 225 -78.35 -28.20 -25.59
N ALA DA 226 -79.37 -27.51 -25.06
CA ALA DA 226 -79.38 -26.06 -25.04
C ALA DA 226 -78.26 -25.50 -24.16
N PHE DA 227 -77.90 -26.22 -23.10
CA PHE DA 227 -76.84 -25.77 -22.21
C PHE DA 227 -75.49 -25.86 -22.86
N GLN DA 228 -75.27 -26.88 -23.67
CA GLN DA 228 -74.00 -26.99 -24.37
C GLN DA 228 -73.92 -26.04 -25.54
N ASN DA 229 -75.04 -25.66 -26.13
CA ASN DA 229 -75.02 -24.61 -27.15
C ASN DA 229 -74.69 -23.26 -26.54
N THR DA 230 -75.25 -22.98 -25.36
CA THR DA 230 -75.07 -21.68 -24.71
C THR DA 230 -73.63 -21.47 -24.29
N VAL DA 231 -72.93 -22.52 -23.86
CA VAL DA 231 -71.53 -22.33 -23.53
C VAL DA 231 -70.68 -22.19 -24.79
N ASN DA 232 -71.00 -22.92 -25.86
CA ASN DA 232 -70.09 -22.92 -27.00
C ASN DA 232 -70.34 -21.81 -28.01
N PHE DA 233 -71.58 -21.36 -28.22
CA PHE DA 233 -71.91 -20.64 -29.44
C PHE DA 233 -72.32 -19.18 -29.26
N LYS DA 234 -71.58 -18.42 -28.45
CA LYS DA 234 -71.30 -16.99 -28.67
C LYS DA 234 -72.53 -16.09 -28.74
N PHE DA 235 -73.67 -16.56 -28.22
CA PHE DA 235 -75.02 -15.95 -28.24
C PHE DA 235 -75.64 -15.97 -29.64
N GLU DA 236 -74.88 -16.37 -30.65
CA GLU DA 236 -75.37 -16.36 -32.01
C GLU DA 236 -76.28 -17.55 -32.25
N GLU DA 237 -76.99 -17.54 -33.37
CA GLU DA 237 -77.78 -18.69 -33.76
C GLU DA 237 -76.99 -19.62 -34.68
N ASN DA 238 -75.80 -19.97 -34.22
CA ASN DA 238 -75.01 -21.06 -34.75
C ASN DA 238 -75.29 -22.35 -34.03
N TYR DA 239 -76.47 -22.47 -33.42
CA TYR DA 239 -76.80 -23.61 -32.59
C TYR DA 239 -77.05 -24.85 -33.44
N THR DA 240 -76.74 -26.00 -32.86
CA THR DA 240 -77.05 -27.28 -33.49
C THR DA 240 -78.40 -27.80 -33.00
N SER DA 241 -79.43 -27.02 -33.31
CA SER DA 241 -80.81 -27.34 -32.92
C SER DA 241 -81.29 -28.58 -33.68
N GLN DA 242 -81.40 -29.69 -32.97
CA GLN DA 242 -81.53 -31.00 -33.60
C GLN DA 242 -82.95 -31.33 -34.06
N ASN DA 243 -83.98 -30.71 -33.47
CA ASN DA 243 -85.34 -31.14 -33.71
C ASN DA 243 -86.24 -29.94 -33.79
N VAL DA 244 -87.54 -30.22 -33.94
CA VAL DA 244 -88.58 -29.24 -33.64
C VAL DA 244 -88.86 -29.23 -32.14
N LEU DA 245 -88.50 -30.31 -31.45
CA LEU DA 245 -88.66 -30.36 -30.00
C LEU DA 245 -87.74 -29.38 -29.29
N THR DA 246 -86.61 -29.04 -29.89
CA THR DA 246 -85.81 -27.93 -29.38
C THR DA 246 -86.56 -26.61 -29.57
N LYS DA 247 -87.22 -26.43 -30.70
CA LYS DA 247 -87.97 -25.21 -30.94
C LYS DA 247 -89.22 -25.14 -30.08
N SER DA 248 -89.87 -26.28 -29.85
CA SER DA 248 -91.02 -26.28 -28.95
C SER DA 248 -90.59 -26.13 -27.49
N TYR DA 249 -89.35 -26.50 -27.17
CA TYR DA 249 -88.84 -26.29 -25.81
C TYR DA 249 -88.73 -24.83 -25.48
N LEU DA 250 -88.34 -24.00 -26.47
CA LEU DA 250 -88.11 -22.59 -26.21
C LEU DA 250 -89.40 -21.83 -25.98
N SER DA 251 -90.49 -22.27 -26.58
CA SER DA 251 -91.72 -21.52 -26.49
C SER DA 251 -92.48 -21.79 -25.20
N ASN DA 252 -92.22 -22.91 -24.53
CA ASN DA 252 -92.77 -23.18 -23.22
C ASN DA 252 -91.85 -22.74 -22.09
N ARG DA 253 -90.63 -22.35 -22.42
CA ARG DA 253 -89.66 -21.90 -21.42
C ARG DA 253 -90.10 -20.59 -20.79
N THR DA 254 -90.07 -20.53 -19.47
CA THR DA 254 -90.47 -19.33 -18.77
C THR DA 254 -89.30 -18.43 -18.38
N ASN DA 255 -88.24 -18.94 -17.73
CA ASN DA 255 -87.26 -18.00 -17.18
C ASN DA 255 -85.83 -18.13 -17.71
N SER DA 256 -85.16 -19.29 -17.58
CA SER DA 256 -83.78 -19.52 -18.04
C SER DA 256 -82.65 -18.66 -17.47
N ARG DA 257 -82.25 -18.90 -16.23
CA ARG DA 257 -81.03 -18.30 -15.69
C ARG DA 257 -79.81 -19.21 -15.94
N VAL DA 258 -78.65 -18.60 -16.13
CA VAL DA 258 -77.37 -19.30 -16.17
C VAL DA 258 -76.49 -18.79 -15.05
N GLN DA 259 -75.99 -19.68 -14.21
CA GLN DA 259 -75.27 -19.30 -13.01
C GLN DA 259 -73.90 -19.97 -12.98
N SER DA 260 -72.87 -19.19 -12.73
CA SER DA 260 -71.52 -19.69 -12.51
C SER DA 260 -71.17 -19.53 -11.04
N ILE DA 261 -70.67 -20.59 -10.43
CA ILE DA 261 -70.27 -20.57 -9.03
C ILE DA 261 -68.80 -20.97 -8.97
N GLY DA 262 -67.92 -20.01 -8.74
CA GLY DA 262 -66.51 -20.26 -8.77
C GLY DA 262 -65.95 -20.19 -10.17
N GLY DA 263 -64.64 -20.20 -10.25
CA GLY DA 263 -64.01 -20.08 -11.55
C GLY DA 263 -64.05 -18.65 -12.07
N VAL DA 264 -63.89 -18.55 -13.38
CA VAL DA 264 -63.97 -17.26 -14.08
C VAL DA 264 -65.44 -16.94 -14.35
N PRO DA 265 -65.81 -15.67 -14.53
CA PRO DA 265 -67.22 -15.35 -14.79
C PRO DA 265 -67.69 -15.89 -16.14
N PHE DA 266 -68.91 -16.37 -16.17
CA PHE DA 266 -69.47 -16.93 -17.38
C PHE DA 266 -69.93 -15.83 -18.32
N TYR DA 267 -69.72 -16.05 -19.61
CA TYR DA 267 -70.35 -15.28 -20.68
C TYR DA 267 -70.69 -16.28 -21.77
N PRO DA 268 -71.78 -16.06 -22.50
CA PRO DA 268 -72.16 -17.03 -23.53
C PRO DA 268 -71.19 -17.05 -24.69
N GLY DA 269 -70.41 -18.11 -24.79
CA GLY DA 269 -69.35 -18.17 -25.76
C GLY DA 269 -68.04 -18.64 -25.21
N ILE DA 270 -67.87 -18.64 -23.89
CA ILE DA 270 -66.67 -19.24 -23.32
C ILE DA 270 -66.79 -20.75 -23.44
N THR DA 271 -65.80 -21.36 -24.07
CA THR DA 271 -65.92 -22.79 -24.30
C THR DA 271 -65.74 -23.55 -22.99
N LEU DA 272 -66.16 -24.81 -23.00
CA LEU DA 272 -66.07 -25.61 -21.78
C LEU DA 272 -64.63 -25.90 -21.43
N GLN DA 273 -63.76 -25.96 -22.43
CA GLN DA 273 -62.32 -26.01 -22.20
C GLN DA 273 -61.83 -24.77 -21.47
N ALA DA 274 -62.27 -23.58 -21.90
CA ALA DA 274 -61.71 -22.36 -21.36
C ALA DA 274 -62.28 -22.00 -20.00
N TRP DA 275 -63.51 -22.44 -19.70
CA TRP DA 275 -64.04 -22.26 -18.36
C TRP DA 275 -63.28 -23.10 -17.35
N GLN DA 276 -62.84 -24.28 -17.75
CA GLN DA 276 -62.11 -25.19 -16.88
C GLN DA 276 -60.66 -24.83 -16.69
N GLN DA 277 -60.14 -23.87 -17.45
CA GLN DA 277 -58.80 -23.38 -17.19
C GLN DA 277 -58.77 -22.30 -16.12
N GLY DA 278 -59.89 -21.65 -15.88
CA GLY DA 278 -59.98 -20.62 -14.87
C GLY DA 278 -60.41 -21.07 -13.52
N ILE DA 279 -60.58 -22.38 -13.33
CA ILE DA 279 -60.97 -22.93 -12.04
C ILE DA 279 -59.82 -22.84 -11.06
N THR DA 280 -58.59 -22.93 -11.55
CA THR DA 280 -57.39 -22.80 -10.72
C THR DA 280 -57.31 -21.42 -10.09
N ASN DA 281 -57.18 -21.43 -8.76
CA ASN DA 281 -57.11 -20.29 -7.83
C ASN DA 281 -58.42 -19.54 -7.68
N HIS DA 282 -59.52 -20.05 -8.25
CA HIS DA 282 -60.86 -19.50 -8.00
C HIS DA 282 -61.71 -20.68 -7.57
N LEU DA 283 -61.61 -21.07 -6.32
CA LEU DA 283 -62.35 -22.21 -5.79
C LEU DA 283 -63.30 -21.73 -4.71
N VAL DA 284 -64.50 -22.27 -4.71
CA VAL DA 284 -65.51 -21.94 -3.71
C VAL DA 284 -66.03 -23.23 -3.12
N ALA DA 285 -66.85 -23.10 -2.09
CA ALA DA 285 -67.49 -24.27 -1.50
C ALA DA 285 -68.72 -24.63 -2.32
N ILE DA 286 -68.65 -25.76 -3.02
CA ILE DA 286 -69.81 -26.24 -3.76
C ILE DA 286 -70.59 -27.29 -2.97
N ASP DA 287 -70.09 -27.71 -1.81
CA ASP DA 287 -70.85 -28.57 -0.91
C ASP DA 287 -70.27 -28.41 0.49
N ARG DA 288 -71.10 -28.70 1.49
CA ARG DA 288 -70.74 -28.58 2.89
C ARG DA 288 -71.36 -29.69 3.69
N SER DA 289 -70.67 -30.09 4.75
CA SER DA 289 -71.25 -30.95 5.78
C SER DA 289 -71.03 -30.29 7.12
N GLY DA 290 -71.80 -30.71 8.11
CA GLY DA 290 -71.67 -30.06 9.41
C GLY DA 290 -72.30 -30.82 10.54
N LEU DA 291 -72.25 -30.18 11.71
CA LEU DA 291 -72.83 -30.65 12.95
C LEU DA 291 -73.47 -29.46 13.63
N PRO DA 292 -74.45 -29.68 14.50
CA PRO DA 292 -75.06 -28.56 15.22
C PRO DA 292 -74.09 -27.87 16.17
N LEU DA 293 -74.48 -26.65 16.56
CA LEU DA 293 -73.55 -25.77 17.26
C LEU DA 293 -73.31 -26.22 18.70
N HIS DA 294 -74.28 -26.89 19.32
CA HIS DA 294 -74.11 -27.36 20.68
C HIS DA 294 -73.36 -28.67 20.77
N PHE DA 295 -73.02 -29.29 19.64
CA PHE DA 295 -72.16 -30.46 19.66
C PHE DA 295 -70.76 -30.10 20.14
N PHE DA 296 -70.30 -28.90 19.84
CA PHE DA 296 -68.96 -28.47 20.17
C PHE DA 296 -68.89 -27.74 21.49
N ILE DA 297 -69.96 -27.80 22.29
CA ILE DA 297 -69.92 -27.29 23.65
C ILE DA 297 -69.93 -28.50 24.56
N ASN DA 298 -68.75 -28.98 24.91
CA ASN DA 298 -68.58 -30.20 25.68
C ASN DA 298 -67.36 -29.99 26.57
N PRO DA 299 -67.17 -30.84 27.59
CA PRO DA 299 -66.01 -30.65 28.50
C PRO DA 299 -64.65 -30.77 27.84
N ASN DA 300 -64.55 -31.31 26.63
CA ASN DA 300 -63.28 -31.40 25.95
C ASN DA 300 -62.87 -30.05 25.36
N MET DA 301 -63.81 -29.35 24.72
CA MET DA 301 -63.50 -28.06 24.11
C MET DA 301 -63.28 -26.96 25.15
N LEU DA 302 -63.89 -27.10 26.33
CA LEU DA 302 -63.81 -26.11 27.40
C LEU DA 302 -63.17 -26.79 28.60
N PRO DA 303 -61.85 -26.87 28.66
CA PRO DA 303 -61.19 -27.59 29.75
C PRO DA 303 -60.99 -26.75 31.00
N ASP DA 304 -61.21 -25.44 30.93
CA ASP DA 304 -61.02 -24.55 32.06
C ASP DA 304 -62.33 -24.22 32.76
N LEU DA 305 -63.36 -25.04 32.58
CA LEU DA 305 -64.64 -24.87 33.24
C LEU DA 305 -65.08 -26.22 33.80
N PRO DA 306 -65.90 -26.24 34.84
CA PRO DA 306 -66.34 -27.51 35.39
C PRO DA 306 -67.29 -28.26 34.46
N GLY DA 307 -67.42 -29.55 34.74
CA GLY DA 307 -68.21 -30.47 33.95
C GLY DA 307 -69.68 -30.16 33.80
N PRO DA 308 -70.43 -30.07 34.90
CA PRO DA 308 -71.86 -29.75 34.78
C PRO DA 308 -72.16 -28.34 34.36
N LEU DA 309 -71.19 -27.46 34.36
CA LEU DA 309 -71.44 -26.07 33.98
C LEU DA 309 -71.30 -25.85 32.49
N VAL DA 310 -70.53 -26.67 31.78
CA VAL DA 310 -70.53 -26.59 30.31
C VAL DA 310 -71.69 -27.36 29.71
N LYS DA 311 -72.42 -28.13 30.51
CA LYS DA 311 -73.67 -28.74 30.09
C LYS DA 311 -74.86 -27.83 30.29
N LYS DA 312 -74.71 -26.78 31.10
CA LYS DA 312 -75.75 -25.76 31.17
C LYS DA 312 -75.63 -24.80 30.00
N VAL DA 313 -74.40 -24.53 29.58
CA VAL DA 313 -74.17 -23.69 28.41
C VAL DA 313 -74.61 -24.40 27.14
N SER DA 314 -74.35 -25.70 27.08
CA SER DA 314 -74.74 -26.48 25.91
C SER DA 314 -76.23 -26.65 25.80
N LYS DA 315 -76.93 -26.66 26.94
CA LYS DA 315 -78.38 -26.82 26.90
C LYS DA 315 -79.08 -25.49 26.64
N THR DA 316 -78.50 -24.38 27.09
CA THR DA 316 -79.14 -23.10 26.82
C THR DA 316 -78.88 -22.59 25.41
N VAL DA 317 -77.95 -23.18 24.68
CA VAL DA 317 -77.75 -22.86 23.27
C VAL DA 317 -78.55 -23.81 22.38
N GLU DA 318 -78.71 -25.06 22.79
CA GLU DA 318 -79.58 -26.00 22.10
C GLU DA 318 -81.03 -25.53 22.12
N THR DA 319 -81.44 -24.88 23.20
CA THR DA 319 -82.78 -24.34 23.29
C THR DA 319 -82.95 -23.10 22.41
N ALA DA 320 -81.89 -22.29 22.29
CA ALA DA 320 -81.97 -21.09 21.49
C ALA DA 320 -81.98 -21.39 20.00
N VAL DA 321 -81.28 -22.44 19.57
CA VAL DA 321 -81.31 -22.85 18.18
C VAL DA 321 -82.66 -23.45 17.83
N LYS DA 322 -83.21 -24.25 18.74
CA LYS DA 322 -84.52 -24.87 18.50
C LYS DA 322 -85.64 -23.85 18.50
N ARG DA 323 -85.49 -22.77 19.26
CA ARG DA 323 -86.47 -21.70 19.25
C ARG DA 323 -86.42 -20.92 17.95
N TYR DA 324 -85.27 -20.90 17.29
CA TYR DA 324 -85.11 -20.17 16.05
C TYR DA 324 -85.77 -20.89 14.88
N TYR DA 325 -85.78 -22.23 14.90
CA TYR DA 325 -86.49 -22.98 13.87
C TYR DA 325 -88.00 -22.92 14.05
N THR DA 326 -88.47 -22.82 15.30
CA THR DA 326 -89.90 -22.86 15.56
C THR DA 326 -90.56 -21.55 15.15
N PHE DA 327 -89.88 -20.43 15.32
CA PHE DA 327 -90.47 -19.14 14.98
C PHE DA 327 -90.43 -18.86 13.48
N ASN DA 328 -89.77 -19.70 12.70
CA ASN DA 328 -89.68 -19.56 11.26
C ASN DA 328 -90.33 -20.74 10.56
N THR DA 329 -91.30 -21.36 11.21
CA THR DA 329 -92.06 -22.47 10.65
C THR DA 329 -93.48 -22.00 10.39
N TYR DA 330 -93.94 -22.15 9.15
CA TYR DA 330 -95.26 -21.71 8.71
C TYR DA 330 -96.00 -22.91 8.14
N PRO DA 331 -96.79 -23.62 8.93
CA PRO DA 331 -97.63 -24.67 8.38
C PRO DA 331 -98.80 -24.10 7.60
N GLY DA 332 -99.19 -24.80 6.55
CA GLY DA 332 -100.28 -24.34 5.72
C GLY DA 332 -100.45 -25.25 4.52
N CYS DA 333 -101.42 -24.88 3.69
CA CYS DA 333 -101.68 -25.62 2.46
C CYS DA 333 -100.63 -25.26 1.43
N THR DA 334 -99.90 -26.26 0.95
CA THR DA 334 -98.80 -26.04 0.03
C THR DA 334 -99.12 -26.44 -1.41
N ASP DA 335 -100.28 -27.01 -1.67
CA ASP DA 335 -100.65 -27.41 -3.01
C ASP DA 335 -101.20 -26.20 -3.76
N LEU DA 336 -100.55 -25.82 -4.86
CA LEU DA 336 -100.91 -24.60 -5.57
C LEU DA 336 -102.22 -24.72 -6.33
N ASN DA 337 -102.70 -25.93 -6.57
CA ASN DA 337 -103.96 -26.11 -7.27
C ASN DA 337 -105.17 -26.10 -6.36
N SER DA 338 -104.96 -26.24 -5.05
CA SER DA 338 -106.07 -26.17 -4.11
C SER DA 338 -106.57 -24.73 -3.99
N PRO DA 339 -107.87 -24.54 -3.76
CA PRO DA 339 -108.40 -23.17 -3.69
C PRO DA 339 -107.93 -22.41 -2.46
N ASN DA 340 -107.70 -23.09 -1.35
CA ASN DA 340 -107.17 -22.47 -0.15
C ASN DA 340 -105.64 -22.60 -0.06
N PHE DA 341 -104.95 -22.21 -1.13
CA PHE DA 341 -103.49 -22.29 -1.16
C PHE DA 341 -102.86 -21.23 -0.28
N ASN DA 342 -102.00 -21.67 0.63
CA ASN DA 342 -101.26 -20.77 1.50
C ASN DA 342 -99.89 -20.54 0.86
N PHE DA 343 -99.80 -19.44 0.11
CA PHE DA 343 -98.51 -18.84 -0.14
C PHE DA 343 -98.00 -18.30 1.18
N GLN DA 344 -96.66 -18.16 1.29
CA GLN DA 344 -95.96 -17.94 2.56
C GLN DA 344 -96.22 -19.06 3.55
N ALA DA 345 -95.95 -20.29 3.14
CA ALA DA 345 -96.03 -21.45 4.00
C ALA DA 345 -94.89 -22.41 3.67
N ASN DA 346 -94.25 -22.94 4.70
CA ASN DA 346 -93.08 -23.81 4.55
C ASN DA 346 -93.44 -25.28 4.62
N THR DA 347 -94.24 -25.66 5.60
CA THR DA 347 -94.48 -27.05 5.93
C THR DA 347 -95.87 -27.45 5.46
N ASP DA 348 -95.98 -28.64 4.87
CA ASP DA 348 -97.26 -29.15 4.41
C ASP DA 348 -98.13 -29.48 5.61
N ASP DA 349 -99.27 -28.80 5.71
CA ASP DA 349 -100.14 -28.95 6.86
C ASP DA 349 -100.96 -30.24 6.81
N GLY DA 350 -101.13 -30.82 5.62
CA GLY DA 350 -101.97 -31.99 5.50
C GLY DA 350 -103.45 -31.69 5.49
N SER DA 351 -103.84 -30.42 5.43
CA SER DA 351 -105.25 -30.02 5.37
C SER DA 351 -105.38 -29.13 4.14
N CYS DA 352 -105.59 -29.76 2.99
CA CYS DA 352 -105.70 -29.05 1.73
C CYS DA 352 -107.14 -28.94 1.25
N GLU DA 353 -108.08 -29.62 1.90
CA GLU DA 353 -109.49 -29.54 1.57
C GLU DA 353 -110.26 -29.23 2.83
N GLY DA 354 -110.78 -28.01 2.93
CA GLY DA 354 -111.57 -27.59 4.07
C GLY DA 354 -113.06 -27.71 3.80
N LYS DA 355 -113.83 -27.34 4.82
CA LYS DA 355 -115.29 -27.45 4.75
C LYS DA 355 -116.00 -26.11 4.73
N MET DA 356 -115.29 -25.01 4.98
CA MET DA 356 -115.84 -23.64 5.02
C MET DA 356 -116.95 -23.54 6.06
N THR DA 357 -116.54 -23.66 7.32
CA THR DA 357 -117.44 -23.51 8.46
C THR DA 357 -117.25 -22.13 9.04
N ASN DA 358 -118.32 -21.32 9.02
CA ASN DA 358 -118.28 -20.02 9.66
C ASN DA 358 -118.49 -20.17 11.16
N PHE DA 359 -117.69 -19.46 11.94
CA PHE DA 359 -117.71 -19.59 13.38
C PHE DA 359 -118.11 -18.29 14.05
N SER DA 360 -118.31 -18.36 15.35
CA SER DA 360 -118.80 -17.25 16.16
C SER DA 360 -117.68 -16.75 17.06
N PHE DA 361 -117.36 -15.45 16.95
CA PHE DA 361 -116.32 -14.83 17.75
C PHE DA 361 -116.96 -14.27 19.02
N GLY DA 362 -116.76 -14.95 20.14
CA GLY DA 362 -117.39 -14.59 21.39
C GLY DA 362 -116.68 -13.55 22.21
N GLY DA 363 -115.62 -12.95 21.70
CA GLY DA 363 -114.94 -11.86 22.39
C GLY DA 363 -113.83 -12.34 23.29
N VAL DA 364 -113.04 -11.36 23.76
CA VAL DA 364 -111.88 -11.61 24.60
C VAL DA 364 -112.01 -10.80 25.88
N TYR DA 365 -111.41 -11.30 26.95
CA TYR DA 365 -111.30 -10.55 28.19
C TYR DA 365 -110.04 -10.98 28.92
N GLN DA 366 -109.50 -10.06 29.70
CA GLN DA 366 -108.20 -10.25 30.35
C GLN DA 366 -108.30 -9.83 31.80
N GLU DA 367 -107.89 -10.71 32.70
CA GLU DA 367 -107.82 -10.38 34.11
C GLU DA 367 -106.46 -9.79 34.44
N CYS DA 368 -106.38 -9.15 35.62
CA CYS DA 368 -105.11 -8.69 36.13
C CYS DA 368 -105.06 -8.90 37.64
N THR DA 369 -103.85 -9.10 38.16
CA THR DA 369 -103.65 -9.34 39.59
C THR DA 369 -102.34 -8.69 39.99
N GLN DA 370 -102.42 -7.60 40.74
CA GLN DA 370 -101.23 -6.89 41.20
C GLN DA 370 -100.47 -7.73 42.21
N LEU DA 371 -99.17 -7.86 42.01
CA LEU DA 371 -98.31 -8.64 42.90
C LEU DA 371 -97.45 -7.78 43.80
N SER DA 372 -96.92 -6.67 43.28
CA SER DA 372 -96.08 -5.78 44.07
C SER DA 372 -96.13 -4.39 43.45
N GLY DA 373 -95.86 -3.38 44.26
CA GLY DA 373 -95.85 -2.01 43.78
C GLY DA 373 -97.20 -1.33 43.89
N ASN DA 374 -97.86 -1.50 45.02
CA ASN DA 374 -99.19 -0.94 45.22
C ASN DA 374 -99.12 0.57 45.42
N ARG DA 375 -100.20 1.24 45.02
CA ARG DA 375 -100.42 2.68 45.17
C ARG DA 375 -99.38 3.54 44.47
N ASP DA 376 -98.67 2.99 43.49
CA ASP DA 376 -97.64 3.71 42.77
C ASP DA 376 -97.89 3.74 41.27
N VAL DA 377 -98.21 2.60 40.67
CA VAL DA 377 -98.36 2.49 39.23
C VAL DA 377 -99.81 2.25 38.83
N LEU DA 378 -100.53 1.42 39.60
CA LEU DA 378 -101.84 0.85 39.27
C LEU DA 378 -101.78 0.13 37.93
N LEU DA 379 -100.99 -0.96 37.94
CA LEU DA 379 -100.83 -1.81 36.76
C LEU DA 379 -102.12 -2.47 36.36
N CYS DA 380 -103.00 -2.76 37.30
CA CYS DA 380 -104.22 -3.51 37.06
C CYS DA 380 -105.36 -2.60 36.58
N GLN DA 381 -105.04 -1.46 35.96
CA GLN DA 381 -106.01 -0.56 35.40
C GLN DA 381 -105.86 -0.37 33.90
N LYS DA 382 -104.63 -0.17 33.43
CA LYS DA 382 -104.35 -0.10 32.00
C LYS DA 382 -103.97 -1.45 31.42
N LEU DA 383 -104.22 -2.54 32.14
CA LEU DA 383 -103.91 -3.89 31.68
C LEU DA 383 -105.12 -4.81 31.84
N GLU DA 384 -106.30 -4.21 31.96
CA GLU DA 384 -107.52 -4.94 32.26
C GLU DA 384 -108.53 -4.70 31.14
N GLN DA 385 -109.15 -5.76 30.65
CA GLN DA 385 -110.13 -5.65 29.58
C GLN DA 385 -111.32 -6.56 29.87
N LYS DA 386 -112.52 -6.02 29.69
CA LYS DA 386 -113.75 -6.77 29.88
C LYS DA 386 -114.38 -7.10 28.54
N ASN DA 387 -115.19 -8.15 28.54
CA ASN DA 387 -115.88 -8.61 27.34
C ASN DA 387 -117.00 -7.63 26.99
N PRO DA 388 -117.04 -7.09 25.76
CA PRO DA 388 -118.14 -6.18 25.41
C PRO DA 388 -119.50 -6.86 25.31
N LEU DA 389 -119.54 -8.17 25.16
CA LEU DA 389 -120.82 -8.86 25.04
C LEU DA 389 -121.50 -9.05 26.39
N THR DA 390 -120.74 -9.08 27.48
CA THR DA 390 -121.32 -9.22 28.81
C THR DA 390 -121.01 -8.06 29.74
N GLY DA 391 -120.01 -7.25 29.45
CA GLY DA 391 -119.57 -6.25 30.40
C GLY DA 391 -118.94 -6.84 31.64
N ASP DA 392 -118.36 -8.02 31.53
CA ASP DA 392 -117.94 -8.79 32.70
C ASP DA 392 -116.79 -9.68 32.27
N PHE DA 393 -116.16 -10.33 33.25
CA PHE DA 393 -115.09 -11.29 32.98
C PHE DA 393 -115.67 -12.69 32.80
N SER DA 394 -116.54 -12.80 31.80
CA SER DA 394 -117.21 -14.05 31.51
C SER DA 394 -117.66 -14.03 30.06
N CYS DA 395 -117.88 -15.21 29.52
CA CYS DA 395 -118.44 -15.37 28.20
C CYS DA 395 -119.95 -15.29 28.27
N PRO DA 396 -120.64 -15.03 27.14
CA PRO DA 396 -122.11 -15.07 27.16
C PRO DA 396 -122.70 -16.46 27.36
N SER DA 397 -124.03 -16.55 27.28
CA SER DA 397 -124.74 -17.78 27.62
C SER DA 397 -124.45 -18.89 26.62
N GLY DA 398 -124.27 -18.56 25.35
CA GLY DA 398 -123.94 -19.55 24.37
C GLY DA 398 -122.47 -19.84 24.18
N TYR DA 399 -121.61 -19.36 25.08
CA TYR DA 399 -120.18 -19.46 24.90
C TYR DA 399 -119.52 -20.07 26.14
N SER DA 400 -118.19 -20.23 26.06
CA SER DA 400 -117.39 -20.85 27.11
C SER DA 400 -115.98 -20.29 27.05
N PRO DA 401 -115.31 -20.06 28.18
CA PRO DA 401 -113.98 -19.46 28.15
C PRO DA 401 -112.87 -20.46 27.87
N VAL DA 402 -111.88 -20.00 27.12
CA VAL DA 402 -110.66 -20.76 26.83
C VAL DA 402 -109.47 -19.91 27.25
N HIS DA 403 -108.61 -20.46 28.09
CA HIS DA 403 -107.46 -19.76 28.64
C HIS DA 403 -106.32 -19.75 27.63
N LEU DA 404 -105.91 -18.56 27.19
CA LEU DA 404 -104.80 -18.49 26.23
C LEU DA 404 -103.46 -18.58 26.92
N LEU DA 405 -103.13 -17.61 27.77
CA LEU DA 405 -101.78 -17.47 28.26
C LEU DA 405 -101.78 -16.62 29.51
N SER DA 406 -100.88 -16.96 30.44
CA SER DA 406 -100.78 -16.30 31.74
C SER DA 406 -99.32 -16.02 32.03
N GLN DA 407 -98.94 -14.75 32.06
CA GLN DA 407 -97.56 -14.35 32.31
C GLN DA 407 -97.53 -13.16 33.26
N ILE DA 408 -96.32 -12.71 33.57
CA ILE DA 408 -96.07 -11.62 34.50
C ILE DA 408 -95.61 -10.40 33.71
N HIS DA 409 -96.26 -9.27 33.95
CA HIS DA 409 -95.85 -8.01 33.36
C HIS DA 409 -95.08 -7.19 34.39
N GLU DA 410 -94.11 -6.42 33.91
CA GLU DA 410 -93.27 -5.59 34.77
C GLU DA 410 -93.21 -4.18 34.24
N GLU DA 411 -93.39 -3.20 35.12
CA GLU DA 411 -93.11 -1.81 34.82
C GLU DA 411 -92.30 -1.20 35.94
N GLY DA 412 -91.74 -0.03 35.67
CA GLY DA 412 -90.88 0.65 36.61
C GLY DA 412 -91.48 1.98 37.06
N TYR DA 413 -91.30 2.29 38.34
CA TYR DA 413 -91.71 3.56 38.90
C TYR DA 413 -90.54 4.18 39.65
N ASN DA 414 -90.72 5.43 40.07
CA ASN DA 414 -89.58 6.30 40.36
C ASN DA 414 -89.90 7.18 41.55
N HIS DA 415 -89.02 7.17 42.55
CA HIS DA 415 -89.05 8.13 43.64
C HIS DA 415 -87.90 9.10 43.48
N LEU DA 416 -88.05 10.29 44.05
CA LEU DA 416 -87.01 11.30 44.03
C LEU DA 416 -87.05 12.07 45.34
N GLU DA 417 -86.01 11.92 46.14
CA GLU DA 417 -85.94 12.54 47.46
C GLU DA 417 -84.71 13.44 47.53
N CYS DA 418 -84.89 14.62 48.12
CA CYS DA 418 -83.81 15.60 48.23
C CYS DA 418 -83.88 16.26 49.60
N HIS DA 419 -82.73 16.41 50.24
CA HIS DA 419 -82.65 17.26 51.42
C HIS DA 419 -81.31 17.98 51.43
N ARG DA 420 -81.31 19.15 52.04
CA ARG DA 420 -80.18 20.07 52.03
C ARG DA 420 -79.76 20.36 53.46
N LYS DA 421 -78.46 20.44 53.69
CA LYS DA 421 -77.91 20.65 55.02
C LYS DA 421 -76.71 21.58 54.93
N CYS DA 422 -76.64 22.56 55.84
CA CYS DA 422 -75.56 23.53 55.88
C CYS DA 422 -74.82 23.41 57.21
N THR DA 423 -73.50 23.57 57.16
CA THR DA 423 -72.64 23.36 58.31
C THR DA 423 -71.70 24.54 58.48
N LEU DA 424 -71.82 25.25 59.61
CA LEU DA 424 -71.03 26.43 59.96
C LEU DA 424 -71.21 27.57 58.98
N LYS DA 425 -72.40 27.65 58.38
CA LYS DA 425 -72.89 28.69 57.45
C LYS DA 425 -72.15 28.73 56.11
N VAL DA 426 -71.14 27.87 55.91
CA VAL DA 426 -70.46 27.67 54.64
C VAL DA 426 -70.81 26.22 54.35
N PHE DA 427 -70.31 25.65 53.25
CA PHE DA 427 -70.27 24.19 53.03
C PHE DA 427 -71.68 23.58 52.97
N CYS DA 428 -72.47 24.05 52.01
CA CYS DA 428 -73.82 23.55 51.86
C CYS DA 428 -73.81 22.20 51.16
N LYS DA 429 -74.47 21.22 51.77
CA LYS DA 429 -74.53 19.86 51.22
C LYS DA 429 -75.94 19.57 50.76
N THR DA 430 -76.07 19.06 49.53
CA THR DA 430 -77.34 18.69 48.95
C THR DA 430 -77.20 17.32 48.33
N VAL DA 431 -78.00 16.36 48.79
CA VAL DA 431 -78.01 15.02 48.22
C VAL DA 431 -79.37 14.77 47.57
N CYS DA 432 -79.35 14.20 46.37
CA CYS DA 432 -80.55 13.99 45.56
C CYS DA 432 -80.59 12.53 45.17
N GLU DA 433 -81.44 11.75 45.84
CA GLU DA 433 -81.51 10.31 45.63
C GLU DA 433 -82.72 9.98 44.77
N ASP DA 434 -82.53 9.07 43.81
CA ASP DA 434 -83.55 8.71 42.83
C ASP DA 434 -83.62 7.20 42.69
N VAL DA 435 -84.63 6.58 43.30
CA VAL DA 435 -84.75 5.13 43.37
C VAL DA 435 -85.71 4.65 42.28
N PHE DA 436 -85.29 3.65 41.52
CA PHE DA 436 -86.09 3.03 40.48
C PHE DA 436 -86.45 1.62 40.92
N GLN DA 437 -87.74 1.35 41.09
CA GLN DA 437 -88.20 0.03 41.50
C GLN DA 437 -89.06 -0.58 40.41
N VAL DA 438 -89.30 -1.88 40.52
CA VAL DA 438 -90.02 -2.66 39.52
C VAL DA 438 -91.34 -3.12 40.12
N ALA DA 439 -92.44 -2.78 39.47
CA ALA DA 439 -93.77 -3.23 39.87
C ALA DA 439 -94.24 -4.35 38.96
N LYS DA 440 -94.73 -5.43 39.56
CA LYS DA 440 -95.11 -6.62 38.82
C LYS DA 440 -96.62 -6.83 38.86
N ALA DA 441 -97.12 -7.59 37.89
CA ALA DA 441 -98.54 -7.90 37.79
C ALA DA 441 -98.73 -9.15 36.98
N GLU DA 442 -99.61 -10.02 37.45
CA GLU DA 442 -100.02 -11.22 36.73
C GLU DA 442 -101.23 -10.90 35.87
N PHE DA 443 -101.22 -11.36 34.62
CA PHE DA 443 -102.40 -11.26 33.78
C PHE DA 443 -102.78 -12.63 33.24
N ARG DA 444 -104.08 -12.83 33.03
CA ARG DA 444 -104.62 -14.06 32.48
C ARG DA 444 -105.60 -13.68 31.38
N ALA DA 445 -105.25 -14.00 30.15
CA ALA DA 445 -106.08 -13.67 29.00
C ALA DA 445 -106.93 -14.87 28.62
N PHE DA 446 -108.24 -14.66 28.50
CA PHE DA 446 -109.19 -15.70 28.14
C PHE DA 446 -109.80 -15.38 26.79
N TRP DA 447 -110.61 -16.32 26.32
CA TRP DA 447 -111.17 -16.24 24.98
C TRP DA 447 -112.40 -17.12 24.89
N CYS DA 448 -113.44 -16.63 24.24
CA CYS DA 448 -114.74 -17.29 24.21
C CYS DA 448 -114.91 -18.13 22.95
N VAL DA 449 -115.60 -19.26 23.08
CA VAL DA 449 -115.81 -20.21 22.00
C VAL DA 449 -117.27 -20.62 21.98
N ALA DA 450 -117.85 -20.73 20.78
CA ALA DA 450 -119.22 -21.20 20.64
C ALA DA 450 -119.31 -22.67 21.00
N SER DA 451 -119.82 -22.98 22.19
CA SER DA 451 -119.92 -24.35 22.67
C SER DA 451 -121.36 -24.81 22.88
N SER DA 452 -122.35 -23.96 22.62
CA SER DA 452 -123.74 -24.32 22.77
C SER DA 452 -124.44 -24.60 21.46
N GLN DA 453 -123.80 -24.26 20.33
CA GLN DA 453 -124.14 -24.63 18.95
C GLN DA 453 -125.37 -23.88 18.42
N VAL DA 454 -126.10 -23.17 19.29
CA VAL DA 454 -127.25 -22.39 18.85
C VAL DA 454 -127.04 -20.94 19.28
N PRO DA 455 -126.39 -20.11 18.47
CA PRO DA 455 -126.47 -18.66 18.70
C PRO DA 455 -127.55 -18.03 17.83
N GLU DA 456 -128.06 -16.88 18.25
CA GLU DA 456 -128.91 -16.09 17.37
C GLU DA 456 -128.05 -15.30 16.37
N ASN DA 457 -127.20 -14.42 16.88
CA ASN DA 457 -126.17 -13.76 16.10
C ASN DA 457 -124.83 -14.00 16.78
N SER DA 458 -123.77 -14.05 15.97
CA SER DA 458 -122.45 -14.44 16.47
C SER DA 458 -121.86 -13.37 17.37
N GLY DA 459 -121.73 -12.15 16.86
CA GLY DA 459 -121.16 -11.09 17.65
C GLY DA 459 -119.75 -10.75 17.26
N LEU DA 460 -119.48 -9.44 17.21
CA LEU DA 460 -118.13 -8.86 17.12
C LEU DA 460 -117.41 -9.31 15.85
N LEU DA 461 -117.96 -8.89 14.71
CA LEU DA 461 -117.53 -9.41 13.41
C LEU DA 461 -116.27 -8.71 12.93
N PHE DA 462 -115.14 -9.13 13.49
CA PHE DA 462 -113.78 -8.91 12.98
C PHE DA 462 -112.84 -9.78 13.78
N GLY DA 463 -111.69 -10.11 13.18
CA GLY DA 463 -110.73 -10.93 13.86
C GLY DA 463 -109.28 -10.57 13.58
N GLY DA 464 -109.04 -9.33 13.15
CA GLY DA 464 -107.70 -8.87 12.82
C GLY DA 464 -107.06 -8.09 13.95
N LEU DA 465 -105.73 -8.17 14.01
CA LEU DA 465 -104.97 -7.74 15.17
C LEU DA 465 -103.89 -6.76 14.73
N PHE DA 466 -103.40 -5.99 15.69
CA PHE DA 466 -102.15 -5.25 15.51
C PHE DA 466 -101.50 -5.05 16.86
N SER DA 467 -100.18 -5.08 16.87
CA SER DA 467 -99.40 -4.97 18.09
C SER DA 467 -98.81 -3.57 18.20
N SER DA 468 -97.94 -3.38 19.18
CA SER DA 468 -97.10 -2.20 19.23
C SER DA 468 -95.94 -2.27 18.25
N LYS DA 469 -95.71 -3.43 17.63
CA LYS DA 469 -94.68 -3.59 16.62
C LYS DA 469 -95.21 -4.24 15.35
N SER DA 470 -96.52 -4.44 15.25
CA SER DA 470 -97.15 -5.05 14.09
C SER DA 470 -98.12 -4.06 13.46
N ILE DA 471 -98.77 -4.50 12.39
CA ILE DA 471 -99.63 -3.66 11.56
C ILE DA 471 -100.89 -4.46 11.23
N ASN DA 472 -102.05 -3.85 11.42
CA ASN DA 472 -103.30 -4.44 10.95
C ASN DA 472 -103.31 -4.40 9.43
N PRO DA 473 -103.41 -5.56 8.75
CA PRO DA 473 -103.38 -5.53 7.28
C PRO DA 473 -104.66 -5.00 6.66
N MET DA 474 -105.75 -4.93 7.41
CA MET DA 474 -106.98 -4.36 6.89
C MET DA 474 -106.98 -2.84 6.95
N THR DA 475 -105.99 -2.23 7.58
CA THR DA 475 -105.81 -0.78 7.51
C THR DA 475 -104.43 -0.38 7.00
N ASN DA 476 -103.47 -1.32 6.93
CA ASN DA 476 -102.04 -1.06 6.67
C ASN DA 476 -101.47 -0.02 7.62
N ALA DA 477 -101.93 -0.04 8.86
CA ALA DA 477 -101.50 0.88 9.89
C ALA DA 477 -101.83 0.28 11.25
N GLN DA 478 -101.48 1.01 12.30
CA GLN DA 478 -101.82 0.63 13.67
C GLN DA 478 -103.12 1.30 14.10
N SER DA 479 -104.18 1.01 13.36
CA SER DA 479 -105.45 1.64 13.60
C SER DA 479 -106.57 0.66 13.29
N CYS DA 480 -107.75 1.01 13.72
CA CYS DA 480 -108.96 0.24 13.48
C CYS DA 480 -109.56 0.63 12.15
N PRO DA 481 -110.37 -0.25 11.54
CA PRO DA 481 -111.13 0.17 10.34
C PRO DA 481 -112.30 1.06 10.69
N ALA DA 482 -113.12 1.39 9.69
CA ALA DA 482 -114.21 2.36 9.86
C ALA DA 482 -115.30 1.79 10.75
N GLY DA 483 -115.38 2.30 11.99
CA GLY DA 483 -116.43 1.91 12.92
C GLY DA 483 -116.06 0.71 13.77
N TYR DA 484 -114.82 0.67 14.27
CA TYR DA 484 -114.29 -0.46 15.01
C TYR DA 484 -113.60 0.04 16.27
N PHE DA 485 -113.80 -0.67 17.38
CA PHE DA 485 -113.14 -0.28 18.62
C PHE DA 485 -112.22 -1.40 19.09
N PRO DA 486 -111.02 -1.08 19.57
CA PRO DA 486 -110.05 -2.12 19.90
C PRO DA 486 -110.26 -2.67 21.29
N LEU DA 487 -109.86 -3.92 21.48
CA LEU DA 487 -109.90 -4.59 22.77
C LEU DA 487 -108.47 -4.93 23.16
N ARG DA 488 -108.05 -4.45 24.32
CA ARG DA 488 -106.67 -4.66 24.73
C ARG DA 488 -106.46 -6.09 25.19
N LEU DA 489 -105.26 -6.61 24.90
CA LEU DA 489 -104.89 -7.97 25.21
C LEU DA 489 -103.43 -7.90 25.67
N PHE DA 490 -102.72 -9.03 25.65
CA PHE DA 490 -101.70 -9.46 26.60
C PHE DA 490 -100.83 -8.34 27.18
N GLU DA 491 -100.09 -7.68 26.34
CA GLU DA 491 -99.43 -6.44 26.71
C GLU DA 491 -99.66 -5.35 25.68
N ASN DA 492 -99.71 -5.71 24.40
CA ASN DA 492 -99.80 -4.70 23.34
C ASN DA 492 -100.82 -5.04 22.26
N LEU DA 493 -101.45 -6.21 22.29
CA LEU DA 493 -102.43 -6.53 21.27
C LEU DA 493 -103.68 -5.69 21.42
N LYS DA 494 -104.19 -5.21 20.30
CA LYS DA 494 -105.46 -4.50 20.23
C LYS DA 494 -106.27 -5.15 19.14
N VAL DA 495 -107.30 -5.89 19.53
CA VAL DA 495 -108.13 -6.65 18.59
C VAL DA 495 -109.31 -5.77 18.18
N CYS DA 496 -109.40 -5.49 16.88
CA CYS DA 496 -110.44 -4.60 16.39
C CYS DA 496 -111.76 -5.35 16.29
N VAL DA 497 -112.85 -4.69 16.73
CA VAL DA 497 -114.11 -5.35 17.03
C VAL DA 497 -115.26 -4.40 16.73
N SER DA 498 -116.25 -4.87 15.97
CA SER DA 498 -117.50 -4.15 15.77
C SER DA 498 -118.64 -5.16 15.71
N GLN DA 499 -119.78 -4.79 16.29
CA GLN DA 499 -120.98 -5.61 16.29
C GLN DA 499 -122.15 -4.88 15.63
N ASP DA 500 -121.87 -4.15 14.56
CA ASP DA 500 -122.86 -3.30 13.91
C ASP DA 500 -123.66 -4.03 12.84
N TYR DA 501 -123.06 -5.04 12.18
CA TYR DA 501 -123.65 -5.93 11.19
C TYR DA 501 -124.02 -5.26 9.86
N GLU DA 502 -123.88 -3.94 9.77
CA GLU DA 502 -124.13 -3.22 8.53
C GLU DA 502 -122.91 -2.45 8.06
N LEU DA 503 -122.33 -1.62 8.92
CA LEU DA 503 -121.09 -0.93 8.59
C LEU DA 503 -119.87 -1.76 8.93
N GLY DA 504 -120.04 -2.89 9.62
CA GLY DA 504 -118.94 -3.75 9.98
C GLY DA 504 -118.74 -4.88 8.99
N SER DA 505 -119.76 -5.17 8.19
CA SER DA 505 -119.68 -6.29 7.25
C SER DA 505 -118.85 -5.99 6.02
N ARG DA 506 -118.44 -4.74 5.82
CA ARG DA 506 -117.50 -4.45 4.73
C ARG DA 506 -116.11 -4.99 5.05
N PHE DA 507 -115.70 -4.92 6.30
CA PHE DA 507 -114.36 -5.29 6.71
C PHE DA 507 -114.31 -6.58 7.52
N ALA DA 508 -115.46 -7.22 7.76
CA ALA DA 508 -115.48 -8.42 8.59
C ALA DA 508 -114.84 -9.59 7.87
N VAL DA 509 -113.87 -10.22 8.53
CA VAL DA 509 -113.16 -11.36 7.96
C VAL DA 509 -113.66 -12.63 8.63
N PRO DA 510 -113.61 -13.79 7.97
CA PRO DA 510 -113.93 -15.05 8.66
C PRO DA 510 -112.85 -15.37 9.68
N PHE DA 511 -113.26 -15.52 10.93
CA PHE DA 511 -112.34 -15.74 12.02
C PHE DA 511 -112.27 -17.22 12.35
N GLY DA 512 -111.08 -17.68 12.74
CA GLY DA 512 -110.86 -19.09 12.95
C GLY DA 512 -110.53 -19.51 14.37
N GLY DA 513 -109.85 -18.67 15.12
CA GLY DA 513 -109.52 -18.98 16.50
C GLY DA 513 -108.09 -18.61 16.86
N PHE DA 514 -107.84 -18.53 18.16
CA PHE DA 514 -106.51 -18.30 18.70
C PHE DA 514 -105.93 -19.60 19.22
N PHE DA 515 -104.60 -19.70 19.17
CA PHE DA 515 -103.89 -20.75 19.89
C PHE DA 515 -102.47 -20.27 20.17
N SER DA 516 -101.84 -20.90 21.13
CA SER DA 516 -100.51 -20.49 21.57
C SER DA 516 -99.66 -21.74 21.73
N CYS DA 517 -98.48 -21.58 22.34
CA CYS DA 517 -97.57 -22.69 22.51
C CYS DA 517 -98.01 -23.65 23.61
N THR DA 518 -98.99 -23.29 24.41
CA THR DA 518 -99.46 -24.12 25.50
C THR DA 518 -100.89 -24.61 25.35
N VAL DA 519 -101.73 -23.90 24.61
CA VAL DA 519 -103.15 -24.24 24.49
C VAL DA 519 -103.48 -24.35 23.01
N GLY DA 520 -104.50 -25.15 22.70
CA GLY DA 520 -104.99 -25.27 21.35
C GLY DA 520 -106.40 -24.74 21.20
N ASN DA 521 -106.80 -24.39 19.98
CA ASN DA 521 -108.18 -23.97 19.85
C ASN DA 521 -109.11 -25.18 19.78
N PRO DA 522 -110.29 -25.09 20.36
CA PRO DA 522 -111.22 -26.22 20.34
C PRO DA 522 -112.12 -26.22 19.11
N LEU DA 523 -111.75 -25.49 18.06
CA LEU DA 523 -112.58 -25.37 16.87
C LEU DA 523 -112.14 -26.35 15.78
N VAL DA 524 -111.43 -27.41 16.15
CA VAL DA 524 -110.95 -28.40 15.21
C VAL DA 524 -111.53 -29.79 15.49
N ASP DA 525 -111.70 -30.15 16.77
CA ASP DA 525 -112.11 -31.50 17.11
C ASP DA 525 -113.61 -31.76 16.93
N PRO DA 526 -114.53 -30.85 17.36
CA PRO DA 526 -115.89 -31.17 16.92
C PRO DA 526 -116.17 -30.66 15.51
N PRO DA 535 -106.26 -32.91 25.17
CA PRO DA 535 -106.95 -31.64 24.89
C PRO DA 535 -107.08 -31.34 23.40
N SER DA 536 -106.87 -30.08 23.03
CA SER DA 536 -107.07 -29.66 21.65
C SER DA 536 -105.84 -29.97 20.82
N LEU DA 537 -105.79 -29.42 19.60
CA LEU DA 537 -104.79 -29.82 18.62
C LEU DA 537 -103.82 -28.71 18.24
N LYS DA 538 -104.15 -27.44 18.53
CA LYS DA 538 -103.43 -26.21 18.13
C LYS DA 538 -102.99 -26.20 16.67
N LYS DA 539 -103.78 -26.83 15.80
CA LYS DA 539 -103.46 -26.82 14.38
C LYS DA 539 -104.05 -25.61 13.67
N CYS DA 540 -105.36 -25.65 13.42
CA CYS DA 540 -106.13 -24.75 12.57
C CYS DA 540 -107.55 -25.28 12.60
N PRO DA 541 -108.58 -24.53 12.16
CA PRO DA 541 -109.87 -25.19 11.94
C PRO DA 541 -109.89 -26.06 10.70
N GLY DA 542 -109.23 -25.63 9.62
CA GLY DA 542 -109.30 -26.34 8.37
C GLY DA 542 -109.89 -25.48 7.28
N GLY DA 543 -109.08 -25.13 6.29
CA GLY DA 543 -109.42 -24.13 5.32
C GLY DA 543 -108.90 -22.75 5.66
N PHE DA 544 -108.72 -22.48 6.94
CA PHE DA 544 -108.16 -21.21 7.40
C PHE DA 544 -106.64 -21.25 7.29
N SER DA 545 -105.98 -20.15 7.64
CA SER DA 545 -104.54 -20.04 7.56
C SER DA 545 -104.00 -19.46 8.84
N GLN DA 546 -102.98 -20.09 9.40
CA GLN DA 546 -102.34 -19.57 10.60
C GLN DA 546 -101.60 -18.28 10.30
N HIS DA 547 -101.70 -17.32 11.21
CA HIS DA 547 -100.93 -16.12 11.11
C HIS DA 547 -100.50 -15.75 12.52
N PRO DA 548 -99.26 -15.33 12.70
CA PRO DA 548 -98.76 -15.07 14.05
C PRO DA 548 -99.16 -13.69 14.55
N ALA DA 549 -99.58 -13.66 15.81
CA ALA DA 549 -99.66 -12.43 16.60
C ALA DA 549 -98.30 -12.21 17.25
N LEU DA 550 -98.22 -11.36 18.27
CA LEU DA 550 -96.93 -11.08 18.90
C LEU DA 550 -96.40 -12.28 19.67
N ILE DA 551 -95.19 -12.13 20.19
CA ILE DA 551 -94.52 -13.13 21.00
C ILE DA 551 -94.49 -12.63 22.44
N SER DA 552 -95.08 -13.40 23.34
CA SER DA 552 -95.15 -13.05 24.76
C SER DA 552 -94.05 -13.82 25.49
N ASP DA 553 -92.83 -13.28 25.41
CA ASP DA 553 -91.66 -13.75 26.16
C ASP DA 553 -91.32 -15.21 25.86
N GLY DA 554 -91.14 -15.51 24.58
CA GLY DA 554 -90.74 -16.82 24.15
C GLY DA 554 -91.85 -17.70 23.65
N CYS DA 555 -93.11 -17.35 23.92
CA CYS DA 555 -94.26 -18.10 23.44
C CYS DA 555 -94.94 -17.32 22.34
N GLN DA 556 -95.41 -18.04 21.32
CA GLN DA 556 -95.97 -17.44 20.12
C GLN DA 556 -97.48 -17.65 20.11
N VAL DA 557 -98.22 -16.57 19.93
CA VAL DA 557 -99.67 -16.61 19.83
C VAL DA 557 -100.04 -16.48 18.36
N SER DA 558 -100.90 -17.36 17.88
CA SER DA 558 -101.27 -17.38 16.47
C SER DA 558 -102.79 -17.36 16.32
N TYR DA 559 -103.26 -16.83 15.19
CA TYR DA 559 -104.68 -16.70 14.93
C TYR DA 559 -104.97 -17.11 13.49
N CYS DA 560 -106.17 -17.64 13.27
CA CYS DA 560 -106.57 -18.21 11.99
C CYS DA 560 -107.59 -17.32 11.29
N VAL DA 561 -107.49 -17.27 9.95
CA VAL DA 561 -108.31 -16.37 9.14
C VAL DA 561 -108.32 -16.94 7.72
N LYS DA 562 -109.34 -16.57 6.94
CA LYS DA 562 -109.51 -17.07 5.58
C LYS DA 562 -109.83 -15.92 4.63
N SER DA 563 -109.00 -14.88 4.63
CA SER DA 563 -109.26 -13.81 3.68
C SER DA 563 -108.70 -14.14 2.30
N GLY DA 564 -107.40 -14.39 2.23
CA GLY DA 564 -106.63 -14.30 1.02
C GLY DA 564 -105.81 -13.03 0.93
N LEU DA 565 -106.24 -11.99 1.64
CA LEU DA 565 -105.43 -10.78 1.76
C LEU DA 565 -104.27 -11.01 2.71
N PHE DA 566 -104.49 -11.79 3.77
CA PHE DA 566 -103.42 -12.10 4.72
C PHE DA 566 -102.38 -13.04 4.10
N THR DA 567 -102.77 -13.84 3.12
CA THR DA 567 -101.90 -14.90 2.62
C THR DA 567 -100.85 -14.36 1.65
N GLY DA 568 -101.28 -13.74 0.56
CA GLY DA 568 -100.37 -13.39 -0.51
C GLY DA 568 -99.47 -12.21 -0.20
N GLY DA 569 -98.68 -11.83 -1.20
CA GLY DA 569 -97.71 -10.77 -1.06
C GLY DA 569 -96.36 -11.20 -1.59
N SER DA 570 -95.31 -11.00 -0.81
CA SER DA 570 -94.00 -11.57 -1.09
C SER DA 570 -93.62 -12.52 0.05
N LEU DA 571 -92.58 -13.29 -0.19
CA LEU DA 571 -92.10 -14.20 0.84
C LEU DA 571 -91.38 -13.41 1.92
N PRO DA 572 -91.72 -13.58 3.19
CA PRO DA 572 -91.09 -12.80 4.25
C PRO DA 572 -89.67 -13.26 4.50
N PRO DA 573 -88.82 -12.43 5.07
CA PRO DA 573 -87.52 -12.89 5.52
C PRO DA 573 -87.64 -13.66 6.82
N ALA DA 574 -86.51 -14.21 7.26
CA ALA DA 574 -86.50 -14.94 8.51
C ALA DA 574 -86.57 -13.99 9.69
N ARG DA 575 -87.26 -14.42 10.74
CA ARG DA 575 -87.19 -13.73 12.01
C ARG DA 575 -85.87 -14.07 12.70
N LEU DA 576 -85.03 -13.07 12.87
CA LEU DA 576 -83.74 -13.33 13.46
C LEU DA 576 -83.81 -13.17 14.96
N PRO DA 577 -82.94 -13.84 15.72
CA PRO DA 577 -82.88 -13.62 17.16
C PRO DA 577 -82.35 -12.24 17.48
N PRO DA 578 -82.45 -11.77 18.75
CA PRO DA 578 -83.08 -12.27 19.97
C PRO DA 578 -84.57 -12.07 19.93
N PHE DA 579 -85.30 -13.00 20.55
CA PHE DA 579 -86.74 -12.93 20.60
C PHE DA 579 -87.25 -12.46 21.95
N THR DA 580 -86.36 -12.34 22.93
CA THR DA 580 -86.70 -11.76 24.22
C THR DA 580 -85.88 -10.49 24.39
N ARG DA 581 -86.16 -9.79 25.47
CA ARG DA 581 -85.43 -8.59 25.86
C ARG DA 581 -84.83 -8.82 27.24
N PRO DA 582 -83.73 -8.14 27.58
CA PRO DA 582 -83.19 -8.27 28.93
C PRO DA 582 -84.11 -7.62 29.94
N PRO DA 583 -84.25 -8.21 31.12
CA PRO DA 583 -85.30 -7.79 32.06
C PRO DA 583 -84.93 -6.48 32.77
N LEU DA 584 -85.93 -5.95 33.47
CA LEU DA 584 -85.75 -4.73 34.23
C LEU DA 584 -85.12 -5.02 35.59
N MET DA 585 -84.32 -4.08 36.05
CA MET DA 585 -83.60 -4.20 37.30
C MET DA 585 -83.89 -2.98 38.17
N SER DA 586 -83.92 -3.18 39.47
CA SER DA 586 -84.14 -2.07 40.39
C SER DA 586 -82.82 -1.34 40.65
N GLN DA 587 -82.89 -0.02 40.61
CA GLN DA 587 -81.73 0.86 40.51
C GLN DA 587 -81.78 1.91 41.61
N ALA DA 588 -80.71 2.71 41.68
CA ALA DA 588 -80.62 3.84 42.61
C ALA DA 588 -79.55 4.78 42.10
N ALA DA 589 -79.79 6.07 42.20
CA ALA DA 589 -78.85 7.06 41.71
C ALA DA 589 -78.85 8.26 42.65
N THR DA 590 -77.66 8.62 43.15
CA THR DA 590 -77.50 9.72 44.07
C THR DA 590 -76.61 10.80 43.48
N ASN DA 591 -76.76 12.01 44.00
CA ASN DA 591 -76.01 13.19 43.55
C ASN DA 591 -75.76 14.06 44.77
N THR DA 592 -74.55 14.00 45.32
CA THR DA 592 -74.17 14.86 46.44
C THR DA 592 -73.38 16.05 45.91
N VAL DA 593 -73.79 17.25 46.29
CA VAL DA 593 -73.13 18.49 45.87
C VAL DA 593 -72.69 19.23 47.12
N ILE DA 594 -71.42 19.62 47.16
CA ILE DA 594 -70.88 20.46 48.23
C ILE DA 594 -70.58 21.83 47.64
N VAL DA 595 -71.12 22.87 48.27
CA VAL DA 595 -70.96 24.23 47.80
C VAL DA 595 -70.31 25.04 48.92
N THR DA 596 -69.10 25.53 48.69
CA THR DA 596 -68.47 26.44 49.64
C THR DA 596 -68.93 27.85 49.31
N ASN DA 597 -69.58 28.49 50.27
CA ASN DA 597 -70.15 29.82 50.09
C ASN DA 597 -69.15 30.93 50.38
N SER DA 598 -67.87 30.60 50.47
CA SER DA 598 -66.90 31.59 50.94
C SER DA 598 -65.50 31.25 50.46
N GLU DA 599 -64.69 32.29 50.29
CA GLU DA 599 -63.25 32.15 50.29
C GLU DA 599 -62.77 32.09 51.73
N ASN DA 600 -61.45 31.97 51.92
CA ASN DA 600 -60.81 31.71 53.21
C ASN DA 600 -61.40 30.47 53.88
N ALA DA 601 -61.57 29.42 53.07
CA ALA DA 601 -62.16 28.18 53.54
C ALA DA 601 -61.58 27.06 52.68
N ARG DA 602 -60.61 26.34 53.23
CA ARG DA 602 -59.96 25.26 52.52
C ARG DA 602 -60.67 23.94 52.82
N SER DA 603 -60.38 22.94 52.00
CA SER DA 603 -61.03 21.65 52.13
C SER DA 603 -60.13 20.57 51.56
N TRP DA 604 -60.01 19.46 52.27
CA TRP DA 604 -59.26 18.30 51.81
C TRP DA 604 -60.19 17.12 51.73
N ILE DA 605 -60.08 16.35 50.65
CA ILE DA 605 -60.99 15.23 50.38
C ILE DA 605 -60.15 14.01 50.06
N LYS DA 606 -60.47 12.89 50.71
CA LYS DA 606 -59.90 11.59 50.38
C LYS DA 606 -61.04 10.74 49.84
N ASP DA 607 -61.00 10.43 48.55
CA ASP DA 607 -62.17 9.89 47.86
C ASP DA 607 -62.45 8.45 48.22
N SER DA 608 -61.41 7.66 48.46
CA SER DA 608 -61.57 6.26 48.85
C SER DA 608 -60.32 5.84 49.61
N GLN DA 609 -60.27 4.56 49.97
CA GLN DA 609 -59.13 4.06 50.73
C GLN DA 609 -57.86 3.94 49.89
N THR DA 610 -58.01 3.87 48.57
CA THR DA 610 -56.85 3.80 47.69
C THR DA 610 -56.39 5.16 47.22
N HIS DA 611 -57.25 6.17 47.27
CA HIS DA 611 -56.87 7.52 46.89
C HIS DA 611 -55.95 8.13 47.95
N GLN DA 612 -55.30 9.22 47.57
CA GLN DA 612 -54.58 10.06 48.51
C GLN DA 612 -55.41 11.29 48.82
N TRP DA 613 -55.00 12.01 49.86
CA TRP DA 613 -55.67 13.25 50.22
C TRP DA 613 -55.50 14.27 49.11
N ARG DA 614 -56.59 14.96 48.81
CA ARG DA 614 -56.68 15.82 47.65
C ARG DA 614 -57.24 17.15 48.09
N LEU DA 615 -56.70 18.24 47.54
CA LEU DA 615 -57.21 19.56 47.87
C LEU DA 615 -58.56 19.76 47.21
N GLY DA 616 -59.54 20.18 48.00
CA GLY DA 616 -60.90 20.27 47.51
C GLY DA 616 -61.18 21.51 46.69
N GLU DA 617 -62.27 21.45 45.95
CA GLU DA 617 -62.78 22.48 45.06
C GLU DA 617 -64.08 23.06 45.63
N PRO DA 618 -64.51 24.25 45.18
CA PRO DA 618 -65.75 24.81 45.72
C PRO DA 618 -67.02 24.06 45.36
N ILE DA 619 -67.09 23.42 44.18
CA ILE DA 619 -68.22 22.57 43.81
C ILE DA 619 -67.67 21.18 43.52
N GLU DA 620 -68.24 20.16 44.16
CA GLU DA 620 -67.69 18.82 44.06
C GLU DA 620 -68.45 17.89 43.12
N LEU DA 621 -69.73 17.63 43.39
CA LEU DA 621 -70.62 16.80 42.56
C LEU DA 621 -70.09 15.36 42.40
N ARG DA 622 -70.19 14.62 43.51
CA ARG DA 622 -70.04 13.17 43.45
C ARG DA 622 -71.28 12.53 42.85
N ARG DA 623 -71.11 11.39 42.17
CA ARG DA 623 -72.21 10.64 41.59
C ARG DA 623 -72.05 9.15 41.86
N ALA DA 624 -73.17 8.45 41.95
CA ALA DA 624 -73.16 7.01 42.16
C ALA DA 624 -74.40 6.39 41.54
N MET DA 625 -74.23 5.21 40.94
CA MET DA 625 -75.34 4.45 40.38
C MET DA 625 -75.26 3.02 40.90
N ASN DA 626 -76.31 2.58 41.59
CA ASN DA 626 -76.34 1.29 42.25
C ASN DA 626 -77.41 0.42 41.61
N VAL DA 627 -77.01 -0.76 41.14
CA VAL DA 627 -77.90 -1.68 40.46
C VAL DA 627 -77.88 -2.99 41.24
N ILE DA 628 -79.04 -3.61 41.40
CA ILE DA 628 -79.13 -4.96 41.96
C ILE DA 628 -79.89 -5.84 40.99
N HIS DA 629 -79.31 -7.01 40.67
CA HIS DA 629 -79.92 -7.97 39.77
C HIS DA 629 -80.96 -8.80 40.52
N GLY DA 630 -82.23 -8.56 40.24
CA GLY DA 630 -83.31 -9.31 40.86
C GLY DA 630 -83.55 -8.95 42.31
N ASP EA 10 -40.30 5.34 11.28
CA ASP EA 10 -41.46 4.46 11.38
C ASP EA 10 -42.55 4.85 10.39
N GLU EA 11 -43.59 4.02 10.30
CA GLU EA 11 -44.68 4.21 9.37
C GLU EA 11 -45.86 3.41 9.89
N VAL EA 12 -47.06 4.01 9.84
CA VAL EA 12 -48.24 3.43 10.46
C VAL EA 12 -49.39 3.40 9.47
N GLY EA 13 -50.46 2.72 9.87
CA GLY EA 13 -51.72 2.80 9.15
C GLY EA 13 -51.76 1.91 7.92
N VAL EA 14 -52.52 2.38 6.93
CA VAL EA 14 -52.75 1.60 5.71
C VAL EA 14 -51.49 1.58 4.86
N GLN EA 15 -50.70 2.66 4.90
CA GLN EA 15 -49.58 2.81 3.99
C GLN EA 15 -48.41 1.92 4.36
N LYS EA 16 -48.31 1.52 5.63
CA LYS EA 16 -47.36 0.47 6.00
C LYS EA 16 -47.72 -0.86 5.34
N CYS EA 17 -49.03 -1.15 5.26
CA CYS EA 17 -49.48 -2.38 4.62
C CYS EA 17 -49.27 -2.32 3.12
N LYS EA 18 -49.45 -1.14 2.51
CA LYS EA 18 -49.35 -1.02 1.06
C LYS EA 18 -47.91 -1.09 0.58
N ASN EA 19 -46.95 -0.67 1.40
CA ASN EA 19 -45.57 -0.72 0.97
C ASN EA 19 -44.98 -2.12 1.08
N ALA EA 20 -45.42 -2.89 2.07
CA ALA EA 20 -44.90 -4.23 2.26
C ALA EA 20 -45.54 -5.23 1.31
N LEU EA 21 -46.76 -4.98 0.86
CA LEU EA 21 -47.52 -5.96 0.09
C LEU EA 21 -47.76 -5.56 -1.36
N LYS EA 22 -47.86 -4.25 -1.63
CA LYS EA 22 -48.03 -3.69 -2.98
C LYS EA 22 -49.28 -4.22 -3.68
N LEU EA 23 -50.42 -4.06 -3.01
CA LEU EA 23 -51.69 -4.51 -3.54
C LEU EA 23 -52.77 -3.64 -2.92
N PRO EA 24 -53.90 -3.39 -3.62
CA PRO EA 24 -54.86 -2.38 -3.15
C PRO EA 24 -55.67 -2.80 -1.94
N VAL EA 25 -56.50 -1.89 -1.46
CA VAL EA 25 -57.33 -2.09 -0.29
C VAL EA 25 -58.76 -2.33 -0.76
N LEU EA 26 -59.49 -3.20 -0.10
CA LEU EA 26 -60.85 -3.50 -0.50
C LEU EA 26 -61.73 -2.30 -0.18
N GLU EA 27 -62.29 -1.68 -1.20
CA GLU EA 27 -62.97 -0.40 -1.06
C GLU EA 27 -64.41 -0.52 -0.59
N VAL EA 28 -64.90 -1.72 -0.34
CA VAL EA 28 -66.30 -1.94 0.01
C VAL EA 28 -66.33 -2.46 1.44
N LEU EA 29 -66.54 -1.58 2.41
CA LEU EA 29 -66.37 -2.00 3.79
C LEU EA 29 -67.64 -1.78 4.61
N PRO EA 30 -67.93 -2.67 5.54
CA PRO EA 30 -69.10 -2.46 6.41
C PRO EA 30 -68.75 -1.66 7.64
N GLY EA 31 -69.72 -1.43 8.51
CA GLY EA 31 -69.50 -0.65 9.70
C GLY EA 31 -69.79 0.83 9.57
N GLY EA 32 -70.30 1.28 8.45
CA GLY EA 32 -70.68 2.67 8.30
C GLY EA 32 -72.15 2.88 8.59
N GLY EA 33 -72.51 4.14 8.74
CA GLY EA 33 -73.90 4.47 8.95
C GLY EA 33 -74.70 4.41 7.68
N TRP EA 34 -76.00 4.28 7.82
CA TRP EA 34 -76.86 4.09 6.66
C TRP EA 34 -78.20 4.73 6.91
N ASP EA 35 -78.54 5.73 6.11
CA ASP EA 35 -79.88 6.29 6.09
C ASP EA 35 -80.77 5.36 5.29
N ASN EA 36 -81.75 4.77 5.94
CA ASN EA 36 -82.58 3.76 5.30
C ASN EA 36 -83.80 4.35 4.62
N LEU EA 37 -84.03 5.66 4.74
CA LEU EA 37 -85.06 6.28 3.92
C LEU EA 37 -84.53 6.75 2.58
N ARG EA 38 -83.32 7.28 2.55
CA ARG EA 38 -82.76 7.83 1.33
C ARG EA 38 -81.82 6.88 0.62
N ASN EA 39 -81.49 5.75 1.24
CA ASN EA 39 -80.48 4.79 0.79
C ASN EA 39 -79.14 5.45 0.47
N VAL EA 40 -78.68 6.29 1.38
CA VAL EA 40 -77.35 6.86 1.31
C VAL EA 40 -76.60 6.38 2.54
N ASP EA 41 -75.28 6.40 2.45
CA ASP EA 41 -74.45 5.96 3.56
C ASP EA 41 -73.77 7.14 4.24
N MET EA 42 -73.65 7.02 5.55
CA MET EA 42 -73.34 8.07 6.49
C MET EA 42 -71.91 7.95 7.00
N GLY EA 43 -71.62 8.68 8.07
CA GLY EA 43 -70.33 8.57 8.71
C GLY EA 43 -70.10 7.21 9.33
N ARG EA 44 -68.83 6.96 9.61
CA ARG EA 44 -68.34 5.64 10.01
C ARG EA 44 -68.59 5.41 11.50
N VAL EA 45 -69.27 4.31 11.83
CA VAL EA 45 -69.65 4.02 13.20
C VAL EA 45 -68.65 3.09 13.89
N MET EA 46 -68.11 2.12 13.17
CA MET EA 46 -67.14 1.19 13.73
C MET EA 46 -65.72 1.70 13.48
N GLU EA 47 -64.76 1.04 14.11
CA GLU EA 47 -63.36 1.46 14.01
C GLU EA 47 -62.64 0.57 13.01
N LEU EA 48 -61.94 1.19 12.07
CA LEU EA 48 -61.17 0.47 11.07
C LEU EA 48 -59.68 0.61 11.37
N THR EA 49 -59.04 -0.49 11.71
CA THR EA 49 -57.62 -0.51 12.00
C THR EA 49 -56.89 -1.42 11.02
N TYR EA 50 -55.64 -1.10 10.74
CA TYR EA 50 -54.82 -1.82 9.78
C TYR EA 50 -53.51 -2.24 10.42
N SER EA 51 -53.59 -2.80 11.63
CA SER EA 51 -52.39 -3.09 12.38
C SER EA 51 -51.74 -4.41 11.96
N ASN EA 52 -52.54 -5.38 11.55
CA ASN EA 52 -52.06 -6.75 11.37
C ASN EA 52 -51.76 -7.12 9.93
N CYS EA 53 -51.93 -6.18 8.99
CA CYS EA 53 -51.63 -6.36 7.57
C CYS EA 53 -52.38 -7.53 6.95
N ARG EA 54 -53.64 -7.70 7.32
CA ARG EA 54 -54.43 -8.82 6.83
C ARG EA 54 -54.79 -8.62 5.37
N THR EA 55 -54.82 -9.71 4.62
CA THR EA 55 -55.30 -9.71 3.26
C THR EA 55 -56.46 -10.68 3.14
N THR EA 56 -57.12 -10.65 1.99
CA THR EA 56 -58.07 -11.70 1.71
C THR EA 56 -57.32 -13.00 1.43
N GLU EA 57 -58.06 -14.11 1.52
CA GLU EA 57 -57.44 -15.42 1.44
C GLU EA 57 -56.84 -15.71 0.07
N ASP EA 58 -57.39 -15.11 -0.99
CA ASP EA 58 -56.76 -15.20 -2.29
C ASP EA 58 -55.64 -14.19 -2.48
N GLY EA 59 -55.43 -13.29 -1.53
CA GLY EA 59 -54.28 -12.42 -1.52
C GLY EA 59 -54.30 -11.29 -2.52
N GLN EA 60 -55.42 -10.60 -2.64
CA GLN EA 60 -55.52 -9.51 -3.60
C GLN EA 60 -56.07 -8.21 -3.05
N TYR EA 61 -56.48 -8.17 -1.79
CA TYR EA 61 -56.94 -6.93 -1.19
C TYR EA 61 -56.50 -6.90 0.25
N ILE EA 62 -56.02 -5.74 0.69
CA ILE EA 62 -55.80 -5.48 2.11
C ILE EA 62 -57.13 -5.18 2.77
N ILE EA 63 -57.41 -5.86 3.88
CA ILE EA 63 -58.65 -5.67 4.62
C ILE EA 63 -58.29 -5.27 6.04
N PRO EA 64 -59.19 -4.60 6.75
CA PRO EA 64 -58.97 -4.31 8.18
C PRO EA 64 -58.97 -5.58 9.02
N ASP EA 65 -58.61 -5.39 10.29
CA ASP EA 65 -58.33 -6.51 11.18
C ASP EA 65 -59.60 -7.18 11.70
N GLU EA 66 -60.65 -6.40 11.90
CA GLU EA 66 -61.92 -6.81 12.47
C GLU EA 66 -62.92 -7.29 11.43
N ILE EA 67 -62.49 -7.46 10.19
CA ILE EA 67 -63.37 -7.75 9.09
C ILE EA 67 -62.92 -9.05 8.44
N PHE EA 68 -63.85 -9.99 8.30
CA PHE EA 68 -63.58 -11.20 7.55
C PHE EA 68 -64.39 -11.20 6.26
N THR EA 69 -63.82 -11.81 5.24
CA THR EA 69 -64.45 -11.86 3.93
C THR EA 69 -64.82 -13.30 3.61
N ILE EA 70 -65.84 -13.45 2.77
CA ILE EA 70 -66.27 -14.76 2.29
C ILE EA 70 -66.11 -14.78 0.78
N PRO EA 71 -65.27 -15.62 0.23
CA PRO EA 71 -65.16 -15.71 -1.23
C PRO EA 71 -66.32 -16.47 -1.82
N GLN EA 72 -67.20 -15.76 -2.51
CA GLN EA 72 -68.26 -16.41 -3.26
C GLN EA 72 -68.33 -15.76 -4.62
N LYS EA 73 -67.51 -16.28 -5.54
CA LYS EA 73 -67.25 -15.65 -6.82
C LYS EA 73 -68.35 -16.08 -7.77
N GLN EA 74 -69.47 -15.38 -7.67
CA GLN EA 74 -70.74 -15.82 -8.21
C GLN EA 74 -71.21 -14.86 -9.28
N SER EA 75 -71.54 -15.38 -10.44
CA SER EA 75 -72.01 -14.60 -11.56
C SER EA 75 -73.41 -15.06 -11.93
N ASN EA 76 -74.31 -14.13 -12.17
CA ASN EA 76 -75.68 -14.42 -12.56
C ASN EA 76 -75.99 -13.74 -13.86
N LEU EA 77 -76.71 -14.44 -14.74
CA LEU EA 77 -77.05 -13.89 -16.04
C LEU EA 77 -78.49 -14.27 -16.33
N GLU EA 78 -79.32 -13.28 -16.59
CA GLU EA 78 -80.72 -13.52 -16.89
C GLU EA 78 -80.94 -13.43 -18.40
N MET EA 79 -81.62 -14.42 -18.95
CA MET EA 79 -82.11 -14.34 -20.32
C MET EA 79 -83.52 -13.77 -20.39
N ASN EA 80 -84.03 -13.27 -19.29
CA ASN EA 80 -85.40 -12.85 -19.16
C ASN EA 80 -85.41 -11.45 -18.57
N SER EA 81 -86.57 -11.00 -18.18
CA SER EA 81 -86.75 -9.73 -17.50
C SER EA 81 -87.57 -9.97 -16.24
N GLU EA 82 -87.95 -8.91 -15.56
CA GLU EA 82 -88.90 -9.04 -14.47
C GLU EA 82 -89.79 -7.80 -14.47
N ILE EA 83 -91.07 -8.01 -14.23
CA ILE EA 83 -92.08 -6.98 -14.44
C ILE EA 83 -92.51 -6.43 -13.09
N LEU EA 84 -92.55 -5.11 -12.98
CA LEU EA 84 -92.89 -4.41 -11.74
C LEU EA 84 -93.98 -3.42 -12.09
N GLU EA 85 -95.24 -3.86 -12.08
CA GLU EA 85 -96.34 -3.02 -12.56
C GLU EA 85 -96.94 -2.14 -11.47
N SER EA 86 -96.26 -1.98 -10.34
CA SER EA 86 -96.71 -1.10 -9.27
C SER EA 86 -95.49 -0.66 -8.46
N TRP EA 87 -95.48 0.59 -8.04
CA TRP EA 87 -94.36 1.09 -7.25
C TRP EA 87 -94.47 0.76 -5.77
N ALA EA 88 -95.54 0.11 -5.33
CA ALA EA 88 -95.65 -0.23 -3.92
C ALA EA 88 -94.68 -1.36 -3.54
N ASN EA 89 -94.68 -2.44 -4.33
CA ASN EA 89 -93.74 -3.54 -4.11
C ASN EA 89 -92.45 -3.29 -4.89
N TYR EA 90 -91.67 -2.34 -4.37
CA TYR EA 90 -90.46 -1.88 -5.01
C TYR EA 90 -89.23 -2.67 -4.58
N GLN EA 91 -88.40 -3.00 -5.55
CA GLN EA 91 -87.15 -3.72 -5.35
C GLN EA 91 -86.01 -2.73 -5.55
N SER EA 92 -85.13 -2.61 -4.58
CA SER EA 92 -84.15 -1.53 -4.64
C SER EA 92 -83.02 -1.78 -5.61
N SER EA 93 -82.63 -3.05 -5.83
CA SER EA 93 -81.57 -3.56 -6.71
C SER EA 93 -80.16 -3.23 -6.25
N THR EA 94 -79.97 -2.44 -5.21
CA THR EA 94 -78.64 -2.26 -4.65
C THR EA 94 -78.62 -2.25 -3.13
N SER EA 95 -79.75 -2.12 -2.46
CA SER EA 95 -79.83 -2.13 -1.02
C SER EA 95 -81.07 -2.89 -0.59
N TYR EA 96 -81.28 -4.05 -1.22
CA TYR EA 96 -82.55 -4.75 -1.08
C TYR EA 96 -82.70 -5.43 0.27
N SER EA 97 -81.61 -5.96 0.82
CA SER EA 97 -81.73 -6.75 2.04
C SER EA 97 -81.87 -5.87 3.29
N ILE EA 98 -81.38 -4.64 3.24
CA ILE EA 98 -81.51 -3.77 4.40
C ILE EA 98 -82.83 -3.01 4.39
N ASN EA 99 -83.52 -2.94 3.26
CA ASN EA 99 -84.82 -2.31 3.24
C ASN EA 99 -85.95 -3.25 3.61
N THR EA 100 -85.78 -4.57 3.42
CA THR EA 100 -86.86 -5.52 3.57
C THR EA 100 -86.97 -6.09 4.98
N GLU EA 101 -86.38 -5.41 5.97
CA GLU EA 101 -86.41 -5.87 7.35
C GLU EA 101 -87.83 -5.81 7.92
N LEU EA 102 -88.05 -6.60 8.98
CA LEU EA 102 -89.36 -6.68 9.64
C LEU EA 102 -89.42 -5.59 10.70
N SER EA 103 -90.24 -4.57 10.45
CA SER EA 103 -90.37 -3.47 11.38
C SER EA 103 -91.71 -2.79 11.15
N LEU EA 104 -91.94 -1.72 11.91
CA LEU EA 104 -93.15 -0.92 11.73
C LEU EA 104 -93.11 -0.15 10.43
N PHE EA 105 -91.95 0.41 10.11
CA PHE EA 105 -91.79 1.31 8.99
C PHE EA 105 -91.10 0.62 7.82
N SER EA 106 -91.41 -0.65 7.60
CA SER EA 106 -90.86 -1.37 6.47
C SER EA 106 -91.43 -0.90 5.15
N LYS EA 107 -92.59 -0.26 5.16
CA LYS EA 107 -93.18 0.26 3.93
C LYS EA 107 -92.64 1.64 3.56
N VAL EA 108 -91.82 2.25 4.40
CA VAL EA 108 -91.30 3.58 4.15
C VAL EA 108 -89.81 3.55 3.83
N ASN EA 109 -89.15 2.41 4.01
CA ASN EA 109 -87.72 2.30 3.73
C ASN EA 109 -87.44 2.43 2.24
N GLY EA 110 -86.54 3.34 1.90
CA GLY EA 110 -86.13 3.55 0.54
C GLY EA 110 -87.02 4.47 -0.27
N LYS EA 111 -88.07 5.03 0.33
CA LYS EA 111 -89.06 5.80 -0.42
C LYS EA 111 -88.65 7.23 -0.66
N PHE EA 112 -87.44 7.61 -0.28
CA PHE EA 112 -86.90 8.93 -0.62
C PHE EA 112 -85.60 8.80 -1.38
N SER EA 113 -85.30 7.60 -1.86
CA SER EA 113 -84.13 7.37 -2.67
C SER EA 113 -84.32 7.98 -4.04
N THR EA 114 -83.21 8.33 -4.69
CA THR EA 114 -83.32 8.88 -6.03
C THR EA 114 -83.74 7.80 -7.03
N GLU EA 115 -83.42 6.55 -6.75
CA GLU EA 115 -83.77 5.46 -7.64
C GLU EA 115 -85.25 5.12 -7.53
N PHE EA 116 -85.87 5.34 -6.37
CA PHE EA 116 -87.30 5.14 -6.24
C PHE EA 116 -88.07 6.31 -6.82
N GLN EA 117 -87.68 7.53 -6.46
CA GLN EA 117 -88.42 8.71 -6.88
C GLN EA 117 -88.29 8.97 -8.37
N ARG EA 118 -87.27 8.44 -9.01
CA ARG EA 118 -87.23 8.47 -10.46
C ARG EA 118 -88.15 7.41 -11.04
N MET EA 119 -88.34 6.30 -10.35
CA MET EA 119 -89.19 5.24 -10.91
C MET EA 119 -90.67 5.56 -10.75
N LYS EA 120 -91.03 6.18 -9.62
CA LYS EA 120 -92.43 6.50 -9.35
C LYS EA 120 -92.94 7.58 -10.29
N THR EA 121 -92.10 8.55 -10.61
CA THR EA 121 -92.53 9.62 -11.50
C THR EA 121 -92.55 9.22 -12.96
N LEU EA 122 -92.20 7.99 -13.29
CA LEU EA 122 -92.33 7.48 -14.64
C LEU EA 122 -93.50 6.53 -14.80
N GLN EA 123 -94.00 5.96 -13.71
CA GLN EA 123 -95.19 5.14 -13.77
C GLN EA 123 -96.46 5.93 -13.60
N VAL EA 124 -96.38 7.16 -13.11
CA VAL EA 124 -97.55 7.99 -12.90
C VAL EA 124 -97.71 9.00 -14.03
N LYS EA 125 -96.61 9.61 -14.44
CA LYS EA 125 -96.63 10.58 -15.53
C LYS EA 125 -96.97 9.91 -16.85
N ASP EA 126 -96.52 8.68 -17.05
CA ASP EA 126 -96.64 8.02 -18.33
C ASP EA 126 -97.57 6.82 -18.30
N GLN EA 127 -98.18 6.53 -17.14
CA GLN EA 127 -99.09 5.39 -16.92
C GLN EA 127 -98.43 4.08 -17.31
N ALA EA 128 -97.25 3.84 -16.76
CA ALA EA 128 -96.35 2.84 -17.28
C ALA EA 128 -96.13 1.71 -16.30
N ILE EA 129 -95.53 0.63 -16.81
CA ILE EA 129 -95.03 -0.48 -16.02
C ILE EA 129 -93.52 -0.53 -16.24
N THR EA 130 -92.82 -1.16 -15.31
CA THR EA 130 -91.36 -1.15 -15.29
C THR EA 130 -90.84 -2.57 -15.44
N THR EA 131 -89.86 -2.75 -16.32
CA THR EA 131 -89.14 -4.00 -16.45
C THR EA 131 -87.68 -3.79 -16.06
N ARG EA 132 -87.02 -4.86 -15.61
CA ARG EA 132 -85.63 -4.77 -15.22
C ARG EA 132 -84.87 -6.04 -15.59
N VAL EA 133 -83.79 -5.89 -16.33
CA VAL EA 133 -82.88 -6.99 -16.65
C VAL EA 133 -81.51 -6.64 -16.07
N GLN EA 134 -80.83 -7.62 -15.49
CA GLN EA 134 -79.54 -7.31 -14.91
C GLN EA 134 -78.58 -8.49 -14.97
N VAL EA 135 -77.29 -8.16 -15.08
CA VAL EA 135 -76.19 -9.10 -15.00
C VAL EA 135 -75.43 -8.77 -13.72
N ARG EA 136 -75.55 -9.60 -12.70
CA ARG EA 136 -74.95 -9.33 -11.41
C ARG EA 136 -73.75 -10.22 -11.20
N ASN EA 137 -72.71 -9.66 -10.59
CA ASN EA 137 -71.43 -10.35 -10.44
C ASN EA 137 -70.96 -10.13 -9.01
N LEU EA 138 -71.38 -11.01 -8.12
CA LEU EA 138 -71.01 -10.98 -6.71
C LEU EA 138 -69.66 -11.64 -6.49
N VAL EA 139 -68.72 -10.94 -5.88
CA VAL EA 139 -67.36 -11.43 -5.70
C VAL EA 139 -67.09 -11.78 -4.24
N TYR EA 140 -67.35 -10.86 -3.32
CA TYR EA 140 -67.11 -11.10 -1.90
C TYR EA 140 -68.33 -10.77 -1.08
N THR EA 141 -68.44 -11.44 0.07
CA THR EA 141 -69.27 -11.00 1.17
C THR EA 141 -68.34 -10.56 2.28
N VAL EA 142 -68.51 -9.33 2.74
CA VAL EA 142 -67.58 -8.68 3.64
C VAL EA 142 -68.35 -8.37 4.91
N LYS EA 143 -67.96 -8.98 6.03
CA LYS EA 143 -68.70 -8.85 7.29
C LYS EA 143 -67.82 -8.32 8.41
N ILE EA 144 -68.46 -8.02 9.53
CA ILE EA 144 -67.78 -7.52 10.73
C ILE EA 144 -67.72 -8.63 11.78
N ASN EA 145 -66.56 -8.75 12.42
CA ASN EA 145 -66.40 -9.62 13.56
C ASN EA 145 -67.25 -9.06 14.71
N PRO EA 146 -68.01 -9.88 15.42
CA PRO EA 146 -68.87 -9.36 16.51
C PRO EA 146 -68.14 -8.76 17.70
N THR EA 147 -66.82 -8.82 17.78
CA THR EA 147 -66.08 -8.25 18.90
C THR EA 147 -65.38 -6.95 18.52
N LEU EA 148 -66.05 -6.13 17.72
CA LEU EA 148 -65.53 -4.87 17.25
C LEU EA 148 -65.97 -3.72 18.15
N GLU EA 149 -65.18 -2.66 18.18
CA GLU EA 149 -65.45 -1.47 18.99
C GLU EA 149 -65.82 -0.29 18.10
N LEU EA 150 -66.37 0.74 18.75
CA LEU EA 150 -66.91 1.91 18.08
C LEU EA 150 -65.80 2.83 17.59
N SER EA 151 -66.18 3.74 16.70
CA SER EA 151 -65.25 4.69 16.15
C SER EA 151 -64.93 5.77 17.17
N SER EA 152 -63.90 6.56 16.87
CA SER EA 152 -63.47 7.61 17.79
C SER EA 152 -64.42 8.79 17.76
N GLY EA 153 -64.98 9.11 16.59
CA GLY EA 153 -65.91 10.21 16.49
C GLY EA 153 -67.29 9.88 16.97
N PHE EA 154 -67.73 8.65 16.74
CA PHE EA 154 -69.08 8.25 17.15
C PHE EA 154 -69.18 8.07 18.66
N ARG EA 155 -68.10 7.62 19.29
CA ARG EA 155 -68.09 7.48 20.74
C ARG EA 155 -68.13 8.84 21.42
N LYS EA 156 -67.47 9.84 20.83
CA LYS EA 156 -67.45 11.18 21.41
C LYS EA 156 -68.83 11.82 21.40
N GLU EA 157 -69.64 11.57 20.37
CA GLU EA 157 -70.95 12.18 20.30
C GLU EA 157 -71.98 11.41 21.11
N LEU EA 158 -71.71 10.16 21.45
CA LEU EA 158 -72.56 9.46 22.42
C LEU EA 158 -72.22 9.88 23.84
N LEU EA 159 -70.97 10.24 24.10
CA LEU EA 159 -70.59 10.73 25.42
C LEU EA 159 -71.10 12.14 25.67
N ASP EA 160 -71.34 12.91 24.62
CA ASP EA 160 -71.93 14.23 24.79
C ASP EA 160 -73.42 14.15 25.08
N ILE EA 161 -74.11 13.18 24.48
CA ILE EA 161 -75.48 12.89 24.89
C ILE EA 161 -75.49 12.35 26.30
N SER EA 162 -74.48 11.56 26.65
CA SER EA 162 -74.37 10.96 27.97
C SER EA 162 -74.23 12.01 29.07
N ASP EA 163 -73.52 13.10 28.79
CA ASP EA 163 -73.35 14.14 29.79
C ASP EA 163 -74.64 14.88 30.07
N ARG EA 164 -75.47 15.07 29.05
CA ARG EA 164 -76.73 15.78 29.22
C ARG EA 164 -77.75 14.96 29.98
N LEU EA 165 -77.70 13.63 29.88
CA LEU EA 165 -78.61 12.81 30.66
C LEU EA 165 -78.23 12.77 32.13
N GLU EA 166 -76.95 13.00 32.44
CA GLU EA 166 -76.52 13.07 33.83
C GLU EA 166 -77.07 14.31 34.53
N ASN EA 167 -76.98 15.45 33.86
CA ASN EA 167 -77.33 16.75 34.40
C ASN EA 167 -78.82 17.04 34.37
N ASN EA 168 -79.65 16.05 34.04
CA ASN EA 168 -81.10 16.20 33.87
C ASN EA 168 -81.41 17.31 32.87
N GLN EA 169 -80.82 17.20 31.68
CA GLN EA 169 -81.04 18.15 30.61
C GLN EA 169 -81.63 17.39 29.43
N THR EA 170 -82.93 17.20 29.47
CA THR EA 170 -83.59 16.28 28.55
C THR EA 170 -83.82 16.90 27.19
N ARG EA 171 -84.16 18.18 27.15
CA ARG EA 171 -84.39 18.86 25.88
C ARG EA 171 -83.11 19.05 25.09
N MET EA 172 -81.98 19.19 25.78
CA MET EA 172 -80.72 19.37 25.08
C MET EA 172 -80.13 18.04 24.68
N ALA EA 173 -80.48 16.95 25.36
CA ALA EA 173 -80.06 15.62 24.95
C ALA EA 173 -80.88 15.13 23.77
N THR EA 174 -82.16 15.48 23.73
CA THR EA 174 -83.02 15.14 22.60
C THR EA 174 -82.56 15.84 21.33
N TYR EA 175 -82.08 17.07 21.47
CA TYR EA 175 -81.52 17.79 20.34
C TYR EA 175 -80.26 17.13 19.81
N LEU EA 176 -79.36 16.74 20.69
CA LEU EA 176 -78.13 16.10 20.25
C LEU EA 176 -78.33 14.68 19.75
N ALA EA 177 -79.39 14.01 20.20
CA ALA EA 177 -79.68 12.68 19.68
C ALA EA 177 -80.14 12.73 18.24
N GLU EA 178 -80.82 13.81 17.86
CA GLU EA 178 -81.28 13.99 16.49
C GLU EA 178 -80.18 14.45 15.56
N LEU EA 179 -79.14 15.10 16.06
CA LEU EA 179 -77.97 15.37 15.24
C LEU EA 179 -77.10 14.14 15.05
N LEU EA 180 -77.27 13.13 15.90
CA LEU EA 180 -76.59 11.86 15.67
C LEU EA 180 -77.19 11.14 14.47
N VAL EA 181 -78.49 11.32 14.24
CA VAL EA 181 -79.17 10.68 13.13
C VAL EA 181 -78.93 11.44 11.83
N LEU EA 182 -78.74 12.76 11.90
CA LEU EA 182 -78.30 13.50 10.73
C LEU EA 182 -76.93 13.05 10.25
N ASN EA 183 -76.03 12.76 11.17
CA ASN EA 183 -74.66 12.50 10.80
C ASN EA 183 -74.36 11.01 10.61
N TYR EA 184 -75.14 10.12 11.23
CA TYR EA 184 -74.84 8.71 11.19
C TYR EA 184 -75.99 7.82 10.73
N GLY EA 185 -77.12 8.40 10.38
CA GLY EA 185 -78.18 7.60 9.80
C GLY EA 185 -79.02 6.88 10.83
N THR EA 186 -79.77 5.90 10.35
CA THR EA 186 -80.66 5.11 11.18
C THR EA 186 -80.21 3.68 11.36
N HIS EA 187 -79.20 3.24 10.62
CA HIS EA 187 -78.75 1.85 10.59
C HIS EA 187 -77.25 1.81 10.50
N VAL EA 188 -76.69 0.64 10.80
CA VAL EA 188 -75.27 0.36 10.65
C VAL EA 188 -75.15 -0.85 9.74
N THR EA 189 -74.38 -0.73 8.67
CA THR EA 189 -74.22 -1.86 7.76
C THR EA 189 -73.31 -2.89 8.41
N THR EA 190 -73.81 -4.11 8.53
CA THR EA 190 -73.02 -5.17 9.11
C THR EA 190 -72.45 -6.12 8.07
N SER EA 191 -73.03 -6.19 6.88
CA SER EA 191 -72.41 -6.93 5.79
C SER EA 191 -72.71 -6.24 4.49
N VAL EA 192 -71.72 -6.22 3.61
CA VAL EA 192 -71.86 -5.71 2.26
C VAL EA 192 -71.48 -6.81 1.28
N ASP EA 193 -72.04 -6.73 0.09
CA ASP EA 193 -71.71 -7.63 -1.01
C ASP EA 193 -70.92 -6.84 -2.04
N ALA EA 194 -69.66 -7.18 -2.22
CA ALA EA 194 -68.80 -6.46 -3.14
C ALA EA 194 -68.90 -7.07 -4.53
N GLY EA 195 -69.21 -6.25 -5.53
CA GLY EA 195 -69.29 -6.74 -6.89
C GLY EA 195 -69.71 -5.66 -7.84
N ALA EA 196 -70.19 -6.08 -8.99
CA ALA EA 196 -70.63 -5.18 -10.04
C ALA EA 196 -71.96 -5.65 -10.60
N ALA EA 197 -72.67 -4.75 -11.27
CA ALA EA 197 -73.94 -5.09 -11.88
C ALA EA 197 -74.16 -4.19 -13.09
N LEU EA 198 -74.83 -4.74 -14.09
CA LEU EA 198 -75.18 -3.99 -15.29
C LEU EA 198 -76.70 -4.13 -15.45
N ILE EA 199 -77.42 -3.02 -15.38
CA ILE EA 199 -78.88 -3.05 -15.24
C ILE EA 199 -79.52 -2.34 -16.42
N GLN EA 200 -80.56 -2.95 -16.98
CA GLN EA 200 -81.48 -2.36 -17.95
C GLN EA 200 -82.78 -2.02 -17.25
N GLU EA 201 -83.35 -0.87 -17.55
CA GLU EA 201 -84.63 -0.52 -16.94
C GLU EA 201 -85.50 0.17 -17.99
N ASP EA 202 -86.43 -0.58 -18.58
CA ASP EA 202 -87.37 -0.03 -19.54
C ASP EA 202 -88.70 0.27 -18.86
N HIS EA 203 -89.41 1.23 -19.43
CA HIS EA 203 -90.77 1.53 -19.03
C HIS EA 203 -91.68 1.33 -20.23
N LEU EA 204 -92.72 0.52 -20.04
CA LEU EA 204 -93.65 0.17 -21.10
C LEU EA 204 -95.02 0.66 -20.70
N ARG EA 205 -95.85 0.98 -21.69
CA ARG EA 205 -97.23 1.36 -21.39
C ARG EA 205 -97.98 0.20 -20.78
N ALA EA 206 -98.86 0.51 -19.82
CA ALA EA 206 -99.55 -0.54 -19.08
C ALA EA 206 -100.59 -1.24 -19.92
N SER EA 207 -101.00 -0.66 -21.05
CA SER EA 207 -101.88 -1.31 -21.99
C SER EA 207 -101.19 -2.44 -22.73
N PHE EA 208 -99.88 -2.41 -22.83
CA PHE EA 208 -99.14 -3.41 -23.59
C PHE EA 208 -99.04 -4.74 -22.86
N LEU EA 209 -99.20 -4.75 -21.53
CA LEU EA 209 -99.11 -5.98 -20.77
C LEU EA 209 -100.45 -6.67 -20.60
N GLN EA 210 -101.55 -5.96 -20.79
CA GLN EA 210 -102.89 -6.46 -20.49
C GLN EA 210 -103.41 -7.51 -21.48
N ASP EA 211 -102.60 -8.14 -22.35
CA ASP EA 211 -103.15 -9.06 -23.33
C ASP EA 211 -103.55 -10.40 -22.70
N SER EA 212 -102.57 -11.13 -22.16
CA SER EA 212 -102.83 -12.42 -21.52
C SER EA 212 -101.65 -12.77 -20.63
N GLN EA 213 -101.69 -13.96 -20.05
CA GLN EA 213 -100.57 -14.51 -19.30
C GLN EA 213 -99.58 -15.27 -20.18
N SER EA 214 -99.90 -15.43 -21.46
CA SER EA 214 -98.95 -15.95 -22.44
C SER EA 214 -98.23 -14.84 -23.19
N SER EA 215 -98.84 -13.65 -23.24
CA SER EA 215 -98.13 -12.49 -23.77
C SER EA 215 -97.06 -12.03 -22.79
N ARG EA 216 -97.27 -12.30 -21.50
CA ARG EA 216 -96.32 -11.85 -20.47
C ARG EA 216 -94.97 -12.52 -20.62
N SER EA 217 -94.96 -13.80 -20.97
CA SER EA 217 -93.70 -14.51 -21.16
C SER EA 217 -93.04 -14.22 -22.50
N ALA EA 218 -93.64 -13.39 -23.33
CA ALA EA 218 -93.00 -12.91 -24.54
C ALA EA 218 -92.59 -11.45 -24.46
N VAL EA 219 -93.32 -10.64 -23.69
CA VAL EA 219 -92.84 -9.32 -23.30
C VAL EA 219 -91.55 -9.44 -22.51
N THR EA 220 -91.49 -10.43 -21.62
CA THR EA 220 -90.39 -10.57 -20.68
C THR EA 220 -89.13 -11.07 -21.36
N ALA EA 221 -89.25 -11.99 -22.32
CA ALA EA 221 -88.09 -12.49 -23.03
C ALA EA 221 -87.68 -11.58 -24.18
N SER EA 222 -88.48 -10.56 -24.48
CA SER EA 222 -88.08 -9.57 -25.48
C SER EA 222 -87.15 -8.55 -24.86
N ALA EA 223 -87.42 -8.16 -23.62
CA ALA EA 223 -86.59 -7.21 -22.90
C ALA EA 223 -85.21 -7.77 -22.61
N GLY EA 224 -85.12 -9.08 -22.37
CA GLY EA 224 -83.82 -9.69 -22.20
C GLY EA 224 -83.05 -9.85 -23.48
N LEU EA 225 -83.76 -9.88 -24.61
CA LEU EA 225 -83.11 -9.96 -25.90
C LEU EA 225 -82.59 -8.60 -26.33
N ALA EA 226 -83.35 -7.55 -26.07
CA ALA EA 226 -82.91 -6.19 -26.36
C ALA EA 226 -81.70 -5.80 -25.53
N PHE EA 227 -81.61 -6.33 -24.30
CA PHE EA 227 -80.48 -6.01 -23.43
C PHE EA 227 -79.20 -6.65 -23.91
N GLN EA 228 -79.29 -7.85 -24.46
CA GLN EA 228 -78.11 -8.50 -25.00
C GLN EA 228 -77.69 -7.90 -26.34
N ASN EA 229 -78.64 -7.35 -27.09
CA ASN EA 229 -78.27 -6.63 -28.31
C ASN EA 229 -77.55 -5.34 -27.98
N THR EA 230 -78.02 -4.63 -26.95
CA THR EA 230 -77.46 -3.34 -26.57
C THR EA 230 -76.04 -3.47 -26.08
N VAL EA 231 -75.72 -4.55 -25.36
CA VAL EA 231 -74.33 -4.71 -24.94
C VAL EA 231 -73.46 -5.12 -26.12
N ASN EA 232 -73.96 -5.97 -27.03
CA ASN EA 232 -73.07 -6.49 -28.05
C ASN EA 232 -72.92 -5.62 -29.29
N PHE EA 233 -73.96 -4.90 -29.72
CA PHE EA 233 -74.02 -4.41 -31.10
C PHE EA 233 -73.96 -2.90 -31.27
N LYS EA 234 -73.04 -2.23 -30.58
CA LYS EA 234 -72.32 -1.04 -31.07
C LYS EA 234 -73.21 0.15 -31.45
N PHE EA 235 -74.46 0.17 -30.95
CA PHE EA 235 -75.56 1.13 -31.23
C PHE EA 235 -76.11 0.96 -32.65
N GLU EA 236 -75.48 0.13 -33.47
CA GLU EA 236 -75.91 -0.03 -34.85
C GLU EA 236 -77.15 -0.93 -34.90
N GLU EA 237 -77.78 -0.96 -36.06
CA GLU EA 237 -78.88 -1.89 -36.27
C GLU EA 237 -78.41 -3.19 -36.89
N ASN EA 238 -77.39 -3.76 -36.25
CA ASN EA 238 -76.97 -5.13 -36.46
C ASN EA 238 -77.66 -6.08 -35.50
N TYR EA 239 -78.83 -5.68 -35.00
CA TYR EA 239 -79.52 -6.46 -33.98
C TYR EA 239 -80.12 -7.72 -34.56
N THR EA 240 -80.19 -8.75 -33.72
CA THR EA 240 -80.86 -9.99 -34.08
C THR EA 240 -82.33 -9.96 -33.63
N SER EA 241 -83.06 -9.00 -34.20
CA SER EA 241 -84.47 -8.80 -33.88
C SER EA 241 -85.28 -9.98 -34.40
N GLN EA 242 -85.76 -10.81 -33.48
CA GLN EA 242 -86.28 -12.13 -33.82
C GLN EA 242 -87.71 -12.12 -34.34
N ASN EA 243 -88.51 -11.12 -34.00
CA ASN EA 243 -89.93 -11.17 -34.27
C ASN EA 243 -90.42 -9.79 -34.69
N VAL EA 244 -91.73 -9.70 -34.89
CA VAL EA 244 -92.43 -8.43 -34.93
C VAL EA 244 -92.73 -7.97 -33.50
N LEU EA 245 -92.74 -8.92 -32.55
CA LEU EA 245 -92.94 -8.60 -31.14
C LEU EA 245 -91.79 -7.79 -30.57
N THR EA 246 -90.59 -7.94 -31.13
CA THR EA 246 -89.49 -7.03 -30.80
C THR EA 246 -89.79 -5.63 -31.32
N LYS EA 247 -90.34 -5.54 -32.53
CA LYS EA 247 -90.66 -4.23 -33.10
C LYS EA 247 -91.85 -3.61 -32.39
N SER EA 248 -92.83 -4.41 -32.00
CA SER EA 248 -93.94 -3.86 -31.23
C SER EA 248 -93.53 -3.51 -29.80
N TYR EA 249 -92.46 -4.14 -29.29
CA TYR EA 249 -91.95 -3.79 -27.97
C TYR EA 249 -91.40 -2.37 -27.95
N LEU EA 250 -90.76 -1.96 -29.04
CA LEU EA 250 -90.09 -0.67 -29.07
C LEU EA 250 -91.09 0.47 -29.14
N SER EA 251 -92.25 0.25 -29.75
CA SER EA 251 -93.19 1.33 -29.92
C SER EA 251 -94.02 1.61 -28.69
N ASN EA 252 -94.14 0.65 -27.78
CA ASN EA 252 -94.79 0.88 -26.49
C ASN EA 252 -93.80 1.28 -25.41
N ARG EA 253 -92.51 1.20 -25.69
CA ARG EA 253 -91.48 1.55 -24.73
C ARG EA 253 -91.50 3.04 -24.45
N THR EA 254 -91.50 3.40 -23.16
CA THR EA 254 -91.52 4.79 -22.78
C THR EA 254 -90.13 5.37 -22.48
N ASN EA 255 -89.30 4.74 -21.63
CA ASN EA 255 -88.09 5.45 -21.22
C ASN EA 255 -86.76 4.78 -21.56
N SER EA 256 -86.49 3.54 -21.13
CA SER EA 256 -85.24 2.80 -21.39
C SER EA 256 -83.91 3.41 -20.92
N ARG EA 257 -83.63 3.36 -19.61
CA ARG EA 257 -82.30 3.66 -19.11
C ARG EA 257 -81.42 2.42 -19.04
N VAL EA 258 -80.12 2.59 -19.24
CA VAL EA 258 -79.13 1.54 -19.00
C VAL EA 258 -78.16 2.03 -17.94
N GLN EA 259 -77.98 1.24 -16.89
CA GLN EA 259 -77.20 1.66 -15.74
C GLN EA 259 -76.11 0.65 -15.43
N SER EA 260 -74.89 1.13 -15.25
CA SER EA 260 -73.77 0.31 -14.80
C SER EA 260 -73.43 0.69 -13.38
N ILE EA 261 -73.30 -0.29 -12.50
CA ILE EA 261 -72.94 -0.05 -11.11
C ILE EA 261 -71.68 -0.85 -10.83
N GLY EA 262 -70.56 -0.17 -10.73
CA GLY EA 262 -69.29 -0.82 -10.57
C GLY EA 262 -68.70 -1.26 -11.89
N GLY EA 263 -67.46 -1.66 -11.85
CA GLY EA 263 -66.79 -2.05 -13.07
C GLY EA 263 -66.37 -0.84 -13.89
N VAL EA 264 -66.15 -1.09 -15.18
CA VAL EA 264 -65.81 -0.04 -16.12
C VAL EA 264 -67.09 0.62 -16.60
N PRO EA 265 -67.05 1.87 -17.08
CA PRO EA 265 -68.29 2.52 -17.54
C PRO EA 265 -68.85 1.85 -18.78
N PHE EA 266 -70.18 1.76 -18.82
CA PHE EA 266 -70.85 1.12 -19.93
C PHE EA 266 -70.93 2.06 -21.12
N TYR EA 267 -70.76 1.49 -22.31
CA TYR EA 267 -71.09 2.13 -23.57
C TYR EA 267 -71.69 1.06 -24.47
N PRO EA 268 -72.65 1.40 -25.32
CA PRO EA 268 -73.29 0.39 -26.16
C PRO EA 268 -72.33 -0.20 -27.18
N GLY EA 269 -71.93 -1.44 -26.97
CA GLY EA 269 -70.91 -2.02 -27.81
C GLY EA 269 -69.82 -2.73 -27.04
N ILE EA 270 -69.70 -2.46 -25.74
CA ILE EA 270 -68.76 -3.23 -24.93
C ILE EA 270 -69.33 -4.63 -24.74
N THR EA 271 -68.58 -5.63 -25.13
CA THR EA 271 -69.12 -6.98 -25.06
C THR EA 271 -69.22 -7.43 -23.61
N LEU EA 272 -70.02 -8.48 -23.38
CA LEU EA 272 -70.21 -8.96 -22.02
C LEU EA 272 -68.93 -9.57 -21.47
N GLN EA 273 -68.10 -10.12 -22.35
CA GLN EA 273 -66.75 -10.53 -21.98
C GLN EA 273 -65.92 -9.36 -21.50
N ALA EA 274 -65.96 -8.24 -22.21
CA ALA EA 274 -65.07 -7.13 -21.90
C ALA EA 274 -65.53 -6.33 -20.71
N TRP EA 275 -66.83 -6.30 -20.43
CA TRP EA 275 -67.32 -5.66 -19.22
C TRP EA 275 -66.88 -6.42 -17.99
N GLN EA 276 -66.82 -7.75 -18.09
CA GLN EA 276 -66.44 -8.60 -16.97
C GLN EA 276 -64.95 -8.64 -16.72
N GLN EA 277 -64.13 -8.09 -17.61
CA GLN EA 277 -62.72 -7.97 -17.33
C GLN EA 277 -62.38 -6.73 -16.54
N GLY EA 278 -63.25 -5.74 -16.53
CA GLY EA 278 -63.03 -4.52 -15.80
C GLY EA 278 -63.63 -4.51 -14.42
N ILE EA 279 -64.20 -5.62 -13.97
CA ILE EA 279 -64.77 -5.71 -12.64
C ILE EA 279 -63.67 -5.73 -11.59
N THR EA 280 -62.51 -6.29 -11.95
CA THR EA 280 -61.37 -6.34 -11.05
C THR EA 280 -60.87 -4.94 -10.71
N ASN EA 281 -60.77 -4.67 -9.41
CA ASN EA 281 -60.38 -3.41 -8.75
C ASN EA 281 -61.41 -2.31 -8.90
N HIS EA 282 -62.59 -2.58 -9.44
CA HIS EA 282 -63.69 -1.62 -9.44
C HIS EA 282 -64.88 -2.35 -8.86
N LEU EA 283 -64.94 -2.45 -7.54
CA LEU EA 283 -66.02 -3.16 -6.86
C LEU EA 283 -66.79 -2.19 -6.00
N VAL EA 284 -68.11 -2.33 -5.99
CA VAL EA 284 -68.97 -1.49 -5.19
C VAL EA 284 -69.89 -2.39 -4.39
N ALA EA 285 -70.65 -1.80 -3.49
CA ALA EA 285 -71.64 -2.54 -2.73
C ALA EA 285 -72.89 -2.70 -3.57
N ILE EA 286 -73.17 -3.93 -4.00
CA ILE EA 286 -74.40 -4.21 -4.72
C ILE EA 286 -75.49 -4.76 -3.81
N ASP EA 287 -75.17 -5.04 -2.55
CA ASP EA 287 -76.18 -5.39 -1.56
C ASP EA 287 -75.63 -5.09 -0.18
N ARG EA 288 -76.52 -4.88 0.78
CA ARG EA 288 -76.17 -4.54 2.15
C ARG EA 288 -77.13 -5.19 3.11
N SER EA 289 -76.64 -5.53 4.29
CA SER EA 289 -77.47 -5.91 5.41
C SER EA 289 -77.09 -5.05 6.60
N GLY EA 290 -77.98 -4.97 7.59
CA GLY EA 290 -77.67 -4.11 8.71
C GLY EA 290 -78.53 -4.36 9.92
N LEU EA 291 -78.32 -3.51 10.92
CA LEU EA 291 -79.05 -3.49 12.18
C LEU EA 291 -79.30 -2.03 12.52
N PRO EA 292 -80.33 -1.75 13.32
CA PRO EA 292 -80.58 -0.35 13.71
C PRO EA 292 -79.47 0.22 14.58
N LEU EA 293 -79.46 1.55 14.67
CA LEU EA 293 -78.33 2.27 15.24
C LEU EA 293 -78.27 2.11 16.75
N HIS EA 294 -79.42 1.92 17.41
CA HIS EA 294 -79.44 1.76 18.85
C HIS EA 294 -79.13 0.34 19.29
N PHE EA 295 -78.98 -0.60 18.36
CA PHE EA 295 -78.53 -1.94 18.72
C PHE EA 295 -77.10 -1.91 19.25
N PHE EA 296 -76.28 -1.00 18.74
CA PHE EA 296 -74.88 -0.93 19.09
C PHE EA 296 -74.63 0.05 20.22
N ILE EA 297 -75.67 0.50 20.90
CA ILE EA 297 -75.51 1.27 22.12
C ILE EA 297 -75.92 0.37 23.28
N ASN EA 298 -74.95 -0.33 23.83
CA ASN EA 298 -75.19 -1.35 24.85
C ASN EA 298 -74.00 -1.30 25.80
N PRO EA 299 -74.10 -1.91 26.99
CA PRO EA 299 -72.96 -1.86 27.93
C PRO EA 299 -71.69 -2.53 27.45
N ASN EA 300 -71.74 -3.34 26.41
CA ASN EA 300 -70.53 -3.97 25.89
C ASN EA 300 -69.71 -2.98 25.05
N MET EA 301 -70.38 -2.19 24.19
CA MET EA 301 -69.66 -1.23 23.35
C MET EA 301 -69.14 -0.05 24.15
N LEU EA 302 -69.79 0.28 25.26
CA LEU EA 302 -69.44 1.43 26.10
C LEU EA 302 -69.08 0.89 27.48
N PRO EA 303 -67.83 0.44 27.67
CA PRO EA 303 -67.47 -0.16 28.96
C PRO EA 303 -67.05 0.84 30.01
N ASP EA 304 -66.84 2.10 29.64
CA ASP EA 304 -66.42 3.14 30.56
C ASP EA 304 -67.58 4.00 31.04
N LEU EA 305 -68.81 3.51 30.94
CA LEU EA 305 -69.99 4.19 31.43
C LEU EA 305 -70.83 3.21 32.21
N PRO EA 306 -71.63 3.67 33.17
CA PRO EA 306 -72.48 2.75 33.92
C PRO EA 306 -73.58 2.13 33.09
N GLY EA 307 -74.12 1.04 33.62
CA GLY EA 307 -75.13 0.23 32.98
C GLY EA 307 -76.43 0.92 32.63
N PRO EA 308 -77.14 1.48 33.61
CA PRO EA 308 -78.40 2.18 33.29
C PRO EA 308 -78.24 3.47 32.55
N LEU EA 309 -77.03 4.00 32.45
CA LEU EA 309 -76.83 5.26 31.76
C LEU EA 309 -76.60 5.09 30.27
N VAL EA 310 -76.10 3.93 29.83
CA VAL EA 310 -76.04 3.67 28.40
C VAL EA 310 -77.37 3.16 27.87
N LYS EA 311 -78.32 2.85 28.74
CA LYS EA 311 -79.67 2.55 28.33
C LYS EA 311 -80.54 3.79 28.23
N LYS EA 312 -80.10 4.91 28.81
CA LYS EA 312 -80.76 6.18 28.55
C LYS EA 312 -80.32 6.75 27.21
N VAL EA 313 -79.05 6.54 26.86
CA VAL EA 313 -78.55 6.99 25.56
C VAL EA 313 -79.15 6.16 24.46
N SER EA 314 -79.32 4.86 24.69
CA SER EA 314 -79.89 3.97 23.68
C SER EA 314 -81.37 4.24 23.48
N LYS EA 315 -82.07 4.70 24.51
CA LYS EA 315 -83.48 4.98 24.37
C LYS EA 315 -83.73 6.35 23.77
N THR EA 316 -82.85 7.31 24.01
CA THR EA 316 -83.05 8.62 23.43
C THR EA 316 -82.61 8.69 21.97
N VAL EA 317 -81.89 7.70 21.48
CA VAL EA 317 -81.56 7.60 20.06
C VAL EA 317 -82.60 6.76 19.32
N GLU EA 318 -83.15 5.74 19.98
CA GLU EA 318 -84.25 4.97 19.42
C GLU EA 318 -85.49 5.83 19.20
N THR EA 319 -85.70 6.82 20.07
CA THR EA 319 -86.82 7.74 19.90
C THR EA 319 -86.56 8.72 18.77
N ALA EA 320 -85.30 9.12 18.58
CA ALA EA 320 -84.98 10.08 17.53
C ALA EA 320 -85.06 9.45 16.16
N VAL EA 321 -84.70 8.17 16.04
CA VAL EA 321 -84.82 7.48 14.77
C VAL EA 321 -86.28 7.24 14.42
N LYS EA 322 -87.08 6.87 15.43
CA LYS EA 322 -88.51 6.63 15.21
C LYS EA 322 -89.25 7.91 14.88
N ARG EA 323 -88.80 9.04 15.40
CA ARG EA 323 -89.39 10.32 15.06
C ARG EA 323 -89.08 10.73 13.63
N TYR EA 324 -87.96 10.25 13.11
CA TYR EA 324 -87.56 10.59 11.75
C TYR EA 324 -88.36 9.84 10.71
N TYR EA 325 -88.80 8.61 11.02
CA TYR EA 325 -89.68 7.89 10.11
C TYR EA 325 -91.10 8.42 10.13
N THR EA 326 -91.54 8.96 11.28
CA THR EA 326 -92.91 9.40 11.41
C THR EA 326 -93.14 10.71 10.65
N PHE EA 327 -92.14 11.59 10.64
CA PHE EA 327 -92.29 12.87 9.98
C PHE EA 327 -92.13 12.78 8.47
N ASN EA 328 -91.75 11.62 7.96
CA ASN EA 328 -91.58 11.38 6.53
C ASN EA 328 -92.55 10.32 6.04
N THR EA 329 -93.68 10.18 6.72
CA THR EA 329 -94.73 9.25 6.33
C THR EA 329 -95.93 10.05 5.85
N TYR EA 330 -96.38 9.75 4.63
CA TYR EA 330 -97.49 10.44 3.98
C TYR EA 330 -98.55 9.43 3.61
N PRO EA 331 -99.54 9.19 4.46
CA PRO EA 331 -100.66 8.33 4.06
C PRO EA 331 -101.56 9.03 3.08
N GLY EA 332 -102.13 8.24 2.17
CA GLY EA 332 -103.00 8.80 1.16
C GLY EA 332 -103.41 7.74 0.18
N CYS EA 333 -104.20 8.16 -0.80
CA CYS EA 333 -104.64 7.26 -1.86
C CYS EA 333 -103.51 7.05 -2.84
N THR EA 334 -103.12 5.80 -3.04
CA THR EA 334 -101.98 5.46 -3.87
C THR EA 334 -102.37 4.85 -5.20
N ASP EA 335 -103.65 4.59 -5.44
CA ASP EA 335 -104.09 4.03 -6.71
C ASP EA 335 -104.22 5.13 -7.74
N LEU EA 336 -103.45 5.03 -8.83
CA LEU EA 336 -103.40 6.11 -9.82
C LEU EA 336 -104.66 6.20 -10.65
N ASN EA 337 -105.49 5.17 -10.67
CA ASN EA 337 -106.72 5.20 -11.44
C ASN EA 337 -107.89 5.78 -10.66
N SER EA 338 -107.77 5.91 -9.34
CA SER EA 338 -108.82 6.52 -8.55
C SER EA 338 -108.86 8.02 -8.80
N PRO EA 339 -110.04 8.65 -8.74
CA PRO EA 339 -110.12 10.08 -9.01
C PRO EA 339 -109.47 10.94 -7.94
N ASN EA 340 -109.50 10.49 -6.69
CA ASN EA 340 -108.82 11.20 -5.61
C ASN EA 340 -107.42 10.66 -5.34
N PHE EA 341 -106.61 10.56 -6.39
CA PHE EA 341 -105.26 10.04 -6.28
C PHE EA 341 -104.34 11.03 -5.58
N ASN EA 342 -103.68 10.58 -4.53
CA ASN EA 342 -102.72 11.40 -3.80
C ASN EA 342 -101.33 11.07 -4.34
N PHE EA 343 -100.88 11.88 -5.29
CA PHE EA 343 -99.47 11.99 -5.55
C PHE EA 343 -98.84 12.65 -4.34
N GLN EA 344 -97.54 12.40 -4.12
CA GLN EA 344 -96.82 12.70 -2.87
C GLN EA 344 -97.45 11.98 -1.69
N ALA EA 345 -97.56 10.66 -1.80
CA ALA EA 345 -98.03 9.81 -0.72
C ALA EA 345 -97.24 8.51 -0.73
N ASN EA 346 -96.81 8.07 0.45
CA ASN EA 346 -95.96 6.89 0.59
C ASN EA 346 -96.76 5.65 0.94
N THR EA 347 -97.67 5.76 1.91
CA THR EA 347 -98.34 4.62 2.50
C THR EA 347 -99.77 4.55 2.00
N ASP EA 348 -100.22 3.35 1.67
CA ASP EA 348 -101.59 3.14 1.21
C ASP EA 348 -102.55 3.38 2.36
N ASP EA 349 -103.43 4.37 2.20
CA ASP EA 349 -104.33 4.75 3.27
C ASP EA 349 -105.50 3.79 3.42
N GLY EA 350 -105.81 3.03 2.38
CA GLY EA 350 -106.97 2.16 2.42
C GLY EA 350 -108.29 2.88 2.22
N SER EA 351 -108.27 4.15 1.84
CA SER EA 351 -109.47 4.94 1.57
C SER EA 351 -109.29 5.51 0.18
N CYS EA 352 -109.66 4.72 -0.83
CA CYS EA 352 -109.52 5.11 -2.22
C CYS EA 352 -110.83 5.54 -2.85
N GLU EA 353 -111.95 5.33 -2.16
CA GLU EA 353 -113.26 5.74 -2.64
C GLU EA 353 -113.94 6.55 -1.54
N GLY EA 354 -114.05 7.86 -1.76
CA GLY EA 354 -114.69 8.75 -0.83
C GLY EA 354 -116.14 9.01 -1.20
N LYS EA 355 -116.80 9.82 -0.37
CA LYS EA 355 -118.20 10.13 -0.54
C LYS EA 355 -118.46 11.59 -0.92
N MET EA 356 -117.45 12.46 -0.86
CA MET EA 356 -117.55 13.89 -1.15
C MET EA 356 -118.60 14.57 -0.26
N THR EA 357 -118.27 14.62 1.02
CA THR EA 357 -119.12 15.29 2.00
C THR EA 357 -118.53 16.66 2.29
N ASN EA 358 -119.28 17.71 1.99
CA ASN EA 358 -118.86 19.06 2.34
C ASN EA 358 -119.15 19.33 3.81
N PHE EA 359 -118.18 19.94 4.49
CA PHE EA 359 -118.28 20.15 5.93
C PHE EA 359 -118.27 21.64 6.24
N SER EA 360 -118.52 21.94 7.52
CA SER EA 360 -118.65 23.31 8.00
C SER EA 360 -117.45 23.65 8.88
N PHE EA 361 -116.75 24.72 8.52
CA PHE EA 361 -115.60 25.18 9.28
C PHE EA 361 -116.07 26.19 10.32
N GLY EA 362 -116.10 25.75 11.57
CA GLY EA 362 -116.62 26.56 12.65
C GLY EA 362 -115.64 27.51 13.30
N GLY EA 363 -114.43 27.64 12.78
CA GLY EA 363 -113.47 28.60 13.27
C GLY EA 363 -112.59 28.04 14.35
N VAL EA 364 -111.55 28.82 14.68
CA VAL EA 364 -110.54 28.45 15.66
C VAL EA 364 -110.45 29.54 16.72
N TYR EA 365 -110.05 29.14 17.92
CA TYR EA 365 -109.75 30.10 18.97
C TYR EA 365 -108.70 29.50 19.89
N GLN EA 366 -107.92 30.37 20.51
CA GLN EA 366 -106.77 29.96 21.31
C GLN EA 366 -106.76 30.72 22.62
N GLU EA 367 -106.67 30.00 23.72
CA GLU EA 367 -106.54 30.61 25.03
C GLU EA 367 -105.07 30.82 25.36
N CYS EA 368 -104.82 31.68 26.36
CA CYS EA 368 -103.47 31.85 26.89
C CYS EA 368 -103.54 31.99 28.40
N THR EA 369 -102.47 31.58 29.06
CA THR EA 369 -102.40 31.63 30.52
C THR EA 369 -100.95 31.92 30.91
N GLN EA 370 -100.71 33.13 31.39
CA GLN EA 370 -99.37 33.55 31.79
C GLN EA 370 -98.93 32.78 33.03
N LEU EA 371 -97.73 32.23 32.99
CA LEU EA 371 -97.18 31.46 34.10
C LEU EA 371 -96.12 32.22 34.87
N SER EA 372 -95.26 32.96 34.19
CA SER EA 372 -94.20 33.73 34.84
C SER EA 372 -93.80 34.88 33.92
N GLY EA 373 -93.25 35.93 34.53
CA GLY EA 373 -92.80 37.08 33.77
C GLY EA 373 -93.87 38.13 33.59
N ASN EA 374 -94.59 38.44 34.67
CA ASN EA 374 -95.67 39.40 34.61
C ASN EA 374 -95.15 40.83 34.50
N ARG EA 375 -95.95 41.67 33.85
CA ARG EA 375 -95.73 43.12 33.67
C ARG EA 375 -94.45 43.43 32.91
N ASP EA 376 -93.93 42.47 32.15
CA ASP EA 376 -92.70 42.67 31.38
C ASP EA 376 -92.89 42.42 29.89
N VAL EA 377 -93.54 41.32 29.52
CA VAL EA 377 -93.68 40.93 28.14
C VAL EA 377 -95.13 41.04 27.67
N LEU EA 378 -96.08 40.66 28.52
CA LEU EA 378 -97.50 40.45 28.20
C LEU EA 378 -97.62 39.44 27.05
N LEU EA 379 -97.21 38.20 27.37
CA LEU EA 379 -97.29 37.10 26.43
C LEU EA 379 -98.72 36.77 26.05
N CYS EA 380 -99.67 36.98 26.96
CA CYS EA 380 -101.06 36.59 26.75
C CYS EA 380 -101.84 37.67 25.99
N GLN EA 381 -101.16 38.48 25.17
CA GLN EA 381 -101.80 39.48 24.34
C GLN EA 381 -101.56 39.24 22.86
N LYS EA 382 -100.32 38.96 22.47
CA LYS EA 382 -99.99 38.61 21.10
C LYS EA 382 -100.03 37.11 20.85
N LEU EA 383 -100.63 36.34 21.77
CA LEU EA 383 -100.75 34.90 21.64
C LEU EA 383 -102.18 34.44 21.87
N GLU EA 384 -103.13 35.37 21.76
CA GLU EA 384 -104.53 35.12 22.08
C GLU EA 384 -105.37 35.39 20.85
N GLN EA 385 -106.29 34.47 20.54
CA GLN EA 385 -107.15 34.61 19.38
C GLN EA 385 -108.56 34.19 19.74
N LYS EA 386 -109.54 35.00 19.34
CA LYS EA 386 -110.95 34.72 19.57
C LYS EA 386 -111.62 34.28 18.28
N ASN EA 387 -112.72 33.56 18.43
CA ASN EA 387 -113.48 33.06 17.29
C ASN EA 387 -114.23 34.20 16.63
N PRO EA 388 -114.07 34.44 15.32
CA PRO EA 388 -114.83 35.52 14.67
C PRO EA 388 -116.32 35.28 14.59
N LEU EA 389 -116.77 34.03 14.72
CA LEU EA 389 -118.20 33.74 14.64
C LEU EA 389 -118.93 34.09 15.93
N THR EA 390 -118.25 34.09 17.07
CA THR EA 390 -118.87 34.44 18.34
C THR EA 390 -118.25 35.64 19.02
N GLY EA 391 -117.03 36.03 18.66
CA GLY EA 391 -116.33 37.06 19.41
C GLY EA 391 -115.95 36.62 20.80
N ASP EA 392 -115.76 35.31 21.01
CA ASP EA 392 -115.62 34.76 22.34
C ASP EA 392 -114.80 33.48 22.23
N PHE EA 393 -114.42 32.93 23.37
CA PHE EA 393 -113.69 31.66 23.43
C PHE EA 393 -114.68 30.49 23.51
N SER EA 394 -115.51 30.42 22.47
CA SER EA 394 -116.54 29.39 22.38
C SER EA 394 -116.93 29.20 20.93
N CYS EA 395 -117.48 28.04 20.64
CA CYS EA 395 -118.03 27.75 19.33
C CYS EA 395 -119.45 28.29 19.25
N PRO EA 396 -119.99 28.47 18.03
CA PRO EA 396 -121.40 28.87 17.91
C PRO EA 396 -122.40 27.80 18.35
N SER EA 397 -123.69 28.11 18.16
CA SER EA 397 -124.75 27.25 18.69
C SER EA 397 -124.79 25.90 17.99
N GLY EA 398 -124.49 25.86 16.70
CA GLY EA 398 -124.46 24.61 15.99
C GLY EA 398 -123.15 23.86 16.02
N TYR EA 399 -122.21 24.27 16.86
CA TYR EA 399 -120.87 23.72 16.84
C TYR EA 399 -120.46 23.25 18.24
N SER EA 400 -119.26 22.68 18.32
CA SER EA 400 -118.71 22.12 19.55
C SER EA 400 -117.19 22.20 19.51
N PRO EA 401 -116.53 22.47 20.63
CA PRO EA 401 -115.07 22.64 20.59
C PRO EA 401 -114.32 21.32 20.65
N VAL EA 402 -113.21 21.27 19.91
CA VAL EA 402 -112.28 20.15 19.91
C VAL EA 402 -110.89 20.67 20.25
N HIS EA 403 -110.27 20.10 21.27
CA HIS EA 403 -108.97 20.54 21.76
C HIS EA 403 -107.86 19.96 20.90
N LEU EA 404 -107.09 20.84 20.24
CA LEU EA 404 -106.00 20.37 19.40
C LEU EA 404 -104.75 20.04 20.22
N LEU EA 405 -104.17 21.04 20.86
CA LEU EA 405 -102.85 20.89 21.45
C LEU EA 405 -102.62 21.97 22.48
N SER EA 406 -101.89 21.61 23.54
CA SER EA 406 -101.63 22.49 24.67
C SER EA 406 -100.15 22.37 25.02
N GLN EA 407 -99.40 23.46 24.82
CA GLN EA 407 -97.98 23.47 25.12
C GLN EA 407 -97.60 24.79 25.78
N ILE EA 408 -96.31 24.91 26.09
CA ILE EA 408 -95.77 26.07 26.79
C ILE EA 408 -94.93 26.88 25.81
N HIS EA 409 -95.20 28.18 25.74
CA HIS EA 409 -94.41 29.08 24.93
C HIS EA 409 -93.44 29.86 25.83
N GLU EA 410 -92.27 30.17 25.29
CA GLU EA 410 -91.24 30.88 26.04
C GLU EA 410 -90.73 32.05 25.21
N GLU EA 411 -90.63 33.22 25.84
CA GLU EA 411 -89.91 34.35 25.27
C GLU EA 411 -88.99 34.94 26.32
N GLY EA 412 -88.07 35.79 25.85
CA GLY EA 412 -87.08 36.40 26.71
C GLY EA 412 -87.24 37.90 26.80
N TYR EA 413 -87.00 38.44 27.98
CA TYR EA 413 -87.02 39.87 28.22
C TYR EA 413 -85.73 40.27 28.93
N ASN EA 414 -85.52 41.57 29.05
CA ASN EA 414 -84.18 42.11 29.25
C ASN EA 414 -84.23 43.30 30.19
N HIS EA 415 -83.43 43.25 31.25
CA HIS EA 415 -83.19 44.42 32.10
C HIS EA 415 -81.79 44.94 31.85
N LEU EA 416 -81.58 46.22 32.14
CA LEU EA 416 -80.28 46.85 31.99
C LEU EA 416 -80.11 47.88 33.09
N GLU EA 417 -79.18 47.61 34.00
CA GLU EA 417 -78.96 48.47 35.16
C GLU EA 417 -77.52 48.96 35.15
N CYS EA 418 -77.33 50.24 35.45
CA CYS EA 418 -76.01 50.86 35.45
C CYS EA 418 -75.91 51.81 36.64
N HIS EA 419 -74.78 51.76 37.34
CA HIS EA 419 -74.47 52.79 38.31
C HIS EA 419 -72.98 53.07 38.30
N ARG EA 420 -72.62 54.30 38.65
CA ARG EA 420 -71.27 54.81 38.54
C ARG EA 420 -70.81 55.30 39.91
N LYS EA 421 -69.55 55.04 40.23
CA LYS EA 421 -69.00 55.37 41.53
C LYS EA 421 -67.57 55.87 41.36
N CYS EA 422 -67.23 56.96 42.04
CA CYS EA 422 -65.90 57.54 41.97
C CYS EA 422 -65.27 57.52 43.36
N THR EA 423 -63.96 57.28 43.41
CA THR EA 423 -63.23 57.10 44.66
C THR EA 423 -61.98 57.95 44.65
N LEU EA 424 -61.90 58.90 45.59
CA LEU EA 424 -60.78 59.84 45.76
C LEU EA 424 -60.58 60.73 44.53
N LYS EA 425 -61.67 61.01 43.81
CA LYS EA 425 -61.79 61.90 42.64
C LYS EA 425 -61.04 61.40 41.41
N VAL EA 426 -60.35 60.27 41.49
CA VAL EA 426 -59.73 59.59 40.36
C VAL EA 426 -60.51 58.28 40.36
N PHE EA 427 -60.18 57.33 39.47
CA PHE EA 427 -60.59 55.93 39.57
C PHE EA 427 -62.12 55.76 39.51
N CYS EA 428 -62.70 56.20 38.40
CA CYS EA 428 -64.14 56.11 38.23
C CYS EA 428 -64.53 54.69 37.84
N LYS EA 429 -65.47 54.12 38.57
CA LYS EA 429 -65.93 52.76 38.33
C LYS EA 429 -67.36 52.79 37.81
N THR EA 430 -67.60 52.07 36.72
CA THR EA 430 -68.92 51.98 36.11
C THR EA 430 -69.19 50.51 35.82
N VAL EA 431 -70.27 49.97 36.38
CA VAL EA 431 -70.67 48.59 36.13
C VAL EA 431 -72.03 48.62 35.42
N CYS EA 432 -72.16 47.80 34.38
CA CYS EA 432 -73.34 47.77 33.51
C CYS EA 432 -73.83 46.33 33.45
N GLU EA 433 -74.88 46.03 34.19
CA GLU EA 433 -75.40 44.67 34.28
C GLU EA 433 -76.63 44.52 33.40
N ASP EA 434 -76.71 43.39 32.68
CA ASP EA 434 -77.77 43.14 31.72
C ASP EA 434 -78.29 41.72 31.90
N VAL EA 435 -79.46 41.59 32.52
CA VAL EA 435 -80.03 40.31 32.90
C VAL EA 435 -81.06 39.90 31.85
N PHE EA 436 -80.95 38.67 31.37
CA PHE EA 436 -81.88 38.08 30.41
C PHE EA 436 -82.67 36.98 31.10
N GLN EA 437 -83.98 37.15 31.21
CA GLN EA 437 -84.85 36.17 31.84
C GLN EA 437 -85.83 35.60 30.83
N VAL EA 438 -86.45 34.49 31.20
CA VAL EA 438 -87.36 33.75 30.32
C VAL EA 438 -88.76 33.85 30.89
N ALA EA 439 -89.70 34.34 30.06
CA ALA EA 439 -91.11 34.43 30.43
C ALA EA 439 -91.89 33.31 29.75
N LYS EA 440 -92.69 32.59 30.51
CA LYS EA 440 -93.41 31.43 30.02
C LYS EA 440 -94.91 31.70 29.95
N ALA EA 441 -95.60 30.91 29.13
CA ALA EA 441 -97.04 31.02 28.96
C ALA EA 441 -97.59 29.72 28.43
N GLU EA 442 -98.71 29.29 28.99
CA GLU EA 442 -99.45 28.14 28.49
C GLU EA 442 -100.49 28.59 27.48
N PHE EA 443 -100.59 27.87 26.36
CA PHE EA 443 -101.66 28.11 25.42
C PHE EA 443 -102.42 26.83 25.16
N ARG EA 444 -103.71 26.99 24.87
CA ARG EA 444 -104.60 25.87 24.54
C ARG EA 444 -105.38 26.26 23.30
N ALA EA 445 -105.12 25.57 22.20
CA ALA EA 445 -105.78 25.85 20.94
C ALA EA 445 -106.96 24.91 20.75
N PHE EA 446 -108.12 25.46 20.46
CA PHE EA 446 -109.34 24.70 20.24
C PHE EA 446 -109.80 24.85 18.80
N TRP EA 447 -110.84 24.11 18.46
CA TRP EA 447 -111.31 24.04 17.09
C TRP EA 447 -112.75 23.57 17.09
N CYS EA 448 -113.57 24.18 16.24
CA CYS EA 448 -115.01 23.94 16.23
C CYS EA 448 -115.41 22.93 15.17
N VAL EA 449 -116.41 22.11 15.48
CA VAL EA 449 -116.88 21.04 14.61
C VAL EA 449 -118.40 21.09 14.54
N ALA EA 450 -118.96 20.88 13.34
CA ALA EA 450 -120.40 20.82 13.17
C ALA EA 450 -120.94 19.56 13.83
N SER EA 451 -121.55 19.71 15.00
CA SER EA 451 -122.09 18.58 15.75
C SER EA 451 -123.60 18.63 15.93
N SER EA 452 -124.27 19.65 15.39
CA SER EA 452 -125.71 19.77 15.49
C SER EA 452 -126.43 19.41 14.19
N GLN EA 453 -125.68 19.27 13.09
CA GLN EA 453 -126.09 18.71 11.79
C GLN EA 453 -127.01 19.64 11.01
N VAL EA 454 -127.50 20.71 11.63
CA VAL EA 454 -128.35 21.67 10.93
C VAL EA 454 -127.71 23.06 11.05
N PRO EA 455 -126.82 23.45 10.14
CA PRO EA 455 -126.45 24.86 10.05
C PRO EA 455 -127.26 25.56 8.97
N GLU EA 456 -127.39 26.87 9.08
CA GLU EA 456 -127.93 27.66 7.97
C GLU EA 456 -126.85 27.90 6.91
N ASN EA 457 -125.78 28.57 7.30
CA ASN EA 457 -124.57 28.70 6.49
C ASN EA 457 -123.40 28.24 7.33
N SER EA 458 -122.38 27.69 6.65
CA SER EA 458 -121.27 27.06 7.36
C SER EA 458 -120.40 28.08 8.07
N GLY EA 459 -119.88 29.05 7.31
CA GLY EA 459 -119.03 30.06 7.90
C GLY EA 459 -117.58 29.86 7.59
N LEU EA 460 -116.90 30.97 7.28
CA LEU EA 460 -115.45 31.10 7.21
C LEU EA 460 -114.87 30.17 6.13
N LEU EA 461 -115.22 30.46 4.88
CA LEU EA 461 -114.95 29.54 3.78
C LEU EA 461 -113.53 29.70 3.28
N PHE EA 462 -112.59 29.10 4.02
CA PHE EA 462 -111.22 28.79 3.59
C PHE EA 462 -110.61 27.89 4.66
N GLY EA 463 -109.62 27.11 4.25
CA GLY EA 463 -108.96 26.21 5.18
C GLY EA 463 -107.48 26.06 4.97
N GLY EA 464 -106.84 27.04 4.32
CA GLY EA 464 -105.43 26.98 4.02
C GLY EA 464 -104.60 27.78 5.01
N LEU EA 465 -103.37 27.32 5.22
CA LEU EA 465 -102.54 27.77 6.32
C LEU EA 465 -101.20 28.26 5.79
N PHE EA 466 -100.51 29.04 6.61
CA PHE EA 466 -99.10 29.33 6.38
C PHE EA 466 -98.45 29.63 7.72
N SER EA 467 -97.20 29.22 7.87
CA SER EA 467 -96.46 29.38 9.11
C SER EA 467 -95.48 30.52 8.96
N SER EA 468 -94.60 30.67 9.96
CA SER EA 468 -93.43 31.52 9.84
C SER EA 468 -92.34 30.88 9.01
N LYS EA 469 -92.47 29.60 8.67
CA LYS EA 469 -91.51 28.90 7.82
C LYS EA 469 -92.19 28.18 6.68
N SER EA 470 -93.49 28.35 6.50
CA SER EA 470 -94.24 27.70 5.44
C SER EA 470 -94.85 28.75 4.52
N ILE EA 471 -95.58 28.28 3.52
CA ILE EA 471 -96.12 29.12 2.46
C ILE EA 471 -97.54 28.68 2.17
N ASN EA 472 -98.46 29.63 2.12
CA ASN EA 472 -99.82 29.35 1.67
C ASN EA 472 -99.79 29.03 0.18
N PRO EA 473 -100.22 27.83 -0.24
CA PRO EA 473 -100.15 27.50 -1.67
C PRO EA 473 -101.18 28.23 -2.50
N MET EA 474 -102.23 28.79 -1.90
CA MET EA 474 -103.19 29.56 -2.65
C MET EA 474 -102.73 30.99 -2.92
N THR EA 475 -101.61 31.41 -2.34
CA THR EA 475 -100.98 32.67 -2.70
C THR EA 475 -99.53 32.52 -3.15
N ASN EA 476 -98.92 31.35 -2.92
CA ASN EA 476 -97.48 31.09 -3.09
C ASN EA 476 -96.63 32.12 -2.34
N ALA EA 477 -97.11 32.52 -1.18
CA ALA EA 477 -96.43 33.50 -0.33
C ALA EA 477 -96.98 33.35 1.09
N GLN EA 478 -96.43 34.17 1.99
CA GLN EA 478 -96.90 34.24 3.37
C GLN EA 478 -97.95 35.35 3.53
N SER EA 479 -99.02 35.21 2.75
CA SER EA 479 -100.05 36.24 2.74
C SER EA 479 -101.40 35.58 2.54
N CYS EA 480 -102.43 36.35 2.76
CA CYS EA 480 -103.81 35.94 2.58
C CYS EA 480 -104.23 36.17 1.14
N PRO EA 481 -105.25 35.47 0.67
CA PRO EA 481 -105.81 35.79 -0.65
C PRO EA 481 -106.67 37.05 -0.62
N ALA EA 482 -107.31 37.37 -1.74
CA ALA EA 482 -108.05 38.62 -1.90
C ALA EA 482 -109.29 38.63 -1.00
N GLY EA 483 -109.23 39.41 0.08
CA GLY EA 483 -110.37 39.57 0.96
C GLY EA 483 -110.42 38.56 2.08
N TYR EA 484 -109.27 38.27 2.69
CA TYR EA 484 -109.13 37.24 3.70
C TYR EA 484 -108.35 37.80 4.89
N PHE EA 485 -108.79 37.45 6.10
CA PHE EA 485 -108.07 37.91 7.28
C PHE EA 485 -107.55 36.71 8.07
N PRO EA 486 -106.33 36.77 8.59
CA PRO EA 486 -105.74 35.59 9.22
C PRO EA 486 -106.15 35.47 10.68
N LEU EA 487 -106.16 34.23 11.15
CA LEU EA 487 -106.44 33.93 12.55
C LEU EA 487 -105.20 33.29 13.15
N ARG EA 488 -104.66 33.88 14.21
CA ARG EA 488 -103.44 33.37 14.80
C ARG EA 488 -103.68 32.08 15.57
N LEU EA 489 -102.70 31.19 15.50
CA LEU EA 489 -102.78 29.89 16.14
C LEU EA 489 -101.38 29.63 16.71
N PHE EA 490 -101.07 28.36 17.00
CA PHE EA 490 -100.25 27.89 18.12
C PHE EA 490 -99.10 28.80 18.53
N GLU EA 491 -98.16 28.99 17.64
CA GLU EA 491 -97.16 30.04 17.78
C GLU EA 491 -97.01 30.88 16.53
N ASN EA 492 -97.14 30.26 15.35
CA ASN EA 492 -96.89 30.96 14.11
C ASN EA 492 -97.93 30.71 13.03
N LEU EA 493 -98.90 29.82 13.25
CA LEU EA 493 -99.91 29.57 12.23
C LEU EA 493 -100.84 30.76 12.09
N LYS EA 494 -101.14 31.09 10.83
CA LYS EA 494 -102.12 32.11 10.50
C LYS EA 494 -103.07 31.49 9.49
N VAL EA 495 -104.29 31.19 9.94
CA VAL EA 495 -105.29 30.53 9.12
C VAL EA 495 -106.12 31.59 8.41
N CYS EA 496 -106.10 31.57 7.08
CA CYS EA 496 -106.79 32.59 6.31
C CYS EA 496 -108.29 32.27 6.26
N VAL EA 497 -109.11 33.30 6.43
CA VAL EA 497 -110.53 33.14 6.75
C VAL EA 497 -111.32 34.28 6.13
N SER EA 498 -112.39 33.96 5.40
CA SER EA 498 -113.35 34.94 4.94
C SER EA 498 -114.75 34.35 4.98
N GLN EA 499 -115.72 35.16 5.36
CA GLN EA 499 -117.13 34.76 5.42
C GLN EA 499 -117.99 35.63 4.52
N ASP EA 500 -117.46 35.96 3.35
CA ASP EA 500 -118.14 36.89 2.43
C ASP EA 500 -119.09 36.21 1.46
N TYR EA 501 -118.82 34.95 1.10
CA TYR EA 501 -119.63 34.05 0.27
C TYR EA 501 -119.74 34.47 -1.19
N GLU EA 502 -119.19 35.63 -1.55
CA GLU EA 502 -119.18 36.08 -2.93
C GLU EA 502 -117.77 36.32 -3.44
N LEU EA 503 -116.98 37.13 -2.73
CA LEU EA 503 -115.59 37.32 -3.08
C LEU EA 503 -114.68 36.27 -2.45
N GLY EA 504 -115.22 35.44 -1.56
CA GLY EA 504 -114.45 34.39 -0.93
C GLY EA 504 -114.57 33.05 -1.62
N SER EA 505 -115.62 32.89 -2.43
CA SER EA 505 -115.88 31.62 -3.10
C SER EA 505 -114.96 31.36 -4.28
N ARG EA 506 -114.16 32.35 -4.70
CA ARG EA 506 -113.17 32.09 -5.73
C ARG EA 506 -112.03 31.26 -5.17
N PHE EA 507 -111.64 31.49 -3.93
CA PHE EA 507 -110.50 30.85 -3.33
C PHE EA 507 -110.87 29.82 -2.26
N ALA EA 508 -112.15 29.63 -1.99
CA ALA EA 508 -112.58 28.72 -0.94
C ALA EA 508 -112.31 27.27 -1.32
N VAL EA 509 -111.61 26.55 -0.46
CA VAL EA 509 -111.26 25.16 -0.69
C VAL EA 509 -112.15 24.29 0.19
N PRO EA 510 -112.44 23.05 -0.20
CA PRO EA 510 -113.16 22.14 0.70
C PRO EA 510 -112.27 21.75 1.88
N PHE EA 511 -112.73 22.03 3.08
CA PHE EA 511 -111.95 21.81 4.28
C PHE EA 511 -112.34 20.50 4.93
N GLY EA 512 -111.37 19.81 5.52
CA GLY EA 512 -111.60 18.49 6.04
C GLY EA 512 -111.46 18.34 7.55
N GLY EA 513 -110.56 19.09 8.16
CA GLY EA 513 -110.38 19.03 9.60
C GLY EA 513 -108.93 19.03 10.00
N PHE EA 514 -108.69 19.34 11.27
CA PHE EA 514 -107.36 19.28 11.88
C PHE EA 514 -107.23 18.02 12.72
N PHE EA 515 -106.00 17.53 12.82
CA PHE EA 515 -105.66 16.51 13.81
C PHE EA 515 -104.18 16.61 14.12
N SER EA 516 -103.79 16.05 15.25
CA SER EA 516 -102.42 16.15 15.72
C SER EA 516 -102.00 14.78 16.22
N CYS EA 517 -100.84 14.72 16.89
CA CYS EA 517 -100.33 13.46 17.38
C CYS EA 517 -101.07 12.96 18.61
N THR EA 518 -101.91 13.77 19.22
CA THR EA 518 -102.65 13.40 20.41
C THR EA 518 -104.15 13.32 20.23
N VAL EA 519 -104.71 14.07 19.28
CA VAL EA 519 -106.16 14.14 19.11
C VAL EA 519 -106.47 13.79 17.65
N GLY EA 520 -107.69 13.28 17.44
CA GLY EA 520 -108.16 13.00 16.10
C GLY EA 520 -109.33 13.87 15.70
N ASN EA 521 -109.57 14.02 14.41
CA ASN EA 521 -110.74 14.79 14.05
C ASN EA 521 -112.00 13.94 14.16
N PRO EA 522 -113.11 14.50 14.60
CA PRO EA 522 -114.34 13.73 14.73
C PRO EA 522 -115.17 13.70 13.45
N LEU EA 523 -114.57 14.03 12.30
CA LEU EA 523 -115.28 14.09 11.04
C LEU EA 523 -115.15 12.82 10.23
N VAL EA 524 -114.80 11.71 10.89
CA VAL EA 524 -114.64 10.43 10.24
C VAL EA 524 -115.63 9.38 10.75
N ASP EA 525 -115.93 9.39 12.05
CA ASP EA 525 -116.75 8.34 12.64
C ASP EA 525 -118.25 8.51 12.38
N PRO EA 526 -118.85 9.73 12.51
CA PRO EA 526 -120.23 9.72 12.02
C PRO EA 526 -120.30 9.95 10.51
N PRO EA 535 -111.83 7.20 21.33
CA PRO EA 535 -112.09 8.51 20.73
C PRO EA 535 -112.08 8.48 19.20
N SER EA 536 -111.49 9.49 18.58
CA SER EA 536 -111.50 9.63 17.14
C SER EA 536 -110.40 8.77 16.51
N LEU EA 537 -110.16 8.98 15.22
CA LEU EA 537 -109.31 8.08 14.44
C LEU EA 537 -108.03 8.74 13.94
N LYS EA 538 -107.97 10.07 13.91
CA LYS EA 538 -106.88 10.92 13.32
C LYS EA 538 -106.43 10.45 11.94
N LYS EA 539 -107.36 9.90 11.15
CA LYS EA 539 -107.01 9.48 9.81
C LYS EA 539 -107.17 10.60 8.79
N CYS EA 540 -108.43 10.89 8.44
CA CYS EA 540 -108.85 11.76 7.34
C CYS EA 540 -110.38 11.70 7.35
N PRO EA 541 -111.10 12.60 6.67
CA PRO EA 541 -112.54 12.31 6.47
C PRO EA 541 -112.79 11.23 5.44
N GLY EA 542 -112.01 11.17 4.38
CA GLY EA 542 -112.26 10.24 3.30
C GLY EA 542 -112.52 10.96 2.00
N GLY EA 543 -111.62 10.81 1.04
CA GLY EA 543 -111.62 11.61 -0.16
C GLY EA 543 -110.70 12.82 -0.07
N PHE EA 544 -110.47 13.32 1.15
CA PHE EA 544 -109.56 14.43 1.37
C PHE EA 544 -108.12 13.91 1.41
N SER EA 545 -107.17 14.82 1.58
CA SER EA 545 -105.76 14.47 1.60
C SER EA 545 -105.10 15.16 2.79
N GLN EA 546 -104.34 14.40 3.57
CA GLN EA 546 -103.60 14.97 4.68
C GLN EA 546 -102.48 15.87 4.18
N HIS EA 547 -102.30 17.00 4.85
CA HIS EA 547 -101.20 17.86 4.57
C HIS EA 547 -100.71 18.41 5.89
N PRO EA 548 -99.41 18.47 6.10
CA PRO EA 548 -98.89 18.89 7.40
C PRO EA 548 -98.84 20.40 7.56
N ALA EA 549 -99.27 20.85 8.74
CA ALA EA 549 -98.99 22.19 9.23
C ALA EA 549 -97.63 22.14 9.94
N LEU EA 550 -97.33 23.14 10.76
CA LEU EA 550 -96.03 23.18 11.43
C LEU EA 550 -95.92 22.08 12.50
N ILE EA 551 -94.73 21.99 13.08
CA ILE EA 551 -94.43 21.05 14.15
C ILE EA 551 -94.28 21.84 15.44
N SER EA 552 -95.11 21.52 16.43
CA SER EA 552 -95.09 22.20 17.73
C SER EA 552 -94.31 21.33 18.71
N ASP EA 553 -92.98 21.45 18.64
CA ASP EA 553 -92.02 20.85 19.58
C ASP EA 553 -92.15 19.32 19.63
N GLY EA 554 -92.04 18.69 18.47
CA GLY EA 554 -92.06 17.25 18.37
C GLY EA 554 -93.38 16.65 17.97
N CYS EA 555 -94.46 17.41 18.03
CA CYS EA 555 -95.79 16.95 17.62
C CYS EA 555 -96.16 17.60 16.31
N GLN EA 556 -96.80 16.84 15.43
CA GLN EA 556 -97.12 17.29 14.08
C GLN EA 556 -98.62 17.53 13.97
N VAL EA 557 -98.98 18.71 13.50
CA VAL EA 557 -100.38 19.09 13.26
C VAL EA 557 -100.65 18.98 11.78
N SER EA 558 -101.72 18.29 11.41
CA SER EA 558 -102.05 18.06 10.02
C SER EA 558 -103.48 18.50 9.72
N TYR EA 559 -103.73 18.86 8.46
CA TYR EA 559 -105.04 19.33 8.04
C TYR EA 559 -105.41 18.70 6.71
N CYS EA 560 -106.71 18.53 6.49
CA CYS EA 560 -107.24 17.81 5.34
C CYS EA 560 -107.90 18.76 4.36
N VAL EA 561 -107.77 18.47 3.07
CA VAL EA 561 -108.24 19.36 2.00
C VAL EA 561 -108.40 18.51 0.75
N LYS EA 562 -109.22 18.97 -0.19
CA LYS EA 562 -109.51 18.24 -1.42
C LYS EA 562 -109.44 19.17 -2.62
N SER EA 563 -108.33 19.89 -2.76
CA SER EA 563 -108.22 20.74 -3.95
C SER EA 563 -107.75 19.94 -5.16
N GLY EA 564 -106.58 19.31 -5.05
CA GLY EA 564 -105.80 18.87 -6.18
C GLY EA 564 -104.63 19.79 -6.46
N LEU EA 565 -104.73 21.05 -6.03
CA LEU EA 565 -103.59 21.96 -6.10
C LEU EA 565 -102.58 21.62 -5.01
N PHE EA 566 -103.06 21.20 -3.83
CA PHE EA 566 -102.17 20.82 -2.75
C PHE EA 566 -101.45 19.52 -3.04
N THR EA 567 -102.05 18.65 -3.86
CA THR EA 567 -101.54 17.30 -4.04
C THR EA 567 -100.34 17.26 -4.99
N GLY EA 568 -100.53 17.70 -6.23
CA GLY EA 568 -99.53 17.50 -7.26
C GLY EA 568 -98.32 18.41 -7.12
N GLY EA 569 -97.44 18.28 -8.10
CA GLY EA 569 -96.17 19.01 -8.10
C GLY EA 569 -95.01 18.08 -8.40
N SER EA 570 -93.98 18.15 -7.58
CA SER EA 570 -92.91 17.17 -7.60
C SER EA 570 -92.86 16.45 -6.26
N LEU EA 571 -92.11 15.35 -6.22
CA LEU EA 571 -91.96 14.62 -4.98
C LEU EA 571 -91.04 15.40 -4.03
N PRO EA 572 -91.46 15.63 -2.79
CA PRO EA 572 -90.64 16.42 -1.88
C PRO EA 572 -89.45 15.62 -1.39
N PRO EA 573 -88.40 16.29 -0.94
CA PRO EA 573 -87.31 15.57 -0.28
C PRO EA 573 -87.70 15.20 1.14
N ALA EA 574 -86.81 14.47 1.80
CA ALA EA 574 -87.06 14.07 3.17
C ALA EA 574 -86.86 15.25 4.11
N ARG EA 575 -87.68 15.31 5.15
CA ARG EA 575 -87.42 16.22 6.25
C ARG EA 575 -86.30 15.66 7.11
N LEU EA 576 -85.19 16.39 7.15
CA LEU EA 576 -84.06 15.90 7.89
C LEU EA 576 -84.11 16.44 9.32
N PRO EA 577 -83.51 15.73 10.28
CA PRO EA 577 -83.43 16.24 11.65
C PRO EA 577 -82.49 17.45 11.71
N PRO EA 578 -82.47 18.20 12.82
CA PRO EA 578 -83.26 18.21 14.06
C PRO EA 578 -84.62 18.84 13.84
N PHE EA 579 -85.61 18.33 14.57
CA PHE EA 579 -86.97 18.84 14.46
C PHE EA 579 -87.33 19.74 15.63
N THR EA 580 -86.49 19.82 16.64
CA THR EA 580 -86.65 20.76 17.74
C THR EA 580 -85.48 21.73 17.71
N ARG EA 581 -85.55 22.72 18.58
CA ARG EA 581 -84.50 23.70 18.78
C ARG EA 581 -84.03 23.63 20.22
N PRO EA 582 -82.79 24.02 20.51
CA PRO EA 582 -82.35 24.05 21.89
C PRO EA 582 -83.05 25.16 22.65
N PRO EA 583 -83.40 24.93 23.92
CA PRO EA 583 -84.28 25.86 24.63
C PRO EA 583 -83.55 27.12 25.07
N LEU EA 584 -84.34 28.08 25.54
CA LEU EA 584 -83.81 29.33 26.04
C LEU EA 584 -83.34 29.19 27.48
N MET EA 585 -82.29 29.93 27.80
CA MET EA 585 -81.68 29.90 29.12
C MET EA 585 -81.60 31.31 29.66
N SER EA 586 -81.73 31.45 30.98
CA SER EA 586 -81.60 32.75 31.61
C SER EA 586 -80.14 33.10 31.83
N GLN EA 587 -79.80 34.35 31.51
CA GLN EA 587 -78.41 34.78 31.32
C GLN EA 587 -78.16 36.03 32.16
N ALA EA 588 -76.90 36.47 32.16
CA ALA EA 588 -76.49 37.70 32.82
C ALA EA 588 -75.16 38.13 32.23
N ALA EA 589 -75.00 39.43 32.03
CA ALA EA 589 -73.79 39.96 31.43
C ALA EA 589 -73.42 41.28 32.09
N THR EA 590 -72.20 41.37 32.60
CA THR EA 590 -71.73 42.57 33.29
C THR EA 590 -70.54 43.16 32.56
N ASN EA 591 -70.32 44.46 32.79
CA ASN EA 591 -69.24 45.22 32.17
C ASN EA 591 -68.74 46.23 33.19
N THR EA 592 -67.62 45.95 33.86
CA THR EA 592 -67.03 46.90 34.79
C THR EA 592 -65.90 47.64 34.10
N VAL EA 593 -65.93 48.97 34.17
CA VAL EA 593 -64.91 49.82 33.57
C VAL EA 593 -64.29 50.66 34.66
N ILE EA 594 -62.95 50.66 34.74
CA ILE EA 594 -62.21 51.53 35.65
C ILE EA 594 -61.49 52.57 34.81
N VAL EA 595 -61.69 53.84 35.15
CA VAL EA 595 -61.10 54.95 34.40
C VAL EA 595 -60.26 55.75 35.38
N THR EA 596 -58.95 55.79 35.18
CA THR EA 596 -58.10 56.67 35.97
C THR EA 596 -58.10 58.04 35.29
N ASN EA 597 -58.53 59.05 36.03
CA ASN EA 597 -58.66 60.40 35.50
C ASN EA 597 -57.37 61.21 35.65
N SER EA 598 -56.25 60.56 35.93
CA SER EA 598 -55.03 61.28 36.27
C SER EA 598 -53.80 60.45 36.01
N GLU EA 599 -52.71 61.13 35.71
CA GLU EA 599 -51.38 60.56 35.86
C GLU EA 599 -50.98 60.71 37.33
N ASN EA 600 -49.77 60.25 37.66
CA ASN EA 600 -49.27 60.13 39.03
C ASN EA 600 -50.24 59.31 39.88
N ALA EA 601 -50.70 58.20 39.31
CA ALA EA 601 -51.66 57.33 39.98
C ALA EA 601 -51.42 55.92 39.44
N ARG EA 602 -50.74 55.10 40.23
CA ARG EA 602 -50.46 53.73 39.82
C ARG EA 602 -51.54 52.80 40.34
N SER EA 603 -51.56 51.59 39.77
CA SER EA 603 -52.58 50.62 40.13
C SER EA 603 -52.04 49.22 39.89
N TRP EA 604 -52.29 48.32 40.82
CA TRP EA 604 -51.93 46.92 40.70
C TRP EA 604 -53.18 46.08 40.79
N ILE EA 605 -53.28 45.08 39.92
CA ILE EA 605 -54.48 44.26 39.81
C ILE EA 605 -54.08 42.80 39.84
N LYS EA 606 -54.73 42.01 40.68
CA LYS EA 606 -54.59 40.56 40.69
C LYS EA 606 -55.92 39.98 40.26
N ASP EA 607 -55.95 39.38 39.05
CA ASP EA 607 -57.20 39.07 38.39
C ASP EA 607 -57.93 37.90 39.03
N SER EA 608 -57.20 36.92 39.53
CA SER EA 608 -57.78 35.77 40.20
C SER EA 608 -56.75 35.18 41.14
N GLN EA 609 -57.10 34.07 41.78
CA GLN EA 609 -56.20 33.45 42.74
C GLN EA 609 -55.02 32.76 42.06
N THR EA 610 -55.15 32.43 40.78
CA THR EA 610 -54.04 31.82 40.05
C THR EA 610 -53.16 32.84 39.34
N HIS EA 611 -53.67 34.04 39.09
CA HIS EA 611 -52.88 35.08 38.47
C HIS EA 611 -51.84 35.62 39.45
N GLN EA 612 -50.87 36.35 38.91
CA GLN EA 612 -49.95 37.12 39.71
C GLN EA 612 -50.37 38.58 39.67
N TRP EA 613 -49.77 39.38 40.57
CA TRP EA 613 -50.04 40.81 40.59
C TRP EA 613 -49.54 41.44 39.31
N ARG EA 614 -50.35 42.34 38.76
CA ARG EA 614 -50.15 42.88 37.43
C ARG EA 614 -50.27 44.39 37.53
N LEU EA 615 -49.42 45.10 36.80
CA LEU EA 615 -49.49 46.55 36.80
C LEU EA 615 -50.70 46.99 35.98
N GLY EA 616 -51.52 47.86 36.56
CA GLY EA 616 -52.77 48.22 35.95
C GLY EA 616 -52.63 49.27 34.86
N GLU EA 617 -53.67 49.36 34.05
CA GLU EA 617 -53.81 50.26 32.91
C GLU EA 617 -54.88 51.30 33.21
N PRO EA 618 -54.91 52.42 32.47
CA PRO EA 618 -55.92 53.45 32.76
C PRO EA 618 -57.36 53.03 32.45
N ILE EA 619 -57.59 52.20 31.44
CA ILE EA 619 -58.91 51.66 31.15
C ILE EA 619 -58.82 50.14 31.22
N GLU EA 620 -59.69 49.51 32.00
CA GLU EA 620 -59.58 48.08 32.25
C GLU EA 620 -60.57 47.21 31.47
N LEU EA 621 -61.88 47.43 31.66
CA LEU EA 621 -62.96 46.73 30.95
C LEU EA 621 -62.90 45.21 31.16
N ARG EA 622 -63.25 44.81 32.38
CA ARG EA 622 -63.56 43.41 32.65
C ARG EA 622 -64.93 43.04 32.09
N ARG EA 623 -65.09 41.78 31.69
CA ARG EA 623 -66.36 41.26 31.18
C ARG EA 623 -66.67 39.91 31.78
N ALA EA 624 -67.96 39.61 31.90
CA ALA EA 624 -68.40 38.33 32.42
C ALA EA 624 -69.76 37.97 31.83
N MET EA 625 -69.95 36.69 31.52
CA MET EA 625 -71.23 36.19 31.04
C MET EA 625 -71.60 34.97 31.85
N ASN EA 626 -72.76 35.03 32.52
CA ASN EA 626 -73.21 34.00 33.45
C ASN EA 626 -74.46 33.35 32.91
N VAL EA 627 -74.44 32.04 32.73
CA VAL EA 627 -75.56 31.28 32.19
C VAL EA 627 -75.97 30.26 33.22
N ILE EA 628 -77.27 30.06 33.42
CA ILE EA 628 -77.79 28.97 34.23
C ILE EA 628 -78.77 28.15 33.41
N HIS EA 629 -78.57 26.83 33.41
CA HIS EA 629 -79.42 25.90 32.67
C HIS EA 629 -80.68 25.62 33.49
N GLY EA 630 -81.81 26.15 33.03
CA GLY EA 630 -83.08 25.92 33.70
C GLY EA 630 -83.24 26.66 35.01
N ASP FA 10 -36.92 19.55 5.89
CA ASP FA 10 -38.28 19.09 6.06
C ASP FA 10 -39.18 19.55 4.91
N GLU FA 11 -40.42 19.06 4.91
CA GLU FA 11 -41.37 19.34 3.85
C GLU FA 11 -42.76 19.08 4.41
N VAL FA 12 -43.71 19.98 4.13
CA VAL FA 12 -45.02 19.93 4.74
C VAL FA 12 -46.09 20.01 3.66
N GLY FA 13 -47.34 19.79 4.10
CA GLY FA 13 -48.49 20.08 3.26
C GLY FA 13 -48.78 18.98 2.26
N VAL FA 14 -49.33 19.40 1.12
CA VAL FA 14 -49.75 18.47 0.08
C VAL FA 14 -48.54 17.87 -0.62
N GLN FA 15 -47.46 18.65 -0.74
CA GLN FA 15 -46.32 18.25 -1.55
C GLN FA 15 -45.49 17.15 -0.88
N LYS FA 16 -45.56 17.05 0.44
CA LYS FA 16 -45.00 15.89 1.12
C LYS FA 16 -45.74 14.62 0.74
N CYS FA 17 -47.06 14.71 0.58
CA CYS FA 17 -47.86 13.57 0.18
C CYS FA 17 -47.59 13.20 -1.27
N LYS FA 18 -47.39 14.21 -2.13
CA LYS FA 18 -47.22 13.95 -3.55
C LYS FA 18 -45.86 13.34 -3.86
N ASN FA 19 -44.85 13.64 -3.06
CA ASN FA 19 -43.53 13.09 -3.34
C ASN FA 19 -43.41 11.65 -2.87
N ALA FA 20 -44.10 11.29 -1.79
CA ALA FA 20 -44.02 9.94 -1.27
C ALA FA 20 -44.91 8.97 -2.04
N LEU FA 21 -45.98 9.46 -2.66
CA LEU FA 21 -46.99 8.60 -3.26
C LEU FA 21 -47.05 8.70 -4.77
N LYS FA 22 -46.74 9.88 -5.33
CA LYS FA 22 -46.69 10.14 -6.78
C LYS FA 22 -48.02 9.86 -7.47
N LEU FA 23 -49.07 10.49 -6.96
CA LEU FA 23 -50.42 10.33 -7.51
C LEU FA 23 -51.18 11.61 -7.19
N PRO FA 24 -52.15 12.00 -8.04
CA PRO FA 24 -52.77 13.33 -7.88
C PRO FA 24 -53.70 13.47 -6.70
N VAL FA 25 -54.22 14.67 -6.51
CA VAL FA 25 -55.10 15.00 -5.41
C VAL FA 25 -56.51 15.10 -5.96
N LEU FA 26 -57.50 14.66 -5.18
CA LEU FA 26 -58.88 14.70 -5.65
C LEU FA 26 -59.35 16.14 -5.68
N GLU FA 27 -59.66 16.65 -6.87
CA GLU FA 27 -59.92 18.06 -7.06
C GLU FA 27 -61.33 18.49 -6.72
N VAL FA 28 -62.18 17.59 -6.26
CA VAL FA 28 -63.59 17.87 -6.02
C VAL FA 28 -63.80 17.73 -4.52
N LEU FA 29 -63.76 18.84 -3.79
CA LEU FA 29 -63.77 18.72 -2.34
C LEU FA 29 -64.92 19.50 -1.71
N PRO FA 30 -65.51 18.97 -0.64
CA PRO FA 30 -66.57 19.72 0.03
C PRO FA 30 -66.02 20.65 1.10
N GLY FA 31 -66.90 21.35 1.80
CA GLY FA 31 -66.48 22.29 2.81
C GLY FA 31 -66.29 23.71 2.34
N GLY FA 32 -66.61 24.01 1.10
CA GLY FA 32 -66.54 25.38 0.62
C GLY FA 32 -67.86 26.08 0.73
N GLY FA 33 -67.82 27.39 0.56
CA GLY FA 33 -69.04 28.16 0.56
C GLY FA 33 -69.79 28.04 -0.74
N TRP FA 34 -71.07 28.33 -0.70
CA TRP FA 34 -71.92 28.14 -1.88
C TRP FA 34 -73.00 29.19 -1.90
N ASP FA 35 -72.98 30.03 -2.93
CA ASP FA 35 -74.09 30.95 -3.19
C ASP FA 35 -75.20 30.16 -3.85
N ASN FA 36 -76.34 30.06 -3.19
CA ASN FA 36 -77.41 29.22 -3.67
C ASN FA 36 -78.38 29.97 -4.58
N LEU FA 37 -78.20 31.27 -4.77
CA LEU FA 37 -78.96 31.97 -5.80
C LEU FA 37 -78.26 31.92 -7.14
N ARG FA 38 -76.94 32.05 -7.17
CA ARG FA 38 -76.21 32.11 -8.42
C ARG FA 38 -75.60 30.78 -8.82
N ASN FA 39 -75.65 29.79 -7.94
CA ASN FA 39 -74.97 28.49 -8.08
C ASN FA 39 -73.50 28.63 -8.40
N VAL FA 40 -72.82 29.49 -7.65
CA VAL FA 40 -71.37 29.60 -7.71
C VAL FA 40 -70.84 29.22 -6.35
N ASP FA 41 -69.58 28.83 -6.31
CA ASP FA 41 -68.96 28.45 -5.05
C ASP FA 41 -67.97 29.48 -4.58
N MET FA 42 -67.94 29.65 -3.27
CA MET FA 42 -67.33 30.75 -2.55
C MET FA 42 -66.03 30.33 -1.89
N GLY FA 43 -65.55 31.17 -0.98
CA GLY FA 43 -64.38 30.84 -0.20
C GLY FA 43 -64.59 29.66 0.71
N ARG FA 44 -63.47 29.10 1.17
CA ARG FA 44 -63.43 27.84 1.88
C ARG FA 44 -63.77 28.04 3.34
N VAL FA 45 -64.77 27.31 3.84
CA VAL FA 45 -65.26 27.47 5.20
C VAL FA 45 -64.61 26.47 6.16
N MET FA 46 -64.38 25.25 5.72
CA MET FA 46 -63.76 24.23 6.56
C MET FA 46 -62.25 24.23 6.35
N GLU FA 47 -61.56 23.48 7.20
CA GLU FA 47 -60.11 23.42 7.14
C GLU FA 47 -59.66 22.16 6.44
N LEU FA 48 -58.78 22.30 5.46
CA LEU FA 48 -58.25 21.17 4.71
C LEU FA 48 -56.80 20.94 5.11
N THR FA 49 -56.54 19.80 5.74
CA THR FA 49 -55.20 19.42 6.17
C THR FA 49 -54.78 18.14 5.48
N TYR FA 50 -53.47 18.00 5.26
CA TYR FA 50 -52.90 16.85 4.56
C TYR FA 50 -51.79 16.24 5.40
N SER FA 51 -52.08 16.04 6.68
CA SER FA 51 -51.05 15.57 7.60
C SER FA 51 -50.83 14.07 7.53
N ASN FA 52 -51.88 13.30 7.27
CA ASN FA 52 -51.84 11.85 7.43
C ASN FA 52 -51.63 11.09 6.14
N CYS FA 53 -51.49 11.79 5.00
CA CYS FA 53 -51.21 11.20 3.69
C CYS FA 53 -52.28 10.19 3.27
N ARG FA 54 -53.54 10.50 3.55
CA ARG FA 54 -54.62 9.58 3.23
C ARG FA 54 -54.87 9.54 1.74
N THR FA 55 -55.21 8.36 1.24
CA THR FA 55 -55.63 8.17 -0.13
C THR FA 55 -57.03 7.60 -0.15
N THR FA 56 -57.62 7.55 -1.34
CA THR FA 56 -58.85 6.79 -1.48
C THR FA 56 -58.52 5.31 -1.39
N GLU FA 57 -59.57 4.51 -1.15
CA GLU FA 57 -59.38 3.09 -0.88
C GLU FA 57 -58.89 2.33 -2.09
N ASP FA 58 -59.19 2.82 -3.31
CA ASP FA 58 -58.58 2.24 -4.49
C ASP FA 58 -57.19 2.79 -4.77
N GLY FA 59 -56.75 3.79 -4.03
CA GLY FA 59 -55.38 4.24 -4.10
C GLY FA 59 -55.02 5.06 -5.31
N GLN FA 60 -55.86 6.02 -5.69
CA GLN FA 60 -55.60 6.82 -6.87
C GLN FA 60 -55.73 8.31 -6.66
N TYR FA 61 -56.15 8.77 -5.48
CA TYR FA 61 -56.21 10.20 -5.21
C TYR FA 61 -55.82 10.44 -3.78
N ILE FA 62 -55.01 11.47 -3.55
CA ILE FA 62 -54.75 11.98 -2.20
C ILE FA 62 -55.95 12.80 -1.75
N ILE FA 63 -56.45 12.51 -0.56
CA ILE FA 63 -57.59 13.23 0.00
C ILE FA 63 -57.17 13.82 1.33
N PRO FA 64 -57.83 14.88 1.79
CA PRO FA 64 -57.56 15.41 3.13
C PRO FA 64 -57.99 14.45 4.24
N ASP FA 65 -57.61 14.81 5.46
CA ASP FA 65 -57.73 13.89 6.59
C ASP FA 65 -59.15 13.77 7.11
N GLU FA 66 -59.91 14.85 7.04
CA GLU FA 66 -61.26 14.98 7.56
C GLU FA 66 -62.33 14.59 6.55
N ILE FA 67 -61.94 14.01 5.44
CA ILE FA 67 -62.85 13.75 4.33
C ILE FA 67 -62.81 12.27 4.02
N PHE FA 68 -63.97 11.63 3.99
CA PHE FA 68 -64.07 10.25 3.56
C PHE FA 68 -64.80 10.19 2.23
N THR FA 69 -64.43 9.23 1.41
CA THR FA 69 -65.01 9.05 0.09
C THR FA 69 -65.81 7.76 0.05
N ILE FA 70 -66.79 7.72 -0.82
CA ILE FA 70 -67.60 6.53 -1.05
C ILE FA 70 -67.40 6.11 -2.50
N PRO FA 71 -66.86 4.95 -2.78
CA PRO FA 71 -66.74 4.50 -4.16
C PRO FA 71 -68.08 4.00 -4.68
N GLN FA 72 -68.67 4.75 -5.59
CA GLN FA 72 -69.86 4.29 -6.29
C GLN FA 72 -69.68 4.60 -7.77
N LYS FA 73 -69.04 3.67 -8.45
CA LYS FA 73 -68.57 3.87 -9.81
C LYS FA 73 -69.72 3.58 -10.75
N GLN FA 74 -70.57 4.57 -10.91
CA GLN FA 74 -71.91 4.43 -11.46
C GLN FA 74 -72.02 5.20 -12.75
N SER FA 75 -72.47 4.54 -13.81
CA SER FA 75 -72.63 5.14 -15.12
C SER FA 75 -74.10 5.03 -15.50
N ASN FA 76 -74.66 6.12 -16.02
CA ASN FA 76 -76.04 6.16 -16.46
C ASN FA 76 -76.09 6.58 -17.92
N LEU FA 77 -76.96 5.94 -18.68
CA LEU FA 77 -77.09 6.24 -20.10
C LEU FA 77 -78.56 6.25 -20.44
N GLU FA 78 -79.05 7.36 -20.98
CA GLU FA 78 -80.44 7.48 -21.37
C GLU FA 78 -80.57 7.28 -22.87
N MET FA 79 -81.52 6.43 -23.26
CA MET FA 79 -81.94 6.33 -24.65
C MET FA 79 -83.09 7.25 -24.98
N ASN FA 80 -83.45 8.14 -24.07
CA ASN FA 80 -84.62 8.96 -24.16
C ASN FA 80 -84.21 10.39 -23.89
N SER FA 81 -85.18 11.26 -23.72
CA SER FA 81 -84.98 12.64 -23.35
C SER FA 81 -85.86 12.95 -22.15
N GLU FA 82 -85.91 14.20 -21.76
CA GLU FA 82 -86.88 14.63 -20.76
C GLU FA 82 -87.33 16.03 -21.11
N ILE FA 83 -88.63 16.28 -20.96
CA ILE FA 83 -89.26 17.48 -21.48
C ILE FA 83 -89.53 18.42 -20.34
N LEU FA 84 -89.17 19.69 -20.51
CA LEU FA 84 -89.31 20.72 -19.48
C LEU FA 84 -90.02 21.89 -20.14
N GLU FA 85 -91.36 21.85 -20.17
CA GLU FA 85 -92.13 22.83 -20.91
C GLU FA 85 -92.46 24.09 -20.10
N SER FA 86 -91.78 24.31 -18.97
CA SER FA 86 -91.97 25.50 -18.17
C SER FA 86 -90.71 25.73 -17.36
N TRP FA 87 -90.31 26.99 -17.21
CA TRP FA 87 -89.11 27.30 -16.45
C TRP FA 87 -89.35 27.38 -14.94
N ALA FA 88 -90.58 27.19 -14.48
CA ALA FA 88 -90.83 27.24 -13.04
C ALA FA 88 -90.28 26.00 -12.35
N ASN FA 89 -90.59 24.83 -12.88
CA ASN FA 89 -90.05 23.57 -12.34
C ASN FA 89 -88.72 23.24 -13.03
N TYR FA 90 -87.71 24.00 -12.65
CA TYR FA 90 -86.39 23.92 -13.26
C TYR FA 90 -85.48 22.93 -12.54
N GLN FA 91 -84.77 22.14 -13.34
CA GLN FA 91 -83.80 21.16 -12.87
C GLN FA 91 -82.42 21.69 -13.17
N SER FA 92 -81.56 21.76 -12.15
CA SER FA 92 -80.30 22.47 -12.36
C SER FA 92 -79.27 21.66 -13.14
N SER FA 93 -79.30 20.33 -13.04
CA SER FA 93 -78.42 19.34 -13.67
C SER FA 93 -76.98 19.32 -13.18
N THR FA 94 -76.59 20.25 -12.31
CA THR FA 94 -75.28 20.15 -11.67
C THR FA 94 -75.30 20.50 -10.20
N SER FA 95 -76.35 21.12 -9.69
CA SER FA 95 -76.46 21.46 -8.28
C SER FA 95 -77.90 21.22 -7.83
N TYR FA 96 -78.44 20.08 -8.21
CA TYR FA 96 -79.86 19.84 -8.05
C TYR FA 96 -80.25 19.58 -6.60
N SER FA 97 -79.41 18.88 -5.85
CA SER FA 97 -79.79 18.48 -4.51
C SER FA 97 -79.69 19.61 -3.50
N ILE FA 98 -78.83 20.60 -3.76
CA ILE FA 98 -78.71 21.72 -2.84
C ILE FA 98 -79.73 22.80 -3.14
N ASN FA 99 -80.34 22.81 -4.32
CA ASN FA 99 -81.38 23.78 -4.59
C ASN FA 99 -82.75 23.32 -4.14
N THR FA 100 -82.99 22.02 -4.03
CA THR FA 100 -84.32 21.49 -3.78
C THR FA 100 -84.64 21.33 -2.31
N GLU FA 101 -83.90 22.00 -1.44
CA GLU FA 101 -84.10 21.92 0.00
C GLU FA 101 -85.45 22.53 0.41
N LEU FA 102 -85.93 22.11 1.58
CA LEU FA 102 -87.20 22.57 2.11
C LEU FA 102 -86.96 23.85 2.91
N SER FA 103 -87.41 24.97 2.37
CA SER FA 103 -87.22 26.26 3.03
C SER FA 103 -88.27 27.23 2.52
N LEU FA 104 -88.19 28.47 3.00
CA LEU FA 104 -89.09 29.51 2.56
C LEU FA 104 -88.76 29.92 1.13
N PHE FA 105 -87.49 30.01 0.81
CA PHE FA 105 -87.02 30.54 -0.47
C PHE FA 105 -86.55 29.42 -1.38
N SER FA 106 -87.23 28.29 -1.36
CA SER FA 106 -86.90 27.19 -2.24
C SER FA 106 -87.27 27.49 -3.68
N LYS FA 107 -88.17 28.43 -3.93
CA LYS FA 107 -88.54 28.81 -5.28
C LYS FA 107 -87.60 29.83 -5.89
N VAL FA 108 -86.65 30.35 -5.12
CA VAL FA 108 -85.73 31.38 -5.61
C VAL FA 108 -84.31 30.82 -5.77
N ASN FA 109 -84.04 29.61 -5.28
CA ASN FA 109 -82.71 29.02 -5.39
C ASN FA 109 -82.37 28.71 -6.84
N GLY FA 110 -81.21 29.20 -7.27
CA GLY FA 110 -80.74 28.96 -8.61
C GLY FA 110 -81.27 29.89 -9.66
N LYS FA 111 -82.11 30.86 -9.32
CA LYS FA 111 -82.78 31.69 -10.30
C LYS FA 111 -81.95 32.84 -10.80
N PHE FA 112 -80.69 32.93 -10.41
CA PHE FA 112 -79.76 33.90 -10.95
C PHE FA 112 -78.55 33.22 -11.54
N SER FA 113 -78.62 31.91 -11.73
CA SER FA 113 -77.56 31.16 -12.34
C SER FA 113 -77.52 31.45 -13.83
N THR FA 114 -76.34 31.30 -14.43
CA THR FA 114 -76.23 31.52 -15.86
C THR FA 114 -76.93 30.42 -16.65
N GLU FA 115 -77.03 29.24 -16.07
CA GLU FA 115 -77.68 28.12 -16.73
C GLU FA 115 -79.20 28.26 -16.70
N PHE FA 116 -79.75 28.92 -15.68
CA PHE FA 116 -81.17 29.20 -15.64
C PHE FA 116 -81.53 30.38 -16.53
N GLN FA 117 -80.78 31.47 -16.41
CA GLN FA 117 -81.10 32.68 -17.15
C GLN FA 117 -80.86 32.54 -18.64
N ARG FA 118 -80.04 31.60 -19.04
CA ARG FA 118 -79.95 31.27 -20.45
C ARG FA 118 -81.14 30.42 -20.88
N MET FA 119 -81.69 29.61 -20.00
CA MET FA 119 -82.81 28.77 -20.40
C MET FA 119 -84.11 29.54 -20.44
N LYS FA 120 -84.30 30.48 -19.51
CA LYS FA 120 -85.53 31.25 -19.45
C LYS FA 120 -85.66 32.19 -20.64
N THR FA 121 -84.55 32.76 -21.09
CA THR FA 121 -84.60 33.68 -22.22
C THR FA 121 -84.72 32.96 -23.56
N LEU FA 122 -84.76 31.64 -23.59
CA LEU FA 122 -85.01 30.89 -24.80
C LEU FA 122 -86.40 30.32 -24.86
N GLN FA 123 -87.09 30.20 -23.73
CA GLN FA 123 -88.47 29.76 -23.73
C GLN FA 123 -89.44 30.92 -23.85
N VAL FA 124 -88.99 32.15 -23.63
CA VAL FA 124 -89.84 33.32 -23.73
C VAL FA 124 -89.66 34.04 -25.05
N LYS FA 125 -88.41 34.19 -25.48
CA LYS FA 125 -88.10 34.83 -26.74
C LYS FA 125 -88.60 34.00 -27.92
N ASP FA 126 -88.54 32.68 -27.81
CA ASP FA 126 -88.83 31.80 -28.92
C ASP FA 126 -90.09 30.97 -28.72
N GLN FA 127 -90.79 31.17 -27.60
CA GLN FA 127 -92.01 30.43 -27.22
C GLN FA 127 -91.79 28.93 -27.26
N ALA FA 128 -90.75 28.49 -26.56
CA ALA FA 128 -90.19 27.17 -26.77
C ALA FA 128 -90.36 26.28 -25.54
N ILE FA 129 -90.12 24.99 -25.75
CA ILE FA 129 -90.00 24.00 -24.69
C ILE FA 129 -88.58 23.45 -24.75
N THR FA 130 -88.14 22.88 -23.64
CA THR FA 130 -86.75 22.46 -23.49
C THR FA 130 -86.68 20.96 -23.27
N THR FA 131 -85.79 20.30 -24.01
CA THR FA 131 -85.49 18.89 -23.79
C THR FA 131 -84.05 18.74 -23.32
N ARG FA 132 -83.77 17.67 -22.58
CA ARG FA 132 -82.43 17.43 -22.09
C ARG FA 132 -82.10 15.94 -22.10
N VAL FA 133 -81.00 15.58 -22.75
CA VAL FA 133 -80.46 14.22 -22.75
C VAL FA 133 -79.08 14.28 -22.12
N GLN FA 134 -78.74 13.30 -21.27
CA GLN FA 134 -77.43 13.34 -20.65
C GLN FA 134 -76.89 11.95 -20.36
N VAL FA 135 -75.57 11.85 -20.42
CA VAL FA 135 -74.82 10.67 -20.03
C VAL FA 135 -74.02 11.05 -18.79
N ARG FA 136 -74.42 10.56 -17.63
CA ARG FA 136 -73.79 10.94 -16.38
C ARG FA 136 -72.94 9.80 -15.85
N ASN FA 137 -71.79 10.15 -15.29
CA ASN FA 137 -70.79 9.17 -14.88
C ASN FA 137 -70.32 9.56 -13.48
N LEU FA 138 -71.02 9.08 -12.47
CA LEU FA 138 -70.69 9.34 -11.07
C LEU FA 138 -69.63 8.37 -10.59
N VAL FA 139 -68.53 8.89 -10.05
CA VAL FA 139 -67.40 8.07 -9.64
C VAL FA 139 -67.27 8.00 -8.12
N TYR FA 140 -67.27 9.15 -7.45
CA TYR FA 140 -67.15 9.19 -5.99
C TYR FA 140 -68.23 10.04 -5.38
N THR FA 141 -68.57 9.73 -4.14
CA THR FA 141 -69.26 10.64 -3.24
C THR FA 141 -68.26 11.04 -2.16
N VAL FA 142 -68.04 12.33 -2.00
CA VAL FA 142 -66.98 12.86 -1.18
C VAL FA 142 -67.65 13.68 -0.08
N LYS FA 143 -67.50 13.25 1.18
CA LYS FA 143 -68.20 13.88 2.30
C LYS FA 143 -67.23 14.38 3.36
N ILE FA 144 -67.76 15.11 4.33
CA ILE FA 144 -67.00 15.65 5.45
C ILE FA 144 -67.32 14.85 6.71
N ASN FA 145 -66.28 14.55 7.47
CA ASN FA 145 -66.42 13.96 8.80
C ASN FA 145 -67.07 15.00 9.70
N PRO FA 146 -68.08 14.63 10.50
CA PRO FA 146 -68.77 15.62 11.35
C PRO FA 146 -67.92 16.25 12.46
N THR FA 147 -66.68 15.82 12.68
CA THR FA 147 -65.83 16.38 13.71
C THR FA 147 -64.76 17.28 13.13
N LEU FA 148 -65.11 18.06 12.12
CA LEU FA 148 -64.21 18.97 11.43
C LEU FA 148 -64.30 20.37 12.02
N GLU FA 149 -63.22 21.13 11.91
CA GLU FA 149 -63.13 22.49 12.41
C GLU FA 149 -63.08 23.49 11.25
N LEU FA 150 -63.31 24.75 11.61
CA LEU FA 150 -63.43 25.84 10.66
C LEU FA 150 -62.08 26.25 10.10
N SER FA 151 -62.14 27.00 9.00
CA SER FA 151 -60.94 27.47 8.35
C SER FA 151 -60.34 28.62 9.14
N SER FA 152 -59.10 28.97 8.77
CA SER FA 152 -58.39 30.04 9.49
C SER FA 152 -58.93 31.41 9.11
N GLY FA 153 -59.33 31.59 7.86
CA GLY FA 153 -59.86 32.87 7.42
C GLY FA 153 -61.30 33.08 7.84
N PHE FA 154 -62.09 32.01 7.83
CA PHE FA 154 -63.50 32.14 8.18
C PHE FA 154 -63.69 32.36 9.67
N ARG FA 155 -62.82 31.76 10.50
CA ARG FA 155 -62.89 31.98 11.94
C ARG FA 155 -62.53 33.41 12.30
N LYS FA 156 -61.57 34.00 11.58
CA LYS FA 156 -61.15 35.37 11.85
C LYS FA 156 -62.27 36.37 11.57
N GLU FA 157 -63.08 36.13 10.55
CA GLU FA 157 -64.13 37.07 10.23
C GLU FA 157 -65.38 36.85 11.07
N LEU FA 158 -65.53 35.69 11.71
CA LEU FA 158 -66.56 35.53 12.72
C LEU FA 158 -66.16 36.15 14.03
N LEU FA 159 -64.87 36.17 14.34
CA LEU FA 159 -64.38 36.82 15.54
C LEU FA 159 -64.43 38.33 15.43
N ASP FA 160 -64.39 38.87 14.23
CA ASP FA 160 -64.54 40.31 14.06
C ASP FA 160 -66.00 40.74 14.20
N ILE FA 161 -66.94 39.91 13.77
CA ILE FA 161 -68.35 40.14 14.09
C ILE FA 161 -68.57 39.98 15.58
N SER FA 162 -67.85 39.03 16.19
CA SER FA 162 -67.98 38.75 17.61
C SER FA 162 -67.55 39.93 18.48
N ASP FA 163 -66.53 40.68 18.03
CA ASP FA 163 -66.06 41.82 18.80
C ASP FA 163 -67.07 42.95 18.78
N ARG FA 164 -67.76 43.13 17.67
CA ARG FA 164 -68.74 44.21 17.57
C ARG FA 164 -70.00 43.93 18.38
N LEU FA 165 -70.36 42.66 18.56
CA LEU FA 165 -71.50 42.35 19.42
C LEU FA 165 -71.17 42.54 20.89
N GLU FA 166 -69.90 42.45 21.27
CA GLU FA 166 -69.50 42.71 22.65
C GLU FA 166 -69.67 44.18 23.00
N ASN FA 167 -69.20 45.06 22.12
CA ASN FA 167 -69.15 46.50 22.33
C ASN FA 167 -70.47 47.19 22.09
N ASN FA 168 -71.57 46.44 21.90
CA ASN FA 168 -72.89 46.98 21.56
C ASN FA 168 -72.81 47.86 20.32
N GLN FA 169 -72.27 47.30 19.25
CA GLN FA 169 -72.14 48.01 17.98
C GLN FA 169 -72.90 47.19 16.95
N THR FA 170 -74.22 47.42 16.90
CA THR FA 170 -75.10 46.54 16.15
C THR FA 170 -75.07 46.87 14.66
N ARG FA 171 -75.00 48.15 14.31
CA ARG FA 171 -74.99 48.55 12.91
C ARG FA 171 -73.69 48.16 12.23
N MET FA 172 -72.59 48.11 12.98
CA MET FA 172 -71.32 47.75 12.39
C MET FA 172 -71.16 46.24 12.33
N ALA FA 173 -71.83 45.50 13.20
CA ALA FA 173 -71.85 44.05 13.12
C ALA FA 173 -72.75 43.55 12.00
N THR FA 174 -73.86 44.26 11.76
CA THR FA 174 -74.75 43.93 10.66
C THR FA 174 -74.06 44.15 9.32
N TYR FA 175 -73.22 45.17 9.24
CA TYR FA 175 -72.44 45.42 8.03
C TYR FA 175 -71.44 44.30 7.78
N LEU FA 176 -70.73 43.87 8.81
CA LEU FA 176 -69.74 42.81 8.64
C LEU FA 176 -70.37 41.45 8.44
N ALA FA 177 -71.59 41.24 8.92
CA ALA FA 177 -72.26 39.98 8.68
C ALA FA 177 -72.65 39.83 7.21
N GLU FA 178 -72.95 40.94 6.54
CA GLU FA 178 -73.29 40.92 5.13
C GLU FA 178 -72.08 40.80 4.23
N LEU FA 179 -70.90 41.22 4.69
CA LEU FA 179 -69.69 40.93 3.94
C LEU FA 179 -69.24 39.49 4.10
N LEU FA 180 -69.73 38.79 5.12
CA LEU FA 180 -69.48 37.37 5.24
C LEU FA 180 -70.23 36.60 4.18
N VAL FA 181 -71.41 37.10 3.79
CA VAL FA 181 -72.23 36.45 2.79
C VAL FA 181 -71.74 36.77 1.38
N LEU FA 182 -71.14 37.95 1.19
CA LEU FA 182 -70.47 38.24 -0.08
C LEU FA 182 -69.30 37.30 -0.31
N ASN FA 183 -68.56 36.98 0.74
CA ASN FA 183 -67.32 36.23 0.57
C ASN FA 183 -67.50 34.74 0.72
N TYR FA 184 -68.52 34.29 1.43
CA TYR FA 184 -68.67 32.88 1.74
C TYR FA 184 -70.03 32.30 1.37
N GLY FA 185 -70.92 33.08 0.79
CA GLY FA 185 -72.16 32.52 0.29
C GLY FA 185 -73.21 32.33 1.37
N THR FA 186 -74.21 31.53 1.04
CA THR FA 186 -75.32 31.27 1.92
C THR FA 186 -75.35 29.85 2.46
N HIS FA 187 -74.50 28.97 1.94
CA HIS FA 187 -74.51 27.55 2.25
C HIS FA 187 -73.09 27.04 2.31
N VAL FA 188 -72.93 25.87 2.92
CA VAL FA 188 -71.66 25.15 2.95
C VAL FA 188 -71.91 23.79 2.34
N THR FA 189 -71.11 23.42 1.34
CA THR FA 189 -71.29 22.11 0.72
C THR FA 189 -70.77 21.04 1.66
N THR FA 190 -71.62 20.09 1.99
CA THR FA 190 -71.20 19.00 2.87
C THR FA 190 -70.94 17.70 2.12
N SER FA 191 -71.48 17.54 0.91
CA SER FA 191 -71.08 16.42 0.08
C SER FA 191 -71.13 16.85 -1.37
N VAL FA 192 -70.16 16.35 -2.14
CA VAL FA 192 -70.10 16.56 -3.57
C VAL FA 192 -70.05 15.20 -4.25
N ASP FA 193 -70.53 15.15 -5.47
CA ASP FA 193 -70.47 13.98 -6.32
C ASP FA 193 -69.44 14.23 -7.42
N ALA FA 194 -68.35 13.50 -7.40
CA ALA FA 194 -67.28 13.70 -8.36
C ALA FA 194 -67.53 12.83 -9.59
N GLY FA 195 -67.54 13.46 -10.75
CA GLY FA 195 -67.73 12.71 -11.97
C GLY FA 195 -67.77 13.61 -13.18
N ALA FA 196 -68.34 13.09 -14.26
CA ALA FA 196 -68.44 13.81 -15.51
C ALA FA 196 -69.84 13.64 -16.08
N ALA FA 197 -70.21 14.53 -17.00
CA ALA FA 197 -71.50 14.45 -17.64
C ALA FA 197 -71.41 15.05 -19.03
N LEU FA 198 -72.19 14.51 -19.95
CA LEU FA 198 -72.26 15.04 -21.32
C LEU FA 198 -73.72 15.31 -21.58
N ILE FA 199 -74.08 16.57 -21.82
CA ILE FA 199 -75.47 17.00 -21.82
C ILE FA 199 -75.84 17.59 -23.19
N GLN FA 200 -77.00 17.19 -23.70
CA GLN FA 200 -77.66 17.79 -24.86
C GLN FA 200 -78.81 18.65 -24.37
N GLU FA 201 -78.99 19.81 -24.97
CA GLU FA 201 -80.12 20.66 -24.57
C GLU FA 201 -80.70 21.31 -25.82
N ASP FA 202 -81.80 20.75 -26.33
CA ASP FA 202 -82.50 21.31 -27.47
C ASP FA 202 -83.67 22.14 -27.00
N HIS FA 203 -84.04 23.12 -27.82
CA HIS FA 203 -85.25 23.89 -27.64
C HIS FA 203 -86.15 23.70 -28.84
N LEU FA 204 -87.39 23.30 -28.60
CA LEU FA 204 -88.36 23.00 -29.64
C LEU FA 204 -89.51 23.97 -29.50
N ARG FA 205 -90.19 24.27 -30.60
CA ARG FA 205 -91.38 25.10 -30.53
C ARG FA 205 -92.47 24.39 -29.76
N ALA FA 206 -93.23 25.16 -28.97
CA ALA FA 206 -94.23 24.58 -28.10
C ALA FA 206 -95.43 24.03 -28.86
N SER FA 207 -95.59 24.43 -30.12
CA SER FA 207 -96.62 23.86 -30.99
C SER FA 207 -96.30 22.44 -31.40
N PHE FA 208 -95.03 22.06 -31.37
CA PHE FA 208 -94.61 20.74 -31.82
C PHE FA 208 -94.97 19.64 -30.82
N LEU FA 209 -95.15 19.99 -29.55
CA LEU FA 209 -95.47 19.01 -28.52
C LEU FA 209 -96.96 18.80 -28.35
N GLN FA 210 -97.78 19.73 -28.79
CA GLN FA 210 -99.21 19.75 -28.53
C GLN FA 210 -100.01 18.69 -29.30
N ASP FA 211 -99.42 17.67 -29.94
CA ASP FA 211 -100.20 16.75 -30.75
C ASP FA 211 -101.00 15.78 -29.89
N SER FA 212 -100.32 14.93 -29.11
CA SER FA 212 -100.98 13.97 -28.24
C SER FA 212 -99.99 13.51 -27.18
N GLN FA 213 -100.42 12.55 -26.36
CA GLN FA 213 -99.55 11.88 -25.41
C GLN FA 213 -98.82 10.69 -26.01
N SER FA 214 -99.13 10.33 -27.25
CA SER FA 214 -98.37 9.34 -27.99
C SER FA 214 -97.33 9.98 -28.90
N SER FA 215 -97.53 11.24 -29.27
CA SER FA 215 -96.48 11.98 -29.95
C SER FA 215 -95.34 12.32 -29.00
N ARG FA 216 -95.65 12.44 -27.70
CA ARG FA 216 -94.66 12.81 -26.71
C ARG FA 216 -93.57 11.75 -26.58
N SER FA 217 -93.94 10.49 -26.64
CA SER FA 217 -92.97 9.40 -26.55
C SER FA 217 -92.22 9.18 -27.85
N ALA FA 218 -92.51 9.93 -28.90
CA ALA FA 218 -91.72 9.90 -30.13
C ALA FA 218 -90.88 11.15 -30.32
N VAL FA 219 -91.34 12.29 -29.81
CA VAL FA 219 -90.48 13.46 -29.67
C VAL FA 219 -89.31 13.15 -28.75
N THR FA 220 -89.59 12.43 -27.66
CA THR FA 220 -88.61 12.19 -26.61
C THR FA 220 -87.55 11.19 -27.05
N ALA FA 221 -87.94 10.16 -27.79
CA ALA FA 221 -86.95 9.19 -28.27
C ALA FA 221 -86.26 9.63 -29.53
N SER FA 222 -86.69 10.74 -30.13
CA SER FA 222 -85.98 11.31 -31.27
C SER FA 222 -84.79 12.13 -30.80
N ALA FA 223 -84.97 12.85 -29.69
CA ALA FA 223 -83.89 13.66 -29.13
C ALA FA 223 -82.77 12.79 -28.59
N GLY FA 224 -83.08 11.62 -28.06
CA GLY FA 224 -82.05 10.71 -27.64
C GLY FA 224 -81.35 10.02 -28.78
N LEU FA 225 -82.00 9.96 -29.94
CA LEU FA 225 -81.36 9.38 -31.12
C LEU FA 225 -80.43 10.37 -31.78
N ALA FA 226 -80.85 11.65 -31.82
CA ALA FA 226 -79.99 12.71 -32.35
C ALA FA 226 -78.75 12.91 -31.50
N PHE FA 227 -78.85 12.67 -30.19
CA PHE FA 227 -77.71 12.83 -29.30
C PHE FA 227 -76.68 11.75 -29.52
N GLN FA 228 -77.12 10.53 -29.80
CA GLN FA 228 -76.17 9.46 -30.06
C GLN FA 228 -75.57 9.58 -31.45
N ASN FA 229 -76.28 10.19 -32.40
CA ASN FA 229 -75.68 10.46 -33.69
C ASN FA 229 -74.60 11.52 -33.58
N THR FA 230 -74.85 12.56 -32.78
CA THR FA 230 -73.93 13.68 -32.64
C THR FA 230 -72.63 13.25 -31.99
N VAL FA 231 -72.67 12.32 -31.04
CA VAL FA 231 -71.42 11.86 -30.46
C VAL FA 231 -70.69 10.94 -31.42
N ASN FA 232 -71.40 10.10 -32.18
CA ASN FA 232 -70.69 9.10 -32.98
C ASN FA 232 -70.26 9.58 -34.36
N PHE FA 233 -71.01 10.46 -35.02
CA PHE FA 233 -70.87 10.60 -36.47
C PHE FA 233 -70.34 11.95 -36.96
N LYS FA 234 -69.27 12.45 -36.34
CA LYS FA 234 -68.21 13.23 -37.00
C LYS FA 234 -68.68 14.50 -37.71
N PHE FA 235 -69.87 15.01 -37.36
CA PHE FA 235 -70.60 16.16 -37.94
C PHE FA 235 -71.15 15.84 -39.33
N GLU FA 236 -70.78 14.69 -39.90
CA GLU FA 236 -71.21 14.35 -41.24
C GLU FA 236 -72.66 13.88 -41.22
N GLU FA 237 -73.24 13.76 -42.40
CA GLU FA 237 -74.57 13.18 -42.51
C GLU FA 237 -74.50 11.68 -42.79
N ASN FA 238 -73.73 11.01 -41.95
CA ASN FA 238 -73.75 9.56 -41.82
C ASN FA 238 -74.73 9.11 -40.75
N TYR FA 239 -75.73 9.93 -40.46
CA TYR FA 239 -76.65 9.67 -39.37
C TYR FA 239 -77.60 8.53 -39.73
N THR FA 240 -78.02 7.81 -38.69
CA THR FA 240 -79.03 6.77 -38.84
C THR FA 240 -80.42 7.34 -38.55
N SER FA 241 -80.80 8.31 -39.38
CA SER FA 241 -82.09 8.98 -39.25
C SER FA 241 -83.22 8.01 -39.58
N GLN FA 242 -83.96 7.60 -38.55
CA GLN FA 242 -84.85 6.46 -38.66
C GLN FA 242 -86.19 6.76 -39.30
N ASN FA 243 -86.65 8.02 -39.25
CA ASN FA 243 -88.01 8.32 -39.65
C ASN FA 243 -88.03 9.65 -40.40
N VAL FA 244 -89.25 10.07 -40.75
CA VAL FA 244 -89.51 11.45 -41.12
C VAL FA 244 -89.69 12.29 -39.85
N LEU FA 245 -90.02 11.63 -38.73
CA LEU FA 245 -90.15 12.33 -37.46
C LEU FA 245 -88.81 12.87 -36.96
N THR FA 246 -87.71 12.24 -37.36
CA THR FA 246 -86.40 12.84 -37.13
C THR FA 246 -86.23 14.09 -37.96
N LYS FA 247 -86.69 14.07 -39.21
CA LYS FA 247 -86.58 15.23 -40.07
C LYS FA 247 -87.53 16.34 -39.63
N SER FA 248 -88.72 15.98 -39.17
CA SER FA 248 -89.62 16.99 -38.65
C SER FA 248 -89.16 17.52 -37.30
N TYR FA 249 -88.36 16.75 -36.56
CA TYR FA 249 -87.79 17.23 -35.30
C TYR FA 249 -86.83 18.38 -35.54
N LEU FA 250 -86.06 18.31 -36.62
CA LEU FA 250 -85.03 19.31 -36.87
C LEU FA 250 -85.62 20.65 -37.27
N SER FA 251 -86.78 20.64 -37.92
CA SER FA 251 -87.33 21.89 -38.43
C SER FA 251 -88.07 22.68 -37.36
N ASN FA 252 -88.51 22.04 -36.28
CA ASN FA 252 -89.08 22.74 -35.15
C ASN FA 252 -88.05 23.07 -34.08
N ARG FA 253 -86.84 22.54 -34.21
CA ARG FA 253 -85.77 22.79 -33.25
C ARG FA 253 -85.34 24.25 -33.29
N THR FA 254 -85.25 24.87 -32.13
CA THR FA 254 -84.85 26.27 -32.06
C THR FA 254 -83.36 26.46 -31.76
N ASN FA 255 -82.79 25.82 -30.71
CA ASN FA 255 -81.43 26.21 -30.35
C ASN FA 255 -80.37 25.12 -30.41
N SER FA 256 -80.51 24.00 -29.70
CA SER FA 256 -79.55 22.88 -29.68
C SER FA 256 -78.11 23.15 -29.21
N ARG FA 257 -77.88 23.33 -27.91
CA ARG FA 257 -76.54 23.34 -27.36
C ARG FA 257 -76.09 21.94 -26.93
N VAL FA 258 -74.80 21.67 -27.04
CA VAL FA 258 -74.18 20.46 -26.49
C VAL FA 258 -73.14 20.87 -25.47
N GLN FA 259 -73.25 20.33 -24.26
CA GLN FA 259 -72.41 20.76 -23.15
C GLN FA 259 -71.70 19.58 -22.53
N SER FA 260 -70.39 19.70 -22.35
CA SER FA 260 -69.60 18.71 -21.63
C SER FA 260 -69.18 19.30 -20.28
N ILE FA 261 -69.39 18.55 -19.22
CA ILE FA 261 -69.02 18.99 -17.88
C ILE FA 261 -68.07 17.95 -17.31
N GLY FA 262 -66.80 18.26 -17.25
CA GLY FA 262 -65.80 17.32 -16.83
C GLY FA 262 -65.34 16.44 -17.97
N GLY FA 263 -64.28 15.70 -17.72
CA GLY FA 263 -63.73 14.86 -18.76
C GLY FA 263 -62.94 15.66 -19.77
N VAL FA 264 -62.78 15.07 -20.95
CA VAL FA 264 -62.09 15.72 -22.07
C VAL FA 264 -63.10 16.61 -22.78
N PRO FA 265 -62.67 17.63 -23.53
CA PRO FA 265 -63.63 18.48 -24.22
C PRO FA 265 -64.34 17.75 -25.34
N PHE FA 266 -65.62 18.04 -25.49
CA PHE FA 266 -66.43 17.39 -26.51
C PHE FA 266 -66.18 18.01 -27.87
N TYR FA 267 -66.17 17.16 -28.89
CA TYR FA 267 -66.26 17.54 -30.28
C TYR FA 267 -67.13 16.52 -30.97
N PRO FA 268 -67.91 16.93 -31.97
CA PRO FA 268 -68.81 15.98 -32.63
C PRO FA 268 -68.06 14.93 -33.41
N GLY FA 269 -68.07 13.70 -32.90
CA GLY FA 269 -67.26 12.67 -33.48
C GLY FA 269 -66.46 11.87 -32.49
N ILE FA 270 -66.30 12.37 -31.27
CA ILE FA 270 -65.67 11.57 -30.23
C ILE FA 270 -66.65 10.50 -29.80
N THR FA 271 -66.24 9.25 -29.88
CA THR FA 271 -67.17 8.18 -29.58
C THR FA 271 -67.44 8.14 -28.09
N LEU FA 272 -68.53 7.46 -27.71
CA LEU FA 272 -68.90 7.39 -26.31
C LEU FA 272 -67.89 6.57 -25.52
N GLN FA 273 -67.24 5.61 -26.18
CA GLN FA 273 -66.11 4.92 -25.60
C GLN FA 273 -64.97 5.87 -25.30
N ALA FA 274 -64.64 6.75 -26.23
CA ALA FA 274 -63.45 7.58 -26.08
C ALA FA 274 -63.66 8.74 -25.14
N TRP FA 275 -64.91 9.22 -25.01
CA TRP FA 275 -65.21 10.25 -24.01
C TRP FA 275 -65.06 9.69 -22.61
N GLN FA 276 -65.41 8.42 -22.42
CA GLN FA 276 -65.34 7.78 -21.10
C GLN FA 276 -63.94 7.35 -20.72
N GLN FA 277 -62.97 7.42 -21.62
CA GLN FA 277 -61.59 7.17 -21.24
C GLN FA 277 -60.92 8.40 -20.69
N GLY FA 278 -61.43 9.59 -20.99
CA GLY FA 278 -60.87 10.82 -20.51
C GLY FA 278 -61.46 11.34 -19.24
N ILE FA 279 -62.36 10.58 -18.62
CA ILE FA 279 -62.97 10.98 -17.36
C ILE FA 279 -61.96 10.87 -16.23
N THR FA 280 -61.02 9.93 -16.34
CA THR FA 280 -59.97 9.75 -15.36
C THR FA 280 -59.07 10.98 -15.27
N ASN FA 281 -58.93 11.52 -14.06
CA ASN FA 281 -58.19 12.71 -13.64
C ASN FA 281 -58.82 14.01 -14.12
N HIS FA 282 -60.01 13.98 -14.71
CA HIS FA 282 -60.76 15.19 -15.02
C HIS FA 282 -62.14 15.00 -14.41
N LEU FA 283 -62.25 15.24 -13.11
CA LEU FA 283 -63.51 15.05 -12.40
C LEU FA 283 -63.97 16.38 -11.85
N VAL FA 284 -65.26 16.65 -11.94
CA VAL FA 284 -65.84 17.87 -11.43
C VAL FA 284 -67.02 17.49 -10.54
N ALA FA 285 -67.58 18.48 -9.88
CA ALA FA 285 -68.77 18.26 -9.08
C ALA FA 285 -69.99 18.29 -9.97
N ILE FA 286 -70.62 17.14 -10.16
CA ILE FA 286 -71.86 17.06 -10.91
C ILE FA 286 -73.09 17.09 -10.02
N ASP FA 287 -72.91 17.04 -8.71
CA ASP FA 287 -74.00 17.24 -7.77
C ASP FA 287 -73.42 17.68 -6.44
N ARG FA 288 -74.22 18.37 -5.63
CA ARG FA 288 -73.82 18.90 -4.33
C ARG FA 288 -74.96 18.80 -3.36
N SER FA 289 -74.63 18.61 -2.09
CA SER FA 289 -75.56 18.77 -1.00
C SER FA 289 -74.98 19.74 0.01
N GLY FA 290 -75.82 20.30 0.86
CA GLY FA 290 -75.29 21.26 1.80
C GLY FA 290 -76.22 21.58 2.95
N LEU FA 291 -75.78 22.53 3.75
CA LEU FA 291 -76.50 23.06 4.90
C LEU FA 291 -76.30 24.56 4.90
N PRO FA 292 -77.20 25.32 5.51
CA PRO FA 292 -77.02 26.78 5.57
C PRO FA 292 -75.80 27.19 6.41
N LEU FA 293 -75.39 28.44 6.20
CA LEU FA 293 -74.11 28.90 6.72
C LEU FA 293 -74.14 29.08 8.23
N HIS FA 294 -75.30 29.41 8.80
CA HIS FA 294 -75.41 29.59 10.23
C HIS FA 294 -75.57 28.30 10.99
N PHE FA 295 -75.69 27.17 10.30
CA PHE FA 295 -75.69 25.88 10.97
C PHE FA 295 -74.34 25.59 11.62
N PHE FA 296 -73.26 26.08 11.02
CA PHE FA 296 -71.91 25.82 11.47
C PHE FA 296 -71.40 26.90 12.40
N ILE FA 297 -72.27 27.79 12.86
CA ILE FA 297 -71.92 28.75 13.89
C ILE FA 297 -72.61 28.30 15.16
N ASN FA 298 -71.93 27.50 15.95
CA ASN FA 298 -72.49 26.86 17.14
C ASN FA 298 -71.38 26.77 18.16
N PRO FA 299 -71.69 26.52 19.44
CA PRO FA 299 -70.62 26.45 20.44
C PRO FA 299 -69.60 25.34 20.26
N ASN FA 300 -69.88 24.36 19.41
CA ASN FA 300 -68.90 23.30 19.15
C ASN FA 300 -67.80 23.78 18.21
N MET FA 301 -68.16 24.50 17.14
CA MET FA 301 -67.16 24.98 16.19
C MET FA 301 -66.33 26.11 16.76
N LEU FA 302 -66.87 26.88 17.71
CA LEU FA 302 -66.20 28.02 18.31
C LEU FA 302 -66.05 27.74 19.80
N PRO FA 303 -65.02 27.00 20.21
CA PRO FA 303 -64.89 26.63 21.61
C PRO FA 303 -64.21 27.68 22.47
N ASP FA 304 -63.61 28.71 21.86
CA ASP FA 304 -62.91 29.76 22.58
C ASP FA 304 -63.76 31.02 22.74
N LEU FA 305 -65.08 30.89 22.64
CA LEU FA 305 -66.00 31.99 22.84
C LEU FA 305 -67.14 31.51 23.74
N PRO FA 306 -67.78 32.40 24.48
CA PRO FA 306 -68.88 31.98 25.34
C PRO FA 306 -70.10 31.54 24.56
N GLY FA 307 -70.97 30.80 25.26
CA GLY FA 307 -72.16 30.21 24.71
C GLY FA 307 -73.17 31.15 24.09
N PRO FA 308 -73.70 32.12 24.85
CA PRO FA 308 -74.67 33.05 24.27
C PRO FA 308 -74.10 34.02 23.29
N LEU FA 309 -72.79 34.15 23.20
CA LEU FA 309 -72.17 35.09 22.28
C LEU FA 309 -71.97 34.51 20.89
N VAL FA 310 -71.86 33.18 20.76
CA VAL FA 310 -71.84 32.58 19.42
C VAL FA 310 -73.25 32.38 18.89
N LYS FA 311 -74.27 32.58 19.71
CA LYS FA 311 -75.63 32.62 19.25
C LYS FA 311 -76.06 34.00 18.79
N LYS FA 312 -75.31 35.04 19.15
CA LYS FA 312 -75.54 36.35 18.58
C LYS FA 312 -74.91 36.44 17.20
N VAL FA 313 -73.76 35.79 17.02
CA VAL FA 313 -73.11 35.74 15.73
C VAL FA 313 -73.93 34.90 14.76
N SER FA 314 -74.48 33.79 15.26
CA SER FA 314 -75.27 32.91 14.41
C SER FA 314 -76.60 33.55 14.01
N LYS FA 315 -77.13 34.43 14.84
CA LYS FA 315 -78.40 35.07 14.51
C LYS FA 315 -78.19 36.27 13.61
N THR FA 316 -77.06 36.97 13.73
CA THR FA 316 -76.83 38.10 12.85
C THR FA 316 -76.35 37.69 11.46
N VAL FA 317 -75.96 36.44 11.27
CA VAL FA 317 -75.64 35.93 9.94
C VAL FA 317 -76.86 35.27 9.31
N GLU FA 318 -77.72 34.65 10.11
CA GLU FA 318 -78.99 34.13 9.62
C GLU FA 318 -79.89 35.25 9.11
N THR FA 319 -79.82 36.43 9.72
CA THR FA 319 -80.59 37.56 9.26
C THR FA 319 -80.01 38.14 7.97
N ALA FA 320 -78.68 38.10 7.82
CA ALA FA 320 -78.05 38.64 6.62
C ALA FA 320 -78.28 37.76 5.40
N VAL FA 321 -78.34 36.44 5.61
CA VAL FA 321 -78.64 35.53 4.51
C VAL FA 321 -80.09 35.67 4.09
N LYS FA 322 -81.00 35.81 5.06
CA LYS FA 322 -82.41 35.94 4.76
C LYS FA 322 -82.72 37.27 4.09
N ARG FA 323 -81.94 38.31 4.41
CA ARG FA 323 -82.10 39.60 3.74
C ARG FA 323 -81.64 39.54 2.30
N TYR FA 324 -80.71 38.65 1.99
CA TYR FA 324 -80.18 38.52 0.65
C TYR FA 324 -81.17 37.83 -0.28
N TYR FA 325 -81.96 36.89 0.24
CA TYR FA 325 -83.00 36.26 -0.58
C TYR FA 325 -84.18 37.19 -0.81
N THR FA 326 -84.47 38.08 0.14
CA THR FA 326 -85.64 38.94 0.04
C THR FA 326 -85.43 40.03 -0.99
N PHE FA 327 -84.21 40.55 -1.09
CA PHE FA 327 -83.93 41.63 -2.02
C PHE FA 327 -83.77 41.14 -3.45
N ASN FA 328 -83.76 39.83 -3.67
CA ASN FA 328 -83.64 39.23 -4.98
C ASN FA 328 -84.88 38.42 -5.33
N THR FA 329 -86.01 38.79 -4.76
CA THR FA 329 -87.28 38.15 -5.02
C THR FA 329 -88.17 39.13 -5.79
N TYR FA 330 -88.66 38.70 -6.95
CA TYR FA 330 -89.47 39.52 -7.83
C TYR FA 330 -90.79 38.81 -8.08
N PRO FA 331 -91.82 39.08 -7.29
CA PRO FA 331 -93.13 38.52 -7.61
C PRO FA 331 -93.76 39.21 -8.81
N GLY FA 332 -94.51 38.44 -9.57
CA GLY FA 332 -95.15 38.97 -10.76
C GLY FA 332 -95.85 37.87 -11.53
N CYS FA 333 -96.43 38.28 -12.64
CA CYS FA 333 -97.10 37.33 -13.53
C CYS FA 333 -96.06 36.56 -14.33
N THR FA 334 -96.07 35.24 -14.20
CA THR FA 334 -95.08 34.39 -14.83
C THR FA 334 -95.60 33.63 -16.04
N ASP FA 335 -96.89 33.73 -16.34
CA ASP FA 335 -97.46 33.04 -17.49
C ASP FA 335 -97.20 33.86 -18.74
N LEU FA 336 -96.48 33.28 -19.71
CA LEU FA 336 -96.06 34.03 -20.89
C LEU FA 336 -97.22 34.30 -21.85
N ASN FA 337 -98.32 33.58 -21.72
CA ASN FA 337 -99.48 33.80 -22.59
C ASN FA 337 -100.42 34.87 -22.07
N SER FA 338 -100.30 35.26 -20.81
CA SER FA 338 -101.13 36.31 -20.27
C SER FA 338 -100.68 37.66 -20.84
N PRO FA 339 -101.62 38.60 -21.03
CA PRO FA 339 -101.23 39.89 -21.62
C PRO FA 339 -100.38 40.74 -20.69
N ASN FA 340 -100.58 40.64 -19.38
CA ASN FA 340 -99.74 41.34 -18.41
C ASN FA 340 -98.59 40.48 -17.90
N PHE FA 341 -97.83 39.90 -18.83
CA PHE FA 341 -96.70 39.04 -18.46
C PHE FA 341 -95.55 39.87 -17.92
N ASN FA 342 -95.08 39.49 -16.73
CA ASN FA 342 -93.93 40.14 -16.11
C ASN FA 342 -92.70 39.30 -16.44
N PHE FA 343 -92.01 39.69 -17.49
CA PHE FA 343 -90.61 39.31 -17.62
C PHE FA 343 -89.84 40.03 -16.52
N GLN FA 344 -88.69 39.46 -16.14
CA GLN FA 344 -87.96 39.81 -14.92
C GLN FA 344 -88.81 39.59 -13.67
N ALA FA 345 -89.33 38.39 -13.51
CA ALA FA 345 -90.05 37.99 -12.31
C ALA FA 345 -89.71 36.55 -11.97
N ASN FA 346 -89.46 36.29 -10.69
CA ASN FA 346 -89.03 34.98 -10.21
C ASN FA 346 -90.19 34.15 -9.68
N THR FA 347 -91.04 34.75 -8.87
CA THR FA 347 -92.04 34.03 -8.11
C THR FA 347 -93.41 34.28 -8.72
N ASP FA 348 -94.21 33.22 -8.82
CA ASP FA 348 -95.56 33.33 -9.36
C ASP FA 348 -96.43 34.11 -8.38
N ASP FA 349 -96.96 35.24 -8.84
CA ASP FA 349 -97.72 36.12 -7.96
C ASP FA 349 -99.13 35.61 -7.73
N GLY FA 350 -99.65 34.75 -8.61
CA GLY FA 350 -101.01 34.31 -8.50
C GLY FA 350 -102.04 35.30 -8.97
N SER FA 351 -101.61 36.39 -9.61
CA SER FA 351 -102.50 37.40 -10.15
C SER FA 351 -102.12 37.56 -11.63
N CYS FA 352 -102.68 36.70 -12.46
CA CYS FA 352 -102.39 36.70 -13.89
C CYS FA 352 -103.49 37.33 -14.72
N GLU FA 353 -104.63 37.63 -14.10
CA GLU FA 353 -105.74 38.29 -14.80
C GLU FA 353 -106.16 39.51 -13.97
N GLY FA 354 -105.85 40.70 -14.47
CA GLY FA 354 -106.21 41.93 -13.82
C GLY FA 354 -107.49 42.52 -14.37
N LYS FA 355 -107.89 43.65 -13.80
CA LYS FA 355 -109.13 44.32 -14.18
C LYS FA 355 -108.92 45.65 -14.88
N MET FA 356 -107.69 46.17 -14.90
CA MET FA 356 -107.32 47.47 -15.51
C MET FA 356 -108.14 48.61 -14.90
N THR FA 357 -107.84 48.85 -13.63
CA THR FA 357 -108.46 49.95 -12.89
C THR FA 357 -107.48 51.12 -12.85
N ASN FA 358 -107.86 52.25 -13.44
CA ASN FA 358 -107.06 53.46 -13.35
C ASN FA 358 -107.28 54.13 -12.01
N PHE FA 359 -106.19 54.56 -11.39
CA PHE FA 359 -106.25 55.13 -10.05
C PHE FA 359 -105.80 56.58 -10.05
N SER FA 360 -105.96 57.23 -8.90
CA SER FA 360 -105.68 58.64 -8.73
C SER FA 360 -104.47 58.81 -7.85
N PHE FA 361 -103.45 59.52 -8.35
CA PHE FA 361 -102.22 59.77 -7.60
C PHE FA 361 -102.39 61.09 -6.84
N GLY FA 362 -102.59 60.99 -5.54
CA GLY FA 362 -102.86 62.14 -4.72
C GLY FA 362 -101.66 62.88 -4.20
N GLY FA 363 -100.46 62.52 -4.62
CA GLY FA 363 -99.26 63.25 -4.25
C GLY FA 363 -98.61 62.71 -2.99
N VAL FA 364 -97.40 63.21 -2.75
CA VAL FA 364 -96.59 62.79 -1.61
C VAL FA 364 -96.19 64.02 -0.81
N TYR FA 365 -95.95 63.82 0.48
CA TYR FA 365 -95.39 64.86 1.33
C TYR FA 365 -94.62 64.21 2.46
N GLN FA 366 -93.61 64.93 2.95
CA GLN FA 366 -92.67 64.39 3.92
C GLN FA 366 -92.46 65.41 5.04
N GLU FA 367 -92.63 64.97 6.27
CA GLU FA 367 -92.35 65.80 7.43
C GLU FA 367 -90.89 65.64 7.84
N CYS FA 368 -90.42 66.58 8.66
CA CYS FA 368 -89.11 66.47 9.26
C CYS FA 368 -89.16 66.97 10.70
N THR FA 369 -88.28 66.43 11.53
CA THR FA 369 -88.24 66.80 12.95
C THR FA 369 -86.79 66.73 13.39
N GLN FA 370 -86.19 67.90 13.63
CA GLN FA 370 -84.80 67.98 14.06
C GLN FA 370 -84.66 67.43 15.47
N LEU FA 371 -83.68 66.54 15.67
CA LEU FA 371 -83.43 65.93 16.97
C LEU FA 371 -82.20 66.49 17.66
N SER FA 372 -81.13 66.77 16.92
CA SER FA 372 -79.92 67.33 17.48
C SER FA 372 -79.15 68.04 16.39
N GLY FA 373 -78.32 69.00 16.81
CA GLY FA 373 -77.52 69.75 15.86
C GLY FA 373 -78.21 71.01 15.36
N ASN FA 374 -78.81 71.75 16.27
CA ASN FA 374 -79.55 72.95 15.91
C ASN FA 374 -78.60 74.08 15.54
N ARG FA 375 -79.08 74.97 14.66
CA ARG FA 375 -78.42 76.18 14.19
C ARG FA 375 -77.09 75.91 13.50
N ASP FA 376 -76.87 74.70 13.03
CA ASP FA 376 -75.62 74.35 12.34
C ASP FA 376 -75.84 73.82 10.94
N VAL FA 377 -76.78 72.90 10.75
CA VAL FA 377 -77.01 72.26 9.48
C VAL FA 377 -78.34 72.69 8.86
N LEU FA 378 -79.37 72.82 9.68
CA LEU FA 378 -80.78 72.97 9.27
C LEU FA 378 -81.19 71.80 8.36
N LEU FA 379 -81.18 70.62 8.98
CA LEU FA 379 -81.57 69.39 8.29
C LEU FA 379 -83.03 69.41 7.85
N CYS FA 380 -83.89 70.11 8.59
CA CYS FA 380 -85.32 70.12 8.35
C CYS FA 380 -85.72 71.16 7.29
N GLN FA 381 -84.80 71.52 6.40
CA GLN FA 381 -85.08 72.44 5.31
C GLN FA 381 -84.87 71.80 3.95
N LYS FA 382 -83.78 71.08 3.75
CA LYS FA 382 -83.54 70.35 2.52
C LYS FA 382 -84.03 68.91 2.61
N LEU FA 383 -84.87 68.59 3.59
CA LEU FA 383 -85.43 67.25 3.77
C LEU FA 383 -86.93 67.32 3.96
N GLU FA 384 -87.55 68.43 3.55
CA GLU FA 384 -88.96 68.69 3.79
C GLU FA 384 -89.65 68.89 2.45
N GLN FA 385 -90.79 68.25 2.26
CA GLN FA 385 -91.54 68.36 1.01
C GLN FA 385 -93.02 68.48 1.32
N LYS FA 386 -93.69 69.43 0.66
CA LYS FA 386 -95.12 69.63 0.81
C LYS FA 386 -95.86 69.13 -0.42
N ASN FA 387 -97.12 68.82 -0.22
CA ASN FA 387 -97.98 68.31 -1.29
C ASN FA 387 -98.32 69.44 -2.25
N PRO FA 388 -98.06 69.30 -3.56
CA PRO FA 388 -98.43 70.39 -4.49
C PRO FA 388 -99.92 70.58 -4.67
N LEU FA 389 -100.74 69.58 -4.31
CA LEU FA 389 -102.18 69.73 -4.48
C LEU FA 389 -102.81 70.56 -3.38
N THR FA 390 -102.19 70.62 -2.19
CA THR FA 390 -102.71 71.43 -1.10
C THR FA 390 -101.75 72.53 -0.64
N GLY FA 391 -100.46 72.44 -0.94
CA GLY FA 391 -99.49 73.35 -0.37
C GLY FA 391 -99.30 73.16 1.12
N ASP FA 392 -99.54 71.95 1.61
CA ASP FA 392 -99.62 71.70 3.04
C ASP FA 392 -99.22 70.25 3.28
N PHE FA 393 -99.08 69.89 4.56
CA PHE FA 393 -98.79 68.52 4.95
C PHE FA 393 -100.08 67.74 5.17
N SER FA 394 -100.87 67.68 4.10
CA SER FA 394 -102.16 67.01 4.14
C SER FA 394 -102.55 66.61 2.74
N CYS FA 395 -103.43 65.63 2.64
CA CYS FA 395 -104.00 65.23 1.38
C CYS FA 395 -105.19 66.13 1.04
N PRO FA 396 -105.62 66.17 -0.23
CA PRO FA 396 -106.83 66.93 -0.57
C PRO FA 396 -108.11 66.34 0.00
N SER FA 397 -109.24 66.96 -0.38
CA SER FA 397 -110.53 66.61 0.21
C SER FA 397 -110.97 65.20 -0.18
N GLY FA 398 -110.66 64.78 -1.40
CA GLY FA 398 -111.01 63.44 -1.82
C GLY FA 398 -110.00 62.37 -1.50
N TYR FA 399 -109.00 62.66 -0.68
CA TYR FA 399 -107.90 61.75 -0.44
C TYR FA 399 -107.69 61.52 1.05
N SER FA 400 -106.73 60.65 1.38
CA SER FA 400 -106.41 60.26 2.75
C SER FA 400 -104.94 59.88 2.82
N PRO FA 401 -104.25 60.19 3.92
CA PRO FA 401 -102.81 59.91 3.99
C PRO FA 401 -102.51 58.47 4.40
N VAL FA 402 -101.45 57.93 3.80
CA VAL FA 402 -100.92 56.61 4.14
C VAL FA 402 -99.44 56.77 4.49
N HIS FA 403 -99.07 56.29 5.67
CA HIS FA 403 -97.70 56.43 6.17
C HIS FA 403 -96.81 55.36 5.55
N LEU FA 404 -95.78 55.79 4.81
CA LEU FA 404 -94.86 54.84 4.20
C LEU FA 404 -93.82 54.36 5.19
N LEU FA 405 -92.96 55.26 5.65
CA LEU FA 405 -91.77 54.86 6.39
C LEU FA 405 -91.25 56.04 7.18
N SER FA 406 -90.70 55.73 8.35
CA SER FA 406 -90.20 56.73 9.29
C SER FA 406 -88.84 56.29 9.80
N GLN FA 407 -87.79 57.01 9.45
CA GLN FA 407 -86.43 56.67 9.86
C GLN FA 407 -85.68 57.93 10.27
N ILE FA 408 -84.43 57.74 10.67
CA ILE FA 408 -83.58 58.82 11.16
C ILE FA 408 -82.50 59.09 10.11
N HIS FA 409 -82.36 60.35 9.73
CA HIS FA 409 -81.30 60.76 8.83
C HIS FA 409 -80.17 61.39 9.63
N GLU FA 410 -78.93 61.22 9.16
CA GLU FA 410 -77.76 61.75 9.82
C GLU FA 410 -76.88 62.48 8.82
N GLU FA 411 -76.43 63.68 9.20
CA GLU FA 411 -75.40 64.38 8.47
C GLU FA 411 -74.36 64.90 9.44
N GLY FA 412 -73.22 65.31 8.90
CA GLY FA 412 -72.10 65.77 9.69
C GLY FA 412 -71.80 67.24 9.45
N TYR FA 413 -71.43 67.95 10.51
CA TYR FA 413 -71.00 69.33 10.43
C TYR FA 413 -69.68 69.49 11.16
N ASN FA 414 -69.07 70.65 11.01
CA ASN FA 414 -67.65 70.80 11.23
C ASN FA 414 -67.35 72.14 11.88
N HIS FA 415 -66.62 72.11 12.99
CA HIS FA 415 -66.05 73.31 13.60
C HIS FA 415 -64.56 73.32 13.39
N LEU FA 416 -63.98 74.51 13.41
CA LEU FA 416 -62.54 74.67 13.26
C LEU FA 416 -62.08 75.83 14.12
N GLU FA 417 -61.31 75.53 15.15
CA GLU FA 417 -60.86 76.53 16.11
C GLU FA 417 -59.34 76.56 16.14
N CYS FA 418 -58.77 77.75 16.18
CA CYS FA 418 -57.32 77.93 16.17
C CYS FA 418 -56.95 79.05 17.13
N HIS FA 419 -55.92 78.84 17.93
CA HIS FA 419 -55.33 79.93 18.68
C HIS FA 419 -53.83 79.74 18.75
N ARG FA 420 -53.12 80.86 18.87
CA ARG FA 420 -51.67 80.90 18.78
C ARG FA 420 -51.12 81.53 20.05
N LYS FA 421 -50.01 81.00 20.55
CA LYS FA 421 -49.42 81.45 21.80
C LYS FA 421 -47.90 81.44 21.66
N CYS FA 422 -47.26 82.51 22.12
CA CYS FA 422 -45.81 82.65 22.06
C CYS FA 422 -45.25 82.77 23.47
N THR FA 423 -44.09 82.16 23.69
CA THR FA 423 -43.48 82.06 25.02
C THR FA 423 -42.03 82.49 24.95
N LEU FA 424 -41.69 83.57 25.66
CA LEU FA 424 -40.33 84.14 25.73
C LEU FA 424 -39.84 84.61 24.36
N LYS FA 425 -40.76 85.04 23.50
CA LYS FA 425 -40.57 85.62 22.17
C LYS FA 425 -39.98 84.64 21.15
N VAL FA 426 -39.68 83.41 21.53
CA VAL FA 426 -39.27 82.32 20.65
C VAL FA 426 -40.43 81.35 20.85
N PHE FA 427 -40.38 80.18 20.23
CA PHE FA 427 -41.21 79.01 20.57
C PHE FA 427 -42.71 79.30 20.41
N CYS FA 428 -43.09 79.61 19.18
CA CYS FA 428 -44.48 79.92 18.89
C CYS FA 428 -45.28 78.63 18.78
N LYS FA 429 -46.38 78.55 19.53
CA LYS FA 429 -47.23 77.38 19.54
C LYS FA 429 -48.57 77.71 18.89
N THR FA 430 -48.99 76.86 17.96
CA THR FA 430 -50.26 77.01 17.25
C THR FA 430 -50.96 75.67 17.26
N VAL FA 431 -52.17 75.61 17.82
CA VAL FA 431 -52.98 74.41 17.83
C VAL FA 431 -54.23 74.67 17.00
N CYS FA 432 -54.58 73.70 16.15
CA CYS FA 432 -55.69 73.83 15.21
C CYS FA 432 -56.60 72.62 15.41
N GLU FA 433 -57.72 72.82 16.09
CA GLU FA 433 -58.64 71.75 16.42
C GLU FA 433 -59.83 71.77 15.48
N ASP FA 434 -60.23 70.58 15.02
CA ASP FA 434 -61.29 70.43 14.02
C ASP FA 434 -62.24 69.32 14.46
N VAL FA 435 -63.41 69.69 14.98
CA VAL FA 435 -64.35 68.75 15.56
C VAL FA 435 -65.43 68.44 14.53
N PHE FA 436 -65.70 67.15 14.34
CA PHE FA 436 -66.74 66.66 13.44
C PHE FA 436 -67.85 66.04 14.27
N GLN FA 437 -69.05 66.61 14.22
CA GLN FA 437 -70.18 66.11 14.96
C GLN FA 437 -71.27 65.64 14.00
N VAL FA 438 -72.22 64.88 14.53
CA VAL FA 438 -73.28 64.25 13.75
C VAL FA 438 -74.61 64.90 14.14
N ALA FA 439 -75.32 65.43 13.16
CA ALA FA 439 -76.64 66.02 13.35
C ALA FA 439 -77.70 65.04 12.85
N LYS FA 440 -78.73 64.81 13.67
CA LYS FA 440 -79.75 63.82 13.36
C LYS FA 440 -81.09 64.50 13.10
N ALA FA 441 -81.96 63.79 12.40
CA ALA FA 441 -83.30 64.29 12.07
C ALA FA 441 -84.22 63.11 11.78
N GLU FA 442 -85.43 63.17 12.30
CA GLU FA 442 -86.48 62.22 12.01
C GLU FA 442 -87.29 62.70 10.83
N PHE FA 443 -87.57 61.80 9.89
CA PHE FA 443 -88.50 62.13 8.80
C PHE FA 443 -89.62 61.10 8.75
N ARG FA 444 -90.79 61.56 8.31
CA ARG FA 444 -91.96 60.71 8.15
C ARG FA 444 -92.56 61.02 6.79
N ALA FA 445 -92.50 60.04 5.89
CA ALA FA 445 -93.00 60.21 4.53
C ALA FA 445 -94.41 59.63 4.44
N PHE FA 446 -95.33 60.43 3.92
CA PHE FA 446 -96.72 60.04 3.76
C PHE FA 446 -97.07 59.98 2.28
N TRP FA 447 -98.28 59.51 2.02
CA TRP FA 447 -98.71 59.27 0.66
C TRP FA 447 -100.24 59.26 0.62
N CYS FA 448 -100.80 59.86 -0.42
CA CYS FA 448 -102.24 60.08 -0.52
C CYS FA 448 -102.90 59.00 -1.37
N VAL FA 449 -104.12 58.62 -0.99
CA VAL FA 449 -104.87 57.56 -1.65
C VAL FA 449 -106.30 58.05 -1.88
N ALA FA 450 -106.86 57.73 -3.05
CA ALA FA 450 -108.25 58.08 -3.35
C ALA FA 450 -109.18 57.22 -2.49
N SER FA 451 -109.74 57.81 -1.44
CA SER FA 451 -110.61 57.11 -0.52
C SER FA 451 -112.04 57.64 -0.51
N SER FA 452 -112.35 58.65 -1.32
CA SER FA 452 -113.69 59.22 -1.39
C SER FA 452 -114.45 58.79 -2.63
N GLN FA 453 -113.75 58.18 -3.62
CA GLN FA 453 -114.28 57.48 -4.79
C GLN FA 453 -114.84 58.43 -5.85
N VAL FA 454 -114.99 59.71 -5.51
CA VAL FA 454 -115.48 60.69 -6.48
C VAL FA 454 -114.45 61.81 -6.60
N PRO FA 455 -113.45 61.69 -7.47
CA PRO FA 455 -112.67 62.87 -7.84
C PRO FA 455 -113.18 63.51 -9.11
N GLU FA 456 -112.90 64.79 -9.31
CA GLU FA 456 -113.14 65.42 -10.60
C GLU FA 456 -112.01 65.07 -11.57
N ASN FA 457 -110.80 65.47 -11.24
CA ASN FA 457 -109.59 65.04 -11.93
C ASN FA 457 -108.64 64.47 -10.91
N SER FA 458 -107.83 63.50 -11.34
CA SER FA 458 -106.98 62.74 -10.42
C SER FA 458 -105.86 63.60 -9.87
N GLY FA 459 -105.04 64.17 -10.75
CA GLY FA 459 -103.95 64.99 -10.31
C GLY FA 459 -102.60 64.30 -10.44
N LEU FA 460 -101.62 65.06 -10.91
CA LEU FA 460 -100.20 64.72 -10.87
C LEU FA 460 -99.91 63.44 -11.66
N LEU FA 461 -100.13 63.52 -12.97
CA LEU FA 461 -100.12 62.33 -13.82
C LEU FA 461 -98.69 61.94 -14.20
N PHE FA 462 -98.01 61.29 -13.26
CA PHE FA 462 -96.80 60.49 -13.47
C PHE FA 462 -96.53 59.73 -12.19
N GLY FA 463 -95.82 58.61 -12.32
CA GLY FA 463 -95.50 57.80 -11.15
C GLY FA 463 -94.12 57.18 -11.19
N GLY FA 464 -93.21 57.74 -11.98
CA GLY FA 464 -91.87 57.19 -12.11
C GLY FA 464 -90.86 57.93 -11.24
N LEU FA 465 -89.84 57.19 -10.82
CA LEU FA 465 -88.94 57.61 -9.77
C LEU FA 465 -87.51 57.54 -10.25
N PHE FA 466 -86.62 58.25 -9.56
CA PHE FA 466 -85.19 58.05 -9.70
C PHE FA 466 -84.51 58.45 -8.41
N SER FA 467 -83.46 57.73 -8.06
CA SER FA 467 -82.74 57.95 -6.82
C SER FA 467 -81.44 58.68 -7.10
N SER FA 468 -80.59 58.79 -6.08
CA SER FA 468 -79.22 59.20 -6.27
C SER FA 468 -78.35 58.09 -6.84
N LYS FA 469 -78.87 56.86 -6.90
CA LYS FA 469 -78.15 55.74 -7.47
C LYS FA 469 -78.99 54.99 -8.51
N SER FA 470 -80.17 55.50 -8.84
CA SER FA 470 -81.06 54.87 -9.80
C SER FA 470 -81.28 55.82 -10.97
N ILE FA 471 -82.09 55.36 -11.92
CA ILE FA 471 -82.32 56.05 -13.19
C ILE FA 471 -83.80 55.99 -13.50
N ASN FA 472 -84.38 57.14 -13.86
CA ASN FA 472 -85.74 57.18 -14.35
C ASN FA 472 -85.77 56.52 -15.73
N PRO FA 473 -86.54 55.45 -15.93
CA PRO FA 473 -86.55 54.78 -17.24
C PRO FA 473 -87.28 55.56 -18.31
N MET FA 474 -88.11 56.53 -17.93
CA MET FA 474 -88.78 57.36 -18.93
C MET FA 474 -87.89 58.48 -19.45
N THR FA 475 -86.70 58.67 -18.87
CA THR FA 475 -85.70 59.57 -19.43
C THR FA 475 -84.37 58.90 -19.70
N ASN FA 476 -84.14 57.69 -19.16
CA ASN FA 476 -82.86 56.99 -19.14
C ASN FA 476 -81.75 57.86 -18.54
N ALA FA 477 -82.11 58.64 -17.53
CA ALA FA 477 -81.19 59.54 -16.86
C ALA FA 477 -81.78 59.90 -15.50
N GLN FA 478 -81.04 60.71 -14.75
CA GLN FA 478 -81.50 61.23 -13.48
C GLN FA 478 -82.15 62.61 -13.66
N SER FA 479 -83.20 62.63 -14.48
CA SER FA 479 -83.84 63.88 -14.83
C SER FA 479 -85.33 63.62 -15.01
N CYS FA 480 -86.08 64.70 -15.05
CA CYS FA 480 -87.51 64.68 -15.27
C CYS FA 480 -87.81 64.68 -16.76
N PRO FA 481 -88.99 64.21 -17.17
CA PRO FA 481 -89.37 64.37 -18.58
C PRO FA 481 -89.80 65.80 -18.90
N ALA FA 482 -90.29 66.03 -20.12
CA ALA FA 482 -90.60 67.36 -20.61
C ALA FA 482 -91.79 67.95 -19.87
N GLY FA 483 -91.52 68.91 -18.98
CA GLY FA 483 -92.57 69.60 -18.26
C GLY FA 483 -92.97 68.94 -16.96
N TYR FA 484 -91.98 68.48 -16.20
CA TYR FA 484 -92.19 67.72 -14.97
C TYR FA 484 -91.31 68.28 -13.87
N PHE FA 485 -91.86 68.38 -12.66
CA PHE FA 485 -91.08 68.85 -11.54
C PHE FA 485 -90.98 67.78 -10.46
N PRO FA 486 -89.81 67.60 -9.86
CA PRO FA 486 -89.63 66.48 -8.93
C PRO FA 486 -90.08 66.83 -7.53
N LEU FA 487 -90.50 65.79 -6.80
CA LEU FA 487 -90.89 65.93 -5.40
C LEU FA 487 -89.93 65.10 -4.57
N ARG FA 488 -89.27 65.74 -3.61
CA ARG FA 488 -88.27 65.04 -2.82
C ARG FA 488 -88.92 64.10 -1.81
N LEU FA 489 -88.28 62.97 -1.59
CA LEU FA 489 -88.77 61.93 -0.70
C LEU FA 489 -87.54 61.42 0.04
N PHE FA 490 -87.64 60.22 0.62
CA PHE FA 490 -87.04 59.79 1.90
C PHE FA 490 -85.67 60.39 2.21
N GLU FA 491 -84.70 60.08 1.39
CA GLU FA 491 -83.42 60.79 1.42
C GLU FA 491 -82.99 61.23 0.02
N ASN FA 492 -83.28 60.43 -1.00
CA ASN FA 492 -82.78 60.71 -2.34
C ASN FA 492 -83.82 60.52 -3.42
N LEU FA 493 -85.03 60.04 -3.12
CA LEU FA 493 -86.03 59.88 -4.15
C LEU FA 493 -86.55 61.21 -4.64
N LYS FA 494 -86.69 61.32 -5.95
CA LYS FA 494 -87.30 62.47 -6.59
C LYS FA 494 -88.37 61.95 -7.53
N VAL FA 495 -89.63 62.14 -7.15
CA VAL FA 495 -90.77 61.63 -7.90
C VAL FA 495 -91.21 62.69 -8.90
N CYS FA 496 -91.16 62.36 -10.19
CA CYS FA 496 -91.48 63.33 -11.22
C CYS FA 496 -93.00 63.45 -11.34
N VAL FA 497 -93.47 64.70 -11.49
CA VAL FA 497 -94.87 65.04 -11.28
C VAL FA 497 -95.25 66.20 -12.20
N SER FA 498 -96.35 66.05 -12.95
CA SER FA 498 -96.94 67.14 -13.70
C SER FA 498 -98.46 67.00 -13.66
N GLN FA 499 -99.15 68.13 -13.56
CA GLN FA 499 -100.60 68.19 -13.54
C GLN FA 499 -101.14 69.05 -14.70
N ASP FA 500 -100.50 68.93 -15.86
CA ASP FA 500 -100.83 69.77 -17.01
C ASP FA 500 -101.92 69.20 -17.90
N TYR FA 501 -102.04 67.86 -17.95
CA TYR FA 501 -103.07 67.08 -18.64
C TYR FA 501 -103.00 67.16 -20.17
N GLU FA 502 -102.12 67.98 -20.72
CA GLU FA 502 -101.92 68.08 -22.16
C GLU FA 502 -100.50 67.76 -22.56
N LEU FA 503 -99.51 68.44 -21.96
CA LEU FA 503 -98.12 68.12 -22.21
C LEU FA 503 -97.61 67.03 -21.29
N GLY FA 504 -98.41 66.63 -20.30
CA GLY FA 504 -98.01 65.58 -19.38
C GLY FA 504 -98.54 64.22 -19.77
N SER FA 505 -99.54 64.18 -20.64
CA SER FA 505 -100.16 62.93 -21.03
C SER FA 505 -99.34 62.14 -22.03
N ARG FA 506 -98.28 62.72 -22.58
CA ARG FA 506 -97.37 61.94 -23.43
C ARG FA 506 -96.57 60.95 -22.60
N PHE FA 507 -96.16 61.36 -21.41
CA PHE FA 507 -95.29 60.56 -20.57
C PHE FA 507 -95.99 59.99 -19.36
N ALA FA 508 -97.29 60.24 -19.17
CA ALA FA 508 -97.99 59.77 -17.99
C ALA FA 508 -98.18 58.26 -18.03
N VAL FA 509 -97.75 57.59 -16.97
CA VAL FA 509 -97.86 56.14 -16.86
C VAL FA 509 -99.00 55.80 -15.91
N PRO FA 510 -99.65 54.65 -16.05
CA PRO FA 510 -100.64 54.22 -15.05
C PRO FA 510 -99.93 53.89 -13.74
N PHE FA 511 -100.32 54.56 -12.67
CA PHE FA 511 -99.68 54.41 -11.39
C PHE FA 511 -100.49 53.45 -10.51
N GLY FA 512 -99.78 52.67 -9.70
CA GLY FA 512 -100.43 51.63 -8.92
C GLY FA 512 -100.38 51.80 -7.42
N GLY FA 513 -99.32 52.38 -6.90
CA GLY FA 513 -99.20 52.60 -5.47
C GLY FA 513 -97.82 52.27 -4.93
N PHE FA 514 -97.53 52.79 -3.74
CA PHE FA 514 -96.31 52.48 -3.01
C PHE FA 514 -96.59 51.47 -1.91
N PHE FA 515 -95.58 50.66 -1.59
CA PHE FA 515 -95.61 49.86 -0.37
C PHE FA 515 -94.18 49.58 0.04
N SER FA 516 -94.01 49.22 1.31
CA SER FA 516 -92.69 49.00 1.87
C SER FA 516 -92.72 47.72 2.70
N CYS FA 517 -91.67 47.49 3.46
CA CYS FA 517 -91.57 46.28 4.27
C CYS FA 517 -92.48 46.32 5.49
N THR FA 518 -93.04 47.48 5.83
CA THR FA 518 -93.88 47.62 7.01
C THR FA 518 -95.33 47.95 6.70
N VAL FA 519 -95.61 48.60 5.56
CA VAL FA 519 -96.95 49.05 5.24
C VAL FA 519 -97.32 48.48 3.87
N GLY FA 520 -98.62 48.32 3.65
CA GLY FA 520 -99.13 47.89 2.36
C GLY FA 520 -99.96 48.94 1.67
N ASN FA 521 -100.10 48.85 0.36
CA ASN FA 521 -100.98 49.83 -0.26
C ASN FA 521 -102.44 49.44 -0.11
N PRO FA 522 -103.33 50.40 0.10
CA PRO FA 522 -104.74 50.06 0.27
C PRO FA 522 -105.50 49.99 -1.05
N LEU FA 523 -104.80 49.85 -2.17
CA LEU FA 523 -105.42 49.83 -3.48
C LEU FA 523 -105.67 48.42 -3.97
N VAL FA 524 -105.71 47.44 -3.07
CA VAL FA 524 -105.94 46.05 -3.42
C VAL FA 524 -107.21 45.50 -2.79
N ASP FA 525 -107.53 45.90 -1.55
CA ASP FA 525 -108.65 45.30 -0.83
C ASP FA 525 -110.01 45.85 -1.27
N PRO FA 526 -110.21 47.18 -1.46
CA PRO FA 526 -111.51 47.48 -2.07
C PRO FA 526 -111.47 47.36 -3.59
N PRO FA 535 -104.56 44.82 8.33
CA PRO FA 535 -104.37 45.97 7.44
C PRO FA 535 -104.34 45.58 5.97
N SER FA 536 -103.45 46.20 5.21
CA SER FA 536 -103.38 45.99 3.76
C SER FA 536 -102.59 44.73 3.45
N LEU FA 537 -102.25 44.54 2.17
CA LEU FA 537 -101.71 43.29 1.70
C LEU FA 537 -100.27 43.39 1.19
N LYS FA 538 -99.79 44.60 0.87
CA LYS FA 538 -98.49 44.92 0.23
C LYS FA 538 -98.17 44.03 -0.96
N LYS FA 539 -99.20 43.62 -1.70
CA LYS FA 539 -98.96 42.81 -2.89
C LYS FA 539 -98.74 43.66 -4.13
N CYS FA 540 -99.84 44.22 -4.66
CA CYS FA 540 -99.94 44.89 -5.95
C CYS FA 540 -101.41 45.29 -6.08
N PRO FA 541 -101.80 46.17 -7.00
CA PRO FA 541 -103.25 46.29 -7.27
C PRO FA 541 -103.80 45.12 -8.06
N GLY FA 542 -103.04 44.59 -9.02
CA GLY FA 542 -103.55 43.55 -9.89
C GLY FA 542 -103.53 44.00 -11.33
N GLY FA 543 -102.71 43.35 -12.15
CA GLY FA 543 -102.41 43.83 -13.48
C GLY FA 543 -101.18 44.69 -13.56
N PHE FA 544 -100.83 45.37 -12.47
CA PHE FA 544 -99.63 46.17 -12.39
C PHE FA 544 -98.43 45.28 -12.10
N SER FA 545 -97.25 45.88 -12.04
CA SER FA 545 -96.01 45.15 -11.81
C SER FA 545 -95.21 45.87 -10.74
N GLN FA 546 -94.73 45.11 -9.75
CA GLN FA 546 -93.88 45.68 -8.72
C GLN FA 546 -92.54 46.07 -9.29
N HIS FA 547 -92.03 47.22 -8.86
CA HIS FA 547 -90.70 47.63 -9.21
C HIS FA 547 -90.10 48.29 -7.99
N PRO FA 548 -88.86 48.02 -7.68
CA PRO FA 548 -88.26 48.55 -6.45
C PRO FA 548 -87.76 49.98 -6.62
N ALA FA 549 -88.05 50.79 -5.62
CA ALA FA 549 -87.38 52.07 -5.40
C ALA FA 549 -86.12 51.79 -4.56
N LEU FA 550 -85.54 52.82 -3.95
CA LEU FA 550 -84.32 52.61 -3.18
C LEU FA 550 -84.59 51.82 -1.90
N ILE FA 551 -83.50 51.52 -1.20
CA ILE FA 551 -83.53 50.81 0.07
C ILE FA 551 -83.17 51.80 1.17
N SER FA 552 -84.09 51.97 2.13
CA SER FA 552 -83.89 52.90 3.24
C SER FA 552 -83.44 52.11 4.46
N ASP FA 553 -82.15 51.79 4.49
CA ASP FA 553 -81.45 51.18 5.62
C ASP FA 553 -82.05 49.82 5.98
N GLY FA 554 -82.11 48.93 5.00
CA GLY FA 554 -82.57 47.57 5.21
C GLY FA 554 -84.01 47.32 4.82
N CYS FA 555 -84.80 48.36 4.62
CA CYS FA 555 -86.18 48.22 4.19
C CYS FA 555 -86.30 48.64 2.74
N GLN FA 556 -87.12 47.91 1.99
CA GLN FA 556 -87.25 48.10 0.55
C GLN FA 556 -88.59 48.75 0.25
N VAL FA 557 -88.57 49.84 -0.51
CA VAL FA 557 -89.77 50.54 -0.95
C VAL FA 557 -90.03 50.18 -2.40
N SER FA 558 -91.26 49.78 -2.71
CA SER FA 558 -91.59 49.34 -4.04
C SER FA 558 -92.81 50.09 -4.56
N TYR FA 559 -92.90 50.20 -5.89
CA TYR FA 559 -93.99 50.93 -6.53
C TYR FA 559 -94.50 50.15 -7.73
N CYS FA 560 -95.78 50.32 -8.03
CA CYS FA 560 -96.48 49.54 -9.04
C CYS FA 560 -96.78 50.40 -10.26
N VAL FA 561 -96.72 49.79 -11.45
CA VAL FA 561 -96.87 50.50 -12.70
C VAL FA 561 -97.23 49.47 -13.77
N LYS FA 562 -97.86 49.92 -14.85
CA LYS FA 562 -98.33 49.04 -15.92
C LYS FA 562 -97.93 49.60 -17.29
N SER FA 563 -96.65 49.90 -17.47
CA SER FA 563 -96.25 50.38 -18.79
C SER FA 563 -96.02 49.22 -19.75
N GLY FA 564 -95.12 48.31 -19.40
CA GLY FA 564 -94.48 47.42 -20.32
C GLY FA 564 -93.08 47.84 -20.67
N LEU FA 565 -92.79 49.15 -20.54
CA LEU FA 565 -91.42 49.63 -20.69
C LEU FA 565 -90.59 49.27 -19.46
N PHE FA 566 -91.21 49.31 -18.28
CA PHE FA 566 -90.51 48.95 -17.06
C PHE FA 566 -90.22 47.44 -16.99
N THR FA 567 -91.05 46.64 -17.66
CA THR FA 567 -90.98 45.19 -17.50
C THR FA 567 -89.83 44.57 -18.29
N GLY FA 568 -89.83 44.76 -19.62
CA GLY FA 568 -88.92 44.04 -20.48
C GLY FA 568 -87.50 44.54 -20.41
N GLY FA 569 -86.66 43.94 -21.26
CA GLY FA 569 -85.24 44.24 -21.28
C GLY FA 569 -84.42 42.96 -21.27
N SER FA 570 -83.44 42.90 -20.38
CA SER FA 570 -82.72 41.68 -20.09
C SER FA 570 -82.94 41.31 -18.63
N LEU FA 571 -82.57 40.10 -18.28
CA LEU FA 571 -82.68 39.66 -16.90
C LEU FA 571 -81.60 40.32 -16.06
N PRO FA 572 -81.95 40.95 -14.95
CA PRO FA 572 -80.96 41.66 -14.15
C PRO FA 572 -80.08 40.67 -13.39
N PRO FA 573 -78.88 41.08 -12.99
CA PRO FA 573 -78.09 40.25 -12.08
C PRO FA 573 -78.61 40.35 -10.66
N ALA FA 574 -78.01 39.56 -9.79
CA ALA FA 574 -78.41 39.59 -8.39
C ALA FA 574 -77.88 40.85 -7.72
N ARG FA 575 -78.66 41.38 -6.80
CA ARG FA 575 -78.16 42.41 -5.89
C ARG FA 575 -77.29 41.78 -4.83
N LEU FA 576 -76.01 42.12 -4.84
CA LEU FA 576 -75.12 41.50 -3.91
C LEU FA 576 -75.04 42.35 -2.64
N PRO FA 577 -74.71 41.74 -1.50
CA PRO FA 577 -74.50 42.51 -0.27
C PRO FA 577 -73.25 43.36 -0.37
N PRO FA 578 -73.02 44.32 0.55
CA PRO FA 578 -73.80 44.85 1.66
C PRO FA 578 -74.89 45.78 1.20
N PHE FA 579 -76.00 45.78 1.92
CA PHE FA 579 -77.13 46.62 1.58
C PHE FA 579 -77.23 47.83 2.47
N THR FA 580 -76.43 47.89 3.53
CA THR FA 580 -76.32 49.06 4.36
C THR FA 580 -74.91 49.62 4.25
N ARG FA 581 -74.70 50.76 4.88
CA ARG FA 581 -73.40 51.40 4.96
C ARG FA 581 -73.01 51.54 6.42
N PRO FA 582 -71.72 51.59 6.74
CA PRO FA 582 -71.32 51.82 8.13
C PRO FA 582 -71.67 53.23 8.55
N PRO FA 583 -72.10 53.42 9.80
CA PRO FA 583 -72.66 54.71 10.20
C PRO FA 583 -71.59 55.75 10.44
N LEU FA 584 -72.06 56.99 10.62
CA LEU FA 584 -71.18 58.10 10.88
C LEU FA 584 -70.81 58.17 12.35
N MET FA 585 -69.60 58.63 12.61
CA MET FA 585 -69.06 58.72 13.96
C MET FA 585 -68.56 60.14 14.19
N SER FA 586 -68.67 60.60 15.43
CA SER FA 586 -68.17 61.92 15.78
C SER FA 586 -66.67 61.86 16.06
N GLN FA 587 -65.94 62.83 15.51
CA GLN FA 587 -64.49 62.79 15.38
C GLN FA 587 -63.89 64.07 15.94
N ALA FA 588 -62.56 64.10 15.96
CA ALA FA 588 -61.79 65.27 16.40
C ALA FA 588 -60.39 65.14 15.85
N ALA FA 589 -59.82 66.25 15.39
CA ALA FA 589 -58.49 66.23 14.82
C ALA FA 589 -57.75 67.50 15.21
N THR FA 590 -56.57 67.35 15.80
CA THR FA 590 -55.78 68.48 16.26
C THR FA 590 -54.43 68.50 15.54
N ASN FA 591 -53.83 69.69 15.51
CA ASN FA 591 -52.55 69.93 14.84
C ASN FA 591 -51.79 70.96 15.67
N THR FA 592 -50.84 70.52 16.49
CA THR FA 592 -50.00 71.44 17.25
C THR FA 592 -48.69 71.63 16.53
N VAL FA 593 -48.30 72.88 16.31
CA VAL FA 593 -47.05 73.23 15.63
C VAL FA 593 -46.22 74.09 16.59
N ILE FA 594 -44.96 73.71 16.79
CA ILE FA 594 -44.01 74.50 17.55
C ILE FA 594 -42.98 75.06 16.59
N VAL FA 595 -42.78 76.37 16.63
CA VAL FA 595 -41.86 77.05 15.73
C VAL FA 595 -40.83 77.78 16.58
N THR FA 596 -39.57 77.38 16.50
CA THR FA 596 -38.51 78.12 17.15
C THR FA 596 -38.06 79.23 16.22
N ASN FA 597 -38.18 80.47 16.67
CA ASN FA 597 -37.87 81.64 15.85
C ASN FA 597 -36.40 82.03 15.95
N SER FA 598 -35.54 81.15 16.48
CA SER FA 598 -34.18 81.55 16.76
C SER FA 598 -33.25 80.35 16.82
N GLU FA 599 -32.00 80.58 16.47
CA GLU FA 599 -30.92 79.71 16.88
C GLU FA 599 -30.52 80.07 18.31
N ASN FA 600 -29.54 79.36 18.85
CA ASN FA 600 -29.13 79.42 20.26
C ASN FA 600 -30.33 79.14 21.16
N ALA FA 601 -31.10 78.12 20.80
CA ALA FA 601 -32.29 77.76 21.54
C ALA FA 601 -32.50 76.26 21.36
N ARG FA 602 -32.13 75.48 22.35
CA ARG FA 602 -32.27 74.04 22.28
C ARG FA 602 -33.59 73.61 22.88
N SER FA 603 -33.98 72.37 22.59
CA SER FA 603 -35.26 71.85 23.04
C SER FA 603 -35.17 70.34 23.16
N TRP FA 604 -35.72 69.80 24.24
CA TRP FA 604 -35.80 68.37 24.45
C TRP FA 604 -37.25 67.99 24.59
N ILE FA 605 -37.64 66.89 23.96
CA ILE FA 605 -39.03 66.45 23.91
C ILE FA 605 -39.10 64.98 24.28
N LYS FA 606 -39.99 64.64 25.21
CA LYS FA 606 -40.30 63.27 25.55
C LYS FA 606 -41.74 63.02 25.11
N ASP FA 607 -41.92 62.19 24.08
CA ASP FA 607 -43.19 62.13 23.38
C ASP FA 607 -44.27 61.41 24.18
N SER FA 608 -43.89 60.39 24.95
CA SER FA 608 -44.82 59.66 25.79
C SER FA 608 -44.04 59.04 26.92
N GLN FA 609 -44.74 58.25 27.75
CA GLN FA 609 -44.10 57.63 28.90
C GLN FA 609 -43.18 56.49 28.50
N THR FA 610 -43.36 55.92 27.32
CA THR FA 610 -42.48 54.86 26.85
C THR FA 610 -41.32 55.37 26.03
N HIS FA 611 -41.42 56.59 25.48
CA HIS FA 611 -40.32 57.16 24.73
C HIS FA 611 -39.21 57.58 25.67
N GLN FA 612 -38.04 57.85 25.09
CA GLN FA 612 -36.95 58.48 25.78
C GLN FA 612 -36.88 59.95 25.39
N TRP FA 613 -36.10 60.72 26.15
CA TRP FA 613 -35.91 62.12 25.83
C TRP FA 613 -35.19 62.27 24.50
N ARG FA 614 -35.67 63.20 23.70
CA ARG FA 614 -35.29 63.34 22.31
C ARG FA 614 -34.94 64.79 22.07
N LEU FA 615 -33.88 65.02 21.30
CA LEU FA 615 -33.51 66.39 20.97
C LEU FA 615 -34.49 66.96 19.97
N GLY FA 616 -35.02 68.15 20.27
CA GLY FA 616 -36.08 68.71 19.47
C GLY FA 616 -35.58 69.38 18.20
N GLU FA 617 -36.53 69.58 17.29
CA GLU FA 617 -36.34 70.20 15.98
C GLU FA 617 -37.04 71.55 15.95
N PRO FA 618 -36.70 72.42 14.99
CA PRO FA 618 -37.36 73.74 14.94
C PRO FA 618 -38.84 73.71 14.59
N ILE FA 619 -39.30 72.77 13.77
CA ILE FA 619 -40.72 72.60 13.47
C ILE FA 619 -41.10 71.18 13.87
N GLU FA 620 -42.16 71.04 14.68
CA GLU FA 620 -42.50 69.74 15.25
C GLU FA 620 -43.68 69.05 14.57
N LEU FA 621 -44.86 69.67 14.59
CA LEU FA 621 -46.09 69.18 13.95
C LEU FA 621 -46.51 67.80 14.49
N ARG FA 622 -47.00 67.82 15.71
CA ARG FA 622 -47.73 66.68 16.25
C ARG FA 622 -49.13 66.62 15.65
N ARG FA 623 -49.67 65.41 15.52
CA ARG FA 623 -51.03 65.19 15.01
C ARG FA 623 -51.76 64.16 15.86
N ALA FA 624 -53.08 64.30 15.91
CA ALA FA 624 -53.91 63.37 16.65
C ALA FA 624 -55.29 63.29 16.02
N MET FA 625 -55.86 62.09 15.97
CA MET FA 625 -57.22 61.89 15.49
C MET FA 625 -57.98 61.06 16.51
N ASN FA 626 -59.07 61.62 17.03
CA ASN FA 626 -59.84 61.01 18.11
C ASN FA 626 -61.23 60.67 17.59
N VAL FA 627 -61.61 59.40 17.71
CA VAL FA 627 -62.90 58.91 17.23
C VAL FA 627 -63.64 58.32 18.43
N ILE FA 628 -64.94 58.57 18.53
CA ILE FA 628 -65.79 57.90 19.50
C ILE FA 628 -66.95 57.23 18.79
N HIS FA 629 -67.17 55.96 19.09
CA HIS FA 629 -68.25 55.18 18.49
C HIS FA 629 -69.55 55.48 19.22
N GLY FA 630 -70.45 56.20 18.55
CA GLY FA 630 -71.74 56.53 19.13
C GLY FA 630 -71.69 57.56 20.23
#